data_8SEO
#
_entry.id   8SEO
#
_cell.length_a   1.00
_cell.length_b   1.00
_cell.length_c   1.00
_cell.angle_alpha   90.00
_cell.angle_beta   90.00
_cell.angle_gamma   90.00
#
_symmetry.space_group_name_H-M   'P 1'
#
loop_
_entity.id
_entity.type
_entity.pdbx_description
1 polymer 'Ryanodine receptor 1'
2 polymer 'Glutathione S-transferase class-mu 26 kDa isozyme,Peptidyl-prolyl cis-trans isomerase FKBP1B'
3 non-polymer 'PHOSPHOTHIOPHOSPHORIC ACID-ADENYLATE ESTER'
4 non-polymer 'ZINC ION'
#
loop_
_entity_poly.entity_id
_entity_poly.type
_entity_poly.pdbx_seq_one_letter_code
_entity_poly.pdbx_strand_id
1 'polypeptide(L)'
;MGDGGEGEDEVQFLRTDDEVVLQCSATVLKEQLKLCLAAEGFGNRLCFLEPTSNAQNVPPDLAICCFTLEQSLSVRALQE
MLANTVEAGVESSQGGGHRTLLYGHAILLRHAHSRMYLSCLTTSRSMTDKLAFDVGLQEDATGEACWWTMHPASKQRSEG
EKVRVGDDLILVSVSSERYLHLSTASGELQVDASFMQTLWNMNPICSCCEEGYVTGGHVLRLFHGHMDECLTISAADSDD
QRRLVYYEGGAVCTHARSLWRLEPLRISWSGSHLRWGQPLRIRHVTTGRYLALTEDQGLVVVDACKAHTKATSFCFRVSK
EKLDTAPKRDVEGMGPPEIKYGESLCFVQHVASGLWLTYAAPDPKALRLGVLKKKAILHQEGHMDDALFLTRCQQEESQA
ARMIHSTAGLYNQFIKGLDSFSGKPRGSGPPAGPALPIEAVILSLQDLIGYFEPPSEELQHEEKQSKLRSLRNRQSLFQE
EGMLSLVLNCIDRLNVYTTAAHFAEYAGEEAAESWKEIVNLLYELLASLIRGNRANCALFSTNLDWVVSKLDRLEASSGI
LEVLYCVLIESPEVLNIIQENHIKSIISLLDKHGRNHKVLDVLCSLCVCNGVAVRSNQDLITENLLPGRELLLQTNLINY
VTSIRPNIFVGRAEGSTQYGKWYFEVMVDEVVPFLTAQATHLRVGWALTEGYSPYPGGGEGWGGNGVGDDLYSYGFDGLH
LWTGHVARPVTSPGQHLLAPEDVVSCCLDLSVPSISFRINGCPVQGVFEAFNLDGLFFPVVSFSAGVKVRFLLGGRHGEF
KFLPPPGYAPCHEAVLPRERLRLEPIKEYRREGPRGPHLVGPSRCLSHTDFVPCPVDTVQIVLPPHLERIREKLAENIHE
LWALTRIEQGWTYGPVRDDNKRLHPCLVNFHSLPEPERNYNLQMSGETLKTLLALGCHVGMADEKAEDNLKKTKLPKTYM
MSNGYKPAPLDLSHVRLTPAQTTLVDRLAENGHNVWARDRVAQGWSYSAVQDIPARRNPRLVPYRLLDEATKRSNRDSLC
QAVRTLLGYGYNIEPPDQEPSQVENQSRWDRVRIFRAEKSYTVQSGRWYFEFEAVTTGEMRVGWARPELRPDVELGADEL
AYVFNGHRGQRWHLGSEPFGRPWQSGDVVGCMIDLTENTIIFTLNGEVLMSDSGSETAFREIEIGDGFLPVCSLGPGQVG
HLNLGQDVSSLRFFAICGLQEGFEPFAINMQRPVTTWFSKSLPQFEPVPPEHPHYEVARMDGTVDTPPCLRLAHRTWGSQ
NSLVEMLFLRLSLPVQFHQHFRCTAGATPLAPPGLQPPAEDEARAAEPDPDYENLRRSAGGWGEAEGGKEGTAKEGTPGG
TPQPGVEAQPVRAENEKDATTEKNKKRGFLFKAKKAAMMTQPPATPALPRLPHDVVPADNRDDPEIILNTTTYYYSVRVF
AGQEPSCVWVGWVTPDYHQHDMNFDLSKVRAVTVTMGDEQGNVHSSLKCSNCYMVWGGDFVSPGQQGRISHTDLVIGCLV
DLATGLMTFTANGKESNTFFQVEPNTKLFPAVFVLPTHQNVIQFELGKQKNIMPLSAAMFLSERKNPAPQCPPRLEVQML
MPVSWSRMPNHFLQVETRRAGERLGWAVQCQDPLTMMALHIPEENRCMDILELSERLDLQRFHSHTLRLYRAVCALGNNR
VAHALCSHVDQAQLLHALEDAHLPGPLRAGYYDLLISIHLESACRSRRSMLSEYIVPLTPETRAITLFPPGRKGGNARRH
GLPGVGVTTSLRPPHHFSPPCFVAALPAAGVAEAPARLSPAIPLEALRDKALRMLGEAVRDGGQHARDPVGGSVEFQFVP
VLKLVSTLLVMGIFGDEDVKQILKMIEPEVFTEEEEEEEEEEEEEEEEEEDEEEKEEDEEEEEKEDAEKEEEEAPEGEKE
DLEEGLLQMKLPESVKLQMCNLLEYFCDQELQHRVESLAAFAERYVDKLQANQRSRYALLMRAFTMSAAETARRTREFRS
PPQEQINMLLHFKDEADEEDCPLPEDIRQDLQDFHQDLLAHCGIQLEGEEEEPEEETSLSSRLRSLLETVRLVKKKEEKP
EEELPAEEKKPQSLQELVSHMVVRWAQEDYVQSPELVRAMFSLLHRQYDGLGELLRALPRAYTISPSSVEDTMSLLECLG
QIRSLLIVQMGPQEENLMIQSIGNIMNNKVFYQHPNLMRALGMHETVMEVMVNVLGGGETKEIRFPKMVTSCCRFLCYFC
RISRQNQRSMFDHLSYLLENSGIGLGMQGSTPLDVAAASVIDNNELALALQEQDLEKVVSYLAGCGLQSCPMLLAKGYPD
IGWNPCGGERYLDFLRFAVFVNGESVEENANVVVRLLIRKPECFGPALRGEGGSGLLAAIEEAIRISEDPARDGPGVRRD
RRREHFGEEPPEENRVHLGHAIMSFYAALIDLLGRCAPEMHLIQAGKGEALRIRAILRSLVPLDDLVGIISLPLQIPTLG
KDGALVQPKMSASFVPDHKASMVLFLDRVYGIENQDFLLHVLDVGFLPDMRAAASLDTATFSTTEMALALNRYLCLAVLP
LITKCAPLFAGTEHRAIMVDSMLHTVYRLSRGRSLTKAQRDVIEDCLMALCRYIRPSMLQHLLRRLVFDVPILNEFAKMP
LKLLTNHYERCWKYYCLPTGWANFGVTSEEELHLTRKLFWGIFDSLAHKKYDQELYRMAMPCLCAIAGALPPDYVDASYS
SKAEKKATVDAEGNFDPRPVETLNVIIPEKLDSFINKFAEYTHEKWAFDKIQNNWSYGENVDEELKTHPMLRPYKTFSEK
DKEIYRWPIKESLKAMIAWEWTIEKAREGEEERTEKKKTRKISQTAQTYDPREGYNPQPPDLSGVTLSRELQAMAEQLAE
NYHNTWGRKKKQELEAKGGGTHPLLVPYDTLTAKEKARDREKAQELLKFLQMNGYAVTRGLKDMELDTSSIEKRFAFGFL
QQLLRWMDISQEFIAHLEAVVSSGRVEKSPHEQEIKFFAKILLPLINQYFTNHCLYFLSTPAKVLGSGGHASNKEKEMIT
SLFCKLAALVRHRVSLFGTDAPAVVNCLHILARSLDARTVMKSGPEIVKAGLRSFFESASEDIEKMVENLRLGKVSQART
QVKGVGQNLTYTTVALLPVLTTLFQHIAQHQFGDDVILDDVQVSCYRTLCSIYSLGTTKNTYVEKLRPALGECLARLAAA
MPVAFLEPQLNEYNACSVYTTKSPRERAILGLPNSVEEMCPDIPVLDRLMADIGGLAESGARYTEMPHVIEITLPMLCSY
LPRWWERGPEAPPPALPAGAPPPCTAVTSDHLNSLLGNILRIIVNNLGIDEATWMKRLAVFAQPIVSRARPELLHSHFIP
TIGRLRKRAGKVVAEEEQLRLEAKAEAEEGELLVRDEFSVLCRDLYALYPLLIRYVDNNRAHWLTEPNANAEELFRMVGE
IFIYWSKSHNFKREEQNFVVQNEINNMSFLTADSKSKMAKAGDAQSGGSDQERTKKKRRGDRYSVQTSLIVATLKKMLPI
GLNMCAPTDQDLIMLAKTRYALKDTDEEVREFLQNNLHLQGKVEGSPSLRWQMALYRGLPGREEDADDPEKIVRRVQEVS
AVLYHLEQTEHPYKSKKAVWHKLLSKQRRRAVVACFRMTPLYNLPTHRACNMFLESYKAAWILTEDHSFEDRMIDDLSKA
GEQEEEEEEVEEKKPDPLHQLVLHFSRTALTEKSKLDEDYLYMAYADIMAKSCHLEEGGENGEAEEEEVEVSFEEKEMEK
QRLLYQQSRLHTRGAAEMVLQMISACKGETGAMVSSTLKLGISILNGGNAEVQQKMLDYLKDKKEVGFFQSIQALMQTCS
VLDLNAFERQNKAEGLGMVNEDGTVINRQNGEKVMADDEFTQDLFRFLQLLCEGHNNDFQNYLRTQTGNTTTINIIICTV
DYLLRLQESISDFYWYYSGKDVIEEQGKRNFSKAMSVAKQVFNSLTEYIQGPCTGNQQSLAHSRLWDAVVGFLHVFAHMM
MKLAQDSSQIELLKELLDLQKDMVVMLLSLLEGNVVNGMIARQMVDMLVESSSNVEMILKFFDMFLKLKDIVGSEAFQDY
VTDPRGLISKKDFQKAMDSQKQFTGPEIQFLLSCSEADENEMINFEEFANRFQEPARDIGFNVAVLLTNLSEHVPHDPRL
RNFLELAESILEYFRPYLGRIEIMGASRRIERIYFEISETNRAQWEMPQVKESKRQFIFDVVNEGGEAEKMELFVSFCED
TIFEMQIAAQISEPEGEPEADEDEGMGEAAAEGAEEGAAGAEGAAGTVAAGATARLAAAAARALRGLSYRSLRRRVRRLR
RLTAREAATALAALLWAVVARAGAAGAGAAAGALRLLWGSLFGGGLVEGAKKVTVTELLAGMPDPTSDEVHGEQPAGPGG
DADGAGEGEGEGDAAEGDGDEEVAGHEAGPGGAEGVVAVADGGPFRPEGAGGLGDMGDTTPAEPPTPEGSPILKRKLGVD
GEEEELVPEPEPEPEPEPEKADEENGEKEEVPEAPPEPPKKAPPSPPAKKEEAGGAGMEFWGELEVQRVKFLNYLSRNFY
TLRFLALFLAFAINFILLFYKVSDSPPGEDDMEGSAAGDLAGAGSGGGSGWGSGAGEEAEGDEDENMVYYFLEESTGYME
PALWCLSLLHTLVAFLCIIGYNCLKVPLVIFKREKELARKLEFDGLYITEQPGDDDVKGQWDRLVLNTPSFPSNYWDKFV
KRKVLDKHGDIFGRERIAELLGMDLASLEITAHNERKPDPPPGLLTWLMSIDVKYQIWKFGVIFTDNSFLYLGWYMVMSL
LGHYNNFFFAAHLLDIAMGVKTLRTILSSVTHNGKQLVMTVGLLAVVVYLYTVVAFNFFRKFYNKSEDEDEPDMKCDDMM
TCYLFHMYVGVRAGGGIGDEIEDPAGDEYELYRVVFDITFFFFVIVILLAIIQGLIIDAFGELRDQQEQVKEDMETKCFI
CGIGSDYFDTTPHGFETHTLEEHNLANYMFFLMYLINKDETEHTGQESYVWKMYQERCWDFFPAGDCFRKQYEDQLS
;
A,B,C,D
2 'polypeptide(L)'
;MKSSHHHHHHGSSMSPILGYWKIKGLVQPTRLLLEYLEEKYEEHLYERDEGDKWRNKKFELGLEFPNLPYYIDGDVKLTQ
SMAIIRYIADKHNMLGGCPKERAEISMLEGAVLDIRYGVSRIAYSKDFETLKVDFLSKLPEMLKMFEDRLCHKTYLNGDH
VTHPDFMLYDALDVVLYMDPMCLDAFPKLVCFKKRIEAIPQIDKYLKSSKYIAWPLQGWQATFGGGDHPPKGIEENLYFQ
SNAGVEIETISPGDGRTFPKKGQTCVVHYTGMLQNGKKFDSSRDRNKPFKFRIGKQEVIKGFEEGAAQMSLGQRAKLTCT
PDVAYGATGHPGVIPPNATLIFDVELLNLE
;
E,F,G,H
#
# COMPACT_ATOMS: atom_id res chain seq x y z
N VAL A 11 -5.06 28.73 -14.25
CA VAL A 11 -5.84 29.12 -15.40
C VAL A 11 -6.94 30.06 -14.93
N GLN A 12 -8.12 29.48 -14.65
CA GLN A 12 -9.35 30.13 -14.15
C GLN A 12 -9.61 31.49 -14.80
N PHE A 13 -9.63 31.49 -16.13
CA PHE A 13 -9.78 32.72 -16.90
C PHE A 13 -11.24 32.98 -17.25
N LEU A 14 -11.70 34.19 -16.92
CA LEU A 14 -13.09 34.56 -17.13
C LEU A 14 -13.42 34.63 -18.63
N ARG A 15 -14.59 34.12 -18.98
CA ARG A 15 -15.02 34.00 -20.37
C ARG A 15 -16.46 34.47 -20.48
N THR A 16 -16.87 34.81 -21.70
CA THR A 16 -18.25 35.20 -21.94
C THR A 16 -19.19 34.00 -21.78
N ASP A 17 -20.50 34.30 -21.82
CA ASP A 17 -21.60 33.35 -21.59
C ASP A 17 -21.48 32.67 -20.23
N ASP A 18 -20.94 33.40 -19.25
CA ASP A 18 -20.70 32.89 -17.91
C ASP A 18 -21.26 33.87 -16.89
N GLU A 19 -21.64 33.33 -15.73
CA GLU A 19 -22.27 34.12 -14.67
C GLU A 19 -21.22 34.59 -13.67
N VAL A 20 -21.24 35.89 -13.36
CA VAL A 20 -20.26 36.56 -12.51
C VAL A 20 -20.98 37.60 -11.66
N VAL A 21 -20.23 38.24 -10.75
CA VAL A 21 -20.73 39.32 -9.91
C VAL A 21 -19.66 40.39 -9.77
N LEU A 22 -20.08 41.65 -9.79
CA LEU A 22 -19.18 42.76 -9.50
C LEU A 22 -19.16 42.99 -8.00
N GLN A 23 -17.96 43.08 -7.42
CA GLN A 23 -17.82 43.21 -5.99
C GLN A 23 -16.92 44.41 -5.67
N CYS A 24 -17.21 45.08 -4.56
CA CYS A 24 -16.56 46.30 -4.12
C CYS A 24 -15.80 46.05 -2.83
N SER A 25 -15.11 47.09 -2.37
CA SER A 25 -14.38 47.03 -1.10
C SER A 25 -14.32 48.46 -0.59
N ALA A 26 -15.21 48.84 0.32
CA ALA A 26 -15.25 50.21 0.78
C ALA A 26 -14.51 50.37 2.11
N THR A 27 -14.30 51.64 2.47
CA THR A 27 -13.65 52.03 3.71
C THR A 27 -14.40 53.19 4.40
N VAL A 28 -15.39 52.81 5.21
CA VAL A 28 -16.10 53.73 6.08
C VAL A 28 -16.11 53.09 7.45
N LEU A 29 -16.17 53.94 8.49
CA LEU A 29 -16.09 53.56 9.90
C LEU A 29 -14.80 52.80 10.26
N LYS A 30 -13.75 52.94 9.42
CA LYS A 30 -12.41 52.34 9.60
C LYS A 30 -12.44 50.81 9.52
N GLU A 31 -13.00 50.30 8.42
CA GLU A 31 -12.89 48.88 8.08
C GLU A 31 -13.09 48.72 6.58
N GLN A 32 -12.78 47.52 6.09
CA GLN A 32 -12.99 47.15 4.69
C GLN A 32 -14.29 46.34 4.63
N LEU A 33 -15.37 47.00 4.25
CA LEU A 33 -16.65 46.32 4.13
C LEU A 33 -17.00 46.02 2.68
N LYS A 34 -17.43 44.78 2.43
CA LYS A 34 -17.73 44.32 1.08
C LYS A 34 -19.07 44.89 0.62
N LEU A 35 -19.16 45.21 -0.67
CA LEU A 35 -20.37 45.71 -1.28
C LEU A 35 -20.58 45.04 -2.64
N CYS A 36 -21.83 45.07 -3.11
CA CYS A 36 -22.14 44.52 -4.42
C CYS A 36 -23.20 45.39 -5.10
N LEU A 37 -23.17 45.39 -6.43
CA LEU A 37 -24.13 46.17 -7.19
C LEU A 37 -25.51 45.53 -7.13
N ALA A 38 -26.53 46.32 -6.77
CA ALA A 38 -27.88 45.83 -6.62
C ALA A 38 -28.83 46.69 -7.44
N ALA A 39 -29.67 46.04 -8.25
CA ALA A 39 -30.67 46.73 -9.06
C ALA A 39 -31.73 45.72 -9.48
N GLU A 40 -32.98 45.97 -9.07
CA GLU A 40 -34.07 45.10 -9.48
C GLU A 40 -34.47 45.38 -10.93
N GLY A 41 -34.46 46.65 -11.31
CA GLY A 41 -34.76 47.04 -12.68
C GLY A 41 -36.19 47.44 -12.97
N PHE A 42 -37.13 46.49 -12.84
CA PHE A 42 -38.52 46.75 -13.20
C PHE A 42 -39.19 47.64 -12.17
N GLY A 43 -39.18 48.96 -12.43
CA GLY A 43 -39.69 49.92 -11.49
C GLY A 43 -38.62 50.65 -10.70
N ASN A 44 -37.41 50.10 -10.65
CA ASN A 44 -36.28 50.75 -9.97
C ASN A 44 -35.06 50.57 -10.87
N ARG A 45 -34.86 51.52 -11.78
CA ARG A 45 -33.79 51.41 -12.77
C ARG A 45 -32.44 51.80 -12.22
N LEU A 46 -32.39 52.45 -11.07
CA LEU A 46 -31.13 52.89 -10.48
C LEU A 46 -30.36 51.70 -9.91
N CYS A 47 -29.07 51.94 -9.69
CA CYS A 47 -28.17 50.95 -9.10
C CYS A 47 -27.71 51.44 -7.74
N PHE A 48 -27.71 50.55 -6.75
CA PHE A 48 -27.32 50.89 -5.39
C PHE A 48 -26.32 49.87 -4.89
N LEU A 49 -25.76 50.17 -3.72
CA LEU A 49 -24.77 49.32 -3.09
C LEU A 49 -25.44 48.44 -2.04
N GLU A 50 -25.18 47.14 -2.11
CA GLU A 50 -25.71 46.15 -1.18
C GLU A 50 -24.56 45.69 -0.32
N PRO A 51 -24.51 46.06 0.96
CA PRO A 51 -23.46 45.53 1.84
C PRO A 51 -23.56 44.03 2.00
N THR A 52 -22.41 43.37 2.03
CA THR A 52 -22.39 41.93 2.22
C THR A 52 -21.26 41.48 3.14
N SER A 53 -20.54 42.41 3.77
CA SER A 53 -19.53 42.04 4.76
C SER A 53 -20.19 41.37 5.96
N ASN A 54 -21.30 41.95 6.43
CA ASN A 54 -22.10 41.37 7.51
C ASN A 54 -23.03 40.29 6.96
N ALA A 55 -22.43 39.23 6.44
CA ALA A 55 -23.14 38.16 5.75
C ALA A 55 -23.70 37.10 6.69
N GLN A 56 -23.46 37.21 7.99
CA GLN A 56 -23.90 36.21 8.95
C GLN A 56 -24.99 36.71 9.89
N ASN A 57 -24.93 37.97 10.31
CA ASN A 57 -25.98 38.53 11.16
C ASN A 57 -27.28 38.71 10.38
N VAL A 58 -27.20 39.31 9.18
CA VAL A 58 -28.34 39.45 8.29
C VAL A 58 -27.95 39.02 6.89
N PRO A 59 -28.72 38.15 6.25
CA PRO A 59 -28.38 37.69 4.89
C PRO A 59 -28.67 38.76 3.86
N PRO A 60 -27.69 39.13 3.05
CA PRO A 60 -27.93 40.08 1.96
C PRO A 60 -28.70 39.42 0.81
N ASP A 61 -29.13 40.26 -0.12
CA ASP A 61 -29.89 39.80 -1.28
C ASP A 61 -28.94 39.45 -2.43
N LEU A 62 -29.07 38.23 -2.94
CA LEU A 62 -28.23 37.75 -4.03
C LEU A 62 -28.97 37.61 -5.35
N ALA A 63 -30.27 37.90 -5.39
CA ALA A 63 -31.05 37.68 -6.61
C ALA A 63 -30.74 38.73 -7.66
N ILE A 64 -30.64 40.01 -7.25
CA ILE A 64 -30.45 41.10 -8.19
C ILE A 64 -28.98 41.46 -8.37
N CYS A 65 -28.08 40.73 -7.72
CA CYS A 65 -26.64 40.92 -7.87
C CYS A 65 -26.08 40.14 -9.06
N CYS A 66 -26.85 39.22 -9.63
CA CYS A 66 -26.36 38.37 -10.72
C CYS A 66 -26.18 39.16 -12.01
N PHE A 67 -25.13 38.81 -12.77
CA PHE A 67 -24.82 39.45 -14.04
C PHE A 67 -24.07 38.48 -14.94
N THR A 68 -24.41 38.47 -16.23
CA THR A 68 -23.83 37.54 -17.19
C THR A 68 -23.18 38.28 -18.35
N LEU A 69 -21.94 37.90 -18.67
CA LEU A 69 -21.25 38.39 -19.86
C LEU A 69 -21.97 37.95 -21.12
N GLU A 70 -22.25 38.89 -22.03
CA GLU A 70 -22.94 38.54 -23.26
C GLU A 70 -22.02 38.59 -24.48
N GLN A 71 -21.38 39.73 -24.74
CA GLN A 71 -20.47 39.87 -25.88
C GLN A 71 -19.24 40.66 -25.46
N SER A 72 -18.07 40.16 -25.83
CA SER A 72 -16.82 40.90 -25.65
C SER A 72 -16.24 41.12 -27.05
N LEU A 73 -16.35 42.36 -27.53
CA LEU A 73 -16.01 42.71 -28.91
C LEU A 73 -14.92 43.77 -28.95
N SER A 74 -14.15 43.77 -30.03
CA SER A 74 -13.10 44.77 -30.21
C SER A 74 -13.73 46.14 -30.49
N VAL A 75 -12.91 47.19 -30.35
CA VAL A 75 -13.39 48.57 -30.41
C VAL A 75 -13.99 48.91 -31.78
N ARG A 76 -13.32 48.53 -32.87
CA ARG A 76 -13.88 48.84 -34.18
C ARG A 76 -15.06 47.93 -34.49
N ALA A 77 -14.99 46.66 -34.07
CA ALA A 77 -16.13 45.77 -34.19
C ALA A 77 -17.36 46.33 -33.50
N LEU A 78 -17.16 47.01 -32.37
CA LEU A 78 -18.21 47.78 -31.72
C LEU A 78 -18.71 48.89 -32.63
N GLN A 79 -17.79 49.56 -33.35
CA GLN A 79 -18.19 50.66 -34.23
C GLN A 79 -19.08 50.14 -35.35
N GLU A 80 -18.65 49.08 -36.05
CA GLU A 80 -19.40 48.60 -37.20
C GLU A 80 -20.74 47.99 -36.78
N MET A 81 -20.74 47.04 -35.84
CA MET A 81 -22.03 46.46 -35.42
C MET A 81 -22.96 47.47 -34.75
N LEU A 82 -22.45 48.54 -34.15
CA LEU A 82 -23.34 49.63 -33.78
C LEU A 82 -23.85 50.39 -35.00
N ALA A 83 -23.00 50.61 -36.00
CA ALA A 83 -23.36 51.42 -37.15
C ALA A 83 -24.42 50.76 -38.02
N ASN A 84 -24.23 49.49 -38.37
CA ASN A 84 -25.15 48.85 -39.31
C ASN A 84 -26.38 48.24 -38.63
N HIS A 98 -18.92 32.43 -26.55
CA HIS A 98 -17.92 31.87 -25.67
C HIS A 98 -16.51 32.36 -26.01
N ARG A 99 -16.33 33.67 -25.86
CA ARG A 99 -15.05 34.33 -26.09
C ARG A 99 -14.44 34.75 -24.76
N THR A 100 -13.15 34.49 -24.60
CA THR A 100 -12.47 34.92 -23.38
C THR A 100 -12.34 36.43 -23.37
N LEU A 101 -12.63 37.04 -22.21
CA LEU A 101 -12.53 38.48 -22.07
C LEU A 101 -11.07 38.91 -22.19
N LEU A 102 -10.82 39.95 -22.97
CA LEU A 102 -9.51 40.53 -23.13
C LEU A 102 -9.56 42.00 -22.77
N TYR A 103 -8.54 42.46 -22.06
CA TYR A 103 -8.43 43.84 -21.63
C TYR A 103 -8.40 44.78 -22.84
N GLY A 104 -9.21 45.82 -22.79
CA GLY A 104 -9.31 46.79 -23.87
C GLY A 104 -10.41 46.53 -24.88
N HIS A 105 -11.03 45.35 -24.86
CA HIS A 105 -12.19 45.12 -25.70
C HIS A 105 -13.42 45.78 -25.11
N ALA A 106 -14.52 45.75 -25.86
CA ALA A 106 -15.80 46.28 -25.41
C ALA A 106 -16.67 45.12 -24.94
N ILE A 107 -17.20 45.23 -23.72
CA ILE A 107 -17.90 44.13 -23.07
C ILE A 107 -19.32 44.60 -22.74
N LEU A 108 -20.30 43.75 -23.04
CA LEU A 108 -21.69 43.98 -22.65
C LEU A 108 -22.08 42.99 -21.56
N LEU A 109 -22.67 43.51 -20.50
CA LEU A 109 -23.03 42.74 -19.32
C LEU A 109 -24.54 42.88 -19.11
N ARG A 110 -25.21 41.77 -18.82
CA ARG A 110 -26.66 41.75 -18.69
C ARG A 110 -27.09 41.28 -17.31
N HIS A 111 -28.08 41.97 -16.75
CA HIS A 111 -28.74 41.47 -15.55
C HIS A 111 -29.58 40.27 -15.94
N ALA A 112 -29.14 39.08 -15.52
CA ALA A 112 -29.75 37.82 -15.96
C ALA A 112 -31.21 37.70 -15.53
N HIS A 113 -31.59 38.32 -14.42
CA HIS A 113 -32.96 38.20 -13.93
C HIS A 113 -33.94 39.06 -14.72
N SER A 114 -33.74 40.37 -14.71
CA SER A 114 -34.66 41.27 -15.39
C SER A 114 -34.45 41.32 -16.89
N ARG A 115 -33.42 40.64 -17.40
CA ARG A 115 -33.05 40.55 -18.82
C ARG A 115 -32.66 41.89 -19.42
N MET A 116 -32.50 42.93 -18.61
CA MET A 116 -32.10 44.23 -19.08
C MET A 116 -30.59 44.37 -19.00
N TYR A 117 -30.06 45.38 -19.69
CA TYR A 117 -28.63 45.54 -19.86
C TYR A 117 -28.16 46.76 -19.08
N LEU A 118 -27.03 46.60 -18.39
CA LEU A 118 -26.42 47.72 -17.67
C LEU A 118 -25.96 48.78 -18.65
N SER A 119 -26.42 50.02 -18.45
CA SER A 119 -26.09 51.11 -19.36
C SER A 119 -25.86 52.39 -18.56
N CYS A 120 -25.10 53.29 -19.17
CA CYS A 120 -24.85 54.61 -18.59
C CYS A 120 -26.00 55.52 -19.01
N LEU A 121 -26.90 55.81 -18.08
CA LEU A 121 -28.07 56.63 -18.36
C LEU A 121 -27.66 58.04 -18.72
N THR A 122 -28.29 58.58 -19.77
CA THR A 122 -28.02 59.93 -20.24
C THR A 122 -28.41 60.99 -19.21
N THR A 123 -29.41 60.70 -18.39
CA THR A 123 -29.84 61.62 -17.35
C THR A 123 -28.78 61.75 -16.25
N SER A 124 -28.95 62.78 -15.42
CA SER A 124 -28.05 62.98 -14.28
C SER A 124 -28.87 63.63 -13.16
N ARG A 125 -29.39 62.78 -12.28
CA ARG A 125 -30.12 63.22 -11.09
C ARG A 125 -29.24 63.36 -9.86
N SER A 126 -27.92 63.12 -10.01
CA SER A 126 -26.98 63.29 -8.92
C SER A 126 -26.95 64.73 -8.43
N MET A 127 -27.02 64.90 -7.12
CA MET A 127 -27.08 66.23 -6.50
C MET A 127 -25.80 66.64 -5.79
N THR A 128 -25.04 65.69 -5.25
CA THR A 128 -23.82 66.04 -4.52
C THR A 128 -22.72 66.48 -5.47
N ASP A 129 -22.41 65.66 -6.47
CA ASP A 129 -21.35 65.93 -7.42
C ASP A 129 -21.93 66.25 -8.79
N LYS A 130 -21.50 67.37 -9.36
CA LYS A 130 -21.90 67.76 -10.69
C LYS A 130 -21.03 67.01 -11.70
N LEU A 131 -21.49 66.99 -12.96
CA LEU A 131 -20.82 66.31 -14.08
C LEU A 131 -20.74 64.80 -13.87
N ALA A 132 -21.71 64.25 -13.15
CA ALA A 132 -21.75 62.83 -12.84
C ALA A 132 -23.05 62.24 -13.36
N PHE A 133 -22.95 61.14 -14.09
CA PHE A 133 -24.10 60.42 -14.60
C PHE A 133 -24.40 59.23 -13.71
N ASP A 134 -25.44 58.50 -14.06
CA ASP A 134 -25.88 57.34 -13.30
C ASP A 134 -25.91 56.11 -14.18
N VAL A 135 -25.49 54.98 -13.62
CA VAL A 135 -25.61 53.71 -14.32
C VAL A 135 -27.01 53.16 -14.08
N GLY A 136 -27.54 52.45 -15.07
CA GLY A 136 -28.88 51.91 -14.93
C GLY A 136 -29.07 50.73 -15.86
N LEU A 137 -30.28 50.20 -15.84
CA LEU A 137 -30.63 49.05 -16.67
C LEU A 137 -31.35 49.52 -17.92
N GLN A 138 -30.98 48.94 -19.06
CA GLN A 138 -31.59 49.25 -20.34
C GLN A 138 -32.17 47.96 -20.93
N GLU A 139 -33.38 48.05 -21.47
CA GLU A 139 -34.10 46.89 -21.98
C GLU A 139 -33.35 46.24 -23.15
N ASP A 140 -32.84 47.04 -24.06
CA ASP A 140 -32.21 46.55 -25.27
C ASP A 140 -30.71 46.77 -25.24
N ALA A 141 -30.02 46.13 -26.19
CA ALA A 141 -28.58 46.24 -26.33
C ALA A 141 -28.15 47.30 -27.34
N THR A 142 -29.11 47.98 -27.96
CA THR A 142 -28.80 48.99 -28.97
C THR A 142 -28.10 50.19 -28.35
N GLY A 143 -27.21 50.80 -29.13
CA GLY A 143 -26.46 51.95 -28.68
C GLY A 143 -25.18 51.57 -27.97
N GLU A 144 -24.44 52.61 -27.58
CA GLU A 144 -23.15 52.45 -26.93
C GLU A 144 -23.20 52.68 -25.43
N ALA A 145 -24.34 53.15 -24.90
CA ALA A 145 -24.47 53.39 -23.46
C ALA A 145 -24.32 52.11 -22.66
N CYS A 146 -24.71 50.98 -23.23
CA CYS A 146 -24.63 49.70 -22.54
C CYS A 146 -23.24 49.10 -22.55
N TRP A 147 -22.31 49.67 -23.31
CA TRP A 147 -21.01 49.06 -23.53
C TRP A 147 -19.95 49.59 -22.58
N TRP A 148 -19.14 48.67 -22.07
CA TRP A 148 -18.06 48.96 -21.16
C TRP A 148 -16.77 48.39 -21.71
N THR A 149 -15.66 49.07 -21.44
CA THR A 149 -14.35 48.60 -21.87
C THR A 149 -13.48 48.37 -20.63
N MET A 150 -12.85 47.21 -20.57
CA MET A 150 -12.01 46.83 -19.44
C MET A 150 -10.59 47.35 -19.60
N HIS A 151 -9.99 47.74 -18.48
CA HIS A 151 -8.61 48.14 -18.34
C HIS A 151 -7.99 47.45 -17.13
N PRO A 152 -6.70 47.10 -17.21
CA PRO A 152 -5.98 46.62 -16.04
C PRO A 152 -5.90 47.71 -14.96
N ALA A 153 -5.91 47.28 -13.70
CA ALA A 153 -5.89 48.21 -12.58
C ALA A 153 -4.58 49.00 -12.53
N SER A 154 -3.46 48.33 -12.75
CA SER A 154 -2.15 48.98 -12.64
C SER A 154 -1.19 48.31 -13.62
N LYS A 155 0.10 48.55 -13.42
CA LYS A 155 1.13 48.06 -14.34
C LYS A 155 1.30 46.54 -14.32
N GLN A 156 0.79 45.86 -13.29
CA GLN A 156 0.96 44.42 -13.16
C GLN A 156 0.28 43.63 -14.29
N ARG A 157 -0.69 44.22 -14.96
CA ARG A 157 -1.35 43.60 -16.10
C ARG A 157 -1.35 44.57 -17.27
N SER A 158 -1.35 44.02 -18.48
CA SER A 158 -1.32 44.79 -19.71
C SER A 158 -2.63 44.61 -20.47
N GLU A 159 -2.88 45.50 -21.42
CA GLU A 159 -4.08 45.37 -22.23
C GLU A 159 -3.93 44.29 -23.28
N GLY A 160 -5.06 43.72 -23.69
CA GLY A 160 -5.05 42.67 -24.68
C GLY A 160 -4.87 41.26 -24.14
N GLU A 161 -4.82 41.08 -22.83
CA GLU A 161 -4.65 39.76 -22.24
C GLU A 161 -5.86 39.42 -21.39
N LYS A 162 -6.02 38.11 -21.16
CA LYS A 162 -7.18 37.58 -20.47
C LYS A 162 -7.15 37.89 -18.98
N VAL A 163 -8.31 37.73 -18.35
CA VAL A 163 -8.54 38.09 -16.96
C VAL A 163 -8.76 36.82 -16.13
N ARG A 164 -8.07 36.73 -15.00
CA ARG A 164 -8.27 35.66 -14.04
C ARG A 164 -9.29 36.07 -12.99
N VAL A 165 -9.67 35.10 -12.15
CA VAL A 165 -10.70 35.36 -11.16
C VAL A 165 -10.16 36.28 -10.06
N GLY A 166 -11.06 37.10 -9.49
CA GLY A 166 -10.72 37.99 -8.40
C GLY A 166 -9.77 39.11 -8.75
N ASP A 167 -9.49 39.33 -10.03
CA ASP A 167 -8.60 40.38 -10.46
C ASP A 167 -9.24 41.76 -10.27
N ASP A 168 -8.38 42.76 -10.16
CA ASP A 168 -8.80 44.15 -10.04
C ASP A 168 -8.84 44.79 -11.41
N LEU A 169 -9.99 45.33 -11.80
CA LEU A 169 -10.21 45.83 -13.15
C LEU A 169 -10.74 47.25 -13.07
N ILE A 170 -10.76 47.90 -14.23
CA ILE A 170 -11.27 49.26 -14.40
C ILE A 170 -12.23 49.26 -15.59
N LEU A 171 -13.43 49.78 -15.41
CA LEU A 171 -14.36 49.82 -16.54
C LEU A 171 -14.56 51.25 -17.01
N VAL A 172 -14.74 51.40 -18.32
CA VAL A 172 -14.94 52.69 -18.94
C VAL A 172 -16.26 52.62 -19.70
N SER A 173 -17.13 53.60 -19.46
CA SER A 173 -18.34 53.75 -20.26
C SER A 173 -17.98 54.18 -21.67
N VAL A 174 -18.51 53.46 -22.67
CA VAL A 174 -18.20 53.84 -24.04
C VAL A 174 -18.87 55.15 -24.40
N SER A 175 -20.13 55.33 -24.00
CA SER A 175 -20.89 56.51 -24.40
C SER A 175 -20.46 57.76 -23.65
N SER A 176 -20.18 57.66 -22.36
CA SER A 176 -19.91 58.86 -21.58
C SER A 176 -18.46 59.06 -21.19
N GLU A 177 -17.57 58.11 -21.51
CA GLU A 177 -16.15 58.05 -21.10
C GLU A 177 -15.91 58.51 -19.66
N ARG A 178 -16.78 58.03 -18.78
CA ARG A 178 -16.73 58.32 -17.35
C ARG A 178 -16.53 56.99 -16.63
N TYR A 179 -15.66 57.00 -15.63
CA TYR A 179 -15.49 55.82 -14.81
C TYR A 179 -16.68 55.64 -13.89
N LEU A 180 -16.92 54.40 -13.49
CA LEU A 180 -17.97 54.13 -12.51
C LEU A 180 -17.40 54.44 -11.14
N HIS A 181 -18.08 55.31 -10.41
CA HIS A 181 -17.57 55.79 -9.13
C HIS A 181 -18.62 55.60 -8.04
N LEU A 182 -18.17 55.27 -6.85
CA LEU A 182 -19.05 55.15 -5.69
C LEU A 182 -19.02 56.47 -4.94
N SER A 183 -20.20 56.99 -4.61
CA SER A 183 -20.29 58.32 -4.00
C SER A 183 -20.25 58.21 -2.48
N THR A 184 -19.04 57.95 -1.97
CA THR A 184 -18.82 57.96 -0.53
C THR A 184 -18.87 59.37 0.06
N ALA A 185 -18.81 60.41 -0.79
CA ALA A 185 -18.98 61.78 -0.30
C ALA A 185 -20.36 61.98 0.29
N SER A 186 -21.39 61.48 -0.37
CA SER A 186 -22.72 61.45 0.21
C SER A 186 -22.78 60.40 1.32
N GLY A 187 -23.66 60.64 2.29
CA GLY A 187 -23.87 59.68 3.36
C GLY A 187 -24.40 58.34 2.88
N GLU A 188 -25.12 58.34 1.76
CA GLU A 188 -25.62 57.13 1.15
C GLU A 188 -24.59 56.56 0.20
N LEU A 189 -24.51 55.22 0.15
CA LEU A 189 -23.52 54.52 -0.68
C LEU A 189 -24.12 54.35 -2.08
N GLN A 190 -24.04 55.41 -2.85
CA GLN A 190 -24.55 55.45 -4.22
C GLN A 190 -23.39 55.21 -5.19
N VAL A 191 -23.71 54.69 -6.38
CA VAL A 191 -22.75 54.51 -7.45
C VAL A 191 -23.17 55.39 -8.62
N ASP A 192 -22.24 56.22 -9.09
CA ASP A 192 -22.49 57.14 -10.18
C ASP A 192 -21.43 56.97 -11.26
N ALA A 193 -21.70 57.58 -12.42
CA ALA A 193 -20.77 57.58 -13.54
C ALA A 193 -20.13 58.95 -13.57
N SER A 194 -18.88 59.04 -13.14
CA SER A 194 -18.20 60.32 -12.99
C SER A 194 -16.75 60.15 -13.40
N PHE A 195 -15.92 61.12 -13.00
CA PHE A 195 -14.54 61.18 -13.43
C PHE A 195 -13.58 60.49 -12.46
N MET A 196 -14.04 60.14 -11.27
CA MET A 196 -13.19 59.52 -10.26
C MET A 196 -13.17 58.00 -10.46
N GLN A 197 -11.98 57.43 -10.47
CA GLN A 197 -11.83 56.00 -10.68
C GLN A 197 -12.04 55.25 -9.37
N THR A 198 -12.73 54.11 -9.46
CA THR A 198 -13.02 53.24 -8.34
C THR A 198 -12.43 51.85 -8.64
N LEU A 199 -11.89 51.20 -7.61
CA LEU A 199 -11.38 49.84 -7.72
C LEU A 199 -12.53 48.84 -7.73
N TRP A 200 -12.45 47.86 -8.63
CA TRP A 200 -13.51 46.86 -8.75
C TRP A 200 -12.94 45.46 -8.67
N ASN A 201 -13.46 44.67 -7.73
CA ASN A 201 -13.12 43.25 -7.60
C ASN A 201 -14.12 42.43 -8.40
N MET A 202 -13.64 41.71 -9.41
CA MET A 202 -14.53 41.09 -10.37
C MET A 202 -14.61 39.60 -10.06
N ASN A 203 -15.77 39.14 -9.59
CA ASN A 203 -15.86 37.78 -9.06
C ASN A 203 -16.82 36.92 -9.87
N PRO A 204 -16.47 35.66 -10.11
CA PRO A 204 -17.36 34.75 -10.84
C PRO A 204 -18.35 34.06 -9.91
N ILE A 205 -19.29 33.34 -10.53
CA ILE A 205 -20.26 32.52 -9.80
C ILE A 205 -20.15 31.07 -10.25
N CYS A 206 -20.40 30.83 -11.54
CA CYS A 206 -20.29 29.52 -12.18
C CYS A 206 -20.47 29.74 -13.68
N SER A 207 -19.99 28.77 -14.45
CA SER A 207 -20.04 28.85 -15.91
C SER A 207 -20.88 27.73 -16.52
N CYS A 208 -20.60 26.48 -16.17
CA CYS A 208 -21.22 25.33 -16.84
C CYS A 208 -21.89 24.43 -15.83
N CYS A 209 -23.21 24.57 -15.69
CA CYS A 209 -24.03 23.62 -14.95
C CYS A 209 -24.70 22.68 -15.96
N GLU A 210 -24.38 21.39 -15.85
CA GLU A 210 -24.84 20.42 -16.82
C GLU A 210 -26.33 20.10 -16.63
N GLU A 211 -26.83 19.16 -17.43
CA GLU A 211 -28.26 18.89 -17.49
C GLU A 211 -28.77 18.24 -16.20
N GLY A 212 -29.80 18.86 -15.62
CA GLY A 212 -30.55 18.29 -14.50
C GLY A 212 -29.74 18.01 -13.25
N TYR A 213 -28.78 18.86 -12.94
CA TYR A 213 -27.92 18.70 -11.77
C TYR A 213 -28.13 19.88 -10.84
N VAL A 214 -28.41 19.58 -9.58
CA VAL A 214 -28.70 20.63 -8.60
C VAL A 214 -27.39 21.29 -8.22
N THR A 215 -27.32 22.62 -8.38
CA THR A 215 -26.12 23.40 -8.10
C THR A 215 -26.45 24.48 -7.09
N GLY A 216 -25.48 25.36 -6.85
CA GLY A 216 -25.73 26.49 -5.98
C GLY A 216 -26.49 27.60 -6.66
N GLY A 217 -27.06 28.49 -5.84
CA GLY A 217 -27.81 29.62 -6.35
C GLY A 217 -29.16 29.33 -6.97
N HIS A 218 -29.51 28.07 -7.22
CA HIS A 218 -30.75 27.71 -7.87
C HIS A 218 -31.98 27.93 -6.99
N VAL A 219 -33.10 28.07 -7.70
CA VAL A 219 -34.44 28.11 -7.14
C VAL A 219 -35.13 26.83 -7.62
N LEU A 220 -35.75 26.12 -6.68
CA LEU A 220 -36.27 24.80 -7.00
C LEU A 220 -37.46 24.49 -6.09
N ARG A 221 -38.35 23.64 -6.58
CA ARG A 221 -39.36 23.12 -5.67
C ARG A 221 -38.84 21.86 -4.98
N LEU A 222 -39.58 21.43 -3.96
CA LEU A 222 -39.31 20.20 -3.21
C LEU A 222 -40.59 19.40 -3.10
N PHE A 223 -40.88 18.60 -4.10
CA PHE A 223 -42.03 17.71 -4.09
C PHE A 223 -41.80 16.57 -3.09
N HIS A 224 -42.90 15.94 -2.68
CA HIS A 224 -42.78 14.75 -1.85
C HIS A 224 -42.29 13.59 -2.71
N GLY A 225 -41.86 12.51 -2.07
CA GLY A 225 -41.51 11.26 -2.75
C GLY A 225 -42.65 10.62 -3.53
N HIS A 226 -43.88 11.08 -3.36
CA HIS A 226 -45.05 10.58 -4.09
C HIS A 226 -45.51 11.61 -5.14
N MET A 227 -44.62 12.54 -5.52
CA MET A 227 -44.82 13.50 -6.63
C MET A 227 -46.05 14.41 -6.42
N ASP A 228 -46.52 14.58 -5.17
CA ASP A 228 -47.76 15.33 -4.98
C ASP A 228 -47.74 16.38 -3.88
N GLU A 229 -46.86 16.31 -2.89
CA GLU A 229 -46.89 17.24 -1.76
C GLU A 229 -45.62 18.09 -1.73
N CYS A 230 -45.75 19.36 -2.09
CA CYS A 230 -44.60 20.24 -2.09
C CYS A 230 -44.55 21.12 -0.85
N LEU A 231 -43.33 21.39 -0.41
CA LEU A 231 -43.07 22.24 0.75
C LEU A 231 -43.50 23.66 0.42
N THR A 232 -44.46 24.19 1.18
CA THR A 232 -45.08 25.48 0.88
C THR A 232 -45.36 26.24 2.16
N ILE A 233 -45.50 27.55 2.01
CA ILE A 233 -46.03 28.43 3.05
C ILE A 233 -47.54 28.42 2.90
N SER A 234 -48.26 28.95 3.89
CA SER A 234 -49.73 29.01 3.84
C SER A 234 -50.22 29.90 2.71
N ALA A 235 -51.53 29.84 2.48
CA ALA A 235 -52.17 30.59 1.42
C ALA A 235 -52.11 32.10 1.70
N ALA A 236 -52.34 32.89 0.65
CA ALA A 236 -52.27 34.34 0.74
C ALA A 236 -53.32 34.90 1.70
N ASP A 237 -52.88 35.89 2.49
CA ASP A 237 -53.69 36.56 3.52
C ASP A 237 -54.26 35.54 4.51
N SER A 238 -53.35 34.89 5.24
CA SER A 238 -53.70 33.90 6.24
C SER A 238 -53.39 34.43 7.63
N ASP A 239 -54.26 34.07 8.59
CA ASP A 239 -54.06 34.42 9.99
C ASP A 239 -52.80 33.80 10.59
N ASP A 240 -52.31 32.71 10.00
CA ASP A 240 -51.02 32.11 10.36
C ASP A 240 -49.84 32.99 9.97
N GLN A 241 -50.07 34.04 9.16
CA GLN A 241 -49.06 34.91 8.53
C GLN A 241 -48.12 34.14 7.62
N ARG A 242 -48.61 33.00 7.11
CA ARG A 242 -47.90 32.12 6.16
C ARG A 242 -46.58 31.61 6.72
N ARG A 243 -46.47 31.51 8.04
CA ARG A 243 -45.24 31.17 8.72
C ARG A 243 -45.08 29.69 9.03
N LEU A 244 -46.07 28.86 8.70
CA LEU A 244 -45.98 27.42 8.95
C LEU A 244 -45.80 26.67 7.64
N VAL A 245 -44.84 25.77 7.61
CA VAL A 245 -44.49 25.01 6.41
C VAL A 245 -45.38 23.77 6.30
N TYR A 246 -45.82 23.46 5.08
CA TYR A 246 -46.70 22.34 4.85
C TYR A 246 -46.33 21.58 3.59
N TYR A 247 -46.70 20.30 3.58
CA TYR A 247 -46.71 19.43 2.42
C TYR A 247 -48.09 19.64 1.83
N GLU A 248 -48.19 20.57 0.90
CA GLU A 248 -49.47 20.94 0.31
C GLU A 248 -49.48 20.50 -1.16
N GLY A 249 -50.61 19.96 -1.61
CA GLY A 249 -50.75 19.46 -2.96
C GLY A 249 -51.61 20.33 -3.86
N GLY A 250 -51.80 19.83 -5.08
CA GLY A 250 -52.61 20.52 -6.07
C GLY A 250 -51.86 21.58 -6.85
N ALA A 251 -52.59 22.61 -7.27
CA ALA A 251 -52.04 23.70 -8.07
C ALA A 251 -51.05 24.55 -7.29
N VAL A 252 -51.06 24.44 -5.96
CA VAL A 252 -50.10 25.15 -5.11
C VAL A 252 -48.69 24.66 -5.44
N CYS A 253 -48.55 23.37 -5.75
CA CYS A 253 -47.28 22.84 -6.25
C CYS A 253 -46.93 23.36 -7.64
N THR A 254 -47.89 23.96 -8.36
CA THR A 254 -47.59 24.67 -9.60
C THR A 254 -47.58 26.17 -9.38
N HIS A 255 -47.61 26.61 -8.13
CA HIS A 255 -47.65 28.01 -7.77
C HIS A 255 -46.28 28.46 -7.24
N ALA A 256 -46.14 29.78 -7.11
CA ALA A 256 -44.87 30.38 -6.72
C ALA A 256 -44.52 30.13 -5.26
N ARG A 257 -45.51 29.87 -4.40
CA ARG A 257 -45.24 29.62 -2.98
C ARG A 257 -44.45 28.34 -2.72
N SER A 258 -44.38 27.43 -3.70
CA SER A 258 -43.67 26.17 -3.54
C SER A 258 -42.19 26.28 -3.90
N LEU A 259 -41.72 27.48 -4.23
CA LEU A 259 -40.35 27.67 -4.68
C LEU A 259 -39.42 28.05 -3.53
N TRP A 260 -38.25 27.43 -3.50
CA TRP A 260 -37.24 27.70 -2.49
C TRP A 260 -35.93 28.00 -3.20
N ARG A 261 -35.26 29.07 -2.81
CA ARG A 261 -33.96 29.40 -3.37
C ARG A 261 -32.88 29.10 -2.34
N LEU A 262 -31.85 28.37 -2.76
CA LEU A 262 -30.77 28.04 -1.86
C LEU A 262 -29.61 29.02 -2.02
N GLU A 263 -29.11 29.54 -0.91
CA GLU A 263 -28.01 30.50 -0.88
C GLU A 263 -26.86 29.92 -0.05
N PRO A 264 -25.81 29.39 -0.69
CA PRO A 264 -24.69 28.86 0.08
C PRO A 264 -23.96 29.95 0.86
N LEU A 265 -23.31 29.54 1.96
CA LEU A 265 -22.57 30.44 2.82
C LEU A 265 -21.31 31.01 2.16
N ARG A 266 -20.90 30.46 1.02
CA ARG A 266 -19.69 30.90 0.34
C ARG A 266 -19.98 32.13 -0.52
N ILE A 267 -19.15 33.16 -0.37
CA ILE A 267 -19.31 34.36 -1.17
C ILE A 267 -18.90 34.09 -2.62
N SER A 268 -17.76 33.44 -2.81
CA SER A 268 -17.27 33.12 -4.14
C SER A 268 -17.68 31.71 -4.56
N TRP A 269 -17.95 31.56 -5.86
CA TRP A 269 -18.40 30.31 -6.48
C TRP A 269 -19.64 29.75 -5.80
N SER A 270 -20.55 30.66 -5.44
CA SER A 270 -21.81 30.28 -4.80
C SER A 270 -22.72 29.46 -5.69
N GLY A 271 -22.49 29.46 -7.01
CA GLY A 271 -23.31 28.68 -7.93
C GLY A 271 -22.67 27.37 -8.34
N SER A 272 -21.70 26.91 -7.56
CA SER A 272 -21.02 25.65 -7.83
C SER A 272 -21.98 24.47 -7.68
N HIS A 273 -21.61 23.35 -8.33
CA HIS A 273 -22.38 22.12 -8.21
C HIS A 273 -22.45 21.67 -6.76
N LEU A 274 -23.63 21.21 -6.34
CA LEU A 274 -23.84 20.87 -4.95
C LEU A 274 -23.20 19.52 -4.61
N ARG A 275 -22.29 19.54 -3.65
CA ARG A 275 -21.78 18.32 -3.04
C ARG A 275 -22.63 18.02 -1.81
N TRP A 276 -22.84 16.73 -1.56
CA TRP A 276 -23.69 16.30 -0.46
C TRP A 276 -23.16 16.74 0.89
N GLY A 277 -23.85 17.70 1.51
CA GLY A 277 -23.55 18.16 2.84
C GLY A 277 -22.86 19.50 2.98
N GLN A 278 -22.95 20.42 1.93
CA GLN A 278 -22.32 21.67 2.31
C GLN A 278 -23.33 22.54 3.05
N PRO A 279 -22.89 23.44 3.94
CA PRO A 279 -23.86 24.35 4.58
C PRO A 279 -24.39 25.37 3.58
N LEU A 280 -25.66 25.70 3.73
CA LEU A 280 -26.39 26.57 2.81
C LEU A 280 -27.71 26.97 3.45
N ARG A 281 -28.16 28.18 3.13
CA ARG A 281 -29.39 28.76 3.62
C ARG A 281 -30.51 28.53 2.61
N ILE A 282 -31.75 28.61 3.09
CA ILE A 282 -32.95 28.46 2.27
C ILE A 282 -33.80 29.71 2.45
N ARG A 283 -34.21 30.33 1.35
CA ARG A 283 -35.06 31.51 1.39
C ARG A 283 -36.28 31.29 0.51
N HIS A 284 -37.42 31.83 0.95
CA HIS A 284 -38.60 31.82 0.12
C HIS A 284 -38.54 32.94 -0.90
N VAL A 285 -39.11 32.70 -2.07
CA VAL A 285 -39.00 33.62 -3.18
C VAL A 285 -39.82 34.89 -2.95
N THR A 286 -41.06 34.75 -2.48
CA THR A 286 -42.01 35.85 -2.54
C THR A 286 -42.25 36.54 -1.20
N THR A 287 -41.66 36.05 -0.12
CA THR A 287 -41.90 36.63 1.19
C THR A 287 -40.66 37.17 1.88
N GLY A 288 -39.47 36.85 1.37
CA GLY A 288 -38.24 37.27 2.03
C GLY A 288 -38.08 36.64 3.39
N ARG A 289 -38.40 35.36 3.52
CA ARG A 289 -38.33 34.65 4.78
C ARG A 289 -37.37 33.48 4.66
N TYR A 290 -36.66 33.21 5.75
CA TYR A 290 -35.67 32.15 5.83
C TYR A 290 -36.19 31.06 6.75
N LEU A 291 -36.12 29.81 6.30
CA LEU A 291 -36.48 28.68 7.14
C LEU A 291 -35.50 28.58 8.31
N ALA A 292 -36.03 28.41 9.52
CA ALA A 292 -35.19 28.37 10.69
C ALA A 292 -35.84 27.58 11.82
N LEU A 293 -34.99 27.12 12.74
CA LEU A 293 -35.42 26.50 13.98
C LEU A 293 -35.59 27.62 15.00
N THR A 294 -36.79 28.16 15.09
CA THR A 294 -37.05 29.26 15.99
C THR A 294 -37.25 28.73 17.41
N GLU A 295 -37.16 29.64 18.38
CA GLU A 295 -37.23 29.24 19.77
C GLU A 295 -38.65 28.91 20.23
N ASP A 296 -39.65 29.62 19.73
CA ASP A 296 -41.01 29.45 20.26
C ASP A 296 -41.84 28.41 19.51
N GLN A 297 -41.67 28.30 18.18
CA GLN A 297 -42.52 27.42 17.38
C GLN A 297 -41.74 26.44 16.52
N GLY A 298 -40.49 26.14 16.88
CA GLY A 298 -39.69 25.17 16.16
C GLY A 298 -39.32 25.55 14.74
N LEU A 299 -39.87 24.87 13.74
CA LEU A 299 -39.53 25.12 12.34
C LEU A 299 -40.51 26.12 11.75
N VAL A 300 -40.10 27.39 11.62
CA VAL A 300 -40.90 28.39 10.92
C VAL A 300 -39.99 29.18 10.00
N VAL A 301 -40.62 30.03 9.18
CA VAL A 301 -39.89 30.92 8.29
C VAL A 301 -39.80 32.29 8.97
N VAL A 302 -38.65 32.54 9.58
CA VAL A 302 -38.40 33.82 10.22
C VAL A 302 -38.10 34.86 9.14
N ASP A 303 -38.30 36.13 9.49
CA ASP A 303 -38.02 37.22 8.56
C ASP A 303 -36.52 37.29 8.25
N ALA A 304 -36.19 37.96 7.14
CA ALA A 304 -34.81 38.02 6.68
C ALA A 304 -33.91 38.89 7.56
N CYS A 305 -34.47 39.63 8.51
CA CYS A 305 -33.66 40.48 9.39
C CYS A 305 -33.19 39.76 10.64
N LYS A 306 -33.57 38.49 10.83
CA LYS A 306 -33.22 37.74 12.04
C LYS A 306 -32.69 36.36 11.71
N ALA A 307 -31.99 36.21 10.58
CA ALA A 307 -31.36 34.94 10.23
C ALA A 307 -29.92 35.01 10.71
N HIS A 308 -29.63 34.33 11.82
CA HIS A 308 -28.33 34.39 12.47
C HIS A 308 -27.36 33.31 11.99
N THR A 309 -27.71 32.60 10.90
CA THR A 309 -26.89 31.64 10.14
C THR A 309 -26.73 30.32 10.91
N LYS A 310 -27.18 30.28 12.15
CA LYS A 310 -27.11 29.05 12.93
C LYS A 310 -28.36 28.21 12.74
N ALA A 311 -29.54 28.78 12.98
CA ALA A 311 -30.78 28.04 12.83
C ALA A 311 -31.23 27.92 11.39
N THR A 312 -30.63 28.66 10.46
CA THR A 312 -31.09 28.67 9.07
C THR A 312 -30.35 27.71 8.17
N SER A 313 -29.05 27.51 8.40
CA SER A 313 -28.26 26.66 7.51
C SER A 313 -28.66 25.19 7.68
N PHE A 314 -28.51 24.43 6.60
CA PHE A 314 -28.91 23.02 6.54
C PHE A 314 -27.89 22.27 5.70
N CYS A 315 -28.08 20.97 5.56
CA CYS A 315 -27.17 20.15 4.76
C CYS A 315 -27.93 18.96 4.18
N PHE A 316 -27.36 18.41 3.10
CA PHE A 316 -27.97 17.34 2.32
C PHE A 316 -27.13 16.07 2.40
N ARG A 317 -27.73 14.94 2.78
CA ARG A 317 -27.02 13.68 2.67
C ARG A 317 -27.97 12.62 2.15
N VAL A 318 -27.39 11.57 1.57
CA VAL A 318 -28.20 10.51 0.95
C VAL A 318 -28.93 9.67 2.00
N SER A 319 -28.43 9.60 3.24
CA SER A 319 -28.96 8.65 4.21
C SER A 319 -29.19 9.36 5.54
N LYS A 320 -29.74 8.63 6.51
CA LYS A 320 -30.07 9.14 7.83
C LYS A 320 -28.91 9.02 8.81
N GLU A 321 -27.79 8.43 8.39
CA GLU A 321 -26.68 8.17 9.30
C GLU A 321 -25.99 9.48 9.67
N LYS A 322 -25.29 9.47 10.80
CA LYS A 322 -24.52 10.62 11.26
C LYS A 322 -23.28 10.80 10.38
N LEU A 323 -23.39 11.65 9.36
CA LEU A 323 -22.26 11.91 8.48
C LEU A 323 -21.36 13.00 9.05
N PRO A 327 -20.02 19.74 6.05
CA PRO A 327 -19.24 20.85 5.50
C PRO A 327 -17.83 20.45 5.10
N LYS A 328 -17.52 20.55 3.81
CA LYS A 328 -16.21 20.21 3.27
C LYS A 328 -15.48 21.48 2.86
N ARG A 329 -14.30 21.28 2.25
CA ARG A 329 -13.56 22.40 1.69
C ARG A 329 -14.24 22.83 0.39
N ASP A 330 -14.66 24.09 0.34
CA ASP A 330 -15.41 24.60 -0.80
C ASP A 330 -14.57 24.62 -2.07
N VAL A 331 -15.19 24.22 -3.17
CA VAL A 331 -14.51 24.08 -4.46
C VAL A 331 -14.57 25.39 -5.23
N GLU A 332 -13.41 25.87 -5.67
CA GLU A 332 -13.31 27.12 -6.43
C GLU A 332 -13.48 26.87 -7.93
N GLY A 333 -14.59 26.24 -8.30
CA GLY A 333 -14.85 25.91 -9.68
C GLY A 333 -16.27 25.44 -9.89
N MET A 334 -16.46 24.57 -10.90
CA MET A 334 -17.79 24.06 -11.22
C MET A 334 -18.38 23.27 -10.07
N GLY A 335 -17.55 22.47 -9.40
CA GLY A 335 -18.01 21.60 -8.35
C GLY A 335 -18.38 20.24 -8.90
N PRO A 336 -18.32 19.21 -8.06
CA PRO A 336 -18.69 17.86 -8.50
C PRO A 336 -20.20 17.71 -8.64
N PRO A 337 -20.70 17.52 -9.87
CA PRO A 337 -22.16 17.41 -10.05
C PRO A 337 -22.70 16.08 -9.53
N GLU A 338 -23.35 16.14 -8.36
CA GLU A 338 -23.87 14.94 -7.73
C GLU A 338 -25.37 14.96 -7.56
N ILE A 339 -25.91 16.02 -6.97
CA ILE A 339 -27.35 16.10 -6.69
C ILE A 339 -28.09 16.39 -7.99
N LYS A 340 -29.04 15.52 -8.34
CA LYS A 340 -29.77 15.62 -9.58
C LYS A 340 -31.19 16.12 -9.34
N TYR A 341 -31.79 16.67 -10.40
CA TYR A 341 -33.15 17.18 -10.35
C TYR A 341 -34.13 16.06 -10.68
N GLY A 342 -34.95 15.68 -9.70
CA GLY A 342 -35.91 14.61 -9.85
C GLY A 342 -35.39 13.24 -9.46
N GLU A 343 -34.07 13.07 -9.37
CA GLU A 343 -33.42 11.83 -8.97
C GLU A 343 -32.37 12.18 -7.92
N SER A 344 -31.61 11.17 -7.49
CA SER A 344 -30.55 11.28 -6.48
C SER A 344 -31.13 11.84 -5.17
N LEU A 345 -32.00 11.03 -4.57
CA LEU A 345 -32.76 11.42 -3.39
C LEU A 345 -31.85 11.74 -2.21
N CYS A 346 -32.22 12.79 -1.47
CA CYS A 346 -31.45 13.22 -0.32
C CYS A 346 -32.37 13.63 0.81
N PHE A 347 -31.85 13.47 2.02
CA PHE A 347 -32.49 13.82 3.27
C PHE A 347 -31.77 15.04 3.81
N VAL A 348 -32.54 16.04 4.22
CA VAL A 348 -32.01 17.33 4.66
C VAL A 348 -32.01 17.35 6.18
N GLN A 349 -30.88 17.72 6.77
CA GLN A 349 -30.81 17.81 8.22
C GLN A 349 -30.29 19.19 8.60
N HIS A 350 -30.78 19.70 9.72
CA HIS A 350 -30.26 20.92 10.32
C HIS A 350 -28.79 20.73 10.67
N VAL A 351 -27.95 21.66 10.21
CA VAL A 351 -26.51 21.52 10.43
C VAL A 351 -26.15 21.74 11.90
N ALA A 352 -26.86 22.63 12.60
CA ALA A 352 -26.54 22.94 13.99
C ALA A 352 -27.41 22.18 14.98
N SER A 353 -28.68 21.96 14.67
CA SER A 353 -29.56 21.28 15.60
C SER A 353 -29.56 19.76 15.40
N GLY A 354 -29.20 19.29 14.20
CA GLY A 354 -29.20 17.87 13.96
C GLY A 354 -30.56 17.26 13.76
N LEU A 355 -31.58 18.07 13.48
CA LEU A 355 -32.94 17.58 13.35
C LEU A 355 -33.33 17.49 11.86
N TRP A 356 -34.03 16.40 11.51
CA TRP A 356 -34.48 16.14 10.14
C TRP A 356 -35.94 16.54 9.94
N LEU A 357 -36.23 17.16 8.79
CA LEU A 357 -37.60 17.57 8.52
C LEU A 357 -38.45 16.34 8.19
N THR A 358 -39.69 16.35 8.69
CA THR A 358 -40.64 15.25 8.49
C THR A 358 -42.03 15.82 8.72
N TYR A 359 -43.02 15.22 8.08
CA TYR A 359 -44.41 15.62 8.26
C TYR A 359 -44.88 15.38 9.69
N ALA A 360 -45.74 16.26 10.18
CA ALA A 360 -46.36 16.08 11.50
C ALA A 360 -47.39 14.96 11.41
N ALA A 361 -47.13 13.86 12.12
CA ALA A 361 -47.99 12.67 12.03
C ALA A 361 -49.46 12.86 12.43
N PRO A 362 -49.85 13.56 13.53
CA PRO A 362 -51.29 13.67 13.85
C PRO A 362 -52.12 14.35 12.76
N ASP A 363 -53.34 13.84 12.55
CA ASP A 363 -54.25 14.36 11.55
C ASP A 363 -55.43 15.06 12.22
N PRO A 364 -55.60 16.36 12.01
CA PRO A 364 -56.75 17.07 12.57
C PRO A 364 -58.01 16.85 11.73
N LYS A 365 -59.11 17.46 12.20
CA LYS A 365 -60.38 17.35 11.50
C LYS A 365 -60.37 18.11 10.18
N ALA A 366 -59.48 19.10 10.04
CA ALA A 366 -59.33 19.79 8.76
C ALA A 366 -58.80 18.84 7.69
N LEU A 367 -57.86 17.98 8.05
CA LEU A 367 -57.34 16.97 7.14
C LEU A 367 -58.09 15.64 7.19
N ARG A 368 -59.15 15.56 8.01
CA ARG A 368 -59.89 14.31 8.16
C ARG A 368 -60.55 13.90 6.85
N LEU A 369 -61.16 14.86 6.14
CA LEU A 369 -61.85 14.55 4.89
C LEU A 369 -61.43 15.52 3.79
N GLY A 370 -60.99 16.71 4.16
CA GLY A 370 -60.66 17.74 3.20
C GLY A 370 -59.29 17.55 2.58
N VAL A 371 -58.83 18.62 1.91
CA VAL A 371 -57.53 18.62 1.25
C VAL A 371 -56.43 18.50 2.30
N LEU A 372 -55.34 17.83 1.95
CA LEU A 372 -54.27 17.53 2.88
C LEU A 372 -53.15 18.56 2.75
N LYS A 373 -53.07 19.47 3.73
CA LYS A 373 -51.89 20.28 3.97
C LYS A 373 -51.23 19.72 5.23
N LYS A 374 -50.03 19.19 5.08
CA LYS A 374 -49.40 18.37 6.11
C LYS A 374 -48.28 19.18 6.76
N LYS A 375 -48.45 19.54 8.04
CA LYS A 375 -47.45 20.35 8.74
C LYS A 375 -46.11 19.64 8.81
N ALA A 376 -45.04 20.38 8.54
CA ALA A 376 -43.70 19.82 8.58
C ALA A 376 -43.02 20.17 9.90
N ILE A 377 -42.53 19.15 10.60
CA ILE A 377 -41.85 19.33 11.86
C ILE A 377 -40.41 18.84 11.70
N LEU A 378 -39.46 19.66 12.15
CA LEU A 378 -38.05 19.30 12.06
C LEU A 378 -37.76 18.25 13.14
N HIS A 379 -38.15 17.01 12.85
CA HIS A 379 -38.05 15.91 13.82
C HIS A 379 -36.60 15.56 14.12
N GLN A 380 -36.38 15.00 15.31
CA GLN A 380 -35.02 14.65 15.76
C GLN A 380 -34.37 13.61 14.86
N GLU A 381 -35.13 12.57 14.48
CA GLU A 381 -34.62 11.56 13.54
C GLU A 381 -35.46 11.48 12.27
N GLY A 382 -36.78 11.49 12.40
CA GLY A 382 -37.66 11.44 11.26
C GLY A 382 -38.04 10.04 10.82
N HIS A 383 -38.97 10.00 9.87
CA HIS A 383 -39.51 8.76 9.34
C HIS A 383 -38.72 8.33 8.11
N MET A 384 -39.24 7.33 7.40
CA MET A 384 -38.59 6.76 6.23
C MET A 384 -39.09 7.40 4.94
N ASP A 385 -40.39 7.61 4.82
CA ASP A 385 -41.00 8.08 3.58
C ASP A 385 -41.02 9.60 3.44
N ASP A 386 -40.12 10.31 4.13
CA ASP A 386 -40.02 11.76 4.01
C ASP A 386 -39.07 12.20 2.88
N ALA A 387 -38.86 11.35 1.88
CA ALA A 387 -37.99 11.67 0.75
C ALA A 387 -38.54 12.84 -0.05
N LEU A 388 -37.65 13.69 -0.55
CA LEU A 388 -38.02 14.92 -1.23
C LEU A 388 -37.44 14.95 -2.64
N PHE A 389 -38.32 15.04 -3.63
CA PHE A 389 -37.90 15.22 -5.01
C PHE A 389 -37.55 16.67 -5.24
N LEU A 390 -36.51 16.93 -6.02
CA LEU A 390 -36.06 18.27 -6.33
C LEU A 390 -36.41 18.59 -7.78
N THR A 391 -37.13 19.70 -8.00
CA THR A 391 -37.60 20.00 -9.36
C THR A 391 -37.22 21.42 -9.76
N ARG A 392 -36.88 21.57 -11.04
CA ARG A 392 -36.51 22.86 -11.62
C ARG A 392 -37.66 23.87 -11.62
N CYS A 393 -37.28 25.14 -11.59
CA CYS A 393 -38.16 26.26 -11.91
C CYS A 393 -37.77 26.85 -13.25
N GLN A 394 -38.77 27.19 -14.05
CA GLN A 394 -38.50 27.84 -15.32
C GLN A 394 -38.11 29.29 -15.04
N GLN A 395 -37.36 29.88 -15.98
CA GLN A 395 -36.85 31.24 -15.82
C GLN A 395 -37.98 32.25 -15.65
N GLU A 396 -39.07 32.08 -16.41
CA GLU A 396 -40.24 32.95 -16.25
C GLU A 396 -40.85 32.81 -14.86
N GLU A 397 -40.90 31.58 -14.35
CA GLU A 397 -41.39 31.34 -12.99
C GLU A 397 -40.52 32.05 -11.96
N SER A 398 -39.20 31.93 -12.09
CA SER A 398 -38.26 32.56 -11.16
C SER A 398 -38.39 34.08 -11.20
N GLN A 399 -38.44 34.64 -12.42
CA GLN A 399 -38.57 36.08 -12.60
C GLN A 399 -39.89 36.58 -12.02
N ALA A 400 -40.98 35.85 -12.27
CA ALA A 400 -42.30 36.22 -11.74
C ALA A 400 -42.30 36.18 -10.22
N ALA A 401 -41.68 35.13 -9.64
CA ALA A 401 -41.62 35.02 -8.20
C ALA A 401 -40.87 36.20 -7.60
N ARG A 402 -39.77 36.61 -8.24
CA ARG A 402 -39.09 37.80 -7.76
C ARG A 402 -39.95 39.06 -7.97
N MET A 403 -40.83 39.04 -8.99
CA MET A 403 -41.72 40.18 -9.26
C MET A 403 -42.62 40.44 -8.07
N ILE A 404 -43.32 39.40 -7.58
CA ILE A 404 -44.30 39.64 -6.50
C ILE A 404 -43.60 40.20 -5.26
N HIS A 405 -42.47 39.59 -4.87
CA HIS A 405 -41.73 40.00 -3.69
C HIS A 405 -41.22 41.44 -3.78
N SER A 406 -40.68 41.84 -4.94
CA SER A 406 -40.24 43.21 -5.08
C SER A 406 -41.41 44.19 -5.26
N THR A 407 -42.42 43.78 -6.01
CA THR A 407 -43.52 44.63 -6.41
C THR A 407 -44.47 44.93 -5.25
N ALA A 408 -44.84 43.90 -4.47
CA ALA A 408 -45.82 44.05 -3.40
C ALA A 408 -45.36 45.00 -2.30
N GLY A 409 -44.09 44.93 -1.92
CA GLY A 409 -43.59 45.77 -0.83
C GLY A 409 -43.66 47.25 -1.12
N LEU A 410 -43.48 47.63 -2.39
CA LEU A 410 -43.50 49.03 -2.80
C LEU A 410 -44.88 49.63 -2.57
N TYR A 411 -45.92 48.95 -3.05
CA TYR A 411 -47.25 49.49 -2.82
C TYR A 411 -47.73 49.26 -1.41
N ASN A 412 -47.23 48.24 -0.70
CA ASN A 412 -47.55 48.12 0.72
C ASN A 412 -47.08 49.35 1.48
N GLN A 413 -45.85 49.81 1.19
CA GLN A 413 -45.36 51.09 1.69
C GLN A 413 -46.22 52.26 1.20
N PHE A 414 -46.63 52.23 -0.07
CA PHE A 414 -47.48 53.29 -0.61
C PHE A 414 -48.82 53.36 0.09
N ILE A 415 -49.43 52.20 0.36
CA ILE A 415 -50.70 52.10 1.06
C ILE A 415 -50.57 52.63 2.49
N LYS A 416 -49.49 52.24 3.17
CA LYS A 416 -49.27 52.78 4.52
C LYS A 416 -48.99 54.28 4.50
N GLY A 417 -48.46 54.79 3.39
CA GLY A 417 -48.33 56.23 3.27
C GLY A 417 -49.66 56.89 2.99
N LEU A 418 -50.56 56.18 2.30
CA LEU A 418 -51.87 56.71 1.98
C LEU A 418 -52.72 56.86 3.24
N ASP A 419 -52.93 55.75 3.97
CA ASP A 419 -53.71 55.90 5.19
C ASP A 419 -52.99 56.69 6.28
N SER A 420 -51.67 56.93 6.15
CA SER A 420 -51.01 57.84 7.08
C SER A 420 -51.60 59.25 6.98
N PHE A 421 -51.98 59.69 5.78
CA PHE A 421 -52.67 60.96 5.63
C PHE A 421 -54.13 60.81 5.21
N SER A 422 -54.74 59.64 5.44
CA SER A 422 -56.17 59.48 5.17
C SER A 422 -57.00 60.47 5.97
N GLY A 423 -56.78 60.52 7.29
CA GLY A 423 -57.27 61.60 8.11
C GLY A 423 -56.21 62.68 8.21
N LYS A 424 -56.42 63.61 9.16
CA LYS A 424 -55.52 64.73 9.48
C LYS A 424 -55.20 65.55 8.24
N PRO A 425 -56.12 66.39 7.76
CA PRO A 425 -55.86 67.20 6.55
C PRO A 425 -54.61 68.06 6.70
N ARG A 426 -53.82 68.11 5.62
CA ARG A 426 -52.56 68.85 5.61
C ARG A 426 -52.79 70.34 5.78
N GLY A 427 -53.91 70.85 5.29
CA GLY A 427 -54.20 72.27 5.37
C GLY A 427 -53.26 73.10 4.53
N SER A 428 -52.36 73.82 5.18
CA SER A 428 -51.32 74.59 4.49
C SER A 428 -49.93 74.22 4.97
N GLY A 429 -49.79 73.20 5.82
CA GLY A 429 -48.52 72.81 6.35
C GLY A 429 -47.87 71.67 5.59
N PRO A 430 -47.06 70.88 6.29
CA PRO A 430 -46.37 69.76 5.64
C PRO A 430 -47.21 68.51 5.66
N PRO A 431 -46.94 67.52 4.78
CA PRO A 431 -47.70 66.26 4.81
C PRO A 431 -47.47 65.41 6.05
N ALA A 432 -48.13 64.25 6.08
CA ALA A 432 -48.11 63.37 7.25
C ALA A 432 -46.71 62.85 7.55
N GLY A 433 -46.13 62.08 6.63
CA GLY A 433 -44.85 61.46 6.87
C GLY A 433 -43.90 61.48 5.69
N PRO A 434 -43.32 60.33 5.38
CA PRO A 434 -42.33 60.26 4.29
C PRO A 434 -42.95 60.50 2.93
N ALA A 435 -42.13 61.05 2.02
CA ALA A 435 -42.58 61.29 0.66
C ALA A 435 -42.84 59.97 -0.06
N LEU A 436 -44.00 59.87 -0.68
CA LEU A 436 -44.39 58.64 -1.35
C LEU A 436 -43.66 58.52 -2.68
N PRO A 437 -43.08 57.35 -2.99
CA PRO A 437 -42.31 57.18 -4.23
C PRO A 437 -43.19 57.19 -5.47
N ILE A 438 -43.62 58.39 -5.87
CA ILE A 438 -44.53 58.59 -7.00
C ILE A 438 -43.89 58.09 -8.29
N GLU A 439 -42.65 58.51 -8.57
CA GLU A 439 -41.97 58.14 -9.79
C GLU A 439 -41.65 56.65 -9.83
N ALA A 440 -41.18 56.09 -8.71
CA ALA A 440 -40.86 54.66 -8.65
C ALA A 440 -42.12 53.81 -8.84
N VAL A 441 -43.23 54.23 -8.23
CA VAL A 441 -44.49 53.52 -8.38
C VAL A 441 -44.97 53.61 -9.82
N ILE A 442 -44.93 54.80 -10.43
CA ILE A 442 -45.38 54.98 -11.81
C ILE A 442 -44.55 54.14 -12.77
N LEU A 443 -43.22 54.12 -12.57
CA LEU A 443 -42.33 53.30 -13.37
C LEU A 443 -42.65 51.81 -13.24
N SER A 444 -42.91 51.35 -12.02
CA SER A 444 -43.31 49.96 -11.78
C SER A 444 -44.65 49.64 -12.45
N LEU A 445 -45.59 50.59 -12.38
CA LEU A 445 -46.89 50.43 -13.03
C LEU A 445 -46.76 50.29 -14.53
N GLN A 446 -45.91 51.13 -15.14
CA GLN A 446 -45.68 51.07 -16.59
C GLN A 446 -45.01 49.75 -16.99
N ASP A 447 -44.04 49.29 -16.18
CA ASP A 447 -43.40 48.00 -16.42
C ASP A 447 -44.39 46.86 -16.30
N LEU A 448 -45.27 46.92 -15.29
CA LEU A 448 -46.24 45.85 -15.09
C LEU A 448 -47.25 45.79 -16.23
N ILE A 449 -47.71 46.95 -16.71
CA ILE A 449 -48.64 47.01 -17.83
C ILE A 449 -48.01 46.42 -19.09
N GLY A 450 -46.75 46.79 -19.37
CA GLY A 450 -46.04 46.16 -20.47
C GLY A 450 -45.79 44.68 -20.25
N TYR A 451 -45.53 44.29 -19.00
CA TYR A 451 -45.37 42.90 -18.64
C TYR A 451 -46.64 42.10 -18.81
N PHE A 452 -47.80 42.76 -18.76
CA PHE A 452 -49.09 42.12 -18.95
C PHE A 452 -49.76 42.52 -20.26
N GLU A 453 -48.96 42.99 -21.21
CA GLU A 453 -49.50 43.34 -22.52
C GLU A 453 -49.94 42.08 -23.26
N PRO A 454 -51.18 42.03 -23.74
CA PRO A 454 -51.60 40.87 -24.53
C PRO A 454 -50.82 40.79 -25.83
N PRO A 455 -50.61 39.57 -26.35
CA PRO A 455 -49.84 39.41 -27.60
C PRO A 455 -50.52 40.07 -28.80
N SER A 456 -49.68 40.56 -29.72
CA SER A 456 -50.14 41.29 -30.89
C SER A 456 -50.90 40.37 -31.85
N GLU A 457 -51.81 40.98 -32.61
CA GLU A 457 -52.69 40.25 -33.51
C GLU A 457 -51.92 39.56 -34.64
N GLU A 458 -50.88 40.21 -35.17
CA GLU A 458 -50.14 39.72 -36.32
C GLU A 458 -49.36 38.43 -36.05
N LEU A 459 -49.17 38.08 -34.78
CA LEU A 459 -48.44 36.87 -34.40
C LEU A 459 -49.11 35.62 -34.94
N GLN A 460 -48.29 34.65 -35.34
CA GLN A 460 -48.80 33.39 -35.86
C GLN A 460 -49.53 32.65 -34.75
N HIS A 461 -50.48 31.78 -35.16
CA HIS A 461 -51.37 31.08 -34.24
C HIS A 461 -50.64 30.30 -33.16
N GLU A 462 -49.51 29.67 -33.50
CA GLU A 462 -48.74 28.89 -32.52
C GLU A 462 -48.17 29.77 -31.41
N GLU A 463 -47.51 30.87 -31.80
CA GLU A 463 -46.92 31.74 -30.80
C GLU A 463 -47.98 32.53 -30.08
N LYS A 464 -49.10 32.82 -30.76
CA LYS A 464 -50.21 33.52 -30.14
C LYS A 464 -50.79 32.69 -29.00
N GLN A 465 -51.00 31.39 -29.24
CA GLN A 465 -51.52 30.52 -28.19
C GLN A 465 -50.50 30.35 -27.06
N SER A 466 -49.21 30.19 -27.40
CA SER A 466 -48.19 30.03 -26.36
C SER A 466 -48.09 31.26 -25.47
N LYS A 467 -48.14 32.44 -26.09
CA LYS A 467 -48.12 33.68 -25.32
C LYS A 467 -49.40 33.84 -24.52
N LEU A 468 -50.52 33.35 -25.04
CA LEU A 468 -51.77 33.38 -24.29
C LEU A 468 -51.67 32.54 -23.03
N ARG A 469 -51.08 31.34 -23.15
CA ARG A 469 -50.88 30.46 -22.01
C ARG A 469 -49.97 31.10 -20.96
N SER A 470 -48.88 31.73 -21.42
CA SER A 470 -48.01 32.45 -20.49
C SER A 470 -48.72 33.62 -19.83
N LEU A 471 -49.54 34.35 -20.59
CA LEU A 471 -50.29 35.47 -20.05
C LEU A 471 -51.28 35.03 -18.97
N ARG A 472 -52.01 33.94 -19.24
CA ARG A 472 -52.95 33.41 -18.25
C ARG A 472 -52.22 32.92 -17.01
N ASN A 473 -51.07 32.25 -17.21
CA ASN A 473 -50.31 31.74 -16.08
C ASN A 473 -49.82 32.86 -15.19
N ARG A 474 -49.23 33.92 -15.78
CA ARG A 474 -48.75 35.06 -15.01
C ARG A 474 -49.89 35.79 -14.30
N GLN A 475 -51.03 35.96 -14.98
CA GLN A 475 -52.19 36.60 -14.37
C GLN A 475 -52.73 35.80 -13.20
N SER A 476 -52.78 34.47 -13.35
CA SER A 476 -53.29 33.58 -12.32
C SER A 476 -52.36 33.60 -11.12
N LEU A 477 -51.06 33.56 -11.37
CA LEU A 477 -50.07 33.56 -10.29
C LEU A 477 -50.12 34.86 -9.49
N PHE A 478 -50.25 36.00 -10.19
CA PHE A 478 -50.30 37.27 -9.48
C PHE A 478 -51.56 37.41 -8.63
N GLN A 479 -52.72 36.97 -9.15
CA GLN A 479 -53.92 36.94 -8.32
C GLN A 479 -53.75 35.97 -7.14
N GLU A 480 -53.16 34.80 -7.40
CA GLU A 480 -52.88 33.82 -6.36
C GLU A 480 -51.93 34.37 -5.30
N GLU A 481 -51.11 35.36 -5.67
CA GLU A 481 -50.29 36.05 -4.71
C GLU A 481 -50.99 37.29 -4.16
N GLY A 482 -52.24 37.53 -4.55
CA GLY A 482 -52.99 38.62 -3.96
C GLY A 482 -52.78 40.00 -4.51
N MET A 483 -52.16 40.14 -5.68
CA MET A 483 -51.97 41.47 -6.26
C MET A 483 -53.30 42.14 -6.60
N LEU A 484 -54.32 41.33 -6.92
CA LEU A 484 -55.66 41.87 -7.16
C LEU A 484 -56.24 42.54 -5.92
N SER A 485 -56.03 41.94 -4.74
CA SER A 485 -56.48 42.57 -3.50
C SER A 485 -55.72 43.86 -3.23
N LEU A 486 -54.41 43.85 -3.48
CA LEU A 486 -53.57 45.02 -3.22
C LEU A 486 -53.98 46.19 -4.12
N VAL A 487 -54.18 45.92 -5.41
CA VAL A 487 -54.61 46.99 -6.30
C VAL A 487 -56.03 47.44 -5.95
N LEU A 488 -56.90 46.52 -5.49
CA LEU A 488 -58.22 46.92 -5.01
C LEU A 488 -58.10 47.88 -3.83
N ASN A 489 -57.10 47.66 -2.97
CA ASN A 489 -56.83 48.62 -1.91
C ASN A 489 -56.32 49.93 -2.48
N CYS A 490 -55.59 49.88 -3.61
CA CYS A 490 -55.03 51.10 -4.18
C CYS A 490 -56.15 52.00 -4.69
N ILE A 491 -57.05 51.44 -5.51
CA ILE A 491 -58.16 52.23 -6.05
C ILE A 491 -59.06 52.70 -4.92
N ASP A 492 -59.38 51.82 -3.95
CA ASP A 492 -60.27 52.20 -2.86
C ASP A 492 -59.69 53.33 -2.02
N ARG A 493 -58.40 53.27 -1.69
CA ARG A 493 -57.75 54.33 -0.93
C ARG A 493 -57.68 55.64 -1.71
N LEU A 494 -57.40 55.59 -3.01
CA LEU A 494 -57.40 56.83 -3.79
C LEU A 494 -58.78 57.36 -4.10
N ASN A 495 -59.81 56.53 -4.01
CA ASN A 495 -61.17 56.94 -4.38
C ASN A 495 -61.83 57.86 -3.36
N VAL A 496 -61.29 57.99 -2.15
CA VAL A 496 -61.90 58.86 -1.14
C VAL A 496 -61.82 60.34 -1.50
N TYR A 497 -60.94 60.71 -2.44
CA TYR A 497 -60.79 62.09 -2.88
C TYR A 497 -61.46 62.24 -4.23
N THR A 498 -62.37 63.21 -4.35
CA THR A 498 -63.07 63.42 -5.61
C THR A 498 -62.17 64.02 -6.67
N THR A 499 -61.32 64.97 -6.29
CA THR A 499 -60.47 65.66 -7.26
C THR A 499 -59.04 65.75 -6.75
N ALA A 500 -58.19 66.33 -7.61
CA ALA A 500 -56.79 66.55 -7.27
C ALA A 500 -56.65 67.53 -6.11
N ALA A 501 -57.54 68.52 -6.01
CA ALA A 501 -57.52 69.44 -4.88
C ALA A 501 -57.80 68.71 -3.56
N HIS A 502 -58.77 67.77 -3.59
CA HIS A 502 -59.05 66.93 -2.44
C HIS A 502 -57.85 66.05 -2.09
N PHE A 503 -57.16 65.53 -3.11
CA PHE A 503 -55.94 64.77 -2.84
C PHE A 503 -54.84 65.67 -2.29
N ALA A 504 -54.79 66.92 -2.75
CA ALA A 504 -53.78 67.88 -2.30
C ALA A 504 -53.95 68.24 -0.83
N GLU A 505 -55.19 68.38 -0.37
CA GLU A 505 -55.46 68.79 1.02
C GLU A 505 -54.98 67.79 2.06
N TYR A 506 -54.66 66.56 1.67
CA TYR A 506 -54.17 65.56 2.59
C TYR A 506 -52.78 65.05 2.22
N ALA A 507 -52.54 64.78 0.94
CA ALA A 507 -51.27 64.25 0.46
C ALA A 507 -50.25 65.34 0.18
N GLY A 508 -50.66 66.43 -0.48
CA GLY A 508 -49.73 67.48 -0.81
C GLY A 508 -49.85 67.92 -2.26
N GLU A 509 -49.32 69.11 -2.56
CA GLU A 509 -49.40 69.67 -3.91
C GLU A 509 -48.63 68.83 -4.92
N GLU A 510 -47.44 68.36 -4.55
CA GLU A 510 -46.58 67.60 -5.46
C GLU A 510 -47.20 66.27 -5.88
N ALA A 511 -48.06 65.69 -5.05
CA ALA A 511 -48.75 64.46 -5.40
C ALA A 511 -50.10 64.66 -6.07
N ALA A 512 -50.63 65.89 -6.03
CA ALA A 512 -51.96 66.16 -6.58
C ALA A 512 -52.02 65.97 -8.09
N GLU A 513 -50.99 66.42 -8.81
CA GLU A 513 -50.96 66.31 -10.27
C GLU A 513 -50.93 64.86 -10.74
N SER A 514 -50.15 64.02 -10.05
CA SER A 514 -50.01 62.62 -10.43
C SER A 514 -51.23 61.75 -10.10
N TRP A 515 -52.22 62.30 -9.38
CA TRP A 515 -53.41 61.55 -8.98
C TRP A 515 -54.19 61.00 -10.18
N LYS A 516 -54.38 61.82 -11.20
CA LYS A 516 -55.11 61.39 -12.39
C LYS A 516 -54.34 60.30 -13.12
N GLU A 517 -53.02 60.50 -13.26
CA GLU A 517 -52.18 59.56 -13.99
C GLU A 517 -52.18 58.20 -13.29
N ILE A 518 -52.05 58.20 -11.95
CA ILE A 518 -51.96 56.93 -11.26
C ILE A 518 -53.30 56.19 -11.32
N VAL A 519 -54.43 56.90 -11.15
CA VAL A 519 -55.71 56.18 -11.19
C VAL A 519 -56.00 55.62 -12.59
N ASN A 520 -55.61 56.35 -13.65
CA ASN A 520 -55.69 55.78 -14.99
C ASN A 520 -54.80 54.55 -15.15
N LEU A 521 -53.57 54.61 -14.63
CA LEU A 521 -52.65 53.48 -14.74
C LEU A 521 -53.16 52.27 -13.97
N LEU A 522 -53.75 52.51 -12.79
CA LEU A 522 -54.30 51.42 -11.98
C LEU A 522 -55.43 50.72 -12.72
N TYR A 523 -56.30 51.50 -13.38
CA TYR A 523 -57.38 50.89 -14.14
C TYR A 523 -56.83 50.08 -15.31
N GLU A 524 -55.81 50.62 -16.00
CA GLU A 524 -55.23 49.91 -17.15
C GLU A 524 -54.61 48.59 -16.74
N LEU A 525 -53.81 48.61 -15.67
CA LEU A 525 -53.20 47.37 -15.20
C LEU A 525 -54.25 46.39 -14.70
N LEU A 526 -55.31 46.90 -14.06
CA LEU A 526 -56.38 46.03 -13.56
C LEU A 526 -57.04 45.28 -14.72
N ALA A 527 -57.33 46.00 -15.80
CA ALA A 527 -57.87 45.39 -17.01
C ALA A 527 -56.89 44.38 -17.59
N SER A 528 -55.60 44.73 -17.64
CA SER A 528 -54.60 43.78 -18.13
C SER A 528 -54.49 42.55 -17.25
N LEU A 529 -54.69 42.70 -15.94
CA LEU A 529 -54.68 41.56 -15.02
C LEU A 529 -55.84 40.63 -15.28
N ILE A 530 -57.02 41.18 -15.56
CA ILE A 530 -58.22 40.33 -15.55
C ILE A 530 -58.68 39.92 -16.93
N ARG A 531 -58.17 40.54 -18.00
CA ARG A 531 -58.65 40.30 -19.35
C ARG A 531 -58.50 38.86 -19.81
N GLY A 532 -59.64 38.19 -20.04
CA GLY A 532 -59.65 36.83 -20.52
C GLY A 532 -59.45 35.76 -19.47
N ASN A 533 -59.50 36.12 -18.19
CA ASN A 533 -59.26 35.18 -17.10
C ASN A 533 -60.59 34.66 -16.55
N ARG A 534 -60.77 33.34 -16.59
CA ARG A 534 -62.01 32.73 -16.14
C ARG A 534 -62.19 32.89 -14.63
N ALA A 535 -61.17 32.52 -13.87
CA ALA A 535 -61.28 32.59 -12.41
C ALA A 535 -61.22 34.02 -11.92
N ASN A 536 -60.30 34.83 -12.48
CA ASN A 536 -60.12 36.18 -11.96
C ASN A 536 -61.35 37.02 -12.27
N CYS A 537 -61.94 36.82 -13.46
CA CYS A 537 -63.19 37.50 -13.79
C CYS A 537 -64.30 37.03 -12.88
N ALA A 538 -64.33 35.72 -12.55
CA ALA A 538 -65.34 35.21 -11.62
C ALA A 538 -65.16 35.79 -10.21
N LEU A 539 -63.96 36.24 -9.86
CA LEU A 539 -63.74 36.83 -8.54
C LEU A 539 -64.44 38.18 -8.36
N PHE A 540 -64.86 38.82 -9.44
CA PHE A 540 -65.54 40.10 -9.35
C PHE A 540 -67.05 39.97 -9.20
N SER A 541 -67.58 38.75 -9.17
CA SER A 541 -69.01 38.58 -8.95
C SER A 541 -69.42 38.94 -7.53
N THR A 542 -68.47 38.96 -6.59
CA THR A 542 -68.76 39.31 -5.21
C THR A 542 -68.88 40.82 -5.03
N ASN A 543 -68.05 41.58 -5.72
CA ASN A 543 -68.02 43.04 -5.56
C ASN A 543 -68.43 43.77 -6.84
N LEU A 544 -69.50 43.31 -7.48
CA LEU A 544 -70.00 43.95 -8.69
C LEU A 544 -70.40 45.39 -8.41
N ASP A 545 -71.10 45.63 -7.30
CA ASP A 545 -71.50 46.99 -6.95
C ASP A 545 -70.32 47.88 -6.63
N TRP A 546 -69.17 47.30 -6.27
CA TRP A 546 -67.98 48.08 -5.96
C TRP A 546 -67.49 48.85 -7.20
N VAL A 547 -67.36 48.16 -8.34
CA VAL A 547 -67.03 48.84 -9.59
C VAL A 547 -68.20 49.70 -10.07
N VAL A 548 -69.44 49.23 -9.87
CA VAL A 548 -70.61 50.02 -10.29
C VAL A 548 -70.68 51.36 -9.55
N SER A 549 -70.24 51.39 -8.29
CA SER A 549 -70.25 52.63 -7.50
C SER A 549 -69.40 53.76 -8.08
N LYS A 550 -68.42 53.46 -8.93
CA LYS A 550 -67.48 54.47 -9.41
C LYS A 550 -67.71 54.92 -10.84
N LEU A 551 -68.82 54.54 -11.47
CA LEU A 551 -69.10 54.98 -12.84
C LEU A 551 -69.34 56.48 -12.93
N ASP A 552 -69.88 57.08 -11.86
CA ASP A 552 -70.17 58.50 -11.85
C ASP A 552 -68.92 59.37 -11.86
N ARG A 553 -67.78 58.82 -11.44
CA ARG A 553 -66.53 59.56 -11.38
C ARG A 553 -66.08 59.95 -12.78
N LEU A 554 -65.45 61.13 -12.89
CA LEU A 554 -65.04 61.66 -14.18
C LEU A 554 -63.54 61.50 -14.44
N GLU A 555 -62.76 61.15 -13.42
CA GLU A 555 -61.31 61.05 -13.58
C GLU A 555 -60.90 59.92 -14.53
N ALA A 556 -61.56 58.77 -14.43
CA ALA A 556 -61.22 57.63 -15.29
C ALA A 556 -62.49 56.80 -15.50
N SER A 557 -63.18 57.06 -16.60
CA SER A 557 -64.34 56.29 -17.00
C SER A 557 -64.02 55.18 -17.99
N SER A 558 -63.11 55.45 -18.92
CA SER A 558 -62.71 54.47 -19.93
C SER A 558 -62.06 53.25 -19.31
N GLY A 559 -61.19 53.46 -18.32
CA GLY A 559 -60.49 52.32 -17.71
C GLY A 559 -61.43 51.39 -16.98
N ILE A 560 -62.33 51.94 -16.16
CA ILE A 560 -63.27 51.12 -15.41
C ILE A 560 -64.29 50.48 -16.35
N LEU A 561 -64.68 51.20 -17.41
CA LEU A 561 -65.57 50.62 -18.42
C LEU A 561 -64.92 49.44 -19.12
N GLU A 562 -63.62 49.55 -19.44
CA GLU A 562 -62.88 48.44 -20.00
C GLU A 562 -62.80 47.25 -19.03
N VAL A 563 -62.58 47.55 -17.75
CA VAL A 563 -62.58 46.50 -16.71
C VAL A 563 -63.92 45.77 -16.66
N LEU A 564 -65.01 46.54 -16.72
CA LEU A 564 -66.35 45.98 -16.76
C LEU A 564 -66.55 45.13 -18.00
N TYR A 565 -66.06 45.60 -19.15
CA TYR A 565 -66.23 44.88 -20.40
C TYR A 565 -65.49 43.55 -20.37
N CYS A 566 -64.26 43.55 -19.83
CA CYS A 566 -63.48 42.31 -19.73
C CYS A 566 -64.17 41.31 -18.81
N VAL A 567 -64.74 41.78 -17.70
CA VAL A 567 -65.48 40.86 -16.82
C VAL A 567 -66.71 40.31 -17.54
N LEU A 568 -67.44 41.19 -18.24
CA LEU A 568 -68.69 40.82 -18.89
C LEU A 568 -68.49 39.80 -20.00
N ILE A 569 -67.44 39.96 -20.81
CA ILE A 569 -67.25 39.06 -21.94
C ILE A 569 -66.67 37.72 -21.52
N GLU A 570 -66.44 37.52 -20.23
CA GLU A 570 -65.81 36.32 -19.72
C GLU A 570 -66.72 35.51 -18.81
N SER A 571 -67.33 36.13 -17.80
CA SER A 571 -68.05 35.33 -16.81
C SER A 571 -69.56 35.50 -16.82
N PRO A 572 -70.32 34.50 -17.28
CA PRO A 572 -71.80 34.59 -17.19
C PRO A 572 -72.33 34.60 -15.77
N GLU A 573 -71.58 34.06 -14.81
CA GLU A 573 -72.04 34.08 -13.42
C GLU A 573 -72.09 35.51 -12.89
N VAL A 574 -71.21 36.38 -13.38
CA VAL A 574 -71.29 37.80 -13.05
C VAL A 574 -72.56 38.40 -13.63
N LEU A 575 -72.95 37.96 -14.83
CA LEU A 575 -74.21 38.39 -15.45
C LEU A 575 -75.40 37.99 -14.60
N ASN A 576 -75.31 36.86 -13.89
CA ASN A 576 -76.42 36.45 -13.04
C ASN A 576 -76.59 37.33 -11.80
N ILE A 577 -75.61 38.19 -11.47
CA ILE A 577 -75.70 39.05 -10.29
C ILE A 577 -76.30 40.42 -10.62
N ILE A 578 -76.52 40.71 -11.91
CA ILE A 578 -77.02 42.03 -12.32
C ILE A 578 -78.42 42.28 -11.77
N GLN A 579 -78.64 43.50 -11.26
CA GLN A 579 -79.87 43.92 -10.62
C GLN A 579 -80.27 45.27 -11.20
N GLU A 580 -81.56 45.61 -11.04
CA GLU A 580 -82.22 46.69 -11.77
C GLU A 580 -81.60 48.07 -11.51
N ASN A 581 -80.94 48.28 -10.37
CA ASN A 581 -80.25 49.55 -10.15
C ASN A 581 -79.02 49.69 -11.05
N HIS A 582 -78.33 48.57 -11.29
CA HIS A 582 -77.10 48.58 -12.08
C HIS A 582 -77.36 49.01 -13.52
N ILE A 583 -78.42 48.47 -14.12
CA ILE A 583 -78.69 48.72 -15.53
C ILE A 583 -79.09 50.19 -15.72
N LYS A 584 -79.89 50.74 -14.81
CA LYS A 584 -80.21 52.16 -14.83
C LYS A 584 -78.96 53.02 -14.68
N SER A 585 -78.00 52.55 -13.87
CA SER A 585 -76.72 53.25 -13.79
C SER A 585 -75.97 53.23 -15.12
N ILE A 586 -76.02 52.09 -15.82
CA ILE A 586 -75.41 51.98 -17.16
C ILE A 586 -76.07 52.96 -18.11
N ILE A 587 -77.40 53.05 -18.05
CA ILE A 587 -78.14 54.02 -18.85
C ILE A 587 -77.73 55.44 -18.49
N SER A 588 -77.45 55.69 -17.21
CA SER A 588 -76.97 57.00 -16.77
C SER A 588 -75.61 57.32 -17.39
N LEU A 589 -74.79 56.30 -17.68
CA LEU A 589 -73.53 56.57 -18.41
C LEU A 589 -73.81 57.21 -19.76
N LEU A 590 -74.79 56.66 -20.48
CA LEU A 590 -75.18 57.20 -21.77
C LEU A 590 -75.75 58.61 -21.62
N ASP A 591 -76.53 58.83 -20.56
CA ASP A 591 -77.16 60.13 -20.36
C ASP A 591 -76.16 61.20 -19.91
N LYS A 592 -75.07 60.79 -19.26
CA LYS A 592 -74.10 61.74 -18.72
C LYS A 592 -72.79 61.83 -19.51
N HIS A 593 -72.55 60.93 -20.47
CA HIS A 593 -71.28 60.91 -21.16
C HIS A 593 -71.42 60.94 -22.68
N GLY A 594 -72.60 61.23 -23.20
CA GLY A 594 -72.79 61.30 -24.63
C GLY A 594 -72.94 59.93 -25.27
N ARG A 595 -73.02 59.94 -26.60
CA ARG A 595 -73.24 58.74 -27.39
C ARG A 595 -71.93 57.96 -27.54
N ASN A 596 -71.57 57.25 -26.47
CA ASN A 596 -70.39 56.39 -26.45
C ASN A 596 -70.87 54.98 -26.78
N HIS A 597 -70.47 54.48 -27.96
CA HIS A 597 -70.89 53.15 -28.40
C HIS A 597 -70.31 52.02 -27.54
N LYS A 598 -69.26 52.30 -26.76
CA LYS A 598 -68.78 51.32 -25.78
C LYS A 598 -69.84 50.97 -24.75
N VAL A 599 -70.69 51.93 -24.39
CA VAL A 599 -71.80 51.65 -23.48
C VAL A 599 -72.76 50.66 -24.13
N LEU A 600 -73.01 50.83 -25.43
CA LEU A 600 -73.86 49.89 -26.16
C LEU A 600 -73.22 48.51 -26.19
N ASP A 601 -71.89 48.46 -26.37
CA ASP A 601 -71.17 47.18 -26.34
C ASP A 601 -71.29 46.51 -24.98
N VAL A 602 -71.26 47.31 -23.91
CA VAL A 602 -71.49 46.80 -22.56
C VAL A 602 -72.88 46.21 -22.44
N LEU A 603 -73.89 46.91 -22.97
CA LEU A 603 -75.26 46.41 -22.95
C LEU A 603 -75.40 45.13 -23.78
N CYS A 604 -74.71 45.08 -24.93
CA CYS A 604 -74.71 43.89 -25.78
C CYS A 604 -74.11 42.70 -25.03
N SER A 605 -73.03 42.92 -24.29
CA SER A 605 -72.48 41.86 -23.46
C SER A 605 -73.42 41.52 -22.31
N LEU A 606 -74.20 42.51 -21.85
CA LEU A 606 -75.15 42.29 -20.76
C LEU A 606 -76.27 41.35 -21.19
N CYS A 607 -76.63 41.36 -22.47
CA CYS A 607 -77.76 40.55 -22.91
C CYS A 607 -77.42 39.06 -22.87
N VAL A 608 -76.45 38.63 -23.67
CA VAL A 608 -76.16 37.22 -23.89
C VAL A 608 -74.70 36.96 -23.52
N CYS A 609 -74.46 35.92 -22.74
CA CYS A 609 -73.11 35.45 -22.44
C CYS A 609 -73.03 33.96 -22.69
N ASN A 610 -71.97 33.54 -23.39
CA ASN A 610 -71.71 32.15 -23.79
C ASN A 610 -72.87 31.55 -24.60
N GLY A 611 -73.53 32.38 -25.40
CA GLY A 611 -74.67 31.94 -26.17
C GLY A 611 -75.88 31.55 -25.36
N VAL A 612 -75.98 32.01 -24.12
CA VAL A 612 -77.08 31.68 -23.23
C VAL A 612 -77.91 32.95 -23.04
N ALA A 613 -79.20 32.85 -23.34
CA ALA A 613 -80.09 34.00 -23.21
C ALA A 613 -80.44 34.25 -21.75
N VAL A 614 -80.43 35.52 -21.36
CA VAL A 614 -80.83 35.93 -20.02
C VAL A 614 -82.04 36.83 -20.22
N ARG A 615 -83.23 36.22 -20.15
CA ARG A 615 -84.47 36.93 -20.44
C ARG A 615 -84.76 38.00 -19.40
N SER A 616 -84.29 37.81 -18.16
CA SER A 616 -84.52 38.79 -17.11
C SER A 616 -83.81 40.09 -17.44
N ASN A 617 -82.57 39.99 -17.91
CA ASN A 617 -81.83 41.20 -18.25
C ASN A 617 -82.36 41.79 -19.53
N GLN A 618 -82.75 40.96 -20.51
CA GLN A 618 -83.25 41.51 -21.77
C GLN A 618 -84.53 42.30 -21.53
N ASP A 619 -85.42 41.78 -20.66
CA ASP A 619 -86.63 42.50 -20.29
C ASP A 619 -86.29 43.80 -19.57
N LEU A 620 -85.26 43.78 -18.71
CA LEU A 620 -84.90 45.03 -18.03
C LEU A 620 -84.36 46.07 -19.01
N ILE A 621 -83.61 45.62 -20.02
CA ILE A 621 -83.06 46.56 -21.02
C ILE A 621 -84.19 47.20 -21.81
N THR A 622 -85.14 46.39 -22.29
CA THR A 622 -86.22 46.99 -23.06
C THR A 622 -87.19 47.76 -22.18
N GLU A 623 -87.27 47.43 -20.89
CA GLU A 623 -88.19 48.15 -20.01
C GLU A 623 -87.64 49.52 -19.68
N ASN A 624 -86.35 49.59 -19.32
CA ASN A 624 -85.75 50.82 -18.84
C ASN A 624 -85.14 51.68 -19.93
N LEU A 625 -85.08 51.19 -21.17
CA LEU A 625 -84.40 51.96 -22.21
C LEU A 625 -85.30 52.32 -23.37
N LEU A 626 -86.11 51.37 -23.86
CA LEU A 626 -86.80 51.58 -25.14
C LEU A 626 -87.97 52.56 -25.09
N PRO A 627 -89.02 52.39 -24.25
CA PRO A 627 -90.25 53.20 -24.44
C PRO A 627 -90.08 54.70 -24.29
N GLY A 628 -89.09 55.17 -23.53
CA GLY A 628 -88.85 56.60 -23.42
C GLY A 628 -88.48 57.24 -24.74
N ARG A 629 -87.65 56.55 -25.54
CA ARG A 629 -87.15 57.00 -26.86
C ARG A 629 -86.45 58.35 -26.78
N GLU A 630 -85.53 58.48 -25.83
CA GLU A 630 -84.86 59.76 -25.62
C GLU A 630 -83.34 59.67 -25.73
N LEU A 631 -82.73 58.54 -25.41
CA LEU A 631 -81.29 58.39 -25.48
C LEU A 631 -80.82 57.72 -26.76
N LEU A 632 -81.75 57.26 -27.60
CA LEU A 632 -81.39 56.56 -28.82
C LEU A 632 -82.06 57.24 -29.99
N LEU A 633 -81.40 57.17 -31.15
CA LEU A 633 -81.91 57.79 -32.37
C LEU A 633 -83.21 57.14 -32.81
N GLN A 634 -84.12 57.97 -33.32
CA GLN A 634 -85.44 57.53 -33.78
C GLN A 634 -85.50 57.58 -35.30
N THR A 635 -86.04 56.52 -35.90
CA THR A 635 -86.11 56.40 -37.36
C THR A 635 -87.56 56.23 -37.80
N ASN A 636 -87.88 56.80 -38.96
CA ASN A 636 -89.20 56.72 -39.58
C ASN A 636 -89.09 57.21 -41.02
N LEU A 637 -90.08 56.83 -41.82
CA LEU A 637 -90.18 57.22 -43.23
C LEU A 637 -90.98 58.50 -43.36
N ILE A 638 -90.43 59.48 -44.08
CA ILE A 638 -91.05 60.79 -44.24
C ILE A 638 -91.14 61.11 -45.73
N ASN A 639 -92.32 61.54 -46.17
CA ASN A 639 -92.48 61.97 -47.55
C ASN A 639 -91.84 63.33 -47.76
N TYR A 640 -91.38 63.56 -48.98
CA TYR A 640 -90.80 64.86 -49.31
C TYR A 640 -91.89 65.93 -49.36
N VAL A 641 -91.53 67.14 -48.92
CA VAL A 641 -92.45 68.26 -48.86
C VAL A 641 -91.74 69.46 -49.47
N THR A 642 -92.43 70.17 -50.38
CA THR A 642 -91.84 71.34 -51.01
C THR A 642 -92.88 72.45 -51.12
N SER A 643 -92.40 73.65 -51.39
CA SER A 643 -93.25 74.82 -51.46
C SER A 643 -93.06 75.54 -52.80
N ILE A 644 -94.17 76.06 -53.32
CA ILE A 644 -94.23 76.76 -54.59
C ILE A 644 -94.83 78.13 -54.35
N ARG A 645 -94.18 79.17 -54.89
CA ARG A 645 -94.62 80.54 -54.71
C ARG A 645 -94.69 81.27 -56.03
N PRO A 646 -95.59 82.24 -56.14
CA PRO A 646 -95.48 83.22 -57.23
C PRO A 646 -94.48 84.30 -56.86
N ASN A 647 -93.96 84.98 -57.87
CA ASN A 647 -92.97 86.03 -57.64
C ASN A 647 -93.66 87.36 -57.28
N ILE A 648 -94.38 87.34 -56.16
CA ILE A 648 -95.03 88.52 -55.62
C ILE A 648 -94.47 88.74 -54.23
N PHE A 649 -93.85 89.90 -54.01
CA PHE A 649 -93.19 90.23 -52.76
C PHE A 649 -93.82 91.50 -52.19
N VAL A 650 -94.34 91.42 -50.97
CA VAL A 650 -94.98 92.55 -50.30
C VAL A 650 -94.35 92.74 -48.92
N GLY A 651 -94.15 93.99 -48.53
CA GLY A 651 -93.57 94.28 -47.24
C GLY A 651 -93.83 95.72 -46.85
N ARG A 652 -93.30 96.10 -45.70
CA ARG A 652 -93.46 97.45 -45.18
C ARG A 652 -92.10 98.05 -44.83
N ALA A 653 -91.98 99.35 -45.07
CA ALA A 653 -90.80 100.12 -44.72
C ALA A 653 -91.21 101.57 -44.57
N GLU A 654 -90.38 102.35 -43.87
CA GLU A 654 -90.64 103.77 -43.67
C GLU A 654 -90.51 104.47 -45.02
N GLY A 655 -91.63 104.95 -45.55
CA GLY A 655 -91.63 105.55 -46.87
C GLY A 655 -91.54 104.55 -48.00
N SER A 656 -92.00 103.32 -47.78
CA SER A 656 -91.99 102.31 -48.82
C SER A 656 -93.01 102.63 -49.91
N THR A 657 -92.73 102.18 -51.12
CA THR A 657 -93.59 102.42 -52.27
C THR A 657 -94.55 101.27 -52.53
N GLN A 658 -94.94 100.55 -51.48
CA GLN A 658 -95.83 99.40 -51.61
C GLN A 658 -97.04 99.56 -50.69
N TYR A 659 -98.14 98.94 -51.10
CA TYR A 659 -99.32 98.84 -50.28
C TYR A 659 -99.16 97.71 -49.27
N GLY A 660 -99.94 97.80 -48.19
CA GLY A 660 -99.76 96.85 -47.09
C GLY A 660 -100.91 95.88 -46.87
N LYS A 661 -101.95 95.95 -47.70
CA LYS A 661 -103.11 95.09 -47.55
C LYS A 661 -103.30 94.32 -48.86
N TRP A 662 -103.24 92.99 -48.78
CA TRP A 662 -103.25 92.18 -49.97
C TRP A 662 -104.14 90.96 -49.78
N TYR A 663 -104.56 90.38 -50.90
CA TYR A 663 -105.54 89.32 -50.90
C TYR A 663 -105.26 88.36 -52.04
N PHE A 664 -105.33 87.06 -51.75
CA PHE A 664 -105.24 86.02 -52.75
C PHE A 664 -105.92 84.77 -52.20
N GLU A 665 -106.20 83.83 -53.09
CA GLU A 665 -106.95 82.63 -52.72
C GLU A 665 -106.28 81.40 -53.31
N VAL A 666 -106.60 80.25 -52.71
CA VAL A 666 -106.13 78.96 -53.19
C VAL A 666 -107.34 78.05 -53.36
N MET A 667 -107.46 77.48 -54.55
CA MET A 667 -108.52 76.54 -54.92
C MET A 667 -107.96 75.11 -54.86
N VAL A 668 -108.49 74.29 -53.97
CA VAL A 668 -108.05 72.91 -53.85
C VAL A 668 -108.85 72.06 -54.81
N ASP A 669 -108.19 71.42 -55.78
CA ASP A 669 -108.90 70.67 -56.81
C ASP A 669 -108.94 69.17 -56.49
N GLU A 670 -107.78 68.54 -56.32
CA GLU A 670 -107.69 67.11 -56.08
C GLU A 670 -106.63 66.83 -55.02
N VAL A 671 -107.01 66.05 -53.99
CA VAL A 671 -106.11 65.64 -52.91
C VAL A 671 -106.22 64.13 -52.73
N VAL A 672 -105.06 63.46 -52.75
CA VAL A 672 -105.01 62.03 -52.46
C VAL A 672 -104.95 61.89 -50.94
N PRO A 673 -105.87 61.14 -50.33
CA PRO A 673 -105.87 61.00 -48.86
C PRO A 673 -104.62 60.35 -48.30
N PHE A 674 -104.27 59.16 -48.78
CA PHE A 674 -103.08 58.44 -48.33
C PHE A 674 -102.45 57.76 -49.53
N LEU A 675 -101.52 58.45 -50.16
CA LEU A 675 -100.70 57.81 -51.19
C LEU A 675 -99.64 56.91 -50.55
N THR A 676 -99.14 57.30 -49.38
CA THR A 676 -98.19 56.50 -48.62
C THR A 676 -98.66 56.39 -47.18
N ALA A 677 -97.80 55.84 -46.31
CA ALA A 677 -98.12 55.73 -44.89
C ALA A 677 -98.27 57.10 -44.24
N GLN A 678 -97.38 58.04 -44.60
CA GLN A 678 -97.45 59.39 -44.06
C GLN A 678 -98.70 60.10 -44.56
N ALA A 679 -99.35 60.86 -43.68
CA ALA A 679 -100.54 61.61 -44.04
C ALA A 679 -100.20 62.70 -45.05
N THR A 680 -101.18 63.00 -45.90
CA THR A 680 -101.03 64.02 -46.93
C THR A 680 -100.78 65.38 -46.30
N HIS A 681 -99.78 66.10 -46.81
CA HIS A 681 -99.39 67.41 -46.30
C HIS A 681 -99.74 68.48 -47.31
N LEU A 682 -100.47 69.49 -46.86
CA LEU A 682 -100.82 70.63 -47.71
C LEU A 682 -101.18 71.79 -46.79
N ARG A 683 -100.38 72.85 -46.82
CA ARG A 683 -100.61 74.03 -46.01
C ARG A 683 -100.52 75.27 -46.88
N VAL A 684 -101.31 76.28 -46.53
CA VAL A 684 -101.40 77.54 -47.26
C VAL A 684 -101.16 78.67 -46.28
N GLY A 685 -100.33 79.64 -46.66
CA GLY A 685 -100.07 80.77 -45.81
C GLY A 685 -98.99 81.67 -46.37
N TRP A 686 -98.46 82.53 -45.50
CA TRP A 686 -97.44 83.50 -45.86
C TRP A 686 -96.11 83.11 -45.26
N ALA A 687 -95.04 83.65 -45.83
CA ALA A 687 -93.70 83.40 -45.33
C ALA A 687 -92.83 84.62 -45.62
N LEU A 688 -91.57 84.56 -45.20
CA LEU A 688 -90.69 85.72 -45.14
C LEU A 688 -89.35 85.41 -45.79
N THR A 689 -88.86 86.31 -46.65
CA THR A 689 -87.65 86.09 -47.43
C THR A 689 -86.33 86.22 -46.65
N GLU A 690 -86.35 86.27 -45.32
CA GLU A 690 -85.11 86.46 -44.59
C GLU A 690 -84.89 85.32 -43.59
N GLY A 691 -84.96 84.08 -44.07
CA GLY A 691 -84.70 82.93 -43.24
C GLY A 691 -85.55 81.72 -43.55
N TYR A 692 -86.67 81.90 -44.25
CA TYR A 692 -87.49 80.77 -44.65
C TYR A 692 -86.86 80.12 -45.87
N SER A 693 -86.07 79.08 -45.64
CA SER A 693 -85.41 78.34 -46.71
C SER A 693 -85.69 76.86 -46.48
N PRO A 694 -86.87 76.38 -46.88
CA PRO A 694 -87.22 74.95 -46.69
C PRO A 694 -86.51 74.03 -47.68
N TYR A 695 -85.27 73.68 -47.32
CA TYR A 695 -84.46 72.80 -48.13
C TYR A 695 -85.07 71.40 -48.18
N PRO A 696 -84.93 70.70 -49.31
CA PRO A 696 -85.47 69.35 -49.42
C PRO A 696 -84.78 68.37 -48.49
N GLY A 697 -85.54 67.36 -48.05
CA GLY A 697 -85.02 66.34 -47.18
C GLY A 697 -85.45 66.52 -45.74
N GLY A 698 -84.64 66.01 -44.81
CA GLY A 698 -84.94 66.13 -43.41
C GLY A 698 -84.55 67.48 -42.86
N GLY A 699 -84.81 67.65 -41.56
CA GLY A 699 -84.50 68.90 -40.90
C GLY A 699 -85.09 68.96 -39.51
N GLU A 700 -85.73 70.09 -39.18
CA GLU A 700 -86.29 70.30 -37.86
C GLU A 700 -87.46 69.37 -37.58
N GLY A 701 -87.56 68.91 -36.34
CA GLY A 701 -88.61 67.98 -35.96
C GLY A 701 -88.41 66.65 -36.65
N TRP A 702 -89.45 66.20 -37.35
CA TRP A 702 -89.39 64.96 -38.12
C TRP A 702 -89.32 65.23 -39.62
N GLY A 703 -88.84 66.41 -40.01
CA GLY A 703 -88.70 66.73 -41.42
C GLY A 703 -90.02 67.07 -42.07
N GLY A 704 -90.00 67.04 -43.40
CA GLY A 704 -91.16 67.43 -44.19
C GLY A 704 -91.60 68.86 -43.93
N ASN A 705 -90.63 69.76 -43.75
CA ASN A 705 -90.94 71.12 -43.33
C ASN A 705 -91.43 71.96 -44.49
N GLY A 706 -92.46 72.77 -44.22
CA GLY A 706 -92.98 73.70 -45.20
C GLY A 706 -93.36 75.02 -44.56
N VAL A 707 -94.57 75.49 -44.83
CA VAL A 707 -95.06 76.72 -44.21
C VAL A 707 -95.55 76.40 -42.80
N GLY A 708 -95.18 77.25 -41.85
CA GLY A 708 -95.56 77.07 -40.46
C GLY A 708 -94.61 76.21 -39.65
N ASP A 709 -93.57 75.68 -40.26
CA ASP A 709 -92.59 74.87 -39.54
C ASP A 709 -91.52 75.71 -38.85
N ASP A 710 -91.57 77.03 -39.02
CA ASP A 710 -90.66 77.95 -38.35
C ASP A 710 -91.33 79.31 -38.29
N LEU A 711 -90.75 80.22 -37.49
CA LEU A 711 -91.31 81.55 -37.33
C LEU A 711 -91.24 82.42 -38.57
N TYR A 712 -90.48 82.01 -39.59
CA TYR A 712 -90.42 82.75 -40.84
C TYR A 712 -91.55 82.38 -41.79
N SER A 713 -92.49 81.55 -41.35
CA SER A 713 -93.64 81.16 -42.15
C SER A 713 -94.83 80.96 -41.22
N TYR A 714 -96.03 81.03 -41.80
CA TYR A 714 -97.27 80.93 -41.02
C TYR A 714 -98.27 80.14 -41.85
N GLY A 715 -98.61 78.94 -41.41
CA GLY A 715 -99.41 78.03 -42.20
C GLY A 715 -100.74 77.69 -41.53
N PHE A 716 -101.53 76.89 -42.26
CA PHE A 716 -102.85 76.50 -41.83
C PHE A 716 -103.28 75.26 -42.62
N ASP A 717 -103.78 74.24 -41.92
CA ASP A 717 -104.01 72.93 -42.52
C ASP A 717 -105.49 72.55 -42.55
N GLY A 718 -106.39 73.51 -42.42
CA GLY A 718 -107.81 73.24 -42.37
C GLY A 718 -108.35 72.99 -40.99
N LEU A 719 -107.49 72.70 -40.02
CA LEU A 719 -107.90 72.51 -38.63
C LEU A 719 -107.04 73.25 -37.62
N HIS A 720 -105.80 73.58 -37.94
CA HIS A 720 -104.90 74.23 -36.99
C HIS A 720 -104.11 75.31 -37.69
N LEU A 721 -103.75 76.35 -36.94
CA LEU A 721 -102.77 77.31 -37.43
C LEU A 721 -101.37 76.77 -37.21
N TRP A 722 -100.49 77.03 -38.16
CA TRP A 722 -99.13 76.53 -38.12
C TRP A 722 -98.15 77.69 -38.04
N THR A 723 -97.25 77.62 -37.05
CA THR A 723 -96.17 78.57 -36.84
C THR A 723 -95.19 77.96 -35.85
N GLY A 724 -93.90 78.10 -36.14
CA GLY A 724 -92.83 77.59 -35.31
C GLY A 724 -92.87 76.10 -35.05
N HIS A 725 -93.25 75.32 -36.07
CA HIS A 725 -93.38 73.85 -36.01
C HIS A 725 -94.39 73.41 -34.95
N VAL A 726 -95.39 74.26 -34.68
CA VAL A 726 -96.42 73.99 -33.69
C VAL A 726 -97.78 74.23 -34.34
N ALA A 727 -98.70 73.28 -34.17
CA ALA A 727 -100.06 73.41 -34.65
C ALA A 727 -100.98 73.80 -33.50
N ARG A 728 -101.72 74.88 -33.68
CA ARG A 728 -102.63 75.37 -32.65
C ARG A 728 -104.04 75.41 -33.20
N PRO A 729 -105.03 74.88 -32.48
CA PRO A 729 -106.40 74.76 -33.02
C PRO A 729 -107.06 76.08 -33.36
N VAL A 730 -107.84 76.06 -34.44
CA VAL A 730 -108.64 77.20 -34.88
C VAL A 730 -110.09 76.77 -35.05
N THR A 731 -111.01 77.58 -34.52
CA THR A 731 -112.43 77.32 -34.68
C THR A 731 -112.82 77.69 -36.10
N SER A 732 -113.49 76.77 -36.80
CA SER A 732 -113.96 77.06 -38.14
C SER A 732 -115.39 76.58 -38.29
N PRO A 733 -116.20 77.26 -39.13
CA PRO A 733 -117.58 76.82 -39.34
C PRO A 733 -117.66 75.54 -40.17
N GLY A 734 -117.46 74.40 -39.51
CA GLY A 734 -117.40 73.14 -40.21
C GLY A 734 -115.98 72.74 -40.50
N GLN A 735 -115.14 72.80 -39.47
CA GLN A 735 -113.72 72.54 -39.61
C GLN A 735 -113.44 71.10 -40.05
N HIS A 736 -112.57 70.96 -41.04
CA HIS A 736 -112.09 69.67 -41.50
C HIS A 736 -110.77 69.89 -42.23
N LEU A 737 -110.05 68.79 -42.44
CA LEU A 737 -108.79 68.83 -43.16
C LEU A 737 -109.03 69.28 -44.60
N LEU A 738 -108.00 69.90 -45.20
CA LEU A 738 -108.09 70.44 -46.55
C LEU A 738 -108.42 69.36 -47.56
N ALA A 739 -109.63 69.41 -48.07
CA ALA A 739 -110.24 68.45 -48.97
C ALA A 739 -110.44 69.08 -50.35
N PRO A 740 -110.66 68.27 -51.39
CA PRO A 740 -110.98 68.83 -52.71
C PRO A 740 -112.22 69.72 -52.69
N GLU A 741 -112.19 70.74 -53.56
CA GLU A 741 -113.19 71.81 -53.65
C GLU A 741 -113.26 72.61 -52.35
N ASP A 742 -112.11 73.15 -51.97
CA ASP A 742 -111.95 74.02 -50.83
C ASP A 742 -111.31 75.33 -51.28
N VAL A 743 -111.75 76.43 -50.67
CA VAL A 743 -111.29 77.77 -51.01
C VAL A 743 -110.69 78.38 -49.75
N VAL A 744 -109.43 78.83 -49.86
CA VAL A 744 -108.76 79.48 -48.74
C VAL A 744 -108.37 80.89 -49.17
N SER A 745 -108.79 81.88 -48.39
CA SER A 745 -108.55 83.29 -48.67
C SER A 745 -107.59 83.85 -47.63
N CYS A 746 -106.45 84.39 -48.09
CA CYS A 746 -105.42 84.95 -47.22
C CYS A 746 -105.48 86.48 -47.28
N CYS A 747 -106.05 87.08 -46.24
CA CYS A 747 -106.17 88.54 -46.10
C CYS A 747 -104.99 89.03 -45.26
N LEU A 748 -104.08 89.77 -45.88
CA LEU A 748 -102.88 90.26 -45.19
C LEU A 748 -102.96 91.77 -45.00
N ASP A 749 -102.66 92.22 -43.79
CA ASP A 749 -102.50 93.64 -43.49
C ASP A 749 -101.10 93.80 -42.92
N LEU A 750 -100.38 94.80 -43.46
CA LEU A 750 -99.03 95.17 -43.03
C LEU A 750 -98.97 96.52 -42.34
N SER A 751 -99.97 97.39 -42.52
CA SER A 751 -100.06 98.63 -41.75
C SER A 751 -100.12 98.32 -40.26
N VAL A 752 -100.94 97.33 -39.90
CA VAL A 752 -100.88 96.68 -38.61
C VAL A 752 -100.63 95.22 -38.92
N PRO A 753 -99.67 94.55 -38.24
CA PRO A 753 -99.38 93.16 -38.58
C PRO A 753 -100.52 92.20 -38.31
N SER A 754 -101.12 91.65 -39.37
CA SER A 754 -102.26 90.75 -39.16
C SER A 754 -102.49 89.91 -40.41
N ILE A 755 -102.56 88.59 -40.20
CA ILE A 755 -102.84 87.65 -41.27
C ILE A 755 -104.12 86.91 -40.92
N SER A 756 -105.12 87.04 -41.78
CA SER A 756 -106.44 86.48 -41.56
C SER A 756 -106.74 85.48 -42.66
N PHE A 757 -107.31 84.34 -42.30
CA PHE A 757 -107.67 83.32 -43.27
C PHE A 757 -109.18 83.11 -43.27
N ARG A 758 -109.67 82.61 -44.40
CA ARG A 758 -111.06 82.23 -44.52
C ARG A 758 -111.17 80.95 -45.33
N ILE A 759 -112.01 80.04 -44.86
CA ILE A 759 -112.26 78.77 -45.52
C ILE A 759 -113.59 78.85 -46.26
N ASN A 760 -113.54 78.79 -47.59
CA ASN A 760 -114.68 78.93 -48.49
C ASN A 760 -115.50 80.20 -48.22
N GLY A 761 -114.81 81.26 -47.78
CA GLY A 761 -115.43 82.49 -47.38
C GLY A 761 -115.84 82.55 -45.92
N CYS A 762 -115.96 81.40 -45.26
CA CYS A 762 -116.26 81.39 -43.82
C CYS A 762 -115.02 81.77 -43.04
N PRO A 763 -115.13 82.65 -42.05
CA PRO A 763 -113.94 83.15 -41.33
C PRO A 763 -113.23 82.07 -40.54
N VAL A 764 -111.91 82.23 -40.41
CA VAL A 764 -111.10 81.42 -39.53
C VAL A 764 -110.77 82.26 -38.30
N GLN A 765 -111.19 81.77 -37.14
CA GLN A 765 -111.21 82.54 -35.89
C GLN A 765 -109.85 82.56 -35.20
N GLY A 766 -108.87 83.11 -35.92
CA GLY A 766 -107.52 83.26 -35.41
C GLY A 766 -106.69 84.06 -36.38
N VAL A 767 -105.95 85.04 -35.88
CA VAL A 767 -105.16 85.93 -36.71
C VAL A 767 -103.79 86.09 -36.07
N PHE A 768 -102.73 85.88 -36.86
CA PHE A 768 -101.38 86.12 -36.40
C PHE A 768 -101.17 87.61 -36.18
N GLU A 769 -100.52 87.98 -35.09
CA GLU A 769 -100.39 89.38 -34.72
C GLU A 769 -99.02 89.63 -34.13
N ALA A 770 -98.61 90.91 -34.20
CA ALA A 770 -97.38 91.43 -33.58
C ALA A 770 -96.14 90.68 -34.03
N PHE A 771 -96.08 90.35 -35.31
CA PHE A 771 -94.94 89.66 -35.88
C PHE A 771 -93.99 90.65 -36.55
N ASN A 772 -92.79 90.17 -36.83
CA ASN A 772 -91.76 90.97 -37.47
C ASN A 772 -92.17 91.34 -38.89
N LEU A 773 -91.67 92.49 -39.36
CA LEU A 773 -91.98 92.95 -40.70
C LEU A 773 -90.78 93.06 -41.61
N ASP A 774 -89.56 92.85 -41.10
CA ASP A 774 -88.37 92.88 -41.94
C ASP A 774 -88.43 91.78 -42.99
N GLY A 775 -88.07 92.14 -44.22
CA GLY A 775 -88.21 91.25 -45.35
C GLY A 775 -89.51 91.45 -46.08
N LEU A 776 -89.65 90.73 -47.18
CA LEU A 776 -90.80 90.83 -48.06
C LEU A 776 -91.66 89.57 -47.93
N PHE A 777 -92.90 89.74 -47.50
CA PHE A 777 -93.81 88.61 -47.40
C PHE A 777 -94.26 88.17 -48.79
N PHE A 778 -94.67 86.90 -48.90
CA PHE A 778 -94.99 86.37 -50.20
C PHE A 778 -96.00 85.24 -50.09
N PRO A 779 -96.93 85.14 -51.04
CA PRO A 779 -97.80 83.96 -51.11
C PRO A 779 -96.98 82.72 -51.41
N VAL A 780 -97.28 81.64 -50.71
CA VAL A 780 -96.50 80.40 -50.83
C VAL A 780 -97.37 79.24 -50.35
N VAL A 781 -97.28 78.10 -51.03
CA VAL A 781 -98.03 76.92 -50.63
C VAL A 781 -97.05 75.76 -50.44
N SER A 782 -97.17 75.08 -49.31
CA SER A 782 -96.36 73.90 -49.01
C SER A 782 -97.22 72.65 -49.21
N PHE A 783 -96.62 71.64 -49.83
CA PHE A 783 -97.40 70.48 -50.21
C PHE A 783 -96.51 69.24 -50.24
N SER A 784 -97.18 68.09 -50.13
CA SER A 784 -96.58 66.79 -50.32
C SER A 784 -97.01 66.25 -51.68
N ALA A 785 -96.61 65.02 -51.98
CA ALA A 785 -96.98 64.39 -53.25
C ALA A 785 -98.46 64.04 -53.28
N GLY A 786 -99.05 64.16 -54.46
CA GLY A 786 -100.46 63.82 -54.65
C GLY A 786 -101.43 64.95 -54.39
N VAL A 787 -101.10 66.13 -54.90
CA VAL A 787 -101.92 67.33 -54.73
C VAL A 787 -102.09 68.04 -56.07
N LYS A 788 -103.29 68.60 -56.28
CA LYS A 788 -103.60 69.46 -57.42
C LYS A 788 -104.34 70.68 -56.89
N VAL A 789 -103.68 71.83 -56.95
CA VAL A 789 -104.25 73.07 -56.41
C VAL A 789 -104.11 74.17 -57.45
N ARG A 790 -104.75 75.31 -57.17
CA ARG A 790 -104.69 76.47 -58.05
C ARG A 790 -104.56 77.72 -57.20
N PHE A 791 -104.01 78.75 -57.84
CA PHE A 791 -103.85 80.07 -57.27
C PHE A 791 -104.83 80.99 -57.96
N LEU A 792 -105.62 81.70 -57.15
CA LEU A 792 -106.52 82.77 -57.58
C LEU A 792 -105.91 84.08 -57.13
N LEU A 793 -105.60 84.95 -58.07
CA LEU A 793 -104.95 86.22 -57.78
C LEU A 793 -105.76 87.41 -58.26
N GLY A 794 -106.93 87.19 -58.83
CA GLY A 794 -107.78 88.26 -59.28
C GLY A 794 -107.35 88.80 -60.63
N GLY A 795 -108.27 89.55 -61.25
CA GLY A 795 -108.01 90.12 -62.56
C GLY A 795 -107.82 89.05 -63.61
N ARG A 796 -106.70 89.14 -64.33
CA ARG A 796 -106.40 88.16 -65.37
C ARG A 796 -105.82 86.87 -64.79
N HIS A 797 -105.52 86.84 -63.49
CA HIS A 797 -104.91 85.68 -62.85
C HIS A 797 -105.87 84.93 -61.94
N GLY A 798 -107.16 85.17 -62.08
CA GLY A 798 -108.15 84.52 -61.24
C GLY A 798 -109.37 85.40 -61.11
N GLU A 799 -110.37 84.85 -60.41
CA GLU A 799 -111.63 85.55 -60.20
C GLU A 799 -112.02 85.74 -58.75
N PHE A 800 -111.38 85.02 -57.82
CA PHE A 800 -111.55 85.00 -56.37
C PHE A 800 -112.86 84.34 -55.93
N LYS A 801 -113.77 84.05 -56.87
CA LYS A 801 -115.07 83.38 -56.64
C LYS A 801 -115.92 84.03 -55.53
N PHE A 802 -115.59 85.25 -55.11
CA PHE A 802 -116.08 85.91 -53.91
C PHE A 802 -115.76 87.39 -54.03
N LEU A 803 -115.96 88.12 -52.94
CA LEU A 803 -115.60 89.53 -52.87
C LEU A 803 -114.54 89.71 -51.80
N PRO A 804 -113.36 90.25 -52.14
CA PRO A 804 -112.32 90.45 -51.14
C PRO A 804 -112.75 91.49 -50.11
N PRO A 805 -112.26 91.38 -48.87
CA PRO A 805 -112.62 92.36 -47.84
C PRO A 805 -112.14 93.75 -48.23
N PRO A 806 -112.88 94.79 -47.83
CA PRO A 806 -112.54 96.16 -48.25
C PRO A 806 -111.18 96.62 -47.76
N GLY A 807 -110.48 97.36 -48.63
CA GLY A 807 -109.15 97.84 -48.35
C GLY A 807 -108.04 96.88 -48.70
N TYR A 808 -108.35 95.64 -49.07
CA TYR A 808 -107.35 94.64 -49.40
C TYR A 808 -107.32 94.46 -50.91
N ALA A 809 -106.16 94.61 -51.47
CA ALA A 809 -105.96 94.53 -52.91
C ALA A 809 -105.69 93.10 -53.35
N PRO A 810 -106.09 92.74 -54.58
CA PRO A 810 -105.68 91.45 -55.15
C PRO A 810 -104.17 91.38 -55.26
N CYS A 811 -103.63 90.19 -54.98
CA CYS A 811 -102.18 90.01 -54.97
C CYS A 811 -101.55 90.11 -56.36
N HIS A 812 -102.32 89.95 -57.43
CA HIS A 812 -101.77 90.11 -58.77
C HIS A 812 -101.46 91.56 -59.11
N GLU A 813 -101.88 92.51 -58.29
CA GLU A 813 -101.63 93.92 -58.50
C GLU A 813 -100.27 94.36 -57.95
N ALA A 814 -99.53 93.46 -57.32
CA ALA A 814 -98.23 93.76 -56.74
C ALA A 814 -97.06 93.46 -57.67
N VAL A 815 -97.33 93.04 -58.91
CA VAL A 815 -96.25 92.70 -59.83
C VAL A 815 -95.55 93.96 -60.30
N LEU A 816 -94.24 93.97 -60.21
CA LEU A 816 -93.43 95.10 -60.64
C LEU A 816 -93.35 95.12 -62.17
N PRO A 817 -93.26 96.32 -62.77
CA PRO A 817 -93.26 96.40 -64.25
C PRO A 817 -92.10 95.70 -64.94
N ARG A 818 -90.93 95.63 -64.30
CA ARG A 818 -89.73 95.13 -64.98
C ARG A 818 -89.67 93.60 -65.07
N GLU A 819 -90.75 92.89 -64.76
CA GLU A 819 -90.79 91.45 -64.87
C GLU A 819 -92.24 91.01 -65.00
N ARG A 820 -92.44 89.69 -65.10
CA ARG A 820 -93.74 89.08 -65.28
C ARG A 820 -94.17 88.38 -63.99
N LEU A 821 -95.31 87.71 -64.07
CA LEU A 821 -95.80 86.87 -63.00
C LEU A 821 -95.58 85.40 -63.36
N ARG A 822 -94.94 84.66 -62.47
CA ARG A 822 -94.59 83.28 -62.74
C ARG A 822 -94.55 82.50 -61.43
N LEU A 823 -94.71 81.19 -61.54
CA LEU A 823 -94.67 80.29 -60.40
C LEU A 823 -93.26 79.72 -60.31
N GLU A 824 -92.59 79.98 -59.19
CA GLU A 824 -91.22 79.55 -59.00
C GLU A 824 -91.05 78.83 -57.68
N PRO A 825 -90.08 77.92 -57.58
CA PRO A 825 -89.78 77.30 -56.29
C PRO A 825 -89.05 78.27 -55.39
N ILE A 826 -88.99 77.90 -54.11
CA ILE A 826 -88.28 78.65 -53.07
C ILE A 826 -86.78 78.47 -53.35
N LYS A 827 -85.92 79.26 -52.67
CA LYS A 827 -84.46 79.28 -52.80
C LYS A 827 -83.87 77.88 -52.82
N GLU A 828 -83.25 77.53 -53.94
CA GLU A 828 -82.84 76.16 -54.19
C GLU A 828 -81.41 76.07 -54.68
N TYR A 829 -81.01 74.88 -55.10
CA TYR A 829 -79.68 74.66 -55.64
C TYR A 829 -79.66 73.88 -56.95
N ARG A 830 -80.80 73.39 -57.43
CA ARG A 830 -80.81 72.58 -58.63
C ARG A 830 -82.15 72.74 -59.34
N ARG A 831 -82.10 72.84 -60.66
CA ARG A 831 -83.32 72.74 -61.46
C ARG A 831 -83.04 71.94 -62.71
N GLU A 832 -84.07 71.29 -63.24
CA GLU A 832 -83.92 70.37 -64.36
C GLU A 832 -83.52 71.11 -65.64
N GLY A 833 -82.66 70.48 -66.44
CA GLY A 833 -82.20 71.07 -67.68
C GLY A 833 -82.42 70.13 -68.84
N PRO A 834 -82.12 70.62 -70.06
CA PRO A 834 -82.28 69.80 -71.26
C PRO A 834 -81.40 68.57 -71.25
N ARG A 835 -80.10 68.77 -71.07
CA ARG A 835 -79.13 67.68 -71.04
C ARG A 835 -78.78 67.22 -69.63
N GLY A 836 -79.44 67.74 -68.60
CA GLY A 836 -79.12 67.37 -67.25
C GLY A 836 -79.52 68.43 -66.24
N PRO A 837 -79.71 68.03 -64.99
CA PRO A 837 -80.04 69.02 -63.95
C PRO A 837 -78.90 70.01 -63.81
N HIS A 838 -79.25 71.27 -63.63
CA HIS A 838 -78.29 72.34 -63.50
C HIS A 838 -78.20 72.75 -62.04
N LEU A 839 -76.98 72.74 -61.50
CA LEU A 839 -76.75 73.36 -60.21
C LEU A 839 -76.96 74.86 -60.36
N VAL A 840 -77.55 75.46 -59.35
CA VAL A 840 -77.87 76.89 -59.35
C VAL A 840 -77.32 77.45 -58.05
N GLY A 841 -76.51 78.50 -58.14
CA GLY A 841 -76.07 79.12 -56.91
C GLY A 841 -77.16 80.01 -56.35
N PRO A 842 -76.81 80.88 -55.38
CA PRO A 842 -77.80 81.80 -54.77
C PRO A 842 -78.40 82.85 -55.68
N SER A 843 -79.34 83.65 -55.18
CA SER A 843 -79.93 84.66 -56.02
C SER A 843 -80.12 85.97 -55.28
N ARG A 844 -79.95 87.06 -56.02
CA ARG A 844 -80.21 88.39 -55.50
C ARG A 844 -81.71 88.53 -55.23
N CYS A 845 -82.05 89.12 -54.09
CA CYS A 845 -83.43 89.25 -53.68
C CYS A 845 -83.73 90.69 -53.28
N LEU A 846 -84.98 91.10 -53.50
CA LEU A 846 -85.41 92.43 -53.11
C LEU A 846 -85.57 92.51 -51.60
N SER A 847 -85.01 93.56 -51.01
CA SER A 847 -85.09 93.79 -49.58
C SER A 847 -86.22 94.75 -49.27
N HIS A 848 -86.77 94.64 -48.05
CA HIS A 848 -87.86 95.49 -47.61
C HIS A 848 -87.43 96.96 -47.54
N THR A 849 -86.18 97.22 -47.14
CA THR A 849 -85.70 98.58 -47.04
C THR A 849 -85.23 99.16 -48.36
N ASP A 850 -85.26 98.36 -49.43
CA ASP A 850 -84.80 98.81 -50.73
C ASP A 850 -85.94 99.31 -51.62
N PHE A 851 -87.16 99.38 -51.11
CA PHE A 851 -88.29 99.93 -51.86
C PHE A 851 -88.58 101.37 -51.50
N VAL A 852 -87.71 101.98 -50.70
CA VAL A 852 -87.83 103.39 -50.35
C VAL A 852 -86.85 104.15 -51.25
N PRO A 853 -87.33 105.04 -52.14
CA PRO A 853 -86.42 105.80 -52.99
C PRO A 853 -85.49 106.69 -52.18
N CYS A 854 -84.23 106.80 -52.62
CA CYS A 854 -83.20 107.52 -51.90
C CYS A 854 -82.52 108.57 -52.77
N PRO A 855 -83.17 109.71 -53.01
CA PRO A 855 -82.52 110.80 -53.75
C PRO A 855 -81.70 111.69 -52.84
N VAL A 856 -80.64 112.27 -53.41
CA VAL A 856 -79.84 113.24 -52.66
C VAL A 856 -80.63 114.52 -52.49
N ASP A 857 -80.63 115.05 -51.26
CA ASP A 857 -81.44 116.21 -50.91
C ASP A 857 -81.03 117.45 -51.69
N THR A 858 -82.02 118.26 -52.05
CA THR A 858 -81.82 119.45 -52.86
C THR A 858 -82.24 120.70 -52.09
N VAL A 859 -81.83 120.81 -50.82
CA VAL A 859 -82.14 121.96 -49.99
C VAL A 859 -80.87 122.68 -49.54
N GLN A 860 -79.90 121.94 -49.01
CA GLN A 860 -78.67 122.52 -48.48
C GLN A 860 -77.62 122.74 -49.57
N ILE A 861 -78.01 123.48 -50.61
CA ILE A 861 -77.14 123.81 -51.73
C ILE A 861 -77.23 125.31 -51.99
N VAL A 862 -76.07 125.98 -52.05
CA VAL A 862 -76.03 127.38 -52.46
C VAL A 862 -76.08 127.45 -53.99
N LEU A 863 -76.78 128.44 -54.52
CA LEU A 863 -76.93 128.57 -55.95
C LEU A 863 -75.78 129.42 -56.47
N PRO A 864 -74.89 128.86 -57.31
CA PRO A 864 -73.68 129.60 -57.71
C PRO A 864 -73.98 130.77 -58.63
N PRO A 865 -73.10 131.79 -58.65
CA PRO A 865 -73.25 132.89 -59.61
C PRO A 865 -73.13 132.44 -61.05
N HIS A 866 -72.35 131.37 -61.29
CA HIS A 866 -72.18 130.77 -62.61
C HIS A 866 -73.49 130.19 -63.12
N LEU A 867 -74.42 129.90 -62.23
CA LEU A 867 -75.69 129.27 -62.58
C LEU A 867 -76.82 130.30 -62.62
N GLU A 868 -76.83 131.28 -61.69
CA GLU A 868 -77.87 132.30 -61.76
C GLU A 868 -77.77 133.12 -63.03
N ARG A 869 -76.56 133.27 -63.58
CA ARG A 869 -76.44 134.01 -64.84
C ARG A 869 -76.90 133.20 -66.04
N ILE A 870 -77.30 131.93 -65.87
CA ILE A 870 -77.75 131.12 -66.98
C ILE A 870 -79.16 130.54 -66.73
N ARG A 871 -79.73 130.78 -65.53
CA ARG A 871 -81.04 130.16 -65.20
C ARG A 871 -82.19 130.63 -66.09
N GLU A 872 -82.06 131.79 -66.77
CA GLU A 872 -83.10 132.23 -67.69
C GLU A 872 -83.27 131.22 -68.82
N LYS A 873 -82.20 131.00 -69.60
CA LYS A 873 -82.26 130.06 -70.73
C LYS A 873 -82.49 128.65 -70.21
N LEU A 874 -81.82 128.30 -69.09
CA LEU A 874 -82.00 127.01 -68.41
C LEU A 874 -83.48 126.68 -68.17
N ALA A 875 -84.30 127.71 -67.92
CA ALA A 875 -85.74 127.49 -67.76
C ALA A 875 -86.50 127.64 -69.07
N GLU A 876 -86.01 128.51 -69.98
CA GLU A 876 -86.70 128.72 -71.26
C GLU A 876 -86.70 127.45 -72.09
N ASN A 877 -85.54 126.78 -72.17
CA ASN A 877 -85.38 125.61 -73.01
C ASN A 877 -86.19 124.41 -72.51
N ILE A 878 -86.75 124.48 -71.30
CA ILE A 878 -87.54 123.39 -70.74
C ILE A 878 -88.96 123.82 -70.40
N HIS A 879 -89.31 125.09 -70.70
CA HIS A 879 -90.69 125.54 -70.51
C HIS A 879 -91.65 124.79 -71.42
N GLU A 880 -91.23 124.49 -72.66
CA GLU A 880 -92.07 123.74 -73.58
C GLU A 880 -91.31 122.56 -74.19
N LEU A 881 -90.31 122.05 -73.48
CA LEU A 881 -89.56 120.89 -73.96
C LEU A 881 -90.45 119.66 -74.09
N TRP A 882 -91.33 119.43 -73.10
CA TRP A 882 -92.31 118.36 -73.20
C TRP A 882 -93.31 118.62 -74.32
N ALA A 883 -93.54 119.89 -74.65
CA ALA A 883 -94.48 120.27 -75.71
C ALA A 883 -93.89 120.07 -77.09
N LEU A 884 -92.56 120.08 -77.20
CA LEU A 884 -91.87 120.03 -78.49
C LEU A 884 -92.11 118.72 -79.24
N THR A 885 -92.34 117.62 -78.51
CA THR A 885 -92.37 116.28 -79.09
C THR A 885 -93.52 116.11 -80.09
N ARG A 886 -94.69 116.66 -79.80
CA ARG A 886 -95.88 116.37 -80.60
C ARG A 886 -96.57 117.64 -81.08
N ILE A 887 -95.80 118.59 -81.63
CA ILE A 887 -96.37 119.76 -82.28
C ILE A 887 -96.89 119.31 -83.65
N GLU A 888 -97.95 119.98 -84.15
CA GLU A 888 -98.56 119.74 -85.47
C GLU A 888 -99.09 118.32 -85.59
N GLN A 889 -99.76 117.85 -84.55
CA GLN A 889 -100.40 116.54 -84.52
C GLN A 889 -101.86 116.71 -84.15
N GLY A 890 -102.54 115.61 -83.82
CA GLY A 890 -103.87 115.71 -83.22
C GLY A 890 -103.90 116.49 -81.92
N TRP A 891 -102.77 116.54 -81.21
CA TRP A 891 -102.61 117.31 -79.99
C TRP A 891 -102.02 118.70 -80.29
N THR A 892 -102.67 119.46 -81.18
CA THR A 892 -102.17 120.75 -81.63
C THR A 892 -102.78 121.90 -80.81
N TYR A 893 -101.92 122.85 -80.44
CA TYR A 893 -102.34 124.01 -79.65
C TYR A 893 -103.34 124.87 -80.42
N GLY A 894 -104.29 125.44 -79.67
CA GLY A 894 -105.21 126.40 -80.22
C GLY A 894 -105.03 127.75 -79.54
N PRO A 895 -105.03 128.83 -80.34
CA PRO A 895 -104.81 130.17 -79.78
C PRO A 895 -105.87 130.64 -78.79
N VAL A 896 -107.07 130.06 -78.82
CA VAL A 896 -108.15 130.48 -77.93
C VAL A 896 -107.85 130.10 -76.48
N ARG A 897 -107.21 128.96 -76.26
CA ARG A 897 -107.01 128.42 -74.92
C ARG A 897 -105.54 128.16 -74.65
N ASP A 898 -105.24 127.44 -73.59
CA ASP A 898 -103.87 127.30 -73.09
C ASP A 898 -103.62 125.85 -72.72
N ASP A 899 -102.56 125.65 -71.92
CA ASP A 899 -101.99 124.34 -71.62
C ASP A 899 -102.99 123.34 -71.04
N ASN A 900 -102.83 122.08 -71.45
CA ASN A 900 -103.45 120.89 -70.85
C ASN A 900 -104.97 120.84 -71.03
N LYS A 901 -105.45 121.22 -72.22
CA LYS A 901 -106.86 121.03 -72.57
C LYS A 901 -106.89 120.45 -73.99
N ARG A 902 -106.11 119.38 -74.21
CA ARG A 902 -105.95 118.66 -75.48
C ARG A 902 -105.27 119.53 -76.55
N LEU A 903 -104.80 120.72 -76.18
CA LEU A 903 -104.16 121.66 -77.09
C LEU A 903 -102.92 122.26 -76.43
N HIS A 904 -102.11 121.40 -75.81
CA HIS A 904 -101.01 121.84 -74.96
C HIS A 904 -99.90 122.69 -75.60
N PRO A 905 -99.29 122.34 -76.87
CA PRO A 905 -97.94 122.83 -77.25
C PRO A 905 -97.50 124.27 -76.96
N CYS A 906 -98.24 125.24 -77.51
CA CYS A 906 -98.08 126.67 -77.24
C CYS A 906 -96.65 127.17 -77.45
N LEU A 907 -96.21 127.13 -78.71
CA LEU A 907 -94.91 127.69 -79.08
C LEU A 907 -94.90 129.23 -79.14
N VAL A 908 -95.95 129.89 -78.63
CA VAL A 908 -96.07 131.35 -78.61
C VAL A 908 -94.88 131.97 -77.91
N ASN A 909 -94.76 131.70 -76.61
CA ASN A 909 -93.69 132.15 -75.72
C ASN A 909 -93.96 131.51 -74.36
N PHE A 910 -92.93 131.53 -73.51
CA PHE A 910 -93.10 131.11 -72.13
C PHE A 910 -93.80 132.19 -71.32
N HIS A 911 -93.81 133.43 -71.81
CA HIS A 911 -94.61 134.49 -71.19
C HIS A 911 -96.10 134.21 -71.32
N SER A 912 -96.51 133.69 -72.48
CA SER A 912 -97.91 133.31 -72.69
C SER A 912 -98.34 132.19 -71.76
N LEU A 913 -97.41 131.34 -71.34
CA LEU A 913 -97.73 130.32 -70.35
C LEU A 913 -98.03 130.97 -69.01
N PRO A 914 -98.92 130.36 -68.20
CA PRO A 914 -99.27 130.94 -66.90
C PRO A 914 -98.08 131.07 -65.96
N GLU A 915 -98.04 132.19 -65.22
CA GLU A 915 -96.95 132.47 -64.29
C GLU A 915 -96.74 131.44 -63.16
N PRO A 916 -97.77 130.92 -62.45
CA PRO A 916 -97.49 129.96 -61.35
C PRO A 916 -96.74 128.70 -61.77
N GLU A 917 -96.96 128.22 -63.00
CA GLU A 917 -96.14 127.09 -63.43
C GLU A 917 -94.91 127.56 -64.17
N ARG A 918 -94.88 128.82 -64.63
CA ARG A 918 -93.68 129.37 -65.25
C ARG A 918 -92.55 129.47 -64.23
N ASN A 919 -92.80 130.14 -63.09
CA ASN A 919 -91.77 130.18 -62.07
C ASN A 919 -91.58 128.82 -61.38
N TYR A 920 -92.60 127.94 -61.43
CA TYR A 920 -92.38 126.56 -61.03
C TYR A 920 -91.34 125.88 -61.92
N ASN A 921 -91.40 126.15 -63.22
CA ASN A 921 -90.38 125.66 -64.15
C ASN A 921 -89.01 126.28 -63.86
N LEU A 922 -89.00 127.56 -63.50
CA LEU A 922 -87.76 128.24 -63.10
C LEU A 922 -87.14 127.58 -61.87
N GLN A 923 -87.97 127.29 -60.86
CA GLN A 923 -87.44 126.78 -59.61
C GLN A 923 -87.06 125.31 -59.75
N MET A 924 -87.79 124.52 -60.56
CA MET A 924 -87.38 123.13 -60.75
C MET A 924 -86.09 123.04 -61.56
N SER A 925 -85.89 123.95 -62.52
CA SER A 925 -84.59 124.05 -63.20
C SER A 925 -83.48 124.40 -62.22
N GLY A 926 -83.72 125.36 -61.34
CA GLY A 926 -82.77 125.64 -60.27
C GLY A 926 -82.55 124.47 -59.33
N GLU A 927 -83.60 123.69 -59.09
CA GLU A 927 -83.52 122.47 -58.31
C GLU A 927 -82.63 121.43 -58.97
N THR A 928 -82.73 121.27 -60.29
CA THR A 928 -81.80 120.39 -61.01
C THR A 928 -80.37 120.91 -60.97
N LEU A 929 -80.18 122.23 -61.00
CA LEU A 929 -78.85 122.80 -60.78
C LEU A 929 -78.31 122.47 -59.38
N LYS A 930 -79.21 122.53 -58.38
CA LYS A 930 -78.84 122.13 -57.03
C LYS A 930 -78.55 120.63 -56.96
N THR A 931 -79.25 119.84 -57.78
CA THR A 931 -78.97 118.41 -57.87
C THR A 931 -77.57 118.17 -58.46
N LEU A 932 -77.17 118.98 -59.46
CA LEU A 932 -75.83 118.87 -60.02
C LEU A 932 -74.76 119.18 -58.97
N LEU A 933 -74.98 120.24 -58.19
CA LEU A 933 -74.06 120.55 -57.09
C LEU A 933 -74.05 119.45 -56.03
N ALA A 934 -75.23 118.88 -55.73
CA ALA A 934 -75.30 117.76 -54.79
C ALA A 934 -74.56 116.54 -55.34
N LEU A 935 -74.60 116.34 -56.66
CA LEU A 935 -73.81 115.30 -57.31
C LEU A 935 -72.33 115.66 -57.33
N GLY A 936 -71.98 116.90 -57.02
CA GLY A 936 -70.59 117.30 -57.03
C GLY A 936 -70.04 117.82 -58.32
N CYS A 937 -70.88 118.26 -59.25
CA CYS A 937 -70.40 118.77 -60.53
C CYS A 937 -69.64 120.07 -60.31
N HIS A 938 -68.47 120.19 -60.95
CA HIS A 938 -67.65 121.37 -60.88
C HIS A 938 -67.67 122.07 -62.24
N VAL A 939 -66.85 123.10 -62.38
CA VAL A 939 -66.83 123.92 -63.59
C VAL A 939 -65.39 123.96 -64.12
N GLY A 940 -65.26 123.84 -65.45
CA GLY A 940 -64.01 124.07 -66.14
C GLY A 940 -64.29 124.65 -67.53
N MET A 941 -63.70 125.80 -67.85
CA MET A 941 -63.99 126.48 -69.11
C MET A 941 -62.94 126.13 -70.16
N ALA A 942 -63.40 125.69 -71.32
CA ALA A 942 -62.49 125.39 -72.42
C ALA A 942 -62.92 125.93 -73.78
N ASP A 943 -64.18 126.38 -73.95
CA ASP A 943 -64.65 126.79 -75.26
C ASP A 943 -65.41 128.11 -75.17
N GLU A 944 -65.51 128.78 -76.31
CA GLU A 944 -66.27 130.02 -76.47
C GLU A 944 -67.76 129.72 -76.27
N LYS A 945 -68.52 130.76 -75.89
CA LYS A 945 -69.95 130.62 -75.65
C LYS A 945 -70.68 130.15 -76.92
N ALA A 946 -71.45 129.08 -76.77
CA ALA A 946 -72.17 128.48 -77.89
C ALA A 946 -73.33 129.34 -78.37
N GLU A 947 -73.84 130.25 -77.53
CA GLU A 947 -74.97 131.10 -77.91
C GLU A 947 -74.61 131.97 -79.11
N ASP A 948 -73.40 132.54 -79.11
CA ASP A 948 -72.97 133.41 -80.20
C ASP A 948 -72.77 132.62 -81.48
N ASN A 949 -72.25 131.39 -81.35
CA ASN A 949 -72.06 130.48 -82.47
C ASN A 949 -73.29 129.58 -82.68
N LEU A 950 -74.45 129.99 -82.18
CA LEU A 950 -75.66 129.19 -82.22
C LEU A 950 -76.78 130.00 -82.86
N LYS A 951 -77.66 129.31 -83.59
CA LYS A 951 -78.83 129.92 -84.18
C LYS A 951 -79.99 128.95 -84.14
N LYS A 952 -81.17 129.47 -83.79
CA LYS A 952 -82.39 128.66 -83.77
C LYS A 952 -82.77 128.26 -85.18
N THR A 953 -83.22 127.03 -85.34
CA THR A 953 -83.55 126.48 -86.66
C THR A 953 -85.05 126.54 -86.84
N LYS A 954 -85.49 127.27 -87.88
CA LYS A 954 -86.90 127.37 -88.24
C LYS A 954 -87.22 126.21 -89.17
N LEU A 955 -87.48 125.06 -88.56
CA LEU A 955 -87.77 123.84 -89.30
C LEU A 955 -89.08 123.95 -90.07
N PRO A 956 -89.20 123.25 -91.21
CA PRO A 956 -90.47 123.25 -91.96
C PRO A 956 -91.68 122.75 -91.19
N LYS A 957 -91.48 121.84 -90.23
CA LYS A 957 -92.57 121.39 -89.37
C LYS A 957 -92.49 122.07 -88.02
N THR A 958 -93.37 121.66 -87.10
CA THR A 958 -93.48 122.17 -85.71
C THR A 958 -93.72 123.68 -85.68
N TYR A 959 -94.75 124.13 -86.41
CA TYR A 959 -95.08 125.54 -86.49
C TYR A 959 -96.57 125.73 -86.25
N MET A 960 -96.94 126.97 -85.97
CA MET A 960 -98.33 127.42 -85.96
C MET A 960 -98.36 128.94 -86.02
N MET A 961 -99.44 129.45 -86.60
CA MET A 961 -99.65 130.87 -86.88
C MET A 961 -99.80 131.73 -85.63
N SER A 962 -99.99 131.12 -84.46
CA SER A 962 -100.21 131.86 -83.22
C SER A 962 -98.89 132.46 -82.76
N ASN A 963 -98.71 133.74 -83.09
CA ASN A 963 -97.57 134.59 -82.69
C ASN A 963 -96.24 134.00 -83.18
N GLY A 964 -96.12 133.91 -84.51
CA GLY A 964 -94.88 133.53 -85.12
C GLY A 964 -94.63 132.03 -85.09
N TYR A 965 -93.61 131.61 -85.83
CA TYR A 965 -93.26 130.20 -85.92
C TYR A 965 -91.82 130.03 -85.45
N LYS A 966 -91.63 129.09 -84.54
CA LYS A 966 -90.36 128.74 -83.92
C LYS A 966 -90.56 127.45 -83.17
N PRO A 967 -89.51 126.67 -82.91
CA PRO A 967 -89.65 125.51 -82.02
C PRO A 967 -90.12 125.95 -80.64
N ALA A 968 -90.93 125.09 -79.99
CA ALA A 968 -91.53 125.42 -78.70
C ALA A 968 -90.50 125.78 -77.61
N PRO A 969 -89.39 125.05 -77.40
CA PRO A 969 -88.25 125.66 -76.72
C PRO A 969 -87.30 126.25 -77.76
N LEU A 970 -86.36 127.07 -77.29
CA LEU A 970 -85.39 127.66 -78.19
C LEU A 970 -84.47 126.59 -78.75
N ASP A 971 -84.35 126.55 -80.08
CA ASP A 971 -83.68 125.47 -80.79
C ASP A 971 -82.19 125.43 -80.50
N LEU A 972 -81.65 124.21 -80.49
CA LEU A 972 -80.27 123.95 -80.16
C LEU A 972 -79.51 123.39 -81.36
N SER A 973 -78.27 123.88 -81.55
CA SER A 973 -77.39 123.43 -82.62
C SER A 973 -76.68 122.14 -82.19
N HIS A 974 -75.65 121.76 -82.95
CA HIS A 974 -74.92 120.52 -82.69
C HIS A 974 -74.16 120.57 -81.36
N VAL A 975 -74.43 119.59 -80.50
CA VAL A 975 -73.77 119.41 -79.20
C VAL A 975 -73.56 117.91 -78.99
N ARG A 976 -72.39 117.54 -78.47
CA ARG A 976 -72.04 116.14 -78.23
C ARG A 976 -71.76 115.92 -76.74
N LEU A 977 -72.13 114.73 -76.25
CA LEU A 977 -72.01 114.38 -74.84
C LEU A 977 -71.20 113.10 -74.67
N THR A 978 -70.29 113.12 -73.69
CA THR A 978 -69.45 111.99 -73.32
C THR A 978 -70.19 111.00 -72.41
N PRO A 979 -69.71 109.75 -72.32
CA PRO A 979 -70.35 108.78 -71.42
C PRO A 979 -70.38 109.17 -69.95
N ALA A 980 -69.45 110.02 -69.49
CA ALA A 980 -69.53 110.54 -68.13
C ALA A 980 -70.79 111.37 -67.94
N GLN A 981 -71.13 112.18 -68.94
CA GLN A 981 -72.39 112.91 -68.91
C GLN A 981 -73.58 111.97 -69.02
N THR A 982 -73.45 110.84 -69.74
CA THR A 982 -74.57 109.90 -69.81
C THR A 982 -74.86 109.29 -68.44
N THR A 983 -73.80 108.91 -67.69
CA THR A 983 -74.00 108.41 -66.33
C THR A 983 -74.56 109.49 -65.42
N LEU A 984 -74.08 110.73 -65.58
CA LEU A 984 -74.55 111.83 -64.73
C LEU A 984 -76.03 112.11 -64.98
N VAL A 985 -76.46 112.12 -66.24
CA VAL A 985 -77.88 112.36 -66.52
C VAL A 985 -78.71 111.15 -66.09
N ASP A 986 -78.14 109.95 -66.15
CA ASP A 986 -78.84 108.76 -65.65
C ASP A 986 -79.13 108.85 -64.15
N ARG A 987 -78.13 109.28 -63.38
CA ARG A 987 -78.40 109.45 -61.95
C ARG A 987 -79.15 110.74 -61.64
N LEU A 988 -79.18 111.69 -62.58
CA LEU A 988 -80.05 112.85 -62.45
C LEU A 988 -81.51 112.43 -62.55
N ALA A 989 -81.83 111.57 -63.52
CA ALA A 989 -83.18 111.03 -63.62
C ALA A 989 -83.51 110.12 -62.45
N GLU A 990 -82.48 109.45 -61.88
CA GLU A 990 -82.67 108.68 -60.65
C GLU A 990 -83.12 109.58 -59.51
N ASN A 991 -82.44 110.73 -59.36
CA ASN A 991 -82.74 111.66 -58.28
C ASN A 991 -84.11 112.30 -58.45
N GLY A 992 -84.40 112.79 -59.66
CA GLY A 992 -85.66 113.49 -59.89
C GLY A 992 -86.87 112.57 -59.74
N HIS A 993 -86.79 111.37 -60.34
CA HIS A 993 -87.88 110.42 -60.22
C HIS A 993 -88.08 109.98 -58.77
N ASN A 994 -86.97 109.77 -58.03
CA ASN A 994 -87.08 109.40 -56.63
C ASN A 994 -87.72 110.51 -55.79
N VAL A 995 -87.42 111.78 -56.11
CA VAL A 995 -88.08 112.89 -55.43
C VAL A 995 -89.58 112.88 -55.70
N TRP A 996 -89.96 112.65 -56.96
CA TRP A 996 -91.37 112.55 -57.32
C TRP A 996 -92.04 111.38 -56.61
N ALA A 997 -91.33 110.25 -56.51
CA ALA A 997 -91.85 109.06 -55.86
C ALA A 997 -92.08 109.29 -54.37
N ARG A 998 -91.09 109.87 -53.68
CA ARG A 998 -91.23 110.13 -52.25
C ARG A 998 -92.33 111.15 -51.99
N ASP A 999 -92.46 112.15 -52.86
CA ASP A 999 -93.54 113.12 -52.71
C ASP A 999 -94.90 112.45 -52.89
N ARG A 1000 -95.02 111.54 -53.85
CA ARG A 1000 -96.28 110.81 -54.04
C ARG A 1000 -96.61 109.99 -52.81
N VAL A 1001 -95.62 109.25 -52.28
CA VAL A 1001 -95.87 108.42 -51.09
C VAL A 1001 -96.18 109.32 -49.88
N ALA A 1002 -95.72 110.59 -49.92
CA ALA A 1002 -95.96 111.51 -48.81
C ALA A 1002 -97.45 111.77 -48.61
N GLN A 1003 -98.21 111.96 -49.71
CA GLN A 1003 -99.64 112.13 -49.49
C GLN A 1003 -100.41 110.81 -49.57
N GLY A 1004 -99.72 109.68 -49.68
CA GLY A 1004 -100.43 108.40 -49.61
C GLY A 1004 -100.59 107.62 -50.90
N TRP A 1005 -99.55 107.63 -51.74
CA TRP A 1005 -99.56 106.88 -52.98
C TRP A 1005 -98.77 105.58 -52.82
N SER A 1006 -99.39 104.45 -53.15
CA SER A 1006 -98.75 103.14 -53.10
C SER A 1006 -98.94 102.45 -54.44
N TYR A 1007 -97.94 101.68 -54.86
CA TYR A 1007 -97.91 101.09 -56.19
C TYR A 1007 -98.98 100.01 -56.38
N SER A 1008 -99.63 100.05 -57.54
CA SER A 1008 -100.52 99.00 -58.00
C SER A 1008 -100.25 98.76 -59.48
N ALA A 1009 -100.43 97.52 -59.92
CA ALA A 1009 -100.21 97.18 -61.33
C ALA A 1009 -101.20 97.86 -62.27
N VAL A 1010 -102.36 98.27 -61.76
CA VAL A 1010 -103.37 99.00 -62.51
C VAL A 1010 -103.52 100.38 -61.90
N GLN A 1011 -103.62 101.40 -62.76
CA GLN A 1011 -103.77 102.78 -62.30
C GLN A 1011 -105.11 102.95 -61.60
N ASP A 1012 -105.06 103.40 -60.35
CA ASP A 1012 -106.26 103.61 -59.54
C ASP A 1012 -106.19 105.01 -58.93
N ILE A 1013 -106.69 105.99 -59.67
CA ILE A 1013 -106.75 107.38 -59.21
C ILE A 1013 -107.70 107.56 -58.01
N PRO A 1014 -108.96 107.05 -58.00
CA PRO A 1014 -109.75 107.16 -56.75
C PRO A 1014 -109.14 106.46 -55.54
N ALA A 1015 -108.45 105.34 -55.76
CA ALA A 1015 -107.71 104.67 -54.70
C ALA A 1015 -106.32 105.25 -54.49
N ARG A 1016 -105.96 106.27 -55.29
CA ARG A 1016 -104.72 107.04 -55.14
C ARG A 1016 -103.50 106.13 -55.34
N ARG A 1017 -103.54 105.33 -56.42
CA ARG A 1017 -102.48 104.39 -56.74
C ARG A 1017 -102.13 104.50 -58.22
N ASN A 1018 -100.84 104.34 -58.53
CA ASN A 1018 -100.27 104.57 -59.85
C ASN A 1018 -99.38 103.39 -60.22
N PRO A 1019 -99.23 103.07 -61.51
CA PRO A 1019 -98.26 102.05 -61.91
C PRO A 1019 -96.82 102.53 -61.97
N ARG A 1020 -96.57 103.84 -61.90
CA ARG A 1020 -95.21 104.36 -61.92
C ARG A 1020 -94.64 104.55 -60.52
N LEU A 1021 -95.36 104.09 -59.49
CA LEU A 1021 -94.95 104.28 -58.10
C LEU A 1021 -93.87 103.29 -57.66
N VAL A 1022 -92.76 103.30 -58.37
CA VAL A 1022 -91.59 102.52 -58.01
C VAL A 1022 -90.39 103.45 -58.05
N PRO A 1023 -89.34 103.19 -57.26
CA PRO A 1023 -88.08 103.94 -57.43
C PRO A 1023 -87.52 103.75 -58.83
N TYR A 1024 -86.74 104.76 -59.28
CA TYR A 1024 -86.16 104.76 -60.62
C TYR A 1024 -85.34 103.51 -60.90
N ARG A 1025 -84.71 102.94 -59.88
CA ARG A 1025 -83.98 101.69 -60.04
C ARG A 1025 -84.92 100.54 -60.40
N LEU A 1026 -86.18 100.60 -59.94
CA LEU A 1026 -87.22 99.64 -60.29
C LEU A 1026 -88.03 100.05 -61.50
N LEU A 1027 -87.84 101.26 -62.01
CA LEU A 1027 -88.59 101.77 -63.15
C LEU A 1027 -88.28 100.98 -64.41
N ASP A 1028 -89.29 100.81 -65.26
CA ASP A 1028 -89.11 100.10 -66.52
C ASP A 1028 -88.30 100.96 -67.48
N GLU A 1029 -87.58 100.29 -68.37
CA GLU A 1029 -86.73 100.97 -69.35
C GLU A 1029 -87.52 101.84 -70.33
N ALA A 1030 -88.80 101.56 -70.55
CA ALA A 1030 -89.63 102.45 -71.35
C ALA A 1030 -89.78 103.82 -70.69
N THR A 1031 -89.99 103.84 -69.38
CA THR A 1031 -90.10 105.10 -68.67
C THR A 1031 -88.73 105.61 -68.24
N LYS A 1032 -87.76 104.70 -68.02
CA LYS A 1032 -86.38 105.11 -67.78
C LYS A 1032 -85.87 105.91 -68.96
N ARG A 1033 -86.13 105.43 -70.19
CA ARG A 1033 -85.69 106.12 -71.40
C ARG A 1033 -86.36 107.48 -71.53
N SER A 1034 -87.67 107.55 -71.24
CA SER A 1034 -88.37 108.83 -71.35
C SER A 1034 -87.85 109.86 -70.35
N ASN A 1035 -87.63 109.45 -69.08
CA ASN A 1035 -87.06 110.35 -68.09
C ASN A 1035 -85.63 110.76 -68.44
N ARG A 1036 -84.82 109.81 -68.93
CA ARG A 1036 -83.47 110.13 -69.37
C ARG A 1036 -83.49 111.05 -70.57
N ASP A 1037 -84.44 110.86 -71.49
CA ASP A 1037 -84.52 111.71 -72.68
C ASP A 1037 -84.83 113.15 -72.30
N SER A 1038 -85.77 113.34 -71.37
CA SER A 1038 -86.14 114.68 -70.91
C SER A 1038 -84.97 115.36 -70.21
N LEU A 1039 -84.27 114.66 -69.33
CA LEU A 1039 -83.16 115.33 -68.67
C LEU A 1039 -81.89 115.29 -69.50
N CYS A 1040 -81.85 114.43 -70.52
CA CYS A 1040 -80.76 114.44 -71.47
C CYS A 1040 -80.75 115.75 -72.22
N GLN A 1041 -81.93 116.22 -72.60
CA GLN A 1041 -82.01 117.53 -73.23
C GLN A 1041 -81.79 118.64 -72.21
N ALA A 1042 -81.97 118.38 -70.90
CA ALA A 1042 -81.58 119.37 -69.90
C ALA A 1042 -80.05 119.54 -69.89
N VAL A 1043 -79.33 118.42 -69.98
CA VAL A 1043 -77.86 118.49 -70.07
C VAL A 1043 -77.44 119.10 -71.42
N ARG A 1044 -78.20 118.81 -72.48
CA ARG A 1044 -78.01 119.47 -73.77
C ARG A 1044 -78.21 120.98 -73.65
N THR A 1045 -79.19 121.40 -72.85
CA THR A 1045 -79.43 122.81 -72.59
C THR A 1045 -78.23 123.43 -71.87
N LEU A 1046 -77.68 122.71 -70.88
CA LEU A 1046 -76.52 123.21 -70.15
C LEU A 1046 -75.30 123.38 -71.06
N LEU A 1047 -75.03 122.40 -71.94
CA LEU A 1047 -73.91 122.55 -72.86
C LEU A 1047 -74.24 123.42 -74.07
N GLY A 1048 -75.52 123.66 -74.35
CA GLY A 1048 -75.92 124.47 -75.49
C GLY A 1048 -75.79 125.96 -75.32
N TYR A 1049 -75.90 126.46 -74.09
CA TYR A 1049 -75.80 127.88 -73.81
C TYR A 1049 -74.40 128.27 -73.40
N GLY A 1050 -73.40 127.56 -73.92
CA GLY A 1050 -72.00 127.84 -73.74
C GLY A 1050 -71.50 127.72 -72.31
N TYR A 1051 -71.88 126.67 -71.61
CA TYR A 1051 -71.47 126.47 -70.23
C TYR A 1051 -71.17 125.01 -69.98
N ASN A 1052 -70.46 124.80 -68.88
CA ASN A 1052 -69.67 123.60 -68.62
C ASN A 1052 -70.29 122.65 -67.62
N ILE A 1053 -69.96 121.37 -67.80
CA ILE A 1053 -70.31 120.29 -66.89
C ILE A 1053 -69.06 119.43 -66.71
N GLU A 1054 -68.74 119.12 -65.45
CA GLU A 1054 -67.55 118.36 -65.11
C GLU A 1054 -67.95 117.07 -64.41
N PRO A 1055 -67.46 115.91 -64.84
CA PRO A 1055 -67.77 114.66 -64.14
C PRO A 1055 -67.14 114.64 -62.76
N PRO A 1056 -67.96 114.52 -61.71
CA PRO A 1056 -67.44 114.56 -60.34
C PRO A 1056 -66.64 113.32 -59.95
N ASP A 1057 -66.14 113.33 -58.72
CA ASP A 1057 -65.38 112.21 -58.18
C ASP A 1057 -66.35 111.08 -57.85
N GLN A 1058 -66.25 109.98 -58.59
CA GLN A 1058 -67.15 108.85 -58.45
C GLN A 1058 -66.50 107.77 -57.61
N GLU A 1059 -67.16 107.40 -56.50
CA GLU A 1059 -66.69 106.36 -55.61
C GLU A 1059 -67.66 105.19 -55.68
N PRO A 1060 -67.26 104.05 -56.24
CA PRO A 1060 -68.21 102.93 -56.38
C PRO A 1060 -68.47 102.24 -55.05
N SER A 1061 -69.56 101.49 -55.02
CA SER A 1061 -69.96 100.74 -53.84
C SER A 1061 -70.69 99.47 -54.26
N GLN A 1062 -70.68 98.48 -53.37
CA GLN A 1062 -71.34 97.20 -53.60
C GLN A 1062 -72.63 97.15 -52.78
N VAL A 1063 -73.67 96.55 -53.37
CA VAL A 1063 -75.01 96.57 -52.77
C VAL A 1063 -75.07 95.77 -51.46
N GLU A 1064 -74.51 94.55 -51.46
CA GLU A 1064 -74.52 93.61 -50.33
C GLU A 1064 -75.93 93.40 -49.77
N ASN A 1065 -76.81 92.86 -50.61
CA ASN A 1065 -78.20 92.66 -50.21
C ASN A 1065 -78.33 91.61 -49.12
N GLN A 1066 -77.72 90.44 -49.31
CA GLN A 1066 -77.77 89.33 -48.38
C GLN A 1066 -76.52 89.32 -47.52
N SER A 1067 -76.34 88.27 -46.74
CA SER A 1067 -75.12 88.11 -45.97
C SER A 1067 -73.96 87.80 -46.90
N ARG A 1068 -72.74 88.03 -46.40
CA ARG A 1068 -71.52 87.77 -47.18
C ARG A 1068 -71.18 86.28 -47.26
N TRP A 1069 -71.85 85.43 -46.47
CA TRP A 1069 -71.57 84.00 -46.46
C TRP A 1069 -72.56 83.16 -47.26
N ASP A 1070 -73.82 83.59 -47.38
CA ASP A 1070 -74.72 82.89 -48.32
C ASP A 1070 -74.64 83.49 -49.72
N ARG A 1071 -73.41 83.60 -50.22
CA ARG A 1071 -73.08 84.12 -51.54
C ARG A 1071 -72.65 83.02 -52.50
N VAL A 1072 -71.83 82.11 -52.02
CA VAL A 1072 -71.31 81.01 -52.83
C VAL A 1072 -71.77 79.70 -52.20
N ARG A 1073 -72.32 78.83 -53.04
CA ARG A 1073 -72.76 77.50 -52.63
C ARG A 1073 -71.82 76.51 -53.31
N ILE A 1074 -70.87 75.98 -52.56
CA ILE A 1074 -69.89 75.08 -53.15
C ILE A 1074 -70.50 73.68 -53.25
N PHE A 1075 -70.19 73.01 -54.37
CA PHE A 1075 -70.65 71.67 -54.69
C PHE A 1075 -69.45 70.77 -54.88
N ARG A 1076 -69.42 69.65 -54.18
CA ARG A 1076 -68.31 68.70 -54.22
C ARG A 1076 -68.84 67.28 -54.34
N ALA A 1077 -68.01 66.39 -54.88
CA ALA A 1077 -68.40 65.00 -54.92
C ALA A 1077 -68.31 64.40 -53.52
N GLU A 1078 -68.99 63.26 -53.32
CA GLU A 1078 -68.93 62.58 -52.03
C GLU A 1078 -67.53 62.03 -51.78
N LYS A 1079 -67.17 61.95 -50.49
CA LYS A 1079 -65.82 61.56 -50.09
C LYS A 1079 -65.42 60.16 -50.54
N SER A 1080 -66.41 59.28 -50.79
CA SER A 1080 -66.11 57.91 -51.20
C SER A 1080 -65.51 57.84 -52.60
N TYR A 1081 -65.71 58.87 -53.42
CA TYR A 1081 -65.27 58.85 -54.81
C TYR A 1081 -63.91 59.51 -55.00
N THR A 1082 -63.11 59.57 -53.94
CA THR A 1082 -61.77 60.16 -54.03
C THR A 1082 -60.87 59.28 -54.89
N VAL A 1083 -60.02 59.92 -55.70
CA VAL A 1083 -59.15 59.20 -56.63
C VAL A 1083 -57.71 59.38 -56.20
N GLN A 1084 -56.94 58.30 -56.30
CA GLN A 1084 -55.54 58.30 -55.90
C GLN A 1084 -54.57 58.05 -57.05
N SER A 1085 -55.06 57.69 -58.24
CA SER A 1085 -54.17 57.35 -59.34
C SER A 1085 -54.90 57.63 -60.65
N GLY A 1086 -54.12 57.70 -61.72
CA GLY A 1086 -54.69 57.90 -63.03
C GLY A 1086 -54.86 59.35 -63.43
N ARG A 1087 -55.49 59.51 -64.59
CA ARG A 1087 -55.78 60.82 -65.15
C ARG A 1087 -57.28 60.92 -65.34
N TRP A 1088 -57.86 62.04 -64.89
CA TRP A 1088 -59.31 62.14 -64.80
C TRP A 1088 -59.80 63.44 -65.44
N TYR A 1089 -61.03 63.36 -65.96
CA TYR A 1089 -61.72 64.38 -66.71
C TYR A 1089 -63.14 64.55 -66.19
N PHE A 1090 -63.63 65.78 -66.22
CA PHE A 1090 -65.04 66.07 -65.95
C PHE A 1090 -65.39 67.45 -66.48
N GLU A 1091 -66.54 67.52 -67.15
CA GLU A 1091 -67.02 68.74 -67.76
C GLU A 1091 -67.73 69.64 -66.75
N PHE A 1092 -67.85 70.91 -67.15
CA PHE A 1092 -68.61 71.91 -66.42
C PHE A 1092 -69.12 72.92 -67.44
N GLU A 1093 -70.41 72.89 -67.72
CA GLU A 1093 -71.04 73.80 -68.66
C GLU A 1093 -71.57 75.00 -67.90
N ALA A 1094 -71.01 76.17 -68.14
CA ALA A 1094 -71.39 77.39 -67.48
C ALA A 1094 -72.37 78.14 -68.39
N VAL A 1095 -73.63 78.22 -67.94
CA VAL A 1095 -74.66 78.90 -68.72
C VAL A 1095 -74.40 80.40 -68.73
N THR A 1096 -74.11 80.97 -67.56
CA THR A 1096 -73.85 82.39 -67.43
C THR A 1096 -72.36 82.64 -67.24
N THR A 1097 -71.99 83.92 -67.24
CA THR A 1097 -70.60 84.33 -67.17
C THR A 1097 -70.24 84.94 -65.83
N GLY A 1098 -71.01 84.66 -64.79
CA GLY A 1098 -70.74 85.27 -63.50
C GLY A 1098 -69.63 84.59 -62.72
N GLU A 1099 -69.82 84.50 -61.40
CA GLU A 1099 -68.81 83.93 -60.52
C GLU A 1099 -68.98 82.42 -60.46
N MET A 1100 -68.03 81.68 -61.03
CA MET A 1100 -68.02 80.23 -60.95
C MET A 1100 -66.60 79.74 -60.80
N ARG A 1101 -66.40 78.75 -59.95
CA ARG A 1101 -65.08 78.17 -59.73
C ARG A 1101 -65.16 76.66 -59.82
N VAL A 1102 -64.28 76.05 -60.61
CA VAL A 1102 -64.28 74.60 -60.82
C VAL A 1102 -62.84 74.10 -60.71
N GLY A 1103 -62.67 72.96 -60.05
CA GLY A 1103 -61.33 72.41 -59.88
C GLY A 1103 -61.35 71.19 -58.99
N TRP A 1104 -60.20 70.91 -58.38
CA TRP A 1104 -60.04 69.77 -57.49
C TRP A 1104 -59.73 70.25 -56.08
N ALA A 1105 -60.36 69.61 -55.09
CA ALA A 1105 -60.11 69.96 -53.69
C ALA A 1105 -59.99 68.70 -52.85
N ARG A 1106 -59.29 68.85 -51.73
CA ARG A 1106 -59.15 67.76 -50.79
C ARG A 1106 -60.46 67.58 -50.02
N PRO A 1107 -60.75 66.36 -49.55
CA PRO A 1107 -62.06 66.10 -48.91
C PRO A 1107 -62.39 66.93 -47.68
N GLU A 1108 -61.39 67.31 -46.88
CA GLU A 1108 -61.59 67.99 -45.60
C GLU A 1108 -61.73 69.50 -45.74
N LEU A 1109 -62.11 69.99 -46.92
CA LEU A 1109 -62.24 71.42 -47.16
C LEU A 1109 -63.34 72.03 -46.30
N ARG A 1110 -63.11 73.24 -45.81
CA ARG A 1110 -64.12 73.94 -45.06
C ARG A 1110 -65.24 74.40 -46.00
N PRO A 1111 -66.51 74.22 -45.61
CA PRO A 1111 -67.60 74.64 -46.50
C PRO A 1111 -67.89 76.14 -46.47
N ASP A 1112 -67.18 76.92 -45.65
CA ASP A 1112 -67.40 78.35 -45.55
C ASP A 1112 -66.25 79.18 -46.09
N VAL A 1113 -65.08 78.58 -46.28
CA VAL A 1113 -63.89 79.27 -46.77
C VAL A 1113 -63.86 79.13 -48.29
N GLU A 1114 -63.63 80.24 -48.98
CA GLU A 1114 -63.60 80.25 -50.44
C GLU A 1114 -62.49 79.35 -50.98
N LEU A 1115 -62.78 78.68 -52.08
CA LEU A 1115 -61.83 77.81 -52.76
C LEU A 1115 -60.61 78.60 -53.22
N GLY A 1116 -59.43 78.07 -52.95
CA GLY A 1116 -58.20 78.73 -53.33
C GLY A 1116 -57.67 79.71 -52.32
N ALA A 1117 -58.48 80.08 -51.31
CA ALA A 1117 -58.00 80.93 -50.23
C ALA A 1117 -57.06 80.18 -49.29
N ASP A 1118 -56.96 78.86 -49.42
CA ASP A 1118 -56.09 78.05 -48.59
C ASP A 1118 -55.49 76.95 -49.46
N GLU A 1119 -54.84 75.99 -48.81
CA GLU A 1119 -54.21 74.88 -49.51
C GLU A 1119 -55.16 73.72 -49.77
N LEU A 1120 -56.39 73.81 -49.27
CA LEU A 1120 -57.33 72.70 -49.42
C LEU A 1120 -58.03 72.69 -50.77
N ALA A 1121 -57.78 73.68 -51.63
CA ALA A 1121 -58.41 73.71 -52.93
C ALA A 1121 -57.41 74.15 -53.99
N TYR A 1122 -57.59 73.61 -55.20
CA TYR A 1122 -56.83 73.94 -56.39
C TYR A 1122 -57.90 74.17 -57.45
N VAL A 1123 -58.32 75.42 -57.62
CA VAL A 1123 -59.53 75.71 -58.36
C VAL A 1123 -59.18 76.76 -59.42
N PHE A 1124 -60.07 76.97 -60.38
CA PHE A 1124 -59.82 77.91 -61.47
C PHE A 1124 -61.00 78.86 -61.59
N ASN A 1125 -60.82 80.08 -61.07
CA ASN A 1125 -61.83 81.14 -61.23
C ASN A 1125 -61.61 81.74 -62.60
N GLY A 1126 -62.21 81.11 -63.59
CA GLY A 1126 -62.04 81.60 -64.94
C GLY A 1126 -62.93 82.76 -65.33
N HIS A 1127 -63.71 83.30 -64.39
CA HIS A 1127 -64.48 84.51 -64.68
C HIS A 1127 -63.55 85.67 -65.01
N ARG A 1128 -62.43 85.77 -64.30
CA ARG A 1128 -61.40 86.75 -64.61
C ARG A 1128 -60.11 86.09 -65.09
N GLY A 1129 -60.19 84.83 -65.51
CA GLY A 1129 -59.03 84.10 -65.99
C GLY A 1129 -57.93 83.89 -64.96
N GLN A 1130 -58.27 83.45 -63.74
CA GLN A 1130 -57.33 83.31 -62.66
C GLN A 1130 -57.39 81.90 -62.10
N ARG A 1131 -56.28 81.43 -61.55
CA ARG A 1131 -56.22 80.14 -60.87
C ARG A 1131 -55.96 80.39 -59.38
N TRP A 1132 -56.73 79.73 -58.53
CA TRP A 1132 -56.75 80.04 -57.10
C TRP A 1132 -56.24 78.84 -56.31
N HIS A 1133 -55.17 79.08 -55.53
CA HIS A 1133 -54.68 78.17 -54.50
C HIS A 1133 -53.75 78.96 -53.58
N LEU A 1134 -54.18 79.13 -52.29
CA LEU A 1134 -53.42 79.92 -51.32
C LEU A 1134 -53.11 81.31 -51.87
N GLY A 1135 -54.08 81.91 -52.53
CA GLY A 1135 -53.85 83.09 -53.35
C GLY A 1135 -54.12 82.76 -54.82
N SER A 1136 -53.94 83.80 -55.65
CA SER A 1136 -54.25 83.63 -57.06
C SER A 1136 -53.27 84.36 -57.95
N GLU A 1137 -53.10 83.83 -59.15
CA GLU A 1137 -52.40 84.46 -60.25
C GLU A 1137 -53.21 84.18 -61.52
N PRO A 1138 -53.17 85.08 -62.51
CA PRO A 1138 -53.97 84.89 -63.74
C PRO A 1138 -53.58 83.64 -64.52
N PHE A 1139 -54.59 83.03 -65.15
CA PHE A 1139 -54.40 81.83 -65.94
C PHE A 1139 -55.48 81.76 -67.01
N GLY A 1140 -55.07 81.77 -68.27
CA GLY A 1140 -56.03 81.62 -69.36
C GLY A 1140 -56.90 82.86 -69.58
N ARG A 1141 -57.98 82.63 -70.32
CA ARG A 1141 -58.92 83.66 -70.73
C ARG A 1141 -60.27 83.50 -70.03
N PRO A 1142 -61.00 84.59 -69.83
CA PRO A 1142 -62.39 84.46 -69.35
C PRO A 1142 -63.28 83.73 -70.33
N TRP A 1143 -64.25 82.99 -69.80
CA TRP A 1143 -65.18 82.27 -70.67
C TRP A 1143 -66.29 83.21 -71.17
N GLN A 1144 -67.29 82.61 -71.80
CA GLN A 1144 -68.52 83.28 -72.18
C GLN A 1144 -69.68 82.32 -71.88
N SER A 1145 -70.89 82.75 -72.25
CA SER A 1145 -72.09 81.98 -71.92
C SER A 1145 -72.12 80.62 -72.62
N GLY A 1146 -72.57 79.60 -71.88
CA GLY A 1146 -72.72 78.28 -72.44
C GLY A 1146 -71.44 77.52 -72.64
N ASP A 1147 -70.34 77.95 -72.03
CA ASP A 1147 -69.05 77.29 -72.25
C ASP A 1147 -68.88 76.00 -71.46
N VAL A 1148 -68.21 75.03 -72.08
CA VAL A 1148 -67.94 73.73 -71.47
C VAL A 1148 -66.46 73.66 -71.14
N VAL A 1149 -66.14 73.45 -69.86
CA VAL A 1149 -64.77 73.40 -69.37
C VAL A 1149 -64.51 71.99 -68.86
N GLY A 1150 -63.51 71.33 -69.42
CA GLY A 1150 -63.12 70.01 -68.98
C GLY A 1150 -61.84 70.01 -68.17
N CYS A 1151 -62.00 69.84 -66.86
CA CYS A 1151 -60.83 69.89 -65.98
C CYS A 1151 -60.01 68.60 -66.09
N MET A 1152 -58.70 68.75 -66.04
CA MET A 1152 -57.75 67.65 -66.07
C MET A 1152 -57.28 67.34 -64.66
N ILE A 1153 -56.74 66.14 -64.49
CA ILE A 1153 -55.92 65.83 -63.30
C ILE A 1153 -55.05 64.62 -63.66
N ASP A 1154 -53.79 64.71 -63.26
CA ASP A 1154 -52.81 63.64 -63.50
C ASP A 1154 -52.16 63.38 -62.16
N LEU A 1155 -52.64 62.31 -61.50
CA LEU A 1155 -52.16 61.93 -60.18
C LEU A 1155 -50.72 61.45 -60.20
N THR A 1156 -50.22 61.01 -61.36
CA THR A 1156 -48.83 60.55 -61.45
C THR A 1156 -47.88 61.72 -61.50
N GLU A 1157 -48.04 62.59 -62.50
CA GLU A 1157 -47.19 63.77 -62.65
C GLU A 1157 -47.61 64.90 -61.72
N ASN A 1158 -48.70 64.73 -60.97
CA ASN A 1158 -49.23 65.69 -60.01
C ASN A 1158 -49.57 67.01 -60.69
N THR A 1159 -50.18 66.92 -61.86
CA THR A 1159 -50.44 68.12 -62.65
C THR A 1159 -51.92 68.40 -62.82
N ILE A 1160 -52.23 69.70 -62.87
CA ILE A 1160 -53.59 70.22 -63.03
C ILE A 1160 -53.61 71.06 -64.29
N ILE A 1161 -54.52 70.73 -65.22
CA ILE A 1161 -54.68 71.45 -66.48
C ILE A 1161 -56.17 71.71 -66.63
N PHE A 1162 -56.53 72.71 -67.41
CA PHE A 1162 -57.93 73.04 -67.67
C PHE A 1162 -58.13 73.23 -69.17
N THR A 1163 -59.23 72.69 -69.70
CA THR A 1163 -59.51 72.82 -71.13
C THR A 1163 -60.83 73.58 -71.30
N LEU A 1164 -60.84 74.56 -72.19
CA LEU A 1164 -62.02 75.38 -72.42
C LEU A 1164 -62.52 75.08 -73.83
N ASN A 1165 -63.67 74.40 -73.90
CA ASN A 1165 -64.36 74.06 -75.16
C ASN A 1165 -63.44 73.31 -76.12
N GLY A 1166 -62.67 72.37 -75.59
CA GLY A 1166 -61.73 71.61 -76.36
C GLY A 1166 -60.41 72.30 -76.61
N GLU A 1167 -60.20 73.50 -76.07
CA GLU A 1167 -58.95 74.23 -76.24
C GLU A 1167 -58.21 74.27 -74.91
N VAL A 1168 -56.93 73.92 -74.95
CA VAL A 1168 -56.10 73.86 -73.74
C VAL A 1168 -55.76 75.28 -73.32
N LEU A 1169 -56.08 75.60 -72.07
CA LEU A 1169 -55.76 76.90 -71.50
C LEU A 1169 -54.27 77.02 -71.18
N MET A 1170 -53.79 78.25 -71.18
CA MET A 1170 -52.37 78.54 -71.01
C MET A 1170 -52.14 79.48 -69.85
N SER A 1171 -51.06 79.23 -69.10
CA SER A 1171 -50.63 80.13 -68.05
C SER A 1171 -49.84 81.30 -68.65
N ASP A 1172 -49.46 82.24 -67.79
CA ASP A 1172 -48.65 83.38 -68.23
C ASP A 1172 -47.17 83.02 -68.26
N SER A 1173 -46.84 81.90 -68.90
CA SER A 1173 -45.50 81.34 -69.04
C SER A 1173 -45.61 80.18 -70.03
N GLY A 1174 -44.54 79.42 -70.17
CA GLY A 1174 -44.55 78.24 -71.03
C GLY A 1174 -45.12 77.00 -70.40
N SER A 1175 -45.59 77.08 -69.16
CA SER A 1175 -46.10 75.91 -68.44
C SER A 1175 -47.44 75.46 -69.02
N GLU A 1176 -47.50 74.19 -69.42
CA GLU A 1176 -48.74 73.62 -69.95
C GLU A 1176 -49.76 73.32 -68.87
N THR A 1177 -49.35 73.27 -67.60
CA THR A 1177 -50.20 72.86 -66.49
C THR A 1177 -50.46 74.03 -65.56
N ALA A 1178 -51.72 74.16 -65.12
CA ALA A 1178 -52.07 75.21 -64.19
C ALA A 1178 -51.39 75.02 -62.84
N PHE A 1179 -51.36 73.79 -62.33
CA PHE A 1179 -50.70 73.49 -61.08
C PHE A 1179 -49.82 72.28 -61.25
N ARG A 1180 -48.82 72.16 -60.38
CA ARG A 1180 -47.85 71.08 -60.46
C ARG A 1180 -47.27 70.83 -59.08
N GLU A 1181 -46.50 69.74 -59.00
CA GLU A 1181 -45.84 69.19 -57.78
C GLU A 1181 -46.74 69.26 -56.54
N ILE A 1182 -47.93 68.70 -56.66
CA ILE A 1182 -48.89 68.62 -55.58
C ILE A 1182 -48.84 67.24 -54.96
N GLU A 1183 -48.65 67.18 -53.65
CA GLU A 1183 -48.59 65.91 -52.95
C GLU A 1183 -49.96 65.25 -52.96
N ILE A 1184 -49.97 63.91 -53.03
CA ILE A 1184 -51.22 63.18 -53.12
C ILE A 1184 -51.93 63.15 -51.77
N GLY A 1185 -51.29 62.52 -50.78
CA GLY A 1185 -51.87 62.39 -49.46
C GLY A 1185 -53.18 61.62 -49.49
N ASP A 1186 -54.21 62.21 -48.90
CA ASP A 1186 -55.53 61.59 -48.86
C ASP A 1186 -56.12 61.41 -50.25
N GLY A 1187 -55.96 62.41 -51.11
CA GLY A 1187 -56.45 62.38 -52.48
C GLY A 1187 -57.19 63.64 -52.82
N PHE A 1188 -57.84 63.63 -53.98
CA PHE A 1188 -58.56 64.78 -54.49
C PHE A 1188 -59.93 64.35 -54.99
N LEU A 1189 -60.85 65.30 -54.99
CA LEU A 1189 -62.19 65.10 -55.53
C LEU A 1189 -62.60 66.34 -56.32
N PRO A 1190 -63.39 66.16 -57.39
CA PRO A 1190 -63.87 67.31 -58.15
C PRO A 1190 -64.80 68.18 -57.33
N VAL A 1191 -64.74 69.48 -57.59
CA VAL A 1191 -65.50 70.45 -56.82
C VAL A 1191 -65.81 71.65 -57.72
N CYS A 1192 -66.97 72.25 -57.49
CA CYS A 1192 -67.36 73.44 -58.23
C CYS A 1192 -68.21 74.31 -57.31
N SER A 1193 -68.29 75.59 -57.65
CA SER A 1193 -69.04 76.53 -56.86
C SER A 1193 -69.64 77.58 -57.76
N LEU A 1194 -70.75 78.16 -57.30
CA LEU A 1194 -71.50 79.16 -58.04
C LEU A 1194 -71.82 80.36 -57.16
N GLY A 1195 -71.69 81.54 -57.75
CA GLY A 1195 -72.06 82.80 -57.16
C GLY A 1195 -73.54 83.05 -57.22
N PRO A 1196 -73.94 84.21 -56.70
CA PRO A 1196 -75.37 84.59 -56.73
C PRO A 1196 -75.88 84.72 -58.17
N GLY A 1197 -77.09 84.24 -58.38
CA GLY A 1197 -77.73 84.24 -59.70
C GLY A 1197 -76.98 83.44 -60.72
N GLN A 1198 -76.52 82.22 -60.37
CA GLN A 1198 -75.71 81.52 -61.36
C GLN A 1198 -76.26 80.13 -61.68
N VAL A 1199 -76.05 79.70 -62.93
CA VAL A 1199 -76.50 78.39 -63.40
C VAL A 1199 -75.35 77.67 -64.10
N GLY A 1200 -75.02 76.48 -63.62
CA GLY A 1200 -73.97 75.67 -64.23
C GLY A 1200 -74.37 74.21 -64.18
N HIS A 1201 -73.85 73.45 -65.14
CA HIS A 1201 -74.09 72.03 -65.27
C HIS A 1201 -72.79 71.29 -64.99
N LEU A 1202 -72.85 70.34 -64.07
CA LEU A 1202 -71.68 69.55 -63.73
C LEU A 1202 -71.83 68.17 -64.36
N ASN A 1203 -70.83 67.74 -65.13
CA ASN A 1203 -70.90 66.44 -65.78
C ASN A 1203 -69.65 65.65 -65.40
N LEU A 1204 -69.84 64.53 -64.74
CA LEU A 1204 -68.75 63.73 -64.21
C LEU A 1204 -68.27 62.68 -65.21
N GLY A 1205 -68.80 62.69 -66.43
CA GLY A 1205 -68.44 61.69 -67.41
C GLY A 1205 -69.21 60.40 -67.29
N GLN A 1206 -70.30 60.38 -66.51
CA GLN A 1206 -71.10 59.17 -66.36
C GLN A 1206 -71.75 58.74 -67.66
N ASP A 1207 -72.02 59.67 -68.58
CA ASP A 1207 -72.53 59.32 -69.89
C ASP A 1207 -71.54 59.79 -70.95
N VAL A 1208 -71.11 58.83 -71.79
CA VAL A 1208 -70.13 59.11 -72.82
C VAL A 1208 -70.74 60.00 -73.90
N SER A 1209 -72.04 59.80 -74.20
CA SER A 1209 -72.73 60.66 -75.16
C SER A 1209 -72.82 62.09 -74.63
N SER A 1210 -73.10 62.23 -73.32
CA SER A 1210 -73.16 63.56 -72.72
C SER A 1210 -71.81 64.24 -72.77
N LEU A 1211 -70.72 63.47 -72.74
CA LEU A 1211 -69.41 64.08 -72.95
C LEU A 1211 -69.28 64.56 -74.39
N ARG A 1212 -68.71 65.74 -74.55
CA ARG A 1212 -68.61 66.39 -75.85
C ARG A 1212 -67.19 66.77 -76.26
N PHE A 1213 -66.29 66.98 -75.30
CA PHE A 1213 -64.93 67.37 -75.60
C PHE A 1213 -63.91 66.39 -75.06
N PHE A 1214 -64.35 65.31 -74.40
CA PHE A 1214 -63.44 64.30 -73.90
C PHE A 1214 -62.71 63.61 -75.04
N ALA A 1215 -63.42 63.27 -76.11
CA ALA A 1215 -62.78 62.72 -77.30
C ALA A 1215 -61.84 63.75 -77.91
N ILE A 1216 -62.25 65.01 -77.93
CA ILE A 1216 -61.41 66.10 -78.43
C ILE A 1216 -60.16 66.23 -77.56
N CYS A 1217 -60.32 66.20 -76.24
CA CYS A 1217 -59.18 66.32 -75.34
C CYS A 1217 -59.38 65.46 -74.11
N GLY A 1218 -58.44 64.55 -73.87
CA GLY A 1218 -58.44 63.68 -72.70
C GLY A 1218 -58.52 62.20 -73.01
N LEU A 1219 -59.37 61.82 -73.98
CA LEU A 1219 -59.51 60.42 -74.33
C LEU A 1219 -58.25 59.91 -75.00
N GLN A 1220 -57.75 60.65 -75.99
CA GLN A 1220 -56.48 60.25 -76.58
C GLN A 1220 -55.32 60.58 -75.66
N GLU A 1221 -55.55 61.38 -74.63
CA GLU A 1221 -54.53 61.75 -73.65
C GLU A 1221 -54.47 60.75 -72.51
N GLY A 1222 -55.28 59.70 -72.56
CA GLY A 1222 -55.29 58.71 -71.51
C GLY A 1222 -56.12 59.03 -70.30
N PHE A 1223 -56.85 60.13 -70.32
CA PHE A 1223 -57.66 60.51 -69.17
C PHE A 1223 -58.89 59.62 -69.08
N GLU A 1224 -59.58 59.72 -67.95
CA GLU A 1224 -60.71 58.87 -67.65
C GLU A 1224 -61.90 59.72 -67.23
N PRO A 1225 -63.11 59.38 -67.67
CA PRO A 1225 -64.31 60.00 -67.07
C PRO A 1225 -64.36 59.67 -65.60
N PHE A 1226 -64.69 60.68 -64.79
CA PHE A 1226 -64.67 60.54 -63.34
C PHE A 1226 -65.70 59.52 -62.85
N ALA A 1227 -66.82 59.42 -63.54
CA ALA A 1227 -67.90 58.52 -63.17
C ALA A 1227 -68.18 57.49 -64.24
N ILE A 1228 -67.11 56.91 -64.81
CA ILE A 1228 -67.22 56.15 -66.06
C ILE A 1228 -68.02 54.86 -65.85
N ASN A 1229 -67.80 54.13 -64.77
CA ASN A 1229 -68.57 52.92 -64.52
C ASN A 1229 -69.35 53.13 -63.23
N MET A 1230 -70.46 53.87 -63.35
CA MET A 1230 -71.39 54.12 -62.27
C MET A 1230 -72.78 53.75 -62.75
N GLN A 1231 -73.52 53.02 -61.93
CA GLN A 1231 -74.92 52.71 -62.24
CA GLN A 1231 -74.91 52.71 -62.25
C GLN A 1231 -75.84 53.83 -61.76
N ARG A 1232 -75.75 54.19 -60.50
CA ARG A 1232 -76.49 55.32 -59.98
C ARG A 1232 -75.69 56.59 -60.18
N PRO A 1233 -76.36 57.75 -60.24
CA PRO A 1233 -75.63 59.02 -60.29
C PRO A 1233 -74.78 59.22 -59.04
N VAL A 1234 -73.62 59.84 -59.23
CA VAL A 1234 -72.66 60.04 -58.15
C VAL A 1234 -73.24 61.01 -57.13
N THR A 1235 -73.22 60.62 -55.87
CA THR A 1235 -73.69 61.47 -54.80
C THR A 1235 -72.77 62.68 -54.66
N THR A 1236 -73.37 63.86 -54.71
CA THR A 1236 -72.66 65.11 -54.53
C THR A 1236 -73.27 65.86 -53.37
N TRP A 1237 -72.47 66.78 -52.83
CA TRP A 1237 -72.76 67.49 -51.59
C TRP A 1237 -72.62 68.97 -51.83
N PHE A 1238 -73.40 69.76 -51.09
CA PHE A 1238 -73.28 71.20 -51.19
C PHE A 1238 -73.07 71.79 -49.80
N SER A 1239 -72.78 73.09 -49.78
CA SER A 1239 -72.59 73.80 -48.52
C SER A 1239 -73.89 74.49 -48.13
N LYS A 1240 -74.54 73.95 -47.09
CA LYS A 1240 -75.82 74.46 -46.60
C LYS A 1240 -75.58 75.67 -45.71
N SER A 1241 -76.09 76.83 -46.13
CA SER A 1241 -75.94 78.06 -45.35
C SER A 1241 -77.11 78.21 -44.38
N LEU A 1242 -77.21 77.27 -43.45
CA LEU A 1242 -78.22 77.29 -42.40
C LEU A 1242 -77.52 77.15 -41.06
N PRO A 1243 -77.71 78.10 -40.14
CA PRO A 1243 -77.01 78.05 -38.85
C PRO A 1243 -77.37 76.83 -38.04
N GLN A 1244 -76.36 76.23 -37.43
CA GLN A 1244 -76.51 75.08 -36.55
C GLN A 1244 -75.51 75.21 -35.42
N PHE A 1245 -75.77 74.49 -34.34
CA PHE A 1245 -74.92 74.53 -33.16
C PHE A 1245 -74.06 73.28 -33.09
N GLU A 1246 -72.75 73.47 -32.98
CA GLU A 1246 -71.79 72.40 -32.87
C GLU A 1246 -70.77 72.75 -31.79
N PRO A 1247 -70.20 71.74 -31.12
CA PRO A 1247 -69.21 72.02 -30.06
C PRO A 1247 -67.95 72.68 -30.60
N VAL A 1248 -67.31 73.46 -29.74
CA VAL A 1248 -66.10 74.19 -30.11
C VAL A 1248 -64.96 73.22 -30.36
N PRO A 1249 -64.15 73.42 -31.40
CA PRO A 1249 -62.95 72.61 -31.56
C PRO A 1249 -61.93 72.96 -30.51
N PRO A 1250 -61.30 71.96 -29.87
CA PRO A 1250 -60.25 72.26 -28.88
C PRO A 1250 -59.03 72.93 -29.46
N GLU A 1251 -58.80 72.81 -30.77
CA GLU A 1251 -57.66 73.39 -31.46
C GLU A 1251 -57.88 74.82 -31.90
N HIS A 1252 -59.04 75.41 -31.58
CA HIS A 1252 -59.42 76.72 -32.07
C HIS A 1252 -58.48 77.79 -31.55
N PRO A 1253 -57.79 78.52 -32.43
CA PRO A 1253 -56.81 79.52 -31.95
C PRO A 1253 -57.42 80.73 -31.27
N HIS A 1254 -58.70 80.99 -31.48
CA HIS A 1254 -59.33 82.21 -30.96
C HIS A 1254 -60.09 81.98 -29.66
N TYR A 1255 -60.95 80.98 -29.61
CA TYR A 1255 -61.87 80.77 -28.49
C TYR A 1255 -61.56 79.46 -27.77
N GLU A 1256 -61.67 79.48 -26.45
CA GLU A 1256 -61.52 78.27 -25.66
C GLU A 1256 -62.56 78.28 -24.54
N VAL A 1257 -62.92 77.09 -24.08
CA VAL A 1257 -63.75 76.91 -22.88
C VAL A 1257 -63.10 75.84 -22.03
N ALA A 1258 -62.89 76.15 -20.76
CA ALA A 1258 -62.25 75.23 -19.82
C ALA A 1258 -63.25 74.80 -18.76
N ARG A 1259 -63.23 73.50 -18.46
CA ARG A 1259 -64.10 72.90 -17.45
C ARG A 1259 -63.36 72.84 -16.12
N MET A 1260 -63.91 73.48 -15.10
CA MET A 1260 -63.28 73.56 -13.79
C MET A 1260 -64.09 72.77 -12.77
N ASP A 1261 -63.38 72.11 -11.86
CA ASP A 1261 -64.03 71.34 -10.81
C ASP A 1261 -64.72 72.30 -9.85
N GLY A 1262 -65.95 71.94 -9.45
CA GLY A 1262 -66.68 72.79 -8.53
C GLY A 1262 -66.28 72.57 -7.08
N THR A 1263 -65.85 73.65 -6.42
CA THR A 1263 -65.44 73.57 -5.02
C THR A 1263 -66.67 73.67 -4.11
N VAL A 1264 -66.42 73.71 -2.80
CA VAL A 1264 -67.51 73.85 -1.83
C VAL A 1264 -68.17 75.22 -1.94
N ASP A 1265 -67.39 76.27 -2.25
CA ASP A 1265 -67.92 77.62 -2.37
C ASP A 1265 -68.26 77.99 -3.80
N THR A 1266 -67.60 77.39 -4.78
CA THR A 1266 -67.82 77.73 -6.17
C THR A 1266 -68.43 76.55 -6.89
N PRO A 1267 -69.54 76.74 -7.60
CA PRO A 1267 -70.15 75.67 -8.37
C PRO A 1267 -69.32 75.35 -9.60
N PRO A 1268 -69.56 74.21 -10.25
CA PRO A 1268 -68.88 73.95 -11.53
C PRO A 1268 -69.24 74.99 -12.59
N CYS A 1269 -68.22 75.37 -13.37
CA CYS A 1269 -68.35 76.49 -14.28
C CYS A 1269 -67.70 76.17 -15.62
N LEU A 1270 -68.19 76.88 -16.63
CA LEU A 1270 -67.69 76.82 -18.01
C LEU A 1270 -67.16 78.21 -18.33
N ARG A 1271 -65.87 78.43 -18.09
CA ARG A 1271 -65.29 79.74 -18.38
C ARG A 1271 -64.88 79.82 -19.85
N LEU A 1272 -65.30 80.88 -20.52
CA LEU A 1272 -64.99 81.12 -21.92
C LEU A 1272 -63.98 82.24 -22.02
N ALA A 1273 -62.92 82.03 -22.81
CA ALA A 1273 -61.87 83.01 -22.93
C ALA A 1273 -61.43 83.15 -24.37
N HIS A 1274 -61.22 84.39 -24.81
CA HIS A 1274 -60.69 84.69 -26.13
C HIS A 1274 -59.18 84.52 -26.07
N ARG A 1275 -58.68 83.46 -26.73
CA ARG A 1275 -57.28 83.06 -26.60
C ARG A 1275 -56.32 84.11 -27.15
N THR A 1276 -56.53 84.53 -28.39
CA THR A 1276 -55.63 85.47 -29.05
C THR A 1276 -56.03 86.93 -28.84
N TRP A 1277 -56.83 87.22 -27.81
CA TRP A 1277 -57.23 88.60 -27.54
C TRP A 1277 -56.03 89.43 -27.12
N GLY A 1278 -56.06 90.72 -27.49
CA GLY A 1278 -54.96 91.60 -27.23
C GLY A 1278 -53.79 91.44 -28.15
N SER A 1279 -53.92 90.64 -29.20
CA SER A 1279 -52.88 90.40 -30.18
C SER A 1279 -53.37 90.82 -31.55
N GLN A 1280 -52.46 90.79 -32.52
CA GLN A 1280 -52.81 91.10 -33.90
C GLN A 1280 -53.69 90.01 -34.48
N ASN A 1281 -54.44 90.39 -35.53
CA ASN A 1281 -55.37 89.59 -36.33
C ASN A 1281 -56.27 88.66 -35.51
N SER A 1282 -56.76 89.17 -34.37
CA SER A 1282 -57.66 88.42 -33.51
C SER A 1282 -59.09 88.67 -33.97
N LEU A 1283 -59.80 87.58 -34.31
CA LEU A 1283 -61.16 87.70 -34.83
C LEU A 1283 -62.09 88.18 -33.73
N VAL A 1284 -62.84 89.25 -34.02
CA VAL A 1284 -63.83 89.81 -33.11
C VAL A 1284 -65.13 89.94 -33.89
N GLU A 1285 -66.17 89.25 -33.43
CA GLU A 1285 -67.43 89.21 -34.15
C GLU A 1285 -68.54 88.83 -33.18
N MET A 1286 -69.78 89.08 -33.61
CA MET A 1286 -70.96 88.73 -32.81
C MET A 1286 -71.04 87.22 -32.70
N LEU A 1287 -70.72 86.67 -31.52
CA LEU A 1287 -70.59 85.24 -31.33
C LEU A 1287 -71.76 84.71 -30.50
N PHE A 1288 -72.35 83.61 -30.95
CA PHE A 1288 -73.49 82.99 -30.31
C PHE A 1288 -73.07 81.74 -29.57
N LEU A 1289 -73.42 81.63 -28.29
CA LEU A 1289 -73.01 80.51 -27.47
C LEU A 1289 -74.25 79.88 -26.84
N ARG A 1290 -74.22 78.56 -26.67
CA ARG A 1290 -75.34 77.90 -26.00
C ARG A 1290 -74.86 76.61 -25.36
N LEU A 1291 -75.64 76.11 -24.41
CA LEU A 1291 -75.27 74.83 -23.82
C LEU A 1291 -75.66 73.68 -24.75
N SER A 1292 -75.06 72.51 -24.50
CA SER A 1292 -75.23 71.38 -25.39
C SER A 1292 -76.61 70.75 -25.26
N LEU A 1293 -77.10 70.60 -24.04
CA LEU A 1293 -78.37 69.91 -23.89
C LEU A 1293 -79.47 70.88 -23.51
N PRO A 1294 -80.68 70.69 -24.00
CA PRO A 1294 -81.78 71.57 -23.61
C PRO A 1294 -82.51 71.05 -22.39
N VAL A 1295 -83.56 71.75 -21.98
CA VAL A 1295 -84.44 71.31 -20.91
C VAL A 1295 -85.87 71.34 -21.44
N GLN A 1296 -86.61 70.28 -21.14
CA GLN A 1296 -87.99 70.12 -21.58
C GLN A 1296 -88.93 70.39 -20.42
N PHE A 1297 -89.93 71.24 -20.65
CA PHE A 1297 -90.90 71.56 -19.62
C PHE A 1297 -91.80 70.35 -19.35
N HIS A 1298 -92.59 70.47 -18.27
CA HIS A 1298 -93.54 69.43 -17.91
C HIS A 1298 -94.59 69.24 -18.99
N GLN A 1299 -95.02 67.99 -19.17
CA GLN A 1299 -95.97 67.65 -20.22
C GLN A 1299 -97.31 68.34 -20.00
N HIS A 1300 -97.80 68.34 -18.77
CA HIS A 1300 -99.05 69.00 -18.43
C HIS A 1300 -98.79 70.02 -17.34
N PHE A 1301 -99.26 71.25 -17.56
CA PHE A 1301 -99.11 72.29 -16.56
C PHE A 1301 -100.03 72.02 -15.38
N ARG A 1302 -99.64 72.52 -14.21
CA ARG A 1302 -100.48 72.42 -13.03
C ARG A 1302 -101.70 73.32 -13.16
N CYS A 1303 -102.73 73.01 -12.38
CA CYS A 1303 -103.92 73.85 -12.34
C CYS A 1303 -103.60 75.23 -11.77
N THR A 1304 -104.19 76.25 -12.41
CA THR A 1304 -104.00 77.67 -12.09
C THR A 1304 -102.53 78.10 -12.08
N ASP A 1419 -76.75 80.00 7.20
CA ASP A 1419 -77.68 80.49 6.19
C ASP A 1419 -77.59 79.63 4.94
N ASN A 1420 -78.59 79.77 4.05
CA ASN A 1420 -78.72 79.03 2.79
C ASN A 1420 -78.74 77.52 3.04
N ARG A 1421 -79.50 77.10 4.04
CA ARG A 1421 -79.71 75.69 4.33
C ARG A 1421 -81.05 75.29 3.71
N ASP A 1422 -80.99 74.46 2.66
CA ASP A 1422 -82.18 74.11 1.91
C ASP A 1422 -83.12 73.23 2.73
N ASP A 1423 -84.42 73.45 2.52
CA ASP A 1423 -85.43 72.54 3.05
C ASP A 1423 -85.40 71.28 2.21
N PRO A 1424 -85.15 70.10 2.81
CA PRO A 1424 -85.01 68.86 2.01
C PRO A 1424 -86.24 68.48 1.19
N GLU A 1425 -87.44 68.73 1.69
CA GLU A 1425 -88.61 68.35 0.90
C GLU A 1425 -88.93 69.40 -0.17
N ILE A 1426 -88.63 70.67 0.10
CA ILE A 1426 -88.84 71.72 -0.90
C ILE A 1426 -87.88 71.53 -2.06
N ILE A 1427 -86.59 71.28 -1.77
CA ILE A 1427 -85.57 71.18 -2.82
C ILE A 1427 -85.87 69.99 -3.74
N LEU A 1428 -86.53 68.95 -3.23
CA LEU A 1428 -86.88 67.78 -4.02
C LEU A 1428 -88.24 67.92 -4.71
N ASN A 1429 -89.13 68.78 -4.22
CA ASN A 1429 -90.46 68.90 -4.82
C ASN A 1429 -90.63 70.12 -5.71
N THR A 1430 -89.76 71.11 -5.62
CA THR A 1430 -89.90 72.34 -6.40
C THR A 1430 -89.71 72.08 -7.90
N THR A 1431 -90.38 72.90 -8.70
CA THR A 1431 -90.25 72.86 -10.15
C THR A 1431 -89.52 74.08 -10.69
N THR A 1432 -88.81 74.79 -9.83
CA THR A 1432 -88.08 75.99 -10.19
C THR A 1432 -86.59 75.70 -10.13
N TYR A 1433 -85.87 76.12 -11.17
CA TYR A 1433 -84.45 75.87 -11.32
C TYR A 1433 -83.73 77.15 -11.65
N TYR A 1434 -82.45 77.21 -11.30
CA TYR A 1434 -81.67 78.43 -11.42
C TYR A 1434 -80.26 78.13 -11.93
N TYR A 1435 -79.73 79.05 -12.74
CA TYR A 1435 -78.30 79.06 -13.02
C TYR A 1435 -77.85 80.51 -13.06
N SER A 1436 -76.53 80.73 -13.03
CA SER A 1436 -76.02 82.08 -13.08
C SER A 1436 -74.94 82.18 -14.15
N VAL A 1437 -74.73 83.39 -14.64
CA VAL A 1437 -73.68 83.68 -15.60
C VAL A 1437 -72.91 84.89 -15.10
N ARG A 1438 -71.59 84.86 -15.24
CA ARG A 1438 -70.73 85.92 -14.77
C ARG A 1438 -70.17 86.64 -15.99
N VAL A 1439 -70.42 87.93 -16.09
CA VAL A 1439 -69.90 88.78 -17.14
C VAL A 1439 -68.67 89.46 -16.57
N PHE A 1440 -67.50 88.95 -16.95
CA PHE A 1440 -66.20 89.37 -16.44
C PHE A 1440 -65.92 90.83 -16.77
N ALA A 1441 -65.02 91.43 -15.99
CA ALA A 1441 -64.58 92.80 -16.24
C ALA A 1441 -63.90 92.90 -17.59
N GLY A 1442 -63.94 94.09 -18.17
CA GLY A 1442 -63.45 94.29 -19.52
C GLY A 1442 -64.46 93.94 -20.60
N GLN A 1443 -65.56 93.29 -20.24
CA GLN A 1443 -66.65 92.99 -21.15
C GLN A 1443 -67.83 93.87 -20.79
N GLU A 1444 -68.27 94.68 -21.74
CA GLU A 1444 -69.37 95.60 -21.50
C GLU A 1444 -70.68 94.84 -21.33
N PRO A 1445 -71.45 95.10 -20.26
CA PRO A 1445 -72.78 94.47 -20.12
C PRO A 1445 -73.75 94.78 -21.24
N SER A 1446 -73.58 95.93 -21.91
CA SER A 1446 -74.40 96.27 -23.06
C SER A 1446 -74.11 95.38 -24.27
N CYS A 1447 -72.97 94.70 -24.29
CA CYS A 1447 -72.61 93.78 -25.37
C CYS A 1447 -72.97 92.33 -25.04
N VAL A 1448 -73.65 92.09 -23.92
CA VAL A 1448 -73.98 90.75 -23.47
C VAL A 1448 -75.49 90.62 -23.36
N TRP A 1449 -76.04 89.57 -23.95
CA TRP A 1449 -77.46 89.22 -23.83
C TRP A 1449 -77.52 87.83 -23.20
N VAL A 1450 -78.39 87.66 -22.20
CA VAL A 1450 -78.47 86.40 -21.45
C VAL A 1450 -79.90 85.88 -21.49
N GLY A 1451 -80.06 84.58 -21.81
CA GLY A 1451 -81.38 83.97 -21.78
C GLY A 1451 -81.47 82.57 -22.36
N TRP A 1452 -82.54 82.31 -23.10
CA TRP A 1452 -82.81 80.99 -23.66
C TRP A 1452 -83.21 81.09 -25.12
N VAL A 1453 -82.96 80.00 -25.86
CA VAL A 1453 -83.38 79.86 -27.24
C VAL A 1453 -84.02 78.48 -27.43
N THR A 1454 -85.05 78.43 -28.26
CA THR A 1454 -85.61 77.18 -28.72
C THR A 1454 -84.62 76.51 -29.69
N PRO A 1455 -84.68 75.19 -29.86
CA PRO A 1455 -83.71 74.52 -30.76
C PRO A 1455 -83.74 74.97 -32.22
N ASP A 1456 -84.84 75.55 -32.69
CA ASP A 1456 -84.94 75.99 -34.07
C ASP A 1456 -84.43 77.41 -34.28
N TYR A 1457 -83.60 77.92 -33.38
CA TYR A 1457 -83.00 79.25 -33.55
C TYR A 1457 -81.85 79.14 -34.53
N HIS A 1458 -82.03 79.67 -35.74
CA HIS A 1458 -81.03 79.62 -36.80
C HIS A 1458 -80.89 81.00 -37.45
N GLN A 1459 -80.73 82.03 -36.61
CA GLN A 1459 -80.51 83.40 -37.07
C GLN A 1459 -79.08 83.81 -36.71
N HIS A 1460 -78.23 83.89 -37.72
CA HIS A 1460 -76.82 84.25 -37.55
C HIS A 1460 -76.65 85.68 -38.05
N ASP A 1461 -76.64 86.64 -37.13
CA ASP A 1461 -76.57 88.05 -37.46
C ASP A 1461 -75.37 88.68 -36.76
N MET A 1462 -74.57 89.44 -37.52
CA MET A 1462 -73.50 90.23 -36.91
C MET A 1462 -74.02 91.46 -36.18
N ASN A 1463 -75.28 91.84 -36.40
CA ASN A 1463 -75.87 92.99 -35.73
C ASN A 1463 -77.02 92.58 -34.81
N PHE A 1464 -76.81 91.50 -34.06
CA PHE A 1464 -77.84 90.98 -33.17
C PHE A 1464 -78.12 91.95 -32.02
N ASP A 1465 -79.40 92.05 -31.68
CA ASP A 1465 -79.88 92.76 -30.50
C ASP A 1465 -81.25 92.19 -30.16
N LEU A 1466 -81.96 92.84 -29.23
CA LEU A 1466 -83.31 92.40 -28.90
C LEU A 1466 -84.32 92.70 -30.00
N SER A 1467 -83.96 93.52 -31.00
CA SER A 1467 -84.86 93.79 -32.11
C SER A 1467 -84.91 92.63 -33.09
N LYS A 1468 -83.77 91.95 -33.31
CA LYS A 1468 -83.72 90.83 -34.24
C LYS A 1468 -84.42 89.57 -33.71
N VAL A 1469 -84.83 89.56 -32.44
CA VAL A 1469 -85.51 88.40 -31.87
C VAL A 1469 -86.84 88.19 -32.58
N ARG A 1470 -87.08 86.96 -33.04
CA ARG A 1470 -88.33 86.64 -33.72
C ARG A 1470 -89.43 86.41 -32.70
N ALA A 1471 -90.57 87.05 -32.92
CA ALA A 1471 -91.71 86.93 -32.01
C ALA A 1471 -92.99 87.17 -32.79
N VAL A 1472 -94.06 86.48 -32.36
CA VAL A 1472 -95.37 86.64 -32.96
C VAL A 1472 -96.42 86.35 -31.89
N THR A 1473 -97.47 87.15 -31.85
CA THR A 1473 -98.55 86.95 -30.88
C THR A 1473 -99.73 86.31 -31.59
N VAL A 1474 -100.19 85.19 -31.05
CA VAL A 1474 -101.27 84.42 -31.64
C VAL A 1474 -102.49 84.54 -30.74
N THR A 1475 -103.57 85.07 -31.32
CA THR A 1475 -104.83 85.33 -30.64
C THR A 1475 -105.90 84.37 -31.12
N MET A 1476 -106.57 83.72 -30.18
CA MET A 1476 -107.63 82.76 -30.41
C MET A 1476 -108.89 83.32 -29.78
N GLY A 1477 -109.94 83.45 -30.60
CA GLY A 1477 -111.24 83.94 -30.20
C GLY A 1477 -112.32 83.08 -30.83
N ASP A 1478 -113.57 83.36 -30.47
CA ASP A 1478 -114.70 82.63 -31.05
C ASP A 1478 -115.19 83.37 -32.30
N GLU A 1479 -116.38 82.97 -32.79
CA GLU A 1479 -116.94 83.51 -34.02
C GLU A 1479 -117.21 85.01 -33.94
N GLN A 1480 -117.47 85.55 -32.74
CA GLN A 1480 -117.73 86.97 -32.55
C GLN A 1480 -116.82 87.50 -31.43
N GLY A 1481 -115.60 87.87 -31.82
CA GLY A 1481 -114.62 88.43 -30.89
C GLY A 1481 -114.26 87.44 -29.80
N ASN A 1482 -114.42 87.90 -28.54
CA ASN A 1482 -114.27 87.10 -27.32
C ASN A 1482 -112.89 86.46 -27.27
N VAL A 1483 -111.88 87.32 -27.14
CA VAL A 1483 -110.50 86.85 -26.99
C VAL A 1483 -110.39 86.03 -25.71
N HIS A 1484 -109.85 84.82 -25.86
CA HIS A 1484 -109.66 83.94 -24.72
C HIS A 1484 -108.31 83.25 -24.71
N SER A 1485 -107.51 83.34 -25.79
CA SER A 1485 -106.20 82.71 -25.74
C SER A 1485 -105.23 83.53 -26.58
N SER A 1486 -104.19 84.07 -25.96
CA SER A 1486 -103.27 84.90 -26.73
C SER A 1486 -101.87 84.70 -26.15
N LEU A 1487 -101.06 83.93 -26.86
CA LEU A 1487 -99.71 83.63 -26.42
C LEU A 1487 -98.70 84.16 -27.42
N LYS A 1488 -97.43 84.19 -27.00
CA LYS A 1488 -96.37 84.71 -27.83
C LYS A 1488 -95.40 83.59 -28.18
N CYS A 1489 -95.15 83.44 -29.48
CA CYS A 1489 -94.27 82.41 -30.01
C CYS A 1489 -92.96 83.08 -30.38
N SER A 1490 -91.89 82.68 -29.71
CA SER A 1490 -90.55 83.20 -29.96
C SER A 1490 -89.58 82.04 -30.03
N ASN A 1491 -88.57 82.17 -30.89
CA ASN A 1491 -87.50 81.19 -30.96
C ASN A 1491 -86.41 81.48 -29.94
N CYS A 1492 -86.52 82.60 -29.25
CA CYS A 1492 -85.50 83.05 -28.32
C CYS A 1492 -86.18 83.82 -27.20
N TYR A 1493 -85.88 83.47 -25.95
CA TYR A 1493 -86.47 84.10 -24.77
C TYR A 1493 -85.31 84.61 -23.92
N MET A 1494 -84.90 85.84 -24.19
CA MET A 1494 -83.59 86.27 -23.77
C MET A 1494 -83.59 87.77 -23.50
N VAL A 1495 -82.85 88.18 -22.47
CA VAL A 1495 -82.84 89.56 -22.01
C VAL A 1495 -81.47 90.16 -22.28
N TRP A 1496 -81.34 91.46 -22.03
CA TRP A 1496 -80.13 92.21 -22.32
C TRP A 1496 -79.39 92.51 -21.02
N GLY A 1497 -78.08 92.20 -21.01
CA GLY A 1497 -77.27 92.40 -19.82
C GLY A 1497 -77.10 93.86 -19.45
N GLY A 1498 -77.05 94.76 -20.44
CA GLY A 1498 -76.83 96.18 -20.19
C GLY A 1498 -77.92 96.85 -19.40
N ASP A 1499 -79.11 96.24 -19.31
CA ASP A 1499 -80.23 96.79 -18.57
C ASP A 1499 -80.21 96.38 -17.10
N PHE A 1500 -79.09 95.85 -16.61
CA PHE A 1500 -78.98 95.37 -15.25
C PHE A 1500 -77.91 96.09 -14.43
N VAL A 1501 -77.24 97.08 -15.01
CA VAL A 1501 -76.17 97.79 -14.33
C VAL A 1501 -76.57 99.25 -14.18
N SER A 1502 -76.05 99.88 -13.13
CA SER A 1502 -76.28 101.31 -12.92
C SER A 1502 -75.62 102.12 -14.03
N PRO A 1503 -76.30 103.15 -14.56
CA PRO A 1503 -75.72 103.95 -15.66
C PRO A 1503 -74.56 104.83 -15.21
N GLY A 1504 -73.40 104.22 -15.00
CA GLY A 1504 -72.19 104.94 -14.63
C GLY A 1504 -71.77 105.98 -15.65
N GLN A 1505 -71.49 107.20 -15.18
CA GLN A 1505 -71.12 108.30 -16.07
C GLN A 1505 -69.82 108.02 -16.81
N GLN A 1506 -68.84 107.47 -16.10
CA GLN A 1506 -67.57 107.11 -16.71
C GLN A 1506 -67.01 105.94 -15.92
N GLY A 1507 -66.06 105.23 -16.52
CA GLY A 1507 -65.58 104.00 -15.90
C GLY A 1507 -66.57 102.86 -16.05
N ARG A 1508 -67.14 102.70 -17.25
CA ARG A 1508 -68.15 101.67 -17.51
C ARG A 1508 -67.60 100.25 -17.33
N ILE A 1509 -66.29 100.07 -17.35
CA ILE A 1509 -65.69 98.76 -17.11
C ILE A 1509 -65.82 98.48 -15.62
N SER A 1510 -66.83 97.68 -15.27
CA SER A 1510 -67.12 97.41 -13.87
C SER A 1510 -66.07 96.48 -13.27
N HIS A 1511 -65.48 96.90 -12.15
CA HIS A 1511 -64.55 96.05 -11.42
C HIS A 1511 -65.25 94.80 -10.89
N THR A 1512 -66.52 94.91 -10.53
CA THR A 1512 -67.31 93.77 -10.08
C THR A 1512 -68.02 93.17 -11.29
N ASP A 1513 -67.80 91.88 -11.51
CA ASP A 1513 -68.39 91.19 -12.64
C ASP A 1513 -69.91 91.08 -12.49
N LEU A 1514 -70.61 91.29 -13.61
CA LEU A 1514 -72.07 91.25 -13.58
C LEU A 1514 -72.59 89.82 -13.47
N VAL A 1515 -73.25 89.49 -12.36
CA VAL A 1515 -73.78 88.15 -12.11
C VAL A 1515 -75.27 88.16 -12.46
N ILE A 1516 -75.61 87.64 -13.63
CA ILE A 1516 -77.01 87.58 -14.08
C ILE A 1516 -77.53 86.17 -13.84
N GLY A 1517 -78.73 86.06 -13.27
CA GLY A 1517 -79.26 84.73 -13.06
C GLY A 1517 -80.53 84.45 -13.82
N CYS A 1518 -80.88 83.16 -13.97
CA CYS A 1518 -82.08 82.76 -14.68
C CYS A 1518 -82.79 81.63 -13.93
N LEU A 1519 -84.04 81.89 -13.56
CA LEU A 1519 -84.93 80.97 -12.85
C LEU A 1519 -86.08 80.56 -13.74
N VAL A 1520 -86.37 79.27 -13.80
CA VAL A 1520 -87.44 78.75 -14.64
C VAL A 1520 -88.34 77.83 -13.82
N ASP A 1521 -89.65 77.94 -14.06
CA ASP A 1521 -90.64 77.07 -13.44
C ASP A 1521 -91.17 76.17 -14.55
N LEU A 1522 -90.82 74.89 -14.46
CA LEU A 1522 -91.25 73.88 -15.43
C LEU A 1522 -92.75 73.64 -15.38
N ALA A 1523 -93.32 73.63 -14.16
CA ALA A 1523 -94.73 73.30 -13.95
C ALA A 1523 -95.66 74.34 -14.55
N THR A 1524 -95.17 75.55 -14.80
CA THR A 1524 -95.97 76.61 -15.38
C THR A 1524 -95.36 77.20 -16.64
N GLY A 1525 -94.14 76.81 -17.01
CA GLY A 1525 -93.48 77.39 -18.17
C GLY A 1525 -93.17 78.86 -17.98
N LEU A 1526 -92.78 79.24 -16.76
CA LEU A 1526 -92.51 80.63 -16.41
C LEU A 1526 -91.01 80.91 -16.30
N MET A 1527 -90.54 81.92 -17.03
CA MET A 1527 -89.14 82.31 -17.06
C MET A 1527 -88.98 83.66 -16.37
N THR A 1528 -88.07 83.71 -15.40
CA THR A 1528 -87.76 84.94 -14.67
C THR A 1528 -86.25 85.04 -14.55
N PHE A 1529 -85.76 86.25 -14.29
CA PHE A 1529 -84.33 86.51 -14.27
C PHE A 1529 -83.99 87.44 -13.12
N THR A 1530 -82.72 87.44 -12.74
CA THR A 1530 -82.21 88.32 -11.69
C THR A 1530 -81.05 89.15 -12.21
N ALA A 1531 -81.10 90.44 -11.92
CA ALA A 1531 -80.08 91.38 -12.37
C ALA A 1531 -78.79 91.24 -11.56
N ASN A 1532 -78.86 91.49 -10.26
CA ASN A 1532 -77.71 91.35 -9.37
C ASN A 1532 -78.14 90.66 -8.09
N GLY A 1533 -78.89 89.56 -8.23
CA GLY A 1533 -79.49 88.90 -7.10
C GLY A 1533 -80.88 89.38 -6.77
N LYS A 1534 -81.36 90.43 -7.44
CA LYS A 1534 -82.71 90.95 -7.25
C LYS A 1534 -83.52 90.69 -8.51
N GLU A 1535 -84.79 90.37 -8.32
CA GLU A 1535 -85.67 90.09 -9.45
C GLU A 1535 -85.91 91.33 -10.29
N SER A 1536 -85.95 91.14 -11.60
CA SER A 1536 -86.22 92.22 -12.54
C SER A 1536 -87.68 92.20 -12.96
N ASN A 1537 -88.06 93.22 -13.73
CA ASN A 1537 -89.43 93.32 -14.23
C ASN A 1537 -89.69 92.37 -15.40
N THR A 1538 -88.65 91.83 -16.02
CA THR A 1538 -88.84 90.96 -17.17
C THR A 1538 -89.35 89.59 -16.74
N PHE A 1539 -90.20 89.00 -17.59
CA PHE A 1539 -90.73 87.66 -17.37
C PHE A 1539 -91.21 87.13 -18.71
N PHE A 1540 -91.36 85.81 -18.77
CA PHE A 1540 -91.77 85.12 -19.99
C PHE A 1540 -92.64 83.94 -19.62
N GLN A 1541 -93.64 83.66 -20.45
CA GLN A 1541 -94.53 82.53 -20.21
C GLN A 1541 -94.74 81.78 -21.52
N VAL A 1542 -94.63 80.45 -21.48
CA VAL A 1542 -94.80 79.63 -22.68
C VAL A 1542 -95.65 78.41 -22.38
N GLU A 1543 -96.07 77.76 -23.47
CA GLU A 1543 -96.86 76.54 -23.44
C GLU A 1543 -95.99 75.35 -23.02
N PRO A 1544 -96.60 74.21 -22.59
CA PRO A 1544 -95.79 73.02 -22.31
C PRO A 1544 -95.21 72.37 -23.56
N ASN A 1545 -94.51 71.23 -23.37
CA ASN A 1545 -93.85 70.47 -24.43
C ASN A 1545 -92.82 71.33 -25.19
N THR A 1546 -92.06 72.11 -24.44
CA THR A 1546 -91.09 73.02 -25.02
C THR A 1546 -89.70 72.67 -24.51
N LYS A 1547 -88.71 72.80 -25.39
CA LYS A 1547 -87.30 72.61 -25.04
C LYS A 1547 -86.58 73.93 -25.20
N LEU A 1548 -85.75 74.27 -24.21
CA LEU A 1548 -85.01 75.52 -24.19
C LEU A 1548 -83.55 75.26 -23.89
N PHE A 1549 -82.67 75.89 -24.68
CA PHE A 1549 -81.23 75.87 -24.52
C PHE A 1549 -80.76 77.13 -23.81
N PRO A 1550 -80.00 76.99 -22.71
CA PRO A 1550 -79.39 78.18 -22.10
C PRO A 1550 -78.37 78.82 -23.03
N ALA A 1551 -78.68 80.01 -23.54
CA ALA A 1551 -77.89 80.63 -24.58
C ALA A 1551 -77.49 82.05 -24.18
N VAL A 1552 -76.24 82.39 -24.48
CA VAL A 1552 -75.72 83.74 -24.27
C VAL A 1552 -74.99 84.16 -25.54
N PHE A 1553 -75.34 85.34 -26.07
CA PHE A 1553 -74.73 85.85 -27.28
C PHE A 1553 -73.89 87.06 -26.89
N VAL A 1554 -72.59 87.01 -27.20
CA VAL A 1554 -71.64 88.00 -26.70
C VAL A 1554 -70.71 88.44 -27.82
N LEU A 1555 -70.16 89.66 -27.65
CA LEU A 1555 -69.12 90.16 -28.52
C LEU A 1555 -67.80 90.10 -27.74
N PRO A 1556 -66.86 89.20 -28.08
CA PRO A 1556 -65.64 89.04 -27.28
C PRO A 1556 -64.72 90.25 -27.29
N THR A 1557 -64.56 90.90 -26.13
CA THR A 1557 -63.73 92.11 -26.03
C THR A 1557 -62.86 92.09 -24.79
N HIS A 1558 -62.49 90.91 -24.30
CA HIS A 1558 -61.62 90.81 -23.14
C HIS A 1558 -61.00 89.42 -23.11
N GLN A 1559 -59.90 89.28 -22.37
CA GLN A 1559 -59.28 87.99 -22.15
C GLN A 1559 -60.22 87.05 -21.40
N ASN A 1560 -60.89 87.55 -20.37
CA ASN A 1560 -61.95 86.82 -19.68
C ASN A 1560 -63.27 87.51 -19.98
N VAL A 1561 -64.26 86.73 -20.42
CA VAL A 1561 -65.50 87.30 -20.90
C VAL A 1561 -66.69 86.77 -20.10
N ILE A 1562 -66.90 85.45 -20.10
CA ILE A 1562 -68.10 84.83 -19.54
C ILE A 1562 -67.69 83.61 -18.72
N GLN A 1563 -68.32 83.44 -17.56
CA GLN A 1563 -68.22 82.20 -16.80
C GLN A 1563 -69.63 81.67 -16.57
N PHE A 1564 -69.96 80.53 -17.18
CA PHE A 1564 -71.25 79.88 -16.93
C PHE A 1564 -71.20 79.16 -15.59
N GLU A 1565 -71.99 79.61 -14.62
CA GLU A 1565 -71.98 79.09 -13.27
C GLU A 1565 -73.20 78.21 -13.05
N LEU A 1566 -72.97 76.97 -12.61
CA LEU A 1566 -74.09 76.08 -12.27
C LEU A 1566 -74.42 76.17 -10.78
N GLY A 1567 -74.70 77.42 -10.35
CA GLY A 1567 -74.99 77.69 -8.96
C GLY A 1567 -76.43 77.43 -8.59
N LYS A 1568 -76.70 77.57 -7.29
CA LYS A 1568 -78.03 77.33 -6.74
C LYS A 1568 -78.34 78.35 -5.65
N GLN A 1569 -79.62 78.68 -5.53
CA GLN A 1569 -80.12 79.56 -4.49
C GLN A 1569 -80.70 78.71 -3.37
N LYS A 1570 -81.31 79.37 -2.39
CA LYS A 1570 -81.93 78.64 -1.28
C LYS A 1570 -83.23 78.01 -1.75
N ASN A 1571 -83.36 76.70 -1.51
CA ASN A 1571 -84.51 75.87 -1.90
C ASN A 1571 -84.75 75.86 -3.41
N ILE A 1572 -83.71 76.13 -4.21
CA ILE A 1572 -83.82 76.15 -5.66
C ILE A 1572 -82.73 75.25 -6.23
N MET A 1573 -83.12 74.27 -7.03
CA MET A 1573 -82.25 73.26 -7.62
C MET A 1573 -81.47 73.86 -8.78
N PRO A 1574 -80.18 73.53 -8.94
CA PRO A 1574 -79.45 73.95 -10.15
C PRO A 1574 -79.83 73.14 -11.39
N LEU A 1575 -79.12 73.36 -12.49
CA LEU A 1575 -79.45 72.73 -13.76
C LEU A 1575 -79.07 71.26 -13.85
N SER A 1576 -78.33 70.72 -12.87
CA SER A 1576 -77.91 69.32 -12.90
C SER A 1576 -79.09 68.36 -12.89
N ALA A 1577 -80.18 68.71 -12.20
CA ALA A 1577 -81.39 67.90 -12.23
C ALA A 1577 -82.40 68.38 -13.27
N ALA A 1578 -82.16 69.53 -13.91
CA ALA A 1578 -83.12 70.09 -14.85
C ALA A 1578 -83.30 69.18 -16.06
N MET A 1579 -82.21 68.59 -16.55
CA MET A 1579 -82.24 67.80 -17.77
C MET A 1579 -81.72 66.38 -17.60
N PHE A 1580 -80.99 66.08 -16.53
CA PHE A 1580 -80.55 64.71 -16.26
C PHE A 1580 -81.60 64.02 -15.39
N LEU A 1581 -82.30 63.04 -15.99
CA LEU A 1581 -83.39 62.34 -15.31
C LEU A 1581 -82.90 61.55 -14.11
N SER A 1582 -81.77 60.85 -14.24
CA SER A 1582 -81.25 60.02 -13.16
C SER A 1582 -80.72 60.84 -11.99
N GLU A 1583 -80.49 62.15 -12.18
CA GLU A 1583 -79.99 63.01 -11.13
C GLU A 1583 -81.07 63.92 -10.57
N ARG A 1584 -82.34 63.57 -10.78
CA ARG A 1584 -83.46 64.38 -10.28
C ARG A 1584 -83.47 64.45 -8.76
N LYS A 1585 -83.21 63.33 -8.09
CA LYS A 1585 -83.29 63.24 -6.64
C LYS A 1585 -81.97 63.56 -5.95
N ASN A 1586 -80.93 63.95 -6.70
CA ASN A 1586 -79.64 64.25 -6.12
C ASN A 1586 -79.51 65.77 -6.07
N PRO A 1587 -79.65 66.41 -4.89
CA PRO A 1587 -79.56 67.88 -4.83
C PRO A 1587 -78.17 68.43 -5.10
N ALA A 1588 -77.13 67.62 -4.98
CA ALA A 1588 -75.76 68.09 -5.18
C ALA A 1588 -75.52 68.42 -6.65
N PRO A 1589 -75.05 69.63 -6.97
CA PRO A 1589 -74.77 69.98 -8.37
C PRO A 1589 -73.65 69.13 -8.96
N GLN A 1590 -73.81 68.80 -10.24
CA GLN A 1590 -72.81 68.04 -10.98
C GLN A 1590 -72.70 68.59 -12.40
N CYS A 1591 -71.54 68.36 -13.01
CA CYS A 1591 -71.24 68.80 -14.37
C CYS A 1591 -70.75 67.60 -15.17
N PRO A 1592 -71.65 66.79 -15.71
CA PRO A 1592 -71.26 65.59 -16.45
C PRO A 1592 -70.52 65.94 -17.74
N PRO A 1593 -69.69 65.02 -18.26
CA PRO A 1593 -68.91 65.30 -19.48
C PRO A 1593 -69.76 65.62 -20.70
N ARG A 1594 -70.96 65.04 -20.82
CA ARG A 1594 -71.83 65.29 -21.97
C ARG A 1594 -72.21 66.75 -22.11
N LEU A 1595 -72.38 67.44 -20.97
CA LEU A 1595 -72.63 68.87 -21.01
C LEU A 1595 -71.39 69.61 -21.51
N GLU A 1596 -71.58 70.48 -22.49
CA GLU A 1596 -70.51 71.24 -23.10
C GLU A 1596 -71.12 72.44 -23.80
N VAL A 1597 -70.27 73.24 -24.43
CA VAL A 1597 -70.68 74.46 -25.09
C VAL A 1597 -70.81 74.21 -26.59
N GLN A 1598 -71.67 75.00 -27.24
CA GLN A 1598 -71.86 74.95 -28.69
C GLN A 1598 -71.87 76.37 -29.23
N MET A 1599 -71.05 76.60 -30.26
CA MET A 1599 -71.10 77.82 -31.04
C MET A 1599 -71.94 77.59 -32.29
N LEU A 1600 -72.20 78.68 -33.00
CA LEU A 1600 -73.08 78.65 -34.17
C LEU A 1600 -72.25 78.58 -35.45
N MET A 1601 -72.38 77.47 -36.17
CA MET A 1601 -71.78 77.32 -37.49
C MET A 1601 -72.84 77.62 -38.54
N PRO A 1602 -72.69 78.67 -39.32
CA PRO A 1602 -73.76 79.05 -40.25
C PRO A 1602 -73.77 78.22 -41.52
N VAL A 1603 -72.63 77.68 -41.92
CA VAL A 1603 -72.51 76.88 -43.13
C VAL A 1603 -71.97 75.52 -42.75
N SER A 1604 -72.67 74.46 -43.16
CA SER A 1604 -72.28 73.10 -42.87
C SER A 1604 -72.59 72.25 -44.09
N TRP A 1605 -71.98 71.07 -44.17
CA TRP A 1605 -72.14 70.26 -45.37
C TRP A 1605 -73.51 69.59 -45.40
N SER A 1606 -73.96 69.27 -46.62
CA SER A 1606 -75.26 68.64 -46.80
C SER A 1606 -75.24 67.87 -48.11
N ARG A 1607 -76.25 67.04 -48.32
CA ARG A 1607 -76.28 66.08 -49.42
C ARG A 1607 -77.54 66.24 -50.26
N MET A 1608 -77.36 66.35 -51.58
CA MET A 1608 -78.51 66.31 -52.48
C MET A 1608 -79.12 64.92 -52.50
N PRO A 1609 -80.44 64.80 -52.34
CA PRO A 1609 -81.11 63.51 -52.54
C PRO A 1609 -80.91 63.02 -53.97
N ASN A 1610 -80.86 61.69 -54.12
CA ASN A 1610 -80.64 61.08 -55.43
C ASN A 1610 -81.77 61.33 -56.41
N HIS A 1611 -82.94 61.76 -55.95
CA HIS A 1611 -84.06 62.12 -56.80
C HIS A 1611 -84.78 63.29 -56.15
N PHE A 1612 -85.53 64.02 -56.96
CA PHE A 1612 -86.27 65.17 -56.49
C PHE A 1612 -87.71 65.07 -56.96
N LEU A 1613 -88.58 65.87 -56.35
CA LEU A 1613 -89.98 65.89 -56.73
C LEU A 1613 -90.16 66.55 -58.09
N GLN A 1614 -91.26 66.21 -58.75
CA GLN A 1614 -91.60 66.77 -60.05
C GLN A 1614 -92.93 67.50 -59.92
N VAL A 1615 -92.90 68.80 -60.18
CA VAL A 1615 -94.05 69.68 -59.98
C VAL A 1615 -94.43 70.32 -61.30
N GLU A 1616 -95.70 70.23 -61.66
CA GLU A 1616 -96.26 70.85 -62.84
C GLU A 1616 -96.88 72.18 -62.44
N THR A 1617 -96.25 73.28 -62.83
CA THR A 1617 -96.74 74.63 -62.55
C THR A 1617 -97.00 75.31 -63.87
N ARG A 1618 -98.25 75.75 -64.09
CA ARG A 1618 -98.56 76.46 -65.32
C ARG A 1618 -99.84 77.26 -65.14
N ARG A 1619 -100.07 78.21 -66.02
CA ARG A 1619 -101.27 79.03 -65.95
C ARG A 1619 -102.46 78.22 -66.43
N ALA A 1620 -103.35 77.87 -65.49
CA ALA A 1620 -104.50 77.03 -65.81
C ALA A 1620 -105.48 77.73 -66.74
N GLY A 1621 -105.58 79.05 -66.65
CA GLY A 1621 -106.49 79.78 -67.51
C GLY A 1621 -106.65 81.20 -67.03
N GLU A 1622 -107.43 81.95 -67.81
CA GLU A 1622 -107.72 83.34 -67.49
C GLU A 1622 -108.50 83.47 -66.18
N ARG A 1623 -109.48 82.60 -65.99
CA ARG A 1623 -110.31 82.59 -64.79
C ARG A 1623 -109.82 81.62 -63.73
N LEU A 1624 -109.32 80.46 -64.16
CA LEU A 1624 -108.87 79.42 -63.23
C LEU A 1624 -107.68 79.89 -62.41
N GLY A 1625 -106.75 80.59 -63.03
CA GLY A 1625 -105.57 81.08 -62.34
C GLY A 1625 -104.35 80.25 -62.67
N TRP A 1626 -103.53 79.93 -61.68
CA TRP A 1626 -102.32 79.15 -61.91
C TRP A 1626 -102.40 77.80 -61.20
N ALA A 1627 -102.19 76.72 -61.94
CA ALA A 1627 -102.34 75.39 -61.38
C ALA A 1627 -101.00 74.78 -61.04
N VAL A 1628 -101.02 74.00 -59.95
CA VAL A 1628 -99.89 73.27 -59.38
C VAL A 1628 -100.31 71.81 -59.26
N GLN A 1629 -99.46 70.90 -59.70
CA GLN A 1629 -99.75 69.48 -59.69
C GLN A 1629 -98.51 68.69 -59.28
N CYS A 1630 -98.70 67.65 -58.46
CA CYS A 1630 -97.59 66.79 -58.08
C CYS A 1630 -98.16 65.46 -57.58
N GLN A 1631 -97.86 64.38 -58.28
CA GLN A 1631 -98.48 63.09 -58.03
C GLN A 1631 -97.51 61.97 -57.69
N ASP A 1632 -96.35 61.93 -58.33
CA ASP A 1632 -95.40 60.83 -58.10
C ASP A 1632 -94.77 60.95 -56.72
N PRO A 1633 -94.92 59.95 -55.85
CA PRO A 1633 -94.37 60.06 -54.49
C PRO A 1633 -92.89 59.76 -54.43
N LEU A 1634 -92.23 60.43 -53.48
CA LEU A 1634 -90.84 60.18 -53.15
C LEU A 1634 -90.73 60.14 -51.64
N THR A 1635 -90.29 59.01 -51.10
CA THR A 1635 -90.29 58.78 -49.67
C THR A 1635 -88.86 58.63 -49.17
N MET A 1636 -88.53 59.35 -48.10
CA MET A 1636 -87.22 59.29 -47.48
C MET A 1636 -87.36 58.87 -46.02
N MET A 1637 -86.35 58.19 -45.50
CA MET A 1637 -86.36 57.74 -44.12
C MET A 1637 -85.36 58.56 -43.31
N ALA A 1638 -85.81 59.06 -42.16
CA ALA A 1638 -85.12 60.09 -41.41
C ALA A 1638 -84.68 59.59 -40.05
N LEU A 1639 -83.50 60.01 -39.63
CA LEU A 1639 -82.93 59.70 -38.32
C LEU A 1639 -83.09 60.94 -37.45
N HIS A 1640 -83.98 60.87 -36.48
CA HIS A 1640 -84.33 62.03 -35.66
C HIS A 1640 -83.55 62.01 -34.36
N ILE A 1641 -82.82 63.10 -34.09
CA ILE A 1641 -82.10 63.28 -32.83
C ILE A 1641 -83.12 63.73 -31.79
N PRO A 1642 -83.27 63.01 -30.67
CA PRO A 1642 -84.32 63.35 -29.70
C PRO A 1642 -84.12 64.69 -29.01
N GLU A 1643 -82.93 64.91 -28.42
CA GLU A 1643 -82.72 66.11 -27.63
C GLU A 1643 -82.62 67.35 -28.51
N GLU A 1644 -81.99 67.25 -29.68
CA GLU A 1644 -81.90 68.40 -30.57
C GLU A 1644 -83.13 68.60 -31.42
N ASN A 1645 -84.01 67.61 -31.49
CA ASN A 1645 -85.29 67.66 -32.21
C ASN A 1645 -85.10 68.01 -33.69
N ARG A 1646 -84.03 67.48 -34.29
CA ARG A 1646 -83.77 67.65 -35.71
C ARG A 1646 -83.46 66.30 -36.33
N CYS A 1647 -83.97 66.08 -37.53
CA CYS A 1647 -83.79 64.81 -38.23
C CYS A 1647 -82.92 65.01 -39.47
N MET A 1648 -82.16 63.96 -39.79
CA MET A 1648 -81.28 63.99 -40.94
C MET A 1648 -81.34 62.64 -41.65
N ASP A 1649 -81.07 62.65 -42.94
CA ASP A 1649 -81.05 61.42 -43.73
C ASP A 1649 -79.91 60.52 -43.25
N ILE A 1650 -80.19 59.22 -43.16
CA ILE A 1650 -79.14 58.26 -42.79
C ILE A 1650 -78.05 58.18 -43.88
N LEU A 1651 -78.38 58.52 -45.14
CA LEU A 1651 -77.36 58.60 -46.18
C LEU A 1651 -76.26 59.63 -45.86
N GLU A 1652 -76.55 60.63 -45.02
CA GLU A 1652 -75.53 61.53 -44.50
C GLU A 1652 -74.52 60.80 -43.63
N LEU A 1653 -74.93 59.73 -42.95
CA LEU A 1653 -74.03 58.99 -42.05
C LEU A 1653 -72.88 58.31 -42.81
N SER A 1654 -73.00 58.15 -44.13
CA SER A 1654 -71.86 57.70 -44.94
C SER A 1654 -70.66 58.63 -44.83
N GLU A 1655 -70.90 59.91 -44.55
CA GLU A 1655 -69.85 60.87 -44.21
C GLU A 1655 -69.76 61.09 -42.71
N ARG A 1656 -70.87 60.98 -41.99
CA ARG A 1656 -70.86 61.10 -40.53
C ARG A 1656 -70.53 59.73 -39.95
N LEU A 1657 -69.23 59.44 -39.90
CA LEU A 1657 -68.75 58.12 -39.47
C LEU A 1657 -69.08 57.80 -38.02
N ASP A 1658 -68.92 58.77 -37.11
CA ASP A 1658 -69.16 58.54 -35.68
C ASP A 1658 -70.61 58.13 -35.43
N LEU A 1659 -71.53 58.82 -36.09
CA LEU A 1659 -72.94 58.45 -36.03
C LEU A 1659 -73.16 57.07 -36.63
N GLN A 1660 -72.45 56.75 -37.72
CA GLN A 1660 -72.59 55.45 -38.37
C GLN A 1660 -72.15 54.32 -37.44
N ARG A 1661 -71.02 54.49 -36.76
CA ARG A 1661 -70.54 53.47 -35.82
C ARG A 1661 -71.49 53.32 -34.65
N PHE A 1662 -71.92 54.45 -34.07
CA PHE A 1662 -72.81 54.40 -32.91
C PHE A 1662 -74.15 53.76 -33.28
N HIS A 1663 -74.69 54.10 -34.44
CA HIS A 1663 -75.98 53.54 -34.85
C HIS A 1663 -75.85 52.07 -35.23
N SER A 1664 -74.72 51.66 -35.82
CA SER A 1664 -74.48 50.25 -36.09
C SER A 1664 -74.42 49.44 -34.79
N HIS A 1665 -73.71 49.98 -33.78
CA HIS A 1665 -73.70 49.32 -32.47
C HIS A 1665 -75.08 49.32 -31.83
N THR A 1666 -75.90 50.35 -32.12
CA THR A 1666 -77.29 50.38 -31.65
C THR A 1666 -78.08 49.24 -32.29
N LEU A 1667 -77.90 49.05 -33.61
CA LEU A 1667 -78.58 47.96 -34.30
C LEU A 1667 -78.12 46.61 -33.77
N ARG A 1668 -76.84 46.50 -33.41
CA ARG A 1668 -76.32 45.27 -32.81
C ARG A 1668 -77.00 44.99 -31.48
N LEU A 1669 -77.20 46.03 -30.67
CA LEU A 1669 -77.93 45.88 -29.42
C LEU A 1669 -79.38 45.47 -29.67
N TYR A 1670 -79.98 46.02 -30.72
CA TYR A 1670 -81.34 45.63 -31.10
C TYR A 1670 -81.41 44.14 -31.47
N ARG A 1671 -80.42 43.66 -32.23
CA ARG A 1671 -80.35 42.23 -32.52
C ARG A 1671 -79.93 41.40 -31.32
N ALA A 1672 -79.47 42.03 -30.25
CA ALA A 1672 -79.05 41.31 -29.06
C ALA A 1672 -80.22 41.08 -28.11
N VAL A 1673 -80.99 42.13 -27.84
CA VAL A 1673 -82.10 42.04 -26.89
C VAL A 1673 -83.19 41.10 -27.41
N CYS A 1674 -83.42 41.07 -28.71
CA CYS A 1674 -84.44 40.22 -29.32
C CYS A 1674 -83.91 38.85 -29.71
N ALA A 1675 -82.65 38.55 -29.41
CA ALA A 1675 -82.06 37.28 -29.82
C ALA A 1675 -82.57 36.13 -28.96
N LEU A 1676 -82.47 34.93 -29.54
CA LEU A 1676 -82.75 33.64 -28.89
C LEU A 1676 -84.20 33.54 -28.42
N GLY A 1677 -85.12 33.75 -29.36
CA GLY A 1677 -86.53 33.48 -29.15
C GLY A 1677 -87.28 34.42 -28.25
N ASN A 1678 -86.69 35.57 -27.90
CA ASN A 1678 -87.37 36.57 -27.06
C ASN A 1678 -88.38 37.35 -27.90
N ASN A 1679 -89.45 36.64 -28.29
CA ASN A 1679 -90.44 37.21 -29.20
C ASN A 1679 -91.21 38.36 -28.58
N ARG A 1680 -91.34 38.39 -27.25
CA ARG A 1680 -91.99 39.53 -26.59
C ARG A 1680 -91.21 40.83 -26.83
N VAL A 1681 -89.88 40.76 -26.68
CA VAL A 1681 -89.04 41.91 -27.00
C VAL A 1681 -89.05 42.17 -28.50
N ALA A 1682 -89.12 41.11 -29.32
CA ALA A 1682 -89.17 41.30 -30.77
C ALA A 1682 -90.42 42.08 -31.18
N HIS A 1683 -91.56 41.73 -30.59
CA HIS A 1683 -92.81 42.47 -30.82
C HIS A 1683 -92.70 43.89 -30.29
N ALA A 1684 -92.01 44.07 -29.15
CA ALA A 1684 -91.81 45.42 -28.63
C ALA A 1684 -90.97 46.25 -29.59
N LEU A 1685 -89.93 45.64 -30.16
CA LEU A 1685 -89.05 46.32 -31.09
C LEU A 1685 -89.74 46.65 -32.41
N CYS A 1686 -90.82 45.92 -32.73
CA CYS A 1686 -91.57 46.22 -33.96
C CYS A 1686 -92.20 47.60 -33.94
N SER A 1687 -92.42 48.18 -32.75
CA SER A 1687 -92.89 49.55 -32.68
C SER A 1687 -91.79 50.52 -33.06
N HIS A 1688 -90.58 50.30 -32.53
CA HIS A 1688 -89.46 51.20 -32.77
C HIS A 1688 -89.01 51.15 -34.23
N VAL A 1689 -88.87 49.95 -34.78
CA VAL A 1689 -88.59 49.79 -36.21
C VAL A 1689 -89.75 49.03 -36.85
N ASP A 1690 -90.39 49.67 -37.83
CA ASP A 1690 -91.60 49.14 -38.42
C ASP A 1690 -91.30 48.25 -39.62
N GLN A 1691 -92.35 47.58 -40.10
CA GLN A 1691 -92.27 46.77 -41.31
C GLN A 1691 -91.88 47.62 -42.50
N ALA A 1692 -92.48 48.81 -42.62
CA ALA A 1692 -92.15 49.71 -43.72
C ALA A 1692 -90.71 50.16 -43.63
N GLN A 1693 -90.23 50.44 -42.41
CA GLN A 1693 -88.85 50.86 -42.19
C GLN A 1693 -87.88 49.79 -42.65
N LEU A 1694 -88.16 48.54 -42.27
CA LEU A 1694 -87.28 47.44 -42.66
C LEU A 1694 -87.29 47.21 -44.17
N LEU A 1695 -88.49 47.20 -44.78
CA LEU A 1695 -88.58 46.95 -46.22
C LEU A 1695 -87.88 48.04 -47.02
N HIS A 1696 -88.07 49.30 -46.62
CA HIS A 1696 -87.37 50.40 -47.29
C HIS A 1696 -85.87 50.29 -47.09
N ALA A 1697 -85.42 49.93 -45.87
CA ALA A 1697 -83.99 49.80 -45.65
C ALA A 1697 -83.41 48.65 -46.47
N LEU A 1698 -84.22 47.62 -46.74
CA LEU A 1698 -83.77 46.54 -47.62
C LEU A 1698 -83.58 47.07 -49.03
N GLU A 1699 -84.52 47.89 -49.50
CA GLU A 1699 -84.49 48.29 -50.89
C GLU A 1699 -83.63 49.52 -51.16
N ASP A 1700 -83.15 50.20 -50.13
CA ASP A 1700 -82.34 51.40 -50.35
C ASP A 1700 -80.95 50.95 -50.79
N ALA A 1701 -80.54 51.37 -51.98
CA ALA A 1701 -79.24 50.99 -52.51
C ALA A 1701 -78.12 51.96 -52.15
N HIS A 1702 -78.44 53.10 -51.56
CA HIS A 1702 -77.42 54.08 -51.21
C HIS A 1702 -77.00 54.00 -49.75
N LEU A 1703 -77.53 53.05 -48.99
CA LEU A 1703 -77.18 52.93 -47.59
C LEU A 1703 -75.73 52.48 -47.43
N PRO A 1704 -75.07 52.86 -46.34
CA PRO A 1704 -73.72 52.35 -46.08
C PRO A 1704 -73.74 50.85 -45.78
N GLY A 1705 -72.52 50.31 -45.71
CA GLY A 1705 -72.29 48.89 -45.56
C GLY A 1705 -72.76 48.29 -44.27
N PRO A 1706 -72.11 48.66 -43.14
CA PRO A 1706 -72.48 48.06 -41.85
C PRO A 1706 -73.94 48.32 -41.48
N LEU A 1707 -74.47 49.50 -41.79
CA LEU A 1707 -75.86 49.80 -41.49
C LEU A 1707 -76.80 48.93 -42.31
N ARG A 1708 -76.48 48.73 -43.59
CA ARG A 1708 -77.29 47.86 -44.45
C ARG A 1708 -77.28 46.42 -43.95
N ALA A 1709 -76.10 45.92 -43.60
CA ALA A 1709 -75.98 44.56 -43.07
C ALA A 1709 -76.70 44.43 -41.74
N GLY A 1710 -76.58 45.45 -40.89
CA GLY A 1710 -77.24 45.44 -39.60
C GLY A 1710 -78.76 45.41 -39.74
N TYR A 1711 -79.31 46.21 -40.65
CA TYR A 1711 -80.75 46.21 -40.87
C TYR A 1711 -81.25 44.87 -41.41
N TYR A 1712 -80.52 44.28 -42.36
CA TYR A 1712 -80.92 42.96 -42.88
C TYR A 1712 -80.88 41.88 -41.81
N ASP A 1713 -79.80 41.87 -41.02
CA ASP A 1713 -79.65 40.92 -39.92
C ASP A 1713 -80.73 41.18 -38.87
N LEU A 1714 -81.03 42.46 -38.62
CA LEU A 1714 -82.06 42.83 -37.66
C LEU A 1714 -83.43 42.31 -38.09
N LEU A 1715 -83.74 42.38 -39.39
CA LEU A 1715 -85.00 41.85 -39.89
C LEU A 1715 -85.08 40.35 -39.65
N ILE A 1716 -83.96 39.66 -39.88
CA ILE A 1716 -83.91 38.22 -39.62
C ILE A 1716 -84.11 37.94 -38.12
N SER A 1717 -83.48 38.74 -37.26
CA SER A 1717 -83.60 38.56 -35.82
C SER A 1717 -85.02 38.83 -35.32
N ILE A 1718 -85.68 39.86 -35.86
CA ILE A 1718 -87.02 40.21 -35.41
C ILE A 1718 -88.02 39.14 -35.83
N HIS A 1719 -87.95 38.68 -37.08
CA HIS A 1719 -89.04 37.88 -37.61
C HIS A 1719 -88.71 36.41 -37.83
N LEU A 1720 -87.47 36.07 -38.10
CA LEU A 1720 -87.19 34.76 -38.67
C LEU A 1720 -86.54 33.76 -37.72
N GLU A 1721 -85.63 34.21 -36.84
CA GLU A 1721 -84.73 33.32 -36.11
C GLU A 1721 -85.47 32.34 -35.17
N SER A 1722 -86.53 32.80 -34.51
CA SER A 1722 -87.26 31.95 -33.57
C SER A 1722 -87.87 30.75 -34.27
N ALA A 1723 -88.50 30.97 -35.41
CA ALA A 1723 -89.07 29.87 -36.17
C ALA A 1723 -87.99 29.11 -36.93
N CYS A 1724 -86.93 29.81 -37.36
CA CYS A 1724 -85.86 29.21 -38.16
C CYS A 1724 -85.10 28.18 -37.37
N ARG A 1725 -84.73 28.50 -36.13
CA ARG A 1725 -83.93 27.59 -35.30
C ARG A 1725 -84.68 26.29 -35.03
N SER A 1726 -85.95 26.40 -34.64
CA SER A 1726 -86.79 25.25 -34.37
C SER A 1726 -87.00 24.41 -35.62
N ARG A 1727 -87.27 25.06 -36.77
CA ARG A 1727 -87.46 24.30 -38.00
C ARG A 1727 -86.16 23.64 -38.43
N ARG A 1728 -85.03 24.32 -38.23
CA ARG A 1728 -83.72 23.79 -38.58
C ARG A 1728 -83.44 22.54 -37.77
N SER A 1729 -83.78 22.59 -36.47
CA SER A 1729 -83.61 21.43 -35.61
C SER A 1729 -84.49 20.29 -36.09
N MET A 1730 -85.72 20.59 -36.54
CA MET A 1730 -86.60 19.54 -37.04
C MET A 1730 -86.17 19.00 -38.40
N LEU A 1731 -85.29 19.68 -39.12
CA LEU A 1731 -84.74 19.13 -40.36
C LEU A 1731 -83.84 17.91 -40.14
N SER A 1732 -83.35 17.69 -38.93
CA SER A 1732 -82.49 16.54 -38.66
C SER A 1732 -83.27 15.25 -38.45
N GLU A 1733 -84.58 15.31 -38.29
CA GLU A 1733 -85.40 14.13 -38.10
C GLU A 1733 -86.36 14.00 -39.27
N TYR A 1734 -86.66 12.75 -39.64
CA TYR A 1734 -87.41 12.44 -40.85
C TYR A 1734 -88.49 11.42 -40.51
N ILE A 1735 -89.66 11.94 -40.15
CA ILE A 1735 -90.83 11.12 -39.86
C ILE A 1735 -91.67 11.08 -41.13
N VAL A 1736 -91.86 9.89 -41.68
CA VAL A 1736 -92.49 9.72 -42.98
C VAL A 1736 -93.87 9.10 -42.78
N PRO A 1737 -94.95 9.86 -42.95
CA PRO A 1737 -96.30 9.26 -42.91
C PRO A 1737 -96.56 8.38 -44.11
N LEU A 1738 -97.46 7.42 -43.93
CA LEU A 1738 -97.86 6.50 -45.00
C LEU A 1738 -99.02 7.13 -45.75
N THR A 1739 -98.68 7.92 -46.78
CA THR A 1739 -99.66 8.68 -47.55
C THR A 1739 -99.48 8.38 -49.03
N PRO A 1740 -100.54 8.53 -49.84
CA PRO A 1740 -100.40 8.28 -51.30
C PRO A 1740 -99.35 9.14 -52.01
N GLU A 1741 -99.19 10.40 -51.61
CA GLU A 1741 -98.13 11.20 -52.19
C GLU A 1741 -96.75 10.69 -51.81
N THR A 1742 -96.62 10.14 -50.58
CA THR A 1742 -95.39 9.45 -50.21
C THR A 1742 -95.17 8.25 -51.10
N ARG A 1743 -96.25 7.52 -51.41
CA ARG A 1743 -96.15 6.36 -52.28
CA ARG A 1743 -96.13 6.36 -52.28
C ARG A 1743 -95.66 6.77 -53.66
N ALA A 1744 -96.21 7.88 -54.17
CA ALA A 1744 -95.86 8.40 -55.49
C ALA A 1744 -94.45 8.98 -55.54
N ILE A 1745 -93.80 9.19 -54.39
CA ILE A 1745 -92.42 9.72 -54.39
C ILE A 1745 -91.50 8.67 -55.01
N THR A 1746 -90.79 9.05 -56.06
CA THR A 1746 -89.83 8.17 -56.73
C THR A 1746 -88.44 8.80 -56.66
N LEU A 1747 -87.42 7.95 -56.72
CA LEU A 1747 -86.03 8.42 -56.69
C LEU A 1747 -85.70 9.31 -57.88
N PHE A 1748 -86.14 8.94 -59.06
CA PHE A 1748 -85.90 9.77 -60.21
C PHE A 1748 -87.21 10.31 -60.76
N PRO A 1749 -87.21 11.50 -61.35
CA PRO A 1749 -88.40 11.96 -62.09
C PRO A 1749 -88.62 11.11 -63.32
N PRO A 1750 -89.87 11.04 -63.83
CA PRO A 1750 -90.15 10.22 -65.03
C PRO A 1750 -89.35 10.64 -66.26
N GLY A 1751 -88.46 9.76 -66.70
CA GLY A 1751 -87.61 10.01 -67.84
C GLY A 1751 -87.22 8.72 -68.50
N ARG A 1752 -86.48 8.85 -69.61
CA ARG A 1752 -86.06 7.70 -70.39
C ARG A 1752 -84.62 7.83 -70.87
N LYS A 1753 -83.86 8.81 -70.36
CA LYS A 1753 -82.49 9.05 -70.79
C LYS A 1753 -81.57 7.87 -70.46
N GLY A 1754 -81.70 7.32 -69.27
CA GLY A 1754 -80.86 6.20 -68.86
C GLY A 1754 -81.61 5.15 -68.08
N GLY A 1755 -81.52 3.89 -68.53
CA GLY A 1755 -82.22 2.80 -67.85
C GLY A 1755 -81.70 2.54 -66.44
N ASN A 1756 -80.37 2.55 -66.27
CA ASN A 1756 -79.79 2.40 -64.95
C ASN A 1756 -80.09 3.61 -64.06
N ALA A 1757 -80.04 4.81 -64.64
CA ALA A 1757 -80.31 6.04 -63.91
C ALA A 1757 -80.66 7.13 -64.91
N ARG A 1758 -81.75 7.84 -64.64
CA ARG A 1758 -82.15 8.98 -65.46
C ARG A 1758 -81.31 10.19 -65.06
N ARG A 1759 -81.69 11.36 -65.58
CA ARG A 1759 -81.03 12.58 -65.15
C ARG A 1759 -81.50 12.92 -63.74
N HIS A 1760 -80.57 13.44 -62.92
CA HIS A 1760 -80.86 13.78 -61.54
C HIS A 1760 -81.95 14.86 -61.47
N GLY A 1761 -82.88 14.67 -60.54
CA GLY A 1761 -83.92 15.66 -60.34
C GLY A 1761 -83.40 16.94 -59.75
N LEU A 1762 -84.22 17.98 -59.87
CA LEU A 1762 -83.85 19.29 -59.40
C LEU A 1762 -83.91 19.32 -57.87
N PRO A 1763 -82.81 19.62 -57.18
CA PRO A 1763 -82.83 19.63 -55.72
C PRO A 1763 -83.74 20.71 -55.16
N GLY A 1764 -84.40 20.40 -54.06
CA GLY A 1764 -85.32 21.33 -53.43
C GLY A 1764 -86.64 21.53 -54.15
N VAL A 1765 -86.86 20.83 -55.26
CA VAL A 1765 -88.07 20.95 -56.05
C VAL A 1765 -88.76 19.59 -56.06
N GLY A 1766 -90.06 19.59 -55.72
CA GLY A 1766 -90.81 18.36 -55.67
C GLY A 1766 -91.73 18.31 -54.47
N VAL A 1767 -91.96 17.11 -53.95
CA VAL A 1767 -92.81 16.91 -52.78
C VAL A 1767 -91.97 16.36 -51.65
N THR A 1768 -92.09 16.97 -50.47
CA THR A 1768 -91.40 16.52 -49.27
C THR A 1768 -92.47 16.25 -48.21
N THR A 1769 -92.63 14.99 -47.85
CA THR A 1769 -93.67 14.59 -46.91
C THR A 1769 -93.18 14.49 -45.47
N SER A 1770 -91.92 14.86 -45.20
CA SER A 1770 -91.39 14.87 -43.84
C SER A 1770 -92.20 15.81 -42.96
N LEU A 1771 -92.59 15.32 -41.79
CA LEU A 1771 -93.49 16.05 -40.90
C LEU A 1771 -92.75 17.26 -40.32
N ARG A 1772 -93.06 18.44 -40.84
CA ARG A 1772 -92.44 19.68 -40.40
C ARG A 1772 -93.49 20.54 -39.71
N PRO A 1773 -93.33 20.85 -38.43
CA PRO A 1773 -94.32 21.64 -37.69
C PRO A 1773 -94.49 23.03 -38.27
N PRO A 1774 -95.72 23.54 -38.29
CA PRO A 1774 -95.95 24.90 -38.80
C PRO A 1774 -95.41 25.95 -37.86
N HIS A 1775 -95.15 27.12 -38.42
CA HIS A 1775 -94.61 28.23 -37.65
C HIS A 1775 -95.73 28.89 -36.84
N HIS A 1776 -95.32 29.70 -35.88
CA HIS A 1776 -96.25 30.51 -35.10
C HIS A 1776 -96.00 31.98 -35.41
N PHE A 1777 -96.92 32.59 -36.15
CA PHE A 1777 -96.83 34.00 -36.52
C PHE A 1777 -98.04 34.75 -35.98
N SER A 1778 -97.77 35.75 -35.16
CA SER A 1778 -98.78 36.63 -34.60
C SER A 1778 -98.61 38.00 -35.22
N PRO A 1779 -99.63 38.55 -35.86
CA PRO A 1779 -99.54 39.91 -36.37
C PRO A 1779 -99.32 40.88 -35.23
N PRO A 1780 -98.31 41.74 -35.32
CA PRO A 1780 -98.01 42.63 -34.19
C PRO A 1780 -99.06 43.72 -34.02
N CYS A 1781 -99.88 43.57 -32.99
CA CYS A 1781 -100.91 44.53 -32.65
C CYS A 1781 -100.55 45.13 -31.30
N PHE A 1782 -100.44 46.44 -31.25
CA PHE A 1782 -100.01 47.15 -30.05
C PHE A 1782 -101.15 47.85 -29.33
N VAL A 1783 -102.23 48.18 -30.07
CA VAL A 1783 -103.38 48.85 -29.46
C VAL A 1783 -104.25 47.89 -28.66
N ALA A 1784 -104.01 46.58 -28.78
CA ALA A 1784 -104.76 45.61 -28.00
C ALA A 1784 -104.46 45.79 -26.52
N ALA A 1785 -105.48 45.52 -25.69
CA ALA A 1785 -105.35 45.69 -24.25
C ALA A 1785 -104.33 44.73 -23.68
N LEU A 1786 -103.59 45.20 -22.69
CA LEU A 1786 -102.61 44.36 -22.01
C LEU A 1786 -103.33 43.27 -21.24
N PRO A 1787 -102.91 42.01 -21.35
CA PRO A 1787 -103.59 40.92 -20.64
C PRO A 1787 -103.55 41.09 -19.13
N ALA A 1788 -104.67 40.74 -18.50
CA ALA A 1788 -104.77 40.79 -17.04
C ALA A 1788 -104.16 39.56 -16.38
N ALA A 1789 -103.81 38.55 -17.17
CA ALA A 1789 -103.21 37.34 -16.64
C ALA A 1789 -101.81 37.63 -16.09
N GLY A 1790 -101.44 36.90 -15.05
CA GLY A 1790 -100.13 37.07 -14.45
C GLY A 1790 -99.03 36.42 -15.28
N VAL A 1791 -97.79 36.79 -14.93
CA VAL A 1791 -96.62 36.23 -15.60
C VAL A 1791 -96.47 34.76 -15.23
N ALA A 1792 -95.69 34.03 -16.04
CA ALA A 1792 -95.41 32.60 -15.98
C ALA A 1792 -96.63 31.71 -16.24
N GLU A 1793 -97.76 32.29 -16.62
CA GLU A 1793 -98.97 31.57 -16.97
C GLU A 1793 -99.50 31.97 -18.33
N ALA A 1794 -99.35 33.23 -18.72
CA ALA A 1794 -99.76 33.68 -20.05
C ALA A 1794 -98.91 33.00 -21.13
N PRO A 1795 -99.51 32.67 -22.28
CA PRO A 1795 -98.74 32.04 -23.37
C PRO A 1795 -97.63 32.93 -23.91
N ALA A 1796 -96.52 32.28 -24.27
CA ALA A 1796 -95.36 32.98 -24.82
C ALA A 1796 -95.70 33.61 -26.16
N ARG A 1797 -95.12 34.79 -26.41
CA ARG A 1797 -95.33 35.51 -27.66
C ARG A 1797 -94.78 34.73 -28.84
N LEU A 1798 -95.45 34.84 -29.97
CA LEU A 1798 -95.05 34.16 -31.20
C LEU A 1798 -94.29 35.14 -32.08
N SER A 1799 -93.81 34.64 -33.22
CA SER A 1799 -93.02 35.47 -34.13
C SER A 1799 -93.85 36.58 -34.75
N PRO A 1800 -93.38 37.82 -34.77
CA PRO A 1800 -94.08 38.91 -35.47
C PRO A 1800 -94.24 38.62 -36.95
N ALA A 1801 -95.48 38.66 -37.42
CA ALA A 1801 -95.77 38.29 -38.81
C ALA A 1801 -95.23 39.33 -39.78
N ILE A 1802 -94.99 38.88 -41.01
CA ILE A 1802 -94.45 39.70 -42.10
C ILE A 1802 -94.72 38.96 -43.42
N PRO A 1803 -95.14 39.66 -44.50
CA PRO A 1803 -95.41 38.95 -45.78
C PRO A 1803 -94.17 38.32 -46.41
N LEU A 1804 -94.17 37.00 -46.41
CA LEU A 1804 -93.04 36.25 -46.93
C LEU A 1804 -93.22 35.90 -48.40
N GLU A 1805 -94.46 35.79 -48.85
CA GLU A 1805 -94.73 35.54 -50.27
C GLU A 1805 -94.23 36.70 -51.12
N ALA A 1806 -94.46 37.93 -50.66
CA ALA A 1806 -93.89 39.10 -51.33
C ALA A 1806 -92.41 39.29 -51.00
N LEU A 1807 -92.00 38.89 -49.78
CA LEU A 1807 -90.61 39.05 -49.38
C LEU A 1807 -89.68 38.20 -50.24
N ARG A 1808 -90.07 36.95 -50.53
CA ARG A 1808 -89.24 36.10 -51.39
C ARG A 1808 -89.15 36.64 -52.83
N ASP A 1809 -90.22 37.27 -53.33
CA ASP A 1809 -90.17 37.91 -54.63
C ASP A 1809 -89.19 39.08 -54.64
N LYS A 1810 -89.21 39.86 -53.55
CA LYS A 1810 -88.25 40.94 -53.38
C LYS A 1810 -86.82 40.41 -53.34
N ALA A 1811 -86.61 39.29 -52.63
CA ALA A 1811 -85.29 38.69 -52.53
C ALA A 1811 -84.79 38.21 -53.89
N LEU A 1812 -85.67 37.57 -54.68
CA LEU A 1812 -85.31 37.12 -56.02
C LEU A 1812 -84.93 38.30 -56.91
N ARG A 1813 -85.70 39.39 -56.83
CA ARG A 1813 -85.43 40.57 -57.65
C ARG A 1813 -84.08 41.19 -57.25
N MET A 1814 -83.81 41.24 -55.94
CA MET A 1814 -82.58 41.83 -55.44
C MET A 1814 -81.37 41.04 -55.91
N LEU A 1815 -81.41 39.72 -55.72
CA LEU A 1815 -80.25 38.91 -56.11
C LEU A 1815 -80.07 38.89 -57.62
N GLY A 1816 -81.16 38.93 -58.39
CA GLY A 1816 -81.04 39.04 -59.84
C GLY A 1816 -80.34 40.31 -60.28
N GLU A 1817 -80.71 41.44 -59.64
CA GLU A 1817 -80.02 42.71 -59.90
C GLU A 1817 -78.57 42.65 -59.48
N ALA A 1818 -78.28 42.03 -58.33
CA ALA A 1818 -76.90 41.92 -57.86
C ALA A 1818 -76.07 41.07 -58.80
N VAL A 1819 -76.65 39.99 -59.33
CA VAL A 1819 -75.95 39.09 -60.26
C VAL A 1819 -75.60 39.84 -61.55
N ARG A 1820 -76.58 40.56 -62.12
CA ARG A 1820 -76.25 41.30 -63.32
C ARG A 1820 -75.37 42.51 -63.04
N ASP A 1821 -75.42 43.09 -61.84
CA ASP A 1821 -74.47 44.15 -61.50
C ASP A 1821 -73.06 43.61 -61.41
N GLY A 1822 -72.93 42.36 -60.93
CA GLY A 1822 -71.64 41.69 -60.93
C GLY A 1822 -71.13 41.50 -62.34
N GLY A 1823 -72.05 41.18 -63.26
CA GLY A 1823 -71.66 41.12 -64.67
C GLY A 1823 -71.29 42.47 -65.23
N GLN A 1824 -71.87 43.56 -64.70
CA GLN A 1824 -71.45 44.90 -65.11
C GLN A 1824 -70.06 45.23 -64.60
N HIS A 1825 -69.66 44.65 -63.46
CA HIS A 1825 -68.38 44.91 -62.78
C HIS A 1825 -68.21 46.41 -62.48
N ALA A 1826 -69.30 47.01 -62.02
CA ALA A 1826 -69.34 48.44 -61.71
C ALA A 1826 -68.38 48.80 -60.58
N ARG A 1827 -67.81 50.00 -60.67
CA ARG A 1827 -66.88 50.51 -59.67
C ARG A 1827 -67.59 51.08 -58.44
N ASP A 1828 -68.92 50.99 -58.36
CA ASP A 1828 -69.67 51.48 -57.21
C ASP A 1828 -70.62 50.39 -56.70
N PRO A 1829 -70.10 49.37 -56.01
CA PRO A 1829 -70.98 48.34 -55.45
C PRO A 1829 -71.90 48.89 -54.37
N VAL A 1830 -73.08 48.28 -54.27
CA VAL A 1830 -74.07 48.67 -53.27
C VAL A 1830 -73.50 48.43 -51.87
N GLY A 1831 -73.51 49.46 -51.04
CA GLY A 1831 -72.88 49.38 -49.75
C GLY A 1831 -71.39 49.64 -49.76
N GLY A 1832 -70.81 49.88 -50.93
CA GLY A 1832 -69.41 50.21 -51.06
C GLY A 1832 -68.47 49.04 -51.21
N SER A 1833 -68.95 47.81 -51.03
CA SER A 1833 -68.10 46.64 -51.22
C SER A 1833 -68.93 45.49 -51.72
N VAL A 1834 -68.22 44.52 -52.32
CA VAL A 1834 -68.87 43.33 -52.87
C VAL A 1834 -69.51 42.51 -51.75
N GLU A 1835 -68.78 42.33 -50.64
CA GLU A 1835 -69.30 41.53 -49.53
C GLU A 1835 -70.52 42.18 -48.91
N PHE A 1836 -70.49 43.51 -48.73
CA PHE A 1836 -71.68 44.21 -48.27
C PHE A 1836 -72.81 44.17 -49.29
N GLN A 1837 -72.49 44.00 -50.57
CA GLN A 1837 -73.51 43.90 -51.60
C GLN A 1837 -74.12 42.50 -51.68
N PHE A 1838 -73.46 41.49 -51.13
CA PHE A 1838 -73.96 40.13 -51.31
C PHE A 1838 -74.27 39.37 -50.04
N VAL A 1839 -73.45 39.50 -48.98
CA VAL A 1839 -73.65 38.70 -47.76
C VAL A 1839 -75.02 38.87 -47.09
N PRO A 1840 -75.53 40.09 -46.82
CA PRO A 1840 -76.87 40.18 -46.20
C PRO A 1840 -78.00 39.60 -47.05
N VAL A 1841 -77.89 39.73 -48.38
CA VAL A 1841 -78.90 39.19 -49.27
C VAL A 1841 -78.86 37.66 -49.23
N LEU A 1842 -77.65 37.09 -49.28
CA LEU A 1842 -77.52 35.64 -49.26
C LEU A 1842 -77.98 35.08 -47.91
N LYS A 1843 -77.71 35.80 -46.82
CA LYS A 1843 -78.19 35.39 -45.50
C LYS A 1843 -79.70 35.34 -45.46
N LEU A 1844 -80.35 36.37 -46.02
CA LEU A 1844 -81.81 36.38 -46.08
C LEU A 1844 -82.36 35.23 -46.92
N VAL A 1845 -81.75 34.98 -48.08
CA VAL A 1845 -82.18 33.87 -48.93
C VAL A 1845 -81.95 32.53 -48.23
N SER A 1846 -80.86 32.42 -47.47
CA SER A 1846 -80.54 31.22 -46.72
C SER A 1846 -81.62 30.93 -45.69
N THR A 1847 -81.99 31.96 -44.93
CA THR A 1847 -83.00 31.78 -43.89
C THR A 1847 -84.36 31.44 -44.49
N LEU A 1848 -84.75 32.14 -45.56
CA LEU A 1848 -86.04 31.83 -46.22
C LEU A 1848 -86.03 30.43 -46.83
N LEU A 1849 -84.86 29.98 -47.30
CA LEU A 1849 -84.73 28.62 -47.81
C LEU A 1849 -84.96 27.62 -46.68
N VAL A 1850 -84.43 27.93 -45.49
CA VAL A 1850 -84.63 27.06 -44.33
C VAL A 1850 -86.11 27.00 -44.00
N MET A 1851 -86.80 28.15 -44.03
CA MET A 1851 -88.24 28.16 -43.79
C MET A 1851 -89.02 27.44 -44.88
N GLY A 1852 -88.43 27.24 -46.06
CA GLY A 1852 -89.16 26.67 -47.17
C GLY A 1852 -90.26 27.55 -47.71
N ILE A 1853 -90.05 28.87 -47.71
CA ILE A 1853 -91.04 29.78 -48.26
C ILE A 1853 -91.14 29.64 -49.77
N PHE A 1854 -90.00 29.43 -50.43
CA PHE A 1854 -89.95 29.40 -51.89
C PHE A 1854 -90.76 28.25 -52.48
N GLY A 1855 -91.42 28.54 -53.60
CA GLY A 1855 -92.08 27.51 -54.37
C GLY A 1855 -91.10 26.79 -55.26
N ASP A 1856 -91.66 25.90 -56.09
CA ASP A 1856 -90.85 25.11 -57.01
C ASP A 1856 -90.16 25.99 -58.05
N GLU A 1857 -90.92 26.90 -58.67
CA GLU A 1857 -90.34 27.78 -59.67
C GLU A 1857 -89.36 28.76 -59.04
N ASP A 1858 -89.64 29.20 -57.80
CA ASP A 1858 -88.73 30.10 -57.10
C ASP A 1858 -87.38 29.42 -56.88
N VAL A 1859 -87.40 28.15 -56.47
CA VAL A 1859 -86.15 27.40 -56.32
C VAL A 1859 -85.48 27.21 -57.67
N LYS A 1860 -86.27 27.02 -58.74
CA LYS A 1860 -85.69 26.88 -60.08
C LYS A 1860 -84.95 28.13 -60.50
N GLN A 1861 -85.53 29.31 -60.21
CA GLN A 1861 -84.86 30.57 -60.50
C GLN A 1861 -83.59 30.70 -59.69
N ILE A 1862 -83.64 30.32 -58.40
CA ILE A 1862 -82.45 30.39 -57.54
C ILE A 1862 -81.33 29.55 -58.12
N LEU A 1863 -81.65 28.34 -58.59
CA LEU A 1863 -80.66 27.51 -59.27
C LEU A 1863 -80.13 28.16 -60.56
N LYS A 1864 -81.00 28.85 -61.29
CA LYS A 1864 -80.54 29.55 -62.50
C LYS A 1864 -79.54 30.65 -62.17
N MET A 1865 -79.84 31.47 -61.16
CA MET A 1865 -78.88 32.48 -60.72
C MET A 1865 -77.65 31.91 -60.03
N ILE A 1866 -77.72 30.69 -59.49
CA ILE A 1866 -76.53 30.06 -58.93
C ILE A 1866 -75.63 29.54 -60.05
N GLU A 1867 -76.18 28.71 -60.93
CA GLU A 1867 -75.48 28.26 -62.13
C GLU A 1867 -76.52 27.89 -63.19
N PRO A 1868 -76.68 28.71 -64.22
CA PRO A 1868 -77.75 28.48 -65.19
C PRO A 1868 -77.60 27.24 -66.06
N GLU A 1869 -76.43 27.06 -66.69
CA GLU A 1869 -76.26 26.02 -67.71
C GLU A 1869 -76.34 24.62 -67.11
N VAL A 1870 -75.82 24.42 -65.89
CA VAL A 1870 -75.88 23.11 -65.25
C VAL A 1870 -77.32 22.77 -64.89
N PHE A 1871 -78.09 23.76 -64.49
CA PHE A 1871 -79.45 23.56 -63.96
C PHE A 1871 -80.53 23.81 -65.00
N THR A 1872 -80.26 23.47 -66.27
CA THR A 1872 -81.28 23.52 -67.30
C THR A 1872 -81.92 22.16 -67.46
N GLU A 1873 -83.25 22.11 -67.40
CA GLU A 1873 -84.00 20.87 -67.46
C GLU A 1873 -84.64 20.71 -68.83
N GLU A 1874 -84.75 19.45 -69.27
CA GLU A 1874 -85.38 19.11 -70.54
C GLU A 1874 -85.71 17.62 -70.57
N LEU A 1922 -75.04 39.83 -68.04
CA LEU A 1922 -74.25 38.60 -68.05
C LEU A 1922 -75.03 37.43 -67.48
N GLU A 1923 -75.37 36.47 -68.34
CA GLU A 1923 -76.11 35.27 -67.92
C GLU A 1923 -75.18 34.17 -67.40
N GLU A 1924 -74.29 34.55 -66.49
CA GLU A 1924 -73.36 33.64 -65.85
C GLU A 1924 -73.67 33.58 -64.36
N GLY A 1925 -73.54 32.39 -63.79
CA GLY A 1925 -73.87 32.17 -62.40
C GLY A 1925 -72.93 32.91 -61.45
N LEU A 1926 -73.35 32.95 -60.19
CA LEU A 1926 -72.60 33.62 -59.14
C LEU A 1926 -71.22 33.03 -58.89
N LEU A 1927 -71.02 31.76 -59.23
CA LEU A 1927 -69.81 31.06 -58.81
C LEU A 1927 -68.57 31.43 -59.60
N GLN A 1928 -68.70 32.20 -60.69
CA GLN A 1928 -67.54 32.59 -61.49
C GLN A 1928 -67.21 34.06 -61.33
N MET A 1929 -67.71 34.71 -60.28
CA MET A 1929 -67.53 36.14 -60.09
C MET A 1929 -66.44 36.48 -59.08
N LYS A 1930 -65.59 35.51 -58.71
CA LYS A 1930 -64.45 35.60 -57.76
C LYS A 1930 -64.76 36.43 -56.50
N LEU A 1931 -65.72 35.90 -55.74
CA LEU A 1931 -66.27 36.56 -54.56
C LEU A 1931 -65.27 36.58 -53.40
N PRO A 1932 -65.46 37.49 -52.43
CA PRO A 1932 -64.70 37.39 -51.18
C PRO A 1932 -65.14 36.21 -50.31
N GLU A 1933 -64.33 35.97 -49.27
CA GLU A 1933 -64.47 34.79 -48.42
C GLU A 1933 -65.79 34.75 -47.66
N SER A 1934 -66.28 35.89 -47.18
CA SER A 1934 -67.54 35.92 -46.46
C SER A 1934 -68.69 35.48 -47.34
N VAL A 1935 -68.68 35.95 -48.59
CA VAL A 1935 -69.68 35.53 -49.56
C VAL A 1935 -69.51 34.03 -49.85
N LYS A 1936 -68.26 33.55 -49.90
CA LYS A 1936 -68.03 32.11 -50.08
C LYS A 1936 -68.65 31.30 -48.94
N LEU A 1937 -68.56 31.82 -47.72
CA LEU A 1937 -69.16 31.18 -46.55
C LEU A 1937 -70.67 31.09 -46.68
N GLN A 1938 -71.29 32.20 -47.12
CA GLN A 1938 -72.74 32.14 -47.33
C GLN A 1938 -73.09 31.27 -48.53
N MET A 1939 -72.20 31.18 -49.53
CA MET A 1939 -72.43 30.30 -50.67
C MET A 1939 -72.47 28.86 -50.21
N CYS A 1940 -71.58 28.51 -49.27
CA CYS A 1940 -71.56 27.17 -48.71
C CYS A 1940 -72.86 26.89 -47.98
N ASN A 1941 -73.35 27.90 -47.25
CA ASN A 1941 -74.63 27.74 -46.56
C ASN A 1941 -75.78 27.55 -47.54
N LEU A 1942 -75.70 28.18 -48.72
CA LEU A 1942 -76.69 27.93 -49.77
C LEU A 1942 -76.62 26.51 -50.30
N LEU A 1943 -75.41 26.00 -50.53
CA LEU A 1943 -75.24 24.67 -51.13
C LEU A 1943 -75.66 23.55 -50.18
N GLU A 1944 -75.32 23.68 -48.90
CA GLU A 1944 -75.59 22.60 -47.94
C GLU A 1944 -77.08 22.31 -47.79
N TYR A 1945 -77.92 23.34 -47.95
CA TYR A 1945 -79.37 23.13 -47.89
C TYR A 1945 -79.84 22.22 -49.01
N PHE A 1946 -79.35 22.43 -50.24
CA PHE A 1946 -79.70 21.57 -51.35
C PHE A 1946 -79.16 20.15 -51.16
N CYS A 1947 -77.97 20.03 -50.57
CA CYS A 1947 -77.47 18.71 -50.20
C CYS A 1947 -78.38 18.00 -49.20
N ASP A 1948 -78.88 18.76 -48.21
CA ASP A 1948 -79.85 18.22 -47.27
C ASP A 1948 -81.15 17.81 -47.95
N GLN A 1949 -81.63 18.63 -48.89
CA GLN A 1949 -82.84 18.31 -49.64
C GLN A 1949 -82.68 17.03 -50.46
N GLU A 1950 -81.51 16.85 -51.08
CA GLU A 1950 -81.21 15.62 -51.77
C GLU A 1950 -81.23 14.42 -50.82
N LEU A 1951 -80.64 14.59 -49.63
CA LEU A 1951 -80.63 13.52 -48.63
C LEU A 1951 -82.05 13.14 -48.21
N GLN A 1952 -82.89 14.14 -47.96
CA GLN A 1952 -84.27 13.90 -47.56
C GLN A 1952 -85.06 13.25 -48.70
N HIS A 1953 -84.76 13.64 -49.94
CA HIS A 1953 -85.41 13.03 -51.10
C HIS A 1953 -85.06 11.55 -51.19
N ARG A 1954 -83.79 11.21 -50.93
CA ARG A 1954 -83.38 9.80 -50.93
C ARG A 1954 -84.10 9.03 -49.83
N VAL A 1955 -84.21 9.63 -48.64
CA VAL A 1955 -84.86 8.98 -47.50
C VAL A 1955 -86.32 8.69 -47.82
N GLU A 1956 -87.01 9.68 -48.41
CA GLU A 1956 -88.41 9.48 -48.80
C GLU A 1956 -88.54 8.44 -49.91
N SER A 1957 -87.55 8.35 -50.82
CA SER A 1957 -87.58 7.34 -51.86
C SER A 1957 -87.47 5.94 -51.26
N LEU A 1958 -86.58 5.78 -50.27
CA LEU A 1958 -86.47 4.52 -49.54
C LEU A 1958 -87.76 4.17 -48.82
N ALA A 1959 -88.39 5.17 -48.20
CA ALA A 1959 -89.65 4.93 -47.49
C ALA A 1959 -90.76 4.48 -48.44
N ALA A 1960 -90.85 5.11 -49.61
CA ALA A 1960 -91.82 4.70 -50.63
C ALA A 1960 -91.59 3.28 -51.13
N PHE A 1961 -90.33 2.93 -51.41
CA PHE A 1961 -90.05 1.57 -51.86
C PHE A 1961 -90.29 0.58 -50.74
N ALA A 1962 -89.99 0.96 -49.50
CA ALA A 1962 -90.28 0.12 -48.34
C ALA A 1962 -91.77 -0.14 -48.21
N GLU A 1963 -92.58 0.89 -48.45
CA GLU A 1963 -94.03 0.74 -48.44
C GLU A 1963 -94.52 -0.24 -49.50
N ARG A 1964 -93.96 -0.17 -50.71
CA ARG A 1964 -94.43 -1.08 -51.74
C ARG A 1964 -93.92 -2.51 -51.50
N TYR A 1965 -92.65 -2.63 -51.08
CA TYR A 1965 -92.01 -3.93 -50.97
C TYR A 1965 -92.55 -4.71 -49.77
N VAL A 1966 -92.87 -4.02 -48.67
CA VAL A 1966 -93.43 -4.68 -47.50
C VAL A 1966 -94.76 -5.32 -47.85
N ASP A 1967 -95.61 -4.61 -48.60
CA ASP A 1967 -96.90 -5.14 -49.00
C ASP A 1967 -96.75 -6.36 -49.90
N LYS A 1968 -95.82 -6.30 -50.87
CA LYS A 1968 -95.58 -7.47 -51.72
C LYS A 1968 -95.05 -8.66 -50.91
N LEU A 1969 -94.14 -8.41 -49.97
CA LEU A 1969 -93.60 -9.49 -49.15
C LEU A 1969 -94.66 -10.06 -48.21
N GLN A 1970 -95.56 -9.21 -47.70
CA GLN A 1970 -96.66 -9.67 -46.87
C GLN A 1970 -97.58 -10.60 -47.64
N ALA A 1971 -97.85 -10.26 -48.90
CA ALA A 1971 -98.74 -11.10 -49.71
C ALA A 1971 -98.04 -12.42 -50.06
N ASN A 1972 -96.75 -12.36 -50.41
CA ASN A 1972 -96.00 -13.56 -50.76
C ASN A 1972 -95.89 -14.52 -49.58
N GLN A 1973 -95.58 -13.97 -48.40
CA GLN A 1973 -95.49 -14.79 -47.18
C GLN A 1973 -96.84 -15.37 -46.79
N ARG A 1974 -97.93 -14.62 -47.01
CA ARG A 1974 -99.26 -15.17 -46.80
C ARG A 1974 -99.54 -16.33 -47.75
N SER A 1975 -99.12 -16.18 -49.01
CA SER A 1975 -99.34 -17.23 -50.01
C SER A 1975 -98.55 -18.48 -49.65
N ARG A 1976 -97.30 -18.30 -49.20
CA ARG A 1976 -96.47 -19.43 -48.81
C ARG A 1976 -97.04 -20.12 -47.58
N TYR A 1977 -97.58 -19.35 -46.62
CA TYR A 1977 -98.18 -19.94 -45.42
C TYR A 1977 -99.40 -20.77 -45.79
N ALA A 1978 -100.24 -20.24 -46.68
CA ALA A 1978 -101.43 -20.97 -47.13
C ALA A 1978 -101.06 -22.24 -47.88
N LEU A 1979 -100.03 -22.17 -48.73
CA LEU A 1979 -99.58 -23.38 -49.43
C LEU A 1979 -98.95 -24.38 -48.45
N LEU A 1980 -98.24 -23.88 -47.43
CA LEU A 1980 -97.59 -24.76 -46.46
C LEU A 1980 -98.60 -25.45 -45.56
N MET A 1981 -99.83 -24.93 -45.48
CA MET A 1981 -100.87 -25.59 -44.69
C MET A 1981 -101.22 -26.97 -45.24
N ARG A 1982 -101.30 -27.09 -46.56
CA ARG A 1982 -101.56 -28.39 -47.19
C ARG A 1982 -100.30 -29.20 -47.45
N ALA A 1983 -99.12 -28.69 -47.08
CA ALA A 1983 -97.88 -29.41 -47.30
C ALA A 1983 -97.74 -30.69 -46.46
N PHE A 1984 -98.50 -30.80 -45.36
CA PHE A 1984 -98.42 -31.98 -44.49
C PHE A 1984 -98.88 -33.26 -45.19
N THR A 1985 -99.67 -33.15 -46.27
CA THR A 1985 -100.17 -34.35 -46.94
C THR A 1985 -99.05 -35.03 -47.72
N MET A 1986 -98.21 -34.26 -48.42
CA MET A 1986 -97.12 -34.82 -49.20
C MET A 1986 -95.76 -34.60 -48.55
N SER A 1987 -95.72 -34.22 -47.27
CA SER A 1987 -94.41 -34.05 -46.63
C SER A 1987 -94.36 -34.75 -45.28
N ALA A 1988 -93.28 -34.51 -44.55
CA ALA A 1988 -93.02 -35.19 -43.28
C ALA A 1988 -92.27 -34.22 -42.38
N ALA A 1989 -91.57 -34.76 -41.36
CA ALA A 1989 -90.86 -33.99 -40.34
C ALA A 1989 -89.81 -33.00 -40.87
N GLU A 1990 -89.45 -33.03 -42.16
CA GLU A 1990 -88.57 -32.02 -42.74
C GLU A 1990 -89.22 -30.65 -42.92
N THR A 1991 -90.47 -30.48 -42.49
CA THR A 1991 -91.17 -29.19 -42.51
C THR A 1991 -90.66 -28.22 -41.47
N ALA A 1992 -89.76 -28.64 -40.58
CA ALA A 1992 -89.31 -27.83 -39.45
C ALA A 1992 -88.68 -26.51 -39.89
N ARG A 1993 -87.72 -26.58 -40.82
CA ARG A 1993 -87.09 -25.34 -41.29
C ARG A 1993 -87.95 -24.58 -42.30
N ARG A 1994 -88.99 -25.19 -42.85
CA ARG A 1994 -90.00 -24.42 -43.58
C ARG A 1994 -90.91 -23.62 -42.65
N THR A 1995 -91.33 -24.22 -41.55
CA THR A 1995 -92.20 -23.56 -40.57
C THR A 1995 -91.43 -22.78 -39.52
N ARG A 1996 -90.10 -22.79 -39.58
CA ARG A 1996 -89.28 -21.99 -38.68
C ARG A 1996 -89.55 -20.50 -38.87
N GLU A 1997 -89.85 -20.10 -40.13
CA GLU A 1997 -90.22 -18.73 -40.42
C GLU A 1997 -91.48 -18.33 -39.65
N PHE A 1998 -92.48 -19.19 -39.66
CA PHE A 1998 -93.75 -18.85 -39.06
C PHE A 1998 -93.76 -19.11 -37.56
N ARG A 1999 -92.79 -19.86 -37.04
CA ARG A 1999 -92.57 -20.01 -35.62
C ARG A 1999 -91.43 -19.12 -35.13
N SER A 2000 -91.03 -18.15 -35.94
CA SER A 2000 -90.00 -17.22 -35.53
C SER A 2000 -90.51 -15.80 -35.74
N PRO A 2001 -90.22 -14.88 -34.81
CA PRO A 2001 -90.74 -13.50 -34.91
C PRO A 2001 -90.16 -12.77 -36.12
N PRO A 2002 -90.81 -11.67 -36.57
CA PRO A 2002 -90.52 -11.16 -37.93
C PRO A 2002 -89.12 -10.64 -38.21
N GLN A 2003 -88.33 -10.24 -37.19
CA GLN A 2003 -87.02 -9.64 -37.44
C GLN A 2003 -86.08 -10.60 -38.17
N GLU A 2004 -85.97 -11.83 -37.68
CA GLU A 2004 -85.14 -12.78 -38.41
C GLU A 2004 -85.84 -13.35 -39.63
N GLN A 2005 -87.17 -13.21 -39.70
CA GLN A 2005 -87.89 -13.59 -40.92
C GLN A 2005 -87.47 -12.69 -42.08
N ILE A 2006 -87.54 -11.37 -41.88
CA ILE A 2006 -87.12 -10.44 -42.91
C ILE A 2006 -85.61 -10.55 -43.12
N ASN A 2007 -84.84 -10.84 -42.06
CA ASN A 2007 -83.39 -11.00 -42.22
C ASN A 2007 -83.05 -12.12 -43.20
N MET A 2008 -83.66 -13.29 -43.03
CA MET A 2008 -83.42 -14.37 -43.98
C MET A 2008 -84.05 -14.11 -45.34
N LEU A 2009 -85.20 -13.43 -45.38
CA LEU A 2009 -85.79 -13.06 -46.67
C LEU A 2009 -84.92 -12.09 -47.45
N LEU A 2010 -84.32 -11.11 -46.78
CA LEU A 2010 -83.39 -10.19 -47.41
C LEU A 2010 -81.99 -10.75 -47.53
N HIS A 2011 -81.74 -11.95 -47.01
CA HIS A 2011 -80.43 -12.58 -47.06
C HIS A 2011 -80.15 -13.20 -48.43
N PHE A 2012 -80.09 -12.32 -49.45
CA PHE A 2012 -79.77 -12.76 -50.80
C PHE A 2012 -78.89 -11.77 -51.55
N LYS A 2013 -78.28 -10.80 -50.85
CA LYS A 2013 -77.51 -9.75 -51.52
C LYS A 2013 -76.25 -10.31 -52.19
N ASP A 2014 -75.48 -11.13 -51.45
CA ASP A 2014 -74.21 -11.64 -51.95
C ASP A 2014 -74.36 -12.70 -53.04
N GLU A 2015 -75.58 -13.19 -53.29
CA GLU A 2015 -75.96 -14.19 -54.29
C GLU A 2015 -75.40 -15.59 -54.02
N ALA A 2016 -74.68 -15.79 -52.92
CA ALA A 2016 -74.20 -17.10 -52.50
C ALA A 2016 -75.12 -17.74 -51.49
N ASP A 2017 -76.29 -17.15 -51.24
CA ASP A 2017 -77.23 -17.61 -50.22
C ASP A 2017 -78.67 -17.57 -50.74
N GLU A 2018 -78.86 -17.73 -52.05
CA GLU A 2018 -80.18 -17.68 -52.66
C GLU A 2018 -81.08 -18.81 -52.18
N GLU A 2019 -80.51 -20.00 -52.01
CA GLU A 2019 -81.26 -21.22 -51.70
C GLU A 2019 -82.02 -21.10 -50.37
N ASP A 2020 -81.43 -20.41 -49.40
CA ASP A 2020 -82.11 -20.17 -48.13
C ASP A 2020 -83.32 -19.27 -48.32
N CYS A 2021 -83.22 -18.28 -49.19
CA CYS A 2021 -84.31 -17.35 -49.42
C CYS A 2021 -85.40 -17.99 -50.27
N PRO A 2022 -86.65 -18.01 -49.82
CA PRO A 2022 -87.76 -18.57 -50.61
C PRO A 2022 -88.48 -17.57 -51.51
N LEU A 2023 -87.99 -16.35 -51.66
CA LEU A 2023 -88.65 -15.36 -52.49
C LEU A 2023 -88.54 -15.69 -53.98
N PRO A 2024 -89.55 -15.34 -54.78
CA PRO A 2024 -89.41 -15.44 -56.23
C PRO A 2024 -88.39 -14.45 -56.76
N GLU A 2025 -87.73 -14.85 -57.85
CA GLU A 2025 -86.60 -14.12 -58.39
C GLU A 2025 -86.98 -12.74 -58.90
N ASP A 2026 -88.18 -12.60 -59.49
CA ASP A 2026 -88.63 -11.28 -59.95
C ASP A 2026 -88.79 -10.31 -58.79
N ILE A 2027 -89.33 -10.79 -57.66
CA ILE A 2027 -89.46 -9.96 -56.47
C ILE A 2027 -88.07 -9.59 -55.94
N ARG A 2028 -87.15 -10.56 -55.91
CA ARG A 2028 -85.78 -10.22 -55.49
C ARG A 2028 -85.14 -9.23 -56.47
N GLN A 2029 -85.49 -9.34 -57.76
CA GLN A 2029 -84.98 -8.45 -58.80
C GLN A 2029 -85.44 -7.02 -58.56
N ASP A 2030 -86.64 -6.86 -57.99
CA ASP A 2030 -87.15 -5.53 -57.67
C ASP A 2030 -86.24 -4.82 -56.69
N LEU A 2031 -85.86 -5.51 -55.60
CA LEU A 2031 -84.92 -4.97 -54.63
C LEU A 2031 -83.54 -4.74 -55.24
N GLN A 2032 -83.07 -5.68 -56.09
CA GLN A 2032 -81.76 -5.51 -56.71
C GLN A 2032 -81.71 -4.29 -57.64
N ASP A 2033 -82.75 -4.09 -58.45
CA ASP A 2033 -82.83 -2.93 -59.33
C ASP A 2033 -82.91 -1.64 -58.52
N PHE A 2034 -83.71 -1.64 -57.45
CA PHE A 2034 -83.76 -0.47 -56.60
C PHE A 2034 -82.45 -0.27 -55.85
N HIS A 2035 -81.65 -1.32 -55.66
CA HIS A 2035 -80.33 -1.09 -55.11
C HIS A 2035 -79.42 -0.49 -56.16
N GLN A 2036 -79.67 -0.82 -57.44
CA GLN A 2036 -78.80 -0.34 -58.51
C GLN A 2036 -78.96 1.17 -58.67
N ASP A 2037 -80.20 1.63 -58.80
CA ASP A 2037 -80.40 3.04 -59.14
C ASP A 2037 -80.08 3.94 -57.94
N LEU A 2038 -80.25 3.43 -56.71
CA LEU A 2038 -79.94 4.22 -55.52
C LEU A 2038 -78.46 4.60 -55.46
N LEU A 2039 -77.58 3.62 -55.69
CA LEU A 2039 -76.15 3.89 -55.80
C LEU A 2039 -75.82 4.76 -57.00
N ALA A 2040 -76.50 4.53 -58.14
CA ALA A 2040 -76.27 5.40 -59.29
C ALA A 2040 -76.68 6.84 -58.99
N HIS A 2041 -77.78 7.04 -58.26
CA HIS A 2041 -78.20 8.35 -57.79
C HIS A 2041 -77.17 8.95 -56.83
N CYS A 2042 -76.60 8.11 -55.97
CA CYS A 2042 -75.52 8.54 -55.09
C CYS A 2042 -74.16 8.61 -55.78
N GLY A 2043 -74.11 8.40 -57.09
CA GLY A 2043 -72.88 8.49 -57.85
C GLY A 2043 -71.82 7.48 -57.51
N ILE A 2044 -72.22 6.22 -57.41
CA ILE A 2044 -71.29 5.16 -57.05
C ILE A 2044 -70.71 4.56 -58.32
N GLN A 2045 -71.59 3.98 -59.15
CA GLN A 2045 -71.18 3.33 -60.38
C GLN A 2045 -72.41 3.21 -61.28
N LEU A 2046 -72.16 3.23 -62.59
CA LEU A 2046 -73.21 3.09 -63.59
C LEU A 2046 -72.73 2.18 -64.71
N GLU A 2088 -65.53 16.21 -71.01
CA GLU A 2088 -66.43 16.11 -69.86
C GLU A 2088 -66.28 17.31 -68.93
N LYS A 2089 -66.02 18.48 -69.50
CA LYS A 2089 -65.82 19.69 -68.71
C LYS A 2089 -67.11 20.23 -68.09
N LYS A 2090 -68.26 19.70 -68.49
CA LYS A 2090 -69.54 20.11 -67.94
C LYS A 2090 -69.94 19.13 -66.86
N PRO A 2091 -69.96 19.52 -65.58
CA PRO A 2091 -70.39 18.60 -64.52
C PRO A 2091 -71.81 18.11 -64.67
N GLN A 2092 -72.71 18.95 -65.21
CA GLN A 2092 -74.10 18.66 -65.58
C GLN A 2092 -75.00 18.31 -64.40
N SER A 2093 -74.51 18.35 -63.17
CA SER A 2093 -75.33 18.07 -62.00
C SER A 2093 -74.64 18.66 -60.77
N LEU A 2094 -75.46 18.82 -59.73
CA LEU A 2094 -75.00 19.45 -58.50
C LEU A 2094 -73.96 18.59 -57.79
N GLN A 2095 -74.09 17.26 -57.90
CA GLN A 2095 -73.29 16.31 -57.13
C GLN A 2095 -71.80 16.48 -57.38
N GLU A 2096 -71.40 16.55 -58.65
CA GLU A 2096 -70.00 16.82 -58.95
C GLU A 2096 -69.77 18.26 -59.34
N LEU A 2097 -70.82 19.08 -59.29
CA LEU A 2097 -70.66 20.51 -59.55
C LEU A 2097 -70.07 21.20 -58.33
N VAL A 2098 -70.68 20.97 -57.16
CA VAL A 2098 -70.17 21.60 -55.94
C VAL A 2098 -68.77 21.08 -55.59
N SER A 2099 -68.52 19.78 -55.76
CA SER A 2099 -67.18 19.23 -55.50
C SER A 2099 -66.13 19.86 -56.42
N HIS A 2100 -66.47 20.04 -57.72
CA HIS A 2100 -65.59 20.74 -58.64
CA HIS A 2100 -65.59 20.73 -58.63
C HIS A 2100 -65.38 22.18 -58.20
N MET A 2101 -66.44 22.82 -57.70
CA MET A 2101 -66.40 24.20 -57.26
C MET A 2101 -65.44 24.34 -56.07
N VAL A 2102 -65.60 23.47 -55.07
CA VAL A 2102 -64.81 23.55 -53.85
C VAL A 2102 -63.34 23.30 -54.14
N VAL A 2103 -63.05 22.28 -54.95
CA VAL A 2103 -61.65 22.00 -55.25
C VAL A 2103 -61.05 23.13 -56.10
N ARG A 2104 -61.84 23.74 -56.99
CA ARG A 2104 -61.35 24.84 -57.80
C ARG A 2104 -61.02 26.06 -56.94
N TRP A 2105 -61.86 26.36 -55.95
CA TRP A 2105 -61.57 27.46 -55.03
C TRP A 2105 -60.32 27.20 -54.21
N ALA A 2106 -60.19 25.96 -53.71
CA ALA A 2106 -59.04 25.61 -52.88
C ALA A 2106 -57.75 25.72 -53.68
N GLN A 2107 -57.75 25.23 -54.92
CA GLN A 2107 -56.52 25.30 -55.70
C GLN A 2107 -56.29 26.71 -56.25
N GLU A 2108 -57.32 27.54 -56.34
CA GLU A 2108 -57.14 28.87 -56.91
C GLU A 2108 -56.64 29.89 -55.90
N ASP A 2109 -56.94 29.71 -54.61
CA ASP A 2109 -56.39 30.66 -53.64
C ASP A 2109 -56.33 30.02 -52.27
N TYR A 2110 -55.52 30.63 -51.41
CA TYR A 2110 -55.33 30.16 -50.04
C TYR A 2110 -56.45 30.73 -49.18
N VAL A 2111 -57.38 29.86 -48.79
CA VAL A 2111 -58.50 30.24 -47.94
C VAL A 2111 -57.98 30.60 -46.56
N GLN A 2112 -58.53 31.65 -45.97
CA GLN A 2112 -58.06 32.13 -44.67
C GLN A 2112 -59.05 31.91 -43.54
N SER A 2113 -60.35 32.03 -43.82
CA SER A 2113 -61.34 31.91 -42.77
C SER A 2113 -61.48 30.46 -42.29
N PRO A 2114 -61.33 30.20 -40.97
CA PRO A 2114 -61.40 28.83 -40.45
C PRO A 2114 -62.76 28.17 -40.62
N GLU A 2115 -63.83 28.83 -40.18
CA GLU A 2115 -65.16 28.25 -40.31
C GLU A 2115 -65.57 28.11 -41.77
N LEU A 2116 -65.03 28.95 -42.66
CA LEU A 2116 -65.23 28.75 -44.09
C LEU A 2116 -64.57 27.46 -44.56
N VAL A 2117 -63.35 27.20 -44.08
CA VAL A 2117 -62.67 25.93 -44.38
C VAL A 2117 -63.47 24.76 -43.85
N ARG A 2118 -64.00 24.89 -42.62
CA ARG A 2118 -64.88 23.91 -42.00
C ARG A 2118 -66.10 23.62 -42.87
N ALA A 2119 -66.74 24.66 -43.39
CA ALA A 2119 -67.95 24.49 -44.19
C ALA A 2119 -67.63 23.85 -45.52
N MET A 2120 -66.61 24.35 -46.21
CA MET A 2120 -66.33 23.89 -47.57
C MET A 2120 -65.83 22.46 -47.57
N PHE A 2121 -65.11 22.07 -46.51
CA PHE A 2121 -64.66 20.69 -46.50
C PHE A 2121 -65.72 19.76 -45.95
N SER A 2122 -66.65 20.25 -45.11
CA SER A 2122 -67.79 19.41 -44.72
C SER A 2122 -68.63 19.09 -45.96
N LEU A 2123 -68.83 20.08 -46.83
CA LEU A 2123 -69.52 19.84 -48.09
C LEU A 2123 -68.74 18.86 -48.95
N LEU A 2124 -67.42 19.04 -49.03
CA LEU A 2124 -66.60 18.20 -49.91
C LEU A 2124 -66.65 16.75 -49.46
N HIS A 2125 -66.60 16.52 -48.15
CA HIS A 2125 -66.80 15.18 -47.62
C HIS A 2125 -68.20 14.66 -47.92
N ARG A 2126 -69.18 15.55 -47.96
CA ARG A 2126 -70.55 15.09 -48.17
C ARG A 2126 -70.84 14.73 -49.63
N GLN A 2127 -70.03 15.20 -50.58
CA GLN A 2127 -70.39 14.93 -51.97
C GLN A 2127 -69.99 13.53 -52.42
N TYR A 2128 -68.71 13.18 -52.28
CA TYR A 2128 -68.23 11.86 -52.68
C TYR A 2128 -68.91 10.75 -51.88
N ASP A 2129 -69.06 10.96 -50.57
CA ASP A 2129 -69.70 9.97 -49.73
C ASP A 2129 -71.21 10.13 -49.93
N GLY A 2130 -71.77 9.29 -50.79
CA GLY A 2130 -73.20 9.33 -51.04
C GLY A 2130 -73.99 8.49 -50.07
N LEU A 2131 -73.33 7.56 -49.38
CA LEU A 2131 -74.02 6.60 -48.54
C LEU A 2131 -73.80 6.79 -47.05
N GLY A 2132 -72.64 7.31 -46.63
CA GLY A 2132 -72.34 7.43 -45.20
C GLY A 2132 -73.30 8.35 -44.46
N GLU A 2133 -73.66 9.46 -45.09
CA GLU A 2133 -74.65 10.37 -44.52
C GLU A 2133 -76.01 9.69 -44.40
N LEU A 2134 -76.38 8.90 -45.40
CA LEU A 2134 -77.61 8.12 -45.32
C LEU A 2134 -77.55 7.13 -44.17
N LEU A 2135 -76.40 6.48 -43.99
CA LEU A 2135 -76.21 5.58 -42.85
C LEU A 2135 -76.31 6.30 -41.51
N ARG A 2136 -75.85 7.54 -41.46
CA ARG A 2136 -75.97 8.33 -40.24
C ARG A 2136 -77.27 9.09 -40.15
N ALA A 2137 -78.16 8.95 -41.14
CA ALA A 2137 -79.48 9.54 -41.08
C ALA A 2137 -80.60 8.53 -40.86
N LEU A 2138 -80.39 7.28 -41.27
CA LEU A 2138 -81.38 6.22 -41.04
C LEU A 2138 -81.78 6.00 -39.57
N PRO A 2139 -80.88 6.01 -38.56
CA PRO A 2139 -81.37 5.85 -37.17
C PRO A 2139 -82.37 6.91 -36.73
N ARG A 2140 -82.31 8.12 -37.29
CA ARG A 2140 -83.28 9.14 -36.96
C ARG A 2140 -84.49 9.11 -37.89
N ALA A 2141 -84.49 8.22 -38.89
CA ALA A 2141 -85.63 8.10 -39.79
C ALA A 2141 -86.63 7.13 -39.19
N TYR A 2142 -87.91 7.34 -39.51
CA TYR A 2142 -88.98 6.53 -38.96
C TYR A 2142 -90.23 6.71 -39.81
N THR A 2143 -91.10 5.70 -39.80
CA THR A 2143 -92.35 5.74 -40.53
C THR A 2143 -93.50 5.55 -39.55
N ILE A 2144 -94.56 6.33 -39.74
CA ILE A 2144 -95.72 6.31 -38.87
C ILE A 2144 -96.99 6.13 -39.69
N SER A 2145 -98.03 5.65 -39.02
CA SER A 2145 -99.33 5.50 -39.64
C SER A 2145 -99.94 6.88 -39.88
N PRO A 2146 -100.68 7.04 -40.99
CA PRO A 2146 -101.33 8.35 -41.27
C PRO A 2146 -102.36 8.77 -40.23
N SER A 2147 -102.92 7.84 -39.47
CA SER A 2147 -103.91 8.17 -38.46
C SER A 2147 -103.33 8.89 -37.24
N SER A 2148 -102.01 8.94 -37.09
CA SER A 2148 -101.39 9.54 -35.92
C SER A 2148 -100.52 10.76 -36.25
N VAL A 2149 -100.68 11.33 -37.44
CA VAL A 2149 -99.88 12.49 -37.82
C VAL A 2149 -100.23 13.70 -36.94
N GLU A 2150 -101.52 13.93 -36.67
CA GLU A 2150 -101.93 15.02 -35.81
C GLU A 2150 -101.51 14.77 -34.37
N ASP A 2151 -101.41 13.50 -33.98
CA ASP A 2151 -100.91 13.15 -32.66
C ASP A 2151 -99.43 13.52 -32.54
N THR A 2152 -98.66 13.22 -33.58
CA THR A 2152 -97.24 13.55 -33.61
C THR A 2152 -97.02 15.05 -33.73
N MET A 2153 -97.98 15.79 -34.29
CA MET A 2153 -97.90 17.24 -34.43
C MET A 2153 -97.66 17.93 -33.09
N SER A 2154 -98.51 17.62 -32.10
CA SER A 2154 -98.40 18.22 -30.77
C SER A 2154 -97.08 17.84 -30.11
N LEU A 2155 -96.68 16.57 -30.27
CA LEU A 2155 -95.45 16.08 -29.65
C LEU A 2155 -94.25 16.81 -30.20
N LEU A 2156 -94.19 16.97 -31.53
CA LEU A 2156 -93.09 17.68 -32.16
C LEU A 2156 -93.07 19.16 -31.77
N GLU A 2157 -94.26 19.78 -31.65
CA GLU A 2157 -94.31 21.17 -31.18
C GLU A 2157 -93.77 21.32 -29.75
N CYS A 2158 -94.17 20.43 -28.84
CA CYS A 2158 -93.62 20.47 -27.49
C CYS A 2158 -92.14 20.13 -27.47
N LEU A 2159 -91.70 19.26 -28.38
CA LEU A 2159 -90.29 18.93 -28.53
C LEU A 2159 -89.51 20.17 -28.94
N GLY A 2160 -90.11 20.97 -29.82
CA GLY A 2160 -89.48 22.21 -30.23
C GLY A 2160 -89.36 23.17 -29.06
N GLN A 2161 -90.39 23.21 -28.21
CA GLN A 2161 -90.36 24.11 -27.04
C GLN A 2161 -89.23 23.74 -26.08
N ILE A 2162 -89.14 22.45 -25.72
CA ILE A 2162 -88.10 22.05 -24.78
C ILE A 2162 -86.71 22.19 -25.40
N ARG A 2163 -86.58 21.90 -26.71
CA ARG A 2163 -85.31 22.13 -27.40
C ARG A 2163 -84.93 23.60 -27.38
N SER A 2164 -85.92 24.48 -27.57
CA SER A 2164 -85.68 25.91 -27.51
C SER A 2164 -85.26 26.37 -26.12
N LEU A 2165 -85.60 25.60 -25.09
CA LEU A 2165 -85.21 26.02 -23.75
C LEU A 2165 -83.77 25.65 -23.40
N LEU A 2166 -83.07 24.90 -24.26
CA LEU A 2166 -81.66 24.57 -23.98
C LEU A 2166 -80.73 25.76 -24.06
N ILE A 2167 -81.15 26.87 -24.66
CA ILE A 2167 -80.25 27.99 -24.94
C ILE A 2167 -80.56 29.19 -24.06
N VAL A 2168 -81.43 29.03 -23.09
CA VAL A 2168 -81.89 30.13 -22.25
C VAL A 2168 -81.70 29.73 -20.79
N GLN A 2169 -81.28 30.69 -19.97
CA GLN A 2169 -81.25 30.49 -18.52
C GLN A 2169 -82.64 30.16 -18.02
N MET A 2170 -82.72 29.19 -17.11
CA MET A 2170 -83.99 28.63 -16.69
C MET A 2170 -84.79 29.67 -15.91
N GLY A 2171 -86.08 29.79 -16.25
CA GLY A 2171 -86.91 30.81 -15.66
C GLY A 2171 -88.29 30.35 -15.23
N PRO A 2172 -88.90 31.13 -14.34
CA PRO A 2172 -90.26 30.82 -13.86
C PRO A 2172 -91.28 30.84 -14.97
N GLN A 2173 -91.11 31.70 -15.97
CA GLN A 2173 -91.99 31.69 -17.13
C GLN A 2173 -91.83 30.39 -17.90
N GLU A 2174 -90.59 29.92 -18.05
CA GLU A 2174 -90.33 28.74 -18.87
C GLU A 2174 -90.74 27.44 -18.20
N GLU A 2175 -90.81 27.43 -16.85
CA GLU A 2175 -91.07 26.17 -16.15
C GLU A 2175 -92.47 25.65 -16.45
N ASN A 2176 -93.48 26.53 -16.38
CA ASN A 2176 -94.85 26.06 -16.50
C ASN A 2176 -95.16 25.63 -17.92
N LEU A 2177 -94.56 26.32 -18.91
CA LEU A 2177 -94.77 25.94 -20.30
C LEU A 2177 -94.08 24.61 -20.58
N MET A 2178 -92.97 24.30 -19.92
CA MET A 2178 -92.36 23.03 -20.27
C MET A 2178 -92.98 21.88 -19.47
N ILE A 2179 -93.48 22.16 -18.26
CA ILE A 2179 -94.24 21.15 -17.53
C ILE A 2179 -95.54 20.81 -18.26
N GLN A 2180 -96.25 21.81 -18.79
CA GLN A 2180 -97.44 21.47 -19.58
C GLN A 2180 -97.04 20.82 -20.91
N SER A 2181 -95.83 21.09 -21.42
CA SER A 2181 -95.36 20.42 -22.62
C SER A 2181 -95.14 18.93 -22.37
N ILE A 2182 -94.43 18.59 -21.28
CA ILE A 2182 -94.23 17.18 -20.95
C ILE A 2182 -95.55 16.53 -20.53
N GLY A 2183 -96.50 17.31 -19.99
CA GLY A 2183 -97.84 16.80 -19.78
C GLY A 2183 -98.52 16.41 -21.07
N ASN A 2184 -98.35 17.23 -22.11
CA ASN A 2184 -98.86 16.86 -23.43
C ASN A 2184 -98.16 15.62 -23.97
N ILE A 2185 -96.89 15.44 -23.62
CA ILE A 2185 -96.17 14.22 -23.99
C ILE A 2185 -96.82 13.01 -23.30
N MET A 2186 -97.17 13.16 -22.02
CA MET A 2186 -97.84 12.09 -21.28
C MET A 2186 -99.19 11.78 -21.90
N ASN A 2187 -99.94 12.81 -22.27
CA ASN A 2187 -101.26 12.61 -22.84
C ASN A 2187 -101.19 12.02 -24.25
N ASN A 2188 -100.09 12.21 -24.96
CA ASN A 2188 -99.99 11.73 -26.33
C ASN A 2188 -99.95 10.20 -26.38
N LYS A 2189 -100.74 9.63 -27.29
CA LYS A 2189 -100.81 8.18 -27.44
C LYS A 2189 -99.55 7.60 -28.06
N VAL A 2190 -98.97 8.29 -29.06
CA VAL A 2190 -97.79 7.82 -29.77
C VAL A 2190 -96.58 7.72 -28.84
N PHE A 2191 -96.58 8.49 -27.74
CA PHE A 2191 -95.55 8.44 -26.71
C PHE A 2191 -95.39 7.03 -26.15
N TYR A 2192 -96.51 6.30 -26.04
CA TYR A 2192 -96.47 4.90 -25.65
C TYR A 2192 -96.48 3.96 -26.84
N GLN A 2193 -97.14 4.36 -27.94
CA GLN A 2193 -97.28 3.47 -29.09
C GLN A 2193 -95.95 3.20 -29.78
N HIS A 2194 -95.10 4.21 -29.90
CA HIS A 2194 -93.85 4.12 -30.67
C HIS A 2194 -92.67 4.51 -29.79
N PRO A 2195 -92.24 3.62 -28.87
CA PRO A 2195 -91.05 3.91 -28.06
C PRO A 2195 -89.78 4.07 -28.88
N ASN A 2196 -89.69 3.38 -30.02
CA ASN A 2196 -88.53 3.50 -30.91
C ASN A 2196 -88.40 4.93 -31.44
N LEU A 2197 -89.51 5.52 -31.86
CA LEU A 2197 -89.51 6.92 -32.31
C LEU A 2197 -89.15 7.87 -31.18
N MET A 2198 -89.64 7.60 -29.96
CA MET A 2198 -89.25 8.39 -28.79
C MET A 2198 -87.74 8.32 -28.54
N ARG A 2199 -87.18 7.11 -28.59
CA ARG A 2199 -85.75 6.92 -28.38
C ARG A 2199 -84.93 7.59 -29.48
N ALA A 2200 -85.40 7.50 -30.73
CA ALA A 2200 -84.73 8.15 -31.85
C ALA A 2200 -84.75 9.66 -31.73
N LEU A 2201 -85.89 10.23 -31.33
CA LEU A 2201 -85.95 11.66 -31.04
C LEU A 2201 -85.09 12.05 -29.86
N GLY A 2202 -84.96 11.17 -28.87
CA GLY A 2202 -84.05 11.37 -27.75
C GLY A 2202 -84.37 12.57 -26.88
N MET A 2203 -85.63 12.72 -26.48
CA MET A 2203 -85.96 13.78 -25.53
C MET A 2203 -85.35 13.51 -24.15
N HIS A 2204 -85.12 12.24 -23.82
CA HIS A 2204 -84.67 11.87 -22.48
C HIS A 2204 -83.30 12.47 -22.13
N GLU A 2205 -82.35 12.40 -23.07
CA GLU A 2205 -81.03 12.98 -22.78
C GLU A 2205 -81.11 14.50 -22.69
N THR A 2206 -81.93 15.13 -23.55
CA THR A 2206 -82.09 16.58 -23.51
C THR A 2206 -82.68 17.03 -22.20
N VAL A 2207 -83.65 16.28 -21.68
CA VAL A 2207 -84.19 16.59 -20.37
C VAL A 2207 -83.13 16.33 -19.30
N MET A 2208 -82.22 15.36 -19.51
CA MET A 2208 -81.25 15.14 -18.45
C MET A 2208 -80.23 16.28 -18.42
N GLU A 2209 -79.92 16.89 -19.58
CA GLU A 2209 -79.11 18.10 -19.52
C GLU A 2209 -79.86 19.23 -18.84
N VAL A 2210 -81.17 19.38 -19.11
CA VAL A 2210 -81.86 20.53 -18.51
C VAL A 2210 -81.92 20.37 -16.99
N MET A 2211 -81.99 19.12 -16.48
CA MET A 2211 -81.75 18.94 -15.04
C MET A 2211 -80.33 19.31 -14.65
N VAL A 2212 -79.32 18.90 -15.43
CA VAL A 2212 -77.93 19.20 -15.06
C VAL A 2212 -77.69 20.71 -14.93
N ASN A 2213 -78.22 21.49 -15.89
CA ASN A 2213 -78.14 22.95 -15.79
C ASN A 2213 -78.95 23.50 -14.61
N VAL A 2214 -80.17 22.99 -14.37
CA VAL A 2214 -80.97 23.60 -13.31
C VAL A 2214 -80.38 23.27 -11.93
N LEU A 2215 -79.78 22.08 -11.75
CA LEU A 2215 -79.10 21.81 -10.50
C LEU A 2215 -77.75 22.52 -10.40
N GLY A 2216 -77.07 22.70 -11.54
CA GLY A 2216 -75.83 23.47 -11.55
C GLY A 2216 -76.04 24.90 -11.13
N GLY A 2217 -77.12 25.52 -11.60
CA GLY A 2217 -77.54 26.80 -11.05
C GLY A 2217 -77.99 26.55 -9.62
N GLY A 2218 -77.28 27.12 -8.65
CA GLY A 2218 -77.52 26.71 -7.28
C GLY A 2218 -77.14 25.28 -7.00
N GLU A 2219 -76.00 24.82 -7.54
CA GLU A 2219 -75.53 23.46 -7.30
C GLU A 2219 -75.25 23.19 -5.82
N THR A 2220 -74.93 24.23 -5.06
CA THR A 2220 -74.64 24.11 -3.63
C THR A 2220 -75.70 24.76 -2.75
N LYS A 2221 -76.09 26.01 -3.06
CA LYS A 2221 -76.95 26.78 -2.16
C LYS A 2221 -78.36 26.20 -2.02
N GLU A 2222 -79.03 25.93 -3.15
CA GLU A 2222 -80.44 25.53 -3.15
C GLU A 2222 -80.83 25.11 -4.55
N ILE A 2223 -81.82 24.22 -4.63
CA ILE A 2223 -82.30 23.71 -5.91
C ILE A 2223 -83.39 24.68 -6.37
N ARG A 2224 -82.98 25.64 -7.20
CA ARG A 2224 -83.91 26.59 -7.80
C ARG A 2224 -84.82 25.84 -8.77
N PHE A 2225 -86.07 26.31 -8.85
CA PHE A 2225 -87.15 25.67 -9.59
C PHE A 2225 -87.35 24.19 -9.22
N PRO A 2226 -87.60 23.86 -7.95
CA PRO A 2226 -87.73 22.44 -7.56
C PRO A 2226 -88.89 21.70 -8.21
N LYS A 2227 -89.97 22.43 -8.54
CA LYS A 2227 -91.17 21.80 -9.08
C LYS A 2227 -90.90 21.16 -10.43
N MET A 2228 -90.17 21.86 -11.30
CA MET A 2228 -89.85 21.30 -12.61
C MET A 2228 -88.90 20.13 -12.47
N VAL A 2229 -87.99 20.17 -11.50
CA VAL A 2229 -87.05 19.08 -11.27
C VAL A 2229 -87.79 17.79 -10.93
N THR A 2230 -88.72 17.87 -9.98
CA THR A 2230 -89.45 16.66 -9.61
C THR A 2230 -90.48 16.27 -10.67
N SER A 2231 -91.00 17.24 -11.44
CA SER A 2231 -91.99 16.94 -12.45
C SER A 2231 -91.34 16.28 -13.66
N CYS A 2232 -90.07 16.60 -13.92
CA CYS A 2232 -89.36 15.99 -15.03
C CYS A 2232 -88.76 14.66 -14.65
N CYS A 2233 -88.21 14.54 -13.43
CA CYS A 2233 -87.77 13.21 -12.98
C CYS A 2233 -88.93 12.23 -12.90
N ARG A 2234 -90.16 12.72 -12.67
CA ARG A 2234 -91.34 11.89 -12.83
C ARG A 2234 -91.48 11.37 -14.25
N PHE A 2235 -91.27 12.25 -15.24
CA PHE A 2235 -91.30 11.84 -16.65
C PHE A 2235 -90.21 10.82 -16.96
N LEU A 2236 -89.03 10.99 -16.36
CA LEU A 2236 -87.96 10.02 -16.56
C LEU A 2236 -88.32 8.65 -16.01
N CYS A 2237 -88.94 8.62 -14.82
CA CYS A 2237 -89.36 7.34 -14.24
C CYS A 2237 -90.41 6.66 -15.11
N TYR A 2238 -91.36 7.44 -15.64
CA TYR A 2238 -92.31 6.86 -16.59
C TYR A 2238 -91.62 6.39 -17.86
N PHE A 2239 -90.61 7.17 -18.32
CA PHE A 2239 -89.90 6.84 -19.56
C PHE A 2239 -89.19 5.50 -19.42
N CYS A 2240 -88.58 5.27 -18.26
CA CYS A 2240 -87.92 3.99 -18.01
C CYS A 2240 -88.97 2.88 -18.00
N ARG A 2241 -90.13 3.15 -17.40
CA ARG A 2241 -91.15 2.10 -17.35
C ARG A 2241 -91.83 1.85 -18.70
N ILE A 2242 -91.64 2.71 -19.71
CA ILE A 2242 -92.27 2.45 -21.02
C ILE A 2242 -91.73 1.18 -21.64
N SER A 2243 -90.42 1.02 -21.67
CA SER A 2243 -89.82 -0.16 -22.28
C SER A 2243 -88.41 -0.37 -21.77
N ARG A 2244 -87.95 -1.62 -21.85
CA ARG A 2244 -86.61 -1.97 -21.40
C ARG A 2244 -85.53 -1.38 -22.28
N GLN A 2245 -85.77 -1.24 -23.59
CA GLN A 2245 -84.80 -0.58 -24.47
C GLN A 2245 -84.57 0.86 -24.05
N ASN A 2246 -85.65 1.57 -23.70
CA ASN A 2246 -85.50 2.90 -23.12
C ASN A 2246 -84.73 2.83 -21.80
N GLN A 2247 -85.04 1.83 -20.99
CA GLN A 2247 -84.31 1.59 -19.75
C GLN A 2247 -82.85 1.23 -20.00
N ARG A 2248 -82.60 0.36 -20.99
CA ARG A 2248 -81.23 -0.04 -21.30
C ARG A 2248 -80.41 1.14 -21.82
N SER A 2249 -81.04 1.99 -22.65
CA SER A 2249 -80.38 3.21 -23.10
C SER A 2249 -80.10 4.14 -21.93
N MET A 2250 -81.05 4.24 -21.00
CA MET A 2250 -80.88 5.08 -19.82
C MET A 2250 -79.84 4.52 -18.84
N PHE A 2251 -79.54 3.21 -18.95
CA PHE A 2251 -78.65 2.54 -18.02
C PHE A 2251 -77.23 3.10 -18.08
N ASP A 2252 -76.84 3.67 -19.22
CA ASP A 2252 -75.48 4.18 -19.38
C ASP A 2252 -75.23 5.42 -18.52
N HIS A 2253 -76.25 6.23 -18.28
CA HIS A 2253 -76.10 7.51 -17.62
C HIS A 2253 -76.25 7.45 -16.11
N LEU A 2254 -76.30 6.24 -15.53
CA LEU A 2254 -76.52 6.08 -14.09
C LEU A 2254 -75.46 6.76 -13.25
N SER A 2255 -74.17 6.50 -13.55
CA SER A 2255 -73.07 7.19 -12.88
C SER A 2255 -73.15 8.69 -13.11
N TYR A 2256 -73.43 9.08 -14.36
CA TYR A 2256 -73.68 10.47 -14.70
C TYR A 2256 -74.86 11.01 -13.90
N LEU A 2257 -75.89 10.20 -13.72
CA LEU A 2257 -76.97 10.58 -12.82
C LEU A 2257 -76.54 10.48 -11.36
N LEU A 2258 -75.50 9.68 -11.07
CA LEU A 2258 -75.16 9.41 -9.68
C LEU A 2258 -74.48 10.63 -9.05
N GLU A 2259 -73.61 11.31 -9.80
CA GLU A 2259 -73.02 12.54 -9.23
C GLU A 2259 -74.09 13.58 -8.94
N ASN A 2260 -75.06 13.74 -9.84
CA ASN A 2260 -76.18 14.63 -9.58
C ASN A 2260 -77.07 14.16 -8.44
N SER A 2261 -77.08 12.87 -8.14
CA SER A 2261 -77.88 12.37 -7.02
C SER A 2261 -77.29 12.72 -5.67
N GLY A 2262 -76.06 13.25 -5.62
CA GLY A 2262 -75.48 13.70 -4.35
C GLY A 2262 -76.28 14.82 -3.72
N ILE A 2263 -76.75 15.76 -4.53
CA ILE A 2263 -77.65 16.80 -4.06
C ILE A 2263 -79.11 16.44 -4.29
N GLY A 2264 -79.39 15.24 -4.80
CA GLY A 2264 -80.75 14.80 -5.02
C GLY A 2264 -81.52 14.48 -3.75
N LEU A 2265 -80.81 14.33 -2.62
CA LEU A 2265 -81.47 14.12 -1.33
C LEU A 2265 -82.27 15.34 -0.88
N GLY A 2266 -81.90 16.53 -1.36
CA GLY A 2266 -82.60 17.74 -0.96
C GLY A 2266 -84.04 17.78 -1.42
N MET A 2267 -84.30 17.28 -2.61
CA MET A 2267 -85.64 17.33 -3.20
C MET A 2267 -86.49 16.15 -2.78
N GLN A 2268 -87.78 16.41 -2.60
CA GLN A 2268 -88.76 15.40 -2.23
CA GLN A 2268 -88.76 15.40 -2.23
C GLN A 2268 -89.61 15.05 -3.44
N GLY A 2269 -90.14 13.82 -3.45
CA GLY A 2269 -90.96 13.38 -4.55
C GLY A 2269 -90.23 12.46 -5.51
N SER A 2270 -90.14 12.86 -6.77
CA SER A 2270 -89.43 12.10 -7.79
C SER A 2270 -88.04 12.70 -7.94
N THR A 2271 -87.02 11.90 -7.67
CA THR A 2271 -85.63 12.33 -7.58
C THR A 2271 -84.76 11.51 -8.53
N PRO A 2272 -83.54 11.98 -8.86
CA PRO A 2272 -82.64 11.16 -9.70
C PRO A 2272 -82.32 9.79 -9.15
N LEU A 2273 -82.31 9.62 -7.83
CA LEU A 2273 -82.17 8.29 -7.23
C LEU A 2273 -83.34 7.39 -7.64
N ASP A 2274 -84.56 7.94 -7.63
CA ASP A 2274 -85.73 7.20 -8.11
C ASP A 2274 -85.61 6.88 -9.59
N VAL A 2275 -85.09 7.83 -10.38
CA VAL A 2275 -84.88 7.59 -11.80
C VAL A 2275 -83.89 6.45 -12.02
N ALA A 2276 -82.83 6.42 -11.21
CA ALA A 2276 -81.84 5.34 -11.29
C ALA A 2276 -82.47 3.99 -10.93
N ALA A 2277 -83.32 3.98 -9.89
CA ALA A 2277 -83.99 2.75 -9.49
C ALA A 2277 -84.91 2.26 -10.60
N ALA A 2278 -85.67 3.18 -11.22
CA ALA A 2278 -86.51 2.78 -12.32
C ALA A 2278 -85.69 2.41 -13.55
N SER A 2279 -84.40 2.81 -13.59
CA SER A 2279 -83.53 2.50 -14.70
C SER A 2279 -82.76 1.21 -14.49
N VAL A 2280 -82.97 0.54 -13.35
CA VAL A 2280 -82.20 -0.66 -13.03
C VAL A 2280 -83.18 -1.81 -12.76
N ILE A 2281 -84.39 -1.49 -12.31
CA ILE A 2281 -85.30 -2.50 -11.76
C ILE A 2281 -85.87 -3.39 -12.87
N ASP A 2282 -86.52 -4.50 -12.49
CA ASP A 2282 -87.18 -5.55 -13.27
C ASP A 2282 -86.41 -6.02 -14.50
N ASN A 2283 -85.08 -6.01 -14.44
CA ASN A 2283 -84.27 -6.61 -15.49
C ASN A 2283 -83.06 -7.27 -14.83
N ASN A 2284 -82.94 -8.59 -15.02
CA ASN A 2284 -81.79 -9.31 -14.49
C ASN A 2284 -80.51 -8.95 -15.23
N GLU A 2285 -80.62 -8.68 -16.54
CA GLU A 2285 -79.47 -8.26 -17.34
C GLU A 2285 -78.90 -6.94 -16.82
N LEU A 2286 -79.77 -6.00 -16.51
CA LEU A 2286 -79.33 -4.82 -15.78
C LEU A 2286 -79.05 -5.21 -14.33
N ALA A 2287 -78.17 -4.43 -13.68
CA ALA A 2287 -77.55 -4.66 -12.37
C ALA A 2287 -76.58 -5.83 -12.39
N LEU A 2288 -76.45 -6.55 -13.50
CA LEU A 2288 -75.43 -7.56 -13.69
C LEU A 2288 -74.18 -6.99 -14.32
N ALA A 2289 -74.35 -5.98 -15.18
CA ALA A 2289 -73.23 -5.20 -15.70
C ALA A 2289 -73.02 -3.91 -14.94
N LEU A 2290 -73.72 -3.73 -13.82
CA LEU A 2290 -73.57 -2.56 -12.95
C LEU A 2290 -72.17 -2.47 -12.37
N GLN A 2291 -71.43 -1.44 -12.76
CA GLN A 2291 -70.05 -1.29 -12.34
C GLN A 2291 -69.95 -1.07 -10.83
N GLU A 2292 -68.89 -1.61 -10.24
CA GLU A 2292 -68.70 -1.57 -8.80
C GLU A 2292 -68.50 -0.16 -8.26
N GLN A 2293 -67.88 0.73 -9.06
CA GLN A 2293 -67.52 2.08 -8.62
C GLN A 2293 -68.70 2.90 -8.13
N ASP A 2294 -69.89 2.62 -8.65
CA ASP A 2294 -71.11 3.27 -8.15
C ASP A 2294 -71.36 2.93 -6.68
N LEU A 2295 -71.11 1.67 -6.30
CA LEU A 2295 -71.58 1.12 -5.03
C LEU A 2295 -70.89 1.79 -3.85
N GLU A 2296 -69.55 1.88 -3.89
CA GLU A 2296 -68.84 2.45 -2.74
C GLU A 2296 -69.12 3.94 -2.62
N LYS A 2297 -69.46 4.60 -3.72
CA LYS A 2297 -69.81 6.01 -3.63
C LYS A 2297 -71.21 6.18 -3.02
N VAL A 2298 -72.11 5.22 -3.31
CA VAL A 2298 -73.43 5.22 -2.68
C VAL A 2298 -73.29 5.00 -1.17
N VAL A 2299 -72.46 4.04 -0.77
CA VAL A 2299 -72.36 3.80 0.67
C VAL A 2299 -71.53 4.87 1.36
N SER A 2300 -70.63 5.57 0.65
CA SER A 2300 -70.00 6.76 1.23
C SER A 2300 -71.03 7.84 1.47
N TYR A 2301 -72.02 7.97 0.58
CA TYR A 2301 -73.17 8.82 0.86
C TYR A 2301 -73.97 8.35 2.06
N LEU A 2302 -74.15 7.04 2.21
CA LEU A 2302 -74.77 6.50 3.43
C LEU A 2302 -73.98 6.84 4.69
N ALA A 2303 -72.65 6.77 4.60
CA ALA A 2303 -71.78 7.21 5.69
C ALA A 2303 -71.96 8.69 6.00
N GLY A 2304 -72.05 9.53 4.96
CA GLY A 2304 -72.35 10.94 5.17
C GLY A 2304 -73.72 11.18 5.75
N CYS A 2305 -74.70 10.35 5.38
CA CYS A 2305 -76.03 10.42 5.97
C CYS A 2305 -75.98 10.09 7.46
N GLY A 2306 -75.15 9.13 7.82
CA GLY A 2306 -75.10 8.67 9.19
C GLY A 2306 -74.19 9.47 10.12
N LEU A 2307 -73.24 10.23 9.57
CA LEU A 2307 -72.31 10.94 10.42
C LEU A 2307 -72.77 12.34 10.81
N GLN A 2308 -73.70 12.93 10.06
CA GLN A 2308 -74.08 14.32 10.30
C GLN A 2308 -75.59 14.46 10.18
N SER A 2309 -76.10 15.51 10.82
CA SER A 2309 -77.52 15.82 10.77
C SER A 2309 -77.92 16.28 9.37
N CYS A 2310 -79.19 16.06 9.05
CA CYS A 2310 -79.74 16.50 7.77
C CYS A 2310 -79.89 18.01 7.77
N PRO A 2311 -79.28 18.74 6.82
CA PRO A 2311 -79.27 20.21 6.86
C PRO A 2311 -80.64 20.87 6.74
N MET A 2312 -81.38 20.57 5.66
CA MET A 2312 -82.66 21.24 5.46
C MET A 2312 -83.73 20.68 6.40
N LEU A 2313 -83.61 19.42 6.82
CA LEU A 2313 -84.50 18.90 7.85
C LEU A 2313 -84.27 19.60 9.18
N LEU A 2314 -83.00 19.85 9.52
CA LEU A 2314 -82.70 20.48 10.80
C LEU A 2314 -83.01 21.97 10.78
N ALA A 2315 -82.95 22.61 9.61
CA ALA A 2315 -83.24 24.04 9.49
C ALA A 2315 -84.68 24.39 9.80
N LYS A 2316 -85.60 23.42 9.79
CA LYS A 2316 -87.01 23.65 10.04
C LYS A 2316 -87.37 23.65 11.53
N GLY A 2317 -86.40 23.85 12.41
CA GLY A 2317 -86.67 23.86 13.84
C GLY A 2317 -86.75 22.51 14.50
N TYR A 2318 -86.37 21.44 13.80
CA TYR A 2318 -86.43 20.11 14.38
C TYR A 2318 -85.33 19.91 15.42
N PRO A 2319 -85.55 19.04 16.41
CA PRO A 2319 -84.48 18.69 17.35
C PRO A 2319 -83.36 17.94 16.65
N ASP A 2320 -82.16 18.10 17.19
CA ASP A 2320 -80.96 17.62 16.52
C ASP A 2320 -80.70 16.15 16.79
N ILE A 2321 -80.52 15.39 15.72
CA ILE A 2321 -80.02 14.01 15.76
C ILE A 2321 -78.90 13.91 14.74
N GLY A 2322 -77.84 13.20 15.09
CA GLY A 2322 -76.62 13.19 14.29
C GLY A 2322 -76.63 12.42 12.99
N TRP A 2323 -77.80 12.11 12.45
CA TRP A 2323 -77.90 11.34 11.22
C TRP A 2323 -79.22 11.61 10.52
N ASN A 2324 -79.28 11.23 9.23
CA ASN A 2324 -80.43 11.51 8.38
C ASN A 2324 -81.11 10.19 8.01
N PRO A 2325 -82.19 9.83 8.71
CA PRO A 2325 -82.94 8.62 8.36
C PRO A 2325 -83.58 8.65 6.98
N CYS A 2326 -84.07 9.80 6.52
CA CYS A 2326 -84.76 9.85 5.24
C CYS A 2326 -83.80 9.64 4.07
N GLY A 2327 -82.67 10.35 4.07
CA GLY A 2327 -81.68 10.15 3.02
C GLY A 2327 -81.05 8.78 3.07
N GLY A 2328 -80.81 8.27 4.30
CA GLY A 2328 -80.30 6.92 4.43
C GLY A 2328 -81.29 5.90 3.90
N GLU A 2329 -82.58 6.11 4.18
CA GLU A 2329 -83.64 5.24 3.71
C GLU A 2329 -83.68 5.23 2.18
N ARG A 2330 -83.51 6.42 1.58
CA ARG A 2330 -83.51 6.57 0.13
C ARG A 2330 -82.43 5.70 -0.50
N TYR A 2331 -81.21 5.75 0.06
CA TYR A 2331 -80.15 4.90 -0.48
C TYR A 2331 -80.44 3.42 -0.22
N LEU A 2332 -81.03 3.12 0.94
CA LEU A 2332 -81.33 1.72 1.29
C LEU A 2332 -82.32 1.10 0.31
N ASP A 2333 -83.46 1.77 0.07
CA ASP A 2333 -84.42 1.23 -0.89
C ASP A 2333 -83.87 1.27 -2.31
N PHE A 2334 -82.96 2.19 -2.61
CA PHE A 2334 -82.28 2.17 -3.90
C PHE A 2334 -81.44 0.91 -4.05
N LEU A 2335 -80.62 0.59 -3.04
CA LEU A 2335 -79.85 -0.64 -3.06
C LEU A 2335 -80.74 -1.88 -3.03
N ARG A 2336 -81.93 -1.76 -2.42
CA ARG A 2336 -82.92 -2.84 -2.47
C ARG A 2336 -83.37 -3.11 -3.90
N PHE A 2337 -83.63 -2.04 -4.66
CA PHE A 2337 -83.98 -2.22 -6.06
C PHE A 2337 -82.78 -2.67 -6.87
N ALA A 2338 -81.57 -2.35 -6.39
CA ALA A 2338 -80.36 -2.66 -7.13
C ALA A 2338 -80.07 -4.16 -7.04
N VAL A 2339 -80.26 -4.74 -5.87
CA VAL A 2339 -79.85 -6.12 -5.64
C VAL A 2339 -80.99 -7.13 -5.75
N PHE A 2340 -82.25 -6.71 -5.67
CA PHE A 2340 -83.34 -7.67 -5.72
C PHE A 2340 -84.16 -7.41 -6.97
N VAL A 2341 -84.27 -8.43 -7.83
CA VAL A 2341 -85.00 -8.34 -9.09
C VAL A 2341 -85.85 -9.59 -9.25
N ASN A 2342 -87.08 -9.39 -9.77
CA ASN A 2342 -88.02 -10.45 -10.15
C ASN A 2342 -88.32 -11.46 -9.05
N GLY A 2343 -88.14 -11.08 -7.78
CA GLY A 2343 -88.37 -11.99 -6.68
C GLY A 2343 -87.19 -12.83 -6.24
N GLU A 2344 -86.00 -12.63 -6.82
CA GLU A 2344 -84.82 -13.36 -6.37
C GLU A 2344 -83.64 -12.42 -6.23
N SER A 2345 -82.69 -12.82 -5.40
CA SER A 2345 -81.53 -12.00 -5.13
C SER A 2345 -80.41 -12.28 -6.14
N VAL A 2346 -79.65 -11.25 -6.45
CA VAL A 2346 -78.47 -11.39 -7.29
C VAL A 2346 -77.29 -11.60 -6.34
N GLU A 2347 -76.68 -12.79 -6.40
CA GLU A 2347 -75.62 -13.15 -5.47
C GLU A 2347 -74.36 -12.29 -5.68
N GLU A 2348 -74.01 -12.03 -6.95
CA GLU A 2348 -72.83 -11.23 -7.27
C GLU A 2348 -72.95 -9.80 -6.76
N ASN A 2349 -74.12 -9.18 -6.95
CA ASN A 2349 -74.31 -7.85 -6.40
C ASN A 2349 -74.44 -7.90 -4.89
N ALA A 2350 -75.07 -8.96 -4.38
CA ALA A 2350 -75.35 -9.11 -2.94
C ALA A 2350 -74.08 -9.14 -2.11
N ASN A 2351 -73.07 -9.89 -2.56
CA ASN A 2351 -71.89 -10.04 -1.72
C ASN A 2351 -71.07 -8.75 -1.73
N VAL A 2352 -71.00 -8.06 -2.87
CA VAL A 2352 -70.18 -6.87 -2.93
C VAL A 2352 -70.84 -5.74 -2.14
N VAL A 2353 -72.18 -5.63 -2.20
CA VAL A 2353 -72.85 -4.56 -1.44
C VAL A 2353 -72.70 -4.83 0.06
N VAL A 2354 -72.92 -6.08 0.51
CA VAL A 2354 -72.79 -6.33 1.95
C VAL A 2354 -71.34 -6.17 2.41
N ARG A 2355 -70.37 -6.55 1.57
CA ARG A 2355 -68.96 -6.36 1.90
C ARG A 2355 -68.59 -4.89 2.06
N LEU A 2356 -69.04 -4.05 1.12
CA LEU A 2356 -68.71 -2.63 1.21
C LEU A 2356 -69.52 -1.92 2.28
N LEU A 2357 -70.77 -2.33 2.49
CA LEU A 2357 -71.59 -1.79 3.55
C LEU A 2357 -71.01 -2.14 4.92
N ILE A 2358 -70.55 -3.39 5.08
CA ILE A 2358 -70.06 -3.82 6.37
C ILE A 2358 -68.66 -3.29 6.62
N ARG A 2359 -67.92 -2.91 5.56
CA ARG A 2359 -66.66 -2.20 5.73
C ARG A 2359 -66.84 -0.85 6.41
N LYS A 2360 -68.03 -0.25 6.31
CA LYS A 2360 -68.31 1.06 6.89
C LYS A 2360 -69.51 0.91 7.81
N PRO A 2361 -69.32 0.38 9.03
CA PRO A 2361 -70.46 0.19 9.95
C PRO A 2361 -71.07 1.48 10.48
N GLU A 2362 -70.49 2.65 10.19
CA GLU A 2362 -70.95 3.92 10.71
C GLU A 2362 -72.32 4.34 10.22
N CYS A 2363 -72.86 3.69 9.18
CA CYS A 2363 -74.11 4.10 8.56
C CYS A 2363 -75.29 3.20 8.94
N PHE A 2364 -75.11 2.25 9.86
CA PHE A 2364 -76.23 1.41 10.26
C PHE A 2364 -77.21 2.14 11.18
N GLY A 2365 -76.75 3.14 11.91
CA GLY A 2365 -77.60 3.87 12.82
C GLY A 2365 -77.02 3.90 14.23
N PRO A 2366 -77.80 4.40 15.19
CA PRO A 2366 -77.33 4.41 16.60
C PRO A 2366 -77.05 3.03 17.17
N ALA A 2367 -77.79 2.03 16.74
CA ALA A 2367 -77.55 0.67 17.19
C ALA A 2367 -76.62 -0.05 16.22
N LEU A 2368 -76.21 -1.26 16.59
CA LEU A 2368 -75.41 -2.19 15.78
C LEU A 2368 -74.01 -1.64 15.45
N ARG A 2369 -73.53 -0.65 16.19
CA ARG A 2369 -72.21 -0.11 15.99
CA ARG A 2369 -72.20 -0.10 16.02
C ARG A 2369 -71.15 -0.87 16.80
N GLY A 2370 -71.56 -1.73 17.73
CA GLY A 2370 -70.59 -2.41 18.57
C GLY A 2370 -70.40 -1.68 19.87
N GLU A 2371 -69.23 -1.07 20.06
CA GLU A 2371 -69.02 -0.21 21.22
C GLU A 2371 -69.92 1.01 21.11
N GLY A 2372 -70.57 1.36 22.23
CA GLY A 2372 -71.50 2.47 22.25
C GLY A 2372 -72.81 2.22 21.54
N GLY A 2373 -73.05 1.03 21.01
CA GLY A 2373 -74.27 0.73 20.29
C GLY A 2373 -75.28 -0.04 21.09
N SER A 2374 -76.42 0.59 21.38
CA SER A 2374 -77.50 -0.05 22.11
C SER A 2374 -78.21 -1.09 21.23
N GLY A 2375 -79.21 -1.75 21.80
CA GLY A 2375 -79.98 -2.71 21.05
C GLY A 2375 -80.80 -2.06 19.95
N LEU A 2376 -80.93 -2.79 18.84
CA LEU A 2376 -81.78 -2.33 17.73
C LEU A 2376 -83.24 -2.25 18.17
N LEU A 2377 -83.69 -3.26 18.92
CA LEU A 2377 -85.04 -3.27 19.48
C LEU A 2377 -85.26 -2.09 20.41
N ALA A 2378 -84.26 -1.80 21.26
CA ALA A 2378 -84.33 -0.68 22.18
C ALA A 2378 -84.42 0.64 21.41
N ALA A 2379 -83.64 0.75 20.33
CA ALA A 2379 -83.70 1.95 19.49
C ALA A 2379 -85.06 2.09 18.82
N ILE A 2380 -85.73 0.97 18.57
CA ILE A 2380 -87.07 1.03 18.00
C ILE A 2380 -88.07 1.56 19.03
N GLU A 2381 -88.01 1.08 20.28
CA GLU A 2381 -88.88 1.71 21.29
C GLU A 2381 -88.52 3.17 21.55
N GLU A 2382 -87.25 3.55 21.37
CA GLU A 2382 -86.88 4.97 21.39
C GLU A 2382 -87.58 5.73 20.29
N ALA A 2383 -87.64 5.14 19.09
CA ALA A 2383 -88.25 5.81 17.95
C ALA A 2383 -89.77 5.88 18.12
N ILE A 2384 -90.39 4.78 18.57
CA ILE A 2384 -91.84 4.72 18.69
C ILE A 2384 -92.33 5.71 19.73
N ARG A 2385 -91.73 5.70 20.93
CA ARG A 2385 -92.18 6.60 21.98
C ARG A 2385 -91.83 8.06 21.68
N ILE A 2386 -90.68 8.32 21.05
CA ILE A 2386 -90.38 9.69 20.63
C ILE A 2386 -91.35 10.16 19.54
N SER A 2387 -91.75 9.25 18.64
CA SER A 2387 -92.76 9.58 17.63
C SER A 2387 -94.10 9.92 18.26
N GLU A 2388 -94.53 9.14 19.27
CA GLU A 2388 -95.79 9.42 19.95
C GLU A 2388 -95.73 10.69 20.80
N ASP A 2389 -94.56 11.03 21.31
CA ASP A 2389 -94.43 12.20 22.18
C ASP A 2389 -94.11 13.44 21.35
N PRO A 2390 -94.94 14.47 21.35
CA PRO A 2390 -94.62 15.69 20.60
C PRO A 2390 -93.40 16.42 21.16
N ALA A 2391 -92.99 17.46 20.42
CA ALA A 2391 -91.84 18.34 20.66
C ALA A 2391 -90.49 17.63 20.49
N ARG A 2392 -90.46 16.34 20.17
CA ARG A 2392 -89.23 15.62 19.89
C ARG A 2392 -89.32 14.92 18.54
N ASP A 2393 -90.54 14.63 18.09
CA ASP A 2393 -90.72 14.03 16.78
C ASP A 2393 -90.80 15.07 15.67
N GLY A 2394 -91.25 16.27 16.01
CA GLY A 2394 -91.40 17.31 15.01
C GLY A 2394 -90.84 18.65 15.46
N PRO A 2395 -91.15 19.71 14.71
CA PRO A 2395 -90.60 21.04 15.03
C PRO A 2395 -91.27 21.72 16.20
N GLY A 2396 -92.39 21.18 16.70
CA GLY A 2396 -93.14 21.82 17.77
C GLY A 2396 -93.80 23.13 17.38
N VAL A 2397 -94.38 23.21 16.20
CA VAL A 2397 -95.04 24.43 15.74
C VAL A 2397 -96.54 24.18 15.58
N PRO A 2410 -100.51 15.26 7.49
CA PRO A 2410 -99.56 16.29 7.89
C PRO A 2410 -100.03 17.69 7.50
N PRO A 2411 -99.65 18.70 8.30
CA PRO A 2411 -100.06 20.10 8.00
C PRO A 2411 -99.59 20.59 6.64
N GLU A 2412 -98.40 20.18 6.19
CA GLU A 2412 -97.88 20.62 4.91
C GLU A 2412 -97.71 19.46 3.93
N GLU A 2413 -98.24 18.27 4.26
CA GLU A 2413 -98.22 17.01 3.52
C GLU A 2413 -96.82 16.41 3.38
N ASN A 2414 -95.78 17.05 3.91
CA ASN A 2414 -94.42 16.53 3.88
C ASN A 2414 -93.73 16.74 5.21
N ARG A 2415 -94.49 16.72 6.30
CA ARG A 2415 -93.94 16.94 7.64
C ARG A 2415 -93.02 15.77 8.00
N VAL A 2416 -91.89 16.10 8.59
CA VAL A 2416 -90.91 15.09 8.98
C VAL A 2416 -91.27 14.56 10.35
N HIS A 2417 -91.35 13.24 10.48
CA HIS A 2417 -91.59 12.56 11.74
C HIS A 2417 -90.32 11.78 12.03
N LEU A 2418 -89.52 12.27 12.98
CA LEU A 2418 -88.22 11.68 13.28
C LEU A 2418 -88.33 10.25 13.76
N GLY A 2419 -89.29 10.00 14.68
CA GLY A 2419 -89.50 8.65 15.18
C GLY A 2419 -89.92 7.67 14.10
N HIS A 2420 -90.78 8.10 13.18
CA HIS A 2420 -91.19 7.23 12.08
C HIS A 2420 -90.04 7.02 11.10
N ALA A 2421 -89.27 8.07 10.82
CA ALA A 2421 -88.19 7.98 9.84
C ALA A 2421 -87.06 7.07 10.32
N ILE A 2422 -86.75 7.10 11.62
CA ILE A 2422 -85.67 6.28 12.17
C ILE A 2422 -85.98 4.79 11.99
N MET A 2423 -87.19 4.39 12.37
CA MET A 2423 -87.59 2.99 12.22
C MET A 2423 -87.88 2.61 10.77
N SER A 2424 -88.29 3.57 9.93
CA SER A 2424 -88.37 3.32 8.49
C SER A 2424 -86.99 3.03 7.91
N PHE A 2425 -85.97 3.78 8.35
CA PHE A 2425 -84.58 3.50 8.00
C PHE A 2425 -84.16 2.12 8.47
N TYR A 2426 -84.51 1.76 9.70
CA TYR A 2426 -84.14 0.45 10.24
C TYR A 2426 -84.80 -0.68 9.46
N ALA A 2427 -86.08 -0.51 9.13
CA ALA A 2427 -86.82 -1.49 8.33
C ALA A 2427 -86.23 -1.63 6.94
N ALA A 2428 -85.87 -0.52 6.29
CA ALA A 2428 -85.23 -0.65 4.98
C ALA A 2428 -83.83 -1.24 5.08
N LEU A 2429 -83.15 -1.02 6.21
CA LEU A 2429 -81.83 -1.62 6.45
C LEU A 2429 -81.93 -3.13 6.54
N ILE A 2430 -82.98 -3.60 7.20
CA ILE A 2430 -83.08 -5.03 7.40
C ILE A 2430 -83.72 -5.66 6.17
N ASP A 2431 -84.61 -4.95 5.46
CA ASP A 2431 -85.15 -5.47 4.21
C ASP A 2431 -84.06 -5.57 3.16
N LEU A 2432 -83.11 -4.63 3.19
CA LEU A 2432 -81.93 -4.68 2.34
C LEU A 2432 -81.11 -5.93 2.62
N LEU A 2433 -80.80 -6.18 3.90
CA LEU A 2433 -80.01 -7.37 4.23
C LEU A 2433 -80.77 -8.66 3.89
N GLY A 2434 -82.09 -8.68 4.14
CA GLY A 2434 -82.91 -9.82 3.80
C GLY A 2434 -82.94 -10.10 2.31
N ARG A 2435 -82.99 -9.06 1.49
CA ARG A 2435 -82.95 -9.26 0.05
C ARG A 2435 -81.53 -9.41 -0.48
N CYS A 2436 -80.52 -9.19 0.37
CA CYS A 2436 -79.15 -9.54 0.06
C CYS A 2436 -78.79 -10.94 0.54
N ALA A 2437 -79.71 -11.65 1.18
CA ALA A 2437 -79.42 -12.95 1.78
C ALA A 2437 -79.12 -13.98 0.69
N PRO A 2438 -78.16 -14.90 0.94
CA PRO A 2438 -77.90 -15.97 -0.02
C PRO A 2438 -79.07 -16.93 -0.17
N GLU A 2439 -79.19 -17.48 -1.36
CA GLU A 2439 -80.26 -18.43 -1.65
C GLU A 2439 -80.05 -19.79 -0.99
N MET A 2440 -81.18 -20.45 -0.75
CA MET A 2440 -81.18 -21.74 -0.05
C MET A 2440 -80.51 -22.82 -0.88
N HIS A 2441 -80.66 -22.77 -2.21
CA HIS A 2441 -80.04 -23.78 -3.07
C HIS A 2441 -78.52 -23.71 -3.00
N LEU A 2442 -77.96 -22.50 -2.91
CA LEU A 2442 -76.53 -22.37 -2.66
C LEU A 2442 -76.16 -22.79 -1.26
N ILE A 2443 -77.07 -22.56 -0.30
CA ILE A 2443 -76.80 -22.95 1.09
C ILE A 2443 -76.69 -24.47 1.19
N GLN A 2444 -77.66 -25.20 0.63
CA GLN A 2444 -77.56 -26.66 0.61
C GLN A 2444 -76.45 -27.12 -0.34
N ALA A 2445 -76.06 -26.29 -1.30
CA ALA A 2445 -74.90 -26.61 -2.13
C ALA A 2445 -73.61 -26.53 -1.34
N GLY A 2446 -73.62 -25.85 -0.20
CA GLY A 2446 -72.45 -25.82 0.65
C GLY A 2446 -71.32 -24.92 0.20
N LYS A 2447 -71.58 -23.98 -0.70
CA LYS A 2447 -70.54 -23.07 -1.15
C LYS A 2447 -70.09 -22.16 -0.01
N GLY A 2448 -68.78 -21.89 0.02
CA GLY A 2448 -68.09 -21.24 1.13
C GLY A 2448 -68.64 -19.86 1.41
N GLU A 2449 -68.55 -18.97 0.43
CA GLU A 2449 -68.95 -17.57 0.64
C GLU A 2449 -70.44 -17.47 0.94
N ALA A 2450 -71.26 -18.29 0.27
CA ALA A 2450 -72.70 -18.32 0.49
C ALA A 2450 -73.05 -18.67 1.93
N LEU A 2451 -72.40 -19.69 2.49
CA LEU A 2451 -72.55 -19.98 3.91
C LEU A 2451 -71.97 -18.86 4.78
N ARG A 2452 -70.82 -18.30 4.35
CA ARG A 2452 -70.06 -17.36 5.15
C ARG A 2452 -70.80 -16.04 5.35
N ILE A 2453 -71.48 -15.55 4.31
CA ILE A 2453 -72.22 -14.30 4.40
C ILE A 2453 -73.37 -14.45 5.40
N ARG A 2454 -74.15 -15.54 5.27
CA ARG A 2454 -75.29 -15.71 6.15
C ARG A 2454 -74.83 -15.88 7.60
N ALA A 2455 -73.72 -16.60 7.81
CA ALA A 2455 -73.14 -16.72 9.15
C ALA A 2455 -72.73 -15.37 9.70
N ILE A 2456 -72.25 -14.47 8.83
CA ILE A 2456 -71.95 -13.10 9.26
C ILE A 2456 -73.22 -12.38 9.66
N LEU A 2457 -74.29 -12.51 8.86
CA LEU A 2457 -75.56 -11.84 9.18
C LEU A 2457 -76.15 -12.34 10.50
N ARG A 2458 -76.03 -13.64 10.78
CA ARG A 2458 -76.43 -14.16 12.09
C ARG A 2458 -75.59 -13.57 13.22
N SER A 2459 -74.29 -13.39 13.00
CA SER A 2459 -73.48 -12.70 14.01
C SER A 2459 -73.85 -11.22 14.14
N LEU A 2460 -74.23 -10.58 13.03
CA LEU A 2460 -74.72 -9.21 13.02
C LEU A 2460 -75.99 -9.02 13.84
N VAL A 2461 -77.07 -9.63 13.37
CA VAL A 2461 -78.42 -9.36 13.89
C VAL A 2461 -78.80 -10.49 14.85
N PRO A 2462 -78.93 -10.23 16.14
CA PRO A 2462 -79.45 -11.26 17.05
C PRO A 2462 -80.95 -11.42 16.88
N LEU A 2463 -81.40 -12.67 16.74
CA LEU A 2463 -82.80 -12.98 16.52
C LEU A 2463 -83.70 -12.62 17.72
N ASP A 2464 -83.10 -12.47 18.91
CA ASP A 2464 -83.87 -12.10 20.10
C ASP A 2464 -84.46 -10.69 19.95
N ASP A 2465 -83.67 -9.76 19.40
CA ASP A 2465 -84.21 -8.44 19.12
C ASP A 2465 -85.30 -8.51 18.07
N LEU A 2466 -85.15 -9.42 17.10
CA LEU A 2466 -86.13 -9.54 16.01
C LEU A 2466 -87.47 -10.02 16.54
N VAL A 2467 -87.46 -11.06 17.40
CA VAL A 2467 -88.71 -11.54 17.97
C VAL A 2467 -89.29 -10.49 18.92
N GLY A 2468 -88.44 -9.65 19.52
CA GLY A 2468 -88.96 -8.51 20.28
C GLY A 2468 -89.71 -7.52 19.41
N ILE A 2469 -89.19 -7.23 18.21
CA ILE A 2469 -89.89 -6.34 17.27
C ILE A 2469 -91.20 -6.99 16.83
N ILE A 2470 -91.18 -8.32 16.67
CA ILE A 2470 -92.41 -9.04 16.35
C ILE A 2470 -93.43 -8.88 17.46
N SER A 2471 -92.99 -8.98 18.71
CA SER A 2471 -93.86 -8.82 19.86
C SER A 2471 -94.27 -7.37 20.09
N LEU A 2472 -93.66 -6.40 19.41
CA LEU A 2472 -94.02 -5.00 19.59
C LEU A 2472 -95.45 -4.74 19.11
N PRO A 2473 -96.25 -4.00 19.87
CA PRO A 2473 -97.66 -3.83 19.52
C PRO A 2473 -97.89 -2.79 18.43
N LEU A 2474 -99.10 -2.84 17.89
CA LEU A 2474 -99.60 -1.88 16.91
C LEU A 2474 -100.79 -1.12 17.50
N GLN A 2475 -100.79 0.20 17.34
CA GLN A 2475 -101.92 1.01 17.76
C GLN A 2475 -103.15 0.69 16.90
N ILE A 2476 -104.27 0.44 17.57
CA ILE A 2476 -105.46 -0.11 16.92
C ILE A 2476 -106.50 1.01 16.80
N PRO A 2477 -107.25 1.10 15.68
CA PRO A 2477 -108.38 2.04 15.62
C PRO A 2477 -109.47 1.66 16.62
N THR A 2478 -109.67 2.52 17.62
CA THR A 2478 -110.60 2.23 18.70
C THR A 2478 -111.93 2.93 18.48
N LEU A 2479 -112.99 2.34 19.04
CA LEU A 2479 -114.33 2.89 18.95
C LEU A 2479 -114.67 3.58 20.26
N GLY A 2480 -115.22 4.79 20.16
CA GLY A 2480 -115.62 5.54 21.33
C GLY A 2480 -115.76 7.00 21.00
N LYS A 2481 -116.29 7.74 21.98
CA LYS A 2481 -116.53 9.19 21.90
C LYS A 2481 -117.42 9.54 20.72
N ASP A 2482 -118.67 9.05 20.79
CA ASP A 2482 -119.68 9.17 19.73
C ASP A 2482 -119.19 8.51 18.44
N GLY A 2483 -118.52 7.36 18.60
CA GLY A 2483 -118.02 6.61 17.47
C GLY A 2483 -116.81 7.18 16.78
N ALA A 2484 -116.06 8.07 17.44
CA ALA A 2484 -114.87 8.66 16.84
C ALA A 2484 -113.77 7.60 16.76
N LEU A 2485 -113.42 7.21 15.54
CA LEU A 2485 -112.35 6.23 15.32
C LEU A 2485 -111.01 6.91 15.54
N VAL A 2486 -110.26 6.45 16.54
CA VAL A 2486 -108.92 6.96 16.76
C VAL A 2486 -107.98 6.25 15.79
N GLN A 2487 -107.80 6.84 14.61
CA GLN A 2487 -107.07 6.19 13.53
C GLN A 2487 -105.64 6.70 13.50
N PRO A 2488 -104.64 5.88 13.81
CA PRO A 2488 -103.25 6.32 13.67
C PRO A 2488 -102.90 6.64 12.22
N LYS A 2489 -102.03 7.64 12.06
CA LYS A 2489 -101.58 8.08 10.76
C LYS A 2489 -100.31 7.34 10.38
N MET A 2490 -100.29 6.77 9.16
CA MET A 2490 -99.10 6.06 8.66
C MET A 2490 -97.85 6.94 8.67
N SER A 2491 -98.01 8.23 8.45
CA SER A 2491 -96.88 9.16 8.50
C SER A 2491 -96.28 9.27 9.89
N ALA A 2492 -97.03 8.91 10.95
CA ALA A 2492 -96.55 9.05 12.32
C ALA A 2492 -96.89 7.82 13.17
N SER A 2493 -96.93 6.63 12.57
CA SER A 2493 -97.19 5.41 13.34
C SER A 2493 -96.42 4.27 12.70
N PHE A 2494 -96.22 3.21 13.48
CA PHE A 2494 -95.52 2.03 12.98
C PHE A 2494 -96.41 1.26 12.01
N VAL A 2495 -95.85 0.95 10.84
CA VAL A 2495 -96.65 0.35 9.78
C VAL A 2495 -96.37 -1.15 9.74
N PRO A 2496 -97.36 -1.96 9.36
CA PRO A 2496 -97.13 -3.41 9.23
C PRO A 2496 -96.12 -3.81 8.15
N ASP A 2497 -95.88 -2.96 7.16
CA ASP A 2497 -94.90 -3.29 6.12
C ASP A 2497 -93.47 -3.29 6.66
N HIS A 2498 -93.20 -2.49 7.68
CA HIS A 2498 -91.91 -2.56 8.38
C HIS A 2498 -91.73 -3.95 8.97
N LYS A 2499 -92.78 -4.44 9.62
CA LYS A 2499 -92.73 -5.76 10.24
C LYS A 2499 -92.58 -6.83 9.17
N ALA A 2500 -93.21 -6.63 8.00
CA ALA A 2500 -93.02 -7.57 6.88
C ALA A 2500 -91.57 -7.58 6.41
N SER A 2501 -90.89 -6.43 6.51
CA SER A 2501 -89.47 -6.36 6.15
C SER A 2501 -88.64 -7.21 7.10
N MET A 2502 -88.99 -7.17 8.40
CA MET A 2502 -88.23 -8.00 9.33
C MET A 2502 -88.59 -9.47 9.19
N VAL A 2503 -89.84 -9.79 8.86
CA VAL A 2503 -90.27 -11.18 8.67
C VAL A 2503 -89.52 -11.78 7.48
N LEU A 2504 -89.45 -11.01 6.38
CA LEU A 2504 -88.72 -11.46 5.19
C LEU A 2504 -87.25 -11.66 5.51
N PHE A 2505 -86.69 -10.82 6.39
CA PHE A 2505 -85.29 -10.97 6.77
C PHE A 2505 -85.06 -12.27 7.51
N LEU A 2506 -85.85 -12.52 8.56
CA LEU A 2506 -85.65 -13.72 9.37
C LEU A 2506 -85.94 -14.99 8.56
N ASP A 2507 -86.92 -14.91 7.65
CA ASP A 2507 -87.21 -16.04 6.75
C ASP A 2507 -86.03 -16.33 5.82
N ARG A 2508 -85.41 -15.28 5.26
CA ARG A 2508 -84.33 -15.50 4.30
C ARG A 2508 -82.97 -15.73 4.95
N VAL A 2509 -82.77 -15.30 6.20
CA VAL A 2509 -81.48 -15.41 6.88
C VAL A 2509 -81.55 -16.42 8.00
N TYR A 2510 -82.40 -16.18 9.00
CA TYR A 2510 -82.42 -17.05 10.16
C TYR A 2510 -83.18 -18.34 9.86
N GLY A 2511 -84.44 -18.22 9.47
CA GLY A 2511 -85.26 -19.36 9.19
C GLY A 2511 -85.79 -20.00 10.46
N ILE A 2512 -86.69 -20.97 10.27
CA ILE A 2512 -87.29 -21.69 11.38
C ILE A 2512 -86.94 -23.16 11.22
N GLU A 2513 -86.34 -23.74 12.26
CA GLU A 2513 -85.90 -25.14 12.23
C GLU A 2513 -86.70 -26.05 13.14
N ASN A 2514 -87.12 -25.57 14.30
CA ASN A 2514 -87.79 -26.40 15.30
C ASN A 2514 -89.17 -25.85 15.69
N GLN A 2515 -90.00 -26.77 16.17
CA GLN A 2515 -91.41 -26.47 16.44
C GLN A 2515 -91.57 -25.62 17.70
N ASP A 2516 -90.76 -25.89 18.74
CA ASP A 2516 -90.92 -25.15 19.99
C ASP A 2516 -90.63 -23.67 19.83
N PHE A 2517 -89.54 -23.33 19.12
CA PHE A 2517 -89.25 -21.94 18.82
C PHE A 2517 -90.15 -21.40 17.71
N LEU A 2518 -90.70 -22.29 16.86
CA LEU A 2518 -91.69 -21.88 15.87
C LEU A 2518 -92.92 -21.29 16.56
N LEU A 2519 -93.49 -22.04 17.51
CA LEU A 2519 -94.65 -21.55 18.25
C LEU A 2519 -94.26 -20.41 19.18
N HIS A 2520 -93.01 -20.44 19.70
CA HIS A 2520 -92.54 -19.38 20.59
C HIS A 2520 -92.46 -18.04 19.87
N VAL A 2521 -92.31 -18.05 18.54
CA VAL A 2521 -92.26 -16.78 17.81
C VAL A 2521 -93.66 -16.46 17.31
N LEU A 2522 -94.47 -17.49 17.01
CA LEU A 2522 -95.84 -17.25 16.54
C LEU A 2522 -96.71 -16.57 17.60
N ASP A 2523 -96.72 -17.12 18.82
CA ASP A 2523 -97.66 -16.66 19.84
C ASP A 2523 -97.39 -15.23 20.33
N VAL A 2524 -96.11 -14.86 20.48
CA VAL A 2524 -95.77 -13.58 21.11
C VAL A 2524 -96.19 -12.39 20.26
N GLY A 2525 -95.89 -12.40 18.96
CA GLY A 2525 -96.15 -11.23 18.15
C GLY A 2525 -97.08 -11.39 16.97
N PHE A 2526 -97.08 -12.56 16.33
CA PHE A 2526 -97.96 -12.74 15.19
C PHE A 2526 -99.40 -12.90 15.63
N LEU A 2527 -99.60 -13.61 16.75
CA LEU A 2527 -100.95 -13.81 17.30
C LEU A 2527 -101.68 -12.52 17.68
N PRO A 2528 -101.11 -11.55 18.45
CA PRO A 2528 -101.89 -10.32 18.73
C PRO A 2528 -102.24 -9.52 17.48
N ASP A 2529 -101.35 -9.49 16.49
CA ASP A 2529 -101.60 -8.74 15.27
C ASP A 2529 -102.68 -9.41 14.43
N MET A 2530 -102.61 -10.74 14.28
CA MET A 2530 -103.63 -11.42 13.49
C MET A 2530 -104.99 -11.37 14.18
N ARG A 2531 -105.02 -11.42 15.52
CA ARG A 2531 -106.27 -11.19 16.24
C ARG A 2531 -106.79 -9.78 16.02
N ALA A 2532 -105.88 -8.80 16.00
CA ALA A 2532 -106.26 -7.42 15.72
C ALA A 2532 -106.87 -7.29 14.33
N ALA A 2533 -106.25 -7.93 13.33
CA ALA A 2533 -106.79 -7.92 11.97
C ALA A 2533 -108.15 -8.59 11.88
N ALA A 2534 -108.31 -9.71 12.60
CA ALA A 2534 -109.61 -10.40 12.66
C ALA A 2534 -110.67 -9.53 13.32
N SER A 2535 -110.31 -8.82 14.39
CA SER A 2535 -111.23 -7.92 15.05
C SER A 2535 -111.60 -6.72 14.17
N LEU A 2536 -110.60 -6.15 13.48
CA LEU A 2536 -110.88 -5.05 12.57
C LEU A 2536 -111.56 -5.50 11.28
N ASP A 2537 -111.67 -6.81 11.04
CA ASP A 2537 -112.40 -7.32 9.88
C ASP A 2537 -113.90 -7.18 10.16
N THR A 2538 -114.40 -5.95 10.08
CA THR A 2538 -115.79 -5.63 10.38
C THR A 2538 -116.24 -4.52 9.44
N ALA A 2539 -117.41 -3.93 9.73
CA ALA A 2539 -117.93 -2.91 8.83
C ALA A 2539 -117.18 -1.60 8.96
N THR A 2540 -116.83 -1.19 10.19
CA THR A 2540 -116.27 0.13 10.43
C THR A 2540 -114.75 0.18 10.38
N PHE A 2541 -114.06 -0.95 10.52
CA PHE A 2541 -112.61 -0.92 10.64
C PHE A 2541 -111.85 -1.54 9.46
N SER A 2542 -112.51 -2.34 8.62
CA SER A 2542 -111.84 -3.01 7.51
C SER A 2542 -111.28 -2.03 6.50
N THR A 2543 -112.05 -0.97 6.19
CA THR A 2543 -111.65 0.01 5.20
C THR A 2543 -110.47 0.88 5.62
N THR A 2544 -110.08 0.84 6.90
CA THR A 2544 -108.97 1.65 7.37
C THR A 2544 -107.65 1.19 6.77
N GLU A 2545 -106.73 2.16 6.67
CA GLU A 2545 -105.38 1.90 6.17
C GLU A 2545 -104.65 0.88 7.03
N MET A 2546 -104.87 0.93 8.35
CA MET A 2546 -104.24 -0.01 9.27
C MET A 2546 -104.68 -1.44 9.00
N ALA A 2547 -105.98 -1.63 8.74
CA ALA A 2547 -106.49 -2.96 8.43
C ALA A 2547 -105.97 -3.45 7.08
N LEU A 2548 -106.05 -2.60 6.04
CA LEU A 2548 -105.59 -3.02 4.71
C LEU A 2548 -104.09 -3.30 4.70
N ALA A 2549 -103.31 -2.49 5.42
CA ALA A 2549 -101.87 -2.73 5.57
C ALA A 2549 -101.60 -4.04 6.30
N LEU A 2550 -102.40 -4.35 7.33
CA LEU A 2550 -102.28 -5.65 7.98
C LEU A 2550 -102.64 -6.80 7.04
N ASN A 2551 -103.67 -6.62 6.20
CA ASN A 2551 -104.05 -7.63 5.23
C ASN A 2551 -102.92 -7.94 4.25
N ARG A 2552 -102.31 -6.87 3.72
CA ARG A 2552 -101.18 -7.05 2.81
C ARG A 2552 -99.99 -7.64 3.54
N TYR A 2553 -99.72 -7.18 4.77
CA TYR A 2553 -98.57 -7.66 5.53
C TYR A 2553 -98.69 -9.15 5.81
N LEU A 2554 -99.87 -9.60 6.25
CA LEU A 2554 -100.06 -11.02 6.55
C LEU A 2554 -99.91 -11.86 5.29
N CYS A 2555 -100.52 -11.41 4.19
CA CYS A 2555 -100.48 -12.21 2.97
C CYS A 2555 -99.17 -12.09 2.20
N LEU A 2556 -98.29 -11.17 2.58
CA LEU A 2556 -96.99 -11.05 1.94
C LEU A 2556 -95.89 -11.73 2.73
N ALA A 2557 -95.95 -11.65 4.06
CA ALA A 2557 -94.83 -12.13 4.86
C ALA A 2557 -95.18 -13.24 5.84
N VAL A 2558 -96.35 -13.16 6.49
CA VAL A 2558 -96.64 -14.11 7.57
C VAL A 2558 -97.07 -15.46 7.00
N LEU A 2559 -98.16 -15.45 6.25
CA LEU A 2559 -98.78 -16.69 5.75
C LEU A 2559 -97.86 -17.54 4.86
N PRO A 2560 -97.11 -17.00 3.87
CA PRO A 2560 -96.13 -17.88 3.18
C PRO A 2560 -95.07 -18.49 4.08
N LEU A 2561 -94.62 -17.76 5.11
CA LEU A 2561 -93.63 -18.28 6.04
C LEU A 2561 -94.15 -19.50 6.79
N ILE A 2562 -95.41 -19.45 7.23
CA ILE A 2562 -95.90 -20.57 8.02
C ILE A 2562 -96.45 -21.63 7.08
N THR A 2563 -96.75 -21.27 5.83
CA THR A 2563 -97.08 -22.27 4.84
C THR A 2563 -95.87 -23.16 4.58
N LYS A 2564 -94.67 -22.55 4.51
CA LYS A 2564 -93.46 -23.37 4.37
C LYS A 2564 -93.16 -24.12 5.66
N CYS A 2565 -93.43 -23.50 6.82
CA CYS A 2565 -93.21 -24.14 8.12
C CYS A 2565 -94.37 -25.04 8.56
N ALA A 2566 -95.28 -25.37 7.64
CA ALA A 2566 -96.44 -26.21 7.98
C ALA A 2566 -96.15 -27.62 8.48
N PRO A 2567 -95.23 -28.44 7.91
CA PRO A 2567 -95.04 -29.82 8.41
C PRO A 2567 -94.66 -29.95 9.89
N LEU A 2568 -94.32 -28.87 10.59
CA LEU A 2568 -94.00 -28.89 12.01
C LEU A 2568 -95.21 -28.62 12.89
N PHE A 2569 -96.41 -29.00 12.46
CA PHE A 2569 -97.63 -28.75 13.23
C PHE A 2569 -98.22 -30.02 13.82
N ALA A 2570 -97.59 -31.18 13.61
CA ALA A 2570 -98.18 -32.44 14.08
C ALA A 2570 -98.02 -32.61 15.59
N GLY A 2571 -96.87 -32.27 16.14
CA GLY A 2571 -96.62 -32.51 17.55
C GLY A 2571 -96.95 -31.35 18.46
N THR A 2572 -98.10 -30.72 18.25
CA THR A 2572 -98.51 -29.55 19.02
C THR A 2572 -99.68 -29.90 19.95
N GLU A 2573 -99.70 -31.15 20.45
CA GLU A 2573 -100.74 -31.56 21.38
C GLU A 2573 -100.67 -30.79 22.69
N HIS A 2574 -99.45 -30.56 23.21
CA HIS A 2574 -99.26 -29.83 24.45
C HIS A 2574 -99.57 -28.34 24.32
N ARG A 2575 -99.73 -27.82 23.11
CA ARG A 2575 -100.13 -26.44 22.84
C ARG A 2575 -101.29 -26.41 21.87
N ALA A 2576 -102.25 -27.33 22.04
CA ALA A 2576 -103.31 -27.48 21.05
C ALA A 2576 -104.35 -26.37 21.11
N ILE A 2577 -104.46 -25.68 22.25
CA ILE A 2577 -105.50 -24.68 22.43
C ILE A 2577 -105.24 -23.46 21.54
N MET A 2578 -104.00 -22.97 21.54
CA MET A 2578 -103.72 -21.74 20.81
C MET A 2578 -103.70 -22.00 19.32
N VAL A 2579 -103.17 -23.14 18.86
CA VAL A 2579 -103.21 -23.45 17.43
C VAL A 2579 -104.63 -23.68 16.95
N ASP A 2580 -105.50 -24.27 17.80
CA ASP A 2580 -106.92 -24.39 17.47
C ASP A 2580 -107.57 -23.01 17.32
N SER A 2581 -107.21 -22.08 18.20
CA SER A 2581 -107.73 -20.73 18.05
C SER A 2581 -107.13 -20.02 16.83
N MET A 2582 -105.86 -20.32 16.49
CA MET A 2582 -105.25 -19.81 15.27
C MET A 2582 -106.02 -20.24 14.03
N LEU A 2583 -106.32 -21.54 13.92
CA LEU A 2583 -107.02 -22.03 12.74
C LEU A 2583 -108.46 -21.54 12.70
N HIS A 2584 -109.11 -21.42 13.87
CA HIS A 2584 -110.47 -20.90 13.92
CA HIS A 2584 -110.47 -20.90 13.91
C HIS A 2584 -110.51 -19.45 13.46
N THR A 2585 -109.54 -18.64 13.90
CA THR A 2585 -109.52 -17.23 13.55
C THR A 2585 -109.13 -17.03 12.10
N VAL A 2586 -108.14 -17.79 11.58
CA VAL A 2586 -107.80 -17.61 10.17
C VAL A 2586 -108.94 -18.05 9.27
N TYR A 2587 -109.70 -19.08 9.65
CA TYR A 2587 -110.91 -19.42 8.89
C TYR A 2587 -111.96 -18.30 8.94
N ARG A 2588 -112.15 -17.69 10.10
CA ARG A 2588 -113.02 -16.51 10.18
C ARG A 2588 -112.49 -15.34 9.34
N LEU A 2589 -111.18 -15.16 9.29
CA LEU A 2589 -110.59 -14.18 8.39
C LEU A 2589 -110.74 -14.57 6.93
N SER A 2590 -110.74 -15.87 6.64
CA SER A 2590 -110.95 -16.36 5.28
C SER A 2590 -112.34 -15.97 4.80
N ARG A 2591 -113.34 -16.10 5.68
CA ARG A 2591 -114.68 -15.58 5.37
C ARG A 2591 -114.72 -14.08 5.69
N GLY A 2592 -113.91 -13.33 4.93
CA GLY A 2592 -113.70 -11.91 5.14
C GLY A 2592 -114.22 -11.06 4.00
N ARG A 2593 -114.54 -9.81 4.32
CA ARG A 2593 -115.02 -8.84 3.35
C ARG A 2593 -113.96 -7.76 3.15
N SER A 2594 -114.07 -7.05 2.01
CA SER A 2594 -113.17 -5.96 1.60
C SER A 2594 -111.72 -6.40 1.42
N LEU A 2595 -111.48 -7.69 1.20
CA LEU A 2595 -110.16 -8.25 0.98
C LEU A 2595 -110.03 -8.76 -0.44
N THR A 2596 -108.89 -8.51 -1.06
CA THR A 2596 -108.67 -8.90 -2.44
C THR A 2596 -108.61 -10.42 -2.57
N LYS A 2597 -108.79 -10.90 -3.81
CA LYS A 2597 -108.76 -12.33 -4.09
C LYS A 2597 -107.40 -12.94 -3.78
N ALA A 2598 -106.32 -12.23 -4.12
CA ALA A 2598 -104.97 -12.70 -3.78
C ALA A 2598 -104.78 -12.87 -2.28
N GLN A 2599 -105.27 -11.91 -1.49
CA GLN A 2599 -105.27 -12.05 -0.04
C GLN A 2599 -106.12 -13.23 0.40
N ARG A 2600 -107.27 -13.42 -0.26
CA ARG A 2600 -108.20 -14.47 0.12
C ARG A 2600 -107.58 -15.84 -0.10
N ASP A 2601 -107.01 -16.06 -1.29
CA ASP A 2601 -106.45 -17.38 -1.60
C ASP A 2601 -105.23 -17.65 -0.73
N VAL A 2602 -104.43 -16.62 -0.43
CA VAL A 2602 -103.27 -16.82 0.46
C VAL A 2602 -103.73 -17.27 1.85
N ILE A 2603 -104.80 -16.65 2.38
CA ILE A 2603 -105.36 -17.06 3.67
C ILE A 2603 -105.88 -18.50 3.60
N GLU A 2604 -106.61 -18.82 2.52
CA GLU A 2604 -107.20 -20.15 2.39
C GLU A 2604 -106.13 -21.23 2.25
N ASP A 2605 -105.10 -20.98 1.44
CA ASP A 2605 -104.02 -21.95 1.26
C ASP A 2605 -103.21 -22.11 2.54
N CYS A 2606 -103.05 -21.03 3.30
CA CYS A 2606 -102.39 -21.12 4.61
C CYS A 2606 -103.19 -22.01 5.55
N LEU A 2607 -104.52 -21.87 5.54
CA LEU A 2607 -105.37 -22.77 6.31
C LEU A 2607 -105.26 -24.21 5.83
N MET A 2608 -105.13 -24.41 4.51
CA MET A 2608 -104.93 -25.74 3.96
C MET A 2608 -103.62 -26.36 4.44
N ALA A 2609 -102.55 -25.56 4.49
CA ALA A 2609 -101.29 -26.03 5.03
C ALA A 2609 -101.35 -26.31 6.53
N LEU A 2610 -102.12 -25.52 7.27
CA LEU A 2610 -102.35 -25.81 8.69
C LEU A 2610 -103.07 -27.15 8.88
N CYS A 2611 -104.09 -27.39 8.07
CA CYS A 2611 -104.90 -28.59 8.22
C CYS A 2611 -104.20 -29.84 7.70
N ARG A 2612 -103.34 -29.70 6.70
CA ARG A 2612 -102.65 -30.85 6.12
CA ARG A 2612 -102.67 -30.86 6.13
C ARG A 2612 -101.66 -31.47 7.11
N TYR A 2613 -101.22 -30.71 8.12
CA TYR A 2613 -100.27 -31.21 9.09
C TYR A 2613 -100.74 -31.01 10.52
N ILE A 2614 -102.03 -30.74 10.74
CA ILE A 2614 -102.55 -30.69 12.11
C ILE A 2614 -103.26 -32.01 12.33
N ARG A 2615 -103.32 -32.45 13.59
CA ARG A 2615 -104.01 -33.67 13.93
C ARG A 2615 -105.52 -33.50 13.82
N PRO A 2616 -106.27 -34.57 13.53
CA PRO A 2616 -107.74 -34.46 13.45
C PRO A 2616 -108.42 -34.07 14.76
N SER A 2617 -107.73 -34.24 15.91
CA SER A 2617 -108.31 -33.89 17.19
C SER A 2617 -108.59 -32.40 17.29
N MET A 2618 -107.66 -31.57 16.82
CA MET A 2618 -107.85 -30.12 16.85
C MET A 2618 -108.75 -29.63 15.74
N LEU A 2619 -109.10 -30.49 14.78
CA LEU A 2619 -109.98 -30.10 13.69
C LEU A 2619 -111.45 -30.12 14.08
N GLN A 2620 -111.78 -30.67 15.26
CA GLN A 2620 -113.17 -30.78 15.69
C GLN A 2620 -113.82 -29.43 15.89
N HIS A 2621 -113.11 -28.47 16.50
CA HIS A 2621 -113.66 -27.14 16.74
C HIS A 2621 -113.94 -26.41 15.44
N LEU A 2622 -113.02 -26.52 14.47
CA LEU A 2622 -113.24 -25.94 13.15
C LEU A 2622 -114.40 -26.61 12.44
N LEU A 2623 -114.47 -27.95 12.47
CA LEU A 2623 -115.59 -28.66 11.86
C LEU A 2623 -116.91 -28.36 12.55
N ARG A 2624 -116.86 -28.06 13.85
CA ARG A 2624 -118.03 -27.62 14.59
C ARG A 2624 -118.53 -26.27 14.07
N ARG A 2625 -117.59 -25.38 13.74
CA ARG A 2625 -117.98 -24.15 13.06
C ARG A 2625 -118.49 -24.42 11.65
N LEU A 2626 -117.91 -25.42 10.97
CA LEU A 2626 -118.37 -25.83 9.65
C LEU A 2626 -119.79 -26.40 9.65
N VAL A 2627 -120.23 -26.94 10.79
CA VAL A 2627 -121.63 -27.37 10.95
C VAL A 2627 -122.58 -26.18 10.81
N PHE A 2628 -122.09 -24.98 11.13
CA PHE A 2628 -122.90 -23.78 11.06
C PHE A 2628 -122.66 -23.01 9.76
N ASP A 2629 -121.46 -23.11 9.19
CA ASP A 2629 -121.10 -22.31 8.02
C ASP A 2629 -121.32 -23.01 6.69
N VAL A 2630 -120.89 -24.28 6.56
CA VAL A 2630 -121.04 -24.98 5.27
C VAL A 2630 -122.49 -25.19 4.84
N PRO A 2631 -123.46 -25.59 5.70
CA PRO A 2631 -124.86 -25.70 5.22
C PRO A 2631 -125.48 -24.41 4.69
N ILE A 2632 -124.87 -23.24 4.89
CA ILE A 2632 -125.35 -22.01 4.27
C ILE A 2632 -125.21 -22.10 2.76
N LEU A 2633 -124.16 -22.76 2.27
CA LEU A 2633 -123.85 -22.95 0.84
C LEU A 2633 -123.74 -21.62 0.11
N ASN A 2634 -123.06 -20.67 0.73
CA ASN A 2634 -122.85 -19.36 0.14
C ASN A 2634 -121.64 -19.39 -0.79
N GLU A 2635 -121.19 -18.21 -1.22
CA GLU A 2635 -120.07 -18.10 -2.15
C GLU A 2635 -118.75 -18.54 -1.52
N PHE A 2636 -118.66 -18.55 -0.19
CA PHE A 2636 -117.45 -18.98 0.51
C PHE A 2636 -117.47 -20.44 0.91
N ALA A 2637 -118.51 -21.19 0.51
CA ALA A 2637 -118.63 -22.59 0.85
C ALA A 2637 -117.68 -23.51 0.07
N LYS A 2638 -116.99 -23.00 -0.95
CA LYS A 2638 -116.12 -23.85 -1.76
C LYS A 2638 -114.91 -24.34 -0.97
N MET A 2639 -114.22 -23.43 -0.28
CA MET A 2639 -113.00 -23.78 0.46
C MET A 2639 -113.23 -24.79 1.59
N PRO A 2640 -114.22 -24.66 2.49
CA PRO A 2640 -114.44 -25.74 3.47
C PRO A 2640 -114.81 -27.08 2.84
N LEU A 2641 -115.50 -27.08 1.70
CA LEU A 2641 -115.93 -28.33 1.07
C LEU A 2641 -114.71 -29.16 0.65
N LYS A 2642 -113.73 -28.52 0.02
CA LYS A 2642 -112.51 -29.22 -0.34
C LYS A 2642 -111.62 -29.44 0.87
N LEU A 2643 -111.73 -28.60 1.90
CA LEU A 2643 -111.02 -28.84 3.15
C LEU A 2643 -111.48 -30.14 3.80
N LEU A 2644 -112.80 -30.34 3.85
CA LEU A 2644 -113.37 -31.58 4.35
C LEU A 2644 -113.00 -32.74 3.46
N THR A 2645 -112.97 -32.52 2.13
CA THR A 2645 -112.62 -33.57 1.19
C THR A 2645 -111.20 -34.07 1.45
N ASN A 2646 -110.26 -33.14 1.61
CA ASN A 2646 -108.86 -33.49 1.88
C ASN A 2646 -108.70 -34.16 3.23
N HIS A 2647 -109.28 -33.58 4.28
CA HIS A 2647 -109.12 -34.13 5.63
C HIS A 2647 -109.78 -35.51 5.75
N TYR A 2648 -110.98 -35.68 5.19
CA TYR A 2648 -111.66 -36.97 5.28
C TYR A 2648 -111.00 -38.03 4.41
N GLU A 2649 -110.55 -37.67 3.20
CA GLU A 2649 -109.79 -38.62 2.41
C GLU A 2649 -108.43 -38.94 3.00
N ARG A 2650 -107.90 -38.07 3.87
CA ARG A 2650 -106.65 -38.34 4.56
C ARG A 2650 -106.82 -39.14 5.85
N CYS A 2651 -107.96 -39.00 6.53
CA CYS A 2651 -108.21 -39.67 7.80
C CYS A 2651 -109.55 -40.37 7.81
N TRP A 2652 -109.91 -41.03 6.70
CA TRP A 2652 -111.15 -41.80 6.66
C TRP A 2652 -111.08 -43.03 7.56
N LYS A 2653 -109.89 -43.58 7.75
CA LYS A 2653 -109.74 -44.71 8.65
C LYS A 2653 -109.91 -44.30 10.11
N TYR A 2654 -109.69 -43.02 10.44
CA TYR A 2654 -109.83 -42.57 11.82
C TYR A 2654 -111.29 -42.59 12.27
N TYR A 2655 -112.23 -42.46 11.33
CA TYR A 2655 -113.65 -42.42 11.67
C TYR A 2655 -114.41 -43.66 11.24
N CYS A 2656 -113.88 -44.46 10.33
CA CYS A 2656 -114.57 -45.66 9.86
C CYS A 2656 -114.18 -46.90 10.65
N LEU A 2657 -112.88 -47.09 10.87
CA LEU A 2657 -112.41 -48.24 11.64
C LEU A 2657 -112.83 -48.13 13.10
N PRO A 2658 -113.18 -49.25 13.75
CA PRO A 2658 -113.56 -49.19 15.17
C PRO A 2658 -112.46 -48.70 16.10
N THR A 2659 -111.19 -48.98 15.77
CA THR A 2659 -110.07 -48.49 16.55
C THR A 2659 -109.50 -47.20 16.00
N GLY A 2660 -110.16 -46.60 15.01
CA GLY A 2660 -109.64 -45.43 14.34
C GLY A 2660 -108.45 -45.81 13.46
N TRP A 2661 -107.69 -44.79 13.09
CA TRP A 2661 -106.50 -44.96 12.27
C TRP A 2661 -105.29 -45.04 13.21
N ALA A 2662 -104.17 -45.55 12.65
CA ALA A 2662 -102.99 -45.90 13.44
C ALA A 2662 -102.43 -44.70 14.20
N ASN A 2663 -102.01 -44.96 15.44
CA ASN A 2663 -101.32 -44.06 16.38
C ASN A 2663 -102.05 -42.73 16.62
N PHE A 2664 -103.36 -42.70 16.37
CA PHE A 2664 -104.19 -41.53 16.66
C PHE A 2664 -105.37 -41.82 17.57
N GLY A 2665 -105.78 -43.07 17.69
CA GLY A 2665 -106.84 -43.44 18.60
C GLY A 2665 -108.20 -43.53 17.93
N VAL A 2666 -109.18 -43.77 18.75
CA VAL A 2666 -110.57 -43.92 18.34
C VAL A 2666 -111.19 -42.53 18.28
N THR A 2667 -112.13 -42.33 17.36
CA THR A 2667 -112.90 -41.08 17.31
C THR A 2667 -113.69 -40.89 18.61
N SER A 2668 -113.98 -39.63 18.92
CA SER A 2668 -114.50 -39.25 20.23
C SER A 2668 -116.01 -39.41 20.38
N GLU A 2669 -116.71 -39.92 19.35
CA GLU A 2669 -118.16 -40.17 19.27
C GLU A 2669 -118.97 -38.86 19.14
N GLU A 2670 -118.28 -37.73 19.29
CA GLU A 2670 -118.81 -36.39 19.08
C GLU A 2670 -118.53 -35.90 17.68
N GLU A 2671 -117.33 -36.20 17.17
CA GLU A 2671 -116.97 -35.88 15.80
C GLU A 2671 -117.85 -36.63 14.82
N LEU A 2672 -118.17 -37.90 15.12
CA LEU A 2672 -119.08 -38.66 14.27
C LEU A 2672 -120.48 -38.04 14.27
N HIS A 2673 -120.96 -37.59 15.43
CA HIS A 2673 -122.29 -36.99 15.54
C HIS A 2673 -122.38 -35.70 14.72
N LEU A 2674 -121.34 -34.87 14.80
CA LEU A 2674 -121.34 -33.65 14.00
C LEU A 2674 -121.09 -33.92 12.53
N THR A 2675 -120.30 -34.94 12.21
CA THR A 2675 -120.14 -35.36 10.82
C THR A 2675 -121.46 -35.83 10.22
N ARG A 2676 -122.24 -36.60 10.98
CA ARG A 2676 -123.58 -37.02 10.55
C ARG A 2676 -124.51 -35.83 10.38
N LYS A 2677 -124.44 -34.88 11.31
CA LYS A 2677 -125.21 -33.64 11.17
C LYS A 2677 -124.82 -32.86 9.92
N LEU A 2678 -123.51 -32.76 9.66
CA LEU A 2678 -123.04 -32.11 8.44
C LEU A 2678 -123.49 -32.85 7.19
N PHE A 2679 -123.48 -34.19 7.23
CA PHE A 2679 -123.93 -34.99 6.10
C PHE A 2679 -125.39 -34.73 5.78
N TRP A 2680 -126.23 -34.68 6.82
CA TRP A 2680 -127.65 -34.44 6.58
C TRP A 2680 -127.92 -32.99 6.19
N GLY A 2681 -127.22 -32.05 6.84
CA GLY A 2681 -127.39 -30.64 6.52
C GLY A 2681 -126.96 -30.31 5.10
N ILE A 2682 -125.83 -30.85 4.66
CA ILE A 2682 -125.33 -30.62 3.30
C ILE A 2682 -126.23 -31.30 2.28
N PHE A 2683 -126.66 -32.55 2.54
CA PHE A 2683 -127.53 -33.23 1.59
C PHE A 2683 -128.87 -32.51 1.43
N ASP A 2684 -129.44 -32.03 2.55
CA ASP A 2684 -130.67 -31.24 2.50
C ASP A 2684 -130.46 -29.89 1.81
N SER A 2685 -129.40 -29.17 2.16
CA SER A 2685 -129.14 -27.85 1.58
C SER A 2685 -128.85 -27.96 0.09
N LEU A 2686 -128.03 -28.93 -0.32
CA LEU A 2686 -127.75 -29.16 -1.73
C LEU A 2686 -129.01 -29.59 -2.47
N ALA A 2687 -129.93 -30.28 -1.78
CA ALA A 2687 -131.20 -30.65 -2.39
C ALA A 2687 -132.02 -29.41 -2.70
N HIS A 2688 -132.08 -28.46 -1.75
CA HIS A 2688 -132.92 -27.29 -1.99
C HIS A 2688 -132.26 -26.28 -2.94
N LYS A 2689 -130.94 -26.10 -2.85
CA LYS A 2689 -130.25 -25.14 -3.71
C LYS A 2689 -130.29 -25.55 -5.17
N LYS A 2690 -130.33 -24.54 -6.05
CA LYS A 2690 -130.37 -24.76 -7.49
C LYS A 2690 -129.09 -25.43 -7.98
N TYR A 2691 -129.22 -26.11 -9.11
CA TYR A 2691 -128.11 -26.83 -9.72
C TYR A 2691 -127.04 -25.87 -10.21
N ASP A 2692 -125.93 -25.80 -9.48
CA ASP A 2692 -124.76 -25.02 -9.85
C ASP A 2692 -123.67 -26.06 -10.12
N GLN A 2693 -123.29 -26.21 -11.39
CA GLN A 2693 -122.29 -27.22 -11.78
C GLN A 2693 -120.94 -26.97 -11.12
N GLU A 2694 -120.57 -25.70 -10.97
CA GLU A 2694 -119.33 -25.33 -10.27
C GLU A 2694 -119.32 -25.80 -8.83
N LEU A 2695 -120.46 -25.65 -8.14
CA LEU A 2695 -120.57 -26.17 -6.79
C LEU A 2695 -120.62 -27.69 -6.77
N TYR A 2696 -121.45 -28.28 -7.65
CA TYR A 2696 -121.76 -29.72 -7.58
C TYR A 2696 -120.54 -30.59 -7.87
N ARG A 2697 -119.77 -30.25 -8.93
CA ARG A 2697 -118.64 -31.06 -9.36
C ARG A 2697 -117.58 -31.18 -8.27
N MET A 2698 -117.41 -30.15 -7.45
CA MET A 2698 -116.49 -30.26 -6.34
C MET A 2698 -117.22 -30.45 -5.02
N ALA A 2699 -118.54 -30.69 -5.09
CA ALA A 2699 -119.37 -30.89 -3.91
C ALA A 2699 -119.49 -32.36 -3.59
N MET A 2700 -119.70 -33.20 -4.64
CA MET A 2700 -119.88 -34.62 -4.33
C MET A 2700 -118.64 -35.36 -3.77
N PRO A 2701 -117.35 -35.02 -4.07
CA PRO A 2701 -116.27 -35.72 -3.37
C PRO A 2701 -116.28 -35.55 -1.85
N CYS A 2702 -116.67 -34.36 -1.38
CA CYS A 2702 -116.83 -34.13 0.05
C CYS A 2702 -117.94 -34.99 0.64
N LEU A 2703 -119.08 -35.07 -0.06
CA LEU A 2703 -120.21 -35.88 0.38
C LEU A 2703 -119.82 -37.35 0.46
N CYS A 2704 -119.13 -37.84 -0.58
CA CYS A 2704 -118.70 -39.24 -0.60
C CYS A 2704 -117.65 -39.52 0.46
N ALA A 2705 -116.71 -38.60 0.67
CA ALA A 2705 -115.68 -38.77 1.70
C ALA A 2705 -116.29 -38.80 3.10
N ILE A 2706 -117.27 -37.92 3.35
CA ILE A 2706 -117.99 -37.91 4.63
C ILE A 2706 -118.75 -39.21 4.82
N ALA A 2707 -119.44 -39.69 3.77
CA ALA A 2707 -120.18 -40.94 3.85
C ALA A 2707 -119.26 -42.14 4.08
N GLY A 2708 -118.10 -42.16 3.41
CA GLY A 2708 -117.14 -43.22 3.60
C GLY A 2708 -116.54 -43.22 4.99
N ALA A 2709 -116.21 -42.02 5.51
CA ALA A 2709 -115.64 -41.91 6.85
C ALA A 2709 -116.65 -42.32 7.92
N LEU A 2710 -117.91 -41.92 7.76
CA LEU A 2710 -118.94 -42.24 8.75
C LEU A 2710 -119.22 -43.74 8.74
N PRO A 2711 -119.26 -44.38 9.91
CA PRO A 2711 -119.58 -45.82 9.96
C PRO A 2711 -120.99 -46.07 9.46
N PRO A 2712 -121.21 -47.18 8.74
CA PRO A 2712 -122.55 -47.49 8.24
C PRO A 2712 -123.58 -47.71 9.33
N ASP A 2713 -123.18 -48.25 10.48
CA ASP A 2713 -124.09 -48.54 11.57
C ASP A 2713 -123.96 -47.57 12.74
N TYR A 2714 -123.41 -46.38 12.50
CA TYR A 2714 -123.25 -45.41 13.57
C TYR A 2714 -124.61 -44.92 14.06
N VAL A 2715 -124.72 -44.69 15.35
CA VAL A 2715 -125.96 -44.26 15.99
C VAL A 2715 -125.67 -43.00 16.80
N ASP A 2716 -126.44 -41.94 16.56
CA ASP A 2716 -126.30 -40.72 17.33
C ASP A 2716 -126.96 -40.87 18.70
N ALA A 2717 -126.51 -40.05 19.65
CA ALA A 2717 -126.98 -40.13 21.03
C ALA A 2717 -128.47 -39.81 21.14
N SER A 2718 -128.90 -38.74 20.47
CA SER A 2718 -130.31 -38.33 20.48
C SER A 2718 -130.81 -38.26 19.04
N TYR A 2719 -131.92 -38.93 18.77
CA TYR A 2719 -132.49 -38.96 17.42
C TYR A 2719 -133.52 -37.84 17.24
N SER A 2720 -133.11 -36.62 17.55
CA SER A 2720 -133.95 -35.44 17.39
C SER A 2720 -133.06 -34.21 17.30
N SER A 2721 -133.61 -33.16 16.71
CA SER A 2721 -132.89 -31.90 16.54
C SER A 2721 -133.90 -30.78 16.34
N LYS A 2722 -133.41 -29.54 16.49
CA LYS A 2722 -134.24 -28.36 16.32
C LYS A 2722 -134.75 -28.19 14.89
N ALA A 2723 -134.04 -28.78 13.91
CA ALA A 2723 -134.36 -28.72 12.47
C ALA A 2723 -134.48 -27.29 11.97
N GLU A 2724 -133.57 -26.42 12.43
CA GLU A 2724 -133.55 -25.02 12.03
C GLU A 2724 -132.42 -24.77 11.04
N LYS A 2725 -132.49 -23.60 10.40
CA LYS A 2725 -131.51 -23.09 9.43
C LYS A 2725 -131.29 -24.02 8.23
N ASN A 2734 -122.15 -14.78 12.29
CA ASN A 2734 -121.81 -15.62 13.43
C ASN A 2734 -123.03 -16.40 13.93
N PHE A 2735 -122.84 -17.12 15.03
CA PHE A 2735 -123.88 -17.96 15.61
C PHE A 2735 -125.00 -17.08 16.16
N ASP A 2736 -126.22 -17.28 15.65
CA ASP A 2736 -127.37 -16.45 15.98
C ASP A 2736 -128.56 -17.31 16.40
N PRO A 2737 -128.58 -17.75 17.65
CA PRO A 2737 -129.73 -18.49 18.16
C PRO A 2737 -130.92 -17.58 18.45
N ARG A 2738 -132.10 -18.18 18.49
CA ARG A 2738 -133.30 -17.44 18.81
C ARG A 2738 -133.79 -17.88 20.19
N PRO A 2739 -133.68 -17.04 21.22
CA PRO A 2739 -134.23 -17.39 22.53
C PRO A 2739 -135.76 -17.51 22.48
N VAL A 2740 -136.28 -18.44 23.24
CA VAL A 2740 -137.71 -18.71 23.25
C VAL A 2740 -138.39 -17.63 24.08
N GLU A 2741 -139.56 -17.17 23.61
CA GLU A 2741 -140.35 -16.14 24.28
C GLU A 2741 -140.76 -16.57 25.69
N THR A 2742 -140.59 -15.66 26.64
CA THR A 2742 -140.91 -15.92 28.05
C THR A 2742 -141.83 -14.86 28.65
N LEU A 2743 -141.67 -13.59 28.27
CA LEU A 2743 -142.40 -12.51 28.91
C LEU A 2743 -143.74 -12.23 28.22
N ASN A 2744 -143.78 -12.35 26.89
CA ASN A 2744 -145.02 -12.13 26.15
C ASN A 2744 -146.09 -13.15 26.53
N VAL A 2745 -145.71 -14.41 26.69
CA VAL A 2745 -146.63 -15.44 27.18
C VAL A 2745 -146.74 -15.31 28.70
N ILE A 2746 -147.95 -15.46 29.22
CA ILE A 2746 -148.21 -15.29 30.65
C ILE A 2746 -147.78 -16.56 31.38
N ILE A 2747 -147.04 -16.38 32.47
CA ILE A 2747 -146.65 -17.50 33.34
C ILE A 2747 -147.81 -17.85 34.28
N PRO A 2748 -148.32 -19.09 34.23
CA PRO A 2748 -149.40 -19.46 35.16
C PRO A 2748 -148.89 -19.66 36.58
N GLU A 2749 -149.30 -18.77 37.48
CA GLU A 2749 -148.92 -18.84 38.88
C GLU A 2749 -149.85 -19.73 39.71
N LYS A 2750 -150.59 -20.63 39.06
CA LYS A 2750 -151.53 -21.52 39.74
C LYS A 2750 -150.85 -22.53 40.66
N LEU A 2751 -149.55 -22.76 40.51
CA LEU A 2751 -148.79 -23.70 41.33
C LEU A 2751 -147.64 -22.98 42.04
N ASP A 2752 -147.91 -21.72 42.44
CA ASP A 2752 -146.93 -20.89 43.13
C ASP A 2752 -146.45 -21.52 44.44
N SER A 2753 -147.28 -22.36 45.06
CA SER A 2753 -146.89 -23.10 46.26
C SER A 2753 -145.73 -24.05 45.97
N PHE A 2754 -145.57 -24.46 44.71
CA PHE A 2754 -144.43 -25.28 44.30
C PHE A 2754 -143.32 -24.40 43.75
N ILE A 2755 -143.66 -23.31 43.04
CA ILE A 2755 -142.63 -22.43 42.46
C ILE A 2755 -141.78 -21.78 43.55
N ASN A 2756 -142.42 -21.26 44.62
CA ASN A 2756 -141.66 -20.63 45.68
C ASN A 2756 -140.84 -21.65 46.48
N LYS A 2757 -141.40 -22.85 46.68
CA LYS A 2757 -140.66 -23.93 47.34
C LYS A 2757 -139.42 -24.32 46.55
N PHE A 2758 -139.56 -24.44 45.22
CA PHE A 2758 -138.39 -24.69 44.36
C PHE A 2758 -137.41 -23.54 44.43
N ALA A 2759 -137.90 -22.30 44.40
CA ALA A 2759 -137.03 -21.12 44.42
C ALA A 2759 -136.20 -21.07 45.69
N GLU A 2760 -136.82 -21.37 46.83
CA GLU A 2760 -136.08 -21.48 48.09
C GLU A 2760 -135.11 -22.66 48.06
N TYR A 2761 -135.52 -23.79 47.49
CA TYR A 2761 -134.62 -24.94 47.50
C TYR A 2761 -133.51 -24.88 46.46
N THR A 2762 -133.60 -23.98 45.47
CA THR A 2762 -132.43 -23.68 44.64
C THR A 2762 -131.31 -23.09 45.48
N HIS A 2763 -131.61 -22.03 46.24
CA HIS A 2763 -130.62 -21.45 47.13
C HIS A 2763 -130.21 -22.42 48.24
N GLU A 2764 -131.13 -23.29 48.67
CA GLU A 2764 -130.76 -24.38 49.56
C GLU A 2764 -129.79 -25.36 48.89
N LYS A 2765 -129.82 -25.46 47.55
CA LYS A 2765 -128.88 -26.34 46.85
C LYS A 2765 -127.54 -25.67 46.60
N TRP A 2766 -127.52 -24.35 46.38
CA TRP A 2766 -126.23 -23.65 46.50
C TRP A 2766 -125.67 -23.72 47.92
N ALA A 2767 -126.53 -23.69 48.93
CA ALA A 2767 -126.09 -23.96 50.31
C ALA A 2767 -125.55 -25.38 50.48
N PHE A 2768 -126.15 -26.34 49.79
CA PHE A 2768 -125.59 -27.70 49.73
C PHE A 2768 -124.22 -27.71 49.04
N ASP A 2769 -124.04 -26.89 48.01
CA ASP A 2769 -122.71 -26.74 47.40
C ASP A 2769 -121.73 -26.11 48.39
N LYS A 2770 -122.22 -25.17 49.22
CA LYS A 2770 -121.38 -24.58 50.26
C LYS A 2770 -120.95 -25.61 51.29
N ILE A 2771 -121.87 -26.48 51.71
CA ILE A 2771 -121.52 -27.47 52.73
C ILE A 2771 -120.70 -28.61 52.13
N GLN A 2772 -120.80 -28.84 50.81
CA GLN A 2772 -119.97 -29.84 50.14
C GLN A 2772 -118.66 -29.25 49.64
N ASN A 2773 -118.46 -27.95 49.81
CA ASN A 2773 -117.21 -27.28 49.48
C ASN A 2773 -116.27 -27.20 50.68
N ASN A 2774 -116.63 -27.89 51.77
CA ASN A 2774 -115.91 -28.07 53.04
C ASN A 2774 -115.85 -26.81 53.90
N TRP A 2775 -116.36 -25.66 53.42
CA TRP A 2775 -116.22 -24.41 54.15
C TRP A 2775 -117.60 -23.89 54.51
N SER A 2776 -117.78 -23.54 55.78
CA SER A 2776 -119.06 -23.06 56.30
C SER A 2776 -119.32 -21.62 55.88
N TYR A 2777 -120.58 -21.22 56.02
CA TYR A 2777 -121.02 -19.88 55.66
C TYR A 2777 -120.88 -18.93 56.85
N GLY A 2778 -120.93 -17.64 56.56
CA GLY A 2778 -120.81 -16.62 57.58
C GLY A 2778 -121.85 -15.53 57.37
N GLU A 2779 -122.17 -14.84 58.48
CA GLU A 2779 -123.19 -13.81 58.45
C GLU A 2779 -122.66 -12.52 57.81
N ASN A 2780 -121.62 -11.95 58.40
CA ASN A 2780 -121.04 -10.71 57.90
C ASN A 2780 -120.33 -10.94 56.56
N VAL A 2781 -120.42 -9.94 55.68
CA VAL A 2781 -119.84 -10.05 54.35
C VAL A 2781 -118.32 -10.01 54.45
N ASP A 2782 -117.67 -11.02 53.87
CA ASP A 2782 -116.22 -11.12 53.90
C ASP A 2782 -115.73 -11.84 52.64
N GLU A 2783 -114.55 -11.43 52.17
CA GLU A 2783 -113.94 -12.03 50.99
C GLU A 2783 -112.95 -13.12 51.32
N GLU A 2784 -112.69 -13.37 52.60
CA GLU A 2784 -111.72 -14.38 53.02
C GLU A 2784 -112.35 -15.73 53.29
N LEU A 2785 -113.66 -15.88 53.07
CA LEU A 2785 -114.37 -17.12 53.32
C LEU A 2785 -114.71 -17.90 52.05
N LYS A 2786 -114.59 -17.26 50.87
CA LYS A 2786 -114.79 -17.83 49.52
C LYS A 2786 -116.10 -18.61 49.36
N THR A 2787 -117.11 -18.26 50.17
CA THR A 2787 -118.46 -18.75 50.00
C THR A 2787 -119.41 -17.57 49.91
N HIS A 2788 -120.72 -17.83 49.99
CA HIS A 2788 -121.70 -16.75 50.00
C HIS A 2788 -121.48 -15.89 51.24
N PRO A 2789 -121.21 -14.59 51.09
CA PRO A 2789 -120.76 -13.80 52.24
C PRO A 2789 -121.88 -13.37 53.18
N MET A 2790 -123.10 -13.19 52.67
CA MET A 2790 -124.21 -12.69 53.46
C MET A 2790 -125.16 -13.85 53.86
N LEU A 2791 -124.74 -15.09 53.60
CA LEU A 2791 -125.59 -16.25 53.85
C LEU A 2791 -125.86 -16.44 55.34
N ARG A 2792 -127.14 -16.50 55.69
CA ARG A 2792 -127.63 -16.65 57.05
C ARG A 2792 -128.68 -17.73 57.10
N PRO A 2793 -128.89 -18.37 58.27
CA PRO A 2793 -130.00 -19.32 58.40
C PRO A 2793 -131.34 -18.66 58.16
N TYR A 2794 -132.26 -19.42 57.53
CA TYR A 2794 -133.55 -18.90 57.08
C TYR A 2794 -134.43 -18.37 58.21
N LYS A 2795 -134.19 -18.79 59.46
CA LYS A 2795 -134.90 -18.22 60.59
C LYS A 2795 -134.58 -16.74 60.77
N THR A 2796 -133.32 -16.35 60.59
CA THR A 2796 -132.87 -14.97 60.74
C THR A 2796 -132.20 -14.48 59.45
N PHE A 2797 -132.78 -14.80 58.30
CA PHE A 2797 -132.27 -14.37 57.01
C PHE A 2797 -133.15 -13.25 56.46
N SER A 2798 -132.53 -12.14 56.09
CA SER A 2798 -133.25 -11.03 55.48
C SER A 2798 -133.70 -11.42 54.08
N GLU A 2799 -134.97 -11.19 53.78
CA GLU A 2799 -135.56 -11.58 52.51
C GLU A 2799 -135.39 -10.52 51.41
N LYS A 2800 -134.55 -9.50 51.65
CA LYS A 2800 -134.30 -8.48 50.64
C LYS A 2800 -133.65 -9.08 49.40
N ASP A 2801 -132.69 -9.98 49.57
CA ASP A 2801 -132.11 -10.66 48.43
C ASP A 2801 -132.94 -11.86 48.01
N LYS A 2802 -133.78 -12.38 48.92
CA LYS A 2802 -134.63 -13.50 48.57
C LYS A 2802 -135.83 -13.09 47.73
N GLU A 2803 -136.10 -11.79 47.60
CA GLU A 2803 -137.14 -11.35 46.69
C GLU A 2803 -136.62 -11.12 45.28
N ILE A 2804 -135.32 -11.29 45.05
CA ILE A 2804 -134.75 -11.25 43.71
C ILE A 2804 -134.04 -12.55 43.33
N TYR A 2805 -133.74 -13.43 44.28
CA TYR A 2805 -133.20 -14.75 43.93
C TYR A 2805 -134.19 -15.66 43.23
N ARG A 2806 -135.50 -15.38 43.33
CA ARG A 2806 -136.52 -16.23 42.74
C ARG A 2806 -136.77 -15.94 41.26
N TRP A 2807 -136.25 -14.83 40.73
CA TRP A 2807 -136.48 -14.48 39.33
C TRP A 2807 -135.90 -15.50 38.32
N PRO A 2808 -134.65 -16.02 38.44
CA PRO A 2808 -134.23 -17.08 37.49
C PRO A 2808 -135.10 -18.31 37.51
N ILE A 2809 -135.67 -18.67 38.68
CA ILE A 2809 -136.63 -19.77 38.76
C ILE A 2809 -137.89 -19.43 37.97
N LYS A 2810 -138.35 -18.18 38.06
CA LYS A 2810 -139.50 -17.73 37.29
C LYS A 2810 -139.23 -17.83 35.79
N GLU A 2811 -138.02 -17.44 35.37
CA GLU A 2811 -137.65 -17.56 33.96
C GLU A 2811 -137.53 -19.03 33.54
N SER A 2812 -137.07 -19.90 34.46
CA SER A 2812 -136.95 -21.32 34.15
C SER A 2812 -138.32 -21.94 33.91
N LEU A 2813 -139.30 -21.60 34.75
CA LEU A 2813 -140.67 -22.08 34.54
C LEU A 2813 -141.27 -21.51 33.27
N LYS A 2814 -141.00 -20.24 32.96
CA LYS A 2814 -141.48 -19.64 31.71
C LYS A 2814 -140.92 -20.40 30.51
N ALA A 2815 -139.63 -20.72 30.54
CA ALA A 2815 -139.00 -21.51 29.48
C ALA A 2815 -139.52 -22.96 29.46
N MET A 2816 -140.04 -23.46 30.58
CA MET A 2816 -140.54 -24.83 30.62
C MET A 2816 -142.04 -24.93 30.33
N ILE A 2817 -142.75 -23.80 30.23
CA ILE A 2817 -144.18 -23.85 29.99
C ILE A 2817 -144.60 -23.08 28.74
N ALA A 2818 -143.72 -22.22 28.19
CA ALA A 2818 -144.05 -21.48 26.97
C ALA A 2818 -144.18 -22.36 25.72
N TRP A 2819 -143.60 -23.56 25.72
CA TRP A 2819 -143.75 -24.46 24.59
C TRP A 2819 -144.93 -25.40 24.76
N GLU A 2820 -146.12 -24.85 25.06
CA GLU A 2820 -147.41 -25.51 25.31
C GLU A 2820 -147.29 -26.76 26.18
N TRP A 2821 -146.38 -26.73 27.16
CA TRP A 2821 -146.14 -27.84 28.06
C TRP A 2821 -146.87 -27.60 29.38
N THR A 2822 -148.04 -28.21 29.51
CA THR A 2822 -148.83 -28.06 30.72
C THR A 2822 -148.21 -28.87 31.85
N ILE A 2823 -148.54 -28.48 33.08
CA ILE A 2823 -148.03 -29.12 34.28
C ILE A 2823 -149.20 -29.48 35.18
N GLU A 2824 -149.11 -30.64 35.84
CA GLU A 2824 -150.17 -31.13 36.71
C GLU A 2824 -149.57 -31.59 38.02
N LYS A 2825 -150.26 -31.30 39.12
CA LYS A 2825 -149.83 -31.71 40.46
C LYS A 2825 -150.44 -33.08 40.75
N ALA A 2826 -149.73 -34.13 40.30
CA ALA A 2826 -150.17 -35.50 40.56
C ALA A 2826 -150.18 -35.80 42.06
N ARG A 2827 -149.14 -35.39 42.77
CA ARG A 2827 -149.13 -35.47 44.22
C ARG A 2827 -149.78 -34.22 44.82
N GLU A 2828 -150.13 -34.30 46.09
CA GLU A 2828 -150.76 -33.20 46.82
C GLU A 2828 -150.08 -33.07 48.17
N GLY A 2829 -149.18 -32.10 48.29
CA GLY A 2829 -148.48 -31.86 49.53
C GLY A 2829 -148.35 -30.38 49.81
N GLU A 2830 -148.25 -30.05 51.10
CA GLU A 2830 -148.12 -28.68 51.63
C GLU A 2830 -149.24 -27.75 51.17
N TYR A 2855 -131.94 -24.50 58.26
CA TYR A 2855 -131.24 -24.17 57.02
C TYR A 2855 -130.22 -25.24 56.67
N ASN A 2856 -130.71 -26.48 56.54
CA ASN A 2856 -129.86 -27.63 56.24
C ASN A 2856 -130.52 -28.39 55.10
N PRO A 2857 -129.81 -28.60 53.97
CA PRO A 2857 -130.44 -29.25 52.81
C PRO A 2857 -130.69 -30.74 53.00
N GLN A 2858 -131.67 -31.07 53.84
CA GLN A 2858 -132.07 -32.47 54.03
C GLN A 2858 -132.62 -33.14 52.76
N PRO A 2859 -133.53 -32.57 51.97
CA PRO A 2859 -133.93 -33.25 50.72
C PRO A 2859 -132.86 -33.11 49.65
N PRO A 2860 -132.21 -34.21 49.24
CA PRO A 2860 -131.16 -34.12 48.22
C PRO A 2860 -131.72 -34.11 46.81
N ASP A 2861 -131.54 -32.98 46.12
CA ASP A 2861 -132.01 -32.84 44.74
C ASP A 2861 -130.87 -33.21 43.79
N LEU A 2862 -130.49 -34.48 43.84
CA LEU A 2862 -129.40 -35.02 43.04
C LEU A 2862 -129.93 -35.63 41.75
N SER A 2863 -129.11 -35.56 40.70
CA SER A 2863 -129.50 -36.04 39.38
C SER A 2863 -128.81 -37.35 38.99
N GLY A 2864 -128.31 -38.10 39.97
CA GLY A 2864 -127.61 -39.34 39.66
C GLY A 2864 -128.49 -40.51 39.29
N VAL A 2865 -129.79 -40.46 39.60
CA VAL A 2865 -130.69 -41.57 39.33
C VAL A 2865 -131.22 -41.44 37.90
N THR A 2866 -131.78 -42.54 37.40
CA THR A 2866 -132.30 -42.57 36.04
C THR A 2866 -133.65 -41.83 35.96
N LEU A 2867 -134.09 -41.57 34.74
CA LEU A 2867 -135.32 -40.84 34.51
C LEU A 2867 -135.91 -41.24 33.16
N SER A 2868 -137.22 -41.04 33.02
CA SER A 2868 -137.97 -41.42 31.83
C SER A 2868 -137.51 -40.65 30.59
N ARG A 2869 -137.62 -41.32 29.44
CA ARG A 2869 -137.07 -40.80 28.18
C ARG A 2869 -137.76 -39.52 27.72
N GLU A 2870 -139.09 -39.48 27.72
CA GLU A 2870 -139.83 -38.31 27.25
CA GLU A 2870 -139.83 -38.31 27.25
C GLU A 2870 -139.53 -37.08 28.10
N LEU A 2871 -139.50 -37.23 29.42
CA LEU A 2871 -139.22 -36.12 30.32
C LEU A 2871 -137.76 -35.69 30.22
N GLN A 2872 -136.85 -36.66 30.05
CA GLN A 2872 -135.45 -36.28 29.98
C GLN A 2872 -135.13 -35.62 28.64
N ALA A 2873 -135.79 -36.05 27.56
CA ALA A 2873 -135.57 -35.41 26.26
C ALA A 2873 -136.13 -33.99 26.26
N MET A 2874 -137.27 -33.78 26.96
CA MET A 2874 -137.82 -32.43 27.04
C MET A 2874 -136.90 -31.54 27.88
N ALA A 2875 -136.22 -32.11 28.88
CA ALA A 2875 -135.28 -31.28 29.63
C ALA A 2875 -133.99 -31.07 28.86
N GLU A 2876 -133.62 -31.99 27.95
CA GLU A 2876 -132.47 -31.75 27.08
C GLU A 2876 -132.73 -30.58 26.15
N GLN A 2877 -133.95 -30.50 25.61
CA GLN A 2877 -134.34 -29.32 24.84
C GLN A 2877 -134.41 -28.08 25.73
N LEU A 2878 -134.84 -28.23 26.99
CA LEU A 2878 -134.82 -27.12 27.94
C LEU A 2878 -133.41 -26.64 28.24
N ALA A 2879 -132.46 -27.57 28.34
CA ALA A 2879 -131.05 -27.23 28.47
C ALA A 2879 -130.52 -26.48 27.25
N GLU A 2880 -130.95 -26.91 26.06
CA GLU A 2880 -130.65 -26.15 24.84
C GLU A 2880 -131.25 -24.74 24.89
N ASN A 2881 -132.47 -24.62 25.41
CA ASN A 2881 -133.12 -23.31 25.52
C ASN A 2881 -132.39 -22.42 26.53
N TYR A 2882 -131.89 -23.02 27.62
CA TYR A 2882 -131.07 -22.27 28.56
C TYR A 2882 -129.77 -21.82 27.91
N HIS A 2883 -129.18 -22.70 27.08
CA HIS A 2883 -127.93 -22.35 26.42
C HIS A 2883 -128.12 -21.21 25.42
N ASN A 2884 -129.21 -21.26 24.64
CA ASN A 2884 -129.42 -20.19 23.66
C ASN A 2884 -129.75 -18.86 24.34
N THR A 2885 -130.50 -18.88 25.45
CA THR A 2885 -130.73 -17.64 26.20
C THR A 2885 -129.44 -17.05 26.77
N TRP A 2886 -128.58 -17.91 27.34
CA TRP A 2886 -127.27 -17.45 27.81
C TRP A 2886 -126.40 -16.95 26.66
N GLY A 2887 -126.41 -17.66 25.53
CA GLY A 2887 -125.60 -17.26 24.38
C GLY A 2887 -126.08 -15.95 23.81
N ARG A 2888 -127.40 -15.76 23.70
CA ARG A 2888 -127.97 -14.54 23.17
C ARG A 2888 -127.63 -13.34 24.05
N LYS A 2889 -127.79 -13.49 25.38
CA LYS A 2889 -127.48 -12.36 26.25
C LYS A 2889 -125.97 -12.08 26.32
N LYS A 2890 -125.13 -13.11 26.19
CA LYS A 2890 -123.69 -12.87 26.12
C LYS A 2890 -123.27 -12.23 24.80
N LYS A 2891 -123.90 -12.64 23.70
CA LYS A 2891 -123.57 -12.08 22.40
C LYS A 2891 -124.22 -10.73 22.16
N GLN A 2892 -125.20 -10.34 22.99
CA GLN A 2892 -125.72 -8.97 22.94
C GLN A 2892 -124.62 -7.98 23.29
N GLU A 2893 -123.86 -8.27 24.35
CA GLU A 2893 -122.71 -7.44 24.72
C GLU A 2893 -121.52 -7.71 23.81
N LEU A 2894 -121.37 -8.95 23.34
CA LEU A 2894 -120.21 -9.30 22.53
C LEU A 2894 -120.27 -8.71 21.13
N GLU A 2895 -121.47 -8.45 20.60
CA GLU A 2895 -121.63 -7.96 19.24
C GLU A 2895 -121.45 -6.44 19.12
N ALA A 2896 -121.21 -5.75 20.24
CA ALA A 2896 -121.03 -4.30 20.20
C ALA A 2896 -119.79 -3.89 19.40
N LYS A 2897 -118.68 -4.61 19.58
CA LYS A 2897 -117.48 -4.28 18.82
C LYS A 2897 -117.47 -4.93 17.44
N GLY A 2898 -118.15 -6.07 17.29
CA GLY A 2898 -118.23 -6.73 15.99
C GLY A 2898 -116.94 -7.37 15.53
N GLY A 2899 -116.07 -7.76 16.45
CA GLY A 2899 -114.81 -8.38 16.09
C GLY A 2899 -114.59 -9.73 16.73
N GLY A 2900 -114.49 -10.78 15.92
CA GLY A 2900 -114.25 -12.11 16.45
C GLY A 2900 -115.49 -12.77 17.00
N THR A 2901 -115.27 -13.93 17.61
CA THR A 2901 -116.35 -14.71 18.21
C THR A 2901 -115.80 -15.47 19.41
N HIS A 2902 -116.71 -15.93 20.25
CA HIS A 2902 -116.39 -16.70 21.45
C HIS A 2902 -116.54 -18.19 21.17
N PRO A 2903 -115.68 -19.04 21.76
CA PRO A 2903 -115.79 -20.49 21.53
C PRO A 2903 -117.11 -21.11 22.01
N LEU A 2904 -117.78 -20.52 23.00
CA LEU A 2904 -119.06 -21.04 23.46
C LEU A 2904 -120.20 -20.70 22.50
N LEU A 2905 -119.98 -19.81 21.53
CA LEU A 2905 -121.01 -19.43 20.56
C LEU A 2905 -121.19 -20.54 19.52
N VAL A 2906 -121.71 -21.68 20.00
CA VAL A 2906 -122.00 -22.85 19.17
C VAL A 2906 -123.33 -23.44 19.61
N PRO A 2907 -124.01 -24.15 18.70
CA PRO A 2907 -125.25 -24.84 19.10
C PRO A 2907 -125.02 -25.95 20.13
N TYR A 2908 -126.11 -26.23 20.86
CA TYR A 2908 -126.07 -27.17 21.97
C TYR A 2908 -125.74 -28.59 21.53
N ASP A 2909 -126.24 -29.01 20.37
CA ASP A 2909 -125.91 -30.34 19.86
C ASP A 2909 -124.47 -30.40 19.37
N THR A 2910 -123.95 -29.29 18.83
CA THR A 2910 -122.60 -29.27 18.29
C THR A 2910 -121.57 -29.33 19.41
N LEU A 2911 -121.81 -28.61 20.51
CA LEU A 2911 -120.85 -28.55 21.60
C LEU A 2911 -120.73 -29.90 22.31
N THR A 2912 -119.54 -30.18 22.80
CA THR A 2912 -119.19 -31.49 23.34
C THR A 2912 -119.50 -31.55 24.84
N ALA A 2913 -119.07 -32.65 25.48
CA ALA A 2913 -119.47 -32.95 26.86
C ALA A 2913 -118.90 -31.96 27.88
N LYS A 2914 -117.65 -31.52 27.68
CA LYS A 2914 -116.99 -30.64 28.64
C LYS A 2914 -117.62 -29.26 28.75
N GLU A 2915 -118.49 -28.88 27.82
CA GLU A 2915 -119.25 -27.64 27.88
C GLU A 2915 -120.75 -27.89 27.80
N LYS A 2916 -121.20 -29.11 28.12
CA LYS A 2916 -122.60 -29.47 28.17
C LYS A 2916 -123.09 -29.85 29.56
N ALA A 2917 -122.21 -30.40 30.40
CA ALA A 2917 -122.60 -30.84 31.74
C ALA A 2917 -123.00 -29.68 32.63
N ARG A 2918 -122.49 -28.46 32.34
CA ARG A 2918 -122.83 -27.27 33.10
C ARG A 2918 -124.32 -26.95 32.99
N ASP A 2919 -124.87 -27.02 31.78
CA ASP A 2919 -126.29 -26.77 31.61
C ASP A 2919 -127.10 -28.02 31.94
N ARG A 2920 -126.47 -29.20 31.80
CA ARG A 2920 -127.15 -30.46 32.09
C ARG A 2920 -127.50 -30.56 33.58
N GLU A 2921 -126.58 -30.17 34.46
CA GLU A 2921 -126.85 -30.25 35.90
C GLU A 2921 -127.95 -29.27 36.30
N LYS A 2922 -127.94 -28.06 35.74
CA LYS A 2922 -128.92 -27.05 36.10
C LYS A 2922 -130.32 -27.43 35.62
N ALA A 2923 -130.42 -27.94 34.38
CA ALA A 2923 -131.71 -28.37 33.86
C ALA A 2923 -132.21 -29.62 34.58
N GLN A 2924 -131.30 -30.56 34.86
CA GLN A 2924 -131.70 -31.81 35.50
C GLN A 2924 -132.04 -31.61 36.96
N GLU A 2925 -131.47 -30.61 37.64
CA GLU A 2925 -131.85 -30.36 39.03
C GLU A 2925 -133.32 -29.96 39.13
N LEU A 2926 -133.76 -29.10 38.22
CA LEU A 2926 -135.17 -28.75 38.10
C LEU A 2926 -136.03 -29.96 37.74
N LEU A 2927 -135.55 -30.78 36.80
CA LEU A 2927 -136.32 -31.97 36.41
C LEU A 2927 -136.40 -33.00 37.54
N LYS A 2928 -135.31 -33.23 38.28
CA LYS A 2928 -135.34 -34.15 39.41
C LYS A 2928 -136.26 -33.63 40.52
N PHE A 2929 -136.23 -32.30 40.75
CA PHE A 2929 -137.19 -31.67 41.67
C PHE A 2929 -138.62 -31.88 41.20
N LEU A 2930 -138.83 -31.98 39.88
CA LEU A 2930 -140.16 -32.36 39.41
C LEU A 2930 -140.39 -33.85 39.65
N GLN A 2931 -139.32 -34.65 39.67
CA GLN A 2931 -139.47 -36.10 39.66
C GLN A 2931 -139.89 -36.62 41.03
N MET A 2932 -139.06 -36.40 42.07
CA MET A 2932 -139.32 -37.05 43.37
C MET A 2932 -140.63 -36.58 44.01
N ASN A 2933 -141.10 -35.37 43.68
CA ASN A 2933 -142.44 -34.98 44.08
C ASN A 2933 -143.50 -35.77 43.30
N GLY A 2934 -143.30 -35.95 42.01
CA GLY A 2934 -144.24 -36.70 41.20
C GLY A 2934 -144.81 -35.97 40.01
N TYR A 2935 -144.12 -34.95 39.52
CA TYR A 2935 -144.58 -34.22 38.34
C TYR A 2935 -144.22 -34.99 37.08
N ALA A 2936 -145.18 -35.12 36.17
CA ALA A 2936 -144.94 -35.68 34.85
C ALA A 2936 -145.41 -34.68 33.81
N VAL A 2937 -144.49 -34.23 32.97
CA VAL A 2937 -144.76 -33.23 31.95
C VAL A 2937 -144.55 -33.86 30.58
N THR A 2938 -145.57 -33.80 29.74
CA THR A 2938 -145.54 -34.43 28.43
C THR A 2938 -145.92 -33.38 27.39
N ARG A 2939 -145.23 -33.39 26.25
CA ARG A 2939 -145.49 -32.48 25.14
C ARG A 2939 -146.91 -32.63 24.59
N LEU A 2946 -139.09 -40.32 18.43
CA LEU A 2946 -140.18 -40.63 19.35
C LEU A 2946 -140.21 -42.14 19.60
N ASP A 2947 -139.48 -42.56 20.64
CA ASP A 2947 -139.37 -43.94 21.10
C ASP A 2947 -138.87 -44.86 19.99
N THR A 2948 -137.65 -44.59 19.53
CA THR A 2948 -137.01 -45.34 18.46
C THR A 2948 -135.73 -46.00 18.96
N SER A 2949 -135.39 -47.11 18.33
CA SER A 2949 -134.22 -47.90 18.70
C SER A 2949 -133.05 -47.56 17.79
N SER A 2950 -131.85 -47.95 18.24
CA SER A 2950 -130.62 -47.65 17.51
C SER A 2950 -130.57 -48.35 16.16
N ILE A 2951 -131.22 -49.51 16.06
CA ILE A 2951 -131.29 -50.24 14.79
C ILE A 2951 -132.02 -49.41 13.74
N GLU A 2952 -133.08 -48.70 14.17
CA GLU A 2952 -133.73 -47.73 13.31
C GLU A 2952 -133.01 -46.38 13.27
N LYS A 2953 -132.08 -46.13 14.18
CA LYS A 2953 -131.26 -44.91 14.14
C LYS A 2953 -130.00 -45.08 13.30
N ARG A 2954 -129.80 -46.26 12.70
CA ARG A 2954 -128.59 -46.56 11.95
C ARG A 2954 -128.41 -45.62 10.76
N PHE A 2955 -127.13 -45.29 10.49
CA PHE A 2955 -126.76 -44.44 9.37
C PHE A 2955 -127.13 -45.06 8.03
N ALA A 2956 -126.91 -46.37 7.90
CA ALA A 2956 -127.24 -47.08 6.65
C ALA A 2956 -128.73 -47.04 6.38
N PHE A 2957 -129.54 -47.29 7.41
CA PHE A 2957 -131.00 -47.27 7.27
C PHE A 2957 -131.49 -45.87 6.92
N GLY A 2958 -131.02 -44.84 7.64
CA GLY A 2958 -131.37 -43.48 7.30
C GLY A 2958 -130.98 -43.08 5.89
N PHE A 2959 -129.80 -43.50 5.44
CA PHE A 2959 -129.37 -43.29 4.07
C PHE A 2959 -130.28 -43.98 3.06
N LEU A 2960 -130.69 -45.22 3.35
CA LEU A 2960 -131.49 -45.97 2.40
C LEU A 2960 -132.92 -45.44 2.38
N GLN A 2961 -133.40 -44.97 3.54
CA GLN A 2961 -134.73 -44.38 3.65
C GLN A 2961 -134.81 -43.11 2.82
N GLN A 2962 -133.78 -42.25 2.90
CA GLN A 2962 -133.83 -41.05 2.09
C GLN A 2962 -133.54 -41.36 0.62
N LEU A 2963 -132.92 -42.52 0.33
CA LEU A 2963 -132.76 -42.95 -1.06
C LEU A 2963 -134.12 -43.25 -1.69
N LEU A 2964 -134.96 -44.00 -0.98
CA LEU A 2964 -136.31 -44.24 -1.48
C LEU A 2964 -137.18 -42.98 -1.44
N ARG A 2965 -136.90 -42.07 -0.50
CA ARG A 2965 -137.55 -40.75 -0.48
C ARG A 2965 -137.20 -39.95 -1.73
N TRP A 2966 -135.98 -40.08 -2.22
CA TRP A 2966 -135.59 -39.45 -3.47
C TRP A 2966 -135.98 -40.30 -4.67
N MET A 2967 -136.40 -41.54 -4.44
CA MET A 2967 -136.62 -42.42 -5.56
C MET A 2967 -138.08 -42.44 -6.01
N ASP A 2968 -139.05 -42.24 -5.11
CA ASP A 2968 -140.42 -42.07 -5.61
C ASP A 2968 -140.53 -40.83 -6.51
N ILE A 2969 -139.74 -39.80 -6.20
CA ILE A 2969 -139.58 -38.65 -7.09
C ILE A 2969 -138.81 -39.04 -8.35
N SER A 2970 -137.88 -40.00 -8.25
CA SER A 2970 -137.18 -40.44 -9.46
C SER A 2970 -138.14 -41.15 -10.42
N GLN A 2971 -139.05 -41.97 -9.87
CA GLN A 2971 -140.11 -42.57 -10.67
C GLN A 2971 -141.07 -41.53 -11.20
N GLU A 2972 -141.16 -40.39 -10.54
CA GLU A 2972 -142.03 -39.32 -11.01
C GLU A 2972 -141.41 -38.65 -12.23
N PHE A 2973 -140.11 -38.34 -12.17
CA PHE A 2973 -139.54 -37.63 -13.32
C PHE A 2973 -139.38 -38.57 -14.51
N ILE A 2974 -139.09 -39.87 -14.29
CA ILE A 2974 -139.05 -40.77 -15.45
C ILE A 2974 -140.44 -40.90 -16.07
N ALA A 2975 -141.51 -40.90 -15.26
CA ALA A 2975 -142.87 -40.88 -15.83
C ALA A 2975 -143.13 -39.61 -16.65
N HIS A 2976 -142.64 -38.47 -16.15
CA HIS A 2976 -142.70 -37.22 -16.91
C HIS A 2976 -141.91 -37.31 -18.20
N LEU A 2977 -140.71 -37.89 -18.14
CA LEU A 2977 -139.83 -37.96 -19.29
C LEU A 2977 -140.39 -38.89 -20.37
N GLU A 2978 -140.96 -40.03 -19.96
CA GLU A 2978 -141.61 -40.92 -20.91
C GLU A 2978 -142.82 -40.26 -21.55
N ALA A 2979 -143.59 -39.51 -20.76
CA ALA A 2979 -144.77 -38.83 -21.29
C ALA A 2979 -144.39 -37.77 -22.32
N VAL A 2980 -143.36 -36.97 -22.02
CA VAL A 2980 -142.96 -35.94 -22.98
C VAL A 2980 -142.28 -36.54 -24.21
N VAL A 2981 -141.44 -37.58 -24.04
CA VAL A 2981 -140.73 -38.16 -25.18
C VAL A 2981 -141.67 -38.94 -26.09
N SER A 2982 -142.77 -39.47 -25.55
CA SER A 2982 -143.73 -40.21 -26.38
C SER A 2982 -144.42 -39.28 -27.38
N SER A 2983 -144.93 -38.15 -26.89
CA SER A 2983 -145.58 -37.14 -27.72
C SER A 2983 -145.65 -35.86 -26.92
N GLY A 2984 -145.79 -34.74 -27.65
CA GLY A 2984 -145.88 -33.44 -27.02
C GLY A 2984 -144.67 -33.02 -26.21
N ARG A 2985 -143.48 -33.06 -26.82
CA ARG A 2985 -142.23 -32.74 -26.15
C ARG A 2985 -142.26 -31.33 -25.58
N VAL A 2986 -142.20 -31.24 -24.25
CA VAL A 2986 -142.08 -29.98 -23.53
C VAL A 2986 -140.90 -30.06 -22.58
N GLU A 2987 -140.10 -28.99 -22.54
CA GLU A 2987 -138.86 -28.97 -21.77
C GLU A 2987 -139.00 -28.19 -20.47
N LYS A 2988 -140.23 -28.06 -19.96
CA LYS A 2988 -140.46 -27.30 -18.73
C LYS A 2988 -139.75 -27.94 -17.54
N SER A 2989 -139.90 -29.28 -17.39
CA SER A 2989 -139.28 -30.11 -16.36
C SER A 2989 -139.50 -29.59 -14.95
N PRO A 2990 -140.70 -29.73 -14.38
CA PRO A 2990 -140.98 -29.18 -13.04
C PRO A 2990 -140.08 -29.71 -11.94
N HIS A 2991 -139.58 -30.94 -12.07
CA HIS A 2991 -138.64 -31.54 -11.13
C HIS A 2991 -137.20 -31.44 -11.62
N GLU A 2992 -136.84 -30.36 -12.33
CA GLU A 2992 -135.47 -30.19 -12.85
C GLU A 2992 -134.42 -30.21 -11.75
N GLN A 2993 -134.74 -29.61 -10.59
CA GLN A 2993 -133.87 -29.69 -9.42
C GLN A 2993 -133.69 -31.13 -8.96
N GLU A 2994 -134.78 -31.91 -8.99
CA GLU A 2994 -134.71 -33.32 -8.61
C GLU A 2994 -133.90 -34.13 -9.61
N ILE A 2995 -134.07 -33.84 -10.92
CA ILE A 2995 -133.35 -34.55 -11.96
C ILE A 2995 -131.85 -34.29 -11.86
N LYS A 2996 -131.48 -33.02 -11.69
CA LYS A 2996 -130.08 -32.64 -11.58
C LYS A 2996 -129.44 -33.20 -10.31
N PHE A 2997 -130.16 -33.15 -9.18
CA PHE A 2997 -129.65 -33.77 -7.96
C PHE A 2997 -129.62 -35.29 -8.07
N PHE A 2998 -130.45 -35.87 -8.92
CA PHE A 2998 -130.48 -37.32 -9.08
C PHE A 2998 -129.25 -37.78 -9.85
N ALA A 2999 -129.09 -37.27 -11.07
CA ALA A 2999 -128.03 -37.72 -11.95
C ALA A 2999 -126.66 -37.22 -11.51
N LYS A 3000 -126.60 -36.16 -10.70
CA LYS A 3000 -125.33 -35.60 -10.31
C LYS A 3000 -124.96 -35.88 -8.86
N ILE A 3001 -125.86 -36.43 -8.04
CA ILE A 3001 -125.56 -36.76 -6.65
C ILE A 3001 -125.72 -38.24 -6.36
N LEU A 3002 -126.87 -38.83 -6.74
CA LEU A 3002 -127.15 -40.22 -6.38
C LEU A 3002 -126.16 -41.21 -6.96
N LEU A 3003 -125.82 -41.07 -8.24
CA LEU A 3003 -124.86 -41.98 -8.86
C LEU A 3003 -123.45 -41.93 -8.26
N PRO A 3004 -122.81 -40.76 -8.04
CA PRO A 3004 -121.48 -40.82 -7.38
C PRO A 3004 -121.54 -41.22 -5.92
N LEU A 3005 -122.56 -40.78 -5.18
CA LEU A 3005 -122.66 -41.10 -3.76
C LEU A 3005 -122.84 -42.61 -3.55
N ILE A 3006 -123.71 -43.23 -4.36
CA ILE A 3006 -123.87 -44.68 -4.28
C ILE A 3006 -122.61 -45.37 -4.74
N ASN A 3007 -121.95 -44.80 -5.77
CA ASN A 3007 -120.76 -45.36 -6.39
C ASN A 3007 -119.61 -45.43 -5.39
N GLN A 3008 -119.47 -44.43 -4.53
CA GLN A 3008 -118.34 -44.40 -3.61
C GLN A 3008 -118.69 -44.96 -2.24
N TYR A 3009 -119.87 -44.62 -1.72
CA TYR A 3009 -120.30 -45.10 -0.40
C TYR A 3009 -120.42 -46.62 -0.37
N PHE A 3010 -121.16 -47.19 -1.33
CA PHE A 3010 -121.33 -48.63 -1.29
C PHE A 3010 -120.05 -49.36 -1.71
N THR A 3011 -119.15 -48.70 -2.44
CA THR A 3011 -117.83 -49.29 -2.65
C THR A 3011 -117.06 -49.41 -1.33
N ASN A 3012 -117.11 -48.35 -0.51
CA ASN A 3012 -116.47 -48.40 0.80
C ASN A 3012 -117.17 -49.34 1.77
N HIS A 3013 -118.45 -49.64 1.56
CA HIS A 3013 -119.22 -50.45 2.50
C HIS A 3013 -119.86 -51.65 1.81
N CYS A 3014 -119.21 -52.16 0.75
CA CYS A 3014 -119.72 -53.31 0.02
C CYS A 3014 -119.75 -54.57 0.87
N LEU A 3015 -118.70 -54.81 1.64
CA LEU A 3015 -118.65 -55.99 2.49
C LEU A 3015 -119.54 -55.87 3.72
N TYR A 3016 -119.90 -54.64 4.13
CA TYR A 3016 -120.80 -54.45 5.26
C TYR A 3016 -122.18 -55.02 4.98
N PHE A 3017 -122.72 -54.79 3.78
CA PHE A 3017 -124.01 -55.34 3.41
C PHE A 3017 -123.98 -56.85 3.22
N LEU A 3018 -122.81 -57.41 2.92
CA LEU A 3018 -122.66 -58.85 2.84
C LEU A 3018 -122.32 -59.47 4.19
N SER A 3019 -122.16 -58.64 5.22
CA SER A 3019 -121.75 -59.13 6.53
C SER A 3019 -122.98 -59.44 7.37
N THR A 3020 -122.92 -60.54 8.10
CA THR A 3020 -123.95 -61.01 9.01
C THR A 3020 -123.25 -61.34 10.32
N PRO A 3021 -123.94 -61.25 11.47
CA PRO A 3021 -123.25 -61.57 12.74
C PRO A 3021 -122.73 -63.01 12.84
N ALA A 3022 -123.35 -63.97 12.13
CA ALA A 3022 -122.83 -65.34 12.13
C ALA A 3022 -121.46 -65.42 11.47
N LYS A 3023 -121.33 -64.90 10.25
CA LYS A 3023 -120.05 -64.86 9.55
C LYS A 3023 -119.83 -63.44 9.03
N VAL A 3024 -118.76 -62.80 9.48
CA VAL A 3024 -118.53 -61.39 9.19
C VAL A 3024 -117.47 -61.29 8.10
N LEU A 3025 -117.82 -60.61 7.01
CA LEU A 3025 -116.90 -60.42 5.89
C LEU A 3025 -116.13 -59.11 6.00
N GLY A 3026 -116.78 -58.04 6.48
CA GLY A 3026 -116.10 -56.79 6.72
C GLY A 3026 -115.28 -56.83 8.00
N SER A 3027 -114.42 -55.81 8.14
CA SER A 3027 -113.58 -55.70 9.33
C SER A 3027 -114.41 -55.49 10.59
N GLY A 3028 -115.44 -54.64 10.51
CA GLY A 3028 -116.30 -54.39 11.65
C GLY A 3028 -117.68 -53.92 11.26
N GLY A 3029 -118.70 -54.35 12.00
CA GLY A 3029 -120.06 -53.95 11.71
C GLY A 3029 -120.70 -54.78 10.61
N HIS A 3030 -121.95 -55.17 10.83
CA HIS A 3030 -122.69 -55.94 9.85
C HIS A 3030 -124.06 -55.32 9.65
N ALA A 3031 -124.56 -55.37 8.42
CA ALA A 3031 -125.87 -54.83 8.09
C ALA A 3031 -126.98 -55.62 8.76
N SER A 3032 -128.03 -54.91 9.18
CA SER A 3032 -129.19 -55.56 9.73
C SER A 3032 -129.97 -56.22 8.60
N ASN A 3033 -130.83 -57.18 8.96
CA ASN A 3033 -131.62 -57.91 7.96
C ASN A 3033 -132.54 -57.00 7.17
N LYS A 3034 -133.23 -56.08 7.86
CA LYS A 3034 -134.10 -55.12 7.17
C LYS A 3034 -133.32 -54.16 6.28
N GLU A 3035 -132.07 -53.86 6.65
CA GLU A 3035 -131.23 -53.06 5.78
C GLU A 3035 -130.81 -53.85 4.56
N LYS A 3036 -130.59 -55.17 4.72
CA LYS A 3036 -130.27 -56.00 3.55
C LYS A 3036 -131.47 -56.18 2.64
N GLU A 3037 -132.69 -56.06 3.19
CA GLU A 3037 -133.90 -56.33 2.42
C GLU A 3037 -134.24 -55.12 1.57
N MET A 3038 -134.52 -53.99 2.23
CA MET A 3038 -135.01 -52.84 1.47
C MET A 3038 -133.95 -52.27 0.51
N ILE A 3039 -132.66 -52.62 0.67
CA ILE A 3039 -131.70 -52.27 -0.40
C ILE A 3039 -131.88 -53.22 -1.59
N THR A 3040 -132.26 -54.48 -1.36
CA THR A 3040 -132.50 -55.42 -2.46
C THR A 3040 -133.70 -54.97 -3.28
N SER A 3041 -134.78 -54.58 -2.57
CA SER A 3041 -135.93 -54.01 -3.25
C SER A 3041 -135.58 -52.71 -3.96
N LEU A 3042 -134.74 -51.86 -3.34
CA LEU A 3042 -134.24 -50.65 -4.00
C LEU A 3042 -133.47 -50.98 -5.28
N PHE A 3043 -132.69 -52.06 -5.28
CA PHE A 3043 -131.97 -52.52 -6.46
C PHE A 3043 -132.93 -52.95 -7.57
N CYS A 3044 -133.93 -53.75 -7.22
CA CYS A 3044 -134.90 -54.21 -8.22
C CYS A 3044 -135.70 -53.04 -8.78
N LYS A 3045 -136.11 -52.13 -7.91
CA LYS A 3045 -136.82 -50.92 -8.34
C LYS A 3045 -135.95 -50.05 -9.23
N LEU A 3046 -134.66 -49.90 -8.91
CA LEU A 3046 -133.72 -49.13 -9.72
C LEU A 3046 -133.54 -49.74 -11.11
N ALA A 3047 -133.42 -51.06 -11.17
CA ALA A 3047 -133.37 -51.74 -12.45
C ALA A 3047 -134.67 -51.57 -13.24
N ALA A 3048 -135.82 -51.63 -12.57
CA ALA A 3048 -137.09 -51.32 -13.20
C ALA A 3048 -137.17 -49.85 -13.64
N LEU A 3049 -136.56 -48.95 -12.86
CA LEU A 3049 -136.51 -47.52 -13.18
C LEU A 3049 -135.75 -47.27 -14.47
N VAL A 3050 -134.69 -48.05 -14.71
CA VAL A 3050 -133.89 -47.87 -15.91
C VAL A 3050 -134.31 -48.84 -17.02
N ARG A 3051 -135.24 -49.75 -16.73
CA ARG A 3051 -135.72 -50.75 -17.69
C ARG A 3051 -136.37 -50.15 -18.92
N HIS A 3052 -135.74 -50.34 -20.09
CA HIS A 3052 -136.08 -49.84 -21.43
C HIS A 3052 -135.91 -48.33 -21.58
N ARG A 3053 -135.27 -47.67 -20.62
CA ARG A 3053 -135.07 -46.23 -20.58
C ARG A 3053 -133.58 -45.87 -20.57
N VAL A 3054 -132.77 -46.64 -21.29
CA VAL A 3054 -131.36 -46.29 -21.43
C VAL A 3054 -131.19 -45.05 -22.32
N SER A 3055 -131.99 -44.93 -23.39
CA SER A 3055 -131.85 -43.81 -24.30
C SER A 3055 -132.42 -42.54 -23.68
N LEU A 3056 -133.40 -42.68 -22.79
CA LEU A 3056 -134.00 -41.51 -22.14
C LEU A 3056 -133.04 -40.85 -21.18
N PHE A 3057 -132.07 -41.59 -20.66
CA PHE A 3057 -131.05 -41.07 -19.76
C PHE A 3057 -129.76 -40.68 -20.48
N GLY A 3058 -129.34 -41.46 -21.47
CA GLY A 3058 -128.15 -41.14 -22.22
C GLY A 3058 -126.82 -41.54 -21.60
N THR A 3059 -125.97 -40.55 -21.31
CA THR A 3059 -124.65 -40.79 -20.74
C THR A 3059 -124.67 -41.10 -19.25
N ASP A 3060 -125.80 -40.92 -18.57
CA ASP A 3060 -125.89 -41.29 -17.16
C ASP A 3060 -126.00 -42.80 -16.98
N ALA A 3061 -126.34 -43.52 -18.05
CA ALA A 3061 -126.53 -44.97 -17.99
C ALA A 3061 -125.30 -45.76 -17.53
N PRO A 3062 -124.06 -45.52 -18.02
CA PRO A 3062 -122.93 -46.26 -17.43
C PRO A 3062 -122.74 -46.04 -15.94
N ALA A 3063 -123.04 -44.84 -15.43
CA ALA A 3063 -123.02 -44.62 -13.99
C ALA A 3063 -124.11 -45.42 -13.28
N VAL A 3064 -125.30 -45.51 -13.90
CA VAL A 3064 -126.39 -46.27 -13.29
C VAL A 3064 -126.04 -47.75 -13.24
N VAL A 3065 -125.49 -48.29 -14.34
CA VAL A 3065 -125.16 -49.71 -14.37
C VAL A 3065 -124.00 -50.01 -13.41
N ASN A 3066 -123.03 -49.09 -13.25
CA ASN A 3066 -121.97 -49.31 -12.27
C ASN A 3066 -122.51 -49.33 -10.84
N CYS A 3067 -123.48 -48.44 -10.54
CA CYS A 3067 -124.15 -48.49 -9.24
C CYS A 3067 -124.88 -49.82 -9.05
N LEU A 3068 -125.53 -50.30 -10.10
CA LEU A 3068 -126.21 -51.59 -10.04
C LEU A 3068 -125.22 -52.74 -9.90
N HIS A 3069 -124.02 -52.60 -10.48
CA HIS A 3069 -122.97 -53.61 -10.29
C HIS A 3069 -122.56 -53.69 -8.84
N ILE A 3070 -122.40 -52.52 -8.20
CA ILE A 3070 -122.02 -52.47 -6.79
C ILE A 3070 -123.11 -53.09 -5.92
N LEU A 3071 -124.37 -52.80 -6.25
CA LEU A 3071 -125.49 -53.44 -5.55
C LEU A 3071 -125.48 -54.95 -5.75
N ALA A 3072 -125.24 -55.41 -6.99
CA ALA A 3072 -125.24 -56.83 -7.30
C ALA A 3072 -124.14 -57.57 -6.55
N ARG A 3073 -122.95 -56.97 -6.45
CA ARG A 3073 -121.87 -57.57 -5.68
C ARG A 3073 -122.01 -57.33 -4.18
N SER A 3074 -123.01 -56.54 -3.74
CA SER A 3074 -123.21 -56.30 -2.32
C SER A 3074 -124.59 -56.68 -1.82
N LEU A 3075 -125.33 -57.52 -2.55
CA LEU A 3075 -126.65 -57.99 -2.12
C LEU A 3075 -126.55 -59.39 -1.53
N ASP A 3076 -126.73 -59.51 -0.21
CA ASP A 3076 -126.73 -60.80 0.48
C ASP A 3076 -128.15 -61.38 0.38
N ALA A 3077 -128.41 -62.03 -0.76
CA ALA A 3077 -129.75 -62.53 -1.07
C ALA A 3077 -130.20 -63.70 -0.18
N ARG A 3078 -129.25 -64.52 0.30
CA ARG A 3078 -129.59 -65.68 1.11
C ARG A 3078 -130.27 -65.29 2.42
N THR A 3079 -129.77 -64.25 3.09
CA THR A 3079 -130.36 -63.82 4.35
C THR A 3079 -131.74 -63.22 4.14
N VAL A 3080 -131.92 -62.53 3.01
CA VAL A 3080 -133.22 -61.93 2.68
C VAL A 3080 -134.25 -63.02 2.42
N MET A 3081 -133.86 -64.06 1.68
CA MET A 3081 -134.76 -65.20 1.45
C MET A 3081 -135.09 -65.93 2.75
N LYS A 3082 -134.09 -66.11 3.62
CA LYS A 3082 -134.31 -66.84 4.87
C LYS A 3082 -135.14 -66.04 5.87
N SER A 3083 -135.05 -64.72 5.84
CA SER A 3083 -135.78 -63.89 6.79
C SER A 3083 -136.01 -62.54 6.13
N GLY A 3084 -137.26 -62.26 5.78
CA GLY A 3084 -137.62 -60.99 5.19
C GLY A 3084 -139.08 -60.97 4.74
N PRO A 3085 -139.63 -59.76 4.59
CA PRO A 3085 -141.01 -59.66 4.09
C PRO A 3085 -141.09 -60.09 2.63
N GLU A 3086 -142.28 -60.54 2.24
CA GLU A 3086 -142.50 -61.02 0.88
C GLU A 3086 -142.44 -59.92 -0.17
N ILE A 3087 -142.52 -58.64 0.20
CA ILE A 3087 -142.44 -57.56 -0.78
C ILE A 3087 -141.09 -57.52 -1.48
N VAL A 3088 -140.02 -57.84 -0.76
CA VAL A 3088 -138.68 -57.84 -1.36
C VAL A 3088 -138.49 -59.07 -2.22
N LYS A 3089 -138.87 -60.24 -1.69
CA LYS A 3089 -138.67 -61.50 -2.39
C LYS A 3089 -139.51 -61.55 -3.67
N ALA A 3090 -140.77 -61.12 -3.56
CA ALA A 3090 -141.66 -61.03 -4.72
C ALA A 3090 -141.16 -60.02 -5.74
N GLY A 3091 -140.68 -58.85 -5.30
CA GLY A 3091 -140.07 -57.91 -6.23
C GLY A 3091 -138.85 -58.46 -6.94
N LEU A 3092 -138.02 -59.22 -6.21
CA LEU A 3092 -136.88 -59.91 -6.81
C LEU A 3092 -137.31 -60.93 -7.85
N ARG A 3093 -138.32 -61.75 -7.53
CA ARG A 3093 -138.77 -62.78 -8.46
C ARG A 3093 -139.46 -62.15 -9.67
N SER A 3094 -140.20 -61.05 -9.45
CA SER A 3094 -140.87 -60.36 -10.54
C SER A 3094 -139.84 -59.78 -11.50
N PHE A 3095 -138.73 -59.27 -10.96
CA PHE A 3095 -137.70 -58.78 -11.87
C PHE A 3095 -136.96 -59.94 -12.54
N PHE A 3096 -136.89 -61.11 -11.89
CA PHE A 3096 -136.35 -62.29 -12.56
C PHE A 3096 -137.16 -62.65 -13.80
N GLU A 3097 -138.49 -62.60 -13.66
CA GLU A 3097 -139.33 -62.90 -14.81
C GLU A 3097 -139.32 -61.75 -15.82
N SER A 3098 -139.21 -60.51 -15.35
CA SER A 3098 -139.13 -59.35 -16.25
C SER A 3098 -137.87 -59.40 -17.12
N ALA A 3099 -136.74 -59.76 -16.51
CA ALA A 3099 -135.51 -59.93 -17.27
C ALA A 3099 -135.59 -61.15 -18.18
N SER A 3100 -136.31 -62.19 -17.75
CA SER A 3100 -136.50 -63.36 -18.61
C SER A 3100 -137.30 -62.98 -19.86
N GLU A 3101 -138.31 -62.12 -19.69
CA GLU A 3101 -139.06 -61.60 -20.84
C GLU A 3101 -138.19 -60.74 -21.74
N ASP A 3102 -137.34 -59.88 -21.16
CA ASP A 3102 -136.48 -59.03 -21.97
C ASP A 3102 -135.46 -59.85 -22.77
N ILE A 3103 -134.82 -60.84 -22.14
CA ILE A 3103 -133.91 -61.71 -22.88
C ILE A 3103 -134.67 -62.59 -23.87
N GLU A 3104 -135.93 -62.91 -23.61
CA GLU A 3104 -136.73 -63.61 -24.60
C GLU A 3104 -137.14 -62.69 -25.75
N LYS A 3105 -137.17 -61.38 -25.53
CA LYS A 3105 -137.35 -60.45 -26.63
C LYS A 3105 -136.06 -60.29 -27.43
N MET A 3106 -134.92 -60.39 -26.73
CA MET A 3106 -133.62 -60.36 -27.40
C MET A 3106 -133.46 -61.54 -28.35
N VAL A 3107 -133.82 -62.75 -27.90
CA VAL A 3107 -133.55 -63.93 -28.72
C VAL A 3107 -134.41 -63.93 -29.99
N GLU A 3108 -135.68 -63.53 -29.90
CA GLU A 3108 -136.51 -63.44 -31.10
C GLU A 3108 -136.08 -62.28 -31.99
N ASN A 3109 -135.56 -61.18 -31.42
CA ASN A 3109 -135.01 -60.12 -32.26
C ASN A 3109 -133.67 -60.49 -32.88
N LEU A 3110 -132.93 -61.42 -32.25
CA LEU A 3110 -131.71 -61.99 -32.81
C LEU A 3110 -131.98 -63.19 -33.70
N ARG A 3111 -133.22 -63.64 -33.78
CA ARG A 3111 -133.63 -64.73 -34.67
C ARG A 3111 -134.03 -64.22 -36.05
N LEU A 3112 -133.48 -63.07 -36.46
CA LEU A 3112 -133.82 -62.37 -37.71
C LEU A 3112 -135.29 -61.95 -37.76
N GLY A 3113 -135.87 -61.68 -36.58
CA GLY A 3113 -137.23 -61.17 -36.53
C GLY A 3113 -137.38 -59.77 -37.10
N LYS A 3114 -136.29 -59.00 -37.12
CA LYS A 3114 -136.30 -57.65 -37.68
C LYS A 3114 -134.86 -57.30 -38.03
N VAL A 3115 -134.71 -56.25 -38.84
CA VAL A 3115 -133.38 -55.77 -39.23
C VAL A 3115 -132.63 -55.25 -38.00
N SER A 3116 -133.32 -54.46 -37.18
CA SER A 3116 -132.81 -53.85 -35.93
C SER A 3116 -131.53 -53.06 -36.12
N LYS A 3123 -137.44 -47.42 -33.07
CA LYS A 3123 -138.57 -47.95 -32.30
C LYS A 3123 -138.13 -48.49 -30.95
N GLY A 3124 -139.09 -49.05 -30.21
CA GLY A 3124 -138.79 -49.61 -28.90
C GLY A 3124 -138.02 -50.91 -28.93
N VAL A 3125 -138.04 -51.62 -30.06
CA VAL A 3125 -137.31 -52.89 -30.19
C VAL A 3125 -135.81 -52.64 -30.07
N GLY A 3126 -135.31 -51.62 -30.77
CA GLY A 3126 -133.88 -51.30 -30.71
C GLY A 3126 -133.46 -50.80 -29.34
N GLN A 3127 -134.29 -49.95 -28.71
CA GLN A 3127 -133.98 -49.42 -27.39
C GLN A 3127 -134.00 -50.52 -26.34
N ASN A 3128 -134.95 -51.46 -26.42
CA ASN A 3128 -134.96 -52.61 -25.52
C ASN A 3128 -133.75 -53.50 -25.74
N LEU A 3129 -133.35 -53.69 -27.00
CA LEU A 3129 -132.19 -54.52 -27.31
C LEU A 3129 -130.90 -53.94 -26.73
N THR A 3130 -130.65 -52.65 -27.01
CA THR A 3130 -129.44 -52.02 -26.46
C THR A 3130 -129.53 -51.89 -24.94
N TYR A 3131 -130.75 -51.76 -24.38
CA TYR A 3131 -130.90 -51.75 -22.93
C TYR A 3131 -130.49 -53.09 -22.35
N THR A 3132 -130.91 -54.18 -22.99
CA THR A 3132 -130.65 -55.48 -22.40
C THR A 3132 -129.17 -55.82 -22.51
N THR A 3133 -128.58 -55.59 -23.69
CA THR A 3133 -127.20 -55.96 -23.91
C THR A 3133 -126.21 -55.03 -23.20
N VAL A 3134 -126.62 -53.84 -22.77
CA VAL A 3134 -125.72 -52.91 -22.12
C VAL A 3134 -125.94 -52.87 -20.62
N ALA A 3135 -127.20 -52.87 -20.16
CA ALA A 3135 -127.54 -52.77 -18.76
C ALA A 3135 -127.95 -54.10 -18.13
N LEU A 3136 -128.84 -54.86 -18.78
CA LEU A 3136 -129.39 -56.05 -18.13
C LEU A 3136 -128.37 -57.17 -18.05
N LEU A 3137 -127.64 -57.42 -19.14
CA LEU A 3137 -126.67 -58.53 -19.16
C LEU A 3137 -125.52 -58.37 -18.16
N PRO A 3138 -124.78 -57.24 -18.10
CA PRO A 3138 -123.64 -57.23 -17.16
C PRO A 3138 -124.04 -57.12 -15.70
N VAL A 3139 -125.08 -56.35 -15.37
CA VAL A 3139 -125.51 -56.19 -13.98
C VAL A 3139 -125.99 -57.52 -13.40
N LEU A 3140 -126.83 -58.22 -14.17
CA LEU A 3140 -127.25 -59.56 -13.78
C LEU A 3140 -126.08 -60.52 -13.75
N THR A 3141 -125.16 -60.44 -14.71
CA THR A 3141 -123.95 -61.26 -14.69
C THR A 3141 -123.11 -61.03 -13.44
N THR A 3142 -123.02 -59.77 -12.99
CA THR A 3142 -122.37 -59.43 -11.72
C THR A 3142 -123.08 -60.09 -10.54
N LEU A 3143 -124.42 -60.06 -10.55
CA LEU A 3143 -125.17 -60.76 -9.51
C LEU A 3143 -125.00 -62.27 -9.59
N PHE A 3144 -124.95 -62.82 -10.80
CA PHE A 3144 -124.73 -64.26 -11.00
C PHE A 3144 -123.37 -64.67 -10.48
N GLN A 3145 -122.35 -63.86 -10.74
CA GLN A 3145 -121.02 -64.08 -10.16
C GLN A 3145 -121.04 -63.99 -8.64
N HIS A 3146 -121.84 -63.07 -8.10
CA HIS A 3146 -122.02 -62.98 -6.65
C HIS A 3146 -122.65 -64.26 -6.08
N ILE A 3147 -123.66 -64.78 -6.77
CA ILE A 3147 -124.31 -66.02 -6.35
C ILE A 3147 -123.35 -67.20 -6.50
N ALA A 3148 -122.58 -67.24 -7.59
CA ALA A 3148 -121.62 -68.31 -7.82
C ALA A 3148 -120.52 -68.33 -6.76
N GLN A 3149 -119.99 -67.15 -6.41
CA GLN A 3149 -118.94 -67.07 -5.41
C GLN A 3149 -119.47 -67.39 -4.01
N HIS A 3150 -120.67 -66.92 -3.68
CA HIS A 3150 -121.20 -67.09 -2.33
C HIS A 3150 -121.96 -68.40 -2.15
N GLN A 3151 -122.21 -69.12 -3.25
CA GLN A 3151 -123.00 -70.35 -3.31
C GLN A 3151 -124.40 -70.11 -2.73
N PHE A 3152 -125.11 -69.20 -3.40
CA PHE A 3152 -126.47 -68.83 -3.01
C PHE A 3152 -127.52 -69.58 -3.81
N GLY A 3153 -127.12 -70.47 -4.72
CA GLY A 3153 -128.07 -71.16 -5.59
C GLY A 3153 -129.05 -72.03 -4.83
N ASP A 3154 -128.58 -72.72 -3.79
CA ASP A 3154 -129.46 -73.59 -3.01
C ASP A 3154 -130.42 -72.81 -2.13
N ASP A 3155 -130.14 -71.53 -1.86
CA ASP A 3155 -130.98 -70.74 -0.97
C ASP A 3155 -131.69 -69.58 -1.66
N VAL A 3156 -131.49 -69.36 -2.96
CA VAL A 3156 -132.17 -68.31 -3.70
C VAL A 3156 -132.96 -68.87 -4.89
N ILE A 3157 -132.32 -69.73 -5.68
CA ILE A 3157 -132.96 -70.34 -6.83
C ILE A 3157 -133.74 -71.57 -6.37
N LEU A 3158 -134.98 -71.35 -5.93
CA LEU A 3158 -135.78 -72.40 -5.33
C LEU A 3158 -137.06 -72.72 -6.09
N ASP A 3159 -137.89 -71.70 -6.39
CA ASP A 3159 -139.22 -71.95 -6.91
C ASP A 3159 -139.42 -71.52 -8.36
N ASP A 3160 -139.16 -70.26 -8.69
CA ASP A 3160 -139.42 -69.74 -10.03
C ASP A 3160 -138.17 -69.27 -10.74
N VAL A 3161 -137.09 -68.98 -10.01
CA VAL A 3161 -135.85 -68.57 -10.64
C VAL A 3161 -135.28 -69.73 -11.45
N GLN A 3162 -135.62 -70.98 -11.07
CA GLN A 3162 -135.24 -72.15 -11.85
C GLN A 3162 -135.88 -72.12 -13.23
N VAL A 3163 -137.17 -71.76 -13.28
CA VAL A 3163 -137.88 -71.63 -14.54
C VAL A 3163 -137.30 -70.48 -15.35
N SER A 3164 -136.93 -69.39 -14.66
CA SER A 3164 -136.32 -68.24 -15.33
C SER A 3164 -135.01 -68.63 -16.00
N CYS A 3165 -134.22 -69.46 -15.31
CA CYS A 3165 -132.94 -69.92 -15.85
C CYS A 3165 -133.15 -70.90 -17.00
N TYR A 3166 -134.08 -71.85 -16.86
CA TYR A 3166 -134.32 -72.81 -17.93
C TYR A 3166 -134.84 -72.14 -19.20
N ARG A 3167 -135.80 -71.22 -19.06
CA ARG A 3167 -136.29 -70.46 -20.21
C ARG A 3167 -135.19 -69.61 -20.84
N THR A 3168 -134.35 -69.00 -20.00
CA THR A 3168 -133.19 -68.26 -20.50
C THR A 3168 -132.23 -69.19 -21.24
N LEU A 3169 -131.96 -70.38 -20.69
CA LEU A 3169 -131.03 -71.33 -21.28
C LEU A 3169 -131.51 -71.83 -22.64
N CYS A 3170 -132.80 -72.18 -22.74
CA CYS A 3170 -133.39 -72.55 -24.02
C CYS A 3170 -133.28 -71.42 -25.04
N SER A 3171 -133.58 -70.19 -24.59
CA SER A 3171 -133.60 -69.05 -25.49
C SER A 3171 -132.21 -68.74 -26.02
N ILE A 3172 -131.21 -68.75 -25.14
CA ILE A 3172 -129.85 -68.40 -25.55
C ILE A 3172 -129.25 -69.52 -26.41
N TYR A 3173 -129.54 -70.79 -26.08
CA TYR A 3173 -128.99 -71.90 -26.86
C TYR A 3173 -129.64 -72.00 -28.23
N SER A 3174 -130.86 -71.47 -28.40
CA SER A 3174 -131.50 -71.50 -29.72
C SER A 3174 -130.79 -70.65 -30.77
N LEU A 3175 -129.87 -69.76 -30.38
CA LEU A 3175 -129.12 -68.93 -31.30
C LEU A 3175 -127.93 -69.66 -31.92
N GLY A 3176 -127.66 -70.90 -31.51
CA GLY A 3176 -126.56 -71.65 -32.09
C GLY A 3176 -126.72 -71.90 -33.57
N THR A 3177 -127.94 -72.13 -34.02
CA THR A 3177 -128.23 -72.32 -35.44
C THR A 3177 -128.47 -71.01 -36.18
N THR A 3178 -128.33 -69.87 -35.50
CA THR A 3178 -128.58 -68.57 -36.10
C THR A 3178 -127.26 -67.81 -36.23
N LYS A 3179 -127.03 -67.25 -37.41
CA LYS A 3179 -125.78 -66.54 -37.72
C LYS A 3179 -126.13 -65.11 -38.16
N ASN A 3180 -125.95 -64.15 -37.25
CA ASN A 3180 -126.18 -62.75 -37.56
C ASN A 3180 -125.06 -61.91 -36.95
N THR A 3181 -125.11 -60.61 -37.26
CA THR A 3181 -124.13 -59.67 -36.70
C THR A 3181 -124.26 -59.54 -35.19
N TYR A 3182 -125.50 -59.45 -34.69
CA TYR A 3182 -125.74 -59.38 -33.25
C TYR A 3182 -125.32 -60.67 -32.58
N VAL A 3183 -125.62 -61.81 -33.21
CA VAL A 3183 -125.28 -63.11 -32.64
C VAL A 3183 -123.77 -63.24 -32.50
N GLU A 3184 -123.05 -62.85 -33.55
CA GLU A 3184 -121.59 -62.95 -33.59
C GLU A 3184 -120.96 -62.03 -32.55
N LYS A 3185 -121.39 -60.76 -32.51
CA LYS A 3185 -120.73 -59.83 -31.59
C LYS A 3185 -121.14 -60.04 -30.15
N LEU A 3186 -122.28 -60.69 -29.88
CA LEU A 3186 -122.73 -60.89 -28.52
C LEU A 3186 -122.47 -62.30 -28.00
N ARG A 3187 -121.95 -63.21 -28.82
CA ARG A 3187 -121.54 -64.53 -28.35
C ARG A 3187 -120.59 -64.55 -27.15
N PRO A 3188 -119.54 -63.70 -27.05
CA PRO A 3188 -118.77 -63.68 -25.78
C PRO A 3188 -119.57 -63.22 -24.57
N ALA A 3189 -120.29 -62.09 -24.66
CA ALA A 3189 -121.06 -61.57 -23.53
C ALA A 3189 -122.17 -62.52 -23.10
N LEU A 3190 -122.89 -63.10 -24.07
CA LEU A 3190 -123.93 -64.08 -23.76
C LEU A 3190 -123.33 -65.37 -23.21
N GLY A 3191 -122.19 -65.81 -23.76
CA GLY A 3191 -121.53 -67.00 -23.23
C GLY A 3191 -121.05 -66.80 -21.81
N GLU A 3192 -120.52 -65.61 -21.51
CA GLU A 3192 -120.08 -65.27 -20.16
C GLU A 3192 -121.25 -65.24 -19.17
N CYS A 3193 -122.34 -64.57 -19.55
CA CYS A 3193 -123.52 -64.51 -18.68
C CYS A 3193 -124.12 -65.89 -18.44
N LEU A 3194 -124.21 -66.72 -19.49
CA LEU A 3194 -124.74 -68.07 -19.34
C LEU A 3194 -123.78 -68.94 -18.52
N ALA A 3195 -122.46 -68.69 -18.65
CA ALA A 3195 -121.48 -69.39 -17.84
C ALA A 3195 -121.66 -69.08 -16.35
N ARG A 3196 -121.92 -67.80 -16.03
CA ARG A 3196 -122.20 -67.45 -14.64
C ARG A 3196 -123.54 -68.04 -14.19
N LEU A 3197 -124.49 -68.22 -15.12
CA LEU A 3197 -125.73 -68.92 -14.79
C LEU A 3197 -125.45 -70.36 -14.42
N ALA A 3198 -124.59 -71.03 -15.19
CA ALA A 3198 -124.23 -72.41 -14.90
C ALA A 3198 -123.47 -72.51 -13.58
N ALA A 3199 -122.59 -71.54 -13.30
CA ALA A 3199 -121.89 -71.50 -12.02
C ALA A 3199 -122.79 -71.11 -10.85
N ALA A 3200 -123.99 -70.59 -11.12
CA ALA A 3200 -124.93 -70.24 -10.07
C ALA A 3200 -126.10 -71.20 -9.98
N MET A 3201 -126.20 -72.16 -10.89
CA MET A 3201 -127.34 -73.07 -10.95
C MET A 3201 -127.27 -74.09 -9.81
N PRO A 3202 -128.38 -74.35 -9.12
CA PRO A 3202 -128.38 -75.39 -8.06
C PRO A 3202 -128.86 -76.78 -8.45
N VAL A 3203 -129.30 -77.03 -9.68
CA VAL A 3203 -129.80 -78.35 -10.07
C VAL A 3203 -129.04 -78.87 -11.27
N ALA A 3204 -129.00 -80.20 -11.39
CA ALA A 3204 -128.25 -80.88 -12.45
C ALA A 3204 -129.05 -80.90 -13.74
N PHE A 3205 -128.87 -79.86 -14.56
CA PHE A 3205 -129.62 -79.78 -15.81
C PHE A 3205 -128.95 -80.55 -16.94
N LEU A 3206 -127.61 -80.60 -16.97
CA LEU A 3206 -126.91 -81.32 -18.03
C LEU A 3206 -127.02 -82.83 -17.87
N GLU A 3207 -127.41 -83.31 -16.69
CA GLU A 3207 -127.71 -84.73 -16.47
C GLU A 3207 -129.08 -84.82 -15.82
N PRO A 3208 -130.15 -84.62 -16.61
CA PRO A 3208 -131.51 -84.65 -16.04
C PRO A 3208 -131.93 -86.02 -15.51
N GLN A 3209 -131.26 -87.10 -15.91
CA GLN A 3209 -131.61 -88.44 -15.41
C GLN A 3209 -131.34 -88.60 -13.93
N LEU A 3210 -130.50 -87.75 -13.32
CA LEU A 3210 -130.25 -87.78 -11.88
C LEU A 3210 -130.60 -86.46 -11.22
N ASN A 3211 -131.40 -85.62 -11.88
CA ASN A 3211 -131.77 -84.32 -11.33
C ASN A 3211 -132.72 -84.42 -10.13
N GLU A 3212 -133.32 -85.58 -9.90
CA GLU A 3212 -134.30 -85.77 -8.84
C GLU A 3212 -133.66 -86.06 -7.48
N TYR A 3213 -132.34 -85.95 -7.35
CA TYR A 3213 -131.66 -86.20 -6.09
C TYR A 3213 -131.33 -84.94 -5.31
N ASN A 3214 -131.34 -83.78 -5.95
CA ASN A 3214 -131.00 -82.53 -5.29
C ASN A 3214 -132.10 -82.15 -4.30
N ALA A 3215 -131.69 -81.79 -3.08
CA ALA A 3215 -132.64 -81.37 -2.06
C ALA A 3215 -133.34 -80.07 -2.44
N CYS A 3216 -132.59 -79.12 -3.00
CA CYS A 3216 -133.16 -77.85 -3.46
C CYS A 3216 -133.51 -77.93 -4.94
N SER A 3217 -134.36 -78.89 -5.26
CA SER A 3217 -134.83 -79.12 -6.61
C SER A 3217 -136.35 -79.15 -6.62
N VAL A 3218 -136.93 -78.65 -7.71
CA VAL A 3218 -138.38 -78.59 -7.85
C VAL A 3218 -139.00 -79.98 -7.91
N TYR A 3219 -138.26 -80.99 -8.35
CA TYR A 3219 -138.78 -82.35 -8.44
C TYR A 3219 -138.70 -83.10 -7.12
N THR A 3220 -138.22 -82.44 -6.06
CA THR A 3220 -138.26 -82.96 -4.71
C THR A 3220 -139.14 -82.10 -3.80
N THR A 3221 -138.89 -80.78 -3.77
CA THR A 3221 -139.71 -79.90 -2.94
C THR A 3221 -141.09 -79.69 -3.53
N LYS A 3222 -141.17 -79.47 -4.83
CA LYS A 3222 -142.45 -79.17 -5.49
C LYS A 3222 -143.16 -80.47 -5.83
N SER A 3223 -144.27 -80.73 -5.14
CA SER A 3223 -145.04 -81.95 -5.31
C SER A 3223 -145.69 -81.97 -6.69
N PRO A 3224 -146.01 -83.17 -7.21
CA PRO A 3224 -146.59 -83.26 -8.57
C PRO A 3224 -147.89 -82.48 -8.81
N ARG A 3225 -148.66 -82.11 -7.78
CA ARG A 3225 -149.86 -81.32 -8.04
C ARG A 3225 -149.54 -79.86 -8.38
N GLU A 3226 -148.31 -79.41 -8.12
CA GLU A 3226 -147.77 -78.22 -8.77
C GLU A 3226 -146.72 -78.66 -9.78
N ARG A 3227 -146.06 -77.68 -10.42
CA ARG A 3227 -145.20 -77.76 -11.61
C ARG A 3227 -145.98 -78.10 -12.88
N ALA A 3228 -147.30 -78.24 -12.80
CA ALA A 3228 -148.15 -78.45 -13.97
C ALA A 3228 -149.25 -77.40 -13.98
N ILE A 3229 -149.64 -76.92 -12.80
CA ILE A 3229 -150.61 -75.84 -12.70
C ILE A 3229 -150.03 -74.53 -13.26
N LEU A 3230 -148.76 -74.26 -12.97
CA LEU A 3230 -148.05 -73.13 -13.53
C LEU A 3230 -147.19 -73.60 -14.70
N GLY A 3231 -146.84 -72.66 -15.57
CA GLY A 3231 -146.14 -72.95 -16.81
C GLY A 3231 -144.79 -73.63 -16.67
N LEU A 3232 -144.76 -74.92 -16.99
CA LEU A 3232 -143.59 -75.79 -16.94
C LEU A 3232 -143.84 -77.02 -17.79
N PRO A 3233 -142.86 -77.50 -18.56
CA PRO A 3233 -143.03 -78.77 -19.27
C PRO A 3233 -143.17 -80.00 -18.36
N ASN A 3234 -142.87 -79.86 -17.06
CA ASN A 3234 -143.03 -80.90 -16.02
C ASN A 3234 -142.17 -82.12 -16.28
N SER A 3235 -141.08 -81.98 -17.03
CA SER A 3235 -140.17 -83.09 -17.29
C SER A 3235 -138.78 -82.53 -17.54
N VAL A 3236 -137.85 -82.86 -16.63
CA VAL A 3236 -136.53 -82.23 -16.59
C VAL A 3236 -135.75 -82.49 -17.87
N GLU A 3237 -135.90 -83.70 -18.45
CA GLU A 3237 -135.30 -84.00 -19.75
C GLU A 3237 -135.91 -83.15 -20.86
N GLU A 3238 -137.12 -82.64 -20.67
CA GLU A 3238 -137.82 -81.81 -21.64
C GLU A 3238 -137.87 -80.33 -21.26
N MET A 3239 -137.10 -79.91 -20.24
CA MET A 3239 -136.95 -78.48 -19.97
C MET A 3239 -136.36 -77.76 -21.17
N CYS A 3240 -135.21 -78.22 -21.67
CA CYS A 3240 -134.60 -77.73 -22.90
C CYS A 3240 -134.15 -78.93 -23.73
N PRO A 3241 -135.00 -79.42 -24.64
CA PRO A 3241 -134.57 -80.50 -25.54
C PRO A 3241 -133.41 -80.13 -26.45
N ASP A 3242 -133.19 -78.84 -26.72
CA ASP A 3242 -132.03 -78.38 -27.47
C ASP A 3242 -130.71 -78.62 -26.75
N ILE A 3243 -130.74 -78.84 -25.44
CA ILE A 3243 -129.54 -79.06 -24.63
C ILE A 3243 -129.24 -80.56 -24.65
N PRO A 3244 -128.11 -81.00 -25.20
CA PRO A 3244 -127.74 -82.41 -25.10
C PRO A 3244 -127.36 -82.77 -23.68
N VAL A 3245 -127.47 -84.05 -23.36
CA VAL A 3245 -127.04 -84.51 -22.04
C VAL A 3245 -125.52 -84.42 -21.92
N LEU A 3246 -125.07 -84.36 -20.66
CA LEU A 3246 -123.67 -84.13 -20.35
C LEU A 3246 -122.78 -85.23 -20.88
N ASP A 3247 -123.27 -86.48 -20.83
CA ASP A 3247 -122.50 -87.65 -21.25
C ASP A 3247 -122.09 -87.57 -22.72
N ARG A 3248 -123.01 -87.16 -23.59
CA ARG A 3248 -122.65 -86.98 -24.98
C ARG A 3248 -122.09 -85.59 -25.28
N LEU A 3249 -122.08 -84.69 -24.29
CA LEU A 3249 -121.60 -83.33 -24.55
C LEU A 3249 -120.09 -83.30 -24.80
N MET A 3250 -119.31 -83.95 -23.95
CA MET A 3250 -117.87 -83.90 -24.21
C MET A 3250 -117.49 -84.91 -25.27
N ALA A 3251 -118.28 -85.97 -25.46
CA ALA A 3251 -118.01 -86.91 -26.54
C ALA A 3251 -118.10 -86.22 -27.89
N ASP A 3252 -119.14 -85.38 -28.07
CA ASP A 3252 -119.22 -84.54 -29.27
C ASP A 3252 -118.07 -83.54 -29.35
N ILE A 3253 -117.74 -82.89 -28.23
CA ILE A 3253 -116.63 -81.93 -28.25
C ILE A 3253 -115.30 -82.64 -28.53
N GLY A 3254 -115.12 -83.85 -28.00
CA GLY A 3254 -113.96 -84.66 -28.31
C GLY A 3254 -113.83 -85.04 -29.77
N GLY A 3255 -114.95 -85.41 -30.40
CA GLY A 3255 -114.92 -85.63 -31.84
C GLY A 3255 -114.65 -84.35 -32.62
N LEU A 3256 -115.14 -83.22 -32.11
CA LEU A 3256 -114.88 -81.93 -32.75
C LEU A 3256 -113.39 -81.59 -32.65
N ALA A 3257 -112.79 -81.87 -31.50
CA ALA A 3257 -111.37 -81.57 -31.27
C ALA A 3257 -110.48 -82.45 -32.14
N GLU A 3258 -110.77 -83.76 -32.20
CA GLU A 3258 -109.97 -84.63 -33.05
C GLU A 3258 -110.20 -84.35 -34.54
N SER A 3259 -111.32 -83.72 -34.90
CA SER A 3259 -111.52 -83.33 -36.29
C SER A 3259 -110.55 -82.23 -36.71
N GLY A 3260 -110.05 -81.44 -35.76
CA GLY A 3260 -109.16 -80.34 -36.08
C GLY A 3260 -109.82 -79.13 -36.68
N ALA A 3261 -111.15 -79.06 -36.64
CA ALA A 3261 -111.89 -77.95 -37.21
C ALA A 3261 -111.65 -76.66 -36.43
N ARG A 3262 -111.74 -75.53 -37.13
CA ARG A 3262 -111.41 -74.23 -36.57
C ARG A 3262 -112.64 -73.52 -35.98
N TYR A 3263 -112.40 -72.31 -35.46
CA TYR A 3263 -113.46 -71.52 -34.84
C TYR A 3263 -114.43 -71.00 -35.88
N THR A 3264 -113.96 -70.77 -37.12
CA THR A 3264 -114.81 -70.29 -38.21
C THR A 3264 -115.96 -71.26 -38.49
N GLU A 3265 -115.73 -72.54 -38.28
CA GLU A 3265 -116.77 -73.56 -38.32
C GLU A 3265 -117.18 -74.00 -36.92
N MET A 3266 -116.66 -73.35 -35.87
CA MET A 3266 -117.03 -73.66 -34.49
C MET A 3266 -117.41 -72.42 -33.68
N PRO A 3267 -118.32 -71.52 -34.19
CA PRO A 3267 -118.61 -70.31 -33.40
C PRO A 3267 -119.41 -70.56 -32.13
N HIS A 3268 -120.53 -71.29 -32.24
CA HIS A 3268 -121.41 -71.51 -31.10
C HIS A 3268 -120.79 -72.47 -30.08
N VAL A 3269 -120.12 -73.53 -30.56
CA VAL A 3269 -119.55 -74.54 -29.68
C VAL A 3269 -118.48 -73.94 -28.76
N ILE A 3270 -117.59 -73.13 -29.34
CA ILE A 3270 -116.48 -72.57 -28.58
C ILE A 3270 -116.97 -71.48 -27.64
N GLU A 3271 -117.81 -70.57 -28.14
CA GLU A 3271 -118.20 -69.41 -27.35
C GLU A 3271 -119.22 -69.75 -26.28
N ILE A 3272 -120.02 -70.81 -26.48
CA ILE A 3272 -121.15 -71.11 -25.60
C ILE A 3272 -121.01 -72.48 -24.94
N THR A 3273 -120.80 -73.53 -25.75
CA THR A 3273 -120.81 -74.89 -25.22
C THR A 3273 -119.58 -75.17 -24.34
N LEU A 3274 -118.39 -74.73 -24.78
CA LEU A 3274 -117.19 -74.91 -23.97
C LEU A 3274 -117.25 -74.21 -22.60
N PRO A 3275 -117.75 -72.96 -22.45
CA PRO A 3275 -117.95 -72.44 -21.09
C PRO A 3275 -118.89 -73.27 -20.24
N MET A 3276 -119.87 -73.96 -20.84
CA MET A 3276 -120.76 -74.82 -20.06
C MET A 3276 -119.99 -75.95 -19.40
N LEU A 3277 -119.09 -76.60 -20.15
CA LEU A 3277 -118.23 -77.61 -19.56
C LEU A 3277 -117.26 -77.00 -18.56
N CYS A 3278 -116.82 -75.75 -18.78
CA CYS A 3278 -115.94 -75.10 -17.82
C CYS A 3278 -116.65 -74.62 -16.57
N SER A 3279 -117.97 -74.43 -16.62
CA SER A 3279 -118.72 -73.89 -15.49
C SER A 3279 -119.55 -74.92 -14.73
N TYR A 3280 -119.99 -75.98 -15.41
CA TYR A 3280 -120.83 -77.00 -14.77
C TYR A 3280 -119.98 -77.99 -14.00
N LEU A 3281 -118.93 -78.54 -14.63
CA LEU A 3281 -118.12 -79.59 -14.02
C LEU A 3281 -117.45 -79.19 -12.70
N PRO A 3282 -116.71 -78.07 -12.57
CA PRO A 3282 -116.11 -77.76 -11.25
C PRO A 3282 -117.13 -77.53 -10.15
N ARG A 3283 -118.28 -76.92 -10.48
CA ARG A 3283 -119.29 -76.64 -9.47
C ARG A 3283 -119.86 -77.91 -8.86
N TRP A 3284 -120.19 -78.91 -9.69
CA TRP A 3284 -120.79 -80.14 -9.20
C TRP A 3284 -119.78 -81.24 -8.92
N TRP A 3285 -118.48 -80.97 -9.13
CA TRP A 3285 -117.46 -81.96 -8.79
C TRP A 3285 -117.43 -82.22 -7.29
N GLU A 3286 -117.57 -81.18 -6.49
CA GLU A 3286 -117.66 -81.35 -5.04
C GLU A 3286 -119.08 -81.74 -4.61
N ARG A 3287 -120.05 -81.74 -5.53
CA ARG A 3287 -121.42 -82.09 -5.23
C ARG A 3287 -121.82 -83.42 -5.86
N GLY A 3288 -120.85 -84.21 -6.30
CA GLY A 3288 -121.16 -85.50 -6.88
C GLY A 3288 -120.06 -86.52 -6.62
N PRO A 3289 -119.74 -87.33 -7.63
CA PRO A 3289 -118.66 -88.30 -7.47
C PRO A 3289 -117.29 -87.64 -7.48
N GLU A 3290 -116.32 -88.37 -6.93
CA GLU A 3290 -114.92 -87.96 -6.71
C GLU A 3290 -114.80 -86.74 -5.78
N ALA A 3291 -115.87 -86.38 -5.07
CA ALA A 3291 -115.85 -85.31 -4.11
C ALA A 3291 -115.24 -85.81 -2.80
N PRO A 3292 -114.73 -84.89 -1.97
CA PRO A 3292 -114.42 -85.22 -0.57
C PRO A 3292 -115.60 -84.90 0.34
N PRO A 3293 -116.60 -85.78 0.43
CA PRO A 3293 -117.85 -85.41 1.13
C PRO A 3293 -117.75 -85.60 2.64
N PRO A 3294 -117.83 -84.52 3.42
CA PRO A 3294 -117.82 -84.65 4.89
C PRO A 3294 -119.22 -84.87 5.47
N ALA A 3295 -119.95 -85.83 4.90
CA ALA A 3295 -121.34 -86.03 5.25
C ALA A 3295 -121.59 -87.44 5.80
N LEU A 3296 -120.74 -87.88 6.71
CA LEU A 3296 -120.94 -89.20 7.35
C LEU A 3296 -122.26 -89.40 8.10
N PRO A 3297 -122.81 -88.47 8.91
CA PRO A 3297 -124.08 -88.78 9.56
C PRO A 3297 -125.28 -88.76 8.63
N ALA A 3298 -125.20 -88.08 7.49
CA ALA A 3298 -126.31 -87.91 6.56
C ALA A 3298 -125.87 -88.25 5.14
N GLY A 3299 -125.21 -89.40 4.99
CA GLY A 3299 -124.76 -89.90 3.70
C GLY A 3299 -125.80 -90.58 2.86
N ALA A 3300 -127.05 -90.63 3.34
CA ALA A 3300 -128.13 -91.27 2.59
C ALA A 3300 -128.43 -90.66 1.21
N PRO A 3301 -128.54 -89.33 1.01
CA PRO A 3301 -128.85 -88.83 -0.36
C PRO A 3301 -127.72 -89.13 -1.33
N PRO A 3302 -128.03 -89.80 -2.44
CA PRO A 3302 -127.00 -90.09 -3.45
C PRO A 3302 -126.66 -88.84 -4.24
N PRO A 3303 -125.53 -88.82 -4.95
CA PRO A 3303 -125.17 -87.64 -5.77
C PRO A 3303 -126.19 -87.33 -6.84
N CYS A 3304 -126.39 -86.04 -7.09
CA CYS A 3304 -127.34 -85.54 -8.08
C CYS A 3304 -126.77 -85.53 -9.48
N THR A 3305 -125.51 -85.91 -9.67
CA THR A 3305 -124.90 -85.91 -10.99
C THR A 3305 -123.83 -86.99 -11.04
N ALA A 3306 -123.06 -86.99 -12.13
CA ALA A 3306 -121.99 -87.96 -12.34
C ALA A 3306 -120.71 -87.25 -12.81
N VAL A 3307 -120.36 -86.17 -12.13
CA VAL A 3307 -119.21 -85.34 -12.53
C VAL A 3307 -117.96 -85.85 -11.81
N THR A 3308 -117.02 -86.40 -12.56
CA THR A 3308 -115.72 -86.79 -12.03
C THR A 3308 -114.65 -85.91 -12.68
N SER A 3309 -113.39 -86.16 -12.32
CA SER A 3309 -112.28 -85.48 -12.97
C SER A 3309 -111.97 -86.01 -14.36
N ASP A 3310 -112.49 -87.18 -14.72
CA ASP A 3310 -112.27 -87.72 -16.07
C ASP A 3310 -112.90 -86.83 -17.13
N HIS A 3311 -114.08 -86.29 -16.83
CA HIS A 3311 -114.75 -85.37 -17.74
C HIS A 3311 -113.95 -84.10 -17.95
N LEU A 3312 -113.37 -83.57 -16.86
CA LEU A 3312 -112.48 -82.41 -17.01
C LEU A 3312 -111.19 -82.78 -17.71
N ASN A 3313 -110.71 -84.02 -17.53
CA ASN A 3313 -109.51 -84.50 -18.21
C ASN A 3313 -109.69 -84.46 -19.72
N SER A 3314 -110.81 -85.02 -20.19
CA SER A 3314 -111.17 -84.93 -21.60
C SER A 3314 -111.39 -83.49 -22.04
N LEU A 3315 -112.04 -82.68 -21.20
CA LEU A 3315 -112.30 -81.28 -21.51
C LEU A 3315 -111.01 -80.49 -21.74
N LEU A 3316 -110.04 -80.63 -20.83
CA LEU A 3316 -108.75 -79.95 -20.97
C LEU A 3316 -107.97 -80.45 -22.17
N GLY A 3317 -108.00 -81.77 -22.43
CA GLY A 3317 -107.30 -82.29 -23.60
C GLY A 3317 -107.90 -81.78 -24.89
N ASN A 3318 -109.23 -81.73 -24.96
CA ASN A 3318 -109.92 -81.21 -26.13
C ASN A 3318 -109.65 -79.72 -26.33
N ILE A 3319 -109.64 -78.94 -25.23
CA ILE A 3319 -109.36 -77.50 -25.33
C ILE A 3319 -107.96 -77.26 -25.86
N LEU A 3320 -106.97 -78.02 -25.35
CA LEU A 3320 -105.60 -77.91 -25.85
C LEU A 3320 -105.51 -78.29 -27.32
N ARG A 3321 -106.20 -79.38 -27.72
CA ARG A 3321 -106.18 -79.81 -29.12
C ARG A 3321 -106.81 -78.76 -30.03
N ILE A 3322 -107.92 -78.16 -29.59
CA ILE A 3322 -108.60 -77.13 -30.37
C ILE A 3322 -107.70 -75.92 -30.56
N ILE A 3323 -107.01 -75.48 -29.49
CA ILE A 3323 -106.16 -74.30 -29.58
C ILE A 3323 -104.97 -74.54 -30.50
N VAL A 3324 -104.29 -75.68 -30.32
CA VAL A 3324 -103.13 -75.96 -31.16
C VAL A 3324 -103.50 -76.32 -32.59
N ASN A 3325 -104.74 -76.74 -32.86
CA ASN A 3325 -105.18 -76.83 -34.25
C ASN A 3325 -105.55 -75.48 -34.81
N ASN A 3326 -106.07 -74.58 -33.98
CA ASN A 3326 -106.28 -73.18 -34.33
C ASN A 3326 -105.02 -72.33 -34.25
N LEU A 3327 -103.84 -72.95 -34.04
CA LEU A 3327 -102.59 -72.22 -33.93
C LEU A 3327 -102.19 -71.52 -35.23
N GLY A 3328 -102.75 -71.93 -36.36
CA GLY A 3328 -102.37 -71.35 -37.63
C GLY A 3328 -103.17 -70.13 -38.05
N ILE A 3329 -104.35 -69.93 -37.46
CA ILE A 3329 -105.17 -68.77 -37.83
C ILE A 3329 -104.54 -67.49 -37.30
N ASP A 3330 -104.70 -66.41 -38.07
CA ASP A 3330 -104.03 -65.16 -37.74
C ASP A 3330 -104.63 -64.50 -36.52
N GLU A 3331 -105.96 -64.48 -36.41
CA GLU A 3331 -106.65 -63.80 -35.33
C GLU A 3331 -107.58 -64.77 -34.61
N ALA A 3332 -107.51 -64.77 -33.28
CA ALA A 3332 -108.42 -65.55 -32.44
C ALA A 3332 -108.58 -64.80 -31.12
N THR A 3333 -109.63 -63.98 -31.04
CA THR A 3333 -109.94 -63.25 -29.81
C THR A 3333 -110.44 -64.16 -28.69
N TRP A 3334 -110.76 -65.42 -28.98
CA TRP A 3334 -111.22 -66.37 -27.99
C TRP A 3334 -110.08 -67.11 -27.30
N MET A 3335 -108.82 -66.82 -27.65
CA MET A 3335 -107.68 -67.33 -26.89
C MET A 3335 -107.73 -66.86 -25.44
N LYS A 3336 -107.94 -65.57 -25.24
CA LYS A 3336 -107.96 -65.01 -23.88
C LYS A 3336 -109.19 -65.49 -23.11
N ARG A 3337 -110.37 -65.47 -23.74
CA ARG A 3337 -111.60 -65.86 -23.06
C ARG A 3337 -111.57 -67.34 -22.69
N LEU A 3338 -111.10 -68.19 -23.61
CA LEU A 3338 -110.97 -69.61 -23.32
C LEU A 3338 -109.95 -69.85 -22.22
N ALA A 3339 -108.84 -69.10 -22.23
CA ALA A 3339 -107.82 -69.26 -21.19
C ALA A 3339 -108.36 -68.87 -19.81
N VAL A 3340 -109.01 -67.69 -19.72
CA VAL A 3340 -109.56 -67.24 -18.45
C VAL A 3340 -110.77 -68.05 -17.99
N PHE A 3341 -111.37 -68.85 -18.87
CA PHE A 3341 -112.44 -69.73 -18.42
C PHE A 3341 -111.99 -71.16 -18.17
N ALA A 3342 -110.90 -71.59 -18.80
CA ALA A 3342 -110.32 -72.90 -18.56
C ALA A 3342 -109.19 -72.89 -17.54
N GLN A 3343 -108.88 -71.73 -16.98
CA GLN A 3343 -107.87 -71.66 -15.92
C GLN A 3343 -108.41 -72.07 -14.54
N PRO A 3344 -109.61 -71.67 -14.08
CA PRO A 3344 -110.10 -72.23 -12.79
C PRO A 3344 -110.35 -73.73 -12.81
N ILE A 3345 -110.48 -74.36 -13.99
CA ILE A 3345 -110.84 -75.77 -14.07
C ILE A 3345 -109.64 -76.70 -14.18
N VAL A 3346 -108.44 -76.17 -14.47
CA VAL A 3346 -107.28 -77.00 -14.76
C VAL A 3346 -106.57 -77.32 -13.42
N SER A 3347 -107.21 -76.95 -12.31
CA SER A 3347 -106.65 -77.21 -10.98
C SER A 3347 -106.52 -78.69 -10.67
N ARG A 3348 -107.35 -79.54 -11.27
CA ARG A 3348 -107.29 -80.98 -11.04
C ARG A 3348 -106.81 -81.73 -12.28
N ALA A 3349 -105.98 -81.07 -13.09
CA ALA A 3349 -105.47 -81.66 -14.32
C ALA A 3349 -104.56 -82.85 -14.04
N ARG A 3350 -104.72 -83.90 -14.84
CA ARG A 3350 -103.97 -85.13 -14.64
C ARG A 3350 -102.54 -85.01 -15.17
N PRO A 3351 -101.60 -85.79 -14.63
CA PRO A 3351 -100.23 -85.79 -15.17
C PRO A 3351 -100.11 -86.31 -16.60
N GLU A 3352 -101.12 -87.02 -17.10
CA GLU A 3352 -101.07 -87.59 -18.46
C GLU A 3352 -100.97 -86.51 -19.53
N LEU A 3353 -101.66 -85.37 -19.32
CA LEU A 3353 -101.69 -84.31 -20.31
C LEU A 3353 -100.34 -83.65 -20.52
N LEU A 3354 -99.40 -83.83 -19.59
CA LEU A 3354 -98.08 -83.24 -19.73
C LEU A 3354 -97.34 -83.89 -20.90
N HIS A 3355 -97.12 -85.20 -20.82
CA HIS A 3355 -96.40 -85.88 -21.90
C HIS A 3355 -97.27 -86.01 -23.14
N SER A 3356 -98.59 -86.19 -23.00
CA SER A 3356 -99.41 -86.39 -24.19
C SER A 3356 -99.59 -85.11 -25.00
N HIS A 3357 -99.80 -83.97 -24.35
CA HIS A 3357 -100.12 -82.73 -25.04
C HIS A 3357 -99.04 -81.66 -24.91
N PHE A 3358 -98.53 -81.42 -23.70
CA PHE A 3358 -97.62 -80.31 -23.45
C PHE A 3358 -96.32 -80.43 -24.24
N ILE A 3359 -95.77 -81.64 -24.34
CA ILE A 3359 -94.50 -81.83 -25.05
C ILE A 3359 -94.62 -81.56 -26.55
N PRO A 3360 -95.50 -82.22 -27.34
CA PRO A 3360 -95.44 -81.96 -28.80
C PRO A 3360 -96.01 -80.61 -29.21
N THR A 3361 -97.17 -80.23 -28.65
CA THR A 3361 -97.85 -79.02 -29.06
C THR A 3361 -97.06 -77.77 -28.72
N ILE A 3362 -96.62 -77.65 -27.46
CA ILE A 3362 -95.75 -76.52 -27.15
C ILE A 3362 -94.40 -76.69 -27.81
N GLY A 3363 -93.95 -77.92 -28.12
CA GLY A 3363 -92.75 -78.07 -28.93
C GLY A 3363 -92.90 -77.48 -30.32
N ARG A 3364 -94.13 -77.55 -30.88
CA ARG A 3364 -94.47 -76.83 -32.10
C ARG A 3364 -94.36 -75.34 -31.87
N LEU A 3365 -94.82 -74.87 -30.70
CA LEU A 3365 -94.70 -73.44 -30.39
C LEU A 3365 -93.23 -73.02 -30.31
N ARG A 3366 -92.41 -73.89 -29.72
CA ARG A 3366 -90.97 -73.65 -29.56
C ARG A 3366 -90.28 -73.53 -30.91
N LYS A 3367 -90.54 -74.48 -31.83
CA LYS A 3367 -89.91 -74.40 -33.14
C LYS A 3367 -90.49 -73.23 -33.96
N ARG A 3368 -91.76 -72.90 -33.76
CA ARG A 3368 -92.34 -71.72 -34.41
C ARG A 3368 -91.65 -70.44 -33.93
N ALA A 3369 -91.45 -70.33 -32.62
CA ALA A 3369 -90.76 -69.17 -32.04
C ALA A 3369 -89.33 -69.08 -32.53
N GLY A 3370 -88.64 -70.22 -32.62
CA GLY A 3370 -87.29 -70.23 -33.17
C GLY A 3370 -87.27 -69.85 -34.64
N LYS A 3371 -88.29 -70.26 -35.40
CA LYS A 3371 -88.38 -69.91 -36.81
C LYS A 3371 -88.59 -68.41 -36.98
N VAL A 3372 -89.46 -67.82 -36.15
CA VAL A 3372 -89.76 -66.39 -36.25
C VAL A 3372 -88.53 -65.57 -35.85
N VAL A 3373 -87.85 -65.94 -34.76
CA VAL A 3373 -86.64 -65.19 -34.42
C VAL A 3373 -85.50 -65.48 -35.40
N ALA A 3374 -85.50 -66.63 -36.06
CA ALA A 3374 -84.57 -66.88 -37.16
C ALA A 3374 -84.81 -65.95 -38.33
N GLU A 3375 -86.09 -65.70 -38.67
CA GLU A 3375 -86.41 -64.68 -39.67
C GLU A 3375 -86.01 -63.29 -39.18
N GLU A 3376 -86.24 -62.99 -37.91
CA GLU A 3376 -85.90 -61.68 -37.36
C GLU A 3376 -84.39 -61.42 -37.42
N GLU A 3377 -83.59 -62.42 -37.06
CA GLU A 3377 -82.14 -62.25 -37.16
C GLU A 3377 -81.66 -62.24 -38.61
N GLN A 3378 -82.34 -62.97 -39.50
CA GLN A 3378 -82.01 -62.93 -40.92
C GLN A 3378 -82.24 -61.54 -41.51
N LEU A 3379 -83.36 -60.91 -41.15
CA LEU A 3379 -83.62 -59.56 -41.62
C LEU A 3379 -82.73 -58.52 -40.93
N ARG A 3380 -82.38 -58.74 -39.66
CA ARG A 3380 -81.54 -57.75 -38.99
C ARG A 3380 -80.07 -57.82 -39.42
N LEU A 3381 -79.59 -59.00 -39.87
CA LEU A 3381 -78.19 -59.07 -40.31
C LEU A 3381 -78.01 -58.36 -41.65
N GLU A 3382 -78.98 -58.47 -42.55
CA GLU A 3382 -78.93 -57.73 -43.80
C GLU A 3382 -79.30 -56.27 -43.57
N ALA A 3383 -78.47 -55.37 -44.10
CA ALA A 3383 -78.58 -53.94 -43.83
C ALA A 3383 -78.98 -53.20 -45.11
N LYS A 3384 -80.29 -53.06 -45.32
CA LYS A 3384 -80.86 -52.28 -46.41
C LYS A 3384 -82.32 -52.04 -46.08
N ALA A 3385 -83.02 -51.32 -46.97
CA ALA A 3385 -84.42 -50.97 -46.78
C ALA A 3385 -85.36 -52.16 -46.83
N GLU A 3386 -84.89 -53.33 -47.29
CA GLU A 3386 -85.70 -54.54 -47.36
C GLU A 3386 -86.07 -55.10 -45.98
N ALA A 3387 -85.44 -54.60 -44.91
CA ALA A 3387 -85.69 -55.08 -43.56
C ALA A 3387 -87.13 -54.81 -43.13
N GLU A 3388 -87.65 -53.61 -43.42
CA GLU A 3388 -89.00 -53.22 -42.98
C GLU A 3388 -90.06 -54.10 -43.63
N GLU A 3389 -89.97 -54.31 -44.95
CA GLU A 3389 -90.89 -55.21 -45.63
C GLU A 3389 -90.53 -56.65 -45.29
N GLY A 3390 -91.21 -57.19 -44.27
CA GLY A 3390 -90.89 -58.47 -43.68
C GLY A 3390 -90.84 -58.30 -42.17
N GLU A 3391 -90.47 -57.09 -41.74
CA GLU A 3391 -90.53 -56.79 -40.32
C GLU A 3391 -91.97 -56.73 -39.84
N LEU A 3392 -92.89 -56.23 -40.66
CA LEU A 3392 -94.31 -56.30 -40.30
C LEU A 3392 -94.82 -57.74 -40.29
N LEU A 3393 -94.22 -58.62 -41.10
CA LEU A 3393 -94.56 -60.03 -41.08
C LEU A 3393 -94.13 -60.69 -39.77
N VAL A 3394 -92.92 -60.38 -39.30
CA VAL A 3394 -92.51 -60.93 -38.01
C VAL A 3394 -93.19 -60.20 -36.86
N ARG A 3395 -93.64 -58.95 -37.04
CA ARG A 3395 -94.52 -58.31 -36.07
C ARG A 3395 -95.84 -59.07 -35.90
N ASP A 3396 -96.44 -59.48 -37.03
CA ASP A 3396 -97.66 -60.28 -36.99
C ASP A 3396 -97.41 -61.65 -36.37
N GLU A 3397 -96.28 -62.28 -36.71
CA GLU A 3397 -95.93 -63.56 -36.11
C GLU A 3397 -95.65 -63.43 -34.61
N PHE A 3398 -95.07 -62.30 -34.19
CA PHE A 3398 -94.92 -62.01 -32.77
C PHE A 3398 -96.29 -61.81 -32.11
N SER A 3399 -97.22 -61.15 -32.79
CA SER A 3399 -98.54 -60.89 -32.21
C SER A 3399 -99.31 -62.20 -31.97
N VAL A 3400 -99.31 -63.09 -32.97
CA VAL A 3400 -99.98 -64.39 -32.80
C VAL A 3400 -99.24 -65.23 -31.77
N LEU A 3401 -97.90 -65.18 -31.76
CA LEU A 3401 -97.12 -65.93 -30.77
C LEU A 3401 -97.38 -65.43 -29.36
N CYS A 3402 -97.44 -64.11 -29.17
CA CYS A 3402 -97.73 -63.53 -27.86
C CYS A 3402 -99.12 -63.91 -27.38
N ARG A 3403 -100.12 -63.86 -28.28
CA ARG A 3403 -101.47 -64.24 -27.90
C ARG A 3403 -101.57 -65.71 -27.52
N ASP A 3404 -100.91 -66.58 -28.28
CA ASP A 3404 -100.93 -68.01 -27.96
C ASP A 3404 -100.19 -68.29 -26.66
N LEU A 3405 -99.06 -67.59 -26.43
CA LEU A 3405 -98.32 -67.77 -25.19
C LEU A 3405 -99.13 -67.29 -24.01
N TYR A 3406 -99.82 -66.16 -24.15
CA TYR A 3406 -100.63 -65.59 -23.09
C TYR A 3406 -101.90 -66.38 -22.85
N ALA A 3407 -102.24 -67.31 -23.74
CA ALA A 3407 -103.40 -68.16 -23.49
C ALA A 3407 -103.01 -69.55 -23.04
N LEU A 3408 -101.77 -69.98 -23.28
CA LEU A 3408 -101.30 -71.30 -22.89
C LEU A 3408 -100.50 -71.31 -21.60
N TYR A 3409 -99.71 -70.28 -21.33
CA TYR A 3409 -98.98 -70.19 -20.06
C TYR A 3409 -99.85 -70.09 -18.79
N PRO A 3410 -100.90 -69.24 -18.68
CA PRO A 3410 -101.64 -69.18 -17.40
C PRO A 3410 -102.24 -70.49 -16.92
N LEU A 3411 -102.73 -71.33 -17.83
CA LEU A 3411 -103.19 -72.66 -17.43
C LEU A 3411 -102.02 -73.57 -17.07
N LEU A 3412 -100.86 -73.37 -17.70
CA LEU A 3412 -99.65 -74.11 -17.35
C LEU A 3412 -99.17 -73.75 -15.95
N ILE A 3413 -99.32 -72.49 -15.55
CA ILE A 3413 -98.96 -72.06 -14.19
C ILE A 3413 -99.79 -72.80 -13.16
N ARG A 3414 -101.10 -72.95 -13.41
CA ARG A 3414 -101.91 -73.78 -12.53
C ARG A 3414 -101.57 -75.25 -12.64
N TYR A 3415 -101.02 -75.68 -13.79
CA TYR A 3415 -100.61 -77.08 -13.96
C TYR A 3415 -99.38 -77.40 -13.13
N VAL A 3416 -98.37 -76.53 -13.16
CA VAL A 3416 -97.10 -76.81 -12.48
C VAL A 3416 -97.25 -76.78 -10.95
N ASP A 3417 -97.99 -75.79 -10.42
CA ASP A 3417 -98.10 -75.57 -8.98
C ASP A 3417 -98.73 -76.76 -8.26
N ASN A 3418 -99.66 -77.45 -8.89
CA ASN A 3418 -100.29 -78.62 -8.28
C ASN A 3418 -99.37 -79.84 -8.27
N ASN A 3419 -98.38 -79.90 -9.16
CA ASN A 3419 -97.59 -81.11 -9.33
C ASN A 3419 -96.09 -80.91 -9.07
N ARG A 3420 -95.63 -79.66 -8.90
CA ARG A 3420 -94.20 -79.39 -8.70
C ARG A 3420 -93.67 -80.04 -7.44
N ALA A 3421 -94.52 -80.21 -6.41
CA ALA A 3421 -94.10 -80.85 -5.16
C ALA A 3421 -93.64 -82.28 -5.42
N HIS A 3422 -94.45 -83.03 -6.17
CA HIS A 3422 -94.07 -84.41 -6.48
CA HIS A 3422 -94.07 -84.41 -6.48
C HIS A 3422 -92.96 -84.43 -7.54
N TRP A 3423 -92.92 -83.42 -8.40
CA TRP A 3423 -91.87 -83.35 -9.42
C TRP A 3423 -90.50 -83.17 -8.77
N LEU A 3424 -90.44 -82.37 -7.71
CA LEU A 3424 -89.22 -82.28 -6.89
C LEU A 3424 -88.99 -83.56 -6.11
N THR A 3425 -90.07 -84.21 -5.65
CA THR A 3425 -89.92 -85.45 -4.88
C THR A 3425 -89.30 -86.58 -5.72
N GLU A 3426 -89.76 -86.72 -6.97
CA GLU A 3426 -89.28 -87.76 -7.88
C GLU A 3426 -89.07 -87.12 -9.24
N PRO A 3427 -87.90 -87.33 -9.87
CA PRO A 3427 -87.59 -86.68 -11.14
C PRO A 3427 -88.53 -87.09 -12.28
N ASN A 3428 -88.78 -86.13 -13.18
CA ASN A 3428 -89.64 -86.34 -14.34
C ASN A 3428 -88.91 -85.91 -15.61
N ALA A 3429 -88.72 -86.86 -16.54
CA ALA A 3429 -88.07 -86.56 -17.81
C ALA A 3429 -88.89 -85.59 -18.64
N ASN A 3430 -90.22 -85.65 -18.49
CA ASN A 3430 -91.09 -84.69 -19.18
C ASN A 3430 -90.81 -83.29 -18.68
N ALA A 3431 -90.72 -83.11 -17.36
CA ALA A 3431 -90.41 -81.82 -16.79
C ALA A 3431 -89.02 -81.34 -17.20
N GLU A 3432 -88.08 -82.28 -17.38
CA GLU A 3432 -86.76 -81.94 -17.92
C GLU A 3432 -86.88 -81.34 -19.32
N GLU A 3433 -87.62 -82.03 -20.21
CA GLU A 3433 -87.80 -81.57 -21.58
C GLU A 3433 -88.52 -80.23 -21.63
N LEU A 3434 -89.55 -80.06 -20.81
CA LEU A 3434 -90.23 -78.77 -20.67
C LEU A 3434 -89.27 -77.68 -20.22
N PHE A 3435 -88.39 -77.98 -19.25
CA PHE A 3435 -87.45 -76.98 -18.78
C PHE A 3435 -86.50 -76.55 -19.88
N ARG A 3436 -86.02 -77.52 -20.68
CA ARG A 3436 -85.12 -77.20 -21.80
C ARG A 3436 -85.82 -76.33 -22.84
N MET A 3437 -87.08 -76.63 -23.13
CA MET A 3437 -87.73 -75.91 -24.23
C MET A 3437 -88.20 -74.53 -23.77
N VAL A 3438 -88.68 -74.40 -22.53
CA VAL A 3438 -89.08 -73.08 -22.04
C VAL A 3438 -87.85 -72.20 -21.91
N GLY A 3439 -86.70 -72.78 -21.54
CA GLY A 3439 -85.47 -72.01 -21.49
C GLY A 3439 -85.05 -71.50 -22.85
N GLU A 3440 -85.14 -72.35 -23.89
CA GLU A 3440 -84.83 -71.89 -25.25
C GLU A 3440 -85.82 -70.81 -25.74
N ILE A 3441 -87.11 -70.96 -25.42
CA ILE A 3441 -88.12 -69.94 -25.74
C ILE A 3441 -87.80 -68.63 -25.02
N PHE A 3442 -87.46 -68.70 -23.74
CA PHE A 3442 -87.10 -67.51 -22.98
C PHE A 3442 -85.83 -66.85 -23.51
N ILE A 3443 -84.85 -67.65 -23.95
CA ILE A 3443 -83.66 -67.11 -24.61
C ILE A 3443 -84.06 -66.33 -25.86
N TYR A 3444 -85.00 -66.88 -26.65
CA TYR A 3444 -85.53 -66.16 -27.81
C TYR A 3444 -86.21 -64.86 -27.40
N TRP A 3445 -86.98 -64.90 -26.31
CA TRP A 3445 -87.69 -63.71 -25.83
C TRP A 3445 -86.72 -62.64 -25.37
N SER A 3446 -85.72 -63.03 -24.57
CA SER A 3446 -84.75 -62.09 -24.03
C SER A 3446 -83.90 -61.48 -25.15
N LYS A 3447 -83.51 -62.30 -26.13
CA LYS A 3447 -82.68 -61.80 -27.22
C LYS A 3447 -83.47 -60.91 -28.16
N SER A 3448 -84.75 -61.21 -28.38
CA SER A 3448 -85.58 -60.44 -29.32
C SER A 3448 -86.22 -59.28 -28.58
N HIS A 3449 -85.71 -58.07 -28.84
CA HIS A 3449 -86.32 -56.86 -28.29
C HIS A 3449 -87.72 -56.64 -28.84
N ASN A 3450 -87.92 -56.95 -30.12
CA ASN A 3450 -89.21 -56.78 -30.76
C ASN A 3450 -90.30 -57.64 -30.13
N PHE A 3451 -89.99 -58.93 -29.88
CA PHE A 3451 -90.96 -59.85 -29.26
C PHE A 3451 -91.42 -59.36 -27.89
N LYS A 3452 -90.53 -58.68 -27.14
CA LYS A 3452 -90.94 -57.99 -25.93
C LYS A 3452 -91.89 -56.85 -26.26
N ARG A 3453 -91.59 -56.09 -27.33
CA ARG A 3453 -92.35 -54.89 -27.66
C ARG A 3453 -93.79 -55.26 -28.00
N GLU A 3454 -93.98 -56.29 -28.85
CA GLU A 3454 -95.34 -56.76 -29.05
C GLU A 3454 -95.91 -57.50 -27.85
N GLU A 3455 -95.09 -57.90 -26.87
CA GLU A 3455 -95.66 -58.49 -25.66
C GLU A 3455 -96.39 -57.43 -24.84
N GLN A 3456 -95.76 -56.24 -24.66
CA GLN A 3456 -96.57 -55.20 -24.03
C GLN A 3456 -97.58 -54.57 -24.97
N ASN A 3457 -97.34 -54.60 -26.29
CA ASN A 3457 -98.37 -54.14 -27.22
C ASN A 3457 -99.62 -55.00 -27.16
N PHE A 3458 -99.45 -56.31 -26.98
CA PHE A 3458 -100.57 -57.21 -26.69
C PHE A 3458 -101.24 -56.84 -25.38
N VAL A 3459 -100.44 -56.49 -24.36
CA VAL A 3459 -101.01 -56.14 -23.06
C VAL A 3459 -101.86 -54.88 -23.16
N VAL A 3460 -101.31 -53.84 -23.83
CA VAL A 3460 -102.04 -52.57 -23.91
C VAL A 3460 -103.24 -52.67 -24.85
N GLN A 3461 -103.15 -53.49 -25.91
CA GLN A 3461 -104.25 -53.61 -26.86
C GLN A 3461 -105.27 -54.67 -26.48
N ASN A 3462 -105.08 -55.38 -25.35
CA ASN A 3462 -106.07 -56.36 -24.92
C ASN A 3462 -106.45 -56.24 -23.45
N GLU A 3463 -105.83 -55.32 -22.70
CA GLU A 3463 -106.14 -55.02 -21.29
C GLU A 3463 -106.06 -56.27 -20.41
N ILE A 3464 -105.03 -57.08 -20.64
CA ILE A 3464 -104.84 -58.29 -19.85
C ILE A 3464 -104.43 -57.91 -18.44
N ASN A 3465 -105.07 -58.53 -17.44
CA ASN A 3465 -104.79 -58.25 -16.04
C ASN A 3465 -103.34 -58.56 -15.67
N ASN A 3466 -102.96 -59.84 -15.77
CA ASN A 3466 -101.64 -60.44 -15.55
C ASN A 3466 -101.23 -60.50 -14.07
N MET A 3467 -102.03 -59.93 -13.17
CA MET A 3467 -101.91 -60.24 -11.75
C MET A 3467 -103.03 -61.15 -11.26
N SER A 3468 -104.14 -61.24 -12.00
CA SER A 3468 -105.17 -62.22 -11.66
C SER A 3468 -104.68 -63.64 -11.89
N PHE A 3469 -103.70 -63.82 -12.79
CA PHE A 3469 -103.10 -65.13 -13.01
C PHE A 3469 -102.37 -65.59 -11.75
N LEU A 3470 -101.61 -64.69 -11.13
CA LEU A 3470 -100.90 -65.03 -9.90
C LEU A 3470 -101.84 -65.17 -8.72
N THR A 3471 -102.87 -64.32 -8.64
CA THR A 3471 -103.79 -64.36 -7.51
C THR A 3471 -104.91 -65.40 -7.68
N ALA A 3472 -104.94 -66.13 -8.80
CA ALA A 3472 -105.98 -67.13 -9.01
C ALA A 3472 -105.95 -68.24 -7.97
N ASP A 3473 -104.76 -68.74 -7.63
CA ASP A 3473 -104.66 -69.76 -6.59
C ASP A 3473 -104.95 -69.18 -5.21
N SER A 3474 -104.56 -67.93 -4.96
CA SER A 3474 -104.88 -67.30 -3.67
C SER A 3474 -106.38 -67.10 -3.49
N LYS A 3475 -107.07 -66.69 -4.57
CA LYS A 3475 -108.52 -66.57 -4.53
C LYS A 3475 -109.18 -67.94 -4.42
N SER A 3476 -108.55 -68.98 -4.99
CA SER A 3476 -108.99 -70.36 -4.75
C SER A 3476 -108.84 -70.72 -3.28
N LYS A 3477 -107.81 -70.19 -2.62
CA LYS A 3477 -107.64 -70.31 -1.18
C LYS A 3477 -108.38 -69.20 -0.41
N MET A 3478 -109.32 -68.52 -1.07
CA MET A 3478 -110.18 -67.48 -0.51
C MET A 3478 -109.38 -66.29 0.05
N ALA A 3479 -108.71 -65.61 -0.87
CA ALA A 3479 -107.93 -64.42 -0.53
C ALA A 3479 -108.84 -63.28 -0.09
N ARG A 3498 -103.36 -48.83 -11.04
CA ARG A 3498 -102.50 -47.88 -10.34
C ARG A 3498 -101.17 -47.68 -11.08
N ARG A 3499 -100.07 -47.99 -10.40
CA ARG A 3499 -98.74 -47.79 -10.98
C ARG A 3499 -98.40 -48.91 -11.96
N GLY A 3500 -98.37 -50.15 -11.50
CA GLY A 3500 -98.04 -51.27 -12.35
C GLY A 3500 -99.26 -52.03 -12.82
N ASP A 3501 -100.32 -51.27 -13.16
CA ASP A 3501 -101.58 -51.87 -13.57
C ASP A 3501 -101.45 -52.62 -14.88
N ARG A 3502 -100.77 -52.02 -15.86
CA ARG A 3502 -100.77 -52.60 -17.21
C ARG A 3502 -99.75 -53.72 -17.34
N TYR A 3503 -98.46 -53.39 -17.22
CA TYR A 3503 -97.40 -54.36 -17.49
C TYR A 3503 -96.07 -53.81 -16.97
N SER A 3504 -95.24 -54.71 -16.45
CA SER A 3504 -93.85 -54.43 -16.14
C SER A 3504 -93.04 -55.65 -16.58
N VAL A 3505 -91.73 -55.45 -16.70
CA VAL A 3505 -90.83 -56.50 -17.20
C VAL A 3505 -90.85 -57.72 -16.29
N GLN A 3506 -90.82 -57.50 -14.97
CA GLN A 3506 -90.83 -58.60 -14.01
C GLN A 3506 -92.17 -59.34 -13.92
N THR A 3507 -93.23 -58.79 -14.51
CA THR A 3507 -94.54 -59.44 -14.52
C THR A 3507 -94.81 -60.21 -15.80
N SER A 3508 -93.78 -60.41 -16.64
CA SER A 3508 -93.95 -61.19 -17.86
C SER A 3508 -94.27 -62.64 -17.53
N LEU A 3509 -95.15 -63.23 -18.34
CA LEU A 3509 -95.56 -64.61 -18.09
C LEU A 3509 -94.45 -65.60 -18.43
N ILE A 3510 -93.56 -65.23 -19.36
CA ILE A 3510 -92.44 -66.11 -19.71
C ILE A 3510 -91.49 -66.25 -18.53
N VAL A 3511 -91.07 -65.12 -17.95
CA VAL A 3511 -90.18 -65.17 -16.80
C VAL A 3511 -90.89 -65.75 -15.59
N ALA A 3512 -92.21 -65.50 -15.43
CA ALA A 3512 -92.94 -66.09 -14.31
C ALA A 3512 -93.02 -67.61 -14.44
N THR A 3513 -93.23 -68.09 -15.68
CA THR A 3513 -93.32 -69.51 -15.96
C THR A 3513 -92.00 -70.20 -15.66
N LEU A 3514 -90.89 -69.59 -16.07
CA LEU A 3514 -89.61 -70.22 -15.77
C LEU A 3514 -89.29 -70.16 -14.28
N LYS A 3515 -89.48 -68.99 -13.63
CA LYS A 3515 -89.04 -68.82 -12.23
C LYS A 3515 -89.79 -69.75 -11.29
N LYS A 3516 -91.07 -70.00 -11.57
CA LYS A 3516 -91.82 -70.90 -10.70
C LYS A 3516 -91.31 -72.34 -10.80
N MET A 3517 -90.95 -72.77 -12.01
CA MET A 3517 -90.58 -74.16 -12.25
C MET A 3517 -89.07 -74.41 -12.11
N LEU A 3518 -88.27 -73.34 -11.91
CA LEU A 3518 -86.82 -73.45 -11.70
C LEU A 3518 -86.31 -74.47 -10.68
N PRO A 3519 -86.98 -74.75 -9.54
CA PRO A 3519 -86.48 -75.84 -8.67
C PRO A 3519 -86.31 -77.19 -9.35
N ILE A 3520 -87.12 -77.54 -10.37
CA ILE A 3520 -86.92 -78.78 -11.10
C ILE A 3520 -85.57 -78.80 -11.82
N GLY A 3521 -85.26 -77.70 -12.52
CA GLY A 3521 -83.98 -77.58 -13.19
C GLY A 3521 -82.81 -77.57 -12.23
N LEU A 3522 -82.95 -76.86 -11.10
CA LEU A 3522 -81.91 -76.87 -10.08
C LEU A 3522 -81.75 -78.26 -9.47
N ASN A 3523 -82.86 -78.96 -9.26
CA ASN A 3523 -82.87 -80.30 -8.70
C ASN A 3523 -82.15 -81.29 -9.61
N MET A 3524 -82.23 -81.08 -10.93
CA MET A 3524 -81.62 -82.01 -11.87
C MET A 3524 -80.10 -82.02 -11.73
N CYS A 3525 -79.49 -80.84 -11.68
CA CYS A 3525 -78.04 -80.73 -11.60
C CYS A 3525 -77.53 -81.08 -10.20
N ALA A 3526 -76.32 -81.63 -10.14
CA ALA A 3526 -75.70 -81.97 -8.87
C ALA A 3526 -75.15 -80.72 -8.20
N PRO A 3527 -75.11 -80.68 -6.86
CA PRO A 3527 -74.51 -79.53 -6.16
C PRO A 3527 -73.03 -79.28 -6.45
N THR A 3528 -72.27 -80.32 -6.82
CA THR A 3528 -70.85 -80.16 -7.13
C THR A 3528 -70.59 -79.29 -8.34
N ASP A 3529 -71.57 -79.13 -9.22
CA ASP A 3529 -71.43 -78.43 -10.49
C ASP A 3529 -71.52 -76.93 -10.38
N GLN A 3530 -71.59 -76.37 -9.16
CA GLN A 3530 -71.67 -74.91 -8.95
C GLN A 3530 -70.50 -74.15 -9.57
N ASP A 3531 -69.30 -74.71 -9.52
CA ASP A 3531 -68.17 -74.13 -10.24
C ASP A 3531 -68.42 -74.13 -11.75
N LEU A 3532 -68.95 -75.24 -12.28
CA LEU A 3532 -69.28 -75.31 -13.70
C LEU A 3532 -70.40 -74.34 -14.07
N ILE A 3533 -71.27 -74.06 -13.10
CA ILE A 3533 -72.33 -73.07 -13.26
C ILE A 3533 -71.71 -71.71 -13.45
N MET A 3534 -70.90 -71.27 -12.48
CA MET A 3534 -70.38 -69.90 -12.46
C MET A 3534 -69.50 -69.62 -13.67
N LEU A 3535 -68.64 -70.60 -14.06
CA LEU A 3535 -67.85 -70.42 -15.27
C LEU A 3535 -68.72 -70.37 -16.52
N ALA A 3536 -69.85 -71.10 -16.54
CA ALA A 3536 -70.76 -71.00 -17.68
C ALA A 3536 -71.44 -69.63 -17.72
N LYS A 3537 -71.78 -69.07 -16.55
CA LYS A 3537 -72.38 -67.73 -16.51
C LYS A 3537 -71.39 -66.70 -17.04
N THR A 3538 -70.12 -66.82 -16.66
CA THR A 3538 -69.12 -65.85 -17.07
C THR A 3538 -68.89 -65.91 -18.58
N ARG A 3539 -68.73 -67.11 -19.14
CA ARG A 3539 -68.51 -67.16 -20.58
C ARG A 3539 -69.79 -66.83 -21.38
N TYR A 3540 -70.97 -67.00 -20.77
CA TYR A 3540 -72.18 -66.42 -21.36
C TYR A 3540 -72.09 -64.91 -21.41
N ALA A 3541 -71.61 -64.28 -20.33
CA ALA A 3541 -71.37 -62.83 -20.39
C ALA A 3541 -70.24 -62.49 -21.36
N LEU A 3542 -69.37 -63.46 -21.68
CA LEU A 3542 -68.35 -63.34 -22.72
C LEU A 3542 -68.93 -63.57 -24.11
N LYS A 3543 -70.24 -63.83 -24.20
CA LYS A 3543 -71.01 -64.01 -25.45
C LYS A 3543 -70.56 -65.23 -26.27
N ASP A 3544 -70.63 -66.40 -25.66
CA ASP A 3544 -70.22 -67.62 -26.34
C ASP A 3544 -71.46 -68.43 -26.70
N THR A 3545 -71.36 -69.20 -27.79
CA THR A 3545 -72.49 -69.97 -28.28
C THR A 3545 -72.63 -71.29 -27.52
N ASP A 3546 -73.73 -71.99 -27.80
CA ASP A 3546 -74.05 -73.23 -27.10
C ASP A 3546 -73.03 -74.34 -27.37
N GLU A 3547 -72.58 -74.46 -28.63
CA GLU A 3547 -71.58 -75.47 -28.94
C GLU A 3547 -70.25 -75.17 -28.27
N GLU A 3548 -69.88 -73.88 -28.26
CA GLU A 3548 -68.62 -73.47 -27.64
C GLU A 3548 -68.66 -73.69 -26.13
N VAL A 3549 -69.80 -73.43 -25.49
CA VAL A 3549 -69.83 -73.60 -24.05
C VAL A 3549 -69.90 -75.09 -23.71
N ARG A 3550 -70.53 -75.91 -24.57
CA ARG A 3550 -70.55 -77.35 -24.32
C ARG A 3550 -69.16 -77.95 -24.44
N GLU A 3551 -68.40 -77.55 -25.47
CA GLU A 3551 -67.06 -78.09 -25.62
C GLU A 3551 -66.13 -77.60 -24.51
N PHE A 3552 -66.31 -76.33 -24.07
CA PHE A 3552 -65.55 -75.84 -22.92
C PHE A 3552 -65.87 -76.63 -21.65
N LEU A 3553 -67.13 -77.00 -21.44
CA LEU A 3553 -67.47 -77.86 -20.31
C LEU A 3553 -66.82 -79.24 -20.42
N GLN A 3554 -66.76 -79.79 -21.65
CA GLN A 3554 -66.05 -81.04 -21.88
C GLN A 3554 -64.57 -80.90 -21.57
N ASN A 3555 -63.95 -79.79 -21.96
CA ASN A 3555 -62.54 -79.58 -21.63
C ASN A 3555 -62.32 -79.22 -20.17
N ASN A 3556 -63.39 -78.85 -19.45
CA ASN A 3556 -63.30 -78.50 -18.04
C ASN A 3556 -64.25 -79.35 -17.22
N LEU A 3557 -64.27 -80.66 -17.50
CA LEU A 3557 -65.12 -81.60 -16.76
C LEU A 3557 -64.68 -81.74 -15.31
N HIS A 3558 -63.37 -81.80 -15.07
CA HIS A 3558 -62.82 -82.07 -13.74
C HIS A 3558 -63.04 -80.95 -12.73
N LEU A 3559 -63.43 -79.74 -13.17
CA LEU A 3559 -63.65 -78.64 -12.23
C LEU A 3559 -64.92 -78.79 -11.36
N GLN A 3560 -65.63 -79.92 -11.36
CA GLN A 3560 -66.74 -80.12 -10.44
C GLN A 3560 -66.24 -80.14 -8.99
N GLY A 3561 -67.10 -79.65 -8.10
CA GLY A 3561 -66.72 -79.45 -6.70
C GLY A 3561 -66.34 -80.73 -6.00
N LYS A 3562 -65.37 -80.61 -5.10
CA LYS A 3562 -64.94 -81.72 -4.26
C LYS A 3562 -65.85 -81.78 -3.04
N VAL A 3563 -66.47 -82.94 -2.82
CA VAL A 3563 -67.52 -83.10 -1.81
C VAL A 3563 -66.98 -82.85 -0.39
N GLU A 3564 -65.78 -83.32 -0.08
CA GLU A 3564 -65.22 -82.99 1.23
C GLU A 3564 -64.49 -81.65 1.24
N GLY A 3565 -64.39 -80.98 0.10
CA GLY A 3565 -63.79 -79.66 0.06
C GLY A 3565 -64.68 -78.55 0.57
N SER A 3566 -65.97 -78.83 0.75
CA SER A 3566 -66.92 -77.90 1.32
C SER A 3566 -67.78 -78.61 2.36
N PRO A 3567 -68.02 -77.98 3.51
CA PRO A 3567 -68.88 -78.60 4.55
C PRO A 3567 -70.30 -78.92 4.09
N SER A 3568 -70.86 -78.13 3.18
CA SER A 3568 -72.25 -78.32 2.80
C SER A 3568 -72.45 -79.56 1.94
N LEU A 3569 -71.44 -79.93 1.15
CA LEU A 3569 -71.63 -80.91 0.09
C LEU A 3569 -71.94 -82.30 0.63
N ARG A 3570 -71.38 -82.67 1.79
CA ARG A 3570 -71.61 -84.02 2.34
C ARG A 3570 -73.09 -84.26 2.63
N TRP A 3571 -73.73 -83.34 3.36
CA TRP A 3571 -75.15 -83.56 3.65
C TRP A 3571 -76.00 -83.25 2.43
N GLN A 3572 -75.57 -82.34 1.56
CA GLN A 3572 -76.32 -82.09 0.33
C GLN A 3572 -76.37 -83.33 -0.55
N MET A 3573 -75.24 -84.02 -0.71
CA MET A 3573 -75.24 -85.31 -1.39
C MET A 3573 -76.00 -86.38 -0.62
N ALA A 3574 -76.02 -86.31 0.72
CA ALA A 3574 -76.81 -87.26 1.50
C ALA A 3574 -78.30 -87.13 1.23
N LEU A 3575 -78.81 -85.90 1.16
CA LEU A 3575 -80.21 -85.71 0.78
C LEU A 3575 -80.45 -85.89 -0.71
N TYR A 3576 -79.47 -85.52 -1.54
CA TYR A 3576 -79.56 -85.70 -2.98
C TYR A 3576 -79.68 -87.17 -3.35
N ARG A 3577 -78.78 -88.01 -2.82
CA ARG A 3577 -78.85 -89.44 -3.02
C ARG A 3577 -79.92 -90.12 -2.18
N GLY A 3578 -80.52 -89.41 -1.22
CA GLY A 3578 -81.55 -90.01 -0.37
C GLY A 3578 -82.82 -90.38 -1.11
N LEU A 3579 -83.09 -89.73 -2.24
CA LEU A 3579 -84.28 -90.01 -3.04
C LEU A 3579 -84.05 -91.22 -3.94
N PRO A 3580 -84.92 -92.24 -3.87
CA PRO A 3580 -84.77 -93.41 -4.77
C PRO A 3580 -84.78 -93.09 -6.26
N GLY A 3581 -85.36 -91.96 -6.69
CA GLY A 3581 -85.40 -91.61 -8.10
C GLY A 3581 -84.07 -91.23 -8.71
N ARG A 3582 -83.01 -91.14 -7.90
CA ARG A 3582 -81.68 -90.85 -8.39
C ARG A 3582 -80.99 -92.12 -8.88
N GLU A 3583 -80.17 -91.96 -9.90
CA GLU A 3583 -79.39 -93.05 -10.49
C GLU A 3583 -77.93 -92.65 -10.50
N GLU A 3584 -77.07 -93.52 -9.94
CA GLU A 3584 -75.65 -93.24 -9.87
C GLU A 3584 -75.00 -93.25 -11.25
N ASP A 3585 -75.50 -94.09 -12.15
CA ASP A 3585 -74.94 -94.24 -13.49
C ASP A 3585 -75.53 -93.28 -14.50
N ALA A 3586 -76.49 -92.44 -14.09
CA ALA A 3586 -77.11 -91.46 -14.97
C ALA A 3586 -76.30 -90.18 -15.07
N ASP A 3587 -75.19 -90.07 -14.36
CA ASP A 3587 -74.37 -88.85 -14.38
C ASP A 3587 -73.29 -88.95 -15.45
N ASP A 3588 -73.76 -89.15 -16.68
CA ASP A 3588 -72.87 -89.18 -17.84
C ASP A 3588 -72.28 -87.78 -18.06
N PRO A 3589 -71.02 -87.69 -18.49
CA PRO A 3589 -70.43 -86.35 -18.71
C PRO A 3589 -71.16 -85.50 -19.75
N GLU A 3590 -71.67 -86.12 -20.82
CA GLU A 3590 -72.43 -85.35 -21.80
C GLU A 3590 -73.78 -84.91 -21.25
N LYS A 3591 -74.41 -85.73 -20.40
CA LYS A 3591 -75.69 -85.35 -19.82
C LYS A 3591 -75.52 -84.26 -18.79
N ILE A 3592 -74.46 -84.37 -17.97
CA ILE A 3592 -74.27 -83.38 -16.91
C ILE A 3592 -73.87 -82.03 -17.53
N VAL A 3593 -73.07 -82.02 -18.60
CA VAL A 3593 -72.76 -80.74 -19.23
C VAL A 3593 -73.99 -80.20 -19.95
N ARG A 3594 -74.87 -81.07 -20.46
CA ARG A 3594 -76.10 -80.60 -21.09
C ARG A 3594 -77.00 -79.91 -20.07
N ARG A 3595 -77.26 -80.56 -18.93
CA ARG A 3595 -78.12 -79.95 -17.90
C ARG A 3595 -77.49 -78.68 -17.31
N VAL A 3596 -76.18 -78.67 -17.07
CA VAL A 3596 -75.51 -77.48 -16.56
C VAL A 3596 -75.59 -76.33 -17.56
N GLN A 3597 -75.37 -76.62 -18.85
CA GLN A 3597 -75.49 -75.61 -19.90
C GLN A 3597 -76.91 -75.07 -19.99
N GLU A 3598 -77.92 -75.94 -19.84
CA GLU A 3598 -79.31 -75.48 -19.91
C GLU A 3598 -79.69 -74.61 -18.73
N VAL A 3599 -79.36 -75.04 -17.50
CA VAL A 3599 -79.71 -74.24 -16.32
C VAL A 3599 -78.95 -72.93 -16.32
N SER A 3600 -77.68 -72.93 -16.77
CA SER A 3600 -76.92 -71.70 -16.81
C SER A 3600 -77.46 -70.76 -17.88
N ALA A 3601 -77.88 -71.31 -19.03
CA ALA A 3601 -78.50 -70.49 -20.08
C ALA A 3601 -79.81 -69.89 -19.62
N VAL A 3602 -80.51 -70.58 -18.72
CA VAL A 3602 -81.74 -70.02 -18.17
C VAL A 3602 -81.41 -68.90 -17.19
N LEU A 3603 -80.55 -69.18 -16.21
CA LEU A 3603 -80.29 -68.25 -15.12
C LEU A 3603 -79.52 -67.01 -15.57
N TYR A 3604 -78.56 -67.15 -16.48
CA TYR A 3604 -77.80 -65.99 -16.94
C TYR A 3604 -78.71 -64.98 -17.63
N HIS A 3605 -79.56 -65.45 -18.53
CA HIS A 3605 -80.47 -64.53 -19.19
C HIS A 3605 -81.58 -64.08 -18.25
N LEU A 3606 -81.84 -64.86 -17.19
CA LEU A 3606 -82.81 -64.44 -16.19
C LEU A 3606 -82.27 -63.27 -15.38
N GLU A 3607 -81.01 -63.37 -14.93
CA GLU A 3607 -80.45 -62.24 -14.20
C GLU A 3607 -80.21 -61.03 -15.11
N GLN A 3608 -80.01 -61.25 -16.42
CA GLN A 3608 -80.01 -60.11 -17.35
C GLN A 3608 -81.38 -59.47 -17.48
N THR A 3609 -82.46 -60.22 -17.26
CA THR A 3609 -83.78 -59.61 -17.35
C THR A 3609 -84.16 -58.91 -16.05
N GLU A 3610 -84.01 -59.61 -14.91
CA GLU A 3610 -84.30 -58.99 -13.62
C GLU A 3610 -83.33 -57.86 -13.26
N HIS A 3611 -82.17 -57.77 -13.91
CA HIS A 3611 -81.27 -56.63 -13.75
C HIS A 3611 -81.01 -56.07 -15.15
N PRO A 3612 -81.80 -55.08 -15.59
CA PRO A 3612 -81.51 -54.42 -16.86
C PRO A 3612 -80.48 -53.31 -16.72
N TYR A 3613 -80.61 -52.47 -15.67
CA TYR A 3613 -79.67 -51.41 -15.28
C TYR A 3613 -79.35 -50.42 -16.41
N LYS A 3614 -80.38 -50.01 -17.15
CA LYS A 3614 -80.19 -49.04 -18.23
C LYS A 3614 -80.27 -47.59 -17.74
N SER A 3615 -80.58 -47.38 -16.47
CA SER A 3615 -80.77 -46.04 -15.91
C SER A 3615 -79.45 -45.30 -15.85
N LYS A 3616 -79.53 -43.96 -15.96
CA LYS A 3616 -78.52 -42.88 -15.87
C LYS A 3616 -78.20 -42.29 -17.25
N LYS A 3617 -79.23 -41.91 -18.02
CA LYS A 3617 -79.07 -41.49 -19.42
C LYS A 3617 -80.06 -40.38 -19.75
N ALA A 3618 -81.34 -40.53 -19.39
CA ALA A 3618 -82.31 -39.46 -19.58
C ALA A 3618 -82.49 -38.74 -18.25
N VAL A 3619 -81.58 -37.80 -17.99
CA VAL A 3619 -81.49 -37.11 -16.71
C VAL A 3619 -81.95 -35.66 -16.88
N TRP A 3620 -82.64 -35.14 -15.85
CA TRP A 3620 -83.05 -33.75 -15.76
C TRP A 3620 -81.86 -32.80 -15.91
N HIS A 3621 -81.93 -31.91 -16.90
CA HIS A 3621 -80.80 -31.02 -17.19
C HIS A 3621 -81.16 -29.55 -17.25
N LYS A 3622 -82.45 -29.20 -17.36
CA LYS A 3622 -83.01 -27.83 -17.44
C LYS A 3622 -82.22 -26.91 -18.39
N LEU A 3623 -82.12 -27.39 -19.65
CA LEU A 3623 -81.39 -26.69 -20.70
C LEU A 3623 -81.93 -25.28 -20.95
N LEU A 3624 -83.25 -25.17 -21.16
CA LEU A 3624 -83.88 -23.87 -21.31
C LEU A 3624 -85.24 -23.76 -20.65
N SER A 3625 -85.60 -24.71 -19.77
CA SER A 3625 -86.92 -24.71 -19.15
C SER A 3625 -87.09 -23.55 -18.17
N LYS A 3626 -86.12 -23.37 -17.27
CA LYS A 3626 -86.22 -22.31 -16.27
C LYS A 3626 -85.84 -20.94 -16.80
N GLN A 3627 -85.31 -20.85 -18.01
CA GLN A 3627 -84.88 -19.57 -18.56
C GLN A 3627 -85.61 -19.15 -19.82
N ARG A 3628 -86.08 -20.09 -20.65
CA ARG A 3628 -86.62 -19.70 -21.94
C ARG A 3628 -87.89 -20.46 -22.33
N ARG A 3629 -88.72 -20.83 -21.35
CA ARG A 3629 -90.01 -21.46 -21.66
C ARG A 3629 -90.96 -20.47 -22.30
N ARG A 3630 -90.89 -19.20 -21.88
CA ARG A 3630 -91.79 -18.17 -22.39
C ARG A 3630 -91.56 -17.92 -23.87
N ALA A 3631 -90.28 -17.91 -24.29
CA ALA A 3631 -89.97 -17.60 -25.69
C ALA A 3631 -90.48 -18.70 -26.62
N VAL A 3632 -90.27 -19.97 -26.27
CA VAL A 3632 -90.68 -21.06 -27.14
C VAL A 3632 -92.20 -21.19 -27.17
N VAL A 3633 -92.87 -21.02 -26.02
CA VAL A 3633 -94.33 -21.12 -25.99
C VAL A 3633 -94.94 -19.95 -26.76
N ALA A 3634 -94.41 -18.73 -26.55
CA ALA A 3634 -94.92 -17.58 -27.28
C ALA A 3634 -94.65 -17.73 -28.77
N CYS A 3635 -93.53 -18.34 -29.17
CA CYS A 3635 -93.26 -18.63 -30.58
C CYS A 3635 -94.26 -19.61 -31.15
N PHE A 3636 -94.74 -20.55 -30.33
CA PHE A 3636 -95.79 -21.46 -30.77
C PHE A 3636 -97.18 -20.85 -30.70
N ARG A 3637 -97.30 -19.64 -30.14
CA ARG A 3637 -98.60 -19.00 -29.97
C ARG A 3637 -98.71 -17.62 -30.60
N MET A 3638 -97.68 -17.13 -31.28
CA MET A 3638 -97.69 -15.77 -31.81
C MET A 3638 -98.17 -15.77 -33.27
N THR A 3639 -98.25 -14.57 -33.85
CA THR A 3639 -98.84 -14.26 -35.13
C THR A 3639 -97.78 -14.14 -36.24
N PRO A 3640 -98.07 -14.57 -37.47
CA PRO A 3640 -97.07 -14.40 -38.54
C PRO A 3640 -96.90 -12.98 -39.01
N LEU A 3641 -96.06 -12.81 -40.04
CA LEU A 3641 -95.62 -11.50 -40.48
C LEU A 3641 -96.76 -10.65 -41.03
N TYR A 3642 -97.64 -11.25 -41.85
CA TYR A 3642 -98.60 -10.47 -42.63
C TYR A 3642 -99.63 -9.73 -41.77
N ASN A 3643 -99.78 -10.11 -40.50
CA ASN A 3643 -100.72 -9.45 -39.61
C ASN A 3643 -100.10 -8.27 -38.86
N LEU A 3644 -98.80 -8.06 -39.01
CA LEU A 3644 -98.14 -6.92 -38.40
C LEU A 3644 -98.56 -5.63 -39.11
N PRO A 3645 -98.64 -4.51 -38.37
CA PRO A 3645 -98.97 -3.22 -39.00
C PRO A 3645 -97.92 -2.82 -40.03
N THR A 3646 -98.38 -2.17 -41.10
CA THR A 3646 -97.52 -1.80 -42.21
C THR A 3646 -96.42 -0.82 -41.81
N HIS A 3647 -96.75 0.19 -41.00
CA HIS A 3647 -95.74 1.16 -40.57
C HIS A 3647 -94.67 0.53 -39.68
N ARG A 3648 -95.08 -0.38 -38.78
CA ARG A 3648 -94.12 -1.13 -37.99
C ARG A 3648 -93.27 -2.03 -38.86
N ALA A 3649 -93.90 -2.72 -39.81
CA ALA A 3649 -93.22 -3.66 -40.69
C ALA A 3649 -92.19 -2.93 -41.55
N CYS A 3650 -92.54 -1.75 -42.06
CA CYS A 3650 -91.62 -0.93 -42.82
C CYS A 3650 -90.44 -0.48 -41.96
N ASN A 3651 -90.69 -0.13 -40.68
CA ASN A 3651 -89.60 0.23 -39.79
C ASN A 3651 -88.64 -0.94 -39.56
N MET A 3652 -89.19 -2.14 -39.35
CA MET A 3652 -88.35 -3.34 -39.22
C MET A 3652 -87.59 -3.62 -40.51
N PHE A 3653 -88.25 -3.42 -41.66
CA PHE A 3653 -87.63 -3.70 -42.95
C PHE A 3653 -86.46 -2.76 -43.19
N LEU A 3654 -86.64 -1.46 -42.91
CA LEU A 3654 -85.57 -0.51 -43.16
C LEU A 3654 -84.40 -0.76 -42.22
N GLU A 3655 -84.69 -1.13 -40.97
CA GLU A 3655 -83.63 -1.46 -40.02
C GLU A 3655 -82.86 -2.70 -40.47
N SER A 3656 -83.56 -3.71 -40.99
CA SER A 3656 -82.88 -4.88 -41.50
C SER A 3656 -82.10 -4.55 -42.76
N TYR A 3657 -82.68 -3.70 -43.61
CA TYR A 3657 -82.12 -3.38 -44.91
C TYR A 3657 -80.79 -2.67 -44.80
N LYS A 3658 -80.68 -1.70 -43.87
CA LYS A 3658 -79.43 -0.93 -43.78
C LYS A 3658 -78.28 -1.84 -43.37
N ALA A 3659 -78.52 -2.71 -42.39
CA ALA A 3659 -77.49 -3.62 -41.88
C ALA A 3659 -77.14 -4.68 -42.92
N ALA A 3660 -78.11 -5.12 -43.72
CA ALA A 3660 -77.87 -6.22 -44.64
C ALA A 3660 -77.42 -5.75 -46.01
N TRP A 3661 -77.60 -4.48 -46.35
CA TRP A 3661 -77.23 -4.09 -47.70
C TRP A 3661 -76.29 -2.89 -47.75
N ILE A 3662 -76.49 -1.90 -46.88
CA ILE A 3662 -75.76 -0.65 -47.04
C ILE A 3662 -74.47 -0.68 -46.23
N LEU A 3663 -74.53 -1.19 -45.01
CA LEU A 3663 -73.30 -1.41 -44.25
C LEU A 3663 -72.42 -2.43 -44.95
N THR A 3664 -73.01 -3.50 -45.47
CA THR A 3664 -72.27 -4.49 -46.24
C THR A 3664 -71.77 -3.95 -47.58
N GLU A 3665 -72.36 -2.86 -48.08
CA GLU A 3665 -71.95 -2.31 -49.36
C GLU A 3665 -70.53 -1.75 -49.28
N ASP A 3666 -69.75 -1.98 -50.35
CA ASP A 3666 -68.36 -1.55 -50.43
C ASP A 3666 -68.21 -0.54 -51.56
N HIS A 3667 -67.39 0.48 -51.31
CA HIS A 3667 -67.11 1.51 -52.31
C HIS A 3667 -65.83 2.23 -51.92
N SER A 3668 -64.87 2.27 -52.85
CA SER A 3668 -63.59 2.91 -52.63
C SER A 3668 -63.52 4.22 -53.40
N PHE A 3669 -63.35 5.32 -52.68
CA PHE A 3669 -63.27 6.65 -53.27
C PHE A 3669 -62.14 7.48 -52.70
N GLU A 3670 -61.46 7.01 -51.66
CA GLU A 3670 -60.44 7.79 -50.97
C GLU A 3670 -59.22 8.05 -51.82
N ASP A 3671 -58.94 7.17 -52.79
CA ASP A 3671 -57.82 7.41 -53.70
C ASP A 3671 -58.08 8.63 -54.58
N ARG A 3672 -59.27 8.73 -55.15
CA ARG A 3672 -59.58 9.92 -55.93
C ARG A 3672 -59.99 11.10 -55.05
N MET A 3673 -60.21 10.87 -53.75
CA MET A 3673 -60.24 11.97 -52.80
C MET A 3673 -58.88 12.65 -52.75
N ILE A 3674 -57.88 11.90 -52.30
CA ILE A 3674 -56.60 12.55 -52.02
C ILE A 3674 -55.82 12.88 -53.28
N ASP A 3675 -56.07 12.21 -54.41
CA ASP A 3675 -55.42 12.63 -55.66
C ASP A 3675 -55.85 14.04 -56.07
N ASP A 3676 -57.16 14.31 -55.96
CA ASP A 3676 -57.69 15.64 -56.28
C ASP A 3676 -57.28 16.66 -55.25
N LEU A 3677 -57.29 16.28 -53.96
CA LEU A 3677 -56.91 17.22 -52.92
C LEU A 3677 -55.42 17.55 -53.01
N SER A 3678 -54.58 16.54 -53.25
CA SER A 3678 -53.14 16.72 -53.30
C SER A 3678 -52.69 17.41 -54.57
N LYS A 3679 -53.49 17.40 -55.63
CA LYS A 3679 -53.07 18.09 -56.85
C LYS A 3679 -53.54 19.54 -56.81
N ALA A 3680 -52.69 20.42 -57.32
CA ALA A 3680 -52.97 21.85 -57.39
C ALA A 3680 -53.14 22.25 -58.85
N GLY A 3681 -54.20 23.00 -59.15
CA GLY A 3681 -54.48 23.40 -60.51
C GLY A 3681 -54.64 24.90 -60.63
N GLU A 3682 -54.53 25.37 -61.87
CA GLU A 3682 -54.68 26.76 -62.33
C GLU A 3682 -53.59 27.70 -61.80
N GLN A 3683 -52.58 27.21 -61.09
CA GLN A 3683 -51.45 28.06 -60.77
C GLN A 3683 -50.53 28.27 -61.98
N GLU A 3684 -50.69 27.42 -63.01
CA GLU A 3684 -49.91 27.56 -64.24
C GLU A 3684 -50.24 28.85 -64.95
N GLU A 3685 -51.53 29.22 -64.97
CA GLU A 3685 -51.97 30.44 -65.62
C GLU A 3685 -51.36 31.68 -64.97
N GLU A 3686 -51.35 31.71 -63.64
CA GLU A 3686 -50.74 32.83 -62.93
C GLU A 3686 -49.23 32.83 -63.07
N GLU A 3687 -48.61 31.64 -63.05
CA GLU A 3687 -47.16 31.38 -63.15
C GLU A 3687 -46.34 32.34 -62.28
N GLU A 3688 -46.67 32.32 -60.99
CA GLU A 3688 -46.09 33.24 -60.02
C GLU A 3688 -44.70 32.78 -59.56
N GLU A 3689 -43.73 33.71 -59.52
CA GLU A 3689 -42.35 33.40 -59.17
C GLU A 3689 -41.89 34.03 -57.85
N VAL A 3690 -42.81 34.46 -56.97
CA VAL A 3690 -42.40 34.98 -55.67
C VAL A 3690 -41.70 33.90 -54.85
N GLU A 3691 -42.19 32.65 -54.93
CA GLU A 3691 -42.01 31.44 -54.05
C GLU A 3691 -42.89 31.38 -52.80
N GLU A 3692 -43.91 32.24 -52.68
CA GLU A 3692 -44.93 32.26 -51.62
C GLU A 3692 -45.41 30.88 -51.17
N LYS A 3693 -45.52 29.93 -52.11
CA LYS A 3693 -45.87 28.52 -51.87
C LYS A 3693 -47.23 28.37 -51.18
N LYS A 3694 -48.25 28.75 -51.94
CA LYS A 3694 -49.62 28.56 -51.48
C LYS A 3694 -49.92 27.07 -51.29
N PRO A 3695 -50.65 26.72 -50.24
CA PRO A 3695 -50.98 25.31 -50.01
C PRO A 3695 -51.91 24.72 -51.06
N ASP A 3696 -51.61 23.49 -51.45
CA ASP A 3696 -52.51 22.69 -52.27
C ASP A 3696 -53.70 22.28 -51.42
N PRO A 3697 -54.88 22.00 -52.03
CA PRO A 3697 -56.13 21.78 -51.27
C PRO A 3697 -56.04 20.80 -50.10
N LEU A 3698 -55.26 19.74 -50.25
CA LEU A 3698 -55.00 18.83 -49.13
C LEU A 3698 -54.22 19.56 -48.04
N HIS A 3699 -53.24 20.38 -48.44
CA HIS A 3699 -52.40 21.04 -47.46
C HIS A 3699 -53.20 22.08 -46.66
N GLN A 3700 -54.26 22.66 -47.26
CA GLN A 3700 -55.12 23.56 -46.48
C GLN A 3700 -55.81 22.80 -45.35
N LEU A 3701 -56.27 21.57 -45.65
CA LEU A 3701 -56.86 20.71 -44.63
C LEU A 3701 -55.88 20.46 -43.50
N VAL A 3702 -54.64 20.12 -43.88
CA VAL A 3702 -53.60 19.83 -42.89
C VAL A 3702 -53.36 21.04 -42.00
N LEU A 3703 -53.25 22.23 -42.59
CA LEU A 3703 -53.08 23.46 -41.81
C LEU A 3703 -54.27 23.74 -40.90
N HIS A 3704 -55.49 23.55 -41.40
CA HIS A 3704 -56.69 23.79 -40.61
C HIS A 3704 -56.75 22.87 -39.39
N PHE A 3705 -56.51 21.58 -39.62
CA PHE A 3705 -56.49 20.65 -38.49
C PHE A 3705 -55.31 20.93 -37.57
N SER A 3706 -54.19 21.43 -38.09
CA SER A 3706 -53.10 21.87 -37.22
C SER A 3706 -53.54 23.01 -36.32
N ARG A 3707 -54.27 23.98 -36.88
CA ARG A 3707 -54.75 25.13 -36.11
C ARG A 3707 -55.71 24.71 -35.01
N THR A 3708 -56.66 23.82 -35.34
CA THR A 3708 -57.58 23.37 -34.30
C THR A 3708 -56.95 22.35 -33.36
N ALA A 3709 -55.84 21.72 -33.76
CA ALA A 3709 -55.13 20.86 -32.85
C ALA A 3709 -54.33 21.67 -31.84
N LEU A 3710 -53.67 22.72 -32.31
CA LEU A 3710 -52.77 23.50 -31.48
C LEU A 3710 -53.48 24.61 -30.71
N THR A 3711 -54.74 24.90 -31.00
CA THR A 3711 -55.46 25.85 -30.16
C THR A 3711 -55.66 25.29 -28.75
N GLU A 3712 -55.64 26.18 -27.77
CA GLU A 3712 -55.65 25.78 -26.37
C GLU A 3712 -57.08 25.66 -25.87
N LYS A 3713 -57.48 24.44 -25.54
CA LYS A 3713 -58.80 24.18 -24.99
C LYS A 3713 -58.68 23.06 -23.96
N SER A 3714 -59.52 23.16 -22.92
CA SER A 3714 -59.50 22.17 -21.84
C SER A 3714 -59.87 20.78 -22.35
N LYS A 3715 -60.91 20.68 -23.18
CA LYS A 3715 -61.34 19.40 -23.72
C LYS A 3715 -61.24 19.45 -25.23
N LEU A 3716 -60.81 18.35 -25.82
CA LEU A 3716 -60.68 18.20 -27.27
C LEU A 3716 -62.05 17.83 -27.83
N ASP A 3717 -62.82 18.86 -28.18
CA ASP A 3717 -64.22 18.69 -28.58
C ASP A 3717 -64.36 17.88 -29.85
N GLU A 3718 -65.41 17.03 -29.88
CA GLU A 3718 -65.57 16.03 -30.94
C GLU A 3718 -65.88 16.68 -32.30
N ASP A 3719 -65.16 16.24 -33.34
CA ASP A 3719 -65.33 16.70 -34.72
C ASP A 3719 -65.60 15.50 -35.64
N TYR A 3720 -66.87 15.32 -36.01
CA TYR A 3720 -67.24 14.19 -36.87
C TYR A 3720 -66.61 14.30 -38.24
N LEU A 3721 -66.39 15.53 -38.72
CA LEU A 3721 -65.68 15.69 -39.99
C LEU A 3721 -64.23 15.25 -39.83
N TYR A 3722 -63.63 15.49 -38.65
CA TYR A 3722 -62.28 15.00 -38.43
C TYR A 3722 -62.25 13.48 -38.41
N MET A 3723 -63.30 12.85 -37.88
CA MET A 3723 -63.46 11.40 -38.01
C MET A 3723 -63.47 10.95 -39.46
N ALA A 3724 -64.28 11.64 -40.27
CA ALA A 3724 -64.41 11.30 -41.69
C ALA A 3724 -63.10 11.48 -42.42
N TYR A 3725 -62.50 12.66 -42.27
CA TYR A 3725 -61.28 13.01 -43.00
C TYR A 3725 -60.11 12.17 -42.54
N ALA A 3726 -59.95 11.97 -41.23
CA ALA A 3726 -58.86 11.16 -40.71
C ALA A 3726 -58.95 9.71 -41.17
N ASP A 3727 -60.15 9.10 -41.13
CA ASP A 3727 -60.32 7.75 -41.66
C ASP A 3727 -60.05 7.67 -43.17
N ILE A 3728 -60.56 8.65 -43.93
CA ILE A 3728 -60.27 8.78 -45.35
C ILE A 3728 -58.78 8.94 -45.60
N MET A 3729 -58.13 9.75 -44.79
CA MET A 3729 -56.71 10.03 -44.93
C MET A 3729 -55.90 8.79 -44.63
N ALA A 3730 -56.32 8.03 -43.62
CA ALA A 3730 -55.56 6.91 -43.11
C ALA A 3730 -55.62 5.73 -44.07
N LYS A 3731 -56.83 5.18 -44.29
CA LYS A 3731 -56.87 3.91 -45.02
C LYS A 3731 -56.62 4.07 -46.52
N SER A 3732 -56.54 5.29 -47.04
CA SER A 3732 -56.15 5.53 -48.42
C SER A 3732 -54.67 5.32 -48.69
N CYS A 3733 -53.87 5.00 -47.68
CA CYS A 3733 -52.43 4.89 -47.87
C CYS A 3733 -51.96 3.46 -48.11
N HIS A 3734 -52.30 2.53 -47.22
CA HIS A 3734 -51.76 1.17 -47.32
C HIS A 3734 -52.27 0.44 -48.57
N LEU A 3735 -53.59 0.48 -48.82
CA LEU A 3735 -54.25 -0.10 -50.00
C LEU A 3735 -53.86 -1.56 -50.25
N GLU A 3736 -53.75 -2.33 -49.17
CA GLU A 3736 -53.31 -3.71 -49.26
C GLU A 3736 -53.95 -4.57 -48.17
N VAL A 3749 -48.35 -17.92 -56.68
CA VAL A 3749 -48.44 -17.09 -55.47
C VAL A 3749 -47.05 -16.71 -55.00
N GLU A 3750 -46.04 -17.09 -55.77
CA GLU A 3750 -44.65 -16.78 -55.45
C GLU A 3750 -44.31 -15.44 -56.09
N VAL A 3751 -44.60 -14.37 -55.35
CA VAL A 3751 -44.22 -13.03 -55.78
C VAL A 3751 -42.71 -12.84 -55.61
N SER A 3752 -42.05 -12.38 -56.66
CA SER A 3752 -40.60 -12.25 -56.66
C SER A 3752 -40.19 -10.84 -56.26
N PHE A 3753 -38.91 -10.70 -55.91
CA PHE A 3753 -38.36 -9.43 -55.46
C PHE A 3753 -38.31 -8.35 -56.54
N GLU A 3754 -38.49 -8.72 -57.81
CA GLU A 3754 -38.54 -7.71 -58.87
C GLU A 3754 -39.83 -6.89 -58.78
N GLU A 3755 -40.95 -7.56 -58.63
CA GLU A 3755 -42.25 -6.88 -58.56
C GLU A 3755 -42.71 -6.63 -57.14
N LYS A 3756 -42.07 -7.26 -56.15
CA LYS A 3756 -42.37 -6.97 -54.74
C LYS A 3756 -42.04 -5.52 -54.39
N GLU A 3757 -40.99 -4.97 -54.98
CA GLU A 3757 -40.55 -3.63 -54.62
C GLU A 3757 -41.48 -2.53 -55.13
N MET A 3758 -42.19 -2.76 -56.24
CA MET A 3758 -42.98 -1.66 -56.81
C MET A 3758 -44.17 -1.29 -55.92
N GLU A 3759 -44.79 -2.27 -55.27
CA GLU A 3759 -45.85 -1.96 -54.31
C GLU A 3759 -45.30 -1.21 -53.10
N LYS A 3760 -44.08 -1.57 -52.67
CA LYS A 3760 -43.43 -0.85 -51.58
C LYS A 3760 -43.17 0.60 -51.92
N GLN A 3761 -42.52 0.85 -53.07
CA GLN A 3761 -42.28 2.25 -53.44
C GLN A 3761 -43.56 2.99 -53.81
N ARG A 3762 -44.63 2.28 -54.18
CA ARG A 3762 -45.93 2.92 -54.30
C ARG A 3762 -46.50 3.31 -52.95
N LEU A 3763 -46.34 2.46 -51.93
CA LEU A 3763 -46.76 2.81 -50.58
C LEU A 3763 -45.95 4.00 -50.06
N LEU A 3764 -44.63 3.99 -50.32
CA LEU A 3764 -43.79 5.13 -49.99
C LEU A 3764 -44.22 6.38 -50.72
N TYR A 3765 -44.63 6.25 -51.99
CA TYR A 3765 -45.15 7.37 -52.75
C TYR A 3765 -46.40 7.95 -52.11
N GLN A 3766 -47.34 7.07 -51.71
CA GLN A 3766 -48.56 7.53 -51.06
C GLN A 3766 -48.28 8.21 -49.71
N GLN A 3767 -47.35 7.66 -48.93
CA GLN A 3767 -46.95 8.33 -47.69
C GLN A 3767 -46.22 9.65 -47.97
N SER A 3768 -45.34 9.67 -48.98
CA SER A 3768 -44.62 10.87 -49.38
C SER A 3768 -45.55 11.95 -49.88
N ARG A 3769 -46.70 11.57 -50.41
CA ARG A 3769 -47.74 12.52 -50.79
C ARG A 3769 -48.28 13.27 -49.57
N LEU A 3770 -48.10 12.72 -48.38
CA LEU A 3770 -48.68 13.31 -47.18
C LEU A 3770 -47.66 13.92 -46.24
N HIS A 3771 -46.62 13.16 -45.85
CA HIS A 3771 -45.66 13.66 -44.87
C HIS A 3771 -44.89 14.89 -45.35
N THR A 3772 -44.77 15.08 -46.67
CA THR A 3772 -44.19 16.31 -47.18
C THR A 3772 -45.11 17.50 -47.00
N ARG A 3773 -46.37 17.28 -46.62
CA ARG A 3773 -47.37 18.33 -46.51
C ARG A 3773 -47.79 18.58 -45.07
N GLY A 3774 -46.93 18.25 -44.11
CA GLY A 3774 -47.22 18.48 -42.71
C GLY A 3774 -48.13 17.47 -42.05
N ALA A 3775 -48.57 16.44 -42.78
CA ALA A 3775 -49.45 15.41 -42.23
C ALA A 3775 -48.79 14.65 -41.07
N ALA A 3776 -47.45 14.60 -41.06
CA ALA A 3776 -46.72 13.97 -39.97
C ALA A 3776 -46.95 14.69 -38.64
N GLU A 3777 -47.24 15.98 -38.68
CA GLU A 3777 -47.41 16.73 -37.44
C GLU A 3777 -48.79 16.54 -36.83
N MET A 3778 -49.73 15.99 -37.61
CA MET A 3778 -51.09 15.78 -37.14
C MET A 3778 -51.13 14.84 -35.95
N VAL A 3779 -50.40 13.73 -36.05
CA VAL A 3779 -50.43 12.74 -34.99
C VAL A 3779 -49.81 13.30 -33.71
N LEU A 3780 -48.67 13.98 -33.82
CA LEU A 3780 -48.00 14.52 -32.64
C LEU A 3780 -48.85 15.58 -31.96
N GLN A 3781 -49.45 16.48 -32.74
CA GLN A 3781 -50.25 17.54 -32.16
C GLN A 3781 -51.54 16.99 -31.55
N MET A 3782 -52.20 16.05 -32.23
CA MET A 3782 -53.42 15.45 -31.71
C MET A 3782 -53.17 14.65 -30.44
N ILE A 3783 -52.11 13.84 -30.42
CA ILE A 3783 -51.76 13.08 -29.21
C ILE A 3783 -51.38 14.02 -28.07
N SER A 3784 -50.68 15.10 -28.37
CA SER A 3784 -50.37 16.08 -27.32
C SER A 3784 -51.64 16.75 -26.79
N ALA A 3785 -52.60 17.04 -27.66
CA ALA A 3785 -53.80 17.75 -27.24
C ALA A 3785 -54.91 16.86 -26.70
N CYS A 3786 -54.83 15.53 -26.91
CA CYS A 3786 -55.89 14.67 -26.40
C CYS A 3786 -55.87 14.53 -24.89
N LYS A 3787 -54.77 14.92 -24.23
CA LYS A 3787 -54.60 15.01 -22.78
C LYS A 3787 -54.72 13.68 -22.06
N GLY A 3788 -54.68 12.55 -22.77
CA GLY A 3788 -54.62 11.27 -22.12
C GLY A 3788 -55.95 10.60 -21.81
N GLU A 3789 -57.01 10.92 -22.54
CA GLU A 3789 -58.30 10.27 -22.39
C GLU A 3789 -58.63 9.49 -23.65
N THR A 3790 -58.98 8.21 -23.48
CA THR A 3790 -59.31 7.34 -24.60
C THR A 3790 -60.57 7.84 -25.31
N GLY A 3791 -60.51 7.85 -26.64
CA GLY A 3791 -61.63 8.36 -27.41
C GLY A 3791 -61.49 8.06 -28.88
N ALA A 3792 -62.49 8.57 -29.61
CA ALA A 3792 -62.56 8.41 -31.07
C ALA A 3792 -61.37 9.07 -31.74
N MET A 3793 -60.98 10.26 -31.27
CA MET A 3793 -59.87 10.99 -31.89
C MET A 3793 -58.55 10.26 -31.73
N VAL A 3794 -58.22 9.84 -30.51
CA VAL A 3794 -56.95 9.16 -30.30
C VAL A 3794 -56.94 7.84 -31.07
N SER A 3795 -58.10 7.20 -31.24
CA SER A 3795 -58.14 5.99 -32.07
C SER A 3795 -57.92 6.30 -33.55
N SER A 3796 -58.62 7.30 -34.09
CA SER A 3796 -58.51 7.62 -35.51
C SER A 3796 -57.12 8.17 -35.84
N THR A 3797 -56.60 9.03 -34.96
CA THR A 3797 -55.26 9.57 -35.11
C THR A 3797 -54.22 8.46 -35.04
N LEU A 3798 -54.41 7.49 -34.14
CA LEU A 3798 -53.47 6.40 -33.98
C LEU A 3798 -53.43 5.55 -35.24
N LYS A 3799 -54.62 5.26 -35.79
CA LYS A 3799 -54.70 4.51 -37.04
C LYS A 3799 -54.06 5.28 -38.19
N LEU A 3800 -54.18 6.61 -38.20
CA LEU A 3800 -53.50 7.43 -39.19
C LEU A 3800 -51.98 7.35 -39.03
N GLY A 3801 -51.51 7.37 -37.78
CA GLY A 3801 -50.08 7.26 -37.51
C GLY A 3801 -49.51 5.94 -38.00
N ILE A 3802 -50.26 4.85 -37.78
CA ILE A 3802 -49.85 3.54 -38.29
C ILE A 3802 -49.86 3.55 -39.82
N SER A 3803 -50.88 4.18 -40.41
CA SER A 3803 -51.03 4.20 -41.86
C SER A 3803 -49.86 4.94 -42.52
N ILE A 3804 -49.46 6.07 -41.96
CA ILE A 3804 -48.34 6.80 -42.53
C ILE A 3804 -47.00 6.20 -42.12
N LEU A 3805 -46.97 5.36 -41.08
CA LEU A 3805 -45.72 4.78 -40.62
C LEU A 3805 -45.54 3.33 -41.04
N ASN A 3806 -46.39 2.83 -41.95
CA ASN A 3806 -46.24 1.46 -42.43
C ASN A 3806 -44.90 1.25 -43.12
N GLY A 3807 -44.26 0.13 -42.81
CA GLY A 3807 -42.96 -0.20 -43.34
C GLY A 3807 -41.81 0.56 -42.72
N GLY A 3808 -42.06 1.32 -41.66
CA GLY A 3808 -41.03 2.09 -40.99
C GLY A 3808 -40.42 3.18 -41.85
N ASN A 3809 -41.22 4.19 -42.19
CA ASN A 3809 -40.73 5.30 -43.00
C ASN A 3809 -39.71 6.12 -42.20
N ALA A 3810 -38.44 5.99 -42.61
CA ALA A 3810 -37.32 6.59 -41.89
C ALA A 3810 -37.42 8.11 -41.87
N GLU A 3811 -37.79 8.71 -43.02
CA GLU A 3811 -37.88 10.16 -43.11
C GLU A 3811 -39.00 10.68 -42.21
N VAL A 3812 -40.11 9.95 -42.15
CA VAL A 3812 -41.22 10.31 -41.26
C VAL A 3812 -40.77 10.27 -39.82
N GLN A 3813 -40.04 9.21 -39.44
CA GLN A 3813 -39.47 9.11 -38.09
C GLN A 3813 -38.53 10.27 -37.80
N GLN A 3814 -37.75 10.67 -38.80
CA GLN A 3814 -36.86 11.82 -38.65
C GLN A 3814 -37.63 13.10 -38.38
N LYS A 3815 -38.73 13.32 -39.12
CA LYS A 3815 -39.57 14.49 -38.88
C LYS A 3815 -40.19 14.46 -37.48
N MET A 3816 -40.59 13.27 -37.03
CA MET A 3816 -41.11 13.09 -35.67
C MET A 3816 -40.08 13.53 -34.65
N LEU A 3817 -38.85 13.05 -34.82
CA LEU A 3817 -37.78 13.30 -33.86
C LEU A 3817 -37.43 14.78 -33.83
N ASP A 3818 -37.33 15.40 -35.01
CA ASP A 3818 -36.98 16.81 -35.09
C ASP A 3818 -38.04 17.69 -34.44
N TYR A 3819 -39.33 17.37 -34.69
CA TYR A 3819 -40.39 18.16 -34.10
C TYR A 3819 -40.40 18.04 -32.57
N LEU A 3820 -40.20 16.83 -32.05
CA LEU A 3820 -40.15 16.67 -30.60
C LEU A 3820 -38.96 17.40 -30.01
N LYS A 3821 -37.82 17.35 -30.70
CA LYS A 3821 -36.61 17.98 -30.20
C LYS A 3821 -36.75 19.49 -30.18
N ASP A 3822 -37.32 20.09 -31.22
CA ASP A 3822 -37.32 21.55 -31.23
C ASP A 3822 -38.58 22.12 -30.59
N LYS A 3823 -39.51 21.28 -30.13
CA LYS A 3823 -40.63 21.81 -29.37
C LYS A 3823 -40.49 21.62 -27.86
N LYS A 3824 -39.88 20.51 -27.42
CA LYS A 3824 -39.54 20.27 -25.99
C LYS A 3824 -40.74 20.36 -25.06
N GLU A 3825 -41.85 19.74 -25.44
CA GLU A 3825 -43.05 19.72 -24.62
C GLU A 3825 -43.25 18.34 -23.99
N VAL A 3826 -43.72 18.34 -22.74
CA VAL A 3826 -43.84 17.13 -21.96
C VAL A 3826 -45.23 16.49 -22.12
N GLY A 3827 -46.21 17.27 -22.61
CA GLY A 3827 -47.60 16.82 -22.67
C GLY A 3827 -47.81 15.61 -23.56
N PHE A 3828 -46.92 15.41 -24.53
CA PHE A 3828 -46.99 14.26 -25.42
C PHE A 3828 -46.81 12.95 -24.64
N PHE A 3829 -45.65 12.80 -24.01
CA PHE A 3829 -45.37 11.61 -23.24
C PHE A 3829 -46.25 11.50 -22.01
N GLN A 3830 -46.69 12.64 -21.45
CA GLN A 3830 -47.69 12.60 -20.38
C GLN A 3830 -49.00 11.98 -20.86
N SER A 3831 -49.45 12.37 -22.04
CA SER A 3831 -50.65 11.80 -22.65
C SER A 3831 -50.45 10.33 -22.95
N ILE A 3832 -49.28 9.96 -23.48
CA ILE A 3832 -48.98 8.57 -23.84
C ILE A 3832 -49.03 7.68 -22.60
N GLN A 3833 -48.38 8.14 -21.52
CA GLN A 3833 -48.36 7.40 -20.26
C GLN A 3833 -49.76 7.26 -19.68
N ALA A 3834 -50.57 8.33 -19.70
CA ALA A 3834 -51.92 8.24 -19.18
C ALA A 3834 -52.80 7.33 -20.03
N LEU A 3835 -52.67 7.43 -21.35
CA LEU A 3835 -53.47 6.63 -22.27
C LEU A 3835 -53.18 5.16 -22.10
N MET A 3836 -51.90 4.81 -21.99
CA MET A 3836 -51.54 3.41 -21.82
C MET A 3836 -51.94 2.91 -20.44
N GLN A 3837 -51.84 3.77 -19.41
CA GLN A 3837 -52.29 3.37 -18.08
C GLN A 3837 -53.80 3.17 -18.01
N THR A 3838 -54.55 3.74 -18.96
CA THR A 3838 -56.00 3.53 -18.99
C THR A 3838 -56.40 2.31 -19.81
N CYS A 3839 -55.44 1.59 -20.39
CA CYS A 3839 -55.74 0.38 -21.13
C CYS A 3839 -56.21 -0.71 -20.17
N SER A 3840 -57.19 -1.49 -20.63
CA SER A 3840 -57.84 -2.49 -19.79
C SER A 3840 -57.14 -3.84 -19.89
N VAL A 3841 -57.31 -4.65 -18.84
CA VAL A 3841 -56.84 -6.02 -18.79
C VAL A 3841 -58.03 -6.93 -18.54
N LEU A 3842 -57.79 -8.24 -18.49
CA LEU A 3842 -58.85 -9.21 -18.25
C LEU A 3842 -59.42 -9.09 -16.83
N ASP A 3843 -60.75 -9.22 -16.72
CA ASP A 3843 -61.43 -9.14 -15.44
C ASP A 3843 -62.26 -10.40 -15.24
N LEU A 3844 -62.03 -11.08 -14.12
CA LEU A 3844 -62.79 -12.29 -13.83
C LEU A 3844 -64.24 -11.99 -13.48
N ASN A 3845 -64.47 -10.95 -12.66
CA ASN A 3845 -65.82 -10.62 -12.22
C ASN A 3845 -66.68 -10.23 -13.42
N ALA A 3846 -66.13 -9.37 -14.29
CA ALA A 3846 -66.82 -8.97 -15.50
C ALA A 3846 -67.05 -10.16 -16.41
N PHE A 3847 -66.07 -11.05 -16.52
CA PHE A 3847 -66.21 -12.24 -17.35
C PHE A 3847 -67.34 -13.14 -16.86
N GLU A 3848 -67.39 -13.41 -15.56
CA GLU A 3848 -68.45 -14.24 -14.98
C GLU A 3848 -69.83 -13.60 -15.15
N ARG A 3849 -69.90 -12.28 -14.94
CA ARG A 3849 -71.15 -11.57 -15.19
C ARG A 3849 -71.56 -11.64 -16.66
N GLN A 3850 -70.59 -11.60 -17.57
CA GLN A 3850 -70.89 -11.84 -18.99
C GLN A 3850 -71.39 -13.25 -19.20
N ASN A 3851 -70.77 -14.23 -18.52
CA ASN A 3851 -71.13 -15.65 -18.66
C ASN A 3851 -72.57 -15.89 -18.26
N LYS A 3852 -73.04 -15.17 -17.23
CA LYS A 3852 -74.44 -15.28 -16.82
C LYS A 3852 -75.41 -14.75 -17.87
N ALA A 3853 -74.96 -13.86 -18.76
CA ALA A 3853 -75.86 -13.25 -19.75
C ALA A 3853 -76.33 -14.26 -20.78
N GLU A 3854 -75.40 -15.03 -21.38
CA GLU A 3854 -75.79 -15.97 -22.43
C GLU A 3854 -76.63 -17.11 -21.89
N GLY A 3855 -76.58 -17.40 -20.58
CA GLY A 3855 -77.52 -18.33 -19.99
C GLY A 3855 -78.94 -17.83 -20.12
N LEU A 3856 -79.13 -16.52 -19.96
CA LEU A 3856 -80.44 -15.92 -20.16
C LEU A 3856 -80.80 -15.90 -21.65
N GLY A 3857 -79.86 -15.46 -22.49
CA GLY A 3857 -80.08 -15.35 -23.92
C GLY A 3857 -81.19 -14.40 -24.30
N MET A 3858 -81.21 -13.22 -23.69
CA MET A 3858 -82.32 -12.29 -23.83
C MET A 3858 -82.34 -11.67 -25.22
N VAL A 3859 -83.52 -11.61 -25.81
CA VAL A 3859 -83.71 -11.13 -27.18
C VAL A 3859 -84.50 -9.84 -27.14
N ASN A 3860 -84.63 -9.18 -28.29
CA ASN A 3860 -85.41 -7.95 -28.32
C ASN A 3860 -86.89 -8.25 -28.55
N GLU A 3861 -87.73 -7.29 -28.17
CA GLU A 3861 -89.18 -7.46 -28.34
C GLU A 3861 -89.60 -7.29 -29.80
N ASP A 3862 -89.01 -6.34 -30.51
CA ASP A 3862 -89.32 -6.12 -31.92
C ASP A 3862 -88.66 -7.23 -32.75
N GLY A 3863 -89.35 -8.37 -32.80
CA GLY A 3863 -88.83 -9.55 -33.45
C GLY A 3863 -87.97 -10.37 -32.52
N THR A 3864 -86.84 -10.88 -33.01
CA THR A 3864 -85.91 -11.66 -32.20
C THR A 3864 -84.53 -11.60 -32.84
N VAL A 3865 -83.51 -11.31 -32.03
CA VAL A 3865 -82.12 -11.45 -32.43
C VAL A 3865 -81.49 -12.52 -31.54
N ILE A 3866 -80.85 -13.51 -32.17
CA ILE A 3866 -80.37 -14.69 -31.47
C ILE A 3866 -78.96 -14.41 -30.94
N ASN A 3867 -78.84 -14.28 -29.61
CA ASN A 3867 -77.60 -14.02 -28.89
C ASN A 3867 -76.86 -12.79 -29.46
N ARG A 3868 -77.52 -11.64 -29.25
CA ARG A 3868 -77.12 -10.35 -29.81
C ARG A 3868 -75.65 -10.04 -29.54
N GLN A 3869 -75.03 -9.33 -30.48
CA GLN A 3869 -73.61 -9.06 -30.47
C GLN A 3869 -73.29 -7.67 -29.91
N ASN A 3870 -74.05 -7.25 -28.88
CA ASN A 3870 -73.79 -6.00 -28.18
C ASN A 3870 -72.37 -5.96 -27.60
N GLY A 3871 -71.92 -4.75 -27.27
CA GLY A 3871 -70.55 -4.49 -26.85
C GLY A 3871 -70.01 -5.31 -25.70
N GLU A 3872 -68.92 -6.03 -25.97
CA GLU A 3872 -68.29 -6.88 -24.96
C GLU A 3872 -67.58 -6.02 -23.92
N LYS A 3873 -67.81 -6.33 -22.65
CA LYS A 3873 -67.25 -5.54 -21.55
C LYS A 3873 -65.87 -6.01 -21.11
N VAL A 3874 -65.32 -7.04 -21.74
CA VAL A 3874 -63.98 -7.54 -21.44
C VAL A 3874 -63.13 -7.39 -22.69
N MET A 3875 -62.00 -6.68 -22.56
CA MET A 3875 -61.08 -6.38 -23.66
C MET A 3875 -61.79 -5.69 -24.83
N ALA A 3876 -62.55 -4.65 -24.50
CA ALA A 3876 -63.20 -3.86 -25.54
C ALA A 3876 -62.19 -3.01 -26.30
N ASP A 3877 -61.17 -2.51 -25.59
CA ASP A 3877 -60.15 -1.62 -26.15
C ASP A 3877 -58.94 -2.38 -26.68
N ASP A 3878 -59.12 -3.65 -27.09
CA ASP A 3878 -58.01 -4.45 -27.59
C ASP A 3878 -57.41 -3.86 -28.85
N GLU A 3879 -58.27 -3.42 -29.80
CA GLU A 3879 -57.78 -2.82 -31.04
C GLU A 3879 -57.01 -1.54 -30.76
N PHE A 3880 -57.49 -0.72 -29.83
CA PHE A 3880 -56.79 0.51 -29.46
C PHE A 3880 -55.44 0.23 -28.82
N THR A 3881 -55.40 -0.69 -27.85
CA THR A 3881 -54.13 -1.02 -27.18
C THR A 3881 -53.13 -1.64 -28.15
N GLN A 3882 -53.61 -2.55 -29.01
CA GLN A 3882 -52.78 -3.17 -30.03
C GLN A 3882 -52.27 -2.13 -31.01
N ASP A 3883 -53.13 -1.19 -31.41
CA ASP A 3883 -52.73 -0.15 -32.35
C ASP A 3883 -51.70 0.78 -31.71
N LEU A 3884 -51.87 1.08 -30.42
CA LEU A 3884 -50.94 1.94 -29.70
C LEU A 3884 -49.55 1.34 -29.68
N PHE A 3885 -49.46 0.05 -29.35
CA PHE A 3885 -48.15 -0.57 -29.33
C PHE A 3885 -47.62 -0.85 -30.74
N ARG A 3886 -48.51 -1.07 -31.71
CA ARG A 3886 -48.08 -1.17 -33.11
C ARG A 3886 -47.46 0.12 -33.59
N PHE A 3887 -48.05 1.25 -33.21
CA PHE A 3887 -47.52 2.57 -33.54
C PHE A 3887 -46.19 2.81 -32.84
N LEU A 3888 -46.09 2.43 -31.56
CA LEU A 3888 -44.85 2.54 -30.83
C LEU A 3888 -43.75 1.67 -31.43
N GLN A 3889 -44.14 0.50 -31.96
CA GLN A 3889 -43.21 -0.37 -32.66
C GLN A 3889 -42.73 0.27 -33.95
N LEU A 3890 -43.65 0.85 -34.71
CA LEU A 3890 -43.33 1.44 -36.01
C LEU A 3890 -42.38 2.62 -35.86
N LEU A 3891 -42.61 3.47 -34.86
CA LEU A 3891 -41.72 4.61 -34.65
C LEU A 3891 -40.33 4.24 -34.13
N CYS A 3892 -40.04 2.97 -33.86
CA CYS A 3892 -38.69 2.52 -33.56
C CYS A 3892 -38.22 1.43 -34.51
N GLU A 3893 -39.01 1.10 -35.53
CA GLU A 3893 -38.62 0.08 -36.47
C GLU A 3893 -37.42 0.56 -37.29
N GLY A 3894 -36.65 -0.40 -37.80
CA GLY A 3894 -35.45 -0.06 -38.54
C GLY A 3894 -34.28 0.33 -37.68
N HIS A 3895 -34.32 0.01 -36.37
CA HIS A 3895 -33.27 0.30 -35.39
C HIS A 3895 -32.93 1.79 -35.34
N ASN A 3896 -33.96 2.61 -35.14
CA ASN A 3896 -33.80 4.05 -35.01
C ASN A 3896 -33.27 4.33 -33.60
N ASN A 3897 -31.95 4.18 -33.46
CA ASN A 3897 -31.28 4.10 -32.16
C ASN A 3897 -31.47 5.36 -31.33
N ASP A 3898 -31.15 6.52 -31.91
CA ASP A 3898 -31.31 7.78 -31.18
C ASP A 3898 -32.77 8.06 -30.84
N PHE A 3899 -33.69 7.61 -31.67
CA PHE A 3899 -35.11 7.76 -31.35
C PHE A 3899 -35.47 6.88 -30.15
N GLN A 3900 -34.89 5.68 -30.08
CA GLN A 3900 -35.12 4.81 -28.94
C GLN A 3900 -34.57 5.45 -27.67
N ASN A 3901 -33.38 6.06 -27.79
CA ASN A 3901 -32.81 6.77 -26.65
C ASN A 3901 -33.67 7.96 -26.27
N TYR A 3902 -34.37 8.55 -27.26
CA TYR A 3902 -35.26 9.66 -26.98
C TYR A 3902 -36.44 9.17 -26.15
N LEU A 3903 -36.96 8.00 -26.51
CA LEU A 3903 -38.09 7.43 -25.76
C LEU A 3903 -37.67 7.12 -24.33
N ARG A 3904 -36.47 6.56 -24.16
CA ARG A 3904 -36.00 6.27 -22.81
C ARG A 3904 -35.77 7.54 -22.00
N THR A 3905 -35.21 8.59 -22.63
CA THR A 3905 -34.96 9.83 -21.91
C THR A 3905 -34.95 11.00 -22.88
N GLN A 3906 -35.42 12.14 -22.41
CA GLN A 3906 -35.51 13.36 -23.21
C GLN A 3906 -34.75 14.47 -22.51
N THR A 3907 -33.55 14.76 -23.01
CA THR A 3907 -32.73 15.83 -22.46
C THR A 3907 -33.40 17.18 -22.63
N GLY A 3908 -33.98 17.42 -23.82
CA GLY A 3908 -34.64 18.68 -24.09
C GLY A 3908 -35.81 18.95 -23.17
N ASN A 3909 -36.61 17.92 -22.91
CA ASN A 3909 -37.75 18.06 -22.01
C ASN A 3909 -37.29 18.24 -20.57
N THR A 3910 -37.96 19.14 -19.86
CA THR A 3910 -37.64 19.36 -18.45
C THR A 3910 -37.98 18.13 -17.62
N THR A 3911 -39.13 17.53 -17.87
CA THR A 3911 -39.58 16.33 -17.18
C THR A 3911 -39.44 15.13 -18.12
N THR A 3912 -38.81 14.07 -17.63
CA THR A 3912 -38.53 12.88 -18.41
C THR A 3912 -39.40 11.74 -17.90
N ILE A 3913 -40.15 11.11 -18.79
CA ILE A 3913 -41.00 9.97 -18.48
C ILE A 3913 -40.40 8.74 -19.18
N ASN A 3914 -39.93 7.78 -18.40
CA ASN A 3914 -39.35 6.57 -18.96
C ASN A 3914 -40.50 5.64 -19.34
N ILE A 3915 -40.99 5.84 -20.56
CA ILE A 3915 -42.08 5.04 -21.09
C ILE A 3915 -41.69 3.58 -21.26
N ILE A 3916 -40.40 3.28 -21.35
CA ILE A 3916 -39.94 1.89 -21.44
C ILE A 3916 -40.30 1.15 -20.16
N ILE A 3917 -39.99 1.77 -19.02
CA ILE A 3917 -40.36 1.25 -17.71
C ILE A 3917 -41.87 1.20 -17.58
N CYS A 3918 -42.56 2.23 -18.07
CA CYS A 3918 -44.03 2.23 -18.03
C CYS A 3918 -44.59 1.06 -18.85
N THR A 3919 -44.01 0.80 -20.02
CA THR A 3919 -44.43 -0.30 -20.89
C THR A 3919 -44.29 -1.63 -20.18
N VAL A 3920 -43.18 -1.78 -19.45
CA VAL A 3920 -42.97 -2.99 -18.64
C VAL A 3920 -44.04 -3.07 -17.55
N ASP A 3921 -44.38 -1.92 -16.97
CA ASP A 3921 -45.39 -1.87 -15.90
C ASP A 3921 -46.75 -2.33 -16.42
N TYR A 3922 -47.12 -1.89 -17.63
CA TYR A 3922 -48.35 -2.37 -18.24
C TYR A 3922 -48.30 -3.87 -18.53
N LEU A 3923 -47.17 -4.36 -19.05
CA LEU A 3923 -47.03 -5.80 -19.29
C LEU A 3923 -47.15 -6.60 -18.00
N LEU A 3924 -46.58 -6.04 -16.92
CA LEU A 3924 -46.76 -6.60 -15.58
C LEU A 3924 -48.23 -6.65 -15.21
N ARG A 3925 -48.97 -5.55 -15.40
CA ARG A 3925 -50.40 -5.55 -15.13
C ARG A 3925 -51.15 -6.58 -15.99
N LEU A 3926 -50.64 -6.86 -17.18
CA LEU A 3926 -51.27 -7.86 -18.04
C LEU A 3926 -51.02 -9.27 -17.54
N GLN A 3927 -49.90 -9.48 -16.84
CA GLN A 3927 -49.53 -10.86 -16.48
C GLN A 3927 -50.45 -11.40 -15.39
N GLU A 3928 -50.87 -10.57 -14.42
CA GLU A 3928 -51.81 -11.06 -13.41
C GLU A 3928 -53.14 -11.43 -14.04
N SER A 3929 -53.63 -10.61 -14.98
CA SER A 3929 -54.91 -10.87 -15.62
C SER A 3929 -54.87 -12.17 -16.42
N ILE A 3930 -53.80 -12.40 -17.18
CA ILE A 3930 -53.70 -13.63 -17.95
C ILE A 3930 -53.49 -14.83 -17.03
N SER A 3931 -52.71 -14.67 -15.96
CA SER A 3931 -52.46 -15.76 -15.02
C SER A 3931 -53.74 -16.14 -14.30
N ASP A 3932 -54.46 -15.16 -13.77
CA ASP A 3932 -55.74 -15.42 -13.11
C ASP A 3932 -56.79 -15.96 -14.08
N PHE A 3933 -56.67 -15.67 -15.37
CA PHE A 3933 -57.63 -16.22 -16.32
C PHE A 3933 -57.33 -17.69 -16.56
N TYR A 3934 -56.04 -18.08 -16.54
CA TYR A 3934 -55.70 -19.49 -16.34
C TYR A 3934 -56.14 -20.01 -14.98
N TRP A 3935 -56.00 -19.21 -13.93
CA TRP A 3935 -56.41 -19.57 -12.58
C TRP A 3935 -57.92 -19.53 -12.38
N TYR A 3936 -58.67 -19.49 -13.47
CA TYR A 3936 -60.10 -19.74 -13.45
C TYR A 3936 -60.46 -20.97 -14.25
N TYR A 3937 -59.58 -21.41 -15.16
CA TYR A 3937 -59.84 -22.51 -16.08
C TYR A 3937 -59.00 -23.74 -15.80
N SER A 3938 -58.02 -23.66 -14.90
CA SER A 3938 -57.15 -24.78 -14.60
C SER A 3938 -57.93 -25.98 -14.07
N GLY A 3939 -58.90 -25.72 -13.17
CA GLY A 3939 -59.74 -26.79 -12.67
C GLY A 3939 -60.63 -27.38 -13.75
N LYS A 3940 -61.22 -26.53 -14.58
CA LYS A 3940 -62.12 -26.98 -15.63
C LYS A 3940 -61.36 -27.72 -16.72
N ASP A 3941 -61.90 -28.88 -17.12
CA ASP A 3941 -61.21 -29.71 -18.11
C ASP A 3941 -61.30 -29.10 -19.50
N VAL A 3942 -62.38 -28.41 -19.83
CA VAL A 3942 -62.59 -27.86 -21.16
C VAL A 3942 -62.83 -26.37 -21.05
N ILE A 3943 -62.36 -25.62 -22.04
CA ILE A 3943 -62.54 -24.18 -22.12
C ILE A 3943 -63.61 -23.88 -23.16
N GLU A 3944 -64.58 -23.06 -22.78
CA GLU A 3944 -65.68 -22.72 -23.67
C GLU A 3944 -65.23 -21.73 -24.74
N GLU A 3945 -66.19 -21.38 -25.62
CA GLU A 3945 -65.89 -20.61 -26.83
C GLU A 3945 -65.51 -19.17 -26.51
N GLN A 3946 -66.28 -18.52 -25.63
CA GLN A 3946 -66.01 -17.13 -25.29
C GLN A 3946 -64.65 -16.99 -24.62
N GLY A 3947 -64.31 -17.95 -23.74
CA GLY A 3947 -62.98 -17.98 -23.15
C GLY A 3947 -61.89 -18.17 -24.18
N LYS A 3948 -62.14 -18.99 -25.20
CA LYS A 3948 -61.18 -19.15 -26.30
C LYS A 3948 -60.98 -17.85 -27.07
N ARG A 3949 -62.07 -17.15 -27.36
CA ARG A 3949 -61.95 -15.85 -28.02
C ARG A 3949 -61.24 -14.84 -27.14
N ASN A 3950 -61.50 -14.88 -25.83
CA ASN A 3950 -60.83 -14.00 -24.87
C ASN A 3950 -59.33 -14.25 -24.84
N PHE A 3951 -58.93 -15.54 -24.92
CA PHE A 3951 -57.51 -15.85 -25.01
C PHE A 3951 -56.92 -15.29 -26.29
N SER A 3952 -57.64 -15.44 -27.41
CA SER A 3952 -57.11 -14.99 -28.70
C SER A 3952 -56.88 -13.49 -28.73
N LYS A 3953 -57.85 -12.71 -28.22
CA LYS A 3953 -57.68 -11.26 -28.23
C LYS A 3953 -56.66 -10.81 -27.19
N ALA A 3954 -56.53 -11.54 -26.09
CA ALA A 3954 -55.51 -11.19 -25.09
C ALA A 3954 -54.11 -11.42 -25.64
N MET A 3955 -53.89 -12.59 -26.25
CA MET A 3955 -52.55 -12.90 -26.70
C MET A 3955 -52.17 -12.17 -27.97
N SER A 3956 -53.15 -11.69 -28.75
CA SER A 3956 -52.80 -10.83 -29.89
C SER A 3956 -52.15 -9.53 -29.41
N VAL A 3957 -52.73 -8.94 -28.35
CA VAL A 3957 -52.16 -7.76 -27.72
C VAL A 3957 -50.80 -8.08 -27.10
N ALA A 3958 -50.70 -9.24 -26.43
CA ALA A 3958 -49.45 -9.64 -25.79
C ALA A 3958 -48.33 -9.83 -26.83
N LYS A 3959 -48.68 -10.41 -27.98
CA LYS A 3959 -47.75 -10.55 -29.09
C LYS A 3959 -47.28 -9.19 -29.59
N GLN A 3960 -48.21 -8.25 -29.70
CA GLN A 3960 -47.85 -6.90 -30.15
C GLN A 3960 -46.90 -6.24 -29.14
N VAL A 3961 -47.15 -6.46 -27.84
CA VAL A 3961 -46.31 -5.89 -26.79
C VAL A 3961 -44.90 -6.44 -26.88
N PHE A 3962 -44.77 -7.76 -27.03
CA PHE A 3962 -43.45 -8.37 -27.14
C PHE A 3962 -42.71 -7.92 -28.41
N ASN A 3963 -43.42 -7.81 -29.53
CA ASN A 3963 -42.81 -7.28 -30.75
C ASN A 3963 -42.30 -5.85 -30.57
N SER A 3964 -43.09 -5.00 -29.90
CA SER A 3964 -42.65 -3.65 -29.56
C SER A 3964 -41.42 -3.68 -28.67
N LEU A 3965 -41.48 -4.45 -27.57
CA LEU A 3965 -40.38 -4.55 -26.62
C LEU A 3965 -39.11 -5.06 -27.28
N THR A 3966 -39.25 -5.93 -28.30
CA THR A 3966 -38.11 -6.32 -29.11
C THR A 3966 -37.55 -5.10 -29.84
N GLU A 3967 -38.45 -4.25 -30.36
CA GLU A 3967 -38.00 -3.13 -31.18
C GLU A 3967 -37.21 -2.12 -30.37
N TYR A 3968 -37.64 -1.82 -29.13
CA TYR A 3968 -36.92 -0.79 -28.37
C TYR A 3968 -35.50 -1.22 -28.04
N ILE A 3969 -35.26 -2.52 -27.86
CA ILE A 3969 -33.95 -3.00 -27.44
C ILE A 3969 -33.08 -3.47 -28.59
N GLN A 3970 -33.64 -3.65 -29.79
CA GLN A 3970 -32.81 -4.08 -30.90
C GLN A 3970 -31.87 -2.95 -31.33
N GLY A 3971 -30.80 -3.33 -31.99
CA GLY A 3971 -29.82 -2.39 -32.49
C GLY A 3971 -28.35 -2.65 -32.15
N PRO A 3972 -27.99 -3.02 -30.89
CA PRO A 3972 -28.71 -3.00 -29.61
C PRO A 3972 -28.67 -1.63 -28.94
N CYS A 3973 -29.70 -1.28 -28.19
CA CYS A 3973 -29.76 -0.04 -27.44
C CYS A 3973 -29.41 -0.36 -25.99
N THR A 3974 -28.17 -0.03 -25.60
CA THR A 3974 -27.66 -0.40 -24.29
C THR A 3974 -28.45 0.24 -23.17
N GLY A 3975 -28.85 1.51 -23.35
CA GLY A 3975 -29.64 2.20 -22.35
C GLY A 3975 -30.97 1.50 -22.08
N ASN A 3976 -31.64 1.10 -23.15
CA ASN A 3976 -32.88 0.34 -23.02
C ASN A 3976 -32.61 -1.00 -22.34
N GLN A 3977 -31.52 -1.68 -22.72
CA GLN A 3977 -31.22 -2.99 -22.13
C GLN A 3977 -31.01 -2.88 -20.63
N GLN A 3978 -30.35 -1.80 -20.20
CA GLN A 3978 -30.18 -1.53 -18.77
C GLN A 3978 -31.53 -1.27 -18.11
N SER A 3979 -32.41 -0.51 -18.78
CA SER A 3979 -33.70 -0.18 -18.18
C SER A 3979 -34.55 -1.44 -18.00
N LEU A 3980 -34.53 -2.32 -19.00
CA LEU A 3980 -35.29 -3.57 -18.94
C LEU A 3980 -34.77 -4.43 -17.81
N ALA A 3981 -33.44 -4.54 -17.69
CA ALA A 3981 -32.87 -5.38 -16.65
C ALA A 3981 -33.20 -4.84 -15.27
N HIS A 3982 -33.07 -3.52 -15.08
CA HIS A 3982 -33.37 -2.93 -13.78
C HIS A 3982 -34.86 -2.86 -13.48
N SER A 3983 -35.73 -3.09 -14.46
CA SER A 3983 -37.17 -3.01 -14.21
C SER A 3983 -37.70 -4.36 -13.75
N ARG A 3984 -39.03 -4.45 -13.62
CA ARG A 3984 -39.73 -5.65 -13.15
C ARG A 3984 -40.11 -6.59 -14.29
N LEU A 3985 -39.35 -6.58 -15.39
CA LEU A 3985 -39.62 -7.45 -16.52
C LEU A 3985 -39.57 -8.93 -16.14
N TRP A 3986 -38.67 -9.28 -15.21
CA TRP A 3986 -38.47 -10.66 -14.82
C TRP A 3986 -39.71 -11.29 -14.19
N ASP A 3987 -40.43 -10.52 -13.37
CA ASP A 3987 -41.66 -11.03 -12.76
C ASP A 3987 -42.70 -11.38 -13.81
N ALA A 3988 -42.85 -10.53 -14.82
CA ALA A 3988 -43.75 -10.84 -15.94
C ALA A 3988 -43.25 -12.04 -16.72
N VAL A 3989 -41.93 -12.16 -16.88
CA VAL A 3989 -41.36 -13.27 -17.63
C VAL A 3989 -41.64 -14.60 -16.94
N VAL A 3990 -41.37 -14.68 -15.63
CA VAL A 3990 -41.59 -15.93 -14.89
C VAL A 3990 -43.08 -16.25 -14.84
N GLY A 3991 -43.93 -15.23 -14.67
CA GLY A 3991 -45.36 -15.47 -14.66
C GLY A 3991 -45.86 -16.02 -15.98
N PHE A 3992 -45.38 -15.45 -17.10
CA PHE A 3992 -45.74 -15.96 -18.41
C PHE A 3992 -45.24 -17.38 -18.63
N LEU A 3993 -44.00 -17.66 -18.20
CA LEU A 3993 -43.46 -19.01 -18.33
C LEU A 3993 -44.27 -20.03 -17.53
N HIS A 3994 -44.66 -19.67 -16.30
CA HIS A 3994 -45.53 -20.53 -15.50
C HIS A 3994 -46.90 -20.73 -16.16
N VAL A 3995 -47.43 -19.69 -16.79
CA VAL A 3995 -48.67 -19.85 -17.57
C VAL A 3995 -48.47 -20.81 -18.73
N PHE A 3996 -47.43 -20.56 -19.55
CA PHE A 3996 -47.07 -21.41 -20.68
C PHE A 3996 -46.78 -22.83 -20.27
N ALA A 3997 -46.35 -23.03 -19.02
CA ALA A 3997 -46.08 -24.36 -18.50
C ALA A 3997 -47.32 -25.24 -18.61
N HIS A 3998 -48.47 -24.74 -18.17
CA HIS A 3998 -49.66 -25.57 -18.14
C HIS A 3998 -50.59 -25.30 -19.32
N MET A 3999 -50.24 -24.32 -20.19
CA MET A 3999 -51.04 -24.08 -21.39
C MET A 3999 -51.04 -25.28 -22.33
N MET A 4000 -49.87 -25.64 -22.87
CA MET A 4000 -49.81 -26.69 -23.88
C MET A 4000 -50.22 -28.05 -23.31
N MET A 4001 -49.88 -28.31 -22.05
CA MET A 4001 -50.32 -29.55 -21.41
C MET A 4001 -51.85 -29.62 -21.31
N LYS A 4002 -52.50 -28.51 -20.93
CA LYS A 4002 -53.96 -28.51 -20.89
C LYS A 4002 -54.58 -28.64 -22.28
N LEU A 4003 -54.05 -27.90 -23.26
CA LEU A 4003 -54.66 -27.88 -24.59
C LEU A 4003 -54.37 -29.13 -25.40
N ALA A 4004 -53.27 -29.82 -25.13
CA ALA A 4004 -52.93 -31.01 -25.90
C ALA A 4004 -53.82 -32.21 -25.60
N GLN A 4005 -54.58 -32.17 -24.49
CA GLN A 4005 -55.46 -33.27 -24.15
C GLN A 4005 -56.58 -33.46 -25.18
N ASP A 4006 -56.96 -32.38 -25.87
CA ASP A 4006 -58.07 -32.40 -26.80
C ASP A 4006 -57.69 -31.74 -28.12
N SER A 4007 -58.44 -32.08 -29.16
CA SER A 4007 -58.20 -31.55 -30.49
C SER A 4007 -58.98 -30.27 -30.77
N SER A 4008 -59.80 -29.81 -29.83
CA SER A 4008 -60.60 -28.61 -30.04
C SER A 4008 -59.85 -27.32 -29.75
N GLN A 4009 -58.68 -27.38 -29.12
CA GLN A 4009 -57.92 -26.18 -28.79
C GLN A 4009 -56.62 -26.07 -29.61
N ILE A 4010 -56.56 -26.72 -30.77
CA ILE A 4010 -55.36 -26.69 -31.60
C ILE A 4010 -55.07 -25.30 -32.14
N GLU A 4011 -56.11 -24.50 -32.42
CA GLU A 4011 -55.97 -23.12 -32.86
C GLU A 4011 -55.27 -22.35 -31.75
N LEU A 4012 -55.95 -22.22 -30.61
CA LEU A 4012 -55.47 -21.39 -29.49
C LEU A 4012 -54.09 -21.83 -29.03
N LEU A 4013 -53.80 -23.12 -29.17
CA LEU A 4013 -52.45 -23.60 -28.91
C LEU A 4013 -51.46 -23.07 -29.94
N LYS A 4014 -51.81 -23.08 -31.25
CA LYS A 4014 -50.82 -22.66 -32.24
C LYS A 4014 -50.54 -21.15 -32.18
N GLU A 4015 -51.58 -20.33 -31.95
CA GLU A 4015 -51.34 -18.91 -31.68
C GLU A 4015 -50.58 -18.70 -30.36
N LEU A 4016 -50.85 -19.52 -29.35
CA LEU A 4016 -50.09 -19.38 -28.11
C LEU A 4016 -48.64 -19.77 -28.33
N LEU A 4017 -48.41 -20.78 -29.18
CA LEU A 4017 -47.08 -21.25 -29.47
C LEU A 4017 -46.26 -20.16 -30.16
N ASP A 4018 -46.88 -19.45 -31.11
CA ASP A 4018 -46.10 -18.34 -31.68
C ASP A 4018 -46.01 -17.18 -30.70
N LEU A 4019 -46.87 -17.12 -29.68
CA LEU A 4019 -46.75 -16.07 -28.67
C LEU A 4019 -45.47 -16.27 -27.87
N GLN A 4020 -45.23 -17.49 -27.37
CA GLN A 4020 -43.92 -17.66 -26.73
C GLN A 4020 -42.77 -17.65 -27.74
N LYS A 4021 -43.02 -17.94 -29.03
CA LYS A 4021 -41.98 -17.76 -30.03
C LYS A 4021 -41.52 -16.30 -30.11
N ASP A 4022 -42.46 -15.36 -30.04
CA ASP A 4022 -42.05 -13.96 -29.96
C ASP A 4022 -41.45 -13.62 -28.61
N MET A 4023 -41.92 -14.29 -27.55
CA MET A 4023 -41.35 -14.03 -26.22
C MET A 4023 -39.89 -14.45 -26.16
N VAL A 4024 -39.56 -15.64 -26.68
CA VAL A 4024 -38.17 -16.08 -26.69
C VAL A 4024 -37.34 -15.21 -27.64
N VAL A 4025 -37.92 -14.73 -28.74
CA VAL A 4025 -37.21 -13.78 -29.61
C VAL A 4025 -36.83 -12.52 -28.83
N MET A 4026 -37.76 -11.99 -28.04
CA MET A 4026 -37.46 -10.83 -27.19
C MET A 4026 -36.38 -11.16 -26.17
N LEU A 4027 -36.43 -12.37 -25.61
CA LEU A 4027 -35.39 -12.84 -24.68
C LEU A 4027 -34.02 -12.89 -25.36
N LEU A 4028 -33.96 -13.41 -26.59
CA LEU A 4028 -32.69 -13.44 -27.33
C LEU A 4028 -32.17 -12.05 -27.60
N SER A 4029 -33.04 -11.15 -28.09
CA SER A 4029 -32.62 -9.79 -28.42
C SER A 4029 -32.17 -9.03 -27.18
N LEU A 4030 -32.65 -9.41 -26.00
CA LEU A 4030 -32.16 -8.80 -24.77
C LEU A 4030 -30.70 -9.14 -24.48
N LEU A 4031 -30.19 -10.23 -25.05
CA LEU A 4031 -28.83 -10.69 -24.83
C LEU A 4031 -27.83 -10.14 -25.84
N GLU A 4032 -28.26 -9.28 -26.76
CA GLU A 4032 -27.35 -8.71 -27.76
C GLU A 4032 -26.27 -7.86 -27.10
N GLY A 4033 -25.02 -8.12 -27.50
CA GLY A 4033 -23.87 -7.36 -27.04
C GLY A 4033 -23.61 -7.45 -25.55
N ASN A 4034 -23.73 -8.63 -24.97
CA ASN A 4034 -23.48 -8.84 -23.55
C ASN A 4034 -22.07 -9.39 -23.35
N VAL A 4035 -21.40 -8.90 -22.32
CA VAL A 4035 -20.08 -9.39 -21.97
C VAL A 4035 -20.23 -10.60 -21.06
N VAL A 4036 -19.14 -11.37 -20.91
CA VAL A 4036 -19.15 -12.49 -19.99
C VAL A 4036 -19.32 -11.98 -18.56
N ASN A 4037 -20.08 -12.74 -17.76
CA ASN A 4037 -20.54 -12.35 -16.42
C ASN A 4037 -21.30 -11.03 -16.47
N GLY A 4038 -22.06 -10.86 -17.55
CA GLY A 4038 -22.88 -9.67 -17.71
C GLY A 4038 -23.98 -9.63 -16.66
N MET A 4039 -24.30 -8.41 -16.21
CA MET A 4039 -25.31 -8.21 -15.19
C MET A 4039 -26.68 -8.66 -15.70
N ILE A 4040 -26.96 -8.37 -16.98
CA ILE A 4040 -28.18 -8.87 -17.62
C ILE A 4040 -28.15 -10.40 -17.69
N ALA A 4041 -26.98 -10.99 -17.95
CA ALA A 4041 -26.86 -12.44 -18.04
C ALA A 4041 -27.13 -13.09 -16.69
N ARG A 4042 -26.59 -12.49 -15.62
CA ARG A 4042 -26.79 -13.00 -14.28
C ARG A 4042 -28.27 -12.94 -13.90
N GLN A 4043 -28.94 -11.83 -14.23
CA GLN A 4043 -30.38 -11.75 -13.95
C GLN A 4043 -31.17 -12.75 -14.79
N MET A 4044 -30.72 -13.02 -16.02
CA MET A 4044 -31.36 -14.06 -16.84
C MET A 4044 -31.22 -15.43 -16.18
N VAL A 4045 -30.05 -15.69 -15.62
CA VAL A 4045 -29.81 -16.95 -14.90
C VAL A 4045 -30.70 -17.04 -13.67
N ASP A 4046 -30.75 -15.97 -12.86
CA ASP A 4046 -31.59 -15.95 -11.66
C ASP A 4046 -33.07 -16.12 -12.00
N MET A 4047 -33.51 -15.52 -13.11
CA MET A 4047 -34.86 -15.73 -13.62
C MET A 4047 -35.09 -17.20 -13.94
N LEU A 4048 -34.11 -17.84 -14.59
CA LEU A 4048 -34.24 -19.26 -14.92
C LEU A 4048 -34.30 -20.10 -13.65
N VAL A 4049 -33.50 -19.74 -12.65
CA VAL A 4049 -33.49 -20.46 -11.37
C VAL A 4049 -34.86 -20.37 -10.70
N GLU A 4050 -35.47 -19.18 -10.73
CA GLU A 4050 -36.80 -19.00 -10.17
C GLU A 4050 -37.86 -19.80 -10.94
N SER A 4051 -37.70 -19.93 -12.25
CA SER A 4051 -38.70 -20.62 -13.07
C SER A 4051 -38.15 -21.94 -13.61
N SER A 4052 -37.29 -22.60 -12.83
CA SER A 4052 -36.61 -23.83 -13.26
C SER A 4052 -37.56 -24.99 -13.53
N SER A 4053 -38.57 -25.20 -12.68
CA SER A 4053 -39.49 -26.32 -12.89
C SER A 4053 -40.31 -26.14 -14.16
N ASN A 4054 -40.78 -24.91 -14.41
CA ASN A 4054 -41.63 -24.62 -15.57
C ASN A 4054 -40.88 -24.85 -16.86
N VAL A 4055 -39.66 -24.29 -16.97
CA VAL A 4055 -38.88 -24.40 -18.20
C VAL A 4055 -38.47 -25.86 -18.42
N GLU A 4056 -38.20 -26.59 -17.33
CA GLU A 4056 -37.86 -28.01 -17.39
C GLU A 4056 -39.00 -28.79 -18.05
N MET A 4057 -40.19 -28.74 -17.47
CA MET A 4057 -41.31 -29.46 -18.06
C MET A 4057 -41.73 -28.93 -19.45
N ILE A 4058 -41.43 -27.66 -19.76
CA ILE A 4058 -41.64 -27.15 -21.12
C ILE A 4058 -40.72 -27.85 -22.10
N LEU A 4059 -39.43 -27.92 -21.77
CA LEU A 4059 -38.47 -28.66 -22.59
C LEU A 4059 -38.82 -30.14 -22.64
N LYS A 4060 -39.31 -30.69 -21.53
CA LYS A 4060 -39.78 -32.07 -21.51
C LYS A 4060 -40.91 -32.29 -22.51
N PHE A 4061 -41.85 -31.33 -22.60
CA PHE A 4061 -42.91 -31.38 -23.61
C PHE A 4061 -42.35 -31.32 -25.02
N PHE A 4062 -41.34 -30.46 -25.22
CA PHE A 4062 -40.67 -30.38 -26.51
C PHE A 4062 -39.99 -31.70 -26.85
N ASP A 4063 -39.29 -32.26 -25.87
CA ASP A 4063 -38.55 -33.50 -26.05
C ASP A 4063 -39.48 -34.67 -26.37
N MET A 4064 -40.59 -34.79 -25.65
CA MET A 4064 -41.54 -35.86 -25.94
C MET A 4064 -42.19 -35.69 -27.31
N PHE A 4065 -42.26 -34.47 -27.84
CA PHE A 4065 -42.61 -34.41 -29.27
C PHE A 4065 -41.46 -34.80 -30.20
N LEU A 4066 -40.23 -34.34 -29.90
CA LEU A 4066 -39.10 -34.56 -30.80
C LEU A 4066 -38.67 -36.02 -30.85
N LYS A 4067 -38.53 -36.65 -29.67
CA LYS A 4067 -38.12 -38.05 -29.60
C LYS A 4067 -39.17 -38.96 -30.23
N LEU A 4068 -40.45 -38.66 -30.04
CA LEU A 4068 -41.46 -39.49 -30.65
C LEU A 4068 -41.62 -39.24 -32.14
N LYS A 4069 -41.10 -38.11 -32.64
CA LYS A 4069 -41.07 -37.85 -34.08
C LYS A 4069 -40.19 -38.89 -34.80
N ASP A 4070 -39.16 -39.37 -34.14
CA ASP A 4070 -38.33 -40.43 -34.70
C ASP A 4070 -38.74 -41.81 -34.19
N ILE A 4071 -39.28 -41.89 -32.97
CA ILE A 4071 -39.69 -43.17 -32.40
C ILE A 4071 -40.86 -43.78 -33.18
N VAL A 4072 -41.72 -42.94 -33.79
CA VAL A 4072 -42.74 -43.48 -34.69
C VAL A 4072 -42.08 -44.20 -35.87
N GLY A 4073 -40.89 -43.77 -36.30
CA GLY A 4073 -40.08 -44.51 -37.24
C GLY A 4073 -39.15 -45.54 -36.65
N SER A 4074 -39.04 -45.62 -35.32
CA SER A 4074 -38.15 -46.60 -34.67
C SER A 4074 -38.63 -48.02 -34.94
N GLU A 4075 -37.66 -48.90 -35.20
CA GLU A 4075 -37.95 -50.28 -35.61
C GLU A 4075 -38.70 -51.07 -34.54
N ALA A 4076 -38.31 -50.92 -33.26
CA ALA A 4076 -39.01 -51.61 -32.17
C ALA A 4076 -40.49 -51.21 -32.07
N PHE A 4077 -40.75 -49.90 -32.15
CA PHE A 4077 -42.12 -49.39 -32.20
C PHE A 4077 -42.85 -49.87 -33.44
N GLN A 4078 -42.15 -49.90 -34.59
CA GLN A 4078 -42.75 -50.35 -35.83
C GLN A 4078 -43.12 -51.83 -35.76
N ASP A 4079 -42.26 -52.62 -35.11
CA ASP A 4079 -42.55 -54.04 -34.90
C ASP A 4079 -43.79 -54.22 -34.03
N TYR A 4080 -43.94 -53.38 -33.00
CA TYR A 4080 -45.18 -53.40 -32.23
C TYR A 4080 -46.38 -52.99 -33.08
N VAL A 4081 -46.19 -52.01 -33.96
CA VAL A 4081 -47.23 -51.55 -34.88
C VAL A 4081 -47.61 -52.69 -35.83
N THR A 4082 -48.89 -53.04 -35.85
CA THR A 4082 -49.36 -54.15 -36.67
C THR A 4082 -50.45 -53.75 -37.66
N ASP A 4083 -50.98 -52.54 -37.57
CA ASP A 4083 -52.08 -52.13 -38.44
C ASP A 4083 -51.53 -51.73 -39.80
N PRO A 4084 -51.98 -52.36 -40.89
CA PRO A 4084 -51.62 -51.87 -42.23
C PRO A 4084 -52.15 -50.48 -42.53
N ARG A 4085 -53.18 -50.01 -41.81
CA ARG A 4085 -53.71 -48.66 -41.98
C ARG A 4085 -52.77 -47.58 -41.45
N GLY A 4086 -51.70 -47.95 -40.73
CA GLY A 4086 -50.83 -46.97 -40.14
C GLY A 4086 -51.27 -46.45 -38.78
N LEU A 4087 -51.91 -47.29 -37.98
CA LEU A 4087 -52.43 -46.90 -36.67
C LEU A 4087 -51.87 -47.84 -35.61
N ILE A 4088 -52.19 -47.56 -34.35
CA ILE A 4088 -51.74 -48.38 -33.24
C ILE A 4088 -52.79 -48.29 -32.14
N SER A 4089 -53.06 -49.41 -31.46
CA SER A 4089 -53.99 -49.35 -30.34
C SER A 4089 -53.28 -48.72 -29.15
N LYS A 4090 -54.09 -48.21 -28.20
CA LYS A 4090 -53.54 -47.52 -27.04
C LYS A 4090 -52.67 -48.44 -26.16
N LYS A 4091 -53.13 -49.67 -25.91
CA LYS A 4091 -52.33 -50.63 -25.15
C LYS A 4091 -51.05 -51.02 -25.88
N ASP A 4092 -51.12 -51.15 -27.21
CA ASP A 4092 -49.93 -51.39 -28.02
C ASP A 4092 -48.96 -50.21 -27.94
N PHE A 4093 -49.49 -48.98 -27.93
CA PHE A 4093 -48.64 -47.80 -27.75
C PHE A 4093 -48.08 -47.74 -26.35
N GLN A 4094 -48.83 -48.25 -25.37
CA GLN A 4094 -48.40 -48.30 -23.98
C GLN A 4094 -47.16 -49.19 -23.85
N LYS A 4095 -47.21 -50.37 -24.46
CA LYS A 4095 -46.11 -51.33 -24.32
C LYS A 4095 -45.12 -51.26 -25.48
N ALA A 4096 -45.27 -50.28 -26.38
CA ALA A 4096 -44.37 -50.18 -27.53
C ALA A 4096 -43.17 -49.26 -27.26
N MET A 4097 -43.44 -48.01 -26.90
CA MET A 4097 -42.39 -47.01 -26.76
C MET A 4097 -41.54 -47.21 -25.51
N ASP A 4098 -42.05 -47.90 -24.48
CA ASP A 4098 -41.24 -48.14 -23.29
C ASP A 4098 -40.09 -49.13 -23.53
N SER A 4099 -40.09 -49.83 -24.67
CA SER A 4099 -38.96 -50.68 -25.04
C SER A 4099 -37.69 -49.88 -25.32
N GLN A 4100 -37.82 -48.59 -25.63
CA GLN A 4100 -36.63 -47.74 -25.79
C GLN A 4100 -35.98 -47.38 -24.46
N LYS A 4101 -36.67 -47.63 -23.33
CA LYS A 4101 -36.16 -47.40 -21.97
C LYS A 4101 -35.75 -45.95 -21.75
N GLN A 4102 -36.70 -45.05 -22.01
CA GLN A 4102 -36.43 -43.62 -21.96
C GLN A 4102 -37.44 -42.79 -21.18
N PHE A 4103 -38.65 -43.28 -20.95
CA PHE A 4103 -39.74 -42.45 -20.44
C PHE A 4103 -40.10 -42.81 -19.01
N THR A 4104 -40.35 -41.79 -18.20
CA THR A 4104 -40.85 -41.97 -16.84
C THR A 4104 -42.36 -42.05 -16.86
N GLY A 4105 -42.92 -42.71 -15.84
CA GLY A 4105 -44.32 -43.05 -15.71
C GLY A 4105 -45.40 -42.06 -16.15
N PRO A 4106 -45.42 -40.84 -15.60
CA PRO A 4106 -46.43 -39.86 -16.01
C PRO A 4106 -46.40 -39.49 -17.49
N GLU A 4107 -45.23 -39.59 -18.14
CA GLU A 4107 -45.10 -39.23 -19.54
C GLU A 4107 -45.90 -40.17 -20.43
N ILE A 4108 -45.89 -41.47 -20.13
CA ILE A 4108 -46.60 -42.45 -20.95
C ILE A 4108 -48.09 -42.16 -20.94
N GLN A 4109 -48.67 -42.00 -19.74
CA GLN A 4109 -50.10 -41.72 -19.61
C GLN A 4109 -50.47 -40.37 -20.21
N PHE A 4110 -49.63 -39.35 -19.99
CA PHE A 4110 -49.87 -38.03 -20.56
C PHE A 4110 -49.85 -38.07 -22.09
N LEU A 4111 -48.89 -38.79 -22.66
CA LEU A 4111 -48.83 -38.94 -24.11
C LEU A 4111 -49.99 -39.76 -24.66
N LEU A 4112 -50.44 -40.77 -23.91
CA LEU A 4112 -51.63 -41.52 -24.28
C LEU A 4112 -52.86 -40.62 -24.32
N SER A 4113 -53.00 -39.74 -23.34
CA SER A 4113 -54.10 -38.77 -23.33
C SER A 4113 -53.98 -37.79 -24.49
N CYS A 4114 -52.75 -37.33 -24.77
CA CYS A 4114 -52.51 -36.39 -25.87
C CYS A 4114 -52.83 -37.02 -27.22
N SER A 4115 -52.55 -38.31 -27.38
CA SER A 4115 -52.84 -39.02 -28.61
C SER A 4115 -54.34 -39.02 -28.90
N GLU A 4116 -54.69 -38.66 -30.15
CA GLU A 4116 -56.08 -38.54 -30.56
C GLU A 4116 -56.61 -39.92 -30.89
N ALA A 4117 -56.92 -40.67 -29.84
CA ALA A 4117 -57.55 -41.97 -30.00
C ALA A 4117 -58.96 -41.81 -30.54
N ASP A 4118 -59.32 -42.64 -31.50
CA ASP A 4118 -60.63 -42.60 -32.12
C ASP A 4118 -61.63 -43.38 -31.26
N GLU A 4119 -62.81 -43.66 -31.82
CA GLU A 4119 -63.80 -44.48 -31.14
C GLU A 4119 -63.31 -45.91 -30.90
N ASN A 4120 -62.31 -46.37 -31.65
CA ASN A 4120 -61.71 -47.68 -31.44
C ASN A 4120 -60.49 -47.64 -30.56
N GLU A 4121 -60.14 -46.47 -30.00
CA GLU A 4121 -58.89 -46.20 -29.27
C GLU A 4121 -57.67 -46.52 -30.12
N MET A 4122 -57.79 -46.35 -31.43
CA MET A 4122 -56.79 -46.79 -32.40
C MET A 4122 -56.01 -45.55 -32.81
N ILE A 4123 -54.86 -45.32 -32.15
CA ILE A 4123 -54.14 -44.05 -32.22
C ILE A 4123 -53.61 -43.81 -33.63
N ASN A 4124 -53.83 -42.60 -34.15
CA ASN A 4124 -53.31 -42.19 -35.45
C ASN A 4124 -51.98 -41.46 -35.25
N PHE A 4125 -50.92 -42.26 -35.06
CA PHE A 4125 -49.59 -41.71 -34.85
C PHE A 4125 -48.99 -41.14 -36.13
N GLU A 4126 -49.58 -41.45 -37.28
CA GLU A 4126 -49.08 -40.94 -38.55
C GLU A 4126 -49.22 -39.42 -38.63
N GLU A 4127 -50.39 -38.90 -38.24
CA GLU A 4127 -50.60 -37.46 -38.22
C GLU A 4127 -50.47 -36.86 -36.83
N PHE A 4128 -50.36 -37.69 -35.78
CA PHE A 4128 -50.17 -37.18 -34.43
C PHE A 4128 -48.87 -36.39 -34.30
N ALA A 4129 -47.78 -36.90 -34.87
CA ALA A 4129 -46.51 -36.20 -34.78
C ALA A 4129 -46.51 -34.95 -35.66
N ASN A 4130 -46.99 -35.09 -36.91
CA ASN A 4130 -46.96 -34.01 -37.88
C ASN A 4130 -47.96 -32.91 -37.55
N ARG A 4131 -48.85 -33.14 -36.58
CA ARG A 4131 -49.80 -32.12 -36.17
C ARG A 4131 -49.08 -30.89 -35.62
N PHE A 4132 -48.15 -31.12 -34.68
CA PHE A 4132 -47.51 -30.07 -33.91
C PHE A 4132 -46.00 -30.03 -34.05
N GLN A 4133 -45.38 -31.04 -34.67
CA GLN A 4133 -43.92 -31.18 -34.66
C GLN A 4133 -43.21 -30.01 -35.37
N GLU A 4134 -43.66 -29.68 -36.57
CA GLU A 4134 -42.99 -28.68 -37.40
C GLU A 4134 -42.93 -27.28 -36.80
N PRO A 4135 -44.02 -26.65 -36.30
CA PRO A 4135 -43.86 -25.32 -35.69
C PRO A 4135 -43.09 -25.31 -34.37
N ALA A 4136 -43.01 -26.42 -33.65
CA ALA A 4136 -42.31 -26.44 -32.37
C ALA A 4136 -40.79 -26.42 -32.51
N ARG A 4137 -40.29 -26.75 -33.71
CA ARG A 4137 -38.85 -26.81 -33.96
C ARG A 4137 -38.20 -25.45 -33.77
N ASP A 4138 -38.86 -24.39 -34.25
CA ASP A 4138 -38.29 -23.06 -34.22
C ASP A 4138 -38.11 -22.58 -32.78
N ILE A 4139 -39.13 -22.79 -31.95
CA ILE A 4139 -39.06 -22.38 -30.54
C ILE A 4139 -38.00 -23.18 -29.82
N GLY A 4140 -37.93 -24.50 -30.09
CA GLY A 4140 -36.88 -25.32 -29.48
C GLY A 4140 -35.49 -24.85 -29.87
N PHE A 4141 -35.34 -24.42 -31.13
CA PHE A 4141 -34.06 -23.88 -31.58
C PHE A 4141 -33.72 -22.60 -30.83
N ASN A 4142 -34.70 -21.70 -30.67
CA ASN A 4142 -34.44 -20.42 -30.04
C ASN A 4142 -34.06 -20.59 -28.58
N VAL A 4143 -34.78 -21.45 -27.84
CA VAL A 4143 -34.42 -21.66 -26.43
C VAL A 4143 -33.05 -22.35 -26.33
N ALA A 4144 -32.73 -23.25 -27.28
CA ALA A 4144 -31.41 -23.86 -27.31
C ALA A 4144 -30.30 -22.84 -27.52
N VAL A 4145 -30.54 -21.88 -28.43
CA VAL A 4145 -29.60 -20.79 -28.67
C VAL A 4145 -29.43 -19.93 -27.42
N LEU A 4146 -30.54 -19.62 -26.75
CA LEU A 4146 -30.51 -18.83 -25.52
C LEU A 4146 -29.69 -19.51 -24.44
N LEU A 4147 -29.93 -20.81 -24.23
CA LEU A 4147 -29.17 -21.57 -23.24
C LEU A 4147 -27.69 -21.65 -23.59
N THR A 4148 -27.37 -21.84 -24.88
CA THR A 4148 -25.98 -21.87 -25.31
C THR A 4148 -25.28 -20.54 -25.05
N ASN A 4149 -25.97 -19.44 -25.37
CA ASN A 4149 -25.42 -18.11 -25.16
C ASN A 4149 -25.18 -17.84 -23.68
N LEU A 4150 -26.15 -18.22 -22.84
CA LEU A 4150 -25.99 -18.03 -21.40
C LEU A 4150 -24.85 -18.89 -20.85
N SER A 4151 -24.73 -20.13 -21.34
CA SER A 4151 -23.69 -21.04 -20.87
C SER A 4151 -22.31 -20.47 -21.17
N GLU A 4152 -22.13 -19.91 -22.36
CA GLU A 4152 -20.83 -19.36 -22.70
C GLU A 4152 -20.55 -18.08 -21.93
N HIS A 4153 -21.55 -17.20 -21.79
CA HIS A 4153 -21.29 -15.93 -21.12
C HIS A 4153 -21.19 -16.06 -19.60
N VAL A 4154 -21.64 -17.18 -19.03
CA VAL A 4154 -21.44 -17.41 -17.61
C VAL A 4154 -21.21 -18.91 -17.39
N PRO A 4155 -19.98 -19.37 -17.57
CA PRO A 4155 -19.68 -20.79 -17.38
C PRO A 4155 -19.22 -21.18 -15.97
N HIS A 4156 -19.12 -20.24 -15.04
CA HIS A 4156 -18.66 -20.55 -13.70
C HIS A 4156 -19.79 -20.61 -12.69
N ASP A 4157 -20.96 -21.07 -13.11
CA ASP A 4157 -22.13 -21.19 -12.25
C ASP A 4157 -22.70 -22.60 -12.09
N PRO A 4158 -22.71 -23.12 -10.85
CA PRO A 4158 -23.26 -24.46 -10.60
C PRO A 4158 -24.72 -24.58 -10.95
N ARG A 4159 -25.48 -23.48 -10.81
CA ARG A 4159 -26.90 -23.53 -11.09
C ARG A 4159 -27.11 -23.84 -12.56
N LEU A 4160 -26.37 -23.16 -13.44
CA LEU A 4160 -26.52 -23.45 -14.87
C LEU A 4160 -25.94 -24.81 -15.21
N ARG A 4161 -24.94 -25.29 -14.44
CA ARG A 4161 -24.53 -26.69 -14.61
C ARG A 4161 -25.70 -27.63 -14.37
N ASN A 4162 -26.51 -27.34 -13.36
CA ASN A 4162 -27.73 -28.10 -13.13
C ASN A 4162 -28.71 -27.93 -14.29
N PHE A 4163 -28.84 -26.71 -14.81
CA PHE A 4163 -29.75 -26.50 -15.95
C PHE A 4163 -29.32 -27.27 -17.17
N LEU A 4164 -28.03 -27.28 -17.48
CA LEU A 4164 -27.56 -28.02 -18.65
C LEU A 4164 -27.77 -29.52 -18.48
N GLU A 4165 -27.54 -30.05 -17.27
CA GLU A 4165 -27.83 -31.48 -17.13
C GLU A 4165 -29.32 -31.79 -16.99
N LEU A 4166 -30.17 -30.78 -16.80
CA LEU A 4166 -31.61 -31.03 -16.92
C LEU A 4166 -32.14 -30.85 -18.34
N ALA A 4167 -31.62 -29.88 -19.08
CA ALA A 4167 -32.05 -29.57 -20.44
C ALA A 4167 -31.01 -29.97 -21.48
N GLU A 4168 -30.27 -31.05 -21.22
CA GLU A 4168 -29.27 -31.51 -22.18
C GLU A 4168 -29.91 -32.12 -23.41
N SER A 4169 -31.09 -32.74 -23.27
CA SER A 4169 -31.70 -33.55 -24.32
C SER A 4169 -32.05 -32.74 -25.57
N ILE A 4170 -32.47 -31.48 -25.39
CA ILE A 4170 -32.76 -30.63 -26.53
C ILE A 4170 -31.51 -30.32 -27.35
N LEU A 4171 -30.33 -30.30 -26.71
CA LEU A 4171 -29.11 -29.80 -27.34
C LEU A 4171 -28.68 -30.65 -28.53
N GLU A 4172 -28.52 -31.97 -28.34
CA GLU A 4172 -27.97 -32.82 -29.39
C GLU A 4172 -28.87 -32.89 -30.63
N TYR A 4173 -30.16 -32.57 -30.49
CA TYR A 4173 -30.99 -32.40 -31.67
C TYR A 4173 -30.61 -31.15 -32.45
N PHE A 4174 -29.87 -30.22 -31.84
CA PHE A 4174 -29.60 -28.94 -32.46
C PHE A 4174 -28.12 -28.61 -32.57
N ARG A 4175 -27.24 -29.53 -32.17
CA ARG A 4175 -25.83 -29.38 -32.52
C ARG A 4175 -25.60 -29.30 -34.03
N PRO A 4176 -26.16 -30.16 -34.91
CA PRO A 4176 -25.89 -29.99 -36.35
C PRO A 4176 -26.49 -28.73 -36.98
N TYR A 4177 -27.24 -27.90 -36.26
CA TYR A 4177 -27.88 -26.77 -36.88
C TYR A 4177 -27.55 -25.44 -36.21
N LEU A 4178 -26.98 -25.46 -35.01
CA LEU A 4178 -26.53 -24.23 -34.38
C LEU A 4178 -25.29 -23.71 -35.10
N GLY A 4179 -25.25 -22.41 -35.32
CA GLY A 4179 -24.12 -21.80 -36.01
C GLY A 4179 -23.58 -20.66 -35.18
N ARG A 4180 -22.25 -20.56 -35.16
CA ARG A 4180 -21.55 -19.61 -34.31
C ARG A 4180 -20.49 -18.89 -35.11
N ILE A 4181 -20.49 -17.57 -35.05
CA ILE A 4181 -19.43 -16.74 -35.61
C ILE A 4181 -19.06 -15.65 -34.61
N GLU A 4182 -17.85 -15.11 -34.75
CA GLU A 4182 -17.41 -13.98 -33.96
C GLU A 4182 -17.08 -12.80 -34.86
N ILE A 4183 -17.71 -11.65 -34.59
CA ILE A 4183 -17.49 -10.43 -35.37
C ILE A 4183 -17.00 -9.31 -34.47
N MET A 4184 -16.17 -8.44 -35.04
CA MET A 4184 -15.77 -7.23 -34.35
C MET A 4184 -16.88 -6.21 -34.58
N GLY A 4185 -17.66 -5.93 -33.55
CA GLY A 4185 -18.84 -5.09 -33.68
C GLY A 4185 -18.53 -3.61 -33.62
N ALA A 4186 -19.61 -2.82 -33.54
CA ALA A 4186 -19.50 -1.36 -33.49
C ALA A 4186 -18.75 -0.89 -32.25
N SER A 4187 -18.84 -1.63 -31.16
CA SER A 4187 -18.20 -1.29 -29.89
C SER A 4187 -16.72 -1.64 -29.88
N ARG A 4188 -16.19 -2.11 -31.02
CA ARG A 4188 -14.81 -2.61 -31.18
C ARG A 4188 -14.51 -3.76 -30.21
N ARG A 4189 -15.54 -4.50 -29.85
CA ARG A 4189 -15.43 -5.63 -28.93
C ARG A 4189 -16.07 -6.83 -29.61
N ILE A 4190 -15.32 -7.93 -29.71
CA ILE A 4190 -15.79 -9.10 -30.44
C ILE A 4190 -17.03 -9.70 -29.79
N GLU A 4191 -18.00 -10.04 -30.62
CA GLU A 4191 -19.30 -10.53 -30.18
C GLU A 4191 -19.66 -11.76 -30.99
N ARG A 4192 -20.36 -12.69 -30.35
CA ARG A 4192 -20.71 -13.96 -30.96
C ARG A 4192 -22.14 -13.92 -31.48
N ILE A 4193 -22.34 -14.37 -32.71
CA ILE A 4193 -23.64 -14.45 -33.36
C ILE A 4193 -23.98 -15.90 -33.61
N TYR A 4194 -25.26 -16.24 -33.42
CA TYR A 4194 -25.76 -17.59 -33.49
C TYR A 4194 -26.86 -17.64 -34.54
N PHE A 4195 -26.92 -18.75 -35.28
CA PHE A 4195 -27.83 -18.81 -36.42
C PHE A 4195 -28.24 -20.25 -36.68
N GLU A 4196 -29.10 -20.43 -37.67
CA GLU A 4196 -29.58 -21.74 -38.10
C GLU A 4196 -28.94 -22.17 -39.41
N ILE A 4197 -28.42 -23.39 -39.43
CA ILE A 4197 -27.88 -24.01 -40.64
C ILE A 4197 -28.84 -25.10 -41.07
N SER A 4198 -29.36 -24.99 -42.29
CA SER A 4198 -30.33 -25.97 -42.74
C SER A 4198 -29.65 -27.30 -43.06
N GLU A 4199 -30.46 -28.36 -43.07
CA GLU A 4199 -29.96 -29.69 -43.41
C GLU A 4199 -29.48 -29.76 -44.86
N THR A 4200 -30.21 -29.13 -45.79
CA THR A 4200 -29.82 -29.16 -47.20
C THR A 4200 -28.50 -28.44 -47.40
N ASN A 4201 -28.34 -27.28 -46.75
CA ASN A 4201 -27.12 -26.50 -46.91
C ASN A 4201 -25.95 -27.23 -46.29
N ARG A 4202 -26.17 -27.90 -45.15
CA ARG A 4202 -25.12 -28.71 -44.55
C ARG A 4202 -24.73 -29.86 -45.47
N ALA A 4203 -25.73 -30.45 -46.16
CA ALA A 4203 -25.49 -31.57 -47.06
C ALA A 4203 -24.62 -31.13 -48.22
N GLN A 4204 -25.01 -30.01 -48.86
CA GLN A 4204 -24.25 -29.54 -50.00
C GLN A 4204 -22.86 -29.07 -49.55
N TRP A 4205 -22.72 -28.66 -48.28
CA TRP A 4205 -21.41 -28.26 -47.79
C TRP A 4205 -20.50 -29.46 -47.72
N GLU A 4206 -21.04 -30.61 -47.30
CA GLU A 4206 -20.15 -31.78 -47.18
C GLU A 4206 -20.09 -32.56 -48.49
N MET A 4207 -20.77 -32.09 -49.53
CA MET A 4207 -20.74 -32.77 -50.82
C MET A 4207 -19.32 -32.73 -51.39
N PRO A 4208 -18.90 -33.77 -52.13
CA PRO A 4208 -17.48 -33.86 -52.56
C PRO A 4208 -17.00 -32.80 -53.52
N GLN A 4209 -17.82 -32.36 -54.49
CA GLN A 4209 -17.41 -31.29 -55.40
C GLN A 4209 -17.18 -29.98 -54.64
N VAL A 4210 -18.04 -29.67 -53.67
CA VAL A 4210 -17.89 -28.44 -52.89
C VAL A 4210 -16.62 -28.51 -52.05
N LYS A 4211 -16.31 -29.69 -51.51
CA LYS A 4211 -15.08 -29.88 -50.74
C LYS A 4211 -13.85 -29.69 -51.62
N GLU A 4212 -13.90 -30.20 -52.86
CA GLU A 4212 -12.80 -30.00 -53.80
C GLU A 4212 -12.64 -28.53 -54.14
N SER A 4213 -13.76 -27.81 -54.31
CA SER A 4213 -13.73 -26.37 -54.53
C SER A 4213 -13.07 -25.67 -53.35
N LYS A 4214 -13.41 -26.12 -52.13
CA LYS A 4214 -12.87 -25.52 -50.92
C LYS A 4214 -11.36 -25.71 -50.86
N ARG A 4215 -10.91 -26.93 -51.16
CA ARG A 4215 -9.49 -27.25 -51.09
C ARG A 4215 -8.70 -26.46 -52.13
N GLN A 4216 -9.29 -26.32 -53.33
CA GLN A 4216 -8.69 -25.49 -54.37
C GLN A 4216 -8.60 -24.05 -53.92
N PHE A 4217 -9.66 -23.54 -53.28
CA PHE A 4217 -9.69 -22.16 -52.83
C PHE A 4217 -8.62 -21.91 -51.77
N ILE A 4218 -8.53 -22.82 -50.80
CA ILE A 4218 -7.59 -22.68 -49.68
C ILE A 4218 -6.16 -22.70 -50.20
N PHE A 4219 -5.89 -23.60 -51.17
CA PHE A 4219 -4.57 -23.65 -51.78
C PHE A 4219 -4.27 -22.35 -52.51
N ASP A 4220 -5.26 -21.83 -53.25
CA ASP A 4220 -5.06 -20.63 -54.05
C ASP A 4220 -4.75 -19.41 -53.19
N VAL A 4221 -5.51 -19.21 -52.10
CA VAL A 4221 -5.23 -18.09 -51.22
C VAL A 4221 -3.91 -18.26 -50.47
N VAL A 4222 -3.63 -19.46 -49.93
CA VAL A 4222 -2.44 -19.62 -49.11
C VAL A 4222 -1.17 -19.56 -49.96
N ASN A 4223 -1.12 -20.33 -51.05
CA ASN A 4223 0.11 -20.38 -51.84
C ASN A 4223 0.31 -19.11 -52.67
N GLU A 4224 -0.71 -18.67 -53.39
CA GLU A 4224 -0.58 -17.52 -54.28
C GLU A 4224 -1.57 -16.46 -53.87
N GLY A 4225 -1.29 -15.81 -52.75
CA GLY A 4225 -2.20 -14.81 -52.22
C GLY A 4225 -1.50 -13.92 -51.23
N GLY A 4226 -2.10 -12.77 -50.97
CA GLY A 4226 -1.64 -11.88 -49.94
C GLY A 4226 -2.73 -11.71 -48.90
N GLU A 4227 -2.30 -11.51 -47.65
CA GLU A 4227 -3.22 -11.40 -46.52
C GLU A 4227 -4.13 -10.18 -46.61
N ALA A 4228 -3.71 -9.14 -47.36
CA ALA A 4228 -4.47 -7.90 -47.45
C ALA A 4228 -5.85 -8.12 -48.07
N GLU A 4229 -5.93 -8.95 -49.11
CA GLU A 4229 -7.16 -9.13 -49.87
C GLU A 4229 -7.84 -10.46 -49.55
N LYS A 4230 -7.37 -11.15 -48.51
CA LYS A 4230 -7.86 -12.49 -48.18
C LYS A 4230 -9.34 -12.48 -47.87
N MET A 4231 -9.82 -11.45 -47.15
CA MET A 4231 -11.22 -11.41 -46.76
C MET A 4231 -12.13 -11.23 -47.95
N GLU A 4232 -11.73 -10.36 -48.89
CA GLU A 4232 -12.49 -10.17 -50.12
C GLU A 4232 -12.52 -11.45 -50.95
N LEU A 4233 -11.37 -12.13 -51.04
CA LEU A 4233 -11.29 -13.39 -51.76
C LEU A 4233 -12.20 -14.43 -51.12
N PHE A 4234 -12.22 -14.45 -49.79
CA PHE A 4234 -13.05 -15.40 -49.05
C PHE A 4234 -14.53 -15.13 -49.32
N VAL A 4235 -14.94 -13.86 -49.25
CA VAL A 4235 -16.35 -13.52 -49.44
C VAL A 4235 -16.78 -13.85 -50.87
N SER A 4236 -15.89 -13.61 -51.83
CA SER A 4236 -16.17 -13.96 -53.22
C SER A 4236 -16.37 -15.46 -53.38
N PHE A 4237 -15.50 -16.26 -52.75
CA PHE A 4237 -15.63 -17.71 -52.78
C PHE A 4237 -16.94 -18.16 -52.13
N CYS A 4238 -17.32 -17.51 -51.03
CA CYS A 4238 -18.57 -17.90 -50.36
C CYS A 4238 -19.76 -17.55 -51.22
N GLU A 4239 -19.68 -16.46 -51.97
CA GLU A 4239 -20.82 -16.02 -52.77
C GLU A 4239 -21.01 -16.97 -53.94
N ASP A 4240 -19.89 -17.40 -54.54
CA ASP A 4240 -19.96 -18.38 -55.61
C ASP A 4240 -20.50 -19.70 -55.09
N THR A 4241 -20.08 -20.10 -53.89
CA THR A 4241 -20.55 -21.34 -53.28
C THR A 4241 -22.05 -21.29 -52.98
N ILE A 4242 -22.53 -20.16 -52.46
CA ILE A 4242 -23.96 -20.00 -52.19
C ILE A 4242 -24.77 -20.05 -53.48
N PHE A 4243 -24.23 -19.48 -54.55
CA PHE A 4243 -24.90 -19.57 -55.85
C PHE A 4243 -24.94 -21.02 -56.33
N GLU A 4244 -23.84 -21.75 -56.12
CA GLU A 4244 -23.78 -23.15 -56.52
C GLU A 4244 -24.79 -23.97 -55.75
N MET A 4245 -24.94 -23.68 -54.45
CA MET A 4245 -25.96 -24.33 -53.63
C MET A 4245 -27.35 -24.06 -54.18
N GLN A 4246 -27.58 -22.82 -54.64
CA GLN A 4246 -28.89 -22.48 -55.18
C GLN A 4246 -29.16 -23.27 -56.45
N ILE A 4247 -28.13 -23.38 -57.31
CA ILE A 4247 -28.26 -24.09 -58.58
C ILE A 4247 -28.56 -25.56 -58.32
N ALA A 4248 -27.83 -26.15 -57.35
CA ALA A 4248 -28.02 -27.55 -57.00
C ALA A 4248 -29.42 -27.78 -56.47
N ALA A 4249 -29.91 -26.86 -55.62
CA ALA A 4249 -31.24 -26.98 -55.04
C ALA A 4249 -32.32 -26.95 -56.12
N GLN A 4250 -32.18 -26.01 -57.08
CA GLN A 4250 -33.19 -25.89 -58.13
C GLN A 4250 -33.20 -27.14 -59.02
N ILE A 4251 -32.03 -27.61 -59.43
CA ILE A 4251 -31.99 -28.78 -60.31
C ILE A 4251 -32.36 -30.07 -59.58
N SER A 4252 -32.21 -30.10 -58.25
CA SER A 4252 -32.43 -31.32 -57.47
C SER A 4252 -33.83 -31.87 -57.62
N GLU A 4253 -33.93 -33.20 -57.72
CA GLU A 4253 -35.19 -33.88 -57.95
C GLU A 4253 -35.63 -34.63 -56.70
N PRO A 4254 -36.83 -34.40 -56.19
CA PRO A 4254 -37.35 -35.13 -55.02
C PRO A 4254 -37.85 -36.52 -55.39
N PHE A 4540 -49.92 -30.04 -76.06
CA PHE A 4540 -48.54 -30.53 -76.12
C PHE A 4540 -47.60 -29.50 -75.52
N TRP A 4541 -48.05 -28.24 -75.52
CA TRP A 4541 -47.26 -27.17 -74.90
C TRP A 4541 -47.14 -27.36 -73.39
N GLY A 4542 -48.22 -27.83 -72.75
CA GLY A 4542 -48.15 -28.09 -71.32
C GLY A 4542 -47.19 -29.21 -70.97
N GLU A 4543 -47.25 -30.32 -71.72
CA GLU A 4543 -46.33 -31.43 -71.52
C GLU A 4543 -44.89 -31.05 -71.84
N LEU A 4544 -44.72 -30.11 -72.79
CA LEU A 4544 -43.40 -29.70 -73.25
C LEU A 4544 -42.56 -29.14 -72.11
N GLU A 4545 -43.19 -28.31 -71.25
CA GLU A 4545 -42.48 -27.77 -70.09
C GLU A 4545 -42.04 -28.88 -69.14
N VAL A 4546 -42.92 -29.87 -68.92
CA VAL A 4546 -42.66 -30.96 -67.97
C VAL A 4546 -41.45 -31.74 -68.44
N GLN A 4547 -41.52 -32.24 -69.68
CA GLN A 4547 -40.44 -33.06 -70.24
C GLN A 4547 -39.15 -32.27 -70.32
N ARG A 4548 -39.23 -31.01 -70.79
CA ARG A 4548 -38.03 -30.20 -70.98
C ARG A 4548 -37.30 -29.94 -69.67
N VAL A 4549 -38.02 -29.55 -68.62
CA VAL A 4549 -37.34 -29.31 -67.34
C VAL A 4549 -36.86 -30.62 -66.72
N LYS A 4550 -37.63 -31.72 -66.88
CA LYS A 4550 -37.22 -32.99 -66.28
C LYS A 4550 -35.93 -33.47 -66.94
N PHE A 4551 -35.88 -33.35 -68.27
CA PHE A 4551 -34.72 -33.76 -69.05
C PHE A 4551 -33.52 -32.92 -68.66
N LEU A 4552 -33.70 -31.58 -68.64
CA LEU A 4552 -32.61 -30.67 -68.36
C LEU A 4552 -32.03 -30.91 -66.96
N ASN A 4553 -32.91 -31.16 -65.98
CA ASN A 4553 -32.45 -31.46 -64.62
C ASN A 4553 -31.72 -32.78 -64.55
N TYR A 4554 -32.19 -33.79 -65.30
CA TYR A 4554 -31.49 -35.06 -65.36
C TYR A 4554 -30.10 -34.93 -65.96
N LEU A 4555 -29.99 -34.14 -67.05
CA LEU A 4555 -28.69 -33.88 -67.66
C LEU A 4555 -27.76 -33.13 -66.71
N SER A 4556 -28.30 -32.12 -66.01
CA SER A 4556 -27.48 -31.32 -65.11
C SER A 4556 -27.00 -32.14 -63.93
N ARG A 4557 -27.87 -32.99 -63.39
CA ARG A 4557 -27.48 -33.83 -62.26
C ARG A 4557 -26.47 -34.88 -62.69
N ASN A 4558 -26.60 -35.40 -63.91
CA ASN A 4558 -25.75 -36.49 -64.37
C ASN A 4558 -24.77 -36.01 -65.44
N PHE A 4559 -24.26 -34.79 -65.29
CA PHE A 4559 -23.22 -34.30 -66.19
C PHE A 4559 -21.91 -35.07 -66.04
N TYR A 4560 -21.50 -35.33 -64.80
CA TYR A 4560 -20.20 -35.96 -64.55
C TYR A 4560 -20.17 -37.41 -65.04
N THR A 4561 -21.29 -38.10 -64.92
CA THR A 4561 -21.39 -39.47 -65.41
C THR A 4561 -21.30 -39.53 -66.93
N LEU A 4562 -21.90 -38.56 -67.63
CA LEU A 4562 -21.75 -38.51 -69.08
C LEU A 4562 -20.31 -38.25 -69.50
N ARG A 4563 -19.59 -37.42 -68.75
CA ARG A 4563 -18.17 -37.19 -69.04
C ARG A 4563 -17.35 -38.46 -68.85
N PHE A 4564 -17.64 -39.21 -67.78
CA PHE A 4564 -16.99 -40.49 -67.56
C PHE A 4564 -17.38 -41.50 -68.63
N LEU A 4565 -18.64 -41.48 -69.05
CA LEU A 4565 -19.15 -42.37 -70.07
C LEU A 4565 -18.43 -42.10 -71.38
N ALA A 4566 -18.25 -40.82 -71.70
CA ALA A 4566 -17.61 -40.42 -72.95
C ALA A 4566 -16.16 -40.89 -72.97
N LEU A 4567 -15.48 -40.81 -71.82
CA LEU A 4567 -14.12 -41.35 -71.75
C LEU A 4567 -14.08 -42.87 -71.93
N PHE A 4568 -15.10 -43.56 -71.39
CA PHE A 4568 -15.23 -45.00 -71.60
C PHE A 4568 -15.46 -45.29 -73.08
N LEU A 4569 -16.32 -44.50 -73.71
CA LEU A 4569 -16.68 -44.66 -75.11
C LEU A 4569 -15.43 -44.47 -75.96
N ALA A 4570 -14.61 -43.46 -75.63
CA ALA A 4570 -13.42 -43.17 -76.43
C ALA A 4570 -12.47 -44.35 -76.38
N PHE A 4571 -12.30 -44.93 -75.18
CA PHE A 4571 -11.42 -46.10 -75.07
C PHE A 4571 -11.96 -47.26 -75.87
N ALA A 4572 -13.29 -47.47 -75.81
CA ALA A 4572 -13.91 -48.58 -76.54
C ALA A 4572 -13.75 -48.44 -78.04
N ILE A 4573 -13.92 -47.22 -78.57
CA ILE A 4573 -13.76 -46.98 -79.99
C ILE A 4573 -12.31 -47.19 -80.42
N ASN A 4574 -11.36 -46.67 -79.64
CA ASN A 4574 -9.95 -46.87 -79.95
C ASN A 4574 -9.56 -48.35 -79.91
N PHE A 4575 -10.09 -49.08 -78.92
CA PHE A 4575 -9.91 -50.53 -78.84
C PHE A 4575 -10.41 -51.20 -80.12
N ILE A 4576 -11.61 -50.80 -80.58
CA ILE A 4576 -12.15 -51.35 -81.81
C ILE A 4576 -11.24 -50.97 -82.98
N LEU A 4577 -10.67 -49.75 -82.92
CA LEU A 4577 -9.86 -49.21 -84.01
C LEU A 4577 -8.51 -49.87 -84.09
N LEU A 4578 -8.19 -50.72 -83.11
CA LEU A 4578 -6.92 -51.44 -83.09
C LEU A 4578 -6.99 -52.73 -83.87
N PHE A 4579 -8.03 -52.89 -84.70
CA PHE A 4579 -8.19 -54.02 -85.60
C PHE A 4579 -8.41 -53.55 -87.03
N TYR A 4580 -7.98 -52.33 -87.35
CA TYR A 4580 -8.11 -51.77 -88.68
C TYR A 4580 -6.97 -52.24 -89.58
N LYS A 4581 -7.12 -51.99 -90.87
CA LYS A 4581 -6.15 -52.43 -91.86
C LYS A 4581 -6.34 -51.60 -93.12
N VAL A 4582 -5.49 -51.85 -94.10
CA VAL A 4582 -5.62 -51.24 -95.41
C VAL A 4582 -5.19 -52.25 -96.48
N SER A 4583 -5.87 -52.22 -97.62
CA SER A 4583 -5.59 -53.15 -98.71
C SER A 4583 -5.79 -52.46 -100.04
N ASP A 4584 -4.91 -52.75 -100.99
CA ASP A 4584 -5.10 -52.29 -102.36
C ASP A 4584 -6.31 -52.96 -102.99
N SER A 4585 -6.52 -54.24 -102.68
CA SER A 4585 -7.73 -54.93 -103.10
C SER A 4585 -8.92 -54.45 -102.26
N PRO A 4586 -10.13 -54.48 -102.81
CA PRO A 4586 -11.30 -54.10 -102.01
C PRO A 4586 -11.57 -55.15 -100.96
N PRO A 4587 -12.20 -54.77 -99.81
CA PRO A 4587 -12.59 -55.59 -98.65
C PRO A 4587 -13.03 -57.04 -98.90
N ASN A 4626 -2.99 -46.65 -106.86
CA ASN A 4626 -4.01 -47.61 -106.48
C ASN A 4626 -4.87 -47.07 -105.35
N MET A 4627 -6.19 -47.24 -105.46
CA MET A 4627 -7.09 -46.85 -104.39
C MET A 4627 -6.85 -47.72 -103.16
N VAL A 4628 -6.66 -47.07 -102.02
CA VAL A 4628 -6.43 -47.75 -100.75
C VAL A 4628 -7.77 -47.91 -100.05
N TYR A 4629 -8.07 -49.13 -99.60
CA TYR A 4629 -9.29 -49.37 -98.84
C TYR A 4629 -8.90 -49.61 -97.39
N TYR A 4630 -9.48 -48.84 -96.49
CA TYR A 4630 -9.27 -49.00 -95.06
C TYR A 4630 -10.42 -49.84 -94.53
N PHE A 4631 -10.10 -51.05 -94.08
CA PHE A 4631 -11.13 -51.99 -93.64
C PHE A 4631 -10.86 -52.52 -92.24
N LEU A 4632 -11.87 -52.45 -91.39
CA LEU A 4632 -11.77 -53.07 -90.07
C LEU A 4632 -11.82 -54.58 -90.29
N GLU A 4633 -10.91 -55.31 -89.65
CA GLU A 4633 -10.83 -56.76 -89.87
C GLU A 4633 -10.89 -57.52 -88.56
N GLU A 4634 -11.95 -58.31 -88.39
CA GLU A 4634 -12.04 -59.19 -87.24
C GLU A 4634 -12.90 -60.40 -87.62
N SER A 4635 -12.69 -61.49 -86.88
CA SER A 4635 -13.37 -62.74 -87.16
C SER A 4635 -14.87 -62.69 -86.81
N THR A 4636 -15.20 -62.13 -85.64
CA THR A 4636 -16.57 -62.15 -85.13
C THR A 4636 -17.56 -61.42 -86.02
N GLY A 4637 -17.18 -60.29 -86.59
CA GLY A 4637 -18.05 -59.55 -87.47
C GLY A 4637 -19.04 -58.66 -86.76
N TYR A 4638 -19.04 -58.64 -85.43
CA TYR A 4638 -19.93 -57.81 -84.63
C TYR A 4638 -19.35 -56.43 -84.39
N MET A 4639 -18.05 -56.27 -84.64
CA MET A 4639 -17.37 -55.03 -84.30
C MET A 4639 -17.79 -53.87 -85.19
N GLU A 4640 -18.02 -54.11 -86.48
CA GLU A 4640 -18.54 -53.02 -87.31
C GLU A 4640 -19.92 -52.52 -86.85
N PRO A 4641 -20.91 -53.39 -86.49
CA PRO A 4641 -22.14 -52.86 -85.87
C PRO A 4641 -21.86 -52.12 -84.57
N ALA A 4642 -20.93 -52.68 -83.77
CA ALA A 4642 -20.54 -52.05 -82.51
C ALA A 4642 -19.98 -50.66 -82.76
N LEU A 4643 -19.14 -50.51 -83.79
CA LEU A 4643 -18.52 -49.23 -84.10
C LEU A 4643 -19.57 -48.22 -84.51
N TRP A 4644 -20.49 -48.64 -85.38
CA TRP A 4644 -21.56 -47.76 -85.86
C TRP A 4644 -22.40 -47.24 -84.68
N CYS A 4645 -22.92 -48.17 -83.87
CA CYS A 4645 -23.79 -47.80 -82.76
C CYS A 4645 -23.04 -46.97 -81.72
N LEU A 4646 -21.84 -47.42 -81.34
CA LEU A 4646 -21.06 -46.73 -80.32
C LEU A 4646 -20.65 -45.33 -80.76
N SER A 4647 -20.35 -45.14 -82.05
CA SER A 4647 -20.05 -43.80 -82.55
C SER A 4647 -21.28 -42.89 -82.53
N LEU A 4648 -22.45 -43.44 -82.87
CA LEU A 4648 -23.69 -42.66 -82.77
C LEU A 4648 -24.00 -42.30 -81.32
N LEU A 4649 -23.74 -43.25 -80.42
CA LEU A 4649 -23.88 -43.03 -78.99
C LEU A 4649 -22.92 -41.95 -78.52
N HIS A 4650 -21.67 -42.00 -79.01
CA HIS A 4650 -20.65 -41.05 -78.55
C HIS A 4650 -21.04 -39.65 -78.92
N THR A 4651 -21.50 -39.47 -80.17
CA THR A 4651 -21.89 -38.14 -80.64
C THR A 4651 -23.07 -37.63 -79.81
N LEU A 4652 -24.05 -38.50 -79.53
CA LEU A 4652 -25.20 -38.11 -78.73
C LEU A 4652 -24.81 -37.76 -77.30
N VAL A 4653 -23.94 -38.56 -76.69
CA VAL A 4653 -23.41 -38.31 -75.35
C VAL A 4653 -22.64 -36.98 -75.31
N ALA A 4654 -21.92 -36.66 -76.39
CA ALA A 4654 -21.20 -35.38 -76.45
C ALA A 4654 -22.17 -34.22 -76.48
N PHE A 4655 -23.26 -34.36 -77.24
CA PHE A 4655 -24.30 -33.33 -77.26
C PHE A 4655 -24.89 -33.16 -75.86
N LEU A 4656 -25.13 -34.28 -75.19
CA LEU A 4656 -25.71 -34.25 -73.84
C LEU A 4656 -24.77 -33.56 -72.87
N CYS A 4657 -23.46 -33.74 -73.06
CA CYS A 4657 -22.47 -33.06 -72.23
C CYS A 4657 -22.48 -31.55 -72.43
N ILE A 4658 -22.62 -31.08 -73.69
CA ILE A 4658 -22.69 -29.63 -73.90
C ILE A 4658 -23.96 -29.04 -73.30
N ILE A 4659 -25.10 -29.73 -73.44
CA ILE A 4659 -26.32 -29.24 -72.81
C ILE A 4659 -26.23 -29.25 -71.30
N GLY A 4660 -25.61 -30.30 -70.71
CA GLY A 4660 -25.38 -30.30 -69.27
C GLY A 4660 -24.48 -29.17 -68.82
N TYR A 4661 -23.49 -28.84 -69.65
CA TYR A 4661 -22.57 -27.76 -69.31
C TYR A 4661 -23.30 -26.44 -69.29
N ASN A 4662 -24.13 -26.20 -70.32
CA ASN A 4662 -24.85 -24.94 -70.43
C ASN A 4662 -25.83 -24.79 -69.27
N CYS A 4663 -26.51 -25.89 -68.89
CA CYS A 4663 -27.49 -25.79 -67.82
C CYS A 4663 -26.86 -25.91 -66.44
N LEU A 4664 -25.54 -26.06 -66.34
CA LEU A 4664 -24.96 -26.29 -65.01
C LEU A 4664 -23.83 -25.32 -64.68
N LYS A 4665 -22.79 -25.26 -65.51
CA LYS A 4665 -21.61 -24.47 -65.17
C LYS A 4665 -21.70 -23.05 -65.69
N VAL A 4666 -22.38 -22.86 -66.83
CA VAL A 4666 -22.51 -21.51 -67.40
C VAL A 4666 -23.16 -20.50 -66.48
N PRO A 4667 -24.27 -20.78 -65.75
CA PRO A 4667 -24.82 -19.77 -64.82
C PRO A 4667 -23.86 -19.26 -63.76
N LEU A 4668 -22.93 -20.08 -63.28
CA LEU A 4668 -21.93 -19.57 -62.34
C LEU A 4668 -20.95 -18.61 -63.01
N VAL A 4669 -20.67 -18.82 -64.29
CA VAL A 4669 -19.83 -17.88 -65.03
C VAL A 4669 -20.55 -16.56 -65.22
N ILE A 4670 -21.84 -16.63 -65.57
CA ILE A 4670 -22.66 -15.45 -65.77
C ILE A 4670 -22.80 -14.68 -64.47
N PHE A 4671 -22.97 -15.41 -63.36
CA PHE A 4671 -23.01 -14.82 -62.03
C PHE A 4671 -21.72 -14.10 -61.71
N LYS A 4672 -20.58 -14.75 -61.99
CA LYS A 4672 -19.28 -14.17 -61.67
C LYS A 4672 -19.06 -12.90 -62.46
N ARG A 4673 -19.46 -12.90 -63.73
CA ARG A 4673 -19.30 -11.72 -64.57
C ARG A 4673 -20.21 -10.58 -64.14
N GLU A 4674 -21.48 -10.88 -63.80
CA GLU A 4674 -22.36 -9.83 -63.31
C GLU A 4674 -21.89 -9.28 -61.97
N LYS A 4675 -21.37 -10.15 -61.10
CA LYS A 4675 -20.86 -9.70 -59.80
C LYS A 4675 -19.68 -8.75 -59.96
N GLU A 4676 -18.71 -9.13 -60.81
CA GLU A 4676 -17.54 -8.26 -61.00
C GLU A 4676 -17.96 -6.95 -61.67
N LEU A 4677 -18.91 -7.04 -62.63
CA LEU A 4677 -19.35 -5.84 -63.32
C LEU A 4677 -20.05 -4.90 -62.36
N ALA A 4678 -20.90 -5.44 -61.48
CA ALA A 4678 -21.64 -4.63 -60.54
C ALA A 4678 -20.70 -3.93 -59.58
N ARG A 4679 -19.63 -4.61 -59.16
CA ARG A 4679 -18.73 -3.97 -58.20
C ARG A 4679 -17.81 -2.97 -58.90
N LYS A 4680 -17.48 -3.21 -60.16
CA LYS A 4680 -16.70 -2.22 -60.91
C LYS A 4680 -17.55 -0.99 -61.20
N LEU A 4681 -18.81 -1.19 -61.56
CA LEU A 4681 -19.72 -0.08 -61.80
C LEU A 4681 -19.97 0.74 -60.54
N GLU A 4682 -20.11 0.09 -59.40
CA GLU A 4682 -20.52 0.83 -58.20
C GLU A 4682 -19.33 1.29 -57.37
N PHE A 4683 -18.43 0.39 -57.00
CA PHE A 4683 -17.35 0.74 -56.09
C PHE A 4683 -16.10 1.19 -56.82
N ASP A 4684 -16.09 1.17 -58.14
CA ASP A 4684 -14.98 1.72 -58.90
C ASP A 4684 -15.37 2.81 -59.87
N GLY A 4685 -16.65 2.89 -60.28
CA GLY A 4685 -17.05 3.85 -61.29
C GLY A 4685 -16.34 3.73 -62.61
N LEU A 4686 -16.09 2.49 -63.07
CA LEU A 4686 -15.23 2.27 -64.24
C LEU A 4686 -15.78 2.92 -65.51
N TYR A 4687 -17.03 2.61 -65.86
CA TYR A 4687 -17.60 3.19 -67.07
C TYR A 4687 -17.93 4.66 -66.88
N ILE A 4688 -18.38 5.03 -65.68
CA ILE A 4688 -18.73 6.42 -65.39
C ILE A 4688 -17.53 7.35 -65.48
N THR A 4689 -16.39 6.95 -64.90
CA THR A 4689 -15.24 7.85 -64.90
C THR A 4689 -14.00 7.32 -65.59
N GLU A 4690 -13.52 6.12 -65.20
CA GLU A 4690 -12.24 5.63 -65.70
C GLU A 4690 -12.25 5.33 -67.20
N GLN A 4691 -13.33 4.71 -67.73
CA GLN A 4691 -13.48 4.29 -69.14
C GLN A 4691 -12.45 3.28 -69.64
N PRO A 4692 -12.87 2.02 -69.86
CA PRO A 4692 -11.98 0.99 -70.39
C PRO A 4692 -11.22 1.43 -71.64
N GLY A 4693 -9.94 1.06 -71.69
CA GLY A 4693 -9.02 1.60 -72.68
C GLY A 4693 -9.39 1.31 -74.13
N ASP A 4694 -9.70 0.03 -74.44
CA ASP A 4694 -10.05 -0.66 -75.71
C ASP A 4694 -9.32 -1.98 -75.76
N ASP A 4695 -8.06 -1.99 -75.29
CA ASP A 4695 -7.25 -3.21 -75.27
C ASP A 4695 -7.89 -4.32 -74.44
N ASP A 4696 -8.54 -3.96 -73.34
CA ASP A 4696 -9.23 -4.96 -72.54
C ASP A 4696 -10.53 -5.28 -73.28
N VAL A 4697 -10.62 -6.49 -73.83
CA VAL A 4697 -11.77 -6.83 -74.66
C VAL A 4697 -12.98 -7.12 -73.78
N LYS A 4698 -12.73 -7.52 -72.53
CA LYS A 4698 -13.81 -7.90 -71.61
C LYS A 4698 -14.69 -6.70 -71.33
N GLY A 4699 -14.08 -5.55 -71.05
CA GLY A 4699 -14.84 -4.34 -70.76
C GLY A 4699 -15.65 -3.89 -71.97
N GLN A 4700 -15.05 -4.00 -73.16
CA GLN A 4700 -15.71 -3.59 -74.40
C GLN A 4700 -16.94 -4.45 -74.64
N TRP A 4701 -16.82 -5.76 -74.41
CA TRP A 4701 -17.99 -6.62 -74.55
C TRP A 4701 -19.02 -6.28 -73.49
N ASP A 4702 -18.56 -5.98 -72.27
CA ASP A 4702 -19.45 -5.69 -71.16
C ASP A 4702 -20.22 -4.40 -71.35
N ARG A 4703 -19.76 -3.50 -72.23
CA ARG A 4703 -20.46 -2.22 -72.44
C ARG A 4703 -21.89 -2.42 -72.93
N LEU A 4704 -22.15 -3.51 -73.65
CA LEU A 4704 -23.44 -3.74 -74.28
C LEU A 4704 -24.54 -4.17 -73.31
N VAL A 4705 -24.18 -4.67 -72.13
CA VAL A 4705 -25.18 -5.25 -71.24
C VAL A 4705 -25.75 -4.19 -70.30
N LEU A 4706 -25.06 -3.03 -70.18
CA LEU A 4706 -25.44 -2.01 -69.20
C LEU A 4706 -26.83 -1.45 -69.45
N ASN A 4707 -27.16 -1.18 -70.71
CA ASN A 4707 -28.42 -0.51 -71.02
C ASN A 4707 -29.61 -1.47 -71.08
N THR A 4708 -29.41 -2.76 -70.83
CA THR A 4708 -30.47 -3.73 -70.99
C THR A 4708 -31.44 -3.65 -69.80
N PRO A 4709 -32.69 -4.13 -69.98
CA PRO A 4709 -33.61 -4.17 -68.85
C PRO A 4709 -33.26 -5.22 -67.79
N SER A 4710 -32.37 -6.16 -68.08
CA SER A 4710 -32.09 -7.24 -67.15
C SER A 4710 -30.58 -7.46 -67.05
N PHE A 4711 -29.87 -6.42 -66.64
CA PHE A 4711 -28.45 -6.54 -66.38
C PHE A 4711 -28.12 -7.44 -65.17
N PRO A 4712 -28.83 -7.34 -64.00
CA PRO A 4712 -28.55 -8.33 -62.96
C PRO A 4712 -29.60 -9.42 -62.92
N SER A 4713 -29.36 -10.51 -63.65
CA SER A 4713 -30.34 -11.57 -63.73
C SER A 4713 -30.01 -12.76 -62.85
N ASN A 4714 -28.73 -13.09 -62.67
CA ASN A 4714 -28.38 -14.17 -61.76
C ASN A 4714 -27.86 -13.68 -60.43
N TYR A 4715 -27.15 -12.56 -60.42
CA TYR A 4715 -26.70 -11.95 -59.18
C TYR A 4715 -27.90 -11.44 -58.39
N TRP A 4716 -27.92 -11.71 -57.09
CA TRP A 4716 -29.01 -11.23 -56.24
C TRP A 4716 -28.72 -9.82 -55.73
N ASP A 4717 -28.68 -8.89 -56.68
CA ASP A 4717 -28.49 -7.48 -56.38
C ASP A 4717 -29.28 -6.63 -57.37
N LYS A 4718 -30.62 -6.78 -57.33
CA LYS A 4718 -31.50 -6.10 -58.29
C LYS A 4718 -31.48 -4.58 -58.16
N PHE A 4719 -31.00 -4.04 -57.05
CA PHE A 4719 -31.00 -2.62 -56.81
C PHE A 4719 -29.70 -1.96 -57.26
N VAL A 4720 -28.96 -2.62 -58.16
CA VAL A 4720 -27.64 -2.15 -58.55
C VAL A 4720 -27.76 -0.85 -59.35
N LYS A 4721 -28.80 -0.72 -60.18
CA LYS A 4721 -28.97 0.48 -61.01
C LYS A 4721 -29.19 1.68 -60.11
N ARG A 4722 -30.05 1.49 -59.09
CA ARG A 4722 -30.33 2.54 -58.13
C ARG A 4722 -29.08 2.89 -57.33
N LYS A 4723 -28.24 1.89 -57.03
CA LYS A 4723 -27.07 2.20 -56.21
C LYS A 4723 -26.00 2.92 -57.01
N VAL A 4724 -25.88 2.64 -58.32
CA VAL A 4724 -24.98 3.43 -59.16
C VAL A 4724 -25.51 4.85 -59.29
N LEU A 4725 -26.84 4.99 -59.39
CA LEU A 4725 -27.47 6.31 -59.48
C LEU A 4725 -27.18 7.12 -58.22
N ASP A 4726 -27.30 6.48 -57.06
CA ASP A 4726 -27.05 7.19 -55.81
C ASP A 4726 -25.57 7.54 -55.68
N LYS A 4727 -24.68 6.59 -56.00
CA LYS A 4727 -23.25 6.79 -55.78
C LYS A 4727 -22.66 7.88 -56.67
N HIS A 4728 -22.91 7.83 -57.99
CA HIS A 4728 -22.26 8.80 -58.88
C HIS A 4728 -23.21 9.70 -59.66
N GLY A 4729 -24.53 9.57 -59.46
CA GLY A 4729 -25.47 10.35 -60.24
C GLY A 4729 -25.36 11.85 -60.04
N ASP A 4730 -25.13 12.29 -58.80
CA ASP A 4730 -25.10 13.72 -58.50
C ASP A 4730 -23.94 14.44 -59.18
N ILE A 4731 -22.74 13.87 -59.11
CA ILE A 4731 -21.59 14.48 -59.78
C ILE A 4731 -21.70 14.33 -61.30
N PHE A 4732 -21.95 13.11 -61.79
CA PHE A 4732 -21.93 12.87 -63.23
C PHE A 4732 -23.14 13.47 -63.94
N GLY A 4733 -24.30 13.42 -63.32
CA GLY A 4733 -25.55 13.82 -63.93
C GLY A 4733 -26.56 12.69 -63.88
N ARG A 4734 -27.81 13.04 -64.19
CA ARG A 4734 -28.87 12.06 -64.07
C ARG A 4734 -29.24 11.42 -65.40
N GLU A 4735 -29.37 12.25 -66.44
CA GLU A 4735 -29.66 11.74 -67.78
C GLU A 4735 -28.53 10.85 -68.29
N ARG A 4736 -27.28 11.19 -67.97
CA ARG A 4736 -26.12 10.44 -68.47
C ARG A 4736 -26.18 9.00 -67.97
N ILE A 4737 -26.43 8.83 -66.67
CA ILE A 4737 -26.48 7.50 -66.08
C ILE A 4737 -27.74 6.78 -66.52
N ALA A 4738 -28.86 7.52 -66.63
CA ALA A 4738 -30.11 6.89 -67.03
C ALA A 4738 -30.03 6.36 -68.46
N GLU A 4739 -29.38 7.13 -69.34
CA GLU A 4739 -29.13 6.71 -70.71
C GLU A 4739 -28.18 5.51 -70.74
N LEU A 4740 -27.10 5.56 -69.95
CA LEU A 4740 -26.11 4.48 -69.96
C LEU A 4740 -26.69 3.17 -69.45
N LEU A 4741 -27.44 3.22 -68.37
CA LEU A 4741 -27.99 2.04 -67.73
C LEU A 4741 -29.40 1.71 -68.19
N GLY A 4742 -29.94 2.47 -69.13
CA GLY A 4742 -31.28 2.22 -69.68
C GLY A 4742 -32.38 2.22 -68.64
N MET A 4743 -32.27 3.10 -67.63
CA MET A 4743 -33.27 3.24 -66.60
C MET A 4743 -34.15 4.46 -66.86
N ASP A 4744 -35.46 4.27 -66.76
CA ASP A 4744 -36.42 5.35 -66.93
C ASP A 4744 -36.50 6.14 -65.62
N LEU A 4745 -36.05 7.39 -65.65
CA LEU A 4745 -36.07 8.25 -64.46
C LEU A 4745 -37.48 8.55 -63.99
N ALA A 4746 -38.44 8.62 -64.94
CA ALA A 4746 -39.84 8.88 -64.60
C ALA A 4746 -40.42 7.79 -63.71
N SER A 4747 -40.13 6.52 -64.04
CA SER A 4747 -40.60 5.27 -63.41
C SER A 4747 -41.82 5.27 -62.48
N ASP A 4772 -34.87 -10.12 -75.03
CA ASP A 4772 -33.87 -9.08 -74.84
C ASP A 4772 -32.63 -9.50 -75.62
N VAL A 4773 -32.62 -9.06 -76.89
CA VAL A 4773 -31.63 -9.48 -77.88
C VAL A 4773 -30.23 -9.10 -77.44
N LYS A 4774 -30.05 -7.88 -76.93
CA LYS A 4774 -28.72 -7.40 -76.57
C LYS A 4774 -28.17 -8.21 -75.41
N TYR A 4775 -29.03 -8.51 -74.43
CA TYR A 4775 -28.60 -9.29 -73.27
C TYR A 4775 -28.21 -10.69 -73.69
N GLN A 4776 -29.03 -11.33 -74.54
CA GLN A 4776 -28.73 -12.70 -74.97
C GLN A 4776 -27.44 -12.72 -75.79
N ILE A 4777 -27.22 -11.71 -76.64
CA ILE A 4777 -26.00 -11.60 -77.43
C ILE A 4777 -24.79 -11.50 -76.51
N TRP A 4778 -24.90 -10.68 -75.45
CA TRP A 4778 -23.79 -10.52 -74.51
C TRP A 4778 -23.53 -11.83 -73.78
N LYS A 4779 -24.61 -12.50 -73.36
CA LYS A 4779 -24.51 -13.74 -72.60
C LYS A 4779 -23.82 -14.80 -73.46
N PHE A 4780 -24.24 -14.92 -74.73
CA PHE A 4780 -23.65 -15.90 -75.63
C PHE A 4780 -22.20 -15.58 -75.90
N GLY A 4781 -21.83 -14.29 -75.88
CA GLY A 4781 -20.44 -13.92 -76.04
C GLY A 4781 -19.61 -14.42 -74.88
N VAL A 4782 -20.13 -14.24 -73.65
CA VAL A 4782 -19.47 -14.78 -72.46
C VAL A 4782 -19.36 -16.30 -72.56
N ILE A 4783 -20.40 -16.93 -73.10
CA ILE A 4783 -20.41 -18.38 -73.27
C ILE A 4783 -19.34 -18.78 -74.29
N PHE A 4784 -19.17 -17.97 -75.32
CA PHE A 4784 -18.28 -18.28 -76.43
C PHE A 4784 -16.88 -17.75 -76.19
N THR A 4785 -16.60 -17.30 -74.96
CA THR A 4785 -15.25 -16.95 -74.58
C THR A 4785 -14.73 -17.78 -73.41
N ASP A 4786 -15.47 -18.81 -73.01
CA ASP A 4786 -15.09 -19.64 -71.87
C ASP A 4786 -14.26 -20.82 -72.38
N ASN A 4787 -13.10 -21.06 -71.75
CA ASN A 4787 -12.18 -22.10 -72.21
C ASN A 4787 -12.81 -23.48 -72.17
N SER A 4788 -13.53 -23.79 -71.08
CA SER A 4788 -14.08 -25.13 -70.91
C SER A 4788 -15.18 -25.40 -71.93
N PHE A 4789 -16.01 -24.38 -72.21
CA PHE A 4789 -17.05 -24.53 -73.22
C PHE A 4789 -16.42 -24.73 -74.59
N LEU A 4790 -15.32 -24.00 -74.87
CA LEU A 4790 -14.68 -24.12 -76.18
C LEU A 4790 -14.07 -25.51 -76.34
N TYR A 4791 -13.51 -26.04 -75.24
CA TYR A 4791 -13.00 -27.40 -75.25
C TYR A 4791 -14.12 -28.40 -75.53
N LEU A 4792 -15.27 -28.22 -74.88
CA LEU A 4792 -16.38 -29.16 -75.09
C LEU A 4792 -16.91 -29.06 -76.52
N GLY A 4793 -16.95 -27.85 -77.07
CA GLY A 4793 -17.35 -27.67 -78.45
C GLY A 4793 -16.37 -28.31 -79.42
N TRP A 4794 -15.08 -28.25 -79.09
CA TRP A 4794 -14.07 -28.93 -79.89
C TRP A 4794 -14.23 -30.44 -79.81
N TYR A 4795 -14.61 -30.94 -78.63
CA TYR A 4795 -14.90 -32.36 -78.47
C TYR A 4795 -16.10 -32.77 -79.33
N MET A 4796 -17.10 -31.91 -79.41
CA MET A 4796 -18.25 -32.15 -80.27
C MET A 4796 -17.85 -32.12 -81.75
N VAL A 4797 -16.97 -31.19 -82.11
CA VAL A 4797 -16.56 -31.04 -83.50
C VAL A 4797 -15.79 -32.28 -83.96
N MET A 4798 -14.84 -32.74 -83.13
CA MET A 4798 -14.09 -33.94 -83.51
C MET A 4798 -14.98 -35.17 -83.44
N SER A 4799 -16.03 -35.13 -82.61
CA SER A 4799 -16.97 -36.24 -82.53
C SER A 4799 -17.73 -36.35 -83.83
N LEU A 4800 -18.15 -35.19 -84.36
CA LEU A 4800 -18.91 -35.16 -85.60
C LEU A 4800 -18.01 -35.59 -86.74
N LEU A 4801 -16.77 -35.08 -86.76
CA LEU A 4801 -15.83 -35.36 -87.84
C LEU A 4801 -15.46 -36.84 -87.88
N GLY A 4802 -15.43 -37.50 -86.71
CA GLY A 4802 -15.06 -38.90 -86.67
C GLY A 4802 -16.01 -39.81 -87.41
N HIS A 4803 -17.24 -39.33 -87.66
CA HIS A 4803 -18.16 -40.05 -88.53
C HIS A 4803 -17.66 -40.04 -89.97
N TYR A 4804 -17.12 -38.90 -90.41
CA TYR A 4804 -16.51 -38.81 -91.73
C TYR A 4804 -15.28 -39.69 -91.85
N ASN A 4805 -14.33 -39.54 -90.92
CA ASN A 4805 -13.17 -40.43 -90.88
C ASN A 4805 -13.02 -41.00 -89.49
N ASN A 4806 -12.99 -42.34 -89.39
CA ASN A 4806 -13.00 -43.01 -88.09
C ASN A 4806 -11.79 -42.67 -87.24
N PHE A 4807 -10.63 -42.42 -87.88
CA PHE A 4807 -9.40 -42.18 -87.14
C PHE A 4807 -9.42 -40.85 -86.39
N PHE A 4808 -10.39 -39.99 -86.67
CA PHE A 4808 -10.57 -38.74 -85.93
C PHE A 4808 -11.05 -38.97 -84.51
N PHE A 4809 -11.49 -40.19 -84.20
CA PHE A 4809 -12.03 -40.52 -82.89
C PHE A 4809 -10.94 -40.92 -81.93
N ALA A 4810 -9.69 -40.70 -82.32
CA ALA A 4810 -8.53 -40.94 -81.46
C ALA A 4810 -7.95 -39.64 -80.94
N ALA A 4811 -8.69 -38.53 -81.08
CA ALA A 4811 -8.26 -37.26 -80.54
C ALA A 4811 -8.97 -36.98 -79.24
N HIS A 4812 -9.84 -37.89 -78.84
CA HIS A 4812 -10.66 -37.79 -77.65
C HIS A 4812 -9.99 -38.44 -76.47
N LEU A 4813 -8.88 -39.14 -76.70
CA LEU A 4813 -8.12 -39.78 -75.63
C LEU A 4813 -7.44 -38.76 -74.75
N LEU A 4814 -7.20 -37.55 -75.26
CA LEU A 4814 -6.52 -36.50 -74.51
C LEU A 4814 -7.37 -35.94 -73.37
N ASP A 4815 -8.65 -36.32 -73.31
CA ASP A 4815 -9.53 -35.92 -72.22
C ASP A 4815 -9.13 -36.51 -70.87
N ILE A 4816 -8.27 -37.54 -70.86
CA ILE A 4816 -7.85 -38.20 -69.61
C ILE A 4816 -7.14 -37.21 -68.68
N ALA A 4817 -6.43 -36.23 -69.25
CA ALA A 4817 -5.79 -35.18 -68.48
C ALA A 4817 -6.81 -34.36 -67.70
N MET A 4818 -7.93 -34.03 -68.32
CA MET A 4818 -8.96 -33.26 -67.65
C MET A 4818 -9.97 -34.15 -66.95
N GLY A 4819 -9.79 -35.46 -67.04
CA GLY A 4819 -10.74 -36.40 -66.51
C GLY A 4819 -10.25 -36.97 -65.19
N VAL A 4820 -8.95 -37.24 -65.11
CA VAL A 4820 -8.34 -37.76 -63.89
C VAL A 4820 -7.59 -36.62 -63.21
N LYS A 4821 -7.73 -36.54 -61.89
CA LYS A 4821 -7.01 -35.52 -61.15
C LYS A 4821 -5.53 -35.84 -61.06
N THR A 4822 -5.20 -37.14 -60.92
CA THR A 4822 -3.81 -37.57 -60.74
C THR A 4822 -2.96 -37.20 -61.94
N LEU A 4823 -3.50 -37.41 -63.13
CA LEU A 4823 -2.79 -37.10 -64.36
C LEU A 4823 -2.51 -35.62 -64.42
N ARG A 4824 -3.48 -34.82 -63.95
CA ARG A 4824 -3.33 -33.38 -63.94
C ARG A 4824 -2.20 -32.96 -63.01
N THR A 4825 -2.05 -33.62 -61.85
CA THR A 4825 -0.89 -33.31 -61.01
C THR A 4825 0.43 -33.69 -61.67
N ILE A 4826 0.49 -34.85 -62.34
CA ILE A 4826 1.73 -35.20 -63.05
C ILE A 4826 2.02 -34.22 -64.19
N LEU A 4827 1.00 -33.83 -64.93
CA LEU A 4827 1.20 -32.90 -66.04
C LEU A 4827 1.48 -31.48 -65.59
N SER A 4828 1.03 -31.10 -64.39
CA SER A 4828 1.31 -29.77 -63.86
C SER A 4828 2.80 -29.52 -63.69
N SER A 4829 3.58 -30.56 -63.39
CA SER A 4829 5.03 -30.43 -63.35
C SER A 4829 5.58 -30.02 -64.71
N VAL A 4830 5.08 -30.61 -65.78
CA VAL A 4830 5.51 -30.24 -67.13
C VAL A 4830 5.08 -28.81 -67.46
N THR A 4831 3.82 -28.47 -67.18
CA THR A 4831 3.30 -27.17 -67.59
C THR A 4831 3.86 -26.03 -66.74
N HIS A 4832 4.24 -26.33 -65.49
CA HIS A 4832 4.69 -25.31 -64.55
C HIS A 4832 5.94 -24.58 -65.05
N ASN A 4833 6.88 -25.31 -65.63
CA ASN A 4833 8.12 -24.74 -66.14
C ASN A 4833 8.14 -24.65 -67.66
N GLY A 4834 6.95 -24.53 -68.26
CA GLY A 4834 6.82 -24.56 -69.72
C GLY A 4834 7.57 -23.46 -70.44
N LYS A 4835 7.54 -22.23 -69.90
CA LYS A 4835 8.28 -21.13 -70.51
C LYS A 4835 9.77 -21.41 -70.48
N GLN A 4836 10.25 -22.00 -69.38
CA GLN A 4836 11.65 -22.29 -69.22
C GLN A 4836 12.08 -23.39 -70.18
N LEU A 4837 11.23 -24.41 -70.38
CA LEU A 4837 11.55 -25.46 -71.33
C LEU A 4837 11.59 -24.94 -72.75
N VAL A 4838 10.64 -24.05 -73.10
CA VAL A 4838 10.62 -23.51 -74.46
C VAL A 4838 11.87 -22.67 -74.69
N MET A 4839 12.28 -21.90 -73.67
CA MET A 4839 13.47 -21.09 -73.78
C MET A 4839 14.74 -21.92 -73.92
N THR A 4840 14.85 -23.04 -73.19
CA THR A 4840 16.05 -23.85 -73.35
C THR A 4840 16.02 -24.68 -74.62
N VAL A 4841 14.85 -24.87 -75.24
CA VAL A 4841 14.85 -25.54 -76.54
C VAL A 4841 15.26 -24.56 -77.63
N GLY A 4842 14.79 -23.31 -77.53
CA GLY A 4842 15.27 -22.29 -78.45
C GLY A 4842 16.76 -22.04 -78.31
N LEU A 4843 17.26 -22.09 -77.07
CA LEU A 4843 18.69 -22.00 -76.83
C LEU A 4843 19.43 -23.18 -77.45
N LEU A 4844 18.86 -24.40 -77.35
CA LEU A 4844 19.47 -25.56 -78.00
C LEU A 4844 19.49 -25.41 -79.51
N ALA A 4845 18.47 -24.76 -80.08
CA ALA A 4845 18.46 -24.44 -81.51
C ALA A 4845 19.57 -23.48 -81.88
N VAL A 4846 19.83 -22.49 -81.03
CA VAL A 4846 20.93 -21.54 -81.25
C VAL A 4846 22.28 -22.25 -81.21
N VAL A 4847 22.50 -23.09 -80.21
CA VAL A 4847 23.81 -23.72 -80.09
C VAL A 4847 24.03 -24.75 -81.20
N VAL A 4848 22.97 -25.49 -81.60
CA VAL A 4848 23.08 -26.41 -82.73
C VAL A 4848 23.38 -25.63 -84.00
N TYR A 4849 22.85 -24.42 -84.11
CA TYR A 4849 23.18 -23.57 -85.25
C TYR A 4849 24.65 -23.16 -85.23
N LEU A 4850 25.18 -22.82 -84.04
CA LEU A 4850 26.59 -22.43 -83.95
C LEU A 4850 27.53 -23.56 -84.34
N TYR A 4851 27.16 -24.80 -84.02
CA TYR A 4851 27.94 -25.94 -84.50
C TYR A 4851 27.76 -26.14 -86.00
N THR A 4852 26.54 -25.93 -86.50
CA THR A 4852 26.30 -26.03 -87.94
C THR A 4852 27.15 -25.02 -88.72
N VAL A 4853 27.30 -23.82 -88.17
CA VAL A 4853 28.16 -22.79 -88.77
C VAL A 4853 29.61 -23.27 -88.82
N VAL A 4854 30.09 -23.84 -87.71
CA VAL A 4854 31.49 -24.27 -87.67
C VAL A 4854 31.73 -25.46 -88.60
N ALA A 4855 30.78 -26.38 -88.68
CA ALA A 4855 30.92 -27.52 -89.57
C ALA A 4855 30.82 -27.10 -91.03
N PHE A 4856 29.91 -26.18 -91.35
CA PHE A 4856 29.74 -25.74 -92.73
C PHE A 4856 30.99 -25.01 -93.22
N ASN A 4857 31.54 -24.16 -92.36
CA ASN A 4857 32.76 -23.44 -92.71
C ASN A 4857 33.97 -24.36 -92.83
N PHE A 4858 34.07 -25.40 -92.00
CA PHE A 4858 35.31 -26.16 -91.97
C PHE A 4858 35.24 -27.67 -92.17
N PHE A 4859 34.06 -28.29 -92.18
CA PHE A 4859 34.04 -29.75 -92.12
C PHE A 4859 33.07 -30.33 -93.13
N ARG A 4860 33.08 -29.79 -94.35
CA ARG A 4860 32.12 -30.21 -95.37
C ARG A 4860 32.38 -31.61 -95.88
N LYS A 4861 33.67 -32.00 -95.97
CA LYS A 4861 34.04 -33.28 -96.56
C LYS A 4861 33.51 -34.46 -95.76
N PHE A 4862 33.53 -34.33 -94.43
CA PHE A 4862 33.23 -35.44 -93.52
C PHE A 4862 31.80 -35.94 -93.67
N TYR A 4863 30.85 -35.04 -93.90
CA TYR A 4863 29.43 -35.42 -93.89
C TYR A 4863 28.97 -35.92 -95.26
N ASN A 4864 29.57 -37.04 -95.68
CA ASN A 4864 29.14 -37.74 -96.88
C ASN A 4864 28.41 -39.00 -96.43
N LYS A 4865 27.09 -38.99 -96.53
CA LYS A 4865 26.31 -40.10 -95.98
C LYS A 4865 26.18 -41.26 -96.95
N SER A 4866 26.82 -41.20 -98.11
CA SER A 4866 26.66 -42.21 -99.14
C SER A 4866 27.92 -43.04 -99.23
N GLU A 4867 27.76 -44.36 -99.04
CA GLU A 4867 28.88 -45.28 -99.21
C GLU A 4867 29.31 -45.35 -100.67
N ASP A 4868 28.35 -45.37 -101.59
CA ASP A 4868 28.63 -45.55 -103.00
C ASP A 4868 29.23 -44.29 -103.59
N GLU A 4869 30.42 -44.42 -104.19
CA GLU A 4869 31.15 -43.28 -104.73
C GLU A 4869 30.47 -42.68 -105.95
N ASP A 4870 29.60 -43.44 -106.63
CA ASP A 4870 28.97 -42.98 -107.86
C ASP A 4870 28.08 -41.76 -107.59
N GLU A 4871 27.32 -41.78 -106.50
CA GLU A 4871 26.55 -40.61 -106.09
C GLU A 4871 27.01 -40.20 -104.70
N PRO A 4872 27.78 -39.12 -104.56
CA PRO A 4872 28.10 -38.64 -103.21
C PRO A 4872 26.91 -37.88 -102.65
N ASP A 4873 26.49 -38.27 -101.45
CA ASP A 4873 25.42 -37.57 -100.76
C ASP A 4873 26.03 -36.79 -99.61
N MET A 4874 26.21 -35.49 -99.82
CA MET A 4874 26.83 -34.63 -98.84
C MET A 4874 25.73 -33.83 -98.15
N LYS A 4875 25.65 -33.94 -96.84
CA LYS A 4875 24.56 -33.31 -96.11
C LYS A 4875 24.98 -32.04 -95.41
N CYS A 4876 26.08 -31.42 -95.86
CA CYS A 4876 26.47 -30.12 -95.34
C CYS A 4876 26.87 -29.16 -96.46
N ASP A 4877 26.29 -29.30 -97.64
CA ASP A 4877 26.64 -28.41 -98.73
C ASP A 4877 25.58 -27.32 -98.90
N ASP A 4878 24.84 -27.08 -97.84
CA ASP A 4878 23.76 -26.10 -97.79
C ASP A 4878 23.55 -25.83 -96.31
N MET A 4879 23.01 -24.66 -95.99
CA MET A 4879 22.88 -24.39 -94.58
C MET A 4879 21.53 -24.83 -94.06
N MET A 4880 20.57 -25.00 -94.97
CA MET A 4880 19.29 -25.60 -94.59
C MET A 4880 19.48 -27.08 -94.36
N THR A 4881 20.22 -27.73 -95.27
CA THR A 4881 20.38 -29.17 -95.18
C THR A 4881 21.29 -29.50 -94.01
N CYS A 4882 22.37 -28.74 -93.83
CA CYS A 4882 23.28 -29.01 -92.72
C CYS A 4882 22.61 -28.76 -91.38
N TYR A 4883 21.77 -27.71 -91.29
CA TYR A 4883 21.02 -27.45 -90.06
C TYR A 4883 20.01 -28.55 -89.78
N LEU A 4884 19.25 -28.96 -90.79
CA LEU A 4884 18.30 -30.06 -90.63
C LEU A 4884 19.01 -31.35 -90.23
N PHE A 4885 20.20 -31.59 -90.78
CA PHE A 4885 21.00 -32.76 -90.43
C PHE A 4885 21.45 -32.68 -88.98
N HIS A 4886 21.94 -31.52 -88.55
CA HIS A 4886 22.49 -31.39 -87.21
C HIS A 4886 21.39 -31.47 -86.18
N MET A 4887 20.27 -30.81 -86.46
CA MET A 4887 19.14 -30.78 -85.53
C MET A 4887 18.49 -32.15 -85.42
N TYR A 4888 18.34 -32.86 -86.54
CA TYR A 4888 17.66 -34.13 -86.48
C TYR A 4888 18.59 -35.23 -85.96
N VAL A 4889 19.67 -35.53 -86.72
CA VAL A 4889 20.52 -36.65 -86.35
C VAL A 4889 21.40 -36.35 -85.14
N GLY A 4890 21.93 -35.11 -85.00
CA GLY A 4890 22.87 -34.84 -83.94
C GLY A 4890 22.21 -34.89 -82.57
N VAL A 4891 21.06 -34.25 -82.45
CA VAL A 4891 20.33 -34.30 -81.19
C VAL A 4891 19.76 -35.69 -80.97
N ARG A 4892 19.33 -36.38 -82.04
CA ARG A 4892 18.73 -37.69 -81.83
C ARG A 4892 19.75 -38.81 -81.70
N ALA A 4893 21.04 -38.51 -81.75
CA ALA A 4893 22.04 -39.54 -81.67
C ALA A 4893 22.63 -39.59 -80.27
N GLY A 4894 23.00 -40.79 -79.84
CA GLY A 4894 23.49 -40.98 -78.49
C GLY A 4894 24.83 -40.34 -78.21
N GLY A 4895 25.69 -40.26 -79.22
CA GLY A 4895 27.04 -39.79 -78.97
C GLY A 4895 27.36 -38.42 -79.52
N GLY A 4896 26.46 -37.84 -80.32
CA GLY A 4896 26.66 -36.54 -80.89
C GLY A 4896 26.60 -36.59 -82.41
N ILE A 4897 27.45 -35.79 -83.05
CA ILE A 4897 27.54 -35.84 -84.50
C ILE A 4897 28.74 -36.67 -84.96
N GLY A 4898 29.69 -36.96 -84.06
CA GLY A 4898 30.85 -37.77 -84.41
C GLY A 4898 30.49 -39.20 -84.73
N ASP A 4899 29.45 -39.73 -84.10
CA ASP A 4899 28.97 -41.07 -84.40
C ASP A 4899 28.40 -41.13 -85.81
N GLU A 4900 27.60 -40.12 -86.17
CA GLU A 4900 26.91 -40.11 -87.45
C GLU A 4900 27.86 -39.85 -88.61
N ILE A 4901 28.86 -38.98 -88.43
CA ILE A 4901 29.69 -38.58 -89.56
C ILE A 4901 30.92 -39.46 -89.70
N GLU A 4902 31.78 -39.13 -90.66
CA GLU A 4902 32.94 -39.93 -90.98
C GLU A 4902 34.00 -39.81 -89.91
N ASP A 4903 34.89 -40.81 -89.88
CA ASP A 4903 35.94 -40.88 -88.88
C ASP A 4903 36.93 -39.75 -89.09
N PRO A 4904 37.42 -39.12 -88.02
CA PRO A 4904 38.31 -37.96 -88.17
C PRO A 4904 39.79 -38.30 -88.29
N ALA A 4905 40.16 -39.58 -88.26
CA ALA A 4905 41.57 -39.95 -88.23
C ALA A 4905 42.23 -39.67 -89.58
N GLY A 4906 43.56 -39.64 -89.57
CA GLY A 4906 44.37 -39.45 -90.75
C GLY A 4906 44.08 -38.19 -91.57
N ASP A 4907 44.06 -37.04 -90.91
CA ASP A 4907 43.74 -35.79 -91.59
C ASP A 4907 44.35 -34.64 -90.80
N GLU A 4908 44.45 -33.48 -91.45
CA GLU A 4908 44.96 -32.28 -90.78
C GLU A 4908 44.04 -31.83 -89.66
N TYR A 4909 42.73 -31.91 -89.87
CA TYR A 4909 41.76 -31.37 -88.94
C TYR A 4909 41.29 -32.40 -87.92
N GLU A 4910 42.10 -33.43 -87.69
CA GLU A 4910 41.76 -34.48 -86.73
C GLU A 4910 41.62 -33.92 -85.33
N LEU A 4911 42.61 -33.12 -84.91
CA LEU A 4911 42.59 -32.55 -83.57
C LEU A 4911 41.44 -31.59 -83.40
N TYR A 4912 41.09 -30.85 -84.45
CA TYR A 4912 39.92 -29.98 -84.40
C TYR A 4912 38.64 -30.77 -84.24
N ARG A 4913 38.50 -31.88 -84.98
CA ARG A 4913 37.30 -32.70 -84.86
C ARG A 4913 37.18 -33.42 -83.52
N VAL A 4914 38.28 -33.92 -82.96
CA VAL A 4914 38.21 -34.60 -81.67
C VAL A 4914 37.81 -33.68 -80.52
N VAL A 4915 37.82 -32.37 -80.74
CA VAL A 4915 37.34 -31.43 -79.74
C VAL A 4915 36.00 -30.86 -80.14
N PHE A 4916 35.70 -30.85 -81.44
CA PHE A 4916 34.39 -30.46 -81.95
C PHE A 4916 33.31 -31.44 -81.50
N ASP A 4917 33.59 -32.74 -81.63
CA ASP A 4917 32.63 -33.76 -81.25
C ASP A 4917 32.43 -33.81 -79.74
N ILE A 4918 33.51 -33.79 -78.96
CA ILE A 4918 33.33 -33.90 -77.52
C ILE A 4918 32.72 -32.63 -76.93
N THR A 4919 32.87 -31.46 -77.59
CA THR A 4919 32.15 -30.29 -77.13
C THR A 4919 30.67 -30.44 -77.43
N PHE A 4920 30.34 -30.97 -78.61
CA PHE A 4920 28.94 -31.18 -78.98
C PHE A 4920 28.32 -32.20 -78.03
N PHE A 4921 29.10 -33.22 -77.67
CA PHE A 4921 28.66 -34.24 -76.73
C PHE A 4921 28.37 -33.65 -75.35
N PHE A 4922 29.32 -32.89 -74.81
CA PHE A 4922 29.17 -32.39 -73.45
C PHE A 4922 28.09 -31.32 -73.40
N PHE A 4923 28.23 -30.29 -74.22
CA PHE A 4923 27.35 -29.12 -74.16
C PHE A 4923 25.94 -29.43 -74.62
N VAL A 4924 25.79 -29.83 -75.88
CA VAL A 4924 24.46 -30.06 -76.45
C VAL A 4924 23.80 -31.32 -75.90
N ILE A 4925 24.55 -32.41 -75.76
CA ILE A 4925 23.91 -33.68 -75.46
C ILE A 4925 23.81 -33.93 -73.97
N VAL A 4926 24.91 -33.77 -73.25
CA VAL A 4926 24.89 -34.02 -71.81
C VAL A 4926 24.26 -32.83 -71.09
N ILE A 4927 24.92 -31.66 -71.14
CA ILE A 4927 24.52 -30.49 -70.36
C ILE A 4927 23.12 -30.01 -70.74
N LEU A 4928 22.80 -30.00 -72.03
CA LEU A 4928 21.57 -29.36 -72.46
C LEU A 4928 20.36 -30.29 -72.45
N LEU A 4929 20.53 -31.56 -72.12
CA LEU A 4929 19.41 -32.46 -71.93
C LEU A 4929 19.32 -32.88 -70.48
N ALA A 4930 20.09 -32.21 -69.63
CA ALA A 4930 20.07 -32.36 -68.19
C ALA A 4930 19.33 -31.20 -67.54
N ILE A 4931 19.28 -30.07 -68.23
CA ILE A 4931 18.52 -28.91 -67.78
C ILE A 4931 17.03 -29.21 -67.84
N ILE A 4932 16.61 -29.99 -68.82
CA ILE A 4932 15.20 -30.37 -68.93
C ILE A 4932 14.80 -31.31 -67.79
N GLN A 4933 15.69 -32.25 -67.46
CA GLN A 4933 15.46 -33.13 -66.33
C GLN A 4933 15.46 -32.35 -65.03
N GLY A 4934 16.35 -31.38 -64.91
CA GLY A 4934 16.38 -30.54 -63.74
C GLY A 4934 15.13 -29.69 -63.59
N LEU A 4935 14.61 -29.19 -64.70
CA LEU A 4935 13.36 -28.43 -64.69
C LEU A 4935 12.17 -29.27 -64.22
N ILE A 4936 12.07 -30.51 -64.70
CA ILE A 4936 11.00 -31.39 -64.24
C ILE A 4936 11.16 -31.76 -62.76
N ILE A 4937 12.39 -32.14 -62.36
CA ILE A 4937 12.67 -32.52 -60.97
C ILE A 4937 12.44 -31.34 -60.03
N ASP A 4938 12.87 -30.16 -60.46
CA ASP A 4938 12.63 -28.94 -59.72
C ASP A 4938 11.13 -28.68 -59.59
N ALA A 4939 10.37 -28.93 -60.67
CA ALA A 4939 8.94 -28.66 -60.63
C ALA A 4939 8.27 -29.56 -59.61
N PHE A 4940 8.69 -30.84 -59.58
CA PHE A 4940 8.11 -31.80 -58.64
C PHE A 4940 8.40 -31.39 -57.20
N GLY A 4941 9.62 -30.90 -56.97
CA GLY A 4941 9.99 -30.44 -55.64
C GLY A 4941 9.22 -29.19 -55.26
N GLU A 4942 9.08 -28.26 -56.19
CA GLU A 4942 8.40 -27.00 -55.91
C GLU A 4942 6.93 -27.26 -55.60
N LEU A 4943 6.29 -28.17 -56.36
CA LEU A 4943 4.91 -28.51 -56.08
C LEU A 4943 4.75 -29.21 -54.73
N ARG A 4944 5.76 -30.01 -54.33
CA ARG A 4944 5.66 -30.67 -53.04
C ARG A 4944 5.78 -29.67 -51.91
N ASP A 4945 6.78 -28.78 -52.00
CA ASP A 4945 6.96 -27.77 -50.96
C ASP A 4945 5.77 -26.83 -50.89
N GLN A 4946 5.14 -26.54 -52.04
CA GLN A 4946 3.96 -25.69 -52.06
C GLN A 4946 2.81 -26.33 -51.27
N GLN A 4947 2.58 -27.63 -51.50
CA GLN A 4947 1.51 -28.31 -50.76
C GLN A 4947 1.83 -28.39 -49.28
N GLU A 4948 3.10 -28.69 -48.96
CA GLU A 4948 3.52 -28.80 -47.57
C GLU A 4948 3.41 -27.46 -46.85
N GLN A 4949 3.75 -26.36 -47.53
CA GLN A 4949 3.58 -25.03 -46.96
C GLN A 4949 2.13 -24.70 -46.71
N VAL A 4950 1.23 -25.11 -47.63
CA VAL A 4950 -0.19 -24.85 -47.44
C VAL A 4950 -0.71 -25.59 -46.22
N LYS A 4951 -0.31 -26.86 -46.09
CA LYS A 4951 -0.72 -27.67 -44.95
C LYS A 4951 -0.14 -27.11 -43.65
N GLU A 4952 1.13 -26.70 -43.68
CA GLU A 4952 1.80 -26.22 -42.48
C GLU A 4952 1.19 -24.90 -42.00
N ASP A 4953 0.83 -24.02 -42.94
CA ASP A 4953 0.17 -22.78 -42.58
C ASP A 4953 -1.20 -23.05 -41.97
N MET A 4954 -1.97 -23.95 -42.58
CA MET A 4954 -3.32 -24.16 -42.06
C MET A 4954 -3.31 -24.95 -40.77
N GLU A 4955 -2.27 -25.77 -40.55
CA GLU A 4955 -2.11 -26.47 -39.29
C GLU A 4955 -1.63 -25.55 -38.17
N THR A 4956 -0.82 -24.55 -38.49
CA THR A 4956 -0.22 -23.72 -37.44
C THR A 4956 -0.84 -22.35 -37.34
N LYS A 4957 -1.93 -22.09 -38.06
CA LYS A 4957 -2.60 -20.80 -37.92
C LYS A 4957 -4.08 -20.96 -38.22
N CYS A 4958 -4.86 -19.99 -37.75
CA CYS A 4958 -6.29 -19.96 -37.99
C CYS A 4958 -6.55 -19.07 -39.19
N PHE A 4959 -7.39 -19.54 -40.11
CA PHE A 4959 -7.62 -18.81 -41.37
C PHE A 4959 -8.23 -17.44 -41.13
N ILE A 4960 -9.27 -17.39 -40.28
CA ILE A 4960 -10.01 -16.14 -40.09
C ILE A 4960 -9.20 -15.10 -39.32
N CYS A 4961 -8.49 -15.50 -38.26
CA CYS A 4961 -7.87 -14.50 -37.41
C CYS A 4961 -6.36 -14.46 -37.49
N GLY A 4962 -5.70 -15.54 -37.88
CA GLY A 4962 -4.26 -15.52 -38.08
C GLY A 4962 -3.44 -15.71 -36.83
N ILE A 4963 -4.06 -15.90 -35.68
CA ILE A 4963 -3.34 -16.20 -34.45
C ILE A 4963 -2.90 -17.64 -34.49
N GLY A 4964 -1.65 -17.89 -34.09
CA GLY A 4964 -1.06 -19.21 -34.21
C GLY A 4964 -1.69 -20.21 -33.26
N SER A 4965 -1.37 -21.48 -33.51
CA SER A 4965 -1.88 -22.56 -32.66
C SER A 4965 -1.31 -22.51 -31.25
N ASP A 4966 -0.11 -21.93 -31.09
CA ASP A 4966 0.57 -21.85 -29.79
C ASP A 4966 -0.31 -21.24 -28.71
N TYR A 4967 -0.99 -20.14 -29.00
CA TYR A 4967 -1.85 -19.47 -28.02
C TYR A 4967 -3.03 -20.35 -27.62
N PHE A 4968 -3.70 -20.94 -28.62
CA PHE A 4968 -4.90 -21.73 -28.36
C PHE A 4968 -4.57 -23.04 -27.65
N ASP A 4969 -3.42 -23.65 -27.98
CA ASP A 4969 -3.05 -24.97 -27.51
C ASP A 4969 -2.70 -25.02 -26.02
N THR A 4970 -2.68 -23.89 -25.31
CA THR A 4970 -2.47 -23.92 -23.87
C THR A 4970 -3.54 -24.74 -23.18
N THR A 4971 -4.79 -24.55 -23.57
CA THR A 4971 -5.84 -25.42 -23.09
C THR A 4971 -5.83 -26.70 -23.93
N PRO A 4972 -6.24 -27.84 -23.38
CA PRO A 4972 -6.32 -29.07 -24.17
C PRO A 4972 -7.27 -28.94 -25.36
N HIS A 4973 -6.77 -29.34 -26.53
CA HIS A 4973 -7.48 -29.31 -27.82
C HIS A 4973 -7.97 -27.89 -28.17
N GLY A 4974 -7.17 -26.89 -27.77
CA GLY A 4974 -7.58 -25.50 -27.94
C GLY A 4974 -7.70 -25.11 -29.40
N PHE A 4975 -6.72 -25.53 -30.21
CA PHE A 4975 -6.73 -25.18 -31.62
C PHE A 4975 -7.92 -25.84 -32.31
N GLU A 4976 -8.19 -27.10 -31.95
CA GLU A 4976 -9.29 -27.84 -32.57
C GLU A 4976 -10.61 -27.17 -32.27
N THR A 4977 -10.79 -26.74 -31.01
CA THR A 4977 -12.01 -26.01 -30.64
C THR A 4977 -12.10 -24.69 -31.40
N HIS A 4978 -10.98 -23.97 -31.52
CA HIS A 4978 -10.99 -22.66 -32.16
C HIS A 4978 -11.34 -22.77 -33.64
N THR A 4979 -10.66 -23.66 -34.35
CA THR A 4979 -10.88 -23.78 -35.79
C THR A 4979 -12.21 -24.42 -36.12
N LEU A 4980 -12.55 -25.53 -35.45
CA LEU A 4980 -13.77 -26.23 -35.77
C LEU A 4980 -15.01 -25.48 -35.31
N GLU A 4981 -14.92 -24.82 -34.15
CA GLU A 4981 -16.10 -24.22 -33.54
C GLU A 4981 -16.14 -22.70 -33.59
N GLU A 4982 -15.17 -22.02 -32.97
CA GLU A 4982 -15.23 -20.57 -32.83
C GLU A 4982 -15.08 -19.82 -34.15
N HIS A 4983 -14.08 -20.18 -34.94
CA HIS A 4983 -13.76 -19.41 -36.15
C HIS A 4983 -13.91 -20.23 -37.42
N ASN A 4984 -14.89 -21.13 -37.46
CA ASN A 4984 -15.04 -22.00 -38.62
C ASN A 4984 -15.40 -21.21 -39.88
N LEU A 4985 -14.66 -21.51 -40.96
CA LEU A 4985 -14.92 -20.90 -42.26
C LEU A 4985 -16.30 -21.31 -42.77
N ALA A 4986 -16.69 -22.57 -42.51
CA ALA A 4986 -17.98 -23.06 -42.96
C ALA A 4986 -19.06 -22.25 -42.27
N ASN A 4987 -18.89 -21.98 -40.97
CA ASN A 4987 -19.90 -21.23 -40.22
C ASN A 4987 -20.02 -19.81 -40.75
N TYR A 4988 -18.91 -19.20 -41.16
CA TYR A 4988 -19.02 -17.89 -41.80
C TYR A 4988 -19.77 -17.96 -43.12
N MET A 4989 -19.51 -19.00 -43.92
CA MET A 4989 -20.27 -19.17 -45.15
C MET A 4989 -21.75 -19.38 -44.87
N PHE A 4990 -22.08 -20.15 -43.82
CA PHE A 4990 -23.48 -20.41 -43.49
C PHE A 4990 -24.14 -19.11 -43.05
N PHE A 4991 -23.37 -18.26 -42.34
CA PHE A 4991 -23.91 -16.99 -41.88
C PHE A 4991 -24.24 -16.11 -43.07
N LEU A 4992 -23.35 -16.09 -44.07
CA LEU A 4992 -23.58 -15.24 -45.24
C LEU A 4992 -24.79 -15.74 -46.01
N MET A 4993 -24.93 -17.07 -46.11
CA MET A 4993 -26.08 -17.67 -46.78
C MET A 4993 -27.35 -17.31 -46.04
N TYR A 4994 -27.30 -17.36 -44.71
CA TYR A 4994 -28.42 -17.03 -43.84
C TYR A 4994 -28.83 -15.58 -44.05
N LEU A 4995 -27.84 -14.68 -44.04
CA LEU A 4995 -28.09 -13.25 -44.23
C LEU A 4995 -28.79 -13.00 -45.56
N ILE A 4996 -28.20 -13.49 -46.67
CA ILE A 4996 -28.74 -13.24 -48.00
C ILE A 4996 -30.16 -13.81 -48.12
N ASN A 4997 -30.36 -15.05 -47.65
CA ASN A 4997 -31.68 -15.67 -47.72
C ASN A 4997 -32.69 -14.93 -46.86
N LYS A 4998 -32.27 -14.47 -45.68
CA LYS A 4998 -33.15 -13.80 -44.74
C LYS A 4998 -33.61 -12.45 -45.27
N ASP A 4999 -34.91 -12.17 -45.10
CA ASP A 4999 -35.46 -10.88 -45.46
C ASP A 4999 -34.83 -9.78 -44.61
N GLU A 5000 -34.47 -8.67 -45.28
CA GLU A 5000 -33.76 -7.58 -44.64
C GLU A 5000 -34.56 -6.93 -43.52
N THR A 5001 -35.90 -6.96 -43.64
CA THR A 5001 -36.79 -6.36 -42.64
C THR A 5001 -36.62 -7.01 -41.27
N GLU A 5002 -36.47 -8.33 -41.22
CA GLU A 5002 -36.45 -9.05 -39.96
C GLU A 5002 -35.05 -9.22 -39.39
N HIS A 5003 -34.06 -8.53 -39.97
CA HIS A 5003 -32.71 -8.56 -39.43
C HIS A 5003 -32.67 -7.93 -38.04
N THR A 5004 -31.92 -8.53 -37.13
CA THR A 5004 -31.70 -7.97 -35.81
C THR A 5004 -30.62 -6.89 -35.93
N GLY A 5005 -30.20 -6.32 -34.79
CA GLY A 5005 -29.28 -5.19 -34.82
C GLY A 5005 -27.93 -5.57 -35.40
N GLN A 5006 -27.34 -6.65 -34.88
CA GLN A 5006 -26.01 -7.04 -35.35
C GLN A 5006 -26.09 -7.60 -36.75
N GLU A 5007 -27.19 -8.28 -37.09
CA GLU A 5007 -27.40 -8.79 -38.44
C GLU A 5007 -27.45 -7.63 -39.43
N SER A 5008 -28.18 -6.57 -39.08
CA SER A 5008 -28.31 -5.41 -39.96
C SER A 5008 -26.97 -4.71 -40.11
N TYR A 5009 -26.18 -4.67 -39.01
CA TYR A 5009 -24.84 -4.10 -39.06
C TYR A 5009 -23.96 -4.86 -40.03
N VAL A 5010 -24.00 -6.20 -39.95
CA VAL A 5010 -23.16 -7.01 -40.82
C VAL A 5010 -23.64 -6.90 -42.26
N TRP A 5011 -24.96 -6.88 -42.47
CA TRP A 5011 -25.52 -6.82 -43.81
C TRP A 5011 -25.16 -5.50 -44.47
N LYS A 5012 -25.14 -4.42 -43.70
CA LYS A 5012 -24.81 -3.12 -44.27
C LYS A 5012 -23.31 -3.05 -44.54
N MET A 5013 -22.49 -3.67 -43.68
CA MET A 5013 -21.05 -3.67 -43.92
C MET A 5013 -20.72 -4.51 -45.15
N TYR A 5014 -21.50 -5.58 -45.38
CA TYR A 5014 -21.36 -6.35 -46.60
C TYR A 5014 -21.72 -5.51 -47.80
N GLN A 5015 -22.82 -4.75 -47.68
CA GLN A 5015 -23.30 -3.94 -48.78
C GLN A 5015 -22.27 -2.87 -49.15
N GLU A 5016 -21.55 -2.35 -48.16
CA GLU A 5016 -20.57 -1.31 -48.41
C GLU A 5016 -19.16 -1.87 -48.55
N ARG A 5017 -19.01 -3.21 -48.54
CA ARG A 5017 -17.72 -3.91 -48.71
C ARG A 5017 -16.71 -3.51 -47.64
N CYS A 5018 -17.14 -3.46 -46.39
CA CYS A 5018 -16.25 -3.20 -45.26
C CYS A 5018 -16.00 -4.51 -44.52
N TRP A 5019 -14.75 -4.96 -44.55
CA TRP A 5019 -14.38 -6.24 -43.97
C TRP A 5019 -13.81 -6.09 -42.57
N ASP A 5020 -14.17 -5.01 -41.88
CA ASP A 5020 -13.73 -4.78 -40.51
C ASP A 5020 -14.26 -5.85 -39.56
N PHE A 5021 -15.49 -6.32 -39.80
CA PHE A 5021 -16.17 -7.27 -38.91
C PHE A 5021 -15.36 -8.55 -38.69
N PHE A 5022 -14.65 -9.03 -39.72
CA PHE A 5022 -13.88 -10.26 -39.57
C PHE A 5022 -12.77 -10.07 -38.54
N PRO A 5023 -12.63 -10.94 -37.56
CA PRO A 5023 -11.61 -10.76 -36.52
C PRO A 5023 -10.20 -10.85 -37.11
N ALA A 5024 -9.40 -9.83 -36.85
CA ALA A 5024 -7.99 -9.85 -37.23
C ALA A 5024 -7.15 -9.64 -35.99
N GLY A 5025 -6.36 -10.64 -35.63
CA GLY A 5025 -5.49 -10.52 -34.48
C GLY A 5025 -6.16 -10.69 -33.14
N ASP A 5026 -7.45 -11.01 -33.11
CA ASP A 5026 -8.16 -11.05 -31.85
C ASP A 5026 -9.22 -12.15 -31.89
N CYS A 5027 -9.65 -12.56 -30.70
CA CYS A 5027 -10.69 -13.57 -30.56
C CYS A 5027 -11.39 -13.37 -29.22
N PHE A 5028 -12.50 -14.10 -29.06
CA PHE A 5028 -13.29 -14.02 -27.83
C PHE A 5028 -12.47 -14.47 -26.63
N ARG A 5029 -11.70 -15.55 -26.78
CA ARG A 5029 -10.87 -16.07 -25.71
C ARG A 5029 -9.81 -15.04 -25.30
N LYS A 5030 -9.17 -14.42 -26.28
CA LYS A 5030 -8.10 -13.47 -26.01
C LYS A 5030 -8.66 -12.22 -25.33
N GLN A 5031 -9.78 -11.71 -25.85
CA GLN A 5031 -10.35 -10.48 -25.29
C GLN A 5031 -10.88 -10.71 -23.88
N TYR A 5032 -11.57 -11.83 -23.65
CA TYR A 5032 -12.20 -12.07 -22.37
C TYR A 5032 -11.43 -13.13 -21.59
N GLU A 5033 -10.10 -13.14 -21.78
CA GLU A 5033 -9.23 -14.17 -21.20
C GLU A 5033 -9.26 -14.17 -19.68
N ASP A 5034 -9.18 -12.98 -19.07
CA ASP A 5034 -9.06 -12.88 -17.62
C ASP A 5034 -10.29 -13.43 -16.91
N GLN A 5035 -11.48 -13.04 -17.37
CA GLN A 5035 -12.71 -13.53 -16.79
C GLN A 5035 -12.91 -15.02 -17.04
N LEU A 5036 -12.55 -15.48 -18.25
CA LEU A 5036 -12.73 -16.88 -18.62
C LEU A 5036 -11.82 -17.80 -17.81
N SER A 5037 -10.59 -17.36 -17.56
CA SER A 5037 -9.62 -18.20 -16.88
C SER A 5037 -9.45 -17.79 -15.43
N VAL B 11 -31.89 -6.01 -1.60
CA VAL B 11 -32.65 -7.24 -1.80
C VAL B 11 -33.48 -7.49 -0.55
N GLN B 12 -32.91 -8.30 0.37
CA GLN B 12 -33.46 -8.70 1.69
C GLN B 12 -34.97 -8.98 1.64
N PHE B 13 -35.35 -9.86 0.72
CA PHE B 13 -36.75 -10.17 0.50
C PHE B 13 -37.19 -11.38 1.31
N LEU B 14 -38.28 -11.22 2.06
CA LEU B 14 -38.77 -12.27 2.94
C LEU B 14 -39.28 -13.46 2.14
N ARG B 15 -38.98 -14.66 2.62
CA ARG B 15 -39.28 -15.89 1.91
C ARG B 15 -39.85 -16.89 2.92
N THR B 16 -40.55 -17.90 2.41
CA THR B 16 -41.07 -18.95 3.27
C THR B 16 -39.93 -19.81 3.82
N ASP B 17 -40.30 -20.70 4.75
CA ASP B 17 -39.39 -21.58 5.50
C ASP B 17 -38.35 -20.77 6.27
N ASP B 18 -38.72 -19.56 6.70
CA ASP B 18 -37.84 -18.64 7.40
C ASP B 18 -38.52 -18.14 8.66
N GLU B 19 -37.69 -17.78 9.65
CA GLU B 19 -38.18 -17.36 10.95
C GLU B 19 -38.27 -15.84 11.01
N VAL B 20 -39.42 -15.34 11.46
CA VAL B 20 -39.77 -13.91 11.49
C VAL B 20 -40.55 -13.62 12.76
N VAL B 21 -40.85 -12.34 12.99
CA VAL B 21 -41.67 -11.89 14.11
C VAL B 21 -42.60 -10.77 13.64
N LEU B 22 -43.83 -10.78 14.13
CA LEU B 22 -44.75 -9.68 13.90
C LEU B 22 -44.54 -8.64 14.98
N GLN B 23 -44.39 -7.38 14.58
CA GLN B 23 -44.09 -6.30 15.50
C GLN B 23 -45.09 -5.17 15.30
N CYS B 24 -45.42 -4.48 16.39
CA CYS B 24 -46.43 -3.44 16.45
C CYS B 24 -45.77 -2.11 16.79
N SER B 25 -46.58 -1.06 16.80
CA SER B 25 -46.13 0.27 17.19
C SER B 25 -47.35 1.00 17.74
N ALA B 26 -47.48 1.04 19.07
CA ALA B 26 -48.67 1.65 19.63
C ALA B 26 -48.40 3.08 20.09
N THR B 27 -49.49 3.78 20.40
CA THR B 27 -49.47 5.15 20.90
C THR B 27 -50.41 5.34 22.09
N VAL B 28 -49.88 5.06 23.29
CA VAL B 28 -50.55 5.34 24.54
C VAL B 28 -49.53 6.07 25.40
N LEU B 29 -50.05 6.92 26.30
CA LEU B 29 -49.28 7.81 27.17
C LEU B 29 -48.37 8.78 26.40
N LYS B 30 -48.69 9.02 25.13
CA LYS B 30 -47.99 9.95 24.22
C LYS B 30 -46.55 9.51 23.92
N GLU B 31 -46.41 8.26 23.45
CA GLU B 31 -45.15 7.78 22.90
C GLU B 31 -45.44 6.62 21.96
N GLN B 32 -44.42 6.24 21.19
CA GLN B 32 -44.48 5.09 20.29
C GLN B 32 -43.80 3.93 21.02
N LEU B 33 -44.61 3.05 21.60
CA LEU B 33 -44.06 1.89 22.29
C LEU B 33 -44.23 0.61 21.48
N LYS B 34 -43.14 -0.16 21.38
CA LYS B 34 -43.10 -1.35 20.58
C LYS B 34 -43.85 -2.49 21.28
N LEU B 35 -44.53 -3.31 20.48
CA LEU B 35 -45.27 -4.47 20.99
C LEU B 35 -45.02 -5.66 20.07
N CYS B 36 -45.26 -6.85 20.61
CA CYS B 36 -45.13 -8.06 19.81
C CYS B 36 -46.22 -9.05 20.21
N LEU B 37 -46.60 -9.91 19.27
CA LEU B 37 -47.63 -10.91 19.54
C LEU B 37 -47.07 -12.02 20.43
N ALA B 38 -47.79 -12.32 21.51
CA ALA B 38 -47.36 -13.31 22.49
C ALA B 38 -48.47 -14.33 22.70
N ALA B 39 -48.13 -15.61 22.61
CA ALA B 39 -49.08 -16.68 22.84
C ALA B 39 -48.31 -17.96 23.12
N GLU B 40 -48.49 -18.54 24.32
CA GLU B 40 -47.84 -19.80 24.64
C GLU B 40 -48.56 -20.95 23.94
N GLY B 41 -49.88 -20.91 23.88
CA GLY B 41 -50.67 -21.92 23.21
C GLY B 41 -51.20 -23.04 24.06
N PHE B 42 -50.32 -23.84 24.64
CA PHE B 42 -50.76 -25.02 25.39
C PHE B 42 -51.35 -24.62 26.74
N GLY B 43 -52.67 -24.47 26.77
CA GLY B 43 -53.36 -23.99 27.94
C GLY B 43 -53.77 -22.53 27.88
N ASN B 44 -53.15 -21.75 26.98
CA ASN B 44 -53.51 -20.35 26.78
C ASN B 44 -53.53 -20.10 25.28
N ARG B 45 -54.69 -20.32 24.66
CA ARG B 45 -54.81 -20.23 23.21
C ARG B 45 -54.95 -18.80 22.73
N LEU B 46 -55.23 -17.87 23.61
CA LEU B 46 -55.40 -16.47 23.22
C LEU B 46 -54.07 -15.83 22.89
N CYS B 47 -54.14 -14.70 22.19
CA CYS B 47 -52.98 -13.90 21.81
C CYS B 47 -53.03 -12.56 22.51
N PHE B 48 -51.89 -12.14 23.06
CA PHE B 48 -51.80 -10.89 23.80
C PHE B 48 -50.63 -10.07 23.29
N LEU B 49 -50.54 -8.85 23.78
CA LEU B 49 -49.49 -7.93 23.38
C LEU B 49 -48.38 -7.94 24.43
N GLU B 50 -47.15 -8.11 23.98
CA GLU B 50 -45.97 -8.12 24.83
C GLU B 50 -45.20 -6.85 24.56
N PRO B 51 -45.19 -5.89 25.49
CA PRO B 51 -44.38 -4.68 25.28
C PRO B 51 -42.89 -5.02 25.21
N THR B 52 -42.19 -4.33 24.32
CA THR B 52 -40.76 -4.53 24.19
C THR B 52 -39.99 -3.23 23.97
N SER B 53 -40.66 -2.07 24.08
CA SER B 53 -39.96 -0.80 24.00
C SER B 53 -39.02 -0.65 25.19
N ASN B 54 -39.49 -1.00 26.39
CA ASN B 54 -38.67 -1.00 27.60
C ASN B 54 -37.86 -2.31 27.68
N ALA B 55 -36.95 -2.46 26.71
CA ALA B 55 -36.17 -3.69 26.55
C ALA B 55 -34.92 -3.73 27.41
N GLN B 56 -34.65 -2.67 28.18
CA GLN B 56 -33.43 -2.61 28.98
C GLN B 56 -33.70 -2.67 30.47
N ASN B 57 -34.78 -2.04 30.94
CA ASN B 57 -35.13 -2.10 32.36
C ASN B 57 -35.60 -3.50 32.75
N VAL B 58 -36.51 -4.08 31.96
CA VAL B 58 -36.97 -5.45 32.16
C VAL B 58 -36.95 -6.19 30.81
N PRO B 59 -36.34 -7.36 30.76
CA PRO B 59 -36.27 -8.11 29.50
C PRO B 59 -37.62 -8.74 29.16
N PRO B 60 -38.14 -8.48 27.96
CA PRO B 60 -39.38 -9.14 27.54
C PRO B 60 -39.13 -10.59 27.15
N ASP B 61 -40.23 -11.31 26.93
CA ASP B 61 -40.17 -12.72 26.58
C ASP B 61 -40.11 -12.87 25.06
N LEU B 62 -39.10 -13.59 24.58
CA LEU B 62 -38.91 -13.82 23.16
C LEU B 62 -39.21 -15.25 22.72
N ALA B 63 -39.55 -16.14 23.65
CA ALA B 63 -39.75 -17.54 23.29
C ALA B 63 -41.04 -17.76 22.52
N ILE B 64 -42.13 -17.10 22.96
CA ILE B 64 -43.44 -17.32 22.35
C ILE B 64 -43.75 -16.30 21.27
N CYS B 65 -42.81 -15.41 20.98
CA CYS B 65 -42.96 -14.42 19.91
C CYS B 65 -42.52 -14.98 18.56
N CYS B 66 -41.85 -16.13 18.53
CA CYS B 66 -41.33 -16.69 17.29
C CYS B 66 -42.44 -17.21 16.38
N PHE B 67 -42.27 -17.04 15.07
CA PHE B 67 -43.23 -17.50 14.07
C PHE B 67 -42.51 -17.78 12.76
N THR B 68 -42.90 -18.86 12.08
CA THR B 68 -42.26 -19.30 10.85
C THR B 68 -43.27 -19.41 9.71
N LEU B 69 -42.92 -18.82 8.56
CA LEU B 69 -43.70 -18.98 7.34
C LEU B 69 -43.68 -20.43 6.88
N GLU B 70 -44.85 -20.99 6.59
CA GLU B 70 -44.91 -22.38 6.15
C GLU B 70 -45.26 -22.50 4.67
N GLN B 71 -46.39 -21.94 4.24
CA GLN B 71 -46.81 -21.99 2.84
C GLN B 71 -47.37 -20.64 2.41
N SER B 72 -46.92 -20.16 1.26
CA SER B 72 -47.51 -18.98 0.63
C SER B 72 -48.09 -19.41 -0.70
N LEU B 73 -49.42 -19.52 -0.76
CA LEU B 73 -50.13 -20.08 -1.89
C LEU B 73 -51.10 -19.07 -2.50
N SER B 74 -51.36 -19.22 -3.79
CA SER B 74 -52.32 -18.35 -4.47
C SER B 74 -53.74 -18.65 -4.01
N VAL B 75 -54.65 -17.72 -4.29
CA VAL B 75 -56.02 -17.77 -3.77
C VAL B 75 -56.77 -19.02 -4.25
N ARG B 76 -56.68 -19.33 -5.55
CA ARG B 76 -57.39 -20.51 -6.01
C ARG B 76 -56.68 -21.79 -5.57
N ALA B 77 -55.35 -21.77 -5.55
CA ALA B 77 -54.58 -22.89 -5.00
C ALA B 77 -55.00 -23.18 -3.55
N LEU B 78 -55.31 -22.12 -2.79
CA LEU B 78 -55.92 -22.27 -1.48
C LEU B 78 -57.27 -22.96 -1.58
N GLN B 79 -58.07 -22.60 -2.61
CA GLN B 79 -59.40 -23.21 -2.76
C GLN B 79 -59.27 -24.71 -3.01
N GLU B 80 -58.44 -25.10 -3.98
CA GLU B 80 -58.36 -26.52 -4.35
C GLU B 80 -57.74 -27.35 -3.23
N MET B 81 -56.55 -26.96 -2.73
CA MET B 81 -55.95 -27.74 -1.65
C MET B 81 -56.77 -27.74 -0.36
N LEU B 82 -57.60 -26.72 -0.11
CA LEU B 82 -58.59 -26.85 0.95
C LEU B 82 -59.69 -27.84 0.58
N ALA B 83 -60.14 -27.82 -0.67
CA ALA B 83 -61.27 -28.64 -1.09
C ALA B 83 -60.95 -30.13 -1.07
N ASN B 84 -59.82 -30.53 -1.66
CA ASN B 84 -59.53 -31.96 -1.80
C ASN B 84 -58.84 -32.54 -0.57
N HIS B 98 -39.81 -23.11 0.02
CA HIS B 98 -38.95 -21.95 -0.15
C HIS B 98 -39.44 -21.05 -1.27
N ARG B 99 -40.63 -20.50 -1.08
CA ARG B 99 -41.25 -19.58 -2.01
C ARG B 99 -41.23 -18.17 -1.43
N THR B 100 -40.87 -17.20 -2.26
CA THR B 100 -40.89 -15.81 -1.81
C THR B 100 -42.32 -15.35 -1.63
N LEU B 101 -42.58 -14.66 -0.52
CA LEU B 101 -43.91 -14.14 -0.24
C LEU B 101 -44.27 -13.07 -1.26
N LEU B 102 -45.48 -13.14 -1.80
CA LEU B 102 -46.00 -12.17 -2.73
C LEU B 102 -47.31 -11.62 -2.19
N TYR B 103 -47.48 -10.31 -2.33
CA TYR B 103 -48.68 -9.62 -1.86
C TYR B 103 -49.91 -10.15 -2.57
N GLY B 104 -50.95 -10.46 -1.80
CA GLY B 104 -52.19 -11.00 -2.33
C GLY B 104 -52.30 -12.51 -2.31
N HIS B 105 -51.20 -13.22 -2.06
CA HIS B 105 -51.29 -14.66 -1.89
C HIS B 105 -51.82 -15.01 -0.50
N ALA B 106 -52.07 -16.29 -0.28
CA ALA B 106 -52.52 -16.78 1.02
C ALA B 106 -51.33 -17.38 1.75
N ILE B 107 -51.10 -16.94 2.98
CA ILE B 107 -49.92 -17.29 3.74
C ILE B 107 -50.35 -17.97 5.04
N LEU B 108 -49.68 -19.08 5.37
CA LEU B 108 -49.87 -19.77 6.63
C LEU B 108 -48.63 -19.58 7.51
N LEU B 109 -48.85 -19.18 8.75
CA LEU B 109 -47.80 -18.85 9.70
C LEU B 109 -47.96 -19.78 10.90
N ARG B 110 -46.84 -20.32 11.39
CA ARG B 110 -46.87 -21.30 12.47
C ARG B 110 -46.05 -20.82 13.66
N HIS B 111 -46.61 -20.99 14.86
CA HIS B 111 -45.83 -20.80 16.08
C HIS B 111 -44.84 -21.95 16.18
N ALA B 112 -43.55 -21.65 15.97
CA ALA B 112 -42.52 -22.68 15.87
C ALA B 112 -42.35 -23.48 17.16
N HIS B 113 -42.65 -22.88 18.31
CA HIS B 113 -42.47 -23.57 19.58
C HIS B 113 -43.58 -24.58 19.85
N SER B 114 -44.82 -24.12 19.94
CA SER B 114 -45.93 -25.00 20.26
C SER B 114 -46.40 -25.82 19.07
N ARG B 115 -45.83 -25.59 17.88
CA ARG B 115 -46.14 -26.26 16.62
C ARG B 115 -47.57 -26.04 16.15
N MET B 116 -48.32 -25.16 16.79
CA MET B 116 -49.68 -24.86 16.40
C MET B 116 -49.70 -23.69 15.44
N TYR B 117 -50.82 -23.52 14.76
CA TYR B 117 -50.95 -22.56 13.67
C TYR B 117 -51.86 -21.42 14.10
N LEU B 118 -51.45 -20.20 13.78
CA LEU B 118 -52.28 -19.02 14.05
C LEU B 118 -53.55 -19.07 13.22
N SER B 119 -54.70 -18.97 13.89
CA SER B 119 -55.98 -19.06 13.22
C SER B 119 -56.95 -18.07 13.82
N CYS B 120 -57.95 -17.71 13.03
CA CYS B 120 -59.03 -16.83 13.49
C CYS B 120 -60.08 -17.72 14.13
N LEU B 121 -60.14 -17.68 15.47
CA LEU B 121 -61.08 -18.51 16.21
C LEU B 121 -62.51 -18.11 15.92
N THR B 122 -63.36 -19.12 15.71
CA THR B 122 -64.78 -18.90 15.43
C THR B 122 -65.51 -18.25 16.60
N THR B 123 -65.06 -18.50 17.82
CA THR B 123 -65.67 -17.92 19.00
C THR B 123 -65.40 -16.41 19.06
N SER B 124 -66.15 -15.74 19.93
CA SER B 124 -65.96 -14.29 20.14
C SER B 124 -66.30 -14.00 21.60
N ARG B 125 -65.27 -14.00 22.44
CA ARG B 125 -65.40 -13.64 23.85
C ARG B 125 -65.12 -12.18 24.11
N SER B 126 -64.86 -11.39 23.07
CA SER B 126 -64.64 -9.96 23.21
C SER B 126 -65.88 -9.27 23.77
N MET B 127 -65.68 -8.42 24.77
CA MET B 127 -66.76 -7.74 25.46
C MET B 127 -66.88 -6.26 25.15
N THR B 128 -65.77 -5.58 24.84
CA THR B 128 -65.83 -4.15 24.57
C THR B 128 -66.46 -3.88 23.21
N ASP B 129 -65.94 -4.50 22.16
CA ASP B 129 -66.41 -4.29 20.80
C ASP B 129 -67.14 -5.53 20.30
N LYS B 130 -68.36 -5.32 19.79
CA LYS B 130 -69.14 -6.39 19.20
C LYS B 130 -68.66 -6.60 17.77
N LEU B 131 -69.03 -7.75 17.19
CA LEU B 131 -68.68 -8.17 15.83
C LEU B 131 -67.17 -8.34 15.67
N ALA B 132 -66.49 -8.70 16.76
CA ALA B 132 -65.05 -8.87 16.76
C ALA B 132 -64.71 -10.28 17.20
N PHE B 133 -63.85 -10.95 16.42
CA PHE B 133 -63.39 -12.29 16.75
C PHE B 133 -62.00 -12.20 17.37
N ASP B 134 -61.46 -13.36 17.73
CA ASP B 134 -60.16 -13.45 18.37
C ASP B 134 -59.25 -14.35 17.56
N VAL B 135 -57.99 -13.96 17.48
CA VAL B 135 -56.99 -14.80 16.84
C VAL B 135 -56.47 -15.79 17.89
N GLY B 136 -56.11 -16.99 17.46
CA GLY B 136 -55.62 -17.99 18.39
C GLY B 136 -54.79 -19.01 17.66
N LEU B 137 -54.33 -20.00 18.42
CA LEU B 137 -53.50 -21.06 17.89
C LEU B 137 -54.35 -22.29 17.59
N GLN B 138 -54.10 -22.91 16.44
CA GLN B 138 -54.80 -24.11 16.01
C GLN B 138 -53.78 -25.21 15.78
N GLU B 139 -54.09 -26.42 16.27
CA GLU B 139 -53.17 -27.55 16.21
C GLU B 139 -52.84 -27.93 14.77
N ASP B 140 -53.84 -27.97 13.90
CA ASP B 140 -53.68 -28.43 12.53
C ASP B 140 -53.81 -27.27 11.54
N ALA B 141 -53.42 -27.54 10.30
CA ALA B 141 -53.48 -26.57 9.22
C ALA B 141 -54.76 -26.67 8.41
N THR B 142 -55.65 -27.60 8.74
CA THR B 142 -56.89 -27.79 8.00
C THR B 142 -57.82 -26.59 8.15
N GLY B 143 -58.57 -26.32 7.09
CA GLY B 143 -59.50 -25.21 7.07
C GLY B 143 -58.86 -23.92 6.63
N GLU B 144 -59.70 -22.89 6.56
CA GLU B 144 -59.28 -21.57 6.10
C GLU B 144 -59.07 -20.57 7.22
N ALA B 145 -59.43 -20.93 8.47
CA ALA B 145 -59.26 -20.04 9.60
C ALA B 145 -57.79 -19.71 9.84
N CYS B 146 -56.89 -20.63 9.51
CA CYS B 146 -55.47 -20.44 9.73
C CYS B 146 -54.82 -19.59 8.65
N TRP B 147 -55.53 -19.28 7.57
CA TRP B 147 -54.93 -18.64 6.41
C TRP B 147 -55.11 -17.12 6.43
N TRP B 148 -54.03 -16.43 6.07
CA TRP B 148 -53.98 -14.99 6.02
C TRP B 148 -53.52 -14.56 4.63
N THR B 149 -54.03 -13.43 4.17
CA THR B 149 -53.63 -12.87 2.88
C THR B 149 -53.01 -11.50 3.11
N MET B 150 -51.83 -11.28 2.51
CA MET B 150 -51.10 -10.03 2.67
C MET B 150 -51.56 -8.99 1.66
N HIS B 151 -51.57 -7.74 2.10
CA HIS B 151 -51.83 -6.56 1.29
C HIS B 151 -50.79 -5.49 1.59
N PRO B 152 -50.41 -4.71 0.58
CA PRO B 152 -49.57 -3.53 0.84
C PRO B 152 -50.30 -2.52 1.71
N ALA B 153 -49.51 -1.80 2.53
CA ALA B 153 -50.08 -0.83 3.45
C ALA B 153 -50.74 0.34 2.72
N SER B 154 -50.11 0.84 1.67
CA SER B 154 -50.63 2.00 0.96
C SER B 154 -50.20 1.89 -0.50
N LYS B 155 -50.30 3.00 -1.23
CA LYS B 155 -50.04 3.02 -2.67
C LYS B 155 -48.58 2.80 -3.03
N GLN B 156 -47.65 2.94 -2.07
CA GLN B 156 -46.22 2.79 -2.34
C GLN B 156 -45.84 1.39 -2.80
N ARG B 157 -46.66 0.38 -2.50
CA ARG B 157 -46.43 -0.98 -2.94
C ARG B 157 -47.70 -1.51 -3.59
N SER B 158 -47.52 -2.42 -4.54
CA SER B 158 -48.61 -3.02 -5.29
C SER B 158 -48.73 -4.51 -4.94
N GLU B 159 -49.88 -5.09 -5.29
CA GLU B 159 -50.06 -6.51 -5.04
C GLU B 159 -49.31 -7.35 -6.07
N GLY B 160 -48.96 -8.56 -5.68
CA GLY B 160 -48.23 -9.46 -6.54
C GLY B 160 -46.72 -9.32 -6.53
N GLU B 161 -46.17 -8.47 -5.68
CA GLU B 161 -44.73 -8.29 -5.60
C GLU B 161 -44.22 -8.68 -4.23
N LYS B 162 -42.92 -8.96 -4.18
CA LYS B 162 -42.28 -9.47 -2.98
C LYS B 162 -42.14 -8.41 -1.90
N VAL B 163 -41.88 -8.87 -0.68
CA VAL B 163 -41.82 -8.03 0.50
C VAL B 163 -40.39 -7.95 1.01
N ARG B 164 -39.95 -6.73 1.33
CA ARG B 164 -38.64 -6.51 1.94
C ARG B 164 -38.79 -6.47 3.46
N VAL B 165 -37.65 -6.42 4.16
CA VAL B 165 -37.67 -6.46 5.62
C VAL B 165 -38.20 -5.13 6.16
N GLY B 166 -38.86 -5.21 7.31
CA GLY B 166 -39.38 -4.03 7.99
C GLY B 166 -40.49 -3.31 7.28
N ASP B 167 -41.07 -3.90 6.23
CA ASP B 167 -42.15 -3.28 5.49
C ASP B 167 -43.44 -3.29 6.30
N ASP B 168 -44.32 -2.36 5.95
CA ASP B 168 -45.64 -2.24 6.57
C ASP B 168 -46.65 -3.01 5.74
N LEU B 169 -47.33 -3.96 6.36
CA LEU B 169 -48.22 -4.87 5.66
C LEU B 169 -49.59 -4.87 6.31
N ILE B 170 -50.55 -5.49 5.62
CA ILE B 170 -51.92 -5.64 6.10
C ILE B 170 -52.31 -7.09 5.92
N LEU B 171 -52.84 -7.71 6.97
CA LEU B 171 -53.25 -9.10 6.83
C LEU B 171 -54.77 -9.22 6.89
N VAL B 172 -55.30 -10.17 6.12
CA VAL B 172 -56.73 -10.41 6.04
C VAL B 172 -56.96 -11.87 6.41
N SER B 173 -57.88 -12.09 7.34
CA SER B 173 -58.32 -13.45 7.66
C SER B 173 -59.11 -14.01 6.49
N VAL B 174 -58.75 -15.21 6.04
CA VAL B 174 -59.48 -15.80 4.92
C VAL B 174 -60.89 -16.20 5.37
N SER B 175 -61.01 -16.80 6.55
CA SER B 175 -62.29 -17.32 6.99
C SER B 175 -63.25 -16.22 7.43
N SER B 176 -62.76 -15.19 8.12
CA SER B 176 -63.67 -14.21 8.69
C SER B 176 -63.67 -12.86 7.98
N GLU B 177 -62.80 -12.66 6.98
CA GLU B 177 -62.54 -11.39 6.28
C GLU B 177 -62.56 -10.17 7.20
N ARG B 178 -61.89 -10.33 8.34
CA ARG B 178 -61.74 -9.30 9.34
C ARG B 178 -60.26 -9.00 9.49
N TYR B 179 -59.93 -7.72 9.59
CA TYR B 179 -58.54 -7.35 9.84
C TYR B 179 -58.19 -7.65 11.29
N LEU B 180 -56.90 -7.86 11.52
CA LEU B 180 -56.41 -8.04 12.88
C LEU B 180 -56.28 -6.66 13.51
N HIS B 181 -56.94 -6.46 14.64
CA HIS B 181 -57.01 -5.15 15.26
C HIS B 181 -56.56 -5.24 16.71
N LEU B 182 -55.88 -4.20 17.18
CA LEU B 182 -55.48 -4.12 18.58
C LEU B 182 -56.53 -3.29 19.32
N SER B 183 -56.99 -3.79 20.45
CA SER B 183 -58.09 -3.14 21.17
C SER B 183 -57.54 -2.14 22.19
N THR B 184 -57.08 -1.01 21.66
CA THR B 184 -56.66 0.10 22.52
C THR B 184 -57.84 0.78 23.21
N ALA B 185 -59.08 0.53 22.75
CA ALA B 185 -60.26 1.05 23.44
C ALA B 185 -60.35 0.50 24.84
N SER B 186 -60.12 -0.79 25.01
CA SER B 186 -60.00 -1.38 26.33
C SER B 186 -58.69 -0.96 26.97
N GLY B 187 -58.68 -0.90 28.31
CA GLY B 187 -57.47 -0.57 29.04
C GLY B 187 -56.36 -1.59 28.85
N GLU B 188 -56.73 -2.84 28.55
CA GLU B 188 -55.77 -3.89 28.27
C GLU B 188 -55.45 -3.91 26.78
N LEU B 189 -54.18 -4.20 26.47
CA LEU B 189 -53.69 -4.21 25.09
C LEU B 189 -53.95 -5.59 24.50
N GLN B 190 -55.20 -5.79 24.08
CA GLN B 190 -55.66 -7.03 23.47
C GLN B 190 -55.64 -6.89 21.96
N VAL B 191 -55.52 -8.03 21.26
CA VAL B 191 -55.59 -8.08 19.81
C VAL B 191 -56.80 -8.93 19.43
N ASP B 192 -57.67 -8.36 18.59
CA ASP B 192 -58.89 -9.03 18.17
C ASP B 192 -58.97 -9.02 16.65
N ALA B 193 -59.89 -9.82 16.13
CA ALA B 193 -60.17 -9.89 14.69
C ALA B 193 -61.45 -9.12 14.47
N SER B 194 -61.34 -7.92 13.91
CA SER B 194 -62.49 -7.03 13.77
C SER B 194 -62.36 -6.28 12.45
N PHE B 195 -63.11 -5.20 12.31
CA PHE B 195 -63.22 -4.47 11.06
C PHE B 195 -62.22 -3.32 10.96
N MET B 196 -61.57 -2.95 12.06
CA MET B 196 -60.64 -1.84 12.06
C MET B 196 -59.25 -2.31 11.65
N GLN B 197 -58.64 -1.60 10.72
CA GLN B 197 -57.32 -1.97 10.23
C GLN B 197 -56.23 -1.45 11.17
N THR B 198 -55.21 -2.28 11.38
CA THR B 198 -54.07 -1.97 12.22
C THR B 198 -52.80 -2.07 11.38
N LEU B 199 -51.85 -1.17 11.60
CA LEU B 199 -50.56 -1.21 10.94
C LEU B 199 -49.67 -2.28 11.56
N TRP B 200 -48.98 -3.06 10.72
CA TRP B 200 -48.12 -4.13 11.19
C TRP B 200 -46.72 -4.00 10.61
N ASN B 201 -45.73 -3.95 11.50
CA ASN B 201 -44.32 -3.97 11.11
C ASN B 201 -43.83 -5.41 11.11
N MET B 202 -43.40 -5.89 9.95
CA MET B 202 -43.14 -7.31 9.77
C MET B 202 -41.62 -7.52 9.81
N ASN B 203 -41.12 -8.15 10.86
CA ASN B 203 -39.67 -8.21 11.07
C ASN B 203 -39.14 -9.63 11.01
N PRO B 204 -37.98 -9.84 10.39
CA PRO B 204 -37.39 -11.18 10.34
C PRO B 204 -36.51 -11.45 11.57
N ILE B 205 -36.05 -12.70 11.66
CA ILE B 205 -35.11 -13.12 12.70
C ILE B 205 -33.85 -13.69 12.06
N CYS B 206 -34.02 -14.76 11.29
CA CYS B 206 -32.94 -15.42 10.54
C CYS B 206 -33.59 -16.48 9.66
N SER B 207 -32.86 -16.87 8.62
CA SER B 207 -33.36 -17.83 7.65
C SER B 207 -32.52 -19.10 7.61
N CYS B 208 -31.20 -18.98 7.45
CA CYS B 208 -30.34 -20.14 7.21
C CYS B 208 -29.22 -20.18 8.24
N CYS B 209 -29.39 -21.00 9.27
CA CYS B 209 -28.32 -21.34 10.19
C CYS B 209 -27.75 -22.69 9.79
N GLU B 210 -26.47 -22.71 9.43
CA GLU B 210 -25.84 -23.91 8.90
C GLU B 210 -25.58 -24.92 10.02
N GLU B 211 -24.94 -26.03 9.65
CA GLU B 211 -24.79 -27.17 10.55
C GLU B 211 -23.82 -26.85 11.69
N GLY B 212 -24.30 -27.05 12.92
CA GLY B 212 -23.49 -27.01 14.13
C GLY B 212 -22.80 -25.69 14.38
N TYR B 213 -23.47 -24.59 14.09
CA TYR B 213 -22.92 -23.24 14.28
C TYR B 213 -23.80 -22.49 15.27
N VAL B 214 -23.17 -21.94 16.31
CA VAL B 214 -23.89 -21.26 17.37
C VAL B 214 -24.35 -19.91 16.84
N THR B 215 -25.65 -19.65 16.91
CA THR B 215 -26.24 -18.42 16.40
C THR B 215 -27.01 -17.74 17.52
N GLY B 216 -27.72 -16.68 17.17
CA GLY B 216 -28.55 -16.01 18.14
C GLY B 216 -29.87 -16.73 18.37
N GLY B 217 -30.51 -16.40 19.50
CA GLY B 217 -31.79 -16.99 19.86
C GLY B 217 -31.77 -18.44 20.32
N HIS B 218 -30.66 -19.14 20.16
CA HIS B 218 -30.57 -20.56 20.51
C HIS B 218 -30.60 -20.81 22.01
N VAL B 219 -31.00 -22.04 22.32
CA VAL B 219 -30.96 -22.64 23.65
C VAL B 219 -29.91 -23.74 23.57
N LEU B 220 -28.99 -23.75 24.53
CA LEU B 220 -27.86 -24.66 24.46
C LEU B 220 -27.37 -24.98 25.85
N ARG B 221 -26.74 -26.15 25.99
CA ARG B 221 -26.04 -26.41 27.24
C ARG B 221 -24.61 -25.89 27.14
N LEU B 222 -23.96 -25.85 28.30
CA LEU B 222 -22.54 -25.47 28.43
C LEU B 222 -21.81 -26.51 29.27
N PHE B 223 -21.35 -27.57 28.62
CA PHE B 223 -20.57 -28.59 29.29
C PHE B 223 -19.18 -28.06 29.63
N HIS B 224 -18.52 -28.74 30.56
CA HIS B 224 -17.13 -28.38 30.86
C HIS B 224 -16.25 -28.88 29.72
N GLY B 225 -15.00 -28.41 29.69
CA GLY B 225 -13.99 -28.91 28.75
C GLY B 225 -13.67 -30.39 28.88
N HIS B 226 -14.13 -31.05 29.95
CA HIS B 226 -13.94 -32.48 30.15
C HIS B 226 -15.24 -33.26 29.92
N MET B 227 -16.19 -32.64 29.20
CA MET B 227 -17.45 -33.27 28.72
C MET B 227 -18.32 -33.80 29.87
N ASP B 228 -18.16 -33.29 31.10
CA ASP B 228 -18.89 -33.87 32.22
C ASP B 228 -19.58 -32.88 33.16
N GLU B 229 -19.16 -31.62 33.22
CA GLU B 229 -19.73 -30.68 34.20
C GLU B 229 -20.46 -29.56 33.48
N CYS B 230 -21.79 -29.57 33.53
CA CYS B 230 -22.56 -28.53 32.88
C CYS B 230 -23.03 -27.48 33.87
N LEU B 231 -23.10 -26.24 33.38
CA LEU B 231 -23.56 -25.10 34.15
C LEU B 231 -25.05 -25.28 34.47
N THR B 232 -25.38 -25.34 35.75
CA THR B 232 -26.74 -25.67 36.19
C THR B 232 -27.10 -24.86 37.42
N ILE B 233 -28.42 -24.73 37.62
CA ILE B 233 -28.98 -24.23 38.87
C ILE B 233 -29.10 -25.42 39.81
N SER B 234 -29.37 -25.16 41.09
CA SER B 234 -29.52 -26.22 42.09
C SER B 234 -30.74 -27.11 41.79
N ALA B 235 -30.81 -28.21 42.52
CA ALA B 235 -31.88 -29.19 42.35
C ALA B 235 -33.22 -28.60 42.77
N ALA B 236 -34.30 -29.26 42.32
CA ALA B 236 -35.66 -28.79 42.58
C ALA B 236 -35.98 -28.78 44.07
N ASP B 237 -36.66 -27.72 44.50
CA ASP B 237 -37.06 -27.46 45.89
C ASP B 237 -35.83 -27.47 46.81
N SER B 238 -34.95 -26.50 46.57
CA SER B 238 -33.73 -26.34 47.35
C SER B 238 -33.81 -25.08 48.20
N ASP B 239 -33.25 -25.16 49.41
CA ASP B 239 -33.16 -24.03 50.32
C ASP B 239 -32.33 -22.88 49.75
N ASP B 240 -31.42 -23.16 48.82
CA ASP B 240 -30.68 -22.16 48.08
C ASP B 240 -31.57 -21.35 47.13
N GLN B 241 -32.81 -21.79 46.90
CA GLN B 241 -33.76 -21.27 45.91
C GLN B 241 -33.23 -21.38 44.49
N ARG B 242 -32.32 -22.34 44.28
CA ARG B 242 -31.71 -22.65 42.98
C ARG B 242 -30.99 -21.46 42.36
N ARG B 243 -30.51 -20.54 43.20
CA ARG B 243 -29.92 -19.30 42.75
C ARG B 243 -28.40 -19.34 42.60
N LEU B 244 -27.75 -20.47 42.92
CA LEU B 244 -26.31 -20.59 42.79
C LEU B 244 -25.97 -21.50 41.63
N VAL B 245 -25.05 -21.04 40.78
CA VAL B 245 -24.65 -21.76 39.57
C VAL B 245 -23.55 -22.76 39.91
N TYR B 246 -23.64 -23.95 39.30
CA TYR B 246 -22.68 -25.01 39.56
C TYR B 246 -22.30 -25.74 38.29
N TYR B 247 -21.10 -26.32 38.33
CA TYR B 247 -20.61 -27.29 37.38
C TYR B 247 -21.05 -28.62 37.95
N GLU B 248 -22.22 -29.08 37.52
CA GLU B 248 -22.81 -30.29 38.06
C GLU B 248 -22.82 -31.36 36.97
N GLY B 249 -22.50 -32.60 37.35
CA GLY B 249 -22.42 -33.70 36.42
C GLY B 249 -23.56 -34.69 36.53
N GLY B 250 -23.45 -35.75 35.72
CA GLY B 250 -24.44 -36.81 35.70
C GLY B 250 -25.63 -36.52 34.82
N ALA B 251 -26.79 -37.08 35.21
CA ALA B 251 -28.04 -36.94 34.45
C ALA B 251 -28.55 -35.51 34.44
N VAL B 252 -28.08 -34.69 35.37
CA VAL B 252 -28.44 -33.27 35.42
C VAL B 252 -28.00 -32.59 34.13
N CYS B 253 -26.84 -32.99 33.59
CA CYS B 253 -26.41 -32.55 32.27
C CYS B 253 -27.28 -33.08 31.15
N THR B 254 -28.11 -34.08 31.40
CA THR B 254 -29.13 -34.51 30.45
C THR B 254 -30.51 -34.00 30.85
N HIS B 255 -30.56 -33.10 31.83
CA HIS B 255 -31.81 -32.55 32.34
C HIS B 255 -32.00 -31.13 31.85
N ALA B 256 -33.22 -30.62 32.06
CA ALA B 256 -33.61 -29.30 31.56
C ALA B 256 -32.91 -28.15 32.29
N ARG B 257 -32.48 -28.37 33.53
CA ARG B 257 -31.81 -27.32 34.30
C ARG B 257 -30.47 -26.89 33.72
N SER B 258 -29.88 -27.69 32.83
CA SER B 258 -28.60 -27.38 32.23
C SER B 258 -28.72 -26.53 30.98
N LEU B 259 -29.94 -26.11 30.62
CA LEU B 259 -30.16 -25.37 29.39
C LEU B 259 -30.14 -23.87 29.61
N TRP B 260 -29.47 -23.16 28.72
CA TRP B 260 -29.38 -21.71 28.77
C TRP B 260 -29.79 -21.16 27.42
N ARG B 261 -30.67 -20.17 27.41
CA ARG B 261 -31.07 -19.51 26.16
C ARG B 261 -30.42 -18.14 26.10
N LEU B 262 -29.79 -17.85 24.96
CA LEU B 262 -29.15 -16.55 24.78
C LEU B 262 -30.07 -15.61 24.03
N GLU B 263 -30.21 -14.39 24.56
CA GLU B 263 -31.05 -13.35 23.98
C GLU B 263 -30.20 -12.14 23.66
N PRO B 264 -29.82 -11.92 22.40
CA PRO B 264 -29.02 -10.74 22.07
C PRO B 264 -29.79 -9.44 22.29
N LEU B 265 -29.05 -8.36 22.54
CA LEU B 265 -29.62 -7.04 22.78
C LEU B 265 -30.28 -6.44 21.55
N ARG B 266 -30.06 -7.01 20.38
CA ARG B 266 -30.60 -6.49 19.13
C ARG B 266 -32.04 -6.95 18.93
N ILE B 267 -32.94 -6.01 18.64
CA ILE B 267 -34.33 -6.37 18.40
C ILE B 267 -34.46 -7.08 17.05
N SER B 268 -33.82 -6.55 16.02
CA SER B 268 -33.88 -7.13 14.69
C SER B 268 -32.68 -8.04 14.45
N TRP B 269 -32.93 -9.12 13.70
CA TRP B 269 -31.93 -10.15 13.36
C TRP B 269 -31.27 -10.73 14.60
N SER B 270 -32.09 -10.94 15.64
CA SER B 270 -31.62 -11.51 16.90
C SER B 270 -31.14 -12.95 16.76
N GLY B 271 -31.51 -13.65 15.68
CA GLY B 271 -31.09 -15.01 15.47
C GLY B 271 -29.91 -15.14 14.53
N SER B 272 -29.19 -14.04 14.30
CA SER B 272 -28.02 -14.04 13.43
C SER B 272 -26.91 -14.91 14.00
N HIS B 273 -26.01 -15.33 13.11
CA HIS B 273 -24.85 -16.12 13.52
C HIS B 273 -23.99 -15.33 14.50
N LEU B 274 -23.51 -16.01 15.53
CA LEU B 274 -22.79 -15.33 16.60
C LEU B 274 -21.37 -14.99 16.17
N ARG B 275 -21.05 -13.70 16.21
CA ARG B 275 -19.68 -13.22 16.07
C ARG B 275 -19.09 -13.10 17.46
N TRP B 276 -17.78 -13.40 17.57
CA TRP B 276 -17.11 -13.39 18.86
C TRP B 276 -17.11 -12.02 19.52
N GLY B 277 -17.89 -11.89 20.58
CA GLY B 277 -17.93 -10.69 21.38
C GLY B 277 -19.14 -9.79 21.25
N GLN B 278 -20.32 -10.32 20.71
CA GLN B 278 -21.37 -9.31 20.76
C GLN B 278 -22.05 -9.34 22.13
N PRO B 279 -22.62 -8.23 22.60
CA PRO B 279 -23.36 -8.29 23.87
C PRO B 279 -24.65 -9.08 23.72
N LEU B 280 -25.00 -9.81 24.77
CA LEU B 280 -26.15 -10.72 24.77
C LEU B 280 -26.42 -11.16 26.20
N ARG B 281 -27.69 -11.40 26.49
CA ARG B 281 -28.17 -11.83 27.79
C ARG B 281 -28.30 -13.35 27.82
N ILE B 282 -28.31 -13.91 29.03
CA ILE B 282 -28.48 -15.34 29.25
C ILE B 282 -29.67 -15.52 30.19
N ARG B 283 -30.61 -16.39 29.80
CA ARG B 283 -31.76 -16.69 30.63
C ARG B 283 -31.88 -18.19 30.82
N HIS B 284 -32.33 -18.60 32.00
CA HIS B 284 -32.63 -19.99 32.24
C HIS B 284 -34.00 -20.33 31.68
N VAL B 285 -34.14 -21.57 31.22
CA VAL B 285 -35.34 -22.00 30.51
C VAL B 285 -36.54 -22.13 31.46
N THR B 286 -36.34 -22.74 32.63
CA THR B 286 -37.46 -23.20 33.43
C THR B 286 -37.74 -22.34 34.65
N THR B 287 -36.93 -21.32 34.92
CA THR B 287 -37.12 -20.50 36.11
C THR B 287 -37.36 -19.04 35.81
N GLY B 288 -37.14 -18.58 34.57
CA GLY B 288 -37.27 -17.17 34.26
C GLY B 288 -36.27 -16.31 35.00
N ARG B 289 -35.03 -16.77 35.09
CA ARG B 289 -33.99 -16.06 35.80
C ARG B 289 -32.85 -15.74 34.85
N TYR B 290 -32.22 -14.59 35.08
CA TYR B 290 -31.13 -14.07 34.27
C TYR B 290 -29.86 -14.11 35.09
N LEU B 291 -28.79 -14.66 34.51
CA LEU B 291 -27.49 -14.64 35.17
C LEU B 291 -27.00 -13.20 35.28
N ALA B 292 -26.51 -12.83 36.47
CA ALA B 292 -26.08 -11.46 36.70
C ALA B 292 -25.05 -11.40 37.80
N LEU B 293 -24.29 -10.30 37.77
CA LEU B 293 -23.36 -9.94 38.84
C LEU B 293 -24.14 -9.12 39.86
N THR B 294 -24.70 -9.81 40.84
CA THR B 294 -25.51 -9.13 41.85
C THR B 294 -24.61 -8.48 42.89
N GLU B 295 -25.19 -7.57 43.66
CA GLU B 295 -24.40 -6.79 44.62
C GLU B 295 -24.04 -7.60 45.87
N ASP B 296 -24.93 -8.47 46.34
CA ASP B 296 -24.68 -9.14 47.62
C ASP B 296 -23.96 -10.49 47.48
N GLN B 297 -24.24 -11.26 46.43
CA GLN B 297 -23.67 -12.60 46.30
C GLN B 297 -22.94 -12.84 44.99
N GLY B 298 -22.47 -11.78 44.33
CA GLY B 298 -21.71 -11.90 43.10
C GLY B 298 -22.47 -12.48 41.92
N LEU B 299 -22.13 -13.69 41.48
CA LEU B 299 -22.76 -14.29 40.31
C LEU B 299 -23.93 -15.15 40.74
N VAL B 300 -25.16 -14.63 40.58
CA VAL B 300 -26.37 -15.42 40.82
C VAL B 300 -27.35 -15.17 39.69
N VAL B 301 -28.42 -15.95 39.68
CA VAL B 301 -29.49 -15.80 38.70
C VAL B 301 -30.59 -14.97 39.36
N VAL B 302 -30.60 -13.68 39.04
CA VAL B 302 -31.62 -12.77 39.52
C VAL B 302 -32.90 -13.00 38.74
N ASP B 303 -34.03 -12.62 39.33
CA ASP B 303 -35.32 -12.75 38.67
C ASP B 303 -35.39 -11.87 37.42
N ALA B 304 -36.32 -12.20 36.53
CA ALA B 304 -36.45 -11.49 35.27
C ALA B 304 -36.97 -10.06 35.40
N CYS B 305 -37.44 -9.66 36.58
CA CYS B 305 -37.95 -8.30 36.78
C CYS B 305 -36.87 -7.33 37.21
N LYS B 306 -35.62 -7.78 37.40
CA LYS B 306 -34.55 -6.92 37.87
C LYS B 306 -33.29 -7.09 37.03
N ALA B 307 -33.43 -7.36 35.74
CA ALA B 307 -32.28 -7.44 34.84
C ALA B 307 -32.13 -6.07 34.19
N HIS B 308 -31.14 -5.31 34.64
CA HIS B 308 -30.93 -3.93 34.20
C HIS B 308 -29.98 -3.80 33.02
N THR B 309 -29.64 -4.94 32.37
CA THR B 309 -28.89 -5.08 31.10
C THR B 309 -27.40 -4.78 31.31
N LYS B 310 -27.02 -4.31 32.49
CA LYS B 310 -25.62 -4.04 32.78
C LYS B 310 -24.94 -5.27 33.37
N ALA B 311 -25.50 -5.82 34.45
CA ALA B 311 -24.91 -6.99 35.08
C ALA B 311 -25.23 -8.28 34.36
N THR B 312 -26.17 -8.27 33.42
CA THR B 312 -26.61 -9.51 32.77
C THR B 312 -25.92 -9.80 31.45
N SER B 313 -25.58 -8.77 30.69
CA SER B 313 -24.98 -8.99 29.38
C SER B 313 -23.54 -9.51 29.52
N PHE B 314 -23.11 -10.29 28.53
CA PHE B 314 -21.82 -10.96 28.53
C PHE B 314 -21.29 -10.95 27.10
N CYS B 315 -20.08 -11.50 26.91
CA CYS B 315 -19.49 -11.56 25.58
C CYS B 315 -18.56 -12.77 25.49
N PHE B 316 -18.31 -13.19 24.26
CA PHE B 316 -17.55 -14.41 23.95
C PHE B 316 -16.28 -14.06 23.21
N ARG B 317 -15.13 -14.52 23.71
CA ARG B 317 -13.90 -14.38 22.92
C ARG B 317 -13.08 -15.65 23.03
N VAL B 318 -12.22 -15.87 22.05
CA VAL B 318 -11.44 -17.11 21.99
C VAL B 318 -10.37 -17.15 23.09
N SER B 319 -9.92 -16.01 23.60
CA SER B 319 -8.76 -15.97 24.49
C SER B 319 -9.08 -15.11 25.70
N LYS B 320 -8.12 -15.05 26.63
CA LYS B 320 -8.25 -14.30 27.87
C LYS B 320 -7.78 -12.85 27.74
N GLU B 321 -7.27 -12.46 26.57
CA GLU B 321 -6.70 -11.14 26.38
C GLU B 321 -7.81 -10.08 26.38
N LYS B 322 -7.42 -8.85 26.69
CA LYS B 322 -8.34 -7.72 26.67
C LYS B 322 -8.71 -7.35 25.24
N LEU B 323 -9.82 -7.89 24.74
CA LEU B 323 -10.25 -7.60 23.38
C LEU B 323 -11.09 -6.32 23.34
N PRO B 327 -18.30 -5.67 21.46
CA PRO B 327 -19.49 -5.22 20.72
C PRO B 327 -19.13 -4.56 19.39
N LYS B 328 -19.59 -5.15 18.30
CA LYS B 328 -19.34 -4.65 16.96
C LYS B 328 -20.63 -4.09 16.36
N ARG B 329 -20.55 -3.69 15.10
CA ARG B 329 -21.73 -3.25 14.37
C ARG B 329 -22.57 -4.48 14.01
N ASP B 330 -23.81 -4.51 14.49
CA ASP B 330 -24.67 -5.68 14.30
C ASP B 330 -25.01 -5.90 12.83
N VAL B 331 -24.98 -7.16 12.42
CA VAL B 331 -25.18 -7.54 11.02
C VAL B 331 -26.66 -7.77 10.74
N GLU B 332 -27.17 -7.11 9.71
CA GLU B 332 -28.57 -7.23 9.33
C GLU B 332 -28.79 -8.39 8.36
N GLY B 333 -28.36 -9.58 8.75
CA GLY B 333 -28.45 -10.75 7.91
C GLY B 333 -28.15 -12.02 8.66
N MET B 334 -27.62 -13.02 7.95
CA MET B 334 -27.30 -14.31 8.55
C MET B 334 -26.24 -14.17 9.63
N GLY B 335 -25.25 -13.34 9.39
CA GLY B 335 -24.14 -13.20 10.30
C GLY B 335 -23.02 -14.14 9.93
N PRO B 336 -21.78 -13.80 10.32
CA PRO B 336 -20.63 -14.67 10.04
C PRO B 336 -20.63 -15.89 10.95
N PRO B 337 -20.83 -17.09 10.41
CA PRO B 337 -20.86 -18.28 11.27
C PRO B 337 -19.47 -18.66 11.79
N GLU B 338 -19.23 -18.35 13.05
CA GLU B 338 -17.92 -18.59 13.67
C GLU B 338 -17.98 -19.56 14.84
N ILE B 339 -18.87 -19.31 15.80
CA ILE B 339 -18.94 -20.14 16.99
C ILE B 339 -19.63 -21.46 16.65
N LYS B 340 -18.96 -22.57 16.92
CA LYS B 340 -19.45 -23.89 16.58
C LYS B 340 -19.95 -24.62 17.81
N TYR B 341 -20.81 -25.61 17.58
CA TYR B 341 -21.36 -26.44 18.65
C TYR B 341 -20.44 -27.63 18.90
N GLY B 342 -19.85 -27.67 20.10
CA GLY B 342 -18.91 -28.70 20.47
C GLY B 342 -17.47 -28.41 20.14
N GLU B 343 -17.20 -27.45 19.26
CA GLU B 343 -15.87 -27.02 18.89
C GLU B 343 -15.84 -25.49 18.96
N SER B 344 -14.70 -24.91 18.55
CA SER B 344 -14.46 -23.46 18.56
C SER B 344 -14.65 -22.89 19.96
N LEU B 345 -13.75 -23.33 20.85
CA LEU B 345 -13.82 -23.00 22.27
C LEU B 345 -13.74 -21.50 22.52
N CYS B 346 -14.54 -21.03 23.47
CA CYS B 346 -14.58 -19.62 23.81
C CYS B 346 -14.69 -19.45 25.31
N PHE B 347 -14.17 -18.32 25.77
CA PHE B 347 -14.18 -17.88 27.15
C PHE B 347 -15.15 -16.71 27.24
N VAL B 348 -16.02 -16.76 28.23
CA VAL B 348 -17.09 -15.79 28.39
C VAL B 348 -16.68 -14.79 29.45
N GLN B 349 -16.80 -13.50 29.15
CA GLN B 349 -16.46 -12.49 30.13
C GLN B 349 -17.64 -11.53 30.26
N HIS B 350 -17.84 -11.03 31.49
CA HIS B 350 -18.79 -9.97 31.75
C HIS B 350 -18.42 -8.73 30.94
N VAL B 351 -19.40 -8.20 30.19
CA VAL B 351 -19.12 -7.06 29.33
C VAL B 351 -18.88 -5.79 30.15
N ALA B 352 -19.56 -5.63 31.28
CA ALA B 352 -19.45 -4.42 32.08
C ALA B 352 -18.49 -4.57 33.25
N SER B 353 -18.44 -5.74 33.87
CA SER B 353 -17.56 -5.94 35.02
C SER B 353 -16.18 -6.43 34.62
N GLY B 354 -16.05 -7.07 33.46
CA GLY B 354 -14.76 -7.57 33.04
C GLY B 354 -14.32 -8.83 33.75
N LEU B 355 -15.23 -9.54 34.39
CA LEU B 355 -14.88 -10.72 35.16
C LEU B 355 -15.25 -11.99 34.38
N TRP B 356 -14.35 -12.98 34.43
CA TRP B 356 -14.52 -14.27 33.73
C TRP B 356 -15.05 -15.35 34.67
N LEU B 357 -15.99 -16.16 34.18
CA LEU B 357 -16.54 -17.22 35.01
C LEU B 357 -15.50 -18.34 35.17
N THR B 358 -15.43 -18.91 36.37
CA THR B 358 -14.51 -19.98 36.69
C THR B 358 -15.07 -20.69 37.92
N TYR B 359 -14.73 -21.98 38.06
CA TYR B 359 -15.14 -22.76 39.21
C TYR B 359 -14.52 -22.22 40.50
N ALA B 360 -15.27 -22.30 41.59
CA ALA B 360 -14.76 -21.93 42.91
C ALA B 360 -13.78 -22.99 43.38
N ALA B 361 -12.51 -22.62 43.51
CA ALA B 361 -11.45 -23.57 43.84
C ALA B 361 -11.59 -24.33 45.17
N PRO B 362 -11.96 -23.72 46.33
CA PRO B 362 -12.06 -24.52 47.57
C PRO B 362 -13.07 -25.66 47.50
N ASP B 363 -12.71 -26.80 48.11
CA ASP B 363 -13.55 -27.98 48.13
C ASP B 363 -14.10 -28.23 49.53
N PRO B 364 -15.41 -28.16 49.73
CA PRO B 364 -16.00 -28.46 51.04
C PRO B 364 -16.10 -29.96 51.28
N LYS B 365 -16.61 -30.30 52.48
CA LYS B 365 -16.78 -31.69 52.85
C LYS B 365 -17.88 -32.36 52.04
N ALA B 366 -18.83 -31.59 51.51
CA ALA B 366 -19.85 -32.14 50.62
C ALA B 366 -19.22 -32.69 49.34
N LEU B 367 -18.22 -31.98 48.79
CA LEU B 367 -17.50 -32.45 47.63
C LEU B 367 -16.27 -33.27 47.96
N ARG B 368 -16.01 -33.51 49.25
CA ARG B 368 -14.82 -34.25 49.66
C ARG B 368 -14.84 -35.69 49.12
N LEU B 369 -16.00 -36.36 49.21
CA LEU B 369 -16.10 -37.74 48.77
C LEU B 369 -17.32 -37.92 47.87
N GLY B 370 -18.32 -37.08 48.02
CA GLY B 370 -19.57 -37.21 47.30
C GLY B 370 -19.49 -36.68 45.88
N VAL B 371 -20.68 -36.53 45.28
CA VAL B 371 -20.79 -36.03 43.91
C VAL B 371 -20.31 -34.57 43.87
N LEU B 372 -19.71 -34.19 42.75
CA LEU B 372 -19.09 -32.88 42.61
C LEU B 372 -20.05 -31.92 41.92
N LYS B 373 -20.62 -31.00 42.70
CA LYS B 373 -21.26 -29.80 42.19
C LYS B 373 -20.34 -28.65 42.52
N LYS B 374 -19.79 -28.01 41.50
CA LYS B 374 -18.68 -27.08 41.64
C LYS B 374 -19.20 -25.65 41.46
N LYS B 375 -19.19 -24.86 42.54
CA LYS B 375 -19.71 -23.49 42.47
C LYS B 375 -18.92 -22.64 41.47
N ALA B 376 -19.65 -21.88 40.66
CA ALA B 376 -19.02 -21.03 39.66
C ALA B 376 -18.94 -19.59 40.18
N ILE B 377 -17.73 -19.03 40.16
CA ILE B 377 -17.49 -17.66 40.60
C ILE B 377 -17.00 -16.86 39.41
N LEU B 378 -17.59 -15.69 39.20
CA LEU B 378 -17.19 -14.82 38.09
C LEU B 378 -15.86 -14.16 38.47
N HIS B 379 -14.77 -14.92 38.32
CA HIS B 379 -13.45 -14.49 38.75
C HIS B 379 -12.94 -13.33 37.89
N GLN B 380 -12.05 -12.53 38.48
CA GLN B 380 -11.51 -11.34 37.80
C GLN B 380 -10.73 -11.73 36.54
N GLU B 381 -9.90 -12.76 36.61
CA GLU B 381 -9.17 -13.25 35.45
C GLU B 381 -9.51 -14.70 35.13
N GLY B 382 -9.55 -15.57 36.12
CA GLY B 382 -9.89 -16.95 35.93
C GLY B 382 -8.70 -17.85 35.64
N HIS B 383 -8.99 -19.15 35.62
CA HIS B 383 -8.00 -20.18 35.42
C HIS B 383 -7.89 -20.52 33.93
N MET B 384 -7.17 -21.60 33.62
CA MET B 384 -6.92 -22.03 32.25
C MET B 384 -7.93 -23.07 31.80
N ASP B 385 -8.25 -24.05 32.66
CA ASP B 385 -9.10 -25.18 32.29
C ASP B 385 -10.59 -24.91 32.47
N ASP B 386 -11.01 -23.65 32.44
CA ASP B 386 -12.43 -23.30 32.54
C ASP B 386 -13.12 -23.25 31.18
N ALA B 387 -12.58 -23.96 30.17
CA ALA B 387 -13.18 -23.98 28.84
C ALA B 387 -14.55 -24.64 28.86
N LEU B 388 -15.46 -24.10 28.04
CA LEU B 388 -16.85 -24.53 28.03
C LEU B 388 -17.25 -25.03 26.64
N PHE B 389 -17.68 -26.28 26.57
CA PHE B 389 -18.21 -26.84 25.34
C PHE B 389 -19.67 -26.39 25.18
N LEU B 390 -20.06 -26.08 23.96
CA LEU B 390 -21.42 -25.65 23.66
C LEU B 390 -22.16 -26.76 22.95
N THR B 391 -23.32 -27.16 23.47
CA THR B 391 -24.03 -28.29 22.91
C THR B 391 -25.48 -27.95 22.59
N ARG B 392 -25.98 -28.51 21.50
CA ARG B 392 -27.35 -28.32 21.05
C ARG B 392 -28.38 -28.89 22.02
N CYS B 393 -29.58 -28.29 21.98
CA CYS B 393 -30.77 -28.86 22.57
C CYS B 393 -31.71 -29.31 21.46
N GLN B 394 -32.33 -30.47 21.65
CA GLN B 394 -33.29 -30.96 20.68
C GLN B 394 -34.58 -30.14 20.86
N GLN B 395 -35.37 -30.07 19.78
CA GLN B 395 -36.59 -29.27 19.77
C GLN B 395 -37.57 -29.73 20.84
N GLU B 396 -37.70 -31.05 21.04
CA GLU B 396 -38.55 -31.58 22.11
C GLU B 396 -38.05 -31.15 23.48
N GLU B 397 -36.72 -31.13 23.66
CA GLU B 397 -36.13 -30.65 24.92
C GLU B 397 -36.46 -29.20 25.16
N SER B 398 -36.31 -28.36 24.13
CA SER B 398 -36.59 -26.94 24.23
C SER B 398 -38.07 -26.68 24.55
N GLN B 399 -38.95 -27.38 23.83
CA GLN B 399 -40.39 -27.25 24.05
C GLN B 399 -40.77 -27.69 25.45
N ALA B 400 -40.22 -28.82 25.91
CA ALA B 400 -40.48 -29.32 27.25
C ALA B 400 -40.01 -28.34 28.31
N ALA B 401 -38.81 -27.77 28.10
CA ALA B 401 -38.27 -26.82 29.06
C ALA B 401 -39.18 -25.61 29.16
N ARG B 402 -39.70 -25.13 28.02
CA ARG B 402 -40.67 -24.04 28.08
C ARG B 402 -41.97 -24.49 28.75
N MET B 403 -42.30 -25.80 28.64
CA MET B 403 -43.51 -26.33 29.27
C MET B 403 -43.48 -26.14 30.76
N ILE B 404 -42.38 -26.58 31.42
CA ILE B 404 -42.36 -26.51 32.89
C ILE B 404 -42.49 -25.07 33.37
N HIS B 405 -41.72 -24.16 32.75
CA HIS B 405 -41.74 -22.74 33.14
C HIS B 405 -43.11 -22.09 32.96
N SER B 406 -43.79 -22.37 31.85
CA SER B 406 -45.13 -21.81 31.67
C SER B 406 -46.18 -22.53 32.52
N THR B 407 -46.05 -23.85 32.63
CA THR B 407 -47.05 -24.70 33.26
C THR B 407 -47.05 -24.55 34.78
N ALA B 408 -45.87 -24.55 35.41
CA ALA B 408 -45.76 -24.53 36.86
C ALA B 408 -46.32 -23.25 37.48
N GLY B 409 -46.07 -22.10 36.85
CA GLY B 409 -46.53 -20.83 37.41
C GLY B 409 -48.04 -20.71 37.51
N LEU B 410 -48.76 -21.33 36.55
CA LEU B 410 -50.22 -21.27 36.53
C LEU B 410 -50.80 -21.96 37.74
N TYR B 411 -50.35 -23.18 38.02
CA TYR B 411 -50.88 -23.87 39.19
C TYR B 411 -50.27 -23.35 40.48
N ASN B 412 -49.06 -22.77 40.44
CA ASN B 412 -48.56 -22.10 41.64
C ASN B 412 -49.49 -20.97 42.06
N GLN B 413 -49.94 -20.17 41.08
CA GLN B 413 -50.98 -19.18 41.32
C GLN B 413 -52.29 -19.83 41.76
N PHE B 414 -52.66 -20.96 41.15
CA PHE B 414 -53.89 -21.67 41.53
C PHE B 414 -53.82 -22.16 42.98
N ILE B 415 -52.67 -22.70 43.38
CA ILE B 415 -52.45 -23.17 44.74
C ILE B 415 -52.53 -22.03 45.73
N LYS B 416 -51.90 -20.89 45.40
CA LYS B 416 -52.01 -19.73 46.29
C LYS B 416 -53.44 -19.18 46.33
N GLY B 417 -54.22 -19.39 45.27
CA GLY B 417 -55.61 -19.04 45.35
C GLY B 417 -56.40 -20.02 46.18
N LEU B 418 -55.98 -21.28 46.20
CA LEU B 418 -56.65 -22.31 46.99
C LEU B 418 -56.47 -22.06 48.47
N ASP B 419 -55.22 -22.00 48.94
CA ASP B 419 -55.06 -21.74 50.36
C ASP B 419 -55.45 -20.31 50.76
N SER B 420 -55.65 -19.39 49.79
CA SER B 420 -56.21 -18.09 50.15
C SER B 420 -57.61 -18.23 50.72
N PHE B 421 -58.40 -19.19 50.22
CA PHE B 421 -59.71 -19.48 50.82
C PHE B 421 -59.77 -20.84 51.50
N SER B 422 -58.62 -21.40 51.89
CA SER B 422 -58.62 -22.65 52.66
C SER B 422 -59.39 -22.48 53.97
N GLY B 423 -59.04 -21.45 54.74
CA GLY B 423 -59.86 -21.01 55.84
C GLY B 423 -60.81 -19.92 55.36
N LYS B 424 -61.44 -19.23 56.34
CA LYS B 424 -62.36 -18.10 56.13
C LYS B 424 -63.47 -18.48 55.17
N PRO B 425 -64.48 -19.25 55.62
CA PRO B 425 -65.58 -19.65 54.73
C PRO B 425 -66.29 -18.46 54.11
N ARG B 426 -66.60 -18.59 52.82
CA ARG B 426 -67.24 -17.52 52.06
C ARG B 426 -68.63 -17.20 52.59
N GLY B 427 -69.33 -18.20 53.12
CA GLY B 427 -70.67 -18.03 53.62
C GLY B 427 -71.65 -17.69 52.50
N SER B 428 -72.11 -16.45 52.47
CA SER B 428 -72.97 -15.97 51.40
C SER B 428 -72.40 -14.74 50.70
N GLY B 429 -71.17 -14.35 51.03
CA GLY B 429 -70.58 -13.17 50.45
C GLY B 429 -69.67 -13.47 49.28
N PRO B 430 -68.67 -12.62 49.07
CA PRO B 430 -67.75 -12.83 47.95
C PRO B 430 -66.59 -13.71 48.34
N PRO B 431 -65.89 -14.33 47.36
CA PRO B 431 -64.72 -15.17 47.69
C PRO B 431 -63.53 -14.39 48.26
N ALA B 432 -62.45 -15.12 48.53
CA ALA B 432 -61.27 -14.56 49.19
C ALA B 432 -60.61 -13.48 48.34
N GLY B 433 -60.11 -13.86 47.16
CA GLY B 433 -59.37 -12.93 46.34
C GLY B 433 -59.68 -13.02 44.86
N PRO B 434 -58.64 -13.07 44.04
CA PRO B 434 -58.82 -13.08 42.58
C PRO B 434 -59.49 -14.36 42.11
N ALA B 435 -60.22 -14.25 40.99
CA ALA B 435 -60.87 -15.39 40.39
C ALA B 435 -59.84 -16.36 39.84
N LEU B 436 -59.98 -17.63 40.20
CA LEU B 436 -59.03 -18.65 39.79
C LEU B 436 -59.25 -19.02 38.32
N PRO B 437 -58.19 -19.08 37.51
CA PRO B 437 -58.34 -19.39 36.08
C PRO B 437 -58.77 -20.82 35.82
N ILE B 438 -60.06 -21.09 36.05
CA ILE B 438 -60.62 -22.43 35.92
C ILE B 438 -60.48 -22.96 34.48
N GLU B 439 -60.89 -22.13 33.51
CA GLU B 439 -60.84 -22.54 32.10
C GLU B 439 -59.41 -22.69 31.60
N ALA B 440 -58.53 -21.76 31.97
CA ALA B 440 -57.13 -21.84 31.56
C ALA B 440 -56.45 -23.07 32.14
N VAL B 441 -56.73 -23.36 33.41
CA VAL B 441 -56.18 -24.53 34.07
C VAL B 441 -56.70 -25.81 33.41
N ILE B 442 -58.01 -25.87 33.15
CA ILE B 442 -58.62 -27.06 32.53
C ILE B 442 -58.04 -27.29 31.13
N LEU B 443 -57.88 -26.22 30.36
CA LEU B 443 -57.28 -26.29 29.03
C LEU B 443 -55.84 -26.81 29.10
N SER B 444 -55.06 -26.30 30.06
CA SER B 444 -53.69 -26.77 30.25
C SER B 444 -53.65 -28.23 30.67
N LEU B 445 -54.59 -28.65 31.53
CA LEU B 445 -54.69 -30.04 31.95
C LEU B 445 -55.00 -30.96 30.77
N GLN B 446 -55.93 -30.55 29.90
CA GLN B 446 -56.28 -31.33 28.72
C GLN B 446 -55.09 -31.44 27.77
N ASP B 447 -54.36 -30.32 27.57
CA ASP B 447 -53.17 -30.33 26.75
C ASP B 447 -52.10 -31.24 27.33
N LEU B 448 -51.91 -31.20 28.64
CA LEU B 448 -50.88 -32.02 29.27
C LEU B 448 -51.22 -33.51 29.16
N ILE B 449 -52.49 -33.86 29.35
CA ILE B 449 -52.92 -35.25 29.21
C ILE B 449 -52.69 -35.77 27.79
N GLY B 450 -53.05 -34.95 26.79
CA GLY B 450 -52.73 -35.32 25.42
C GLY B 450 -51.23 -35.34 25.14
N TYR B 451 -50.49 -34.44 25.77
CA TYR B 451 -49.04 -34.42 25.68
C TYR B 451 -48.41 -35.65 26.31
N PHE B 452 -49.08 -36.28 27.26
CA PHE B 452 -48.60 -37.48 27.92
C PHE B 452 -49.41 -38.72 27.53
N GLU B 453 -50.08 -38.66 26.38
CA GLU B 453 -50.83 -39.82 25.90
C GLU B 453 -49.86 -40.92 25.48
N PRO B 454 -50.01 -42.14 25.99
CA PRO B 454 -49.17 -43.24 25.53
C PRO B 454 -49.42 -43.54 24.07
N PRO B 455 -48.40 -44.03 23.35
CA PRO B 455 -48.56 -44.33 21.92
C PRO B 455 -49.57 -45.44 21.65
N SER B 456 -50.26 -45.31 20.52
CA SER B 456 -51.32 -46.23 20.14
C SER B 456 -50.76 -47.62 19.84
N GLU B 457 -51.62 -48.63 20.04
CA GLU B 457 -51.23 -50.03 19.88
C GLU B 457 -50.85 -50.37 18.45
N GLU B 458 -51.58 -49.82 17.47
CA GLU B 458 -51.39 -50.16 16.07
C GLU B 458 -50.04 -49.73 15.50
N LEU B 459 -49.32 -48.85 16.20
CA LEU B 459 -48.03 -48.37 15.74
C LEU B 459 -47.02 -49.50 15.63
N GLN B 460 -46.16 -49.41 14.61
CA GLN B 460 -45.13 -50.42 14.38
C GLN B 460 -44.14 -50.40 15.54
N HIS B 461 -43.50 -51.55 15.76
CA HIS B 461 -42.62 -51.77 16.90
C HIS B 461 -41.51 -50.73 17.03
N GLU B 462 -40.94 -50.29 15.90
CA GLU B 462 -39.87 -49.28 15.92
C GLU B 462 -40.35 -47.94 16.45
N GLU B 463 -41.47 -47.45 15.91
CA GLU B 463 -41.99 -46.17 16.34
C GLU B 463 -42.60 -46.26 17.72
N LYS B 464 -43.13 -47.44 18.06
CA LYS B 464 -43.69 -47.67 19.39
C LYS B 464 -42.60 -47.54 20.45
N GLN B 465 -41.43 -48.16 20.21
CA GLN B 465 -40.33 -48.06 21.16
C GLN B 465 -39.78 -46.64 21.21
N SER B 466 -39.65 -45.96 20.05
CA SER B 466 -39.14 -44.60 20.05
C SER B 466 -40.05 -43.65 20.81
N LYS B 467 -41.37 -43.79 20.60
CA LYS B 467 -42.33 -42.98 21.34
C LYS B 467 -42.32 -43.34 22.82
N LEU B 468 -42.06 -44.60 23.15
CA LEU B 468 -41.95 -45.00 24.54
C LEU B 468 -40.77 -44.30 25.21
N ARG B 469 -39.63 -44.27 24.51
CA ARG B 469 -38.45 -43.58 25.04
C ARG B 469 -38.70 -42.09 25.24
N SER B 470 -39.38 -41.45 24.27
CA SER B 470 -39.75 -40.05 24.43
C SER B 470 -40.71 -39.84 25.60
N LEU B 471 -41.68 -40.75 25.76
CA LEU B 471 -42.64 -40.66 26.85
C LEU B 471 -41.97 -40.79 28.21
N ARG B 472 -41.05 -41.74 28.35
CA ARG B 472 -40.31 -41.90 29.60
C ARG B 472 -39.43 -40.69 29.87
N ASN B 473 -38.80 -40.15 28.83
CA ASN B 473 -37.92 -39.00 29.00
C ASN B 473 -38.72 -37.78 29.48
N ARG B 474 -39.85 -37.50 28.84
CA ARG B 474 -40.69 -36.38 29.24
C ARG B 474 -41.26 -36.55 30.64
N GLN B 475 -41.67 -37.77 30.99
CA GLN B 475 -42.19 -38.06 32.32
C GLN B 475 -41.10 -37.87 33.38
N SER B 476 -39.89 -38.34 33.09
CA SER B 476 -38.78 -38.23 34.02
C SER B 476 -38.39 -36.78 34.22
N LEU B 477 -38.35 -36.01 33.12
CA LEU B 477 -37.97 -34.60 33.20
C LEU B 477 -38.99 -33.81 34.02
N PHE B 478 -40.28 -34.08 33.81
CA PHE B 478 -41.31 -33.35 34.56
C PHE B 478 -41.26 -33.66 36.05
N GLN B 479 -41.05 -34.94 36.41
CA GLN B 479 -40.85 -35.27 37.82
C GLN B 479 -39.58 -34.61 38.36
N GLU B 480 -38.50 -34.64 37.58
CA GLU B 480 -37.25 -33.99 37.94
C GLU B 480 -37.42 -32.49 38.11
N GLU B 481 -38.42 -31.90 37.46
CA GLU B 481 -38.76 -30.52 37.68
C GLU B 481 -39.81 -30.35 38.76
N GLY B 482 -40.22 -31.45 39.40
CA GLY B 482 -41.14 -31.33 40.52
C GLY B 482 -42.62 -31.22 40.22
N MET B 483 -43.06 -31.51 38.99
CA MET B 483 -44.48 -31.43 38.68
C MET B 483 -45.29 -32.45 39.47
N LEU B 484 -44.68 -33.58 39.83
CA LEU B 484 -45.33 -34.57 40.68
C LEU B 484 -45.65 -34.02 42.07
N SER B 485 -44.73 -33.24 42.65
CA SER B 485 -44.98 -32.60 43.93
C SER B 485 -46.10 -31.56 43.81
N LEU B 486 -46.09 -30.79 42.72
CA LEU B 486 -47.08 -29.74 42.52
C LEU B 486 -48.48 -30.34 42.38
N VAL B 487 -48.62 -31.39 41.57
CA VAL B 487 -49.92 -32.03 41.43
C VAL B 487 -50.33 -32.70 42.73
N LEU B 488 -49.37 -33.25 43.50
CA LEU B 488 -49.69 -33.79 44.82
C LEU B 488 -50.26 -32.71 45.73
N ASN B 489 -49.74 -31.48 45.60
CA ASN B 489 -50.33 -30.37 46.32
C ASN B 489 -51.73 -30.05 45.79
N CYS B 490 -51.95 -30.27 44.49
CA CYS B 490 -53.25 -29.95 43.90
C CYS B 490 -54.33 -30.87 44.47
N ILE B 491 -54.08 -32.19 44.43
CA ILE B 491 -55.06 -33.15 44.96
C ILE B 491 -55.23 -32.94 46.46
N ASP B 492 -54.13 -32.75 47.19
CA ASP B 492 -54.23 -32.59 48.65
C ASP B 492 -55.04 -31.35 49.04
N ARG B 493 -54.80 -30.22 48.35
CA ARG B 493 -55.56 -29.01 48.61
C ARG B 493 -57.03 -29.15 48.25
N LEU B 494 -57.34 -29.81 47.12
CA LEU B 494 -58.75 -30.02 46.79
C LEU B 494 -59.44 -31.09 47.62
N ASN B 495 -58.67 -31.97 48.27
CA ASN B 495 -59.24 -33.07 49.01
C ASN B 495 -59.88 -32.67 50.34
N VAL B 496 -59.61 -31.46 50.84
CA VAL B 496 -60.19 -31.03 52.12
C VAL B 496 -61.70 -30.85 52.05
N TYR B 497 -62.28 -30.74 50.85
CA TYR B 497 -63.72 -30.59 50.68
C TYR B 497 -64.29 -31.92 50.21
N THR B 498 -65.30 -32.41 50.93
CA THR B 498 -65.91 -33.68 50.57
C THR B 498 -66.74 -33.59 49.30
N THR B 499 -67.49 -32.50 49.14
CA THR B 499 -68.38 -32.36 48.00
C THR B 499 -68.24 -30.98 47.36
N ALA B 500 -68.99 -30.79 46.28
CA ALA B 500 -69.02 -29.51 45.59
C ALA B 500 -69.61 -28.41 46.46
N ALA B 501 -70.58 -28.75 47.33
CA ALA B 501 -71.12 -27.77 48.26
C ALA B 501 -70.06 -27.30 49.24
N HIS B 502 -69.24 -28.23 49.74
CA HIS B 502 -68.10 -27.88 50.59
C HIS B 502 -67.10 -27.01 49.87
N PHE B 503 -66.85 -27.30 48.58
CA PHE B 503 -65.99 -26.44 47.80
C PHE B 503 -66.61 -25.06 47.58
N ALA B 504 -67.95 -25.02 47.43
CA ALA B 504 -68.68 -23.78 47.21
C ALA B 504 -68.59 -22.85 48.41
N GLU B 505 -68.66 -23.42 49.63
CA GLU B 505 -68.68 -22.60 50.84
C GLU B 505 -67.39 -21.81 51.07
N TYR B 506 -66.31 -22.15 50.38
CA TYR B 506 -65.06 -21.42 50.50
C TYR B 506 -64.60 -20.80 49.19
N ALA B 507 -64.71 -21.53 48.09
CA ALA B 507 -64.26 -21.06 46.78
C ALA B 507 -65.33 -20.24 46.06
N GLY B 508 -66.57 -20.68 46.07
CA GLY B 508 -67.63 -20.00 45.36
C GLY B 508 -68.48 -20.92 44.53
N GLU B 509 -69.66 -20.45 44.14
CA GLU B 509 -70.59 -21.26 43.35
C GLU B 509 -70.04 -21.57 41.96
N GLU B 510 -69.41 -20.58 41.31
CA GLU B 510 -68.91 -20.74 39.95
C GLU B 510 -67.78 -21.78 39.85
N ALA B 511 -67.05 -22.00 40.94
CA ALA B 511 -66.00 -23.01 40.96
C ALA B 511 -66.48 -24.36 41.46
N ALA B 512 -67.67 -24.44 42.06
CA ALA B 512 -68.16 -25.68 42.65
C ALA B 512 -68.42 -26.76 41.60
N GLU B 513 -69.00 -26.37 40.46
CA GLU B 513 -69.32 -27.33 39.41
C GLU B 513 -68.06 -27.96 38.81
N SER B 514 -67.02 -27.17 38.60
CA SER B 514 -65.78 -27.65 38.01
C SER B 514 -64.93 -28.52 38.93
N TRP B 515 -65.30 -28.63 40.22
CA TRP B 515 -64.53 -29.41 41.19
C TRP B 515 -64.40 -30.88 40.80
N LYS B 516 -65.50 -31.49 40.36
CA LYS B 516 -65.47 -32.89 39.95
C LYS B 516 -64.60 -33.07 38.72
N GLU B 517 -64.75 -32.16 37.75
CA GLU B 517 -64.01 -32.27 36.50
C GLU B 517 -62.51 -32.14 36.75
N ILE B 518 -62.12 -31.17 37.59
CA ILE B 518 -60.70 -30.96 37.81
C ILE B 518 -60.09 -32.14 38.55
N VAL B 519 -60.77 -32.67 39.59
CA VAL B 519 -60.17 -33.79 40.33
C VAL B 519 -60.07 -35.05 39.47
N ASN B 520 -61.05 -35.27 38.56
CA ASN B 520 -60.89 -36.35 37.58
C ASN B 520 -59.71 -36.10 36.64
N LEU B 521 -59.55 -34.87 36.17
CA LEU B 521 -58.45 -34.55 35.26
C LEU B 521 -57.10 -34.71 35.95
N LEU B 522 -57.01 -34.31 37.22
CA LEU B 522 -55.77 -34.44 37.97
C LEU B 522 -55.39 -35.90 38.14
N TYR B 523 -56.38 -36.77 38.41
CA TYR B 523 -56.07 -38.19 38.52
C TYR B 523 -55.60 -38.75 37.18
N GLU B 524 -56.26 -38.35 36.09
CA GLU B 524 -55.89 -38.85 34.75
C GLU B 524 -54.47 -38.45 34.39
N LEU B 525 -54.12 -37.16 34.59
CA LEU B 525 -52.77 -36.72 34.28
C LEU B 525 -51.75 -37.38 35.19
N LEU B 526 -52.11 -37.61 36.47
CA LEU B 526 -51.20 -38.26 37.40
C LEU B 526 -50.86 -39.67 36.93
N ALA B 527 -51.88 -40.41 36.49
CA ALA B 527 -51.67 -41.74 35.92
C ALA B 527 -50.82 -41.67 34.66
N SER B 528 -51.09 -40.68 33.80
CA SER B 528 -50.28 -40.51 32.59
C SER B 528 -48.83 -40.15 32.92
N LEU B 529 -48.61 -39.40 34.00
CA LEU B 529 -47.25 -39.07 34.45
C LEU B 529 -46.51 -40.30 34.91
N ILE B 530 -47.18 -41.20 35.62
CA ILE B 530 -46.44 -42.26 36.31
C ILE B 530 -46.47 -43.59 35.60
N ARG B 531 -47.34 -43.77 34.61
CA ARG B 531 -47.54 -45.06 33.95
C ARG B 531 -46.28 -45.60 33.28
N GLY B 532 -45.78 -46.72 33.80
CA GLY B 532 -44.61 -47.37 33.24
C GLY B 532 -43.27 -46.79 33.65
N ASN B 533 -43.25 -45.91 34.65
CA ASN B 533 -42.03 -45.26 35.09
C ASN B 533 -41.45 -45.98 36.30
N ARG B 534 -40.21 -46.46 36.17
CA ARG B 534 -39.56 -47.20 37.24
C ARG B 534 -39.29 -46.31 38.45
N ALA B 535 -38.66 -45.15 38.21
CA ALA B 535 -38.30 -44.28 39.32
C ALA B 535 -39.53 -43.56 39.87
N ASN B 536 -40.41 -43.07 38.99
CA ASN B 536 -41.54 -42.28 39.44
C ASN B 536 -42.50 -43.16 40.23
N CYS B 537 -42.70 -44.41 39.77
CA CYS B 537 -43.51 -45.36 40.52
C CYS B 537 -42.86 -45.68 41.85
N ALA B 538 -41.52 -45.81 41.87
CA ALA B 538 -40.82 -46.03 43.14
C ALA B 538 -40.96 -44.86 44.10
N LEU B 539 -41.21 -43.65 43.59
CA LEU B 539 -41.39 -42.49 44.47
C LEU B 539 -42.65 -42.55 45.30
N PHE B 540 -43.62 -43.40 44.94
CA PHE B 540 -44.85 -43.53 45.70
C PHE B 540 -44.77 -44.54 46.82
N SER B 541 -43.63 -45.20 47.01
CA SER B 541 -43.47 -46.13 48.12
C SER B 541 -43.43 -45.40 49.47
N THR B 542 -43.13 -44.10 49.46
CA THR B 542 -43.08 -43.33 50.70
C THR B 542 -44.48 -42.92 51.16
N ASN B 543 -45.36 -42.60 50.23
CA ASN B 543 -46.71 -42.13 50.57
C ASN B 543 -47.80 -43.07 50.08
N LEU B 544 -47.60 -44.37 50.31
CA LEU B 544 -48.59 -45.37 49.91
C LEU B 544 -49.92 -45.13 50.62
N ASP B 545 -49.86 -44.84 51.93
CA ASP B 545 -51.07 -44.58 52.68
C ASP B 545 -51.78 -43.30 52.24
N TRP B 546 -51.04 -42.39 51.60
CA TRP B 546 -51.64 -41.14 51.11
C TRP B 546 -52.70 -41.42 50.05
N VAL B 547 -52.36 -42.24 49.04
CA VAL B 547 -53.36 -42.64 48.05
C VAL B 547 -54.38 -43.59 48.66
N VAL B 548 -53.95 -44.47 49.60
CA VAL B 548 -54.89 -45.39 50.24
C VAL B 548 -55.96 -44.63 51.04
N SER B 549 -55.61 -43.49 51.61
CA SER B 549 -56.56 -42.68 52.39
C SER B 549 -57.75 -42.17 51.58
N LYS B 550 -57.66 -42.10 50.26
CA LYS B 550 -58.70 -41.50 49.44
C LYS B 550 -59.56 -42.48 48.68
N LEU B 551 -59.45 -43.79 48.94
CA LEU B 551 -60.28 -44.77 48.25
C LEU B 551 -61.76 -44.64 48.61
N ASP B 552 -62.05 -44.19 49.83
CA ASP B 552 -63.43 -44.04 50.29
C ASP B 552 -64.17 -42.94 49.55
N ARG B 553 -63.46 -41.98 48.96
CA ARG B 553 -64.09 -40.87 48.28
C ARG B 553 -64.84 -41.37 47.04
N LEU B 554 -65.95 -40.71 46.74
CA LEU B 554 -66.82 -41.12 45.63
C LEU B 554 -66.66 -40.25 44.39
N GLU B 555 -65.98 -39.10 44.50
CA GLU B 555 -65.84 -38.19 43.37
C GLU B 555 -65.02 -38.80 42.23
N ALA B 556 -63.92 -39.48 42.55
CA ALA B 556 -63.06 -40.07 41.53
C ALA B 556 -62.40 -41.31 42.11
N SER B 557 -63.01 -42.47 41.87
CA SER B 557 -62.46 -43.75 42.27
C SER B 557 -61.66 -44.43 41.16
N SER B 558 -62.15 -44.32 39.92
CA SER B 558 -61.47 -44.93 38.78
C SER B 558 -60.09 -44.36 38.54
N GLY B 559 -59.96 -43.03 38.66
CA GLY B 559 -58.65 -42.41 38.42
C GLY B 559 -57.60 -42.83 39.43
N ILE B 560 -57.95 -42.81 40.71
CA ILE B 560 -57.01 -43.18 41.75
C ILE B 560 -56.72 -44.69 41.69
N LEU B 561 -57.73 -45.49 41.34
CA LEU B 561 -57.52 -46.93 41.16
C LEU B 561 -56.56 -47.21 40.01
N GLU B 562 -56.69 -46.45 38.91
CA GLU B 562 -55.73 -46.56 37.81
C GLU B 562 -54.33 -46.15 38.23
N VAL B 563 -54.22 -45.09 39.04
CA VAL B 563 -52.92 -44.66 39.58
C VAL B 563 -52.29 -45.77 40.41
N LEU B 564 -53.11 -46.40 41.26
CA LEU B 564 -52.64 -47.53 42.07
C LEU B 564 -52.21 -48.69 41.19
N TYR B 565 -52.97 -48.97 40.13
CA TYR B 565 -52.65 -50.08 39.25
C TYR B 565 -51.32 -49.85 38.53
N CYS B 566 -51.10 -48.62 38.05
CA CYS B 566 -49.84 -48.28 37.38
C CYS B 566 -48.66 -48.42 38.32
N VAL B 567 -48.82 -48.00 39.58
CA VAL B 567 -47.74 -48.17 40.55
C VAL B 567 -47.49 -49.66 40.80
N LEU B 568 -48.57 -50.43 40.97
CA LEU B 568 -48.47 -51.85 41.32
C LEU B 568 -47.81 -52.66 40.24
N ILE B 569 -48.14 -52.39 38.97
CA ILE B 569 -47.59 -53.21 37.89
C ILE B 569 -46.16 -52.86 37.55
N GLU B 570 -45.57 -51.90 38.26
CA GLU B 570 -44.24 -51.39 37.98
C GLU B 570 -43.27 -51.66 39.11
N SER B 571 -43.60 -51.28 40.34
CA SER B 571 -42.59 -51.34 41.40
C SER B 571 -42.84 -52.39 42.47
N PRO B 572 -42.07 -53.48 42.51
CA PRO B 572 -42.21 -54.47 43.61
C PRO B 572 -41.85 -53.92 44.98
N GLU B 573 -41.00 -52.87 45.04
CA GLU B 573 -40.66 -52.31 46.32
C GLU B 573 -41.86 -51.65 46.98
N VAL B 574 -42.79 -51.12 46.17
CA VAL B 574 -44.05 -50.62 46.70
C VAL B 574 -44.87 -51.77 47.28
N LEU B 575 -44.81 -52.94 46.63
CA LEU B 575 -45.47 -54.15 47.15
C LEU B 575 -44.91 -54.54 48.51
N ASN B 576 -43.63 -54.29 48.74
CA ASN B 576 -43.05 -54.63 50.05
C ASN B 576 -43.55 -53.73 51.18
N ILE B 577 -44.21 -52.61 50.87
CA ILE B 577 -44.71 -51.69 51.90
C ILE B 577 -46.14 -52.01 52.32
N ILE B 578 -46.81 -52.94 51.63
CA ILE B 578 -48.22 -53.24 51.90
C ILE B 578 -48.38 -53.83 53.30
N GLN B 579 -49.41 -53.36 54.01
CA GLN B 579 -49.69 -53.73 55.38
C GLN B 579 -51.17 -54.06 55.50
N GLU B 580 -51.52 -54.80 56.56
CA GLU B 580 -52.81 -55.50 56.69
C GLU B 580 -54.01 -54.55 56.67
N ASN B 581 -53.84 -53.28 57.05
CA ASN B 581 -54.95 -52.34 56.94
C ASN B 581 -55.28 -52.01 55.48
N HIS B 582 -54.25 -51.94 54.64
CA HIS B 582 -54.40 -51.56 53.24
C HIS B 582 -55.25 -52.59 52.49
N ILE B 583 -54.97 -53.87 52.71
CA ILE B 583 -55.64 -54.92 51.96
C ILE B 583 -57.12 -54.98 52.34
N LYS B 584 -57.43 -54.82 53.64
CA LYS B 584 -58.80 -54.74 54.09
C LYS B 584 -59.51 -53.54 53.47
N SER B 585 -58.77 -52.43 53.29
CA SER B 585 -59.34 -51.27 52.58
C SER B 585 -59.66 -51.62 51.13
N ILE B 586 -58.77 -52.38 50.47
CA ILE B 586 -59.03 -52.84 49.10
C ILE B 586 -60.28 -53.71 49.05
N ILE B 587 -60.43 -54.60 50.03
CA ILE B 587 -61.62 -55.43 50.15
C ILE B 587 -62.86 -54.54 50.35
N SER B 588 -62.71 -53.45 51.10
CA SER B 588 -63.80 -52.50 51.30
C SER B 588 -64.21 -51.86 49.97
N LEU B 589 -63.28 -51.70 49.03
CA LEU B 589 -63.67 -51.20 47.69
C LEU B 589 -64.68 -52.13 47.05
N LEU B 590 -64.43 -53.44 47.13
CA LEU B 590 -65.34 -54.44 46.60
C LEU B 590 -66.67 -54.40 47.33
N ASP B 591 -66.62 -54.23 48.65
CA ASP B 591 -67.85 -54.24 49.45
C ASP B 591 -68.67 -52.96 49.25
N LYS B 592 -68.04 -51.84 48.89
CA LYS B 592 -68.73 -50.58 48.74
C LYS B 592 -68.96 -50.13 47.31
N HIS B 593 -68.37 -50.79 46.32
CA HIS B 593 -68.48 -50.35 44.94
C HIS B 593 -68.96 -51.43 43.98
N GLY B 594 -69.46 -52.54 44.49
CA GLY B 594 -69.94 -53.61 43.62
C GLY B 594 -68.83 -54.45 43.05
N ARG B 595 -69.23 -55.37 42.17
CA ARG B 595 -68.32 -56.33 41.57
C ARG B 595 -67.54 -55.68 40.42
N ASN B 596 -66.54 -54.90 40.80
CA ASN B 596 -65.65 -54.25 39.86
C ASN B 596 -64.42 -55.15 39.72
N HIS B 597 -64.25 -55.74 38.53
CA HIS B 597 -63.13 -56.65 38.29
C HIS B 597 -61.77 -55.95 38.30
N LYS B 598 -61.75 -54.62 38.16
CA LYS B 598 -60.50 -53.87 38.33
C LYS B 598 -59.93 -54.04 39.73
N VAL B 599 -60.80 -54.19 40.74
CA VAL B 599 -60.34 -54.46 42.11
C VAL B 599 -59.62 -55.81 42.15
N LEU B 600 -60.18 -56.80 41.45
CA LEU B 600 -59.54 -58.11 41.36
C LEU B 600 -58.20 -58.01 40.66
N ASP B 601 -58.13 -57.19 39.60
CA ASP B 601 -56.87 -56.95 38.91
C ASP B 601 -55.82 -56.31 39.82
N VAL B 602 -56.28 -55.40 40.69
CA VAL B 602 -55.41 -54.81 41.71
C VAL B 602 -54.89 -55.88 42.66
N LEU B 603 -55.78 -56.76 43.11
CA LEU B 603 -55.38 -57.87 43.98
C LEU B 603 -54.40 -58.82 43.28
N CYS B 604 -54.64 -59.08 41.99
CA CYS B 604 -53.75 -59.91 41.20
C CYS B 604 -52.36 -59.29 41.10
N SER B 605 -52.30 -57.96 40.91
CA SER B 605 -51.02 -57.29 40.92
C SER B 605 -50.41 -57.30 42.33
N LEU B 606 -51.26 -57.32 43.36
CA LEU B 606 -50.79 -57.34 44.74
C LEU B 606 -50.09 -58.65 45.06
N CYS B 607 -50.49 -59.75 44.40
CA CYS B 607 -49.90 -61.05 44.75
C CYS B 607 -48.45 -61.13 44.29
N VAL B 608 -48.22 -61.06 42.98
CA VAL B 608 -46.91 -61.34 42.39
C VAL B 608 -46.48 -60.10 41.59
N CYS B 609 -45.23 -59.69 41.79
CA CYS B 609 -44.63 -58.62 40.99
C CYS B 609 -43.27 -59.10 40.51
N ASN B 610 -43.01 -58.89 39.20
CA ASN B 610 -41.79 -59.30 38.51
C ASN B 610 -41.51 -60.79 38.65
N GLY B 611 -42.58 -61.59 38.69
CA GLY B 611 -42.45 -63.03 38.86
C GLY B 611 -41.91 -63.46 40.20
N VAL B 612 -42.00 -62.61 41.21
CA VAL B 612 -41.49 -62.90 42.56
C VAL B 612 -42.69 -63.07 43.48
N ALA B 613 -42.76 -64.22 44.14
CA ALA B 613 -43.87 -64.49 45.05
C ALA B 613 -43.70 -63.73 46.35
N VAL B 614 -44.80 -63.16 46.83
CA VAL B 614 -44.84 -62.48 48.12
C VAL B 614 -45.82 -63.26 48.97
N ARG B 615 -45.28 -64.22 49.74
CA ARG B 615 -46.12 -65.12 50.51
C ARG B 615 -46.86 -64.39 51.62
N SER B 616 -46.29 -63.30 52.14
CA SER B 616 -46.94 -62.53 53.20
C SER B 616 -48.24 -61.94 52.69
N ASN B 617 -48.21 -61.36 51.49
CA ASN B 617 -49.42 -60.76 50.95
C ASN B 617 -50.40 -61.84 50.51
N GLN B 618 -49.89 -62.96 49.96
CA GLN B 618 -50.80 -64.01 49.51
C GLN B 618 -51.57 -64.59 50.71
N ASP B 619 -50.88 -64.78 51.84
CA ASP B 619 -51.53 -65.23 53.07
C ASP B 619 -52.54 -64.21 53.56
N LEU B 620 -52.21 -62.91 53.44
CA LEU B 620 -53.19 -61.90 53.89
C LEU B 620 -54.43 -61.91 52.99
N ILE B 621 -54.25 -62.14 51.68
CA ILE B 621 -55.40 -62.17 50.76
C ILE B 621 -56.31 -63.34 51.10
N THR B 622 -55.73 -64.53 51.30
CA THR B 622 -56.60 -65.66 51.60
C THR B 622 -57.13 -65.60 53.03
N GLU B 623 -56.44 -64.90 53.93
CA GLU B 623 -56.94 -64.81 55.31
C GLU B 623 -58.11 -63.86 55.39
N ASN B 624 -58.00 -62.70 54.75
CA ASN B 624 -59.00 -61.65 54.89
C ASN B 624 -60.10 -61.72 53.84
N LEU B 625 -59.99 -62.61 52.85
CA LEU B 625 -60.99 -62.61 51.78
C LEU B 625 -61.72 -63.93 51.67
N LEU B 626 -61.00 -65.05 51.71
CA LEU B 626 -61.61 -66.33 51.33
C LEU B 626 -62.61 -66.90 52.34
N PRO B 627 -62.26 -67.15 53.63
CA PRO B 627 -63.16 -67.96 54.50
C PRO B 627 -64.54 -67.38 54.74
N GLY B 628 -64.71 -66.07 54.65
CA GLY B 628 -66.03 -65.48 54.81
C GLY B 628 -67.01 -65.91 53.73
N ARG B 629 -66.53 -66.00 52.48
CA ARG B 629 -67.30 -66.40 51.30
C ARG B 629 -68.54 -65.52 51.10
N GLU B 630 -68.33 -64.21 51.15
CA GLU B 630 -69.46 -63.28 51.03
C GLU B 630 -69.31 -62.29 49.89
N LEU B 631 -68.10 -61.92 49.50
CA LEU B 631 -67.90 -60.96 48.43
C LEU B 631 -67.61 -61.62 47.10
N LEU B 632 -67.46 -62.94 47.07
CA LEU B 632 -67.12 -63.65 45.85
C LEU B 632 -68.15 -64.73 45.61
N LEU B 633 -68.38 -65.03 44.33
CA LEU B 633 -69.36 -66.04 43.94
C LEU B 633 -68.94 -67.42 44.42
N GLN B 634 -69.93 -68.21 44.83
CA GLN B 634 -69.71 -69.55 45.34
C GLN B 634 -70.21 -70.58 44.34
N THR B 635 -69.40 -71.62 44.10
CA THR B 635 -69.71 -72.65 43.11
C THR B 635 -69.76 -74.01 43.79
N ASN B 636 -70.66 -74.87 43.29
CA ASN B 636 -70.84 -76.24 43.77
C ASN B 636 -71.72 -76.98 42.77
N LEU B 637 -71.64 -78.32 42.82
CA LEU B 637 -72.42 -79.21 41.97
C LEU B 637 -73.74 -79.57 42.64
N ILE B 638 -74.85 -79.39 41.92
CA ILE B 638 -76.18 -79.63 42.47
C ILE B 638 -76.93 -80.59 41.55
N ASN B 639 -77.53 -81.62 42.12
CA ASN B 639 -78.35 -82.54 41.35
C ASN B 639 -79.68 -81.88 40.99
N TYR B 640 -80.23 -82.30 39.85
CA TYR B 640 -81.53 -81.78 39.44
C TYR B 640 -82.62 -82.33 40.34
N VAL B 641 -83.62 -81.50 40.60
CA VAL B 641 -84.75 -81.85 41.47
C VAL B 641 -86.03 -81.46 40.75
N THR B 642 -87.00 -82.37 40.72
CA THR B 642 -88.26 -82.07 40.06
C THR B 642 -89.41 -82.63 40.90
N SER B 643 -90.62 -82.17 40.57
CA SER B 643 -91.81 -82.55 41.31
C SER B 643 -92.87 -83.11 40.38
N ILE B 644 -93.57 -84.12 40.87
CA ILE B 644 -94.63 -84.82 40.13
C ILE B 644 -95.89 -84.77 40.96
N ARG B 645 -97.01 -84.41 40.31
CA ARG B 645 -98.28 -84.27 40.98
C ARG B 645 -99.38 -85.01 40.21
N PRO B 646 -100.39 -85.50 40.92
CA PRO B 646 -101.63 -85.89 40.26
C PRO B 646 -102.49 -84.66 40.01
N ASN B 647 -103.41 -84.79 39.05
CA ASN B 647 -104.29 -83.68 38.71
C ASN B 647 -105.49 -83.62 39.66
N ILE B 648 -105.20 -83.41 40.94
CA ILE B 648 -106.20 -83.24 41.97
C ILE B 648 -105.97 -81.87 42.60
N PHE B 649 -106.99 -81.01 42.52
CA PHE B 649 -106.90 -79.63 43.00
C PHE B 649 -107.99 -79.41 44.04
N VAL B 650 -107.59 -79.01 45.24
CA VAL B 650 -108.52 -78.75 46.34
C VAL B 650 -108.26 -77.36 46.90
N GLY B 651 -109.33 -76.67 47.26
CA GLY B 651 -109.19 -75.33 47.81
C GLY B 651 -110.48 -74.91 48.50
N ARG B 652 -110.47 -73.69 49.01
CA ARG B 652 -111.63 -73.15 49.71
C ARG B 652 -112.02 -71.80 49.12
N ALA B 653 -113.33 -71.56 49.08
CA ALA B 653 -113.89 -70.28 48.64
C ALA B 653 -115.26 -70.14 49.29
N GLU B 654 -115.74 -68.89 49.32
CA GLU B 654 -117.06 -68.60 49.88
C GLU B 654 -118.12 -69.22 48.97
N GLY B 655 -118.79 -70.26 49.46
CA GLY B 655 -119.74 -70.98 48.64
C GLY B 655 -119.11 -71.90 47.62
N SER B 656 -117.90 -72.38 47.88
CA SER B 656 -117.23 -73.29 46.96
C SER B 656 -117.91 -74.66 46.97
N THR B 657 -117.82 -75.36 45.85
CA THR B 657 -118.43 -76.66 45.68
C THR B 657 -117.45 -77.80 45.97
N GLN B 658 -116.49 -77.57 46.85
CA GLN B 658 -115.49 -78.57 47.19
C GLN B 658 -115.44 -78.80 48.68
N TYR B 659 -115.04 -80.00 49.06
CA TYR B 659 -114.76 -80.35 50.44
C TYR B 659 -113.39 -79.83 50.85
N GLY B 660 -113.19 -79.68 52.15
CA GLY B 660 -111.97 -79.06 52.64
C GLY B 660 -111.05 -79.97 53.42
N LYS B 661 -111.41 -81.23 53.58
CA LYS B 661 -110.61 -82.19 54.33
C LYS B 661 -110.27 -83.36 53.44
N TRP B 662 -108.98 -83.58 53.22
CA TRP B 662 -108.54 -84.58 52.25
C TRP B 662 -107.37 -85.38 52.79
N TYR B 663 -107.17 -86.56 52.20
CA TYR B 663 -106.20 -87.51 52.71
C TYR B 663 -105.61 -88.29 51.54
N PHE B 664 -104.28 -88.45 51.58
CA PHE B 664 -103.56 -89.31 50.64
C PHE B 664 -102.26 -89.74 51.29
N GLU B 665 -101.63 -90.74 50.70
CA GLU B 665 -100.42 -91.32 51.27
C GLU B 665 -99.38 -91.53 50.18
N VAL B 666 -98.12 -91.63 50.62
CA VAL B 666 -97.01 -91.92 49.75
C VAL B 666 -96.25 -93.12 50.32
N MET B 667 -96.06 -94.13 49.46
CA MET B 667 -95.32 -95.35 49.78
C MET B 667 -93.92 -95.26 49.18
N VAL B 668 -92.91 -95.26 50.03
CA VAL B 668 -91.52 -95.19 49.58
C VAL B 668 -91.03 -96.61 49.32
N ASP B 669 -90.67 -96.91 48.08
CA ASP B 669 -90.29 -98.28 47.72
C ASP B 669 -88.77 -98.46 47.72
N GLU B 670 -88.06 -97.66 46.92
CA GLU B 670 -86.60 -97.79 46.79
C GLU B 670 -85.97 -96.40 46.76
N VAL B 671 -84.95 -96.20 47.59
CA VAL B 671 -84.20 -94.95 47.66
C VAL B 671 -82.71 -95.26 47.60
N VAL B 672 -82.00 -94.61 46.69
CA VAL B 672 -80.56 -94.73 46.60
C VAL B 672 -79.98 -93.73 47.60
N PRO B 673 -79.13 -94.17 48.54
CA PRO B 673 -78.58 -93.24 49.55
C PRO B 673 -77.73 -92.13 48.96
N PHE B 674 -76.70 -92.49 48.17
CA PHE B 674 -75.81 -91.51 47.55
C PHE B 674 -75.47 -92.01 46.15
N LEU B 675 -76.26 -91.58 45.17
CA LEU B 675 -75.90 -91.81 43.79
C LEU B 675 -74.80 -90.86 43.34
N THR B 676 -74.81 -89.63 43.88
CA THR B 676 -73.76 -88.65 43.62
C THR B 676 -73.26 -88.07 44.94
N ALA B 677 -72.44 -87.02 44.86
CA ALA B 677 -71.94 -86.36 46.06
C ALA B 677 -73.08 -85.71 46.84
N GLN B 678 -74.02 -85.08 46.14
CA GLN B 678 -75.16 -84.45 46.79
C GLN B 678 -76.06 -85.51 47.43
N ALA B 679 -76.56 -85.21 48.62
CA ALA B 679 -77.45 -86.12 49.33
C ALA B 679 -78.77 -86.27 48.58
N THR B 680 -79.37 -87.46 48.71
CA THR B 680 -80.63 -87.78 48.05
C THR B 680 -81.74 -86.85 48.55
N HIS B 681 -82.51 -86.31 47.62
CA HIS B 681 -83.59 -85.37 47.94
C HIS B 681 -84.92 -86.03 47.65
N LEU B 682 -85.80 -86.01 48.64
CA LEU B 682 -87.15 -86.54 48.48
C LEU B 682 -88.02 -85.93 49.57
N ARG B 683 -88.99 -85.12 49.18
CA ARG B 683 -89.90 -84.47 50.11
C ARG B 683 -91.34 -84.67 49.65
N VAL B 684 -92.24 -84.77 50.61
CA VAL B 684 -93.66 -85.00 50.38
C VAL B 684 -94.44 -83.91 51.09
N GLY B 685 -95.44 -83.34 50.41
CA GLY B 685 -96.26 -82.32 51.02
C GLY B 685 -97.21 -81.70 50.03
N TRP B 686 -97.74 -80.54 50.42
CA TRP B 686 -98.72 -79.82 49.63
C TRP B 686 -98.09 -78.54 49.06
N ALA B 687 -98.71 -78.02 48.01
CA ALA B 687 -98.26 -76.80 47.38
C ALA B 687 -99.46 -76.07 46.79
N LEU B 688 -99.20 -74.91 46.20
CA LEU B 688 -100.24 -73.95 45.83
C LEU B 688 -100.06 -73.49 44.39
N THR B 689 -101.15 -73.47 43.61
CA THR B 689 -101.08 -73.17 42.17
C THR B 689 -100.91 -71.69 41.84
N GLU B 690 -100.57 -70.83 42.78
CA GLU B 690 -100.47 -69.41 42.47
C GLU B 690 -99.08 -68.87 42.82
N GLY B 691 -98.04 -69.53 42.32
CA GLY B 691 -96.68 -69.08 42.54
C GLY B 691 -95.66 -70.19 42.69
N TYR B 692 -96.11 -71.40 43.01
CA TYR B 692 -95.19 -72.53 43.12
C TYR B 692 -94.88 -73.02 41.71
N SER B 693 -93.78 -72.55 41.14
CA SER B 693 -93.34 -72.97 39.82
C SER B 693 -91.87 -73.37 39.92
N PRO B 694 -91.59 -74.60 40.37
CA PRO B 694 -90.20 -75.07 40.50
C PRO B 694 -89.56 -75.42 39.16
N TYR B 695 -89.06 -74.38 38.50
CA TYR B 695 -88.40 -74.53 37.22
C TYR B 695 -87.11 -75.35 37.37
N PRO B 696 -86.77 -76.15 36.36
CA PRO B 696 -85.54 -76.95 36.42
C PRO B 696 -84.29 -76.08 36.43
N GLY B 697 -83.25 -76.58 37.10
CA GLY B 697 -81.98 -75.89 37.16
C GLY B 697 -81.77 -75.21 38.50
N GLY B 698 -80.96 -74.15 38.51
CA GLY B 698 -80.69 -73.42 39.72
C GLY B 698 -81.80 -72.44 40.07
N GLY B 699 -81.60 -71.75 41.18
CA GLY B 699 -82.58 -70.80 41.64
C GLY B 699 -82.28 -70.29 43.04
N GLU B 700 -83.30 -70.27 43.90
CA GLU B 700 -83.14 -69.75 45.25
C GLU B 700 -82.24 -70.65 46.10
N GLY B 701 -81.46 -70.01 46.96
CA GLY B 701 -80.51 -70.74 47.80
C GLY B 701 -79.44 -71.38 46.95
N TRP B 702 -79.27 -72.69 47.10
CA TRP B 702 -78.30 -73.44 46.31
C TRP B 702 -78.99 -74.30 45.26
N GLY B 703 -80.20 -73.92 44.84
CA GLY B 703 -80.91 -74.67 43.82
C GLY B 703 -81.49 -75.96 44.35
N GLY B 704 -81.86 -76.83 43.40
CA GLY B 704 -82.52 -78.08 43.70
C GLY B 704 -83.84 -77.88 44.43
N ASN B 705 -84.59 -76.85 44.05
CA ASN B 705 -85.78 -76.47 44.78
C ASN B 705 -86.96 -77.38 44.45
N GLY B 706 -87.71 -77.74 45.49
CA GLY B 706 -88.91 -78.53 45.33
C GLY B 706 -90.01 -78.08 46.26
N VAL B 707 -90.60 -79.00 47.00
CA VAL B 707 -91.63 -78.66 47.97
C VAL B 707 -90.94 -78.17 49.25
N GLY B 708 -91.46 -77.07 49.81
CA GLY B 708 -90.91 -76.48 51.00
C GLY B 708 -89.80 -75.48 50.77
N ASP B 709 -89.40 -75.26 49.53
CA ASP B 709 -88.37 -74.28 49.21
C ASP B 709 -88.91 -72.86 49.11
N ASP B 710 -90.22 -72.68 49.24
CA ASP B 710 -90.85 -71.37 49.25
C ASP B 710 -92.18 -71.49 49.99
N LEU B 711 -92.78 -70.33 50.29
CA LEU B 711 -94.04 -70.30 51.03
C LEU B 711 -95.23 -70.86 50.25
N TYR B 712 -95.08 -71.07 48.94
CA TYR B 712 -96.14 -71.67 48.15
C TYR B 712 -96.14 -73.19 48.21
N SER B 713 -95.26 -73.78 49.01
CA SER B 713 -95.18 -75.22 49.19
C SER B 713 -94.80 -75.52 50.63
N TYR B 714 -95.10 -76.74 51.07
CA TYR B 714 -94.86 -77.14 52.46
C TYR B 714 -94.42 -78.59 52.43
N GLY B 715 -93.15 -78.84 52.77
CA GLY B 715 -92.55 -80.15 52.63
C GLY B 715 -92.10 -80.76 53.95
N PHE B 716 -91.60 -81.99 53.85
CA PHE B 716 -91.17 -82.75 55.01
C PHE B 716 -90.26 -83.86 54.54
N ASP B 717 -89.10 -84.02 55.21
CA ASP B 717 -88.04 -84.89 54.73
C ASP B 717 -87.76 -86.06 55.66
N GLY B 718 -88.70 -86.40 56.53
CA GLY B 718 -88.50 -87.45 57.51
C GLY B 718 -87.89 -86.99 58.81
N LEU B 719 -87.28 -85.81 58.84
CA LEU B 719 -86.74 -85.26 60.07
C LEU B 719 -87.09 -83.80 60.31
N HIS B 720 -87.43 -83.03 59.28
CA HIS B 720 -87.73 -81.62 59.43
C HIS B 720 -88.93 -81.24 58.57
N LEU B 721 -89.67 -80.24 59.02
CA LEU B 721 -90.68 -79.63 58.18
C LEU B 721 -90.02 -78.61 57.26
N TRP B 722 -90.48 -78.53 56.03
CA TRP B 722 -89.92 -77.64 55.04
C TRP B 722 -90.94 -76.60 54.61
N THR B 723 -90.54 -75.34 54.67
CA THR B 723 -91.32 -74.19 54.23
C THR B 723 -90.40 -72.99 54.14
N GLY B 724 -90.55 -72.23 53.06
CA GLY B 724 -89.76 -71.03 52.81
C GLY B 724 -88.26 -71.25 52.77
N HIS B 725 -87.83 -72.37 52.18
CA HIS B 725 -86.42 -72.79 52.06
C HIS B 725 -85.75 -72.93 53.43
N VAL B 726 -86.54 -73.27 54.46
CA VAL B 726 -86.06 -73.42 55.82
C VAL B 726 -86.55 -74.76 56.35
N ALA B 727 -85.65 -75.53 56.95
CA ALA B 727 -85.98 -76.80 57.57
C ALA B 727 -86.08 -76.62 59.08
N ARG B 728 -87.21 -77.01 59.65
CA ARG B 728 -87.43 -76.86 61.08
C ARG B 728 -87.72 -78.24 61.69
N PRO B 729 -87.05 -78.60 62.79
CA PRO B 729 -87.17 -79.97 63.35
C PRO B 729 -88.58 -80.35 63.80
N VAL B 730 -88.91 -81.62 63.57
CA VAL B 730 -90.18 -82.21 64.01
C VAL B 730 -89.90 -83.45 64.83
N THR B 731 -90.56 -83.57 65.97
CA THR B 731 -90.44 -84.76 66.79
C THR B 731 -91.24 -85.89 66.15
N SER B 732 -90.60 -87.04 65.95
CA SER B 732 -91.29 -88.18 65.39
C SER B 732 -90.96 -89.43 66.20
N PRO B 733 -91.90 -90.39 66.28
CA PRO B 733 -91.62 -91.63 67.01
C PRO B 733 -90.64 -92.53 66.28
N GLY B 734 -89.35 -92.24 66.41
CA GLY B 734 -88.34 -92.96 65.67
C GLY B 734 -87.95 -92.23 64.40
N GLN B 735 -87.67 -90.93 64.55
CA GLN B 735 -87.38 -90.06 63.42
C GLN B 735 -86.11 -90.49 62.68
N HIS B 736 -86.21 -90.55 61.36
CA HIS B 736 -85.08 -90.82 60.48
C HIS B 736 -85.43 -90.29 59.10
N LEU B 737 -84.40 -90.19 58.26
CA LEU B 737 -84.57 -89.73 56.88
C LEU B 737 -85.44 -90.73 56.12
N LEU B 738 -86.14 -90.24 55.09
CA LEU B 738 -87.06 -91.05 54.31
C LEU B 738 -86.33 -92.21 53.63
N ALA B 739 -86.61 -93.41 54.14
CA ALA B 739 -85.98 -94.65 53.76
C ALA B 739 -86.99 -95.55 53.05
N PRO B 740 -86.53 -96.59 52.32
CA PRO B 740 -87.48 -97.53 51.72
C PRO B 740 -88.39 -98.20 52.74
N GLU B 741 -89.61 -98.49 52.29
CA GLU B 741 -90.72 -99.03 53.10
C GLU B 741 -91.10 -98.03 54.20
N ASP B 742 -91.44 -96.82 53.75
CA ASP B 742 -91.94 -95.75 54.59
C ASP B 742 -93.29 -95.28 54.06
N VAL B 743 -94.18 -94.94 54.99
CA VAL B 743 -95.54 -94.50 54.66
C VAL B 743 -95.72 -93.10 55.21
N VAL B 744 -96.10 -92.16 54.35
CA VAL B 744 -96.37 -90.79 54.77
C VAL B 744 -97.81 -90.45 54.44
N SER B 745 -98.56 -90.00 55.45
CA SER B 745 -99.97 -89.67 55.31
C SER B 745 -100.15 -88.16 55.48
N CYS B 746 -100.74 -87.53 54.46
CA CYS B 746 -100.96 -86.07 54.45
C CYS B 746 -102.45 -85.79 54.71
N CYS B 747 -102.75 -85.37 55.94
CA CYS B 747 -104.10 -85.02 56.35
C CYS B 747 -104.26 -83.51 56.21
N LEU B 748 -105.11 -83.07 55.28
CA LEU B 748 -105.30 -81.66 55.02
C LEU B 748 -106.69 -81.22 55.46
N ASP B 749 -106.76 -80.11 56.17
CA ASP B 749 -108.02 -79.45 56.51
C ASP B 749 -107.93 -78.04 55.97
N LEU B 750 -108.99 -77.63 55.26
CA LEU B 750 -109.14 -76.30 54.70
C LEU B 750 -110.23 -75.47 55.37
N SER B 751 -111.18 -76.10 56.07
CA SER B 751 -112.14 -75.35 56.89
C SER B 751 -111.42 -74.51 57.92
N VAL B 752 -110.41 -75.10 58.57
CA VAL B 752 -109.42 -74.37 59.33
C VAL B 752 -108.09 -74.74 58.69
N PRO B 753 -107.22 -73.77 58.38
CA PRO B 753 -105.95 -74.12 57.70
C PRO B 753 -105.03 -74.99 58.52
N SER B 754 -104.84 -76.25 58.11
CA SER B 754 -103.99 -77.15 58.90
C SER B 754 -103.56 -78.32 58.03
N ILE B 755 -102.25 -78.56 58.00
CA ILE B 755 -101.67 -79.69 57.28
C ILE B 755 -100.94 -80.55 58.29
N SER B 756 -101.37 -81.81 58.42
CA SER B 756 -100.85 -82.75 59.38
C SER B 756 -100.22 -83.92 58.65
N PHE B 757 -99.07 -84.37 59.11
CA PHE B 757 -98.39 -85.51 58.51
C PHE B 757 -98.27 -86.64 59.51
N ARG B 758 -98.15 -87.85 58.97
CA ARG B 758 -97.92 -89.03 59.78
C ARG B 758 -96.93 -89.94 59.09
N ILE B 759 -95.96 -90.44 59.84
CA ILE B 759 -94.95 -91.37 59.32
C ILE B 759 -95.33 -92.79 59.76
N ASN B 760 -95.65 -93.63 58.76
CA ASN B 760 -96.11 -95.02 58.96
C ASN B 760 -97.30 -95.11 59.92
N GLY B 761 -98.14 -94.08 59.93
CA GLY B 761 -99.24 -93.96 60.86
C GLY B 761 -98.90 -93.28 62.18
N CYS B 762 -97.61 -93.22 62.53
CA CYS B 762 -97.22 -92.51 63.74
C CYS B 762 -97.28 -91.01 63.50
N PRO B 763 -97.84 -90.22 64.41
CA PRO B 763 -98.03 -88.79 64.17
C PRO B 763 -96.73 -88.01 64.05
N VAL B 764 -96.77 -86.95 63.26
CA VAL B 764 -95.69 -85.98 63.17
C VAL B 764 -96.12 -84.75 63.95
N GLN B 765 -95.35 -84.40 64.97
CA GLN B 765 -95.72 -83.42 65.98
C GLN B 765 -95.46 -81.98 65.53
N GLY B 766 -96.13 -81.62 64.44
CA GLY B 766 -96.05 -80.28 63.90
C GLY B 766 -97.04 -80.13 62.77
N VAL B 767 -97.80 -79.03 62.78
CA VAL B 767 -98.85 -78.78 61.80
C VAL B 767 -98.73 -77.35 61.32
N PHE B 768 -98.70 -77.16 60.00
CA PHE B 768 -98.71 -75.83 59.43
C PHE B 768 -100.06 -75.18 59.68
N GLU B 769 -100.06 -73.91 60.07
CA GLU B 769 -101.29 -73.24 60.47
C GLU B 769 -101.28 -71.80 59.97
N ALA B 770 -102.50 -71.25 59.87
CA ALA B 770 -102.75 -69.83 59.53
C ALA B 770 -102.08 -69.42 58.22
N PHE B 771 -102.14 -70.30 57.23
CA PHE B 771 -101.58 -70.01 55.92
C PHE B 771 -102.66 -69.54 54.97
N ASN B 772 -102.21 -68.96 53.86
CA ASN B 772 -103.11 -68.45 52.83
C ASN B 772 -103.89 -69.58 52.18
N LEU B 773 -105.09 -69.26 51.71
CA LEU B 773 -105.95 -70.24 51.06
C LEU B 773 -106.26 -69.94 49.61
N ASP B 774 -105.82 -68.79 49.08
CA ASP B 774 -106.03 -68.47 47.68
C ASP B 774 -105.28 -69.46 46.79
N GLY B 775 -105.96 -69.92 45.75
CA GLY B 775 -105.44 -70.97 44.89
C GLY B 775 -105.92 -72.34 45.33
N LEU B 776 -105.56 -73.34 44.52
CA LEU B 776 -105.97 -74.71 44.73
C LEU B 776 -104.78 -75.55 45.19
N PHE B 777 -104.89 -76.11 46.39
CA PHE B 777 -103.84 -76.97 46.90
C PHE B 777 -103.85 -78.32 46.17
N PHE B 778 -102.69 -78.97 46.16
CA PHE B 778 -102.58 -80.19 45.37
C PHE B 778 -101.52 -81.11 45.96
N PRO B 779 -101.75 -82.43 45.91
CA PRO B 779 -100.70 -83.38 46.27
C PRO B 779 -99.56 -83.28 45.29
N VAL B 780 -98.33 -83.31 45.80
CA VAL B 780 -97.14 -83.13 44.96
C VAL B 780 -95.94 -83.71 45.71
N VAL B 781 -95.05 -84.37 44.98
CA VAL B 781 -93.85 -84.93 45.56
C VAL B 781 -92.63 -84.38 44.83
N SER B 782 -91.65 -83.89 45.59
CA SER B 782 -90.39 -83.41 45.03
C SER B 782 -89.32 -84.44 45.28
N PHE B 783 -88.49 -84.67 44.27
CA PHE B 783 -87.53 -85.75 44.33
C PHE B 783 -86.30 -85.44 43.49
N SER B 784 -85.21 -86.12 43.83
CA SER B 784 -83.99 -86.12 43.06
C SER B 784 -83.90 -87.46 42.32
N ALA B 785 -82.79 -87.66 41.62
CA ALA B 785 -82.57 -88.89 40.88
C ALA B 785 -82.33 -90.07 41.83
N GLY B 786 -82.82 -91.24 41.43
CA GLY B 786 -82.63 -92.45 42.21
C GLY B 786 -83.69 -92.71 43.26
N VAL B 787 -84.96 -92.52 42.88
CA VAL B 787 -86.09 -92.71 43.77
C VAL B 787 -87.16 -93.54 43.07
N LYS B 788 -87.83 -94.40 43.85
CA LYS B 788 -89.00 -95.16 43.42
C LYS B 788 -90.06 -95.05 44.50
N VAL B 789 -91.15 -94.35 44.20
CA VAL B 789 -92.20 -94.09 45.19
C VAL B 789 -93.54 -94.41 44.54
N ARG B 790 -94.58 -94.41 45.38
CA ARG B 790 -95.94 -94.66 44.93
C ARG B 790 -96.88 -93.71 45.64
N PHE B 791 -98.02 -93.48 44.99
CA PHE B 791 -99.11 -92.68 45.49
C PHE B 791 -100.25 -93.61 45.85
N LEU B 792 -100.74 -93.49 47.08
CA LEU B 792 -101.93 -94.15 47.58
C LEU B 792 -103.03 -93.10 47.70
N LEU B 793 -104.11 -93.29 46.97
CA LEU B 793 -105.20 -92.33 46.94
C LEU B 793 -106.53 -92.93 47.37
N GLY B 794 -106.54 -94.20 47.75
CA GLY B 794 -107.76 -94.85 48.21
C GLY B 794 -108.63 -95.29 47.06
N GLY B 795 -109.58 -96.18 47.38
CA GLY B 795 -110.49 -96.70 46.38
C GLY B 795 -109.76 -97.51 45.33
N ARG B 796 -109.98 -97.16 44.07
CA ARG B 796 -109.33 -97.84 42.96
C ARG B 796 -107.90 -97.37 42.75
N HIS B 797 -107.48 -96.31 43.44
CA HIS B 797 -106.15 -95.73 43.27
C HIS B 797 -105.23 -96.01 44.46
N GLY B 798 -105.57 -96.97 45.28
CA GLY B 798 -104.76 -97.29 46.44
C GLY B 798 -105.63 -97.87 47.55
N GLU B 799 -104.97 -98.27 48.63
CA GLU B 799 -105.65 -98.87 49.77
C GLU B 799 -105.43 -98.15 51.09
N PHE B 800 -104.43 -97.26 51.17
CA PHE B 800 -104.02 -96.44 52.31
C PHE B 800 -103.33 -97.25 53.40
N LYS B 801 -103.37 -98.59 53.33
CA LYS B 801 -102.75 -99.53 54.27
C LYS B 801 -103.09 -99.26 55.76
N PHE B 802 -104.12 -98.46 56.02
CA PHE B 802 -104.41 -97.87 57.32
C PHE B 802 -105.86 -97.36 57.26
N LEU B 803 -106.24 -96.61 58.29
CA LEU B 803 -107.55 -95.97 58.34
C LEU B 803 -107.36 -94.46 58.38
N PRO B 804 -107.91 -93.72 57.42
CA PRO B 804 -107.76 -92.26 57.43
C PRO B 804 -108.47 -91.65 58.62
N PRO B 805 -107.98 -90.53 59.13
CA PRO B 805 -108.64 -89.87 60.27
C PRO B 805 -110.04 -89.43 59.90
N PRO B 806 -110.98 -89.46 60.87
CA PRO B 806 -112.39 -89.16 60.57
C PRO B 806 -112.61 -87.76 60.05
N GLY B 807 -113.51 -87.64 59.08
CA GLY B 807 -113.82 -86.39 58.44
C GLY B 807 -112.94 -86.04 57.26
N TYR B 808 -111.88 -86.81 57.01
CA TYR B 808 -110.96 -86.55 55.91
C TYR B 808 -111.22 -87.56 54.80
N ALA B 809 -111.46 -87.06 53.62
CA ALA B 809 -111.79 -87.87 52.47
C ALA B 809 -110.53 -88.31 51.73
N PRO B 810 -110.58 -89.49 51.10
CA PRO B 810 -109.49 -89.87 50.19
C PRO B 810 -109.35 -88.89 49.04
N CYS B 811 -108.11 -88.58 48.66
CA CYS B 811 -107.84 -87.59 47.63
C CYS B 811 -108.31 -88.02 46.24
N HIS B 812 -108.51 -89.31 46.00
CA HIS B 812 -109.02 -89.76 44.70
C HIS B 812 -110.49 -89.40 44.50
N GLU B 813 -111.18 -88.93 45.53
CA GLU B 813 -112.58 -88.55 45.44
C GLU B 813 -112.75 -87.12 44.97
N ALA B 814 -111.66 -86.39 44.74
CA ALA B 814 -111.72 -85.00 44.30
C ALA B 814 -111.63 -84.84 42.79
N VAL B 815 -111.60 -85.94 42.03
CA VAL B 815 -111.48 -85.85 40.58
C VAL B 815 -112.79 -85.36 39.97
N LEU B 816 -112.69 -84.35 39.12
CA LEU B 816 -113.85 -83.78 38.47
C LEU B 816 -114.31 -84.71 37.34
N PRO B 817 -115.62 -84.75 37.06
CA PRO B 817 -116.12 -85.70 36.05
C PRO B 817 -115.59 -85.48 34.64
N ARG B 818 -115.27 -84.25 34.26
CA ARG B 818 -114.91 -83.95 32.87
C ARG B 818 -113.48 -84.32 32.50
N GLU B 819 -112.78 -85.07 33.35
CA GLU B 819 -111.42 -85.52 33.04
C GLU B 819 -111.12 -86.76 33.89
N ARG B 820 -109.91 -87.28 33.73
CA ARG B 820 -109.46 -88.48 34.42
C ARG B 820 -108.44 -88.11 35.49
N LEU B 821 -107.88 -89.15 36.11
CA LEU B 821 -106.80 -89.01 37.07
C LEU B 821 -105.49 -89.44 36.39
N ARG B 822 -104.48 -88.57 36.45
CA ARG B 822 -103.22 -88.83 35.79
C ARG B 822 -102.10 -88.14 36.54
N LEU B 823 -100.89 -88.64 36.36
CA LEU B 823 -99.70 -88.07 36.98
C LEU B 823 -99.04 -87.14 35.97
N GLU B 824 -98.92 -85.87 36.33
CA GLU B 824 -98.39 -84.86 35.43
C GLU B 824 -97.31 -84.05 36.13
N PRO B 825 -96.35 -83.52 35.36
CA PRO B 825 -95.36 -82.61 35.95
C PRO B 825 -95.99 -81.26 36.25
N ILE B 826 -95.26 -80.47 37.04
CA ILE B 826 -95.64 -79.10 37.40
C ILE B 826 -95.46 -78.25 36.14
N LYS B 827 -95.97 -77.01 36.15
CA LYS B 827 -95.94 -76.04 35.05
C LYS B 827 -94.57 -75.97 34.39
N GLU B 828 -94.53 -76.32 33.11
CA GLU B 828 -93.27 -76.52 32.43
C GLU B 828 -93.24 -75.84 31.07
N TYR B 829 -92.20 -76.12 30.29
CA TYR B 829 -92.07 -75.57 28.96
C TYR B 829 -91.71 -76.59 27.90
N ARG B 830 -91.45 -77.84 28.27
CA ARG B 830 -91.01 -78.84 27.29
C ARG B 830 -91.46 -80.22 27.76
N ARG B 831 -91.92 -81.03 26.81
CA ARG B 831 -92.14 -82.44 27.08
C ARG B 831 -91.71 -83.26 25.87
N GLU B 832 -91.30 -84.49 26.11
CA GLU B 832 -90.74 -85.33 25.06
C GLU B 832 -91.79 -85.70 24.02
N GLY B 833 -91.38 -85.76 22.75
CA GLY B 833 -92.26 -86.10 21.67
C GLY B 833 -91.73 -87.24 20.84
N PRO B 834 -92.52 -87.70 19.87
CA PRO B 834 -92.10 -88.81 19.00
C PRO B 834 -90.87 -88.46 18.18
N ARG B 835 -90.93 -87.35 17.44
CA ARG B 835 -89.83 -86.90 16.61
C ARG B 835 -88.96 -85.84 17.27
N GLY B 836 -89.20 -85.52 18.54
CA GLY B 836 -88.43 -84.50 19.21
C GLY B 836 -89.17 -83.87 20.37
N PRO B 837 -88.44 -83.28 21.31
CA PRO B 837 -89.10 -82.61 22.42
C PRO B 837 -89.95 -81.46 21.90
N HIS B 838 -91.12 -81.28 22.49
CA HIS B 838 -92.05 -80.25 22.10
C HIS B 838 -92.02 -79.13 23.12
N LEU B 839 -91.79 -77.91 22.66
CA LEU B 839 -91.98 -76.75 23.51
C LEU B 839 -93.47 -76.65 23.81
N VAL B 840 -93.79 -76.26 25.03
CA VAL B 840 -95.18 -76.15 25.48
C VAL B 840 -95.29 -74.77 26.10
N GLY B 841 -96.29 -73.99 25.66
CA GLY B 841 -96.50 -72.72 26.32
C GLY B 841 -97.24 -72.92 27.62
N PRO B 842 -97.77 -71.83 28.21
CA PRO B 842 -98.54 -71.92 29.48
C PRO B 842 -99.84 -72.70 29.44
N SER B 843 -100.51 -72.84 30.58
CA SER B 843 -101.76 -73.59 30.56
C SER B 843 -102.80 -72.92 31.44
N ARG B 844 -104.05 -73.02 30.99
CA ARG B 844 -105.18 -72.54 31.77
C ARG B 844 -105.32 -73.41 33.01
N CYS B 845 -105.59 -72.77 34.15
CA CYS B 845 -105.67 -73.46 35.42
C CYS B 845 -106.94 -73.07 36.15
N LEU B 846 -107.47 -74.01 36.92
CA LEU B 846 -108.66 -73.75 37.73
C LEU B 846 -108.31 -72.85 38.91
N SER B 847 -109.11 -71.82 39.11
CA SER B 847 -108.92 -70.88 40.20
C SER B 847 -109.81 -71.28 41.37
N HIS B 848 -109.37 -70.88 42.58
CA HIS B 848 -110.13 -71.18 43.79
C HIS B 848 -111.49 -70.47 43.79
N THR B 849 -111.54 -69.25 43.26
CA THR B 849 -112.80 -68.50 43.23
C THR B 849 -113.70 -68.90 42.07
N ASP B 850 -113.25 -69.80 41.20
CA ASP B 850 -114.03 -70.22 40.05
C ASP B 850 -114.83 -71.49 40.30
N PHE B 851 -114.82 -72.02 41.52
CA PHE B 851 -115.62 -73.19 41.87
C PHE B 851 -116.91 -72.82 42.57
N VAL B 852 -117.22 -71.52 42.63
CA VAL B 852 -118.48 -71.03 43.19
C VAL B 852 -119.40 -70.74 42.02
N PRO B 853 -120.53 -71.45 41.88
CA PRO B 853 -121.45 -71.17 40.78
C PRO B 853 -122.02 -69.75 40.86
N CYS B 854 -122.18 -69.12 39.69
CA CYS B 854 -122.60 -67.72 39.61
C CYS B 854 -123.81 -67.56 38.70
N PRO B 855 -125.01 -67.90 39.19
CA PRO B 855 -126.22 -67.66 38.40
C PRO B 855 -126.76 -66.26 38.61
N VAL B 856 -127.42 -65.73 37.59
CA VAL B 856 -128.08 -64.43 37.71
C VAL B 856 -129.31 -64.59 38.61
N ASP B 857 -129.46 -63.65 39.54
CA ASP B 857 -130.51 -63.72 40.56
C ASP B 857 -131.90 -63.65 39.92
N THR B 858 -132.83 -64.40 40.51
CA THR B 858 -134.19 -64.49 40.01
C THR B 858 -135.19 -63.99 41.05
N VAL B 859 -134.90 -62.84 41.67
CA VAL B 859 -135.78 -62.24 42.66
C VAL B 859 -136.26 -60.86 42.23
N GLN B 860 -135.35 -60.00 41.79
CA GLN B 860 -135.67 -58.62 41.41
C GLN B 860 -136.15 -58.54 39.95
N ILE B 861 -137.18 -59.31 39.63
CA ILE B 861 -137.76 -59.33 38.29
C ILE B 861 -139.28 -59.22 38.42
N VAL B 862 -139.86 -58.26 37.70
CA VAL B 862 -141.32 -58.17 37.62
C VAL B 862 -141.82 -59.18 36.59
N LEU B 863 -142.97 -59.79 36.88
CA LEU B 863 -143.51 -60.80 36.00
C LEU B 863 -144.41 -60.10 34.97
N PRO B 864 -144.08 -60.15 33.68
CA PRO B 864 -144.83 -59.36 32.69
C PRO B 864 -146.22 -59.90 32.45
N PRO B 865 -147.15 -59.03 32.02
CA PRO B 865 -148.49 -59.51 31.62
C PRO B 865 -148.47 -60.46 30.44
N HIS B 866 -147.48 -60.32 29.56
CA HIS B 866 -147.28 -61.21 28.42
C HIS B 866 -146.94 -62.63 28.87
N LEU B 867 -146.45 -62.77 30.10
CA LEU B 867 -146.04 -64.05 30.62
C LEU B 867 -147.08 -64.65 31.54
N GLU B 868 -147.75 -63.81 32.36
CA GLU B 868 -148.81 -64.36 33.22
C GLU B 868 -149.96 -64.92 32.40
N ARG B 869 -150.20 -64.38 31.20
CA ARG B 869 -151.26 -64.94 30.36
C ARG B 869 -150.87 -66.26 29.71
N ILE B 870 -149.62 -66.73 29.89
CA ILE B 870 -149.19 -67.97 29.29
C ILE B 870 -148.65 -68.95 30.33
N ARG B 871 -148.56 -68.53 31.61
CA ARG B 871 -147.96 -69.40 32.63
C ARG B 871 -148.73 -70.70 32.89
N GLU B 872 -150.01 -70.77 32.53
CA GLU B 872 -150.77 -72.01 32.68
C GLU B 872 -150.15 -73.11 31.83
N LYS B 873 -150.10 -72.91 30.51
CA LYS B 873 -149.52 -73.91 29.60
C LYS B 873 -148.04 -74.08 29.87
N LEU B 874 -147.35 -72.96 30.15
CA LEU B 874 -145.93 -72.95 30.53
C LEU B 874 -145.63 -73.92 31.66
N ALA B 875 -146.59 -74.12 32.59
CA ALA B 875 -146.42 -75.08 33.66
C ALA B 875 -146.98 -76.45 33.29
N GLU B 876 -148.04 -76.50 32.46
CA GLU B 876 -148.65 -77.77 32.08
C GLU B 876 -147.68 -78.61 31.27
N ASN B 877 -147.01 -78.00 30.31
CA ASN B 877 -146.11 -78.72 29.41
C ASN B 877 -144.87 -79.25 30.12
N ILE B 878 -144.61 -78.86 31.37
CA ILE B 878 -143.46 -79.32 32.12
C ILE B 878 -143.86 -80.01 33.41
N HIS B 879 -145.17 -80.15 33.67
CA HIS B 879 -145.63 -80.92 34.82
C HIS B 879 -145.23 -82.38 34.73
N GLU B 880 -145.28 -82.96 33.52
CA GLU B 880 -144.88 -84.35 33.32
C GLU B 880 -143.88 -84.48 32.18
N LEU B 881 -143.12 -83.42 31.90
CA LEU B 881 -142.12 -83.47 30.84
C LEU B 881 -141.04 -84.50 31.16
N TRP B 882 -140.58 -84.53 32.42
CA TRP B 882 -139.64 -85.57 32.85
C TRP B 882 -140.28 -86.95 32.80
N ALA B 883 -141.59 -87.02 32.94
CA ALA B 883 -142.31 -88.29 32.92
C ALA B 883 -142.49 -88.82 31.51
N LEU B 884 -142.45 -87.93 30.51
CA LEU B 884 -142.74 -88.31 29.12
C LEU B 884 -141.72 -89.27 28.54
N THR B 885 -140.47 -89.22 29.03
CA THR B 885 -139.37 -89.95 28.41
C THR B 885 -139.56 -91.47 28.47
N ARG B 886 -140.06 -91.99 29.59
CA ARG B 886 -140.08 -93.43 29.80
C ARG B 886 -141.48 -93.95 30.17
N ILE B 887 -142.50 -93.52 29.41
CA ILE B 887 -143.84 -94.08 29.54
C ILE B 887 -143.83 -95.46 28.87
N GLU B 888 -144.68 -96.36 29.37
CA GLU B 888 -144.86 -97.72 28.83
C GLU B 888 -143.57 -98.53 28.86
N GLN B 889 -142.87 -98.44 29.98
CA GLN B 889 -141.64 -99.20 30.22
C GLN B 889 -141.78 -99.97 31.52
N GLY B 890 -140.67 -100.51 32.04
CA GLY B 890 -140.67 -101.04 33.39
C GLY B 890 -141.04 -100.03 34.46
N TRP B 891 -140.82 -98.75 34.19
CA TRP B 891 -141.20 -97.65 35.06
C TRP B 891 -142.57 -97.08 34.68
N THR B 892 -143.59 -97.95 34.63
CA THR B 892 -144.93 -97.57 34.19
C THR B 892 -145.83 -97.20 35.37
N TYR B 893 -146.58 -96.11 35.22
CA TYR B 893 -147.48 -95.61 36.24
C TYR B 893 -148.59 -96.62 36.55
N GLY B 894 -148.97 -96.69 37.83
CA GLY B 894 -150.10 -97.47 38.25
C GLY B 894 -151.19 -96.57 38.82
N PRO B 895 -152.44 -96.84 38.45
CA PRO B 895 -153.55 -95.99 38.92
C PRO B 895 -153.77 -95.99 40.43
N VAL B 896 -153.30 -97.03 41.14
CA VAL B 896 -153.50 -97.11 42.59
C VAL B 896 -152.71 -96.04 43.32
N ARG B 897 -151.52 -95.70 42.84
CA ARG B 897 -150.61 -94.82 43.55
C ARG B 897 -150.19 -93.65 42.66
N ASP B 898 -149.17 -92.91 43.08
CA ASP B 898 -148.82 -91.64 42.46
C ASP B 898 -147.31 -91.57 42.30
N ASP B 899 -146.82 -90.33 42.08
CA ASP B 899 -145.45 -90.04 41.68
C ASP B 899 -144.40 -90.63 42.61
N ASN B 900 -143.31 -91.09 42.00
CA ASN B 900 -142.03 -91.43 42.64
C ASN B 900 -142.13 -92.65 43.57
N LYS B 901 -142.85 -93.67 43.13
CA LYS B 901 -142.85 -94.96 43.83
C LYS B 901 -142.71 -96.05 42.76
N ARG B 902 -141.71 -95.89 41.88
CA ARG B 902 -141.38 -96.77 40.75
C ARG B 902 -142.48 -96.78 39.68
N LEU B 903 -143.48 -95.91 39.82
CA LEU B 903 -144.61 -95.82 38.90
C LEU B 903 -144.91 -94.35 38.60
N HIS B 904 -143.87 -93.58 38.33
CA HIS B 904 -143.98 -92.12 38.24
C HIS B 904 -144.91 -91.54 37.16
N PRO B 905 -144.92 -92.01 35.79
CA PRO B 905 -145.42 -91.16 34.67
C PRO B 905 -146.67 -90.32 34.82
N CYS B 906 -147.80 -90.98 35.11
CA CYS B 906 -149.09 -90.34 35.44
C CYS B 906 -149.54 -89.33 34.38
N LEU B 907 -149.85 -89.85 33.17
CA LEU B 907 -150.41 -89.02 32.12
C LEU B 907 -151.89 -88.68 32.33
N VAL B 908 -152.44 -88.95 33.52
CA VAL B 908 -153.83 -88.68 33.87
C VAL B 908 -154.16 -87.20 33.65
N ASN B 909 -153.52 -86.33 34.43
CA ASN B 909 -153.63 -84.88 34.39
C ASN B 909 -152.63 -84.33 35.41
N PHE B 910 -152.35 -83.04 35.30
CA PHE B 910 -151.57 -82.36 36.31
C PHE B 910 -152.39 -82.07 37.55
N HIS B 911 -153.73 -82.10 37.43
CA HIS B 911 -154.61 -82.01 38.59
C HIS B 911 -154.47 -83.24 39.48
N SER B 912 -154.32 -84.41 38.87
CA SER B 912 -154.10 -85.65 39.62
C SER B 912 -152.79 -85.62 40.39
N LEU B 913 -151.80 -84.88 39.90
CA LEU B 913 -150.56 -84.71 40.62
C LEU B 913 -150.81 -83.89 41.89
N PRO B 914 -150.04 -84.15 42.97
CA PRO B 914 -150.24 -83.41 44.23
C PRO B 914 -150.02 -81.91 44.07
N GLU B 915 -150.88 -81.14 44.76
CA GLU B 915 -150.80 -79.68 44.70
C GLU B 915 -149.49 -79.04 45.17
N PRO B 916 -148.85 -79.45 46.30
CA PRO B 916 -147.59 -78.75 46.71
C PRO B 916 -146.48 -78.80 45.67
N GLU B 917 -146.38 -79.87 44.89
CA GLU B 917 -145.38 -79.83 43.84
C GLU B 917 -145.97 -79.31 42.53
N ARG B 918 -147.31 -79.30 42.41
CA ARG B 918 -147.94 -78.71 41.24
C ARG B 918 -147.67 -77.20 41.19
N ASN B 919 -148.00 -76.48 42.27
CA ASN B 919 -147.69 -75.06 42.28
C ASN B 919 -146.18 -74.81 42.40
N TYR B 920 -145.41 -75.78 42.92
CA TYR B 920 -143.96 -75.70 42.81
C TYR B 920 -143.51 -75.70 41.35
N ASN B 921 -144.14 -76.53 40.52
CA ASN B 921 -143.88 -76.51 39.08
C ASN B 921 -144.31 -75.19 38.45
N LEU B 922 -145.44 -74.64 38.91
CA LEU B 922 -145.89 -73.32 38.44
C LEU B 922 -144.88 -72.24 38.77
N GLN B 923 -144.36 -72.23 40.00
CA GLN B 923 -143.47 -71.16 40.42
C GLN B 923 -142.08 -71.34 39.81
N MET B 924 -141.61 -72.58 39.61
CA MET B 924 -140.31 -72.74 38.95
C MET B 924 -140.39 -72.38 37.48
N SER B 925 -141.53 -72.64 36.82
CA SER B 925 -141.73 -72.12 35.47
C SER B 925 -141.72 -70.59 35.44
N GLY B 926 -142.41 -69.95 36.39
CA GLY B 926 -142.30 -68.51 36.52
C GLY B 926 -140.90 -68.03 36.84
N GLU B 927 -140.15 -68.83 37.60
CA GLU B 927 -138.75 -68.54 37.89
C GLU B 927 -137.89 -68.59 36.62
N THR B 928 -138.13 -69.55 35.75
CA THR B 928 -137.44 -69.57 34.45
C THR B 928 -137.86 -68.39 33.57
N LEU B 929 -139.12 -67.96 33.64
CA LEU B 929 -139.52 -66.72 32.97
C LEU B 929 -138.76 -65.51 33.53
N LYS B 930 -138.58 -65.47 34.85
CA LYS B 930 -137.78 -64.42 35.47
C LYS B 930 -136.32 -64.54 35.07
N THR B 931 -135.84 -65.76 34.84
CA THR B 931 -134.49 -65.97 34.34
C THR B 931 -134.35 -65.40 32.92
N LEU B 932 -135.39 -65.57 32.09
CA LEU B 932 -135.36 -65.00 30.73
C LEU B 932 -135.30 -63.47 30.78
N LEU B 933 -136.10 -62.86 31.67
CA LEU B 933 -136.02 -61.41 31.85
C LEU B 933 -134.65 -60.98 32.39
N ALA B 934 -134.09 -61.76 33.32
CA ALA B 934 -132.76 -61.48 33.84
C ALA B 934 -131.71 -61.59 32.74
N LEU B 935 -131.90 -62.54 31.81
CA LEU B 935 -131.05 -62.64 30.63
C LEU B 935 -131.31 -61.50 29.65
N GLY B 936 -132.39 -60.76 29.83
CA GLY B 936 -132.70 -59.66 28.94
C GLY B 936 -133.54 -59.98 27.73
N CYS B 937 -134.27 -61.09 27.74
CA CYS B 937 -135.11 -61.45 26.60
C CYS B 937 -136.24 -60.45 26.44
N HIS B 938 -136.46 -60.00 25.21
CA HIS B 938 -137.53 -59.09 24.89
C HIS B 938 -138.59 -59.82 24.07
N VAL B 939 -139.57 -59.07 23.57
CA VAL B 939 -140.69 -59.65 22.85
C VAL B 939 -140.81 -58.96 21.49
N GLY B 940 -141.07 -59.76 20.46
CA GLY B 940 -141.42 -59.26 19.14
C GLY B 940 -142.39 -60.22 18.46
N MET B 941 -143.54 -59.73 18.02
CA MET B 941 -144.57 -60.59 17.45
C MET B 941 -144.48 -60.61 15.94
N ALA B 942 -144.44 -61.81 15.36
CA ALA B 942 -144.41 -61.94 13.91
C ALA B 942 -145.34 -63.01 13.35
N ASP B 943 -145.89 -63.91 14.18
CA ASP B 943 -146.69 -65.01 13.66
C ASP B 943 -147.96 -65.18 14.48
N GLU B 944 -148.95 -65.83 13.86
CA GLU B 944 -150.21 -66.17 14.49
C GLU B 944 -149.96 -67.19 15.61
N LYS B 945 -150.89 -67.24 16.57
CA LYS B 945 -150.77 -68.15 17.72
C LYS B 945 -150.73 -69.61 17.25
N ALA B 946 -149.70 -70.33 17.71
CA ALA B 946 -149.50 -71.72 17.32
C ALA B 946 -150.53 -72.66 17.93
N GLU B 947 -151.18 -72.26 19.03
CA GLU B 947 -152.17 -73.10 19.69
C GLU B 947 -153.34 -73.42 18.75
N ASP B 948 -153.81 -72.42 18.01
CA ASP B 948 -154.93 -72.62 17.10
C ASP B 948 -154.53 -73.50 15.92
N ASN B 949 -153.29 -73.34 15.45
CA ASN B 949 -152.72 -74.15 14.38
C ASN B 949 -152.01 -75.38 14.92
N LEU B 950 -152.33 -75.80 16.15
CA LEU B 950 -151.64 -76.88 16.84
C LEU B 950 -152.66 -77.91 17.29
N LYS B 951 -152.25 -79.17 17.27
CA LYS B 951 -153.08 -80.26 17.77
C LYS B 951 -152.21 -81.31 18.45
N LYS B 952 -152.67 -81.80 19.59
CA LYS B 952 -151.97 -82.84 20.32
C LYS B 952 -152.02 -84.15 19.53
N THR B 953 -150.90 -84.87 19.51
CA THR B 953 -150.78 -86.09 18.72
C THR B 953 -150.99 -87.29 19.65
N LYS B 954 -152.01 -88.09 19.35
CA LYS B 954 -152.28 -89.32 20.09
C LYS B 954 -151.46 -90.44 19.47
N LEU B 955 -150.20 -90.51 19.88
CA LEU B 955 -149.27 -91.48 19.35
C LEU B 955 -149.67 -92.91 19.75
N PRO B 956 -149.33 -93.90 18.92
CA PRO B 956 -149.64 -95.30 19.27
C PRO B 956 -148.99 -95.79 20.56
N LYS B 957 -147.84 -95.25 20.95
CA LYS B 957 -147.23 -95.58 22.21
C LYS B 957 -147.49 -94.46 23.23
N THR B 958 -146.87 -94.59 24.41
CA THR B 958 -146.97 -93.66 25.55
C THR B 958 -148.42 -93.44 25.99
N TYR B 959 -149.11 -94.54 26.27
CA TYR B 959 -150.50 -94.50 26.68
C TYR B 959 -150.70 -95.36 27.91
N MET B 960 -151.83 -95.15 28.58
CA MET B 960 -152.33 -96.03 29.63
C MET B 960 -153.80 -95.72 29.86
N MET B 961 -154.53 -96.76 30.29
CA MET B 961 -155.97 -96.75 30.49
C MET B 961 -156.44 -95.82 31.61
N SER B 962 -155.53 -95.36 32.46
CA SER B 962 -155.89 -94.53 33.61
C SER B 962 -156.26 -93.14 33.11
N ASN B 963 -157.58 -92.91 32.97
CA ASN B 963 -158.20 -91.63 32.61
C ASN B 963 -157.70 -91.14 31.24
N GLY B 964 -157.98 -91.93 30.22
CA GLY B 964 -157.73 -91.53 28.85
C GLY B 964 -156.27 -91.70 28.45
N TYR B 965 -156.03 -91.55 27.16
CA TYR B 965 -154.69 -91.69 26.61
C TYR B 965 -154.31 -90.40 25.91
N LYS B 966 -153.13 -89.89 26.26
CA LYS B 966 -152.55 -88.66 25.76
C LYS B 966 -151.10 -88.63 26.20
N PRO B 967 -150.22 -87.89 25.53
CA PRO B 967 -148.86 -87.69 26.04
C PRO B 967 -148.91 -87.01 27.41
N ALA B 968 -147.97 -87.37 28.28
CA ALA B 968 -147.93 -86.88 29.65
C ALA B 968 -147.91 -85.35 29.76
N PRO B 969 -147.08 -84.60 29.02
CA PRO B 969 -147.40 -83.19 28.81
C PRO B 969 -148.20 -83.04 27.52
N LEU B 970 -148.80 -81.86 27.34
CA LEU B 970 -149.58 -81.61 26.13
C LEU B 970 -148.64 -81.57 24.92
N ASP B 971 -149.00 -82.36 23.90
CA ASP B 971 -148.13 -82.61 22.76
C ASP B 971 -147.91 -81.36 21.92
N LEU B 972 -146.73 -81.26 21.35
CA LEU B 972 -146.29 -80.11 20.57
C LEU B 972 -146.07 -80.49 19.11
N SER B 973 -146.52 -79.61 18.21
CA SER B 973 -146.35 -79.78 16.76
C SER B 973 -144.95 -79.30 16.35
N HIS B 974 -144.74 -79.14 15.05
CA HIS B 974 -143.44 -78.75 14.50
C HIS B 974 -143.06 -77.32 14.91
N VAL B 975 -141.89 -77.19 15.55
CA VAL B 975 -141.31 -75.91 15.98
C VAL B 975 -139.81 -75.98 15.72
N ARG B 976 -139.23 -74.89 15.21
CA ARG B 976 -137.80 -74.82 14.89
C ARG B 976 -137.15 -73.70 15.69
N LEU B 977 -135.88 -73.93 16.10
CA LEU B 977 -135.14 -73.01 16.95
C LEU B 977 -133.83 -72.62 16.29
N THR B 978 -133.51 -71.32 16.35
CA THR B 978 -132.28 -70.75 15.84
C THR B 978 -131.10 -70.94 16.81
N PRO B 979 -129.85 -70.82 16.33
CA PRO B 979 -128.70 -70.95 17.25
C PRO B 979 -128.66 -69.91 18.36
N ALA B 980 -129.28 -68.73 18.18
CA ALA B 980 -129.38 -67.77 19.27
C ALA B 980 -130.19 -68.36 20.42
N GLN B 981 -131.27 -69.06 20.09
CA GLN B 981 -132.04 -69.77 21.11
C GLN B 981 -131.24 -70.92 21.71
N THR B 982 -130.37 -71.57 20.92
CA THR B 982 -129.55 -72.65 21.49
C THR B 982 -128.59 -72.10 22.54
N THR B 983 -127.95 -70.96 22.26
CA THR B 983 -127.09 -70.33 23.26
C THR B 983 -127.89 -69.88 24.49
N LEU B 984 -129.09 -69.33 24.25
CA LEU B 984 -129.93 -68.86 25.35
C LEU B 984 -130.35 -70.01 26.25
N VAL B 985 -130.76 -71.14 25.67
CA VAL B 985 -131.14 -72.28 26.50
C VAL B 985 -129.91 -72.90 27.18
N ASP B 986 -128.73 -72.81 26.54
CA ASP B 986 -127.51 -73.28 27.16
C ASP B 986 -127.19 -72.48 28.42
N ARG B 987 -127.31 -71.16 28.35
CA ARG B 987 -127.06 -70.39 29.56
C ARG B 987 -128.25 -70.41 30.52
N LEU B 988 -129.43 -70.81 30.05
CA LEU B 988 -130.56 -71.07 30.94
C LEU B 988 -130.27 -72.28 31.81
N ALA B 989 -129.75 -73.35 31.21
CA ALA B 989 -129.33 -74.52 31.97
C ALA B 989 -128.15 -74.21 32.88
N GLU B 990 -127.29 -73.26 32.45
CA GLU B 990 -126.20 -72.78 33.31
C GLU B 990 -126.76 -72.14 34.57
N ASN B 991 -127.77 -71.29 34.40
CA ASN B 991 -128.36 -70.56 35.53
C ASN B 991 -129.11 -71.51 36.46
N GLY B 992 -129.94 -72.39 35.90
CA GLY B 992 -130.75 -73.28 36.73
C GLY B 992 -129.90 -74.26 37.51
N HIS B 993 -128.92 -74.89 36.84
CA HIS B 993 -128.05 -75.83 37.52
C HIS B 993 -127.21 -75.12 38.59
N ASN B 994 -126.75 -73.89 38.30
CA ASN B 994 -125.99 -73.16 39.31
C ASN B 994 -126.84 -72.79 40.52
N VAL B 995 -128.12 -72.48 40.30
CA VAL B 995 -129.03 -72.24 41.43
C VAL B 995 -129.19 -73.50 42.28
N TRP B 996 -129.36 -74.66 41.62
CA TRP B 996 -129.45 -75.92 42.33
C TRP B 996 -128.16 -76.22 43.09
N ALA B 997 -127.01 -75.92 42.48
CA ALA B 997 -125.72 -76.16 43.09
C ALA B 997 -125.52 -75.30 44.33
N ARG B 998 -125.81 -73.99 44.23
CA ARG B 998 -125.65 -73.09 45.38
C ARG B 998 -126.61 -73.47 46.49
N ASP B 999 -127.84 -73.90 46.14
CA ASP B 999 -128.77 -74.34 47.16
C ASP B 999 -128.26 -75.59 47.87
N ARG B 1000 -127.68 -76.53 47.12
CA ARG B 1000 -127.12 -77.73 47.73
C ARG B 1000 -125.99 -77.37 48.69
N VAL B 1001 -125.07 -76.48 48.25
CA VAL B 1001 -123.96 -76.09 49.10
C VAL B 1001 -124.48 -75.30 50.32
N ALA B 1002 -125.68 -74.69 50.20
CA ALA B 1002 -126.25 -73.92 51.30
C ALA B 1002 -126.53 -74.80 52.51
N GLN B 1003 -127.08 -76.01 52.30
CA GLN B 1003 -127.25 -76.86 53.48
C GLN B 1003 -126.06 -77.78 53.72
N GLY B 1004 -124.96 -77.64 52.98
CA GLY B 1004 -123.78 -78.40 53.30
C GLY B 1004 -123.41 -79.54 52.38
N TRP B 1005 -123.60 -79.35 51.08
CA TRP B 1005 -123.24 -80.35 50.09
C TRP B 1005 -121.90 -79.98 49.42
N SER B 1006 -120.96 -80.91 49.44
CA SER B 1006 -119.66 -80.74 48.79
C SER B 1006 -119.40 -81.92 47.88
N TYR B 1007 -118.73 -81.66 46.76
CA TYR B 1007 -118.54 -82.65 45.71
C TYR B 1007 -117.63 -83.80 46.13
N SER B 1008 -118.04 -85.02 45.77
CA SER B 1008 -117.22 -86.21 45.90
C SER B 1008 -117.40 -87.04 44.63
N ALA B 1009 -116.36 -87.76 44.23
CA ALA B 1009 -116.42 -88.60 43.03
C ALA B 1009 -117.40 -89.76 43.18
N VAL B 1010 -117.72 -90.14 44.41
CA VAL B 1010 -118.69 -91.19 44.71
C VAL B 1010 -119.84 -90.57 45.49
N GLN B 1011 -121.07 -90.96 45.12
CA GLN B 1011 -122.25 -90.42 45.78
C GLN B 1011 -122.30 -90.89 47.22
N ASP B 1012 -122.37 -89.94 48.14
CA ASP B 1012 -122.40 -90.22 49.58
C ASP B 1012 -123.56 -89.44 50.20
N ILE B 1013 -124.75 -90.05 50.19
CA ILE B 1013 -125.93 -89.45 50.79
C ILE B 1013 -125.81 -89.31 52.32
N PRO B 1014 -125.40 -90.32 53.11
CA PRO B 1014 -125.19 -90.05 54.55
C PRO B 1014 -124.14 -89.00 54.85
N ALA B 1015 -123.09 -88.91 54.04
CA ALA B 1015 -122.09 -87.86 54.16
C ALA B 1015 -122.51 -86.58 53.45
N ARG B 1016 -123.69 -86.58 52.80
CA ARG B 1016 -124.32 -85.41 52.17
C ARG B 1016 -123.44 -84.89 51.03
N ARG B 1017 -122.99 -85.82 50.18
CA ARG B 1017 -122.13 -85.49 49.04
C ARG B 1017 -122.63 -86.19 47.79
N ASN B 1018 -122.50 -85.50 46.65
CA ASN B 1018 -123.05 -85.89 45.37
C ASN B 1018 -121.99 -85.77 44.30
N PRO B 1019 -122.06 -86.59 43.24
CA PRO B 1019 -121.14 -86.40 42.10
C PRO B 1019 -121.52 -85.29 41.15
N ARG B 1020 -122.74 -84.75 41.25
CA ARG B 1020 -123.16 -83.66 40.38
C ARG B 1020 -122.92 -82.29 41.00
N LEU B 1021 -122.22 -82.24 42.13
CA LEU B 1021 -121.97 -81.00 42.87
C LEU B 1021 -120.83 -80.18 42.25
N VAL B 1022 -120.99 -79.83 40.99
CA VAL B 1022 -120.06 -78.95 40.29
C VAL B 1022 -120.90 -77.88 39.59
N PRO B 1023 -120.37 -76.69 39.37
CA PRO B 1023 -121.06 -75.71 38.51
C PRO B 1023 -121.25 -76.25 37.10
N TYR B 1024 -122.29 -75.75 36.43
CA TYR B 1024 -122.65 -76.22 35.08
C TYR B 1024 -121.49 -76.12 34.10
N ARG B 1025 -120.62 -75.13 34.29
CA ARG B 1025 -119.42 -75.00 33.46
C ARG B 1025 -118.49 -76.19 33.66
N LEU B 1026 -118.47 -76.78 34.86
CA LEU B 1026 -117.73 -77.99 35.17
C LEU B 1026 -118.51 -79.28 34.96
N LEU B 1027 -119.81 -79.17 34.69
CA LEU B 1027 -120.66 -80.34 34.48
C LEU B 1027 -120.26 -81.12 33.24
N ASP B 1028 -120.39 -82.44 33.33
CA ASP B 1028 -120.07 -83.30 32.21
C ASP B 1028 -121.14 -83.15 31.12
N GLU B 1029 -120.70 -83.36 29.87
CA GLU B 1029 -121.59 -83.24 28.72
C GLU B 1029 -122.75 -84.23 28.73
N ALA B 1030 -122.61 -85.37 29.40
CA ALA B 1030 -123.75 -86.27 29.58
C ALA B 1030 -124.87 -85.61 30.37
N THR B 1031 -124.52 -84.90 31.45
CA THR B 1031 -125.53 -84.21 32.23
C THR B 1031 -125.81 -82.83 31.67
N LYS B 1032 -124.83 -82.22 31.00
CA LYS B 1032 -125.08 -80.97 30.28
C LYS B 1032 -126.15 -81.17 29.23
N ARG B 1033 -126.05 -82.28 28.47
CA ARG B 1033 -127.03 -82.58 27.44
C ARG B 1033 -128.41 -82.82 28.04
N SER B 1034 -128.47 -83.56 29.16
CA SER B 1034 -129.77 -83.82 29.80
C SER B 1034 -130.44 -82.54 30.32
N ASN B 1035 -129.66 -81.66 30.97
CA ASN B 1035 -130.20 -80.39 31.42
C ASN B 1035 -130.61 -79.49 30.25
N ARG B 1036 -129.79 -79.46 29.19
CA ARG B 1036 -130.15 -78.70 28.01
C ARG B 1036 -131.38 -79.27 27.33
N ASP B 1037 -131.52 -80.60 27.31
CA ASP B 1037 -132.68 -81.23 26.68
C ASP B 1037 -133.97 -80.86 27.40
N SER B 1038 -133.93 -80.89 28.74
CA SER B 1038 -135.10 -80.51 29.55
C SER B 1038 -135.49 -79.06 29.35
N LEU B 1039 -134.51 -78.16 29.35
CA LEU B 1039 -134.90 -76.76 29.16
C LEU B 1039 -135.03 -76.41 27.69
N CYS B 1040 -134.51 -77.25 26.80
CA CYS B 1040 -134.71 -77.08 25.37
C CYS B 1040 -136.19 -77.25 25.07
N GLN B 1041 -136.82 -78.24 25.71
CA GLN B 1041 -138.26 -78.38 25.55
C GLN B 1041 -139.01 -77.29 26.29
N ALA B 1042 -138.40 -76.64 27.29
CA ALA B 1042 -139.02 -75.46 27.89
C ALA B 1042 -139.09 -74.32 26.88
N VAL B 1043 -138.01 -74.11 26.11
CA VAL B 1043 -138.03 -73.11 25.04
C VAL B 1043 -138.97 -73.54 23.92
N ARG B 1044 -139.04 -74.85 23.64
CA ARG B 1044 -140.04 -75.40 22.72
C ARG B 1044 -141.46 -75.10 23.20
N THR B 1045 -141.68 -75.18 24.51
CA THR B 1045 -142.97 -74.83 25.10
C THR B 1045 -143.29 -73.36 24.89
N LEU B 1046 -142.28 -72.49 25.07
CA LEU B 1046 -142.48 -71.06 24.85
C LEU B 1046 -142.83 -70.74 23.40
N LEU B 1047 -142.14 -71.35 22.44
CA LEU B 1047 -142.48 -71.11 21.03
C LEU B 1047 -143.69 -71.94 20.56
N GLY B 1048 -144.07 -72.98 21.30
CA GLY B 1048 -145.19 -73.81 20.91
C GLY B 1048 -146.57 -73.25 21.20
N TYR B 1049 -146.69 -72.41 22.22
CA TYR B 1049 -147.96 -71.80 22.59
C TYR B 1049 -148.14 -70.43 21.97
N GLY B 1050 -147.54 -70.24 20.79
CA GLY B 1050 -147.67 -69.03 20.00
C GLY B 1050 -147.13 -67.77 20.63
N TYR B 1051 -145.94 -67.85 21.22
CA TYR B 1051 -145.33 -66.70 21.86
C TYR B 1051 -143.84 -66.67 21.57
N ASN B 1052 -143.28 -65.50 21.81
CA ASN B 1052 -142.02 -65.05 21.25
C ASN B 1052 -140.85 -65.08 22.21
N ILE B 1053 -139.66 -65.26 21.64
CA ILE B 1053 -138.38 -65.17 22.34
C ILE B 1053 -137.44 -64.37 21.46
N GLU B 1054 -136.76 -63.40 22.06
CA GLU B 1054 -135.87 -62.50 21.34
C GLU B 1054 -134.46 -62.63 21.90
N PRO B 1055 -133.45 -62.84 21.05
CA PRO B 1055 -132.07 -62.91 21.55
C PRO B 1055 -131.60 -61.56 22.08
N PRO B 1056 -131.24 -61.50 23.36
CA PRO B 1056 -130.84 -60.22 23.97
C PRO B 1056 -129.51 -59.69 23.47
N ASP B 1057 -129.13 -58.52 23.98
CA ASP B 1057 -127.85 -57.90 23.64
C ASP B 1057 -126.74 -58.65 24.37
N GLN B 1058 -125.90 -59.33 23.58
CA GLN B 1058 -124.83 -60.16 24.12
C GLN B 1058 -123.52 -59.38 24.08
N GLU B 1059 -122.89 -59.24 25.24
CA GLU B 1059 -121.60 -58.57 25.36
C GLU B 1059 -120.57 -59.60 25.78
N PRO B 1060 -119.62 -59.96 24.92
CA PRO B 1060 -118.64 -60.99 25.29
C PRO B 1060 -117.61 -60.48 26.29
N SER B 1061 -116.94 -61.43 26.95
CA SER B 1061 -115.91 -61.12 27.91
C SER B 1061 -114.87 -62.23 27.91
N GLN B 1062 -113.67 -61.88 28.36
CA GLN B 1062 -112.54 -62.81 28.44
C GLN B 1062 -112.33 -63.21 29.90
N VAL B 1063 -111.98 -64.49 30.10
CA VAL B 1063 -111.91 -65.05 31.46
C VAL B 1063 -110.77 -64.44 32.27
N GLU B 1064 -109.57 -64.33 31.68
CA GLU B 1064 -108.35 -63.82 32.32
C GLU B 1064 -108.07 -64.52 33.66
N ASN B 1065 -107.85 -65.84 33.59
CA ASN B 1065 -107.62 -66.62 34.80
C ASN B 1065 -106.30 -66.25 35.47
N GLN B 1066 -105.21 -66.23 34.71
CA GLN B 1066 -103.89 -65.92 35.22
C GLN B 1066 -103.56 -64.45 34.95
N SER B 1067 -102.31 -64.07 35.18
CA SER B 1067 -101.86 -62.73 34.86
C SER B 1067 -101.77 -62.58 33.34
N ARG B 1068 -101.78 -61.33 32.89
CA ARG B 1068 -101.68 -61.02 31.46
C ARG B 1068 -100.27 -61.19 30.92
N TRP B 1069 -99.26 -61.35 31.78
CA TRP B 1069 -97.88 -61.50 31.35
C TRP B 1069 -97.37 -62.93 31.34
N ASP B 1070 -97.87 -63.82 32.19
CA ASP B 1070 -97.53 -65.23 32.04
C ASP B 1070 -98.51 -65.95 31.11
N ARG B 1071 -98.69 -65.37 29.92
CA ARG B 1071 -99.54 -65.87 28.86
C ARG B 1071 -98.75 -66.45 27.71
N VAL B 1072 -97.69 -65.77 27.32
CA VAL B 1072 -96.85 -66.19 26.21
C VAL B 1072 -95.44 -66.43 26.73
N ARG B 1073 -94.89 -67.58 26.39
CA ARG B 1073 -93.52 -67.95 26.74
C ARG B 1073 -92.72 -67.95 25.46
N ILE B 1074 -91.94 -66.90 25.24
CA ILE B 1074 -91.19 -66.80 23.99
C ILE B 1074 -89.92 -67.65 24.10
N PHE B 1075 -89.58 -68.32 22.99
CA PHE B 1075 -88.42 -69.18 22.86
C PHE B 1075 -87.54 -68.66 21.73
N ARG B 1076 -86.27 -68.45 22.02
CA ARG B 1076 -85.32 -67.90 21.06
C ARG B 1076 -84.03 -68.71 21.09
N ALA B 1077 -83.29 -68.69 19.99
CA ALA B 1077 -81.98 -69.32 20.00
C ALA B 1077 -80.99 -68.48 20.82
N GLU B 1078 -79.90 -69.11 21.23
CA GLU B 1078 -78.87 -68.41 21.98
C GLU B 1078 -78.19 -67.37 21.09
N LYS B 1079 -77.72 -66.29 21.72
CA LYS B 1079 -77.15 -65.14 21.01
C LYS B 1079 -75.92 -65.49 20.19
N SER B 1080 -75.21 -66.56 20.54
CA SER B 1080 -74.00 -66.95 19.81
C SER B 1080 -74.30 -67.46 18.41
N TYR B 1081 -75.53 -67.89 18.14
CA TYR B 1081 -75.90 -68.48 16.86
C TYR B 1081 -76.50 -67.46 15.90
N THR B 1082 -76.21 -66.18 16.10
CA THR B 1082 -76.71 -65.14 15.21
C THR B 1082 -76.07 -65.27 13.83
N VAL B 1083 -76.86 -65.04 12.79
CA VAL B 1083 -76.41 -65.19 11.41
C VAL B 1083 -76.37 -63.83 10.73
N GLN B 1084 -75.31 -63.60 9.96
CA GLN B 1084 -75.11 -62.34 9.25
C GLN B 1084 -75.16 -62.46 7.74
N SER B 1085 -75.18 -63.66 7.19
CA SER B 1085 -75.13 -63.83 5.75
C SER B 1085 -75.81 -65.13 5.37
N GLY B 1086 -76.15 -65.26 4.09
CA GLY B 1086 -76.75 -66.47 3.61
C GLY B 1086 -78.26 -66.51 3.69
N ARG B 1087 -78.79 -67.66 3.34
CA ARG B 1087 -80.21 -67.94 3.37
C ARG B 1087 -80.46 -69.11 4.31
N TRP B 1088 -81.43 -68.97 5.21
CA TRP B 1088 -81.58 -69.93 6.29
C TRP B 1088 -83.04 -70.38 6.40
N TYR B 1089 -83.18 -71.62 6.88
CA TYR B 1089 -84.42 -72.36 7.00
C TYR B 1089 -84.51 -73.00 8.37
N PHE B 1090 -85.73 -73.08 8.91
CA PHE B 1090 -86.00 -73.84 10.13
C PHE B 1090 -87.50 -74.11 10.22
N GLU B 1091 -87.82 -75.36 10.57
CA GLU B 1091 -89.20 -75.81 10.69
C GLU B 1091 -89.81 -75.43 12.04
N PHE B 1092 -91.13 -75.48 12.07
CA PHE B 1092 -91.93 -75.31 13.28
C PHE B 1092 -93.21 -76.10 13.08
N GLU B 1093 -93.34 -77.22 13.77
CA GLU B 1093 -94.52 -78.06 13.70
C GLU B 1093 -95.48 -77.66 14.81
N ALA B 1094 -96.63 -77.13 14.45
CA ALA B 1094 -97.63 -76.67 15.39
C ALA B 1094 -98.66 -77.79 15.55
N VAL B 1095 -98.68 -78.39 16.75
CA VAL B 1095 -99.62 -79.47 17.03
C VAL B 1095 -101.04 -78.93 17.10
N THR B 1096 -101.23 -77.82 17.82
CA THR B 1096 -102.54 -77.20 17.98
C THR B 1096 -102.63 -75.95 17.12
N THR B 1097 -103.83 -75.38 17.09
CA THR B 1097 -104.13 -74.24 16.23
C THR B 1097 -104.30 -72.95 17.02
N GLY B 1098 -103.78 -72.89 18.25
CA GLY B 1098 -103.97 -71.71 19.05
C GLY B 1098 -103.04 -70.57 18.72
N GLU B 1099 -102.57 -69.87 19.75
CA GLU B 1099 -101.72 -68.70 19.57
C GLU B 1099 -100.26 -69.15 19.48
N MET B 1100 -99.67 -69.01 18.30
CA MET B 1100 -98.25 -69.32 18.11
C MET B 1100 -97.67 -68.31 17.14
N ARG B 1101 -96.46 -67.85 17.43
CA ARG B 1101 -95.77 -66.91 16.56
C ARG B 1101 -94.35 -67.39 16.29
N VAL B 1102 -93.95 -67.42 15.03
CA VAL B 1102 -92.63 -67.89 14.65
C VAL B 1102 -92.03 -66.92 13.63
N GLY B 1103 -90.74 -66.64 13.78
CA GLY B 1103 -90.08 -65.70 12.88
C GLY B 1103 -88.66 -65.42 13.32
N TRP B 1104 -88.16 -64.26 12.90
CA TRP B 1104 -86.80 -63.83 13.21
C TRP B 1104 -86.83 -62.59 14.08
N ALA B 1105 -85.98 -62.53 15.09
CA ALA B 1105 -85.89 -61.36 15.95
C ALA B 1105 -84.44 -61.04 16.26
N ARG B 1106 -84.21 -59.77 16.57
CA ARG B 1106 -82.89 -59.31 16.95
C ARG B 1106 -82.58 -59.80 18.36
N PRO B 1107 -81.28 -59.99 18.70
CA PRO B 1107 -80.92 -60.58 20.00
C PRO B 1107 -81.39 -59.81 21.23
N GLU B 1108 -81.46 -58.48 21.16
CA GLU B 1108 -81.75 -57.63 22.31
C GLU B 1108 -83.24 -57.45 22.58
N LEU B 1109 -84.08 -58.37 22.09
CA LEU B 1109 -85.52 -58.27 22.26
C LEU B 1109 -85.91 -58.37 23.73
N ARG B 1110 -86.92 -57.59 24.11
CA ARG B 1110 -87.43 -57.66 25.47
C ARG B 1110 -88.20 -58.95 25.66
N PRO B 1111 -88.00 -59.66 26.77
CA PRO B 1111 -88.72 -60.92 26.99
C PRO B 1111 -90.15 -60.75 27.46
N ASP B 1112 -90.62 -59.52 27.67
CA ASP B 1112 -91.98 -59.27 28.13
C ASP B 1112 -92.86 -58.59 27.10
N VAL B 1113 -92.27 -58.03 26.05
CA VAL B 1113 -93.01 -57.32 25.01
C VAL B 1113 -93.30 -58.31 23.90
N GLU B 1114 -94.56 -58.35 23.44
CA GLU B 1114 -94.98 -59.27 22.40
C GLU B 1114 -94.21 -59.04 21.10
N LEU B 1115 -93.91 -60.14 20.41
CA LEU B 1115 -93.22 -60.10 19.14
C LEU B 1115 -94.03 -59.34 18.10
N GLY B 1116 -93.38 -58.44 17.38
CA GLY B 1116 -94.04 -57.65 16.37
C GLY B 1116 -94.66 -56.37 16.89
N ALA B 1117 -94.78 -56.21 18.21
CA ALA B 1117 -95.24 -54.95 18.78
C ALA B 1117 -94.20 -53.84 18.66
N ASP B 1118 -92.97 -54.17 18.28
CA ASP B 1118 -91.90 -53.20 18.12
C ASP B 1118 -91.08 -53.60 16.91
N GLU B 1119 -89.94 -52.94 16.75
CA GLU B 1119 -89.04 -53.21 15.63
C GLU B 1119 -88.07 -54.34 15.91
N LEU B 1120 -88.07 -54.89 17.13
CA LEU B 1120 -87.12 -55.92 17.49
C LEU B 1120 -87.53 -57.30 17.02
N ALA B 1121 -88.71 -57.45 16.43
CA ALA B 1121 -89.15 -58.75 15.95
C ALA B 1121 -89.81 -58.61 14.59
N TYR B 1122 -89.66 -59.66 13.78
CA TYR B 1122 -90.29 -59.81 12.47
C TYR B 1122 -90.87 -61.22 12.50
N VAL B 1123 -92.14 -61.33 12.89
CA VAL B 1123 -92.70 -62.62 13.26
C VAL B 1123 -93.99 -62.79 12.45
N PHE B 1124 -94.52 -64.01 12.43
CA PHE B 1124 -95.72 -64.31 11.65
C PHE B 1124 -96.73 -65.01 12.56
N ASN B 1125 -97.74 -64.26 13.01
CA ASN B 1125 -98.85 -64.82 13.77
C ASN B 1125 -99.81 -65.42 12.76
N GLY B 1126 -99.53 -66.65 12.37
CA GLY B 1126 -100.38 -67.29 11.40
C GLY B 1126 -101.65 -67.89 11.94
N HIS B 1127 -101.94 -67.72 13.23
CA HIS B 1127 -103.22 -68.17 13.76
C HIS B 1127 -104.37 -67.44 13.09
N ARG B 1128 -104.20 -66.14 12.82
CA ARG B 1128 -105.17 -65.37 12.05
C ARG B 1128 -104.60 -64.91 10.72
N GLY B 1129 -103.51 -65.55 10.26
CA GLY B 1129 -102.89 -65.20 9.00
C GLY B 1129 -102.34 -63.80 8.92
N GLN B 1130 -101.59 -63.36 9.93
CA GLN B 1130 -101.07 -62.00 10.02
C GLN B 1130 -99.57 -62.02 10.21
N ARG B 1131 -98.90 -60.98 9.75
CA ARG B 1131 -97.46 -60.81 9.96
C ARG B 1131 -97.27 -59.59 10.86
N TRP B 1132 -96.43 -59.74 11.89
CA TRP B 1132 -96.31 -58.75 12.95
C TRP B 1132 -94.91 -58.15 12.95
N HIS B 1133 -94.85 -56.82 12.79
CA HIS B 1133 -93.65 -56.01 13.03
C HIS B 1133 -94.09 -54.56 13.16
N LEU B 1134 -93.89 -53.98 14.39
CA LEU B 1134 -94.33 -52.62 14.68
C LEU B 1134 -95.80 -52.41 14.31
N GLY B 1135 -96.63 -53.40 14.63
CA GLY B 1135 -97.96 -53.48 14.08
C GLY B 1135 -98.11 -54.70 13.19
N SER B 1136 -99.32 -54.88 12.66
CA SER B 1136 -99.58 -56.06 11.86
C SER B 1136 -100.48 -55.76 10.68
N GLU B 1137 -100.31 -56.55 9.63
CA GLU B 1137 -101.20 -56.62 8.48
C GLU B 1137 -101.34 -58.09 8.11
N PRO B 1138 -102.48 -58.49 7.54
CA PRO B 1138 -102.70 -59.90 7.21
C PRO B 1138 -101.72 -60.45 6.17
N PHE B 1139 -101.38 -61.73 6.33
CA PHE B 1139 -100.44 -62.40 5.44
C PHE B 1139 -100.75 -63.89 5.43
N GLY B 1140 -101.10 -64.42 4.26
CA GLY B 1140 -101.33 -65.84 4.14
C GLY B 1140 -102.62 -66.32 4.79
N ARG B 1141 -102.68 -67.64 4.99
CA ARG B 1141 -103.84 -68.33 5.53
C ARG B 1141 -103.55 -68.87 6.93
N PRO B 1142 -104.58 -69.01 7.76
CA PRO B 1142 -104.40 -69.72 9.04
C PRO B 1142 -104.04 -71.18 8.84
N TRP B 1143 -103.24 -71.72 9.76
CA TRP B 1143 -102.86 -73.12 9.67
C TRP B 1143 -103.96 -74.01 10.25
N GLN B 1144 -103.62 -75.30 10.41
CA GLN B 1144 -104.45 -76.27 11.11
C GLN B 1144 -103.52 -77.13 11.95
N SER B 1145 -104.10 -78.14 12.61
CA SER B 1145 -103.35 -78.98 13.54
C SER B 1145 -102.25 -79.78 12.84
N GLY B 1146 -101.09 -79.87 13.50
CA GLY B 1146 -99.99 -80.67 12.98
C GLY B 1146 -99.24 -80.05 11.82
N ASP B 1147 -99.42 -78.75 11.57
CA ASP B 1147 -98.77 -78.14 10.40
C ASP B 1147 -97.31 -77.81 10.62
N VAL B 1148 -96.52 -77.97 9.56
CA VAL B 1148 -95.08 -77.68 9.57
C VAL B 1148 -94.84 -76.41 8.76
N VAL B 1149 -94.24 -75.41 9.41
CA VAL B 1149 -93.98 -74.12 8.80
C VAL B 1149 -92.47 -73.94 8.74
N GLY B 1150 -91.94 -73.75 7.53
CA GLY B 1150 -90.53 -73.49 7.34
C GLY B 1150 -90.22 -72.05 7.02
N CYS B 1151 -89.68 -71.35 8.02
CA CYS B 1151 -89.41 -69.93 7.84
C CYS B 1151 -88.17 -69.72 6.97
N MET B 1152 -88.22 -68.69 6.12
CA MET B 1152 -87.13 -68.31 5.26
C MET B 1152 -86.40 -67.12 5.87
N ILE B 1153 -85.17 -66.91 5.41
CA ILE B 1153 -84.47 -65.64 5.62
C ILE B 1153 -83.38 -65.53 4.57
N ASP B 1154 -83.27 -64.34 3.97
CA ASP B 1154 -82.27 -64.05 2.94
C ASP B 1154 -81.59 -62.78 3.40
N LEU B 1155 -80.41 -62.94 4.00
CA LEU B 1155 -79.63 -61.83 4.53
C LEU B 1155 -79.09 -60.92 3.44
N THR B 1156 -78.98 -61.42 2.21
CA THR B 1156 -78.48 -60.60 1.11
C THR B 1156 -79.57 -59.66 0.60
N GLU B 1157 -80.69 -60.22 0.16
CA GLU B 1157 -81.82 -59.43 -0.33
C GLU B 1157 -82.66 -58.85 0.80
N ASN B 1158 -82.33 -59.18 2.06
CA ASN B 1158 -83.01 -58.70 3.26
C ASN B 1158 -84.49 -59.07 3.24
N THR B 1159 -84.78 -60.30 2.84
CA THR B 1159 -86.16 -60.71 2.66
C THR B 1159 -86.57 -61.82 3.62
N ILE B 1160 -87.83 -61.77 4.03
CA ILE B 1160 -88.45 -62.72 4.94
C ILE B 1160 -89.62 -63.36 4.21
N ILE B 1161 -89.63 -64.69 4.13
CA ILE B 1161 -90.70 -65.45 3.49
C ILE B 1161 -91.08 -66.56 4.46
N PHE B 1162 -92.29 -67.08 4.34
CA PHE B 1162 -92.75 -68.19 5.17
C PHE B 1162 -93.38 -69.25 4.31
N THR B 1163 -93.08 -70.52 4.59
CA THR B 1163 -93.63 -71.63 3.82
C THR B 1163 -94.48 -72.50 4.74
N LEU B 1164 -95.68 -72.85 4.29
CA LEU B 1164 -96.60 -73.66 5.09
C LEU B 1164 -96.75 -75.00 4.39
N ASN B 1165 -96.19 -76.04 5.02
CA ASN B 1165 -96.26 -77.44 4.57
C ASN B 1165 -95.77 -77.59 3.12
N GLY B 1166 -94.67 -76.92 2.81
CA GLY B 1166 -94.13 -76.93 1.48
C GLY B 1166 -94.78 -75.97 0.50
N GLU B 1167 -95.75 -75.18 0.94
CA GLU B 1167 -96.42 -74.22 0.09
C GLU B 1167 -96.02 -72.81 0.51
N VAL B 1168 -95.64 -71.99 -0.46
CA VAL B 1168 -95.19 -70.64 -0.20
C VAL B 1168 -96.39 -69.77 0.10
N LEU B 1169 -96.36 -69.10 1.25
CA LEU B 1169 -97.43 -68.19 1.65
C LEU B 1169 -97.36 -66.89 0.86
N MET B 1170 -98.50 -66.23 0.74
CA MET B 1170 -98.66 -65.04 -0.08
C MET B 1170 -99.20 -63.89 0.74
N SER B 1171 -98.69 -62.70 0.47
CA SER B 1171 -99.21 -61.47 1.06
C SER B 1171 -100.45 -61.02 0.29
N ASP B 1172 -101.09 -59.96 0.79
CA ASP B 1172 -102.25 -59.40 0.11
C ASP B 1172 -101.83 -58.44 -1.00
N SER B 1173 -100.93 -58.89 -1.86
CA SER B 1173 -100.35 -58.15 -2.99
C SER B 1173 -99.55 -59.15 -3.80
N GLY B 1174 -98.80 -58.66 -4.77
CA GLY B 1174 -97.92 -59.50 -5.57
C GLY B 1174 -96.57 -59.80 -4.94
N SER B 1175 -96.32 -59.31 -3.72
CA SER B 1175 -95.03 -59.50 -3.08
C SER B 1175 -94.85 -60.94 -2.63
N GLU B 1176 -93.75 -61.56 -3.07
CA GLU B 1176 -93.42 -62.93 -2.69
C GLU B 1176 -92.88 -63.03 -1.27
N THR B 1177 -92.45 -61.91 -0.68
CA THR B 1177 -91.79 -61.91 0.62
C THR B 1177 -92.65 -61.20 1.65
N ALA B 1178 -92.72 -61.79 2.84
CA ALA B 1178 -93.48 -61.18 3.94
C ALA B 1178 -92.87 -59.86 4.37
N PHE B 1179 -91.55 -59.80 4.49
CA PHE B 1179 -90.87 -58.57 4.86
C PHE B 1179 -89.68 -58.35 3.92
N ARG B 1180 -89.27 -57.09 3.82
CA ARG B 1180 -88.21 -56.71 2.90
C ARG B 1180 -87.54 -55.45 3.43
N GLU B 1181 -86.42 -55.11 2.77
CA GLU B 1181 -85.51 -53.98 3.07
C GLU B 1181 -85.28 -53.79 4.58
N ILE B 1182 -84.85 -54.87 5.22
CA ILE B 1182 -84.52 -54.86 6.63
C ILE B 1182 -83.00 -54.75 6.79
N GLU B 1183 -82.56 -53.78 7.57
CA GLU B 1183 -81.14 -53.59 7.80
C GLU B 1183 -80.59 -54.75 8.63
N ILE B 1184 -79.34 -55.12 8.36
CA ILE B 1184 -78.73 -56.25 9.04
C ILE B 1184 -78.35 -55.88 10.47
N GLY B 1185 -77.43 -54.92 10.62
CA GLY B 1185 -76.95 -54.51 11.92
C GLY B 1185 -76.30 -55.66 12.67
N ASP B 1186 -76.76 -55.87 13.91
CA ASP B 1186 -76.23 -56.94 14.75
C ASP B 1186 -76.49 -58.32 14.14
N GLY B 1187 -77.69 -58.54 13.60
CA GLY B 1187 -78.08 -59.77 12.98
C GLY B 1187 -79.43 -60.22 13.46
N PHE B 1188 -79.79 -61.45 13.10
CA PHE B 1188 -81.09 -62.02 13.45
C PHE B 1188 -80.89 -63.44 13.97
N LEU B 1189 -81.86 -63.87 14.76
CA LEU B 1189 -81.90 -65.23 15.28
C LEU B 1189 -83.33 -65.75 15.23
N PRO B 1190 -83.52 -67.05 14.99
CA PRO B 1190 -84.86 -67.62 14.98
C PRO B 1190 -85.52 -67.54 16.35
N VAL B 1191 -86.83 -67.35 16.35
CA VAL B 1191 -87.58 -67.15 17.58
C VAL B 1191 -88.99 -67.68 17.37
N CYS B 1192 -89.57 -68.22 18.44
CA CYS B 1192 -90.95 -68.69 18.40
C CYS B 1192 -91.56 -68.50 19.77
N SER B 1193 -92.88 -68.47 19.81
CA SER B 1193 -93.60 -68.26 21.05
C SER B 1193 -94.90 -69.04 21.00
N LEU B 1194 -95.38 -69.39 22.20
CA LEU B 1194 -96.59 -70.17 22.37
C LEU B 1194 -97.51 -69.53 23.41
N GLY B 1195 -98.80 -69.54 23.11
CA GLY B 1195 -99.86 -69.12 23.99
C GLY B 1195 -100.19 -70.17 25.02
N PRO B 1196 -101.18 -69.84 25.87
CA PRO B 1196 -101.63 -70.78 26.89
C PRO B 1196 -102.20 -72.05 26.26
N GLY B 1197 -101.87 -73.19 26.88
CA GLY B 1197 -102.30 -74.50 26.39
C GLY B 1197 -101.78 -74.82 25.01
N GLN B 1198 -100.48 -74.56 24.74
CA GLN B 1198 -100.05 -74.80 23.37
C GLN B 1198 -98.85 -75.72 23.29
N VAL B 1199 -98.79 -76.49 22.19
CA VAL B 1199 -97.70 -77.44 21.95
C VAL B 1199 -97.15 -77.25 20.54
N GLY B 1200 -95.85 -76.98 20.44
CA GLY B 1200 -95.20 -76.83 19.16
C GLY B 1200 -93.80 -77.42 19.22
N HIS B 1201 -93.33 -77.87 18.06
CA HIS B 1201 -92.02 -78.47 17.90
C HIS B 1201 -91.16 -77.53 17.07
N LEU B 1202 -89.99 -77.20 17.59
CA LEU B 1202 -89.07 -76.33 16.88
C LEU B 1202 -87.94 -77.18 16.31
N ASN B 1203 -87.70 -77.06 15.00
CA ASN B 1203 -86.64 -77.85 14.38
C ASN B 1203 -85.71 -76.90 13.64
N LEU B 1204 -84.45 -76.88 14.05
CA LEU B 1204 -83.48 -75.95 13.52
C LEU B 1204 -82.73 -76.50 12.31
N GLY B 1205 -83.13 -77.67 11.83
CA GLY B 1205 -82.43 -78.29 10.72
C GLY B 1205 -81.22 -79.09 11.11
N GLN B 1206 -81.03 -79.35 12.41
CA GLN B 1206 -79.89 -80.13 12.87
C GLN B 1206 -79.89 -81.56 12.34
N ASP B 1207 -81.05 -82.11 12.04
CA ASP B 1207 -81.12 -83.42 11.41
C ASP B 1207 -81.82 -83.30 10.07
N VAL B 1208 -81.12 -83.75 9.02
CA VAL B 1208 -81.64 -83.67 7.66
C VAL B 1208 -82.84 -84.59 7.48
N SER B 1209 -82.81 -85.76 8.13
CA SER B 1209 -83.94 -86.68 8.08
C SER B 1209 -85.15 -86.07 8.77
N SER B 1210 -84.93 -85.36 9.89
CA SER B 1210 -86.02 -84.70 10.59
C SER B 1210 -86.62 -83.60 9.74
N LEU B 1211 -85.81 -82.99 8.87
CA LEU B 1211 -86.37 -82.04 7.92
C LEU B 1211 -87.25 -82.77 6.90
N ARG B 1212 -88.40 -82.18 6.59
CA ARG B 1212 -89.38 -82.80 5.72
C ARG B 1212 -89.77 -81.95 4.52
N PHE B 1213 -89.65 -80.63 4.61
CA PHE B 1213 -90.03 -79.76 3.52
C PHE B 1213 -88.88 -78.91 3.02
N PHE B 1214 -87.69 -79.05 3.61
CA PHE B 1214 -86.51 -78.31 3.16
C PHE B 1214 -86.14 -78.68 1.73
N ALA B 1215 -86.18 -79.98 1.42
CA ALA B 1215 -85.96 -80.43 0.05
C ALA B 1215 -87.05 -79.91 -0.87
N ILE B 1216 -88.30 -79.91 -0.37
CA ILE B 1216 -89.42 -79.38 -1.12
C ILE B 1216 -89.24 -77.88 -1.36
N CYS B 1217 -88.84 -77.14 -0.32
CA CYS B 1217 -88.62 -75.70 -0.47
C CYS B 1217 -87.44 -75.25 0.40
N GLY B 1218 -86.46 -74.64 -0.24
CA GLY B 1218 -85.29 -74.10 0.42
C GLY B 1218 -83.97 -74.71 0.00
N LEU B 1219 -83.94 -76.04 -0.15
CA LEU B 1219 -82.71 -76.71 -0.54
C LEU B 1219 -82.34 -76.36 -1.96
N GLN B 1220 -83.31 -76.47 -2.88
CA GLN B 1220 -83.02 -76.04 -4.23
C GLN B 1220 -83.00 -74.52 -4.35
N GLU B 1221 -83.49 -73.82 -3.33
CA GLU B 1221 -83.50 -72.37 -3.29
C GLU B 1221 -82.21 -71.82 -2.70
N GLY B 1222 -81.26 -72.68 -2.35
CA GLY B 1222 -80.01 -72.24 -1.78
C GLY B 1222 -80.01 -71.97 -0.30
N PHE B 1223 -81.12 -72.25 0.39
CA PHE B 1223 -81.19 -71.99 1.81
C PHE B 1223 -80.39 -73.03 2.58
N GLU B 1224 -80.20 -72.77 3.87
CA GLU B 1224 -79.36 -73.58 4.72
C GLU B 1224 -80.13 -73.95 5.98
N PRO B 1225 -80.00 -75.20 6.45
CA PRO B 1225 -80.48 -75.52 7.79
C PRO B 1225 -79.75 -74.68 8.83
N PHE B 1226 -80.50 -74.14 9.79
CA PHE B 1226 -79.93 -73.21 10.76
C PHE B 1226 -78.89 -73.88 11.64
N ALA B 1227 -79.05 -75.16 11.91
CA ALA B 1227 -78.15 -75.90 12.79
C ALA B 1227 -77.49 -77.05 12.04
N ILE B 1228 -77.04 -76.79 10.81
CA ILE B 1228 -76.68 -77.87 9.89
C ILE B 1228 -75.44 -78.63 10.35
N ASN B 1229 -74.41 -77.93 10.84
CA ASN B 1229 -73.22 -78.61 11.34
C ASN B 1229 -73.11 -78.29 12.83
N MET B 1230 -73.90 -78.98 13.63
CA MET B 1230 -73.89 -78.89 15.08
C MET B 1230 -73.75 -80.30 15.64
N GLN B 1231 -72.86 -80.46 16.61
CA GLN B 1231 -72.74 -81.74 17.30
CA GLN B 1231 -72.74 -81.74 17.30
C GLN B 1231 -73.72 -81.83 18.47
N ARG B 1232 -73.69 -80.85 19.35
CA ARG B 1232 -74.65 -80.77 20.42
C ARG B 1232 -75.89 -80.02 19.94
N PRO B 1233 -77.05 -80.26 20.56
CA PRO B 1233 -78.24 -79.46 20.24
C PRO B 1233 -78.02 -77.99 20.56
N VAL B 1234 -78.60 -77.12 19.72
CA VAL B 1234 -78.42 -75.68 19.85
C VAL B 1234 -79.10 -75.20 21.13
N THR B 1235 -78.35 -74.45 21.93
CA THR B 1235 -78.89 -73.89 23.15
C THR B 1235 -79.94 -72.84 22.83
N THR B 1236 -81.12 -73.03 23.41
CA THR B 1236 -82.22 -72.10 23.24
C THR B 1236 -82.64 -71.59 24.62
N TRP B 1237 -83.31 -70.45 24.60
CA TRP B 1237 -83.64 -69.68 25.78
C TRP B 1237 -85.13 -69.38 25.77
N PHE B 1238 -85.71 -69.26 26.96
CA PHE B 1238 -87.12 -68.90 27.06
C PHE B 1238 -87.26 -67.70 27.97
N SER B 1239 -88.47 -67.16 28.01
CA SER B 1239 -88.79 -66.02 28.88
C SER B 1239 -89.40 -66.54 30.18
N LYS B 1240 -88.64 -66.47 31.26
CA LYS B 1240 -89.05 -66.93 32.58
C LYS B 1240 -89.93 -65.89 33.24
N SER B 1241 -91.19 -66.25 33.50
CA SER B 1241 -92.13 -65.35 34.15
C SER B 1241 -92.06 -65.51 35.68
N LEU B 1242 -90.89 -65.20 36.22
CA LEU B 1242 -90.67 -65.25 37.67
C LEU B 1242 -90.12 -63.90 38.10
N PRO B 1243 -90.78 -63.20 39.03
CA PRO B 1243 -90.31 -61.87 39.43
C PRO B 1243 -88.92 -61.90 40.06
N GLN B 1244 -88.11 -60.91 39.67
CA GLN B 1244 -86.77 -60.73 40.20
C GLN B 1244 -86.51 -59.24 40.33
N PHE B 1245 -85.53 -58.89 41.15
CA PHE B 1245 -85.18 -57.50 41.38
C PHE B 1245 -83.91 -57.14 40.62
N GLU B 1246 -83.99 -56.07 39.83
CA GLU B 1246 -82.87 -55.58 39.05
C GLU B 1246 -82.84 -54.06 39.16
N PRO B 1247 -81.65 -53.45 39.07
CA PRO B 1247 -81.55 -51.99 39.16
C PRO B 1247 -82.26 -51.28 38.02
N VAL B 1248 -82.73 -50.06 38.32
CA VAL B 1248 -83.47 -49.26 37.34
C VAL B 1248 -82.53 -48.84 36.21
N PRO B 1249 -82.98 -48.88 34.97
CA PRO B 1249 -82.19 -48.33 33.88
C PRO B 1249 -82.16 -46.81 33.96
N PRO B 1250 -80.99 -46.19 33.80
CA PRO B 1250 -80.91 -44.72 33.82
C PRO B 1250 -81.66 -44.06 32.67
N GLU B 1251 -81.91 -44.78 31.59
CA GLU B 1251 -82.59 -44.27 30.41
C GLU B 1251 -84.11 -44.37 30.50
N HIS B 1252 -84.64 -44.86 31.62
CA HIS B 1252 -86.06 -45.14 31.77
C HIS B 1252 -86.88 -43.86 31.66
N PRO B 1253 -87.79 -43.75 30.69
CA PRO B 1253 -88.55 -42.50 30.51
C PRO B 1253 -89.55 -42.21 31.62
N HIS B 1254 -89.93 -43.20 32.41
CA HIS B 1254 -90.97 -43.02 33.41
C HIS B 1254 -90.43 -42.77 34.81
N TYR B 1255 -89.49 -43.59 35.28
CA TYR B 1255 -89.03 -43.58 36.66
C TYR B 1255 -87.56 -43.20 36.73
N GLU B 1256 -87.19 -42.41 37.73
CA GLU B 1256 -85.80 -42.09 37.98
C GLU B 1256 -85.56 -42.09 39.47
N VAL B 1257 -84.30 -42.33 39.86
CA VAL B 1257 -83.84 -42.20 41.23
C VAL B 1257 -82.52 -41.43 41.21
N ALA B 1258 -82.44 -40.37 42.01
CA ALA B 1258 -81.26 -39.52 42.06
C ALA B 1258 -80.59 -39.65 43.42
N ARG B 1259 -79.26 -39.76 43.40
CA ARG B 1259 -78.46 -39.87 44.61
C ARG B 1259 -77.95 -38.49 45.02
N MET B 1260 -78.31 -38.05 46.21
CA MET B 1260 -77.98 -36.73 46.71
C MET B 1260 -76.96 -36.85 47.84
N ASP B 1261 -76.03 -35.90 47.88
CA ASP B 1261 -75.03 -35.87 48.94
C ASP B 1261 -75.70 -35.50 50.26
N GLY B 1262 -75.33 -36.20 51.32
CA GLY B 1262 -75.91 -35.93 52.62
C GLY B 1262 -75.27 -34.75 53.31
N THR B 1263 -76.07 -33.75 53.68
CA THR B 1263 -75.57 -32.56 54.35
C THR B 1263 -75.48 -32.82 55.85
N VAL B 1264 -75.13 -31.77 56.61
CA VAL B 1264 -75.04 -31.88 58.06
C VAL B 1264 -76.42 -32.11 58.67
N ASP B 1265 -77.45 -31.50 58.10
CA ASP B 1265 -78.81 -31.62 58.60
C ASP B 1265 -79.61 -32.72 57.92
N THR B 1266 -79.28 -33.02 56.66
CA THR B 1266 -80.02 -34.02 55.90
C THR B 1266 -79.13 -35.21 55.61
N PRO B 1267 -79.59 -36.43 55.93
CA PRO B 1267 -78.81 -37.63 55.63
C PRO B 1267 -78.83 -37.91 54.14
N PRO B 1268 -77.93 -38.77 53.64
CA PRO B 1268 -78.02 -39.19 52.24
C PRO B 1268 -79.34 -39.88 51.92
N CYS B 1269 -79.86 -39.57 50.74
CA CYS B 1269 -81.20 -39.98 50.38
C CYS B 1269 -81.25 -40.48 48.93
N LEU B 1270 -82.25 -41.32 48.68
CA LEU B 1270 -82.56 -41.87 47.37
C LEU B 1270 -83.95 -41.37 47.00
N ARG B 1271 -84.02 -40.23 46.32
CA ARG B 1271 -85.32 -39.69 45.94
C ARG B 1271 -85.80 -40.32 44.64
N LEU B 1272 -87.03 -40.81 44.64
CA LEU B 1272 -87.65 -41.45 43.49
C LEU B 1272 -88.69 -40.51 42.90
N ALA B 1273 -88.65 -40.32 41.58
CA ALA B 1273 -89.56 -39.40 40.93
C ALA B 1273 -90.09 -40.00 39.64
N HIS B 1274 -91.39 -39.83 39.41
CA HIS B 1274 -92.03 -40.24 38.16
C HIS B 1274 -91.76 -39.16 37.13
N ARG B 1275 -90.91 -39.48 36.14
CA ARG B 1275 -90.41 -38.50 35.19
C ARG B 1275 -91.51 -37.91 34.32
N THR B 1276 -92.29 -38.78 33.66
CA THR B 1276 -93.33 -38.33 32.74
C THR B 1276 -94.68 -38.13 33.42
N TRP B 1277 -94.71 -37.97 34.74
CA TRP B 1277 -95.96 -37.75 35.44
C TRP B 1277 -96.57 -36.41 35.04
N GLY B 1278 -97.91 -36.36 35.03
CA GLY B 1278 -98.62 -35.18 34.60
C GLY B 1278 -98.67 -34.98 33.11
N SER B 1279 -98.21 -35.96 32.33
CA SER B 1279 -98.21 -35.91 30.88
C SER B 1279 -99.03 -37.05 30.33
N GLN B 1280 -99.22 -37.04 29.02
CA GLN B 1280 -99.95 -38.11 28.35
C GLN B 1280 -99.12 -39.39 28.37
N ASN B 1281 -99.83 -40.52 28.22
CA ASN B 1281 -99.35 -41.90 28.16
C ASN B 1281 -98.28 -42.23 29.20
N SER B 1282 -98.46 -41.72 30.43
CA SER B 1282 -97.55 -41.99 31.53
C SER B 1282 -98.00 -43.26 32.24
N LEU B 1283 -97.11 -44.24 32.31
CA LEU B 1283 -97.45 -45.53 32.91
C LEU B 1283 -97.64 -45.38 34.41
N VAL B 1284 -98.78 -45.84 34.90
CA VAL B 1284 -99.12 -45.82 36.32
C VAL B 1284 -99.54 -47.23 36.69
N GLU B 1285 -98.81 -47.84 37.63
CA GLU B 1285 -99.06 -49.23 37.99
C GLU B 1285 -98.48 -49.49 39.37
N MET B 1286 -98.90 -50.60 39.98
CA MET B 1286 -98.41 -51.01 41.29
C MET B 1286 -96.93 -51.36 41.17
N LEU B 1287 -96.06 -50.49 41.68
CA LEU B 1287 -94.62 -50.62 41.49
C LEU B 1287 -93.95 -51.05 42.78
N PHE B 1288 -93.05 -52.02 42.68
CA PHE B 1288 -92.36 -52.58 43.83
C PHE B 1288 -90.91 -52.10 43.83
N LEU B 1289 -90.46 -51.53 44.95
CA LEU B 1289 -89.13 -50.97 45.05
C LEU B 1289 -88.43 -51.61 46.24
N ARG B 1290 -87.12 -51.80 46.14
CA ARG B 1290 -86.35 -52.32 47.26
C ARG B 1290 -84.90 -51.87 47.15
N LEU B 1291 -84.20 -51.93 48.28
CA LEU B 1291 -82.78 -51.59 48.22
C LEU B 1291 -81.97 -52.75 47.64
N SER B 1292 -80.75 -52.43 47.20
CA SER B 1292 -79.93 -53.42 46.50
C SER B 1292 -79.38 -54.48 47.44
N LEU B 1293 -78.91 -54.07 48.60
CA LEU B 1293 -78.27 -55.05 49.47
C LEU B 1293 -79.16 -55.35 50.67
N PRO B 1294 -79.19 -56.60 51.13
CA PRO B 1294 -79.98 -56.92 52.32
C PRO B 1294 -79.16 -56.76 53.60
N VAL B 1295 -79.79 -57.09 54.72
CA VAL B 1295 -79.11 -57.13 56.01
C VAL B 1295 -79.37 -58.49 56.63
N GLN B 1296 -78.32 -59.08 57.18
CA GLN B 1296 -78.38 -60.40 57.81
C GLN B 1296 -78.34 -60.26 59.31
N PHE B 1297 -79.28 -60.91 59.99
CA PHE B 1297 -79.35 -60.86 61.44
C PHE B 1297 -78.17 -61.62 62.05
N HIS B 1298 -78.00 -61.46 63.36
CA HIS B 1298 -76.95 -62.16 64.10
C HIS B 1298 -77.16 -63.66 64.04
N GLN B 1299 -76.04 -64.38 64.00
CA GLN B 1299 -76.08 -65.84 63.87
C GLN B 1299 -76.75 -66.49 65.06
N HIS B 1300 -76.43 -66.03 66.27
CA HIS B 1300 -77.02 -66.56 67.48
C HIS B 1300 -77.68 -65.41 68.25
N PHE B 1301 -78.94 -65.60 68.63
CA PHE B 1301 -79.63 -64.59 69.40
C PHE B 1301 -79.08 -64.54 70.82
N ARG B 1302 -79.20 -63.37 71.45
CA ARG B 1302 -78.81 -63.24 72.83
C ARG B 1302 -79.79 -63.98 73.74
N CYS B 1303 -79.33 -64.28 74.96
CA CYS B 1303 -80.18 -64.91 75.95
C CYS B 1303 -81.32 -63.99 76.36
N THR B 1304 -82.51 -64.56 76.50
CA THR B 1304 -83.77 -63.88 76.83
C THR B 1304 -84.09 -62.72 75.89
N ASP B 1419 -78.84 -31.16 71.85
CA ASP B 1419 -79.66 -32.36 71.86
C ASP B 1419 -79.17 -33.33 70.78
N ASN B 1420 -79.63 -34.58 70.87
CA ASN B 1420 -79.30 -35.68 69.95
C ASN B 1420 -77.78 -35.89 69.88
N ARG B 1421 -77.14 -35.90 71.05
CA ARG B 1421 -75.72 -36.20 71.15
C ARG B 1421 -75.58 -37.66 71.58
N ASP B 1422 -75.11 -38.50 70.67
CA ASP B 1422 -75.04 -39.93 70.90
C ASP B 1422 -74.04 -40.29 71.98
N ASP B 1423 -74.37 -41.30 72.76
CA ASP B 1423 -73.42 -41.90 73.69
C ASP B 1423 -72.44 -42.73 72.86
N PRO B 1424 -71.13 -42.44 72.91
CA PRO B 1424 -70.17 -43.16 72.04
C PRO B 1424 -70.11 -44.67 72.25
N GLU B 1425 -70.28 -45.16 73.48
CA GLU B 1425 -70.22 -46.60 73.67
C GLU B 1425 -71.54 -47.27 73.32
N ILE B 1426 -72.67 -46.57 73.52
CA ILE B 1426 -73.96 -47.13 73.14
C ILE B 1426 -74.06 -47.24 71.63
N ILE B 1427 -73.67 -46.18 70.90
CA ILE B 1427 -73.81 -46.17 69.44
C ILE B 1427 -72.96 -47.26 68.79
N LEU B 1428 -71.86 -47.65 69.43
CA LEU B 1428 -70.99 -48.71 68.93
C LEU B 1428 -71.40 -50.09 69.42
N ASN B 1429 -72.13 -50.20 70.53
CA ASN B 1429 -72.50 -51.52 71.04
C ASN B 1429 -73.94 -51.94 70.75
N THR B 1430 -74.81 -51.01 70.37
CA THR B 1430 -76.21 -51.33 70.13
C THR B 1430 -76.38 -52.23 68.91
N THR B 1431 -77.44 -53.04 68.95
CA THR B 1431 -77.81 -53.91 67.85
C THR B 1431 -79.09 -53.44 67.17
N THR B 1432 -79.48 -52.19 67.39
CA THR B 1432 -80.70 -51.61 66.84
C THR B 1432 -80.31 -50.58 65.79
N TYR B 1433 -80.97 -50.64 64.64
CA TYR B 1433 -80.68 -49.78 63.51
C TYR B 1433 -81.98 -49.16 63.00
N TYR B 1434 -81.85 -47.99 62.37
CA TYR B 1434 -83.00 -47.22 61.93
C TYR B 1434 -82.79 -46.62 60.56
N TYR B 1435 -83.87 -46.54 59.78
CA TYR B 1435 -83.88 -45.69 58.60
C TYR B 1435 -85.25 -45.05 58.51
N SER B 1436 -85.37 -44.04 57.66
CA SER B 1436 -86.65 -43.37 57.48
C SER B 1436 -86.99 -43.27 56.01
N VAL B 1437 -88.27 -43.15 55.72
CA VAL B 1437 -88.76 -42.95 54.37
C VAL B 1437 -89.74 -41.78 54.40
N ARG B 1438 -89.67 -40.93 53.37
CA ARG B 1438 -90.50 -39.75 53.29
C ARG B 1438 -91.50 -39.97 52.16
N VAL B 1439 -92.78 -39.90 52.49
CA VAL B 1439 -93.87 -40.01 51.54
C VAL B 1439 -94.29 -38.59 51.20
N PHE B 1440 -93.84 -38.12 50.03
CA PHE B 1440 -94.02 -36.75 49.56
C PHE B 1440 -95.50 -36.41 49.39
N ALA B 1441 -95.78 -35.11 49.40
CA ALA B 1441 -97.13 -34.63 49.17
C ALA B 1441 -97.59 -34.99 47.76
N GLY B 1442 -98.90 -35.12 47.59
CA GLY B 1442 -99.44 -35.61 46.34
C GLY B 1442 -99.48 -37.11 46.22
N GLN B 1443 -98.82 -37.83 47.13
CA GLN B 1443 -98.86 -39.28 47.20
C GLN B 1443 -99.67 -39.68 48.42
N GLU B 1444 -100.74 -40.42 48.19
CA GLU B 1444 -101.62 -40.83 49.29
C GLU B 1444 -100.91 -41.85 50.17
N PRO B 1445 -100.91 -41.64 51.50
CA PRO B 1445 -100.32 -42.65 52.41
C PRO B 1445 -101.01 -44.01 52.35
N SER B 1446 -102.29 -44.04 51.96
CA SER B 1446 -103.00 -45.31 51.78
C SER B 1446 -102.48 -46.09 50.59
N CYS B 1447 -101.76 -45.45 49.67
CA CYS B 1447 -101.18 -46.12 48.52
C CYS B 1447 -99.73 -46.51 48.74
N VAL B 1448 -99.21 -46.33 49.95
CA VAL B 1448 -97.82 -46.60 50.27
C VAL B 1448 -97.76 -47.64 51.37
N TRP B 1449 -96.95 -48.68 51.17
CA TRP B 1449 -96.66 -49.69 52.16
C TRP B 1449 -95.15 -49.66 52.42
N VAL B 1450 -94.75 -49.69 53.69
CA VAL B 1450 -93.34 -49.55 54.06
C VAL B 1450 -92.93 -50.73 54.93
N GLY B 1451 -91.79 -51.36 54.61
CA GLY B 1451 -91.28 -52.44 55.44
C GLY B 1451 -90.12 -53.21 54.85
N TRP B 1452 -90.14 -54.54 55.04
CA TRP B 1452 -89.06 -55.42 54.61
C TRP B 1452 -89.60 -56.64 53.87
N VAL B 1453 -88.75 -57.19 52.99
CA VAL B 1453 -89.04 -58.44 52.29
C VAL B 1453 -87.82 -59.34 52.37
N THR B 1454 -88.07 -60.64 52.50
CA THR B 1454 -87.04 -61.64 52.35
C THR B 1454 -86.63 -61.72 50.87
N PRO B 1455 -85.42 -62.20 50.56
CA PRO B 1455 -84.98 -62.25 49.15
C PRO B 1455 -85.83 -63.12 48.24
N ASP B 1456 -86.58 -64.08 48.77
CA ASP B 1456 -87.41 -64.95 47.94
C ASP B 1456 -88.81 -64.37 47.68
N TYR B 1457 -88.98 -63.07 47.82
CA TYR B 1457 -90.26 -62.43 47.52
C TYR B 1457 -90.37 -62.26 46.00
N HIS B 1458 -91.23 -63.06 45.38
CA HIS B 1458 -91.45 -63.04 43.93
C HIS B 1458 -92.93 -63.03 43.62
N GLN B 1459 -93.67 -62.12 44.26
CA GLN B 1459 -95.10 -61.93 44.03
C GLN B 1459 -95.31 -60.58 43.36
N HIS B 1460 -95.63 -60.60 42.07
CA HIS B 1460 -95.84 -59.39 41.27
C HIS B 1460 -97.34 -59.26 41.04
N ASP B 1461 -97.99 -58.42 41.86
CA ASP B 1461 -99.44 -58.23 41.81
C ASP B 1461 -99.77 -56.77 41.58
N MET B 1462 -100.66 -56.50 40.62
CA MET B 1462 -101.17 -55.15 40.44
C MET B 1462 -102.17 -54.74 41.52
N ASN B 1463 -102.67 -55.69 42.30
CA ASN B 1463 -103.62 -55.42 43.38
C ASN B 1463 -103.02 -55.74 44.75
N PHE B 1464 -101.76 -55.36 44.95
CA PHE B 1464 -101.06 -55.64 46.19
C PHE B 1464 -101.68 -54.87 47.36
N ASP B 1465 -101.75 -55.53 48.51
CA ASP B 1465 -102.11 -54.93 49.78
C ASP B 1465 -101.55 -55.83 50.88
N LEU B 1466 -101.94 -55.59 52.13
CA LEU B 1466 -101.50 -56.44 53.22
C LEU B 1466 -102.16 -57.82 53.19
N SER B 1467 -103.21 -58.01 52.39
CA SER B 1467 -103.85 -59.32 52.28
C SER B 1467 -103.03 -60.27 51.43
N LYS B 1468 -102.38 -59.76 50.37
CA LYS B 1468 -101.57 -60.60 49.50
C LYS B 1468 -100.26 -61.05 50.13
N VAL B 1469 -99.89 -60.53 51.30
CA VAL B 1469 -98.67 -60.93 51.99
C VAL B 1469 -98.75 -62.40 52.37
N ARG B 1470 -97.72 -63.16 52.01
CA ARG B 1470 -97.68 -64.57 52.33
C ARG B 1470 -97.24 -64.75 53.78
N ALA B 1471 -97.98 -65.57 54.52
CA ALA B 1471 -97.66 -65.83 55.93
C ALA B 1471 -98.18 -67.19 56.32
N VAL B 1472 -97.47 -67.85 57.24
CA VAL B 1472 -97.87 -69.15 57.77
C VAL B 1472 -97.35 -69.27 59.18
N THR B 1473 -98.15 -69.81 60.09
CA THR B 1473 -97.75 -70.00 61.47
C THR B 1473 -97.41 -71.46 61.68
N VAL B 1474 -96.21 -71.71 62.18
CA VAL B 1474 -95.70 -73.05 62.40
C VAL B 1474 -95.63 -73.31 63.89
N THR B 1475 -96.37 -74.33 64.32
CA THR B 1475 -96.50 -74.73 65.72
C THR B 1475 -95.79 -76.06 65.96
N MET B 1476 -94.92 -76.07 66.97
CA MET B 1476 -94.14 -77.22 67.38
C MET B 1476 -94.57 -77.58 68.79
N GLY B 1477 -95.00 -78.84 68.97
CA GLY B 1477 -95.41 -79.39 70.24
C GLY B 1477 -94.83 -80.78 70.39
N ASP B 1478 -95.07 -81.38 71.56
CA ASP B 1478 -94.61 -82.74 71.81
C ASP B 1478 -95.70 -83.73 71.41
N GLU B 1479 -95.54 -85.00 71.82
CA GLU B 1479 -96.43 -86.09 71.44
C GLU B 1479 -97.86 -85.87 71.94
N GLN B 1480 -98.04 -85.14 73.05
CA GLN B 1480 -99.36 -84.86 73.60
C GLN B 1480 -99.49 -83.35 73.85
N GLY B 1481 -99.89 -82.63 72.80
CA GLY B 1481 -100.10 -81.19 72.85
C GLY B 1481 -98.82 -80.46 73.21
N ASN B 1482 -98.90 -79.65 74.28
CA ASN B 1482 -97.77 -78.93 74.89
C ASN B 1482 -97.07 -78.05 73.86
N VAL B 1483 -97.80 -77.04 73.40
CA VAL B 1483 -97.22 -76.07 72.47
C VAL B 1483 -96.06 -75.34 73.14
N HIS B 1484 -94.92 -75.35 72.46
CA HIS B 1484 -93.74 -74.68 72.97
C HIS B 1484 -93.00 -73.87 71.92
N SER B 1485 -93.35 -73.98 70.64
CA SER B 1485 -92.65 -73.16 69.65
C SER B 1485 -93.62 -72.81 68.54
N SER B 1486 -93.90 -71.53 68.33
CA SER B 1486 -94.86 -71.17 67.29
C SER B 1486 -94.43 -69.84 66.71
N LEU B 1487 -93.84 -69.90 65.52
CA LEU B 1487 -93.36 -68.72 64.83
C LEU B 1487 -94.10 -68.52 63.52
N LYS B 1488 -93.93 -67.33 62.95
CA LYS B 1488 -94.60 -66.98 61.71
C LYS B 1488 -93.58 -66.78 60.60
N CYS B 1489 -93.79 -67.49 59.50
CA CYS B 1489 -92.91 -67.45 58.34
C CYS B 1489 -93.59 -66.59 57.28
N SER B 1490 -92.95 -65.48 56.95
CA SER B 1490 -93.44 -64.56 55.93
C SER B 1490 -92.30 -64.18 55.01
N ASN B 1491 -92.61 -63.99 53.74
CA ASN B 1491 -91.63 -63.50 52.78
C ASN B 1491 -91.55 -61.99 52.79
N CYS B 1492 -92.43 -61.34 53.54
CA CYS B 1492 -92.53 -59.89 53.55
C CYS B 1492 -92.99 -59.45 54.93
N TYR B 1493 -92.26 -58.52 55.54
CA TYR B 1493 -92.56 -58.01 56.89
C TYR B 1493 -92.73 -56.51 56.76
N MET B 1494 -93.96 -56.09 56.50
CA MET B 1494 -94.18 -54.76 55.96
C MET B 1494 -95.54 -54.23 56.40
N VAL B 1495 -95.59 -52.93 56.68
CA VAL B 1495 -96.78 -52.30 57.23
C VAL B 1495 -97.34 -51.34 56.20
N TRP B 1496 -98.50 -50.77 56.51
CA TRP B 1496 -99.23 -49.91 55.59
C TRP B 1496 -99.10 -48.46 56.03
N GLY B 1497 -98.74 -47.59 55.09
CA GLY B 1497 -98.53 -46.18 55.38
C GLY B 1497 -99.80 -45.46 55.78
N GLY B 1498 -100.95 -45.86 55.20
CA GLY B 1498 -102.21 -45.19 55.46
C GLY B 1498 -102.70 -45.30 56.89
N ASP B 1499 -102.16 -46.24 57.67
CA ASP B 1499 -102.53 -46.43 59.06
C ASP B 1499 -101.71 -45.56 60.01
N PHE B 1500 -101.01 -44.56 59.49
CA PHE B 1500 -100.14 -43.70 60.28
C PHE B 1500 -100.54 -42.23 60.23
N VAL B 1501 -101.61 -41.89 59.54
CA VAL B 1501 -102.03 -40.50 59.39
C VAL B 1501 -103.40 -40.34 60.02
N SER B 1502 -103.68 -39.13 60.49
CA SER B 1502 -104.98 -38.83 61.05
C SER B 1502 -106.05 -38.88 59.95
N PRO B 1503 -107.22 -39.46 60.23
CA PRO B 1503 -108.26 -39.56 59.19
C PRO B 1503 -108.91 -38.23 58.85
N GLY B 1504 -108.20 -37.39 58.09
CA GLY B 1504 -108.72 -36.12 57.63
C GLY B 1504 -109.99 -36.23 56.81
N GLN B 1505 -110.99 -35.43 57.14
CA GLN B 1505 -112.28 -35.48 56.46
C GLN B 1505 -112.15 -35.10 54.99
N GLN B 1506 -111.37 -34.06 54.71
CA GLN B 1506 -111.12 -33.63 53.33
C GLN B 1506 -109.74 -33.00 53.32
N GLY B 1507 -109.18 -32.88 52.11
CA GLY B 1507 -107.80 -32.43 52.01
C GLY B 1507 -106.81 -33.51 52.40
N ARG B 1508 -107.03 -34.74 51.92
CA ARG B 1508 -106.18 -35.89 52.26
C ARG B 1508 -104.75 -35.73 51.76
N ILE B 1509 -104.51 -34.83 50.81
CA ILE B 1509 -103.16 -34.55 50.34
C ILE B 1509 -102.46 -33.75 51.42
N SER B 1510 -101.65 -34.43 52.23
CA SER B 1510 -101.00 -33.79 53.37
C SER B 1510 -99.88 -32.88 52.90
N HIS B 1511 -99.93 -31.61 53.35
CA HIS B 1511 -98.85 -30.68 53.08
C HIS B 1511 -97.54 -31.13 53.72
N THR B 1512 -97.62 -31.79 54.87
CA THR B 1512 -96.44 -32.34 55.54
C THR B 1512 -96.26 -33.78 55.08
N ASP B 1513 -95.08 -34.08 54.56
CA ASP B 1513 -94.78 -35.41 54.05
C ASP B 1513 -94.72 -36.42 55.19
N LEU B 1514 -95.29 -37.61 54.94
CA LEU B 1514 -95.32 -38.65 55.97
C LEU B 1514 -93.95 -39.29 56.16
N VAL B 1515 -93.36 -39.12 57.34
CA VAL B 1515 -92.04 -39.66 57.64
C VAL B 1515 -92.24 -40.95 58.43
N ILE B 1516 -92.09 -42.10 57.77
CA ILE B 1516 -92.24 -43.40 58.40
C ILE B 1516 -90.86 -43.96 58.70
N GLY B 1517 -90.66 -44.48 59.91
CA GLY B 1517 -89.36 -45.04 60.20
C GLY B 1517 -89.38 -46.53 60.50
N CYS B 1518 -88.22 -47.18 60.42
CA CYS B 1518 -88.11 -48.61 60.69
C CYS B 1518 -86.85 -48.89 61.50
N LEU B 1519 -87.06 -49.49 62.68
CA LEU B 1519 -86.03 -49.88 63.63
C LEU B 1519 -85.97 -51.40 63.73
N VAL B 1520 -84.76 -51.96 63.68
CA VAL B 1520 -84.57 -53.39 63.74
C VAL B 1520 -83.51 -53.72 64.79
N ASP B 1521 -83.76 -54.79 65.54
CA ASP B 1521 -82.81 -55.31 66.52
C ASP B 1521 -82.31 -56.63 65.96
N LEU B 1522 -81.03 -56.64 65.56
CA LEU B 1522 -80.37 -57.81 65.01
C LEU B 1522 -80.21 -58.92 66.05
N ALA B 1523 -79.88 -58.54 67.29
CA ALA B 1523 -79.59 -59.49 68.35
C ALA B 1523 -80.82 -60.30 68.76
N THR B 1524 -82.01 -59.82 68.45
CA THR B 1524 -83.24 -60.52 68.78
C THR B 1524 -84.13 -60.75 67.57
N GLY B 1525 -83.80 -60.23 66.40
CA GLY B 1525 -84.66 -60.36 65.23
C GLY B 1525 -85.98 -59.66 65.40
N LEU B 1526 -85.96 -58.49 66.05
CA LEU B 1526 -87.18 -57.74 66.33
C LEU B 1526 -87.33 -56.52 65.42
N MET B 1527 -88.47 -56.42 64.76
CA MET B 1527 -88.77 -55.34 63.83
C MET B 1527 -89.85 -54.44 64.43
N THR B 1528 -89.58 -53.15 64.50
CA THR B 1528 -90.51 -52.14 64.99
C THR B 1528 -90.49 -50.96 64.04
N PHE B 1529 -91.55 -50.15 64.10
CA PHE B 1529 -91.70 -49.05 63.16
C PHE B 1529 -92.24 -47.83 63.90
N THR B 1530 -92.05 -46.67 63.29
CA THR B 1530 -92.55 -45.40 63.81
C THR B 1530 -93.43 -44.72 62.78
N ALA B 1531 -94.59 -44.24 63.25
CA ALA B 1531 -95.57 -43.58 62.38
C ALA B 1531 -95.12 -42.16 62.03
N ASN B 1532 -94.99 -41.30 63.03
CA ASN B 1532 -94.53 -39.93 62.83
C ASN B 1532 -93.51 -39.57 63.91
N GLY B 1533 -92.56 -40.46 64.14
CA GLY B 1533 -91.63 -40.32 65.24
C GLY B 1533 -92.08 -40.98 66.53
N LYS B 1534 -93.30 -41.50 66.56
CA LYS B 1534 -93.82 -42.23 67.71
C LYS B 1534 -93.99 -43.69 67.35
N GLU B 1535 -93.70 -44.57 68.31
CA GLU B 1535 -93.81 -46.01 68.08
C GLU B 1535 -95.25 -46.42 67.87
N SER B 1536 -95.45 -47.36 66.95
CA SER B 1536 -96.77 -47.90 66.66
C SER B 1536 -96.95 -49.23 67.37
N ASN B 1537 -98.18 -49.76 67.27
CA ASN B 1537 -98.50 -51.04 67.88
C ASN B 1537 -97.94 -52.22 67.09
N THR B 1538 -97.54 -52.02 65.84
CA THR B 1538 -97.05 -53.10 65.02
C THR B 1538 -95.64 -53.52 65.45
N PHE B 1539 -95.38 -54.83 65.34
CA PHE B 1539 -94.07 -55.39 65.63
C PHE B 1539 -93.97 -56.74 64.93
N PHE B 1540 -92.73 -57.20 64.76
CA PHE B 1540 -92.47 -58.45 64.08
C PHE B 1540 -91.28 -59.13 64.75
N GLN B 1541 -91.31 -60.46 64.81
CA GLN B 1541 -90.20 -61.20 65.40
C GLN B 1541 -89.88 -62.39 64.51
N VAL B 1542 -88.59 -62.61 64.23
CA VAL B 1542 -88.17 -63.71 63.36
C VAL B 1542 -86.96 -64.43 63.96
N GLU B 1543 -86.68 -65.59 63.38
CA GLU B 1543 -85.55 -66.44 63.73
C GLU B 1543 -84.25 -65.82 63.22
N PRO B 1544 -83.07 -66.25 63.75
CA PRO B 1544 -81.80 -65.77 63.18
C PRO B 1544 -81.51 -66.33 61.80
N ASN B 1545 -80.32 -65.99 61.26
CA ASN B 1545 -79.87 -66.38 59.92
C ASN B 1545 -80.85 -65.94 58.84
N THR B 1546 -81.33 -64.70 58.95
CA THR B 1546 -82.32 -64.17 58.03
C THR B 1546 -81.75 -62.92 57.37
N LYS B 1547 -82.07 -62.75 56.09
CA LYS B 1547 -81.71 -61.57 55.32
C LYS B 1547 -82.97 -60.82 54.94
N LEU B 1548 -82.96 -59.51 55.12
CA LEU B 1548 -84.11 -58.67 54.83
C LEU B 1548 -83.68 -57.48 53.98
N PHE B 1549 -84.47 -57.21 52.93
CA PHE B 1549 -84.33 -56.07 52.03
C PHE B 1549 -85.28 -54.97 52.42
N PRO B 1550 -84.80 -53.74 52.64
CA PRO B 1550 -85.72 -52.62 52.85
C PRO B 1550 -86.54 -52.33 51.59
N ALA B 1551 -87.84 -52.60 51.65
CA ALA B 1551 -88.70 -52.57 50.48
C ALA B 1551 -89.91 -51.68 50.72
N VAL B 1552 -90.26 -50.89 49.71
CA VAL B 1552 -91.46 -50.05 49.72
C VAL B 1552 -92.18 -50.26 48.39
N PHE B 1553 -93.47 -50.57 48.48
CA PHE B 1553 -94.28 -50.80 47.29
C PHE B 1553 -95.27 -49.65 47.18
N VAL B 1554 -95.24 -48.93 46.06
CA VAL B 1554 -95.98 -47.69 45.92
C VAL B 1554 -96.68 -47.63 44.56
N LEU B 1555 -97.75 -46.85 44.51
CA LEU B 1555 -98.43 -46.53 43.26
C LEU B 1555 -98.07 -45.10 42.89
N PRO B 1556 -97.26 -44.87 41.84
CA PRO B 1556 -96.81 -43.50 41.52
C PRO B 1556 -97.92 -42.56 41.09
N THR B 1557 -98.19 -41.53 41.90
CA THR B 1557 -99.26 -40.58 41.61
C THR B 1557 -98.84 -39.14 41.86
N HIS B 1558 -97.54 -38.84 41.75
CA HIS B 1558 -97.06 -37.48 41.94
C HIS B 1558 -95.69 -37.37 41.29
N GLN B 1559 -95.29 -36.11 41.03
CA GLN B 1559 -93.94 -35.84 40.53
C GLN B 1559 -92.88 -36.25 41.54
N ASN B 1560 -93.10 -35.95 42.82
CA ASN B 1560 -92.27 -36.43 43.92
C ASN B 1560 -93.09 -37.41 44.73
N VAL B 1561 -92.53 -38.59 44.98
CA VAL B 1561 -93.28 -39.67 45.61
C VAL B 1561 -92.62 -40.12 46.90
N ILE B 1562 -91.37 -40.59 46.82
CA ILE B 1562 -90.68 -41.23 47.94
C ILE B 1562 -89.26 -40.70 48.02
N GLN B 1563 -88.79 -40.43 49.24
CA GLN B 1563 -87.38 -40.16 49.50
C GLN B 1563 -86.89 -41.15 50.54
N PHE B 1564 -86.00 -42.07 50.15
CA PHE B 1564 -85.39 -42.99 51.11
C PHE B 1564 -84.30 -42.25 51.89
N GLU B 1565 -84.50 -42.08 53.19
CA GLU B 1565 -83.61 -41.31 54.05
C GLU B 1565 -82.77 -42.26 54.89
N LEU B 1566 -81.44 -42.10 54.83
CA LEU B 1566 -80.57 -42.90 55.70
C LEU B 1566 -80.24 -42.14 56.98
N GLY B 1567 -81.32 -41.76 57.69
CA GLY B 1567 -81.20 -41.00 58.91
C GLY B 1567 -80.93 -41.85 60.13
N LYS B 1568 -80.70 -41.16 61.25
CA LYS B 1568 -80.40 -41.83 62.51
C LYS B 1568 -81.07 -41.09 63.67
N GLN B 1569 -81.42 -41.85 64.70
CA GLN B 1569 -81.99 -41.32 65.91
C GLN B 1569 -80.89 -41.20 66.96
N LYS B 1570 -81.27 -40.85 68.19
CA LYS B 1570 -80.29 -40.74 69.26
C LYS B 1570 -79.89 -42.13 69.73
N ASN B 1571 -78.58 -42.39 69.76
CA ASN B 1571 -77.97 -43.66 70.14
C ASN B 1571 -78.41 -44.83 69.25
N ILE B 1572 -78.83 -44.54 68.02
CA ILE B 1572 -79.28 -45.56 67.08
C ILE B 1572 -78.52 -45.36 65.77
N MET B 1573 -77.83 -46.41 65.33
CA MET B 1573 -77.01 -46.40 64.13
C MET B 1573 -77.87 -46.46 62.88
N PRO B 1574 -77.52 -45.72 61.81
CA PRO B 1574 -78.23 -45.88 60.53
C PRO B 1574 -77.83 -47.16 59.80
N LEU B 1575 -78.32 -47.31 58.56
CA LEU B 1575 -78.11 -48.53 57.80
C LEU B 1575 -76.71 -48.67 57.22
N SER B 1576 -75.87 -47.64 57.31
CA SER B 1576 -74.52 -47.69 56.75
C SER B 1576 -73.66 -48.76 57.42
N ALA B 1577 -73.86 -49.01 58.72
CA ALA B 1577 -73.17 -50.09 59.39
C ALA B 1577 -73.98 -51.38 59.45
N ALA B 1578 -75.25 -51.35 59.03
CA ALA B 1578 -76.11 -52.51 59.13
C ALA B 1578 -75.60 -53.65 58.25
N MET B 1579 -75.13 -53.34 57.06
CA MET B 1579 -74.72 -54.34 56.09
C MET B 1579 -73.28 -54.20 55.61
N PHE B 1580 -72.64 -53.05 55.80
CA PHE B 1580 -71.23 -52.88 55.45
C PHE B 1580 -70.38 -53.24 56.67
N LEU B 1581 -69.66 -54.35 56.57
CA LEU B 1581 -68.87 -54.87 57.68
C LEU B 1581 -67.72 -53.93 58.05
N SER B 1582 -67.04 -53.38 57.05
CA SER B 1582 -65.90 -52.50 57.30
C SER B 1582 -66.30 -51.16 57.89
N GLU B 1583 -67.59 -50.80 57.83
CA GLU B 1583 -68.09 -49.55 58.36
C GLU B 1583 -68.87 -49.73 59.67
N ARG B 1584 -68.66 -50.87 60.33
CA ARG B 1584 -69.35 -51.15 61.60
C ARG B 1584 -68.98 -50.14 62.68
N LYS B 1585 -67.70 -49.79 62.77
CA LYS B 1585 -67.20 -48.92 63.83
C LYS B 1585 -67.23 -47.45 63.46
N ASN B 1586 -67.75 -47.10 62.28
CA ASN B 1586 -67.81 -45.73 61.84
C ASN B 1586 -69.23 -45.23 62.04
N PRO B 1587 -69.51 -44.41 63.07
CA PRO B 1587 -70.89 -43.95 63.30
C PRO B 1587 -71.42 -43.00 62.24
N ALA B 1588 -70.54 -42.36 61.47
CA ALA B 1588 -70.98 -41.40 60.47
C ALA B 1588 -71.70 -42.10 59.32
N PRO B 1589 -72.93 -41.68 58.97
CA PRO B 1589 -73.65 -42.31 57.86
C PRO B 1589 -72.95 -42.11 56.53
N GLN B 1590 -73.00 -43.13 55.68
CA GLN B 1590 -72.43 -43.08 54.34
C GLN B 1590 -73.36 -43.79 53.37
N CYS B 1591 -73.25 -43.41 52.10
CA CYS B 1591 -74.05 -43.98 51.02
C CYS B 1591 -73.11 -44.43 49.91
N PRO B 1592 -72.55 -45.63 50.02
CA PRO B 1592 -71.59 -46.12 49.01
C PRO B 1592 -72.25 -46.35 47.66
N PRO B 1593 -71.47 -46.31 46.57
CA PRO B 1593 -72.05 -46.49 45.22
C PRO B 1593 -72.77 -47.81 45.01
N ARG B 1594 -72.30 -48.89 45.66
CA ARG B 1594 -72.92 -50.21 45.50
C ARG B 1594 -74.39 -50.21 45.92
N LEU B 1595 -74.73 -49.44 46.94
CA LEU B 1595 -76.13 -49.30 47.34
C LEU B 1595 -76.89 -48.55 46.25
N GLU B 1596 -78.03 -49.12 45.85
CA GLU B 1596 -78.87 -48.56 44.80
C GLU B 1596 -80.26 -49.17 44.95
N VAL B 1597 -81.14 -48.78 44.05
CA VAL B 1597 -82.54 -49.21 44.09
C VAL B 1597 -82.74 -50.34 43.08
N GLN B 1598 -83.73 -51.20 43.36
CA GLN B 1598 -84.11 -52.29 42.46
C GLN B 1598 -85.62 -52.31 42.33
N MET B 1599 -86.09 -52.33 41.08
CA MET B 1599 -87.48 -52.58 40.77
C MET B 1599 -87.68 -54.06 40.44
N LEU B 1600 -88.94 -54.45 40.31
CA LEU B 1600 -89.30 -55.85 40.09
C LEU B 1600 -89.56 -56.11 38.61
N MET B 1601 -88.70 -56.93 38.01
CA MET B 1601 -88.91 -57.40 36.65
C MET B 1601 -89.56 -58.77 36.70
N PRO B 1602 -90.78 -58.92 36.22
CA PRO B 1602 -91.48 -60.20 36.38
C PRO B 1602 -91.05 -61.24 35.35
N VAL B 1603 -90.58 -60.81 34.19
CA VAL B 1603 -90.17 -61.71 33.12
C VAL B 1603 -88.72 -61.40 32.78
N SER B 1604 -87.88 -62.43 32.81
CA SER B 1604 -86.46 -62.29 32.50
C SER B 1604 -86.02 -63.51 31.72
N TRP B 1605 -84.89 -63.42 31.04
CA TRP B 1605 -84.46 -64.50 30.18
C TRP B 1605 -83.91 -65.67 30.99
N SER B 1606 -83.98 -66.86 30.40
CA SER B 1606 -83.50 -68.07 31.06
C SER B 1606 -83.16 -69.10 29.99
N ARG B 1607 -82.48 -70.15 30.41
CA ARG B 1607 -81.89 -71.13 29.50
C ARG B 1607 -82.35 -72.54 29.80
N MET B 1608 -82.83 -73.25 28.78
CA MET B 1608 -83.12 -74.68 28.95
C MET B 1608 -81.82 -75.46 29.12
N PRO B 1609 -81.75 -76.34 30.13
CA PRO B 1609 -80.60 -77.25 30.22
C PRO B 1609 -80.54 -78.17 29.00
N ASN B 1610 -79.31 -78.55 28.64
CA ASN B 1610 -79.10 -79.38 27.46
C ASN B 1610 -79.69 -80.78 27.59
N HIS B 1611 -80.02 -81.21 28.81
CA HIS B 1611 -80.68 -82.49 29.05
C HIS B 1611 -81.65 -82.30 30.21
N PHE B 1612 -82.63 -83.19 30.28
CA PHE B 1612 -83.64 -83.14 31.32
C PHE B 1612 -83.76 -84.51 31.97
N LEU B 1613 -84.39 -84.53 33.14
CA LEU B 1613 -84.61 -85.78 33.85
C LEU B 1613 -85.65 -86.64 33.13
N GLN B 1614 -85.57 -87.95 33.38
CA GLN B 1614 -86.49 -88.91 32.80
C GLN B 1614 -87.24 -89.59 33.93
N VAL B 1615 -88.56 -89.44 33.94
CA VAL B 1615 -89.40 -89.92 35.04
C VAL B 1615 -90.41 -90.90 34.47
N GLU B 1616 -90.50 -92.07 35.10
CA GLU B 1616 -91.49 -93.09 34.76
C GLU B 1616 -92.67 -92.96 35.70
N THR B 1617 -93.80 -92.49 35.17
CA THR B 1617 -95.02 -92.33 35.94
C THR B 1617 -96.09 -93.23 35.31
N ARG B 1618 -96.63 -94.16 36.10
CA ARG B 1618 -97.69 -95.02 35.58
C ARG B 1618 -98.47 -95.62 36.73
N ARG B 1619 -99.65 -96.13 36.43
CA ARG B 1619 -100.48 -96.75 37.45
C ARG B 1619 -99.91 -98.11 37.80
N ALA B 1620 -99.36 -98.22 39.02
CA ALA B 1620 -98.72 -99.46 39.45
C ALA B 1620 -99.71 -100.61 39.60
N GLY B 1621 -100.95 -100.30 39.95
CA GLY B 1621 -101.95 -101.33 40.10
C GLY B 1621 -103.18 -100.79 40.79
N GLU B 1622 -104.17 -101.69 40.92
CA GLU B 1622 -105.42 -101.34 41.58
C GLU B 1622 -105.22 -101.03 43.05
N ARG B 1623 -104.38 -101.81 43.73
CA ARG B 1623 -104.07 -101.62 45.14
C ARG B 1623 -102.80 -100.82 45.37
N LEU B 1624 -101.79 -101.01 44.53
CA LEU B 1624 -100.51 -100.34 44.69
C LEU B 1624 -100.65 -98.83 44.52
N GLY B 1625 -101.45 -98.40 43.56
CA GLY B 1625 -101.63 -96.99 43.31
C GLY B 1625 -100.88 -96.53 42.09
N TRP B 1626 -100.25 -95.36 42.16
CA TRP B 1626 -99.48 -94.83 41.03
C TRP B 1626 -98.00 -94.76 41.36
N ALA B 1627 -97.17 -95.35 40.51
CA ALA B 1627 -95.75 -95.42 40.77
C ALA B 1627 -94.98 -94.37 39.98
N VAL B 1628 -93.93 -93.86 40.62
CA VAL B 1628 -93.00 -92.86 40.11
C VAL B 1628 -91.60 -93.44 40.25
N GLN B 1629 -90.80 -93.32 39.19
CA GLN B 1629 -89.45 -93.87 39.16
C GLN B 1629 -88.51 -92.91 38.45
N CYS B 1630 -87.30 -92.76 38.97
CA CYS B 1630 -86.29 -91.91 38.34
C CYS B 1630 -84.92 -92.32 38.85
N GLN B 1631 -84.07 -92.82 37.96
CA GLN B 1631 -82.80 -93.41 38.36
C GLN B 1631 -81.58 -92.77 37.73
N ASP B 1632 -81.65 -92.36 36.46
CA ASP B 1632 -80.49 -91.79 35.79
C ASP B 1632 -80.16 -90.41 36.34
N PRO B 1633 -78.96 -90.19 36.88
CA PRO B 1633 -78.64 -88.89 37.47
C PRO B 1633 -78.25 -87.85 36.44
N LEU B 1634 -78.58 -86.60 36.76
CA LEU B 1634 -78.16 -85.45 35.98
C LEU B 1634 -77.68 -84.39 36.95
N THR B 1635 -76.42 -84.00 36.84
CA THR B 1635 -75.78 -83.11 37.79
C THR B 1635 -75.43 -81.79 37.12
N MET B 1636 -75.77 -80.69 37.77
CA MET B 1636 -75.46 -79.35 37.29
C MET B 1636 -74.65 -78.61 38.34
N MET B 1637 -73.80 -77.71 37.88
CA MET B 1637 -72.97 -76.92 38.78
C MET B 1637 -73.45 -75.48 38.79
N ALA B 1638 -73.62 -74.93 40.00
CA ALA B 1638 -74.36 -73.69 40.22
C ALA B 1638 -73.45 -72.62 40.78
N LEU B 1639 -73.66 -71.39 40.32
CA LEU B 1639 -72.96 -70.20 40.80
C LEU B 1639 -73.90 -69.44 41.73
N HIS B 1640 -73.61 -69.47 43.02
CA HIS B 1640 -74.50 -68.91 44.04
C HIS B 1640 -74.06 -67.50 44.39
N ILE B 1641 -74.98 -66.54 44.27
CA ILE B 1641 -74.74 -65.16 44.69
C ILE B 1641 -74.93 -65.11 46.19
N PRO B 1642 -73.93 -64.65 46.95
CA PRO B 1642 -74.03 -64.69 48.42
C PRO B 1642 -75.10 -63.77 49.00
N GLU B 1643 -75.07 -62.48 48.62
CA GLU B 1643 -75.98 -61.52 49.23
C GLU B 1643 -77.42 -61.72 48.76
N GLU B 1644 -77.62 -62.07 47.48
CA GLU B 1644 -78.97 -62.30 46.99
C GLU B 1644 -79.49 -63.70 47.27
N ASN B 1645 -78.60 -64.61 47.67
CA ASN B 1645 -78.93 -65.99 48.06
C ASN B 1645 -79.69 -66.73 46.96
N ARG B 1646 -79.29 -66.48 45.71
CA ARG B 1646 -79.85 -67.19 44.57
C ARG B 1646 -78.72 -67.68 43.68
N CYS B 1647 -78.88 -68.89 43.15
CA CYS B 1647 -77.86 -69.52 42.33
C CYS B 1647 -78.36 -69.66 40.89
N MET B 1648 -77.42 -69.58 39.96
CA MET B 1648 -77.72 -69.68 38.55
C MET B 1648 -76.64 -70.52 37.87
N ASP B 1649 -77.00 -71.17 36.77
CA ASP B 1649 -76.06 -71.97 36.00
C ASP B 1649 -75.00 -71.05 35.39
N ILE B 1650 -73.75 -71.50 35.42
CA ILE B 1650 -72.66 -70.74 34.79
C ILE B 1650 -72.83 -70.70 33.26
N LEU B 1651 -73.54 -71.67 32.68
CA LEU B 1651 -73.86 -71.59 31.24
C LEU B 1651 -74.68 -70.35 30.88
N GLU B 1652 -75.42 -69.77 31.84
CA GLU B 1652 -76.08 -68.47 31.65
C GLU B 1652 -75.06 -67.35 31.44
N LEU B 1653 -73.86 -67.48 32.01
CA LEU B 1653 -72.85 -66.43 31.89
C LEU B 1653 -72.35 -66.24 30.46
N SER B 1654 -72.59 -67.22 29.58
CA SER B 1654 -72.32 -67.05 28.15
C SER B 1654 -73.12 -65.89 27.56
N GLU B 1655 -74.28 -65.57 28.13
CA GLU B 1655 -75.02 -64.37 27.80
C GLU B 1655 -74.80 -63.27 28.83
N ARG B 1656 -74.54 -63.62 30.08
CA ARG B 1656 -74.25 -62.64 31.12
C ARG B 1656 -72.74 -62.35 31.06
N LEU B 1657 -72.38 -61.44 30.16
CA LEU B 1657 -70.97 -61.14 29.89
C LEU B 1657 -70.26 -60.51 31.08
N ASP B 1658 -70.91 -59.58 31.78
CA ASP B 1658 -70.29 -58.86 32.90
C ASP B 1658 -69.91 -59.84 34.01
N LEU B 1659 -70.82 -60.77 34.31
CA LEU B 1659 -70.53 -61.83 35.27
C LEU B 1659 -69.39 -62.71 34.76
N GLN B 1660 -69.37 -62.99 33.45
CA GLN B 1660 -68.32 -63.83 32.87
C GLN B 1660 -66.94 -63.18 33.03
N ARG B 1661 -66.84 -61.88 32.74
CA ARG B 1661 -65.57 -61.17 32.90
C ARG B 1661 -65.15 -61.12 34.36
N PHE B 1662 -66.08 -60.78 35.25
CA PHE B 1662 -65.75 -60.68 36.67
C PHE B 1662 -65.31 -62.03 37.23
N HIS B 1663 -66.01 -63.10 36.86
CA HIS B 1663 -65.66 -64.42 37.36
C HIS B 1663 -64.36 -64.93 36.75
N SER B 1664 -64.08 -64.60 35.49
CA SER B 1664 -62.79 -64.95 34.90
C SER B 1664 -61.65 -64.25 35.62
N HIS B 1665 -61.82 -62.96 35.93
CA HIS B 1665 -60.82 -62.26 36.73
C HIS B 1665 -60.72 -62.83 38.14
N THR B 1666 -61.83 -63.35 38.68
CA THR B 1666 -61.79 -64.04 39.97
C THR B 1666 -60.95 -65.31 39.88
N LEU B 1667 -61.12 -66.07 38.80
CA LEU B 1667 -60.32 -67.28 38.60
C LEU B 1667 -58.85 -66.93 38.42
N ARG B 1668 -58.57 -65.80 37.77
CA ARG B 1668 -57.19 -65.34 37.62
C ARG B 1668 -56.58 -65.02 38.98
N LEU B 1669 -57.35 -64.39 39.85
CA LEU B 1669 -56.89 -64.13 41.22
C LEU B 1669 -56.65 -65.43 41.98
N TYR B 1670 -57.52 -66.42 41.75
CA TYR B 1670 -57.33 -67.74 42.36
C TYR B 1670 -56.03 -68.39 41.90
N ARG B 1671 -55.72 -68.28 40.60
CA ARG B 1671 -54.43 -68.78 40.10
C ARG B 1671 -53.27 -67.89 40.50
N ALA B 1672 -53.54 -66.70 41.04
CA ALA B 1672 -52.48 -65.80 41.47
C ALA B 1672 -52.06 -66.07 42.91
N VAL B 1673 -53.03 -66.20 43.81
CA VAL B 1673 -52.73 -66.40 45.22
C VAL B 1673 -52.04 -67.75 45.46
N CYS B 1674 -52.41 -68.78 44.70
CA CYS B 1674 -51.83 -70.10 44.83
C CYS B 1674 -50.61 -70.31 43.96
N ALA B 1675 -50.16 -69.28 43.25
CA ALA B 1675 -49.03 -69.43 42.34
C ALA B 1675 -47.71 -69.51 43.09
N LEU B 1676 -46.72 -70.11 42.42
CA LEU B 1676 -45.33 -70.19 42.84
C LEU B 1676 -45.18 -70.95 44.17
N GLY B 1677 -45.69 -72.18 44.18
CA GLY B 1677 -45.46 -73.11 45.26
C GLY B 1677 -46.15 -72.84 46.57
N ASN B 1678 -47.11 -71.92 46.60
CA ASN B 1678 -47.85 -71.61 47.83
C ASN B 1678 -48.90 -72.70 48.07
N ASN B 1679 -48.41 -73.90 48.43
CA ASN B 1679 -49.26 -75.06 48.57
C ASN B 1679 -50.23 -74.93 49.74
N ARG B 1680 -49.89 -74.14 50.76
CA ARG B 1680 -50.82 -73.91 51.86
C ARG B 1680 -52.08 -73.19 51.37
N VAL B 1681 -51.90 -72.16 50.55
CA VAL B 1681 -53.04 -71.48 49.94
C VAL B 1681 -53.72 -72.41 48.93
N ALA B 1682 -52.96 -73.26 48.23
CA ALA B 1682 -53.56 -74.19 47.29
C ALA B 1682 -54.50 -75.17 47.99
N HIS B 1683 -54.06 -75.70 49.14
CA HIS B 1683 -54.89 -76.55 49.97
C HIS B 1683 -56.09 -75.78 50.50
N ALA B 1684 -55.90 -74.50 50.86
CA ALA B 1684 -57.02 -73.69 51.31
C ALA B 1684 -58.04 -73.52 50.20
N LEU B 1685 -57.57 -73.29 48.97
CA LEU B 1685 -58.44 -73.10 47.82
C LEU B 1685 -59.17 -74.38 47.44
N CYS B 1686 -58.64 -75.55 47.84
CA CYS B 1686 -59.31 -76.81 47.54
C CYS B 1686 -60.67 -76.91 48.24
N SER B 1687 -60.89 -76.17 49.32
CA SER B 1687 -62.21 -76.12 49.94
C SER B 1687 -63.19 -75.34 49.07
N HIS B 1688 -62.74 -74.19 48.57
CA HIS B 1688 -63.60 -73.32 47.77
C HIS B 1688 -63.95 -73.96 46.43
N VAL B 1689 -62.96 -74.50 45.74
CA VAL B 1689 -63.20 -75.28 44.52
C VAL B 1689 -62.74 -76.71 44.75
N ASP B 1690 -63.66 -77.65 44.60
CA ASP B 1690 -63.40 -79.03 44.95
C ASP B 1690 -62.88 -79.82 43.74
N GLN B 1691 -62.43 -81.04 44.03
CA GLN B 1691 -62.01 -81.97 42.99
C GLN B 1691 -63.14 -82.28 42.03
N ALA B 1692 -64.35 -82.50 42.56
CA ALA B 1692 -65.51 -82.76 41.72
C ALA B 1692 -65.83 -81.55 40.85
N GLN B 1693 -65.71 -80.35 41.42
CA GLN B 1693 -65.98 -79.11 40.69
C GLN B 1693 -65.03 -78.97 39.52
N LEU B 1694 -63.73 -79.22 39.75
CA LEU B 1694 -62.74 -79.11 38.70
C LEU B 1694 -62.97 -80.16 37.61
N LEU B 1695 -63.20 -81.43 38.00
CA LEU B 1695 -63.39 -82.49 37.01
C LEU B 1695 -64.62 -82.24 36.15
N HIS B 1696 -65.72 -81.81 36.78
CA HIS B 1696 -66.92 -81.48 36.01
C HIS B 1696 -66.67 -80.30 35.09
N ALA B 1697 -65.95 -79.28 35.58
CA ALA B 1697 -65.68 -78.14 34.72
C ALA B 1697 -64.79 -78.53 33.55
N LEU B 1698 -63.92 -79.53 33.74
CA LEU B 1698 -63.12 -80.04 32.63
C LEU B 1698 -64.02 -80.71 31.61
N GLU B 1699 -64.99 -81.49 32.07
CA GLU B 1699 -65.79 -82.28 31.13
C GLU B 1699 -66.98 -81.54 30.56
N ASP B 1700 -67.31 -80.35 31.06
CA ASP B 1700 -68.47 -79.62 30.56
C ASP B 1700 -68.09 -79.01 29.21
N ALA B 1701 -68.82 -79.40 28.16
CA ALA B 1701 -68.52 -78.91 26.82
C ALA B 1701 -69.28 -77.64 26.46
N HIS B 1702 -70.22 -77.20 27.29
CA HIS B 1702 -70.99 -76.01 27.00
C HIS B 1702 -70.48 -74.77 27.71
N LEU B 1703 -69.38 -74.88 28.46
CA LEU B 1703 -68.84 -73.74 29.17
C LEU B 1703 -68.28 -72.71 28.20
N PRO B 1704 -68.28 -71.43 28.57
CA PRO B 1704 -67.64 -70.42 27.73
C PRO B 1704 -66.13 -70.60 27.70
N GLY B 1705 -65.52 -69.81 26.82
CA GLY B 1705 -64.11 -69.89 26.51
C GLY B 1705 -63.18 -69.52 27.64
N PRO B 1706 -63.17 -68.23 28.04
CA PRO B 1706 -62.26 -67.80 29.11
C PRO B 1706 -62.47 -68.55 30.41
N LEU B 1707 -63.73 -68.84 30.77
CA LEU B 1707 -64.00 -69.57 32.00
C LEU B 1707 -63.47 -71.00 31.93
N ARG B 1708 -63.64 -71.65 30.77
CA ARG B 1708 -63.10 -73.01 30.58
C ARG B 1708 -61.58 -73.03 30.68
N ALA B 1709 -60.92 -72.07 30.02
CA ALA B 1709 -59.47 -71.96 30.08
C ALA B 1709 -58.99 -71.63 31.49
N GLY B 1710 -59.73 -70.75 32.18
CA GLY B 1710 -59.38 -70.39 33.54
C GLY B 1710 -59.47 -71.57 34.48
N TYR B 1711 -60.53 -72.37 34.36
CA TYR B 1711 -60.68 -73.55 35.22
C TYR B 1711 -59.59 -74.58 34.95
N TYR B 1712 -59.25 -74.82 33.68
CA TYR B 1712 -58.17 -75.76 33.36
C TYR B 1712 -56.82 -75.29 33.90
N ASP B 1713 -56.52 -74.01 33.70
CA ASP B 1713 -55.29 -73.42 34.21
C ASP B 1713 -55.30 -73.44 35.74
N LEU B 1714 -56.46 -73.19 36.34
CA LEU B 1714 -56.60 -73.22 37.79
C LEU B 1714 -56.30 -74.59 38.35
N LEU B 1715 -56.77 -75.65 37.66
CA LEU B 1715 -56.48 -77.01 38.10
C LEU B 1715 -54.98 -77.28 38.07
N ILE B 1716 -54.31 -76.79 37.02
CA ILE B 1716 -52.86 -76.92 36.92
C ILE B 1716 -52.18 -76.17 38.06
N SER B 1717 -52.66 -74.96 38.36
CA SER B 1717 -52.07 -74.14 39.43
C SER B 1717 -52.27 -74.77 40.80
N ILE B 1718 -53.45 -75.35 41.06
CA ILE B 1718 -53.73 -75.93 42.36
C ILE B 1718 -52.89 -77.19 42.57
N HIS B 1719 -52.81 -78.05 41.57
CA HIS B 1719 -52.25 -79.38 41.82
C HIS B 1719 -50.91 -79.64 41.19
N LEU B 1720 -50.59 -79.01 40.08
CA LEU B 1720 -49.47 -79.50 39.27
C LEU B 1720 -48.21 -78.65 39.31
N GLU B 1721 -48.33 -77.31 39.36
CA GLU B 1721 -47.21 -76.41 39.11
C GLU B 1721 -46.05 -76.56 40.10
N SER B 1722 -46.36 -76.78 41.39
CA SER B 1722 -45.32 -76.89 42.42
C SER B 1722 -44.41 -78.08 42.14
N ALA B 1723 -44.99 -79.23 41.81
CA ALA B 1723 -44.19 -80.39 41.48
C ALA B 1723 -43.61 -80.29 40.07
N CYS B 1724 -44.36 -79.65 39.16
CA CYS B 1724 -43.95 -79.55 37.76
C CYS B 1724 -42.68 -78.73 37.61
N ARG B 1725 -42.62 -77.57 38.28
CA ARG B 1725 -41.47 -76.69 38.15
C ARG B 1725 -40.19 -77.36 38.64
N SER B 1726 -40.26 -77.99 39.81
CA SER B 1726 -39.11 -78.70 40.38
C SER B 1726 -38.69 -79.87 39.50
N ARG B 1727 -39.65 -80.65 39.00
CA ARG B 1727 -39.30 -81.77 38.15
C ARG B 1727 -38.72 -81.28 36.82
N ARG B 1728 -39.26 -80.17 36.30
CA ARG B 1728 -38.77 -79.58 35.06
C ARG B 1728 -37.33 -79.15 35.22
N SER B 1729 -37.01 -78.55 36.37
CA SER B 1729 -35.65 -78.15 36.66
C SER B 1729 -34.75 -79.36 36.75
N MET B 1730 -35.24 -80.46 37.33
CA MET B 1730 -34.43 -81.67 37.42
C MET B 1730 -34.28 -82.39 36.08
N LEU B 1731 -35.09 -82.05 35.07
CA LEU B 1731 -34.88 -82.61 33.73
C LEU B 1731 -33.61 -82.12 33.05
N SER B 1732 -33.02 -81.02 33.53
CA SER B 1732 -31.80 -80.51 32.92
C SER B 1732 -30.54 -81.23 33.38
N GLU B 1733 -30.63 -82.06 34.41
CA GLU B 1733 -29.49 -82.81 34.92
C GLU B 1733 -29.76 -84.30 34.75
N TYR B 1734 -28.70 -85.05 34.48
CA TYR B 1734 -28.79 -86.46 34.10
C TYR B 1734 -27.78 -87.25 34.91
N ILE B 1735 -28.24 -87.74 36.06
CA ILE B 1735 -27.44 -88.59 36.93
C ILE B 1735 -27.82 -90.03 36.63
N VAL B 1736 -26.85 -90.81 36.17
CA VAL B 1736 -27.11 -92.16 35.67
C VAL B 1736 -26.53 -93.16 36.66
N PRO B 1737 -27.37 -93.87 37.42
CA PRO B 1737 -26.87 -94.94 38.28
C PRO B 1737 -26.38 -96.14 37.47
N LEU B 1738 -25.46 -96.89 38.06
CA LEU B 1738 -24.92 -98.10 37.43
C LEU B 1738 -25.82 -99.28 37.81
N THR B 1739 -26.85 -99.52 37.00
CA THR B 1739 -27.85 -100.53 37.26
C THR B 1739 -27.98 -101.45 36.05
N PRO B 1740 -28.42 -102.70 36.23
CA PRO B 1740 -28.59 -103.60 35.08
C PRO B 1740 -29.55 -103.11 34.00
N GLU B 1741 -30.64 -102.44 34.39
CA GLU B 1741 -31.51 -101.87 33.37
C GLU B 1741 -30.83 -100.75 32.60
N THR B 1742 -29.94 -99.99 33.27
CA THR B 1742 -29.11 -99.01 32.57
C THR B 1742 -28.21 -99.74 31.59
N ARG B 1743 -27.66 -100.89 32.00
CA ARG B 1743 -26.78 -101.66 31.12
CA ARG B 1743 -26.79 -101.65 31.11
C ARG B 1743 -27.56 -102.12 29.88
N ALA B 1744 -28.79 -102.57 30.09
CA ALA B 1744 -29.66 -103.05 29.02
C ALA B 1744 -30.14 -101.93 28.11
N ILE B 1745 -29.98 -100.67 28.50
CA ILE B 1745 -30.40 -99.56 27.62
C ILE B 1745 -29.52 -99.55 26.38
N THR B 1746 -30.15 -99.62 25.21
CA THR B 1746 -29.46 -99.58 23.93
C THR B 1746 -29.94 -98.39 23.13
N LEU B 1747 -29.09 -97.91 22.22
CA LEU B 1747 -29.45 -96.78 21.36
C LEU B 1747 -30.63 -97.10 20.46
N PHE B 1748 -30.64 -98.28 19.87
CA PHE B 1748 -31.76 -98.65 19.04
C PHE B 1748 -32.50 -99.82 19.66
N PRO B 1749 -33.81 -99.93 19.45
CA PRO B 1749 -34.53 -101.14 19.83
C PRO B 1749 -34.09 -102.31 18.97
N PRO B 1750 -34.25 -103.57 19.47
CA PRO B 1750 -33.81 -104.74 18.68
C PRO B 1750 -34.54 -104.87 17.35
N GLY B 1751 -33.77 -104.74 16.27
CA GLY B 1751 -34.29 -104.81 14.93
C GLY B 1751 -33.23 -105.27 13.97
N ARG B 1752 -33.63 -105.43 12.71
CA ARG B 1752 -32.72 -105.91 11.67
C ARG B 1752 -32.90 -105.16 10.35
N LYS B 1753 -33.64 -104.05 10.36
CA LYS B 1753 -33.93 -103.29 9.14
C LYS B 1753 -32.66 -102.70 8.54
N GLY B 1754 -31.78 -102.14 9.37
CA GLY B 1754 -30.56 -101.54 8.88
C GLY B 1754 -29.36 -101.83 9.77
N GLY B 1755 -28.29 -102.36 9.18
CA GLY B 1755 -27.09 -102.67 9.95
C GLY B 1755 -26.41 -101.44 10.53
N ASN B 1756 -26.29 -100.38 9.74
CA ASN B 1756 -25.73 -99.12 10.24
C ASN B 1756 -26.65 -98.47 11.26
N ALA B 1757 -27.95 -98.53 11.03
CA ALA B 1757 -28.93 -97.95 11.94
C ALA B 1757 -30.28 -98.60 11.66
N ARG B 1758 -30.95 -99.02 12.73
CA ARG B 1758 -32.30 -99.57 12.63
C ARG B 1758 -33.30 -98.42 12.54
N ARG B 1759 -34.58 -98.74 12.63
CA ARG B 1759 -35.59 -97.71 12.69
C ARG B 1759 -35.53 -97.03 14.05
N HIS B 1760 -35.73 -95.71 14.07
CA HIS B 1760 -35.69 -94.93 15.30
C HIS B 1760 -36.75 -95.41 16.28
N GLY B 1761 -36.36 -95.51 17.54
CA GLY B 1761 -37.30 -95.90 18.57
C GLY B 1761 -38.33 -94.83 18.85
N LEU B 1762 -39.40 -95.24 19.51
CA LEU B 1762 -40.50 -94.35 19.81
C LEU B 1762 -40.09 -93.40 20.92
N PRO B 1763 -40.12 -92.08 20.70
CA PRO B 1763 -39.69 -91.13 21.73
C PRO B 1763 -40.62 -91.18 22.93
N GLY B 1764 -40.04 -91.00 24.12
CA GLY B 1764 -40.80 -91.02 25.35
C GLY B 1764 -41.28 -92.39 25.79
N VAL B 1765 -40.93 -93.46 25.05
CA VAL B 1765 -41.35 -94.81 25.36
C VAL B 1765 -40.10 -95.64 25.61
N GLY B 1766 -40.08 -96.34 26.74
CA GLY B 1766 -38.93 -97.14 27.09
C GLY B 1766 -38.60 -97.04 28.55
N VAL B 1767 -37.31 -97.15 28.88
CA VAL B 1767 -36.83 -97.05 30.24
C VAL B 1767 -35.92 -95.83 30.36
N THR B 1768 -36.17 -95.01 31.37
CA THR B 1768 -35.36 -93.84 31.67
C THR B 1768 -34.86 -93.98 33.10
N THR B 1769 -33.55 -94.16 33.26
CA THR B 1769 -32.96 -94.38 34.57
C THR B 1769 -32.43 -93.12 35.22
N SER B 1770 -32.62 -91.95 34.59
CA SER B 1770 -32.21 -90.68 35.18
C SER B 1770 -32.90 -90.46 36.51
N LEU B 1771 -32.11 -90.09 37.53
CA LEU B 1771 -32.61 -89.99 38.89
C LEU B 1771 -33.55 -88.79 38.99
N ARG B 1772 -34.85 -89.06 39.05
CA ARG B 1772 -35.87 -88.04 39.14
C ARG B 1772 -36.55 -88.13 40.49
N PRO B 1773 -36.47 -87.10 41.32
CA PRO B 1773 -37.06 -87.15 42.67
C PRO B 1773 -38.58 -87.32 42.61
N PRO B 1774 -39.14 -88.08 43.54
CA PRO B 1774 -40.60 -88.26 43.57
C PRO B 1774 -41.30 -86.99 44.03
N HIS B 1775 -42.57 -86.90 43.66
CA HIS B 1775 -43.37 -85.74 44.02
C HIS B 1775 -43.83 -85.85 45.47
N HIS B 1776 -44.31 -84.73 46.01
CA HIS B 1776 -44.91 -84.70 47.34
C HIS B 1776 -46.39 -84.36 47.19
N PHE B 1777 -47.24 -85.37 47.40
CA PHE B 1777 -48.69 -85.21 47.33
C PHE B 1777 -49.32 -85.54 48.67
N SER B 1778 -50.01 -84.56 49.23
CA SER B 1778 -50.76 -84.71 50.47
C SER B 1778 -52.23 -84.67 50.15
N PRO B 1779 -53.00 -85.69 50.50
CA PRO B 1779 -54.45 -85.63 50.31
C PRO B 1779 -55.03 -84.49 51.12
N PRO B 1780 -55.82 -83.61 50.50
CA PRO B 1780 -56.33 -82.46 51.24
C PRO B 1780 -57.38 -82.82 52.27
N CYS B 1781 -56.98 -82.79 53.54
CA CYS B 1781 -57.88 -83.07 54.65
C CYS B 1781 -58.03 -81.78 55.46
N PHE B 1782 -59.27 -81.35 55.63
CA PHE B 1782 -59.57 -80.09 56.30
C PHE B 1782 -60.09 -80.29 57.71
N VAL B 1783 -60.69 -81.44 58.00
CA VAL B 1783 -61.21 -81.72 59.34
C VAL B 1783 -60.11 -82.06 60.33
N ALA B 1784 -58.89 -82.28 59.87
CA ALA B 1784 -57.78 -82.54 60.76
C ALA B 1784 -57.50 -81.31 61.63
N ALA B 1785 -57.07 -81.57 62.86
CA ALA B 1785 -56.80 -80.51 63.82
C ALA B 1785 -55.66 -79.63 63.35
N LEU B 1786 -55.78 -78.32 63.60
CA LEU B 1786 -54.73 -77.38 63.25
C LEU B 1786 -53.50 -77.67 64.11
N PRO B 1787 -52.31 -77.74 63.52
CA PRO B 1787 -51.10 -78.02 64.31
C PRO B 1787 -50.82 -76.97 65.37
N ALA B 1788 -50.36 -77.45 66.53
CA ALA B 1788 -50.00 -76.56 67.62
C ALA B 1788 -48.60 -75.99 67.46
N ALA B 1789 -47.84 -76.50 66.49
CA ALA B 1789 -46.49 -76.00 66.24
C ALA B 1789 -46.54 -74.57 65.70
N GLY B 1790 -45.52 -73.80 66.05
CA GLY B 1790 -45.42 -72.44 65.59
C GLY B 1790 -44.99 -72.33 64.15
N VAL B 1791 -45.17 -71.14 63.58
CA VAL B 1791 -44.76 -70.86 62.21
C VAL B 1791 -43.24 -70.87 62.12
N ALA B 1792 -42.73 -71.02 60.88
CA ALA B 1792 -41.32 -71.12 60.49
C ALA B 1792 -40.63 -72.37 61.00
N GLU B 1793 -41.35 -73.29 61.62
CA GLU B 1793 -40.84 -74.56 62.10
C GLU B 1793 -41.64 -75.74 61.57
N ALA B 1794 -42.95 -75.59 61.41
CA ALA B 1794 -43.79 -76.63 60.84
C ALA B 1794 -43.41 -76.89 59.38
N PRO B 1795 -43.45 -78.14 58.93
CA PRO B 1795 -43.12 -78.47 57.53
C PRO B 1795 -44.06 -77.80 56.53
N ALA B 1796 -43.48 -77.40 55.40
CA ALA B 1796 -44.24 -76.76 54.33
C ALA B 1796 -45.25 -77.72 53.73
N ARG B 1797 -46.41 -77.18 53.35
CA ARG B 1797 -47.48 -77.98 52.76
C ARG B 1797 -47.05 -78.53 51.40
N LEU B 1798 -47.52 -79.74 51.10
CA LEU B 1798 -47.20 -80.41 49.86
C LEU B 1798 -48.35 -80.21 48.87
N SER B 1799 -48.17 -80.73 47.65
CA SER B 1799 -49.19 -80.54 46.60
C SER B 1799 -50.47 -81.29 46.94
N PRO B 1800 -51.63 -80.66 46.81
CA PRO B 1800 -52.92 -81.36 46.99
C PRO B 1800 -53.08 -82.51 46.01
N ALA B 1801 -53.32 -83.70 46.55
CA ALA B 1801 -53.39 -84.90 45.72
C ALA B 1801 -54.63 -84.89 44.85
N ILE B 1802 -54.55 -85.63 43.74
CA ILE B 1802 -55.60 -85.77 42.74
C ILE B 1802 -55.30 -86.99 41.88
N PRO B 1803 -56.31 -87.84 41.53
CA PRO B 1803 -56.02 -89.03 40.70
C PRO B 1803 -55.53 -88.71 39.30
N LEU B 1804 -54.26 -89.02 39.07
CA LEU B 1804 -53.63 -88.73 37.79
C LEU B 1804 -53.73 -89.90 36.83
N GLU B 1805 -53.83 -91.12 37.35
CA GLU B 1805 -54.01 -92.29 36.51
C GLU B 1805 -55.33 -92.22 35.76
N ALA B 1806 -56.40 -91.79 36.44
CA ALA B 1806 -57.67 -91.52 35.79
C ALA B 1806 -57.67 -90.20 35.03
N LEU B 1807 -56.92 -89.21 35.53
CA LEU B 1807 -56.87 -87.91 34.86
C LEU B 1807 -56.25 -88.01 33.47
N ARG B 1808 -55.17 -88.77 33.32
CA ARG B 1808 -54.56 -88.95 32.00
C ARG B 1808 -55.48 -89.70 31.04
N ASP B 1809 -56.29 -90.64 31.54
CA ASP B 1809 -57.29 -91.29 30.69
C ASP B 1809 -58.34 -90.32 30.21
N LYS B 1810 -58.76 -89.43 31.12
CA LYS B 1810 -59.69 -88.36 30.75
C LYS B 1810 -59.10 -87.45 29.70
N ALA B 1811 -57.81 -87.10 29.86
CA ALA B 1811 -57.12 -86.23 28.91
C ALA B 1811 -57.04 -86.87 27.53
N LEU B 1812 -56.71 -88.17 27.48
CA LEU B 1812 -56.65 -88.90 26.22
C LEU B 1812 -58.00 -88.92 25.53
N ARG B 1813 -59.07 -89.16 26.31
CA ARG B 1813 -60.41 -89.22 25.74
C ARG B 1813 -60.82 -87.85 25.19
N MET B 1814 -60.48 -86.79 25.93
CA MET B 1814 -60.82 -85.43 25.53
C MET B 1814 -60.13 -85.06 24.23
N LEU B 1815 -58.81 -85.27 24.16
CA LEU B 1815 -58.08 -84.89 22.95
C LEU B 1815 -58.48 -85.75 21.77
N GLY B 1816 -58.82 -87.04 21.99
CA GLY B 1816 -59.33 -87.86 20.91
C GLY B 1816 -60.64 -87.34 20.33
N GLU B 1817 -61.55 -86.93 21.22
CA GLU B 1817 -62.80 -86.30 20.78
C GLU B 1817 -62.53 -84.99 20.06
N ALA B 1818 -61.59 -84.18 20.56
CA ALA B 1818 -61.28 -82.91 19.92
C ALA B 1818 -60.69 -83.12 18.53
N VAL B 1819 -59.83 -84.15 18.38
CA VAL B 1819 -59.21 -84.47 17.09
C VAL B 1819 -60.27 -84.89 16.07
N ARG B 1820 -61.18 -85.79 16.48
CA ARG B 1820 -62.22 -86.16 15.53
C ARG B 1820 -63.25 -85.05 15.32
N ASP B 1821 -63.45 -84.16 16.29
CA ASP B 1821 -64.32 -83.00 16.06
C ASP B 1821 -63.69 -82.05 15.05
N GLY B 1822 -62.35 -81.95 15.08
CA GLY B 1822 -61.63 -81.19 14.08
C GLY B 1822 -61.83 -81.79 12.71
N GLY B 1823 -61.85 -83.12 12.64
CA GLY B 1823 -62.17 -83.77 11.37
C GLY B 1823 -63.61 -83.56 10.95
N GLN B 1824 -64.52 -83.36 11.91
CA GLN B 1824 -65.90 -83.00 11.56
C GLN B 1824 -65.99 -81.59 11.01
N HIS B 1825 -65.08 -80.70 11.44
CA HIS B 1825 -65.06 -79.27 11.08
C HIS B 1825 -66.39 -78.60 11.41
N ALA B 1826 -66.90 -78.92 12.60
CA ALA B 1826 -68.18 -78.41 13.08
C ALA B 1826 -68.14 -76.90 13.27
N ARG B 1827 -69.28 -76.26 13.02
CA ARG B 1827 -69.43 -74.82 13.17
C ARG B 1827 -69.65 -74.39 14.61
N ASP B 1828 -69.63 -75.31 15.57
CA ASP B 1828 -69.80 -74.99 16.98
C ASP B 1828 -68.67 -75.60 17.81
N PRO B 1829 -67.46 -75.02 17.75
CA PRO B 1829 -66.37 -75.54 18.58
C PRO B 1829 -66.63 -75.36 20.07
N VAL B 1830 -66.09 -76.29 20.86
CA VAL B 1830 -66.23 -76.25 22.31
C VAL B 1830 -65.56 -74.99 22.85
N GLY B 1831 -66.31 -74.20 23.62
CA GLY B 1831 -65.82 -72.93 24.08
C GLY B 1831 -66.00 -71.81 23.08
N GLY B 1832 -66.52 -72.09 21.89
CA GLY B 1832 -66.79 -71.09 20.89
C GLY B 1832 -65.67 -70.80 19.94
N SER B 1833 -64.47 -71.32 20.18
CA SER B 1833 -63.36 -71.10 19.26
C SER B 1833 -62.44 -72.32 19.28
N VAL B 1834 -61.65 -72.44 18.22
CA VAL B 1834 -60.70 -73.54 18.08
C VAL B 1834 -59.65 -73.46 19.17
N GLU B 1835 -59.12 -72.27 19.40
CA GLU B 1835 -58.05 -72.10 20.40
C GLU B 1835 -58.57 -72.40 21.80
N PHE B 1836 -59.79 -71.96 22.12
CA PHE B 1836 -60.39 -72.34 23.40
C PHE B 1836 -60.71 -73.83 23.46
N GLN B 1837 -60.91 -74.48 22.31
CA GLN B 1837 -61.16 -75.92 22.28
C GLN B 1837 -59.88 -76.73 22.42
N PHE B 1838 -58.72 -76.15 22.17
CA PHE B 1838 -57.50 -76.95 22.15
C PHE B 1838 -56.42 -76.52 23.14
N VAL B 1839 -56.19 -75.22 23.34
CA VAL B 1839 -55.09 -74.75 24.18
C VAL B 1839 -55.13 -75.26 25.63
N PRO B 1840 -56.26 -75.15 26.39
CA PRO B 1840 -56.23 -75.70 27.77
C PRO B 1840 -56.00 -77.19 27.85
N VAL B 1841 -56.50 -77.95 26.87
CA VAL B 1841 -56.29 -79.40 26.85
C VAL B 1841 -54.82 -79.70 26.59
N LEU B 1842 -54.22 -79.02 25.62
CA LEU B 1842 -52.81 -79.26 25.31
C LEU B 1842 -51.92 -78.83 26.46
N LYS B 1843 -52.28 -77.76 27.16
CA LYS B 1843 -51.53 -77.34 28.34
C LYS B 1843 -51.56 -78.41 29.43
N LEU B 1844 -52.74 -79.00 29.65
CA LEU B 1844 -52.86 -80.08 30.63
C LEU B 1844 -52.04 -81.30 30.23
N VAL B 1845 -52.09 -81.68 28.94
CA VAL B 1845 -51.30 -82.82 28.46
C VAL B 1845 -49.81 -82.51 28.56
N SER B 1846 -49.43 -81.25 28.32
CA SER B 1846 -48.04 -80.83 28.42
C SER B 1846 -47.52 -81.01 29.84
N THR B 1847 -48.30 -80.53 30.80
CA THR B 1847 -47.90 -80.61 32.20
C THR B 1847 -47.82 -82.06 32.66
N LEU B 1848 -48.83 -82.88 32.31
CA LEU B 1848 -48.79 -84.30 32.68
C LEU B 1848 -47.63 -85.04 32.02
N LEU B 1849 -47.27 -84.62 30.80
CA LEU B 1849 -46.10 -85.17 30.11
C LEU B 1849 -44.84 -84.84 30.89
N VAL B 1850 -44.76 -83.61 31.41
CA VAL B 1850 -43.62 -83.21 32.21
C VAL B 1850 -43.54 -84.06 33.47
N MET B 1851 -44.70 -84.31 34.11
CA MET B 1851 -44.71 -85.18 35.29
C MET B 1851 -44.38 -86.63 34.94
N GLY B 1852 -44.49 -87.02 33.67
CA GLY B 1852 -44.32 -88.41 33.30
C GLY B 1852 -45.38 -89.34 33.83
N ILE B 1853 -46.63 -88.86 33.92
CA ILE B 1853 -47.71 -89.72 34.38
C ILE B 1853 -48.02 -90.81 33.36
N PHE B 1854 -47.95 -90.48 32.07
CA PHE B 1854 -48.34 -91.40 31.01
C PHE B 1854 -47.46 -92.64 30.97
N GLY B 1855 -48.09 -93.79 30.69
CA GLY B 1855 -47.37 -95.01 30.44
C GLY B 1855 -46.88 -95.06 29.01
N ASP B 1856 -46.31 -96.21 28.65
CA ASP B 1856 -45.77 -96.42 27.32
C ASP B 1856 -46.87 -96.39 26.27
N GLU B 1857 -47.96 -97.12 26.51
CA GLU B 1857 -49.06 -97.14 25.55
C GLU B 1857 -49.76 -95.79 25.49
N ASP B 1858 -49.84 -95.09 26.62
CA ASP B 1858 -50.43 -93.76 26.63
C ASP B 1858 -49.66 -92.81 25.74
N VAL B 1859 -48.32 -92.86 25.82
CA VAL B 1859 -47.49 -92.05 24.94
C VAL B 1859 -47.67 -92.49 23.49
N LYS B 1860 -47.83 -93.80 23.25
CA LYS B 1860 -48.05 -94.30 21.90
C LYS B 1860 -49.33 -93.73 21.30
N GLN B 1861 -50.40 -93.68 22.10
CA GLN B 1861 -51.66 -93.09 21.65
C GLN B 1861 -51.48 -91.60 21.36
N ILE B 1862 -50.73 -90.90 22.23
CA ILE B 1862 -50.49 -89.47 22.02
C ILE B 1862 -49.78 -89.23 20.69
N LEU B 1863 -48.79 -90.06 20.38
CA LEU B 1863 -48.13 -90.00 19.07
C LEU B 1863 -49.09 -90.30 17.93
N LYS B 1864 -50.01 -91.24 18.12
CA LYS B 1864 -51.00 -91.53 17.09
C LYS B 1864 -51.90 -90.33 16.81
N MET B 1865 -52.41 -89.70 17.87
CA MET B 1865 -53.20 -88.48 17.68
C MET B 1865 -52.38 -87.28 17.22
N ILE B 1866 -51.07 -87.26 17.44
CA ILE B 1866 -50.23 -86.20 16.88
C ILE B 1866 -50.01 -86.42 15.39
N GLU B 1867 -49.50 -87.58 15.01
CA GLU B 1867 -49.37 -87.97 13.62
C GLU B 1867 -49.38 -89.48 13.54
N PRO B 1868 -50.47 -90.08 13.06
CA PRO B 1868 -50.61 -91.55 13.08
C PRO B 1868 -49.65 -92.30 12.16
N GLU B 1869 -49.60 -91.91 10.87
CA GLU B 1869 -48.89 -92.71 9.87
C GLU B 1869 -47.38 -92.71 10.11
N VAL B 1870 -46.81 -91.59 10.57
CA VAL B 1870 -45.38 -91.52 10.84
C VAL B 1870 -45.03 -92.41 12.03
N PHE B 1871 -45.91 -92.46 13.01
CA PHE B 1871 -45.65 -93.14 14.29
C PHE B 1871 -46.25 -94.54 14.35
N THR B 1872 -46.27 -95.25 13.22
CA THR B 1872 -46.68 -96.65 13.21
C THR B 1872 -45.45 -97.53 13.31
N GLU B 1873 -45.47 -98.46 14.27
CA GLU B 1873 -44.35 -99.34 14.53
C GLU B 1873 -44.63 -100.74 13.99
N GLU B 1874 -43.56 -101.41 13.55
CA GLU B 1874 -43.63 -102.77 13.04
C GLU B 1874 -42.23 -103.38 12.98
N LEU B 1922 -62.11 -88.72 11.14
CA LEU B 1922 -60.90 -88.46 10.38
C LEU B 1922 -59.65 -88.92 11.12
N GLU B 1923 -59.01 -89.96 10.58
CA GLU B 1923 -57.79 -90.51 11.19
C GLU B 1923 -56.53 -89.77 10.72
N GLU B 1924 -56.58 -88.44 10.80
CA GLU B 1924 -55.47 -87.57 10.46
C GLU B 1924 -54.99 -86.85 11.70
N GLY B 1925 -53.68 -86.66 11.80
CA GLY B 1925 -53.10 -86.03 12.97
C GLY B 1925 -53.48 -84.57 13.11
N LEU B 1926 -53.18 -84.04 14.29
CA LEU B 1926 -53.46 -82.65 14.62
C LEU B 1926 -52.74 -81.65 13.74
N LEU B 1927 -51.62 -82.02 13.15
CA LEU B 1927 -50.76 -81.05 12.49
C LEU B 1927 -51.28 -80.59 11.13
N GLN B 1928 -52.32 -81.20 10.59
CA GLN B 1928 -52.86 -80.80 9.31
C GLN B 1928 -54.21 -80.10 9.43
N MET B 1929 -54.55 -79.63 10.63
CA MET B 1929 -55.86 -79.02 10.86
C MET B 1929 -55.82 -77.49 10.89
N LYS B 1930 -54.74 -76.87 10.39
CA LYS B 1930 -54.48 -75.42 10.27
C LYS B 1930 -54.92 -74.63 11.52
N LEU B 1931 -54.26 -74.94 12.62
CA LEU B 1931 -54.59 -74.41 13.94
C LEU B 1931 -54.22 -72.93 14.06
N PRO B 1932 -54.81 -72.22 15.03
CA PRO B 1932 -54.31 -70.87 15.36
C PRO B 1932 -52.95 -70.91 16.08
N GLU B 1933 -52.38 -69.72 16.20
CA GLU B 1933 -51.01 -69.53 16.69
C GLU B 1933 -50.83 -70.00 18.13
N SER B 1934 -51.81 -69.76 19.00
CA SER B 1934 -51.70 -70.18 20.39
C SER B 1934 -51.60 -71.70 20.49
N VAL B 1935 -52.41 -72.39 19.68
CA VAL B 1935 -52.34 -73.84 19.62
C VAL B 1935 -51.00 -74.27 19.06
N LYS B 1936 -50.47 -73.53 18.07
CA LYS B 1936 -49.13 -73.83 17.55
C LYS B 1936 -48.06 -73.72 18.63
N LEU B 1937 -48.21 -72.73 19.51
CA LEU B 1937 -47.29 -72.55 20.64
C LEU B 1937 -47.34 -73.75 21.58
N GLN B 1938 -48.55 -74.21 21.88
CA GLN B 1938 -48.64 -75.40 22.73
C GLN B 1938 -48.18 -76.65 22.00
N MET B 1939 -48.33 -76.68 20.67
CA MET B 1939 -47.84 -77.80 19.88
C MET B 1939 -46.32 -77.88 19.97
N CYS B 1940 -45.66 -76.71 19.95
CA CYS B 1940 -44.21 -76.65 20.11
C CYS B 1940 -43.81 -77.17 21.48
N ASN B 1941 -44.60 -76.82 22.50
CA ASN B 1941 -44.33 -77.32 23.85
C ASN B 1941 -44.49 -78.83 23.91
N LEU B 1942 -45.44 -79.39 23.14
CA LEU B 1942 -45.56 -80.85 23.05
C LEU B 1942 -44.34 -81.49 22.40
N LEU B 1943 -43.85 -80.89 21.30
CA LEU B 1943 -42.75 -81.48 20.54
C LEU B 1943 -41.43 -81.44 21.31
N GLU B 1944 -41.16 -80.32 22.00
CA GLU B 1944 -39.86 -80.15 22.65
C GLU B 1944 -39.64 -81.19 23.75
N TYR B 1945 -40.72 -81.66 24.40
CA TYR B 1945 -40.59 -82.71 25.41
C TYR B 1945 -40.06 -84.00 24.80
N PHE B 1946 -40.59 -84.39 23.64
CA PHE B 1946 -40.11 -85.57 22.95
C PHE B 1946 -38.67 -85.40 22.47
N CYS B 1947 -38.31 -84.19 22.04
CA CYS B 1947 -36.91 -83.91 21.72
C CYS B 1947 -36.01 -84.08 22.94
N ASP B 1948 -36.47 -83.62 24.10
CA ASP B 1948 -35.73 -83.82 25.35
C ASP B 1948 -35.62 -85.30 25.70
N GLN B 1949 -36.70 -86.06 25.50
CA GLN B 1949 -36.68 -87.50 25.78
C GLN B 1949 -35.70 -88.22 24.87
N GLU B 1950 -35.63 -87.83 23.60
CA GLU B 1950 -34.62 -88.37 22.69
C GLU B 1950 -33.21 -88.05 23.16
N LEU B 1951 -32.99 -86.81 23.62
CA LEU B 1951 -31.68 -86.41 24.13
C LEU B 1951 -31.28 -87.24 25.35
N GLN B 1952 -32.22 -87.43 26.27
CA GLN B 1952 -31.94 -88.23 27.47
C GLN B 1952 -31.70 -89.69 27.11
N HIS B 1953 -32.41 -90.21 26.10
CA HIS B 1953 -32.20 -91.57 25.63
C HIS B 1953 -30.79 -91.74 25.08
N ARG B 1954 -30.31 -90.74 24.32
CA ARG B 1954 -28.95 -90.78 23.80
C ARG B 1954 -27.94 -90.76 24.93
N VAL B 1955 -28.17 -89.91 25.94
CA VAL B 1955 -27.26 -89.80 27.09
C VAL B 1955 -27.16 -91.13 27.83
N GLU B 1956 -28.31 -91.77 28.06
CA GLU B 1956 -28.32 -93.08 28.72
C GLU B 1956 -27.65 -94.15 27.86
N SER B 1957 -27.78 -94.06 26.53
CA SER B 1957 -27.11 -95.00 25.64
C SER B 1957 -25.60 -94.87 25.75
N LEU B 1958 -25.11 -93.62 25.80
CA LEU B 1958 -23.68 -93.37 26.02
C LEU B 1958 -23.22 -93.91 27.35
N ALA B 1959 -24.02 -93.71 28.40
CA ALA B 1959 -23.66 -94.22 29.73
C ALA B 1959 -23.57 -95.74 29.76
N ALA B 1960 -24.52 -96.41 29.10
CA ALA B 1960 -24.48 -97.87 28.99
C ALA B 1960 -23.25 -98.38 28.24
N PHE B 1961 -22.94 -97.74 27.11
CA PHE B 1961 -21.74 -98.15 26.37
C PHE B 1961 -20.48 -97.85 27.16
N ALA B 1962 -20.47 -96.73 27.88
CA ALA B 1962 -19.36 -96.38 28.75
C ALA B 1962 -19.15 -97.43 29.83
N GLU B 1963 -20.25 -97.92 30.40
CA GLU B 1963 -20.19 -98.99 31.40
C GLU B 1963 -19.59 -100.26 30.82
N ARG B 1964 -19.98 -100.63 29.60
CA ARG B 1964 -19.42 -101.87 29.04
C ARG B 1964 -17.97 -101.69 28.61
N TYR B 1965 -17.66 -100.54 28.00
CA TYR B 1965 -16.35 -100.31 27.42
C TYR B 1965 -15.29 -100.11 28.50
N VAL B 1966 -15.65 -99.46 29.61
CA VAL B 1966 -14.70 -99.25 30.71
C VAL B 1966 -14.27 -100.59 31.27
N ASP B 1967 -15.22 -101.51 31.46
CA ASP B 1967 -14.90 -102.83 31.98
C ASP B 1967 -13.98 -103.61 31.05
N LYS B 1968 -14.27 -103.56 29.73
CA LYS B 1968 -13.38 -104.22 28.77
C LYS B 1968 -11.98 -103.60 28.75
N LEU B 1969 -11.89 -102.27 28.83
CA LEU B 1969 -10.59 -101.60 28.85
C LEU B 1969 -9.84 -101.89 30.15
N GLN B 1970 -10.56 -102.01 31.27
CA GLN B 1970 -9.94 -102.36 32.54
C GLN B 1970 -9.32 -103.75 32.48
N ALA B 1971 -10.03 -104.69 31.84
CA ALA B 1971 -9.52 -106.05 31.75
C ALA B 1971 -8.32 -106.10 30.80
N ASN B 1972 -8.40 -105.39 29.66
CA ASN B 1972 -7.31 -105.37 28.69
C ASN B 1972 -6.05 -104.75 29.28
N GLN B 1973 -6.21 -103.62 29.99
CA GLN B 1973 -5.07 -102.95 30.63
C GLN B 1973 -4.49 -103.80 31.75
N ARG B 1974 -5.32 -104.55 32.47
CA ARG B 1974 -4.81 -105.51 33.46
C ARG B 1974 -4.00 -106.60 32.79
N SER B 1975 -4.48 -107.10 31.64
CA SER B 1975 -3.78 -108.16 30.91
C SER B 1975 -2.43 -107.65 30.41
N ARG B 1976 -2.40 -106.42 29.89
CA ARG B 1976 -1.16 -105.84 29.39
C ARG B 1976 -0.18 -105.61 30.53
N TYR B 1977 -0.67 -105.19 31.70
CA TYR B 1977 0.20 -104.98 32.86
C TYR B 1977 0.82 -106.30 33.31
N ALA B 1978 0.01 -107.35 33.36
CA ALA B 1978 0.50 -108.68 33.74
C ALA B 1978 1.52 -109.20 32.74
N LEU B 1979 1.27 -109.00 31.44
CA LEU B 1979 2.25 -109.42 30.44
C LEU B 1979 3.51 -108.58 30.52
N LEU B 1980 3.39 -107.29 30.82
CA LEU B 1980 4.54 -106.40 30.90
C LEU B 1980 5.40 -106.69 32.12
N MET B 1981 4.85 -107.40 33.11
CA MET B 1981 5.66 -107.78 34.28
C MET B 1981 6.79 -108.74 33.90
N ARG B 1982 6.53 -109.70 33.01
CA ARG B 1982 7.57 -110.60 32.54
C ARG B 1982 8.34 -110.06 31.33
N ALA B 1983 8.03 -108.84 30.87
CA ALA B 1983 8.73 -108.27 29.72
C ALA B 1983 10.19 -107.94 30.00
N PHE B 1984 10.57 -107.80 31.28
CA PHE B 1984 11.95 -107.46 31.63
C PHE B 1984 12.95 -108.54 31.25
N THR B 1985 12.50 -109.78 31.06
CA THR B 1985 13.42 -110.87 30.73
C THR B 1985 13.91 -110.74 29.29
N MET B 1986 13.02 -110.42 28.36
CA MET B 1986 13.39 -110.27 26.95
C MET B 1986 13.45 -108.82 26.50
N SER B 1987 13.46 -107.86 27.42
CA SER B 1987 13.55 -106.47 27.00
C SER B 1987 14.61 -105.72 27.79
N ALA B 1988 14.67 -104.40 27.61
CA ALA B 1988 15.69 -103.55 28.20
C ALA B 1988 15.06 -102.19 28.47
N ALA B 1989 15.91 -101.16 28.60
CA ALA B 1989 15.51 -99.80 28.96
C ALA B 1989 14.47 -99.15 28.03
N GLU B 1990 14.16 -99.74 26.87
CA GLU B 1990 13.09 -99.24 26.01
C GLU B 1990 11.69 -99.50 26.57
N THR B 1991 11.57 -100.07 27.78
CA THR B 1991 10.29 -100.27 28.47
C THR B 1991 9.69 -98.99 29.01
N ALA B 1992 10.41 -97.87 28.94
CA ALA B 1992 9.98 -96.61 29.56
C ALA B 1992 8.64 -96.13 29.02
N ARG B 1993 8.48 -96.06 27.71
CA ARG B 1993 7.20 -95.63 27.15
C ARG B 1993 6.13 -96.71 27.17
N ARG B 1994 6.49 -97.97 27.40
CA ARG B 1994 5.49 -98.98 27.72
C ARG B 1994 4.94 -98.83 29.13
N THR B 1995 5.81 -98.57 30.10
CA THR B 1995 5.41 -98.39 31.50
C THR B 1995 5.01 -96.97 31.84
N ARG B 1996 5.08 -96.05 30.86
CA ARG B 1996 4.62 -94.68 31.06
C ARG B 1996 3.13 -94.64 31.36
N GLU B 1997 2.37 -95.58 30.77
CA GLU B 1997 0.95 -95.71 31.05
C GLU B 1997 0.72 -96.01 32.52
N PHE B 1998 1.48 -96.95 33.07
CA PHE B 1998 1.25 -97.38 34.43
C PHE B 1998 1.94 -96.48 35.45
N ARG B 1999 2.86 -95.62 35.00
CA ARG B 1999 3.43 -94.58 35.83
C ARG B 1999 2.78 -93.22 35.53
N SER B 2000 1.65 -93.22 34.84
CA SER B 2000 0.93 -91.98 34.58
C SER B 2000 -0.52 -92.15 35.03
N PRO B 2001 -1.10 -91.13 35.63
CA PRO B 2001 -2.48 -91.22 36.16
C PRO B 2001 -3.50 -91.43 35.04
N PRO B 2002 -4.71 -91.90 35.35
CA PRO B 2002 -5.58 -92.48 34.29
C PRO B 2002 -6.07 -91.51 33.20
N GLN B 2003 -6.11 -90.20 33.45
CA GLN B 2003 -6.68 -89.27 32.46
C GLN B 2003 -5.93 -89.30 31.13
N GLU B 2004 -4.60 -89.20 31.19
CA GLU B 2004 -3.86 -89.31 29.94
C GLU B 2004 -3.71 -90.75 29.48
N GLN B 2005 -3.94 -91.72 30.37
CA GLN B 2005 -3.98 -93.11 29.96
C GLN B 2005 -5.13 -93.36 29.02
N ILE B 2006 -6.35 -92.96 29.42
CA ILE B 2006 -7.51 -93.10 28.56
C ILE B 2006 -7.37 -92.19 27.36
N ASN B 2007 -6.75 -91.01 27.51
CA ASN B 2007 -6.56 -90.11 26.36
C ASN B 2007 -5.76 -90.78 25.25
N MET B 2008 -4.62 -91.40 25.60
CA MET B 2008 -3.84 -92.09 24.58
C MET B 2008 -4.53 -93.37 24.11
N LEU B 2009 -5.26 -94.06 24.99
CA LEU B 2009 -6.02 -95.23 24.57
C LEU B 2009 -7.12 -94.89 23.58
N LEU B 2010 -7.82 -93.78 23.80
CA LEU B 2010 -8.84 -93.31 22.87
C LEU B 2010 -8.25 -92.52 21.72
N HIS B 2011 -6.94 -92.29 21.71
CA HIS B 2011 -6.28 -91.52 20.65
C HIS B 2011 -6.07 -92.37 19.39
N PHE B 2012 -7.19 -92.79 18.79
CA PHE B 2012 -7.16 -93.55 17.55
C PHE B 2012 -8.27 -93.15 16.59
N LYS B 2013 -8.95 -92.02 16.82
CA LYS B 2013 -10.10 -91.65 15.98
C LYS B 2013 -9.68 -91.32 14.56
N ASP B 2014 -8.65 -90.49 14.39
CA ASP B 2014 -8.23 -90.03 13.09
C ASP B 2014 -7.54 -91.10 12.24
N GLU B 2015 -7.22 -92.26 12.82
CA GLU B 2015 -6.57 -93.43 12.23
C GLU B 2015 -5.13 -93.18 11.78
N ALA B 2016 -4.58 -91.99 12.02
CA ALA B 2016 -3.17 -91.70 11.76
C ALA B 2016 -2.31 -91.85 13.01
N ASP B 2017 -2.89 -92.38 14.08
CA ASP B 2017 -2.21 -92.51 15.36
C ASP B 2017 -2.47 -93.87 16.02
N GLU B 2018 -2.71 -94.89 15.20
CA GLU B 2018 -3.01 -96.24 15.70
C GLU B 2018 -1.83 -96.84 16.46
N GLU B 2019 -0.61 -96.60 15.97
CA GLU B 2019 0.59 -97.23 16.52
C GLU B 2019 0.81 -96.89 17.99
N ASP B 2020 0.47 -95.66 18.38
CA ASP B 2020 0.57 -95.26 19.78
C ASP B 2020 -0.41 -96.04 20.65
N CYS B 2021 -1.61 -96.29 20.13
CA CYS B 2021 -2.63 -97.01 20.89
C CYS B 2021 -2.33 -98.50 20.94
N PRO B 2022 -2.24 -99.11 22.12
CA PRO B 2022 -2.01 -100.55 22.23
C PRO B 2022 -3.26 -101.42 22.28
N LEU B 2023 -4.45 -100.87 22.04
CA LEU B 2023 -5.67 -101.65 22.08
C LEU B 2023 -5.78 -102.61 20.91
N PRO B 2024 -6.40 -103.78 21.12
CA PRO B 2024 -6.72 -104.66 19.98
C PRO B 2024 -7.76 -104.02 19.07
N GLU B 2025 -7.64 -104.36 17.78
CA GLU B 2025 -8.44 -103.72 16.74
C GLU B 2025 -9.93 -104.01 16.88
N ASP B 2026 -10.30 -105.21 17.33
CA ASP B 2026 -11.72 -105.52 17.54
C ASP B 2026 -12.33 -104.64 18.63
N ILE B 2027 -11.57 -104.41 19.70
CA ILE B 2027 -12.02 -103.52 20.77
C ILE B 2027 -12.15 -102.10 20.25
N ARG B 2028 -11.15 -101.64 19.47
CA ARG B 2028 -11.29 -100.31 18.86
C ARG B 2028 -12.47 -100.24 17.89
N GLN B 2029 -12.75 -101.36 17.22
CA GLN B 2029 -13.88 -101.46 16.29
C GLN B 2029 -15.20 -101.29 17.02
N ASP B 2030 -15.26 -101.74 18.28
CA ASP B 2030 -16.47 -101.58 19.09
C ASP B 2030 -16.82 -100.11 19.26
N LEU B 2031 -15.82 -99.30 19.64
CA LEU B 2031 -16.00 -97.86 19.76
C LEU B 2031 -16.31 -97.21 18.41
N GLN B 2032 -15.63 -97.65 17.35
CA GLN B 2032 -15.90 -97.08 16.02
C GLN B 2032 -17.33 -97.36 15.54
N ASP B 2033 -17.82 -98.58 15.74
CA ASP B 2033 -19.19 -98.94 15.37
C ASP B 2033 -20.19 -98.15 16.21
N PHE B 2034 -19.92 -98.03 17.51
CA PHE B 2034 -20.81 -97.23 18.35
C PHE B 2034 -20.70 -95.74 18.00
N HIS B 2035 -19.59 -95.31 17.39
CA HIS B 2035 -19.58 -93.94 16.92
C HIS B 2035 -20.39 -93.83 15.64
N GLN B 2036 -20.47 -94.92 14.87
CA GLN B 2036 -21.20 -94.88 13.60
C GLN B 2036 -22.69 -94.73 13.83
N ASP B 2037 -23.25 -95.60 14.69
CA ASP B 2037 -24.69 -95.62 14.84
C ASP B 2037 -25.18 -94.40 15.60
N LEU B 2038 -24.35 -93.84 16.49
CA LEU B 2038 -24.75 -92.65 17.25
C LEU B 2038 -25.01 -91.45 16.33
N LEU B 2039 -24.08 -91.21 15.39
CA LEU B 2039 -24.28 -90.19 14.37
C LEU B 2039 -25.45 -90.53 13.44
N ALA B 2040 -25.60 -91.81 13.08
CA ALA B 2040 -26.75 -92.19 12.27
C ALA B 2040 -28.07 -91.93 13.00
N HIS B 2041 -28.10 -92.21 14.32
CA HIS B 2041 -29.25 -91.88 15.15
C HIS B 2041 -29.48 -90.38 15.22
N CYS B 2042 -28.40 -89.60 15.28
CA CYS B 2042 -28.50 -88.14 15.22
C CYS B 2042 -28.69 -87.60 13.81
N GLY B 2043 -28.86 -88.47 12.82
CA GLY B 2043 -29.10 -88.06 11.45
C GLY B 2043 -27.97 -87.32 10.78
N ILE B 2044 -26.75 -87.84 10.91
CA ILE B 2044 -25.59 -87.20 10.34
C ILE B 2044 -25.35 -87.77 8.95
N GLN B 2045 -25.09 -89.07 8.88
CA GLN B 2045 -24.79 -89.74 7.62
C GLN B 2045 -25.01 -91.24 7.82
N LEU B 2046 -25.40 -91.91 6.74
CA LEU B 2046 -25.61 -93.35 6.74
C LEU B 2046 -25.04 -93.96 5.47
N GLU B 2088 -39.85 -89.51 -1.54
CA GLU B 2088 -39.48 -89.45 -0.13
C GLU B 2088 -40.34 -88.43 0.62
N LYS B 2089 -41.62 -88.33 0.23
CA LYS B 2089 -42.53 -87.38 0.86
C LYS B 2089 -42.93 -87.78 2.27
N LYS B 2090 -42.61 -89.00 2.70
CA LYS B 2090 -42.92 -89.45 4.05
C LYS B 2090 -41.68 -89.27 4.91
N PRO B 2091 -41.70 -88.35 5.88
CA PRO B 2091 -40.54 -88.19 6.78
C PRO B 2091 -40.19 -89.44 7.57
N GLN B 2092 -41.20 -90.23 7.95
CA GLN B 2092 -41.11 -91.54 8.60
C GLN B 2092 -40.50 -91.50 10.00
N SER B 2093 -40.14 -90.34 10.53
CA SER B 2093 -39.59 -90.22 11.86
C SER B 2093 -39.76 -88.80 12.35
N LEU B 2094 -39.65 -88.65 13.68
CA LEU B 2094 -39.87 -87.37 14.33
C LEU B 2094 -38.79 -86.37 13.96
N GLN B 2095 -37.55 -86.86 13.74
CA GLN B 2095 -36.37 -86.01 13.57
C GLN B 2095 -36.52 -85.06 12.39
N GLU B 2096 -36.95 -85.59 11.24
CA GLU B 2096 -37.20 -84.72 10.10
C GLU B 2096 -38.68 -84.45 9.91
N LEU B 2097 -39.52 -84.97 10.81
CA LEU B 2097 -40.94 -84.68 10.76
C LEU B 2097 -41.22 -83.31 11.33
N VAL B 2098 -40.70 -83.02 12.52
CA VAL B 2098 -40.91 -81.72 13.14
C VAL B 2098 -40.24 -80.61 12.33
N SER B 2099 -39.03 -80.85 11.80
CA SER B 2099 -38.36 -79.85 10.97
C SER B 2099 -39.15 -79.55 9.70
N HIS B 2100 -39.71 -80.59 9.07
CA HIS B 2100 -40.61 -80.40 7.93
CA HIS B 2100 -40.60 -80.39 7.93
C HIS B 2100 -41.85 -79.61 8.34
N MET B 2101 -42.37 -79.89 9.52
CA MET B 2101 -43.56 -79.24 10.04
C MET B 2101 -43.30 -77.75 10.23
N VAL B 2102 -42.19 -77.41 10.89
CA VAL B 2102 -41.86 -76.03 11.22
C VAL B 2102 -41.63 -75.22 9.95
N VAL B 2103 -40.87 -75.79 9.01
CA VAL B 2103 -40.61 -75.05 7.77
C VAL B 2103 -41.89 -74.90 6.96
N ARG B 2104 -42.78 -75.91 6.99
CA ARG B 2104 -44.04 -75.81 6.27
C ARG B 2104 -44.93 -74.72 6.85
N TRP B 2105 -44.98 -74.61 8.18
CA TRP B 2105 -45.75 -73.53 8.81
C TRP B 2105 -45.18 -72.17 8.47
N ALA B 2106 -43.86 -72.04 8.52
CA ALA B 2106 -43.22 -70.75 8.24
C ALA B 2106 -43.46 -70.32 6.81
N GLN B 2107 -43.37 -71.25 5.85
CA GLN B 2107 -43.60 -70.87 4.48
C GLN B 2107 -45.08 -70.72 4.16
N GLU B 2108 -45.96 -71.32 4.96
CA GLU B 2108 -47.38 -71.24 4.65
C GLU B 2108 -48.04 -69.98 5.19
N ASP B 2109 -47.52 -69.39 6.26
CA ASP B 2109 -48.11 -68.14 6.73
C ASP B 2109 -47.09 -67.35 7.55
N TYR B 2110 -47.37 -66.06 7.69
CA TYR B 2110 -46.53 -65.14 8.43
C TYR B 2110 -46.88 -65.25 9.91
N VAL B 2111 -45.99 -65.87 10.68
CA VAL B 2111 -46.17 -66.03 12.11
C VAL B 2111 -46.09 -64.66 12.78
N GLN B 2112 -46.96 -64.42 13.75
CA GLN B 2112 -47.02 -63.12 14.42
C GLN B 2112 -46.53 -63.15 15.86
N SER B 2113 -46.81 -64.23 16.58
CA SER B 2113 -46.44 -64.29 17.99
C SER B 2113 -44.93 -64.44 18.18
N PRO B 2114 -44.29 -63.54 18.95
CA PRO B 2114 -42.83 -63.56 19.12
C PRO B 2114 -42.33 -64.81 19.84
N GLU B 2115 -42.91 -65.13 21.00
CA GLU B 2115 -42.45 -66.31 21.74
C GLU B 2115 -42.76 -67.59 20.97
N LEU B 2116 -43.81 -67.58 20.12
CA LEU B 2116 -44.03 -68.72 19.23
C LEU B 2116 -42.90 -68.85 18.22
N VAL B 2117 -42.43 -67.73 17.66
CA VAL B 2117 -41.28 -67.74 16.77
C VAL B 2117 -40.03 -68.25 17.49
N ARG B 2118 -39.86 -67.79 18.74
CA ARG B 2118 -38.79 -68.26 19.61
C ARG B 2118 -38.82 -69.78 19.81
N ALA B 2119 -40.01 -70.32 20.07
CA ALA B 2119 -40.15 -71.75 20.32
C ALA B 2119 -39.90 -72.56 19.05
N MET B 2120 -40.52 -72.15 17.94
CA MET B 2120 -40.46 -72.94 16.73
C MET B 2120 -39.06 -72.92 16.14
N PHE B 2121 -38.33 -71.82 16.31
CA PHE B 2121 -36.99 -71.82 15.78
C PHE B 2121 -35.99 -72.45 16.73
N SER B 2122 -36.29 -72.45 18.05
CA SER B 2122 -35.45 -73.21 18.96
C SER B 2122 -35.53 -74.70 18.63
N LEU B 2123 -36.75 -75.17 18.34
CA LEU B 2123 -36.93 -76.55 17.89
C LEU B 2123 -36.19 -76.80 16.57
N LEU B 2124 -36.31 -75.85 15.62
CA LEU B 2124 -35.71 -76.03 14.30
C LEU B 2124 -34.20 -76.13 14.41
N HIS B 2125 -33.60 -75.28 15.25
CA HIS B 2125 -32.17 -75.41 15.54
C HIS B 2125 -31.85 -76.73 16.20
N ARG B 2126 -32.77 -77.26 17.01
CA ARG B 2126 -32.47 -78.49 17.73
C ARG B 2126 -32.56 -79.73 16.85
N GLN B 2127 -33.24 -79.66 15.71
CA GLN B 2127 -33.41 -80.90 14.93
C GLN B 2127 -32.17 -81.24 14.11
N TYR B 2128 -31.72 -80.30 13.25
CA TYR B 2128 -30.55 -80.55 12.43
C TYR B 2128 -29.30 -80.77 13.26
N ASP B 2129 -29.13 -79.99 14.32
CA ASP B 2129 -27.97 -80.13 15.19
C ASP B 2129 -28.28 -81.30 16.11
N GLY B 2130 -27.75 -82.47 15.77
CA GLY B 2130 -27.95 -83.65 16.58
C GLY B 2130 -26.90 -83.80 17.67
N LEU B 2131 -25.78 -83.09 17.52
CA LEU B 2131 -24.66 -83.27 18.43
C LEU B 2131 -24.40 -82.08 19.36
N GLY B 2132 -24.70 -80.86 18.94
CA GLY B 2132 -24.39 -79.69 19.75
C GLY B 2132 -25.10 -79.67 21.09
N GLU B 2133 -26.38 -80.06 21.09
CA GLU B 2133 -27.14 -80.19 22.33
C GLU B 2133 -26.54 -81.25 23.24
N LEU B 2134 -26.10 -82.37 22.66
CA LEU B 2134 -25.39 -83.38 23.43
C LEU B 2134 -24.10 -82.83 24.03
N LEU B 2135 -23.36 -82.03 23.25
CA LEU B 2135 -22.16 -81.37 23.76
C LEU B 2135 -22.48 -80.41 24.90
N ARG B 2136 -23.62 -79.73 24.83
CA ARG B 2136 -24.02 -78.83 25.89
C ARG B 2136 -24.80 -79.53 27.00
N ALA B 2137 -25.01 -80.84 26.89
CA ALA B 2137 -25.63 -81.62 27.95
C ALA B 2137 -24.67 -82.51 28.70
N LEU B 2138 -23.58 -82.93 28.06
CA LEU B 2138 -22.56 -83.74 28.73
C LEU B 2138 -21.94 -83.14 29.99
N PRO B 2139 -21.61 -81.82 30.09
CA PRO B 2139 -21.09 -81.31 31.37
C PRO B 2139 -22.03 -81.48 32.55
N ARG B 2140 -23.34 -81.51 32.32
CA ARG B 2140 -24.28 -81.76 33.41
C ARG B 2140 -24.58 -83.23 33.58
N ALA B 2141 -24.04 -84.10 32.74
CA ALA B 2141 -24.23 -85.53 32.87
C ALA B 2141 -23.19 -86.10 33.82
N TYR B 2142 -23.57 -87.18 34.51
CA TYR B 2142 -22.68 -87.79 35.50
C TYR B 2142 -23.17 -89.19 35.80
N THR B 2143 -22.26 -90.05 36.25
CA THR B 2143 -22.58 -91.42 36.61
C THR B 2143 -22.18 -91.65 38.06
N ILE B 2144 -23.05 -92.35 38.79
CA ILE B 2144 -22.84 -92.61 40.21
C ILE B 2144 -22.98 -94.11 40.47
N SER B 2145 -22.39 -94.53 41.59
CA SER B 2145 -22.50 -95.91 42.03
C SER B 2145 -23.92 -96.17 42.51
N PRO B 2146 -24.44 -97.39 42.28
CA PRO B 2146 -25.80 -97.71 42.76
C PRO B 2146 -25.97 -97.67 44.27
N SER B 2147 -24.89 -97.80 45.04
CA SER B 2147 -24.97 -97.77 46.49
C SER B 2147 -25.27 -96.39 47.06
N SER B 2148 -25.21 -95.33 46.26
CA SER B 2148 -25.40 -93.98 46.76
C SER B 2148 -26.61 -93.28 46.13
N VAL B 2149 -27.51 -94.03 45.50
CA VAL B 2149 -28.68 -93.43 44.88
C VAL B 2149 -29.61 -92.81 45.94
N GLU B 2150 -29.82 -93.51 47.06
CA GLU B 2150 -30.64 -92.97 48.13
C GLU B 2150 -29.95 -91.79 48.81
N ASP B 2151 -28.62 -91.77 48.80
CA ASP B 2151 -27.87 -90.63 49.32
C ASP B 2151 -28.11 -89.41 48.45
N THR B 2152 -28.08 -89.61 47.12
CA THR B 2152 -28.33 -88.53 46.17
C THR B 2152 -29.79 -88.08 46.19
N MET B 2153 -30.71 -88.98 46.60
CA MET B 2153 -32.14 -88.65 46.68
C MET B 2153 -32.38 -87.44 47.58
N SER B 2154 -31.85 -87.47 48.80
CA SER B 2154 -32.03 -86.38 49.76
C SER B 2154 -31.40 -85.09 49.24
N LEU B 2155 -30.22 -85.21 48.64
CA LEU B 2155 -29.49 -84.05 48.14
C LEU B 2155 -30.28 -83.37 47.04
N LEU B 2156 -30.82 -84.16 46.09
CA LEU B 2156 -31.62 -83.61 45.01
C LEU B 2156 -32.91 -82.98 45.53
N GLU B 2157 -33.54 -83.60 46.53
CA GLU B 2157 -34.74 -83.00 47.14
C GLU B 2157 -34.43 -81.64 47.79
N CYS B 2158 -33.34 -81.55 48.55
CA CYS B 2158 -32.96 -80.26 49.13
C CYS B 2158 -32.53 -79.26 48.06
N LEU B 2159 -31.95 -79.77 46.97
CA LEU B 2159 -31.60 -78.92 45.83
C LEU B 2159 -32.85 -78.33 45.21
N GLY B 2160 -33.91 -79.14 45.14
CA GLY B 2160 -35.18 -78.65 44.63
C GLY B 2160 -35.74 -77.58 45.53
N GLN B 2161 -35.60 -77.75 46.85
CA GLN B 2161 -36.12 -76.76 47.80
C GLN B 2161 -35.43 -75.41 47.62
N ILE B 2162 -34.08 -75.41 47.60
CA ILE B 2162 -33.36 -74.14 47.47
C ILE B 2162 -33.60 -73.53 46.09
N ARG B 2163 -33.69 -74.35 45.03
CA ARG B 2163 -34.03 -73.84 43.70
C ARG B 2163 -35.41 -73.20 43.70
N SER B 2164 -36.37 -73.82 44.41
CA SER B 2164 -37.71 -73.26 44.53
C SER B 2164 -37.71 -71.95 45.30
N LEU B 2165 -36.70 -71.71 46.13
CA LEU B 2165 -36.70 -70.44 46.85
C LEU B 2165 -36.16 -69.28 46.04
N LEU B 2166 -35.65 -69.50 44.83
CA LEU B 2166 -35.17 -68.39 43.99
C LEU B 2166 -36.28 -67.50 43.48
N ILE B 2167 -37.54 -67.92 43.54
CA ILE B 2167 -38.64 -67.18 42.92
C ILE B 2167 -39.55 -66.54 43.95
N VAL B 2168 -39.16 -66.58 45.22
CA VAL B 2168 -40.00 -66.09 46.30
C VAL B 2168 -39.19 -65.10 47.13
N GLN B 2169 -39.84 -64.02 47.58
CA GLN B 2169 -39.22 -63.11 48.53
C GLN B 2169 -38.84 -63.86 49.80
N MET B 2170 -37.65 -63.56 50.31
CA MET B 2170 -37.07 -64.33 51.41
C MET B 2170 -37.89 -64.16 52.68
N GLY B 2171 -38.18 -65.26 53.35
CA GLY B 2171 -39.02 -65.23 54.51
C GLY B 2171 -38.55 -66.05 55.69
N PRO B 2172 -39.07 -65.72 56.88
CA PRO B 2172 -38.71 -66.46 58.09
C PRO B 2172 -39.11 -67.92 58.03
N GLN B 2173 -40.22 -68.23 57.36
CA GLN B 2173 -40.58 -69.62 57.15
C GLN B 2173 -39.55 -70.33 56.29
N GLU B 2174 -39.09 -69.65 55.23
CA GLU B 2174 -38.18 -70.29 54.29
C GLU B 2174 -36.77 -70.45 54.82
N GLU B 2175 -36.37 -69.63 55.80
CA GLU B 2175 -34.98 -69.66 56.26
C GLU B 2175 -34.65 -70.97 56.94
N ASN B 2176 -35.53 -71.45 57.84
CA ASN B 2176 -35.19 -72.62 58.63
C ASN B 2176 -35.21 -73.87 57.77
N LEU B 2177 -36.12 -73.93 56.78
CA LEU B 2177 -36.18 -75.07 55.88
C LEU B 2177 -34.94 -75.10 54.98
N MET B 2178 -34.39 -73.94 54.63
CA MET B 2178 -33.25 -74.03 53.74
C MET B 2178 -31.95 -74.22 54.54
N ILE B 2179 -31.90 -73.74 55.78
CA ILE B 2179 -30.76 -74.05 56.65
C ILE B 2179 -30.73 -75.54 56.98
N GLN B 2180 -31.88 -76.15 57.28
CA GLN B 2180 -31.85 -77.61 57.47
C GLN B 2180 -31.59 -78.34 56.16
N SER B 2181 -31.93 -77.74 55.02
CA SER B 2181 -31.61 -78.35 53.73
C SER B 2181 -30.10 -78.38 53.51
N ILE B 2182 -29.42 -77.25 53.71
CA ILE B 2182 -27.96 -77.23 53.57
C ILE B 2182 -27.30 -78.07 54.67
N GLY B 2183 -27.94 -78.20 55.83
CA GLY B 2183 -27.46 -79.14 56.83
C GLY B 2183 -27.51 -80.57 56.33
N ASN B 2184 -28.58 -80.93 55.62
CA ASN B 2184 -28.65 -82.25 54.99
C ASN B 2184 -27.57 -82.40 53.92
N ILE B 2185 -27.23 -81.30 53.24
CA ILE B 2185 -26.11 -81.33 52.29
C ILE B 2185 -24.81 -81.63 53.01
N MET B 2186 -24.60 -81.00 54.17
CA MET B 2186 -23.40 -81.26 54.97
C MET B 2186 -23.36 -82.71 55.42
N ASN B 2187 -24.50 -83.24 55.86
CA ASN B 2187 -24.55 -84.61 56.35
C ASN B 2187 -24.39 -85.62 55.22
N ASN B 2188 -24.71 -85.25 53.98
CA ASN B 2188 -24.64 -86.19 52.87
C ASN B 2188 -23.19 -86.56 52.54
N LYS B 2189 -22.95 -87.86 52.36
CA LYS B 2189 -21.62 -88.36 52.06
C LYS B 2189 -21.17 -88.00 50.65
N VAL B 2190 -22.09 -88.07 49.67
CA VAL B 2190 -21.77 -87.78 48.27
C VAL B 2190 -21.34 -86.34 48.06
N PHE B 2191 -21.76 -85.44 48.97
CA PHE B 2191 -21.35 -84.04 48.96
C PHE B 2191 -19.84 -83.91 49.01
N TYR B 2192 -19.16 -84.80 49.74
CA TYR B 2192 -17.72 -84.86 49.75
C TYR B 2192 -17.16 -85.87 48.76
N GLN B 2193 -17.89 -86.96 48.52
CA GLN B 2193 -17.39 -88.04 47.66
C GLN B 2193 -17.26 -87.60 46.21
N HIS B 2194 -18.21 -86.82 45.70
CA HIS B 2194 -18.27 -86.45 44.29
C HIS B 2194 -18.32 -84.94 44.14
N PRO B 2195 -17.18 -84.24 44.34
CA PRO B 2195 -17.16 -82.79 44.13
C PRO B 2195 -17.47 -82.37 42.70
N ASN B 2196 -17.14 -83.21 41.72
CA ASN B 2196 -17.45 -82.93 40.32
C ASN B 2196 -18.95 -82.84 40.10
N LEU B 2197 -19.71 -83.77 40.67
CA LEU B 2197 -21.16 -83.73 40.60
C LEU B 2197 -21.73 -82.50 41.30
N MET B 2198 -21.15 -82.12 42.44
CA MET B 2198 -21.54 -80.88 43.12
C MET B 2198 -21.31 -79.66 42.25
N ARG B 2199 -20.14 -79.58 41.62
CA ARG B 2199 -19.83 -78.45 40.74
C ARG B 2199 -20.73 -78.43 39.51
N ALA B 2200 -21.03 -79.60 38.95
CA ALA B 2200 -21.94 -79.70 37.81
C ALA B 2200 -23.35 -79.27 38.17
N LEU B 2201 -23.84 -79.69 39.33
CA LEU B 2201 -25.13 -79.20 39.83
C LEU B 2201 -25.11 -77.70 40.11
N GLY B 2202 -23.98 -77.18 40.58
CA GLY B 2202 -23.79 -75.75 40.77
C GLY B 2202 -24.70 -75.12 41.80
N MET B 2203 -24.81 -75.74 42.98
CA MET B 2203 -25.56 -75.09 44.05
C MET B 2203 -24.87 -73.82 44.54
N HIS B 2204 -23.55 -73.74 44.40
CA HIS B 2204 -22.77 -72.63 44.97
C HIS B 2204 -23.16 -71.29 44.36
N GLU B 2205 -23.32 -71.23 43.03
CA GLU B 2205 -23.71 -69.96 42.43
C GLU B 2205 -25.14 -69.59 42.80
N THR B 2206 -26.04 -70.59 42.87
CA THR B 2206 -27.42 -70.33 43.25
C THR B 2206 -27.51 -69.78 44.66
N VAL B 2207 -26.70 -70.32 45.57
CA VAL B 2207 -26.65 -69.78 46.92
C VAL B 2207 -26.03 -68.39 46.89
N MET B 2208 -25.12 -68.10 45.95
CA MET B 2208 -24.55 -66.76 45.97
C MET B 2208 -25.57 -65.73 45.48
N GLU B 2209 -26.46 -66.13 44.56
CA GLU B 2209 -27.56 -65.21 44.24
C GLU B 2209 -28.48 -65.04 45.44
N VAL B 2210 -28.77 -66.12 46.18
CA VAL B 2210 -29.74 -65.94 47.27
C VAL B 2210 -29.16 -65.03 48.36
N MET B 2211 -27.82 -65.04 48.54
CA MET B 2211 -27.21 -63.98 49.36
C MET B 2211 -27.37 -62.61 48.71
N VAL B 2212 -27.15 -62.50 47.39
CA VAL B 2212 -27.25 -61.18 46.73
C VAL B 2212 -28.64 -60.58 46.91
N ASN B 2213 -29.69 -61.38 46.74
CA ASN B 2213 -31.05 -60.92 47.01
C ASN B 2213 -31.29 -60.60 48.49
N VAL B 2214 -30.80 -61.43 49.42
CA VAL B 2214 -31.12 -61.17 50.82
C VAL B 2214 -30.38 -59.93 51.32
N LEU B 2215 -29.16 -59.67 50.83
CA LEU B 2215 -28.48 -58.42 51.19
C LEU B 2215 -29.06 -57.23 50.44
N GLY B 2216 -29.53 -57.43 49.20
CA GLY B 2216 -30.18 -56.36 48.46
C GLY B 2216 -31.45 -55.89 49.15
N GLY B 2217 -32.24 -56.83 49.67
CA GLY B 2217 -33.32 -56.45 50.56
C GLY B 2217 -32.70 -55.91 51.83
N GLY B 2218 -32.92 -54.63 52.12
CA GLY B 2218 -32.15 -54.01 53.18
C GLY B 2218 -30.68 -53.89 52.87
N GLU B 2219 -30.32 -53.53 51.63
CA GLU B 2219 -28.93 -53.37 51.23
C GLU B 2219 -28.23 -52.28 52.02
N THR B 2220 -28.98 -51.29 52.52
CA THR B 2220 -28.45 -50.19 53.29
C THR B 2220 -28.88 -50.20 54.75
N LYS B 2221 -30.17 -50.39 55.02
CA LYS B 2221 -30.70 -50.22 56.37
C LYS B 2221 -30.19 -51.30 57.35
N GLU B 2222 -30.29 -52.58 56.99
CA GLU B 2222 -30.00 -53.69 57.89
C GLU B 2222 -30.02 -54.99 57.11
N ILE B 2223 -29.25 -55.96 57.59
CA ILE B 2223 -29.17 -57.27 56.94
C ILE B 2223 -30.28 -58.11 57.54
N ARG B 2224 -31.42 -58.13 56.83
CA ARG B 2224 -32.54 -58.97 57.23
C ARG B 2224 -32.17 -60.44 57.05
N PHE B 2225 -32.72 -61.26 57.94
CA PHE B 2225 -32.38 -62.68 58.07
C PHE B 2225 -30.87 -62.94 58.20
N PRO B 2226 -30.21 -62.37 59.22
CA PRO B 2226 -28.75 -62.56 59.33
C PRO B 2226 -28.29 -64.00 59.56
N LYS B 2227 -29.14 -64.80 60.20
CA LYS B 2227 -28.78 -66.17 60.55
C LYS B 2227 -28.53 -67.01 59.30
N MET B 2228 -29.41 -66.88 58.30
CA MET B 2228 -29.24 -67.65 57.07
C MET B 2228 -28.02 -67.16 56.31
N VAL B 2229 -27.73 -65.86 56.37
CA VAL B 2229 -26.56 -65.28 55.69
C VAL B 2229 -25.28 -65.92 56.23
N THR B 2230 -25.13 -65.95 57.56
CA THR B 2230 -23.91 -66.52 58.11
C THR B 2230 -23.90 -68.04 58.01
N SER B 2231 -25.08 -68.68 58.00
CA SER B 2231 -25.14 -70.13 57.92
C SER B 2231 -24.83 -70.61 56.52
N CYS B 2232 -25.13 -69.79 55.51
CA CYS B 2232 -24.84 -70.16 54.14
C CYS B 2232 -23.41 -69.79 53.76
N CYS B 2233 -22.91 -68.63 54.22
CA CYS B 2233 -21.49 -68.34 53.99
C CYS B 2233 -20.60 -69.36 54.68
N ARG B 2234 -21.08 -69.97 55.78
CA ARG B 2234 -20.39 -71.12 56.36
C ARG B 2234 -20.31 -72.28 55.37
N PHE B 2235 -21.44 -72.56 54.68
CA PHE B 2235 -21.44 -73.60 53.65
C PHE B 2235 -20.50 -73.27 52.51
N LEU B 2236 -20.42 -71.99 52.13
CA LEU B 2236 -19.49 -71.58 51.07
C LEU B 2236 -18.04 -71.82 51.48
N CYS B 2237 -17.70 -71.49 52.74
CA CYS B 2237 -16.34 -71.72 53.22
C CYS B 2237 -16.00 -73.21 53.22
N TYR B 2238 -16.95 -74.05 53.65
CA TYR B 2238 -16.73 -75.50 53.54
C TYR B 2238 -16.61 -75.93 52.08
N PHE B 2239 -17.42 -75.33 51.20
CA PHE B 2239 -17.43 -75.69 49.79
C PHE B 2239 -16.07 -75.43 49.16
N CYS B 2240 -15.48 -74.28 49.51
CA CYS B 2240 -14.14 -73.96 49.02
C CYS B 2240 -13.15 -74.97 49.56
N ARG B 2241 -13.29 -75.35 50.83
CA ARG B 2241 -12.34 -76.30 51.38
C ARG B 2241 -12.52 -77.73 50.88
N ILE B 2242 -13.63 -78.04 50.18
CA ILE B 2242 -13.80 -79.42 49.66
C ILE B 2242 -12.73 -79.74 48.63
N SER B 2243 -12.50 -78.85 47.67
CA SER B 2243 -11.52 -79.11 46.64
C SER B 2243 -11.09 -77.81 45.98
N ARG B 2244 -9.90 -77.83 45.39
CA ARG B 2244 -9.36 -76.66 44.72
C ARG B 2244 -10.11 -76.32 43.45
N GLN B 2245 -10.63 -77.31 42.72
CA GLN B 2245 -11.47 -77.03 41.54
C GLN B 2245 -12.71 -76.24 41.93
N ASN B 2246 -13.34 -76.61 43.04
CA ASN B 2246 -14.44 -75.81 43.57
C ASN B 2246 -13.95 -74.42 43.95
N GLN B 2247 -12.76 -74.36 44.57
CA GLN B 2247 -12.15 -73.07 44.89
C GLN B 2247 -11.78 -72.28 43.63
N ARG B 2248 -11.23 -72.95 42.61
CA ARG B 2248 -10.85 -72.27 41.38
C ARG B 2248 -12.09 -71.73 40.66
N SER B 2249 -13.17 -72.52 40.65
CA SER B 2249 -14.43 -72.06 40.09
C SER B 2249 -14.97 -70.86 40.87
N MET B 2250 -14.85 -70.90 42.19
CA MET B 2250 -15.30 -69.81 43.05
C MET B 2250 -14.42 -68.57 42.92
N PHE B 2251 -13.19 -68.73 42.42
CA PHE B 2251 -12.22 -67.64 42.33
C PHE B 2251 -12.69 -66.54 41.39
N ASP B 2252 -13.55 -66.86 40.43
CA ASP B 2252 -14.00 -65.86 39.46
C ASP B 2252 -14.92 -64.82 40.10
N HIS B 2253 -15.68 -65.21 41.11
CA HIS B 2253 -16.71 -64.36 41.69
C HIS B 2253 -16.22 -63.49 42.84
N LEU B 2254 -14.91 -63.45 43.07
CA LEU B 2254 -14.35 -62.71 44.21
C LEU B 2254 -14.70 -61.23 44.17
N SER B 2255 -14.45 -60.57 43.03
CA SER B 2255 -14.86 -59.17 42.85
C SER B 2255 -16.36 -59.01 43.00
N TYR B 2256 -17.11 -59.94 42.39
CA TYR B 2256 -18.55 -60.01 42.55
C TYR B 2256 -18.91 -60.19 44.02
N LEU B 2257 -18.14 -61.02 44.73
CA LEU B 2257 -18.30 -61.12 46.18
C LEU B 2257 -17.77 -59.88 46.87
N LEU B 2258 -16.85 -59.13 46.23
CA LEU B 2258 -16.18 -58.04 46.92
C LEU B 2258 -17.11 -56.85 47.10
N GLU B 2259 -17.94 -56.55 46.09
CA GLU B 2259 -18.91 -55.46 46.28
C GLU B 2259 -19.88 -55.78 47.41
N ASN B 2260 -20.35 -57.03 47.48
CA ASN B 2260 -21.20 -57.46 48.58
C ASN B 2260 -20.47 -57.46 49.92
N SER B 2261 -19.14 -57.59 49.91
CA SER B 2261 -18.39 -57.55 51.17
C SER B 2261 -18.30 -56.16 51.77
N GLY B 2262 -18.72 -55.12 51.04
CA GLY B 2262 -18.74 -53.78 51.60
C GLY B 2262 -19.67 -53.65 52.79
N ILE B 2263 -20.84 -54.30 52.71
CA ILE B 2263 -21.75 -54.39 53.84
C ILE B 2263 -21.57 -55.67 54.63
N GLY B 2264 -20.58 -56.49 54.26
CA GLY B 2264 -20.30 -57.72 54.98
C GLY B 2264 -19.67 -57.51 56.34
N LEU B 2265 -19.16 -56.31 56.62
CA LEU B 2265 -18.62 -55.99 57.94
C LEU B 2265 -19.70 -55.98 59.02
N GLY B 2266 -20.96 -55.74 58.63
CA GLY B 2266 -22.04 -55.69 59.60
C GLY B 2266 -22.29 -57.01 60.28
N MET B 2267 -22.18 -58.10 59.55
CA MET B 2267 -22.48 -59.43 60.06
C MET B 2267 -21.27 -60.06 60.75
N GLN B 2268 -21.55 -60.80 61.82
CA GLN B 2268 -20.53 -61.51 62.58
CA GLN B 2268 -20.53 -61.51 62.58
C GLN B 2268 -20.59 -63.00 62.27
N GLY B 2269 -19.45 -63.67 62.41
CA GLY B 2269 -19.40 -65.09 62.14
C GLY B 2269 -18.75 -65.41 60.81
N SER B 2270 -19.50 -66.08 59.93
CA SER B 2270 -19.03 -66.41 58.59
C SER B 2270 -19.56 -65.37 57.62
N THR B 2271 -18.66 -64.65 56.97
CA THR B 2271 -18.96 -63.49 56.14
C THR B 2271 -18.41 -63.69 54.74
N PRO B 2272 -18.88 -62.91 53.74
CA PRO B 2272 -18.29 -63.00 52.38
C PRO B 2272 -16.79 -62.76 52.33
N LEU B 2273 -16.26 -61.92 53.21
CA LEU B 2273 -14.80 -61.76 53.29
C LEU B 2273 -14.13 -63.08 53.67
N ASP B 2274 -14.72 -63.81 54.62
CA ASP B 2274 -14.23 -65.15 54.97
C ASP B 2274 -14.34 -66.10 53.80
N VAL B 2275 -15.44 -66.02 53.05
CA VAL B 2275 -15.61 -66.85 51.85
C VAL B 2275 -14.52 -66.55 50.84
N ALA B 2276 -14.20 -65.27 50.65
CA ALA B 2276 -13.14 -64.88 49.74
C ALA B 2276 -11.78 -65.41 50.19
N ALA B 2277 -11.52 -65.34 51.51
CA ALA B 2277 -10.27 -65.87 52.04
C ALA B 2277 -10.17 -67.37 51.82
N ALA B 2278 -11.27 -68.10 52.07
CA ALA B 2278 -11.27 -69.53 51.81
C ALA B 2278 -11.21 -69.82 50.31
N SER B 2279 -11.54 -68.83 49.47
CA SER B 2279 -11.51 -69.00 48.03
C SER B 2279 -10.17 -68.61 47.43
N VAL B 2280 -9.22 -68.19 48.26
CA VAL B 2280 -7.92 -67.71 47.75
C VAL B 2280 -6.80 -68.52 48.41
N ILE B 2281 -7.05 -69.02 49.62
CA ILE B 2281 -5.99 -69.56 50.47
C ILE B 2281 -5.49 -70.91 49.94
N ASP B 2282 -4.35 -71.39 50.47
CA ASP B 2282 -3.61 -72.62 50.20
C ASP B 2282 -3.47 -72.99 48.72
N ASN B 2283 -3.39 -72.00 47.84
CA ASN B 2283 -3.08 -72.24 46.43
C ASN B 2283 -2.18 -71.11 45.96
N ASN B 2284 -0.97 -71.45 45.51
CA ASN B 2284 -0.06 -70.46 44.96
C ASN B 2284 -0.54 -69.94 43.62
N GLU B 2285 -1.19 -70.80 42.83
CA GLU B 2285 -1.75 -70.39 41.54
C GLU B 2285 -2.82 -69.34 41.73
N LEU B 2286 -3.70 -69.52 42.72
CA LEU B 2286 -4.58 -68.45 43.12
C LEU B 2286 -3.78 -67.40 43.87
N ALA B 2287 -4.28 -66.16 43.85
CA ALA B 2287 -3.64 -64.91 44.29
C ALA B 2287 -2.48 -64.50 43.41
N LEU B 2288 -2.11 -65.31 42.42
CA LEU B 2288 -1.13 -64.95 41.42
C LEU B 2288 -1.80 -64.32 40.20
N ALA B 2289 -3.01 -64.75 39.89
CA ALA B 2289 -3.83 -64.11 38.88
C ALA B 2289 -4.84 -63.15 39.49
N LEU B 2290 -4.74 -62.89 40.80
CA LEU B 2290 -5.60 -61.93 41.49
C LEU B 2290 -5.42 -60.52 40.94
N GLN B 2291 -6.47 -60.00 40.32
CA GLN B 2291 -6.42 -58.68 39.70
C GLN B 2291 -6.19 -57.58 40.73
N GLU B 2292 -5.44 -56.56 40.30
CA GLU B 2292 -5.05 -55.48 41.19
C GLU B 2292 -6.23 -54.64 41.67
N GLN B 2293 -7.27 -54.50 40.83
CA GLN B 2293 -8.42 -53.63 41.10
C GLN B 2293 -9.13 -53.96 42.42
N ASP B 2294 -9.09 -55.23 42.84
CA ASP B 2294 -9.63 -55.62 44.14
C ASP B 2294 -8.89 -54.92 45.29
N LEU B 2295 -7.56 -54.80 45.16
CA LEU B 2295 -6.71 -54.44 46.29
C LEU B 2295 -6.96 -53.01 46.75
N GLU B 2296 -6.97 -52.05 45.81
CA GLU B 2296 -7.15 -50.66 46.21
C GLU B 2296 -8.55 -50.42 46.75
N LYS B 2297 -9.52 -51.22 46.32
CA LYS B 2297 -10.87 -51.08 46.87
C LYS B 2297 -10.93 -51.64 48.28
N VAL B 2298 -10.16 -52.71 48.55
CA VAL B 2298 -10.05 -53.24 49.91
C VAL B 2298 -9.39 -52.22 50.83
N VAL B 2299 -8.31 -51.58 50.38
CA VAL B 2299 -7.66 -50.64 51.27
C VAL B 2299 -8.44 -49.33 51.36
N SER B 2300 -9.26 -48.98 50.35
CA SER B 2300 -10.19 -47.86 50.53
C SER B 2300 -11.21 -48.18 51.60
N TYR B 2301 -11.65 -49.44 51.68
CA TYR B 2301 -12.45 -49.88 52.82
C TYR B 2301 -11.70 -49.78 54.13
N LEU B 2302 -10.41 -50.13 54.15
CA LEU B 2302 -9.59 -49.92 55.34
C LEU B 2302 -9.49 -48.44 55.72
N ALA B 2303 -9.37 -47.56 54.72
CA ALA B 2303 -9.44 -46.12 54.96
C ALA B 2303 -10.77 -45.69 55.55
N GLY B 2304 -11.88 -46.23 55.04
CA GLY B 2304 -13.18 -45.97 55.63
C GLY B 2304 -13.32 -46.51 57.03
N CYS B 2305 -12.69 -47.66 57.31
CA CYS B 2305 -12.67 -48.22 58.66
C CYS B 2305 -11.93 -47.29 59.61
N GLY B 2306 -10.84 -46.68 59.12
CA GLY B 2306 -10.00 -45.86 59.97
C GLY B 2306 -10.45 -44.43 60.12
N LEU B 2307 -11.28 -43.91 59.20
CA LEU B 2307 -11.66 -42.51 59.28
C LEU B 2307 -12.92 -42.25 60.11
N GLN B 2308 -13.74 -43.26 60.33
CA GLN B 2308 -15.02 -43.05 61.00
C GLN B 2308 -15.28 -44.17 61.99
N SER B 2309 -16.13 -43.87 62.96
CA SER B 2309 -16.53 -44.85 63.96
C SER B 2309 -17.39 -45.95 63.35
N CYS B 2310 -17.35 -47.11 63.96
CA CYS B 2310 -18.16 -48.24 63.52
C CYS B 2310 -19.62 -47.99 63.89
N PRO B 2311 -20.56 -47.99 62.92
CA PRO B 2311 -21.95 -47.60 63.19
C PRO B 2311 -22.69 -48.51 64.17
N MET B 2312 -22.77 -49.81 63.87
CA MET B 2312 -23.53 -50.70 64.73
C MET B 2312 -22.80 -51.00 66.04
N LEU B 2313 -21.46 -50.93 66.04
CA LEU B 2313 -20.72 -51.03 67.29
C LEU B 2313 -20.99 -49.82 68.18
N LEU B 2314 -21.05 -48.63 67.58
CA LEU B 2314 -21.27 -47.43 68.36
C LEU B 2314 -22.71 -47.30 68.83
N ALA B 2315 -23.66 -47.87 68.08
CA ALA B 2315 -25.08 -47.81 68.43
C ALA B 2315 -25.41 -48.56 69.72
N LYS B 2316 -24.54 -49.45 70.17
CA LYS B 2316 -24.77 -50.26 71.36
C LYS B 2316 -24.36 -49.55 72.66
N GLY B 2317 -24.23 -48.22 72.64
CA GLY B 2317 -23.85 -47.48 73.82
C GLY B 2317 -22.37 -47.43 74.12
N TYR B 2318 -21.53 -47.87 73.18
CA TYR B 2318 -20.09 -47.86 73.39
C TYR B 2318 -19.54 -46.44 73.32
N PRO B 2319 -18.43 -46.16 74.03
CA PRO B 2319 -17.77 -44.87 73.88
C PRO B 2319 -17.19 -44.69 72.49
N ASP B 2320 -17.10 -43.43 72.06
CA ASP B 2320 -16.79 -43.13 70.68
C ASP B 2320 -15.28 -43.13 70.44
N ILE B 2321 -14.85 -43.89 69.43
CA ILE B 2321 -13.50 -43.83 68.89
C ILE B 2321 -13.63 -43.71 67.38
N GLY B 2322 -12.79 -42.89 66.77
CA GLY B 2322 -12.93 -42.54 65.36
C GLY B 2322 -12.58 -43.58 64.32
N TRP B 2323 -12.50 -44.85 64.71
CA TRP B 2323 -12.13 -45.91 63.78
C TRP B 2323 -12.67 -47.25 64.25
N ASN B 2324 -12.67 -48.22 63.33
CA ASN B 2324 -13.26 -49.53 63.57
C ASN B 2324 -12.16 -50.58 63.56
N PRO B 2325 -11.67 -50.99 64.74
CA PRO B 2325 -10.65 -52.05 64.81
C PRO B 2325 -11.12 -53.40 64.30
N CYS B 2326 -12.38 -53.77 64.51
CA CYS B 2326 -12.83 -55.10 64.11
C CYS B 2326 -12.92 -55.23 62.59
N GLY B 2327 -13.53 -54.25 61.92
CA GLY B 2327 -13.58 -54.27 60.47
C GLY B 2327 -12.22 -54.11 59.83
N GLY B 2328 -11.37 -53.25 60.43
CA GLY B 2328 -10.01 -53.13 59.94
C GLY B 2328 -9.25 -54.42 60.08
N GLU B 2329 -9.44 -55.12 61.21
CA GLU B 2329 -8.81 -56.41 61.46
C GLU B 2329 -9.25 -57.42 60.42
N ARG B 2330 -10.55 -57.41 60.09
CA ARG B 2330 -11.10 -58.33 59.09
C ARG B 2330 -10.40 -58.17 57.75
N TYR B 2331 -10.22 -56.92 57.31
CA TYR B 2331 -9.50 -56.72 56.05
C TYR B 2331 -8.02 -57.10 56.19
N LEU B 2332 -7.43 -56.85 57.36
CA LEU B 2332 -6.02 -57.18 57.58
C LEU B 2332 -5.76 -58.67 57.47
N ASP B 2333 -6.53 -59.49 58.21
CA ASP B 2333 -6.35 -60.94 58.11
C ASP B 2333 -6.77 -61.46 56.74
N PHE B 2334 -7.68 -60.77 56.05
CA PHE B 2334 -8.00 -61.14 54.67
C PHE B 2334 -6.79 -60.92 53.77
N LEU B 2335 -6.14 -59.76 53.86
CA LEU B 2335 -4.93 -59.52 53.09
C LEU B 2335 -3.79 -60.44 53.53
N ARG B 2336 -3.80 -60.87 54.79
CA ARG B 2336 -2.84 -61.87 55.27
C ARG B 2336 -3.01 -63.19 54.54
N PHE B 2337 -4.27 -63.61 54.36
CA PHE B 2337 -4.52 -64.82 53.59
C PHE B 2337 -4.26 -64.60 52.12
N ALA B 2338 -4.36 -63.34 51.67
CA ALA B 2338 -4.20 -63.02 50.26
C ALA B 2338 -2.74 -63.12 49.86
N VAL B 2339 -1.84 -62.63 50.72
CA VAL B 2339 -0.43 -62.53 50.36
C VAL B 2339 0.44 -63.66 50.90
N PHE B 2340 -0.03 -64.40 51.91
CA PHE B 2340 0.82 -65.45 52.46
C PHE B 2340 0.16 -66.79 52.19
N VAL B 2341 0.87 -67.68 51.50
CA VAL B 2341 0.38 -69.00 51.13
C VAL B 2341 1.48 -70.03 51.40
N ASN B 2342 1.08 -71.18 51.92
CA ASN B 2342 1.91 -72.38 52.13
C ASN B 2342 3.19 -72.11 52.95
N GLY B 2343 3.20 -71.07 53.76
CA GLY B 2343 4.38 -70.74 54.54
C GLY B 2343 5.38 -69.80 53.88
N GLU B 2344 5.08 -69.27 52.69
CA GLU B 2344 5.99 -68.32 52.07
C GLU B 2344 5.19 -67.15 51.50
N SER B 2345 5.87 -66.01 51.35
CA SER B 2345 5.22 -64.81 50.88
C SER B 2345 5.27 -64.74 49.36
N VAL B 2346 4.23 -64.15 48.78
CA VAL B 2346 4.21 -63.87 47.35
C VAL B 2346 4.74 -62.46 47.16
N GLU B 2347 5.90 -62.36 46.51
CA GLU B 2347 6.57 -61.06 46.35
C GLU B 2347 5.76 -60.09 45.48
N GLU B 2348 5.17 -60.60 44.39
CA GLU B 2348 4.38 -59.78 43.48
C GLU B 2348 3.16 -59.19 44.17
N ASN B 2349 2.45 -60.00 44.95
CA ASN B 2349 1.32 -59.46 45.70
C ASN B 2349 1.80 -58.57 46.83
N ALA B 2350 2.93 -58.95 47.45
CA ALA B 2350 3.45 -58.25 48.62
C ALA B 2350 3.81 -56.80 48.32
N ASN B 2351 4.45 -56.55 47.18
CA ASN B 2351 4.90 -55.19 46.92
C ASN B 2351 3.72 -54.30 46.57
N VAL B 2352 2.74 -54.81 45.83
CA VAL B 2352 1.62 -53.98 45.43
C VAL B 2352 0.74 -53.67 46.63
N VAL B 2353 0.53 -54.65 47.53
CA VAL B 2353 -0.30 -54.38 48.71
C VAL B 2353 0.39 -53.36 49.61
N VAL B 2354 1.70 -53.52 49.88
CA VAL B 2354 2.37 -52.55 50.75
C VAL B 2354 2.43 -51.17 50.09
N ARG B 2355 2.60 -51.12 48.76
CA ARG B 2355 2.61 -49.84 48.05
C ARG B 2355 1.27 -49.12 48.15
N LEU B 2356 0.16 -49.85 47.96
CA LEU B 2356 -1.14 -49.21 48.02
C LEU B 2356 -1.56 -48.92 49.46
N LEU B 2357 -1.18 -49.79 50.40
CA LEU B 2357 -1.44 -49.55 51.81
C LEU B 2357 -0.68 -48.32 52.29
N ILE B 2358 0.58 -48.18 51.88
CA ILE B 2358 1.41 -47.10 52.37
C ILE B 2358 1.05 -45.79 51.67
N ARG B 2359 0.43 -45.88 50.48
CA ARG B 2359 -0.13 -44.69 49.84
C ARG B 2359 -1.24 -44.05 50.68
N LYS B 2360 -1.92 -44.82 51.53
CA LYS B 2360 -3.01 -44.32 52.36
C LYS B 2360 -2.67 -44.63 53.81
N PRO B 2361 -1.81 -43.82 54.44
CA PRO B 2361 -1.41 -44.08 55.84
C PRO B 2361 -2.53 -43.86 56.86
N GLU B 2362 -3.69 -43.35 56.44
CA GLU B 2362 -4.79 -43.03 57.35
C GLU B 2362 -5.41 -44.24 58.02
N CYS B 2363 -5.12 -45.46 57.55
CA CYS B 2363 -5.76 -46.66 58.07
C CYS B 2363 -4.86 -47.48 58.99
N PHE B 2364 -3.68 -46.97 59.34
CA PHE B 2364 -2.83 -47.73 60.27
C PHE B 2364 -3.32 -47.66 61.71
N GLY B 2365 -4.04 -46.61 62.07
CA GLY B 2365 -4.52 -46.44 63.43
C GLY B 2365 -4.11 -45.11 64.01
N PRO B 2366 -4.35 -44.92 65.31
CA PRO B 2366 -3.93 -43.66 65.98
C PRO B 2366 -2.44 -43.41 65.94
N ALA B 2367 -1.63 -44.47 65.99
CA ALA B 2367 -0.18 -44.34 65.90
C ALA B 2367 0.26 -44.46 64.46
N LEU B 2368 1.56 -44.24 64.23
CA LEU B 2368 2.25 -44.40 62.95
C LEU B 2368 1.73 -43.48 61.84
N ARG B 2369 1.01 -42.42 62.21
CA ARG B 2369 0.52 -41.46 61.23
CA ARG B 2369 0.52 -41.45 61.24
C ARG B 2369 1.54 -40.36 60.93
N GLY B 2370 2.60 -40.25 61.72
CA GLY B 2370 3.55 -39.18 61.52
C GLY B 2370 3.25 -38.01 62.43
N GLU B 2371 2.79 -36.90 61.86
CA GLU B 2371 2.31 -35.78 62.66
C GLU B 2371 1.05 -36.22 63.42
N GLY B 2372 1.01 -35.86 64.71
CA GLY B 2372 -0.09 -36.25 65.56
C GLY B 2372 -0.15 -37.72 65.93
N GLY B 2373 0.84 -38.52 65.52
CA GLY B 2373 0.83 -39.93 65.81
C GLY B 2373 1.75 -40.33 66.94
N SER B 2374 1.17 -40.81 68.05
CA SER B 2374 1.92 -41.26 69.20
C SER B 2374 2.62 -42.59 68.89
N GLY B 2375 3.36 -43.10 69.88
CA GLY B 2375 4.01 -44.37 69.72
C GLY B 2375 3.03 -45.53 69.63
N LEU B 2376 3.39 -46.52 68.81
CA LEU B 2376 2.59 -47.74 68.71
C LEU B 2376 2.56 -48.49 70.04
N LEU B 2377 3.71 -48.56 70.71
CA LEU B 2377 3.81 -49.18 72.03
C LEU B 2377 2.93 -48.43 73.03
N ALA B 2378 2.97 -47.09 72.99
CA ALA B 2378 2.14 -46.27 73.87
C ALA B 2378 0.67 -46.52 73.61
N ALA B 2379 0.28 -46.64 72.34
CA ALA B 2379 -1.11 -46.94 72.00
C ALA B 2379 -1.51 -48.32 72.49
N ILE B 2380 -0.54 -49.24 72.59
CA ILE B 2380 -0.85 -50.57 73.14
C ILE B 2380 -1.12 -50.48 74.63
N GLU B 2381 -0.30 -49.73 75.39
CA GLU B 2381 -0.65 -49.54 76.81
C GLU B 2381 -1.96 -48.77 76.98
N GLU B 2382 -2.30 -47.87 76.05
CA GLU B 2382 -3.62 -47.26 76.05
C GLU B 2382 -4.71 -48.31 75.89
N ALA B 2383 -4.49 -49.27 74.99
CA ALA B 2383 -5.50 -50.28 74.73
C ALA B 2383 -5.60 -51.25 75.91
N ILE B 2384 -4.47 -51.66 76.47
CA ILE B 2384 -4.45 -52.65 77.56
C ILE B 2384 -5.14 -52.08 78.79
N ARG B 2385 -4.73 -50.86 79.21
CA ARG B 2385 -5.32 -50.29 80.42
C ARG B 2385 -6.77 -49.87 80.22
N ILE B 2386 -7.14 -49.39 79.02
CA ILE B 2386 -8.56 -49.12 78.75
C ILE B 2386 -9.37 -50.42 78.72
N SER B 2387 -8.79 -51.52 78.22
CA SER B 2387 -9.46 -52.82 78.28
C SER B 2387 -9.68 -53.29 79.71
N GLU B 2388 -8.67 -53.13 80.56
CA GLU B 2388 -8.81 -53.53 81.96
C GLU B 2388 -9.77 -52.63 82.74
N ASP B 2389 -9.89 -51.36 82.35
CA ASP B 2389 -10.74 -50.42 83.07
C ASP B 2389 -12.14 -50.43 82.47
N PRO B 2390 -13.18 -50.79 83.23
CA PRO B 2390 -14.54 -50.75 82.68
C PRO B 2390 -15.01 -49.33 82.35
N ALA B 2391 -16.19 -49.26 81.73
CA ALA B 2391 -16.90 -48.08 81.25
C ALA B 2391 -16.19 -47.38 80.08
N ARG B 2392 -15.05 -47.89 79.61
CA ARG B 2392 -14.37 -47.35 78.44
C ARG B 2392 -14.10 -48.47 77.43
N ASP B 2393 -14.02 -49.71 77.92
CA ASP B 2393 -13.83 -50.84 77.02
C ASP B 2393 -15.15 -51.37 76.48
N GLY B 2394 -16.24 -51.19 77.23
CA GLY B 2394 -17.52 -51.69 76.82
C GLY B 2394 -18.64 -50.68 76.97
N PRO B 2395 -19.89 -51.14 76.84
CA PRO B 2395 -21.03 -50.21 76.90
C PRO B 2395 -21.38 -49.76 78.31
N GLY B 2396 -20.79 -50.37 79.33
CA GLY B 2396 -21.13 -50.06 80.71
C GLY B 2396 -22.54 -50.46 81.12
N VAL B 2397 -22.98 -51.64 80.72
CA VAL B 2397 -24.32 -52.12 81.06
C VAL B 2397 -24.23 -53.36 81.94
N PRO B 2410 -18.25 -63.64 77.52
CA PRO B 2410 -19.09 -62.45 77.31
C PRO B 2410 -20.56 -62.70 77.60
N PRO B 2411 -21.27 -61.66 78.07
CA PRO B 2411 -22.71 -61.82 78.38
C PRO B 2411 -23.55 -62.24 77.19
N GLU B 2412 -23.23 -61.78 75.98
CA GLU B 2412 -23.97 -62.14 74.78
C GLU B 2412 -23.14 -62.94 73.80
N GLU B 2413 -21.95 -63.39 74.20
CA GLU B 2413 -20.95 -64.17 73.44
C GLU B 2413 -20.34 -63.39 72.27
N ASN B 2414 -20.74 -62.15 72.03
CA ASN B 2414 -20.17 -61.31 70.98
C ASN B 2414 -19.95 -59.89 71.47
N ARG B 2415 -19.66 -59.74 72.76
CA ARG B 2415 -19.44 -58.42 73.34
C ARG B 2415 -18.18 -57.80 72.77
N VAL B 2416 -18.24 -56.53 72.44
CA VAL B 2416 -17.11 -55.82 71.86
C VAL B 2416 -16.24 -55.30 73.00
N HIS B 2417 -14.94 -55.59 72.91
CA HIS B 2417 -13.94 -55.11 73.85
C HIS B 2417 -13.03 -54.20 73.04
N LEU B 2418 -13.19 -52.89 73.23
CA LEU B 2418 -12.46 -51.90 72.44
C LEU B 2418 -10.96 -52.01 72.62
N GLY B 2419 -10.51 -52.16 73.87
CA GLY B 2419 -9.09 -52.31 74.15
C GLY B 2419 -8.48 -53.55 73.51
N HIS B 2420 -9.22 -54.66 73.54
CA HIS B 2420 -8.72 -55.87 72.90
C HIS B 2420 -8.74 -55.76 71.38
N ALA B 2421 -9.78 -55.13 70.83
CA ALA B 2421 -9.91 -55.01 69.39
C ALA B 2421 -8.84 -54.11 68.78
N ILE B 2422 -8.48 -53.02 69.47
CA ILE B 2422 -7.48 -52.08 68.97
C ILE B 2422 -6.12 -52.78 68.81
N MET B 2423 -5.70 -53.51 69.84
CA MET B 2423 -4.43 -54.23 69.78
C MET B 2423 -4.51 -55.48 68.90
N SER B 2424 -5.68 -56.09 68.77
CA SER B 2424 -5.86 -57.14 67.76
C SER B 2424 -5.67 -56.60 66.35
N PHE B 2425 -6.21 -55.40 66.08
CA PHE B 2425 -5.96 -54.70 64.83
C PHE B 2425 -4.48 -54.42 64.62
N TYR B 2426 -3.80 -53.95 65.67
CA TYR B 2426 -2.37 -53.66 65.57
C TYR B 2426 -1.55 -54.91 65.29
N ALA B 2427 -1.89 -56.00 65.98
CA ALA B 2427 -1.23 -57.29 65.76
C ALA B 2427 -1.46 -57.81 64.36
N ALA B 2428 -2.69 -57.71 63.83
CA ALA B 2428 -2.91 -58.14 62.45
C ALA B 2428 -2.23 -57.21 61.46
N LEU B 2429 -2.08 -55.92 61.80
CA LEU B 2429 -1.36 -54.96 60.96
C LEU B 2429 0.11 -55.35 60.83
N ILE B 2430 0.68 -55.77 61.95
CA ILE B 2430 2.10 -56.07 61.91
C ILE B 2430 2.31 -57.49 61.39
N ASP B 2431 1.37 -58.41 61.63
CA ASP B 2431 1.48 -59.75 61.05
C ASP B 2431 1.34 -59.67 59.54
N LEU B 2432 0.50 -58.74 59.06
CA LEU B 2432 0.38 -58.46 57.63
C LEU B 2432 1.70 -57.99 57.06
N LEU B 2433 2.33 -56.99 57.68
CA LEU B 2433 3.60 -56.50 57.18
C LEU B 2433 4.69 -57.58 57.24
N GLY B 2434 4.70 -58.36 58.33
CA GLY B 2434 5.65 -59.46 58.46
C GLY B 2434 5.49 -60.51 57.38
N ARG B 2435 4.25 -60.84 57.04
CA ARG B 2435 4.03 -61.80 55.96
C ARG B 2435 4.09 -61.15 54.58
N CYS B 2436 4.20 -59.83 54.52
CA CYS B 2436 4.52 -59.12 53.29
C CYS B 2436 6.02 -58.88 53.13
N ALA B 2437 6.83 -59.30 54.11
CA ALA B 2437 8.26 -59.02 54.09
C ALA B 2437 8.95 -59.76 52.95
N PRO B 2438 9.95 -59.13 52.30
CA PRO B 2438 10.71 -59.83 51.26
C PRO B 2438 11.51 -60.99 51.82
N GLU B 2439 11.70 -62.00 50.97
CA GLU B 2439 12.44 -63.18 51.34
C GLU B 2439 13.95 -62.93 51.43
N MET B 2440 14.60 -63.74 52.28
CA MET B 2440 16.02 -63.61 52.55
C MET B 2440 16.85 -63.92 51.31
N HIS B 2441 16.42 -64.87 50.49
CA HIS B 2441 17.18 -65.23 49.30
C HIS B 2441 17.21 -64.09 48.30
N LEU B 2442 16.11 -63.33 48.18
CA LEU B 2442 16.14 -62.11 47.37
C LEU B 2442 16.97 -61.03 48.04
N ILE B 2443 16.98 -61.00 49.38
CA ILE B 2443 17.77 -60.00 50.09
C ILE B 2443 19.26 -60.22 49.84
N GLN B 2444 19.73 -61.46 50.00
CA GLN B 2444 21.12 -61.75 49.66
C GLN B 2444 21.36 -61.68 48.16
N ALA B 2445 20.31 -61.83 47.34
CA ALA B 2445 20.44 -61.62 45.90
C ALA B 2445 20.67 -60.15 45.57
N GLY B 2446 20.35 -59.25 46.50
CA GLY B 2446 20.63 -57.85 46.28
C GLY B 2446 19.72 -57.11 45.34
N LYS B 2447 18.53 -57.66 45.06
CA LYS B 2447 17.59 -56.98 44.16
C LYS B 2447 17.08 -55.70 44.82
N GLY B 2448 16.90 -54.67 43.97
CA GLY B 2448 16.65 -53.31 44.38
C GLY B 2448 15.38 -53.18 45.19
N GLU B 2449 14.24 -53.54 44.60
CA GLU B 2449 12.96 -53.35 45.26
C GLU B 2449 12.85 -54.21 46.51
N ALA B 2450 13.41 -55.43 46.46
CA ALA B 2450 13.40 -56.33 47.62
C ALA B 2450 14.14 -55.72 48.82
N LEU B 2451 15.32 -55.14 48.58
CA LEU B 2451 15.98 -54.38 49.64
C LEU B 2451 15.19 -53.13 50.03
N ARG B 2452 14.62 -52.45 49.02
CA ARG B 2452 13.98 -51.15 49.21
C ARG B 2452 12.74 -51.25 50.09
N ILE B 2453 11.94 -52.30 49.91
CA ILE B 2453 10.72 -52.46 50.71
C ILE B 2453 11.09 -52.68 52.18
N ARG B 2454 12.05 -53.57 52.45
CA ARG B 2454 12.41 -53.86 53.83
C ARG B 2454 13.00 -52.63 54.49
N ALA B 2455 13.83 -51.87 53.74
CA ALA B 2455 14.36 -50.61 54.26
C ALA B 2455 13.24 -49.62 54.60
N ILE B 2456 12.16 -49.63 53.80
CA ILE B 2456 11.00 -48.80 54.13
C ILE B 2456 10.36 -49.28 55.42
N LEU B 2457 10.17 -50.60 55.58
CA LEU B 2457 9.56 -51.15 56.80
C LEU B 2457 10.38 -50.83 58.04
N ARG B 2458 11.71 -50.87 57.94
CA ARG B 2458 12.57 -50.43 59.04
C ARG B 2458 12.37 -48.95 59.35
N SER B 2459 12.22 -48.11 58.32
CA SER B 2459 11.90 -46.71 58.58
C SER B 2459 10.50 -46.54 59.18
N LEU B 2460 9.55 -47.37 58.78
CA LEU B 2460 8.21 -47.40 59.35
C LEU B 2460 8.19 -47.74 60.83
N VAL B 2461 8.57 -48.97 61.16
CA VAL B 2461 8.39 -49.52 62.49
C VAL B 2461 9.72 -49.45 63.23
N PRO B 2462 9.85 -48.63 64.28
CA PRO B 2462 11.06 -48.66 65.10
C PRO B 2462 11.07 -49.90 66.00
N LEU B 2463 12.20 -50.61 65.99
CA LEU B 2463 12.36 -51.83 66.76
C LEU B 2463 12.30 -51.60 68.27
N ASP B 2464 12.55 -50.37 68.73
CA ASP B 2464 12.48 -50.05 70.16
C ASP B 2464 11.07 -50.23 70.70
N ASP B 2465 10.07 -49.81 69.92
CA ASP B 2465 8.69 -50.05 70.33
C ASP B 2465 8.39 -51.53 70.34
N LEU B 2466 8.98 -52.29 69.40
CA LEU B 2466 8.73 -53.73 69.30
C LEU B 2466 9.26 -54.46 70.51
N VAL B 2467 10.50 -54.13 70.93
CA VAL B 2467 11.06 -54.78 72.12
C VAL B 2467 10.29 -54.33 73.36
N GLY B 2468 9.71 -53.12 73.34
CA GLY B 2468 8.82 -52.73 74.42
C GLY B 2468 7.57 -53.60 74.50
N ILE B 2469 6.98 -53.93 73.34
CA ILE B 2469 5.83 -54.83 73.32
C ILE B 2469 6.24 -56.22 73.81
N ILE B 2470 7.46 -56.63 73.47
CA ILE B 2470 7.99 -57.90 73.97
C ILE B 2470 8.09 -57.87 75.48
N SER B 2471 8.57 -56.75 76.03
CA SER B 2471 8.70 -56.60 77.47
C SER B 2471 7.36 -56.39 78.17
N LEU B 2472 6.28 -56.16 77.43
CA LEU B 2472 4.97 -55.96 78.05
C LEU B 2472 4.51 -57.24 78.74
N PRO B 2473 3.97 -57.14 79.95
CA PRO B 2473 3.62 -58.33 80.72
C PRO B 2473 2.30 -58.96 80.29
N LEU B 2474 2.11 -60.20 80.75
CA LEU B 2474 0.88 -60.97 80.57
C LEU B 2474 0.26 -61.25 81.93
N GLN B 2475 -1.04 -61.04 82.04
CA GLN B 2475 -1.76 -61.39 83.27
C GLN B 2475 -1.77 -62.89 83.46
N ILE B 2476 -1.41 -63.34 84.65
CA ILE B 2476 -1.14 -64.74 84.93
C ILE B 2476 -2.30 -65.31 85.76
N PRO B 2477 -2.76 -66.55 85.51
CA PRO B 2477 -3.73 -67.17 86.42
C PRO B 2477 -3.14 -67.39 87.81
N THR B 2478 -3.69 -66.68 88.80
CA THR B 2478 -3.15 -66.71 90.14
C THR B 2478 -3.96 -67.64 91.04
N LEU B 2479 -3.30 -68.18 92.06
CA LEU B 2479 -3.92 -69.07 93.02
C LEU B 2479 -4.23 -68.29 94.29
N GLY B 2480 -5.44 -68.46 94.81
CA GLY B 2480 -5.84 -67.80 96.02
C GLY B 2480 -7.35 -67.77 96.14
N LYS B 2481 -7.80 -67.34 97.33
CA LYS B 2481 -9.22 -67.20 97.68
C LYS B 2481 -9.96 -68.53 97.52
N ASP B 2482 -9.54 -69.50 98.36
CA ASP B 2482 -10.01 -70.89 98.34
C ASP B 2482 -9.72 -71.54 96.99
N GLY B 2483 -8.54 -71.23 96.44
CA GLY B 2483 -8.12 -71.79 95.17
C GLY B 2483 -8.80 -71.23 93.94
N ALA B 2484 -9.42 -70.06 94.04
CA ALA B 2484 -10.08 -69.44 92.89
C ALA B 2484 -9.03 -68.96 91.90
N LEU B 2485 -8.99 -69.60 90.73
CA LEU B 2485 -8.05 -69.21 89.68
C LEU B 2485 -8.57 -67.94 89.01
N VAL B 2486 -7.80 -66.86 89.11
CA VAL B 2486 -8.14 -65.62 88.42
C VAL B 2486 -7.68 -65.76 86.97
N GLN B 2487 -8.57 -66.26 86.11
CA GLN B 2487 -8.22 -66.59 84.75
C GLN B 2487 -8.64 -65.46 83.82
N PRO B 2488 -7.71 -64.74 83.21
CA PRO B 2488 -8.10 -63.72 82.22
C PRO B 2488 -8.80 -64.34 81.01
N LYS B 2489 -9.75 -63.59 80.47
CA LYS B 2489 -10.53 -64.02 79.33
C LYS B 2489 -9.85 -63.52 78.06
N MET B 2490 -9.65 -64.43 77.09
CA MET B 2490 -9.06 -64.08 75.80
C MET B 2490 -9.81 -62.97 75.08
N SER B 2491 -11.13 -62.91 75.26
CA SER B 2491 -11.94 -61.85 74.67
C SER B 2491 -11.60 -60.47 75.24
N ALA B 2492 -11.00 -60.41 76.45
CA ALA B 2492 -10.70 -59.14 77.10
C ALA B 2492 -9.30 -59.12 77.72
N SER B 2493 -8.34 -59.83 77.13
CA SER B 2493 -6.97 -59.80 77.63
C SER B 2493 -6.02 -59.96 76.46
N PHE B 2494 -4.76 -59.55 76.69
CA PHE B 2494 -3.74 -59.66 75.65
C PHE B 2494 -3.35 -61.11 75.45
N VAL B 2495 -3.35 -61.55 74.19
CA VAL B 2495 -3.13 -62.96 73.90
C VAL B 2495 -1.69 -63.15 73.43
N PRO B 2496 -1.09 -64.31 73.71
CA PRO B 2496 0.27 -64.58 73.22
C PRO B 2496 0.40 -64.65 71.69
N ASP B 2497 -0.69 -64.93 70.97
CA ASP B 2497 -0.61 -64.98 69.51
C ASP B 2497 -0.38 -63.61 68.90
N HIS B 2498 -0.83 -62.54 69.57
CA HIS B 2498 -0.49 -61.18 69.14
C HIS B 2498 1.03 -60.99 69.19
N LYS B 2499 1.63 -61.44 70.30
CA LYS B 2499 3.07 -61.32 70.47
C LYS B 2499 3.79 -62.17 69.42
N ALA B 2500 3.23 -63.34 69.09
CA ALA B 2500 3.81 -64.15 68.02
C ALA B 2500 3.77 -63.42 66.68
N SER B 2501 2.74 -62.59 66.47
CA SER B 2501 2.64 -61.80 65.25
C SER B 2501 3.77 -60.78 65.19
N MET B 2502 4.08 -60.17 66.35
CA MET B 2502 5.20 -59.22 66.33
C MET B 2502 6.55 -59.93 66.23
N VAL B 2503 6.68 -61.12 66.83
CA VAL B 2503 7.93 -61.87 66.74
C VAL B 2503 8.19 -62.26 65.29
N LEU B 2504 7.16 -62.75 64.60
CA LEU B 2504 7.28 -63.11 63.20
C LEU B 2504 7.65 -61.89 62.35
N PHE B 2505 7.13 -60.71 62.72
CA PHE B 2505 7.47 -59.49 61.99
C PHE B 2505 8.95 -59.17 62.13
N LEU B 2506 9.44 -59.10 63.37
CA LEU B 2506 10.83 -58.73 63.60
C LEU B 2506 11.79 -59.76 63.02
N ASP B 2507 11.40 -61.05 63.07
CA ASP B 2507 12.20 -62.10 62.45
C ASP B 2507 12.28 -61.94 60.93
N ARG B 2508 11.15 -61.60 60.29
CA ARG B 2508 11.14 -61.51 58.83
C ARG B 2508 11.62 -60.16 58.30
N VAL B 2509 11.58 -59.11 59.12
CA VAL B 2509 11.96 -57.76 58.68
C VAL B 2509 13.25 -57.32 59.34
N TYR B 2510 13.26 -57.21 60.67
CA TYR B 2510 14.42 -56.69 61.35
C TYR B 2510 15.53 -57.74 61.44
N GLY B 2511 15.23 -58.86 62.07
CA GLY B 2511 16.20 -59.92 62.24
C GLY B 2511 17.14 -59.62 63.39
N ILE B 2512 17.96 -60.63 63.71
CA ILE B 2512 18.93 -60.51 64.79
C ILE B 2512 20.32 -60.71 64.18
N GLU B 2513 21.20 -59.74 64.39
CA GLU B 2513 22.55 -59.79 63.83
C GLU B 2513 23.63 -59.99 64.87
N ASN B 2514 23.50 -59.42 66.06
CA ASN B 2514 24.53 -59.45 67.08
C ASN B 2514 24.04 -60.05 68.40
N GLN B 2515 25.01 -60.56 69.16
CA GLN B 2515 24.72 -61.31 70.38
C GLN B 2515 24.27 -60.40 71.52
N ASP B 2516 24.86 -59.22 71.64
CA ASP B 2516 24.52 -58.33 72.76
C ASP B 2516 23.07 -57.87 72.68
N PHE B 2517 22.61 -57.48 71.49
CA PHE B 2517 21.21 -57.13 71.32
C PHE B 2517 20.33 -58.37 71.26
N LEU B 2518 20.89 -59.52 70.89
CA LEU B 2518 20.16 -60.79 70.95
C LEU B 2518 19.73 -61.09 72.39
N LEU B 2519 20.68 -61.04 73.32
CA LEU B 2519 20.36 -61.27 74.73
C LEU B 2519 19.56 -60.12 75.30
N HIS B 2520 19.81 -58.89 74.80
CA HIS B 2520 19.09 -57.71 75.27
C HIS B 2520 17.60 -57.81 74.94
N VAL B 2521 17.23 -58.56 73.91
CA VAL B 2521 15.82 -58.70 73.58
C VAL B 2521 15.28 -59.96 74.25
N LEU B 2522 16.13 -60.98 74.43
CA LEU B 2522 15.69 -62.21 75.10
C LEU B 2522 15.29 -61.98 76.55
N ASP B 2523 16.17 -61.32 77.32
CA ASP B 2523 15.96 -61.23 78.76
C ASP B 2523 14.76 -60.36 79.15
N VAL B 2524 14.52 -59.26 78.43
CA VAL B 2524 13.51 -58.29 78.87
C VAL B 2524 12.09 -58.87 78.77
N GLY B 2525 11.75 -59.50 77.64
CA GLY B 2525 10.39 -59.94 77.44
C GLY B 2525 10.14 -61.41 77.24
N PHE B 2526 11.07 -62.11 76.60
CA PHE B 2526 10.86 -63.54 76.38
C PHE B 2526 11.07 -64.31 77.66
N LEU B 2527 12.06 -63.90 78.47
CA LEU B 2527 12.33 -64.56 79.74
C LEU B 2527 11.16 -64.53 80.74
N PRO B 2528 10.49 -63.38 81.05
CA PRO B 2528 9.35 -63.46 81.99
C PRO B 2528 8.20 -64.33 81.50
N ASP B 2529 7.95 -64.33 80.19
CA ASP B 2529 6.85 -65.13 79.64
C ASP B 2529 7.19 -66.61 79.68
N MET B 2530 8.41 -66.99 79.31
CA MET B 2530 8.79 -68.39 79.34
C MET B 2530 8.85 -68.91 80.78
N ARG B 2531 9.29 -68.07 81.72
CA ARG B 2531 9.21 -68.44 83.14
C ARG B 2531 7.77 -68.61 83.58
N ALA B 2532 6.88 -67.74 83.09
CA ALA B 2532 5.45 -67.86 83.40
C ALA B 2532 4.89 -69.17 82.88
N ALA B 2533 5.24 -69.54 81.64
CA ALA B 2533 4.81 -70.81 81.06
C ALA B 2533 5.36 -72.01 81.84
N ALA B 2534 6.63 -71.93 82.25
CA ALA B 2534 7.22 -72.98 83.07
C ALA B 2534 6.52 -73.11 84.43
N SER B 2535 6.18 -71.97 85.04
CA SER B 2535 5.45 -71.99 86.31
C SER B 2535 4.04 -72.54 86.14
N LEU B 2536 3.34 -72.14 85.07
CA LEU B 2536 2.01 -72.67 84.80
C LEU B 2536 2.03 -74.11 84.30
N ASP B 2537 3.20 -74.66 83.98
CA ASP B 2537 3.31 -76.06 83.59
C ASP B 2537 3.17 -76.92 84.85
N THR B 2538 1.94 -77.03 85.35
CA THR B 2538 1.65 -77.76 86.58
C THR B 2538 0.29 -78.43 86.42
N ALA B 2539 -0.26 -78.93 87.52
CA ALA B 2539 -1.52 -79.66 87.45
C ALA B 2539 -2.70 -78.71 87.24
N THR B 2540 -2.70 -77.57 87.93
CA THR B 2540 -3.87 -76.69 87.93
C THR B 2540 -3.85 -75.62 86.85
N PHE B 2541 -2.69 -75.30 86.27
CA PHE B 2541 -2.59 -74.18 85.35
C PHE B 2541 -2.30 -74.55 83.91
N SER B 2542 -1.81 -75.77 83.64
CA SER B 2542 -1.45 -76.17 82.27
C SER B 2542 -2.66 -76.20 81.35
N THR B 2543 -3.80 -76.68 81.84
CA THR B 2543 -5.00 -76.81 81.03
C THR B 2543 -5.63 -75.48 80.66
N THR B 2544 -5.21 -74.38 81.28
CA THR B 2544 -5.78 -73.08 80.99
C THR B 2544 -5.44 -72.63 79.57
N GLU B 2545 -6.34 -71.80 79.02
CA GLU B 2545 -6.16 -71.22 77.69
C GLU B 2545 -4.89 -70.38 77.62
N MET B 2546 -4.57 -69.68 78.70
CA MET B 2546 -3.38 -68.84 78.76
C MET B 2546 -2.11 -69.68 78.62
N ALA B 2547 -2.07 -70.82 79.31
CA ALA B 2547 -0.93 -71.73 79.22
C ALA B 2547 -0.83 -72.34 77.83
N LEU B 2548 -1.93 -72.86 77.30
CA LEU B 2548 -1.89 -73.51 75.98
C LEU B 2548 -1.54 -72.50 74.88
N ALA B 2549 -2.07 -71.28 74.98
CA ALA B 2549 -1.71 -70.20 74.07
C ALA B 2549 -0.23 -69.85 74.16
N LEU B 2550 0.32 -69.83 75.38
CA LEU B 2550 1.75 -69.63 75.53
C LEU B 2550 2.57 -70.77 74.92
N ASN B 2551 2.09 -72.02 75.08
CA ASN B 2551 2.75 -73.19 74.50
C ASN B 2551 2.82 -73.07 72.98
N ARG B 2552 1.70 -72.73 72.36
CA ARG B 2552 1.66 -72.55 70.91
C ARG B 2552 2.50 -71.36 70.49
N TYR B 2553 2.44 -70.26 71.25
CA TYR B 2553 3.18 -69.06 70.90
C TYR B 2553 4.68 -69.30 70.93
N LEU B 2554 5.17 -69.98 71.98
CA LEU B 2554 6.60 -70.26 72.08
C LEU B 2554 7.05 -71.18 70.95
N CYS B 2555 6.27 -72.23 70.67
CA CYS B 2555 6.68 -73.19 69.66
C CYS B 2555 6.41 -72.72 68.24
N LEU B 2556 5.69 -71.62 68.04
CA LEU B 2556 5.48 -71.08 66.71
C LEU B 2556 6.41 -69.93 66.40
N ALA B 2557 6.72 -69.08 67.37
CA ALA B 2557 7.47 -67.88 67.08
C ALA B 2557 8.79 -67.76 67.83
N VAL B 2558 8.85 -68.15 69.10
CA VAL B 2558 10.04 -67.89 69.89
C VAL B 2558 11.15 -68.89 69.57
N LEU B 2559 10.86 -70.17 69.79
CA LEU B 2559 11.86 -71.23 69.66
C LEU B 2559 12.46 -71.36 68.26
N PRO B 2560 11.72 -71.33 67.14
CA PRO B 2560 12.41 -71.30 65.83
C PRO B 2560 13.31 -70.08 65.61
N LEU B 2561 12.94 -68.92 66.16
CA LEU B 2561 13.77 -67.72 66.03
C LEU B 2561 15.12 -67.91 66.71
N ILE B 2562 15.12 -68.51 67.90
CA ILE B 2562 16.39 -68.62 68.60
C ILE B 2562 17.10 -69.88 68.15
N THR B 2563 16.37 -70.82 67.54
CA THR B 2563 17.03 -71.95 66.90
C THR B 2563 17.88 -71.45 65.73
N LYS B 2564 17.34 -70.50 64.95
CA LYS B 2564 18.15 -69.93 63.88
C LYS B 2564 19.26 -69.04 64.45
N CYS B 2565 18.99 -68.34 65.54
CA CYS B 2565 19.98 -67.48 66.19
C CYS B 2565 20.90 -68.24 67.15
N ALA B 2566 20.90 -69.57 67.10
CA ALA B 2566 21.73 -70.39 67.99
C ALA B 2566 23.25 -70.20 67.89
N PRO B 2567 23.91 -70.11 66.71
CA PRO B 2567 25.39 -69.98 66.70
C PRO B 2567 25.98 -68.76 67.45
N LEU B 2568 25.15 -67.80 67.90
CA LEU B 2568 25.60 -66.65 68.65
C LEU B 2568 25.52 -66.88 70.16
N PHE B 2569 25.69 -68.12 70.63
CA PHE B 2569 25.62 -68.43 72.05
C PHE B 2569 26.96 -68.77 72.66
N ALA B 2570 28.05 -68.76 71.88
CA ALA B 2570 29.34 -69.16 72.41
C ALA B 2570 29.96 -68.11 73.32
N GLY B 2571 29.87 -66.83 72.96
CA GLY B 2571 30.52 -65.79 73.74
C GLY B 2571 29.65 -65.16 74.81
N THR B 2572 28.92 -65.97 75.56
CA THR B 2572 28.00 -65.47 76.59
C THR B 2572 28.55 -65.79 77.98
N GLU B 2573 29.88 -65.79 78.13
CA GLU B 2573 30.48 -66.02 79.45
C GLU B 2573 30.12 -64.93 80.44
N HIS B 2574 30.13 -63.66 80.00
CA HIS B 2574 29.79 -62.54 80.86
C HIS B 2574 28.32 -62.48 81.24
N ARG B 2575 27.46 -63.28 80.59
CA ARG B 2575 26.04 -63.39 80.92
C ARG B 2575 25.66 -64.86 81.03
N ALA B 2576 26.54 -65.66 81.66
CA ALA B 2576 26.34 -67.11 81.69
C ALA B 2576 25.23 -67.54 82.64
N ILE B 2577 24.89 -66.71 83.62
CA ILE B 2577 23.93 -67.11 84.65
C ILE B 2577 22.52 -67.19 84.05
N MET B 2578 22.12 -66.19 83.27
CA MET B 2578 20.76 -66.16 82.77
C MET B 2578 20.56 -67.20 81.67
N VAL B 2579 21.56 -67.39 80.80
CA VAL B 2579 21.44 -68.42 79.76
C VAL B 2579 21.44 -69.82 80.38
N ASP B 2580 22.20 -70.03 81.48
CA ASP B 2580 22.12 -71.29 82.20
C ASP B 2580 20.74 -71.52 82.78
N SER B 2581 20.12 -70.47 83.31
CA SER B 2581 18.76 -70.61 83.80
C SER B 2581 17.76 -70.80 82.65
N MET B 2582 18.02 -70.19 81.49
CA MET B 2582 17.22 -70.41 80.29
C MET B 2582 17.23 -71.88 79.88
N LEU B 2583 18.43 -72.48 79.79
CA LEU B 2583 18.51 -73.87 79.37
C LEU B 2583 17.94 -74.82 80.42
N HIS B 2584 18.13 -74.49 81.71
CA HIS B 2584 17.57 -75.31 82.78
CA HIS B 2584 17.57 -75.31 82.77
C HIS B 2584 16.04 -75.30 82.73
N THR B 2585 15.46 -74.11 82.50
CA THR B 2585 14.01 -73.97 82.47
C THR B 2585 13.42 -74.60 81.22
N VAL B 2586 14.05 -74.41 80.06
CA VAL B 2586 13.50 -75.03 78.85
C VAL B 2586 13.59 -76.57 78.94
N TYR B 2587 14.64 -77.11 79.56
CA TYR B 2587 14.68 -78.56 79.81
C TYR B 2587 13.57 -79.01 80.76
N ARG B 2588 13.29 -78.24 81.81
CA ARG B 2588 12.15 -78.53 82.67
C ARG B 2588 10.82 -78.41 81.91
N LEU B 2589 10.71 -77.46 81.00
CA LEU B 2589 9.54 -77.38 80.13
C LEU B 2589 9.48 -78.54 79.15
N SER B 2590 10.65 -79.04 78.72
CA SER B 2590 10.70 -80.20 77.84
C SER B 2590 10.12 -81.41 78.52
N ARG B 2591 10.43 -81.59 79.81
CA ARG B 2591 9.78 -82.62 80.61
C ARG B 2591 8.43 -82.10 81.11
N GLY B 2592 7.54 -81.82 80.15
CA GLY B 2592 6.25 -81.20 80.39
C GLY B 2592 5.09 -82.11 80.10
N ARG B 2593 3.96 -81.83 80.75
CA ARG B 2593 2.72 -82.57 80.59
C ARG B 2593 1.70 -81.69 79.88
N SER B 2594 0.68 -82.34 79.29
CA SER B 2594 -0.42 -81.70 78.56
C SER B 2594 0.03 -80.87 77.36
N LEU B 2595 1.21 -81.16 76.82
CA LEU B 2595 1.76 -80.48 75.65
C LEU B 2595 1.85 -81.45 74.48
N THR B 2596 1.49 -80.97 73.29
CA THR B 2596 1.48 -81.80 72.11
C THR B 2596 2.90 -82.21 71.72
N LYS B 2597 2.98 -83.26 70.90
CA LYS B 2597 4.26 -83.77 70.44
C LYS B 2597 5.02 -82.74 69.60
N ALA B 2598 4.31 -82.01 68.74
CA ALA B 2598 4.93 -80.94 67.95
C ALA B 2598 5.54 -79.86 68.85
N GLN B 2599 4.82 -79.47 69.90
CA GLN B 2599 5.37 -78.56 70.90
C GLN B 2599 6.59 -79.16 71.59
N ARG B 2600 6.51 -80.46 71.89
CA ARG B 2600 7.57 -81.14 72.63
C ARG B 2600 8.85 -81.17 71.81
N ASP B 2601 8.75 -81.58 70.55
CA ASP B 2601 9.95 -81.71 69.71
C ASP B 2601 10.54 -80.33 69.43
N VAL B 2602 9.68 -79.29 69.27
CA VAL B 2602 10.19 -77.94 69.05
C VAL B 2602 11.00 -77.48 70.27
N ILE B 2603 10.49 -77.75 71.49
CA ILE B 2603 11.24 -77.40 72.71
C ILE B 2603 12.55 -78.18 72.78
N GLU B 2604 12.51 -79.48 72.46
CA GLU B 2604 13.71 -80.32 72.56
C GLU B 2604 14.77 -79.88 71.54
N ASP B 2605 14.35 -79.62 70.29
CA ASP B 2605 15.28 -79.20 69.25
C ASP B 2605 15.85 -77.82 69.56
N CYS B 2606 15.05 -76.94 70.16
CA CYS B 2606 15.55 -75.64 70.62
C CYS B 2606 16.64 -75.81 71.68
N LEU B 2607 16.42 -76.74 72.62
CA LEU B 2607 17.46 -77.07 73.60
C LEU B 2607 18.70 -77.65 72.94
N MET B 2608 18.51 -78.47 71.89
CA MET B 2608 19.63 -79.00 71.13
C MET B 2608 20.45 -77.89 70.47
N ALA B 2609 19.75 -76.91 69.89
CA ALA B 2609 20.43 -75.75 69.30
C ALA B 2609 21.12 -74.89 70.35
N LEU B 2610 20.55 -74.77 71.54
CA LEU B 2610 21.22 -74.08 72.65
C LEU B 2610 22.51 -74.79 73.05
N CYS B 2611 22.45 -76.12 73.15
CA CYS B 2611 23.60 -76.88 73.62
C CYS B 2611 24.67 -77.02 72.55
N ARG B 2612 24.30 -77.02 71.27
CA ARG B 2612 25.28 -77.18 70.20
CA ARG B 2612 25.29 -77.18 70.22
C ARG B 2612 26.21 -75.98 70.10
N TYR B 2613 25.80 -74.82 70.63
CA TYR B 2613 26.61 -73.62 70.57
C TYR B 2613 26.81 -72.98 71.93
N ILE B 2614 26.53 -73.70 73.03
CA ILE B 2614 26.86 -73.17 74.34
C ILE B 2614 28.15 -73.85 74.77
N ARG B 2615 28.92 -73.17 75.62
CA ARG B 2615 30.16 -73.73 76.14
C ARG B 2615 29.86 -74.86 77.14
N PRO B 2616 30.77 -75.84 77.27
CA PRO B 2616 30.54 -76.93 78.25
C PRO B 2616 30.52 -76.46 79.70
N SER B 2617 31.05 -75.27 79.99
CA SER B 2617 31.05 -74.76 81.37
C SER B 2617 29.63 -74.54 81.87
N MET B 2618 28.76 -73.97 81.04
CA MET B 2618 27.38 -73.74 81.45
C MET B 2618 26.53 -75.00 81.36
N LEU B 2619 27.07 -76.07 80.80
CA LEU B 2619 26.33 -77.33 80.71
C LEU B 2619 26.37 -78.13 81.99
N GLN B 2620 27.22 -77.73 82.96
CA GLN B 2620 27.37 -78.48 84.21
C GLN B 2620 26.09 -78.49 85.02
N HIS B 2621 25.40 -77.35 85.13
CA HIS B 2621 24.17 -77.27 85.90
C HIS B 2621 23.08 -78.15 85.31
N LEU B 2622 22.95 -78.13 83.98
CA LEU B 2622 22.01 -79.02 83.30
C LEU B 2622 22.36 -80.48 83.50
N LEU B 2623 23.64 -80.83 83.33
CA LEU B 2623 24.09 -82.21 83.56
C LEU B 2623 23.93 -82.63 85.01
N ARG B 2624 24.02 -81.68 85.94
CA ARG B 2624 23.74 -81.93 87.35
C ARG B 2624 22.28 -82.30 87.55
N ARG B 2625 21.39 -81.62 86.82
CA ARG B 2625 19.99 -82.05 86.83
C ARG B 2625 19.81 -83.41 86.14
N LEU B 2626 20.60 -83.67 85.10
CA LEU B 2626 20.58 -84.97 84.42
C LEU B 2626 21.05 -86.11 85.30
N VAL B 2627 21.87 -85.82 86.33
CA VAL B 2627 22.25 -86.82 87.33
C VAL B 2627 21.01 -87.31 88.10
N PHE B 2628 19.99 -86.46 88.19
CA PHE B 2628 18.77 -86.80 88.90
C PHE B 2628 17.67 -87.28 87.95
N ASP B 2629 17.68 -86.83 86.71
CA ASP B 2629 16.60 -87.14 85.77
C ASP B 2629 16.87 -88.33 84.87
N VAL B 2630 18.06 -88.42 84.27
CA VAL B 2630 18.36 -89.53 83.35
C VAL B 2630 18.36 -90.91 84.01
N PRO B 2631 18.92 -91.13 85.23
CA PRO B 2631 18.81 -92.48 85.85
C PRO B 2631 17.39 -92.96 86.12
N ILE B 2632 16.36 -92.11 86.04
CA ILE B 2632 14.98 -92.56 86.15
C ILE B 2632 14.63 -93.48 84.97
N LEU B 2633 15.20 -93.20 83.79
CA LEU B 2633 14.98 -93.95 82.54
C LEU B 2633 13.50 -94.03 82.18
N ASN B 2634 12.81 -92.91 82.31
CA ASN B 2634 11.39 -92.83 81.97
C ASN B 2634 11.23 -92.57 80.47
N GLU B 2635 10.00 -92.26 80.06
CA GLU B 2635 9.70 -92.02 78.65
C GLU B 2635 10.37 -90.77 78.10
N PHE B 2636 10.78 -89.83 78.96
CA PHE B 2636 11.45 -88.61 78.55
C PHE B 2636 12.96 -88.73 78.60
N ALA B 2637 13.50 -89.91 78.91
CA ALA B 2637 14.94 -90.11 78.99
C ALA B 2637 15.64 -90.16 77.64
N LYS B 2638 14.90 -90.21 76.53
CA LYS B 2638 15.53 -90.32 75.21
C LYS B 2638 16.29 -89.05 74.85
N MET B 2639 15.66 -87.89 75.01
CA MET B 2639 16.28 -86.62 74.62
C MET B 2639 17.56 -86.27 75.38
N PRO B 2640 17.64 -86.36 76.73
CA PRO B 2640 18.94 -86.15 77.38
C PRO B 2640 20.01 -87.14 76.97
N LEU B 2641 19.64 -88.39 76.65
CA LEU B 2641 20.63 -89.40 76.29
C LEU B 2641 21.39 -89.01 75.02
N LYS B 2642 20.64 -88.57 74.01
CA LYS B 2642 21.29 -88.09 72.79
C LYS B 2642 21.89 -86.70 72.98
N LEU B 2643 21.37 -85.91 73.92
CA LEU B 2643 22.00 -84.65 74.27
C LEU B 2643 23.41 -84.86 74.82
N LEU B 2644 23.54 -85.82 75.73
CA LEU B 2644 24.83 -86.20 76.27
C LEU B 2644 25.71 -86.81 75.18
N THR B 2645 25.11 -87.60 74.28
CA THR B 2645 25.87 -88.22 73.19
C THR B 2645 26.50 -87.15 72.30
N ASN B 2646 25.72 -86.13 71.93
CA ASN B 2646 26.21 -85.06 71.09
C ASN B 2646 27.26 -84.22 71.81
N HIS B 2647 26.97 -83.80 73.06
CA HIS B 2647 27.90 -82.95 73.79
C HIS B 2647 29.21 -83.66 74.09
N TYR B 2648 29.14 -84.93 74.50
CA TYR B 2648 30.36 -85.67 74.82
C TYR B 2648 31.16 -86.03 73.57
N GLU B 2649 30.48 -86.41 72.48
CA GLU B 2649 31.22 -86.61 71.23
C GLU B 2649 31.77 -85.31 70.64
N ARG B 2650 31.22 -84.16 71.04
CA ARG B 2650 31.75 -82.88 70.61
C ARG B 2650 32.88 -82.36 71.49
N CYS B 2651 32.87 -82.69 72.78
CA CYS B 2651 33.87 -82.20 73.74
C CYS B 2651 34.47 -83.33 74.55
N TRP B 2652 34.75 -84.47 73.90
CA TRP B 2652 35.40 -85.57 74.62
C TRP B 2652 36.83 -85.24 74.99
N LYS B 2653 37.49 -84.39 74.19
CA LYS B 2653 38.84 -83.96 74.53
C LYS B 2653 38.86 -83.03 75.74
N TYR B 2654 37.75 -82.35 76.03
CA TYR B 2654 37.70 -81.45 77.18
C TYR B 2654 37.77 -82.21 78.50
N TYR B 2655 37.32 -83.46 78.52
CA TYR B 2655 37.30 -84.25 79.74
C TYR B 2655 38.32 -85.38 79.76
N CYS B 2656 38.85 -85.79 78.62
CA CYS B 2656 39.82 -86.88 78.57
C CYS B 2656 41.25 -86.38 78.63
N LEU B 2657 41.57 -85.34 77.86
CA LEU B 2657 42.93 -84.78 77.88
C LEU B 2657 43.21 -84.11 79.21
N PRO B 2658 44.44 -84.20 79.72
CA PRO B 2658 44.79 -83.53 80.99
C PRO B 2658 44.65 -82.01 80.94
N THR B 2659 44.89 -81.39 79.80
CA THR B 2659 44.73 -79.95 79.65
C THR B 2659 43.35 -79.60 79.10
N GLY B 2660 42.46 -80.58 78.95
CA GLY B 2660 41.19 -80.36 78.32
C GLY B 2660 41.36 -80.17 76.81
N TRP B 2661 40.32 -79.61 76.21
CA TRP B 2661 40.32 -79.34 74.78
C TRP B 2661 40.74 -77.88 74.57
N ALA B 2662 41.13 -77.56 73.34
CA ALA B 2662 41.74 -76.28 72.99
C ALA B 2662 40.85 -75.10 73.36
N ASN B 2663 41.50 -74.04 73.88
CA ASN B 2663 40.94 -72.71 74.22
C ASN B 2663 39.70 -72.77 75.11
N PHE B 2664 39.52 -73.86 75.87
CA PHE B 2664 38.44 -73.98 76.82
C PHE B 2664 38.91 -74.31 78.24
N GLY B 2665 40.11 -74.84 78.39
CA GLY B 2665 40.67 -75.08 79.71
C GLY B 2665 40.49 -76.52 80.15
N VAL B 2666 40.89 -76.75 81.39
CA VAL B 2666 40.84 -78.05 82.02
C VAL B 2666 39.46 -78.19 82.66
N THR B 2667 38.93 -79.43 82.69
CA THR B 2667 37.70 -79.70 83.40
C THR B 2667 37.84 -79.39 84.89
N SER B 2668 36.71 -79.08 85.52
CA SER B 2668 36.70 -78.51 86.87
C SER B 2668 36.80 -79.53 87.99
N GLU B 2669 36.95 -80.84 87.67
CA GLU B 2669 37.09 -81.99 88.58
C GLU B 2669 35.76 -82.33 89.27
N GLU B 2670 34.75 -81.48 89.08
CA GLU B 2670 33.38 -81.68 89.55
C GLU B 2670 32.52 -82.27 88.44
N GLU B 2671 32.73 -81.80 87.21
CA GLU B 2671 32.05 -82.36 86.05
C GLU B 2671 32.43 -83.81 85.84
N LEU B 2672 33.71 -84.15 86.06
CA LEU B 2672 34.14 -85.54 85.98
C LEU B 2672 33.48 -86.41 87.04
N HIS B 2673 33.36 -85.88 88.27
CA HIS B 2673 32.73 -86.63 89.36
C HIS B 2673 31.26 -86.91 89.08
N LEU B 2674 30.54 -85.91 88.55
CA LEU B 2674 29.14 -86.14 88.21
C LEU B 2674 29.00 -86.99 86.95
N THR B 2675 29.93 -86.88 86.01
CA THR B 2675 29.93 -87.77 84.85
C THR B 2675 30.13 -89.22 85.27
N ARG B 2676 31.05 -89.47 86.20
CA ARG B 2676 31.24 -90.81 86.76
C ARG B 2676 30.01 -91.31 87.49
N LYS B 2677 29.36 -90.41 88.26
CA LYS B 2677 28.10 -90.76 88.90
C LYS B 2677 27.01 -91.10 87.89
N LEU B 2678 26.92 -90.32 86.81
CA LEU B 2678 25.97 -90.63 85.75
C LEU B 2678 26.30 -91.94 85.06
N PHE B 2679 27.58 -92.22 84.84
CA PHE B 2679 28.00 -93.48 84.23
C PHE B 2679 27.57 -94.67 85.07
N TRP B 2680 27.78 -94.59 86.39
CA TRP B 2680 27.40 -95.71 87.24
C TRP B 2680 25.88 -95.80 87.39
N GLY B 2681 25.21 -94.65 87.53
CA GLY B 2681 23.75 -94.64 87.66
C GLY B 2681 23.05 -95.18 86.43
N ILE B 2682 23.52 -94.79 85.25
CA ILE B 2682 22.93 -95.26 83.99
C ILE B 2682 23.23 -96.74 83.79
N PHE B 2683 24.47 -97.18 84.05
CA PHE B 2683 24.79 -98.58 83.87
C PHE B 2683 23.99 -99.48 84.81
N ASP B 2684 23.81 -99.05 86.07
CA ASP B 2684 22.96 -99.77 87.03
C ASP B 2684 21.49 -99.75 86.63
N SER B 2685 20.98 -98.57 86.25
CA SER B 2685 19.57 -98.45 85.89
C SER B 2685 19.26 -99.24 84.63
N LEU B 2686 20.12 -99.16 83.61
CA LEU B 2686 19.94 -99.93 82.40
C LEU B 2686 20.07 -101.42 82.67
N ALA B 2687 20.88 -101.80 83.67
CA ALA B 2687 20.97 -103.20 84.07
C ALA B 2687 19.64 -103.69 84.64
N HIS B 2688 19.02 -102.89 85.51
CA HIS B 2688 17.77 -103.36 86.11
C HIS B 2688 16.58 -103.26 85.16
N LYS B 2689 16.50 -102.22 84.34
CA LYS B 2689 15.37 -102.04 83.42
C LYS B 2689 15.34 -103.13 82.35
N LYS B 2690 14.13 -103.49 81.94
CA LYS B 2690 13.92 -104.51 80.92
C LYS B 2690 14.49 -104.08 79.58
N TYR B 2691 14.81 -105.07 78.76
CA TYR B 2691 15.39 -104.83 77.44
C TYR B 2691 14.38 -104.15 76.52
N ASP B 2692 14.60 -102.87 76.27
CA ASP B 2692 13.82 -102.08 75.33
C ASP B 2692 14.79 -101.72 74.21
N GLN B 2693 14.58 -102.32 73.04
CA GLN B 2693 15.49 -102.10 71.90
C GLN B 2693 15.53 -100.63 71.47
N GLU B 2694 14.38 -99.96 71.53
CA GLU B 2694 14.29 -98.53 71.22
C GLU B 2694 15.16 -97.69 72.15
N LEU B 2695 15.16 -98.03 73.44
CA LEU B 2695 16.03 -97.36 74.39
C LEU B 2695 17.49 -97.75 74.17
N TYR B 2696 17.75 -99.05 74.03
CA TYR B 2696 19.12 -99.58 74.05
C TYR B 2696 19.94 -99.10 72.85
N ARG B 2697 19.35 -99.16 71.64
CA ARG B 2697 20.08 -98.82 70.41
C ARG B 2697 20.56 -97.37 70.41
N MET B 2698 19.82 -96.47 71.05
CA MET B 2698 20.30 -95.11 71.17
C MET B 2698 20.83 -94.83 72.57
N ALA B 2699 20.95 -95.87 73.40
CA ALA B 2699 21.45 -95.75 74.76
C ALA B 2699 22.93 -95.99 74.82
N MET B 2700 23.42 -97.02 74.09
CA MET B 2700 24.86 -97.29 74.18
C MET B 2700 25.79 -96.21 73.60
N PRO B 2701 25.46 -95.41 72.55
CA PRO B 2701 26.41 -94.34 72.16
C PRO B 2701 26.66 -93.32 73.26
N CYS B 2702 25.64 -93.00 74.07
CA CYS B 2702 25.83 -92.12 75.22
C CYS B 2702 26.75 -92.75 76.26
N LEU B 2703 26.56 -94.04 76.54
CA LEU B 2703 27.40 -94.74 77.50
C LEU B 2703 28.86 -94.78 77.04
N CYS B 2704 29.07 -95.07 75.75
CA CYS B 2704 30.41 -95.12 75.19
C CYS B 2704 31.06 -93.73 75.16
N ALA B 2705 30.29 -92.70 74.81
CA ALA B 2705 30.80 -91.34 74.79
C ALA B 2705 31.20 -90.87 76.18
N ILE B 2706 30.38 -91.20 77.19
CA ILE B 2706 30.70 -90.87 78.59
C ILE B 2706 31.96 -91.62 79.04
N ALA B 2707 32.06 -92.90 78.69
CA ALA B 2707 33.25 -93.69 79.05
C ALA B 2707 34.51 -93.17 78.37
N GLY B 2708 34.40 -92.78 77.09
CA GLY B 2708 35.53 -92.21 76.38
C GLY B 2708 35.97 -90.87 76.94
N ALA B 2709 34.99 -90.01 77.27
CA ALA B 2709 35.30 -88.70 77.84
C ALA B 2709 35.94 -88.83 79.21
N LEU B 2710 35.44 -89.73 80.05
CA LEU B 2710 35.97 -89.91 81.40
C LEU B 2710 37.39 -90.48 81.34
N PRO B 2711 38.35 -89.90 82.06
CA PRO B 2711 39.71 -90.45 82.09
C PRO B 2711 39.72 -91.85 82.67
N PRO B 2712 40.55 -92.74 82.12
CA PRO B 2712 40.63 -94.10 82.66
C PRO B 2712 41.09 -94.19 84.09
N ASP B 2713 41.97 -93.28 84.53
CA ASP B 2713 42.52 -93.29 85.88
C ASP B 2713 41.94 -92.20 86.76
N TYR B 2714 40.76 -91.67 86.42
CA TYR B 2714 40.15 -90.62 87.22
C TYR B 2714 39.75 -91.17 88.59
N VAL B 2715 39.89 -90.34 89.61
CA VAL B 2715 39.59 -90.72 90.99
C VAL B 2715 38.65 -89.68 91.58
N ASP B 2716 37.52 -90.13 92.11
CA ASP B 2716 36.58 -89.23 92.77
C ASP B 2716 37.09 -88.85 94.15
N ALA B 2717 36.59 -87.70 94.65
CA ALA B 2717 37.05 -87.18 95.93
C ALA B 2717 36.68 -88.09 97.09
N SER B 2718 35.44 -88.58 97.12
CA SER B 2718 34.98 -89.48 98.16
C SER B 2718 34.46 -90.75 97.51
N TYR B 2719 34.96 -91.89 97.97
CA TYR B 2719 34.56 -93.20 97.43
C TYR B 2719 33.38 -93.79 98.20
N SER B 2720 32.33 -92.99 98.33
CA SER B 2720 31.11 -93.42 99.01
C SER B 2720 29.96 -92.55 98.54
N SER B 2721 28.75 -93.07 98.69
CA SER B 2721 27.54 -92.36 98.28
C SER B 2721 26.36 -92.94 99.03
N LYS B 2722 25.25 -92.19 99.00
CA LYS B 2722 24.02 -92.62 99.67
C LYS B 2722 23.42 -93.87 99.04
N ALA B 2723 23.74 -94.15 97.76
CA ALA B 2723 23.24 -95.30 97.00
C ALA B 2723 21.72 -95.37 96.96
N GLU B 2724 21.08 -94.21 96.81
CA GLU B 2724 19.63 -94.11 96.75
C GLU B 2724 19.17 -93.89 95.32
N LYS B 2725 17.86 -94.07 95.13
CA LYS B 2725 17.14 -93.88 93.84
C LYS B 2725 17.70 -94.72 92.70
N ASN B 2734 10.59 -83.29 90.78
CA ASN B 2734 11.73 -82.50 91.19
C ASN B 2734 12.54 -83.23 92.26
N PHE B 2735 13.57 -82.56 92.77
CA PHE B 2735 14.47 -83.13 93.75
C PHE B 2735 13.74 -83.37 95.07
N ASP B 2736 13.70 -84.62 95.52
CA ASP B 2736 12.93 -85.04 96.69
C ASP B 2736 13.80 -85.82 97.67
N PRO B 2737 14.59 -85.13 98.49
CA PRO B 2737 15.39 -85.80 99.51
C PRO B 2737 14.53 -86.24 100.68
N ARG B 2738 15.05 -87.21 101.43
CA ARG B 2738 14.36 -87.68 102.63
C ARG B 2738 15.15 -87.24 103.85
N PRO B 2739 14.65 -86.28 104.63
CA PRO B 2739 15.33 -85.92 105.87
C PRO B 2739 15.34 -87.07 106.87
N VAL B 2740 16.43 -87.18 107.61
CA VAL B 2740 16.60 -88.26 108.58
C VAL B 2740 15.77 -87.95 109.81
N GLU B 2741 15.12 -88.99 110.36
CA GLU B 2741 14.29 -88.85 111.55
C GLU B 2741 15.08 -88.34 112.75
N THR B 2742 14.50 -87.37 113.46
CA THR B 2742 15.14 -86.76 114.63
C THR B 2742 14.24 -86.77 115.85
N LEU B 2743 12.93 -86.59 115.70
CA LEU B 2743 12.03 -86.43 116.84
C LEU B 2743 11.51 -87.78 117.33
N ASN B 2744 11.23 -88.71 116.40
CA ASN B 2744 10.73 -90.03 116.79
C ASN B 2744 11.75 -90.79 117.62
N VAL B 2745 13.02 -90.72 117.26
CA VAL B 2745 14.09 -91.30 118.06
C VAL B 2745 14.40 -90.37 119.23
N ILE B 2746 14.63 -90.94 120.40
CA ILE B 2746 14.87 -90.15 121.60
C ILE B 2746 16.31 -89.68 121.61
N ILE B 2747 16.51 -88.38 121.89
CA ILE B 2747 17.84 -87.81 122.04
C ILE B 2747 18.39 -88.11 123.44
N PRO B 2748 19.52 -88.80 123.55
CA PRO B 2748 20.09 -89.06 124.88
C PRO B 2748 20.72 -87.83 125.49
N GLU B 2749 20.11 -87.31 126.56
CA GLU B 2749 20.59 -86.14 127.27
C GLU B 2749 21.63 -86.49 128.35
N LYS B 2750 22.27 -87.66 128.24
CA LYS B 2750 23.26 -88.10 129.22
C LYS B 2750 24.53 -87.26 129.22
N LEU B 2751 24.77 -86.47 128.17
CA LEU B 2751 25.95 -85.62 128.06
C LEU B 2751 25.54 -84.16 127.89
N ASP B 2752 24.45 -83.79 128.57
CA ASP B 2752 23.89 -82.43 128.52
C ASP B 2752 24.89 -81.39 128.99
N SER B 2753 25.84 -81.78 129.86
CA SER B 2753 26.92 -80.89 130.30
C SER B 2753 27.81 -80.47 129.13
N PHE B 2754 27.86 -81.29 128.06
CA PHE B 2754 28.57 -80.94 126.86
C PHE B 2754 27.64 -80.28 125.83
N ILE B 2755 26.37 -80.73 125.77
CA ILE B 2755 25.43 -80.16 124.80
C ILE B 2755 25.18 -78.67 125.09
N ASN B 2756 24.95 -78.32 126.36
CA ASN B 2756 24.70 -76.92 126.69
C ASN B 2756 25.94 -76.06 126.51
N LYS B 2757 27.12 -76.62 126.83
CA LYS B 2757 28.38 -75.92 126.59
C LYS B 2757 28.60 -75.64 125.12
N PHE B 2758 28.32 -76.63 124.26
CA PHE B 2758 28.39 -76.42 122.82
C PHE B 2758 27.36 -75.38 122.37
N ALA B 2759 26.14 -75.46 122.90
CA ALA B 2759 25.07 -74.54 122.51
C ALA B 2759 25.44 -73.10 122.83
N GLU B 2760 26.01 -72.86 124.01
CA GLU B 2760 26.52 -71.55 124.36
C GLU B 2760 27.70 -71.15 123.46
N TYR B 2761 28.59 -72.10 123.15
CA TYR B 2761 29.75 -71.72 122.34
C TYR B 2761 29.45 -71.58 120.86
N THR B 2762 28.30 -72.07 120.39
CA THR B 2762 27.85 -71.70 119.04
C THR B 2762 27.59 -70.21 118.95
N HIS B 2763 26.78 -69.68 119.87
CA HIS B 2763 26.53 -68.24 119.91
C HIS B 2763 27.80 -67.46 120.23
N GLU B 2764 28.71 -68.05 121.03
CA GLU B 2764 30.03 -67.46 121.21
C GLU B 2764 30.83 -67.44 119.90
N LYS B 2765 30.54 -68.36 118.97
CA LYS B 2765 31.23 -68.35 117.68
C LYS B 2765 30.58 -67.40 116.68
N TRP B 2766 29.26 -67.20 116.74
CA TRP B 2766 28.70 -66.04 116.05
C TRP B 2766 29.22 -64.72 116.65
N ALA B 2767 29.44 -64.67 117.96
CA ALA B 2767 30.11 -63.52 118.57
C ALA B 2767 31.55 -63.36 118.07
N PHE B 2768 32.24 -64.48 117.83
CA PHE B 2768 33.55 -64.44 117.17
C PHE B 2768 33.45 -63.91 115.75
N ASP B 2769 32.37 -64.26 115.03
CA ASP B 2769 32.12 -63.66 113.72
C ASP B 2769 31.86 -62.16 113.84
N LYS B 2770 31.19 -61.74 114.91
CA LYS B 2770 30.95 -60.32 115.16
C LYS B 2770 32.28 -59.58 115.40
N ILE B 2771 33.17 -60.18 116.20
CA ILE B 2771 34.43 -59.51 116.49
C ILE B 2771 35.39 -59.58 115.31
N GLN B 2772 35.24 -60.57 114.42
CA GLN B 2772 36.04 -60.65 113.21
C GLN B 2772 35.40 -59.90 112.04
N ASN B 2773 34.22 -59.32 112.26
CA ASN B 2773 33.56 -58.48 111.26
C ASN B 2773 33.89 -57.00 111.47
N ASN B 2774 34.85 -56.71 112.35
CA ASN B 2774 35.42 -55.40 112.72
C ASN B 2774 34.46 -54.51 113.50
N TRP B 2775 33.21 -54.91 113.71
CA TRP B 2775 32.23 -54.03 114.34
C TRP B 2775 31.76 -54.66 115.64
N SER B 2776 31.78 -53.88 116.71
CA SER B 2776 31.40 -54.34 118.04
C SER B 2776 29.88 -54.45 118.18
N TYR B 2777 29.47 -55.17 119.22
CA TYR B 2777 28.06 -55.40 119.49
C TYR B 2777 27.51 -54.29 120.39
N GLY B 2778 26.18 -54.21 120.44
CA GLY B 2778 25.51 -53.22 121.26
C GLY B 2778 24.34 -53.83 122.00
N GLU B 2779 24.00 -53.17 123.12
CA GLU B 2779 22.93 -53.68 123.98
C GLU B 2779 21.56 -53.40 123.39
N ASN B 2780 21.24 -52.12 123.18
CA ASN B 2780 19.94 -51.75 122.63
C ASN B 2780 19.81 -52.17 121.17
N VAL B 2781 18.60 -52.57 120.78
CA VAL B 2781 18.35 -53.03 119.42
C VAL B 2781 18.43 -51.88 118.45
N ASP B 2782 19.28 -52.03 117.43
CA ASP B 2782 19.46 -50.99 116.42
C ASP B 2782 19.81 -51.62 115.08
N GLU B 2783 19.35 -51.00 114.00
CA GLU B 2783 19.61 -51.48 112.66
C GLU B 2783 20.81 -50.81 112.00
N GLU B 2784 21.44 -49.84 112.68
CA GLU B 2784 22.58 -49.12 112.13
C GLU B 2784 23.92 -49.72 112.53
N LEU B 2785 23.91 -50.85 113.25
CA LEU B 2785 25.13 -51.48 113.71
C LEU B 2785 25.49 -52.75 112.93
N LYS B 2786 24.55 -53.27 112.12
CA LYS B 2786 24.69 -54.44 111.22
C LYS B 2786 25.30 -55.67 111.89
N THR B 2787 25.14 -55.79 113.21
CA THR B 2787 25.50 -56.98 113.95
C THR B 2787 24.29 -57.44 114.75
N HIS B 2788 24.48 -58.38 115.67
CA HIS B 2788 23.39 -58.83 116.54
C HIS B 2788 22.94 -57.65 117.40
N PRO B 2789 21.67 -57.25 117.33
CA PRO B 2789 21.27 -55.98 117.96
C PRO B 2789 21.06 -56.06 119.46
N MET B 2790 20.67 -57.23 119.98
CA MET B 2790 20.37 -57.40 121.39
C MET B 2790 21.53 -58.10 122.12
N LEU B 2791 22.67 -58.27 121.45
CA LEU B 2791 23.81 -58.99 122.01
C LEU B 2791 24.39 -58.25 123.21
N ARG B 2792 24.49 -58.96 124.34
CA ARG B 2792 24.98 -58.46 125.60
C ARG B 2792 25.98 -59.45 126.18
N PRO B 2793 26.91 -58.98 127.03
CA PRO B 2793 27.80 -59.92 127.73
C PRO B 2793 27.02 -60.89 128.61
N TYR B 2794 27.51 -62.14 128.67
CA TYR B 2794 26.81 -63.24 129.34
C TYR B 2794 26.58 -63.01 130.84
N LYS B 2795 27.35 -62.11 131.46
CA LYS B 2795 27.10 -61.75 132.86
C LYS B 2795 25.75 -61.05 133.01
N THR B 2796 25.41 -60.17 132.07
CA THR B 2796 24.15 -59.41 132.09
C THR B 2796 23.36 -59.66 130.81
N PHE B 2797 23.28 -60.90 130.36
CA PHE B 2797 22.53 -61.28 129.17
C PHE B 2797 21.26 -62.01 129.59
N SER B 2798 20.12 -61.52 129.09
CA SER B 2798 18.85 -62.17 129.35
C SER B 2798 18.78 -63.50 128.61
N GLU B 2799 18.40 -64.56 129.33
CA GLU B 2799 18.37 -65.90 128.78
C GLU B 2799 17.06 -66.24 128.07
N LYS B 2800 16.20 -65.24 127.82
CA LYS B 2800 14.95 -65.47 127.12
C LYS B 2800 15.19 -65.97 125.70
N ASP B 2801 16.15 -65.36 125.00
CA ASP B 2801 16.51 -65.87 123.68
C ASP B 2801 17.49 -67.03 123.76
N LYS B 2802 18.20 -67.15 124.89
CA LYS B 2802 19.13 -68.26 125.05
C LYS B 2802 18.43 -69.58 125.36
N GLU B 2803 17.13 -69.55 125.68
CA GLU B 2803 16.38 -70.78 125.84
C GLU B 2803 15.78 -71.27 124.52
N ILE B 2804 15.96 -70.52 123.43
CA ILE B 2804 15.56 -70.98 122.10
C ILE B 2804 16.73 -71.04 121.13
N TYR B 2805 17.87 -70.41 121.45
CA TYR B 2805 19.05 -70.56 120.59
C TYR B 2805 19.67 -71.96 120.65
N ARG B 2806 19.35 -72.76 121.66
CA ARG B 2806 19.93 -74.09 121.81
C ARG B 2806 19.22 -75.16 121.00
N TRP B 2807 18.03 -74.86 120.46
CA TRP B 2807 17.28 -75.86 119.68
C TRP B 2807 17.99 -76.36 118.41
N PRO B 2808 18.60 -75.50 117.54
CA PRO B 2808 19.36 -76.08 116.40
C PRO B 2808 20.51 -76.99 116.82
N ILE B 2809 21.14 -76.71 117.96
CA ILE B 2809 22.16 -77.61 118.49
C ILE B 2809 21.54 -78.95 118.87
N LYS B 2810 20.34 -78.92 119.48
CA LYS B 2810 19.62 -80.15 119.81
C LYS B 2810 19.29 -80.95 118.55
N GLU B 2811 18.87 -80.28 117.48
CA GLU B 2811 18.61 -80.96 116.22
C GLU B 2811 19.89 -81.49 115.60
N SER B 2812 21.01 -80.78 115.77
CA SER B 2812 22.29 -81.23 115.23
C SER B 2812 22.73 -82.53 115.90
N LEU B 2813 22.59 -82.59 117.24
CA LEU B 2813 22.92 -83.82 117.96
C LEU B 2813 21.97 -84.95 117.57
N LYS B 2814 20.67 -84.65 117.39
CA LYS B 2814 19.72 -85.67 116.94
C LYS B 2814 20.12 -86.23 115.59
N ALA B 2815 20.52 -85.36 114.66
CA ALA B 2815 21.01 -85.80 113.36
C ALA B 2815 22.34 -86.54 113.44
N MET B 2816 23.13 -86.30 114.51
CA MET B 2816 24.41 -86.96 114.66
C MET B 2816 24.34 -88.25 115.48
N ILE B 2817 23.19 -88.55 116.08
CA ILE B 2817 23.09 -89.75 116.91
C ILE B 2817 21.96 -90.67 116.44
N ALA B 2818 21.04 -90.21 115.59
CA ALA B 2818 19.95 -91.06 115.09
C ALA B 2818 20.43 -92.18 114.17
N TRP B 2819 21.60 -92.05 113.56
CA TRP B 2819 22.14 -93.11 112.70
C TRP B 2819 23.02 -94.08 113.49
N GLU B 2820 22.50 -94.59 114.62
CA GLU B 2820 23.13 -95.52 115.57
C GLU B 2820 24.59 -95.17 115.90
N TRP B 2821 24.89 -93.87 115.96
CA TRP B 2821 26.23 -93.37 116.22
C TRP B 2821 26.33 -92.99 117.70
N THR B 2822 26.89 -93.89 118.50
CA THR B 2822 27.05 -93.63 119.92
C THR B 2822 28.19 -92.63 120.14
N ILE B 2823 28.16 -91.98 121.30
CA ILE B 2823 29.14 -90.98 121.68
C ILE B 2823 29.67 -91.33 123.07
N GLU B 2824 30.98 -91.10 123.26
CA GLU B 2824 31.64 -91.42 124.52
C GLU B 2824 32.50 -90.24 124.94
N LYS B 2825 32.50 -89.95 126.24
CA LYS B 2825 33.30 -88.87 126.82
C LYS B 2825 34.66 -89.45 127.20
N ALA B 2826 35.57 -89.48 126.22
CA ALA B 2826 36.93 -89.96 126.47
C ALA B 2826 37.65 -89.07 127.49
N ARG B 2827 37.52 -87.75 127.33
CA ARG B 2827 38.02 -86.82 128.33
C ARG B 2827 36.95 -86.59 129.40
N GLU B 2828 37.39 -86.04 130.53
CA GLU B 2828 36.51 -85.75 131.66
C GLU B 2828 36.81 -84.34 132.15
N GLY B 2829 35.98 -83.39 131.78
CA GLY B 2829 36.14 -82.01 132.21
C GLY B 2829 34.81 -81.38 132.56
N GLU B 2830 34.88 -80.39 133.45
CA GLU B 2830 33.74 -79.61 133.96
C GLU B 2830 32.64 -80.49 134.58
N TYR B 2855 32.59 -62.66 128.09
CA TYR B 2855 31.95 -62.89 126.81
C TYR B 2855 32.94 -62.64 125.67
N ASN B 2856 34.06 -63.37 125.71
CA ASN B 2856 35.11 -63.24 124.72
C ASN B 2856 35.47 -64.65 124.23
N PRO B 2857 35.39 -64.92 122.93
CA PRO B 2857 35.65 -66.29 122.43
C PRO B 2857 37.10 -66.70 122.49
N GLN B 2858 37.61 -66.93 123.70
CA GLN B 2858 38.97 -67.44 123.87
C GLN B 2858 39.22 -68.82 123.25
N PRO B 2859 38.39 -69.85 123.42
CA PRO B 2859 38.67 -71.11 122.71
C PRO B 2859 38.27 -71.02 121.25
N PRO B 2860 39.24 -71.09 120.32
CA PRO B 2860 38.92 -70.96 118.89
C PRO B 2860 38.47 -72.29 118.29
N ASP B 2861 37.20 -72.34 117.88
CA ASP B 2861 36.65 -73.55 117.26
C ASP B 2861 36.79 -73.44 115.74
N LEU B 2862 38.04 -73.44 115.30
CA LEU B 2862 38.38 -73.31 113.90
C LEU B 2862 38.58 -74.68 113.25
N SER B 2863 38.25 -74.76 111.96
CA SER B 2863 38.29 -76.01 111.22
C SER B 2863 39.47 -76.09 110.26
N GLY B 2864 40.51 -75.27 110.47
CA GLY B 2864 41.63 -75.27 109.55
C GLY B 2864 42.60 -76.43 109.71
N VAL B 2865 42.57 -77.13 110.83
CA VAL B 2865 43.49 -78.24 111.07
C VAL B 2865 42.93 -79.51 110.46
N THR B 2866 43.80 -80.51 110.30
CA THR B 2866 43.41 -81.79 109.72
C THR B 2866 42.61 -82.61 110.71
N LEU B 2867 41.97 -83.67 110.20
CA LEU B 2867 41.14 -84.53 111.03
C LEU B 2867 41.10 -85.93 110.43
N SER B 2868 40.78 -86.91 111.27
CA SER B 2868 40.77 -88.33 110.89
C SER B 2868 39.70 -88.62 109.85
N ARG B 2869 40.00 -89.61 109.00
CA ARG B 2869 39.17 -89.91 107.83
C ARG B 2869 37.77 -90.39 108.19
N GLU B 2870 37.66 -91.34 109.13
CA GLU B 2870 36.36 -91.90 109.51
CA GLU B 2870 36.36 -91.90 109.51
C GLU B 2870 35.44 -90.83 110.11
N LEU B 2871 35.98 -89.99 110.99
CA LEU B 2871 35.20 -88.93 111.61
C LEU B 2871 34.85 -87.83 110.60
N GLN B 2872 35.77 -87.53 109.68
CA GLN B 2872 35.47 -86.48 108.72
C GLN B 2872 34.46 -86.96 107.68
N ALA B 2873 34.52 -88.26 107.30
CA ALA B 2873 33.55 -88.78 106.36
C ALA B 2873 32.16 -88.84 106.99
N MET B 2874 32.09 -89.16 108.30
CA MET B 2874 30.79 -89.17 108.96
C MET B 2874 30.24 -87.75 109.06
N ALA B 2875 31.12 -86.74 109.20
CA ALA B 2875 30.60 -85.39 109.21
C ALA B 2875 30.24 -84.91 107.81
N GLU B 2876 30.88 -85.45 106.77
CA GLU B 2876 30.47 -85.13 105.40
C GLU B 2876 29.07 -85.65 105.13
N GLN B 2877 28.77 -86.87 105.60
CA GLN B 2877 27.39 -87.36 105.54
C GLN B 2877 26.47 -86.52 106.42
N LEU B 2878 26.95 -86.06 107.58
CA LEU B 2878 26.16 -85.16 108.43
C LEU B 2878 25.86 -83.83 107.74
N ALA B 2879 26.83 -83.30 106.98
CA ALA B 2879 26.64 -82.11 106.16
C ALA B 2879 25.60 -82.36 105.06
N GLU B 2880 25.64 -83.55 104.45
CA GLU B 2880 24.58 -83.95 103.52
C GLU B 2880 23.21 -84.00 104.22
N ASN B 2881 23.17 -84.51 105.45
CA ASN B 2881 21.92 -84.59 106.19
C ASN B 2881 21.40 -83.19 106.54
N TYR B 2882 22.32 -82.27 106.85
CA TYR B 2882 21.92 -80.88 107.07
C TYR B 2882 21.38 -80.28 105.80
N HIS B 2883 22.01 -80.59 104.66
CA HIS B 2883 21.56 -80.04 103.39
C HIS B 2883 20.18 -80.56 103.02
N ASN B 2884 19.93 -81.86 103.21
CA ASN B 2884 18.61 -82.39 102.86
C ASN B 2884 17.52 -81.87 103.78
N THR B 2885 17.82 -81.69 105.08
CA THR B 2885 16.84 -81.07 105.98
C THR B 2885 16.52 -79.62 105.59
N TRP B 2886 17.54 -78.83 105.24
CA TRP B 2886 17.32 -77.48 104.73
C TRP B 2886 16.56 -77.49 103.41
N GLY B 2887 16.91 -78.40 102.51
CA GLY B 2887 16.24 -78.48 101.22
C GLY B 2887 14.79 -78.88 101.37
N ARG B 2888 14.52 -79.85 102.24
CA ARG B 2888 13.15 -80.32 102.46
C ARG B 2888 12.29 -79.21 103.06
N LYS B 2889 12.81 -78.49 104.07
CA LYS B 2889 11.99 -77.42 104.65
C LYS B 2889 11.84 -76.24 103.71
N LYS B 2890 12.82 -75.96 102.85
CA LYS B 2890 12.66 -74.91 101.85
C LYS B 2890 11.70 -75.32 100.74
N LYS B 2891 11.73 -76.58 100.33
CA LYS B 2891 10.84 -77.06 99.29
C LYS B 2891 9.43 -77.36 99.81
N GLN B 2892 9.25 -77.42 101.13
CA GLN B 2892 7.90 -77.50 101.69
C GLN B 2892 7.12 -76.24 101.35
N GLU B 2893 7.74 -75.08 101.51
CA GLU B 2893 7.13 -73.82 101.11
C GLU B 2893 7.19 -73.61 99.61
N LEU B 2894 8.25 -74.12 98.96
CA LEU B 2894 8.42 -73.89 97.52
C LEU B 2894 7.44 -74.71 96.68
N GLU B 2895 6.97 -75.85 97.20
CA GLU B 2895 6.09 -76.73 96.43
C GLU B 2895 4.63 -76.32 96.49
N ALA B 2896 4.30 -75.25 97.22
CA ALA B 2896 2.91 -74.80 97.31
C ALA B 2896 2.37 -74.33 95.97
N LYS B 2897 3.17 -73.59 95.20
CA LYS B 2897 2.70 -73.14 93.89
C LYS B 2897 2.92 -74.19 92.81
N GLY B 2898 3.92 -75.06 92.98
CA GLY B 2898 4.18 -76.12 92.01
C GLY B 2898 4.73 -75.64 90.69
N GLY B 2899 5.43 -74.51 90.67
CA GLY B 2899 5.97 -73.99 89.43
C GLY B 2899 7.48 -73.74 89.49
N GLY B 2900 8.25 -74.45 88.69
CA GLY B 2900 9.67 -74.26 88.65
C GLY B 2900 10.40 -74.95 89.79
N THR B 2901 11.70 -74.67 89.87
CA THR B 2901 12.55 -75.24 90.91
C THR B 2901 13.66 -74.25 91.23
N HIS B 2902 14.29 -74.46 92.38
CA HIS B 2902 15.39 -73.63 92.86
C HIS B 2902 16.73 -74.28 92.52
N PRO B 2903 17.76 -73.49 92.19
CA PRO B 2903 19.07 -74.07 91.86
C PRO B 2903 19.72 -74.85 93.00
N LEU B 2904 19.41 -74.55 94.26
CA LEU B 2904 19.96 -75.29 95.38
C LEU B 2904 19.30 -76.65 95.57
N LEU B 2905 18.18 -76.91 94.87
CA LEU B 2905 17.48 -78.20 94.98
C LEU B 2905 18.23 -79.27 94.18
N VAL B 2906 19.42 -79.60 94.68
CA VAL B 2906 20.29 -80.64 94.10
C VAL B 2906 20.90 -81.45 95.24
N PRO B 2907 21.28 -82.70 94.95
CA PRO B 2907 21.98 -83.50 95.97
C PRO B 2907 23.35 -82.93 96.35
N TYR B 2908 23.77 -83.30 97.57
CA TYR B 2908 25.00 -82.77 98.17
C TYR B 2908 26.24 -83.17 97.38
N ASP B 2909 26.27 -84.39 96.85
CA ASP B 2909 27.42 -84.79 96.03
C ASP B 2909 27.42 -84.10 94.68
N THR B 2910 26.22 -83.82 94.13
CA THR B 2910 26.13 -83.19 92.82
C THR B 2910 26.57 -81.72 92.88
N LEU B 2911 26.18 -81.01 93.94
CA LEU B 2911 26.50 -79.60 94.05
C LEU B 2911 28.01 -79.38 94.23
N THR B 2912 28.49 -78.26 93.71
CA THR B 2912 29.92 -77.99 93.61
C THR B 2912 30.38 -77.24 94.86
N ALA B 2913 31.64 -76.78 94.84
CA ALA B 2913 32.31 -76.24 96.03
C ALA B 2913 31.69 -74.93 96.51
N LYS B 2914 31.29 -74.05 95.59
CA LYS B 2914 30.76 -72.72 95.94
C LYS B 2914 29.44 -72.78 96.70
N GLU B 2915 28.75 -73.92 96.71
CA GLU B 2915 27.54 -74.14 97.49
C GLU B 2915 27.67 -75.33 98.44
N LYS B 2916 28.90 -75.72 98.76
CA LYS B 2916 29.17 -76.80 99.71
C LYS B 2916 29.92 -76.33 100.96
N ALA B 2917 30.75 -75.28 100.84
CA ALA B 2917 31.52 -74.79 101.97
C ALA B 2917 30.64 -74.21 103.08
N ARG B 2918 29.43 -73.75 102.72
CA ARG B 2918 28.49 -73.21 103.70
C ARG B 2918 28.07 -74.28 104.70
N ASP B 2919 27.75 -75.47 104.22
CA ASP B 2919 27.39 -76.54 105.14
C ASP B 2919 28.63 -77.22 105.71
N ARG B 2920 29.75 -77.14 104.98
CA ARG B 2920 30.99 -77.73 105.43
C ARG B 2920 31.50 -77.05 106.71
N GLU B 2921 31.43 -75.71 106.75
CA GLU B 2921 31.92 -74.98 107.93
C GLU B 2921 31.04 -75.28 109.14
N LYS B 2922 29.72 -75.34 108.95
CA LYS B 2922 28.79 -75.57 110.06
C LYS B 2922 28.94 -76.98 110.61
N ALA B 2923 29.07 -77.99 109.74
CA ALA B 2923 29.24 -79.36 110.19
C ALA B 2923 30.62 -79.54 110.84
N GLN B 2924 31.65 -78.94 110.24
CA GLN B 2924 33.00 -79.12 110.75
C GLN B 2924 33.22 -78.35 112.04
N GLU B 2925 32.50 -77.26 112.29
CA GLU B 2925 32.64 -76.56 113.57
C GLU B 2925 32.21 -77.45 114.73
N LEU B 2926 31.09 -78.16 114.54
CA LEU B 2926 30.63 -79.17 115.50
C LEU B 2926 31.63 -80.31 115.63
N LEU B 2927 32.18 -80.78 114.51
CA LEU B 2927 33.16 -81.86 114.57
C LEU B 2927 34.47 -81.44 115.24
N LYS B 2928 34.96 -80.23 114.97
CA LYS B 2928 36.16 -79.73 115.62
C LYS B 2928 35.93 -79.55 117.12
N PHE B 2929 34.74 -79.05 117.49
CA PHE B 2929 34.35 -78.99 118.90
C PHE B 2929 34.32 -80.38 119.53
N LEU B 2930 34.03 -81.41 118.73
CA LEU B 2930 34.18 -82.76 119.26
C LEU B 2930 35.66 -83.14 119.34
N GLN B 2931 36.48 -82.54 118.47
CA GLN B 2931 37.86 -83.01 118.33
C GLN B 2931 38.74 -82.54 119.48
N MET B 2932 38.87 -81.21 119.68
CA MET B 2932 39.85 -80.71 120.66
C MET B 2932 39.51 -81.12 122.09
N ASN B 2933 38.23 -81.38 122.38
CA ASN B 2933 37.90 -81.99 123.67
C ASN B 2933 38.37 -83.44 123.72
N GLY B 2934 38.17 -84.19 122.65
CA GLY B 2934 38.61 -85.57 122.60
C GLY B 2934 37.52 -86.59 122.29
N TYR B 2935 36.45 -86.16 121.64
CA TYR B 2935 35.39 -87.09 121.26
C TYR B 2935 35.78 -87.84 120.00
N ALA B 2936 35.58 -89.15 120.01
CA ALA B 2936 35.75 -89.98 118.82
C ALA B 2936 34.47 -90.75 118.59
N VAL B 2937 33.86 -90.54 117.43
CA VAL B 2937 32.58 -91.14 117.08
C VAL B 2937 32.80 -92.04 115.87
N THR B 2938 32.44 -93.31 116.00
CA THR B 2938 32.67 -94.29 114.95
C THR B 2938 31.34 -94.99 114.67
N ARG B 2939 31.07 -95.24 113.39
CA ARG B 2939 29.86 -95.93 112.94
C ARG B 2939 29.75 -97.35 113.52
N LEU B 2946 35.77 -97.61 102.48
CA LEU B 2946 36.28 -97.87 103.83
C LEU B 2946 37.78 -98.09 103.76
N ASP B 2947 38.54 -96.98 103.92
CA ASP B 2947 40.00 -96.94 103.93
C ASP B 2947 40.59 -97.53 102.64
N THR B 2948 40.25 -96.89 101.52
CA THR B 2948 40.70 -97.31 100.20
C THR B 2948 41.55 -96.22 99.56
N SER B 2949 42.45 -96.65 98.69
CA SER B 2949 43.37 -95.76 98.00
C SER B 2949 42.86 -95.43 96.61
N SER B 2950 43.43 -94.37 96.03
CA SER B 2950 43.01 -93.88 94.71
C SER B 2950 43.29 -94.90 93.61
N ILE B 2951 44.32 -95.72 93.79
CA ILE B 2951 44.65 -96.77 92.83
C ILE B 2951 43.51 -97.78 92.75
N GLU B 2952 42.90 -98.09 93.90
CA GLU B 2952 41.68 -98.89 93.91
C GLU B 2952 40.43 -98.07 93.62
N LYS B 2953 40.50 -96.73 93.66
CA LYS B 2953 39.38 -95.88 93.25
C LYS B 2953 39.37 -95.58 91.77
N ARG B 2954 40.33 -96.11 91.02
CA ARG B 2954 40.47 -95.79 89.60
C ARG B 2954 39.24 -96.21 88.79
N PHE B 2955 38.92 -95.39 87.78
CA PHE B 2955 37.79 -95.65 86.89
C PHE B 2955 37.99 -96.94 86.09
N ALA B 2956 39.23 -97.19 85.62
CA ALA B 2956 39.51 -98.40 84.86
C ALA B 2956 39.31 -99.65 85.72
N PHE B 2957 39.81 -99.62 86.95
CA PHE B 2957 39.65 -100.75 87.87
C PHE B 2957 38.19 -101.00 88.20
N GLY B 2958 37.45 -99.94 88.55
CA GLY B 2958 36.02 -100.08 88.79
C GLY B 2958 35.24 -100.63 87.60
N PHE B 2959 35.59 -100.17 86.39
CA PHE B 2959 35.02 -100.71 85.17
C PHE B 2959 35.34 -102.19 84.99
N LEU B 2960 36.58 -102.59 85.26
CA LEU B 2960 36.97 -103.98 85.02
C LEU B 2960 36.38 -104.89 86.09
N GLN B 2961 36.24 -104.36 87.32
CA GLN B 2961 35.63 -105.10 88.41
C GLN B 2961 34.18 -105.38 88.10
N GLN B 2962 33.44 -104.38 87.58
CA GLN B 2962 32.05 -104.67 87.26
C GLN B 2962 31.94 -105.50 85.98
N LEU B 2963 32.99 -105.52 85.15
CA LEU B 2963 33.01 -106.41 83.99
C LEU B 2963 33.05 -107.87 84.45
N LEU B 2964 33.93 -108.19 85.39
CA LEU B 2964 33.92 -109.55 85.95
C LEU B 2964 32.68 -109.85 86.79
N ARG B 2965 32.09 -108.81 87.41
CA ARG B 2965 30.81 -108.94 88.10
C ARG B 2965 29.70 -109.31 87.11
N TRP B 2966 29.77 -108.79 85.90
CA TRP B 2966 28.82 -109.17 84.85
C TRP B 2966 29.26 -110.45 84.14
N MET B 2967 30.48 -110.90 84.40
CA MET B 2967 30.99 -112.00 83.61
C MET B 2967 30.79 -113.35 84.30
N ASP B 2968 30.80 -113.40 85.63
CA ASP B 2968 30.42 -114.68 86.26
C ASP B 2968 28.96 -115.05 85.92
N ILE B 2969 28.12 -114.02 85.76
CA ILE B 2969 26.77 -114.21 85.23
C ILE B 2969 26.83 -114.58 83.74
N SER B 2970 27.81 -114.06 83.01
CA SER B 2970 27.93 -114.46 81.60
C SER B 2970 28.28 -115.95 81.47
N GLN B 2971 29.17 -116.44 82.34
CA GLN B 2971 29.46 -117.87 82.42
C GLN B 2971 28.25 -118.66 82.89
N GLU B 2972 27.34 -118.00 83.62
CA GLU B 2972 26.13 -118.69 84.07
C GLU B 2972 25.18 -118.88 82.89
N PHE B 2973 24.97 -117.83 82.09
CA PHE B 2973 24.00 -118.00 81.00
C PHE B 2973 24.56 -118.89 79.91
N ILE B 2974 25.89 -118.85 79.64
CA ILE B 2974 26.42 -119.80 78.65
C ILE B 2974 26.28 -121.24 79.15
N ALA B 2975 26.45 -121.48 80.46
CA ALA B 2975 26.19 -122.82 81.01
C ALA B 2975 24.72 -123.23 80.82
N HIS B 2976 23.80 -122.28 81.04
CA HIS B 2976 22.38 -122.52 80.76
C HIS B 2976 22.15 -122.81 79.29
N LEU B 2977 22.79 -122.05 78.40
CA LEU B 2977 22.57 -122.18 76.97
C LEU B 2977 23.11 -123.52 76.45
N GLU B 2978 24.28 -123.93 76.94
CA GLU B 2978 24.82 -125.24 76.57
C GLU B 2978 23.94 -126.37 77.07
N ALA B 2979 23.41 -126.22 78.29
CA ALA B 2979 22.53 -127.25 78.85
C ALA B 2979 21.25 -127.39 78.04
N VAL B 2980 20.63 -126.26 77.67
CA VAL B 2980 19.39 -126.35 76.91
C VAL B 2980 19.66 -126.81 75.46
N VAL B 2981 20.74 -126.34 74.83
CA VAL B 2981 21.00 -126.72 73.44
C VAL B 2981 21.43 -128.18 73.33
N SER B 2982 22.04 -128.75 74.37
CA SER B 2982 22.44 -130.16 74.32
C SER B 2982 21.23 -131.08 74.27
N SER B 2983 20.26 -130.86 75.16
CA SER B 2983 19.02 -131.63 75.19
C SER B 2983 18.01 -130.84 76.02
N GLY B 2984 16.73 -131.15 75.80
CA GLY B 2984 15.66 -130.49 76.52
C GLY B 2984 15.57 -128.99 76.32
N ARG B 2985 15.50 -128.55 75.05
CA ARG B 2985 15.46 -127.13 74.72
C ARG B 2985 14.28 -126.43 75.39
N VAL B 2986 14.58 -125.49 76.28
CA VAL B 2986 13.58 -124.65 76.92
C VAL B 2986 14.01 -123.19 76.75
N GLU B 2987 13.06 -122.34 76.41
CA GLU B 2987 13.31 -120.94 76.08
C GLU B 2987 12.94 -120.01 77.23
N LYS B 2988 12.89 -120.52 78.46
CA LYS B 2988 12.51 -119.70 79.61
C LYS B 2988 13.51 -118.57 79.85
N SER B 2989 14.81 -118.90 79.83
CA SER B 2989 15.95 -117.99 79.97
C SER B 2989 15.84 -117.09 81.21
N PRO B 2990 16.08 -117.63 82.42
CA PRO B 2990 15.92 -116.81 83.64
C PRO B 2990 16.80 -115.57 83.70
N HIS B 2991 17.97 -115.61 83.06
CA HIS B 2991 18.86 -114.46 82.96
C HIS B 2991 18.71 -113.73 81.63
N GLU B 2992 17.49 -113.66 81.06
CA GLU B 2992 17.27 -112.99 79.79
C GLU B 2992 17.66 -111.51 79.82
N GLN B 2993 17.40 -110.84 80.95
CA GLN B 2993 17.87 -109.48 81.15
C GLN B 2993 19.39 -109.40 81.10
N GLU B 2994 20.06 -110.38 81.71
CA GLU B 2994 21.52 -110.42 81.69
C GLU B 2994 22.04 -110.70 80.29
N ILE B 2995 21.38 -111.59 79.55
CA ILE B 2995 21.81 -111.93 78.18
C ILE B 2995 21.67 -110.72 77.27
N LYS B 2996 20.53 -110.04 77.34
CA LYS B 2996 20.28 -108.86 76.52
C LYS B 2996 21.22 -107.71 76.87
N PHE B 2997 21.46 -107.49 78.17
CA PHE B 2997 22.43 -106.47 78.56
C PHE B 2997 23.85 -106.87 78.20
N PHE B 2998 24.12 -108.18 78.09
CA PHE B 2998 25.45 -108.65 77.74
C PHE B 2998 25.73 -108.38 76.28
N ALA B 2999 24.90 -108.94 75.40
CA ALA B 2999 25.15 -108.87 73.97
C ALA B 2999 24.87 -107.48 73.42
N LYS B 3000 24.10 -106.65 74.13
CA LYS B 3000 23.75 -105.34 73.60
C LYS B 3000 24.46 -104.19 74.32
N ILE B 3001 25.18 -104.44 75.43
CA ILE B 3001 25.89 -103.41 76.14
C ILE B 3001 27.40 -103.68 76.20
N LEU B 3002 27.78 -104.89 76.62
CA LEU B 3002 29.20 -105.20 76.85
C LEU B 3002 30.03 -105.10 75.58
N LEU B 3003 29.54 -105.66 74.47
CA LEU B 3003 30.29 -105.61 73.21
C LEU B 3003 30.50 -104.18 72.66
N PRO B 3004 29.48 -103.29 72.58
CA PRO B 3004 29.81 -101.93 72.11
C PRO B 3004 30.61 -101.10 73.10
N LEU B 3005 30.34 -101.26 74.41
CA LEU B 3005 31.06 -100.48 75.41
C LEU B 3005 32.54 -100.83 75.42
N ILE B 3006 32.86 -102.13 75.36
CA ILE B 3006 34.25 -102.55 75.28
C ILE B 3006 34.85 -102.11 73.96
N ASN B 3007 34.04 -102.17 72.89
CA ASN B 3007 34.47 -101.85 71.53
C ASN B 3007 34.90 -100.39 71.41
N GLN B 3008 34.21 -99.49 72.10
CA GLN B 3008 34.50 -98.07 71.96
C GLN B 3008 35.41 -97.56 73.07
N TYR B 3009 35.18 -97.99 74.32
CA TYR B 3009 35.98 -97.55 75.45
C TYR B 3009 37.43 -97.99 75.29
N PHE B 3010 37.66 -99.28 75.03
CA PHE B 3010 39.05 -99.72 74.94
C PHE B 3010 39.69 -99.26 73.64
N THR B 3011 38.91 -98.91 72.61
CA THR B 3011 39.49 -98.25 71.45
C THR B 3011 40.02 -96.87 71.82
N ASN B 3012 39.24 -96.12 72.61
CA ASN B 3012 39.71 -94.81 73.07
C ASN B 3012 40.85 -94.91 74.08
N HIS B 3013 41.00 -96.03 74.76
CA HIS B 3013 42.01 -96.17 75.82
C HIS B 3013 42.91 -97.37 75.58
N CYS B 3014 43.13 -97.72 74.30
CA CYS B 3014 43.98 -98.84 73.94
C CYS B 3014 45.43 -98.61 74.35
N LEU B 3015 45.95 -97.41 74.12
CA LEU B 3015 47.32 -97.10 74.48
C LEU B 3015 47.51 -96.92 75.98
N TYR B 3016 46.44 -96.60 76.72
CA TYR B 3016 46.53 -96.47 78.17
C TYR B 3016 46.92 -97.78 78.84
N PHE B 3017 46.31 -98.89 78.40
CA PHE B 3017 46.65 -100.20 78.95
C PHE B 3017 48.04 -100.65 78.54
N LEU B 3018 48.56 -100.16 77.42
CA LEU B 3018 49.93 -100.44 77.01
C LEU B 3018 50.92 -99.48 77.63
N SER B 3019 50.45 -98.48 78.37
CA SER B 3019 51.31 -97.45 78.92
C SER B 3019 51.77 -97.85 80.32
N THR B 3020 53.04 -97.61 80.59
CA THR B 3020 53.69 -97.86 81.87
C THR B 3020 54.43 -96.59 82.24
N PRO B 3021 54.64 -96.30 83.53
CA PRO B 3021 55.36 -95.07 83.89
C PRO B 3021 56.79 -94.97 83.36
N ALA B 3022 57.46 -96.10 83.13
CA ALA B 3022 58.79 -96.07 82.54
C ALA B 3022 58.76 -95.54 81.11
N LYS B 3023 57.92 -96.11 80.25
CA LYS B 3023 57.75 -95.64 78.88
C LYS B 3023 56.26 -95.48 78.60
N VAL B 3024 55.84 -94.26 78.29
CA VAL B 3024 54.43 -93.94 78.17
C VAL B 3024 54.08 -93.87 76.69
N LEU B 3025 53.09 -94.67 76.28
CA LEU B 3025 52.64 -94.70 74.90
C LEU B 3025 51.46 -93.76 74.66
N GLY B 3026 50.55 -93.66 75.63
CA GLY B 3026 49.46 -92.70 75.54
C GLY B 3026 49.91 -91.29 75.86
N SER B 3027 49.03 -90.34 75.54
CA SER B 3027 49.31 -88.93 75.80
C SER B 3027 49.43 -88.66 77.30
N GLY B 3028 48.53 -89.24 78.09
CA GLY B 3028 48.58 -89.05 79.53
C GLY B 3028 47.93 -90.19 80.29
N GLY B 3029 48.50 -90.54 81.44
CA GLY B 3029 47.95 -91.60 82.25
C GLY B 3029 48.39 -92.98 81.80
N HIS B 3030 48.77 -93.83 82.74
CA HIS B 3030 49.17 -95.20 82.44
C HIS B 3030 48.44 -96.16 83.37
N ALA B 3031 48.10 -97.32 82.83
CA ALA B 3031 47.42 -98.35 83.60
C ALA B 3031 48.30 -98.90 84.71
N SER B 3032 47.68 -99.21 85.85
CA SER B 3032 48.40 -99.85 86.93
C SER B 3032 48.65 -101.31 86.56
N ASN B 3033 49.63 -101.92 87.24
CA ASN B 3033 49.99 -103.31 86.97
C ASN B 3033 48.83 -104.27 87.22
N LYS B 3034 48.11 -104.10 88.33
CA LYS B 3034 46.95 -104.94 88.62
C LYS B 3034 45.82 -104.73 87.61
N GLU B 3035 45.71 -103.51 87.07
CA GLU B 3035 44.74 -103.29 86.01
C GLU B 3035 45.18 -103.97 84.72
N LYS B 3036 46.50 -104.03 84.45
CA LYS B 3036 46.95 -104.75 83.27
C LYS B 3036 46.80 -106.26 83.44
N GLU B 3037 46.78 -106.74 84.68
CA GLU B 3037 46.75 -108.18 84.94
C GLU B 3037 45.31 -108.69 84.79
N MET B 3038 44.41 -108.20 85.64
CA MET B 3038 43.07 -108.76 85.64
C MET B 3038 42.31 -108.49 84.32
N ILE B 3039 42.76 -107.55 83.48
CA ILE B 3039 42.18 -107.46 82.14
C ILE B 3039 42.73 -108.60 81.26
N THR B 3040 43.98 -109.03 81.48
CA THR B 3040 44.55 -110.14 80.72
C THR B 3040 43.81 -111.43 81.04
N SER B 3041 43.58 -111.66 82.35
CA SER B 3041 42.77 -112.79 82.77
C SER B 3041 41.34 -112.68 82.26
N LEU B 3042 40.76 -111.48 82.26
CA LEU B 3042 39.44 -111.26 81.65
C LEU B 3042 39.42 -111.62 80.16
N PHE B 3043 40.51 -111.31 79.44
CA PHE B 3043 40.65 -111.67 78.04
C PHE B 3043 40.67 -113.19 77.85
N CYS B 3044 41.50 -113.88 78.64
CA CYS B 3044 41.58 -115.33 78.54
C CYS B 3044 40.26 -116.00 78.91
N LYS B 3045 39.60 -115.51 79.96
CA LYS B 3045 38.29 -116.01 80.35
C LYS B 3045 37.24 -115.75 79.27
N LEU B 3046 37.28 -114.57 78.63
CA LEU B 3046 36.36 -114.25 77.55
C LEU B 3046 36.56 -115.17 76.34
N ALA B 3047 37.81 -115.44 75.99
CA ALA B 3047 38.10 -116.41 74.94
C ALA B 3047 37.63 -117.82 75.32
N ALA B 3048 37.82 -118.21 76.59
CA ALA B 3048 37.25 -119.47 77.06
C ALA B 3048 35.72 -119.45 77.06
N LEU B 3049 35.12 -118.29 77.33
CA LEU B 3049 33.67 -118.12 77.33
C LEU B 3049 33.09 -118.35 75.94
N VAL B 3050 33.83 -117.94 74.91
CA VAL B 3050 33.36 -118.10 73.54
C VAL B 3050 33.94 -119.35 72.89
N ARG B 3051 34.84 -120.07 73.58
CA ARG B 3051 35.49 -121.26 73.07
C ARG B 3051 34.52 -122.40 72.76
N HIS B 3052 34.41 -122.75 71.46
CA HIS B 3052 33.52 -123.75 70.85
C HIS B 3052 32.05 -123.36 70.90
N ARG B 3053 31.73 -122.11 71.23
CA ARG B 3053 30.37 -121.60 71.36
C ARG B 3053 30.11 -120.44 70.41
N VAL B 3054 30.69 -120.51 69.21
CA VAL B 3054 30.40 -119.51 68.18
C VAL B 3054 28.97 -119.67 67.66
N SER B 3055 28.51 -120.91 67.48
CA SER B 3055 27.17 -121.14 66.95
C SER B 3055 26.10 -120.83 67.98
N LEU B 3056 26.43 -120.99 69.27
CA LEU B 3056 25.48 -120.73 70.33
C LEU B 3056 25.17 -119.23 70.44
N PHE B 3057 26.10 -118.38 70.00
CA PHE B 3057 25.90 -116.93 70.03
C PHE B 3057 25.41 -116.39 68.70
N GLY B 3058 25.89 -116.92 67.58
CA GLY B 3058 25.44 -116.47 66.28
C GLY B 3058 26.08 -115.22 65.72
N THR B 3059 25.27 -114.17 65.52
CA THR B 3059 25.73 -112.91 64.95
C THR B 3059 26.46 -112.03 65.96
N ASP B 3060 26.42 -112.36 67.25
CA ASP B 3060 27.18 -111.58 68.23
C ASP B 3060 28.66 -111.91 68.18
N ALA B 3061 29.02 -113.03 67.54
CA ALA B 3061 30.41 -113.48 67.48
C ALA B 3061 31.37 -112.49 66.80
N PRO B 3062 31.07 -111.85 65.64
CA PRO B 3062 32.01 -110.83 65.14
C PRO B 3062 32.25 -109.67 66.10
N ALA B 3063 31.23 -109.27 66.87
CA ALA B 3063 31.43 -108.26 67.90
C ALA B 3063 32.34 -108.77 69.02
N VAL B 3064 32.18 -110.04 69.39
CA VAL B 3064 33.02 -110.61 70.45
C VAL B 3064 34.48 -110.69 69.98
N VAL B 3065 34.70 -111.15 68.74
CA VAL B 3065 36.07 -111.27 68.25
C VAL B 3065 36.70 -109.89 68.06
N ASN B 3066 35.92 -108.86 67.66
CA ASN B 3066 36.47 -107.51 67.57
C ASN B 3066 36.88 -106.97 68.95
N CYS B 3067 36.06 -107.26 69.98
CA CYS B 3067 36.45 -106.90 71.35
C CYS B 3067 37.73 -107.62 71.76
N LEU B 3068 37.85 -108.90 71.40
CA LEU B 3068 39.05 -109.65 71.70
C LEU B 3068 40.25 -109.13 70.90
N HIS B 3069 40.03 -108.60 69.69
CA HIS B 3069 41.10 -107.98 68.93
C HIS B 3069 41.62 -106.75 69.65
N ILE B 3070 40.70 -105.93 70.19
CA ILE B 3070 41.08 -104.73 70.91
C ILE B 3070 41.86 -105.10 72.18
N LEU B 3071 41.41 -106.15 72.87
CA LEU B 3071 42.16 -106.65 74.02
C LEU B 3071 43.55 -107.14 73.62
N ALA B 3072 43.64 -107.88 72.51
CA ALA B 3072 44.92 -108.43 72.04
C ALA B 3072 45.89 -107.32 71.68
N ARG B 3073 45.42 -106.26 71.04
CA ARG B 3073 46.28 -105.13 70.71
C ARG B 3073 46.48 -104.20 71.91
N SER B 3074 45.80 -104.44 73.04
CA SER B 3074 45.97 -103.59 74.22
C SER B 3074 46.39 -104.36 75.47
N LEU B 3075 46.95 -105.56 75.32
CA LEU B 3075 47.44 -106.34 76.46
C LEU B 3075 48.96 -106.23 76.56
N ASP B 3076 49.43 -105.52 77.59
CA ASP B 3076 50.87 -105.39 77.85
C ASP B 3076 51.31 -106.60 78.67
N ALA B 3077 51.59 -107.69 77.95
CA ALA B 3077 51.90 -108.98 78.56
C ALA B 3077 53.24 -109.00 79.30
N ARG B 3078 54.22 -108.20 78.85
CA ARG B 3078 55.55 -108.20 79.45
C ARG B 3078 55.52 -107.75 80.90
N THR B 3079 54.74 -106.69 81.20
CA THR B 3079 54.67 -106.19 82.56
C THR B 3079 53.95 -107.18 83.47
N VAL B 3080 52.95 -107.88 82.94
CA VAL B 3080 52.20 -108.88 83.69
C VAL B 3080 53.12 -110.05 84.05
N MET B 3081 53.93 -110.50 83.07
CA MET B 3081 54.89 -111.57 83.34
C MET B 3081 55.94 -111.13 84.37
N LYS B 3082 56.42 -109.89 84.26
CA LYS B 3082 57.48 -109.41 85.15
C LYS B 3082 56.96 -109.16 86.57
N SER B 3083 55.69 -108.80 86.71
CA SER B 3083 55.11 -108.51 88.02
C SER B 3083 53.62 -108.78 87.94
N GLY B 3084 53.18 -109.84 88.62
CA GLY B 3084 51.78 -110.18 88.67
C GLY B 3084 51.54 -111.50 89.37
N PRO B 3085 50.31 -111.72 89.85
CA PRO B 3085 50.00 -113.00 90.48
C PRO B 3085 49.98 -114.12 89.44
N GLU B 3086 50.23 -115.34 89.92
CA GLU B 3086 50.28 -116.50 89.03
C GLU B 3086 48.94 -116.88 88.44
N ILE B 3087 47.82 -116.38 88.97
CA ILE B 3087 46.49 -116.71 88.43
C ILE B 3087 46.33 -116.18 87.00
N VAL B 3088 46.91 -115.02 86.71
CA VAL B 3088 46.81 -114.45 85.36
C VAL B 3088 47.76 -115.17 84.41
N LYS B 3089 49.00 -115.39 84.85
CA LYS B 3089 50.02 -116.00 84.01
C LYS B 3089 49.64 -117.44 83.69
N ALA B 3090 49.19 -118.19 84.70
CA ALA B 3090 48.72 -119.55 84.53
C ALA B 3090 47.49 -119.62 83.63
N GLY B 3091 46.52 -118.70 83.81
CA GLY B 3091 45.39 -118.65 82.90
C GLY B 3091 45.78 -118.37 81.45
N LEU B 3092 46.77 -117.48 81.26
CA LEU B 3092 47.32 -117.21 79.94
C LEU B 3092 47.98 -118.45 79.34
N ARG B 3093 48.79 -119.16 80.12
CA ARG B 3093 49.47 -120.34 79.60
C ARG B 3093 48.48 -121.48 79.34
N SER B 3094 47.46 -121.60 80.20
CA SER B 3094 46.45 -122.62 80.01
C SER B 3094 45.68 -122.36 78.73
N PHE B 3095 45.40 -121.09 78.42
CA PHE B 3095 44.74 -120.83 77.15
C PHE B 3095 45.69 -121.01 75.97
N PHE B 3096 47.00 -120.82 76.18
CA PHE B 3096 47.96 -121.16 75.12
C PHE B 3096 47.90 -122.64 74.78
N GLU B 3097 47.82 -123.49 75.79
CA GLU B 3097 47.72 -124.92 75.53
C GLU B 3097 46.33 -125.29 75.00
N SER B 3098 45.29 -124.60 75.47
CA SER B 3098 43.93 -124.86 74.98
C SER B 3098 43.80 -124.53 73.49
N ALA B 3099 44.39 -123.41 73.07
CA ALA B 3099 44.39 -123.07 71.65
C ALA B 3099 45.30 -124.00 70.87
N SER B 3100 46.37 -124.49 71.49
CA SER B 3100 47.22 -125.47 70.82
C SER B 3100 46.45 -126.77 70.58
N GLU B 3101 45.63 -127.18 71.53
CA GLU B 3101 44.75 -128.34 71.34
C GLU B 3101 43.73 -128.10 70.24
N ASP B 3102 43.11 -126.90 70.22
CA ASP B 3102 42.11 -126.61 69.19
C ASP B 3102 42.73 -126.59 67.79
N ILE B 3103 43.90 -125.97 67.62
CA ILE B 3103 44.56 -126.01 66.32
C ILE B 3103 45.08 -127.40 65.99
N GLU B 3104 45.39 -128.22 67.01
CA GLU B 3104 45.72 -129.61 66.74
C GLU B 3104 44.49 -130.43 66.38
N LYS B 3105 43.30 -129.99 66.78
CA LYS B 3105 42.08 -130.62 66.30
C LYS B 3105 41.77 -130.17 64.87
N MET B 3106 42.13 -128.93 64.54
CA MET B 3106 41.98 -128.42 63.18
C MET B 3106 42.85 -129.21 62.21
N VAL B 3107 44.10 -129.46 62.56
CA VAL B 3107 45.02 -130.08 61.60
C VAL B 3107 44.61 -131.54 61.31
N GLU B 3108 44.18 -132.29 62.33
CA GLU B 3108 43.68 -133.64 62.07
C GLU B 3108 42.34 -133.64 61.34
N ASN B 3109 41.49 -132.63 61.58
CA ASN B 3109 40.27 -132.53 60.78
C ASN B 3109 40.53 -132.05 59.36
N LEU B 3110 41.63 -131.34 59.13
CA LEU B 3110 42.09 -130.97 57.80
C LEU B 3110 42.96 -132.03 57.14
N ARG B 3111 43.30 -133.09 57.88
CA ARG B 3111 44.06 -134.22 57.36
C ARG B 3111 43.15 -135.29 56.76
N LEU B 3112 41.96 -134.89 56.28
CA LEU B 3112 40.91 -135.78 55.76
C LEU B 3112 40.42 -136.76 56.82
N GLY B 3113 40.46 -136.35 58.08
CA GLY B 3113 39.91 -137.17 59.15
C GLY B 3113 38.40 -137.31 59.10
N LYS B 3114 37.72 -136.35 58.46
CA LYS B 3114 36.27 -136.40 58.30
C LYS B 3114 35.92 -135.51 57.11
N VAL B 3115 34.68 -135.68 56.62
CA VAL B 3115 34.19 -134.86 55.52
C VAL B 3115 34.10 -133.40 55.93
N SER B 3116 33.54 -133.16 57.13
CA SER B 3116 33.35 -131.84 57.76
C SER B 3116 32.61 -130.84 56.86
N LYS B 3123 27.76 -131.74 64.07
CA LYS B 3123 28.43 -132.18 65.29
C LYS B 3123 29.36 -131.11 65.84
N GLY B 3124 30.06 -131.46 66.93
CA GLY B 3124 30.98 -130.52 67.55
C GLY B 3124 32.26 -130.30 66.78
N VAL B 3125 32.61 -131.22 65.87
CA VAL B 3125 33.82 -131.09 65.05
C VAL B 3125 33.71 -129.87 64.14
N GLY B 3126 32.56 -129.72 63.48
CA GLY B 3126 32.35 -128.58 62.59
C GLY B 3126 32.31 -127.27 63.34
N GLN B 3127 31.63 -127.25 64.50
CA GLN B 3127 31.52 -126.04 65.31
C GLN B 3127 32.87 -125.62 65.86
N ASN B 3128 33.68 -126.59 66.30
CA ASN B 3128 35.04 -126.29 66.75
C ASN B 3128 35.90 -125.77 65.60
N LEU B 3129 35.74 -126.36 64.41
CA LEU B 3129 36.52 -125.93 63.24
C LEU B 3129 36.20 -124.48 62.86
N THR B 3130 34.90 -124.17 62.70
CA THR B 3130 34.54 -122.79 62.36
C THR B 3130 34.84 -121.83 63.51
N TYR B 3131 34.80 -122.31 64.77
CA TYR B 3131 35.22 -121.47 65.88
C TYR B 3131 36.68 -121.12 65.79
N THR B 3132 37.51 -122.10 65.45
CA THR B 3132 38.94 -121.85 65.45
C THR B 3132 39.32 -120.94 64.30
N THR B 3133 38.79 -121.22 63.10
CA THR B 3133 39.17 -120.46 61.92
C THR B 3133 38.53 -119.07 61.89
N VAL B 3134 37.50 -118.80 62.68
CA VAL B 3134 36.85 -117.50 62.67
C VAL B 3134 37.23 -116.67 63.89
N ALA B 3135 37.29 -117.27 65.07
CA ALA B 3135 37.59 -116.57 66.31
C ALA B 3135 39.01 -116.79 66.80
N LEU B 3136 39.50 -118.04 66.84
CA LEU B 3136 40.79 -118.29 67.47
C LEU B 3136 41.95 -117.77 66.62
N LEU B 3137 41.91 -118.02 65.32
CA LEU B 3137 43.02 -117.61 64.45
C LEU B 3137 43.22 -116.09 64.37
N PRO B 3138 42.21 -115.25 64.10
CA PRO B 3138 42.53 -113.81 63.97
C PRO B 3138 42.83 -113.11 65.29
N VAL B 3139 42.12 -113.46 66.36
CA VAL B 3139 42.35 -112.82 67.66
C VAL B 3139 43.75 -113.12 68.19
N LEU B 3140 44.15 -114.39 68.10
CA LEU B 3140 45.52 -114.76 68.44
C LEU B 3140 46.52 -114.12 67.49
N THR B 3141 46.21 -114.07 66.19
CA THR B 3141 47.08 -113.39 65.22
C THR B 3141 47.27 -111.91 65.56
N THR B 3142 46.20 -111.26 66.02
CA THR B 3142 46.29 -109.88 66.52
C THR B 3142 47.21 -109.78 67.73
N LEU B 3143 47.11 -110.74 68.65
CA LEU B 3143 48.03 -110.77 69.78
C LEU B 3143 49.46 -111.07 69.36
N PHE B 3144 49.63 -111.95 68.37
CA PHE B 3144 50.96 -112.27 67.84
C PHE B 3144 51.60 -111.05 67.19
N GLN B 3145 50.81 -110.29 66.43
CA GLN B 3145 51.25 -109.02 65.88
C GLN B 3145 51.62 -108.02 66.98
N HIS B 3146 50.84 -108.00 68.07
CA HIS B 3146 51.16 -107.18 69.23
C HIS B 3146 52.50 -107.56 69.84
N ILE B 3147 52.76 -108.87 69.96
CA ILE B 3147 54.03 -109.36 70.50
C ILE B 3147 55.17 -109.05 69.53
N ALA B 3148 54.93 -109.21 68.23
CA ALA B 3148 55.95 -108.94 67.22
C ALA B 3148 56.33 -107.46 67.19
N GLN B 3149 55.33 -106.57 67.27
CA GLN B 3149 55.61 -105.14 67.26
C GLN B 3149 56.29 -104.69 68.55
N HIS B 3150 55.86 -105.21 69.70
CA HIS B 3150 56.39 -104.75 70.98
C HIS B 3150 57.64 -105.50 71.41
N GLN B 3151 58.00 -106.58 70.70
CA GLN B 3151 59.12 -107.47 70.99
C GLN B 3151 58.97 -108.04 72.41
N PHE B 3152 57.86 -108.77 72.60
CA PHE B 3152 57.55 -109.41 73.86
C PHE B 3152 57.97 -110.86 73.90
N GLY B 3153 58.59 -111.38 72.83
CA GLY B 3153 58.93 -112.80 72.77
C GLY B 3153 59.93 -113.22 73.84
N ASP B 3154 60.91 -112.37 74.12
CA ASP B 3154 61.92 -112.69 75.13
C ASP B 3154 61.37 -112.63 76.54
N ASP B 3155 60.25 -111.94 76.76
CA ASP B 3155 59.70 -111.77 78.09
C ASP B 3155 58.36 -112.45 78.30
N VAL B 3156 57.78 -113.11 77.29
CA VAL B 3156 56.51 -113.82 77.43
C VAL B 3156 56.67 -115.29 77.04
N ILE B 3157 57.29 -115.56 75.90
CA ILE B 3157 57.51 -116.93 75.44
C ILE B 3157 58.76 -117.48 76.09
N LEU B 3158 58.61 -118.03 77.30
CA LEU B 3158 59.76 -118.47 78.09
C LEU B 3158 59.75 -119.96 78.39
N ASP B 3159 58.66 -120.51 78.92
CA ASP B 3159 58.67 -121.87 79.45
C ASP B 3159 57.83 -122.85 78.64
N ASP B 3160 56.53 -122.58 78.44
CA ASP B 3160 55.65 -123.51 77.78
C ASP B 3160 55.05 -122.96 76.49
N VAL B 3161 55.05 -121.65 76.30
CA VAL B 3161 54.55 -121.05 75.07
C VAL B 3161 55.46 -121.46 73.91
N GLN B 3162 56.74 -121.75 74.20
CA GLN B 3162 57.66 -122.28 73.19
C GLN B 3162 57.19 -123.63 72.68
N VAL B 3163 56.76 -124.50 73.59
CA VAL B 3163 56.23 -125.80 73.22
C VAL B 3163 54.92 -125.64 72.45
N SER B 3164 54.11 -124.66 72.86
CA SER B 3164 52.85 -124.38 72.17
C SER B 3164 53.10 -123.97 70.72
N CYS B 3165 54.13 -123.15 70.51
CA CYS B 3165 54.50 -122.71 69.18
C CYS B 3165 55.10 -123.83 68.35
N TYR B 3166 55.98 -124.64 68.93
CA TYR B 3166 56.59 -125.75 68.18
C TYR B 3166 55.54 -126.78 67.77
N ARG B 3167 54.65 -127.16 68.69
CA ARG B 3167 53.56 -128.08 68.35
C ARG B 3167 52.63 -127.50 67.29
N THR B 3168 52.33 -126.20 67.40
CA THR B 3168 51.57 -125.52 66.37
C THR B 3168 52.29 -125.53 65.03
N LEU B 3169 53.60 -125.26 65.03
CA LEU B 3169 54.39 -125.21 63.81
C LEU B 3169 54.44 -126.56 63.09
N CYS B 3170 54.66 -127.64 63.86
CA CYS B 3170 54.62 -129.00 63.32
C CYS B 3170 53.26 -129.29 62.72
N SER B 3171 52.19 -128.92 63.44
CA SER B 3171 50.84 -129.26 63.03
C SER B 3171 50.47 -128.53 61.74
N ILE B 3172 50.79 -127.23 61.67
CA ILE B 3172 50.42 -126.44 60.50
C ILE B 3172 51.28 -126.84 59.30
N TYR B 3173 52.57 -127.15 59.51
CA TYR B 3173 53.43 -127.53 58.40
C TYR B 3173 53.10 -128.91 57.86
N SER B 3174 52.47 -129.77 58.67
CA SER B 3174 52.08 -131.09 58.20
C SER B 3174 51.01 -131.06 57.11
N LEU B 3175 50.32 -129.94 56.91
CA LEU B 3175 49.31 -129.79 55.87
C LEU B 3175 49.89 -129.51 54.49
N GLY B 3176 51.21 -129.36 54.38
CA GLY B 3176 51.83 -129.12 53.08
C GLY B 3176 51.63 -130.27 52.10
N THR B 3177 51.64 -131.50 52.61
CA THR B 3177 51.40 -132.67 51.78
C THR B 3177 49.92 -133.01 51.65
N THR B 3178 49.04 -132.21 52.23
CA THR B 3178 47.60 -132.45 52.21
C THR B 3178 46.93 -131.41 51.32
N LYS B 3179 46.05 -131.88 50.42
CA LYS B 3179 45.36 -131.02 49.47
C LYS B 3179 43.85 -131.20 49.64
N ASN B 3180 43.21 -130.26 50.32
CA ASN B 3180 41.76 -130.28 50.50
C ASN B 3180 41.20 -128.88 50.31
N THR B 3181 39.87 -128.79 50.33
CA THR B 3181 39.19 -127.51 50.20
C THR B 3181 39.50 -126.59 51.38
N TYR B 3182 39.47 -127.13 52.61
CA TYR B 3182 39.81 -126.34 53.79
C TYR B 3182 41.26 -125.91 53.76
N VAL B 3183 42.16 -126.80 53.32
CA VAL B 3183 43.59 -126.51 53.27
C VAL B 3183 43.84 -125.37 52.28
N GLU B 3184 43.19 -125.44 51.11
CA GLU B 3184 43.37 -124.44 50.06
C GLU B 3184 42.82 -123.09 50.51
N LYS B 3185 41.60 -123.06 51.05
CA LYS B 3185 41.01 -121.77 51.39
C LYS B 3185 41.61 -121.17 52.66
N LEU B 3186 42.23 -121.97 53.52
CA LEU B 3186 42.80 -121.45 54.76
C LEU B 3186 44.31 -121.27 54.70
N ARG B 3187 44.97 -121.64 53.61
CA ARG B 3187 46.40 -121.37 53.44
C ARG B 3187 46.81 -119.90 53.61
N PRO B 3188 46.09 -118.87 53.10
CA PRO B 3188 46.48 -117.50 53.46
C PRO B 3188 46.35 -117.17 54.94
N ALA B 3189 45.20 -117.47 55.55
CA ALA B 3189 44.99 -117.16 56.97
C ALA B 3189 45.96 -117.90 57.88
N LEU B 3190 46.18 -119.19 57.61
CA LEU B 3190 47.16 -119.97 58.37
C LEU B 3190 48.58 -119.50 58.13
N GLY B 3191 48.91 -119.15 56.88
CA GLY B 3191 50.23 -118.61 56.59
C GLY B 3191 50.48 -117.28 57.29
N GLU B 3192 49.46 -116.43 57.34
CA GLU B 3192 49.56 -115.15 58.03
C GLU B 3192 49.75 -115.34 59.53
N CYS B 3193 48.94 -116.21 60.15
CA CYS B 3193 49.06 -116.47 61.57
C CYS B 3193 50.41 -117.08 61.93
N LEU B 3194 50.88 -118.03 61.12
CA LEU B 3194 52.19 -118.63 61.36
C LEU B 3194 53.31 -117.62 61.11
N ALA B 3195 53.12 -116.70 60.16
CA ALA B 3195 54.09 -115.63 59.93
C ALA B 3195 54.20 -114.72 61.15
N ARG B 3196 53.06 -114.38 61.76
CA ARG B 3196 53.12 -113.60 63.00
C ARG B 3196 53.73 -114.40 64.13
N LEU B 3197 53.57 -115.74 64.12
CA LEU B 3197 54.27 -116.58 65.09
C LEU B 3197 55.78 -116.50 64.90
N ALA B 3198 56.24 -116.54 63.65
CA ALA B 3198 57.66 -116.42 63.37
C ALA B 3198 58.18 -115.04 63.76
N ALA B 3199 57.39 -113.99 63.50
CA ALA B 3199 57.76 -112.64 63.92
C ALA B 3199 57.67 -112.43 65.43
N ALA B 3200 57.03 -113.34 66.16
CA ALA B 3200 56.93 -113.25 67.61
C ALA B 3200 57.82 -114.25 68.33
N MET B 3201 58.47 -115.15 67.60
CA MET B 3201 59.26 -116.23 68.19
C MET B 3201 60.56 -115.69 68.76
N PRO B 3202 60.95 -116.09 69.97
CA PRO B 3202 62.25 -115.65 70.54
C PRO B 3202 63.44 -116.59 70.36
N VAL B 3203 63.28 -117.77 69.76
CA VAL B 3203 64.41 -118.70 69.62
C VAL B 3203 64.61 -119.07 68.15
N ALA B 3204 65.84 -119.43 67.82
CA ALA B 3204 66.23 -119.75 66.45
C ALA B 3204 65.83 -121.17 66.09
N PHE B 3205 64.61 -121.33 65.56
CA PHE B 3205 64.13 -122.66 65.23
C PHE B 3205 64.58 -123.10 63.84
N LEU B 3206 64.68 -122.17 62.88
CA LEU B 3206 65.12 -122.53 61.53
C LEU B 3206 66.60 -122.87 61.46
N GLU B 3207 67.38 -122.50 62.47
CA GLU B 3207 68.78 -122.90 62.59
C GLU B 3207 68.97 -123.49 63.98
N PRO B 3208 68.49 -124.72 64.21
CA PRO B 3208 68.60 -125.33 65.54
C PRO B 3208 70.03 -125.63 65.97
N GLN B 3209 70.99 -125.66 65.05
CA GLN B 3209 72.39 -125.91 65.41
C GLN B 3209 73.00 -124.79 66.24
N LEU B 3210 72.41 -123.60 66.22
CA LEU B 3210 72.87 -122.48 67.05
C LEU B 3210 71.78 -121.98 67.98
N ASN B 3211 70.74 -122.78 68.22
CA ASN B 3211 69.63 -122.38 69.08
C ASN B 3211 70.03 -122.30 70.55
N GLU B 3212 71.17 -122.86 70.94
CA GLU B 3212 71.60 -122.91 72.32
C GLU B 3212 72.31 -121.64 72.79
N TYR B 3213 72.30 -120.58 71.98
CA TYR B 3213 72.96 -119.33 72.36
C TYR B 3213 72.00 -118.28 72.89
N ASN B 3214 70.69 -118.43 72.64
CA ASN B 3214 69.71 -117.45 73.08
C ASN B 3214 69.57 -117.50 74.60
N ALA B 3215 69.61 -116.32 75.23
CA ALA B 3215 69.45 -116.24 76.68
C ALA B 3215 68.05 -116.68 77.11
N CYS B 3216 67.03 -116.28 76.36
CA CYS B 3216 65.66 -116.67 76.66
C CYS B 3216 65.27 -117.91 75.85
N SER B 3217 66.05 -118.97 76.05
CA SER B 3217 65.86 -120.25 75.39
C SER B 3217 65.80 -121.34 76.44
N VAL B 3218 64.96 -122.35 76.16
CA VAL B 3218 64.78 -123.47 77.07
C VAL B 3218 66.06 -124.29 77.23
N TYR B 3219 66.94 -124.29 76.23
CA TYR B 3219 68.19 -125.05 76.30
C TYR B 3219 69.28 -124.31 77.05
N THR B 3220 68.98 -123.12 77.57
CA THR B 3220 69.87 -122.39 78.46
C THR B 3220 69.26 -122.22 79.83
N THR B 3221 68.03 -121.71 79.91
CA THR B 3221 67.39 -121.53 81.21
C THR B 3221 66.93 -122.86 81.79
N LYS B 3222 66.33 -123.73 80.97
CA LYS B 3222 65.79 -124.99 81.44
C LYS B 3222 66.89 -126.04 81.48
N SER B 3223 67.28 -126.44 82.69
CA SER B 3223 68.34 -127.40 82.90
C SER B 3223 67.94 -128.78 82.37
N PRO B 3224 68.90 -129.65 82.04
CA PRO B 3224 68.56 -130.97 81.48
C PRO B 3224 67.67 -131.86 82.34
N ARG B 3225 67.57 -131.65 83.65
CA ARG B 3225 66.67 -132.49 84.44
C ARG B 3225 65.20 -132.14 84.22
N GLU B 3226 64.90 -130.98 83.62
CA GLU B 3226 63.62 -130.72 83.00
C GLU B 3226 63.82 -130.74 81.49
N ARG B 3227 62.74 -130.44 80.76
CA ARG B 3227 62.50 -130.62 79.32
C ARG B 3227 62.42 -132.10 78.90
N ALA B 3228 62.50 -133.02 79.85
CA ALA B 3228 62.31 -134.45 79.58
C ALA B 3228 61.24 -135.00 80.51
N ILE B 3229 61.11 -134.39 81.71
CA ILE B 3229 60.04 -134.76 82.62
C ILE B 3229 58.68 -134.39 82.06
N LEU B 3230 58.57 -133.23 81.43
CA LEU B 3230 57.36 -132.81 80.72
C LEU B 3230 57.53 -133.06 79.23
N GLY B 3231 56.39 -133.16 78.54
CA GLY B 3231 56.35 -133.53 77.13
C GLY B 3231 57.12 -132.63 76.18
N LEU B 3232 58.27 -133.13 75.72
CA LEU B 3232 59.18 -132.47 74.78
C LEU B 3232 60.09 -133.52 74.16
N PRO B 3233 60.38 -133.41 72.86
CA PRO B 3233 61.39 -134.31 72.26
C PRO B 3233 62.81 -134.11 72.80
N ASN B 3234 63.08 -133.01 73.52
CA ASN B 3234 64.35 -132.70 74.19
C ASN B 3234 65.51 -132.55 73.20
N SER B 3235 65.21 -132.23 71.94
CA SER B 3235 66.25 -132.01 70.94
C SER B 3235 65.72 -131.03 69.90
N VAL B 3236 66.35 -129.85 69.83
CA VAL B 3236 65.84 -128.72 69.06
C VAL B 3236 65.77 -129.07 67.57
N GLU B 3237 66.74 -129.84 67.06
CA GLU B 3237 66.69 -130.33 65.69
C GLU B 3237 65.52 -131.29 65.47
N GLU B 3238 65.02 -131.91 66.54
CA GLU B 3238 63.90 -132.85 66.48
C GLU B 3238 62.60 -132.28 67.03
N MET B 3239 62.54 -130.96 67.28
CA MET B 3239 61.26 -130.32 67.61
C MET B 3239 60.25 -130.52 66.48
N CYS B 3240 60.62 -130.13 65.26
CA CYS B 3240 59.83 -130.37 64.05
C CYS B 3240 60.77 -130.88 62.97
N PRO B 3241 60.91 -132.20 62.83
CA PRO B 3241 61.71 -132.75 61.71
C PRO B 3241 61.16 -132.42 60.33
N ASP B 3242 59.86 -132.11 60.22
CA ASP B 3242 59.27 -131.67 58.97
C ASP B 3242 59.79 -130.30 58.52
N ILE B 3243 60.37 -129.52 59.42
CA ILE B 3243 60.89 -128.19 59.10
C ILE B 3243 62.33 -128.35 58.64
N PRO B 3244 62.66 -128.00 57.40
CA PRO B 3244 64.06 -128.01 56.96
C PRO B 3244 64.83 -126.89 57.64
N VAL B 3245 66.15 -127.08 57.72
CA VAL B 3245 67.00 -126.02 58.26
C VAL B 3245 67.03 -124.82 57.31
N LEU B 3246 67.37 -123.67 57.89
CA LEU B 3246 67.31 -122.40 57.18
C LEU B 3246 68.27 -122.38 56.01
N ASP B 3247 69.45 -123.00 56.17
CA ASP B 3247 70.48 -122.98 55.14
C ASP B 3247 70.01 -123.63 53.84
N ARG B 3248 69.32 -124.77 53.94
CA ARG B 3248 68.75 -125.37 52.74
C ARG B 3248 67.38 -124.83 52.39
N LEU B 3249 66.80 -123.95 53.22
CA LEU B 3249 65.45 -123.46 52.94
C LEU B 3249 65.44 -122.54 51.73
N MET B 3250 66.36 -121.57 51.66
CA MET B 3250 66.32 -120.70 50.50
C MET B 3250 67.00 -121.36 49.32
N ALA B 3251 67.90 -122.31 49.56
CA ALA B 3251 68.51 -123.04 48.45
C ALA B 3251 67.45 -123.84 47.68
N ASP B 3252 66.53 -124.48 48.42
CA ASP B 3252 65.38 -125.12 47.78
C ASP B 3252 64.47 -124.11 47.10
N ILE B 3253 64.19 -122.98 47.76
CA ILE B 3253 63.33 -121.96 47.14
C ILE B 3253 64.01 -121.36 45.89
N GLY B 3254 65.33 -121.18 45.94
CA GLY B 3254 66.08 -120.74 44.78
C GLY B 3254 66.03 -121.70 43.60
N GLY B 3255 66.14 -123.00 43.87
CA GLY B 3255 65.92 -123.98 42.80
C GLY B 3255 64.50 -123.99 42.30
N LEU B 3256 63.53 -123.73 43.18
CA LEU B 3256 62.14 -123.64 42.77
C LEU B 3256 61.92 -122.43 41.87
N ALA B 3257 62.56 -121.30 42.21
CA ALA B 3257 62.42 -120.08 41.45
C ALA B 3257 63.06 -120.22 40.06
N GLU B 3258 64.28 -120.78 40.01
CA GLU B 3258 64.91 -120.97 38.70
C GLU B 3258 64.20 -122.03 37.87
N SER B 3259 63.42 -122.92 38.50
CA SER B 3259 62.64 -123.88 37.74
C SER B 3259 61.52 -123.20 36.95
N GLY B 3260 61.07 -122.03 37.40
CA GLY B 3260 59.99 -121.33 36.75
C GLY B 3260 58.61 -121.90 37.00
N ALA B 3261 58.48 -122.82 37.96
CA ALA B 3261 57.21 -123.46 38.25
C ALA B 3261 56.22 -122.46 38.85
N ARG B 3262 54.93 -122.71 38.62
CA ARG B 3262 53.87 -121.80 39.00
C ARG B 3262 53.29 -122.12 40.39
N TYR B 3263 52.30 -121.32 40.79
CA TYR B 3263 51.67 -121.48 42.09
C TYR B 3263 50.80 -122.74 42.13
N THR B 3264 50.27 -123.15 40.97
CA THR B 3264 49.43 -124.35 40.88
C THR B 3264 50.21 -125.60 41.32
N GLU B 3265 51.52 -125.60 41.09
CA GLU B 3265 52.42 -126.62 41.60
C GLU B 3265 53.22 -126.11 42.80
N MET B 3266 52.93 -124.89 43.28
CA MET B 3266 53.61 -124.33 44.45
C MET B 3266 52.63 -123.77 45.50
N PRO B 3267 51.57 -124.55 45.93
CA PRO B 3267 50.63 -123.95 46.88
C PRO B 3267 51.19 -123.75 48.29
N HIS B 3268 51.79 -124.80 48.86
CA HIS B 3268 52.29 -124.75 50.23
C HIS B 3268 53.52 -123.87 50.35
N VAL B 3269 54.43 -123.96 49.37
CA VAL B 3269 55.70 -123.21 49.42
C VAL B 3269 55.44 -121.70 49.43
N ILE B 3270 54.55 -121.25 48.54
CA ILE B 3270 54.31 -119.82 48.40
C ILE B 3270 53.50 -119.29 49.59
N GLU B 3271 52.45 -120.00 49.96
CA GLU B 3271 51.55 -119.48 50.99
C GLU B 3271 52.12 -119.61 52.39
N ILE B 3272 53.02 -120.57 52.62
CA ILE B 3272 53.50 -120.87 53.97
C ILE B 3272 55.01 -120.68 54.10
N THR B 3273 55.79 -121.31 53.21
CA THR B 3273 57.25 -121.30 53.35
C THR B 3273 57.84 -119.90 53.06
N LEU B 3274 57.36 -119.23 52.02
CA LEU B 3274 57.82 -117.88 51.71
C LEU B 3274 57.56 -116.86 52.84
N PRO B 3275 56.38 -116.82 53.50
CA PRO B 3275 56.26 -115.95 54.69
C PRO B 3275 57.24 -116.28 55.80
N MET B 3276 57.69 -117.54 55.92
CA MET B 3276 58.68 -117.87 56.94
C MET B 3276 59.99 -117.17 56.68
N LEU B 3277 60.45 -117.17 55.43
CA LEU B 3277 61.63 -116.40 55.06
C LEU B 3277 61.39 -114.91 55.20
N CYS B 3278 60.16 -114.44 54.96
CA CYS B 3278 59.86 -113.02 55.12
C CYS B 3278 59.72 -112.59 56.58
N SER B 3279 59.46 -113.52 57.50
CA SER B 3279 59.22 -113.20 58.89
C SER B 3279 60.37 -113.56 59.82
N TYR B 3280 61.18 -114.56 59.47
CA TYR B 3280 62.28 -115.00 60.32
C TYR B 3280 63.50 -114.12 60.11
N LEU B 3281 63.90 -113.91 58.85
CA LEU B 3281 65.13 -113.19 58.54
C LEU B 3281 65.18 -111.75 59.06
N PRO B 3282 64.18 -110.86 58.84
CA PRO B 3282 64.29 -109.49 59.40
C PRO B 3282 64.33 -109.45 60.91
N ARG B 3283 63.60 -110.35 61.58
CA ARG B 3283 63.56 -110.35 63.04
C ARG B 3283 64.92 -110.67 63.65
N TRP B 3284 65.61 -111.68 63.11
CA TRP B 3284 66.89 -112.10 63.67
C TRP B 3284 68.08 -111.44 62.98
N TRP B 3285 67.84 -110.58 61.98
CA TRP B 3285 68.94 -109.87 61.33
C TRP B 3285 69.63 -108.94 62.32
N GLU B 3286 68.85 -108.25 63.16
CA GLU B 3286 69.44 -107.43 64.21
C GLU B 3286 69.85 -108.24 65.42
N ARG B 3287 69.52 -109.54 65.45
CA ARG B 3287 69.87 -110.42 66.56
C ARG B 3287 70.94 -111.45 66.17
N GLY B 3288 71.62 -111.23 65.05
CA GLY B 3288 72.66 -112.14 64.64
C GLY B 3288 73.78 -111.43 63.88
N PRO B 3289 74.27 -112.04 62.82
CA PRO B 3289 75.32 -111.40 62.01
C PRO B 3289 74.75 -110.26 61.17
N GLU B 3290 75.67 -109.38 60.76
CA GLU B 3290 75.42 -108.13 60.02
C GLU B 3290 74.53 -107.16 60.79
N ALA B 3291 74.34 -107.37 62.08
CA ALA B 3291 73.60 -106.47 62.94
C ALA B 3291 74.48 -105.30 63.34
N PRO B 3292 73.87 -104.17 63.72
CA PRO B 3292 74.60 -103.11 64.43
C PRO B 3292 74.50 -103.30 65.94
N PRO B 3293 75.30 -104.16 66.56
CA PRO B 3293 75.09 -104.50 67.96
C PRO B 3293 75.72 -103.50 68.92
N PRO B 3294 74.90 -102.78 69.72
CA PRO B 3294 75.45 -101.85 70.72
C PRO B 3294 75.74 -102.53 72.05
N ALA B 3295 76.45 -103.65 71.99
CA ALA B 3295 76.67 -104.48 73.17
C ALA B 3295 78.15 -104.63 73.49
N LEU B 3296 78.90 -103.53 73.46
CA LEU B 3296 80.32 -103.58 73.82
C LEU B 3296 80.66 -104.09 75.23
N PRO B 3297 79.96 -103.73 76.33
CA PRO B 3297 80.39 -104.30 77.63
C PRO B 3297 80.03 -105.77 77.81
N ALA B 3298 79.05 -106.28 77.06
CA ALA B 3298 78.55 -107.64 77.21
C ALA B 3298 78.50 -108.33 75.85
N GLY B 3299 79.59 -108.25 75.10
CA GLY B 3299 79.72 -108.87 73.79
C GLY B 3299 80.07 -110.33 73.81
N ALA B 3300 80.18 -110.94 75.01
CA ALA B 3300 80.51 -112.35 75.13
C ALA B 3300 79.51 -113.32 74.47
N PRO B 3301 78.18 -113.21 74.63
CA PRO B 3301 77.28 -114.20 73.97
C PRO B 3301 77.35 -114.10 72.45
N PRO B 3302 77.65 -115.21 71.78
CA PRO B 3302 77.70 -115.19 70.31
C PRO B 3302 76.30 -115.17 69.73
N PRO B 3303 76.14 -114.81 68.44
CA PRO B 3303 74.80 -114.80 67.83
C PRO B 3303 74.13 -116.16 67.84
N CYS B 3304 72.81 -116.15 68.04
CA CYS B 3304 72.00 -117.35 68.08
C CYS B 3304 71.61 -117.87 66.69
N THR B 3305 72.01 -117.18 65.63
CA THR B 3305 71.64 -117.60 64.29
C THR B 3305 72.72 -117.12 63.32
N ALA B 3306 72.46 -117.28 62.02
CA ALA B 3306 73.38 -116.88 60.97
C ALA B 3306 72.65 -116.11 59.88
N VAL B 3307 71.82 -115.15 60.29
CA VAL B 3307 71.00 -114.38 59.36
C VAL B 3307 71.76 -113.15 58.92
N THR B 3308 72.12 -113.08 57.63
CA THR B 3308 72.72 -111.89 57.04
C THR B 3308 71.76 -111.34 55.99
N SER B 3309 72.17 -110.26 55.33
CA SER B 3309 71.39 -109.72 54.22
C SER B 3309 71.52 -110.53 52.94
N ASP B 3310 72.51 -111.43 52.85
CA ASP B 3310 72.64 -112.28 51.66
C ASP B 3310 71.45 -113.21 51.50
N HIS B 3311 70.95 -113.74 52.63
CA HIS B 3311 69.78 -114.60 52.61
C HIS B 3311 68.54 -113.83 52.13
N LEU B 3312 68.38 -112.58 52.57
CA LEU B 3312 67.29 -111.77 52.06
C LEU B 3312 67.51 -111.38 50.60
N ASN B 3313 68.77 -111.23 50.19
CA ASN B 3313 69.10 -110.91 48.80
C ASN B 3313 68.62 -112.02 47.87
N SER B 3314 68.95 -113.27 48.22
CA SER B 3314 68.45 -114.43 47.49
C SER B 3314 66.92 -114.54 47.58
N LEU B 3315 66.36 -114.25 48.77
CA LEU B 3315 64.91 -114.30 48.97
C LEU B 3315 64.17 -113.34 48.05
N LEU B 3316 64.61 -112.08 47.99
CA LEU B 3316 64.00 -111.08 47.11
C LEU B 3316 64.18 -111.43 45.64
N GLY B 3317 65.36 -111.93 45.26
CA GLY B 3317 65.56 -112.32 43.87
C GLY B 3317 64.67 -113.47 43.46
N ASN B 3318 64.52 -114.46 44.35
CA ASN B 3318 63.64 -115.59 44.09
C ASN B 3318 62.18 -115.16 44.01
N ILE B 3319 61.75 -114.26 44.91
CA ILE B 3319 60.37 -113.77 44.89
C ILE B 3319 60.07 -113.05 43.59
N LEU B 3320 60.99 -112.19 43.14
CA LEU B 3320 60.84 -111.51 41.86
C LEU B 3320 60.77 -112.50 40.70
N ARG B 3321 61.65 -113.51 40.71
CA ARG B 3321 61.66 -114.52 39.65
C ARG B 3321 60.36 -115.32 39.63
N ILE B 3322 59.85 -115.67 40.81
CA ILE B 3322 58.59 -116.43 40.91
C ILE B 3322 57.44 -115.60 40.35
N ILE B 3323 57.37 -114.32 40.70
CA ILE B 3323 56.26 -113.48 40.26
C ILE B 3323 56.31 -113.28 38.74
N VAL B 3324 57.48 -112.96 38.20
CA VAL B 3324 57.57 -112.73 36.75
C VAL B 3324 57.48 -114.02 35.94
N ASN B 3325 57.73 -115.19 36.56
CA ASN B 3325 57.39 -116.43 35.87
C ASN B 3325 55.91 -116.73 35.96
N ASN B 3326 55.26 -116.35 37.05
CA ASN B 3326 53.81 -116.40 37.20
C ASN B 3326 53.09 -115.22 36.52
N LEU B 3327 53.82 -114.40 35.75
CA LEU B 3327 53.23 -113.25 35.08
C LEU B 3327 52.21 -113.64 34.01
N GLY B 3328 52.24 -114.88 33.54
CA GLY B 3328 51.33 -115.31 32.48
C GLY B 3328 50.01 -115.85 32.95
N ILE B 3329 49.90 -116.27 34.22
CA ILE B 3329 48.66 -116.82 34.72
C ILE B 3329 47.62 -115.71 34.87
N ASP B 3330 46.36 -116.07 34.64
CA ASP B 3330 45.29 -115.06 34.60
C ASP B 3330 44.98 -114.54 36.00
N GLU B 3331 44.92 -115.42 36.99
CA GLU B 3331 44.54 -115.06 38.35
C GLU B 3331 45.62 -115.48 39.32
N ALA B 3332 46.01 -114.56 40.21
CA ALA B 3332 46.94 -114.87 41.29
C ALA B 3332 46.60 -113.93 42.46
N THR B 3333 45.78 -114.43 43.39
CA THR B 3333 45.43 -113.68 44.58
C THR B 3333 46.58 -113.53 45.56
N TRP B 3334 47.68 -114.25 45.36
CA TRP B 3334 48.85 -114.16 46.22
C TRP B 3334 49.83 -113.08 45.78
N MET B 3335 49.53 -112.33 44.71
CA MET B 3335 50.30 -111.13 44.37
C MET B 3335 50.26 -110.11 45.50
N LYS B 3336 49.07 -109.81 46.02
CA LYS B 3336 48.93 -108.82 47.06
C LYS B 3336 49.55 -109.30 48.37
N ARG B 3337 49.27 -110.56 48.76
CA ARG B 3337 49.77 -111.08 50.02
C ARG B 3337 51.30 -111.19 50.01
N LEU B 3338 51.87 -111.65 48.90
CA LEU B 3338 53.32 -111.72 48.76
C LEU B 3338 53.92 -110.32 48.79
N ALA B 3339 53.27 -109.34 48.13
CA ALA B 3339 53.78 -107.98 48.13
C ALA B 3339 53.77 -107.38 49.54
N VAL B 3340 52.64 -107.49 50.25
CA VAL B 3340 52.55 -106.95 51.60
C VAL B 3340 53.38 -107.71 52.62
N PHE B 3341 53.85 -108.91 52.29
CA PHE B 3341 54.76 -109.60 53.20
C PHE B 3341 56.22 -109.45 52.81
N ALA B 3342 56.52 -109.19 51.54
CA ALA B 3342 57.88 -108.94 51.08
C ALA B 3342 58.22 -107.45 51.01
N GLN B 3343 57.29 -106.58 51.39
CA GLN B 3343 57.60 -105.16 51.45
C GLN B 3343 58.35 -104.73 52.71
N PRO B 3344 58.03 -105.20 53.95
CA PRO B 3344 58.91 -104.85 55.09
C PRO B 3344 60.33 -105.41 55.00
N ILE B 3345 60.58 -106.41 54.14
CA ILE B 3345 61.88 -107.08 54.11
C ILE B 3345 62.81 -106.50 53.03
N VAL B 3346 62.29 -105.71 52.10
CA VAL B 3346 63.07 -105.25 50.94
C VAL B 3346 63.80 -103.96 51.33
N SER B 3347 63.74 -103.60 52.62
CA SER B 3347 64.39 -102.39 53.13
C SER B 3347 65.90 -102.45 52.99
N ARG B 3348 66.50 -103.64 53.01
CA ARG B 3348 67.94 -103.79 52.87
C ARG B 3348 68.33 -104.44 51.54
N ALA B 3349 67.52 -104.22 50.51
CA ALA B 3349 67.75 -104.80 49.20
C ALA B 3349 69.03 -104.25 48.56
N ARG B 3350 69.79 -105.13 47.94
CA ARG B 3350 71.06 -104.76 47.35
C ARG B 3350 70.87 -104.05 46.01
N PRO B 3351 71.83 -103.21 45.60
CA PRO B 3351 71.75 -102.58 44.27
C PRO B 3351 71.84 -103.55 43.10
N GLU B 3352 72.32 -104.78 43.33
CA GLU B 3352 72.47 -105.76 42.25
C GLU B 3352 71.14 -106.13 41.61
N LEU B 3353 70.07 -106.21 42.43
CA LEU B 3353 68.77 -106.62 41.95
C LEU B 3353 68.15 -105.63 40.97
N LEU B 3354 68.65 -104.39 40.93
CA LEU B 3354 68.12 -103.40 40.02
C LEU B 3354 68.44 -103.78 38.58
N HIS B 3355 69.73 -103.89 38.26
CA HIS B 3355 70.11 -104.25 36.90
C HIS B 3355 69.84 -105.71 36.60
N SER B 3356 69.97 -106.61 37.58
CA SER B 3356 69.77 -108.02 37.28
C SER B 3356 68.30 -108.38 37.06
N HIS B 3357 67.39 -107.82 37.86
CA HIS B 3357 65.98 -108.21 37.80
C HIS B 3357 65.06 -107.09 37.33
N PHE B 3358 65.21 -105.87 37.87
CA PHE B 3358 64.27 -104.79 37.60
C PHE B 3358 64.24 -104.40 36.11
N ILE B 3359 65.39 -104.36 35.47
CA ILE B 3359 65.44 -103.96 34.06
C ILE B 3359 64.75 -104.96 33.14
N PRO B 3360 65.10 -106.27 33.07
CA PRO B 3360 64.44 -107.11 32.06
C PRO B 3360 62.99 -107.46 32.40
N THR B 3361 62.72 -107.84 33.65
CA THR B 3361 61.40 -108.31 34.05
C THR B 3361 60.35 -107.20 33.96
N ILE B 3362 60.63 -106.05 34.54
CA ILE B 3362 59.69 -104.95 34.36
C ILE B 3362 59.74 -104.45 32.92
N GLY B 3363 60.85 -104.62 32.18
CA GLY B 3363 60.83 -104.33 30.76
C GLY B 3363 59.86 -105.21 29.99
N ARG B 3364 59.69 -106.46 30.45
CA ARG B 3364 58.63 -107.32 29.95
C ARG B 3364 57.28 -106.74 30.28
N LEU B 3365 57.14 -106.20 31.50
CA LEU B 3365 55.87 -105.56 31.88
C LEU B 3365 55.58 -104.35 30.99
N ARG B 3366 56.63 -103.59 30.68
CA ARG B 3366 56.54 -102.40 29.84
C ARG B 3366 56.07 -102.75 28.43
N LYS B 3367 56.69 -103.76 27.81
CA LYS B 3367 56.26 -104.15 26.47
C LYS B 3367 54.89 -104.82 26.49
N ARG B 3368 54.54 -105.52 27.58
CA ARG B 3368 53.20 -106.08 27.71
C ARG B 3368 52.16 -104.97 27.80
N ALA B 3369 52.43 -103.93 28.60
CA ALA B 3369 51.54 -102.79 28.72
C ALA B 3369 51.39 -102.05 27.40
N GLY B 3370 52.50 -101.89 26.67
CA GLY B 3370 52.43 -101.29 25.35
C GLY B 3370 51.64 -102.13 24.36
N LYS B 3371 51.76 -103.47 24.47
CA LYS B 3371 51.00 -104.37 23.60
C LYS B 3371 49.51 -104.26 23.88
N VAL B 3372 49.14 -104.21 25.17
CA VAL B 3372 47.73 -104.13 25.55
C VAL B 3372 47.13 -102.80 25.12
N VAL B 3373 47.83 -101.69 25.34
CA VAL B 3373 47.29 -100.41 24.88
C VAL B 3373 47.34 -100.30 23.35
N ALA B 3374 48.26 -101.03 22.69
CA ALA B 3374 48.24 -101.13 21.23
C ALA B 3374 46.98 -101.85 20.74
N GLU B 3375 46.58 -102.92 21.43
CA GLU B 3375 45.30 -103.55 21.13
C GLU B 3375 44.13 -102.61 21.41
N GLU B 3376 44.21 -101.87 22.53
CA GLU B 3376 43.13 -100.96 22.89
C GLU B 3376 42.95 -99.86 21.86
N GLU B 3377 44.05 -99.28 21.37
CA GLU B 3377 43.95 -98.26 20.33
C GLU B 3377 43.55 -98.86 18.99
N GLN B 3378 43.95 -100.11 18.70
CA GLN B 3378 43.52 -100.80 17.49
C GLN B 3378 42.01 -101.00 17.48
N LEU B 3379 41.44 -101.42 18.60
CA LEU B 3379 40.00 -101.59 18.69
C LEU B 3379 39.27 -100.26 18.73
N ARG B 3380 39.86 -99.22 19.34
CA ARG B 3380 39.15 -97.95 19.40
C ARG B 3380 39.19 -97.19 18.07
N LEU B 3381 40.20 -97.42 17.22
CA LEU B 3381 40.22 -96.72 15.94
C LEU B 3381 39.18 -97.29 14.99
N GLU B 3382 38.96 -98.60 15.01
CA GLU B 3382 37.89 -99.21 14.22
C GLU B 3382 36.55 -98.97 14.89
N ALA B 3383 35.58 -98.51 14.10
CA ALA B 3383 34.28 -98.05 14.60
C ALA B 3383 33.18 -99.00 14.12
N LYS B 3384 32.91 -100.04 14.90
CA LYS B 3384 31.82 -100.98 14.67
C LYS B 3384 31.60 -101.76 15.95
N ALA B 3385 30.61 -102.66 15.92
CA ALA B 3385 30.26 -103.46 17.09
C ALA B 3385 31.33 -104.46 17.51
N GLU B 3386 32.35 -104.70 16.66
CA GLU B 3386 33.43 -105.62 16.97
C GLU B 3386 34.33 -105.13 18.10
N ALA B 3387 34.21 -103.85 18.49
CA ALA B 3387 35.04 -103.27 19.53
C ALA B 3387 34.83 -103.95 20.88
N GLU B 3388 33.57 -104.23 21.24
CA GLU B 3388 33.25 -104.82 22.54
C GLU B 3388 33.83 -106.21 22.68
N GLU B 3389 33.65 -107.06 21.66
CA GLU B 3389 34.27 -108.38 21.67
C GLU B 3389 35.77 -108.25 21.41
N GLY B 3390 36.53 -108.21 22.50
CA GLY B 3390 37.94 -107.88 22.48
C GLY B 3390 38.22 -106.83 23.53
N GLU B 3391 37.22 -106.00 23.78
CA GLU B 3391 37.33 -105.03 24.87
C GLU B 3391 37.34 -105.74 26.21
N LEU B 3392 36.56 -106.83 26.36
CA LEU B 3392 36.66 -107.62 27.58
C LEU B 3392 38.00 -108.32 27.70
N LEU B 3393 38.64 -108.65 26.56
CA LEU B 3393 39.98 -109.22 26.58
C LEU B 3393 41.00 -108.20 27.08
N VAL B 3394 40.91 -106.95 26.62
CA VAL B 3394 41.84 -105.96 27.15
C VAL B 3394 41.44 -105.51 28.56
N ARG B 3395 40.17 -105.65 28.95
CA ARG B 3395 39.78 -105.50 30.35
C ARG B 3395 40.49 -106.52 31.25
N ASP B 3396 40.50 -107.79 30.82
CA ASP B 3396 41.21 -108.83 31.55
C ASP B 3396 42.72 -108.57 31.58
N GLU B 3397 43.28 -108.14 30.45
CA GLU B 3397 44.71 -107.80 30.41
C GLU B 3397 45.02 -106.58 31.28
N PHE B 3398 44.11 -105.62 31.36
CA PHE B 3398 44.25 -104.52 32.32
C PHE B 3398 44.17 -105.03 33.75
N SER B 3399 43.29 -105.99 34.04
CA SER B 3399 43.13 -106.49 35.40
C SER B 3399 44.41 -107.20 35.89
N VAL B 3400 44.97 -108.07 35.03
CA VAL B 3400 46.21 -108.75 35.40
C VAL B 3400 47.37 -107.75 35.46
N LEU B 3401 47.40 -106.76 34.55
CA LEU B 3401 48.44 -105.75 34.56
C LEU B 3401 48.36 -104.89 35.82
N CYS B 3402 47.15 -104.50 36.22
CA CYS B 3402 46.96 -103.71 37.43
C CYS B 3402 47.37 -104.49 38.68
N ARG B 3403 47.01 -105.76 38.75
CA ARG B 3403 47.40 -106.59 39.89
C ARG B 3403 48.92 -106.77 39.97
N ASP B 3404 49.57 -107.00 38.83
CA ASP B 3404 51.03 -107.15 38.82
C ASP B 3404 51.70 -105.83 39.17
N LEU B 3405 51.18 -104.71 38.67
CA LEU B 3405 51.75 -103.41 38.98
C LEU B 3405 51.59 -103.10 40.47
N TYR B 3406 50.41 -103.42 41.03
CA TYR B 3406 50.14 -103.16 42.44
C TYR B 3406 50.88 -104.11 43.35
N ALA B 3407 51.50 -105.16 42.81
CA ALA B 3407 52.31 -106.04 43.64
C ALA B 3407 53.80 -105.80 43.45
N LEU B 3408 54.21 -105.16 42.35
CA LEU B 3408 55.62 -104.90 42.07
C LEU B 3408 56.05 -103.49 42.42
N TYR B 3409 55.18 -102.49 42.23
CA TYR B 3409 55.50 -101.11 42.64
C TYR B 3409 55.73 -100.88 44.13
N PRO B 3410 54.89 -101.37 45.09
CA PRO B 3410 55.16 -101.04 46.51
C PRO B 3410 56.51 -101.48 47.04
N LEU B 3411 57.03 -102.63 46.60
CA LEU B 3411 58.38 -103.02 46.97
C LEU B 3411 59.43 -102.16 46.26
N LEU B 3412 59.11 -101.69 45.05
CA LEU B 3412 60.00 -100.77 44.33
C LEU B 3412 60.09 -99.41 45.04
N ILE B 3413 58.98 -98.97 45.64
CA ILE B 3413 58.98 -97.72 46.41
C ILE B 3413 59.95 -97.82 47.59
N ARG B 3414 59.95 -98.96 48.28
CA ARG B 3414 60.94 -99.18 49.33
C ARG B 3414 62.34 -99.36 48.76
N TYR B 3415 62.45 -99.80 47.51
CA TYR B 3415 63.75 -99.96 46.87
C TYR B 3415 64.38 -98.61 46.54
N VAL B 3416 63.60 -97.69 45.97
CA VAL B 3416 64.14 -96.41 45.51
C VAL B 3416 64.53 -95.52 46.69
N ASP B 3417 63.70 -95.46 47.74
CA ASP B 3417 63.90 -94.56 48.87
C ASP B 3417 65.21 -94.81 49.60
N ASN B 3418 65.63 -96.07 49.70
CA ASN B 3418 66.89 -96.39 50.35
C ASN B 3418 68.11 -96.02 49.52
N ASN B 3419 67.98 -95.91 48.20
CA ASN B 3419 69.13 -95.74 47.32
C ASN B 3419 69.09 -94.45 46.51
N ARG B 3420 67.97 -93.70 46.52
CA ARG B 3420 67.85 -92.48 45.71
C ARG B 3420 68.88 -91.43 46.12
N ALA B 3421 69.29 -91.42 47.39
CA ALA B 3421 70.28 -90.45 47.87
C ALA B 3421 71.60 -90.63 47.13
N HIS B 3422 72.06 -91.88 47.03
CA HIS B 3422 73.31 -92.15 46.32
CA HIS B 3422 73.30 -92.14 46.31
C HIS B 3422 73.09 -92.05 44.81
N TRP B 3423 71.87 -92.35 44.34
CA TRP B 3423 71.57 -92.23 42.92
C TRP B 3423 71.67 -90.78 42.46
N LEU B 3424 71.21 -89.86 43.29
CA LEU B 3424 71.43 -88.43 43.03
C LEU B 3424 72.90 -88.05 43.20
N THR B 3425 73.59 -88.68 44.16
CA THR B 3425 75.00 -88.37 44.39
C THR B 3425 75.86 -88.75 43.18
N GLU B 3426 75.62 -89.93 42.60
CA GLU B 3426 76.38 -90.44 41.46
C GLU B 3426 75.39 -91.02 40.46
N PRO B 3427 75.48 -90.63 39.18
CA PRO B 3427 74.49 -91.10 38.18
C PRO B 3427 74.50 -92.60 37.95
N ASN B 3428 73.32 -93.14 37.67
CA ASN B 3428 73.14 -94.57 37.41
C ASN B 3428 72.39 -94.76 36.10
N ALA B 3429 73.04 -95.46 35.16
CA ALA B 3429 72.44 -95.75 33.87
C ALA B 3429 71.21 -96.65 34.01
N ASN B 3430 71.23 -97.52 35.03
CA ASN B 3430 70.08 -98.36 35.31
C ASN B 3430 68.89 -97.51 35.71
N ALA B 3431 69.12 -96.53 36.60
CA ALA B 3431 68.05 -95.63 37.00
C ALA B 3431 67.56 -94.78 35.83
N GLU B 3432 68.46 -94.45 34.90
CA GLU B 3432 68.06 -93.77 33.66
C GLU B 3432 67.07 -94.62 32.86
N GLU B 3433 67.43 -95.90 32.65
CA GLU B 3433 66.59 -96.82 31.88
C GLU B 3433 65.24 -97.04 32.57
N LEU B 3434 65.26 -97.21 33.90
CA LEU B 3434 64.04 -97.30 34.68
C LEU B 3434 63.18 -96.05 34.51
N PHE B 3435 63.80 -94.87 34.53
CA PHE B 3435 63.04 -93.63 34.38
C PHE B 3435 62.35 -93.57 33.02
N ARG B 3436 63.08 -93.98 31.96
CA ARG B 3436 62.50 -93.99 30.62
C ARG B 3436 61.33 -94.95 30.52
N MET B 3437 61.46 -96.13 31.13
CA MET B 3437 60.41 -97.12 30.93
C MET B 3437 59.21 -96.84 31.82
N VAL B 3438 59.41 -96.35 33.04
CA VAL B 3438 58.27 -95.99 33.89
C VAL B 3438 57.53 -94.81 33.27
N GLY B 3439 58.26 -93.88 32.64
CA GLY B 3439 57.61 -92.78 31.96
C GLY B 3439 56.76 -93.24 30.79
N GLU B 3440 57.26 -94.19 29.99
CA GLU B 3440 56.45 -94.76 28.91
C GLU B 3440 55.22 -95.51 29.43
N ILE B 3441 55.39 -96.28 30.52
CA ILE B 3441 54.25 -96.96 31.16
C ILE B 3441 53.22 -95.96 31.68
N PHE B 3442 53.69 -94.89 32.32
CA PHE B 3442 52.79 -93.84 32.81
C PHE B 3442 52.08 -93.12 31.67
N ILE B 3443 52.77 -92.90 30.54
CA ILE B 3443 52.13 -92.33 29.36
C ILE B 3443 51.00 -93.25 28.88
N TYR B 3444 51.24 -94.57 28.89
CA TYR B 3444 50.19 -95.53 28.56
C TYR B 3444 49.02 -95.45 29.54
N TRP B 3445 49.33 -95.31 30.84
CA TRP B 3445 48.29 -95.21 31.87
C TRP B 3445 47.46 -93.95 31.70
N SER B 3446 48.13 -92.81 31.50
CA SER B 3446 47.44 -91.53 31.36
C SER B 3446 46.59 -91.51 30.10
N LYS B 3447 47.10 -92.07 29.00
CA LYS B 3447 46.37 -92.05 27.74
C LYS B 3447 45.19 -93.03 27.79
N SER B 3448 45.34 -94.17 28.47
CA SER B 3448 44.29 -95.18 28.51
C SER B 3448 43.35 -94.88 29.67
N HIS B 3449 42.15 -94.40 29.35
CA HIS B 3449 41.12 -94.17 30.36
C HIS B 3449 40.67 -95.49 30.99
N ASN B 3450 40.58 -96.55 30.18
CA ASN B 3450 40.16 -97.86 30.64
C ASN B 3450 41.11 -98.42 31.70
N PHE B 3451 42.42 -98.35 31.44
CA PHE B 3451 43.43 -98.87 32.38
C PHE B 3451 43.33 -98.18 33.75
N LYS B 3452 42.95 -96.90 33.77
CA LYS B 3452 42.61 -96.23 35.02
C LYS B 3452 41.37 -96.86 35.64
N ARG B 3453 40.35 -97.15 34.81
CA ARG B 3453 39.07 -97.63 35.32
C ARG B 3453 39.25 -98.97 36.00
N GLU B 3454 39.98 -99.90 35.37
CA GLU B 3454 40.29 -101.13 36.10
C GLU B 3454 41.31 -100.93 37.21
N GLU B 3455 42.02 -99.80 37.25
CA GLU B 3455 42.89 -99.57 38.40
C GLU B 3455 42.07 -99.31 39.66
N GLN B 3456 41.04 -98.45 39.54
CA GLN B 3456 40.17 -98.35 40.73
C GLN B 3456 39.25 -99.56 40.87
N ASN B 3457 38.90 -100.25 39.78
CA ASN B 3457 38.13 -101.48 39.92
C ASN B 3457 38.90 -102.55 40.68
N PHE B 3458 40.22 -102.62 40.47
CA PHE B 3458 41.09 -103.45 41.30
C PHE B 3458 41.08 -102.99 42.74
N VAL B 3459 41.09 -101.67 42.96
CA VAL B 3459 41.10 -101.14 44.33
C VAL B 3459 39.80 -101.51 45.06
N VAL B 3460 38.66 -101.32 44.40
CA VAL B 3460 37.38 -101.58 45.05
C VAL B 3460 37.13 -103.09 45.21
N GLN B 3461 37.61 -103.91 44.27
CA GLN B 3461 37.40 -105.35 44.34
C GLN B 3461 38.46 -106.08 45.15
N ASN B 3462 39.47 -105.38 45.67
CA ASN B 3462 40.47 -106.04 46.50
C ASN B 3462 40.77 -105.34 47.82
N GLU B 3463 40.14 -104.17 48.06
CA GLU B 3463 40.25 -103.41 49.32
C GLU B 3463 41.70 -103.08 49.67
N ILE B 3464 42.47 -102.68 48.65
CA ILE B 3464 43.86 -102.32 48.86
C ILE B 3464 43.91 -101.01 49.64
N ASN B 3465 44.77 -100.97 50.67
CA ASN B 3465 44.92 -99.79 51.51
C ASN B 3465 45.41 -98.58 50.71
N ASN B 3466 46.64 -98.68 50.16
CA ASN B 3466 47.35 -97.73 49.30
C ASN B 3466 47.85 -96.49 50.04
N MET B 3467 47.51 -96.33 51.32
CA MET B 3467 48.23 -95.40 52.18
C MET B 3467 49.18 -96.11 53.14
N SER B 3468 48.98 -97.40 53.39
CA SER B 3468 49.96 -98.16 54.16
C SER B 3468 51.28 -98.30 53.42
N PHE B 3469 51.24 -98.22 52.08
CA PHE B 3469 52.47 -98.24 51.29
C PHE B 3469 53.32 -97.02 51.58
N LEU B 3470 52.68 -95.85 51.65
CA LEU B 3470 53.39 -94.62 51.95
C LEU B 3470 53.83 -94.56 53.42
N THR B 3471 52.96 -95.03 54.33
CA THR B 3471 53.29 -94.98 55.75
C THR B 3471 54.16 -96.14 56.23
N ALA B 3472 54.53 -97.07 55.34
CA ALA B 3472 55.37 -98.20 55.75
C ALA B 3472 56.73 -97.77 56.27
N ASP B 3473 57.38 -96.81 55.59
CA ASP B 3473 58.65 -96.29 56.08
C ASP B 3473 58.49 -95.47 57.35
N SER B 3474 57.38 -94.73 57.47
CA SER B 3474 57.14 -93.95 58.69
C SER B 3474 56.92 -94.88 59.89
N LYS B 3475 56.17 -95.97 59.69
CA LYS B 3475 55.99 -96.96 60.74
C LYS B 3475 57.30 -97.70 61.04
N SER B 3476 58.15 -97.86 60.03
CA SER B 3476 59.51 -98.35 60.27
C SER B 3476 60.29 -97.38 61.14
N LYS B 3477 60.03 -96.07 60.97
CA LYS B 3477 60.57 -95.03 61.84
C LYS B 3477 59.70 -94.80 63.08
N MET B 3478 58.81 -95.75 63.39
CA MET B 3478 57.91 -95.75 64.55
C MET B 3478 57.00 -94.53 64.59
N ALA B 3479 56.11 -94.47 63.59
CA ALA B 3479 55.13 -93.40 63.49
C ALA B 3479 54.11 -93.50 64.63
N ARG B 3498 37.45 -93.22 55.61
CA ARG B 3498 36.80 -91.93 55.68
C ARG B 3498 36.47 -91.41 54.27
N ARG B 3499 37.02 -90.24 53.93
CA ARG B 3499 36.75 -89.62 52.64
C ARG B 3499 37.55 -90.30 51.52
N GLY B 3500 38.87 -90.25 51.61
CA GLY B 3500 39.71 -90.85 50.59
C GLY B 3500 40.23 -92.21 50.98
N ASP B 3501 39.35 -93.01 51.60
CA ASP B 3501 39.72 -94.33 52.10
C ASP B 3501 40.07 -95.28 50.95
N ARG B 3502 39.26 -95.28 49.90
CA ARG B 3502 39.41 -96.30 48.86
C ARG B 3502 40.50 -95.93 47.86
N TYR B 3503 40.30 -94.83 47.12
CA TYR B 3503 41.21 -94.48 46.04
C TYR B 3503 40.91 -93.07 45.56
N SER B 3504 41.96 -92.34 45.21
CA SER B 3504 41.88 -91.08 44.50
C SER B 3504 42.96 -91.08 43.42
N VAL B 3505 42.82 -90.16 42.47
CA VAL B 3505 43.72 -90.10 41.32
C VAL B 3505 45.16 -89.81 41.76
N GLN B 3506 45.33 -88.88 42.70
CA GLN B 3506 46.65 -88.52 43.19
C GLN B 3506 47.30 -89.60 44.05
N THR B 3507 46.55 -90.62 44.48
CA THR B 3507 47.09 -91.72 45.27
C THR B 3507 47.44 -92.94 44.42
N SER B 3508 47.45 -92.79 43.10
CA SER B 3508 47.83 -93.89 42.22
C SER B 3508 49.29 -94.26 42.42
N LEU B 3509 49.57 -95.57 42.37
CA LEU B 3509 50.94 -96.02 42.58
C LEU B 3509 51.84 -95.68 41.41
N ILE B 3510 51.29 -95.57 40.21
CA ILE B 3510 52.09 -95.21 39.04
C ILE B 3510 52.62 -93.79 39.18
N VAL B 3511 51.73 -92.83 39.48
CA VAL B 3511 52.16 -91.46 39.66
C VAL B 3511 53.02 -91.31 40.91
N ALA B 3512 52.75 -92.09 41.97
CA ALA B 3512 53.60 -92.03 43.17
C ALA B 3512 55.01 -92.55 42.88
N THR B 3513 55.09 -93.62 42.07
CA THR B 3513 56.37 -94.21 41.69
C THR B 3513 57.20 -93.23 40.88
N LEU B 3514 56.55 -92.55 39.92
CA LEU B 3514 57.31 -91.59 39.14
C LEU B 3514 57.72 -90.38 39.98
N LYS B 3515 56.77 -89.80 40.75
CA LYS B 3515 57.03 -88.54 41.45
C LYS B 3515 58.15 -88.68 42.48
N LYS B 3516 58.24 -89.84 43.13
CA LYS B 3516 59.31 -90.05 44.11
C LYS B 3516 60.68 -90.09 43.43
N MET B 3517 60.76 -90.71 42.27
CA MET B 3517 62.05 -90.94 41.60
C MET B 3517 62.41 -89.82 40.61
N LEU B 3518 61.49 -88.86 40.38
CA LEU B 3518 61.74 -87.71 39.50
C LEU B 3518 63.04 -86.92 39.69
N PRO B 3519 63.60 -86.73 40.91
CA PRO B 3519 64.92 -86.07 40.99
C PRO B 3519 66.03 -86.71 40.15
N ILE B 3520 66.01 -88.04 39.95
CA ILE B 3520 67.01 -88.68 39.08
C ILE B 3520 66.89 -88.19 37.65
N GLY B 3521 65.66 -88.16 37.13
CA GLY B 3521 65.42 -87.64 35.79
C GLY B 3521 65.76 -86.16 35.64
N LEU B 3522 65.40 -85.36 36.66
CA LEU B 3522 65.75 -83.95 36.65
C LEU B 3522 67.27 -83.78 36.73
N ASN B 3523 67.94 -84.61 37.54
CA ASN B 3523 69.38 -84.57 37.70
C ASN B 3523 70.11 -84.89 36.40
N MET B 3524 69.51 -85.75 35.57
CA MET B 3524 70.18 -86.15 34.32
C MET B 3524 70.31 -84.97 33.37
N CYS B 3525 69.23 -84.22 33.18
CA CYS B 3525 69.24 -83.10 32.25
C CYS B 3525 69.99 -81.89 32.82
N ALA B 3526 70.62 -81.13 31.92
CA ALA B 3526 71.34 -79.94 32.33
C ALA B 3526 70.37 -78.79 32.63
N PRO B 3527 70.74 -77.89 33.54
CA PRO B 3527 69.86 -76.72 33.81
C PRO B 3527 69.64 -75.79 32.63
N THR B 3528 70.56 -75.72 31.67
CA THR B 3528 70.40 -74.87 30.49
C THR B 3528 69.23 -75.27 29.60
N ASP B 3529 68.77 -76.50 29.70
CA ASP B 3529 67.74 -77.07 28.84
C ASP B 3529 66.33 -76.69 29.23
N GLN B 3530 66.14 -75.81 30.23
CA GLN B 3530 64.82 -75.38 30.68
C GLN B 3530 63.97 -74.77 29.57
N ASP B 3531 64.59 -74.01 28.67
CA ASP B 3531 63.89 -73.52 27.48
C ASP B 3531 63.44 -74.69 26.60
N LEU B 3532 64.32 -75.68 26.40
CA LEU B 3532 63.95 -76.86 25.62
C LEU B 3532 62.86 -77.67 26.30
N ILE B 3533 62.82 -77.60 27.64
CA ILE B 3533 61.76 -78.22 28.43
C ILE B 3533 60.45 -77.58 28.09
N MET B 3534 60.36 -76.26 28.29
CA MET B 3534 59.08 -75.54 28.17
C MET B 3534 58.52 -75.62 26.76
N LEU B 3535 59.39 -75.51 25.73
CA LEU B 3535 58.91 -75.69 24.36
C LEU B 3535 58.44 -77.12 24.11
N ALA B 3536 59.08 -78.11 24.75
CA ALA B 3536 58.60 -79.48 24.59
C ALA B 3536 57.25 -79.68 25.27
N LYS B 3537 57.02 -79.01 26.42
CA LYS B 3537 55.71 -79.09 27.10
C LYS B 3537 54.63 -78.49 26.22
N THR B 3538 54.95 -77.36 25.57
CA THR B 3538 53.95 -76.66 24.76
C THR B 3538 53.59 -77.50 23.54
N ARG B 3539 54.58 -78.05 22.82
CA ARG B 3539 54.22 -78.84 21.66
C ARG B 3539 53.60 -80.20 22.04
N TYR B 3540 53.87 -80.70 23.25
CA TYR B 3540 53.07 -81.80 23.78
C TYR B 3540 51.62 -81.41 23.95
N ALA B 3541 51.36 -80.21 24.47
CA ALA B 3541 49.98 -79.72 24.51
C ALA B 3541 49.43 -79.47 23.10
N LEU B 3542 50.31 -79.28 22.12
CA LEU B 3542 49.96 -79.20 20.70
C LEU B 3542 49.75 -80.58 20.08
N LYS B 3543 49.90 -81.64 20.89
CA LYS B 3543 49.66 -83.05 20.51
C LYS B 3543 50.61 -83.55 19.42
N ASP B 3544 51.91 -83.49 19.70
CA ASP B 3544 52.90 -83.94 18.73
C ASP B 3544 53.50 -85.26 19.20
N THR B 3545 53.92 -86.08 18.24
CA THR B 3545 54.44 -87.41 18.55
C THR B 3545 55.91 -87.32 18.96
N ASP B 3546 56.45 -88.47 19.40
CA ASP B 3546 57.82 -88.53 19.90
C ASP B 3546 58.84 -88.25 18.82
N GLU B 3547 58.63 -88.77 17.60
CA GLU B 3547 59.57 -88.51 16.52
C GLU B 3547 59.54 -87.03 16.12
N GLU B 3548 58.34 -86.45 16.08
CA GLU B 3548 58.19 -85.04 15.72
C GLU B 3548 58.84 -84.14 16.76
N VAL B 3549 58.71 -84.49 18.05
CA VAL B 3549 59.30 -83.60 19.05
C VAL B 3549 60.81 -83.78 19.08
N ARG B 3550 61.31 -85.00 18.77
CA ARG B 3550 62.75 -85.21 18.73
C ARG B 3550 63.38 -84.42 17.58
N GLU B 3551 62.74 -84.46 16.40
CA GLU B 3551 63.30 -83.72 15.27
C GLU B 3551 63.19 -82.21 15.50
N PHE B 3552 62.10 -81.75 16.13
CA PHE B 3552 62.01 -80.34 16.49
C PHE B 3552 63.11 -79.92 17.46
N LEU B 3553 63.46 -80.78 18.42
CA LEU B 3553 64.59 -80.50 19.31
C LEU B 3553 65.90 -80.43 18.54
N GLN B 3554 66.08 -81.33 17.56
CA GLN B 3554 67.25 -81.26 16.69
C GLN B 3554 67.30 -79.96 15.90
N ASN B 3555 66.15 -79.51 15.38
CA ASN B 3555 66.13 -78.23 14.67
C ASN B 3555 66.22 -77.04 15.62
N ASN B 3556 66.02 -77.24 16.91
CA ASN B 3556 66.09 -76.17 17.90
C ASN B 3556 67.09 -76.52 18.99
N LEU B 3557 68.26 -77.04 18.58
CA LEU B 3557 69.32 -77.39 19.53
C LEU B 3557 69.89 -76.16 20.22
N HIS B 3558 70.10 -75.07 19.47
CA HIS B 3558 70.77 -73.88 19.97
C HIS B 3558 69.98 -73.10 21.02
N LEU B 3559 68.68 -73.39 21.19
CA LEU B 3559 67.89 -72.65 22.19
C LEU B 3559 68.21 -73.05 23.65
N GLN B 3560 69.24 -73.83 23.95
CA GLN B 3560 69.65 -74.07 25.33
C GLN B 3560 70.09 -72.78 25.99
N GLY B 3561 69.85 -72.69 27.31
CA GLY B 3561 70.08 -71.45 28.05
C GLY B 3561 71.53 -71.03 28.06
N LYS B 3562 71.73 -69.72 28.04
CA LYS B 3562 73.06 -69.13 28.13
C LYS B 3562 73.42 -69.00 29.61
N VAL B 3563 74.56 -69.59 30.00
CA VAL B 3563 74.94 -69.71 31.41
C VAL B 3563 75.14 -68.34 32.08
N GLU B 3564 75.76 -67.38 31.38
CA GLU B 3564 75.86 -66.05 31.96
C GLU B 3564 74.61 -65.20 31.70
N GLY B 3565 73.65 -65.71 30.93
CA GLY B 3565 72.41 -64.98 30.72
C GLY B 3565 71.45 -65.03 31.89
N SER B 3566 71.69 -65.91 32.86
CA SER B 3566 70.91 -65.98 34.07
C SER B 3566 71.84 -66.10 35.27
N PRO B 3567 71.55 -65.37 36.36
CA PRO B 3567 72.40 -65.46 37.56
C PRO B 3567 72.50 -66.85 38.17
N SER B 3568 71.44 -67.66 38.06
CA SER B 3568 71.43 -68.95 38.73
C SER B 3568 72.36 -69.96 38.06
N LEU B 3569 72.55 -69.84 36.75
CA LEU B 3569 73.16 -70.90 35.96
C LEU B 3569 74.62 -71.11 36.31
N ARG B 3570 75.36 -70.05 36.67
CA ARG B 3570 76.78 -70.17 36.99
C ARG B 3570 77.01 -71.10 38.18
N TRP B 3571 76.31 -70.86 39.29
CA TRP B 3571 76.51 -71.74 40.44
C TRP B 3571 75.82 -73.09 40.24
N GLN B 3572 74.72 -73.12 39.47
CA GLN B 3572 74.07 -74.40 39.18
C GLN B 3572 75.01 -75.30 38.39
N MET B 3573 75.69 -74.77 37.36
CA MET B 3573 76.73 -75.51 36.68
C MET B 3573 77.93 -75.82 37.58
N ALA B 3574 78.25 -74.94 38.53
CA ALA B 3574 79.33 -75.23 39.46
C ALA B 3574 79.05 -76.45 40.32
N LEU B 3575 77.82 -76.57 40.84
CA LEU B 3575 77.45 -77.77 41.58
C LEU B 3575 77.18 -78.96 40.67
N TYR B 3576 76.64 -78.70 39.47
CA TYR B 3576 76.38 -79.76 38.50
C TYR B 3576 77.68 -80.43 38.07
N ARG B 3577 78.69 -79.65 37.67
CA ARG B 3577 79.99 -80.17 37.33
C ARG B 3577 80.82 -80.55 38.56
N GLY B 3578 80.39 -80.20 39.77
CA GLY B 3578 81.14 -80.52 40.96
C GLY B 3578 81.21 -82.01 41.27
N LEU B 3579 80.25 -82.78 40.78
CA LEU B 3579 80.21 -84.22 41.00
C LEU B 3579 81.12 -84.93 39.99
N PRO B 3580 82.07 -85.76 40.47
CA PRO B 3580 82.93 -86.52 39.55
C PRO B 3580 82.20 -87.43 38.56
N GLY B 3581 80.97 -87.85 38.85
CA GLY B 3581 80.21 -88.72 37.96
C GLY B 3581 79.76 -88.06 36.67
N ARG B 3582 79.96 -86.76 36.52
CA ARG B 3582 79.63 -86.05 35.30
C ARG B 3582 80.74 -86.18 34.27
N GLU B 3583 80.33 -86.23 33.00
CA GLU B 3583 81.25 -86.30 31.88
C GLU B 3583 80.95 -85.17 30.92
N GLU B 3584 81.99 -84.39 30.57
CA GLU B 3584 81.82 -83.26 29.68
C GLU B 3584 81.48 -83.70 28.26
N ASP B 3585 81.98 -84.86 27.83
CA ASP B 3585 81.78 -85.35 26.48
C ASP B 3585 80.53 -86.20 26.35
N ALA B 3586 79.80 -86.42 27.44
CA ALA B 3586 78.57 -87.21 27.41
C ALA B 3586 77.35 -86.38 27.01
N ASP B 3587 77.53 -85.09 26.76
CA ASP B 3587 76.41 -84.22 26.38
C ASP B 3587 76.25 -84.17 24.86
N ASP B 3588 76.05 -85.36 24.29
CA ASP B 3588 75.80 -85.49 22.86
C ASP B 3588 74.44 -84.87 22.54
N PRO B 3589 74.29 -84.22 21.37
CA PRO B 3589 72.98 -83.62 21.04
C PRO B 3589 71.84 -84.61 20.96
N GLU B 3590 72.09 -85.83 20.46
CA GLU B 3590 71.02 -86.84 20.43
C GLU B 3590 70.69 -87.34 21.83
N LYS B 3591 71.68 -87.43 22.72
CA LYS B 3591 71.41 -87.89 24.07
C LYS B 3591 70.67 -86.82 24.87
N ILE B 3592 71.07 -85.55 24.70
CA ILE B 3592 70.44 -84.49 25.46
C ILE B 3592 69.00 -84.28 24.99
N VAL B 3593 68.74 -84.40 23.67
CA VAL B 3593 67.34 -84.28 23.25
C VAL B 3593 66.54 -85.50 23.68
N ARG B 3594 67.18 -86.68 23.79
CA ARG B 3594 66.49 -87.85 24.28
C ARG B 3594 66.06 -87.68 25.74
N ARG B 3595 67.00 -87.27 26.61
CA ARG B 3595 66.66 -87.07 28.02
C ARG B 3595 65.65 -85.94 28.22
N VAL B 3596 65.80 -84.82 27.48
CA VAL B 3596 64.84 -83.73 27.57
C VAL B 3596 63.45 -84.16 27.13
N GLN B 3597 63.36 -84.91 26.02
CA GLN B 3597 62.10 -85.44 25.54
C GLN B 3597 61.46 -86.39 26.55
N GLU B 3598 62.28 -87.22 27.21
CA GLU B 3598 61.75 -88.17 28.20
C GLU B 3598 61.23 -87.45 29.45
N VAL B 3599 62.02 -86.52 30.00
CA VAL B 3599 61.58 -85.81 31.20
C VAL B 3599 60.36 -84.94 30.90
N SER B 3600 60.31 -84.33 29.70
CA SER B 3600 59.16 -83.51 29.36
C SER B 3600 57.92 -84.37 29.15
N ALA B 3601 58.09 -85.56 28.54
CA ALA B 3601 56.98 -86.49 28.37
C ALA B 3601 56.46 -86.98 29.70
N VAL B 3602 57.33 -87.07 30.70
CA VAL B 3602 56.89 -87.45 32.04
C VAL B 3602 56.11 -86.31 32.68
N LEU B 3603 56.73 -85.12 32.72
CA LEU B 3603 56.16 -84.00 33.47
C LEU B 3603 54.89 -83.43 32.83
N TYR B 3604 54.81 -83.38 31.50
CA TYR B 3604 53.62 -82.85 30.84
C TYR B 3604 52.40 -83.71 31.16
N HIS B 3605 52.53 -85.03 31.04
CA HIS B 3605 51.42 -85.89 31.37
C HIS B 3605 51.20 -85.95 32.87
N LEU B 3606 52.23 -85.65 33.66
CA LEU B 3606 52.07 -85.58 35.11
C LEU B 3606 51.22 -84.38 35.50
N GLU B 3607 51.51 -83.22 34.93
CA GLU B 3607 50.67 -82.06 35.24
C GLU B 3607 49.28 -82.19 34.64
N GLN B 3608 49.11 -82.96 33.55
CA GLN B 3608 47.76 -83.29 33.09
C GLN B 3608 47.03 -84.21 34.07
N THR B 3609 47.75 -85.02 34.83
CA THR B 3609 47.05 -85.88 35.79
C THR B 3609 46.75 -85.14 37.08
N GLU B 3610 47.74 -84.45 37.66
CA GLU B 3610 47.52 -83.66 38.87
C GLU B 3610 46.59 -82.46 38.65
N HIS B 3611 46.39 -82.03 37.40
CA HIS B 3611 45.40 -81.01 37.08
C HIS B 3611 44.48 -81.60 36.02
N PRO B 3612 43.36 -82.21 36.42
CA PRO B 3612 42.36 -82.67 35.44
C PRO B 3612 41.42 -81.57 35.02
N TYR B 3613 40.90 -80.79 35.99
CA TYR B 3613 40.05 -79.60 35.78
C TYR B 3613 38.81 -79.87 34.94
N LYS B 3614 38.14 -80.99 35.20
CA LYS B 3614 36.91 -81.33 34.49
C LYS B 3614 35.66 -80.72 35.12
N SER B 3615 35.81 -80.06 36.27
CA SER B 3615 34.69 -79.51 37.02
C SER B 3615 34.08 -78.34 36.26
N LYS B 3616 32.74 -78.15 36.48
CA LYS B 3616 31.79 -77.10 36.02
C LYS B 3616 30.86 -77.64 34.94
N LYS B 3617 30.21 -78.78 35.18
CA LYS B 3617 29.42 -79.48 34.16
C LYS B 3617 28.21 -80.14 34.80
N ALA B 3618 28.38 -80.85 35.92
CA ALA B 3618 27.24 -81.42 36.63
C ALA B 3618 26.93 -80.50 37.82
N VAL B 3619 26.16 -79.46 37.53
CA VAL B 3619 25.87 -78.39 38.48
C VAL B 3619 24.42 -78.49 38.93
N TRP B 3620 24.19 -78.18 40.21
CA TRP B 3620 22.85 -78.09 40.79
C TRP B 3620 21.98 -77.09 40.03
N HIS B 3621 20.83 -77.57 39.54
CA HIS B 3621 19.96 -76.75 38.70
C HIS B 3621 18.51 -76.69 39.16
N LYS B 3622 18.07 -77.59 40.03
CA LYS B 3622 16.71 -77.72 40.60
C LYS B 3622 15.61 -77.55 39.53
N LEU B 3623 15.70 -78.42 38.51
CA LEU B 3623 14.77 -78.41 37.38
C LEU B 3623 13.32 -78.63 37.83
N LEU B 3624 13.08 -79.69 38.61
CA LEU B 3624 11.75 -79.92 39.16
C LEU B 3624 11.77 -80.43 40.59
N SER B 3625 12.91 -80.35 41.29
CA SER B 3625 13.01 -80.90 42.64
C SER B 3625 12.18 -80.10 43.64
N LYS B 3626 12.31 -78.77 43.63
CA LYS B 3626 11.60 -77.94 44.58
C LYS B 3626 10.15 -77.67 44.18
N GLN B 3627 9.74 -78.06 42.98
CA GLN B 3627 8.39 -77.80 42.52
C GLN B 3627 7.57 -79.06 42.20
N ARG B 3628 8.21 -80.17 41.80
CA ARG B 3628 7.43 -81.30 41.33
C ARG B 3628 7.98 -82.64 41.81
N ARG B 3629 8.56 -82.68 43.01
CA ARG B 3629 9.00 -83.97 43.57
C ARG B 3629 7.80 -84.84 43.95
N ARG B 3630 6.72 -84.21 44.43
CA ARG B 3630 5.54 -84.93 44.86
C ARG B 3630 4.89 -85.67 43.71
N ALA B 3631 4.83 -85.04 42.53
CA ALA B 3631 4.15 -85.65 41.39
C ALA B 3631 4.90 -86.88 40.91
N VAL B 3632 6.23 -86.80 40.79
CA VAL B 3632 7.00 -87.93 40.27
C VAL B 3632 7.02 -89.08 41.29
N VAL B 3633 7.16 -88.76 42.59
CA VAL B 3633 7.17 -89.82 43.60
C VAL B 3633 5.80 -90.47 43.69
N ALA B 3634 4.72 -89.66 43.67
CA ALA B 3634 3.38 -90.23 43.70
C ALA B 3634 3.11 -91.05 42.45
N CYS B 3635 3.64 -90.64 41.29
CA CYS B 3635 3.52 -91.44 40.06
C CYS B 3635 4.24 -92.78 40.19
N PHE B 3636 5.34 -92.81 40.94
CA PHE B 3636 6.03 -94.07 41.21
C PHE B 3636 5.38 -94.87 42.32
N ARG B 3637 4.40 -94.30 43.01
CA ARG B 3637 3.76 -94.97 44.14
C ARG B 3637 2.24 -95.14 44.00
N MET B 3638 1.64 -94.71 42.89
CA MET B 3638 0.19 -94.75 42.76
C MET B 3638 -0.27 -96.04 42.08
N THR B 3639 -1.59 -96.18 41.92
CA THR B 3639 -2.29 -97.38 41.48
C THR B 3639 -2.66 -97.30 40.01
N PRO B 3640 -2.64 -98.42 39.27
CA PRO B 3640 -3.03 -98.36 37.86
C PRO B 3640 -4.53 -98.21 37.65
N LEU B 3641 -4.93 -98.23 36.37
CA LEU B 3641 -6.29 -97.88 35.98
C LEU B 3641 -7.33 -98.86 36.53
N TYR B 3642 -7.04 -100.17 36.47
CA TYR B 3642 -8.07 -101.18 36.73
C TYR B 3642 -8.57 -101.19 38.16
N ASN B 3643 -7.86 -100.55 39.09
CA ASN B 3643 -8.29 -100.48 40.48
C ASN B 3643 -9.16 -99.27 40.76
N LEU B 3644 -9.33 -98.38 39.80
CA LEU B 3644 -10.21 -97.23 39.97
C LEU B 3644 -11.67 -97.68 39.98
N PRO B 3645 -12.53 -96.99 40.74
CA PRO B 3645 -13.97 -97.32 40.74
C PRO B 3645 -14.58 -97.16 39.36
N THR B 3646 -15.54 -98.02 39.05
CA THR B 3646 -16.16 -98.04 37.74
C THR B 3646 -16.91 -96.75 37.42
N HIS B 3647 -17.67 -96.21 38.39
CA HIS B 3647 -18.41 -94.98 38.16
C HIS B 3647 -17.49 -93.79 37.93
N ARG B 3648 -16.39 -93.71 38.69
CA ARG B 3648 -15.39 -92.68 38.45
C ARG B 3648 -14.73 -92.85 37.09
N ALA B 3649 -14.38 -94.10 36.76
CA ALA B 3649 -13.70 -94.41 35.50
C ALA B 3649 -14.58 -94.05 34.31
N CYS B 3650 -15.88 -94.35 34.40
CA CYS B 3650 -16.82 -93.98 33.36
C CYS B 3650 -16.94 -92.46 33.23
N ASN B 3651 -16.93 -91.74 34.36
CA ASN B 3651 -16.94 -90.27 34.29
C ASN B 3651 -15.70 -89.72 33.58
N MET B 3652 -14.53 -90.27 33.91
CA MET B 3652 -13.30 -89.89 33.21
C MET B 3652 -13.37 -90.24 31.74
N PHE B 3653 -13.92 -91.42 31.42
CA PHE B 3653 -13.99 -91.87 30.04
C PHE B 3653 -14.89 -90.97 29.21
N LEU B 3654 -16.06 -90.60 29.76
CA LEU B 3654 -16.99 -89.77 29.00
C LEU B 3654 -16.41 -88.37 28.81
N GLU B 3655 -15.71 -87.85 29.83
CA GLU B 3655 -15.05 -86.55 29.70
C GLU B 3655 -13.95 -86.59 28.64
N SER B 3656 -13.18 -87.68 28.59
CA SER B 3656 -12.16 -87.81 27.55
C SER B 3656 -12.80 -87.99 26.19
N TYR B 3657 -13.90 -88.75 26.15
CA TYR B 3657 -14.55 -89.13 24.89
C TYR B 3657 -15.12 -87.91 24.17
N LYS B 3658 -15.76 -87.00 24.91
CA LYS B 3658 -16.40 -85.86 24.24
C LYS B 3658 -15.35 -84.98 23.58
N ALA B 3659 -14.25 -84.72 24.28
CA ALA B 3659 -13.18 -83.88 23.76
C ALA B 3659 -12.43 -84.56 22.62
N ALA B 3660 -12.31 -85.88 22.67
CA ALA B 3660 -11.51 -86.57 21.66
C ALA B 3660 -12.32 -87.04 20.46
N TRP B 3661 -13.64 -87.08 20.56
CA TRP B 3661 -14.40 -87.60 19.43
C TRP B 3661 -15.50 -86.67 18.96
N ILE B 3662 -16.20 -86.01 19.86
CA ILE B 3662 -17.40 -85.29 19.46
C ILE B 3662 -17.07 -83.84 19.12
N LEU B 3663 -16.23 -83.21 19.94
CA LEU B 3663 -15.72 -81.88 19.59
C LEU B 3663 -14.91 -81.95 18.31
N THR B 3664 -14.06 -82.98 18.18
CA THR B 3664 -13.30 -83.18 16.95
C THR B 3664 -14.18 -83.57 15.75
N GLU B 3665 -15.39 -84.07 16.00
CA GLU B 3665 -16.27 -84.47 14.90
C GLU B 3665 -16.70 -83.25 14.08
N ASP B 3666 -16.75 -83.44 12.75
CA ASP B 3666 -17.09 -82.40 11.80
C ASP B 3666 -18.38 -82.79 11.09
N HIS B 3667 -19.23 -81.79 10.86
CA HIS B 3667 -20.49 -81.99 10.14
C HIS B 3667 -20.99 -80.64 9.65
N SER B 3668 -21.24 -80.55 8.34
CA SER B 3668 -21.72 -79.32 7.71
C SER B 3668 -23.19 -79.48 7.35
N PHE B 3669 -24.02 -78.61 7.93
CA PHE B 3669 -25.46 -78.62 7.68
C PHE B 3669 -26.02 -77.24 7.44
N GLU B 3670 -25.22 -76.19 7.62
CA GLU B 3670 -25.71 -74.81 7.53
C GLU B 3670 -26.15 -74.43 6.12
N ASP B 3671 -25.57 -75.08 5.10
CA ASP B 3671 -25.99 -74.81 3.73
C ASP B 3671 -27.42 -75.26 3.50
N ARG B 3672 -27.76 -76.47 3.95
CA ARG B 3672 -29.14 -76.92 3.82
C ARG B 3672 -30.03 -76.35 4.92
N MET B 3673 -29.44 -75.72 5.94
CA MET B 3673 -30.23 -74.85 6.81
C MET B 3673 -30.78 -73.69 6.02
N ILE B 3674 -29.88 -72.84 5.52
CA ILE B 3674 -30.34 -71.60 4.93
C ILE B 3674 -30.97 -71.77 3.56
N ASP B 3675 -30.69 -72.86 2.83
CA ASP B 3675 -31.41 -73.10 1.59
C ASP B 3675 -32.90 -73.34 1.83
N ASP B 3676 -33.20 -74.14 2.86
CA ASP B 3676 -34.59 -74.41 3.23
C ASP B 3676 -35.25 -73.18 3.85
N LEU B 3677 -34.51 -72.46 4.69
CA LEU B 3677 -35.08 -71.28 5.31
C LEU B 3677 -35.35 -70.19 4.27
N SER B 3678 -34.40 -69.98 3.36
CA SER B 3678 -34.50 -68.94 2.35
C SER B 3678 -35.49 -69.28 1.26
N LYS B 3679 -35.85 -70.54 1.08
CA LYS B 3679 -36.84 -70.87 0.05
C LYS B 3679 -38.23 -70.83 0.64
N ALA B 3680 -39.18 -70.34 -0.15
CA ALA B 3680 -40.58 -70.25 0.24
C ALA B 3680 -41.38 -71.23 -0.60
N GLY B 3681 -42.25 -72.00 0.06
CA GLY B 3681 -43.04 -73.00 -0.64
C GLY B 3681 -44.53 -72.82 -0.35
N GLU B 3682 -45.33 -73.45 -1.21
CA GLU B 3682 -46.79 -73.51 -1.21
C GLU B 3682 -47.48 -72.17 -1.42
N GLN B 3683 -46.74 -71.09 -1.71
CA GLN B 3683 -47.40 -69.87 -2.13
C GLN B 3683 -47.89 -69.95 -3.57
N GLU B 3684 -47.39 -70.93 -4.34
CA GLU B 3684 -47.82 -71.15 -5.71
C GLU B 3684 -49.29 -71.55 -5.76
N GLU B 3685 -49.72 -72.38 -4.81
CA GLU B 3685 -51.10 -72.84 -4.77
C GLU B 3685 -52.06 -71.68 -4.52
N GLU B 3686 -51.71 -70.79 -3.58
CA GLU B 3686 -52.54 -69.62 -3.32
C GLU B 3686 -52.50 -68.62 -4.47
N GLU B 3687 -51.31 -68.46 -5.08
CA GLU B 3687 -51.01 -67.54 -6.20
C GLU B 3687 -51.63 -66.14 -6.00
N GLU B 3688 -51.26 -65.55 -4.87
CA GLU B 3688 -51.82 -64.28 -4.43
C GLU B 3688 -51.17 -63.09 -5.15
N GLU B 3689 -51.98 -62.15 -5.65
CA GLU B 3689 -51.51 -61.00 -6.41
C GLU B 3689 -51.70 -59.66 -5.70
N VAL B 3690 -51.92 -59.64 -4.38
CA VAL B 3690 -52.02 -58.37 -3.65
C VAL B 3690 -50.71 -57.58 -3.74
N GLU B 3691 -49.56 -58.30 -3.68
CA GLU B 3691 -48.14 -57.88 -3.40
C GLU B 3691 -47.78 -57.71 -1.92
N GLU B 3692 -48.61 -58.17 -0.98
CA GLU B 3692 -48.39 -58.20 0.48
C GLU B 3692 -46.96 -58.59 0.89
N LYS B 3693 -46.33 -59.50 0.14
CA LYS B 3693 -44.94 -59.93 0.32
C LYS B 3693 -44.69 -60.50 1.71
N LYS B 3694 -45.32 -61.65 1.96
CA LYS B 3694 -45.09 -62.37 3.20
C LYS B 3694 -43.63 -62.82 3.28
N PRO B 3695 -43.03 -62.73 4.46
CA PRO B 3695 -41.63 -63.17 4.61
C PRO B 3695 -41.43 -64.67 4.42
N ASP B 3696 -40.34 -65.00 3.75
CA ASP B 3696 -39.87 -66.37 3.64
C ASP B 3696 -39.30 -66.77 5.01
N PRO B 3697 -39.28 -68.09 5.33
CA PRO B 3697 -38.91 -68.54 6.71
C PRO B 3697 -37.64 -67.95 7.29
N LEU B 3698 -36.62 -67.74 6.46
CA LEU B 3698 -35.42 -67.04 6.91
C LEU B 3698 -35.76 -65.59 7.27
N HIS B 3699 -36.60 -64.95 6.45
CA HIS B 3699 -36.90 -63.54 6.67
C HIS B 3699 -37.71 -63.35 7.95
N GLN B 3700 -38.50 -64.37 8.36
CA GLN B 3700 -39.18 -64.25 9.65
C GLN B 3700 -38.17 -64.19 10.79
N LEU B 3701 -37.12 -65.02 10.70
CA LEU B 3701 -36.02 -64.99 11.67
C LEU B 3701 -35.41 -63.61 11.74
N VAL B 3702 -35.11 -63.05 10.57
CA VAL B 3702 -34.50 -61.73 10.48
C VAL B 3702 -35.38 -60.67 11.15
N LEU B 3703 -36.68 -60.70 10.86
CA LEU B 3703 -37.61 -59.76 11.50
C LEU B 3703 -37.69 -59.96 13.01
N HIS B 3704 -37.72 -61.21 13.47
CA HIS B 3704 -37.79 -61.50 14.90
C HIS B 3704 -36.57 -60.97 15.64
N PHE B 3705 -35.38 -61.25 15.09
CA PHE B 3705 -34.16 -60.73 15.70
C PHE B 3705 -34.09 -59.21 15.59
N SER B 3706 -34.67 -58.63 14.53
CA SER B 3706 -34.77 -57.17 14.47
C SER B 3706 -35.63 -56.62 15.59
N ARG B 3707 -36.75 -57.29 15.87
CA ARG B 3707 -37.65 -56.85 16.92
C ARG B 3707 -37.00 -56.92 18.29
N THR B 3708 -36.30 -58.02 18.57
CA THR B 3708 -35.62 -58.12 19.85
C THR B 3708 -34.33 -57.30 19.90
N ALA B 3709 -33.78 -56.93 18.75
CA ALA B 3709 -32.65 -56.02 18.75
C ALA B 3709 -33.10 -54.59 19.04
N LEU B 3710 -34.20 -54.17 18.44
CA LEU B 3710 -34.65 -52.80 18.52
C LEU B 3710 -35.52 -52.53 19.74
N THR B 3711 -35.95 -53.57 20.47
CA THR B 3711 -36.67 -53.30 21.71
C THR B 3711 -35.74 -52.66 22.74
N GLU B 3712 -36.30 -51.79 23.57
CA GLU B 3712 -35.51 -50.97 24.48
C GLU B 3712 -35.34 -51.71 25.80
N LYS B 3713 -34.10 -52.08 26.10
CA LYS B 3713 -33.77 -52.73 27.36
C LYS B 3713 -32.40 -52.24 27.81
N SER B 3714 -32.23 -52.14 29.14
CA SER B 3714 -30.98 -51.66 29.71
C SER B 3714 -29.81 -52.59 29.39
N LYS B 3715 -30.03 -53.90 29.49
CA LYS B 3715 -28.99 -54.87 29.21
C LYS B 3715 -29.47 -55.78 28.08
N LEU B 3716 -28.55 -56.12 27.18
CA LEU B 3716 -28.83 -57.00 26.06
C LEU B 3716 -28.71 -58.44 26.55
N ASP B 3717 -29.84 -58.98 27.02
CA ASP B 3717 -29.89 -60.28 27.68
C ASP B 3717 -29.47 -61.42 26.75
N GLU B 3718 -28.74 -62.39 27.30
CA GLU B 3718 -28.09 -63.44 26.51
C GLU B 3718 -29.13 -64.38 25.89
N ASP B 3719 -28.96 -64.66 24.58
CA ASP B 3719 -29.81 -65.58 23.81
C ASP B 3719 -28.95 -66.65 23.15
N TYR B 3720 -28.95 -67.86 23.73
CA TYR B 3720 -28.14 -68.95 23.21
C TYR B 3720 -28.62 -69.37 21.82
N LEU B 3721 -29.91 -69.22 21.54
CA LEU B 3721 -30.39 -69.50 20.19
C LEU B 3721 -29.84 -68.46 19.22
N TYR B 3722 -29.70 -67.21 19.66
CA TYR B 3722 -29.08 -66.21 18.80
C TYR B 3722 -27.63 -66.54 18.53
N MET B 3723 -26.93 -67.10 19.54
CA MET B 3723 -25.59 -67.65 19.30
C MET B 3723 -25.59 -68.71 18.22
N ALA B 3724 -26.52 -69.66 18.33
CA ALA B 3724 -26.61 -70.76 17.37
C ALA B 3724 -26.93 -70.25 15.97
N TYR B 3725 -27.97 -69.44 15.86
CA TYR B 3725 -28.45 -68.96 14.57
C TYR B 3725 -27.44 -68.01 13.94
N ALA B 3726 -26.86 -67.09 14.72
CA ALA B 3726 -25.87 -66.17 14.18
C ALA B 3726 -24.63 -66.88 13.68
N ASP B 3727 -24.11 -67.86 14.43
CA ASP B 3727 -22.97 -68.66 13.95
C ASP B 3727 -23.33 -69.46 12.69
N ILE B 3728 -24.52 -70.09 12.68
CA ILE B 3728 -25.02 -70.79 11.51
C ILE B 3728 -25.16 -69.84 10.33
N MET B 3729 -25.67 -68.64 10.58
CA MET B 3729 -25.90 -67.65 9.55
C MET B 3729 -24.57 -67.17 8.98
N ALA B 3730 -23.59 -67.00 9.86
CA ALA B 3730 -22.32 -66.39 9.49
C ALA B 3730 -21.48 -67.34 8.66
N LYS B 3731 -21.09 -68.48 9.25
CA LYS B 3731 -20.09 -69.30 8.56
C LYS B 3731 -20.65 -70.07 7.36
N SER B 3732 -21.97 -70.06 7.15
CA SER B 3732 -22.57 -70.62 5.95
C SER B 3732 -22.36 -69.78 4.70
N CYS B 3733 -21.72 -68.61 4.79
CA CYS B 3733 -21.58 -67.73 3.65
C CYS B 3733 -20.26 -67.89 2.91
N HIS B 3734 -19.13 -67.78 3.61
CA HIS B 3734 -17.83 -67.79 2.95
C HIS B 3734 -17.54 -69.15 2.29
N LEU B 3735 -17.71 -70.25 3.04
CA LEU B 3735 -17.54 -71.64 2.57
C LEU B 3735 -16.19 -71.86 1.87
N GLU B 3736 -15.15 -71.27 2.43
CA GLU B 3736 -13.82 -71.34 1.82
C GLU B 3736 -12.73 -71.30 2.88
N VAL B 3749 -2.10 -76.06 -9.22
CA VAL B 3749 -2.55 -75.13 -8.18
C VAL B 3749 -2.69 -73.73 -8.75
N GLU B 3750 -2.50 -73.60 -10.06
CA GLU B 3750 -2.62 -72.31 -10.73
C GLU B 3750 -4.06 -72.16 -11.20
N VAL B 3751 -4.90 -71.63 -10.30
CA VAL B 3751 -6.28 -71.31 -10.64
C VAL B 3751 -6.32 -70.07 -11.52
N SER B 3752 -7.03 -70.18 -12.64
CA SER B 3752 -7.07 -69.11 -13.63
C SER B 3752 -8.27 -68.21 -13.38
N PHE B 3753 -8.23 -67.03 -14.00
CA PHE B 3753 -9.29 -66.02 -13.86
C PHE B 3753 -10.62 -66.44 -14.47
N GLU B 3754 -10.65 -67.49 -15.29
CA GLU B 3754 -11.92 -67.96 -15.83
C GLU B 3754 -12.76 -68.63 -14.74
N GLU B 3755 -12.13 -69.51 -13.96
CA GLU B 3755 -12.84 -70.24 -12.90
C GLU B 3755 -12.70 -69.58 -11.54
N LYS B 3756 -11.78 -68.63 -11.40
CA LYS B 3756 -11.66 -67.85 -10.16
C LYS B 3756 -12.93 -67.04 -9.89
N GLU B 3757 -13.56 -66.54 -10.94
CA GLU B 3757 -14.71 -65.66 -10.77
C GLU B 3757 -15.96 -66.40 -10.30
N MET B 3758 -16.11 -67.69 -10.61
CA MET B 3758 -17.37 -68.36 -10.28
C MET B 3758 -17.53 -68.55 -8.77
N GLU B 3759 -16.44 -68.80 -8.04
CA GLU B 3759 -16.52 -68.86 -6.59
C GLU B 3759 -16.85 -67.50 -6.00
N LYS B 3760 -16.31 -66.43 -6.60
CA LYS B 3760 -16.65 -65.07 -6.17
C LYS B 3760 -18.13 -64.77 -6.34
N GLN B 3761 -18.67 -64.98 -7.54
CA GLN B 3761 -20.09 -64.72 -7.75
C GLN B 3761 -20.96 -65.70 -6.98
N ARG B 3762 -20.46 -66.87 -6.62
CA ARG B 3762 -21.18 -67.74 -5.70
C ARG B 3762 -21.21 -67.16 -4.29
N LEU B 3763 -20.08 -66.60 -3.83
CA LEU B 3763 -20.06 -65.93 -2.54
C LEU B 3763 -21.00 -64.73 -2.53
N LEU B 3764 -20.98 -63.95 -3.62
CA LEU B 3764 -21.93 -62.85 -3.79
C LEU B 3764 -23.36 -63.34 -3.78
N TYR B 3765 -23.62 -64.50 -4.41
CA TYR B 3765 -24.95 -65.09 -4.40
C TYR B 3765 -25.39 -65.44 -2.98
N GLN B 3766 -24.49 -66.04 -2.20
CA GLN B 3766 -24.80 -66.40 -0.82
C GLN B 3766 -25.04 -65.16 0.05
N GLN B 3767 -24.25 -64.11 -0.15
CA GLN B 3767 -24.51 -62.85 0.55
C GLN B 3767 -25.81 -62.20 0.09
N SER B 3768 -26.06 -62.22 -1.23
CA SER B 3768 -27.28 -61.66 -1.81
C SER B 3768 -28.52 -62.40 -1.33
N ARG B 3769 -28.37 -63.67 -0.97
CA ARG B 3769 -29.45 -64.42 -0.35
C ARG B 3769 -29.84 -63.83 1.00
N LEU B 3770 -28.97 -63.06 1.63
CA LEU B 3770 -29.21 -62.57 2.96
C LEU B 3770 -29.47 -61.06 3.02
N HIS B 3771 -28.58 -60.25 2.45
CA HIS B 3771 -28.71 -58.80 2.55
C HIS B 3771 -29.97 -58.27 1.89
N THR B 3772 -30.53 -58.99 0.90
CA THR B 3772 -31.82 -58.62 0.36
C THR B 3772 -32.97 -58.87 1.34
N ARG B 3773 -32.71 -59.58 2.43
CA ARG B 3773 -33.74 -59.98 3.38
C ARG B 3773 -33.59 -59.27 4.71
N GLY B 3774 -32.94 -58.11 4.73
CA GLY B 3774 -32.78 -57.35 5.96
C GLY B 3774 -31.68 -57.82 6.88
N ALA B 3775 -30.93 -58.86 6.50
CA ALA B 3775 -29.83 -59.37 7.32
C ALA B 3775 -28.74 -58.33 7.54
N ALA B 3776 -28.61 -57.38 6.62
CA ALA B 3776 -27.65 -56.28 6.77
C ALA B 3776 -27.96 -55.41 7.98
N GLU B 3777 -29.22 -55.34 8.37
CA GLU B 3777 -29.59 -54.47 9.48
C GLU B 3777 -29.31 -55.11 10.83
N MET B 3778 -29.06 -56.42 10.85
CA MET B 3778 -28.81 -57.14 12.08
C MET B 3778 -27.57 -56.63 12.77
N VAL B 3779 -26.49 -56.43 12.01
CA VAL B 3779 -25.24 -56.00 12.61
C VAL B 3779 -25.37 -54.59 13.17
N LEU B 3780 -25.99 -53.67 12.43
CA LEU B 3780 -26.13 -52.28 12.88
C LEU B 3780 -26.99 -52.20 14.12
N GLN B 3781 -28.11 -52.92 14.15
CA GLN B 3781 -29.00 -52.87 15.29
C GLN B 3781 -28.38 -53.53 16.52
N MET B 3782 -27.71 -54.67 16.33
CA MET B 3782 -27.06 -55.36 17.44
C MET B 3782 -25.91 -54.53 18.03
N ILE B 3783 -25.07 -53.95 17.17
CA ILE B 3783 -23.98 -53.10 17.65
C ILE B 3783 -24.51 -51.86 18.34
N SER B 3784 -25.61 -51.29 17.83
CA SER B 3784 -26.22 -50.15 18.51
C SER B 3784 -26.78 -50.54 19.88
N ALA B 3785 -27.36 -51.74 19.99
CA ALA B 3785 -27.98 -52.15 21.23
C ALA B 3785 -27.04 -52.82 22.22
N CYS B 3786 -25.84 -53.21 21.81
CA CYS B 3786 -24.92 -53.85 22.75
C CYS B 3786 -24.35 -52.88 23.77
N LYS B 3787 -24.46 -51.57 23.52
CA LYS B 3787 -24.13 -50.48 24.44
C LYS B 3787 -22.64 -50.41 24.80
N GLY B 3788 -21.78 -51.12 24.08
CA GLY B 3788 -20.35 -50.97 24.28
C GLY B 3788 -19.71 -51.87 25.31
N GLU B 3789 -20.29 -53.04 25.59
CA GLU B 3789 -19.69 -54.02 26.48
C GLU B 3789 -19.33 -55.28 25.68
N THR B 3790 -18.08 -55.72 25.84
CA THR B 3790 -17.60 -56.90 25.13
C THR B 3790 -18.35 -58.14 25.59
N GLY B 3791 -18.75 -58.97 24.63
CA GLY B 3791 -19.51 -60.16 24.94
C GLY B 3791 -19.65 -61.09 23.77
N ALA B 3792 -20.40 -62.15 24.03
CA ALA B 3792 -20.67 -63.19 23.04
C ALA B 3792 -21.43 -62.62 21.85
N MET B 3793 -22.41 -61.74 22.12
CA MET B 3793 -23.22 -61.18 21.04
C MET B 3793 -22.41 -60.31 20.11
N VAL B 3794 -21.64 -59.37 20.67
CA VAL B 3794 -20.85 -58.49 19.81
C VAL B 3794 -19.80 -59.29 19.03
N SER B 3795 -19.31 -60.40 19.61
CA SER B 3795 -18.39 -61.26 18.86
C SER B 3795 -19.10 -61.99 17.72
N SER B 3796 -20.25 -62.60 18.00
CA SER B 3796 -20.96 -63.37 16.97
C SER B 3796 -21.51 -62.47 15.88
N THR B 3797 -22.04 -61.31 16.28
CA THR B 3797 -22.53 -60.30 15.34
C THR B 3797 -21.39 -59.78 14.47
N LEU B 3798 -20.22 -59.56 15.08
CA LEU B 3798 -19.08 -59.04 14.35
C LEU B 3798 -18.62 -60.05 13.30
N LYS B 3799 -18.57 -61.33 13.69
CA LYS B 3799 -18.23 -62.40 12.73
C LYS B 3799 -19.24 -62.50 11.62
N LEU B 3800 -20.52 -62.26 11.93
CA LEU B 3800 -21.56 -62.21 10.90
C LEU B 3800 -21.35 -61.05 9.95
N GLY B 3801 -20.99 -59.89 10.49
CA GLY B 3801 -20.71 -58.72 9.67
C GLY B 3801 -19.57 -58.94 8.71
N ILE B 3802 -18.50 -59.60 9.20
CA ILE B 3802 -17.38 -59.95 8.33
C ILE B 3802 -17.82 -60.95 7.28
N SER B 3803 -18.66 -61.92 7.67
CA SER B 3803 -19.12 -62.96 6.77
C SER B 3803 -19.93 -62.39 5.62
N ILE B 3804 -20.83 -61.45 5.93
CA ILE B 3804 -21.63 -60.85 4.87
C ILE B 3804 -20.87 -59.76 4.13
N LEU B 3805 -19.76 -59.27 4.69
CA LEU B 3805 -18.99 -58.21 4.06
C LEU B 3805 -17.73 -58.71 3.38
N ASN B 3806 -17.55 -60.03 3.26
CA ASN B 3806 -16.38 -60.58 2.59
C ASN B 3806 -16.30 -60.10 1.14
N GLY B 3807 -15.10 -59.71 0.71
CA GLY B 3807 -14.87 -59.21 -0.61
C GLY B 3807 -15.34 -57.78 -0.84
N GLY B 3808 -15.78 -57.08 0.20
CA GLY B 3808 -16.26 -55.72 0.09
C GLY B 3808 -17.52 -55.59 -0.75
N ASN B 3809 -18.63 -56.14 -0.27
CA ASN B 3809 -19.90 -56.05 -0.97
C ASN B 3809 -20.38 -54.60 -0.99
N ALA B 3810 -20.30 -53.98 -2.18
CA ALA B 3810 -20.61 -52.57 -2.35
C ALA B 3810 -22.07 -52.26 -2.02
N GLU B 3811 -22.98 -53.12 -2.46
CA GLU B 3811 -24.41 -52.91 -2.21
C GLU B 3811 -24.71 -53.00 -0.72
N VAL B 3812 -24.04 -53.93 -0.02
CA VAL B 3812 -24.21 -54.06 1.42
C VAL B 3812 -23.72 -52.81 2.12
N GLN B 3813 -22.55 -52.29 1.69
CA GLN B 3813 -22.04 -51.02 2.23
C GLN B 3813 -23.01 -49.87 1.98
N GLN B 3814 -23.65 -49.87 0.81
CA GLN B 3814 -24.64 -48.86 0.49
C GLN B 3814 -25.83 -48.93 1.43
N LYS B 3815 -26.31 -50.15 1.71
CA LYS B 3815 -27.41 -50.31 2.67
C LYS B 3815 -27.03 -49.85 4.06
N MET B 3816 -25.77 -50.13 4.46
CA MET B 3816 -25.23 -49.67 5.74
C MET B 3816 -25.30 -48.15 5.82
N LEU B 3817 -24.83 -47.49 4.76
CA LEU B 3817 -24.73 -46.03 4.73
C LEU B 3817 -26.11 -45.41 4.75
N ASP B 3818 -27.03 -45.96 3.96
CA ASP B 3818 -28.39 -45.42 3.91
C ASP B 3818 -29.09 -45.55 5.25
N TYR B 3819 -28.94 -46.71 5.91
CA TYR B 3819 -29.59 -46.90 7.20
C TYR B 3819 -29.04 -45.95 8.25
N LEU B 3820 -27.70 -45.75 8.27
CA LEU B 3820 -27.13 -44.81 9.23
C LEU B 3820 -27.59 -43.38 8.95
N LYS B 3821 -27.69 -43.03 7.66
CA LYS B 3821 -28.07 -41.68 7.28
C LYS B 3821 -29.52 -41.41 7.65
N ASP B 3822 -30.43 -42.35 7.41
CA ASP B 3822 -31.82 -42.01 7.66
C ASP B 3822 -32.25 -42.36 9.08
N LYS B 3823 -31.36 -42.92 9.90
CA LYS B 3823 -31.72 -43.10 11.30
C LYS B 3823 -31.10 -42.06 12.22
N LYS B 3824 -29.87 -41.61 11.93
CA LYS B 3824 -29.21 -40.50 12.64
C LYS B 3824 -29.10 -40.72 14.15
N GLU B 3825 -28.67 -41.91 14.53
CA GLU B 3825 -28.48 -42.24 15.94
C GLU B 3825 -27.00 -42.32 16.29
N VAL B 3826 -26.67 -41.84 17.49
CA VAL B 3826 -25.28 -41.71 17.92
C VAL B 3826 -24.81 -42.95 18.66
N GLY B 3827 -25.75 -43.79 19.13
CA GLY B 3827 -25.42 -44.93 19.97
C GLY B 3827 -24.52 -45.96 19.30
N PHE B 3828 -24.56 -46.01 17.95
CA PHE B 3828 -23.72 -46.92 17.19
C PHE B 3828 -22.26 -46.59 17.38
N PHE B 3829 -21.85 -45.37 17.00
CA PHE B 3829 -20.47 -44.96 17.15
C PHE B 3829 -20.06 -44.82 18.60
N GLN B 3830 -21.02 -44.51 19.49
CA GLN B 3830 -20.73 -44.53 20.93
C GLN B 3830 -20.35 -45.93 21.39
N SER B 3831 -21.09 -46.93 20.94
CA SER B 3831 -20.79 -48.32 21.24
C SER B 3831 -19.45 -48.73 20.65
N ILE B 3832 -19.20 -48.33 19.40
CA ILE B 3832 -17.96 -48.69 18.72
C ILE B 3832 -16.75 -48.12 19.46
N GLN B 3833 -16.84 -46.84 19.83
CA GLN B 3833 -15.76 -46.19 20.59
C GLN B 3833 -15.54 -46.85 21.95
N ALA B 3834 -16.62 -47.17 22.67
CA ALA B 3834 -16.46 -47.84 23.97
C ALA B 3834 -15.89 -49.24 23.82
N LEU B 3835 -16.36 -49.99 22.82
CA LEU B 3835 -15.90 -51.36 22.60
C LEU B 3835 -14.43 -51.39 22.25
N MET B 3836 -13.99 -50.48 21.38
CA MET B 3836 -12.59 -50.45 21.02
C MET B 3836 -11.73 -49.95 22.18
N GLN B 3837 -12.25 -49.00 22.97
CA GLN B 3837 -11.52 -48.55 24.15
C GLN B 3837 -11.39 -49.64 25.21
N THR B 3838 -12.24 -50.66 25.18
CA THR B 3838 -12.15 -51.77 26.11
C THR B 3838 -11.24 -52.89 25.60
N CYS B 3839 -10.67 -52.75 24.41
CA CYS B 3839 -9.73 -53.75 23.90
C CYS B 3839 -8.44 -53.73 24.72
N SER B 3840 -7.89 -54.91 24.94
CA SER B 3840 -6.73 -55.07 25.81
C SER B 3840 -5.42 -54.95 25.03
N VAL B 3841 -4.36 -54.59 25.74
CA VAL B 3841 -3.01 -54.55 25.21
C VAL B 3841 -2.13 -55.45 26.07
N LEU B 3842 -0.86 -55.57 25.71
CA LEU B 3842 0.08 -56.41 26.45
C LEU B 3842 0.35 -55.87 27.85
N ASP B 3843 0.43 -56.78 28.83
CA ASP B 3843 0.68 -56.41 30.22
C ASP B 3843 1.88 -57.19 30.72
N LEU B 3844 2.87 -56.45 31.23
CA LEU B 3844 4.08 -57.09 31.75
C LEU B 3844 3.81 -57.84 33.05
N ASN B 3845 3.04 -57.22 33.96
CA ASN B 3845 2.77 -57.83 35.26
C ASN B 3845 2.00 -59.13 35.08
N ALA B 3846 0.96 -59.09 34.25
CA ALA B 3846 0.18 -60.28 33.93
C ALA B 3846 1.05 -61.33 33.25
N PHE B 3847 1.92 -60.91 32.35
CA PHE B 3847 2.81 -61.85 31.66
C PHE B 3847 3.75 -62.55 32.63
N GLU B 3848 4.38 -61.80 33.53
CA GLU B 3848 5.27 -62.38 34.54
C GLU B 3848 4.54 -63.33 35.48
N ARG B 3849 3.33 -62.93 35.90
CA ARG B 3849 2.50 -63.82 36.72
C ARG B 3849 2.13 -65.09 35.96
N GLN B 3850 1.89 -64.98 34.65
CA GLN B 3850 1.68 -66.17 33.83
C GLN B 3850 2.95 -67.02 33.79
N ASN B 3851 4.11 -66.36 33.67
CA ASN B 3851 5.39 -67.05 33.57
C ASN B 3851 5.67 -67.88 34.82
N LYS B 3852 5.25 -67.38 35.98
CA LYS B 3852 5.40 -68.14 37.22
C LYS B 3852 4.52 -69.39 37.25
N ALA B 3853 3.45 -69.44 36.46
CA ALA B 3853 2.53 -70.57 36.50
C ALA B 3853 3.17 -71.84 35.93
N GLU B 3854 3.78 -71.74 34.74
CA GLU B 3854 4.35 -72.94 34.12
C GLU B 3854 5.56 -73.47 34.88
N GLY B 3855 6.21 -72.64 35.71
CA GLY B 3855 7.22 -73.16 36.61
C GLY B 3855 6.62 -74.14 37.60
N LEU B 3856 5.40 -73.86 38.06
CA LEU B 3856 4.69 -74.79 38.93
C LEU B 3856 4.22 -76.00 38.15
N GLY B 3857 3.61 -75.77 36.99
CA GLY B 3857 3.08 -76.84 36.14
C GLY B 3857 2.00 -77.66 36.82
N MET B 3858 1.04 -76.98 37.45
CA MET B 3858 0.05 -77.65 38.29
C MET B 3858 -0.94 -78.42 37.43
N VAL B 3859 -1.24 -79.65 37.85
CA VAL B 3859 -2.11 -80.55 37.10
C VAL B 3859 -3.37 -80.79 37.91
N ASN B 3860 -4.33 -81.48 37.30
CA ASN B 3860 -5.57 -81.76 38.01
C ASN B 3860 -5.43 -83.05 38.83
N GLU B 3861 -6.29 -83.18 39.84
CA GLU B 3861 -6.26 -84.36 40.70
C GLU B 3861 -6.86 -85.57 40.00
N ASP B 3862 -7.95 -85.38 39.26
CA ASP B 3862 -8.59 -86.47 38.52
C ASP B 3862 -7.72 -86.81 37.29
N GLY B 3863 -6.69 -87.61 37.55
CA GLY B 3863 -5.72 -87.95 36.52
C GLY B 3863 -4.62 -86.93 36.44
N THR B 3864 -4.21 -86.56 35.23
CA THR B 3864 -3.18 -85.54 35.03
C THR B 3864 -3.33 -84.95 33.63
N VAL B 3865 -3.32 -83.63 33.53
CA VAL B 3865 -3.23 -82.91 32.27
C VAL B 3865 -1.90 -82.14 32.27
N ILE B 3866 -1.11 -82.34 31.23
CA ILE B 3866 0.26 -81.81 31.17
C ILE B 3866 0.21 -80.40 30.62
N ASN B 3867 0.48 -79.41 31.49
CA ASN B 3867 0.52 -77.98 31.17
C ASN B 3867 -0.77 -77.53 30.48
N ARG B 3868 -1.85 -77.58 31.27
CA ARG B 3868 -3.22 -77.35 30.83
C ARG B 3868 -3.37 -76.05 30.04
N GLN B 3869 -4.28 -76.05 29.08
CA GLN B 3869 -4.46 -74.95 28.14
C GLN B 3869 -5.60 -74.03 28.56
N ASN B 3870 -5.74 -73.79 29.87
CA ASN B 3870 -6.72 -72.86 30.39
C ASN B 3870 -6.50 -71.45 29.82
N GLY B 3871 -7.55 -70.61 29.95
CA GLY B 3871 -7.59 -69.29 29.33
C GLY B 3871 -6.43 -68.35 29.63
N GLU B 3872 -5.77 -67.91 28.56
CA GLU B 3872 -4.63 -67.02 28.69
C GLU B 3872 -5.11 -65.62 29.07
N LYS B 3873 -4.46 -65.02 30.06
CA LYS B 3873 -4.87 -63.72 30.58
C LYS B 3873 -4.20 -62.55 29.86
N VAL B 3874 -3.37 -62.81 28.85
CA VAL B 3874 -2.73 -61.77 28.06
C VAL B 3874 -3.19 -61.94 26.62
N MET B 3875 -3.76 -60.88 26.04
CA MET B 3875 -4.31 -60.87 24.67
C MET B 3875 -5.35 -61.97 24.48
N ALA B 3876 -6.30 -62.04 25.41
CA ALA B 3876 -7.39 -63.01 25.26
C ALA B 3876 -8.36 -62.57 24.18
N ASP B 3877 -8.58 -61.25 24.05
CA ASP B 3877 -9.52 -60.68 23.10
C ASP B 3877 -8.88 -60.34 21.76
N ASP B 3878 -7.81 -61.04 21.38
CA ASP B 3878 -7.12 -60.75 20.13
C ASP B 3878 -8.02 -61.01 18.93
N GLU B 3879 -8.76 -62.14 18.94
CA GLU B 3879 -9.66 -62.45 17.85
C GLU B 3879 -10.76 -61.41 17.71
N PHE B 3880 -11.30 -60.94 18.84
CA PHE B 3880 -12.33 -59.91 18.82
C PHE B 3880 -11.80 -58.58 18.28
N THR B 3881 -10.64 -58.14 18.77
CA THR B 3881 -10.06 -56.89 18.31
C THR B 3881 -9.69 -56.94 16.83
N GLN B 3882 -9.09 -58.06 16.41
CA GLN B 3882 -8.74 -58.28 15.01
C GLN B 3882 -9.99 -58.30 14.15
N ASP B 3883 -11.06 -58.95 14.62
CA ASP B 3883 -12.30 -59.03 13.86
C ASP B 3883 -12.94 -57.66 13.76
N LEU B 3884 -12.85 -56.86 14.83
CA LEU B 3884 -13.43 -55.51 14.84
C LEU B 3884 -12.77 -54.65 13.78
N PHE B 3885 -11.44 -54.68 13.74
CA PHE B 3885 -10.76 -53.87 12.73
C PHE B 3885 -10.86 -54.48 11.33
N ARG B 3886 -10.99 -55.81 11.22
CA ARG B 3886 -11.26 -56.44 9.94
C ARG B 3886 -12.61 -55.99 9.39
N PHE B 3887 -13.62 -55.90 10.26
CA PHE B 3887 -14.94 -55.41 9.89
C PHE B 3887 -14.89 -53.94 9.49
N LEU B 3888 -14.15 -53.14 10.26
CA LEU B 3888 -13.98 -51.72 9.93
C LEU B 3888 -13.26 -51.55 8.60
N GLN B 3889 -12.31 -52.45 8.30
CA GLN B 3889 -11.63 -52.45 7.02
C GLN B 3889 -12.58 -52.80 5.88
N LEU B 3890 -13.42 -53.81 6.09
CA LEU B 3890 -14.34 -54.29 5.06
C LEU B 3890 -15.36 -53.22 4.71
N LEU B 3891 -15.89 -52.53 5.72
CA LEU B 3891 -16.88 -51.48 5.43
C LEU B 3891 -16.30 -50.23 4.77
N CYS B 3892 -14.98 -50.15 4.55
CA CYS B 3892 -14.39 -49.09 3.74
C CYS B 3892 -13.59 -49.63 2.57
N GLU B 3893 -13.63 -50.94 2.35
CA GLU B 3893 -12.89 -51.53 1.23
C GLU B 3893 -13.51 -51.09 -0.09
N GLY B 3894 -12.70 -51.10 -1.14
CA GLY B 3894 -13.18 -50.64 -2.43
C GLY B 3894 -13.23 -49.14 -2.59
N HIS B 3895 -12.55 -48.40 -1.69
CA HIS B 3895 -12.49 -46.94 -1.68
C HIS B 3895 -13.87 -46.30 -1.63
N ASN B 3896 -14.65 -46.71 -0.64
CA ASN B 3896 -15.99 -46.15 -0.40
C ASN B 3896 -15.83 -44.79 0.27
N ASN B 3897 -15.55 -43.79 -0.58
CA ASN B 3897 -15.06 -42.48 -0.15
C ASN B 3897 -16.04 -41.76 0.78
N ASP B 3898 -17.31 -41.64 0.36
CA ASP B 3898 -18.31 -40.97 1.18
C ASP B 3898 -18.55 -41.73 2.48
N PHE B 3899 -18.42 -43.05 2.46
CA PHE B 3899 -18.55 -43.81 3.70
C PHE B 3899 -17.38 -43.52 4.64
N GLN B 3900 -16.18 -43.34 4.08
CA GLN B 3900 -15.04 -42.97 4.89
C GLN B 3900 -15.25 -41.59 5.50
N ASN B 3901 -15.80 -40.66 4.70
CA ASN B 3901 -16.11 -39.34 5.22
C ASN B 3901 -17.19 -39.43 6.28
N TYR B 3902 -18.08 -40.42 6.17
CA TYR B 3902 -19.11 -40.61 7.19
C TYR B 3902 -18.48 -41.04 8.50
N LEU B 3903 -17.48 -41.93 8.41
CA LEU B 3903 -16.79 -42.39 9.62
C LEU B 3903 -16.05 -41.23 10.28
N ARG B 3904 -15.41 -40.39 9.48
CA ARG B 3904 -14.71 -39.24 10.03
C ARG B 3904 -15.67 -38.24 10.66
N THR B 3905 -16.82 -38.00 10.01
CA THR B 3905 -17.79 -37.05 10.55
C THR B 3905 -19.19 -37.40 10.06
N GLN B 3906 -20.17 -37.15 10.92
CA GLN B 3906 -21.56 -37.45 10.62
C GLN B 3906 -22.38 -36.18 10.77
N THR B 3907 -22.73 -35.57 9.64
CA THR B 3907 -23.55 -34.35 9.64
C THR B 3907 -24.93 -34.63 10.22
N GLY B 3908 -25.53 -35.77 9.83
CA GLY B 3908 -26.86 -36.11 10.32
C GLY B 3908 -26.91 -36.29 11.82
N ASN B 3909 -25.90 -36.94 12.38
CA ASN B 3909 -25.84 -37.15 13.82
C ASN B 3909 -25.57 -35.82 14.53
N THR B 3910 -26.27 -35.62 15.66
CA THR B 3910 -26.05 -34.43 16.46
C THR B 3910 -24.65 -34.41 17.07
N THR B 3911 -24.22 -35.56 17.59
CA THR B 3911 -22.90 -35.72 18.17
C THR B 3911 -22.02 -36.51 17.21
N THR B 3912 -20.82 -35.99 16.95
CA THR B 3912 -19.90 -36.60 15.99
C THR B 3912 -18.70 -37.16 16.76
N ILE B 3913 -18.41 -38.44 16.55
CA ILE B 3913 -17.27 -39.11 17.16
C ILE B 3913 -16.28 -39.44 16.06
N ASN B 3914 -15.10 -38.82 16.11
CA ASN B 3914 -14.08 -39.07 15.11
C ASN B 3914 -13.36 -40.36 15.48
N ILE B 3915 -13.94 -41.46 15.00
CA ILE B 3915 -13.38 -42.79 15.25
C ILE B 3915 -12.02 -42.96 14.62
N ILE B 3916 -11.69 -42.17 13.60
CA ILE B 3916 -10.36 -42.23 12.98
C ILE B 3916 -9.30 -41.84 14.01
N ILE B 3917 -9.54 -40.72 14.70
CA ILE B 3917 -8.68 -40.26 15.78
C ILE B 3917 -8.68 -41.27 16.91
N CYS B 3918 -9.85 -41.84 17.22
CA CYS B 3918 -9.92 -42.86 18.27
C CYS B 3918 -9.09 -44.09 17.89
N THR B 3919 -9.14 -44.49 16.62
CA THR B 3919 -8.37 -45.63 16.12
C THR B 3919 -6.88 -45.38 16.29
N VAL B 3920 -6.45 -44.14 16.01
CA VAL B 3920 -5.06 -43.76 16.22
C VAL B 3920 -4.73 -43.84 17.71
N ASP B 3921 -5.68 -43.42 18.55
CA ASP B 3921 -5.47 -43.44 20.00
C ASP B 3921 -5.26 -44.87 20.50
N TYR B 3922 -6.05 -45.81 19.99
CA TYR B 3922 -5.84 -47.22 20.33
C TYR B 3922 -4.49 -47.73 19.85
N LEU B 3923 -4.10 -47.38 18.61
CA LEU B 3923 -2.79 -47.78 18.10
C LEU B 3923 -1.66 -47.21 18.95
N LEU B 3924 -1.85 -45.97 19.41
CA LEU B 3924 -0.95 -45.36 20.37
C LEU B 3924 -0.87 -46.18 21.65
N ARG B 3925 -2.02 -46.57 22.21
CA ARG B 3925 -2.03 -47.43 23.39
C ARG B 3925 -1.34 -48.77 23.14
N LEU B 3926 -1.38 -49.25 21.90
CA LEU B 3926 -0.71 -50.50 21.56
C LEU B 3926 0.80 -50.33 21.50
N GLN B 3927 1.27 -49.12 21.17
CA GLN B 3927 2.71 -48.96 20.95
C GLN B 3927 3.49 -49.04 22.26
N GLU B 3928 2.95 -48.51 23.37
CA GLU B 3928 3.65 -48.64 24.64
C GLU B 3928 3.75 -50.11 25.05
N SER B 3929 2.66 -50.86 24.88
CA SER B 3929 2.66 -52.27 25.28
C SER B 3929 3.67 -53.08 24.46
N ILE B 3930 3.73 -52.85 23.15
CA ILE B 3930 4.69 -53.58 22.33
C ILE B 3930 6.12 -53.13 22.62
N SER B 3931 6.31 -51.82 22.85
CA SER B 3931 7.64 -51.29 23.16
C SER B 3931 8.14 -51.83 24.48
N ASP B 3932 7.31 -51.78 25.53
CA ASP B 3932 7.68 -52.32 26.83
C ASP B 3932 7.86 -53.84 26.79
N PHE B 3933 7.21 -54.52 25.86
CA PHE B 3933 7.41 -55.95 25.76
C PHE B 3933 8.76 -56.26 25.12
N TYR B 3934 9.21 -55.41 24.18
CA TYR B 3934 10.64 -55.38 23.85
C TYR B 3934 11.51 -54.93 25.02
N TRP B 3935 11.05 -53.95 25.79
CA TRP B 3935 11.77 -53.45 26.96
C TRP B 3935 11.70 -54.39 28.15
N TYR B 3936 11.30 -55.64 27.92
CA TYR B 3936 11.47 -56.71 28.88
C TYR B 3936 12.39 -57.80 28.36
N TYR B 3937 12.59 -57.87 27.04
CA TYR B 3937 13.36 -58.92 26.40
C TYR B 3937 14.67 -58.43 25.78
N SER B 3938 14.90 -57.11 25.76
CA SER B 3938 16.12 -56.57 25.17
C SER B 3938 17.37 -57.07 25.89
N GLY B 3939 17.32 -57.11 27.22
CA GLY B 3939 18.44 -57.65 27.98
C GLY B 3939 18.65 -59.13 27.74
N LYS B 3940 17.55 -59.90 27.70
CA LYS B 3940 17.63 -61.34 27.53
C LYS B 3940 18.06 -61.69 26.12
N ASP B 3941 19.03 -62.60 26.01
CA ASP B 3941 19.57 -62.95 24.70
C ASP B 3941 18.58 -63.78 23.88
N VAL B 3942 17.76 -64.60 24.52
CA VAL B 3942 16.85 -65.50 23.83
C VAL B 3942 15.43 -65.24 24.33
N ILE B 3943 14.46 -65.37 23.44
CA ILE B 3943 13.05 -65.19 23.75
C ILE B 3943 12.41 -66.57 23.81
N GLU B 3944 11.68 -66.83 24.90
CA GLU B 3944 11.04 -68.12 25.09
C GLU B 3944 9.79 -68.26 24.20
N GLU B 3945 9.15 -69.42 24.30
CA GLU B 3945 8.09 -69.82 23.38
C GLU B 3945 6.83 -68.99 23.58
N GLN B 3946 6.41 -68.81 24.85
CA GLN B 3946 5.19 -68.05 25.13
C GLN B 3946 5.34 -66.61 24.68
N GLY B 3947 6.53 -66.02 24.90
CA GLY B 3947 6.81 -64.69 24.39
C GLY B 3947 6.75 -64.62 22.87
N LYS B 3948 7.23 -65.68 22.20
CA LYS B 3948 7.12 -65.74 20.73
C LYS B 3948 5.67 -65.78 20.28
N ARG B 3949 4.84 -66.59 20.95
CA ARG B 3949 3.42 -66.62 20.62
C ARG B 3949 2.76 -65.29 20.92
N ASN B 3950 3.16 -64.63 22.01
CA ASN B 3950 2.64 -63.31 22.36
C ASN B 3950 2.97 -62.28 21.31
N PHE B 3951 4.19 -62.34 20.75
CA PHE B 3951 4.56 -61.46 19.65
C PHE B 3951 3.68 -61.73 18.44
N SER B 3952 3.46 -63.01 18.12
CA SER B 3952 2.69 -63.38 16.94
C SER B 3952 1.25 -62.85 17.01
N LYS B 3953 0.60 -63.03 18.16
CA LYS B 3953 -0.79 -62.57 18.29
C LYS B 3953 -0.85 -61.06 18.39
N ALA B 3954 0.19 -60.42 18.95
CA ALA B 3954 0.19 -58.96 19.00
C ALA B 3954 0.33 -58.37 17.61
N MET B 3955 1.29 -58.88 16.83
CA MET B 3955 1.54 -58.29 15.53
C MET B 3955 0.48 -58.68 14.50
N SER B 3956 -0.26 -59.77 14.71
CA SER B 3956 -1.39 -60.05 13.83
C SER B 3956 -2.45 -58.95 13.93
N VAL B 3957 -2.74 -58.54 15.16
CA VAL B 3957 -3.66 -57.44 15.41
C VAL B 3957 -3.09 -56.14 14.86
N ALA B 3958 -1.79 -55.90 15.07
CA ALA B 3958 -1.14 -54.68 14.57
C ALA B 3958 -1.20 -54.61 13.04
N LYS B 3959 -1.00 -55.74 12.37
CA LYS B 3959 -1.13 -55.83 10.92
C LYS B 3959 -2.54 -55.50 10.48
N GLN B 3960 -3.54 -56.02 11.21
CA GLN B 3960 -4.93 -55.71 10.87
C GLN B 3960 -5.21 -54.22 11.03
N VAL B 3961 -4.65 -53.61 12.08
CA VAL B 3961 -4.84 -52.18 12.34
C VAL B 3961 -4.25 -51.35 11.20
N PHE B 3962 -3.03 -51.68 10.78
CA PHE B 3962 -2.41 -50.95 9.68
C PHE B 3962 -3.15 -51.14 8.36
N ASN B 3963 -3.63 -52.35 8.08
CA ASN B 3963 -4.46 -52.58 6.89
C ASN B 3963 -5.73 -51.75 6.91
N SER B 3964 -6.39 -51.68 8.07
CA SER B 3964 -7.56 -50.82 8.23
C SER B 3964 -7.20 -49.36 7.99
N LEU B 3965 -6.16 -48.88 8.68
CA LEU B 3965 -5.71 -47.49 8.58
C LEU B 3965 -5.34 -47.12 7.14
N THR B 3966 -4.83 -48.09 6.38
CA THR B 3966 -4.63 -47.90 4.95
C THR B 3966 -5.96 -47.69 4.26
N GLU B 3967 -6.98 -48.47 4.65
CA GLU B 3967 -8.26 -48.41 3.97
C GLU B 3967 -8.95 -47.06 4.16
N TYR B 3968 -8.90 -46.50 5.38
CA TYR B 3968 -9.63 -45.23 5.59
C TYR B 3968 -9.03 -44.09 4.76
N ILE B 3969 -7.73 -44.13 4.49
CA ILE B 3969 -7.07 -43.03 3.80
C ILE B 3969 -6.90 -43.27 2.31
N GLN B 3970 -7.11 -44.50 1.83
CA GLN B 3970 -6.98 -44.72 0.40
C GLN B 3970 -8.12 -44.06 -0.35
N GLY B 3971 -7.88 -43.81 -1.64
CA GLY B 3971 -8.88 -43.20 -2.49
C GLY B 3971 -8.45 -41.99 -3.32
N PRO B 3972 -7.70 -41.00 -2.76
CA PRO B 3972 -7.40 -40.67 -1.35
C PRO B 3972 -8.51 -39.88 -0.68
N CYS B 3973 -8.68 -40.06 0.62
CA CYS B 3973 -9.66 -39.30 1.40
C CYS B 3973 -8.90 -38.19 2.11
N THR B 3974 -9.04 -36.96 1.58
CA THR B 3974 -8.28 -35.82 2.08
C THR B 3974 -8.62 -35.50 3.53
N GLY B 3975 -9.90 -35.60 3.89
CA GLY B 3975 -10.31 -35.35 5.27
C GLY B 3975 -9.65 -36.30 6.24
N ASN B 3976 -9.61 -37.58 5.90
CA ASN B 3976 -8.91 -38.56 6.72
C ASN B 3976 -7.43 -38.26 6.78
N GLN B 3977 -6.82 -37.88 5.65
CA GLN B 3977 -5.39 -37.61 5.63
C GLN B 3977 -5.04 -36.44 6.55
N GLN B 3978 -5.91 -35.42 6.57
CA GLN B 3978 -5.74 -34.31 7.51
C GLN B 3978 -5.89 -34.78 8.95
N SER B 3979 -6.86 -35.68 9.22
CA SER B 3979 -7.08 -36.12 10.59
C SER B 3979 -5.87 -36.91 11.09
N LEU B 3980 -5.31 -37.78 10.23
CA LEU B 3980 -4.14 -38.58 10.58
C LEU B 3980 -2.96 -37.68 10.87
N ALA B 3981 -2.75 -36.67 10.02
CA ALA B 3981 -1.61 -35.78 10.21
C ALA B 3981 -1.75 -34.98 11.49
N HIS B 3982 -2.94 -34.46 11.76
CA HIS B 3982 -3.15 -33.69 12.98
C HIS B 3982 -3.22 -34.54 14.24
N SER B 3983 -3.34 -35.86 14.12
CA SER B 3983 -3.43 -36.70 15.29
C SER B 3983 -2.03 -37.12 15.76
N ARG B 3984 -1.98 -38.00 16.75
CA ARG B 3984 -0.75 -38.49 17.36
C ARG B 3984 -0.20 -39.73 16.67
N LEU B 3985 -0.48 -39.90 15.38
CA LEU B 3985 0.01 -41.05 14.62
C LEU B 3985 1.53 -41.12 14.60
N TRP B 3986 2.19 -39.95 14.57
CA TRP B 3986 3.64 -39.88 14.46
C TRP B 3986 4.34 -40.51 15.66
N ASP B 3987 3.81 -40.32 16.87
CA ASP B 3987 4.39 -40.92 18.06
C ASP B 3987 4.38 -42.44 17.99
N ALA B 3988 3.26 -43.01 17.53
CA ALA B 3988 3.17 -44.45 17.32
C ALA B 3988 4.13 -44.90 16.22
N VAL B 3989 4.29 -44.07 15.18
CA VAL B 3989 5.15 -44.42 14.06
C VAL B 3989 6.60 -44.50 14.53
N VAL B 3990 7.08 -43.46 15.23
CA VAL B 3990 8.47 -43.44 15.69
C VAL B 3990 8.71 -44.55 16.70
N GLY B 3991 7.73 -44.80 17.59
CA GLY B 3991 7.87 -45.89 18.54
C GLY B 3991 8.00 -47.25 17.87
N PHE B 3992 7.16 -47.49 16.86
CA PHE B 3992 7.24 -48.74 16.10
C PHE B 3992 8.56 -48.85 15.35
N LEU B 3993 9.02 -47.75 14.74
CA LEU B 3993 10.32 -47.77 14.05
C LEU B 3993 11.47 -48.07 15.00
N HIS B 3994 11.45 -47.47 16.20
CA HIS B 3994 12.46 -47.78 17.21
C HIS B 3994 12.38 -49.23 17.67
N VAL B 3995 11.17 -49.79 17.78
CA VAL B 3995 11.04 -51.22 18.06
C VAL B 3995 11.64 -52.07 16.94
N PHE B 3996 11.21 -51.79 15.69
CA PHE B 3996 11.71 -52.48 14.50
C PHE B 3996 13.21 -52.35 14.33
N ALA B 3997 13.79 -51.27 14.90
CA ALA B 3997 15.22 -51.05 14.85
C ALA B 3997 15.96 -52.23 15.46
N HIS B 3998 15.55 -52.64 16.66
CA HIS B 3998 16.27 -53.68 17.37
C HIS B 3998 15.62 -55.05 17.23
N MET B 3999 14.46 -55.14 16.55
CA MET B 3999 13.84 -56.44 16.29
C MET B 3999 14.71 -57.34 15.44
N MET B 4000 14.96 -56.94 14.18
CA MET B 4000 15.68 -57.80 13.26
C MET B 4000 17.12 -58.05 13.71
N MET B 4001 17.76 -57.05 14.32
CA MET B 4001 19.09 -57.25 14.87
C MET B 4001 19.10 -58.30 15.97
N LYS B 4002 18.11 -58.25 16.88
CA LYS B 4002 18.04 -59.27 17.92
C LYS B 4002 17.73 -60.66 17.35
N LEU B 4003 16.77 -60.74 16.43
CA LEU B 4003 16.33 -62.04 15.93
C LEU B 4003 17.31 -62.66 14.94
N ALA B 4004 18.11 -61.86 14.25
CA ALA B 4004 19.05 -62.41 13.27
C ALA B 4004 20.23 -63.14 13.90
N GLN B 4005 20.46 -62.95 15.20
CA GLN B 4005 21.57 -63.63 15.87
C GLN B 4005 21.38 -65.14 15.90
N ASP B 4006 20.13 -65.61 15.86
CA ASP B 4006 19.82 -67.02 15.98
C ASP B 4006 18.82 -67.45 14.90
N SER B 4007 18.81 -68.74 14.63
CA SER B 4007 17.92 -69.33 13.63
C SER B 4007 16.58 -69.76 14.18
N SER B 4008 16.36 -69.62 15.50
CA SER B 4008 15.11 -70.04 16.11
C SER B 4008 14.00 -69.00 16.01
N GLN B 4009 14.30 -67.76 15.63
CA GLN B 4009 13.30 -66.71 15.52
C GLN B 4009 13.04 -66.28 14.09
N ILE B 4010 13.33 -67.16 13.12
CA ILE B 4010 13.13 -66.84 11.70
C ILE B 4010 11.65 -66.64 11.37
N GLU B 4011 10.76 -67.39 12.02
CA GLU B 4011 9.31 -67.22 11.86
C GLU B 4011 8.93 -65.82 12.27
N LEU B 4012 9.10 -65.52 13.57
CA LEU B 4012 8.67 -64.26 14.16
C LEU B 4012 9.29 -63.07 13.45
N LEU B 4013 10.51 -63.26 12.94
CA LEU B 4013 11.12 -62.24 12.09
C LEU B 4013 10.37 -62.08 10.77
N LYS B 4014 9.98 -63.18 10.11
CA LYS B 4014 9.35 -63.02 8.79
C LYS B 4014 7.94 -62.41 8.90
N GLU B 4015 7.17 -62.81 9.93
CA GLU B 4015 5.90 -62.11 10.18
C GLU B 4015 6.12 -60.67 10.62
N LEU B 4016 7.19 -60.39 11.37
CA LEU B 4016 7.45 -59.01 11.73
C LEU B 4016 7.85 -58.21 10.51
N LEU B 4017 8.57 -58.83 9.59
CA LEU B 4017 9.03 -58.19 8.38
C LEU B 4017 7.84 -57.79 7.52
N ASP B 4018 6.84 -58.67 7.39
CA ASP B 4018 5.67 -58.22 6.65
C ASP B 4018 4.84 -57.23 7.47
N LEU B 4019 5.04 -57.18 8.80
CA LEU B 4019 4.32 -56.19 9.60
C LEU B 4019 4.81 -54.78 9.23
N GLN B 4020 6.15 -54.57 9.21
CA GLN B 4020 6.57 -53.26 8.71
C GLN B 4020 6.33 -53.10 7.21
N LYS B 4021 6.22 -54.18 6.44
CA LYS B 4021 5.82 -54.04 5.04
C LYS B 4021 4.43 -53.42 4.91
N ASP B 4022 3.50 -53.81 5.78
CA ASP B 4022 2.20 -53.14 5.79
C ASP B 4022 2.31 -51.74 6.38
N MET B 4023 3.23 -51.54 7.33
CA MET B 4023 3.39 -50.21 7.90
C MET B 4023 3.90 -49.21 6.87
N VAL B 4024 4.90 -49.61 6.08
CA VAL B 4024 5.40 -48.72 5.02
C VAL B 4024 4.34 -48.53 3.94
N VAL B 4025 3.52 -49.56 3.66
CA VAL B 4025 2.42 -49.39 2.71
C VAL B 4025 1.46 -48.30 3.19
N MET B 4026 1.12 -48.32 4.49
CA MET B 4026 0.27 -47.27 5.08
C MET B 4026 0.95 -45.91 4.99
N LEU B 4027 2.28 -45.87 5.22
CA LEU B 4027 3.04 -44.64 5.05
C LEU B 4027 2.97 -44.10 3.63
N LEU B 4028 3.12 -44.98 2.63
CA LEU B 4028 3.02 -44.58 1.23
C LEU B 4028 1.62 -44.03 0.92
N SER B 4029 0.59 -44.76 1.33
CA SER B 4029 -0.79 -44.36 1.05
C SER B 4029 -1.13 -43.03 1.72
N LEU B 4030 -0.45 -42.69 2.82
CA LEU B 4030 -0.66 -41.39 3.44
C LEU B 4030 -0.16 -40.24 2.58
N LEU B 4031 0.75 -40.51 1.64
CA LEU B 4031 1.33 -39.49 0.77
C LEU B 4031 0.57 -39.31 -0.54
N GLU B 4032 -0.54 -40.01 -0.74
CA GLU B 4032 -1.32 -39.88 -1.96
C GLU B 4032 -1.88 -38.46 -2.12
N GLY B 4033 -1.68 -37.89 -3.30
CA GLY B 4033 -2.20 -36.57 -3.65
C GLY B 4033 -1.68 -35.44 -2.80
N ASN B 4034 -0.39 -35.43 -2.51
CA ASN B 4034 0.24 -34.37 -1.73
C ASN B 4034 0.90 -33.37 -2.66
N VAL B 4035 0.78 -32.09 -2.31
CA VAL B 4035 1.42 -31.04 -3.08
C VAL B 4035 2.82 -30.84 -2.54
N VAL B 4036 3.67 -30.15 -3.32
CA VAL B 4036 5.01 -29.82 -2.85
C VAL B 4036 4.93 -28.89 -1.66
N ASN B 4037 5.84 -29.09 -0.69
CA ASN B 4037 5.83 -28.45 0.63
C ASN B 4037 4.51 -28.72 1.35
N GLY B 4038 3.98 -29.92 1.14
CA GLY B 4038 2.76 -30.32 1.81
C GLY B 4038 2.96 -30.43 3.31
N MET B 4039 1.90 -30.07 4.04
CA MET B 4039 1.95 -30.08 5.51
C MET B 4039 2.15 -31.51 6.01
N ILE B 4040 1.50 -32.48 5.36
CA ILE B 4040 1.72 -33.89 5.68
C ILE B 4040 3.15 -34.29 5.35
N ALA B 4041 3.71 -33.75 4.26
CA ALA B 4041 5.08 -34.07 3.86
C ALA B 4041 6.08 -33.54 4.88
N ARG B 4042 5.84 -32.32 5.36
CA ARG B 4042 6.70 -31.71 6.35
C ARG B 4042 6.66 -32.51 7.66
N GLN B 4043 5.48 -32.93 8.08
CA GLN B 4043 5.40 -33.76 9.28
C GLN B 4043 6.07 -35.12 9.08
N MET B 4044 6.00 -35.67 7.87
CA MET B 4044 6.72 -36.91 7.54
C MET B 4044 8.21 -36.71 7.68
N VAL B 4045 8.71 -35.56 7.22
CA VAL B 4045 10.12 -35.24 7.34
C VAL B 4045 10.52 -35.08 8.81
N ASP B 4046 9.71 -34.34 9.59
CA ASP B 4046 10.00 -34.15 11.02
C ASP B 4046 9.98 -35.48 11.78
N MET B 4047 9.06 -36.38 11.40
CA MET B 4047 9.04 -37.73 11.93
C MET B 4047 10.34 -38.45 11.63
N LEU B 4048 10.82 -38.33 10.39
CA LEU B 4048 12.07 -38.98 10.01
C LEU B 4048 13.24 -38.41 10.79
N VAL B 4049 13.23 -37.09 11.01
CA VAL B 4049 14.29 -36.41 11.77
C VAL B 4049 14.32 -36.94 13.21
N GLU B 4050 13.13 -37.11 13.80
CA GLU B 4050 13.05 -37.66 15.15
C GLU B 4050 13.54 -39.11 15.22
N SER B 4051 13.28 -39.89 14.17
CA SER B 4051 13.66 -41.30 14.15
C SER B 4051 14.79 -41.59 13.17
N SER B 4052 15.69 -40.61 13.02
CA SER B 4052 16.78 -40.70 12.05
C SER B 4052 17.75 -41.84 12.30
N SER B 4053 18.14 -42.06 13.56
CA SER B 4053 19.09 -43.13 13.86
C SER B 4053 18.51 -44.51 13.59
N ASN B 4054 17.24 -44.71 13.93
CA ASN B 4054 16.58 -46.00 13.76
C ASN B 4054 16.46 -46.37 12.29
N VAL B 4055 15.96 -45.43 11.48
CA VAL B 4055 15.77 -45.70 10.05
C VAL B 4055 17.12 -45.89 9.37
N GLU B 4056 18.15 -45.17 9.83
CA GLU B 4056 19.50 -45.31 9.30
C GLU B 4056 20.00 -46.73 9.49
N MET B 4057 20.04 -47.21 10.74
CA MET B 4057 20.51 -48.57 10.97
C MET B 4057 19.57 -49.65 10.38
N ILE B 4058 18.29 -49.33 10.17
CA ILE B 4058 17.39 -50.24 9.45
C ILE B 4058 17.83 -50.40 8.00
N LEU B 4059 18.07 -49.26 7.33
CA LEU B 4059 18.59 -49.30 5.96
C LEU B 4059 19.97 -49.93 5.92
N LYS B 4060 20.79 -49.69 6.95
CA LYS B 4060 22.09 -50.35 7.05
C LYS B 4060 21.94 -51.87 7.10
N PHE B 4061 20.95 -52.37 7.85
CA PHE B 4061 20.63 -53.81 7.87
C PHE B 4061 20.20 -54.30 6.50
N PHE B 4062 19.39 -53.50 5.81
CA PHE B 4062 18.98 -53.85 4.46
C PHE B 4062 20.17 -53.89 3.52
N ASP B 4063 21.04 -52.89 3.63
CA ASP B 4063 22.21 -52.77 2.77
C ASP B 4063 23.17 -53.93 3.00
N MET B 4064 23.44 -54.29 4.26
CA MET B 4064 24.32 -55.41 4.52
C MET B 4064 23.73 -56.73 4.04
N PHE B 4065 22.39 -56.85 3.92
CA PHE B 4065 21.92 -58.01 3.18
C PHE B 4065 22.08 -57.88 1.67
N LEU B 4066 21.80 -56.70 1.11
CA LEU B 4066 21.82 -56.53 -0.34
C LEU B 4066 23.23 -56.61 -0.92
N LYS B 4067 24.17 -55.88 -0.31
CA LYS B 4067 25.55 -55.88 -0.78
C LYS B 4067 26.18 -57.26 -0.65
N LEU B 4068 25.87 -57.98 0.42
CA LEU B 4068 26.45 -59.32 0.56
C LEU B 4068 25.75 -60.34 -0.33
N LYS B 4069 24.55 -60.02 -0.84
CA LYS B 4069 23.90 -60.88 -1.84
C LYS B 4069 24.73 -60.96 -3.12
N ASP B 4070 25.44 -59.90 -3.46
CA ASP B 4070 26.34 -59.93 -4.61
C ASP B 4070 27.79 -60.22 -4.20
N ILE B 4071 28.18 -59.84 -2.98
CA ILE B 4071 29.55 -60.07 -2.52
C ILE B 4071 29.83 -61.56 -2.36
N VAL B 4072 28.80 -62.37 -2.05
CA VAL B 4072 29.00 -63.83 -2.07
C VAL B 4072 29.39 -64.31 -3.47
N GLY B 4073 28.92 -63.62 -4.52
CA GLY B 4073 29.40 -63.84 -5.87
C GLY B 4073 30.62 -63.03 -6.28
N SER B 4074 31.09 -62.10 -5.44
CA SER B 4074 32.26 -61.27 -5.76
C SER B 4074 33.51 -62.13 -5.86
N GLU B 4075 34.33 -61.82 -6.87
CA GLU B 4075 35.51 -62.63 -7.18
C GLU B 4075 36.54 -62.66 -6.05
N ALA B 4076 36.79 -61.51 -5.40
CA ALA B 4076 37.72 -61.47 -4.27
C ALA B 4076 37.28 -62.37 -3.10
N PHE B 4077 35.99 -62.29 -2.76
CA PHE B 4077 35.42 -63.17 -1.75
C PHE B 4077 35.46 -64.63 -2.21
N GLN B 4078 35.20 -64.88 -3.50
CA GLN B 4078 35.23 -66.24 -4.03
C GLN B 4078 36.64 -66.81 -3.98
N ASP B 4079 37.65 -65.96 -4.24
CA ASP B 4079 39.05 -66.38 -4.14
C ASP B 4079 39.39 -66.74 -2.70
N TYR B 4080 38.88 -65.97 -1.74
CA TYR B 4080 39.06 -66.36 -0.33
C TYR B 4080 38.35 -67.68 -0.04
N VAL B 4081 37.16 -67.88 -0.61
CA VAL B 4081 36.40 -69.13 -0.46
C VAL B 4081 37.19 -70.28 -1.06
N THR B 4082 37.45 -71.31 -0.24
CA THR B 4082 38.24 -72.45 -0.68
C THR B 4082 37.51 -73.78 -0.55
N ASP B 4083 36.35 -73.81 0.10
CA ASP B 4083 35.64 -75.07 0.32
C ASP B 4083 34.91 -75.47 -0.96
N PRO B 4084 35.17 -76.66 -1.50
CA PRO B 4084 34.33 -77.15 -2.61
C PRO B 4084 32.88 -77.39 -2.22
N ARG B 4085 32.58 -77.55 -0.92
CA ARG B 4085 31.21 -77.71 -0.45
C ARG B 4085 30.38 -76.43 -0.53
N GLY B 4086 31.01 -75.29 -0.83
CA GLY B 4086 30.29 -74.03 -0.86
C GLY B 4086 30.17 -73.34 0.48
N LEU B 4087 31.16 -73.48 1.34
CA LEU B 4087 31.14 -72.92 2.69
C LEU B 4087 32.38 -72.04 2.88
N ILE B 4088 32.45 -71.39 4.04
CA ILE B 4088 33.58 -70.52 4.36
C ILE B 4088 33.75 -70.54 5.88
N SER B 4089 35.00 -70.56 6.34
CA SER B 4089 35.22 -70.48 7.77
C SER B 4089 35.01 -69.05 8.24
N LYS B 4090 34.74 -68.88 9.54
CA LYS B 4090 34.46 -67.55 10.10
C LYS B 4090 35.64 -66.60 9.95
N LYS B 4091 36.85 -67.06 10.24
CA LYS B 4091 38.04 -66.22 10.05
C LYS B 4091 38.27 -65.86 8.58
N ASP B 4092 38.02 -66.82 7.68
CA ASP B 4092 38.07 -66.55 6.25
C ASP B 4092 37.03 -65.51 5.83
N PHE B 4093 35.82 -65.60 6.41
CA PHE B 4093 34.80 -64.59 6.16
C PHE B 4093 35.18 -63.25 6.76
N GLN B 4094 35.91 -63.27 7.88
CA GLN B 4094 36.39 -62.06 8.54
C GLN B 4094 37.34 -61.30 7.63
N LYS B 4095 38.29 -62.02 7.03
CA LYS B 4095 39.29 -61.37 6.20
C LYS B 4095 38.96 -61.40 4.71
N ALA B 4096 37.77 -61.86 4.35
CA ALA B 4096 37.38 -61.94 2.95
C ALA B 4096 36.66 -60.68 2.46
N MET B 4097 35.55 -60.34 3.11
CA MET B 4097 34.70 -59.25 2.65
C MET B 4097 35.29 -57.87 2.90
N ASP B 4098 36.21 -57.74 3.86
CA ASP B 4098 36.84 -56.43 4.09
C ASP B 4098 37.78 -56.01 2.96
N SER B 4099 38.12 -56.91 2.04
CA SER B 4099 38.89 -56.55 0.86
C SER B 4099 38.12 -55.63 -0.08
N GLN B 4100 36.79 -55.61 -0.01
CA GLN B 4100 36.00 -54.66 -0.79
C GLN B 4100 36.08 -53.24 -0.24
N LYS B 4101 36.60 -53.05 0.98
CA LYS B 4101 36.81 -51.74 1.62
C LYS B 4101 35.51 -50.96 1.73
N GLN B 4102 34.52 -51.59 2.36
CA GLN B 4102 33.18 -51.03 2.46
C GLN B 4102 32.56 -51.04 3.84
N PHE B 4103 33.03 -51.88 4.76
CA PHE B 4103 32.31 -52.13 6.01
C PHE B 4103 33.05 -51.54 7.20
N THR B 4104 32.30 -50.95 8.12
CA THR B 4104 32.83 -50.46 9.38
C THR B 4104 32.82 -51.57 10.40
N GLY B 4105 33.71 -51.47 11.39
CA GLY B 4105 34.00 -52.48 12.41
C GLY B 4105 32.86 -53.30 13.00
N PRO B 4106 31.85 -52.65 13.61
CA PRO B 4106 30.73 -53.41 14.19
C PRO B 4106 29.96 -54.27 13.20
N GLU B 4107 29.93 -53.87 11.92
CA GLU B 4107 29.18 -54.62 10.90
C GLU B 4107 29.78 -56.00 10.67
N ILE B 4108 31.12 -56.10 10.66
CA ILE B 4108 31.78 -57.39 10.42
C ILE B 4108 31.41 -58.39 11.50
N GLN B 4109 31.56 -57.98 12.76
CA GLN B 4109 31.26 -58.85 13.90
C GLN B 4109 29.77 -59.19 13.96
N PHE B 4110 28.92 -58.19 13.72
CA PHE B 4110 27.47 -58.41 13.70
C PHE B 4110 27.06 -59.40 12.61
N LEU B 4111 27.65 -59.27 11.43
CA LEU B 4111 27.37 -60.21 10.33
C LEU B 4111 27.93 -61.59 10.62
N LEU B 4112 29.09 -61.67 11.29
CA LEU B 4112 29.63 -62.95 11.73
C LEU B 4112 28.68 -63.64 12.69
N SER B 4113 28.13 -62.89 13.64
CA SER B 4113 27.14 -63.44 14.56
C SER B 4113 25.87 -63.87 13.83
N CYS B 4114 25.42 -63.06 12.87
CA CYS B 4114 24.23 -63.38 12.09
C CYS B 4114 24.41 -64.65 11.26
N SER B 4115 25.62 -64.85 10.73
CA SER B 4115 25.92 -66.05 9.95
C SER B 4115 25.74 -67.31 10.79
N GLU B 4116 25.02 -68.27 10.22
CA GLU B 4116 24.70 -69.52 10.92
C GLU B 4116 25.90 -70.45 10.82
N ALA B 4117 26.91 -70.17 11.64
CA ALA B 4117 28.06 -71.04 11.74
C ALA B 4117 27.67 -72.36 12.38
N ASP B 4118 28.17 -73.46 11.80
CA ASP B 4118 27.87 -74.80 12.29
C ASP B 4118 28.80 -75.13 13.46
N GLU B 4119 28.84 -76.42 13.83
CA GLU B 4119 29.77 -76.89 14.85
C GLU B 4119 31.23 -76.71 14.44
N ASN B 4120 31.52 -76.59 13.14
CA ASN B 4120 32.87 -76.35 12.66
C ASN B 4120 33.16 -74.87 12.43
N GLU B 4121 32.21 -73.99 12.78
CA GLU B 4121 32.24 -72.55 12.47
C GLU B 4121 32.37 -72.30 10.96
N MET B 4122 31.82 -73.20 10.16
CA MET B 4122 32.02 -73.23 8.72
C MET B 4122 30.76 -72.63 8.10
N ILE B 4123 30.80 -71.33 7.81
CA ILE B 4123 29.61 -70.54 7.47
C ILE B 4123 29.00 -71.03 6.16
N ASN B 4124 27.67 -71.22 6.16
CA ASN B 4124 26.94 -71.60 4.94
C ASN B 4124 26.39 -70.34 4.29
N PHE B 4125 27.26 -69.66 3.56
CA PHE B 4125 26.87 -68.42 2.88
C PHE B 4125 25.99 -68.69 1.67
N GLU B 4126 25.92 -69.95 1.20
CA GLU B 4126 25.09 -70.28 0.06
C GLU B 4126 23.61 -70.08 0.37
N GLU B 4127 23.16 -70.54 1.53
CA GLU B 4127 21.78 -70.34 1.93
C GLU B 4127 21.61 -69.18 2.92
N PHE B 4128 22.72 -68.63 3.43
CA PHE B 4128 22.63 -67.48 4.35
C PHE B 4128 21.99 -66.28 3.66
N ALA B 4129 22.38 -65.98 2.42
CA ALA B 4129 21.80 -64.84 1.72
C ALA B 4129 20.36 -65.12 1.32
N ASN B 4130 20.10 -66.30 0.75
CA ASN B 4130 18.79 -66.66 0.24
C ASN B 4130 17.77 -66.89 1.34
N ARG B 4131 18.21 -66.96 2.60
CA ARG B 4131 17.31 -67.13 3.73
C ARG B 4131 16.34 -65.95 3.82
N PHE B 4132 16.89 -64.73 3.79
CA PHE B 4132 16.14 -63.52 4.07
C PHE B 4132 16.15 -62.51 2.93
N GLN B 4133 16.98 -62.71 1.89
CA GLN B 4133 17.19 -61.70 0.87
C GLN B 4133 15.91 -61.37 0.08
N GLU B 4134 15.22 -62.40 -0.40
CA GLU B 4134 14.07 -62.21 -1.27
C GLU B 4134 12.89 -61.43 -0.65
N PRO B 4135 12.39 -61.74 0.56
CA PRO B 4135 11.30 -60.91 1.10
C PRO B 4135 11.71 -59.50 1.49
N ALA B 4136 12.99 -59.23 1.75
CA ALA B 4136 13.42 -57.89 2.16
C ALA B 4136 13.45 -56.90 1.01
N ARG B 4137 13.44 -57.40 -0.23
CA ARG B 4137 13.52 -56.55 -1.42
C ARG B 4137 12.31 -55.63 -1.51
N ASP B 4138 11.12 -56.16 -1.20
CA ASP B 4138 9.88 -55.40 -1.35
C ASP B 4138 9.85 -54.23 -0.39
N ILE B 4139 10.24 -54.46 0.88
CA ILE B 4139 10.25 -53.40 1.88
C ILE B 4139 11.29 -52.35 1.50
N GLY B 4140 12.47 -52.80 1.04
CA GLY B 4140 13.49 -51.85 0.61
C GLY B 4140 13.01 -50.99 -0.54
N PHE B 4141 12.25 -51.59 -1.47
CA PHE B 4141 11.68 -50.84 -2.57
C PHE B 4141 10.69 -49.79 -2.06
N ASN B 4142 9.82 -50.19 -1.12
CA ASN B 4142 8.80 -49.27 -0.64
C ASN B 4142 9.40 -48.08 0.10
N VAL B 4143 10.40 -48.32 0.95
CA VAL B 4143 11.03 -47.20 1.66
C VAL B 4143 11.79 -46.32 0.66
N ALA B 4144 12.40 -46.93 -0.37
CA ALA B 4144 13.06 -46.15 -1.42
C ALA B 4144 12.07 -45.24 -2.16
N VAL B 4145 10.88 -45.77 -2.48
CA VAL B 4145 9.82 -44.98 -3.11
C VAL B 4145 9.38 -43.85 -2.20
N LEU B 4146 9.22 -44.13 -0.91
CA LEU B 4146 8.80 -43.13 0.07
C LEU B 4146 9.82 -41.99 0.14
N LEU B 4147 11.11 -42.33 0.23
CA LEU B 4147 12.16 -41.33 0.27
C LEU B 4147 12.22 -40.52 -1.01
N THR B 4148 12.06 -41.18 -2.17
CA THR B 4148 12.05 -40.46 -3.44
C THR B 4148 10.88 -39.47 -3.51
N ASN B 4149 9.70 -39.90 -3.08
CA ASN B 4149 8.52 -39.05 -3.08
C ASN B 4149 8.70 -37.85 -2.17
N LEU B 4150 9.26 -38.09 -0.97
CA LEU B 4150 9.50 -36.99 -0.04
C LEU B 4150 10.55 -36.02 -0.59
N SER B 4151 11.59 -36.56 -1.25
CA SER B 4151 12.67 -35.72 -1.78
C SER B 4151 12.11 -34.78 -2.84
N GLU B 4152 11.24 -35.30 -3.71
CA GLU B 4152 10.69 -34.45 -4.76
C GLU B 4152 9.71 -33.44 -4.19
N HIS B 4153 8.84 -33.86 -3.26
CA HIS B 4153 7.85 -32.92 -2.75
C HIS B 4153 8.42 -31.90 -1.77
N VAL B 4154 9.61 -32.11 -1.25
CA VAL B 4154 10.27 -31.09 -0.43
C VAL B 4154 11.77 -31.15 -0.69
N PRO B 4155 12.23 -30.49 -1.76
CA PRO B 4155 13.66 -30.49 -2.07
C PRO B 4155 14.46 -29.35 -1.48
N HIS B 4156 13.85 -28.44 -0.73
CA HIS B 4156 14.56 -27.30 -0.16
C HIS B 4156 14.85 -27.46 1.32
N ASP B 4157 15.09 -28.70 1.76
CA ASP B 4157 15.38 -29.00 3.15
C ASP B 4157 16.75 -29.64 3.42
N PRO B 4158 17.60 -28.97 4.21
CA PRO B 4158 18.93 -29.53 4.53
C PRO B 4158 18.85 -30.83 5.29
N ARG B 4159 17.80 -31.02 6.10
CA ARG B 4159 17.68 -32.24 6.87
C ARG B 4159 17.54 -33.43 5.94
N LEU B 4160 16.68 -33.30 4.92
CA LEU B 4160 16.53 -34.41 3.98
C LEU B 4160 17.77 -34.54 3.10
N ARG B 4161 18.51 -33.45 2.86
CA ARG B 4161 19.82 -33.60 2.22
C ARG B 4161 20.73 -34.51 3.04
N ASN B 4162 20.69 -34.35 4.37
CA ASN B 4162 21.41 -35.27 5.25
C ASN B 4162 20.87 -36.69 5.14
N PHE B 4163 19.54 -36.83 5.07
CA PHE B 4163 18.95 -38.17 4.95
C PHE B 4163 19.35 -38.85 3.65
N LEU B 4164 19.35 -38.12 2.54
CA LEU B 4164 19.74 -38.73 1.27
C LEU B 4164 21.22 -39.14 1.29
N GLU B 4165 22.09 -38.30 1.88
CA GLU B 4165 23.48 -38.76 1.94
C GLU B 4165 23.73 -39.82 3.00
N LEU B 4166 22.78 -40.07 3.90
CA LEU B 4166 22.88 -41.23 4.78
C LEU B 4166 22.28 -42.50 4.19
N ALA B 4167 21.16 -42.37 3.47
CA ALA B 4167 20.45 -43.49 2.87
C ALA B 4167 20.59 -43.52 1.35
N GLU B 4168 21.74 -43.08 0.84
CA GLU B 4168 21.96 -43.10 -0.60
C GLU B 4168 22.15 -44.51 -1.13
N SER B 4169 22.72 -45.41 -0.32
CA SER B 4169 23.15 -46.73 -0.77
C SER B 4169 22.00 -47.60 -1.26
N ILE B 4170 20.83 -47.48 -0.63
CA ILE B 4170 19.66 -48.24 -1.07
C ILE B 4170 19.20 -47.80 -2.47
N LEU B 4171 19.44 -46.53 -2.83
CA LEU B 4171 18.85 -45.95 -4.03
C LEU B 4171 19.34 -46.61 -5.32
N GLU B 4172 20.67 -46.70 -5.52
CA GLU B 4172 21.21 -47.20 -6.78
C GLU B 4172 20.86 -48.66 -7.04
N TYR B 4173 20.52 -49.42 -6.00
CA TYR B 4173 19.97 -50.75 -6.22
C TYR B 4173 18.57 -50.69 -6.81
N PHE B 4174 17.90 -49.52 -6.73
CA PHE B 4174 16.52 -49.44 -7.14
C PHE B 4174 16.25 -48.36 -8.19
N ARG B 4175 17.29 -47.69 -8.68
CA ARG B 4175 17.14 -46.87 -9.88
C ARG B 4175 16.63 -47.67 -11.08
N PRO B 4176 17.17 -48.85 -11.46
CA PRO B 4176 16.61 -49.55 -12.62
C PRO B 4176 15.19 -50.10 -12.43
N TYR B 4177 14.56 -49.96 -11.26
CA TYR B 4177 13.26 -50.56 -11.06
C TYR B 4177 12.22 -49.57 -10.59
N LEU B 4178 12.60 -48.38 -10.15
CA LEU B 4178 11.64 -47.34 -9.81
C LEU B 4178 11.00 -46.80 -11.08
N GLY B 4179 9.69 -46.59 -11.06
CA GLY B 4179 8.98 -46.10 -12.21
C GLY B 4179 8.16 -44.89 -11.82
N ARG B 4180 8.15 -43.89 -12.70
CA ARG B 4180 7.54 -42.61 -12.43
C ARG B 4180 6.68 -42.19 -13.61
N ILE B 4181 5.42 -41.84 -13.33
CA ILE B 4181 4.54 -41.24 -14.32
C ILE B 4181 3.81 -40.06 -13.69
N GLU B 4182 3.32 -39.16 -14.54
CA GLU B 4182 2.50 -38.04 -14.09
C GLU B 4182 1.12 -38.12 -14.75
N ILE B 4183 0.07 -38.11 -13.93
CA ILE B 4183 -1.30 -38.17 -14.43
C ILE B 4183 -2.08 -36.96 -13.95
N MET B 4184 -3.04 -36.53 -14.78
CA MET B 4184 -3.98 -35.50 -14.35
C MET B 4184 -5.08 -36.20 -13.59
N GLY B 4185 -5.10 -36.02 -12.27
CA GLY B 4185 -6.00 -36.75 -11.41
C GLY B 4185 -7.39 -36.13 -11.32
N ALA B 4186 -8.18 -36.66 -10.38
CA ALA B 4186 -9.55 -36.20 -10.18
C ALA B 4186 -9.60 -34.74 -9.75
N SER B 4187 -8.57 -34.28 -9.05
CA SER B 4187 -8.50 -32.90 -8.55
C SER B 4187 -8.09 -31.91 -9.62
N ARG B 4188 -7.92 -32.38 -10.87
CA ARG B 4188 -7.42 -31.63 -12.02
C ARG B 4188 -6.03 -31.06 -11.75
N ARG B 4189 -5.26 -31.74 -10.90
CA ARG B 4189 -3.92 -31.33 -10.53
C ARG B 4189 -3.01 -32.53 -10.76
N ILE B 4190 -1.94 -32.31 -11.54
CA ILE B 4190 -1.05 -33.41 -11.93
C ILE B 4190 -0.37 -34.02 -10.71
N GLU B 4191 -0.33 -35.35 -10.69
CA GLU B 4191 0.18 -36.10 -9.56
C GLU B 4191 1.11 -37.19 -10.08
N ARG B 4192 2.14 -37.49 -9.30
CA ARG B 4192 3.16 -38.46 -9.71
C ARG B 4192 2.88 -39.81 -9.06
N ILE B 4193 2.95 -40.87 -9.87
CA ILE B 4193 2.75 -42.23 -9.44
C ILE B 4193 4.05 -43.01 -9.63
N TYR B 4194 4.34 -43.87 -8.66
CA TYR B 4194 5.60 -44.62 -8.59
C TYR B 4194 5.28 -46.10 -8.58
N PHE B 4195 6.11 -46.89 -9.24
CA PHE B 4195 5.78 -48.31 -9.41
C PHE B 4195 7.07 -49.11 -9.56
N GLU B 4196 6.91 -50.42 -9.70
CA GLU B 4196 8.01 -51.36 -9.87
C GLU B 4196 8.08 -51.86 -11.31
N ILE B 4197 9.26 -51.79 -11.89
CA ILE B 4197 9.54 -52.35 -13.22
C ILE B 4197 10.40 -53.58 -13.05
N SER B 4198 9.91 -54.72 -13.53
CA SER B 4198 10.67 -55.96 -13.33
C SER B 4198 11.88 -55.99 -14.25
N GLU B 4199 12.85 -56.83 -13.88
CA GLU B 4199 14.05 -57.02 -14.69
C GLU B 4199 13.72 -57.62 -16.04
N THR B 4200 12.81 -58.61 -16.08
CA THR B 4200 12.46 -59.26 -17.34
C THR B 4200 11.78 -58.27 -18.28
N ASN B 4201 10.87 -57.46 -17.74
CA ASN B 4201 10.14 -56.49 -18.56
C ASN B 4201 11.09 -55.42 -19.07
N ARG B 4202 12.04 -55.00 -18.22
CA ARG B 4202 13.06 -54.06 -18.67
C ARG B 4202 13.91 -54.66 -19.78
N ALA B 4203 14.23 -55.96 -19.67
CA ALA B 4203 15.04 -56.65 -20.65
C ALA B 4203 14.33 -56.66 -22.00
N GLN B 4204 13.06 -57.09 -21.99
CA GLN B 4204 12.32 -57.18 -23.24
C GLN B 4204 12.09 -55.78 -23.80
N TRP B 4205 12.07 -54.75 -22.94
CA TRP B 4205 11.89 -53.40 -23.44
C TRP B 4205 13.13 -52.98 -24.23
N GLU B 4206 14.32 -53.36 -23.75
CA GLU B 4206 15.51 -52.94 -24.48
C GLU B 4206 15.88 -53.93 -25.57
N MET B 4207 15.10 -54.99 -25.75
CA MET B 4207 15.38 -55.97 -26.79
C MET B 4207 15.26 -55.32 -28.17
N PRO B 4208 16.07 -55.74 -29.15
CA PRO B 4208 16.11 -55.03 -30.45
C PRO B 4208 14.84 -55.06 -31.28
N GLN B 4209 14.10 -56.16 -31.31
CA GLN B 4209 12.83 -56.21 -32.05
C GLN B 4209 11.82 -55.24 -31.47
N VAL B 4210 11.75 -55.15 -30.13
CA VAL B 4210 10.81 -54.23 -29.49
C VAL B 4210 11.19 -52.80 -29.79
N LYS B 4211 12.50 -52.50 -29.83
CA LYS B 4211 12.96 -51.16 -30.17
C LYS B 4211 12.60 -50.80 -31.60
N GLU B 4212 12.72 -51.77 -32.52
CA GLU B 4212 12.33 -51.54 -33.90
C GLU B 4212 10.83 -51.30 -34.02
N SER B 4213 10.04 -52.05 -33.24
CA SER B 4213 8.60 -51.82 -33.17
C SER B 4213 8.31 -50.41 -32.67
N LYS B 4214 9.07 -49.96 -31.66
CA LYS B 4214 8.88 -48.64 -31.08
C LYS B 4214 9.17 -47.57 -32.11
N ARG B 4215 10.27 -47.73 -32.86
CA ARG B 4215 10.67 -46.73 -33.84
C ARG B 4215 9.66 -46.66 -34.98
N GLN B 4216 9.15 -47.83 -35.39
CA GLN B 4216 8.09 -47.88 -36.40
C GLN B 4216 6.84 -47.18 -35.89
N PHE B 4217 6.48 -47.39 -34.63
CA PHE B 4217 5.30 -46.78 -34.06
C PHE B 4217 5.43 -45.27 -34.01
N ILE B 4218 6.58 -44.79 -33.55
CA ILE B 4218 6.83 -43.36 -33.40
C ILE B 4218 6.78 -42.67 -34.76
N PHE B 4219 7.37 -43.32 -35.78
CA PHE B 4219 7.32 -42.79 -37.13
C PHE B 4219 5.88 -42.73 -37.62
N ASP B 4220 5.12 -43.80 -37.36
CA ASP B 4220 3.75 -43.90 -37.86
C ASP B 4220 2.86 -42.82 -37.26
N VAL B 4221 2.94 -42.61 -35.94
CA VAL B 4221 2.13 -41.55 -35.33
C VAL B 4221 2.59 -40.16 -35.75
N VAL B 4222 3.90 -39.89 -35.77
CA VAL B 4222 4.37 -38.54 -36.05
C VAL B 4222 4.14 -38.17 -37.51
N ASN B 4223 4.56 -39.03 -38.44
CA ASN B 4223 4.44 -38.68 -39.86
C ASN B 4223 3.01 -38.76 -40.36
N GLU B 4224 2.31 -39.86 -40.08
CA GLU B 4224 0.98 -40.07 -40.60
C GLU B 4224 0.02 -40.26 -39.43
N GLY B 4225 -0.26 -39.17 -38.74
CA GLY B 4225 -1.11 -39.25 -37.57
C GLY B 4225 -1.64 -37.88 -37.22
N GLY B 4226 -2.69 -37.87 -36.42
CA GLY B 4226 -3.22 -36.65 -35.87
C GLY B 4226 -3.15 -36.71 -34.35
N GLU B 4227 -2.95 -35.53 -33.75
CA GLU B 4227 -2.78 -35.43 -32.30
C GLU B 4227 -4.03 -35.86 -31.52
N ALA B 4228 -5.21 -35.79 -32.15
CA ALA B 4228 -6.48 -36.10 -31.49
C ALA B 4228 -6.52 -37.54 -30.99
N GLU B 4229 -6.03 -38.47 -31.81
CA GLU B 4229 -6.14 -39.90 -31.53
C GLU B 4229 -4.83 -40.50 -31.05
N LYS B 4230 -3.84 -39.65 -30.78
CA LYS B 4230 -2.49 -40.10 -30.43
C LYS B 4230 -2.50 -40.97 -29.17
N MET B 4231 -3.30 -40.59 -28.18
CA MET B 4231 -3.31 -41.33 -26.92
C MET B 4231 -3.89 -42.72 -27.09
N GLU B 4232 -4.95 -42.84 -27.88
CA GLU B 4232 -5.53 -44.14 -28.17
C GLU B 4232 -4.56 -45.02 -28.96
N LEU B 4233 -3.86 -44.40 -29.93
CA LEU B 4233 -2.87 -45.13 -30.71
C LEU B 4233 -1.73 -45.62 -29.81
N PHE B 4234 -1.33 -44.77 -28.86
CA PHE B 4234 -0.27 -45.10 -27.92
C PHE B 4234 -0.68 -46.28 -27.04
N VAL B 4235 -1.90 -46.22 -26.49
CA VAL B 4235 -2.37 -47.27 -25.60
C VAL B 4235 -2.49 -48.60 -26.35
N SER B 4236 -2.94 -48.54 -27.61
CA SER B 4236 -3.03 -49.73 -28.44
C SER B 4236 -1.65 -50.34 -28.68
N PHE B 4237 -0.65 -49.48 -28.97
CA PHE B 4237 0.72 -49.95 -29.15
C PHE B 4237 1.26 -50.58 -27.87
N CYS B 4238 0.94 -49.98 -26.71
CA CYS B 4238 1.43 -50.52 -25.45
C CYS B 4238 0.77 -51.86 -25.15
N GLU B 4239 -0.49 -52.03 -25.56
CA GLU B 4239 -1.19 -53.26 -25.26
C GLU B 4239 -0.63 -54.40 -26.10
N ASP B 4240 -0.34 -54.09 -27.37
CA ASP B 4240 0.29 -55.08 -28.24
C ASP B 4240 1.67 -55.45 -27.73
N THR B 4241 2.42 -54.45 -27.24
CA THR B 4241 3.75 -54.68 -26.70
C THR B 4241 3.71 -55.55 -25.45
N ILE B 4242 2.75 -55.29 -24.55
CA ILE B 4242 2.59 -56.09 -23.34
C ILE B 4242 2.23 -57.54 -23.70
N PHE B 4243 1.39 -57.71 -24.73
CA PHE B 4243 1.07 -59.06 -25.18
C PHE B 4243 2.31 -59.75 -25.75
N GLU B 4244 3.14 -59.00 -26.49
CA GLU B 4244 4.36 -59.55 -27.05
C GLU B 4244 5.32 -59.98 -25.94
N MET B 4245 5.40 -59.17 -24.87
CA MET B 4245 6.20 -59.52 -23.71
C MET B 4245 5.71 -60.81 -23.08
N GLN B 4246 4.38 -60.98 -23.03
CA GLN B 4246 3.81 -62.19 -22.45
C GLN B 4246 4.18 -63.40 -23.29
N ILE B 4247 4.10 -63.25 -24.61
CA ILE B 4247 4.40 -64.34 -25.53
C ILE B 4247 5.87 -64.74 -25.39
N ALA B 4248 6.75 -63.74 -25.33
CA ALA B 4248 8.19 -63.98 -25.18
C ALA B 4248 8.47 -64.70 -23.87
N ALA B 4249 7.80 -64.27 -22.79
CA ALA B 4249 8.02 -64.88 -21.48
C ALA B 4249 7.61 -66.34 -21.49
N GLN B 4250 6.45 -66.65 -22.09
CA GLN B 4250 5.98 -68.04 -22.11
C GLN B 4250 6.91 -68.92 -22.94
N ILE B 4251 7.31 -68.45 -24.12
CA ILE B 4251 8.17 -69.29 -24.96
C ILE B 4251 9.59 -69.39 -24.41
N SER B 4252 10.02 -68.42 -23.59
CA SER B 4252 11.39 -68.35 -23.10
C SER B 4252 11.80 -69.61 -22.33
N GLU B 4253 13.03 -70.05 -22.56
CA GLU B 4253 13.55 -71.27 -21.95
C GLU B 4253 14.60 -70.95 -20.90
N PRO B 4254 14.45 -71.43 -19.66
CA PRO B 4254 15.46 -71.21 -18.62
C PRO B 4254 16.65 -72.15 -18.76
N PHE B 4540 3.78 -92.75 -23.77
CA PHE B 4540 4.31 -91.92 -24.85
C PHE B 4540 3.56 -90.59 -24.90
N TRP B 4541 2.33 -90.61 -24.39
CA TRP B 4541 1.53 -89.39 -24.31
C TRP B 4541 2.16 -88.37 -23.38
N GLY B 4542 2.72 -88.83 -22.26
CA GLY B 4542 3.41 -87.92 -21.34
C GLY B 4542 4.63 -87.26 -21.96
N GLU B 4543 5.47 -88.07 -22.63
CA GLU B 4543 6.64 -87.54 -23.32
C GLU B 4543 6.26 -86.63 -24.48
N LEU B 4544 5.10 -86.89 -25.09
CA LEU B 4544 4.64 -86.15 -26.26
C LEU B 4544 4.49 -84.67 -25.95
N GLU B 4545 3.92 -84.35 -24.78
CA GLU B 4545 3.77 -82.96 -24.36
C GLU B 4545 5.13 -82.30 -24.19
N VAL B 4546 6.09 -83.02 -23.60
CA VAL B 4546 7.42 -82.48 -23.30
C VAL B 4546 8.12 -82.10 -24.60
N GLN B 4547 8.22 -83.07 -25.51
CA GLN B 4547 8.90 -82.87 -26.78
C GLN B 4547 8.19 -81.80 -27.61
N ARG B 4548 6.85 -81.86 -27.66
CA ARG B 4548 6.09 -80.94 -28.49
C ARG B 4548 6.26 -79.49 -28.04
N VAL B 4549 6.15 -79.23 -26.72
CA VAL B 4549 6.33 -77.84 -26.26
C VAL B 4549 7.79 -77.41 -26.38
N LYS B 4550 8.75 -78.33 -26.15
CA LYS B 4550 10.16 -77.96 -26.23
C LYS B 4550 10.51 -77.58 -27.67
N PHE B 4551 10.01 -78.38 -28.61
CA PHE B 4551 10.24 -78.15 -30.03
C PHE B 4551 9.62 -76.83 -30.46
N LEU B 4552 8.35 -76.63 -30.08
CA LEU B 4552 7.61 -75.43 -30.48
C LEU B 4552 8.28 -74.16 -29.95
N ASN B 4553 8.75 -74.21 -28.69
CA ASN B 4553 9.46 -73.08 -28.10
C ASN B 4553 10.78 -72.83 -28.80
N TYR B 4554 11.51 -73.90 -29.16
CA TYR B 4554 12.75 -73.74 -29.90
C TYR B 4554 12.51 -73.10 -31.27
N LEU B 4555 11.46 -73.53 -31.98
CA LEU B 4555 11.11 -72.94 -33.26
C LEU B 4555 10.72 -71.47 -33.11
N SER B 4556 9.93 -71.16 -32.08
CA SER B 4556 9.46 -69.80 -31.87
C SER B 4556 10.62 -68.87 -31.52
N ARG B 4557 11.54 -69.35 -30.69
CA ARG B 4557 12.70 -68.53 -30.31
C ARG B 4557 13.63 -68.34 -31.49
N ASN B 4558 13.78 -69.36 -32.34
CA ASN B 4558 14.72 -69.31 -33.44
C ASN B 4558 14.02 -69.19 -34.79
N PHE B 4559 12.92 -68.43 -34.83
CA PHE B 4559 12.25 -68.16 -36.09
C PHE B 4559 13.10 -67.30 -37.03
N TYR B 4560 13.74 -66.25 -36.49
CA TYR B 4560 14.50 -65.32 -37.33
C TYR B 4560 15.73 -65.96 -37.94
N THR B 4561 16.36 -66.86 -37.19
CA THR B 4561 17.53 -67.58 -37.70
C THR B 4561 17.14 -68.52 -38.83
N LEU B 4562 15.99 -69.18 -38.74
CA LEU B 4562 15.53 -70.00 -39.85
C LEU B 4562 15.24 -69.17 -41.11
N ARG B 4563 14.69 -67.96 -40.94
CA ARG B 4563 14.47 -67.08 -42.08
C ARG B 4563 15.80 -66.67 -42.74
N PHE B 4564 16.81 -66.37 -41.91
CA PHE B 4564 18.14 -66.07 -42.43
C PHE B 4564 18.76 -67.28 -43.09
N LEU B 4565 18.54 -68.46 -42.48
CA LEU B 4565 19.08 -69.71 -43.01
C LEU B 4565 18.48 -69.99 -44.38
N ALA B 4566 17.17 -69.75 -44.51
CA ALA B 4566 16.48 -70.01 -45.76
C ALA B 4566 16.99 -69.09 -46.86
N LEU B 4567 17.29 -67.84 -46.52
CA LEU B 4567 17.90 -66.94 -47.50
C LEU B 4567 19.31 -67.41 -47.91
N PHE B 4568 20.06 -67.95 -46.95
CA PHE B 4568 21.37 -68.53 -47.24
C PHE B 4568 21.21 -69.73 -48.16
N LEU B 4569 20.22 -70.56 -47.86
CA LEU B 4569 19.94 -71.77 -48.65
C LEU B 4569 19.60 -71.39 -50.07
N ALA B 4570 18.77 -70.34 -50.24
CA ALA B 4570 18.33 -69.94 -51.57
C ALA B 4570 19.53 -69.52 -52.39
N PHE B 4571 20.45 -68.75 -51.77
CA PHE B 4571 21.63 -68.32 -52.50
C PHE B 4571 22.49 -69.51 -52.88
N ALA B 4572 22.63 -70.47 -51.96
CA ALA B 4572 23.45 -71.66 -52.23
C ALA B 4572 22.89 -72.49 -53.37
N ILE B 4573 21.56 -72.66 -53.41
CA ILE B 4573 20.92 -73.43 -54.48
C ILE B 4573 21.09 -72.71 -55.82
N ASN B 4574 20.86 -71.39 -55.84
CA ASN B 4574 21.05 -70.63 -57.07
C ASN B 4574 22.50 -70.69 -57.56
N PHE B 4575 23.45 -70.60 -56.62
CA PHE B 4575 24.86 -70.77 -56.94
C PHE B 4575 25.11 -72.11 -57.61
N ILE B 4576 24.52 -73.18 -57.03
CA ILE B 4576 24.67 -74.50 -57.61
C ILE B 4576 24.01 -74.53 -58.99
N LEU B 4577 22.90 -73.78 -59.14
CA LEU B 4577 22.11 -73.78 -60.36
C LEU B 4577 22.81 -73.02 -61.48
N LEU B 4578 23.92 -72.35 -61.16
CA LEU B 4578 24.68 -71.61 -62.14
C LEU B 4578 25.69 -72.48 -62.87
N PHE B 4579 25.54 -73.80 -62.75
CA PHE B 4579 26.35 -74.78 -63.47
C PHE B 4579 25.47 -75.76 -64.23
N TYR B 4580 24.25 -75.36 -64.54
CA TYR B 4580 23.31 -76.19 -65.29
C TYR B 4580 23.57 -76.07 -66.79
N LYS B 4581 22.95 -76.96 -67.55
CA LYS B 4581 23.14 -77.01 -68.99
C LYS B 4581 21.97 -77.77 -69.59
N VAL B 4582 21.97 -77.87 -70.92
CA VAL B 4582 21.00 -78.67 -71.64
C VAL B 4582 21.68 -79.29 -72.86
N SER B 4583 21.28 -80.52 -73.18
CA SER B 4583 21.88 -81.25 -74.29
C SER B 4583 20.82 -82.11 -74.97
N ASP B 4584 20.88 -82.16 -76.30
CA ASP B 4584 20.03 -83.08 -77.04
C ASP B 4584 20.42 -84.52 -76.76
N SER B 4585 21.72 -84.78 -76.62
CA SER B 4585 22.19 -86.08 -76.19
C SER B 4585 21.91 -86.28 -74.70
N PRO B 4586 21.70 -87.51 -74.25
CA PRO B 4586 21.50 -87.74 -72.81
C PRO B 4586 22.79 -87.50 -72.06
N PRO B 4587 22.73 -87.12 -70.75
CA PRO B 4587 23.83 -86.83 -69.81
C PRO B 4587 25.12 -87.66 -69.93
N ASN B 4626 13.46 -83.14 -80.70
CA ASN B 4626 14.43 -83.87 -79.89
C ASN B 4626 14.18 -83.60 -78.41
N MET B 4627 14.24 -84.67 -77.60
CA MET B 4627 14.13 -84.52 -76.17
C MET B 4627 15.33 -83.76 -75.61
N VAL B 4628 15.05 -82.72 -74.84
CA VAL B 4628 16.08 -81.90 -74.23
C VAL B 4628 16.36 -82.44 -72.83
N TYR B 4629 17.63 -82.65 -72.51
CA TYR B 4629 18.02 -83.08 -71.18
C TYR B 4629 18.69 -81.92 -70.49
N TYR B 4630 18.17 -81.57 -69.31
CA TYR B 4630 18.75 -80.52 -68.48
C TYR B 4630 19.65 -81.20 -67.46
N PHE B 4631 20.95 -80.97 -67.57
CA PHE B 4631 21.92 -81.65 -66.71
C PHE B 4631 22.84 -80.67 -66.01
N LEU B 4632 22.96 -80.82 -64.69
CA LEU B 4632 23.94 -80.04 -63.96
C LEU B 4632 25.32 -80.58 -64.32
N GLU B 4633 26.25 -79.69 -64.63
CA GLU B 4633 27.57 -80.12 -65.10
C GLU B 4633 28.68 -79.49 -64.26
N GLU B 4634 29.43 -80.34 -63.55
CA GLU B 4634 30.59 -79.86 -62.82
C GLU B 4634 31.59 -81.01 -62.70
N SER B 4635 32.85 -80.64 -62.51
CA SER B 4635 33.94 -81.62 -62.45
C SER B 4635 33.90 -82.45 -61.16
N THR B 4636 33.67 -81.79 -60.01
CA THR B 4636 33.78 -82.45 -58.70
C THR B 4636 32.76 -83.57 -58.53
N GLY B 4637 31.54 -83.39 -59.00
CA GLY B 4637 30.52 -84.41 -58.87
C GLY B 4637 29.81 -84.45 -57.54
N TYR B 4638 30.19 -83.58 -56.60
CA TYR B 4638 29.58 -83.50 -55.29
C TYR B 4638 28.36 -82.59 -55.29
N MET B 4639 28.21 -81.78 -56.33
CA MET B 4639 27.16 -80.76 -56.35
C MET B 4639 25.77 -81.37 -56.50
N GLU B 4640 25.61 -82.45 -57.27
CA GLU B 4640 24.30 -83.10 -57.32
C GLU B 4640 23.88 -83.66 -55.95
N PRO B 4641 24.75 -84.35 -55.15
CA PRO B 4641 24.35 -84.69 -53.78
C PRO B 4641 24.04 -83.47 -52.95
N ALA B 4642 24.86 -82.41 -53.12
CA ALA B 4642 24.65 -81.15 -52.41
C ALA B 4642 23.27 -80.58 -52.72
N LEU B 4643 22.89 -80.62 -53.99
CA LEU B 4643 21.61 -80.07 -54.44
C LEU B 4643 20.46 -80.84 -53.82
N TRP B 4644 20.57 -82.18 -53.86
CA TRP B 4644 19.52 -83.04 -53.31
C TRP B 4644 19.32 -82.75 -51.82
N CYS B 4645 20.42 -82.82 -51.04
CA CYS B 4645 20.33 -82.63 -49.60
C CYS B 4645 19.89 -81.22 -49.25
N LEU B 4646 20.49 -80.21 -49.88
CA LEU B 4646 20.16 -78.81 -49.60
C LEU B 4646 18.73 -78.47 -49.95
N SER B 4647 18.18 -79.06 -51.03
CA SER B 4647 16.78 -78.84 -51.37
C SER B 4647 15.85 -79.50 -50.34
N LEU B 4648 16.21 -80.69 -49.86
CA LEU B 4648 15.41 -81.32 -48.80
C LEU B 4648 15.48 -80.52 -47.51
N LEU B 4649 16.66 -79.97 -47.22
CA LEU B 4649 16.85 -79.09 -46.08
C LEU B 4649 16.01 -77.83 -46.24
N HIS B 4650 15.99 -77.26 -47.45
CA HIS B 4650 15.28 -76.00 -47.68
C HIS B 4650 13.81 -76.19 -47.43
N THR B 4651 13.25 -77.29 -47.95
CA THR B 4651 11.82 -77.56 -47.79
C THR B 4651 11.51 -77.73 -46.30
N LEU B 4652 12.37 -78.47 -45.58
CA LEU B 4652 12.15 -78.68 -44.15
C LEU B 4652 12.25 -77.38 -43.36
N VAL B 4653 13.24 -76.55 -43.68
CA VAL B 4653 13.41 -75.24 -43.06
C VAL B 4653 12.21 -74.34 -43.34
N ALA B 4654 11.63 -74.45 -44.54
CA ALA B 4654 10.44 -73.66 -44.87
C ALA B 4654 9.26 -74.10 -44.02
N PHE B 4655 9.11 -75.41 -43.81
CA PHE B 4655 8.06 -75.92 -42.93
C PHE B 4655 8.26 -75.39 -41.52
N LEU B 4656 9.52 -75.38 -41.07
CA LEU B 4656 9.85 -74.93 -39.72
C LEU B 4656 9.52 -73.45 -39.57
N CYS B 4657 9.71 -72.68 -40.65
CA CYS B 4657 9.36 -71.26 -40.64
C CYS B 4657 7.86 -71.03 -40.51
N ILE B 4658 7.04 -71.84 -41.21
CA ILE B 4658 5.60 -71.68 -41.07
C ILE B 4658 5.13 -72.06 -39.66
N ILE B 4659 5.68 -73.13 -39.10
CA ILE B 4659 5.32 -73.49 -37.73
C ILE B 4659 5.78 -72.42 -36.73
N GLY B 4660 6.98 -71.86 -36.93
CA GLY B 4660 7.42 -70.76 -36.07
C GLY B 4660 6.51 -69.55 -36.18
N TYR B 4661 6.02 -69.28 -37.40
CA TYR B 4661 5.14 -68.14 -37.63
C TYR B 4661 3.84 -68.34 -36.87
N ASN B 4662 3.27 -69.55 -36.99
CA ASN B 4662 1.99 -69.84 -36.34
C ASN B 4662 2.12 -69.75 -34.83
N CYS B 4663 3.23 -70.25 -34.28
CA CYS B 4663 3.40 -70.23 -32.84
C CYS B 4663 3.95 -68.90 -32.32
N LEU B 4664 4.21 -67.93 -33.20
CA LEU B 4664 4.83 -66.71 -32.70
C LEU B 4664 4.07 -65.45 -33.09
N LYS B 4665 3.84 -65.22 -34.38
CA LYS B 4665 3.25 -63.97 -34.82
C LYS B 4665 1.73 -64.02 -34.89
N VAL B 4666 1.18 -65.20 -35.18
CA VAL B 4666 -0.27 -65.35 -35.26
C VAL B 4666 -1.03 -64.97 -33.99
N PRO B 4667 -0.59 -65.36 -32.75
CA PRO B 4667 -1.32 -64.91 -31.56
C PRO B 4667 -1.45 -63.40 -31.39
N LEU B 4668 -0.48 -62.62 -31.84
CA LEU B 4668 -0.64 -61.17 -31.79
C LEU B 4668 -1.69 -60.67 -32.78
N VAL B 4669 -1.85 -61.35 -33.90
CA VAL B 4669 -2.91 -61.00 -34.85
C VAL B 4669 -4.27 -61.34 -34.25
N ILE B 4670 -4.36 -62.50 -33.61
CA ILE B 4670 -5.60 -62.94 -32.99
C ILE B 4670 -5.97 -62.00 -31.84
N PHE B 4671 -4.96 -61.57 -31.08
CA PHE B 4671 -5.15 -60.60 -30.02
C PHE B 4671 -5.66 -59.29 -30.57
N LYS B 4672 -5.06 -58.81 -31.66
CA LYS B 4672 -5.44 -57.53 -32.24
C LYS B 4672 -6.88 -57.56 -32.73
N ARG B 4673 -7.27 -58.69 -33.34
CA ARG B 4673 -8.63 -58.84 -33.85
C ARG B 4673 -9.65 -58.94 -32.71
N GLU B 4674 -9.34 -59.70 -31.65
CA GLU B 4674 -10.25 -59.76 -30.52
C GLU B 4674 -10.35 -58.41 -29.82
N LYS B 4675 -9.24 -57.67 -29.70
CA LYS B 4675 -9.27 -56.36 -29.07
C LYS B 4675 -10.15 -55.38 -29.84
N GLU B 4676 -9.98 -55.33 -31.17
CA GLU B 4676 -10.80 -54.42 -31.96
C GLU B 4676 -12.27 -54.84 -31.93
N LEU B 4677 -12.52 -56.16 -31.95
CA LEU B 4677 -13.89 -56.65 -31.93
C LEU B 4677 -14.56 -56.29 -30.61
N ALA B 4678 -13.83 -56.46 -29.50
CA ALA B 4678 -14.37 -56.18 -28.19
C ALA B 4678 -14.72 -54.71 -28.05
N ARG B 4679 -13.87 -53.83 -28.61
CA ARG B 4679 -14.15 -52.41 -28.46
C ARG B 4679 -15.25 -51.96 -29.41
N LYS B 4680 -15.38 -52.60 -30.57
CA LYS B 4680 -16.49 -52.29 -31.46
C LYS B 4680 -17.81 -52.79 -30.88
N LEU B 4681 -17.79 -53.99 -30.28
CA LEU B 4681 -18.97 -54.53 -29.63
C LEU B 4681 -19.41 -53.70 -28.44
N GLU B 4682 -18.45 -53.20 -27.65
CA GLU B 4682 -18.85 -52.53 -26.41
C GLU B 4682 -18.98 -51.02 -26.56
N PHE B 4683 -17.95 -50.36 -27.08
CA PHE B 4683 -17.97 -48.91 -27.13
C PHE B 4683 -18.54 -48.37 -28.44
N ASP B 4684 -18.90 -49.24 -29.37
CA ASP B 4684 -19.57 -48.80 -30.58
C ASP B 4684 -20.93 -49.45 -30.80
N GLY B 4685 -21.18 -50.61 -30.19
CA GLY B 4685 -22.42 -51.33 -30.45
C GLY B 4685 -22.65 -51.71 -31.90
N LEU B 4686 -21.59 -52.13 -32.60
CA LEU B 4686 -21.66 -52.33 -34.06
C LEU B 4686 -22.69 -53.39 -34.44
N TYR B 4687 -22.56 -54.59 -33.89
CA TYR B 4687 -23.50 -55.65 -34.24
C TYR B 4687 -24.87 -55.42 -33.62
N ILE B 4688 -24.90 -54.86 -32.41
CA ILE B 4688 -26.16 -54.60 -31.72
C ILE B 4688 -27.00 -53.56 -32.46
N THR B 4689 -26.40 -52.46 -32.92
CA THR B 4689 -27.20 -51.42 -33.56
C THR B 4689 -26.80 -51.12 -34.99
N GLU B 4690 -25.53 -50.80 -35.25
CA GLU B 4690 -25.12 -50.32 -36.58
C GLU B 4690 -25.27 -51.38 -37.68
N GLN B 4691 -24.89 -52.66 -37.40
CA GLN B 4691 -24.92 -53.78 -38.36
C GLN B 4691 -24.03 -53.61 -39.59
N PRO B 4692 -22.92 -54.36 -39.67
CA PRO B 4692 -22.03 -54.32 -40.84
C PRO B 4692 -22.77 -54.48 -42.15
N GLY B 4693 -22.36 -53.68 -43.15
CA GLY B 4693 -23.10 -53.55 -44.39
C GLY B 4693 -23.27 -54.82 -45.20
N ASP B 4694 -22.15 -55.55 -45.42
CA ASP B 4694 -21.89 -56.80 -46.17
C ASP B 4694 -20.58 -56.63 -46.95
N ASP B 4695 -20.37 -55.41 -47.49
CA ASP B 4695 -19.16 -55.12 -48.25
C ASP B 4695 -17.89 -55.30 -47.40
N ASP B 4696 -17.96 -54.97 -46.12
CA ASP B 4696 -16.82 -55.18 -45.25
C ASP B 4696 -16.79 -56.67 -44.93
N VAL B 4697 -15.80 -57.39 -45.46
CA VAL B 4697 -15.77 -58.84 -45.30
C VAL B 4697 -15.32 -59.20 -43.89
N LYS B 4698 -14.56 -58.31 -43.25
CA LYS B 4698 -14.00 -58.57 -41.93
C LYS B 4698 -15.11 -58.72 -40.91
N GLY B 4699 -16.10 -57.83 -40.95
CA GLY B 4699 -17.22 -57.89 -40.02
C GLY B 4699 -18.03 -59.16 -40.22
N GLN B 4700 -18.25 -59.53 -41.50
CA GLN B 4700 -19.03 -60.71 -41.83
C GLN B 4700 -18.36 -61.96 -41.29
N TRP B 4701 -17.03 -62.04 -41.44
CA TRP B 4701 -16.31 -63.18 -40.87
C TRP B 4701 -16.39 -63.15 -39.35
N ASP B 4702 -16.28 -61.95 -38.77
CA ASP B 4702 -16.31 -61.79 -37.32
C ASP B 4702 -17.65 -62.16 -36.70
N ARG B 4703 -18.73 -62.19 -37.49
CA ARG B 4703 -20.04 -62.52 -36.93
C ARG B 4703 -20.08 -63.92 -36.31
N LEU B 4704 -19.26 -64.84 -36.83
CA LEU B 4704 -19.31 -66.23 -36.41
C LEU B 4704 -18.66 -66.49 -35.04
N VAL B 4705 -17.83 -65.57 -34.55
CA VAL B 4705 -17.08 -65.86 -33.33
C VAL B 4705 -17.86 -65.39 -32.10
N LEU B 4706 -18.88 -64.55 -32.29
CA LEU B 4706 -19.60 -63.92 -31.18
C LEU B 4706 -20.29 -64.96 -30.29
N ASN B 4707 -20.93 -65.96 -30.90
CA ASN B 4707 -21.72 -66.89 -30.12
C ASN B 4707 -20.90 -68.02 -29.51
N THR B 4708 -19.59 -68.02 -29.69
CA THR B 4708 -18.76 -69.12 -29.23
C THR B 4708 -18.55 -69.04 -27.71
N PRO B 4709 -18.23 -70.15 -27.06
CA PRO B 4709 -17.90 -70.09 -25.63
C PRO B 4709 -16.58 -69.41 -25.31
N SER B 4710 -15.71 -69.18 -26.29
CA SER B 4710 -14.39 -68.64 -26.02
C SER B 4710 -14.07 -67.54 -27.03
N PHE B 4711 -14.91 -66.51 -27.05
CA PHE B 4711 -14.63 -65.34 -27.89
C PHE B 4711 -13.41 -64.55 -27.41
N PRO B 4712 -13.20 -64.25 -26.09
CA PRO B 4712 -11.93 -63.61 -25.72
C PRO B 4712 -10.94 -64.60 -25.15
N SER B 4713 -10.10 -65.17 -26.02
CA SER B 4713 -9.16 -66.19 -25.58
C SER B 4713 -7.75 -65.66 -25.38
N ASN B 4714 -7.31 -64.70 -26.19
CA ASN B 4714 -6.00 -64.13 -26.00
C ASN B 4714 -6.05 -62.76 -25.33
N TYR B 4715 -7.09 -61.97 -25.63
CA TYR B 4715 -7.28 -60.69 -24.98
C TYR B 4715 -7.61 -60.92 -23.50
N TRP B 4716 -6.98 -60.14 -22.62
CA TRP B 4716 -7.25 -60.25 -21.19
C TRP B 4716 -8.44 -59.38 -20.80
N ASP B 4717 -9.60 -59.74 -21.33
CA ASP B 4717 -10.85 -59.07 -21.01
C ASP B 4717 -11.99 -60.08 -21.01
N LYS B 4718 -11.91 -61.05 -20.08
CA LYS B 4718 -12.88 -62.15 -20.03
C LYS B 4718 -14.30 -61.69 -19.69
N PHE B 4719 -14.46 -60.47 -19.16
CA PHE B 4719 -15.77 -59.98 -18.75
C PHE B 4719 -16.43 -59.18 -19.86
N VAL B 4720 -16.02 -59.40 -21.11
CA VAL B 4720 -16.52 -58.60 -22.22
C VAL B 4720 -17.99 -58.89 -22.47
N LYS B 4721 -18.42 -60.15 -22.31
CA LYS B 4721 -19.81 -60.52 -22.57
C LYS B 4721 -20.71 -59.80 -21.58
N ARG B 4722 -20.29 -59.80 -20.31
CA ARG B 4722 -21.02 -59.12 -19.26
C ARG B 4722 -21.06 -57.62 -19.51
N LYS B 4723 -19.97 -57.06 -20.04
CA LYS B 4723 -19.95 -55.61 -20.24
C LYS B 4723 -20.82 -55.20 -21.42
N VAL B 4724 -20.93 -56.03 -22.46
CA VAL B 4724 -21.87 -55.73 -23.54
C VAL B 4724 -23.30 -55.86 -23.02
N LEU B 4725 -23.53 -56.85 -22.14
CA LEU B 4725 -24.85 -57.04 -21.55
C LEU B 4725 -25.24 -55.81 -20.73
N ASP B 4726 -24.31 -55.29 -19.94
CA ASP B 4726 -24.61 -54.13 -19.12
C ASP B 4726 -24.83 -52.90 -19.99
N LYS B 4727 -23.96 -52.70 -20.99
CA LYS B 4727 -24.00 -51.49 -21.81
C LYS B 4727 -25.27 -51.37 -22.65
N HIS B 4728 -25.61 -52.42 -23.41
CA HIS B 4728 -26.76 -52.31 -24.32
C HIS B 4728 -27.90 -53.28 -24.05
N GLY B 4729 -27.79 -54.12 -23.02
CA GLY B 4729 -28.82 -55.12 -22.77
C GLY B 4729 -30.19 -54.55 -22.47
N ASP B 4730 -30.24 -53.48 -21.68
CA ASP B 4730 -31.52 -52.91 -21.23
C ASP B 4730 -32.33 -52.36 -22.39
N ILE B 4731 -31.71 -51.58 -23.28
CA ILE B 4731 -32.42 -51.04 -24.44
C ILE B 4731 -32.71 -52.15 -25.46
N PHE B 4732 -31.71 -52.94 -25.84
CA PHE B 4732 -31.89 -53.93 -26.91
C PHE B 4732 -32.73 -55.12 -26.47
N GLY B 4733 -32.57 -55.56 -25.22
CA GLY B 4733 -33.20 -56.75 -24.71
C GLY B 4733 -32.18 -57.72 -24.18
N ARG B 4734 -32.67 -58.74 -23.48
CA ARG B 4734 -31.76 -59.66 -22.82
C ARG B 4734 -31.56 -60.94 -23.60
N GLU B 4735 -32.66 -61.52 -24.10
CA GLU B 4735 -32.57 -62.72 -24.91
C GLU B 4735 -31.80 -62.47 -26.20
N ARG B 4736 -31.96 -61.26 -26.80
CA ARG B 4736 -31.33 -60.94 -28.07
C ARG B 4736 -29.81 -61.01 -27.93
N ILE B 4737 -29.28 -60.38 -26.88
CA ILE B 4737 -27.84 -60.35 -26.66
C ILE B 4737 -27.35 -61.72 -26.22
N ALA B 4738 -28.15 -62.42 -25.39
CA ALA B 4738 -27.74 -63.73 -24.90
C ALA B 4738 -27.66 -64.73 -26.05
N GLU B 4739 -28.60 -64.65 -26.99
CA GLU B 4739 -28.57 -65.46 -28.20
C GLU B 4739 -27.38 -65.09 -29.07
N LEU B 4740 -27.15 -63.79 -29.27
CA LEU B 4740 -26.06 -63.35 -30.15
C LEU B 4740 -24.69 -63.75 -29.61
N LEU B 4741 -24.48 -63.57 -28.32
CA LEU B 4741 -23.18 -63.83 -27.70
C LEU B 4741 -23.09 -65.21 -27.09
N GLY B 4742 -24.13 -66.04 -27.24
CA GLY B 4742 -24.12 -67.41 -26.75
C GLY B 4742 -23.89 -67.53 -25.25
N MET B 4743 -24.43 -66.59 -24.48
CA MET B 4743 -24.32 -66.59 -23.03
C MET B 4743 -25.60 -67.10 -22.40
N ASP B 4744 -25.47 -68.02 -21.44
CA ASP B 4744 -26.62 -68.56 -20.72
C ASP B 4744 -26.99 -67.58 -19.61
N LEU B 4745 -28.18 -66.96 -19.74
CA LEU B 4745 -28.64 -66.00 -18.75
C LEU B 4745 -28.88 -66.65 -17.39
N ALA B 4746 -29.28 -67.91 -17.37
CA ALA B 4746 -29.51 -68.64 -16.12
C ALA B 4746 -28.24 -68.74 -15.28
N SER B 4747 -27.11 -69.06 -15.92
CA SER B 4747 -25.76 -69.29 -15.37
C SER B 4747 -25.56 -69.55 -13.87
N ASP B 4772 -14.08 -76.47 -30.11
CA ASP B 4772 -14.96 -75.37 -30.48
C ASP B 4772 -14.72 -75.10 -31.96
N VAL B 4773 -15.51 -75.80 -32.78
CA VAL B 4773 -15.33 -75.85 -34.23
C VAL B 4773 -15.48 -74.46 -34.84
N LYS B 4774 -16.50 -73.70 -34.39
CA LYS B 4774 -16.77 -72.39 -34.98
C LYS B 4774 -15.63 -71.43 -34.69
N TYR B 4775 -15.10 -71.49 -33.46
CA TYR B 4775 -14.00 -70.62 -33.07
C TYR B 4775 -12.76 -70.94 -33.88
N GLN B 4776 -12.44 -72.24 -34.01
CA GLN B 4776 -11.26 -72.64 -34.76
C GLN B 4776 -11.38 -72.24 -36.22
N ILE B 4777 -12.59 -72.39 -36.79
CA ILE B 4777 -12.84 -72.01 -38.18
C ILE B 4777 -12.61 -70.52 -38.36
N TRP B 4778 -13.08 -69.71 -37.41
CA TRP B 4778 -12.91 -68.26 -37.49
C TRP B 4778 -11.42 -67.92 -37.37
N LYS B 4779 -10.73 -68.58 -36.45
CA LYS B 4779 -9.31 -68.31 -36.20
C LYS B 4779 -8.52 -68.63 -37.45
N PHE B 4780 -8.80 -69.79 -38.07
CA PHE B 4780 -8.07 -70.19 -39.28
C PHE B 4780 -8.38 -69.25 -40.42
N GLY B 4781 -9.59 -68.66 -40.44
CA GLY B 4781 -9.91 -67.67 -41.46
C GLY B 4781 -9.05 -66.44 -41.30
N VAL B 4782 -8.89 -65.97 -40.06
CA VAL B 4782 -8.00 -64.85 -39.77
C VAL B 4782 -6.57 -65.20 -40.17
N ILE B 4783 -6.18 -66.46 -39.94
CA ILE B 4783 -4.84 -66.92 -40.31
C ILE B 4783 -4.70 -66.90 -41.82
N PHE B 4784 -5.76 -67.26 -42.52
CA PHE B 4784 -5.73 -67.43 -43.97
C PHE B 4784 -6.09 -66.14 -44.67
N THR B 4785 -6.14 -65.03 -43.94
CA THR B 4785 -6.30 -63.72 -44.55
C THR B 4785 -5.13 -62.79 -44.23
N ASP B 4786 -4.06 -63.30 -43.60
CA ASP B 4786 -2.92 -62.49 -43.22
C ASP B 4786 -1.90 -62.51 -44.35
N ASN B 4787 -1.43 -61.32 -44.75
CA ASN B 4787 -0.51 -61.21 -45.89
C ASN B 4787 0.78 -61.97 -45.66
N SER B 4788 1.36 -61.85 -44.45
CA SER B 4788 2.65 -62.46 -44.18
C SER B 4788 2.55 -63.97 -44.18
N PHE B 4789 1.45 -64.51 -43.62
CA PHE B 4789 1.25 -65.96 -43.64
C PHE B 4789 1.06 -66.45 -45.07
N LEU B 4790 0.37 -65.67 -45.89
CA LEU B 4790 0.13 -66.08 -47.28
C LEU B 4790 1.44 -66.08 -48.05
N TYR B 4791 2.31 -65.11 -47.76
CA TYR B 4791 3.63 -65.07 -48.36
C TYR B 4791 4.45 -66.28 -47.94
N LEU B 4792 4.39 -66.65 -46.66
CA LEU B 4792 5.15 -67.81 -46.19
C LEU B 4792 4.62 -69.10 -46.81
N GLY B 4793 3.30 -69.19 -46.97
CA GLY B 4793 2.71 -70.34 -47.63
C GLY B 4793 3.09 -70.42 -49.09
N TRP B 4794 3.21 -69.27 -49.75
CA TRP B 4794 3.69 -69.22 -51.12
C TRP B 4794 5.15 -69.66 -51.21
N TYR B 4795 5.94 -69.28 -50.21
CA TYR B 4795 7.33 -69.72 -50.13
C TYR B 4795 7.41 -71.25 -49.98
N MET B 4796 6.50 -71.81 -49.18
CA MET B 4796 6.41 -73.26 -49.04
C MET B 4796 5.98 -73.92 -50.34
N VAL B 4797 5.04 -73.30 -51.05
CA VAL B 4797 4.51 -73.88 -52.28
C VAL B 4797 5.61 -73.93 -53.35
N MET B 4798 6.34 -72.82 -53.51
CA MET B 4798 7.42 -72.81 -54.49
C MET B 4798 8.58 -73.70 -54.04
N SER B 4799 8.71 -73.90 -52.72
CA SER B 4799 9.75 -74.79 -52.21
C SER B 4799 9.42 -76.22 -52.60
N LEU B 4800 8.14 -76.59 -52.48
CA LEU B 4800 7.71 -77.94 -52.83
C LEU B 4800 7.84 -78.13 -54.32
N LEU B 4801 7.43 -77.13 -55.10
CA LEU B 4801 7.43 -77.23 -56.56
C LEU B 4801 8.85 -77.35 -57.09
N GLY B 4802 9.83 -76.73 -56.42
CA GLY B 4802 11.19 -76.76 -56.88
C GLY B 4802 11.79 -78.15 -56.88
N HIS B 4803 11.20 -79.09 -56.14
CA HIS B 4803 11.58 -80.49 -56.23
C HIS B 4803 11.19 -81.07 -57.58
N TYR B 4804 10.00 -80.69 -58.07
CA TYR B 4804 9.56 -81.10 -59.40
C TYR B 4804 10.44 -80.49 -60.48
N ASN B 4805 10.62 -79.17 -60.46
CA ASN B 4805 11.55 -78.53 -61.41
C ASN B 4805 12.51 -77.64 -60.63
N ASN B 4806 13.81 -77.88 -60.80
CA ASN B 4806 14.83 -77.20 -59.99
C ASN B 4806 14.82 -75.70 -60.18
N PHE B 4807 14.47 -75.23 -61.39
CA PHE B 4807 14.52 -73.79 -61.69
C PHE B 4807 13.47 -73.00 -60.93
N PHE B 4808 12.49 -73.67 -60.29
CA PHE B 4808 11.51 -73.02 -59.45
C PHE B 4808 12.13 -72.50 -58.16
N PHE B 4809 13.35 -72.90 -57.83
CA PHE B 4809 14.01 -72.52 -56.61
C PHE B 4809 14.73 -71.20 -56.76
N ALA B 4810 14.48 -70.50 -57.86
CA ALA B 4810 15.03 -69.18 -58.11
C ALA B 4810 13.97 -68.11 -57.92
N ALA B 4811 12.84 -68.45 -57.31
CA ALA B 4811 11.79 -67.49 -57.02
C ALA B 4811 11.87 -67.07 -55.57
N HIS B 4812 12.80 -67.66 -54.84
CA HIS B 4812 13.01 -67.45 -53.42
C HIS B 4812 14.00 -66.35 -53.17
N LEU B 4813 14.68 -65.88 -54.23
CA LEU B 4813 15.63 -64.80 -54.11
C LEU B 4813 14.96 -63.48 -53.79
N LEU B 4814 13.67 -63.35 -54.11
CA LEU B 4814 12.92 -62.12 -53.87
C LEU B 4814 12.67 -61.85 -52.39
N ASP B 4815 12.97 -62.81 -51.53
CA ASP B 4815 12.85 -62.65 -50.09
C ASP B 4815 13.82 -61.62 -49.52
N ILE B 4816 14.86 -61.23 -50.28
CA ILE B 4816 15.87 -60.29 -49.82
C ILE B 4816 15.24 -58.94 -49.48
N ALA B 4817 14.18 -58.56 -50.21
CA ALA B 4817 13.44 -57.34 -49.93
C ALA B 4817 12.83 -57.36 -48.54
N MET B 4818 12.27 -58.49 -48.15
CA MET B 4818 11.65 -58.62 -46.83
C MET B 4818 12.65 -59.10 -45.79
N GLY B 4819 13.89 -59.35 -46.20
CA GLY B 4819 14.89 -59.90 -45.32
C GLY B 4819 15.84 -58.82 -44.84
N VAL B 4820 16.20 -57.90 -45.73
CA VAL B 4820 17.08 -56.80 -45.40
C VAL B 4820 16.24 -55.55 -45.24
N LYS B 4821 16.53 -54.76 -44.20
CA LYS B 4821 15.81 -53.51 -44.01
C LYS B 4821 16.24 -52.47 -45.03
N THR B 4822 17.54 -52.46 -45.38
CA THR B 4822 18.09 -51.44 -46.28
C THR B 4822 17.43 -51.53 -47.66
N LEU B 4823 17.24 -52.75 -48.15
CA LEU B 4823 16.65 -52.96 -49.46
C LEU B 4823 15.22 -52.43 -49.43
N ARG B 4824 14.54 -52.64 -48.31
CA ARG B 4824 13.17 -52.17 -48.16
C ARG B 4824 13.11 -50.65 -48.22
N THR B 4825 14.09 -49.95 -47.62
CA THR B 4825 14.10 -48.49 -47.78
C THR B 4825 14.35 -48.07 -49.22
N ILE B 4826 15.27 -48.74 -49.94
CA ILE B 4826 15.46 -48.39 -51.35
C ILE B 4826 14.22 -48.70 -52.19
N LEU B 4827 13.57 -49.82 -51.93
CA LEU B 4827 12.37 -50.18 -52.69
C LEU B 4827 11.16 -49.34 -52.31
N SER B 4828 11.12 -48.78 -51.10
CA SER B 4828 10.01 -47.91 -50.70
C SER B 4828 9.92 -46.68 -51.58
N SER B 4829 11.04 -46.18 -52.08
CA SER B 4829 11.01 -45.08 -53.04
C SER B 4829 10.25 -45.46 -54.30
N VAL B 4830 10.49 -46.68 -54.81
CA VAL B 4830 9.76 -47.16 -55.98
C VAL B 4830 8.28 -47.34 -55.68
N THR B 4831 7.96 -47.97 -54.54
CA THR B 4831 6.56 -48.29 -54.25
C THR B 4831 5.76 -47.07 -53.85
N HIS B 4832 6.42 -46.05 -53.29
CA HIS B 4832 5.75 -44.87 -52.77
C HIS B 4832 4.98 -44.13 -53.86
N ASN B 4833 5.57 -44.00 -55.05
CA ASN B 4833 4.95 -43.30 -56.16
C ASN B 4833 4.43 -44.26 -57.22
N GLY B 4834 4.06 -45.48 -56.80
CA GLY B 4834 3.67 -46.53 -57.74
C GLY B 4834 2.45 -46.20 -58.58
N LYS B 4835 1.43 -45.57 -57.97
CA LYS B 4835 0.24 -45.17 -58.72
C LYS B 4835 0.61 -44.15 -59.79
N GLN B 4836 1.51 -43.23 -59.44
CA GLN B 4836 1.92 -42.18 -60.36
C GLN B 4836 2.71 -42.77 -61.52
N LEU B 4837 3.57 -43.76 -61.24
CA LEU B 4837 4.33 -44.40 -62.30
C LEU B 4837 3.42 -45.18 -63.23
N VAL B 4838 2.42 -45.87 -62.68
CA VAL B 4838 1.51 -46.65 -63.52
C VAL B 4838 0.71 -45.70 -64.40
N MET B 4839 0.29 -44.56 -63.84
CA MET B 4839 -0.45 -43.56 -64.61
C MET B 4839 0.39 -42.95 -65.72
N THR B 4840 1.67 -42.66 -65.46
CA THR B 4840 2.47 -42.10 -66.55
C THR B 4840 2.89 -43.15 -67.57
N VAL B 4841 2.82 -44.44 -67.23
CA VAL B 4841 3.09 -45.45 -68.24
C VAL B 4841 1.86 -45.63 -69.13
N GLY B 4842 0.67 -45.61 -68.53
CA GLY B 4842 -0.55 -45.62 -69.32
C GLY B 4842 -0.66 -44.39 -70.21
N LEU B 4843 -0.22 -43.24 -69.70
CA LEU B 4843 -0.14 -42.03 -70.51
C LEU B 4843 0.84 -42.20 -71.66
N LEU B 4844 1.99 -42.82 -71.41
CA LEU B 4844 2.95 -43.09 -72.48
C LEU B 4844 2.37 -44.03 -73.53
N ALA B 4845 1.53 -44.98 -73.11
CA ALA B 4845 0.80 -45.84 -74.04
C ALA B 4845 -0.15 -45.05 -74.92
N VAL B 4846 -0.84 -44.07 -74.32
CA VAL B 4846 -1.73 -43.20 -75.08
C VAL B 4846 -0.97 -42.37 -76.11
N VAL B 4847 0.13 -41.75 -75.70
CA VAL B 4847 0.85 -40.89 -76.65
C VAL B 4847 1.53 -41.71 -77.74
N VAL B 4848 2.04 -42.91 -77.42
CA VAL B 4848 2.61 -43.79 -78.44
C VAL B 4848 1.52 -44.21 -79.41
N TYR B 4849 0.29 -44.37 -78.91
CA TYR B 4849 -0.83 -44.68 -79.78
C TYR B 4849 -1.12 -43.51 -80.72
N LEU B 4850 -1.07 -42.28 -80.20
CA LEU B 4850 -1.34 -41.12 -81.05
C LEU B 4850 -0.32 -40.96 -82.17
N TYR B 4851 0.93 -41.32 -81.90
CA TYR B 4851 1.93 -41.35 -82.97
C TYR B 4851 1.68 -42.50 -83.92
N THR B 4852 1.26 -43.65 -83.40
CA THR B 4852 0.93 -44.78 -84.26
C THR B 4852 -0.21 -44.44 -85.21
N VAL B 4853 -1.19 -43.68 -84.74
CA VAL B 4853 -2.29 -43.22 -85.58
C VAL B 4853 -1.78 -42.32 -86.69
N VAL B 4854 -0.88 -41.38 -86.36
CA VAL B 4854 -0.38 -40.46 -87.37
C VAL B 4854 0.50 -41.18 -88.39
N ALA B 4855 1.30 -42.13 -87.93
CA ALA B 4855 2.15 -42.90 -88.85
C ALA B 4855 1.31 -43.81 -89.74
N PHE B 4856 0.28 -44.46 -89.18
CA PHE B 4856 -0.54 -45.37 -89.96
C PHE B 4856 -1.31 -44.62 -91.03
N ASN B 4857 -1.84 -43.46 -90.67
CA ASN B 4857 -2.56 -42.63 -91.63
C ASN B 4857 -1.64 -42.07 -92.71
N PHE B 4858 -0.40 -41.70 -92.37
CA PHE B 4858 0.40 -40.98 -93.35
C PHE B 4858 1.78 -41.52 -93.68
N PHE B 4859 2.31 -42.52 -92.99
CA PHE B 4859 3.72 -42.85 -93.18
C PHE B 4859 3.93 -44.35 -93.32
N ARG B 4860 3.05 -45.00 -94.08
CA ARG B 4860 3.10 -46.47 -94.20
C ARG B 4860 4.32 -46.95 -94.98
N LYS B 4861 4.73 -46.18 -96.00
CA LYS B 4861 5.81 -46.60 -96.89
C LYS B 4861 7.14 -46.74 -96.16
N PHE B 4862 7.40 -45.83 -95.22
CA PHE B 4862 8.69 -45.72 -94.56
C PHE B 4862 9.05 -46.97 -93.76
N TYR B 4863 8.08 -47.58 -93.11
CA TYR B 4863 8.36 -48.68 -92.18
C TYR B 4863 8.42 -50.02 -92.91
N ASN B 4864 9.39 -50.15 -93.81
CA ASN B 4864 9.69 -51.41 -94.47
C ASN B 4864 10.98 -51.94 -93.87
N LYS B 4865 10.88 -52.95 -93.02
CA LYS B 4865 12.04 -53.42 -92.29
C LYS B 4865 12.87 -54.43 -93.07
N SER B 4866 12.50 -54.70 -94.32
CA SER B 4866 13.16 -55.74 -95.09
C SER B 4866 14.00 -55.09 -96.19
N GLU B 4867 15.31 -55.39 -96.16
CA GLU B 4867 16.20 -54.92 -97.21
C GLU B 4867 15.88 -55.59 -98.55
N ASP B 4868 15.58 -56.88 -98.52
CA ASP B 4868 15.36 -57.65 -99.74
C ASP B 4868 14.01 -57.31 -100.36
N GLU B 4869 14.04 -56.86 -101.62
CA GLU B 4869 12.83 -56.42 -102.30
C GLU B 4869 11.86 -57.56 -102.59
N ASP B 4870 12.34 -58.81 -102.58
CA ASP B 4870 11.51 -59.96 -102.93
C ASP B 4870 10.38 -60.12 -101.92
N GLU B 4871 10.67 -59.97 -100.64
CA GLU B 4871 9.62 -59.96 -99.62
C GLU B 4871 9.66 -58.63 -98.89
N PRO B 4872 8.71 -57.73 -99.14
CA PRO B 4872 8.66 -56.49 -98.35
C PRO B 4872 8.03 -56.80 -97.00
N ASP B 4873 8.72 -56.43 -95.93
CA ASP B 4873 8.18 -56.56 -94.58
C ASP B 4873 7.81 -55.19 -94.07
N MET B 4874 6.53 -54.88 -94.12
CA MET B 4874 6.02 -53.58 -93.71
C MET B 4874 5.40 -53.74 -92.34
N LYS B 4875 5.87 -52.96 -91.38
CA LYS B 4875 5.42 -53.13 -90.01
C LYS B 4875 4.43 -52.06 -89.60
N CYS B 4876 3.77 -51.41 -90.56
CA CYS B 4876 2.70 -50.47 -90.25
C CYS B 4876 1.48 -50.68 -91.15
N ASP B 4877 1.25 -51.91 -91.60
CA ASP B 4877 0.09 -52.16 -92.45
C ASP B 4877 -1.05 -52.76 -91.65
N ASP B 4878 -1.02 -52.55 -90.35
CA ASP B 4878 -2.00 -53.06 -89.40
C ASP B 4878 -1.85 -52.17 -88.18
N MET B 4879 -2.90 -52.07 -87.38
CA MET B 4879 -2.77 -51.18 -86.25
C MET B 4879 -2.27 -51.92 -85.03
N MET B 4880 -2.42 -53.24 -85.03
CA MET B 4880 -1.83 -54.06 -83.98
C MET B 4880 -0.33 -54.12 -84.20
N THR B 4881 0.07 -54.35 -85.46
CA THR B 4881 1.49 -54.51 -85.76
C THR B 4881 2.20 -53.18 -85.63
N CYS B 4882 1.58 -52.10 -86.12
CA CYS B 4882 2.22 -50.79 -86.02
C CYS B 4882 2.32 -50.33 -84.56
N TYR B 4883 1.29 -50.63 -83.74
CA TYR B 4883 1.37 -50.30 -82.32
C TYR B 4883 2.44 -51.11 -81.61
N LEU B 4884 2.49 -52.42 -81.87
CA LEU B 4884 3.53 -53.26 -81.28
C LEU B 4884 4.92 -52.79 -81.71
N PHE B 4885 5.06 -52.36 -82.97
CA PHE B 4885 6.32 -51.83 -83.46
C PHE B 4885 6.70 -50.55 -82.75
N HIS B 4886 5.74 -49.65 -82.59
CA HIS B 4886 6.04 -48.34 -82.02
C HIS B 4886 6.34 -48.47 -80.54
N MET B 4887 5.57 -49.30 -79.83
CA MET B 4887 5.75 -49.49 -78.41
C MET B 4887 7.05 -50.22 -78.12
N TYR B 4888 7.39 -51.23 -78.92
CA TYR B 4888 8.59 -51.99 -78.61
C TYR B 4888 9.84 -51.25 -79.09
N VAL B 4889 9.97 -51.04 -80.41
CA VAL B 4889 11.20 -50.46 -80.93
C VAL B 4889 11.31 -48.96 -80.65
N GLY B 4890 10.20 -48.20 -80.71
CA GLY B 4890 10.30 -46.76 -80.57
C GLY B 4890 10.70 -46.35 -79.17
N VAL B 4891 10.07 -46.95 -78.17
CA VAL B 4891 10.43 -46.66 -76.79
C VAL B 4891 11.80 -47.26 -76.48
N ARG B 4892 12.12 -48.44 -77.04
CA ARG B 4892 13.39 -49.05 -76.70
C ARG B 4892 14.55 -48.50 -77.52
N ALA B 4893 14.33 -47.54 -78.40
CA ALA B 4893 15.40 -47.01 -79.21
C ALA B 4893 15.88 -45.69 -78.64
N GLY B 4894 17.18 -45.42 -78.81
CA GLY B 4894 17.78 -44.24 -78.23
C GLY B 4894 17.33 -42.94 -78.85
N GLY B 4895 17.00 -42.96 -80.14
CA GLY B 4895 16.71 -41.72 -80.82
C GLY B 4895 15.26 -41.51 -81.20
N GLY B 4896 14.43 -42.54 -81.04
CA GLY B 4896 13.02 -42.45 -81.35
C GLY B 4896 12.63 -43.50 -82.38
N ILE B 4897 11.73 -43.13 -83.29
CA ILE B 4897 11.36 -44.01 -84.38
C ILE B 4897 12.10 -43.65 -85.67
N GLY B 4898 12.69 -42.45 -85.75
CA GLY B 4898 13.43 -42.04 -86.93
C GLY B 4898 14.68 -42.86 -87.16
N ASP B 4899 15.30 -43.33 -86.08
CA ASP B 4899 16.47 -44.18 -86.19
C ASP B 4899 16.08 -45.53 -86.79
N GLU B 4900 14.97 -46.09 -86.31
CA GLU B 4900 14.56 -47.42 -86.73
C GLU B 4900 14.02 -47.43 -88.16
N ILE B 4901 13.31 -46.40 -88.57
CA ILE B 4901 12.64 -46.44 -89.87
C ILE B 4901 13.52 -45.86 -90.97
N GLU B 4902 12.97 -45.78 -92.19
CA GLU B 4902 13.70 -45.36 -93.36
C GLU B 4902 13.97 -43.86 -93.32
N ASP B 4903 14.98 -43.45 -94.08
CA ASP B 4903 15.40 -42.06 -94.12
C ASP B 4903 14.30 -41.21 -94.77
N PRO B 4904 14.05 -40.01 -94.25
CA PRO B 4904 12.96 -39.19 -94.77
C PRO B 4904 13.33 -38.28 -95.94
N ALA B 4905 14.58 -38.30 -96.39
CA ALA B 4905 15.01 -37.36 -97.41
C ALA B 4905 14.40 -37.70 -98.76
N GLY B 4906 14.46 -36.73 -99.68
CA GLY B 4906 13.98 -36.87 -101.03
C GLY B 4906 12.53 -37.30 -101.19
N ASP B 4907 11.61 -36.62 -100.52
CA ASP B 4907 10.20 -36.99 -100.57
C ASP B 4907 9.37 -35.76 -100.24
N GLU B 4908 8.08 -35.83 -100.56
CA GLU B 4908 7.16 -34.74 -100.25
C GLU B 4908 7.00 -34.56 -98.74
N TYR B 4909 6.93 -35.66 -98.01
CA TYR B 4909 6.63 -35.62 -96.58
C TYR B 4909 7.88 -35.54 -95.71
N GLU B 4910 8.99 -35.06 -96.29
CA GLU B 4910 10.24 -34.93 -95.57
C GLU B 4910 10.11 -33.98 -94.40
N LEU B 4911 9.52 -32.81 -94.64
CA LEU B 4911 9.37 -31.81 -93.60
C LEU B 4911 8.42 -32.28 -92.51
N TYR B 4912 7.40 -33.05 -92.88
CA TYR B 4912 6.51 -33.63 -91.89
C TYR B 4912 7.24 -34.66 -91.02
N ARG B 4913 8.07 -35.50 -91.63
CA ARG B 4913 8.83 -36.48 -90.85
C ARG B 4913 9.88 -35.86 -89.96
N VAL B 4914 10.59 -34.83 -90.43
CA VAL B 4914 11.62 -34.20 -89.58
C VAL B 4914 11.04 -33.51 -88.35
N VAL B 4915 9.74 -33.34 -88.27
CA VAL B 4915 9.09 -32.79 -87.08
C VAL B 4915 8.36 -33.89 -86.34
N PHE B 4916 7.96 -34.95 -87.04
CA PHE B 4916 7.36 -36.13 -86.42
C PHE B 4916 8.36 -36.85 -85.52
N ASP B 4917 9.58 -37.05 -86.04
CA ASP B 4917 10.61 -37.74 -85.27
C ASP B 4917 11.09 -36.91 -84.08
N ILE B 4918 11.35 -35.62 -84.29
CA ILE B 4918 11.86 -34.84 -83.16
C ILE B 4918 10.78 -34.58 -82.12
N THR B 4919 9.48 -34.62 -82.50
CA THR B 4919 8.46 -34.55 -81.46
C THR B 4919 8.43 -35.84 -80.67
N PHE B 4920 8.57 -36.99 -81.37
CA PHE B 4920 8.58 -38.28 -80.70
C PHE B 4920 9.80 -38.35 -79.76
N PHE B 4921 10.93 -37.81 -80.22
CA PHE B 4921 12.16 -37.75 -79.44
C PHE B 4921 11.96 -36.91 -78.18
N PHE B 4922 11.45 -35.70 -78.32
CA PHE B 4922 11.35 -34.81 -77.18
C PHE B 4922 10.29 -35.28 -76.20
N PHE B 4923 9.07 -35.48 -76.71
CA PHE B 4923 7.93 -35.78 -75.85
C PHE B 4923 8.01 -37.17 -75.25
N VAL B 4924 8.01 -38.20 -76.10
CA VAL B 4924 8.00 -39.58 -75.62
C VAL B 4924 9.32 -40.00 -74.99
N ILE B 4925 10.44 -39.63 -75.60
CA ILE B 4925 11.71 -40.20 -75.15
C ILE B 4925 12.37 -39.36 -74.09
N VAL B 4926 12.49 -38.06 -74.32
CA VAL B 4926 13.13 -37.19 -73.34
C VAL B 4926 12.17 -36.89 -72.18
N ILE B 4927 11.08 -36.17 -72.49
CA ILE B 4927 10.16 -35.67 -71.47
C ILE B 4927 9.51 -36.80 -70.68
N LEU B 4928 9.12 -37.87 -71.35
CA LEU B 4928 8.31 -38.88 -70.70
C LEU B 4928 9.12 -39.96 -70.01
N LEU B 4929 10.45 -39.93 -70.12
CA LEU B 4929 11.30 -40.83 -69.36
C LEU B 4929 12.11 -40.05 -68.35
N ALA B 4930 11.76 -38.78 -68.18
CA ALA B 4930 12.32 -37.90 -67.18
C ALA B 4930 11.37 -37.73 -66.01
N ILE B 4931 10.07 -37.94 -66.27
CA ILE B 4931 9.06 -37.91 -65.23
C ILE B 4931 9.23 -39.09 -64.29
N ILE B 4932 9.67 -40.23 -64.82
CA ILE B 4932 9.93 -41.40 -63.98
C ILE B 4932 11.12 -41.16 -63.07
N GLN B 4933 12.18 -40.55 -63.61
CA GLN B 4933 13.33 -40.18 -62.81
C GLN B 4933 12.97 -39.15 -61.77
N GLY B 4934 12.12 -38.19 -62.14
CA GLY B 4934 11.66 -37.20 -61.19
C GLY B 4934 10.82 -37.79 -60.09
N LEU B 4935 9.99 -38.79 -60.41
CA LEU B 4935 9.19 -39.47 -59.40
C LEU B 4935 10.06 -40.23 -58.40
N ILE B 4936 11.10 -40.91 -58.88
CA ILE B 4936 12.02 -41.59 -57.95
C ILE B 4936 12.81 -40.60 -57.10
N ILE B 4937 13.36 -39.55 -57.74
CA ILE B 4937 14.14 -38.54 -57.03
C ILE B 4937 13.28 -37.81 -56.00
N ASP B 4938 12.04 -37.49 -56.40
CA ASP B 4938 11.06 -36.89 -55.50
C ASP B 4938 10.78 -37.82 -54.34
N ALA B 4939 10.66 -39.12 -54.60
CA ALA B 4939 10.33 -40.06 -53.55
C ALA B 4939 11.45 -40.10 -52.52
N PHE B 4940 12.71 -40.09 -53.00
CA PHE B 4940 13.86 -40.12 -52.10
C PHE B 4940 13.90 -38.87 -51.23
N GLY B 4941 13.57 -37.72 -51.83
CA GLY B 4941 13.53 -36.48 -51.08
C GLY B 4941 12.41 -36.48 -50.06
N GLU B 4942 11.23 -36.97 -50.46
CA GLU B 4942 10.08 -36.98 -49.58
C GLU B 4942 10.33 -37.89 -48.39
N LEU B 4943 10.94 -39.05 -48.63
CA LEU B 4943 11.27 -39.95 -47.53
C LEU B 4943 12.32 -39.36 -46.60
N ARG B 4944 13.25 -38.56 -47.16
CA ARG B 4944 14.27 -37.96 -46.30
C ARG B 4944 13.63 -36.89 -45.41
N ASP B 4945 12.82 -36.01 -46.01
CA ASP B 4945 12.15 -34.96 -45.25
C ASP B 4945 11.22 -35.55 -44.21
N GLN B 4946 10.57 -36.68 -44.53
CA GLN B 4946 9.68 -37.34 -43.58
C GLN B 4946 10.45 -37.79 -42.35
N GLN B 4947 11.62 -38.43 -42.56
CA GLN B 4947 12.41 -38.88 -41.42
C GLN B 4947 12.95 -37.70 -40.62
N GLU B 4948 13.39 -36.65 -41.32
CA GLU B 4948 13.92 -35.46 -40.66
C GLU B 4948 12.84 -34.76 -39.85
N GLN B 4949 11.62 -34.69 -40.39
CA GLN B 4949 10.51 -34.12 -39.64
C GLN B 4949 10.18 -34.93 -38.40
N VAL B 4950 10.25 -36.26 -38.49
CA VAL B 4950 9.97 -37.10 -37.32
C VAL B 4950 11.01 -36.85 -36.24
N LYS B 4951 12.28 -36.79 -36.64
CA LYS B 4951 13.36 -36.53 -35.69
C LYS B 4951 13.24 -35.14 -35.10
N GLU B 4952 12.91 -34.14 -35.92
CA GLU B 4952 12.83 -32.76 -35.46
C GLU B 4952 11.68 -32.56 -34.49
N ASP B 4953 10.55 -33.22 -34.75
CA ASP B 4953 9.43 -33.16 -33.82
C ASP B 4953 9.78 -33.82 -32.49
N MET B 4954 10.43 -34.98 -32.53
CA MET B 4954 10.69 -35.68 -31.27
C MET B 4954 11.82 -35.00 -30.50
N GLU B 4955 12.72 -34.32 -31.21
CA GLU B 4955 13.77 -33.55 -30.56
C GLU B 4955 13.25 -32.25 -29.96
N THR B 4956 12.25 -31.63 -30.57
CA THR B 4956 11.80 -30.32 -30.11
C THR B 4956 10.46 -30.37 -29.37
N LYS B 4957 9.94 -31.56 -29.08
CA LYS B 4957 8.72 -31.63 -28.30
C LYS B 4957 8.70 -32.93 -27.51
N CYS B 4958 7.87 -32.96 -26.48
CA CYS B 4958 7.69 -34.14 -25.65
C CYS B 4958 6.47 -34.88 -26.16
N PHE B 4959 6.60 -36.21 -26.30
CA PHE B 4959 5.53 -37.01 -26.89
C PHE B 4959 4.26 -36.97 -26.06
N ILE B 4960 4.39 -37.15 -24.75
CA ILE B 4960 3.21 -37.25 -23.88
C ILE B 4960 2.49 -35.92 -23.74
N CYS B 4961 3.22 -34.82 -23.55
CA CYS B 4961 2.56 -33.57 -23.21
C CYS B 4961 2.56 -32.53 -24.32
N GLY B 4962 3.52 -32.57 -25.24
CA GLY B 4962 3.53 -31.66 -26.36
C GLY B 4962 4.13 -30.30 -26.09
N ILE B 4963 4.60 -30.05 -24.88
CA ILE B 4963 5.28 -28.80 -24.58
C ILE B 4963 6.68 -28.85 -25.16
N GLY B 4964 7.10 -27.76 -25.79
CA GLY B 4964 8.36 -27.73 -26.50
C GLY B 4964 9.56 -27.80 -25.56
N SER B 4965 10.72 -28.03 -26.18
CA SER B 4965 11.96 -28.12 -25.42
C SER B 4965 12.37 -26.77 -24.82
N ASP B 4966 11.92 -25.67 -25.43
CA ASP B 4966 12.25 -24.31 -24.99
C ASP B 4966 11.94 -24.08 -23.50
N TYR B 4967 10.75 -24.50 -23.05
CA TYR B 4967 10.36 -24.32 -21.66
C TYR B 4967 11.25 -25.12 -20.72
N PHE B 4968 11.49 -26.39 -21.05
CA PHE B 4968 12.25 -27.27 -20.17
C PHE B 4968 13.71 -26.89 -20.12
N ASP B 4969 14.26 -26.43 -21.25
CA ASP B 4969 15.69 -26.17 -21.40
C ASP B 4969 16.19 -24.96 -20.61
N THR B 4970 15.32 -24.21 -19.93
CA THR B 4970 15.76 -23.12 -19.08
C THR B 4970 16.70 -23.65 -17.99
N THR B 4971 16.33 -24.75 -17.37
CA THR B 4971 17.24 -25.40 -16.45
C THR B 4971 18.21 -26.24 -17.27
N PRO B 4972 19.45 -26.46 -16.78
CA PRO B 4972 20.39 -27.33 -17.50
C PRO B 4972 19.86 -28.75 -17.64
N HIS B 4973 19.94 -29.26 -18.89
CA HIS B 4973 19.48 -30.60 -19.29
C HIS B 4973 18.01 -30.84 -18.95
N GLY B 4974 17.21 -29.76 -19.06
CA GLY B 4974 15.81 -29.83 -18.66
C GLY B 4974 15.01 -30.78 -19.53
N PHE B 4975 15.22 -30.71 -20.85
CA PHE B 4975 14.48 -31.56 -21.77
C PHE B 4975 14.86 -33.01 -21.54
N GLU B 4976 16.14 -33.28 -21.31
CA GLU B 4976 16.61 -34.64 -21.12
C GLU B 4976 15.98 -35.23 -19.87
N THR B 4977 15.92 -34.44 -18.78
CA THR B 4977 15.26 -34.90 -17.57
C THR B 4977 13.78 -35.14 -17.81
N HIS B 4978 13.12 -34.24 -18.55
CA HIS B 4978 11.68 -34.35 -18.77
C HIS B 4978 11.34 -35.59 -19.57
N THR B 4979 12.03 -35.80 -20.70
CA THR B 4979 11.71 -36.90 -21.58
C THR B 4979 12.15 -38.24 -20.99
N LEU B 4980 13.38 -38.31 -20.48
CA LEU B 4980 13.88 -39.58 -19.98
C LEU B 4980 13.23 -39.97 -18.66
N GLU B 4981 12.93 -39.00 -17.80
CA GLU B 4981 12.47 -39.30 -16.45
C GLU B 4981 11.00 -39.00 -16.20
N GLU B 4982 10.59 -37.73 -16.33
CA GLU B 4982 9.24 -37.33 -15.94
C GLU B 4982 8.15 -37.90 -16.84
N HIS B 4983 8.32 -37.79 -18.15
CA HIS B 4983 7.27 -38.16 -19.09
C HIS B 4983 7.67 -39.30 -20.02
N ASN B 4984 8.46 -40.24 -19.52
CA ASN B 4984 8.95 -41.31 -20.37
C ASN B 4984 7.80 -42.21 -20.87
N LEU B 4985 7.82 -42.45 -22.18
CA LEU B 4985 6.85 -43.35 -22.82
C LEU B 4985 7.02 -44.76 -22.28
N ALA B 4986 8.27 -45.18 -22.06
CA ALA B 4986 8.53 -46.51 -21.55
C ALA B 4986 7.90 -46.66 -20.18
N ASN B 4987 8.02 -45.62 -19.33
CA ASN B 4987 7.47 -45.67 -17.99
C ASN B 4987 5.96 -45.76 -18.03
N TYR B 4988 5.31 -45.08 -18.99
CA TYR B 4988 3.86 -45.25 -19.14
C TYR B 4988 3.51 -46.69 -19.55
N MET B 4989 4.29 -47.27 -20.46
CA MET B 4989 4.05 -48.66 -20.85
C MET B 4989 4.24 -49.60 -19.65
N PHE B 4990 5.27 -49.32 -18.81
CA PHE B 4990 5.52 -50.18 -17.66
C PHE B 4990 4.38 -50.05 -16.67
N PHE B 4991 3.82 -48.84 -16.56
CA PHE B 4991 2.70 -48.61 -15.66
C PHE B 4991 1.50 -49.41 -16.11
N LEU B 4992 1.23 -49.42 -17.42
CA LEU B 4992 0.08 -50.14 -17.94
C LEU B 4992 0.27 -51.63 -17.72
N MET B 4993 1.50 -52.12 -17.91
CA MET B 4993 1.81 -53.53 -17.70
C MET B 4993 1.60 -53.89 -16.23
N TYR B 4994 2.04 -52.98 -15.35
CA TYR B 4994 1.91 -53.14 -13.91
C TYR B 4994 0.44 -53.22 -13.52
N LEU B 4995 -0.36 -52.29 -14.04
CA LEU B 4995 -1.79 -52.25 -13.77
C LEU B 4995 -2.46 -53.55 -14.16
N ILE B 4996 -2.28 -53.97 -15.43
CA ILE B 4996 -2.93 -55.17 -15.95
C ILE B 4996 -2.50 -56.41 -15.15
N ASN B 4997 -1.20 -56.54 -14.88
CA ASN B 4997 -0.70 -57.69 -14.13
C ASN B 4997 -1.21 -57.68 -12.69
N LYS B 4998 -1.29 -56.49 -12.09
CA LYS B 4998 -1.70 -56.36 -10.70
C LYS B 4998 -3.18 -56.70 -10.52
N ASP B 4999 -3.46 -57.45 -9.47
CA ASP B 4999 -4.84 -57.77 -9.12
C ASP B 4999 -5.61 -56.51 -8.77
N GLU B 5000 -6.83 -56.42 -9.29
CA GLU B 5000 -7.66 -55.22 -9.16
C GLU B 5000 -8.00 -54.92 -7.70
N THR B 5001 -8.08 -55.95 -6.87
CA THR B 5001 -8.41 -55.80 -5.45
C THR B 5001 -7.39 -54.95 -4.71
N GLU B 5002 -6.11 -55.11 -5.01
CA GLU B 5002 -5.06 -54.45 -4.26
C GLU B 5002 -4.65 -53.11 -4.87
N HIS B 5003 -5.42 -52.61 -5.83
CA HIS B 5003 -5.15 -51.30 -6.40
C HIS B 5003 -5.35 -50.21 -5.35
N THR B 5004 -4.47 -49.23 -5.35
CA THR B 5004 -4.62 -48.07 -4.47
C THR B 5004 -5.62 -47.12 -5.11
N GLY B 5005 -5.80 -45.93 -4.51
CA GLY B 5005 -6.84 -45.02 -4.98
C GLY B 5005 -6.56 -44.52 -6.39
N GLN B 5006 -5.34 -44.02 -6.62
CA GLN B 5006 -5.04 -43.46 -7.92
C GLN B 5006 -4.92 -44.57 -8.96
N GLU B 5007 -4.42 -45.73 -8.54
CA GLU B 5007 -4.35 -46.90 -9.42
C GLU B 5007 -5.73 -47.30 -9.89
N SER B 5008 -6.69 -47.34 -8.96
CA SER B 5008 -8.06 -47.72 -9.28
C SER B 5008 -8.69 -46.69 -10.20
N TYR B 5009 -8.38 -45.41 -9.97
CA TYR B 5009 -8.85 -44.32 -10.84
C TYR B 5009 -8.35 -44.51 -12.27
N VAL B 5010 -7.06 -44.82 -12.41
CA VAL B 5010 -6.48 -44.97 -13.75
C VAL B 5010 -7.04 -46.23 -14.39
N TRP B 5011 -7.18 -47.31 -13.62
CA TRP B 5011 -7.67 -48.57 -14.16
C TRP B 5011 -9.10 -48.43 -14.65
N LYS B 5012 -9.91 -47.65 -13.93
CA LYS B 5012 -11.29 -47.48 -14.34
C LYS B 5012 -11.36 -46.56 -15.56
N MET B 5013 -10.47 -45.56 -15.63
CA MET B 5013 -10.45 -44.68 -16.80
C MET B 5013 -9.98 -45.44 -18.03
N TYR B 5014 -9.07 -46.41 -17.83
CA TYR B 5014 -8.67 -47.30 -18.92
C TYR B 5014 -9.85 -48.14 -19.37
N GLN B 5015 -10.61 -48.66 -18.39
CA GLN B 5015 -11.73 -49.53 -18.70
C GLN B 5015 -12.79 -48.78 -19.48
N GLU B 5016 -12.97 -47.49 -19.19
CA GLU B 5016 -13.98 -46.69 -19.88
C GLU B 5016 -13.40 -45.90 -21.04
N ARG B 5017 -12.11 -46.12 -21.37
CA ARG B 5017 -11.41 -45.47 -22.49
C ARG B 5017 -11.43 -43.95 -22.39
N CYS B 5018 -11.13 -43.43 -21.20
CA CYS B 5018 -11.01 -42.00 -20.98
C CYS B 5018 -9.54 -41.65 -20.86
N TRP B 5019 -9.03 -40.87 -21.82
CA TRP B 5019 -7.62 -40.54 -21.90
C TRP B 5019 -7.32 -39.17 -21.28
N ASP B 5020 -8.18 -38.73 -20.37
CA ASP B 5020 -7.97 -37.46 -19.68
C ASP B 5020 -6.71 -37.49 -18.82
N PHE B 5021 -6.40 -38.64 -18.22
CA PHE B 5021 -5.28 -38.77 -17.29
C PHE B 5021 -3.95 -38.35 -17.90
N PHE B 5022 -3.74 -38.63 -19.20
CA PHE B 5022 -2.48 -38.27 -19.84
C PHE B 5022 -2.32 -36.76 -19.86
N PRO B 5023 -1.17 -36.23 -19.42
CA PRO B 5023 -0.99 -34.78 -19.37
C PRO B 5023 -0.99 -34.17 -20.76
N ALA B 5024 -1.84 -33.17 -20.97
CA ALA B 5024 -1.85 -32.42 -22.22
C ALA B 5024 -1.65 -30.96 -21.89
N GLY B 5025 -0.53 -30.40 -22.36
CA GLY B 5025 -0.27 -29.00 -22.14
C GLY B 5025 0.24 -28.64 -20.77
N ASP B 5026 0.47 -29.62 -19.91
CA ASP B 5026 0.85 -29.33 -18.53
C ASP B 5026 1.82 -30.37 -18.03
N CYS B 5027 2.53 -30.01 -16.96
CA CYS B 5027 3.47 -30.91 -16.31
C CYS B 5027 3.63 -30.48 -14.86
N PHE B 5028 4.30 -31.35 -14.09
CA PHE B 5028 4.55 -31.10 -12.68
C PHE B 5028 5.36 -29.83 -12.48
N ARG B 5029 6.41 -29.65 -13.30
CA ARG B 5029 7.26 -28.46 -13.21
C ARG B 5029 6.46 -27.20 -13.48
N LYS B 5030 5.61 -27.24 -14.51
CA LYS B 5030 4.85 -26.05 -14.89
C LYS B 5030 3.82 -25.71 -13.82
N GLN B 5031 3.11 -26.72 -13.31
CA GLN B 5031 2.07 -26.48 -12.33
C GLN B 5031 2.67 -25.99 -11.02
N TYR B 5032 3.76 -26.61 -10.57
CA TYR B 5032 4.32 -26.28 -9.27
C TYR B 5032 5.60 -25.47 -9.44
N GLU B 5033 5.64 -24.65 -10.49
CA GLU B 5033 6.84 -23.89 -10.87
C GLU B 5033 7.27 -22.92 -9.79
N ASP B 5034 6.32 -22.18 -9.22
CA ASP B 5034 6.64 -21.11 -8.26
C ASP B 5034 7.30 -21.67 -7.00
N GLN B 5035 6.73 -22.74 -6.45
CA GLN B 5035 7.30 -23.36 -5.25
C GLN B 5035 8.64 -24.01 -5.55
N LEU B 5036 8.75 -24.67 -6.72
CA LEU B 5036 9.98 -25.38 -7.09
C LEU B 5036 11.13 -24.42 -7.32
N SER B 5037 10.86 -23.26 -7.92
CA SER B 5037 11.91 -22.32 -8.26
C SER B 5037 11.96 -21.16 -7.28
N VAL C 11 3.42 -25.40 19.96
CA VAL C 11 4.49 -26.38 20.14
C VAL C 11 5.04 -26.22 21.55
N GLN C 12 6.11 -25.40 21.66
CA GLN C 12 6.84 -25.04 22.90
C GLN C 12 7.01 -26.22 23.86
N PHE C 13 7.56 -27.30 23.33
CA PHE C 13 7.72 -28.53 24.10
C PHE C 13 9.08 -28.61 24.77
N LEU C 14 9.08 -28.86 26.07
CA LEU C 14 10.31 -28.89 26.85
C LEU C 14 11.18 -30.07 26.44
N ARG C 15 12.49 -29.82 26.37
CA ARG C 15 13.44 -30.80 25.87
C ARG C 15 14.65 -30.79 26.81
N THR C 16 15.43 -31.87 26.76
CA THR C 16 16.65 -31.94 27.54
C THR C 16 17.70 -30.96 27.00
N ASP C 17 18.80 -30.84 27.76
CA ASP C 17 19.91 -29.90 27.50
C ASP C 17 19.41 -28.46 27.46
N ASP C 18 18.36 -28.16 28.22
CA ASP C 18 17.74 -26.85 28.25
C ASP C 18 17.58 -26.39 29.69
N GLU C 19 17.58 -25.07 29.87
CA GLU C 19 17.51 -24.46 31.20
C GLU C 19 16.08 -24.13 31.55
N VAL C 20 15.66 -24.54 32.76
CA VAL C 20 14.28 -24.43 33.25
C VAL C 20 14.33 -24.09 34.74
N VAL C 21 13.15 -23.85 35.32
CA VAL C 21 12.99 -23.60 36.75
C VAL C 21 11.74 -24.30 37.26
N LEU C 22 11.82 -24.87 38.45
CA LEU C 22 10.64 -25.41 39.11
C LEU C 22 9.97 -24.30 39.90
N GLN C 23 8.66 -24.16 39.72
CA GLN C 23 7.92 -23.08 40.35
C GLN C 23 6.71 -23.65 41.09
N CYS C 24 6.35 -23.02 42.20
CA CYS C 24 5.32 -23.45 43.13
C CYS C 24 4.19 -22.44 43.12
N SER C 25 3.13 -22.76 43.87
CA SER C 25 2.01 -21.86 44.06
C SER C 25 1.39 -22.20 45.41
N ALA C 26 1.73 -21.42 46.44
CA ALA C 26 1.24 -21.76 47.77
C ALA C 26 0.02 -20.92 48.14
N THR C 27 -0.62 -21.34 49.23
CA THR C 27 -1.79 -20.67 49.80
C THR C 27 -1.68 -20.52 51.32
N VAL C 28 -1.03 -19.43 51.74
CA VAL C 28 -0.98 -19.02 53.13
C VAL C 28 -1.38 -17.55 53.16
N LEU C 29 -1.95 -17.13 54.29
CA LEU C 29 -2.51 -15.80 54.51
C LEU C 29 -3.61 -15.42 53.51
N LYS C 30 -4.22 -16.42 52.88
CA LYS C 30 -5.33 -16.28 51.91
C LYS C 30 -4.91 -15.55 50.63
N GLU C 31 -3.85 -16.06 49.99
CA GLU C 31 -3.48 -15.63 48.65
C GLU C 31 -2.65 -16.73 47.99
N GLN C 32 -2.45 -16.59 46.69
CA GLN C 32 -1.61 -17.50 45.90
C GLN C 32 -0.25 -16.81 45.75
N LEU C 33 0.70 -17.22 46.56
CA LEU C 33 2.05 -16.66 46.48
C LEU C 33 3.02 -17.61 45.80
N LYS C 34 3.79 -17.08 44.85
CA LYS C 34 4.71 -17.87 44.06
C LYS C 34 5.95 -18.22 44.88
N LEU C 35 6.46 -19.43 44.66
CA LEU C 35 7.68 -19.90 45.32
C LEU C 35 8.56 -20.61 44.31
N CYS C 36 9.84 -20.73 44.65
CA CYS C 36 10.78 -21.44 43.80
C CYS C 36 11.78 -22.20 44.66
N LEU C 37 12.30 -23.29 44.12
CA LEU C 37 13.28 -24.10 44.85
C LEU C 37 14.62 -23.38 44.90
N ALA C 38 15.18 -23.27 46.10
CA ALA C 38 16.44 -22.56 46.33
C ALA C 38 17.41 -23.46 47.08
N ALA C 39 18.62 -23.58 46.55
CA ALA C 39 19.66 -24.37 47.20
C ALA C 39 21.01 -23.94 46.64
N GLU C 40 21.89 -23.44 47.51
CA GLU C 40 23.23 -23.06 47.07
C GLU C 40 24.09 -24.31 46.88
N GLY C 41 23.96 -25.29 47.76
CA GLY C 41 24.67 -26.54 47.67
C GLY C 41 25.97 -26.64 48.44
N PHE C 42 26.95 -25.82 48.11
CA PHE C 42 28.26 -25.93 48.74
C PHE C 42 28.24 -25.38 50.16
N GLY C 43 28.02 -26.27 51.13
CA GLY C 43 27.86 -25.88 52.50
C GLY C 43 26.43 -25.86 52.99
N ASN C 44 25.46 -25.82 52.06
CA ASN C 44 24.05 -25.87 52.41
C ASN C 44 23.37 -26.80 51.41
N ARG C 45 23.34 -28.09 51.74
CA ARG C 45 22.83 -29.11 50.83
C ARG C 45 21.31 -29.18 50.82
N LEU C 46 20.66 -28.58 51.80
CA LEU C 46 19.20 -28.62 51.88
C LEU C 46 18.57 -27.72 50.83
N CYS C 47 17.28 -27.96 50.58
CA CYS C 47 16.48 -27.18 49.65
C CYS C 47 15.40 -26.44 50.40
N PHE C 48 15.22 -25.16 50.07
CA PHE C 48 14.25 -24.31 50.73
C PHE C 48 13.38 -23.60 49.70
N LEU C 49 12.36 -22.93 50.19
CA LEU C 49 11.43 -22.21 49.34
C LEU C 49 11.81 -20.73 49.31
N GLU C 50 11.91 -20.19 48.11
CA GLU C 50 12.24 -18.78 47.88
C GLU C 50 10.99 -18.10 47.37
N PRO C 51 10.33 -17.26 48.18
CA PRO C 51 9.17 -16.52 47.67
C PRO C 51 9.56 -15.58 46.54
N THR C 52 8.68 -15.49 45.54
CA THR C 52 8.93 -14.59 44.43
C THR C 52 7.66 -13.87 43.97
N SER C 53 6.55 -14.00 44.70
CA SER C 53 5.35 -13.24 44.38
C SER C 53 5.60 -11.75 44.58
N ASN C 54 6.26 -11.39 45.68
CA ASN C 54 6.66 -10.01 45.97
C ASN C 54 7.97 -9.69 45.24
N ALA C 55 7.89 -9.72 43.90
CA ALA C 55 9.06 -9.55 43.05
C ALA C 55 9.42 -8.10 42.78
N GLN C 56 8.65 -7.15 43.30
CA GLN C 56 8.90 -5.74 43.03
C GLN C 56 9.36 -4.97 44.26
N ASN C 57 8.84 -5.29 45.44
CA ASN C 57 9.29 -4.63 46.66
C ASN C 57 10.71 -5.06 47.03
N VAL C 58 10.98 -6.36 47.01
CA VAL C 58 12.32 -6.89 47.23
C VAL C 58 12.64 -7.93 46.15
N PRO C 59 13.78 -7.81 45.49
CA PRO C 59 14.14 -8.77 44.43
C PRO C 59 14.56 -10.11 45.02
N PRO C 60 13.93 -11.20 44.59
CA PRO C 60 14.37 -12.52 45.04
C PRO C 60 15.66 -12.95 44.35
N ASP C 61 16.23 -14.05 44.84
CA ASP C 61 17.47 -14.58 44.31
C ASP C 61 17.18 -15.56 43.18
N LEU C 62 17.80 -15.33 42.02
CA LEU C 62 17.61 -16.17 40.85
C LEU C 62 18.83 -17.02 40.51
N ALA C 63 19.93 -16.87 41.25
CA ALA C 63 21.15 -17.58 40.90
C ALA C 63 21.07 -19.07 41.22
N ILE C 64 20.50 -19.41 42.39
CA ILE C 64 20.45 -20.80 42.83
C ILE C 64 19.15 -21.48 42.46
N CYS C 65 18.27 -20.78 41.76
CA CYS C 65 17.01 -21.35 41.28
C CYS C 65 17.18 -22.05 39.94
N CYS C 66 18.31 -21.86 39.26
CA CYS C 66 18.52 -22.43 37.93
C CYS C 66 18.69 -23.95 37.98
N PHE C 67 18.16 -24.64 36.97
CA PHE C 67 18.26 -26.10 36.86
C PHE C 67 18.18 -26.50 35.39
N THR C 68 19.00 -27.48 35.01
CA THR C 68 19.10 -27.92 33.62
C THR C 68 18.82 -29.42 33.50
N LEU C 69 17.94 -29.78 32.56
CA LEU C 69 17.70 -31.18 32.21
C LEU C 69 18.95 -31.81 31.63
N GLU C 70 19.34 -32.97 32.15
CA GLU C 70 20.54 -33.65 31.65
C GLU C 70 20.20 -34.89 30.83
N GLN C 71 19.47 -35.85 31.41
CA GLN C 71 19.10 -37.07 30.71
C GLN C 71 17.66 -37.43 31.02
N SER C 72 16.89 -37.75 29.99
CA SER C 72 15.54 -38.29 30.16
C SER C 72 15.53 -39.68 29.55
N LEU C 73 15.54 -40.70 30.41
CA LEU C 73 15.72 -42.09 30.02
C LEU C 73 14.52 -42.94 30.43
N SER C 74 14.28 -44.00 29.69
CA SER C 74 13.19 -44.93 30.02
C SER C 74 13.53 -45.71 31.27
N VAL C 75 12.50 -46.33 31.87
CA VAL C 75 12.62 -46.99 33.17
C VAL C 75 13.63 -48.14 33.14
N ARG C 76 13.56 -49.00 32.12
CA ARG C 76 14.52 -50.10 32.08
C ARG C 76 15.91 -49.61 31.69
N ALA C 77 15.97 -48.63 30.78
CA ALA C 77 17.24 -47.99 30.45
C ALA C 77 17.91 -47.41 31.70
N LEU C 78 17.10 -46.89 32.63
CA LEU C 78 17.59 -46.50 33.95
C LEU C 78 18.14 -47.71 34.69
N GLN C 79 17.46 -48.87 34.59
CA GLN C 79 17.91 -50.06 35.30
C GLN C 79 19.28 -50.50 34.78
N GLU C 80 19.43 -50.63 33.46
CA GLU C 80 20.68 -51.15 32.91
C GLU C 80 21.84 -50.18 33.12
N MET C 81 21.67 -48.91 32.71
CA MET C 81 22.77 -47.95 32.93
C MET C 81 23.09 -47.70 34.40
N LEU C 82 22.13 -47.89 35.32
CA LEU C 82 22.51 -47.94 36.72
C LEU C 82 23.29 -49.21 37.06
N ALA C 83 22.88 -50.35 36.50
CA ALA C 83 23.47 -51.63 36.85
C ALA C 83 24.93 -51.74 36.39
N ASN C 84 25.20 -51.42 35.13
CA ASN C 84 26.54 -51.64 34.59
C ASN C 84 27.49 -50.48 34.87
N HIS C 98 19.76 -34.15 23.69
CA HIS C 98 18.66 -33.36 23.17
C HIS C 98 17.44 -34.23 22.88
N ARG C 99 16.90 -34.83 23.93
CA ARG C 99 15.72 -35.66 23.86
C ARG C 99 14.55 -34.93 24.50
N THR C 100 13.40 -34.98 23.83
CA THR C 100 12.19 -34.36 24.39
C THR C 100 11.72 -35.17 25.58
N LEU C 101 11.37 -34.46 26.67
CA LEU C 101 10.88 -35.11 27.87
C LEU C 101 9.54 -35.78 27.58
N LEU C 102 9.39 -37.02 28.04
CA LEU C 102 8.15 -37.76 27.90
C LEU C 102 7.71 -38.22 29.28
N TYR C 103 6.40 -38.11 29.53
CA TYR C 103 5.81 -38.50 30.80
C TYR C 103 6.04 -39.98 31.07
N GLY C 104 6.50 -40.30 32.28
CA GLY C 104 6.79 -41.66 32.67
C GLY C 104 8.23 -42.09 32.51
N HIS C 105 9.05 -41.32 31.80
CA HIS C 105 10.47 -41.61 31.74
C HIS C 105 11.17 -41.17 33.02
N ALA C 106 12.45 -41.52 33.14
CA ALA C 106 13.26 -41.11 34.27
C ALA C 106 14.12 -39.92 33.85
N ILE C 107 14.07 -38.85 34.63
CA ILE C 107 14.69 -37.59 34.29
C ILE C 107 15.69 -37.21 35.38
N LEU C 108 16.87 -36.78 34.96
CA LEU C 108 17.89 -36.26 35.86
C LEU C 108 18.03 -34.76 35.65
N LEU C 109 18.00 -34.01 36.74
CA LEU C 109 18.02 -32.56 36.73
C LEU C 109 19.24 -32.11 37.52
N ARG C 110 19.97 -31.12 37.00
CA ARG C 110 21.21 -30.67 37.62
C ARG C 110 21.14 -29.19 37.96
N HIS C 111 21.62 -28.84 39.16
CA HIS C 111 21.83 -27.44 39.51
C HIS C 111 23.02 -26.94 38.70
N ALA C 112 22.75 -26.09 37.71
CA ALA C 112 23.76 -25.65 36.74
C ALA C 112 24.91 -24.89 37.40
N HIS C 113 24.65 -24.20 38.52
CA HIS C 113 25.69 -23.42 39.17
C HIS C 113 26.66 -24.28 39.95
N SER C 114 26.18 -25.00 40.95
CA SER C 114 27.05 -25.80 41.80
C SER C 114 27.46 -27.11 41.15
N ARG C 115 26.93 -27.42 39.96
CA ARG C 115 27.19 -28.63 39.18
C ARG C 115 26.77 -29.91 39.88
N MET C 116 26.06 -29.82 40.99
CA MET C 116 25.58 -30.98 41.72
C MET C 116 24.18 -31.34 41.25
N TYR C 117 23.76 -32.55 41.59
CA TYR C 117 22.53 -33.12 41.07
C TYR C 117 21.51 -33.21 42.20
N LEU C 118 20.27 -32.84 41.90
CA LEU C 118 19.17 -32.97 42.85
C LEU C 118 18.91 -34.44 43.15
N SER C 119 18.94 -34.80 44.43
CA SER C 119 18.76 -36.18 44.83
C SER C 119 17.93 -36.25 46.10
N CYS C 120 17.29 -37.40 46.30
CA CYS C 120 16.53 -37.67 47.51
C CYS C 120 17.49 -38.21 48.54
N LEU C 121 17.84 -37.38 49.53
CA LEU C 121 18.80 -37.76 50.56
C LEU C 121 18.24 -38.89 51.41
N THR C 122 19.10 -39.88 51.69
CA THR C 122 18.72 -41.02 52.50
C THR C 122 18.40 -40.64 53.94
N THR C 123 19.02 -39.57 54.45
CA THR C 123 18.76 -39.09 55.79
C THR C 123 17.35 -38.51 55.90
N SER C 124 16.92 -38.32 57.15
CA SER C 124 15.61 -37.69 57.41
C SER C 124 15.74 -36.92 58.72
N ARG C 125 16.03 -35.63 58.59
CA ARG C 125 16.09 -34.71 59.73
C ARG C 125 14.78 -33.99 59.97
N SER C 126 13.74 -34.29 59.19
CA SER C 126 12.43 -33.70 59.38
C SER C 126 11.86 -34.06 60.75
N MET C 127 11.35 -33.05 61.45
CA MET C 127 10.84 -33.22 62.80
C MET C 127 9.32 -33.15 62.91
N THR C 128 8.65 -32.40 62.04
CA THR C 128 7.21 -32.27 62.13
C THR C 128 6.51 -33.54 61.66
N ASP C 129 6.84 -34.00 60.46
CA ASP C 129 6.22 -35.18 59.87
C ASP C 129 7.22 -36.33 59.82
N LYS C 130 6.80 -37.48 60.34
CA LYS C 130 7.60 -38.69 60.29
C LYS C 130 7.42 -39.33 58.91
N LEU C 131 8.33 -40.25 58.57
CA LEU C 131 8.36 -40.98 57.30
C LEU C 131 8.56 -40.04 56.12
N ALA C 132 9.26 -38.93 56.35
CA ALA C 132 9.50 -37.94 55.32
C ALA C 132 11.00 -37.75 55.15
N PHE C 133 11.47 -37.80 53.91
CA PHE C 133 12.87 -37.58 53.59
C PHE C 133 13.05 -36.15 53.08
N ASP C 134 14.29 -35.81 52.76
CA ASP C 134 14.63 -34.48 52.29
C ASP C 134 15.32 -34.57 50.94
N VAL C 135 14.99 -33.62 50.07
CA VAL C 135 15.68 -33.52 48.79
C VAL C 135 16.95 -32.70 49.00
N GLY C 136 17.99 -33.01 48.24
CA GLY C 136 19.24 -32.30 48.39
C GLY C 136 20.06 -32.42 47.13
N LEU C 137 21.26 -31.83 47.18
CA LEU C 137 22.16 -31.84 46.05
C LEU C 137 23.20 -32.94 46.23
N GLN C 138 23.47 -33.66 45.14
CA GLN C 138 24.46 -34.73 45.12
C GLN C 138 25.50 -34.41 44.06
N GLU C 139 26.78 -34.61 44.42
CA GLU C 139 27.89 -34.26 43.54
C GLU C 139 27.86 -35.05 42.24
N ASP C 140 27.59 -36.35 42.32
CA ASP C 140 27.64 -37.24 41.18
C ASP C 140 26.24 -37.70 40.77
N ALA C 141 26.17 -38.29 39.58
CA ALA C 141 24.93 -38.81 39.03
C ALA C 141 24.71 -40.28 39.33
N THR C 142 25.65 -40.93 40.02
CA THR C 142 25.54 -42.35 40.33
C THR C 142 24.38 -42.63 41.28
N GLY C 143 23.77 -43.79 41.11
CA GLY C 143 22.66 -44.21 41.93
C GLY C 143 21.33 -43.72 41.39
N GLU C 144 20.27 -44.12 42.09
CA GLU C 144 18.91 -43.81 41.71
C GLU C 144 18.29 -42.68 42.52
N ALA C 145 18.97 -42.22 43.58
CA ALA C 145 18.45 -41.13 44.40
C ALA C 145 18.29 -39.84 43.61
N CYS C 146 19.14 -39.64 42.60
CA CYS C 146 19.10 -38.43 41.80
C CYS C 146 18.02 -38.46 40.74
N TRP C 147 17.37 -39.59 40.52
CA TRP C 147 16.45 -39.77 39.41
C TRP C 147 14.99 -39.52 39.80
N TRP C 148 14.29 -38.82 38.92
CA TRP C 148 12.91 -38.47 39.09
C TRP C 148 12.12 -38.93 37.87
N THR C 149 10.87 -39.33 38.09
CA THR C 149 10.00 -39.75 37.00
C THR C 149 8.79 -38.83 36.97
N MET C 150 8.48 -38.32 35.77
CA MET C 150 7.37 -37.39 35.58
C MET C 150 6.06 -38.13 35.37
N HIS C 151 4.99 -37.54 35.89
CA HIS C 151 3.61 -37.98 35.71
C HIS C 151 2.74 -36.78 35.38
N PRO C 152 1.72 -36.97 34.54
CA PRO C 152 0.71 -35.92 34.34
C PRO C 152 -0.04 -35.63 35.62
N ALA C 153 -0.44 -34.36 35.78
CA ALA C 153 -1.14 -33.93 36.99
C ALA C 153 -2.51 -34.60 37.13
N SER C 154 -3.25 -34.71 36.03
CA SER C 154 -4.59 -35.27 36.09
C SER C 154 -4.89 -35.94 34.76
N LYS C 155 -6.17 -36.22 34.50
CA LYS C 155 -6.58 -36.97 33.31
C LYS C 155 -6.39 -36.21 32.02
N GLN C 156 -6.19 -34.87 32.07
CA GLN C 156 -6.05 -34.06 30.86
C GLN C 156 -4.81 -34.42 30.04
N ARG C 157 -3.82 -35.07 30.64
CA ARG C 157 -2.62 -35.51 29.95
C ARG C 157 -2.38 -36.98 30.28
N SER C 158 -1.77 -37.69 29.34
CA SER C 158 -1.48 -39.11 29.47
C SER C 158 0.04 -39.32 29.54
N GLU C 159 0.42 -40.51 29.99
CA GLU C 159 1.84 -40.82 30.06
C GLU C 159 2.39 -41.16 28.67
N GLY C 160 3.69 -40.94 28.50
CA GLY C 160 4.34 -41.20 27.24
C GLY C 160 4.29 -40.08 26.22
N GLU C 161 3.76 -38.92 26.58
CA GLU C 161 3.69 -37.78 25.67
C GLU C 161 4.49 -36.62 26.21
N LYS C 162 4.85 -35.72 25.30
CA LYS C 162 5.72 -34.60 25.61
C LYS C 162 5.02 -33.54 26.45
N VAL C 163 5.83 -32.67 27.04
CA VAL C 163 5.38 -31.65 27.98
C VAL C 163 5.53 -30.27 27.36
N ARG C 164 4.48 -29.46 27.47
CA ARG C 164 4.52 -28.07 27.04
C ARG C 164 4.91 -27.16 28.21
N VAL C 165 5.13 -25.89 27.92
CA VAL C 165 5.59 -24.95 28.95
C VAL C 165 4.45 -24.66 29.92
N GLY C 166 4.81 -24.40 31.17
CA GLY C 166 3.86 -24.05 32.21
C GLY C 166 2.89 -25.14 32.60
N ASP C 167 3.12 -26.38 32.17
CA ASP C 167 2.25 -27.49 32.51
C ASP C 167 2.42 -27.90 33.96
N ASP C 168 1.38 -28.53 34.49
CA ASP C 168 1.37 -29.04 35.85
C ASP C 168 1.80 -30.50 35.84
N LEU C 169 2.85 -30.81 36.59
CA LEU C 169 3.47 -32.13 36.56
C LEU C 169 3.57 -32.69 37.96
N ILE C 170 3.91 -33.97 38.04
CA ILE C 170 4.11 -34.68 39.30
C ILE C 170 5.42 -35.43 39.20
N LEU C 171 6.29 -35.28 40.20
CA LEU C 171 7.55 -36.00 40.15
C LEU C 171 7.59 -37.08 41.22
N VAL C 172 8.25 -38.19 40.89
CA VAL C 172 8.38 -39.32 41.78
C VAL C 172 9.86 -39.60 41.95
N SER C 173 10.29 -39.71 43.21
CA SER C 173 11.65 -40.14 43.51
C SER C 173 11.81 -41.61 43.14
N VAL C 174 12.85 -41.93 42.37
CA VAL C 174 13.04 -43.33 41.99
C VAL C 174 13.47 -44.15 43.21
N SER C 175 14.38 -43.61 44.02
CA SER C 175 14.93 -44.37 45.14
C SER C 175 13.94 -44.50 46.29
N SER C 176 13.19 -43.45 46.61
CA SER C 176 12.36 -43.50 47.81
C SER C 176 10.88 -43.63 47.54
N GLU C 177 10.44 -43.61 46.27
CA GLU C 177 9.04 -43.58 45.81
C GLU C 177 8.14 -42.69 46.68
N ARG C 178 8.66 -41.52 46.99
CA ARG C 178 7.98 -40.50 47.76
C ARG C 178 7.81 -39.27 46.88
N TYR C 179 6.64 -38.66 46.94
CA TYR C 179 6.44 -37.41 46.22
C TYR C 179 7.16 -36.28 46.94
N LEU C 180 7.51 -35.26 46.17
CA LEU C 180 8.10 -34.06 46.76
C LEU C 180 6.97 -33.23 47.34
N HIS C 181 7.07 -32.92 48.63
CA HIS C 181 5.99 -32.24 49.33
C HIS C 181 6.52 -31.00 50.02
N LEU C 182 5.70 -29.95 50.05
CA LEU C 182 6.05 -28.73 50.77
C LEU C 182 5.41 -28.80 52.15
N SER C 183 6.18 -28.52 53.19
CA SER C 183 5.71 -28.68 54.56
C SER C 183 5.08 -27.39 55.06
N THR C 184 3.87 -27.12 54.56
CA THR C 184 3.08 -25.99 55.07
C THR C 184 2.56 -26.23 56.48
N ALA C 185 2.60 -27.48 56.97
CA ALA C 185 2.23 -27.75 58.36
C ALA C 185 3.16 -27.03 59.32
N SER C 186 4.46 -27.06 59.05
CA SER C 186 5.41 -26.26 59.80
C SER C 186 5.27 -24.80 59.41
N GLY C 187 5.59 -23.91 60.35
CA GLY C 187 5.56 -22.48 60.08
C GLY C 187 6.55 -22.06 59.00
N GLU C 188 7.63 -22.81 58.84
CA GLU C 188 8.61 -22.56 57.80
C GLU C 188 8.22 -23.31 56.53
N LEU C 189 8.48 -22.67 55.39
CA LEU C 189 8.12 -23.22 54.08
C LEU C 189 9.25 -24.12 53.61
N GLN C 190 9.25 -25.34 54.15
CA GLN C 190 10.24 -26.37 53.83
C GLN C 190 9.67 -27.31 52.78
N VAL C 191 10.56 -27.95 52.01
CA VAL C 191 10.18 -28.96 51.03
C VAL C 191 10.82 -30.28 51.46
N ASP C 192 9.98 -31.31 51.58
CA ASP C 192 10.43 -32.63 52.01
C ASP C 192 9.98 -33.68 51.00
N ALA C 193 10.53 -34.87 51.15
CA ALA C 193 10.17 -36.03 50.32
C ALA C 193 9.29 -36.91 51.18
N SER C 194 7.99 -36.90 50.91
CA SER C 194 7.03 -37.61 51.76
C SER C 194 5.95 -38.19 50.87
N PHE C 195 4.83 -38.57 51.49
CA PHE C 195 3.76 -39.28 50.81
C PHE C 195 2.70 -38.36 50.23
N MET C 196 2.70 -37.08 50.62
CA MET C 196 1.70 -36.14 50.16
C MET C 196 2.11 -35.53 48.83
N GLN C 197 1.19 -35.52 47.87
CA GLN C 197 1.48 -34.98 46.55
C GLN C 197 1.32 -33.46 46.55
N THR C 198 2.24 -32.79 45.85
CA THR C 198 2.24 -31.35 45.70
C THR C 198 2.18 -31.01 44.21
N LEU C 199 1.43 -29.96 43.86
CA LEU C 199 1.36 -29.48 42.50
C LEU C 199 2.61 -28.69 42.13
N TRP C 200 3.15 -28.93 40.93
CA TRP C 200 4.36 -28.27 40.49
C TRP C 200 4.15 -27.61 39.14
N ASN C 201 4.42 -26.30 39.08
CA ASN C 201 4.40 -25.55 37.83
C ASN C 201 5.81 -25.54 37.24
N MET C 202 5.96 -26.10 36.05
CA MET C 202 7.28 -26.38 35.50
C MET C 202 7.58 -25.32 34.44
N ASN C 203 8.52 -24.42 34.73
CA ASN C 203 8.71 -23.26 33.86
C ASN C 203 10.09 -23.26 33.21
N PRO C 204 10.18 -22.88 31.94
CA PRO C 204 11.48 -22.80 31.26
C PRO C 204 12.14 -21.44 31.47
N ILE C 205 13.39 -21.35 31.00
CA ILE C 205 14.14 -20.10 31.01
C ILE C 205 14.58 -19.75 29.59
N CYS C 206 15.38 -20.63 28.99
CA CYS C 206 15.85 -20.50 27.61
C CYS C 206 16.57 -21.80 27.26
N SER C 207 16.68 -22.05 25.96
CA SER C 207 17.30 -23.27 25.46
C SER C 207 18.55 -23.00 24.64
N CYS C 208 18.47 -22.13 23.63
CA CYS C 208 19.55 -21.94 22.67
C CYS C 208 19.95 -20.48 22.61
N CYS C 209 21.03 -20.12 23.31
CA CYS C 209 21.67 -18.83 23.16
C CYS C 209 22.88 -19.01 22.25
N GLU C 210 22.88 -18.33 21.11
CA GLU C 210 23.91 -18.52 20.10
C GLU C 210 25.21 -17.84 20.53
N GLU C 211 26.20 -17.89 19.64
CA GLU C 211 27.56 -17.47 19.97
C GLU C 211 27.64 -15.95 20.16
N GLY C 212 28.16 -15.54 21.31
CA GLY C 212 28.51 -14.16 21.61
C GLY C 212 27.36 -13.18 21.54
N TYR C 213 26.19 -13.59 21.97
CA TYR C 213 24.98 -12.75 21.96
C TYR C 213 24.51 -12.55 23.39
N VAL C 214 24.31 -11.28 23.77
CA VAL C 214 23.93 -10.95 25.13
C VAL C 214 22.46 -11.30 25.30
N THR C 215 22.16 -12.13 26.30
CA THR C 215 20.80 -12.59 26.56
C THR C 215 20.42 -12.25 27.99
N GLY C 216 19.27 -12.72 28.42
CA GLY C 216 18.86 -12.53 29.79
C GLY C 216 19.54 -13.50 30.74
N GLY C 217 19.51 -13.15 32.03
CA GLY C 217 20.10 -13.97 33.07
C GLY C 217 21.62 -14.01 33.13
N HIS C 218 22.31 -13.48 32.13
CA HIS C 218 23.77 -13.53 32.08
C HIS C 218 24.45 -12.63 33.11
N VAL C 219 25.69 -13.02 33.39
CA VAL C 219 26.64 -12.27 34.20
C VAL C 219 27.74 -11.83 33.23
N LEU C 220 28.08 -10.54 33.26
CA LEU C 220 28.99 -10.00 32.28
C LEU C 220 29.73 -8.81 32.86
N ARG C 221 30.92 -8.55 32.32
CA ARG C 221 31.57 -7.29 32.67
C ARG C 221 31.13 -6.21 31.69
N LEU C 222 31.46 -4.97 32.06
CA LEU C 222 31.22 -3.78 31.23
C LEU C 222 32.50 -2.96 31.14
N PHE C 223 33.35 -3.31 30.19
CA PHE C 223 34.57 -2.55 29.94
C PHE C 223 34.24 -1.21 29.31
N HIS C 224 35.19 -0.28 29.39
CA HIS C 224 35.02 0.99 28.70
C HIS C 224 35.22 0.76 27.21
N GLY C 225 34.84 1.76 26.39
CA GLY C 225 35.10 1.75 24.96
C GLY C 225 36.57 1.71 24.57
N HIS C 226 37.49 1.92 25.53
CA HIS C 226 38.92 1.84 25.29
C HIS C 226 39.52 0.56 25.90
N MET C 227 38.67 -0.44 26.16
CA MET C 227 39.06 -1.80 26.59
C MET C 227 39.85 -1.81 27.91
N ASP C 228 39.72 -0.77 28.75
CA ASP C 228 40.56 -0.70 29.94
C ASP C 228 39.84 -0.34 31.25
N GLU C 229 38.68 0.30 31.21
CA GLU C 229 38.03 0.75 32.44
C GLU C 229 36.70 0.03 32.64
N CYS C 230 36.66 -0.89 33.60
CA CYS C 230 35.43 -1.62 33.85
C CYS C 230 34.68 -1.06 35.05
N LEU C 231 33.36 -1.13 34.96
CA LEU C 231 32.46 -0.69 36.02
C LEU C 231 32.64 -1.59 37.23
N THR C 232 33.05 -1.01 38.36
CA THR C 232 33.41 -1.78 39.55
C THR C 232 32.96 -1.04 40.80
N ILE C 233 32.83 -1.82 41.88
CA ILE C 233 32.67 -1.29 43.23
C ILE C 233 34.08 -1.05 43.77
N SER C 234 34.18 -0.35 44.89
CA SER C 234 35.47 -0.06 45.51
C SER C 234 36.16 -1.34 46.00
N ALA C 235 37.42 -1.19 46.38
CA ALA C 235 38.24 -2.30 46.84
C ALA C 235 37.72 -2.85 48.16
N ALA C 236 38.17 -4.07 48.48
CA ALA C 236 37.71 -4.77 49.68
C ALA C 236 38.11 -4.02 50.95
N ASP C 237 37.18 -3.98 51.90
CA ASP C 237 37.31 -3.29 53.20
C ASP C 237 37.66 -1.81 52.99
N SER C 238 36.72 -1.10 52.37
CA SER C 238 36.86 0.32 52.11
C SER C 238 35.89 1.12 52.97
N ASP C 239 36.35 2.29 53.41
CA ASP C 239 35.54 3.22 54.18
C ASP C 239 34.32 3.72 53.40
N ASP C 240 34.37 3.70 52.07
CA ASP C 240 33.25 3.99 51.20
C ASP C 240 32.15 2.93 51.29
N GLN C 241 32.43 1.78 51.92
CA GLN C 241 31.59 0.58 51.97
C GLN C 241 31.31 0.00 50.59
N ARG C 242 32.23 0.29 49.65
CA ARG C 242 32.19 -0.20 48.26
C ARG C 242 30.91 0.21 47.53
N ARG C 243 30.30 1.32 47.94
CA ARG C 243 29.02 1.75 47.43
C ARG C 243 29.11 2.74 46.27
N LEU C 244 30.31 3.14 45.85
CA LEU C 244 30.48 4.07 44.74
C LEU C 244 31.03 3.33 43.53
N VAL C 245 30.40 3.55 42.38
CA VAL C 245 30.77 2.87 41.14
C VAL C 245 31.88 3.64 40.43
N TYR C 246 32.84 2.89 39.87
CA TYR C 246 33.98 3.50 39.21
C TYR C 246 34.34 2.77 37.93
N TYR C 247 34.97 3.51 37.03
CA TYR C 247 35.65 3.01 35.86
C TYR C 247 37.06 2.75 36.35
N GLU C 248 37.31 1.52 36.77
CA GLU C 248 38.59 1.15 37.36
C GLU C 248 39.29 0.18 36.42
N GLY C 249 40.61 0.36 36.25
CA GLY C 249 41.39 -0.46 35.36
C GLY C 249 42.31 -1.44 36.06
N GLY C 250 43.09 -2.15 35.24
CA GLY C 250 44.05 -3.13 35.73
C GLY C 250 43.45 -4.49 35.98
N ALA C 251 44.03 -5.20 36.96
CA ALA C 251 43.60 -6.56 37.32
C ALA C 251 42.20 -6.59 37.92
N VAL C 252 41.71 -5.44 38.38
CA VAL C 252 40.35 -5.33 38.90
C VAL C 252 39.35 -5.69 37.81
N CYS C 253 39.65 -5.31 36.56
CA CYS C 253 38.87 -5.75 35.41
C CYS C 253 39.00 -7.24 35.14
N THR C 254 39.99 -7.91 35.72
CA THR C 254 40.05 -9.37 35.69
C THR C 254 39.61 -9.98 37.02
N HIS C 255 39.02 -9.16 37.89
CA HIS C 255 38.58 -9.59 39.20
C HIS C 255 37.06 -9.70 39.23
N ALA C 256 36.57 -10.32 40.31
CA ALA C 256 35.14 -10.61 40.46
C ALA C 256 34.29 -9.36 40.67
N ARG C 257 34.88 -8.29 41.21
CA ARG C 257 34.14 -7.05 41.46
C ARG C 257 33.64 -6.36 40.20
N SER C 258 34.19 -6.71 39.03
CA SER C 258 33.79 -6.11 37.78
C SER C 258 32.61 -6.81 37.13
N LEU C 259 32.03 -7.81 37.79
CA LEU C 259 30.96 -8.61 37.20
C LEU C 259 29.59 -8.08 37.60
N TRP C 260 28.69 -8.01 36.63
CA TRP C 260 27.32 -7.56 36.86
C TRP C 260 26.39 -8.61 36.28
N ARG C 261 25.38 -9.01 37.05
CA ARG C 261 24.37 -9.95 36.57
C ARG C 261 23.09 -9.19 36.30
N LEU C 262 22.52 -9.41 35.12
CA LEU C 262 21.26 -8.75 34.77
C LEU C 262 20.09 -9.68 35.03
N GLU C 263 19.07 -9.14 35.71
CA GLU C 263 17.86 -9.87 36.06
C GLU C 263 16.66 -9.18 35.45
N PRO C 264 16.11 -9.68 34.34
CA PRO C 264 14.93 -9.03 33.76
C PRO C 264 13.71 -9.13 34.67
N LEU C 265 12.79 -8.17 34.51
CA LEU C 265 11.56 -8.11 35.30
C LEU C 265 10.59 -9.24 34.99
N ARG C 266 10.82 -9.99 33.92
CA ARG C 266 9.93 -11.07 33.52
C ARG C 266 10.23 -12.34 34.29
N ILE C 267 9.19 -12.95 34.87
CA ILE C 267 9.39 -14.19 35.60
C ILE C 267 9.67 -15.34 34.63
N SER C 268 8.90 -15.43 33.55
CA SER C 268 9.06 -16.48 32.57
C SER C 268 9.93 -15.99 31.41
N TRP C 269 10.74 -16.91 30.87
CA TRP C 269 11.68 -16.67 29.77
C TRP C 269 12.63 -15.52 30.09
N SER C 270 13.09 -15.48 31.34
CA SER C 270 14.02 -14.46 31.80
C SER C 270 15.39 -14.56 31.13
N GLY C 271 15.72 -15.69 30.52
CA GLY C 271 16.99 -15.86 29.85
C GLY C 271 16.91 -15.66 28.34
N SER C 272 15.84 -15.02 27.88
CA SER C 272 15.65 -14.75 26.46
C SER C 272 16.71 -13.79 25.94
N HIS C 273 16.91 -13.82 24.62
CA HIS C 273 17.85 -12.91 23.96
C HIS C 273 17.43 -11.46 24.20
N LEU C 274 18.40 -10.61 24.47
CA LEU C 274 18.10 -9.23 24.83
C LEU C 274 17.74 -8.40 23.60
N ARG C 275 16.53 -7.84 23.63
CA ARG C 275 16.11 -6.84 22.66
C ARG C 275 16.44 -5.47 23.24
N TRP C 276 16.83 -4.54 22.37
CA TRP C 276 17.24 -3.21 22.80
C TRP C 276 16.12 -2.45 23.50
N GLY C 277 16.25 -2.28 24.81
CA GLY C 277 15.33 -1.50 25.60
C GLY C 277 14.37 -2.24 26.50
N GLN C 278 14.64 -3.56 26.85
CA GLN C 278 13.63 -4.04 27.78
C GLN C 278 14.02 -3.65 29.20
N PRO C 279 13.06 -3.48 30.12
CA PRO C 279 13.44 -3.20 31.51
C PRO C 279 14.07 -4.42 32.17
N LEU C 280 15.06 -4.16 33.02
CA LEU C 280 15.86 -5.20 33.67
C LEU C 280 16.67 -4.57 34.78
N ARG C 281 16.91 -5.35 35.83
CA ARG C 281 17.67 -4.95 36.99
C ARG C 281 19.12 -5.40 36.85
N ILE C 282 20.01 -4.75 37.61
CA ILE C 282 21.43 -5.07 37.65
C ILE C 282 21.80 -5.35 39.09
N ARG C 283 22.47 -6.49 39.32
CA ARG C 283 22.92 -6.85 40.65
C ARG C 283 24.41 -7.18 40.61
N HIS C 284 25.11 -6.82 41.69
CA HIS C 284 26.49 -7.22 41.83
C HIS C 284 26.58 -8.65 42.32
N VAL C 285 27.62 -9.35 41.88
CA VAL C 285 27.75 -10.78 42.15
C VAL C 285 28.08 -11.05 43.62
N THR C 286 29.02 -10.30 44.20
CA THR C 286 29.62 -10.69 45.47
C THR C 286 29.14 -9.88 46.66
N THR C 287 28.28 -8.88 46.46
CA THR C 287 27.83 -8.05 47.56
C THR C 287 26.34 -8.06 47.77
N GLY C 288 25.56 -8.60 46.82
CA GLY C 288 24.11 -8.56 46.93
C GLY C 288 23.56 -7.15 46.90
N ARG C 289 24.10 -6.31 46.03
CA ARG C 289 23.69 -4.93 45.92
C ARG C 289 23.17 -4.65 44.52
N TYR C 290 22.17 -3.77 44.45
CA TYR C 290 21.51 -3.39 43.21
C TYR C 290 21.86 -1.95 42.90
N LEU C 291 22.28 -1.70 41.65
CA LEU C 291 22.52 -0.33 41.22
C LEU C 291 21.21 0.44 41.20
N ALA C 292 21.23 1.66 41.76
CA ALA C 292 20.01 2.44 41.85
C ALA C 292 20.33 3.93 41.92
N LEU C 293 19.31 4.71 41.56
CA LEU C 293 19.34 6.17 41.72
C LEU C 293 18.80 6.47 43.12
N THR C 294 19.70 6.54 44.08
CA THR C 294 19.30 6.78 45.46
C THR C 294 19.03 8.26 45.67
N GLU C 295 18.35 8.57 46.77
CA GLU C 295 17.93 9.95 47.03
C GLU C 295 19.08 10.83 47.52
N ASP C 296 20.00 10.28 48.32
CA ASP C 296 21.03 11.13 48.93
C ASP C 296 22.31 11.24 48.10
N GLN C 297 22.73 10.17 47.42
CA GLN C 297 24.01 10.17 46.72
C GLN C 297 23.90 9.78 45.26
N GLY C 298 22.73 9.94 44.65
CA GLY C 298 22.53 9.66 43.24
C GLY C 298 22.70 8.20 42.84
N LEU C 299 23.75 7.87 42.09
CA LEU C 299 23.95 6.51 41.60
C LEU C 299 24.83 5.74 42.58
N VAL C 300 24.21 4.88 43.40
CA VAL C 300 24.96 3.97 44.27
C VAL C 300 24.34 2.59 44.20
N VAL C 301 25.03 1.63 44.80
CA VAL C 301 24.54 0.26 44.88
C VAL C 301 23.86 0.10 46.25
N VAL C 302 22.54 0.19 46.25
CA VAL C 302 21.75 0.00 47.44
C VAL C 302 21.67 -1.50 47.75
N ASP C 303 21.41 -1.83 49.01
CA ASP C 303 21.27 -3.22 49.42
C ASP C 303 20.07 -3.87 48.75
N ALA C 304 20.07 -5.20 48.71
CA ALA C 304 19.01 -5.94 48.03
C ALA C 304 17.66 -5.88 48.73
N CYS C 305 17.59 -5.36 49.94
CA CYS C 305 16.32 -5.26 50.67
C CYS C 305 15.58 -3.97 50.39
N LYS C 306 16.14 -3.07 49.58
CA LYS C 306 15.51 -1.77 49.31
C LYS C 306 15.51 -1.46 47.82
N ALA C 307 15.39 -2.47 46.97
CA ALA C 307 15.27 -2.25 45.53
C ALA C 307 13.78 -2.23 45.20
N HIS C 308 13.24 -1.05 44.95
CA HIS C 308 11.81 -0.85 44.74
C HIS C 308 11.40 -0.91 43.27
N THR C 309 12.32 -1.36 42.39
CA THR C 309 12.13 -1.69 40.96
C THR C 309 12.00 -0.40 40.12
N LYS C 310 11.91 0.75 40.77
CA LYS C 310 11.82 2.01 40.04
C LYS C 310 13.20 2.58 39.78
N ALA C 311 14.00 2.76 40.83
CA ALA C 311 15.34 3.32 40.66
C ALA C 311 16.35 2.30 40.16
N THR C 312 16.01 1.01 40.15
CA THR C 312 16.98 -0.02 39.79
C THR C 312 16.92 -0.45 38.34
N SER C 313 15.73 -0.47 37.75
CA SER C 313 15.60 -0.94 36.37
C SER C 313 16.22 0.06 35.39
N PHE C 314 16.71 -0.47 34.27
CA PHE C 314 17.42 0.30 33.26
C PHE C 314 17.04 -0.25 31.89
N CYS C 315 17.58 0.36 30.83
CA CYS C 315 17.29 -0.09 29.47
C CYS C 315 18.47 0.22 28.57
N PHE C 316 18.53 -0.50 27.46
CA PHE C 316 19.64 -0.45 26.51
C PHE C 316 19.18 0.06 25.16
N ARG C 317 19.82 1.11 24.64
CA ARG C 317 19.54 1.51 23.26
C ARG C 317 20.83 1.86 22.56
N VAL C 318 20.81 1.79 21.23
CA VAL C 318 22.02 2.02 20.44
C VAL C 318 22.44 3.49 20.46
N SER C 319 21.52 4.42 20.70
CA SER C 319 21.81 5.84 20.53
C SER C 319 21.32 6.61 21.75
N LYS C 320 21.59 7.92 21.74
CA LYS C 320 21.22 8.82 22.83
C LYS C 320 19.82 9.42 22.66
N GLU C 321 19.15 9.12 21.55
CA GLU C 321 17.86 9.72 21.24
C GLU C 321 16.78 9.18 22.20
N LYS C 322 15.72 9.96 22.35
CA LYS C 322 14.58 9.55 23.17
C LYS C 322 13.80 8.45 22.48
N LEU C 323 14.10 7.19 22.80
CA LEU C 323 13.40 6.06 22.20
C LEU C 323 12.12 5.75 22.97
N PRO C 327 10.54 -0.51 26.77
CA PRO C 327 9.82 -1.73 27.14
C PRO C 327 8.83 -2.19 26.07
N LYS C 328 9.05 -3.37 25.53
CA LYS C 328 8.20 -3.95 24.50
C LYS C 328 7.42 -5.13 25.07
N ARG C 329 6.67 -5.80 24.20
CA ARG C 329 5.98 -7.02 24.58
C ARG C 329 7.00 -8.15 24.70
N ASP C 330 7.09 -8.74 25.89
CA ASP C 330 8.11 -9.75 26.15
C ASP C 330 7.87 -11.02 25.32
N VAL C 331 8.96 -11.57 24.80
CA VAL C 331 8.91 -12.71 23.89
C VAL C 331 8.97 -14.02 24.68
N GLU C 332 8.00 -14.89 24.43
CA GLU C 332 7.93 -16.18 25.12
C GLU C 332 8.74 -17.25 24.39
N GLY C 333 10.02 -16.97 24.16
CA GLY C 333 10.89 -17.87 23.44
C GLY C 333 12.34 -17.46 23.54
N MET C 334 13.12 -17.79 22.51
CA MET C 334 14.54 -17.48 22.49
C MET C 334 14.78 -15.98 22.53
N GLY C 335 13.98 -15.22 21.82
CA GLY C 335 14.17 -13.80 21.71
C GLY C 335 15.03 -13.46 20.52
N PRO C 336 14.89 -12.24 19.99
CA PRO C 336 15.71 -11.81 18.85
C PRO C 336 17.14 -11.50 19.28
N PRO C 337 18.12 -12.29 18.84
CA PRO C 337 19.50 -12.03 19.26
C PRO C 337 20.09 -10.79 18.60
N GLU C 338 20.18 -9.72 19.37
CA GLU C 338 20.66 -8.43 18.85
C GLU C 338 21.92 -7.94 19.55
N ILE C 339 21.91 -7.89 20.88
CA ILE C 339 23.04 -7.37 21.62
C ILE C 339 24.16 -8.41 21.64
N LYS C 340 25.34 -8.02 21.18
CA LYS C 340 26.47 -8.91 21.06
C LYS C 340 27.50 -8.64 22.14
N TYR C 341 28.33 -9.65 22.41
CA TYR C 341 29.39 -9.55 23.40
C TYR C 341 30.66 -9.00 22.74
N GLY C 342 31.08 -7.81 23.16
CA GLY C 342 32.23 -7.15 22.59
C GLY C 342 31.94 -6.25 21.41
N GLU C 343 30.78 -6.40 20.77
CA GLU C 343 30.34 -5.58 19.66
C GLU C 343 28.90 -5.15 19.95
N SER C 344 28.30 -4.45 18.97
CA SER C 344 26.92 -3.93 19.06
C SER C 344 26.77 -3.01 20.27
N LEU C 345 27.51 -1.89 20.19
CA LEU C 345 27.59 -0.93 21.29
C LEU C 345 26.24 -0.36 21.66
N CYS C 346 26.02 -0.20 22.96
CA CYS C 346 24.77 0.34 23.47
C CYS C 346 25.02 1.28 24.63
N PHE C 347 24.11 2.23 24.78
CA PHE C 347 24.09 3.22 25.83
C PHE C 347 22.94 2.87 26.76
N VAL C 348 23.22 2.87 28.05
CA VAL C 348 22.27 2.45 29.06
C VAL C 348 21.65 3.67 29.70
N GLN C 349 20.33 3.70 29.79
CA GLN C 349 19.66 4.83 30.41
C GLN C 349 18.72 4.30 31.48
N HIS C 350 18.57 5.08 32.56
CA HIS C 350 17.58 4.82 33.58
C HIS C 350 16.19 4.86 32.97
N VAL C 351 15.41 3.79 33.21
CA VAL C 351 14.08 3.70 32.61
C VAL C 351 13.12 4.71 33.23
N ALA C 352 13.25 5.00 34.52
CA ALA C 352 12.33 5.89 35.21
C ALA C 352 12.87 7.31 35.34
N SER C 353 14.17 7.47 35.55
CA SER C 353 14.75 8.80 35.71
C SER C 353 15.18 9.42 34.39
N GLY C 354 15.46 8.60 33.37
CA GLY C 354 15.89 9.13 32.10
C GLY C 354 17.33 9.61 32.08
N LEU C 355 18.14 9.20 33.04
CA LEU C 355 19.51 9.67 33.14
C LEU C 355 20.48 8.59 32.63
N TRP C 356 21.49 9.03 31.87
CA TRP C 356 22.51 8.14 31.29
C TRP C 356 23.79 8.12 32.13
N LEU C 357 24.36 6.92 32.30
CA LEU C 357 25.58 6.82 33.08
C LEU C 357 26.76 7.39 32.29
N THR C 358 27.65 8.09 32.98
CA THR C 358 28.83 8.71 32.39
C THR C 358 29.83 8.93 33.51
N TYR C 359 31.12 8.96 33.16
CA TYR C 359 32.17 9.23 34.12
C TYR C 359 32.06 10.65 34.68
N ALA C 360 32.41 10.80 35.96
CA ALA C 360 32.46 12.12 36.59
C ALA C 360 33.68 12.87 36.07
N ALA C 361 33.43 13.96 35.33
CA ALA C 361 34.50 14.71 34.67
C ALA C 361 35.60 15.29 35.57
N PRO C 362 35.33 15.93 36.75
CA PRO C 362 36.45 16.47 37.55
C PRO C 362 37.46 15.42 38.00
N ASP C 363 38.74 15.81 37.99
CA ASP C 363 39.83 14.93 38.39
C ASP C 363 40.43 15.39 39.70
N PRO C 364 40.35 14.60 40.77
CA PRO C 364 40.98 14.96 42.04
C PRO C 364 42.48 14.68 42.03
N LYS C 365 43.12 15.01 43.16
CA LYS C 365 44.55 14.80 43.30
C LYS C 365 44.89 13.32 43.39
N ALA C 366 43.94 12.48 43.80
CA ALA C 366 44.16 11.03 43.79
C ALA C 366 44.34 10.52 42.36
N LEU C 367 43.57 11.05 41.41
CA LEU C 367 43.72 10.69 40.02
C LEU C 367 44.67 11.60 39.26
N ARG C 368 45.29 12.57 39.95
CA ARG C 368 46.19 13.51 39.28
C ARG C 368 47.40 12.80 38.67
N LEU C 369 48.00 11.86 39.42
CA LEU C 369 49.19 11.17 38.95
C LEU C 369 49.04 9.66 39.13
N GLY C 370 48.21 9.25 40.08
CA GLY C 370 48.06 7.84 40.42
C GLY C 370 47.15 7.10 39.46
N VAL C 371 46.76 5.89 39.88
CA VAL C 371 45.88 5.04 39.09
C VAL C 371 44.51 5.71 38.97
N LEU C 372 43.85 5.50 37.83
CA LEU C 372 42.59 6.17 37.53
C LEU C 372 41.42 5.26 37.88
N LYS C 373 40.73 5.58 38.97
CA LYS C 373 39.41 5.08 39.25
C LYS C 373 38.45 6.24 39.05
N LYS C 374 37.57 6.12 38.06
CA LYS C 374 36.79 7.23 37.55
C LYS C 374 35.35 7.08 38.02
N LYS C 375 34.90 7.99 38.90
CA LYS C 375 33.54 7.90 39.44
C LYS C 375 32.49 8.02 38.34
N ALA C 376 31.48 7.15 38.41
CA ALA C 376 30.42 7.15 37.41
C ALA C 376 29.20 7.89 37.97
N ILE C 377 28.73 8.88 37.21
CA ILE C 377 27.57 9.68 37.58
C ILE C 377 26.48 9.45 36.55
N LEU C 378 25.27 9.16 37.01
CA LEU C 378 24.14 8.93 36.10
C LEU C 378 23.70 10.30 35.56
N HIS C 379 24.45 10.80 34.57
CA HIS C 379 24.24 12.14 34.02
C HIS C 379 22.91 12.22 33.27
N GLN C 380 22.36 13.44 33.20
CA GLN C 380 21.07 13.67 32.54
C GLN C 380 21.11 13.31 31.06
N GLU C 381 22.17 13.71 30.36
CA GLU C 381 22.35 13.35 28.96
C GLU C 381 23.62 12.55 28.72
N GLY C 382 24.73 12.96 29.30
CA GLY C 382 25.98 12.25 29.17
C GLY C 382 26.83 12.70 27.99
N HIS C 383 28.04 12.17 27.96
CA HIS C 383 29.03 12.51 26.95
C HIS C 383 28.93 11.53 25.77
N MET C 384 29.92 11.59 24.87
CA MET C 384 29.95 10.77 23.67
C MET C 384 30.76 9.50 23.88
N ASP C 385 31.92 9.59 24.53
CA ASP C 385 32.84 8.48 24.68
C ASP C 385 32.55 7.58 25.88
N ASP C 386 31.31 7.57 26.37
CA ASP C 386 30.92 6.69 27.47
C ASP C 386 30.45 5.32 27.01
N ALA C 387 30.86 4.88 25.81
CA ALA C 387 30.47 3.58 25.28
C ALA C 387 31.02 2.45 26.14
N LEU C 388 30.22 1.39 26.28
CA LEU C 388 30.54 0.28 27.17
C LEU C 388 30.59 -1.03 26.39
N PHE C 389 31.74 -1.69 26.42
CA PHE C 389 31.89 -3.01 25.84
C PHE C 389 31.33 -4.05 26.81
N LEU C 390 30.66 -5.05 26.28
CA LEU C 390 30.08 -6.12 27.08
C LEU C 390 30.90 -7.39 26.91
N THR C 391 31.36 -7.98 28.02
CA THR C 391 32.24 -9.13 27.92
C THR C 391 31.73 -10.29 28.76
N ARG C 392 31.93 -11.50 28.25
CA ARG C 392 31.53 -12.73 28.92
C ARG C 392 32.30 -12.98 30.21
N CYS C 393 31.65 -13.72 31.12
CA CYS C 393 32.29 -14.33 32.26
C CYS C 393 32.35 -15.83 32.06
N GLN C 394 33.47 -16.43 32.42
CA GLN C 394 33.60 -17.88 32.33
C GLN C 394 32.80 -18.49 33.48
N GLN C 395 32.38 -19.75 33.29
CA GLN C 395 31.54 -20.44 34.26
C GLN C 395 32.22 -20.56 35.61
N GLU C 396 33.53 -20.84 35.62
CA GLU C 396 34.30 -20.88 36.87
C GLU C 396 34.31 -19.52 37.56
N GLU C 397 34.43 -18.44 36.77
CA GLU C 397 34.37 -17.08 37.31
C GLU C 397 33.03 -16.81 37.96
N SER C 398 31.94 -17.17 37.27
CA SER C 398 30.60 -16.97 37.78
C SER C 398 30.35 -17.76 39.07
N GLN C 399 30.77 -19.02 39.06
CA GLN C 399 30.62 -19.89 40.23
C GLN C 399 31.42 -19.36 41.40
N ALA C 400 32.67 -18.93 41.15
CA ALA C 400 33.52 -18.36 42.19
C ALA C 400 32.91 -17.10 42.77
N ALA C 401 32.37 -16.23 41.89
CA ALA C 401 31.77 -14.99 42.35
C ALA C 401 30.59 -15.29 43.26
N ARG C 402 29.78 -16.29 42.90
CA ARG C 402 28.69 -16.68 43.79
C ARG C 402 29.24 -17.30 45.09
N MET C 403 30.44 -17.91 45.02
CA MET C 403 31.06 -18.50 46.21
C MET C 403 31.31 -17.46 47.26
N ILE C 404 31.99 -16.35 46.89
CA ILE C 404 32.34 -15.36 47.92
C ILE C 404 31.10 -14.79 48.59
N HIS C 405 30.09 -14.42 47.78
CA HIS C 405 28.85 -13.84 48.30
C HIS C 405 28.09 -14.79 49.23
N SER C 406 28.00 -16.07 48.88
CA SER C 406 27.34 -17.01 49.78
C SER C 406 28.21 -17.38 50.98
N THR C 407 29.51 -17.54 50.74
CA THR C 407 30.44 -18.04 51.74
C THR C 407 30.74 -17.03 52.83
N ALA C 408 30.99 -15.77 52.45
CA ALA C 408 31.40 -14.73 53.39
C ALA C 408 30.32 -14.43 54.43
N GLY C 409 29.05 -14.38 54.01
CA GLY C 409 27.98 -14.04 54.94
C GLY C 409 27.81 -15.02 56.07
N LEU C 410 28.07 -16.32 55.80
CA LEU C 410 27.92 -17.37 56.80
C LEU C 410 28.90 -17.16 57.94
N TYR C 411 30.18 -16.96 57.61
CA TYR C 411 31.14 -16.73 58.68
C TYR C 411 31.05 -15.33 59.25
N ASN C 412 30.55 -14.35 58.49
CA ASN C 412 30.29 -13.04 59.09
C ASN C 412 29.27 -13.16 60.22
N GLN C 413 28.20 -13.94 59.98
CA GLN C 413 27.25 -14.30 61.04
C GLN C 413 27.94 -15.10 62.15
N PHE C 414 28.81 -16.04 61.78
CA PHE C 414 29.54 -16.84 62.78
C PHE C 414 30.43 -15.96 63.67
N ILE C 415 31.13 -15.00 63.06
CA ILE C 415 31.98 -14.07 63.78
C ILE C 415 31.17 -13.21 64.72
N LYS C 416 30.02 -12.69 64.25
CA LYS C 416 29.17 -11.91 65.14
C LYS C 416 28.57 -12.78 66.26
N GLY C 417 28.42 -14.08 66.02
CA GLY C 417 28.02 -14.96 67.10
C GLY C 417 29.15 -15.21 68.06
N LEU C 418 30.39 -15.20 67.57
CA LEU C 418 31.56 -15.42 68.41
C LEU C 418 31.76 -14.26 69.37
N ASP C 419 31.91 -13.04 68.84
CA ASP C 419 32.08 -11.93 69.77
C ASP C 419 30.81 -11.61 70.56
N SER C 420 29.64 -12.16 70.18
CA SER C 420 28.47 -12.02 71.04
C SER C 420 28.68 -12.69 72.39
N PHE C 421 29.40 -13.82 72.42
CA PHE C 421 29.78 -14.43 73.70
C PHE C 421 31.27 -14.36 73.98
N SER C 422 31.99 -13.41 73.37
CA SER C 422 33.41 -13.21 73.70
C SER C 422 33.56 -12.87 75.18
N GLY C 423 32.84 -11.87 75.65
CA GLY C 423 32.68 -11.63 77.07
C GLY C 423 31.45 -12.36 77.57
N LYS C 424 31.03 -12.01 78.81
CA LYS C 424 29.84 -12.54 79.49
C LYS C 424 29.86 -14.06 79.52
N PRO C 425 30.67 -14.67 80.41
CA PRO C 425 30.73 -16.14 80.47
C PRO C 425 29.37 -16.77 80.73
N ARG C 426 29.10 -17.87 80.02
CA ARG C 426 27.83 -18.56 80.12
C ARG C 426 27.59 -19.14 81.51
N GLY C 427 28.66 -19.54 82.19
CA GLY C 427 28.56 -20.14 83.50
C GLY C 427 27.86 -21.49 83.46
N SER C 428 26.63 -21.54 83.96
CA SER C 428 25.82 -22.74 83.89
C SER C 428 24.48 -22.49 83.21
N GLY C 429 24.26 -21.30 82.65
CA GLY C 429 23.01 -20.97 82.04
C GLY C 429 23.01 -21.15 80.53
N PRO C 430 22.20 -20.36 79.84
CA PRO C 430 22.12 -20.48 78.38
C PRO C 430 23.15 -19.61 77.70
N PRO C 431 23.50 -19.89 76.42
CA PRO C 431 24.46 -19.04 75.70
C PRO C 431 23.96 -17.63 75.41
N ALA C 432 24.80 -16.85 74.73
CA ALA C 432 24.52 -15.44 74.47
C ALA C 432 23.28 -15.25 73.60
N GLY C 433 23.33 -15.75 72.36
CA GLY C 433 22.24 -15.54 71.43
C GLY C 433 21.89 -16.74 70.59
N PRO C 434 21.76 -16.54 69.29
CA PRO C 434 21.34 -17.63 68.39
C PRO C 434 22.39 -18.73 68.30
N ALA C 435 21.92 -19.95 68.05
CA ALA C 435 22.80 -21.09 67.88
C ALA C 435 23.63 -20.93 66.62
N LEU C 436 24.93 -21.11 66.76
CA LEU C 436 25.85 -20.95 65.63
C LEU C 436 25.76 -22.15 64.70
N PRO C 437 25.65 -21.93 63.38
CA PRO C 437 25.52 -23.05 62.43
C PRO C 437 26.79 -23.87 62.30
N ILE C 438 27.04 -24.71 63.31
CA ILE C 438 28.25 -25.52 63.38
C ILE C 438 28.35 -26.48 62.19
N GLU C 439 27.25 -27.22 61.94
CA GLU C 439 27.24 -28.19 60.85
C GLU C 439 27.33 -27.53 59.48
N ALA C 440 26.59 -26.43 59.28
CA ALA C 440 26.63 -25.71 58.01
C ALA C 440 28.02 -25.14 57.74
N VAL C 441 28.64 -24.58 58.78
CA VAL C 441 29.99 -24.04 58.66
C VAL C 441 30.98 -25.15 58.34
N ILE C 442 30.90 -26.28 59.06
CA ILE C 442 31.81 -27.41 58.84
C ILE C 442 31.67 -27.96 57.42
N LEU C 443 30.43 -28.09 56.95
CA LEU C 443 30.15 -28.55 55.59
C LEU C 443 30.75 -27.59 54.55
N SER C 444 30.59 -26.28 54.78
CA SER C 444 31.17 -25.28 53.88
C SER C 444 32.69 -25.33 53.90
N LEU C 445 33.28 -25.55 55.08
CA LEU C 445 34.73 -25.69 55.21
C LEU C 445 35.25 -26.90 54.44
N GLN C 446 34.55 -28.03 54.55
CA GLN C 446 34.94 -29.24 53.83
C GLN C 446 34.84 -29.03 52.32
N ASP C 447 33.75 -28.37 51.86
CA ASP C 447 33.59 -28.05 50.46
C ASP C 447 34.69 -27.12 49.97
N LEU C 448 35.04 -26.12 50.76
CA LEU C 448 36.07 -25.17 50.36
C LEU C 448 37.44 -25.84 50.26
N ILE C 449 37.76 -26.72 51.22
CA ILE C 449 39.02 -27.45 51.19
C ILE C 449 39.12 -28.33 49.94
N GLY C 450 38.03 -29.05 49.63
CA GLY C 450 38.00 -29.80 48.38
C GLY C 450 38.03 -28.91 47.15
N TYR C 451 37.39 -27.75 47.22
CA TYR C 451 37.44 -26.76 46.16
C TYR C 451 38.83 -26.20 45.95
N PHE C 452 39.67 -26.22 46.98
CA PHE C 452 41.03 -25.73 46.91
C PHE C 452 42.06 -26.86 46.98
N GLU C 453 41.63 -28.07 46.65
CA GLU C 453 42.55 -29.21 46.64
C GLU C 453 43.54 -29.05 45.48
N PRO C 454 44.84 -29.12 45.75
CA PRO C 454 45.81 -29.08 44.65
C PRO C 454 45.66 -30.28 43.75
N PRO C 455 45.98 -30.14 42.46
CA PRO C 455 45.85 -31.26 41.51
C PRO C 455 46.77 -32.43 41.84
N SER C 456 46.29 -33.64 41.55
CA SER C 456 47.00 -34.86 41.86
C SER C 456 48.27 -34.99 41.03
N GLU C 457 49.24 -35.72 41.59
CA GLU C 457 50.55 -35.88 40.97
C GLU C 457 50.49 -36.62 39.65
N GLU C 458 49.64 -37.65 39.57
CA GLU C 458 49.57 -38.52 38.39
C GLU C 458 49.07 -37.81 37.13
N LEU C 459 48.47 -36.63 37.27
CA LEU C 459 47.96 -35.88 36.13
C LEU C 459 49.06 -35.51 35.17
N GLN C 460 48.74 -35.53 33.87
CA GLN C 460 49.69 -35.18 32.83
C GLN C 460 50.07 -33.71 32.96
N HIS C 461 51.27 -33.38 32.47
CA HIS C 461 51.86 -32.05 32.62
C HIS C 461 50.97 -30.92 32.12
N GLU C 462 50.25 -31.14 31.01
CA GLU C 462 49.36 -30.13 30.45
C GLU C 462 48.20 -29.80 31.38
N GLU C 463 47.51 -30.84 31.86
CA GLU C 463 46.39 -30.62 32.74
C GLU C 463 46.83 -30.19 34.12
N LYS C 464 48.03 -30.62 34.52
CA LYS C 464 48.59 -30.22 35.80
C LYS C 464 48.84 -28.71 35.81
N GLN C 465 49.43 -28.18 34.73
CA GLN C 465 49.67 -26.74 34.65
C GLN C 465 48.36 -25.97 34.55
N SER C 466 47.39 -26.47 33.76
CA SER C 466 46.12 -25.77 33.63
C SER C 466 45.37 -25.71 34.95
N LYS C 467 45.37 -26.82 35.70
CA LYS C 467 44.75 -26.84 37.02
C LYS C 467 45.53 -25.95 37.99
N LEU C 468 46.85 -25.85 37.83
CA LEU C 468 47.63 -24.96 38.66
C LEU C 468 47.23 -23.51 38.43
N ARG C 469 47.06 -23.14 37.16
CA ARG C 469 46.62 -21.78 36.82
C ARG C 469 45.24 -21.47 37.39
N SER C 470 44.31 -22.44 37.29
CA SER C 470 43.00 -22.26 37.89
C SER C 470 43.08 -22.14 39.41
N LEU C 471 43.94 -22.95 40.04
CA LEU C 471 44.11 -22.91 41.49
C LEU C 471 44.66 -21.58 41.95
N ARG C 472 45.67 -21.04 41.25
CA ARG C 472 46.22 -19.73 41.59
C ARG C 472 45.20 -18.64 41.38
N ASN C 473 44.42 -18.73 40.30
CA ASN C 473 43.41 -17.71 40.01
C ASN C 473 42.34 -17.68 41.10
N ARG C 474 41.83 -18.85 41.48
CA ARG C 474 40.82 -18.92 42.53
C ARG C 474 41.35 -18.45 43.88
N GLN C 475 42.60 -18.81 44.20
CA GLN C 475 43.23 -18.38 45.45
C GLN C 475 43.42 -16.86 45.47
N SER C 476 43.85 -16.30 44.34
CA SER C 476 44.08 -14.87 44.25
C SER C 476 42.78 -14.11 44.37
N LEU C 477 41.72 -14.61 43.70
CA LEU C 477 40.43 -13.95 43.72
C LEU C 477 39.85 -13.96 45.14
N PHE C 478 39.97 -15.08 45.85
CA PHE C 478 39.42 -15.16 47.20
C PHE C 478 40.15 -14.22 48.17
N GLN C 479 41.49 -14.15 48.06
CA GLN C 479 42.23 -13.17 48.85
C GLN C 479 41.83 -11.74 48.46
N GLU C 480 41.69 -11.48 47.16
CA GLU C 480 41.25 -10.19 46.66
C GLU C 480 39.85 -9.84 47.15
N GLU C 481 39.05 -10.84 47.48
CA GLU C 481 37.77 -10.61 48.10
C GLU C 481 37.86 -10.62 49.62
N GLY C 482 39.07 -10.77 50.16
CA GLY C 482 39.23 -10.67 51.61
C GLY C 482 38.95 -11.90 52.44
N MET C 483 38.84 -13.08 51.84
CA MET C 483 38.59 -14.29 52.62
C MET C 483 39.75 -14.60 53.56
N LEU C 484 40.96 -14.19 53.20
CA LEU C 484 42.12 -14.34 54.07
C LEU C 484 41.97 -13.54 55.36
N SER C 485 41.45 -12.31 55.26
CA SER C 485 41.19 -11.51 56.44
C SER C 485 40.10 -12.14 57.31
N LEU C 486 39.05 -12.65 56.67
CA LEU C 486 37.93 -13.25 57.39
C LEU C 486 38.38 -14.49 58.17
N VAL C 487 39.15 -15.36 57.52
CA VAL C 487 39.64 -16.55 58.21
C VAL C 487 40.63 -16.15 59.29
N LEU C 488 41.43 -15.10 59.07
CA LEU C 488 42.31 -14.59 60.13
C LEU C 488 41.51 -14.15 61.34
N ASN C 489 40.32 -13.56 61.10
CA ASN C 489 39.43 -13.25 62.20
C ASN C 489 38.90 -14.52 62.85
N CYS C 490 38.72 -15.59 62.06
CA CYS C 490 38.17 -16.83 62.61
C CYS C 490 39.15 -17.46 63.59
N ILE C 491 40.41 -17.62 63.17
CA ILE C 491 41.43 -18.20 64.05
C ILE C 491 41.65 -17.30 65.26
N ASP C 492 41.74 -15.98 65.04
CA ASP C 492 42.00 -15.07 66.16
C ASP C 492 40.88 -15.10 67.20
N ARG C 493 39.62 -15.10 66.75
CA ARG C 493 38.50 -15.19 67.67
C ARG C 493 38.44 -16.51 68.40
N LEU C 494 38.73 -17.63 67.72
CA LEU C 494 38.75 -18.91 68.43
C LEU C 494 39.97 -19.12 69.31
N ASN C 495 41.04 -18.36 69.08
CA ASN C 495 42.28 -18.55 69.81
C ASN C 495 42.24 -18.04 71.24
N VAL C 496 41.24 -17.24 71.62
CA VAL C 496 41.16 -16.71 72.98
C VAL C 496 40.88 -17.80 74.02
N TYR C 497 40.40 -18.97 73.60
CA TYR C 497 40.13 -20.08 74.50
C TYR C 497 41.23 -21.12 74.34
N THR C 498 41.84 -21.49 75.47
CA THR C 498 42.92 -22.46 75.42
C THR C 498 42.42 -23.87 75.12
N THR C 499 41.29 -24.26 75.71
CA THR C 499 40.77 -25.60 75.55
C THR C 499 39.28 -25.58 75.24
N ALA C 500 38.74 -26.78 75.03
CA ALA C 500 37.32 -26.95 74.79
C ALA C 500 36.48 -26.54 75.99
N ALA C 501 37.00 -26.76 77.21
CA ALA C 501 36.30 -26.30 78.41
C ALA C 501 36.19 -24.79 78.44
N HIS C 502 37.28 -24.09 78.06
CA HIS C 502 37.25 -22.64 77.93
C HIS C 502 36.27 -22.18 76.88
N PHE C 503 36.19 -22.91 75.75
CA PHE C 503 35.19 -22.59 74.75
C PHE C 503 33.78 -22.85 75.26
N ALA C 504 33.62 -23.90 76.09
CA ALA C 504 32.32 -24.27 76.65
C ALA C 504 31.79 -23.20 77.59
N GLU C 505 32.68 -22.59 78.40
CA GLU C 505 32.25 -21.61 79.40
C GLU C 505 31.64 -20.35 78.80
N TYR C 506 31.82 -20.11 77.51
CA TYR C 506 31.23 -18.95 76.85
C TYR C 506 30.28 -19.33 75.73
N ALA C 507 30.66 -20.30 74.90
CA ALA C 507 29.86 -20.72 73.75
C ALA C 507 28.81 -21.76 74.13
N GLY C 508 29.16 -22.75 74.92
CA GLY C 508 28.24 -23.81 75.27
C GLY C 508 28.83 -25.19 75.12
N GLU C 509 28.20 -26.18 75.75
CA GLU C 509 28.69 -27.55 75.70
C GLU C 509 28.62 -28.14 74.29
N GLU C 510 27.52 -27.88 73.57
CA GLU C 510 27.32 -28.44 72.24
C GLU C 510 28.35 -27.94 71.22
N ALA C 511 28.91 -26.76 71.43
CA ALA C 511 29.95 -26.24 70.55
C ALA C 511 31.35 -26.58 71.00
N ALA C 512 31.53 -27.06 72.24
CA ALA C 512 32.86 -27.33 72.78
C ALA C 512 33.57 -28.46 72.04
N GLU C 513 32.84 -29.52 71.71
CA GLU C 513 33.43 -30.68 71.03
C GLU C 513 33.94 -30.31 69.63
N SER C 514 33.18 -29.51 68.90
CA SER C 514 33.54 -29.12 67.54
C SER C 514 34.69 -28.11 67.45
N TRP C 515 35.14 -27.57 68.59
CA TRP C 515 36.21 -26.57 68.61
C TRP C 515 37.51 -27.09 68.00
N LYS C 516 37.90 -28.31 68.35
CA LYS C 516 39.12 -28.89 67.80
C LYS C 516 38.99 -29.11 66.31
N GLU C 517 37.84 -29.63 65.88
CA GLU C 517 37.62 -29.95 64.48
C GLU C 517 37.66 -28.68 63.63
N ILE C 518 37.00 -27.61 64.12
CA ILE C 518 36.94 -26.40 63.32
C ILE C 518 38.32 -25.76 63.22
N VAL C 519 39.09 -25.70 64.33
CA VAL C 519 40.40 -25.05 64.25
C VAL C 519 41.36 -25.84 63.36
N ASN C 520 41.26 -27.19 63.36
CA ASN C 520 42.02 -27.98 62.38
C ASN C 520 41.58 -27.68 60.95
N LEU C 521 40.27 -27.58 60.71
CA LEU C 521 39.77 -27.31 59.37
C LEU C 521 40.20 -25.93 58.89
N LEU C 522 40.19 -24.94 59.79
CA LEU C 522 40.60 -23.59 59.44
C LEU C 522 42.07 -23.56 59.04
N TYR C 523 42.92 -24.30 59.77
CA TYR C 523 44.33 -24.35 59.39
C TYR C 523 44.51 -25.02 58.03
N GLU C 524 43.76 -26.11 57.79
CA GLU C 524 43.88 -26.83 56.52
C GLU C 524 43.48 -25.95 55.34
N LEU C 525 42.33 -25.27 55.46
CA LEU C 525 41.89 -24.39 54.38
C LEU C 525 42.85 -23.22 54.20
N LEU C 526 43.41 -22.70 55.31
CA LEU C 526 44.36 -21.60 55.22
C LEU C 526 45.59 -22.00 54.41
N ALA C 527 46.11 -23.20 54.69
CA ALA C 527 47.23 -23.74 53.92
C ALA C 527 46.85 -23.94 52.46
N SER C 528 45.64 -24.45 52.21
CA SER C 528 45.17 -24.61 50.83
C SER C 528 45.01 -23.28 50.12
N LEU C 529 44.61 -22.23 50.85
CA LEU C 529 44.51 -20.88 50.28
C LEU C 529 45.86 -20.34 49.88
N ILE C 530 46.89 -20.57 50.69
CA ILE C 530 48.14 -19.84 50.48
C ILE C 530 49.21 -20.65 49.79
N ARG C 531 49.04 -21.97 49.66
CA ARG C 531 50.07 -22.86 49.11
C ARG C 531 50.47 -22.51 47.68
N GLY C 532 51.73 -22.09 47.51
CA GLY C 532 52.25 -21.77 46.19
C GLY C 532 51.90 -20.40 45.66
N ASN C 533 51.34 -19.52 46.49
CA ASN C 533 50.92 -18.20 46.06
C ASN C 533 51.99 -17.16 46.39
N ARG C 534 52.48 -16.48 45.36
CA ARG C 534 53.53 -15.49 45.53
C ARG C 534 53.05 -14.29 46.34
N ALA C 535 51.91 -13.72 45.94
CA ALA C 535 51.42 -12.52 46.61
C ALA C 535 50.82 -12.87 47.97
N ASN C 536 50.04 -13.97 48.04
CA ASN C 536 49.35 -14.30 49.28
C ASN C 536 50.36 -14.68 50.35
N CYS C 537 51.41 -15.42 49.94
CA CYS C 537 52.49 -15.74 50.87
C CYS C 537 53.22 -14.48 51.30
N ALA C 538 53.42 -13.54 50.37
CA ALA C 538 54.05 -12.27 50.73
C ALA C 538 53.19 -11.46 51.71
N LEU C 539 51.88 -11.68 51.72
CA LEU C 539 51.01 -10.95 52.66
C LEU C 539 51.24 -11.34 54.11
N PHE C 540 51.89 -12.46 54.38
CA PHE C 540 52.16 -12.89 55.75
C PHE C 540 53.45 -12.34 56.30
N SER C 541 54.20 -11.56 55.53
CA SER C 541 55.42 -10.94 56.05
C SER C 541 55.12 -9.86 57.08
N THR C 542 53.89 -9.34 57.09
CA THR C 542 53.51 -8.30 58.06
C THR C 542 53.17 -8.91 59.42
N ASN C 543 52.54 -10.08 59.43
CA ASN C 543 52.11 -10.71 60.68
C ASN C 543 52.81 -12.04 60.93
N LEU C 544 54.13 -12.06 60.74
CA LEU C 544 54.91 -13.28 60.98
C LEU C 544 54.81 -13.70 62.44
N ASP C 545 54.92 -12.74 63.36
CA ASP C 545 54.81 -13.06 64.77
C ASP C 545 53.42 -13.54 65.17
N TRP C 546 52.41 -13.21 64.36
CA TRP C 546 51.04 -13.66 64.65
C TRP C 546 50.94 -15.18 64.59
N VAL C 547 51.45 -15.79 63.51
CA VAL C 547 51.49 -17.25 63.44
C VAL C 547 52.51 -17.82 64.41
N VAL C 548 53.65 -17.11 64.62
CA VAL C 548 54.66 -17.59 65.57
C VAL C 548 54.10 -17.65 67.00
N SER C 549 53.20 -16.75 67.35
CA SER C 549 52.59 -16.73 68.69
C SER C 549 51.80 -17.99 69.04
N LYS C 550 51.36 -18.77 68.06
CA LYS C 550 50.48 -19.91 68.31
C LYS C 550 51.16 -21.26 68.21
N LEU C 551 52.49 -21.33 68.09
CA LEU C 551 53.18 -22.61 68.01
C LEU C 551 53.07 -23.40 69.32
N ASP C 552 52.98 -22.70 70.45
CA ASP C 552 52.89 -23.36 71.75
C ASP C 552 51.58 -24.12 71.93
N ARG C 553 50.53 -23.76 71.19
CA ARG C 553 49.23 -24.39 71.33
C ARG C 553 49.32 -25.86 70.90
N LEU C 554 48.53 -26.70 71.57
CA LEU C 554 48.55 -28.14 71.32
C LEU C 554 47.37 -28.63 70.50
N GLU C 555 46.35 -27.79 70.29
CA GLU C 555 45.16 -28.21 69.56
C GLU C 555 45.46 -28.51 68.09
N ALA C 556 46.26 -27.67 67.44
CA ALA C 556 46.58 -27.86 66.03
C ALA C 556 47.98 -27.31 65.77
N SER C 557 48.98 -28.18 65.83
CA SER C 557 50.35 -27.84 65.51
C SER C 557 50.73 -28.14 64.06
N SER C 558 50.24 -29.28 63.55
CA SER C 558 50.53 -29.69 62.18
C SER C 558 50.00 -28.71 61.15
N GLY C 559 48.77 -28.22 61.36
CA GLY C 559 48.18 -27.28 60.40
C GLY C 559 48.94 -25.97 60.30
N ILE C 560 49.26 -25.38 61.45
CA ILE C 560 49.98 -24.11 61.46
C ILE C 560 51.41 -24.31 60.96
N LEU C 561 52.03 -25.46 61.29
CA LEU C 561 53.35 -25.78 60.77
C LEU C 561 53.35 -25.90 59.25
N GLU C 562 52.30 -26.53 58.69
CA GLU C 562 52.14 -26.58 57.25
C GLU C 562 51.95 -25.20 56.63
N VAL C 563 51.18 -24.34 57.30
CA VAL C 563 51.00 -22.95 56.86
C VAL C 563 52.34 -22.22 56.82
N LEU C 564 53.14 -22.41 57.87
CA LEU C 564 54.48 -21.82 57.93
C LEU C 564 55.36 -22.36 56.81
N TYR C 565 55.27 -23.67 56.55
CA TYR C 565 56.11 -24.27 55.52
C TYR C 565 55.76 -23.74 54.14
N CYS C 566 54.45 -23.60 53.86
CA CYS C 566 54.01 -23.05 52.57
C CYS C 566 54.49 -21.62 52.39
N VAL C 567 54.44 -20.81 53.45
CA VAL C 567 54.94 -19.44 53.35
C VAL C 567 56.45 -19.45 53.10
N LEU C 568 57.17 -20.31 53.84
CA LEU C 568 58.63 -20.35 53.78
C LEU C 568 59.14 -20.78 52.43
N ILE C 569 58.50 -21.77 51.81
CA ILE C 569 59.00 -22.29 50.53
C ILE C 569 58.65 -21.39 49.37
N GLU C 570 57.97 -20.27 49.62
CA GLU C 570 57.48 -19.38 48.58
C GLU C 570 58.12 -18.01 48.66
N SER C 571 58.09 -17.35 49.81
CA SER C 571 58.52 -15.95 49.84
C SER C 571 59.82 -15.68 50.59
N PRO C 572 60.91 -15.37 49.90
CA PRO C 572 62.16 -14.99 50.60
C PRO C 572 62.06 -13.70 51.40
N GLU C 573 61.12 -12.80 51.04
CA GLU C 573 60.97 -11.58 51.79
C GLU C 573 60.46 -11.86 53.19
N VAL C 574 59.67 -12.93 53.37
CA VAL C 574 59.27 -13.37 54.69
C VAL C 574 60.48 -13.86 55.47
N LEU C 575 61.42 -14.52 54.78
CA LEU C 575 62.69 -14.95 55.39
C LEU C 575 63.49 -13.75 55.89
N ASN C 576 63.39 -12.61 55.21
CA ASN C 576 64.12 -11.43 55.67
C ASN C 576 63.57 -10.83 56.96
N ILE C 577 62.37 -11.24 57.39
CA ILE C 577 61.76 -10.70 58.61
C ILE C 577 62.10 -11.54 59.85
N ILE C 578 62.74 -12.69 59.67
CA ILE C 578 63.03 -13.60 60.78
C ILE C 578 63.99 -12.94 61.78
N GLN C 579 63.68 -13.11 63.06
CA GLN C 579 64.42 -12.50 64.16
C GLN C 579 64.68 -13.57 65.21
N GLU C 580 65.68 -13.31 66.07
CA GLU C 580 66.30 -14.31 66.94
C GLU C 580 65.32 -14.97 67.92
N ASN C 581 64.23 -14.29 68.28
CA ASN C 581 63.23 -14.93 69.14
C ASN C 581 62.47 -16.04 68.40
N HIS C 582 62.22 -15.83 67.10
CA HIS C 582 61.45 -16.77 66.29
C HIS C 582 62.16 -18.11 66.18
N ILE C 583 63.47 -18.08 65.93
CA ILE C 583 64.22 -19.29 65.69
C ILE C 583 64.30 -20.13 66.96
N LYS C 584 64.51 -19.46 68.11
CA LYS C 584 64.48 -20.14 69.40
C LYS C 584 63.11 -20.76 69.66
N SER C 585 62.04 -20.08 69.21
CA SER C 585 60.70 -20.67 69.30
C SER C 585 60.59 -21.94 68.44
N ILE C 586 61.18 -21.91 67.24
CA ILE C 586 61.21 -23.10 66.38
C ILE C 586 61.95 -24.24 67.07
N ILE C 587 63.08 -23.92 67.70
CA ILE C 587 63.83 -24.90 68.48
C ILE C 587 62.98 -25.44 69.62
N SER C 588 62.15 -24.58 70.23
CA SER C 588 61.24 -25.01 71.28
C SER C 588 60.22 -26.02 70.75
N LEU C 589 59.85 -25.92 69.47
CA LEU C 589 58.97 -26.95 68.88
C LEU C 589 59.61 -28.33 68.98
N LEU C 590 60.90 -28.41 68.63
CA LEU C 590 61.65 -29.65 68.73
C LEU C 590 61.75 -30.12 70.17
N ASP C 591 61.96 -29.18 71.09
CA ASP C 591 62.13 -29.55 72.50
C ASP C 591 60.80 -29.96 73.15
N LYS C 592 59.67 -29.48 72.64
CA LYS C 592 58.38 -29.75 73.23
C LYS C 592 57.53 -30.76 72.46
N HIS C 593 57.90 -31.13 71.25
CA HIS C 593 57.07 -32.01 70.44
C HIS C 593 57.80 -33.23 69.91
N GLY C 594 58.99 -33.53 70.43
CA GLY C 594 59.72 -34.70 69.97
C GLY C 594 60.43 -34.47 68.66
N ARG C 595 61.03 -35.56 68.17
CA ARG C 595 61.83 -35.53 66.95
C ARG C 595 60.93 -35.56 65.72
N ASN C 596 60.35 -34.40 65.42
CA ASN C 596 59.50 -34.22 64.26
C ASN C 596 60.39 -33.65 63.15
N HIS C 597 60.63 -34.44 62.10
CA HIS C 597 61.50 -34.02 61.00
C HIS C 597 60.90 -32.87 60.19
N LYS C 598 59.60 -32.62 60.30
CA LYS C 598 59.01 -31.43 59.68
C LYS C 598 59.61 -30.15 60.24
N VAL C 599 59.98 -30.15 61.52
CA VAL C 599 60.66 -28.99 62.11
C VAL C 599 62.01 -28.77 61.42
N LEU C 600 62.72 -29.87 61.14
CA LEU C 600 63.98 -29.79 60.42
C LEU C 600 63.76 -29.25 59.01
N ASP C 601 62.68 -29.70 58.36
CA ASP C 601 62.32 -29.18 57.04
C ASP C 601 62.04 -27.68 57.07
N VAL C 602 61.40 -27.22 58.15
CA VAL C 602 61.17 -25.79 58.36
C VAL C 602 62.49 -25.06 58.48
N LEU C 603 63.42 -25.62 59.27
CA LEU C 603 64.75 -25.02 59.41
C LEU C 603 65.51 -25.01 58.08
N CYS C 604 65.38 -26.08 57.30
CA CYS C 604 66.00 -26.16 55.98
C CYS C 604 65.45 -25.08 55.06
N SER C 605 64.14 -24.84 55.12
CA SER C 605 63.57 -23.75 54.35
C SER C 605 64.02 -22.40 54.90
N LEU C 606 64.29 -22.34 56.22
CA LEU C 606 64.74 -21.10 56.85
C LEU C 606 66.12 -20.71 56.37
N CYS C 607 66.95 -21.69 56.00
CA CYS C 607 68.33 -21.35 55.62
C CYS C 607 68.37 -20.63 54.27
N VAL C 608 67.94 -21.30 53.21
CA VAL C 608 68.10 -20.81 51.84
C VAL C 608 66.72 -20.73 51.19
N CYS C 609 66.45 -19.60 50.54
CA CYS C 609 65.24 -19.43 49.74
C CYS C 609 65.63 -18.89 48.38
N ASN C 610 65.07 -19.50 47.32
CA ASN C 610 65.34 -19.17 45.92
C ASN C 610 66.82 -19.24 45.57
N GLY C 611 67.54 -20.18 46.21
CA GLY C 611 68.97 -20.32 45.99
C GLY C 611 69.79 -19.16 46.48
N VAL C 612 69.27 -18.36 47.40
CA VAL C 612 69.96 -17.19 47.94
C VAL C 612 70.32 -17.49 49.39
N ALA C 613 71.61 -17.39 49.70
CA ALA C 613 72.06 -17.65 51.06
C ALA C 613 71.72 -16.50 51.98
N VAL C 614 71.25 -16.84 53.18
CA VAL C 614 70.97 -15.86 54.23
C VAL C 614 71.91 -16.20 55.37
N ARG C 615 73.07 -15.54 55.37
CA ARG C 615 74.11 -15.86 56.35
C ARG C 615 73.69 -15.49 57.75
N SER C 616 72.83 -14.48 57.92
CA SER C 616 72.36 -14.07 59.24
C SER C 616 71.57 -15.19 59.88
N ASN C 617 70.67 -15.81 59.12
CA ASN C 617 69.88 -16.89 59.67
C ASN C 617 70.72 -18.14 59.86
N GLN C 618 71.66 -18.41 58.94
CA GLN C 618 72.49 -19.61 59.08
C GLN C 618 73.33 -19.52 60.35
N ASP C 619 73.89 -18.33 60.63
CA ASP C 619 74.63 -18.10 61.86
C ASP C 619 73.74 -18.26 63.09
N LEU C 620 72.48 -17.79 63.00
CA LEU C 620 71.59 -17.96 64.15
C LEU C 620 71.27 -19.44 64.39
N ILE C 621 71.12 -20.22 63.31
CA ILE C 621 70.82 -21.65 63.46
C ILE C 621 71.98 -22.37 64.13
N THR C 622 73.20 -22.11 63.66
CA THR C 622 74.33 -22.80 64.28
C THR C 622 74.65 -22.24 65.66
N GLU C 623 74.28 -20.99 65.94
CA GLU C 623 74.56 -20.43 67.25
C GLU C 623 73.61 -20.99 68.29
N ASN C 624 72.32 -21.05 67.96
CA ASN C 624 71.30 -21.42 68.93
C ASN C 624 71.00 -22.92 68.94
N LEU C 625 71.57 -23.70 68.02
CA LEU C 625 71.21 -25.11 67.97
C LEU C 625 72.39 -26.03 68.17
N LEU C 626 73.52 -25.76 67.51
CA LEU C 626 74.60 -26.75 67.45
C LEU C 626 75.37 -26.94 68.75
N PRO C 627 76.00 -25.91 69.37
CA PRO C 627 76.97 -26.19 70.47
C PRO C 627 76.41 -26.88 71.69
N GLY C 628 75.12 -26.74 71.97
CA GLY C 628 74.52 -27.45 73.09
C GLY C 628 74.57 -28.96 72.94
N ARG C 629 74.32 -29.45 71.72
CA ARG C 629 74.32 -30.87 71.36
C ARG C 629 73.35 -31.68 72.22
N GLU C 630 72.12 -31.18 72.34
CA GLU C 630 71.14 -31.84 73.20
C GLU C 630 69.87 -32.25 72.46
N LEU C 631 69.47 -31.54 71.41
CA LEU C 631 68.26 -31.86 70.68
C LEU C 631 68.52 -32.69 69.44
N LEU C 632 69.78 -32.91 69.10
CA LEU C 632 70.13 -33.64 67.88
C LEU C 632 71.04 -34.80 68.25
N LEU C 633 70.93 -35.86 67.46
CA LEU C 633 71.73 -37.07 67.69
C LEU C 633 73.22 -36.79 67.50
N GLN C 634 74.03 -37.42 68.34
CA GLN C 634 75.47 -37.25 68.32
C GLN C 634 76.14 -38.51 67.79
N THR C 635 77.11 -38.34 66.89
CA THR C 635 77.80 -39.45 66.23
C THR C 635 79.29 -39.37 66.51
N ASN C 636 79.90 -40.55 66.64
CA ASN C 636 81.35 -40.70 66.87
C ASN C 636 81.72 -42.16 66.65
N LEU C 637 83.01 -42.39 66.41
CA LEU C 637 83.57 -43.72 66.20
C LEU C 637 84.03 -44.32 67.53
N ILE C 638 83.59 -45.54 67.83
CA ILE C 638 83.90 -46.20 69.09
C ILE C 638 84.51 -47.57 68.80
N ASN C 639 85.63 -47.87 69.44
CA ASN C 639 86.23 -49.19 69.32
C ASN C 639 85.42 -50.22 70.09
N TYR C 640 85.46 -51.46 69.61
CA TYR C 640 84.77 -52.54 70.31
C TYR C 640 85.49 -52.86 71.60
N VAL C 641 84.71 -53.22 72.62
CA VAL C 641 85.23 -53.54 73.95
C VAL C 641 84.58 -54.83 74.40
N THR C 642 85.38 -55.77 74.90
CA THR C 642 84.84 -57.04 75.36
C THR C 642 85.54 -57.45 76.65
N SER C 643 84.93 -58.42 77.34
CA SER C 643 85.44 -58.89 78.62
C SER C 643 85.65 -60.39 78.60
N ILE C 644 86.72 -60.82 79.26
CA ILE C 644 87.11 -62.23 79.36
C ILE C 644 87.22 -62.59 80.82
N ARG C 645 86.63 -63.73 81.20
CA ARG C 645 86.61 -64.17 82.58
C ARG C 645 87.04 -65.64 82.68
N PRO C 646 87.65 -66.02 83.79
CA PRO C 646 87.76 -67.44 84.12
C PRO C 646 86.46 -67.92 84.74
N ASN C 647 86.25 -69.23 84.69
CA ASN C 647 85.04 -69.83 85.25
C ASN C 647 85.19 -70.05 86.76
N ILE C 648 85.38 -68.96 87.49
CA ILE C 648 85.45 -68.97 88.94
C ILE C 648 84.33 -68.06 89.45
N PHE C 649 83.43 -68.64 90.24
CA PHE C 649 82.26 -67.93 90.75
C PHE C 649 82.28 -67.98 92.27
N VAL C 650 82.27 -66.81 92.91
CA VAL C 650 82.29 -66.70 94.36
C VAL C 650 81.13 -65.81 94.81
N GLY C 651 80.51 -66.17 95.92
CA GLY C 651 79.41 -65.40 96.44
C GLY C 651 79.13 -65.78 97.88
N ARG C 652 78.11 -65.14 98.44
CA ARG C 652 77.72 -65.39 99.82
C ARG C 652 76.24 -65.73 99.91
N ALA C 653 75.92 -66.63 100.83
CA ALA C 653 74.54 -67.01 101.13
C ALA C 653 74.51 -67.55 102.55
N GLU C 654 73.30 -67.57 103.12
CA GLU C 654 73.11 -68.08 104.48
C GLU C 654 73.37 -69.59 104.47
N GLY C 655 74.47 -70.00 105.10
CA GLY C 655 74.87 -71.39 105.06
C GLY C 655 75.49 -71.83 103.76
N SER C 656 76.09 -70.90 103.01
CA SER C 656 76.74 -71.24 101.75
C SER C 656 78.01 -72.05 102.01
N THR C 657 78.36 -72.89 101.04
CA THR C 657 79.52 -73.75 101.12
C THR C 657 80.75 -73.13 100.46
N GLN C 658 80.84 -71.81 100.44
CA GLN C 658 81.96 -71.11 99.82
C GLN C 658 82.60 -70.15 100.79
N TYR C 659 83.89 -69.91 100.58
CA TYR C 659 84.63 -68.89 101.29
C TYR C 659 84.34 -67.52 100.71
N GLY C 660 84.57 -66.49 101.52
CA GLY C 660 84.20 -65.15 101.11
C GLY C 660 85.34 -64.19 100.87
N LYS C 661 86.58 -64.65 101.02
CA LYS C 661 87.75 -63.82 100.83
C LYS C 661 88.64 -64.44 99.77
N TRP C 662 88.86 -63.70 98.68
CA TRP C 662 89.56 -64.26 97.53
C TRP C 662 90.54 -63.26 96.96
N TYR C 663 91.51 -63.79 96.22
CA TYR C 663 92.63 -62.99 95.74
C TYR C 663 93.08 -63.51 94.38
N PHE C 664 93.32 -62.57 93.46
CA PHE C 664 93.90 -62.88 92.15
C PHE C 664 94.58 -61.62 91.64
N GLU C 665 95.41 -61.79 90.62
CA GLU C 665 96.19 -60.69 90.08
C GLU C 665 96.14 -60.71 88.56
N VAL C 666 96.44 -59.54 87.98
CA VAL C 666 96.53 -59.37 86.55
C VAL C 666 97.89 -58.75 86.21
N MET C 667 98.62 -59.42 85.31
CA MET C 667 99.92 -58.97 84.82
C MET C 667 99.74 -58.33 83.45
N VAL C 668 100.04 -57.05 83.34
CA VAL C 668 99.93 -56.33 82.08
C VAL C 668 101.24 -56.49 81.32
N ASP C 669 101.19 -57.11 80.14
CA ASP C 669 102.41 -57.40 79.40
C ASP C 669 102.67 -56.36 78.31
N GLU C 670 101.72 -56.17 77.39
CA GLU C 670 101.89 -55.24 76.27
C GLU C 670 100.59 -54.48 76.05
N VAL C 671 100.70 -53.15 75.95
CA VAL C 671 99.57 -52.26 75.69
C VAL C 671 99.94 -51.30 74.57
N VAL C 672 99.09 -51.24 73.55
CA VAL C 672 99.26 -50.28 72.46
C VAL C 672 98.63 -48.97 72.94
N PRO C 673 99.38 -47.86 72.93
CA PRO C 673 98.81 -46.58 73.41
C PRO C 673 97.63 -46.09 72.59
N PHE C 674 97.81 -45.95 71.27
CA PHE C 674 96.74 -45.48 70.39
C PHE C 674 96.83 -46.27 69.09
N LEU C 675 96.10 -47.37 69.02
CA LEU C 675 95.94 -48.07 67.76
C LEU C 675 94.96 -47.34 66.85
N THR C 676 93.95 -46.70 67.43
CA THR C 676 93.00 -45.88 66.69
C THR C 676 92.85 -44.53 67.37
N ALA C 677 91.87 -43.73 66.92
CA ALA C 677 91.61 -42.43 67.53
C ALA C 677 91.16 -42.58 68.98
N GLN C 678 90.29 -43.57 69.25
CA GLN C 678 89.81 -43.80 70.60
C GLN C 678 90.96 -44.29 71.49
N ALA C 679 90.98 -43.80 72.73
CA ALA C 679 92.00 -44.20 73.68
C ALA C 679 91.86 -45.68 74.04
N THR C 680 93.00 -46.31 74.34
CA THR C 680 93.03 -47.72 74.70
C THR C 680 92.23 -47.96 75.98
N HIS C 681 91.40 -48.99 75.96
CA HIS C 681 90.53 -49.34 77.08
C HIS C 681 91.00 -50.64 77.69
N LEU C 682 91.21 -50.63 79.00
CA LEU C 682 91.60 -51.82 79.74
C LEU C 682 91.28 -51.58 81.21
N ARG C 683 90.33 -52.35 81.74
CA ARG C 683 89.92 -52.24 83.14
C ARG C 683 89.90 -53.62 83.77
N VAL C 684 90.22 -53.66 85.06
CA VAL C 684 90.29 -54.90 85.84
C VAL C 684 89.41 -54.73 87.06
N GLY C 685 88.61 -55.75 87.37
CA GLY C 685 87.77 -55.70 88.54
C GLY C 685 86.83 -56.87 88.61
N TRP C 686 85.80 -56.73 89.45
CA TRP C 686 84.83 -57.77 89.69
C TRP C 686 83.48 -57.38 89.08
N ALA C 687 82.64 -58.39 88.85
CA ALA C 687 81.32 -58.18 88.31
C ALA C 687 80.38 -59.25 88.85
N LEU C 688 79.12 -59.18 88.45
CA LEU C 688 78.03 -59.92 89.08
C LEU C 688 77.19 -60.63 88.02
N THR C 689 76.88 -61.92 88.23
CA THR C 689 76.19 -62.73 87.23
C THR C 689 74.68 -62.47 87.13
N GLU C 690 74.15 -61.40 87.70
CA GLU C 690 72.71 -61.19 87.65
C GLU C 690 72.37 -59.83 87.02
N GLY C 691 72.92 -59.57 85.84
CA GLY C 691 72.64 -58.34 85.13
C GLY C 691 73.80 -57.78 84.34
N TYR C 692 75.02 -58.18 84.67
CA TYR C 692 76.19 -57.73 83.91
C TYR C 692 76.27 -58.54 82.64
N SER C 693 75.72 -58.01 81.55
CA SER C 693 75.77 -58.65 80.25
C SER C 693 76.27 -57.63 79.23
N PRO C 694 77.59 -57.43 79.15
CA PRO C 694 78.16 -56.46 78.20
C PRO C 694 78.14 -56.96 76.75
N TYR C 695 76.99 -56.78 76.12
CA TYR C 695 76.80 -57.18 74.74
C TYR C 695 77.70 -56.35 73.81
N PRO C 696 78.20 -56.96 72.73
CA PRO C 696 79.04 -56.22 71.79
C PRO C 696 78.29 -55.12 71.08
N GLY C 697 79.02 -54.05 70.74
CA GLY C 697 78.45 -52.93 70.02
C GLY C 697 78.21 -51.74 70.93
N GLY C 698 77.24 -50.90 70.55
CA GLY C 698 76.90 -49.74 71.34
C GLY C 698 76.01 -50.07 72.52
N GLY C 699 75.68 -49.03 73.27
CA GLY C 699 74.84 -49.21 74.44
C GLY C 699 74.78 -47.96 75.30
N GLU C 700 74.95 -48.13 76.61
CA GLU C 700 74.85 -47.01 77.53
C GLU C 700 76.01 -46.03 77.35
N GLY C 701 75.69 -44.75 77.52
CA GLY C 701 76.69 -43.70 77.33
C GLY C 701 77.11 -43.63 75.88
N TRP C 702 78.42 -43.73 75.65
CA TRP C 702 78.97 -43.73 74.30
C TRP C 702 79.45 -45.12 73.89
N GLY C 703 78.90 -46.16 74.50
CA GLY C 703 79.27 -47.52 74.15
C GLY C 703 80.62 -47.91 74.71
N GLY C 704 81.15 -49.00 74.15
CA GLY C 704 82.40 -49.58 74.61
C GLY C 704 82.35 -50.01 76.07
N ASN C 705 81.20 -50.54 76.49
CA ASN C 705 80.98 -50.83 77.90
C ASN C 705 81.69 -52.11 78.33
N GLY C 706 82.29 -52.06 79.51
CA GLY C 706 82.93 -53.21 80.10
C GLY C 706 82.70 -53.29 81.59
N VAL C 707 83.76 -53.46 82.37
CA VAL C 707 83.65 -53.47 83.81
C VAL C 707 83.60 -52.03 84.32
N GLY C 708 82.68 -51.77 85.25
CA GLY C 708 82.49 -50.46 85.81
C GLY C 708 81.53 -49.57 85.05
N ASP C 709 80.98 -50.04 83.93
CA ASP C 709 80.02 -49.27 83.17
C ASP C 709 78.60 -49.38 83.71
N ASP C 710 78.39 -50.20 84.74
CA ASP C 710 77.10 -50.32 85.41
C ASP C 710 77.35 -50.83 86.83
N LEU C 711 76.30 -50.78 87.64
CA LEU C 711 76.41 -51.20 89.04
C LEU C 711 76.65 -52.70 89.22
N TYR C 712 76.48 -53.50 88.17
CA TYR C 712 76.76 -54.92 88.25
C TYR C 712 78.24 -55.24 88.03
N SER C 713 79.08 -54.23 87.88
CA SER C 713 80.51 -54.40 87.72
C SER C 713 81.24 -53.27 88.41
N TYR C 714 82.51 -53.49 88.72
CA TYR C 714 83.31 -52.50 89.46
C TYR C 714 84.72 -52.55 88.88
N GLY C 715 85.13 -51.48 88.20
CA GLY C 715 86.37 -51.46 87.47
C GLY C 715 87.36 -50.42 87.98
N PHE C 716 88.54 -50.42 87.35
CA PHE C 716 89.62 -49.54 87.74
C PHE C 716 90.60 -49.46 86.59
N ASP C 717 91.01 -48.23 86.23
CA ASP C 717 91.77 -47.99 85.01
C ASP C 717 93.18 -47.46 85.27
N GLY C 718 93.70 -47.65 86.48
CA GLY C 718 94.99 -47.12 86.84
C GLY C 718 94.97 -45.73 87.41
N LEU C 719 93.88 -44.98 87.21
CA LEU C 719 93.74 -43.66 87.79
C LEU C 719 92.39 -43.40 88.45
N HIS C 720 91.34 -44.13 88.09
CA HIS C 720 90.01 -43.91 88.65
C HIS C 720 89.33 -45.24 88.93
N LEU C 721 88.47 -45.23 89.93
CA LEU C 721 87.58 -46.37 90.15
C LEU C 721 86.39 -46.24 89.22
N TRP C 722 85.92 -47.37 88.69
CA TRP C 722 84.81 -47.39 87.75
C TRP C 722 83.65 -48.15 88.34
N THR C 723 82.47 -47.53 88.32
CA THR C 723 81.21 -48.09 88.75
C THR C 723 80.09 -47.20 88.25
N GLY C 724 79.04 -47.83 87.72
CA GLY C 724 77.86 -47.14 87.20
C GLY C 724 78.16 -46.14 86.10
N HIS C 725 79.08 -46.49 85.20
CA HIS C 725 79.53 -45.65 84.06
C HIS C 725 80.10 -44.31 84.54
N VAL C 726 80.67 -44.29 85.74
CA VAL C 726 81.23 -43.09 86.35
C VAL C 726 82.65 -43.42 86.83
N ALA C 727 83.60 -42.57 86.49
CA ALA C 727 84.98 -42.71 86.94
C ALA C 727 85.23 -41.74 88.10
N ARG C 728 85.70 -42.28 89.22
CA ARG C 728 85.97 -41.48 90.40
C ARG C 728 87.44 -41.62 90.79
N PRO C 729 88.14 -40.50 91.04
CA PRO C 729 89.60 -40.56 91.28
C PRO C 729 90.01 -41.37 92.51
N VAL C 730 91.14 -42.06 92.36
CA VAL C 730 91.75 -42.82 93.45
C VAL C 730 93.20 -42.39 93.62
N THR C 731 93.60 -42.15 94.86
CA THR C 731 94.99 -41.81 95.15
C THR C 731 95.83 -43.08 95.06
N SER C 732 96.91 -43.03 94.29
CA SER C 732 97.80 -44.16 94.18
C SER C 732 99.24 -43.70 94.30
N PRO C 733 100.13 -44.55 94.85
CA PRO C 733 101.54 -44.17 94.96
C PRO C 733 102.25 -44.16 93.62
N GLY C 734 102.08 -43.08 92.86
CA GLY C 734 102.62 -43.01 91.52
C GLY C 734 101.58 -43.38 90.49
N GLN C 735 100.40 -42.76 90.61
CA GLN C 735 99.25 -43.09 89.77
C GLN C 735 99.53 -42.76 88.30
N HIS C 736 99.19 -43.72 87.43
CA HIS C 736 99.27 -43.54 85.99
C HIS C 736 98.34 -44.56 85.35
N LEU C 737 98.06 -44.34 84.07
CA LEU C 737 97.22 -45.25 83.30
C LEU C 737 97.91 -46.62 83.20
N LEU C 738 97.10 -47.68 83.04
CA LEU C 738 97.60 -49.04 83.00
C LEU C 738 98.55 -49.24 81.82
N ALA C 739 99.82 -49.40 82.16
CA ALA C 739 100.94 -49.49 81.25
C ALA C 739 101.53 -50.90 81.30
N PRO C 740 102.35 -51.29 80.30
CA PRO C 740 103.02 -52.59 80.37
C PRO C 740 103.90 -52.74 81.61
N GLU C 741 103.97 -53.99 82.09
CA GLU C 741 104.66 -54.37 83.34
C GLU C 741 104.00 -53.70 84.54
N ASP C 742 102.69 -53.94 84.67
CA ASP C 742 101.88 -53.49 85.78
C ASP C 742 101.20 -54.70 86.42
N VAL C 743 101.09 -54.65 87.75
CA VAL C 743 100.50 -55.74 88.54
C VAL C 743 99.30 -55.17 89.28
N VAL C 744 98.14 -55.78 89.10
CA VAL C 744 96.93 -55.37 89.81
C VAL C 744 96.43 -56.54 90.64
N SER C 745 96.25 -56.30 91.94
CA SER C 745 95.81 -57.33 92.88
C SER C 745 94.41 -56.99 93.38
N CYS C 746 93.47 -57.92 93.18
CA CYS C 746 92.06 -57.74 93.57
C CYS C 746 91.78 -58.57 94.83
N CYS C 747 91.72 -57.89 95.97
CA CYS C 747 91.42 -58.50 97.26
C CYS C 747 89.93 -58.35 97.52
N LEU C 748 89.19 -59.45 97.53
CA LEU C 748 87.75 -59.42 97.72
C LEU C 748 87.38 -60.03 99.07
N ASP C 749 86.52 -59.35 99.80
CA ASP C 749 85.92 -59.87 101.02
C ASP C 749 84.41 -59.82 100.82
N LEU C 750 83.76 -60.95 101.13
CA LEU C 750 82.32 -61.10 101.06
C LEU C 750 81.65 -61.25 102.43
N SER C 751 82.40 -61.62 103.47
CA SER C 751 81.87 -61.60 104.83
C SER C 751 81.40 -60.20 105.21
N VAL C 752 82.21 -59.20 104.87
CA VAL C 752 81.79 -57.81 104.83
C VAL C 752 82.04 -57.37 103.39
N PRO C 753 81.08 -56.71 102.74
CA PRO C 753 81.29 -56.33 101.33
C PRO C 753 82.41 -55.33 101.11
N SER C 754 83.51 -55.77 100.48
CA SER C 754 84.64 -54.87 100.29
C SER C 754 85.54 -55.40 99.19
N ILE C 755 85.84 -54.54 98.22
CA ILE C 755 86.73 -54.86 97.12
C ILE C 755 87.90 -53.88 97.18
N SER C 756 89.11 -54.42 97.35
CA SER C 756 90.32 -53.64 97.51
C SER C 756 91.26 -53.95 96.36
N PHE C 757 91.89 -52.93 95.81
CA PHE C 757 92.85 -53.11 94.72
C PHE C 757 94.22 -52.64 95.16
N ARG C 758 95.23 -53.20 94.49
CA ARG C 758 96.60 -52.78 94.70
C ARG C 758 97.33 -52.75 93.37
N ILE C 759 98.09 -51.68 93.14
CA ILE C 759 98.88 -51.52 91.93
C ILE C 759 100.34 -51.84 92.25
N ASN C 760 100.84 -52.93 91.63
CA ASN C 760 102.20 -53.47 91.85
C ASN C 760 102.50 -53.72 93.34
N GLY C 761 101.46 -54.06 94.10
CA GLY C 761 101.55 -54.22 95.54
C GLY C 761 101.31 -52.95 96.33
N CYS C 762 101.42 -51.78 95.70
CA CYS C 762 101.11 -50.54 96.39
C CYS C 762 99.60 -50.38 96.52
N PRO C 763 99.09 -49.99 97.69
CA PRO C 763 97.63 -49.95 97.90
C PRO C 763 96.94 -48.90 97.04
N VAL C 764 95.68 -49.19 96.69
CA VAL C 764 94.80 -48.24 96.04
C VAL C 764 93.82 -47.75 97.09
N GLN C 765 93.83 -46.44 97.33
CA GLN C 765 93.16 -45.81 98.47
C GLN C 765 91.67 -45.57 98.21
N GLY C 766 90.97 -46.67 97.97
CA GLY C 766 89.54 -46.65 97.76
C GLY C 766 89.02 -48.07 97.69
N VAL C 767 87.92 -48.34 98.40
CA VAL C 767 87.34 -49.67 98.49
C VAL C 767 85.84 -49.56 98.31
N PHE C 768 85.28 -50.35 97.39
CA PHE C 768 83.84 -50.41 97.23
C PHE C 768 83.22 -51.06 98.46
N GLU C 769 82.11 -50.50 98.94
CA GLU C 769 81.51 -50.96 100.19
C GLU C 769 80.00 -50.93 100.07
N ALA C 770 79.37 -51.74 100.94
CA ALA C 770 77.91 -51.80 101.11
C ALA C 770 77.17 -52.07 99.80
N PHE C 771 77.73 -52.97 99.00
CA PHE C 771 77.10 -53.36 97.74
C PHE C 771 76.31 -54.64 97.91
N ASN C 772 75.47 -54.91 96.91
CA ASN C 772 74.63 -56.10 96.90
C ASN C 772 75.48 -57.36 96.80
N LEU C 773 74.96 -58.45 97.35
CA LEU C 773 75.66 -59.72 97.33
C LEU C 773 74.94 -60.82 96.57
N ASP C 774 73.71 -60.58 96.10
CA ASP C 774 72.99 -61.56 95.31
C ASP C 774 73.72 -61.84 94.00
N GLY C 775 73.82 -63.12 93.67
CA GLY C 775 74.61 -63.56 92.53
C GLY C 775 76.01 -63.95 92.93
N LEU C 776 76.76 -64.45 91.95
CA LEU C 776 78.11 -64.94 92.15
C LEU C 776 79.11 -63.99 91.51
N PHE C 777 79.99 -63.43 92.33
CA PHE C 777 81.02 -62.55 91.81
C PHE C 777 82.09 -63.35 91.08
N PHE C 778 82.78 -62.68 90.15
CA PHE C 778 83.73 -63.41 89.32
C PHE C 778 84.84 -62.49 88.85
N PRO C 779 86.08 -63.00 88.75
CA PRO C 779 87.15 -62.24 88.11
C PRO C 779 86.84 -62.04 86.65
N VAL C 780 87.08 -60.83 86.15
CA VAL C 780 86.74 -60.47 84.77
C VAL C 780 87.58 -59.27 84.37
N VAL C 781 88.05 -59.26 83.12
CA VAL C 781 88.83 -58.15 82.60
C VAL C 781 88.16 -57.62 81.34
N SER C 782 87.97 -56.30 81.27
CA SER C 782 87.42 -55.65 80.10
C SER C 782 88.54 -54.96 79.35
N PHE C 783 88.51 -55.08 78.03
CA PHE C 783 89.62 -54.61 77.22
C PHE C 783 89.15 -54.21 75.83
N SER C 784 89.96 -53.37 75.20
CA SER C 784 89.82 -52.99 73.82
C SER C 784 90.89 -53.73 73.01
N ALA C 785 90.94 -53.44 71.72
CA ALA C 785 91.92 -54.06 70.84
C ALA C 785 93.33 -53.55 71.14
N GLY C 786 94.31 -54.44 71.00
CA GLY C 786 95.71 -54.09 71.21
C GLY C 786 96.19 -54.23 72.63
N VAL C 787 95.82 -55.34 73.28
CA VAL C 787 96.20 -55.62 74.66
C VAL C 787 96.73 -57.05 74.77
N LYS C 788 97.73 -57.23 75.64
CA LYS C 788 98.27 -58.53 76.01
C LYS C 788 98.41 -58.56 77.52
N VAL C 789 97.59 -59.37 78.19
CA VAL C 789 97.57 -59.42 79.65
C VAL C 789 97.61 -60.88 80.07
N ARG C 790 97.79 -61.09 81.38
CA ARG C 790 97.82 -62.42 81.96
C ARG C 790 97.06 -62.40 83.28
N PHE C 791 96.59 -63.59 83.65
CA PHE C 791 95.90 -63.85 84.89
C PHE C 791 96.83 -64.65 85.78
N LEU C 792 97.04 -64.17 87.00
CA LEU C 792 97.75 -64.86 88.06
C LEU C 792 96.72 -65.32 89.08
N LEU C 793 96.62 -66.62 89.29
CA LEU C 793 95.63 -67.19 90.19
C LEU C 793 96.26 -68.01 91.30
N GLY C 794 97.58 -68.08 91.37
CA GLY C 794 98.25 -68.81 92.42
C GLY C 794 98.30 -70.30 92.15
N GLY C 795 99.18 -70.98 92.88
CA GLY C 795 99.33 -72.41 92.72
C GLY C 795 99.85 -72.77 91.34
N ARG C 796 99.14 -73.66 90.67
CA ARG C 796 99.51 -74.08 89.33
C ARG C 796 99.08 -73.07 88.27
N HIS C 797 98.29 -72.07 88.63
CA HIS C 797 97.77 -71.09 87.69
C HIS C 797 98.43 -69.72 87.84
N GLY C 798 99.57 -69.66 88.49
CA GLY C 798 100.25 -68.40 88.69
C GLY C 798 101.08 -68.44 89.97
N GLU C 799 101.81 -67.35 90.20
CA GLU C 799 102.67 -67.25 91.37
C GLU C 799 102.38 -66.05 92.27
N PHE C 800 101.61 -65.07 91.78
CA PHE C 800 101.18 -63.83 92.44
C PHE C 800 102.30 -62.82 92.59
N LYS C 801 103.56 -63.22 92.34
CA LYS C 801 104.77 -62.38 92.41
C LYS C 801 104.92 -61.59 93.74
N PHE C 802 104.17 -61.96 94.76
CA PHE C 802 103.96 -61.19 95.98
C PHE C 802 103.37 -62.14 97.03
N LEU C 803 102.94 -61.57 98.14
CA LEU C 803 102.26 -62.32 99.19
C LEU C 803 100.84 -61.79 99.34
N PRO C 804 99.82 -62.64 99.17
CA PRO C 804 98.44 -62.17 99.32
C PRO C 804 98.16 -61.76 100.75
N PRO C 805 97.26 -60.80 100.96
CA PRO C 805 96.93 -60.38 102.32
C PRO C 805 96.32 -61.52 103.12
N PRO C 806 96.57 -61.57 104.44
CA PRO C 806 96.11 -62.70 105.25
C PRO C 806 94.61 -62.86 105.27
N GLY C 807 94.16 -64.12 105.25
CA GLY C 807 92.77 -64.46 105.22
C GLY C 807 92.15 -64.51 103.84
N TYR C 808 92.87 -64.09 102.80
CA TYR C 808 92.36 -64.09 101.44
C TYR C 808 92.99 -65.25 100.67
N ALA C 809 92.15 -66.06 100.10
CA ALA C 809 92.58 -67.25 99.39
C ALA C 809 92.86 -66.93 97.92
N PRO C 810 93.80 -67.66 97.31
CA PRO C 810 93.97 -67.56 95.85
C PRO C 810 92.70 -67.98 95.12
N CYS C 811 92.38 -67.25 94.04
CA CYS C 811 91.15 -67.50 93.30
C CYS C 811 91.13 -68.84 92.58
N HIS C 812 92.29 -69.45 92.33
CA HIS C 812 92.31 -70.77 91.70
C HIS C 812 91.82 -71.88 92.64
N GLU C 813 91.63 -71.59 93.92
CA GLU C 813 91.15 -72.56 94.89
C GLU C 813 89.64 -72.65 94.92
N ALA C 814 88.94 -71.84 94.13
CA ALA C 814 87.48 -71.83 94.09
C ALA C 814 86.91 -72.71 93.00
N VAL C 815 87.74 -73.46 92.26
CA VAL C 815 87.24 -74.29 91.17
C VAL C 815 86.51 -75.51 91.74
N LEU C 816 85.31 -75.75 91.25
CA LEU C 816 84.51 -76.87 91.69
C LEU C 816 85.05 -78.17 91.06
N PRO C 817 84.93 -79.30 91.76
CA PRO C 817 85.51 -80.55 91.24
C PRO C 817 84.93 -81.03 89.92
N ARG C 818 83.66 -80.75 89.64
CA ARG C 818 83.00 -81.33 88.47
C ARG C 818 83.33 -80.63 87.16
N GLU C 819 84.33 -79.76 87.14
CA GLU C 819 84.75 -79.09 85.91
C GLU C 819 86.20 -78.62 86.09
N ARG C 820 86.72 -77.98 85.04
CA ARG C 820 88.09 -77.50 85.01
C ARG C 820 88.11 -75.98 85.12
N LEU C 821 89.31 -75.42 84.99
CA LEU C 821 89.52 -73.98 84.94
C LEU C 821 89.81 -73.59 83.49
N ARG C 822 89.05 -72.61 82.98
CA ARG C 822 89.19 -72.21 81.59
C ARG C 822 88.81 -70.74 81.46
N LEU C 823 89.30 -70.11 80.41
CA LEU C 823 89.01 -68.71 80.12
C LEU C 823 87.87 -68.67 79.11
N GLU C 824 86.76 -68.05 79.49
CA GLU C 824 85.58 -68.01 78.66
C GLU C 824 85.06 -66.58 78.54
N PRO C 825 84.39 -66.27 77.43
CA PRO C 825 83.75 -64.95 77.31
C PRO C 825 82.51 -64.89 78.18
N ILE C 826 82.02 -63.65 78.37
CA ILE C 826 80.80 -63.36 79.11
C ILE C 826 79.63 -63.85 78.25
N LYS C 827 78.41 -63.91 78.82
CA LYS C 827 77.17 -64.37 78.19
C LYS C 827 76.99 -63.80 76.79
N GLU C 828 76.96 -64.69 75.81
CA GLU C 828 77.03 -64.28 74.42
C GLU C 828 75.99 -64.99 73.56
N TYR C 829 76.10 -64.81 72.25
CA TYR C 829 75.19 -65.45 71.32
C TYR C 829 75.88 -66.13 70.15
N ARG C 830 77.20 -66.01 70.02
CA ARG C 830 77.90 -66.57 68.86
C ARG C 830 79.32 -66.92 69.27
N ARG C 831 79.80 -68.07 68.79
CA ARG C 831 81.22 -68.38 68.89
C ARG C 831 81.67 -69.07 67.61
N GLU C 832 82.94 -68.91 67.28
CA GLU C 832 83.48 -69.39 66.01
C GLU C 832 83.47 -70.92 65.95
N GLY C 833 83.19 -71.46 64.77
CA GLY C 833 83.15 -72.88 64.56
C GLY C 833 84.03 -73.32 63.42
N PRO C 834 84.14 -74.63 63.21
CA PRO C 834 84.97 -75.16 62.12
C PRO C 834 84.48 -74.72 60.76
N ARG C 835 83.20 -74.99 60.47
CA ARG C 835 82.59 -74.63 59.19
C ARG C 835 81.82 -73.32 59.24
N GLY C 836 81.87 -72.59 60.35
CA GLY C 836 81.13 -71.35 60.45
C GLY C 836 80.81 -70.98 61.89
N PRO C 837 80.57 -69.69 62.14
CA PRO C 837 80.21 -69.28 63.49
C PRO C 837 78.92 -69.96 63.91
N HIS C 838 78.84 -70.37 65.16
CA HIS C 838 77.69 -71.04 65.70
C HIS C 838 76.92 -70.08 66.59
N LEU C 839 75.63 -69.93 66.31
CA LEU C 839 74.76 -69.23 67.24
C LEU C 839 74.66 -70.08 68.50
N VAL C 840 74.62 -69.43 69.64
CA VAL C 840 74.56 -70.10 70.94
C VAL C 840 73.42 -69.44 71.68
N GLY C 841 72.49 -70.25 72.20
CA GLY C 841 71.46 -69.67 73.02
C GLY C 841 71.98 -69.41 74.41
N PRO C 842 71.07 -69.14 75.38
CA PRO C 842 71.48 -68.88 76.78
C PRO C 842 72.14 -70.03 77.52
N SER C 843 72.56 -69.81 78.77
CA SER C 843 73.20 -70.89 79.49
C SER C 843 72.75 -70.91 80.94
N ARG C 844 72.64 -72.12 81.47
CA ARG C 844 72.34 -72.32 82.89
C ARG C 844 73.52 -71.81 83.71
N CYS C 845 73.23 -71.11 84.80
CA CYS C 845 74.25 -70.51 85.62
C CYS C 845 74.01 -70.85 87.08
N LEU C 846 75.10 -70.95 87.84
CA LEU C 846 75.01 -71.21 89.27
C LEU C 846 74.52 -69.98 90.00
N SER C 847 73.54 -70.17 90.87
CA SER C 847 72.98 -69.09 91.67
C SER C 847 73.63 -69.07 93.04
N HIS C 848 73.63 -67.87 93.65
CA HIS C 848 74.22 -67.70 94.97
C HIS C 848 73.46 -68.50 96.03
N THR C 849 72.14 -68.60 95.90
CA THR C 849 71.34 -69.33 96.88
C THR C 849 71.34 -70.84 96.63
N ASP C 850 71.98 -71.30 95.55
CA ASP C 850 72.00 -72.71 95.21
C ASP C 850 73.24 -73.43 95.73
N PHE C 851 74.10 -72.75 96.49
CA PHE C 851 75.27 -73.38 97.09
C PHE C 851 75.04 -73.76 98.54
N VAL C 852 73.80 -73.63 99.02
CA VAL C 852 73.42 -74.05 100.36
C VAL C 852 72.75 -75.41 100.23
N PRO C 853 73.32 -76.48 100.79
CA PRO C 853 72.68 -77.79 100.71
C PRO C 853 71.32 -77.81 101.40
N CYS C 854 70.37 -78.53 100.80
CA CYS C 854 68.98 -78.55 101.27
C CYS C 854 68.49 -79.98 101.50
N PRO C 855 68.89 -80.60 102.61
CA PRO C 855 68.36 -81.93 102.94
C PRO C 855 67.05 -81.84 103.70
N VAL C 856 66.21 -82.86 103.53
CA VAL C 856 64.97 -82.94 104.29
C VAL C 856 65.31 -83.27 105.74
N ASP C 857 64.67 -82.54 106.66
CA ASP C 857 64.97 -82.66 108.09
C ASP C 857 64.63 -84.05 108.62
N THR C 858 65.47 -84.51 109.55
CA THR C 858 65.33 -85.84 110.13
C THR C 858 65.09 -85.76 111.63
N VAL C 859 64.19 -84.88 112.06
CA VAL C 859 63.86 -84.71 113.47
C VAL C 859 62.38 -85.01 113.73
N GLN C 860 61.48 -84.43 112.94
CA GLN C 860 60.04 -84.58 113.13
C GLN C 860 59.51 -85.85 112.45
N ILE C 861 60.10 -86.99 112.81
CA ILE C 861 59.70 -88.29 112.27
C ILE C 861 59.54 -89.27 113.43
N VAL C 862 58.38 -89.93 113.49
CA VAL C 862 58.19 -91.01 114.46
C VAL C 862 58.82 -92.28 113.92
N LEU C 863 59.42 -93.06 114.81
CA LEU C 863 60.11 -94.27 114.40
C LEU C 863 59.09 -95.41 114.42
N PRO C 864 58.78 -96.03 113.28
CA PRO C 864 57.70 -97.03 113.23
C PRO C 864 58.06 -98.32 113.94
N PRO C 865 57.05 -99.06 114.43
CA PRO C 865 57.32 -100.39 115.00
C PRO C 865 57.89 -101.38 114.00
N HIS C 866 57.55 -101.20 112.71
CA HIS C 866 58.09 -102.02 111.63
C HIS C 866 59.59 -101.82 111.47
N LEU C 867 60.12 -100.71 111.97
CA LEU C 867 61.52 -100.37 111.83
C LEU C 867 62.29 -100.67 113.10
N GLU C 868 61.69 -100.42 114.28
CA GLU C 868 62.39 -100.75 115.53
C GLU C 868 62.63 -102.25 115.65
N ARG C 869 61.75 -103.07 115.06
CA ARG C 869 61.98 -104.51 115.12
C ARG C 869 63.07 -104.97 114.16
N ILE C 870 63.65 -104.07 113.35
CA ILE C 870 64.69 -104.45 112.41
C ILE C 870 65.96 -103.62 112.60
N ARG C 871 65.94 -102.62 113.51
CA ARG C 871 67.10 -101.73 113.66
C ARG C 871 68.36 -102.43 114.16
N GLU C 872 68.25 -103.60 114.78
CA GLU C 872 69.43 -104.35 115.21
C GLU C 872 70.28 -104.72 113.99
N LYS C 873 69.71 -105.50 113.07
CA LYS C 873 70.44 -105.92 111.86
C LYS C 873 70.76 -104.71 111.00
N LEU C 874 69.81 -103.77 110.90
CA LEU C 874 70.00 -102.50 110.19
C LEU C 874 71.27 -101.78 110.61
N ALA C 875 71.67 -101.91 111.89
CA ALA C 875 72.91 -101.32 112.36
C ALA C 875 74.08 -102.30 112.26
N GLU C 876 73.82 -103.61 112.40
CA GLU C 876 74.89 -104.61 112.34
C GLU C 876 75.52 -104.64 110.97
N ASN C 877 74.70 -104.63 109.93
CA ASN C 877 75.18 -104.74 108.55
C ASN C 877 75.96 -103.52 108.10
N ILE C 878 75.96 -102.43 108.87
CA ILE C 878 76.68 -101.22 108.51
C ILE C 878 77.69 -100.84 109.58
N HIS C 879 77.83 -101.64 110.64
CA HIS C 879 78.87 -101.40 111.64
C HIS C 879 80.26 -101.53 111.05
N GLU C 880 80.47 -102.49 110.14
CA GLU C 880 81.76 -102.67 109.49
C GLU C 880 81.61 -102.73 107.97
N LEU C 881 80.56 -102.11 107.43
CA LEU C 881 80.37 -102.09 105.99
C LEU C 881 81.50 -101.36 105.29
N TRP C 882 81.92 -100.21 105.85
CA TRP C 882 83.09 -99.50 105.32
C TRP C 882 84.36 -100.33 105.50
N ALA C 883 84.39 -101.20 106.49
CA ALA C 883 85.56 -102.04 106.76
C ALA C 883 85.65 -103.21 105.81
N LEU C 884 84.51 -103.62 105.23
CA LEU C 884 84.46 -104.82 104.40
C LEU C 884 85.27 -104.70 103.12
N THR C 885 85.44 -103.48 102.60
CA THR C 885 86.02 -103.26 101.28
C THR C 885 87.48 -103.72 101.20
N ARG C 886 88.27 -103.48 102.24
CA ARG C 886 89.71 -103.71 102.16
C ARG C 886 90.22 -104.60 103.30
N ILE C 887 89.53 -105.72 103.54
CA ILE C 887 90.03 -106.73 104.47
C ILE C 887 91.15 -107.50 103.76
N GLU C 888 92.11 -108.00 104.55
CA GLU C 888 93.25 -108.81 104.07
C GLU C 888 94.11 -108.06 103.06
N GLN C 889 94.38 -106.80 103.37
CA GLN C 889 95.25 -105.94 102.56
C GLN C 889 96.35 -105.38 103.44
N GLY C 890 97.08 -104.37 102.94
CA GLY C 890 97.98 -103.62 103.80
C GLY C 890 97.30 -102.95 104.97
N TRP C 891 96.01 -102.66 104.85
CA TRP C 891 95.18 -102.09 105.91
C TRP C 891 94.45 -103.19 106.69
N THR C 892 95.21 -104.17 107.21
CA THR C 892 94.64 -105.33 107.89
C THR C 892 94.58 -105.11 109.41
N TYR C 893 93.44 -105.49 110.01
CA TYR C 893 93.22 -105.35 111.44
C TYR C 893 94.21 -106.18 112.25
N GLY C 894 94.62 -105.64 113.40
CA GLY C 894 95.42 -106.37 114.34
C GLY C 894 94.66 -106.56 115.65
N PRO C 895 94.74 -107.77 116.21
CA PRO C 895 94.00 -108.05 117.45
C PRO C 895 94.42 -107.22 118.66
N VAL C 896 95.64 -106.67 118.66
CA VAL C 896 96.13 -105.89 119.80
C VAL C 896 95.36 -104.58 119.95
N ARG C 897 94.97 -103.97 118.84
CA ARG C 897 94.38 -102.63 118.85
C ARG C 897 93.03 -102.63 118.14
N ASP C 898 92.51 -101.45 117.86
CA ASP C 898 91.13 -101.29 117.40
C ASP C 898 91.11 -100.30 116.24
N ASP C 899 89.89 -99.79 115.96
CA ASP C 899 89.58 -99.00 114.78
C ASP C 899 90.46 -97.77 114.60
N ASN C 900 90.80 -97.50 113.34
CA ASN C 900 91.38 -96.24 112.85
C ASN C 900 92.81 -96.00 113.36
N LYS C 901 93.62 -97.06 113.38
CA LYS C 901 95.05 -96.91 113.65
C LYS C 901 95.79 -97.77 112.62
N ARG C 902 95.45 -97.59 111.34
CA ARG C 902 95.98 -98.30 110.17
C ARG C 902 95.61 -99.79 110.18
N LEU C 903 94.77 -100.21 111.12
CA LEU C 903 94.34 -101.59 111.27
C LEU C 903 92.83 -101.66 111.52
N HIS C 904 92.08 -100.90 110.74
CA HIS C 904 90.66 -100.69 111.00
C HIS C 904 89.74 -101.92 110.99
N PRO C 905 89.79 -102.93 109.95
CA PRO C 905 88.63 -103.81 109.66
C PRO C 905 87.80 -104.42 110.77
N CYS C 906 88.44 -105.20 111.65
CA CYS C 906 87.85 -105.75 112.87
C CYS C 906 86.55 -106.53 112.62
N LEU C 907 86.69 -107.66 111.90
CA LEU C 907 85.55 -108.55 111.69
C LEU C 907 85.20 -109.40 112.92
N VAL C 908 85.77 -109.08 114.09
CA VAL C 908 85.53 -109.79 115.34
C VAL C 908 84.03 -109.81 115.67
N ASN C 909 83.47 -108.63 115.91
CA ASN C 909 82.06 -108.38 116.21
C ASN C 909 81.89 -106.87 116.33
N PHE C 910 80.64 -106.43 116.27
CA PHE C 910 80.33 -105.04 116.56
C PHE C 910 80.36 -104.76 118.05
N HIS C 911 80.28 -105.81 118.88
CA HIS C 911 80.47 -105.66 120.32
C HIS C 911 81.91 -105.27 120.64
N SER C 912 82.87 -105.85 119.91
CA SER C 912 84.28 -105.50 120.07
C SER C 912 84.55 -104.04 119.71
N LEU C 913 83.76 -103.48 118.80
CA LEU C 913 83.88 -102.07 118.48
C LEU C 913 83.45 -101.23 119.68
N PRO C 914 84.05 -100.04 119.86
CA PRO C 914 83.70 -99.18 121.01
C PRO C 914 82.23 -98.76 121.00
N GLU C 915 81.64 -98.74 122.20
CA GLU C 915 80.23 -98.38 122.36
C GLU C 915 79.83 -96.97 121.88
N PRO C 916 80.58 -95.87 122.16
CA PRO C 916 80.11 -94.54 121.70
C PRO C 916 79.92 -94.42 120.19
N GLU C 917 80.72 -95.12 119.39
CA GLU C 917 80.45 -95.08 117.97
C GLU C 917 79.54 -96.23 117.56
N ARG C 918 79.41 -97.26 118.40
CA ARG C 918 78.47 -98.35 118.12
C ARG C 918 77.03 -97.82 118.15
N ASN C 919 76.64 -97.18 119.26
CA ASN C 919 75.30 -96.60 119.29
C ASN C 919 75.18 -95.38 118.37
N TYR C 920 76.31 -94.73 118.03
CA TYR C 920 76.28 -93.73 116.97
C TYR C 920 75.89 -94.36 115.63
N ASN C 921 76.40 -95.55 115.35
CA ASN C 921 75.99 -96.31 114.16
C ASN C 921 74.52 -96.71 114.24
N LEU C 922 74.05 -97.08 115.43
CA LEU C 922 72.64 -97.40 115.64
C LEU C 922 71.75 -96.19 115.36
N GLN C 923 72.14 -95.02 115.86
CA GLN C 923 71.29 -93.85 115.71
C GLN C 923 71.36 -93.30 114.30
N MET C 924 72.52 -93.38 113.62
CA MET C 924 72.55 -92.91 112.23
C MET C 924 71.78 -93.85 111.31
N SER C 925 71.77 -95.16 111.60
CA SER C 925 70.87 -96.06 110.88
C SER C 925 69.40 -95.71 111.11
N GLY C 926 69.03 -95.43 112.37
CA GLY C 926 67.69 -94.92 112.62
C GLY C 926 67.41 -93.59 111.95
N GLU C 927 68.43 -92.74 111.84
CA GLU C 927 68.33 -91.48 111.11
C GLU C 927 68.05 -91.69 109.62
N THR C 928 68.71 -92.67 109.01
CA THR C 928 68.39 -93.03 107.62
C THR C 928 66.99 -93.62 107.49
N LEU C 929 66.52 -94.37 108.49
CA LEU C 929 65.12 -94.80 108.51
C LEU C 929 64.17 -93.60 108.58
N LYS C 930 64.52 -92.60 109.38
CA LYS C 930 63.75 -91.37 109.44
C LYS C 930 63.83 -90.61 108.13
N THR C 931 64.96 -90.71 107.43
CA THR C 931 65.09 -90.11 106.11
C THR C 931 64.15 -90.80 105.12
N LEU C 932 64.01 -92.13 105.22
CA LEU C 932 63.08 -92.86 104.35
C LEU C 932 61.63 -92.42 104.60
N LEU C 933 61.26 -92.26 105.88
CA LEU C 933 59.93 -91.74 106.19
C LEU C 933 59.76 -90.30 105.70
N ALA C 934 60.80 -89.48 105.83
CA ALA C 934 60.76 -88.11 105.32
C ALA C 934 60.61 -88.10 103.80
N LEU C 935 61.24 -89.08 103.12
CA LEU C 935 61.04 -89.26 101.69
C LEU C 935 59.66 -89.81 101.38
N GLY C 936 58.94 -90.29 102.38
CA GLY C 936 57.61 -90.83 102.15
C GLY C 936 57.52 -92.30 101.83
N CYS C 937 58.54 -93.09 102.16
CA CYS C 937 58.50 -94.52 101.88
C CYS C 937 57.44 -95.19 102.72
N HIS C 938 56.64 -96.05 102.09
CA HIS C 938 55.61 -96.81 102.76
C HIS C 938 56.01 -98.28 102.79
N VAL C 939 55.10 -99.13 103.25
CA VAL C 939 55.37 -100.54 103.42
C VAL C 939 54.32 -101.35 102.67
N GLY C 940 54.77 -102.40 101.99
CA GLY C 940 53.89 -103.39 101.40
C GLY C 940 54.56 -104.76 101.43
N MET C 941 53.89 -105.76 102.00
CA MET C 941 54.50 -107.08 102.17
C MET C 941 54.08 -108.01 101.04
N ALA C 942 55.06 -108.64 100.41
CA ALA C 942 54.77 -109.60 99.34
C ALA C 942 55.58 -110.89 99.43
N ASP C 943 56.64 -110.96 100.23
CA ASP C 943 57.50 -112.14 100.24
C ASP C 943 57.83 -112.56 101.66
N GLU C 944 58.21 -113.84 101.80
CA GLU C 944 58.65 -114.41 103.06
C GLU C 944 59.95 -113.75 103.50
N LYS C 945 60.22 -113.79 104.81
CA LYS C 945 61.44 -113.18 105.37
C LYS C 945 62.69 -113.81 104.77
N ALA C 946 63.58 -112.94 104.26
CA ALA C 946 64.80 -113.39 103.61
C ALA C 946 65.82 -113.96 104.60
N GLU C 947 65.72 -113.61 105.88
CA GLU C 947 66.65 -114.10 106.89
C GLU C 947 66.62 -115.62 106.99
N ASP C 948 65.42 -116.20 106.96
CA ASP C 948 65.28 -117.64 107.07
C ASP C 948 65.81 -118.34 105.81
N ASN C 949 65.59 -117.73 104.65
CA ASN C 949 66.09 -118.21 103.37
C ASN C 949 67.47 -117.64 103.05
N LEU C 950 68.20 -117.16 104.06
CA LEU C 950 69.47 -116.48 103.88
C LEU C 950 70.53 -117.17 104.74
N LYS C 951 71.75 -117.19 104.23
CA LYS C 951 72.89 -117.73 104.97
C LYS C 951 74.14 -116.91 104.66
N LYS C 952 74.91 -116.61 105.69
CA LYS C 952 76.15 -115.88 105.54
C LYS C 952 77.17 -116.75 104.80
N THR C 953 77.92 -116.13 103.90
CA THR C 953 78.87 -116.85 103.05
C THR C 953 80.27 -116.69 103.64
N LYS C 954 80.89 -117.81 104.00
CA LYS C 954 82.26 -117.81 104.51
C LYS C 954 83.20 -117.90 103.32
N LEU C 955 83.46 -116.75 102.72
CA LEU C 955 84.29 -116.65 101.54
C LEU C 955 85.75 -117.03 101.85
N PRO C 956 86.48 -117.56 100.86
CA PRO C 956 87.90 -117.90 101.09
C PRO C 956 88.77 -116.70 101.46
N LYS C 957 88.43 -115.50 101.03
CA LYS C 957 89.15 -114.31 101.43
C LYS C 957 88.36 -113.56 102.51
N THR C 958 88.86 -112.38 102.90
CA THR C 958 88.29 -111.48 103.91
C THR C 958 88.12 -112.18 105.27
N TYR C 959 89.22 -112.76 105.76
CA TYR C 959 89.22 -113.48 107.01
C TYR C 959 90.38 -113.03 107.87
N MET C 960 90.31 -113.36 109.16
CA MET C 960 91.42 -113.24 110.09
C MET C 960 91.11 -114.08 111.32
N MET C 961 92.18 -114.56 111.96
CA MET C 961 92.15 -115.47 113.10
C MET C 961 91.56 -114.86 114.36
N SER C 962 91.41 -113.54 114.40
CA SER C 962 90.93 -112.84 115.60
C SER C 962 89.43 -113.10 115.74
N ASN C 963 89.10 -114.08 116.60
CA ASN C 963 87.73 -114.46 116.99
C ASN C 963 86.90 -114.87 115.77
N GLY C 964 87.35 -115.93 115.11
CA GLY C 964 86.59 -116.55 114.05
C GLY C 964 86.72 -115.80 112.73
N TYR C 965 86.21 -116.44 111.68
CA TYR C 965 86.27 -115.86 110.34
C TYR C 965 84.85 -115.74 109.81
N LYS C 966 84.54 -114.54 109.33
CA LYS C 966 83.25 -114.15 108.78
C LYS C 966 83.43 -112.81 108.09
N PRO C 967 82.58 -112.45 107.13
CA PRO C 967 82.62 -111.09 106.58
C PRO C 967 82.36 -110.06 107.69
N ALA C 968 83.01 -108.91 107.58
CA ALA C 968 82.94 -107.86 108.61
C ALA C 968 81.51 -107.41 108.92
N PRO C 969 80.63 -107.11 107.96
CA PRO C 969 79.20 -107.15 108.27
C PRO C 969 78.64 -108.53 107.95
N LEU C 970 77.43 -108.79 108.43
CA LEU C 970 76.79 -110.08 108.17
C LEU C 970 76.46 -110.19 106.68
N ASP C 971 76.90 -111.30 106.08
CA ASP C 971 76.86 -111.47 104.63
C ASP C 971 75.43 -111.56 104.11
N LEU C 972 75.25 -111.06 102.90
CA LEU C 972 73.94 -110.98 102.25
C LEU C 972 73.90 -111.87 101.01
N SER C 973 72.78 -112.56 100.83
CA SER C 973 72.53 -113.43 99.68
C SER C 973 72.04 -112.58 98.50
N HIS C 974 71.52 -113.24 97.47
CA HIS C 974 71.06 -112.57 96.25
C HIS C 974 69.84 -111.68 96.52
N VAL C 975 69.97 -110.39 96.18
CA VAL C 975 68.90 -109.39 96.29
C VAL C 975 68.98 -108.49 95.06
N ARG C 976 67.83 -108.15 94.48
CA ARG C 976 67.75 -107.31 93.28
C ARG C 976 66.95 -106.05 93.58
N LEU C 977 67.36 -104.93 92.94
CA LEU C 977 66.77 -103.62 93.19
C LEU C 977 66.28 -103.02 91.88
N THR C 978 65.08 -102.43 91.92
CA THR C 978 64.46 -101.75 90.80
C THR C 978 64.99 -100.31 90.64
N PRO C 979 64.81 -99.70 89.45
CA PRO C 979 65.26 -98.30 89.28
C PRO C 979 64.59 -97.30 90.20
N ALA C 980 63.38 -97.58 90.71
CA ALA C 980 62.77 -96.71 91.71
C ALA C 980 63.62 -96.68 92.97
N GLN C 981 64.13 -97.84 93.37
CA GLN C 981 65.06 -97.90 94.50
C GLN C 981 66.37 -97.21 94.17
N THR C 982 66.82 -97.26 92.90
CA THR C 982 68.06 -96.56 92.55
C THR C 982 67.90 -95.05 92.72
N THR C 983 66.76 -94.50 92.27
CA THR C 983 66.50 -93.07 92.48
C THR C 983 66.38 -92.74 93.97
N LEU C 984 65.71 -93.63 94.73
CA LEU C 984 65.53 -93.40 96.16
C LEU C 984 66.87 -93.39 96.89
N VAL C 985 67.75 -94.33 96.58
CA VAL C 985 69.06 -94.34 97.22
C VAL C 985 69.92 -93.16 96.74
N ASP C 986 69.72 -92.72 95.50
CA ASP C 986 70.42 -91.54 95.01
C ASP C 986 70.04 -90.29 95.80
N ARG C 987 68.75 -90.11 96.06
CA ARG C 987 68.37 -88.95 96.87
C ARG C 987 68.60 -89.19 98.36
N LEU C 988 68.78 -90.44 98.78
CA LEU C 988 69.22 -90.73 100.14
C LEU C 988 70.65 -90.25 100.35
N ALA C 989 71.52 -90.53 99.38
CA ALA C 989 72.88 -90.01 99.43
C ALA C 989 72.92 -88.49 99.29
N GLU C 990 71.94 -87.93 98.56
CA GLU C 990 71.79 -86.47 98.49
C GLU C 990 71.51 -85.90 99.88
N ASN C 991 70.58 -86.53 100.60
CA ASN C 991 70.18 -86.04 101.92
C ASN C 991 71.31 -86.19 102.93
N GLY C 992 71.95 -87.37 102.97
CA GLY C 992 72.98 -87.62 103.95
C GLY C 992 74.20 -86.74 103.75
N HIS C 993 74.66 -86.63 102.49
CA HIS C 993 75.81 -85.78 102.21
C HIS C 993 75.49 -84.31 102.50
N ASN C 994 74.26 -83.87 102.18
CA ASN C 994 73.89 -82.49 102.48
C ASN C 994 73.84 -82.23 103.99
N VAL C 995 73.41 -83.22 104.78
CA VAL C 995 73.45 -83.07 106.23
C VAL C 995 74.89 -82.94 106.73
N TRP C 996 75.80 -83.77 106.18
CA TRP C 996 77.20 -83.67 106.53
C TRP C 996 77.78 -82.32 106.12
N ALA C 997 77.39 -81.83 104.94
CA ALA C 997 77.87 -80.55 104.44
C ALA C 997 77.41 -79.39 105.32
N ARG C 998 76.12 -79.36 105.67
CA ARG C 998 75.60 -78.27 106.51
C ARG C 998 76.23 -78.33 107.90
N ASP C 999 76.46 -79.54 108.43
CA ASP C 999 77.12 -79.65 109.72
C ASP C 999 78.55 -79.13 109.65
N ARG C 1000 79.27 -79.42 108.56
CA ARG C 1000 80.63 -78.91 108.40
C ARG C 1000 80.62 -77.38 108.35
N VAL C 1001 79.70 -76.80 107.55
CA VAL C 1001 79.64 -75.35 107.45
C VAL C 1001 79.21 -74.74 108.79
N ALA C 1002 78.51 -75.53 109.64
CA ALA C 1002 78.06 -75.04 110.94
C ALA C 1002 79.24 -74.66 111.84
N GLN C 1003 80.30 -75.48 111.86
CA GLN C 1003 81.45 -75.05 112.67
C GLN C 1003 82.46 -74.25 111.86
N GLY C 1004 82.17 -73.92 110.60
CA GLY C 1004 83.07 -73.03 109.87
C GLY C 1004 83.91 -73.65 108.78
N TRP C 1005 83.35 -74.58 108.04
CA TRP C 1005 84.04 -75.22 106.92
C TRP C 1005 83.57 -74.60 105.59
N SER C 1006 84.52 -74.13 104.79
CA SER C 1006 84.25 -73.58 103.47
C SER C 1006 85.12 -74.28 102.44
N TYR C 1007 84.59 -74.46 101.24
CA TYR C 1007 85.25 -75.25 100.20
C TYR C 1007 86.52 -74.60 99.68
N SER C 1008 87.56 -75.42 99.50
CA SER C 1008 88.78 -75.04 98.82
C SER C 1008 89.20 -76.19 97.92
N ALA C 1009 89.83 -75.88 96.79
CA ALA C 1009 90.28 -76.91 95.86
C ALA C 1009 91.38 -77.79 96.44
N VAL C 1010 92.08 -77.31 97.46
CA VAL C 1010 93.11 -78.06 98.16
C VAL C 1010 92.68 -78.24 99.61
N GLN C 1011 92.87 -79.46 100.14
CA GLN C 1011 92.48 -79.75 101.51
C GLN C 1011 93.34 -78.95 102.47
N ASP C 1012 92.69 -78.17 103.34
CA ASP C 1012 93.37 -77.32 104.31
C ASP C 1012 92.74 -77.56 105.68
N ILE C 1013 93.25 -78.57 106.39
CA ILE C 1013 92.78 -78.89 107.74
C ILE C 1013 93.09 -77.77 108.75
N PRO C 1014 94.32 -77.19 108.85
CA PRO C 1014 94.48 -76.04 109.76
C PRO C 1014 93.62 -74.84 109.42
N ALA C 1015 93.36 -74.59 108.13
CA ALA C 1015 92.45 -73.54 107.71
C ALA C 1015 91.00 -74.00 107.72
N ARG C 1016 90.75 -75.28 108.08
CA ARG C 1016 89.41 -75.85 108.27
C ARG C 1016 88.64 -75.84 106.95
N ARG C 1017 89.30 -76.30 105.89
CA ARG C 1017 88.72 -76.34 104.54
C ARG C 1017 88.99 -77.69 103.90
N ASN C 1018 88.01 -78.17 103.13
CA ASN C 1018 87.98 -79.49 102.55
C ASN C 1018 87.62 -79.41 101.07
N PRO C 1019 88.09 -80.34 100.25
CA PRO C 1019 87.64 -80.38 98.85
C PRO C 1019 86.28 -81.00 98.63
N ARG C 1020 85.72 -81.69 99.63
CA ARG C 1020 84.40 -82.29 99.50
C ARG C 1020 83.29 -81.38 100.00
N LEU C 1021 83.61 -80.13 100.32
CA LEU C 1021 82.65 -79.17 100.87
C LEU C 1021 81.75 -78.56 99.78
N VAL C 1022 81.05 -79.41 99.07
CA VAL C 1022 80.06 -78.99 98.09
C VAL C 1022 78.78 -79.79 98.36
N PRO C 1023 77.61 -79.26 98.04
CA PRO C 1023 76.39 -80.08 98.08
C PRO C 1023 76.49 -81.27 97.13
N TYR C 1024 75.76 -82.34 97.47
CA TYR C 1024 75.79 -83.59 96.69
C TYR C 1024 75.48 -83.37 95.22
N ARG C 1025 74.64 -82.38 94.91
CA ARG C 1025 74.35 -82.04 93.52
C ARG C 1025 75.60 -81.52 92.82
N LEU C 1026 76.52 -80.87 93.55
CA LEU C 1026 77.80 -80.42 93.05
C LEU C 1026 78.92 -81.43 93.22
N LEU C 1027 78.66 -82.51 93.95
CA LEU C 1027 79.67 -83.54 94.20
C LEU C 1027 80.09 -84.25 92.92
N ASP C 1028 81.37 -84.61 92.85
CA ASP C 1028 81.89 -85.32 91.70
C ASP C 1028 81.37 -86.76 91.70
N GLU C 1029 81.23 -87.31 90.49
CA GLU C 1029 80.73 -88.67 90.31
C GLU C 1029 81.61 -89.73 90.95
N ALA C 1030 82.91 -89.47 91.14
CA ALA C 1030 83.75 -90.39 91.90
C ALA C 1030 83.28 -90.52 93.34
N THR C 1031 82.94 -89.40 93.97
CA THR C 1031 82.45 -89.44 95.34
C THR C 1031 80.94 -89.68 95.38
N LYS C 1032 80.22 -89.26 94.33
CA LYS C 1032 78.81 -89.61 94.21
C LYS C 1032 78.64 -91.12 94.18
N ARG C 1033 79.48 -91.80 93.40
CA ARG C 1033 79.41 -93.26 93.30
C ARG C 1033 79.74 -93.91 94.63
N SER C 1034 80.76 -93.40 95.34
CA SER C 1034 81.12 -93.98 96.64
C SER C 1034 80.01 -93.82 97.68
N ASN C 1035 79.40 -92.62 97.75
CA ASN C 1035 78.28 -92.40 98.66
C ASN C 1035 77.07 -93.25 98.27
N ARG C 1036 76.78 -93.34 96.97
CA ARG C 1036 75.68 -94.19 96.52
C ARG C 1036 75.96 -95.66 96.80
N ASP C 1037 77.22 -96.09 96.65
CA ASP C 1037 77.58 -97.48 96.90
C ASP C 1037 77.35 -97.85 98.37
N SER C 1038 77.77 -96.96 99.28
CA SER C 1038 77.58 -97.18 100.71
C SER C 1038 76.11 -97.24 101.09
N LEU C 1039 75.30 -96.32 100.57
CA LEU C 1039 73.89 -96.38 100.94
C LEU C 1039 73.12 -97.36 100.06
N CYS C 1040 73.70 -97.76 98.93
CA CYS C 1040 73.11 -98.80 98.10
C CYS C 1040 73.10 -100.10 98.89
N GLN C 1041 74.19 -100.38 99.60
CA GLN C 1041 74.20 -101.55 100.46
C GLN C 1041 73.33 -101.34 101.69
N ALA C 1042 73.03 -100.09 102.07
CA ALA C 1042 72.04 -99.86 103.12
C ALA C 1042 70.65 -100.30 102.66
N VAL C 1043 70.30 -99.97 101.41
CA VAL C 1043 69.03 -100.44 100.84
C VAL C 1043 69.07 -101.95 100.63
N ARG C 1044 70.23 -102.50 100.27
CA ARG C 1044 70.43 -103.95 100.22
C ARG C 1044 70.20 -104.59 101.59
N THR C 1045 70.65 -103.91 102.65
CA THR C 1045 70.41 -104.37 104.02
C THR C 1045 68.91 -104.38 104.33
N LEU C 1046 68.20 -103.33 103.91
CA LEU C 1046 66.76 -103.27 104.14
C LEU C 1046 66.01 -104.39 103.42
N LEU C 1047 66.35 -104.67 102.16
CA LEU C 1047 65.71 -105.78 101.46
C LEU C 1047 66.29 -107.15 101.82
N GLY C 1048 67.47 -107.19 102.42
CA GLY C 1048 68.09 -108.45 102.79
C GLY C 1048 67.56 -109.12 104.04
N TYR C 1049 67.04 -108.34 104.99
CA TYR C 1049 66.50 -108.86 106.23
C TYR C 1049 64.99 -109.06 106.15
N GLY C 1050 64.51 -109.36 104.94
CA GLY C 1050 63.12 -109.68 104.68
C GLY C 1050 62.13 -108.57 104.95
N TYR C 1051 62.44 -107.36 104.53
CA TYR C 1051 61.56 -106.22 104.75
C TYR C 1051 61.53 -105.33 103.52
N ASN C 1052 60.52 -104.49 103.50
CA ASN C 1052 60.00 -103.84 102.31
C ASN C 1052 60.37 -102.38 102.17
N ILE C 1053 60.45 -101.94 100.91
CA ILE C 1053 60.65 -100.54 100.53
C ILE C 1053 59.68 -100.25 99.40
N GLU C 1054 58.96 -99.14 99.51
CA GLU C 1054 57.95 -98.74 98.54
C GLU C 1054 58.31 -97.41 97.94
N PRO C 1055 58.33 -97.28 96.61
CA PRO C 1055 58.62 -95.98 95.99
C PRO C 1055 57.52 -94.98 96.26
N PRO C 1056 57.85 -93.86 96.92
CA PRO C 1056 56.82 -92.87 97.29
C PRO C 1056 56.25 -92.11 96.10
N ASP C 1057 55.30 -91.23 96.40
CA ASP C 1057 54.69 -90.38 95.38
C ASP C 1057 55.67 -89.29 94.98
N GLN C 1058 56.14 -89.36 93.74
CA GLN C 1058 57.16 -88.44 93.23
C GLN C 1058 56.48 -87.34 92.43
N GLU C 1059 56.72 -86.10 92.83
CA GLU C 1059 56.19 -84.93 92.14
C GLU C 1059 57.35 -84.16 91.54
N PRO C 1060 57.50 -84.13 90.22
CA PRO C 1060 58.65 -83.43 89.63
C PRO C 1060 58.51 -81.91 89.70
N SER C 1061 59.65 -81.24 89.54
CA SER C 1061 59.69 -79.79 89.55
C SER C 1061 60.81 -79.31 88.64
N GLN C 1062 60.68 -78.07 88.18
CA GLN C 1062 61.65 -77.43 87.30
C GLN C 1062 62.47 -76.42 88.10
N VAL C 1063 63.77 -76.35 87.79
CA VAL C 1063 64.71 -75.55 88.60
C VAL C 1063 64.42 -74.05 88.48
N GLU C 1064 64.21 -73.55 87.26
CA GLU C 1064 63.98 -72.13 86.94
C GLU C 1064 65.05 -71.22 87.57
N ASN C 1065 66.31 -71.43 87.15
CA ASN C 1065 67.42 -70.66 87.71
C ASN C 1065 67.34 -69.18 87.32
N GLN C 1066 67.16 -68.89 86.04
CA GLN C 1066 67.09 -67.54 85.53
C GLN C 1066 65.63 -67.13 85.36
N SER C 1067 65.40 -65.98 84.72
CA SER C 1067 64.05 -65.55 84.41
C SER C 1067 63.47 -66.44 83.31
N ARG C 1068 62.15 -66.44 83.21
CA ARG C 1068 61.45 -67.22 82.19
C ARG C 1068 61.54 -66.61 80.80
N TRP C 1069 62.00 -65.36 80.68
CA TRP C 1069 62.10 -64.68 79.40
C TRP C 1069 63.49 -64.66 78.79
N ASP C 1070 64.56 -64.69 79.59
CA ASP C 1070 65.89 -64.88 79.02
C ASP C 1070 66.24 -66.36 78.91
N ARG C 1071 65.33 -67.13 78.31
CA ARG C 1071 65.46 -68.55 78.07
C ARG C 1071 65.73 -68.87 76.62
N VAL C 1072 65.02 -68.20 75.72
CA VAL C 1072 65.16 -68.42 74.29
C VAL C 1072 65.62 -67.13 73.64
N ARG C 1073 66.65 -67.23 72.83
CA ARG C 1073 67.19 -66.10 72.06
C ARG C 1073 66.86 -66.37 70.60
N ILE C 1074 65.84 -65.70 70.08
CA ILE C 1074 65.43 -65.95 68.70
C ILE C 1074 66.35 -65.17 67.76
N PHE C 1075 66.69 -65.81 66.64
CA PHE C 1075 67.54 -65.27 65.59
C PHE C 1075 66.77 -65.25 64.28
N ARG C 1076 66.73 -64.10 63.64
CA ARG C 1076 65.98 -63.92 62.40
C ARG C 1076 66.84 -63.16 61.39
N ALA C 1077 66.54 -63.34 60.11
CA ALA C 1077 67.23 -62.54 59.10
C ALA C 1077 66.72 -61.10 59.14
N GLU C 1078 67.51 -60.19 58.56
CA GLU C 1078 67.11 -58.80 58.49
C GLU C 1078 65.90 -58.64 57.58
N LYS C 1079 65.07 -57.64 57.87
CA LYS C 1079 63.80 -57.41 57.17
C LYS C 1079 63.98 -57.15 55.68
N SER C 1080 65.14 -56.66 55.26
CA SER C 1080 65.38 -56.36 53.85
C SER C 1080 65.45 -57.61 52.99
N TYR C 1081 65.70 -58.78 53.58
CA TYR C 1081 65.88 -60.02 52.84
C TYR C 1081 64.59 -60.83 52.75
N THR C 1082 63.44 -60.19 52.90
CA THR C 1082 62.16 -60.88 52.80
C THR C 1082 61.92 -61.35 51.37
N VAL C 1083 61.36 -62.54 51.23
CA VAL C 1083 61.13 -63.16 49.92
C VAL C 1083 59.64 -63.24 49.65
N GLN C 1084 59.25 -62.93 48.41
CA GLN C 1084 57.86 -62.94 47.99
C GLN C 1084 57.53 -63.99 46.95
N SER C 1085 58.52 -64.66 46.37
CA SER C 1085 58.27 -65.60 45.30
C SER C 1085 59.37 -66.65 45.28
N GLY C 1086 59.10 -67.75 44.60
CA GLY C 1086 60.09 -68.80 44.47
C GLY C 1086 60.05 -69.84 45.57
N ARG C 1087 61.03 -70.72 45.50
CA ARG C 1087 61.22 -71.79 46.46
C ARG C 1087 62.59 -71.64 47.09
N TRP C 1088 62.66 -71.71 48.42
CA TRP C 1088 63.88 -71.35 49.12
C TRP C 1088 64.26 -72.44 50.13
N TYR C 1089 65.57 -72.52 50.35
CA TYR C 1089 66.24 -73.51 51.17
C TYR C 1089 67.25 -72.83 52.08
N PHE C 1090 67.40 -73.38 53.29
CA PHE C 1090 68.46 -72.96 54.20
C PHE C 1090 68.67 -74.04 55.27
N GLU C 1091 69.94 -74.35 55.53
CA GLU C 1091 70.33 -75.37 56.49
C GLU C 1091 70.31 -74.83 57.91
N PHE C 1092 70.29 -75.78 58.85
CA PHE C 1092 70.43 -75.52 60.27
C PHE C 1092 71.05 -76.76 60.89
N GLU C 1093 72.32 -76.67 61.28
CA GLU C 1093 73.03 -77.77 61.90
C GLU C 1093 72.91 -77.64 63.41
N ALA C 1094 72.24 -78.58 64.04
CA ALA C 1094 72.01 -78.57 65.48
C ALA C 1094 73.07 -79.47 66.11
N VAL C 1095 73.99 -78.85 66.87
CA VAL C 1095 75.04 -79.60 67.53
C VAL C 1095 74.46 -80.44 68.66
N THR C 1096 73.60 -79.85 69.48
CA THR C 1096 72.98 -80.53 70.60
C THR C 1096 71.53 -80.86 70.28
N THR C 1097 70.91 -81.60 71.18
CA THR C 1097 69.55 -82.10 70.98
C THR C 1097 68.54 -81.40 71.87
N GLY C 1098 68.86 -80.22 72.38
CA GLY C 1098 67.96 -79.54 73.28
C GLY C 1098 66.82 -78.81 72.59
N GLU C 1099 66.48 -77.63 73.10
CA GLU C 1099 65.36 -76.85 72.59
C GLU C 1099 65.84 -75.98 71.44
N MET C 1100 65.41 -76.29 70.23
CA MET C 1100 65.73 -75.47 69.05
C MET C 1100 64.52 -75.44 68.15
N ARG C 1101 64.24 -74.27 67.58
CA ARG C 1101 63.12 -74.11 66.66
C ARG C 1101 63.59 -73.39 65.41
N VAL C 1102 63.28 -73.93 64.24
CA VAL C 1102 63.70 -73.34 62.98
C VAL C 1102 62.51 -73.34 62.01
N GLY C 1103 62.36 -72.25 61.27
CA GLY C 1103 61.24 -72.14 60.35
C GLY C 1103 61.18 -70.77 59.71
N TRP C 1104 59.98 -70.40 59.26
CA TRP C 1104 59.75 -69.12 58.62
C TRP C 1104 58.80 -68.27 59.45
N ALA C 1105 59.09 -66.99 59.58
CA ALA C 1105 58.23 -66.08 60.32
C ALA C 1105 58.09 -64.76 59.59
N ARG C 1106 56.98 -64.09 59.87
CA ARG C 1106 56.73 -62.78 59.29
C ARG C 1106 57.62 -61.75 59.98
N PRO C 1107 57.98 -60.65 59.29
CA PRO C 1107 58.94 -59.68 59.85
C PRO C 1107 58.53 -59.03 61.17
N GLU C 1108 57.23 -58.80 61.39
CA GLU C 1108 56.74 -58.05 62.54
C GLU C 1108 56.56 -58.91 63.79
N LEU C 1109 57.24 -60.06 63.87
CA LEU C 1109 57.11 -60.96 65.01
C LEU C 1109 57.61 -60.30 66.30
N ARG C 1110 56.91 -60.59 67.39
CA ARG C 1110 57.34 -60.08 68.69
C ARG C 1110 58.58 -60.83 69.13
N PRO C 1111 59.59 -60.13 69.66
CA PRO C 1111 60.82 -60.81 70.09
C PRO C 1111 60.71 -61.48 71.45
N ASP C 1112 59.57 -61.39 72.12
CA ASP C 1112 59.38 -62.00 73.44
C ASP C 1112 58.38 -63.14 73.43
N VAL C 1113 57.58 -63.27 72.39
CA VAL C 1113 56.56 -64.31 72.29
C VAL C 1113 57.17 -65.49 71.54
N GLU C 1114 57.00 -66.69 72.09
CA GLU C 1114 57.56 -67.90 71.49
C GLU C 1114 57.00 -68.14 70.10
N LEU C 1115 57.87 -68.64 69.22
CA LEU C 1115 57.51 -68.96 67.85
C LEU C 1115 56.43 -70.05 67.81
N GLY C 1116 55.41 -69.83 67.00
CA GLY C 1116 54.32 -70.77 66.90
C GLY C 1116 53.21 -70.57 67.91
N ALA C 1117 53.43 -69.75 68.94
CA ALA C 1117 52.36 -69.41 69.87
C ALA C 1117 51.33 -68.48 69.25
N ASP C 1118 51.61 -67.92 68.08
CA ASP C 1118 50.70 -67.02 67.39
C ASP C 1118 50.78 -67.31 65.90
N GLU C 1119 50.17 -66.44 65.11
CA GLU C 1119 50.15 -66.59 63.66
C GLU C 1119 51.38 -65.99 62.99
N LEU C 1120 52.25 -65.32 63.75
CA LEU C 1120 53.40 -64.64 63.17
C LEU C 1120 54.56 -65.58 62.90
N ALA C 1121 54.46 -66.86 63.27
CA ALA C 1121 55.54 -67.80 63.02
C ALA C 1121 54.97 -69.12 62.55
N TYR C 1122 55.76 -69.80 61.70
CA TYR C 1122 55.48 -71.14 61.19
C TYR C 1122 56.80 -71.87 61.38
N VAL C 1123 56.95 -72.56 62.52
CA VAL C 1123 58.25 -73.03 62.95
C VAL C 1123 58.11 -74.53 63.24
N PHE C 1124 59.24 -75.22 63.39
CA PHE C 1124 59.23 -76.66 63.62
C PHE C 1124 60.11 -76.96 64.84
N ASN C 1125 59.45 -77.21 65.98
CA ASN C 1125 60.15 -77.65 67.19
C ASN C 1125 60.37 -79.14 67.04
N GLY C 1126 61.45 -79.49 66.37
CA GLY C 1126 61.73 -80.88 66.17
C GLY C 1126 62.39 -81.59 67.33
N HIS C 1127 62.58 -80.92 68.46
CA HIS C 1127 63.09 -81.60 69.65
C HIS C 1127 62.13 -82.69 70.10
N ARG C 1128 60.82 -82.43 70.01
CA ARG C 1128 59.81 -83.44 70.27
C ARG C 1128 59.02 -83.79 69.02
N GLY C 1129 59.56 -83.47 67.84
CA GLY C 1129 58.90 -83.75 66.58
C GLY C 1129 57.57 -83.07 66.39
N GLN C 1130 57.48 -81.77 66.65
CA GLN C 1130 56.24 -81.02 66.58
C GLN C 1130 56.41 -79.81 65.67
N ARG C 1131 55.31 -79.38 65.05
CA ARG C 1131 55.29 -78.17 64.24
C ARG C 1131 54.40 -77.15 64.94
N TRP C 1132 54.89 -75.91 65.06
CA TRP C 1132 54.26 -74.89 65.88
C TRP C 1132 53.77 -73.75 65.01
N HIS C 1133 52.45 -73.49 65.09
CA HIS C 1133 51.82 -72.27 64.56
C HIS C 1133 50.44 -72.15 65.19
N LEU C 1134 50.26 -71.07 66.02
CA LEU C 1134 49.01 -70.87 66.76
C LEU C 1134 48.62 -72.12 67.56
N GLY C 1135 49.60 -72.74 68.18
CA GLY C 1135 49.45 -74.08 68.71
C GLY C 1135 50.35 -75.06 67.98
N SER C 1136 50.30 -76.32 68.41
CA SER C 1136 51.18 -77.31 67.84
C SER C 1136 50.50 -78.65 67.69
N GLU C 1137 50.96 -79.40 66.70
CA GLU C 1137 50.65 -80.81 66.50
C GLU C 1137 51.93 -81.51 66.09
N PRO C 1138 52.08 -82.80 66.41
CA PRO C 1138 53.33 -83.51 66.09
C PRO C 1138 53.61 -83.61 64.59
N PHE C 1139 54.90 -83.57 64.25
CA PHE C 1139 55.33 -83.64 62.86
C PHE C 1139 56.74 -84.23 62.82
N GLY C 1140 56.89 -85.37 62.15
CA GLY C 1140 58.20 -85.95 61.99
C GLY C 1140 58.77 -86.58 63.26
N ARG C 1141 60.09 -86.81 63.21
CA ARG C 1141 60.83 -87.45 64.28
C ARG C 1141 61.77 -86.47 64.97
N PRO C 1142 62.08 -86.70 66.24
CA PRO C 1142 63.14 -85.91 66.90
C PRO C 1142 64.50 -86.12 66.26
N TRP C 1143 65.33 -85.08 66.26
CA TRP C 1143 66.66 -85.20 65.69
C TRP C 1143 67.62 -85.83 66.71
N GLN C 1144 68.91 -85.80 66.37
CA GLN C 1144 69.99 -86.17 67.27
C GLN C 1144 71.12 -85.16 67.08
N SER C 1145 72.23 -85.38 67.76
CA SER C 1145 73.34 -84.44 67.75
C SER C 1145 73.97 -84.30 66.37
N GLY C 1146 74.32 -83.06 66.01
CA GLY C 1146 74.99 -82.80 64.75
C GLY C 1146 74.11 -82.87 63.52
N ASP C 1147 72.79 -82.85 63.69
CA ASP C 1147 71.90 -83.00 62.53
C ASP C 1147 71.74 -81.72 61.72
N VAL C 1148 71.64 -81.89 60.40
CA VAL C 1148 71.44 -80.77 59.46
C VAL C 1148 70.02 -80.82 58.94
N VAL C 1149 69.28 -79.73 59.15
CA VAL C 1149 67.88 -79.63 58.76
C VAL C 1149 67.79 -78.55 57.70
N GLY C 1150 67.28 -78.91 56.52
CA GLY C 1150 67.06 -77.96 55.45
C GLY C 1150 65.61 -77.59 55.26
N CYS C 1151 65.26 -76.38 55.70
CA CYS C 1151 63.87 -75.97 55.63
C CYS C 1151 63.49 -75.59 54.20
N MET C 1152 62.26 -75.93 53.81
CA MET C 1152 61.71 -75.62 52.51
C MET C 1152 60.79 -74.41 52.63
N ILE C 1153 60.53 -73.77 51.50
CA ILE C 1153 59.41 -72.83 51.37
C ILE C 1153 59.08 -72.70 49.90
N ASP C 1154 57.77 -72.73 49.61
CA ASP C 1154 57.26 -72.61 48.24
C ASP C 1154 56.21 -71.52 48.30
N LEU C 1155 56.61 -70.32 47.88
CA LEU C 1155 55.75 -69.15 47.90
C LEU C 1155 54.59 -69.25 46.92
N THR C 1156 54.72 -70.10 45.89
CA THR C 1156 53.65 -70.26 44.91
C THR C 1156 52.54 -71.14 45.47
N GLU C 1157 52.89 -72.37 45.85
CA GLU C 1157 51.92 -73.31 46.42
C GLU C 1157 51.65 -73.04 47.89
N ASN C 1158 52.35 -72.06 48.49
CA ASN C 1158 52.20 -71.65 49.88
C ASN C 1158 52.45 -72.81 50.83
N THR C 1159 53.49 -73.58 50.54
CA THR C 1159 53.75 -74.79 51.31
C THR C 1159 55.07 -74.72 52.07
N ILE C 1160 55.06 -75.35 53.24
CA ILE C 1160 56.20 -75.43 54.15
C ILE C 1160 56.53 -76.90 54.35
N ILE C 1161 57.79 -77.28 54.07
CA ILE C 1161 58.25 -78.65 54.23
C ILE C 1161 59.58 -78.55 54.99
N PHE C 1162 59.97 -79.63 55.65
CA PHE C 1162 61.24 -79.68 56.37
C PHE C 1162 61.97 -80.96 56.01
N THR C 1163 63.28 -80.86 55.80
CA THR C 1163 64.09 -82.03 55.45
C THR C 1163 65.14 -82.25 56.54
N LEU C 1164 65.28 -83.48 56.99
CA LEU C 1164 66.22 -83.83 58.05
C LEU C 1164 67.29 -84.71 57.44
N ASN C 1165 68.50 -84.14 57.32
CA ASN C 1165 69.71 -84.83 56.81
C ASN C 1165 69.46 -85.46 55.44
N GLY C 1166 68.79 -84.70 54.56
CA GLY C 1166 68.45 -85.19 53.26
C GLY C 1166 67.22 -86.06 53.18
N GLU C 1167 66.53 -86.28 54.30
CA GLU C 1167 65.33 -87.09 54.33
C GLU C 1167 64.12 -86.19 54.59
N VAL C 1168 63.08 -86.35 53.78
CA VAL C 1168 61.89 -85.53 53.88
C VAL C 1168 61.08 -85.99 55.08
N LEU C 1169 60.77 -85.06 55.97
CA LEU C 1169 59.95 -85.35 57.14
C LEU C 1169 58.49 -85.50 56.76
N MET C 1170 57.75 -86.24 57.58
CA MET C 1170 56.37 -86.60 57.31
C MET C 1170 55.48 -86.17 58.46
N SER C 1171 54.29 -85.70 58.12
CA SER C 1171 53.26 -85.39 59.10
C SER C 1171 52.54 -86.67 59.49
N ASP C 1172 51.63 -86.55 60.46
CA ASP C 1172 50.82 -87.70 60.89
C ASP C 1172 49.61 -87.89 59.99
N SER C 1173 49.85 -87.92 58.68
CA SER C 1173 48.85 -88.05 57.61
C SER C 1173 49.62 -88.25 56.32
N GLY C 1174 48.91 -88.22 55.20
CA GLY C 1174 49.54 -88.31 53.89
C GLY C 1174 50.09 -87.01 53.35
N SER C 1175 49.99 -85.92 54.11
CA SER C 1175 50.42 -84.61 53.64
C SER C 1175 51.94 -84.54 53.58
N GLU C 1176 52.47 -84.19 52.41
CA GLU C 1176 53.91 -84.03 52.21
C GLU C 1176 54.45 -82.74 52.82
N THR C 1177 53.57 -81.78 53.11
CA THR C 1177 53.99 -80.46 53.57
C THR C 1177 53.56 -80.23 55.01
N ALA C 1178 54.46 -79.64 55.80
CA ALA C 1178 54.14 -79.33 57.19
C ALA C 1178 53.04 -78.29 57.29
N PHE C 1179 53.09 -77.25 56.47
CA PHE C 1179 52.07 -76.22 56.47
C PHE C 1179 51.66 -75.93 55.03
N ARG C 1180 50.45 -75.40 54.89
CA ARG C 1180 49.88 -75.14 53.57
C ARG C 1180 48.87 -74.01 53.69
N GLU C 1181 48.42 -73.55 52.51
CA GLU C 1181 47.47 -72.44 52.28
C GLU C 1181 47.74 -71.24 53.21
N ILE C 1182 48.98 -70.77 53.17
CA ILE C 1182 49.40 -69.61 53.94
C ILE C 1182 49.44 -68.38 53.02
N GLU C 1183 48.75 -67.33 53.42
CA GLU C 1183 48.72 -66.11 52.64
C GLU C 1183 50.11 -65.45 52.64
N ILE C 1184 50.45 -64.82 51.52
CA ILE C 1184 51.76 -64.21 51.38
C ILE C 1184 51.84 -62.92 52.18
N GLY C 1185 51.03 -61.93 51.81
CA GLY C 1185 51.04 -60.64 52.46
C GLY C 1185 52.39 -59.95 52.34
N ASP C 1186 52.92 -59.53 53.49
CA ASP C 1186 54.22 -58.86 53.53
C ASP C 1186 55.35 -59.77 53.06
N GLY C 1187 55.33 -61.04 53.47
CA GLY C 1187 56.31 -62.02 53.10
C GLY C 1187 56.80 -62.79 54.30
N PHE C 1188 57.84 -63.58 54.08
CA PHE C 1188 58.42 -64.42 55.13
C PHE C 1188 59.93 -64.28 55.12
N LEU C 1189 60.52 -64.56 56.27
CA LEU C 1189 61.96 -64.58 56.44
C LEU C 1189 62.36 -65.77 57.30
N PRO C 1190 63.52 -66.37 57.05
CA PRO C 1190 63.99 -67.48 57.87
C PRO C 1190 64.27 -67.04 59.30
N VAL C 1191 64.00 -67.94 60.24
CA VAL C 1191 64.13 -67.62 61.65
C VAL C 1191 64.49 -68.90 62.40
N CYS C 1192 65.29 -68.75 63.46
CA CYS C 1192 65.64 -69.88 64.31
C CYS C 1192 65.82 -69.38 65.72
N SER C 1193 65.72 -70.30 66.67
CA SER C 1193 65.84 -69.95 68.07
C SER C 1193 66.49 -71.11 68.81
N LEU C 1194 67.14 -70.76 69.92
CA LEU C 1194 67.87 -71.71 70.75
C LEU C 1194 67.50 -71.52 72.22
N GLY C 1195 67.35 -72.65 72.90
CA GLY C 1195 67.14 -72.74 74.32
C GLY C 1195 68.42 -72.56 75.10
N PRO C 1196 68.29 -72.63 76.43
CA PRO C 1196 69.46 -72.52 77.30
C PRO C 1196 70.46 -73.64 77.04
N GLY C 1197 71.75 -73.28 77.06
CA GLY C 1197 72.83 -74.22 76.79
C GLY C 1197 72.77 -74.83 75.40
N GLN C 1198 72.52 -74.01 74.36
CA GLN C 1198 72.38 -74.65 73.06
C GLN C 1198 73.31 -74.07 72.02
N VAL C 1199 73.73 -74.92 71.08
CA VAL C 1199 74.63 -74.53 69.99
C VAL C 1199 74.07 -75.01 68.66
N GLY C 1200 73.86 -74.07 67.74
CA GLY C 1200 73.39 -74.40 66.41
C GLY C 1200 74.06 -73.50 65.38
N HIS C 1201 74.17 -74.02 64.17
CA HIS C 1201 74.78 -73.34 63.04
C HIS C 1201 73.69 -73.03 62.03
N LEU C 1202 73.60 -71.77 61.63
CA LEU C 1202 72.61 -71.36 60.64
C LEU C 1202 73.33 -71.12 59.32
N ASN C 1203 72.85 -71.78 58.26
CA ASN C 1203 73.49 -71.62 56.96
C ASN C 1203 72.42 -71.20 55.95
N LEU C 1204 72.59 -70.02 55.37
CA LEU C 1204 71.60 -69.44 54.48
C LEU C 1204 71.83 -69.83 53.03
N GLY C 1205 72.78 -70.71 52.76
CA GLY C 1205 73.10 -71.09 51.40
C GLY C 1205 74.04 -70.15 50.69
N GLN C 1206 74.68 -69.23 51.44
CA GLN C 1206 75.62 -68.29 50.83
C GLN C 1206 76.83 -68.98 50.22
N ASP C 1207 77.21 -70.15 50.72
CA ASP C 1207 78.28 -70.92 50.11
C ASP C 1207 77.73 -72.28 49.67
N VAL C 1208 77.91 -72.57 48.37
CA VAL C 1208 77.40 -73.80 47.79
C VAL C 1208 78.16 -75.00 48.34
N SER C 1209 79.47 -74.84 48.58
CA SER C 1209 80.27 -75.91 49.17
C SER C 1209 79.81 -76.19 50.60
N SER C 1210 79.48 -75.12 51.35
CA SER C 1210 78.98 -75.29 52.71
C SER C 1210 77.65 -76.01 52.72
N LEU C 1211 76.86 -75.85 51.64
CA LEU C 1211 75.64 -76.64 51.53
C LEU C 1211 76.00 -78.11 51.30
N ARG C 1212 75.27 -79.00 51.98
CA ARG C 1212 75.56 -80.42 51.94
C ARG C 1212 74.38 -81.29 51.52
N PHE C 1213 73.15 -80.82 51.72
CA PHE C 1213 71.98 -81.60 51.37
C PHE C 1213 71.09 -80.89 50.36
N PHE C 1214 71.47 -79.68 49.93
CA PHE C 1214 70.70 -78.95 48.92
C PHE C 1214 70.67 -79.71 47.60
N ALA C 1215 71.82 -80.25 47.19
CA ALA C 1215 71.86 -81.10 46.00
C ALA C 1215 71.03 -82.36 46.20
N ILE C 1216 71.11 -82.93 47.42
CA ILE C 1216 70.32 -84.10 47.76
C ILE C 1216 68.82 -83.75 47.72
N CYS C 1217 68.44 -82.62 48.29
CA CYS C 1217 67.04 -82.21 48.28
C CYS C 1217 66.93 -80.69 48.15
N GLY C 1218 66.21 -80.25 47.12
CA GLY C 1218 65.96 -78.85 46.87
C GLY C 1218 66.50 -78.32 45.56
N LEU C 1219 67.72 -78.72 45.21
CA LEU C 1219 68.32 -78.25 43.97
C LEU C 1219 67.60 -78.83 42.77
N GLN C 1220 67.39 -80.15 42.78
CA GLN C 1220 66.60 -80.72 41.71
C GLN C 1220 65.12 -80.42 41.87
N GLU C 1221 64.72 -79.93 43.04
CA GLU C 1221 63.34 -79.56 43.32
C GLU C 1221 63.06 -78.12 42.93
N GLY C 1222 64.04 -77.42 42.38
CA GLY C 1222 63.85 -76.04 41.98
C GLY C 1222 64.02 -75.02 43.06
N PHE C 1223 64.42 -75.43 44.27
CA PHE C 1223 64.58 -74.49 45.36
C PHE C 1223 65.84 -73.66 45.16
N GLU C 1224 65.98 -72.62 45.99
CA GLU C 1224 67.04 -71.66 45.86
C GLU C 1224 67.72 -71.48 47.21
N PRO C 1225 69.05 -71.37 47.24
CA PRO C 1225 69.72 -70.92 48.46
C PRO C 1225 69.26 -69.52 48.82
N PHE C 1226 68.98 -69.31 50.11
CA PHE C 1226 68.40 -68.04 50.55
C PHE C 1226 69.35 -66.88 50.33
N ALA C 1227 70.65 -67.12 50.42
CA ALA C 1227 71.66 -66.09 50.28
C ALA C 1227 72.58 -66.37 49.11
N ILE C 1228 72.00 -66.79 47.98
CA ILE C 1228 72.79 -67.39 46.90
C ILE C 1228 73.72 -66.38 46.24
N ASN C 1229 73.26 -65.15 45.98
CA ASN C 1229 74.12 -64.14 45.40
C ASN C 1229 74.25 -63.01 46.41
N MET C 1230 75.09 -63.22 47.41
CA MET C 1230 75.43 -62.25 48.43
C MET C 1230 76.94 -62.11 48.49
N GLN C 1231 77.43 -60.89 48.52
CA GLN C 1231 78.86 -60.65 48.71
CA GLN C 1231 78.86 -60.65 48.71
C GLN C 1231 79.22 -60.61 50.19
N ARG C 1232 78.54 -59.79 50.96
CA ARG C 1232 78.72 -59.76 52.39
C ARG C 1232 77.79 -60.79 53.03
N PRO C 1233 78.13 -61.28 54.23
CA PRO C 1233 77.21 -62.14 54.96
C PRO C 1233 75.91 -61.42 55.29
N VAL C 1234 74.80 -62.18 55.24
CA VAL C 1234 73.47 -61.61 55.46
C VAL C 1234 73.34 -61.15 56.90
N THR C 1235 72.90 -59.91 57.07
CA THR C 1235 72.69 -59.37 58.40
C THR C 1235 71.53 -60.08 59.08
N THR C 1236 71.80 -60.59 60.27
CA THR C 1236 70.80 -61.27 61.07
C THR C 1236 70.69 -60.56 62.41
N TRP C 1237 69.56 -60.77 63.06
CA TRP C 1237 69.14 -60.05 64.25
C TRP C 1237 68.76 -61.06 65.33
N PHE C 1238 68.96 -60.67 66.58
CA PHE C 1238 68.56 -61.53 67.68
C PHE C 1238 67.67 -60.75 68.63
N SER C 1239 67.09 -61.46 69.59
CA SER C 1239 66.24 -60.85 70.60
C SER C 1239 67.07 -60.57 71.85
N LYS C 1240 67.36 -59.29 72.10
CA LYS C 1240 68.16 -58.85 73.22
C LYS C 1240 67.31 -58.80 74.47
N SER C 1241 67.65 -59.61 75.47
CA SER C 1241 66.92 -59.65 76.73
C SER C 1241 67.52 -58.64 77.72
N LEU C 1242 67.44 -57.37 77.35
CA LEU C 1242 67.92 -56.28 78.19
C LEU C 1242 66.79 -55.28 78.34
N PRO C 1243 66.35 -54.98 79.57
CA PRO C 1243 65.23 -54.06 79.76
C PRO C 1243 65.51 -52.65 79.23
N GLN C 1244 64.51 -52.09 78.56
CA GLN C 1244 64.56 -50.74 78.04
C GLN C 1244 63.19 -50.11 78.19
N PHE C 1245 63.15 -48.79 78.15
CA PHE C 1245 61.91 -48.05 78.30
C PHE C 1245 61.42 -47.55 76.96
N GLU C 1246 60.17 -47.86 76.63
CA GLU C 1246 59.53 -47.45 75.40
C GLU C 1246 58.12 -46.99 75.71
N PRO C 1247 57.58 -46.05 74.92
CA PRO C 1247 56.22 -45.56 75.16
C PRO C 1247 55.17 -46.64 74.98
N VAL C 1248 54.06 -46.49 75.72
CA VAL C 1248 52.97 -47.47 75.68
C VAL C 1248 52.30 -47.43 74.31
N PRO C 1249 51.95 -48.58 73.74
CA PRO C 1249 51.15 -48.58 72.52
C PRO C 1249 49.73 -48.14 72.82
N PRO C 1250 49.16 -47.25 72.00
CA PRO C 1250 47.76 -46.83 72.21
C PRO C 1250 46.76 -47.97 72.04
N GLU C 1251 47.12 -49.02 71.33
CA GLU C 1251 46.25 -50.16 71.06
C GLU C 1251 46.29 -51.21 72.16
N HIS C 1252 47.04 -50.98 73.23
CA HIS C 1252 47.27 -51.97 74.27
C HIS C 1252 45.98 -52.32 74.98
N PRO C 1253 45.54 -53.59 74.94
CA PRO C 1253 44.25 -53.95 75.56
C PRO C 1253 44.22 -53.87 77.07
N HIS C 1254 45.38 -53.87 77.73
CA HIS C 1254 45.43 -53.92 79.18
C HIS C 1254 45.63 -52.56 79.83
N TYR C 1255 46.61 -51.78 79.37
CA TYR C 1255 47.02 -50.54 80.01
C TYR C 1255 46.77 -49.35 79.11
N GLU C 1256 46.32 -48.24 79.69
CA GLU C 1256 46.16 -47.00 78.96
C GLU C 1256 46.61 -45.85 79.83
N VAL C 1257 47.02 -44.76 79.19
CA VAL C 1257 47.32 -43.50 79.85
C VAL C 1257 46.65 -42.39 79.06
N ALA C 1258 45.88 -41.54 79.74
CA ALA C 1258 45.15 -40.46 79.11
C ALA C 1258 45.71 -39.12 79.57
N ARG C 1259 45.88 -38.21 78.62
CA ARG C 1259 46.39 -36.87 78.89
C ARG C 1259 45.21 -35.91 79.06
N MET C 1260 45.12 -35.28 80.22
CA MET C 1260 44.01 -34.39 80.56
C MET C 1260 44.51 -32.96 80.63
N ASP C 1261 43.67 -32.03 80.17
CA ASP C 1261 44.01 -30.62 80.22
C ASP C 1261 44.00 -30.15 81.68
N GLY C 1262 44.99 -29.35 82.05
CA GLY C 1262 45.08 -28.86 83.41
C GLY C 1262 44.18 -27.67 83.65
N THR C 1263 43.29 -27.76 84.62
CA THR C 1263 42.37 -26.67 84.95
C THR C 1263 43.06 -25.69 85.89
N VAL C 1264 42.30 -24.69 86.36
CA VAL C 1264 42.83 -23.71 87.30
C VAL C 1264 43.14 -24.36 88.65
N ASP C 1265 42.34 -25.33 89.06
CA ASP C 1265 42.52 -26.01 90.34
C ASP C 1265 43.32 -27.29 90.22
N THR C 1266 43.27 -27.95 89.06
CA THR C 1266 43.96 -29.21 88.87
C THR C 1266 45.07 -29.05 87.85
N PRO C 1267 46.29 -29.47 88.19
CA PRO C 1267 47.40 -29.39 87.23
C PRO C 1267 47.24 -30.45 86.16
N PRO C 1268 47.97 -30.33 85.04
CA PRO C 1268 47.96 -31.41 84.05
C PRO C 1268 48.44 -32.73 84.62
N CYS C 1269 47.78 -33.80 84.21
CA CYS C 1269 47.99 -35.10 84.81
C CYS C 1269 48.05 -36.20 83.75
N LEU C 1270 48.72 -37.28 84.13
CA LEU C 1270 48.85 -38.49 83.33
C LEU C 1270 48.18 -39.61 84.12
N ARG C 1271 46.90 -39.84 83.88
CA ARG C 1271 46.19 -40.89 84.61
C ARG C 1271 46.40 -42.23 83.92
N LEU C 1272 46.79 -43.23 84.69
CA LEU C 1272 47.03 -44.59 84.21
C LEU C 1272 45.91 -45.49 84.67
N ALA C 1273 45.35 -46.27 83.75
CA ALA C 1273 44.23 -47.13 84.09
C ALA C 1273 44.40 -48.50 83.45
N HIS C 1274 44.09 -49.54 84.22
CA HIS C 1274 44.09 -50.92 83.71
C HIS C 1274 42.77 -51.13 82.98
N ARG C 1275 42.84 -51.25 81.65
CA ARG C 1275 41.66 -51.27 80.80
C ARG C 1275 40.78 -52.49 81.06
N THR C 1276 41.37 -53.68 80.99
CA THR C 1276 40.62 -54.92 81.14
C THR C 1276 40.54 -55.41 82.58
N TRP C 1277 40.77 -54.53 83.56
CA TRP C 1277 40.69 -54.91 84.95
C TRP C 1277 39.26 -55.29 85.32
N GLY C 1278 39.13 -56.24 86.25
CA GLY C 1278 37.84 -56.75 86.64
C GLY C 1278 37.21 -57.72 85.66
N SER C 1279 37.95 -58.13 84.64
CA SER C 1279 37.48 -59.06 83.63
C SER C 1279 38.37 -60.29 83.62
N GLN C 1280 37.97 -61.27 82.83
CA GLN C 1280 38.75 -62.49 82.68
C GLN C 1280 40.03 -62.19 81.91
N ASN C 1281 41.02 -63.08 82.11
CA ASN C 1281 42.36 -63.10 81.50
C ASN C 1281 43.04 -61.73 81.43
N SER C 1282 42.89 -60.93 82.50
CA SER C 1282 43.52 -59.63 82.60
C SER C 1282 44.91 -59.80 83.19
N LEU C 1283 45.93 -59.34 82.46
CA LEU C 1283 47.31 -59.51 82.89
C LEU C 1283 47.59 -58.63 84.11
N VAL C 1284 48.10 -59.24 85.16
CA VAL C 1284 48.47 -58.55 86.40
C VAL C 1284 49.91 -58.95 86.71
N GLU C 1285 50.80 -57.97 86.76
CA GLU C 1285 52.22 -58.24 86.94
C GLU C 1285 52.89 -56.99 87.47
N MET C 1286 54.11 -57.16 88.00
CA MET C 1286 54.91 -56.05 88.51
C MET C 1286 55.29 -55.15 87.34
N LEU C 1287 54.66 -53.99 87.24
CA LEU C 1287 54.82 -53.11 86.09
C LEU C 1287 55.63 -51.89 86.45
N PHE C 1288 56.59 -51.54 85.60
CA PHE C 1288 57.49 -50.42 85.82
C PHE C 1288 57.12 -49.26 84.90
N LEU C 1289 56.93 -48.08 85.48
CA LEU C 1289 56.50 -46.92 84.71
C LEU C 1289 57.49 -45.79 84.96
N ARG C 1290 57.72 -44.96 83.94
CA ARG C 1290 58.58 -43.81 84.11
C ARG C 1290 58.21 -42.73 83.11
N LEU C 1291 58.63 -41.50 83.40
CA LEU C 1291 58.37 -40.44 82.44
C LEU C 1291 59.36 -40.51 81.27
N SER C 1292 59.00 -39.85 80.17
CA SER C 1292 59.79 -39.95 78.94
C SER C 1292 61.11 -39.20 79.04
N LEU C 1293 61.08 -38.00 79.60
CA LEU C 1293 62.30 -37.22 79.60
C LEU C 1293 62.89 -37.15 81.01
N PRO C 1294 64.21 -37.16 81.14
CA PRO C 1294 64.81 -37.03 82.47
C PRO C 1294 65.07 -35.58 82.82
N VAL C 1295 65.68 -35.38 83.99
CA VAL C 1295 66.12 -34.05 84.42
C VAL C 1295 67.59 -34.16 84.80
N GLN C 1296 68.38 -33.19 84.36
CA GLN C 1296 69.81 -33.14 84.61
C GLN C 1296 70.12 -32.10 85.66
N PHE C 1297 70.88 -32.49 86.68
CA PHE C 1297 71.24 -31.58 87.75
C PHE C 1297 72.22 -30.52 87.23
N HIS C 1298 72.45 -29.50 88.07
CA HIS C 1298 73.39 -28.44 87.74
C HIS C 1298 74.80 -28.99 87.58
N GLN C 1299 75.54 -28.38 86.66
CA GLN C 1299 76.89 -28.84 86.35
C GLN C 1299 77.82 -28.70 87.54
N HIS C 1300 77.75 -27.57 88.24
CA HIS C 1300 78.57 -27.34 89.41
C HIS C 1300 77.65 -27.03 90.60
N PHE C 1301 77.87 -27.74 91.70
CA PHE C 1301 77.09 -27.49 92.89
C PHE C 1301 77.49 -26.16 93.52
N ARG C 1302 76.54 -25.55 94.24
CA ARG C 1302 76.84 -24.33 94.96
C ARG C 1302 77.75 -24.62 96.15
N CYS C 1303 78.42 -23.57 96.63
CA CYS C 1303 79.25 -23.68 97.81
C CYS C 1303 78.42 -24.01 99.04
N THR C 1304 78.94 -24.92 99.87
CA THR C 1304 78.32 -25.44 101.09
C THR C 1304 76.91 -26.00 100.85
N ASP C 1419 45.89 -17.27 99.71
CA ASP C 1419 47.00 -18.14 100.09
C ASP C 1419 47.64 -18.73 98.83
N ASN C 1420 48.84 -19.30 99.01
CA ASN C 1420 49.64 -19.93 97.94
C ASN C 1420 49.91 -18.93 96.81
N ARG C 1421 50.29 -17.71 97.18
CA ARG C 1421 50.69 -16.70 96.21
C ARG C 1421 52.22 -16.67 96.17
N ASP C 1422 52.78 -17.13 95.06
CA ASP C 1422 54.22 -17.27 94.94
C ASP C 1422 54.93 -15.93 94.94
N ASP C 1423 56.11 -15.91 95.54
CA ASP C 1423 57.00 -14.76 95.43
C ASP C 1423 57.62 -14.80 94.04
N PRO C 1424 57.43 -13.75 93.21
CA PRO C 1424 57.92 -13.80 91.81
C PRO C 1424 59.43 -13.98 91.66
N GLU C 1425 60.24 -13.43 92.56
CA GLU C 1425 61.67 -13.60 92.41
C GLU C 1425 62.14 -14.94 92.97
N ILE C 1426 61.47 -15.46 94.01
CA ILE C 1426 61.81 -16.77 94.54
C ILE C 1426 61.48 -17.86 93.53
N ILE C 1427 60.28 -17.79 92.93
CA ILE C 1427 59.83 -18.84 92.01
C ILE C 1427 60.75 -18.92 90.78
N LEU C 1428 61.37 -17.81 90.40
CA LEU C 1428 62.28 -17.76 89.26
C LEU C 1428 63.72 -18.07 89.66
N ASN C 1429 64.10 -17.90 90.92
CA ASN C 1429 65.49 -18.14 91.31
C ASN C 1429 65.72 -19.47 92.03
N THR C 1430 64.67 -20.12 92.53
CA THR C 1430 64.82 -21.36 93.28
C THR C 1430 65.33 -22.49 92.39
N THR C 1431 66.04 -23.42 93.01
CA THR C 1431 66.54 -24.62 92.35
C THR C 1431 65.82 -25.87 92.84
N THR C 1432 64.67 -25.70 93.48
CA THR C 1432 63.89 -26.80 94.03
C THR C 1432 62.62 -26.95 93.21
N TYR C 1433 62.30 -28.20 92.85
CA TYR C 1433 61.17 -28.52 92.00
C TYR C 1433 60.36 -29.63 92.65
N TYR C 1434 59.07 -29.67 92.32
CA TYR C 1434 58.14 -30.60 92.94
C TYR C 1434 57.18 -31.20 91.93
N TYR C 1435 56.82 -32.46 92.15
CA TYR C 1435 55.67 -33.03 91.47
C TYR C 1435 54.94 -33.92 92.46
N SER C 1436 53.72 -34.32 92.12
CA SER C 1436 52.96 -35.20 92.99
C SER C 1436 52.42 -36.38 92.22
N VAL C 1437 52.14 -37.46 92.93
CA VAL C 1437 51.54 -38.64 92.35
C VAL C 1437 50.37 -39.04 93.25
N ARG C 1438 49.27 -39.46 92.62
CA ARG C 1438 48.06 -39.82 93.34
C ARG C 1438 47.90 -41.33 93.20
N VAL C 1439 47.85 -42.02 94.33
CA VAL C 1439 47.62 -43.45 94.40
C VAL C 1439 46.13 -43.63 94.70
N PHE C 1440 45.38 -43.96 93.64
CA PHE C 1440 43.92 -44.07 93.67
C PHE C 1440 43.46 -45.16 94.63
N ALA C 1441 42.20 -45.04 95.06
CA ALA C 1441 41.60 -46.04 95.91
C ALA C 1441 41.52 -47.38 95.18
N GLY C 1442 41.51 -48.46 95.95
CA GLY C 1442 41.58 -49.79 95.37
C GLY C 1442 42.99 -50.25 95.06
N GLN C 1443 43.97 -49.36 95.12
CA GLN C 1443 45.37 -49.70 94.94
C GLN C 1443 46.06 -49.57 96.29
N GLU C 1444 46.64 -50.67 96.75
CA GLU C 1444 47.30 -50.69 98.06
C GLU C 1444 48.57 -49.85 98.02
N PRO C 1445 48.75 -48.93 98.98
CA PRO C 1445 50.01 -48.15 99.04
C PRO C 1445 51.25 -49.02 99.25
N SER C 1446 51.10 -50.19 99.85
CA SER C 1446 52.22 -51.13 100.00
C SER C 1446 52.65 -51.73 98.68
N CYS C 1447 51.82 -51.65 97.64
CA CYS C 1447 52.16 -52.15 96.32
C CYS C 1447 52.68 -51.06 95.40
N VAL C 1448 52.89 -49.85 95.92
CA VAL C 1448 53.31 -48.70 95.14
C VAL C 1448 54.63 -48.19 95.69
N TRP C 1449 55.61 -48.00 94.81
CA TRP C 1449 56.88 -47.38 95.13
C TRP C 1449 57.02 -46.12 94.28
N VAL C 1450 57.44 -45.02 94.88
CA VAL C 1450 57.49 -43.73 94.19
C VAL C 1450 58.90 -43.15 94.31
N GLY C 1451 59.47 -42.69 93.20
CA GLY C 1451 60.77 -42.04 93.24
C GLY C 1451 61.41 -41.77 91.89
N TRP C 1452 62.73 -41.98 91.81
CA TRP C 1452 63.51 -41.70 90.62
C TRP C 1452 64.42 -42.87 90.26
N VAL C 1453 64.75 -42.97 88.97
CA VAL C 1453 65.73 -43.93 88.47
C VAL C 1453 66.69 -43.22 87.53
N THR C 1454 67.95 -43.63 87.57
CA THR C 1454 68.92 -43.22 86.57
C THR C 1454 68.60 -43.91 85.25
N PRO C 1455 69.04 -43.36 84.11
CA PRO C 1455 68.70 -43.98 82.81
C PRO C 1455 69.22 -45.39 82.61
N ASP C 1456 70.25 -45.82 83.34
CA ASP C 1456 70.79 -47.17 83.19
C ASP C 1456 70.08 -48.21 84.07
N TYR C 1457 68.86 -47.92 84.51
CA TYR C 1457 68.09 -48.88 85.29
C TYR C 1457 67.49 -49.91 84.33
N HIS C 1458 68.02 -51.13 84.36
CA HIS C 1458 67.57 -52.22 83.50
C HIS C 1458 67.39 -53.49 84.31
N GLN C 1459 66.66 -53.38 85.42
CA GLN C 1459 66.33 -54.51 86.29
C GLN C 1459 64.83 -54.77 86.19
N HIS C 1460 64.46 -55.85 85.51
CA HIS C 1460 63.06 -56.24 85.30
C HIS C 1460 62.78 -57.43 86.20
N ASP C 1461 62.17 -57.17 87.36
CA ASP C 1461 61.90 -58.19 88.36
C ASP C 1461 60.42 -58.23 88.67
N MET C 1462 59.83 -59.42 88.67
CA MET C 1462 58.46 -59.59 89.12
C MET C 1462 58.32 -59.50 90.64
N ASN C 1463 59.42 -59.58 91.38
CA ASN C 1463 59.42 -59.49 92.84
C ASN C 1463 60.15 -58.24 93.32
N PHE C 1464 59.92 -57.12 92.66
CA PHE C 1464 60.60 -55.87 92.99
C PHE C 1464 60.15 -55.37 94.37
N ASP C 1465 61.12 -54.83 95.11
CA ASP C 1465 60.89 -54.11 96.36
C ASP C 1465 62.10 -53.21 96.58
N LEU C 1466 62.20 -52.62 97.78
CA LEU C 1466 63.35 -51.80 98.09
C LEU C 1466 64.63 -52.62 98.30
N SER C 1467 64.52 -53.94 98.43
CA SER C 1467 65.70 -54.79 98.58
C SER C 1467 66.41 -54.98 97.25
N LYS C 1468 65.66 -55.08 96.14
CA LYS C 1468 66.25 -55.27 94.83
C LYS C 1468 66.95 -54.03 94.29
N VAL C 1469 66.81 -52.88 94.94
CA VAL C 1469 67.46 -51.65 94.51
C VAL C 1469 68.97 -51.81 94.58
N ARG C 1470 69.65 -51.48 93.49
CA ARG C 1470 71.10 -51.59 93.44
C ARG C 1470 71.71 -50.37 94.12
N ALA C 1471 72.67 -50.61 95.02
CA ALA C 1471 73.34 -49.53 95.74
C ALA C 1471 74.72 -49.98 96.15
N VAL C 1472 75.65 -49.02 96.18
CA VAL C 1472 77.03 -49.28 96.61
C VAL C 1472 77.58 -48.01 97.22
N THR C 1473 78.31 -48.13 98.32
CA THR C 1473 78.91 -46.98 98.98
C THR C 1473 80.39 -46.96 98.64
N VAL C 1474 80.85 -45.82 98.12
CA VAL C 1474 82.22 -45.64 97.69
C VAL C 1474 82.90 -44.68 98.65
N THR C 1475 83.96 -45.17 99.29
CA THR C 1475 84.74 -44.45 100.29
C THR C 1475 86.11 -44.10 99.74
N MET C 1476 86.47 -42.82 99.85
CA MET C 1476 87.73 -42.27 99.40
C MET C 1476 88.45 -41.74 100.63
N GLY C 1477 89.68 -42.24 100.83
CA GLY C 1477 90.56 -41.84 101.91
C GLY C 1477 91.96 -41.66 101.39
N ASP C 1478 92.86 -41.21 102.27
CA ASP C 1478 94.26 -41.05 101.90
C ASP C 1478 95.03 -42.33 102.20
N GLU C 1479 96.37 -42.25 102.16
CA GLU C 1479 97.24 -43.41 102.34
C GLU C 1479 97.09 -44.05 103.71
N GLN C 1480 96.70 -43.28 104.74
CA GLN C 1480 96.52 -43.80 106.09
C GLN C 1480 95.14 -43.37 106.60
N GLY C 1481 94.13 -44.17 106.27
CA GLY C 1481 92.75 -43.94 106.69
C GLY C 1481 92.23 -42.61 106.18
N ASN C 1482 91.76 -41.77 107.12
CA ASN C 1482 91.32 -40.39 106.90
C ASN C 1482 90.22 -40.35 105.83
N VAL C 1483 89.08 -40.93 106.18
CA VAL C 1483 87.92 -40.89 105.30
C VAL C 1483 87.48 -39.44 105.09
N HIS C 1484 87.36 -39.06 103.82
CA HIS C 1484 86.94 -37.72 103.47
C HIS C 1484 85.91 -37.68 102.36
N SER C 1485 85.62 -38.80 101.69
CA SER C 1485 84.59 -38.74 100.65
C SER C 1485 83.88 -40.08 100.60
N SER C 1486 82.58 -40.11 100.87
CA SER C 1486 81.88 -41.39 100.86
C SER C 1486 80.47 -41.14 100.38
N LEU C 1487 80.21 -41.51 99.13
CA LEU C 1487 78.92 -41.33 98.51
C LEU C 1487 78.30 -42.66 98.14
N LYS C 1488 77.02 -42.63 97.82
CA LYS C 1488 76.28 -43.83 97.48
C LYS C 1488 75.83 -43.78 96.03
N CYS C 1489 76.18 -44.82 95.28
CA CYS C 1489 75.86 -44.93 93.87
C CYS C 1489 74.69 -45.90 93.74
N SER C 1490 73.57 -45.40 93.25
CA SER C 1490 72.37 -46.19 93.04
C SER C 1490 71.81 -45.88 91.66
N ASN C 1491 71.24 -46.89 91.02
CA ASN C 1491 70.56 -46.69 89.75
C ASN C 1491 69.11 -46.26 89.95
N CYS C 1492 68.66 -46.25 91.20
CA CYS C 1492 67.27 -45.96 91.53
C CYS C 1492 67.23 -45.29 92.89
N TYR C 1493 66.56 -44.14 92.96
CA TYR C 1493 66.44 -43.35 94.20
C TYR C 1493 64.96 -43.20 94.48
N MET C 1494 64.41 -44.15 95.23
CA MET C 1494 62.97 -44.34 95.22
C MET C 1494 62.51 -44.90 96.57
N VAL C 1495 61.35 -44.44 97.01
CA VAL C 1495 60.83 -44.79 98.33
C VAL C 1495 59.58 -45.64 98.16
N TRP C 1496 59.06 -46.13 99.28
CA TRP C 1496 57.93 -47.05 99.28
C TRP C 1496 56.68 -46.31 99.75
N GLY C 1497 55.60 -46.46 98.98
CA GLY C 1497 54.35 -45.78 99.29
C GLY C 1497 53.70 -46.26 100.56
N GLY C 1498 53.85 -47.55 100.89
CA GLY C 1498 53.21 -48.14 102.06
C GLY C 1498 53.70 -47.58 103.38
N ASP C 1499 54.85 -46.91 103.39
CA ASP C 1499 55.42 -46.31 104.59
C ASP C 1499 54.90 -44.90 104.83
N PHE C 1500 53.84 -44.49 104.15
CA PHE C 1500 53.30 -43.14 104.25
C PHE C 1500 51.86 -43.11 104.74
N VAL C 1501 51.26 -44.25 105.06
CA VAL C 1501 49.87 -44.32 105.47
C VAL C 1501 49.82 -44.85 106.90
N SER C 1502 48.78 -44.44 107.63
CA SER C 1502 48.58 -44.95 108.97
C SER C 1502 48.25 -46.45 108.93
N PRO C 1503 48.82 -47.24 109.83
CA PRO C 1503 48.55 -48.69 109.82
C PRO C 1503 47.15 -49.06 110.25
N GLY C 1504 46.17 -48.85 109.37
CA GLY C 1504 44.78 -49.21 109.62
C GLY C 1504 44.58 -50.69 109.90
N GLN C 1505 43.85 -51.00 110.97
CA GLN C 1505 43.63 -52.38 111.38
C GLN C 1505 42.85 -53.15 110.32
N GLN C 1506 41.82 -52.53 109.76
CA GLN C 1506 41.03 -53.14 108.69
C GLN C 1506 40.51 -52.01 107.83
N GLY C 1507 40.07 -52.36 106.62
CA GLY C 1507 39.69 -51.33 105.67
C GLY C 1507 40.89 -50.63 105.07
N ARG C 1508 41.92 -51.39 104.69
CA ARG C 1508 43.16 -50.84 104.14
C ARG C 1508 42.95 -50.10 102.83
N ILE C 1509 41.84 -50.33 102.14
CA ILE C 1509 41.51 -49.60 100.92
C ILE C 1509 41.10 -48.19 101.33
N SER C 1510 42.02 -47.25 101.22
CA SER C 1510 41.78 -45.88 101.68
C SER C 1510 40.84 -45.17 100.73
N HIS C 1511 39.76 -44.60 101.29
CA HIS C 1511 38.85 -43.78 100.51
C HIS C 1511 39.54 -42.53 99.98
N THR C 1512 40.50 -41.99 100.73
CA THR C 1512 41.29 -40.84 100.29
C THR C 1512 42.54 -41.36 99.60
N ASP C 1513 42.75 -40.92 98.36
CA ASP C 1513 43.89 -41.36 97.57
C ASP C 1513 45.19 -40.82 98.16
N LEU C 1514 46.22 -41.67 98.18
CA LEU C 1514 47.51 -41.28 98.75
C LEU C 1514 48.25 -40.32 97.82
N VAL C 1515 48.46 -39.09 98.27
CA VAL C 1515 49.15 -38.07 97.47
C VAL C 1515 50.60 -38.01 97.94
N ILE C 1516 51.51 -38.61 97.18
CA ILE C 1516 52.93 -38.62 97.51
C ILE C 1516 53.63 -37.57 96.67
N GLY C 1517 54.48 -36.76 97.29
CA GLY C 1517 55.19 -35.77 96.50
C GLY C 1517 56.69 -35.95 96.47
N CYS C 1518 57.36 -35.33 95.50
CA CYS C 1518 58.81 -35.41 95.37
C CYS C 1518 59.38 -34.05 95.02
N LEU C 1519 60.29 -33.57 95.89
CA LEU C 1519 60.99 -32.31 95.78
C LEU C 1519 62.48 -32.56 95.55
N VAL C 1520 63.07 -31.87 94.58
CA VAL C 1520 64.47 -32.03 94.25
C VAL C 1520 65.15 -30.67 94.19
N ASP C 1521 66.37 -30.61 94.71
CA ASP C 1521 67.20 -29.42 94.65
C ASP C 1521 68.34 -29.74 93.69
N LEU C 1522 68.30 -29.08 92.52
CA LEU C 1522 69.30 -29.25 91.48
C LEU C 1522 70.67 -28.72 91.91
N ALA C 1523 70.68 -27.58 92.61
CA ALA C 1523 71.92 -26.92 92.99
C ALA C 1523 72.73 -27.72 94.00
N THR C 1524 72.12 -28.67 94.69
CA THR C 1524 72.81 -29.50 95.65
C THR C 1524 72.63 -30.99 95.38
N GLY C 1525 71.81 -31.39 94.42
CA GLY C 1525 71.55 -32.80 94.17
C GLY C 1525 70.86 -33.47 95.32
N LEU C 1526 69.92 -32.75 95.97
CA LEU C 1526 69.21 -33.26 97.14
C LEU C 1526 67.78 -33.67 96.81
N MET C 1527 67.42 -34.90 97.15
CA MET C 1527 66.11 -35.46 96.89
C MET C 1527 65.36 -35.63 98.21
N THR C 1528 64.16 -35.08 98.29
CA THR C 1528 63.29 -35.18 99.46
C THR C 1528 61.88 -35.50 98.97
N PHE C 1529 61.06 -36.03 99.88
CA PHE C 1529 59.74 -36.49 99.52
C PHE C 1529 58.75 -36.10 100.62
N THR C 1530 57.47 -36.08 100.25
CA THR C 1530 56.38 -35.80 101.18
C THR C 1530 55.38 -36.93 101.18
N ALA C 1531 54.99 -37.35 102.39
CA ALA C 1531 54.05 -38.46 102.58
C ALA C 1531 52.62 -38.03 102.26
N ASN C 1532 52.10 -37.07 103.02
CA ASN C 1532 50.76 -36.54 102.79
C ASN C 1532 50.78 -35.02 102.90
N GLY C 1533 51.76 -34.40 102.25
CA GLY C 1533 51.99 -32.97 102.40
C GLY C 1533 52.97 -32.62 103.50
N LYS C 1534 53.41 -33.60 104.29
CA LYS C 1534 54.40 -33.40 105.33
C LYS C 1534 55.69 -34.11 104.94
N GLU C 1535 56.82 -33.48 105.26
CA GLU C 1535 58.12 -34.06 104.94
C GLU C 1535 58.37 -35.33 105.72
N SER C 1536 58.99 -36.30 105.06
CA SER C 1536 59.34 -37.57 105.67
C SER C 1536 60.81 -37.56 106.08
N ASN C 1537 61.22 -38.63 106.77
CA ASN C 1537 62.60 -38.77 107.20
C ASN C 1537 63.53 -39.17 106.06
N THR C 1538 63.00 -39.65 104.94
CA THR C 1538 63.83 -40.10 103.84
C THR C 1538 64.44 -38.91 103.09
N PHE C 1539 65.67 -39.10 102.62
CA PHE C 1539 66.37 -38.11 101.82
C PHE C 1539 67.46 -38.81 101.03
N PHE C 1540 67.93 -38.15 99.98
CA PHE C 1540 68.94 -38.70 99.10
C PHE C 1540 69.85 -37.58 98.63
N GLN C 1541 71.14 -37.87 98.47
CA GLN C 1541 72.08 -36.88 97.99
C GLN C 1541 72.98 -37.52 96.94
N VAL C 1542 73.18 -36.82 95.82
CA VAL C 1542 74.01 -37.35 94.73
C VAL C 1542 74.94 -36.26 94.19
N GLU C 1543 75.90 -36.73 93.39
CA GLU C 1543 76.88 -35.89 92.72
C GLU C 1543 76.21 -35.13 91.56
N PRO C 1544 76.85 -34.04 91.04
CA PRO C 1544 76.30 -33.39 89.84
C PRO C 1544 76.45 -34.22 88.58
N ASN C 1545 76.04 -33.63 87.44
CA ASN C 1545 76.06 -34.28 86.11
C ASN C 1545 75.26 -35.58 86.11
N THR C 1546 74.09 -35.55 86.73
CA THR C 1546 73.25 -36.73 86.86
C THR C 1546 71.90 -36.46 86.22
N LYS C 1547 71.35 -37.48 85.57
CA LYS C 1547 70.02 -37.43 84.98
C LYS C 1547 69.12 -38.42 85.71
N LEU C 1548 67.93 -37.97 86.05
CA LEU C 1548 66.97 -38.79 86.79
C LEU C 1548 65.61 -38.75 86.10
N PHE C 1549 65.00 -39.93 85.95
CA PHE C 1549 63.67 -40.15 85.41
C PHE C 1549 62.66 -40.31 86.54
N PRO C 1550 61.59 -39.53 86.57
CA PRO C 1550 60.52 -39.78 87.54
C PRO C 1550 59.83 -41.12 87.28
N ALA C 1551 60.03 -42.08 88.18
CA ALA C 1551 59.61 -43.45 87.95
C ALA C 1551 58.76 -43.95 89.11
N VAL C 1552 57.69 -44.67 88.78
CA VAL C 1552 56.83 -45.32 89.76
C VAL C 1552 56.61 -46.76 89.30
N PHE C 1553 56.85 -47.71 90.20
CA PHE C 1553 56.68 -49.12 89.89
C PHE C 1553 55.49 -49.63 90.69
N VAL C 1554 54.48 -50.16 90.01
CA VAL C 1554 53.21 -50.49 90.63
C VAL C 1554 52.72 -51.86 90.17
N LEU C 1555 51.90 -52.48 91.01
CA LEU C 1555 51.19 -53.70 90.66
C LEU C 1555 49.74 -53.34 90.40
N PRO C 1556 49.26 -53.39 89.14
CA PRO C 1556 47.89 -52.94 88.83
C PRO C 1556 46.80 -53.79 89.45
N THR C 1557 46.03 -53.21 90.38
CA THR C 1557 44.99 -53.95 91.09
C THR C 1557 43.70 -53.12 91.21
N HIS C 1558 43.46 -52.20 90.29
CA HIS C 1558 42.24 -51.39 90.31
C HIS C 1558 42.03 -50.81 88.93
N GLN C 1559 40.78 -50.39 88.68
CA GLN C 1559 40.45 -49.68 87.44
C GLN C 1559 41.20 -48.36 87.35
N ASN C 1560 41.26 -47.61 88.45
CA ASN C 1560 42.09 -46.42 88.56
C ASN C 1560 43.21 -46.71 89.53
N VAL C 1561 44.44 -46.43 89.12
CA VAL C 1561 45.61 -46.82 89.90
C VAL C 1561 46.45 -45.61 90.26
N ILE C 1562 46.95 -44.88 89.27
CA ILE C 1562 47.93 -43.81 89.47
C ILE C 1562 47.53 -42.60 88.62
N GLN C 1563 47.65 -41.40 89.20
CA GLN C 1563 47.55 -40.16 88.45
C GLN C 1563 48.83 -39.36 88.67
N PHE C 1564 49.64 -39.20 87.63
CA PHE C 1564 50.83 -38.35 87.72
C PHE C 1564 50.42 -36.89 87.64
N GLU C 1565 50.62 -36.15 88.72
CA GLU C 1565 50.18 -34.76 88.83
C GLU C 1565 51.38 -33.83 88.68
N LEU C 1566 51.29 -32.88 87.75
CA LEU C 1566 52.35 -31.88 87.61
C LEU C 1566 52.02 -30.62 88.42
N GLY C 1567 51.80 -30.84 89.72
CA GLY C 1567 51.42 -29.77 90.63
C GLY C 1567 52.61 -29.00 91.15
N LYS C 1568 52.29 -27.93 91.89
CA LYS C 1568 53.30 -27.05 92.45
C LYS C 1568 52.89 -26.60 93.85
N GLN C 1569 53.90 -26.37 94.68
CA GLN C 1569 53.71 -25.85 96.02
C GLN C 1569 53.96 -24.35 96.02
N LYS C 1570 53.95 -23.74 97.19
CA LYS C 1570 54.21 -22.31 97.29
C LYS C 1570 55.70 -22.05 97.11
N ASN C 1571 56.04 -21.15 96.17
CA ASN C 1571 57.40 -20.77 95.80
C ASN C 1571 58.23 -21.95 95.29
N ILE C 1572 57.57 -22.98 94.76
CA ILE C 1572 58.26 -24.16 94.24
C ILE C 1572 57.73 -24.43 92.84
N MET C 1573 58.64 -24.47 91.87
CA MET C 1573 58.34 -24.66 90.46
C MET C 1573 57.99 -26.11 90.17
N PRO C 1574 56.99 -26.38 89.31
CA PRO C 1574 56.73 -27.76 88.88
C PRO C 1574 57.77 -28.26 87.87
N LEU C 1575 57.53 -29.45 87.31
CA LEU C 1575 58.49 -30.10 86.43
C LEU C 1575 58.53 -29.50 85.03
N SER C 1576 57.62 -28.59 84.68
CA SER C 1576 57.59 -27.99 83.35
C SER C 1576 58.85 -27.20 83.04
N ALA C 1577 59.45 -26.56 84.05
CA ALA C 1577 60.72 -25.88 83.85
C ALA C 1577 61.92 -26.73 84.24
N ALA C 1578 61.70 -27.91 84.83
CA ALA C 1578 62.79 -28.74 85.30
C ALA C 1578 63.65 -29.23 84.14
N MET C 1579 63.04 -29.59 83.03
CA MET C 1579 63.74 -30.17 81.90
C MET C 1579 63.55 -29.42 80.59
N PHE C 1580 62.54 -28.56 80.47
CA PHE C 1580 62.37 -27.73 79.28
C PHE C 1580 63.11 -26.41 79.49
N LEU C 1581 64.19 -26.23 78.72
CA LEU C 1581 65.05 -25.06 78.87
C LEU C 1581 64.32 -23.77 78.49
N SER C 1582 63.55 -23.80 77.41
CA SER C 1582 62.85 -22.60 76.95
C SER C 1582 61.71 -22.18 77.87
N GLU C 1583 61.28 -23.07 78.78
CA GLU C 1583 60.20 -22.78 79.70
C GLU C 1583 60.71 -22.52 81.13
N ARG C 1584 62.00 -22.21 81.26
CA ARG C 1584 62.60 -21.95 82.58
C ARG C 1584 61.97 -20.73 83.25
N LYS C 1585 61.73 -19.68 82.49
CA LYS C 1585 61.23 -18.42 83.03
C LYS C 1585 59.72 -18.32 83.04
N ASN C 1586 59.02 -19.39 82.63
CA ASN C 1586 57.57 -19.38 82.60
C ASN C 1586 57.07 -20.15 83.81
N PRO C 1587 56.57 -19.48 84.86
CA PRO C 1587 56.11 -20.21 86.05
C PRO C 1587 54.87 -21.06 85.84
N ALA C 1588 54.09 -20.78 84.80
CA ALA C 1588 52.85 -21.52 84.56
C ALA C 1588 53.15 -22.95 84.14
N PRO C 1589 52.58 -23.96 84.82
CA PRO C 1589 52.82 -25.35 84.43
C PRO C 1589 52.28 -25.67 83.04
N GLN C 1590 53.01 -26.51 82.31
CA GLN C 1590 52.61 -26.96 80.99
C GLN C 1590 52.95 -28.43 80.83
N CYS C 1591 52.23 -29.09 79.93
CA CYS C 1591 52.42 -30.50 79.63
C CYS C 1591 52.58 -30.67 78.13
N PRO C 1592 53.79 -30.48 77.62
CA PRO C 1592 54.03 -30.56 76.16
C PRO C 1592 53.82 -31.97 75.63
N PRO C 1593 53.51 -32.12 74.34
CA PRO C 1593 53.26 -33.46 73.76
C PRO C 1593 54.42 -34.43 73.89
N ARG C 1594 55.67 -33.93 73.84
CA ARG C 1594 56.85 -34.80 73.93
C ARG C 1594 56.88 -35.58 75.24
N LEU C 1595 56.42 -34.97 76.33
CA LEU C 1595 56.31 -35.68 77.60
C LEU C 1595 55.24 -36.76 77.49
N GLU C 1596 55.61 -37.98 77.90
CA GLU C 1596 54.72 -39.13 77.84
C GLU C 1596 55.26 -40.18 78.80
N VAL C 1597 54.58 -41.31 78.85
CA VAL C 1597 54.92 -42.39 79.77
C VAL C 1597 55.70 -43.46 79.01
N GLN C 1598 56.54 -44.20 79.75
CA GLN C 1598 57.30 -45.32 79.20
C GLN C 1598 57.19 -46.50 80.15
N MET C 1599 56.83 -47.65 79.60
CA MET C 1599 56.90 -48.92 80.30
C MET C 1599 58.20 -49.63 79.96
N LEU C 1600 58.47 -50.72 80.67
CA LEU C 1600 59.72 -51.45 80.53
C LEU C 1600 59.52 -52.67 79.64
N MET C 1601 60.19 -52.64 78.48
CA MET C 1601 60.23 -53.79 77.58
C MET C 1601 61.52 -54.55 77.84
N PRO C 1602 61.45 -55.78 78.33
CA PRO C 1602 62.68 -56.49 78.70
C PRO C 1602 63.41 -57.10 77.51
N VAL C 1603 62.68 -57.42 76.45
CA VAL C 1603 63.26 -58.04 75.26
C VAL C 1603 62.95 -57.14 74.08
N SER C 1604 64.00 -56.77 73.33
CA SER C 1604 63.86 -55.92 72.16
C SER C 1604 64.82 -56.40 71.10
N TRP C 1605 64.60 -56.01 69.86
CA TRP C 1605 65.41 -56.52 68.77
C TRP C 1605 66.80 -55.88 68.76
N SER C 1606 67.76 -56.60 68.20
CA SER C 1606 69.13 -56.12 68.12
C SER C 1606 69.83 -56.82 66.96
N ARG C 1607 71.00 -56.31 66.60
CA ARG C 1607 71.70 -56.71 65.40
C ARG C 1607 73.11 -57.19 65.69
N MET C 1608 73.47 -58.37 65.18
CA MET C 1608 74.86 -58.81 65.26
C MET C 1608 75.73 -57.96 64.35
N PRO C 1609 76.87 -57.46 64.85
CA PRO C 1609 77.84 -56.80 63.97
C PRO C 1609 78.36 -57.77 62.92
N ASN C 1610 78.69 -57.21 61.75
CA ASN C 1610 79.16 -58.03 60.63
C ASN C 1610 80.50 -58.70 60.90
N HIS C 1611 81.25 -58.25 61.91
CA HIS C 1611 82.50 -58.88 62.32
C HIS C 1611 82.60 -58.77 63.84
N PHE C 1612 83.41 -59.64 64.41
CA PHE C 1612 83.61 -59.68 65.85
C PHE C 1612 85.09 -59.67 66.16
N LEU C 1613 85.41 -59.37 67.41
CA LEU C 1613 86.80 -59.36 67.84
C LEU C 1613 87.36 -60.78 67.92
N GLN C 1614 88.67 -60.88 67.82
CA GLN C 1614 89.38 -62.15 67.88
C GLN C 1614 90.31 -62.11 69.09
N VAL C 1615 90.09 -63.02 70.03
CA VAL C 1615 90.82 -63.02 71.30
C VAL C 1615 91.53 -64.35 71.44
N GLU C 1616 92.83 -64.29 71.75
CA GLU C 1616 93.65 -65.47 72.02
C GLU C 1616 93.72 -65.67 73.52
N THR C 1617 93.06 -66.72 74.01
CA THR C 1617 93.06 -67.06 75.43
C THR C 1617 93.67 -68.45 75.57
N ARG C 1618 94.75 -68.55 76.34
CA ARG C 1618 95.36 -69.86 76.56
C ARG C 1618 96.22 -69.81 77.81
N ARG C 1619 96.55 -70.98 78.33
CA ARG C 1619 97.40 -71.06 79.51
C ARG C 1619 98.83 -70.75 79.14
N ALA C 1620 99.32 -69.59 79.59
CA ALA C 1620 100.67 -69.14 79.24
C ALA C 1620 101.74 -70.03 79.83
N GLY C 1621 101.48 -70.62 81.00
CA GLY C 1621 102.45 -71.48 81.62
C GLY C 1621 102.06 -71.79 83.04
N GLU C 1622 102.90 -72.63 83.67
CA GLU C 1622 102.68 -73.02 85.06
C GLU C 1622 102.82 -71.83 86.00
N ARG C 1623 103.81 -70.98 85.76
CA ARG C 1623 104.06 -69.79 86.57
C ARG C 1623 103.43 -68.54 85.99
N LEU C 1624 103.43 -68.41 84.66
CA LEU C 1624 102.91 -67.22 84.00
C LEU C 1624 101.41 -67.06 84.23
N GLY C 1625 100.68 -68.17 84.19
CA GLY C 1625 99.25 -68.12 84.38
C GLY C 1625 98.49 -68.27 83.08
N TRP C 1626 97.44 -67.48 82.89
CA TRP C 1626 96.65 -67.54 81.66
C TRP C 1626 96.76 -66.25 80.87
N ALA C 1627 97.13 -66.35 79.60
CA ALA C 1627 97.35 -65.17 78.79
C ALA C 1627 96.17 -64.88 77.88
N VAL C 1628 95.93 -63.58 77.69
CA VAL C 1628 94.88 -63.01 76.85
C VAL C 1628 95.56 -62.05 75.88
N GLN C 1629 95.18 -62.14 74.60
CA GLN C 1629 95.78 -61.32 73.56
C GLN C 1629 94.71 -60.88 72.57
N CYS C 1630 94.79 -59.63 72.12
CA CYS C 1630 93.86 -59.12 71.13
C CYS C 1630 94.47 -57.90 70.47
N GLN C 1631 94.74 -57.98 69.16
CA GLN C 1631 95.50 -56.96 68.47
C GLN C 1631 94.77 -56.33 67.28
N ASP C 1632 94.02 -57.12 66.52
CA ASP C 1632 93.35 -56.59 65.34
C ASP C 1632 92.20 -55.65 65.72
N PRO C 1633 92.22 -54.39 65.31
CA PRO C 1633 91.16 -53.46 65.73
C PRO C 1633 89.90 -53.60 64.91
N LEU C 1634 88.77 -53.33 65.57
CA LEU C 1634 87.47 -53.26 64.93
C LEU C 1634 86.77 -52.02 65.46
N THR C 1635 86.44 -51.10 64.57
CA THR C 1635 85.90 -49.80 64.94
C THR C 1635 84.47 -49.67 64.45
N MET C 1636 83.58 -49.22 65.33
CA MET C 1636 82.19 -48.99 65.01
C MET C 1636 81.83 -47.55 65.30
N MET C 1637 80.88 -47.02 64.55
CA MET C 1637 80.43 -45.64 64.74
C MET C 1637 79.04 -45.64 65.32
N ALA C 1638 78.84 -44.84 66.38
CA ALA C 1638 77.68 -44.93 67.25
C ALA C 1638 76.87 -43.65 67.20
N LEU C 1639 75.55 -43.80 67.23
CA LEU C 1639 74.60 -42.70 67.28
C LEU C 1639 74.08 -42.59 68.71
N HIS C 1640 74.50 -41.54 69.41
CA HIS C 1640 74.20 -41.38 70.83
C HIS C 1640 72.98 -40.50 71.02
N ILE C 1641 71.98 -41.01 71.73
CA ILE C 1641 70.79 -40.24 72.09
C ILE C 1641 71.17 -39.38 73.29
N PRO C 1642 71.01 -38.05 73.20
CA PRO C 1642 71.46 -37.17 74.30
C PRO C 1642 70.69 -37.34 75.60
N GLU C 1643 69.35 -37.26 75.53
CA GLU C 1643 68.55 -37.28 76.75
C GLU C 1643 68.53 -38.67 77.38
N GLU C 1644 68.48 -39.74 76.57
CA GLU C 1644 68.48 -41.08 77.12
C GLU C 1644 69.87 -41.60 77.44
N ASN C 1645 70.91 -40.93 76.95
CA ASN C 1645 72.32 -41.24 77.22
C ASN C 1645 72.66 -42.68 76.85
N ARG C 1646 72.09 -43.15 75.74
CA ARG C 1646 72.40 -44.47 75.20
C ARG C 1646 72.68 -44.36 73.72
N CYS C 1647 73.67 -45.11 73.26
CA CYS C 1647 74.10 -45.06 71.86
C CYS C 1647 73.79 -46.39 71.18
N MET C 1648 73.50 -46.31 69.89
CA MET C 1648 73.17 -47.47 69.09
C MET C 1648 73.84 -47.34 67.72
N ASP C 1649 74.13 -48.47 67.10
CA ASP C 1649 74.72 -48.49 65.77
C ASP C 1649 73.72 -47.91 64.76
N ILE C 1650 74.24 -47.09 63.84
CA ILE C 1650 73.40 -46.54 62.77
C ILE C 1650 72.90 -47.65 61.83
N LEU C 1651 73.62 -48.77 61.74
CA LEU C 1651 73.11 -49.92 60.98
C LEU C 1651 71.77 -50.45 61.50
N GLU C 1652 71.46 -50.21 62.78
CA GLU C 1652 70.12 -50.50 63.32
C GLU C 1652 69.05 -49.64 62.66
N LEU C 1653 69.40 -48.43 62.21
CA LEU C 1653 68.42 -47.53 61.60
C LEU C 1653 67.86 -48.06 60.28
N SER C 1654 68.53 -49.04 59.66
CA SER C 1654 67.97 -49.74 58.50
C SER C 1654 66.65 -50.42 58.84
N GLU C 1655 66.44 -50.80 60.10
CA GLU C 1655 65.16 -51.26 60.59
C GLU C 1655 64.41 -50.17 61.34
N ARG C 1656 65.12 -49.25 61.98
CA ARG C 1656 64.51 -48.12 62.67
C ARG C 1656 64.30 -47.01 61.63
N LEU C 1657 63.19 -47.12 60.90
CA LEU C 1657 62.91 -46.21 59.78
C LEU C 1657 62.69 -44.77 60.24
N ASP C 1658 61.96 -44.56 61.34
CA ASP C 1658 61.64 -43.21 61.81
C ASP C 1658 62.91 -42.45 62.17
N LEU C 1659 63.84 -43.13 62.84
CA LEU C 1659 65.15 -42.55 63.13
C LEU C 1659 65.90 -42.28 61.84
N GLN C 1660 65.79 -43.18 60.86
CA GLN C 1660 66.49 -43.01 59.59
C GLN C 1660 65.99 -41.76 58.85
N ARG C 1661 64.67 -41.56 58.80
CA ARG C 1661 64.12 -40.38 58.15
C ARG C 1661 64.51 -39.10 58.89
N PHE C 1662 64.39 -39.11 60.22
CA PHE C 1662 64.72 -37.92 61.00
C PHE C 1662 66.20 -37.57 60.86
N HIS C 1663 67.08 -38.57 60.90
CA HIS C 1663 68.51 -38.31 60.78
C HIS C 1663 68.89 -37.90 59.37
N SER C 1664 68.23 -38.44 58.36
CA SER C 1664 68.47 -37.98 56.99
C SER C 1664 68.07 -36.53 56.82
N HIS C 1665 66.92 -36.13 57.38
CA HIS C 1665 66.54 -34.72 57.36
C HIS C 1665 67.50 -33.87 58.18
N THR C 1666 68.09 -34.44 59.24
CA THR C 1666 69.12 -33.74 60.00
C THR C 1666 70.35 -33.50 59.14
N LEU C 1667 70.76 -34.51 58.37
CA LEU C 1667 71.91 -34.35 57.48
C LEU C 1667 71.61 -33.33 56.39
N ARG C 1668 70.36 -33.28 55.93
CA ARG C 1668 69.95 -32.28 54.95
C ARG C 1668 70.07 -30.87 55.53
N LEU C 1669 69.68 -30.71 56.78
CA LEU C 1669 69.85 -29.42 57.47
C LEU C 1669 71.33 -29.07 57.61
N TYR C 1670 72.16 -30.08 57.88
CA TYR C 1670 73.60 -29.86 57.96
C TYR C 1670 74.17 -29.38 56.62
N ARG C 1671 73.71 -29.98 55.52
CA ARG C 1671 74.11 -29.50 54.19
C ARG C 1671 73.45 -28.19 53.82
N ALA C 1672 72.45 -27.75 54.59
CA ALA C 1672 71.78 -26.49 54.30
C ALA C 1672 72.48 -25.32 54.97
N VAL C 1673 72.81 -25.46 56.26
CA VAL C 1673 73.42 -24.37 57.00
C VAL C 1673 74.82 -24.04 56.47
N CYS C 1674 75.56 -25.05 56.01
CA CYS C 1674 76.90 -24.86 55.48
C CYS C 1674 76.92 -24.61 53.98
N ALA C 1675 75.75 -24.50 53.35
CA ALA C 1675 75.70 -24.31 51.91
C ALA C 1675 76.07 -22.90 51.51
N LEU C 1676 76.51 -22.78 50.25
CA LEU C 1676 76.79 -21.51 49.57
C LEU C 1676 77.91 -20.72 50.26
N GLY C 1677 79.06 -21.38 50.42
CA GLY C 1677 80.27 -20.73 50.85
C GLY C 1677 80.34 -20.31 52.30
N ASN C 1678 79.42 -20.76 53.14
CA ASN C 1678 79.44 -20.41 54.57
C ASN C 1678 80.49 -21.27 55.28
N ASN C 1679 81.76 -20.97 54.99
CA ASN C 1679 82.87 -21.78 55.48
C ASN C 1679 83.02 -21.68 56.99
N ARG C 1680 82.58 -20.58 57.61
CA ARG C 1680 82.63 -20.47 59.06
C ARG C 1680 81.72 -21.52 59.71
N VAL C 1681 80.51 -21.69 59.19
CA VAL C 1681 79.62 -22.73 59.66
C VAL C 1681 80.17 -24.10 59.27
N ALA C 1682 80.83 -24.22 58.11
CA ALA C 1682 81.41 -25.49 57.71
C ALA C 1682 82.50 -25.94 58.68
N HIS C 1683 83.36 -25.00 59.10
CA HIS C 1683 84.36 -25.26 60.11
C HIS C 1683 83.71 -25.60 61.45
N ALA C 1684 82.60 -24.92 61.78
CA ALA C 1684 81.89 -25.23 63.01
C ALA C 1684 81.35 -26.65 62.97
N LEU C 1685 80.80 -27.06 61.82
CA LEU C 1685 80.24 -28.39 61.65
C LEU C 1685 81.31 -29.47 61.68
N CYS C 1686 82.57 -29.11 61.38
CA CYS C 1686 83.65 -30.09 61.43
C CYS C 1686 83.87 -30.64 62.85
N SER C 1687 83.46 -29.91 63.88
CA SER C 1687 83.51 -30.44 65.23
C SER C 1687 82.46 -31.52 65.43
N HIS C 1688 81.24 -31.25 64.97
CA HIS C 1688 80.13 -32.19 65.15
C HIS C 1688 80.34 -33.46 64.34
N VAL C 1689 80.72 -33.34 63.09
CA VAL C 1689 81.09 -34.49 62.27
C VAL C 1689 82.55 -34.35 61.86
N ASP C 1690 83.36 -35.34 62.24
CA ASP C 1690 84.79 -35.25 62.07
C ASP C 1690 85.23 -35.85 60.73
N GLN C 1691 86.50 -35.65 60.42
CA GLN C 1691 87.11 -36.24 59.23
C GLN C 1691 87.06 -37.76 59.29
N ALA C 1692 87.36 -38.33 60.47
CA ALA C 1692 87.30 -39.78 60.64
C ALA C 1692 85.87 -40.28 60.45
N GLN C 1693 84.89 -39.54 60.98
CA GLN C 1693 83.49 -39.91 60.86
C GLN C 1693 83.07 -39.95 59.40
N LEU C 1694 83.45 -38.93 58.63
CA LEU C 1694 83.10 -38.88 57.22
C LEU C 1694 83.78 -40.00 56.44
N LEU C 1695 85.09 -40.22 56.65
CA LEU C 1695 85.81 -41.26 55.92
C LEU C 1695 85.24 -42.64 56.21
N HIS C 1696 84.95 -42.92 57.49
CA HIS C 1696 84.35 -44.20 57.83
C HIS C 1696 82.97 -44.34 57.22
N ALA C 1697 82.18 -43.26 57.23
CA ALA C 1697 80.85 -43.35 56.63
C ALA C 1697 80.94 -43.57 55.13
N LEU C 1698 82.01 -43.06 54.49
CA LEU C 1698 82.22 -43.33 53.08
C LEU C 1698 82.51 -44.81 52.86
N GLU C 1699 83.33 -45.39 53.73
CA GLU C 1699 83.77 -46.77 53.49
C GLU C 1699 82.83 -47.82 54.04
N ASP C 1700 81.82 -47.44 54.82
CA ASP C 1700 80.90 -48.43 55.40
C ASP C 1700 79.96 -48.89 54.29
N ALA C 1701 79.98 -50.19 54.00
CA ALA C 1701 79.15 -50.73 52.93
C ALA C 1701 77.78 -51.21 53.43
N HIS C 1702 77.55 -51.24 54.74
CA HIS C 1702 76.28 -51.69 55.27
C HIS C 1702 75.33 -50.57 55.62
N LEU C 1703 75.72 -49.31 55.36
CA LEU C 1703 74.86 -48.18 55.68
C LEU C 1703 73.64 -48.17 54.78
N PRO C 1704 72.52 -47.62 55.26
CA PRO C 1704 71.34 -47.46 54.40
C PRO C 1704 71.60 -46.44 53.30
N GLY C 1705 70.62 -46.39 52.39
CA GLY C 1705 70.69 -45.59 51.19
C GLY C 1705 70.72 -44.10 51.40
N PRO C 1706 69.61 -43.52 51.89
CA PRO C 1706 69.56 -42.06 52.08
C PRO C 1706 70.63 -41.55 53.01
N LEU C 1707 70.94 -42.29 54.08
CA LEU C 1707 71.98 -41.86 55.01
C LEU C 1707 73.35 -41.87 54.35
N ARG C 1708 73.63 -42.90 53.54
CA ARG C 1708 74.91 -42.96 52.81
C ARG C 1708 75.04 -41.81 51.82
N ALA C 1709 73.97 -41.53 51.06
CA ALA C 1709 73.97 -40.42 50.12
C ALA C 1709 74.09 -39.09 50.84
N GLY C 1710 73.41 -38.95 51.98
CA GLY C 1710 73.47 -37.73 52.75
C GLY C 1710 74.87 -37.46 53.27
N TYR C 1711 75.53 -38.49 53.79
CA TYR C 1711 76.90 -38.33 54.30
C TYR C 1711 77.87 -37.96 53.18
N TYR C 1712 77.76 -38.61 52.01
CA TYR C 1712 78.63 -38.27 50.87
C TYR C 1712 78.41 -36.83 50.40
N ASP C 1713 77.15 -36.43 50.27
CA ASP C 1713 76.80 -35.08 49.87
C ASP C 1713 77.26 -34.09 50.95
N LEU C 1714 77.13 -34.47 52.22
CA LEU C 1714 77.56 -33.64 53.32
C LEU C 1714 79.06 -33.39 53.28
N LEU C 1715 79.84 -34.43 52.94
CA LEU C 1715 81.29 -34.26 52.82
C LEU C 1715 81.62 -33.27 51.71
N ILE C 1716 80.89 -33.35 50.59
CA ILE C 1716 81.07 -32.41 49.50
C ILE C 1716 80.72 -31.00 49.95
N SER C 1717 79.63 -30.86 50.70
CA SER C 1717 79.19 -29.54 51.18
C SER C 1717 80.17 -28.94 52.17
N ILE C 1718 80.73 -29.75 53.07
CA ILE C 1718 81.65 -29.24 54.08
C ILE C 1718 82.96 -28.81 53.43
N HIS C 1719 83.50 -29.61 52.52
CA HIS C 1719 84.87 -29.37 52.09
C HIS C 1719 85.02 -28.87 50.68
N LEU C 1720 84.11 -29.22 49.78
CA LEU C 1720 84.41 -29.06 48.36
C LEU C 1720 83.68 -27.93 47.66
N GLU C 1721 82.42 -27.66 48.01
CA GLU C 1721 81.54 -26.79 47.20
C GLU C 1721 82.04 -25.36 47.07
N SER C 1722 82.61 -24.79 48.15
CA SER C 1722 83.07 -23.40 48.13
C SER C 1722 84.18 -23.21 47.10
N ALA C 1723 85.15 -24.12 47.08
CA ALA C 1723 86.21 -24.04 46.10
C ALA C 1723 85.74 -24.52 44.73
N CYS C 1724 84.83 -25.50 44.71
CA CYS C 1724 84.35 -26.09 43.47
C CYS C 1724 83.60 -25.08 42.62
N ARG C 1725 82.69 -24.32 43.24
CA ARG C 1725 81.87 -23.37 42.50
C ARG C 1725 82.73 -22.29 41.85
N SER C 1726 83.66 -21.73 42.61
CA SER C 1726 84.57 -20.71 42.09
C SER C 1726 85.47 -21.26 40.99
N ARG C 1727 86.01 -22.46 41.17
CA ARG C 1727 86.85 -23.04 40.14
C ARG C 1727 86.04 -23.36 38.89
N ARG C 1728 84.79 -23.82 39.09
CA ARG C 1728 83.90 -24.14 37.98
C ARG C 1728 83.63 -22.89 37.17
N SER C 1729 83.39 -21.78 37.85
CA SER C 1729 83.17 -20.51 37.18
C SER C 1729 84.42 -20.09 36.41
N MET C 1730 85.60 -20.34 36.98
CA MET C 1730 86.83 -19.99 36.27
C MET C 1730 87.14 -20.93 35.10
N LEU C 1731 86.48 -22.08 35.02
CA LEU C 1731 86.64 -22.94 33.84
C LEU C 1731 86.05 -22.35 32.57
N SER C 1732 85.17 -21.35 32.67
CA SER C 1732 84.57 -20.75 31.49
C SER C 1732 85.47 -19.72 30.82
N GLU C 1733 86.55 -19.31 31.47
CA GLU C 1733 87.49 -18.34 30.91
C GLU C 1733 88.85 -19.00 30.72
N TYR C 1734 89.55 -18.59 29.67
CA TYR C 1734 90.78 -19.25 29.23
C TYR C 1734 91.83 -18.19 28.96
N ILE C 1735 92.60 -17.88 30.00
CA ILE C 1735 93.72 -16.95 29.92
C ILE C 1735 94.98 -17.77 29.72
N VAL C 1736 95.65 -17.56 28.60
CA VAL C 1736 96.78 -18.39 28.20
C VAL C 1736 98.06 -17.57 28.32
N PRO C 1737 98.90 -17.85 29.31
CA PRO C 1737 100.21 -17.19 29.39
C PRO C 1737 101.15 -17.65 28.28
N LEU C 1738 102.09 -16.79 27.93
CA LEU C 1738 103.09 -17.10 26.91
C LEU C 1738 104.27 -17.79 27.60
N THR C 1739 104.21 -19.11 27.70
CA THR C 1739 105.20 -19.90 28.40
C THR C 1739 105.72 -21.01 27.50
N PRO C 1740 106.94 -21.51 27.72
CA PRO C 1740 107.46 -22.59 26.87
C PRO C 1740 106.63 -23.87 26.87
N GLU C 1741 106.03 -24.24 28.01
CA GLU C 1741 105.14 -25.39 28.00
C GLU C 1741 103.88 -25.13 27.18
N THR C 1742 103.40 -23.88 27.16
CA THR C 1742 102.32 -23.50 26.25
C THR C 1742 102.78 -23.67 24.82
N ARG C 1743 104.03 -23.28 24.53
CA ARG C 1743 104.56 -23.41 23.17
CA ARG C 1743 104.56 -23.42 23.17
C ARG C 1743 104.60 -24.89 22.77
N ALA C 1744 105.03 -25.75 23.70
CA ALA C 1744 105.12 -27.18 23.46
C ALA C 1744 103.76 -27.86 23.35
N ILE C 1745 102.67 -27.18 23.73
CA ILE C 1745 101.34 -27.79 23.59
C ILE C 1745 101.02 -27.97 22.11
N THR C 1746 100.72 -29.20 21.71
CA THR C 1746 100.35 -29.52 20.34
C THR C 1746 98.96 -30.11 20.32
N LEU C 1747 98.28 -29.97 19.17
CA LEU C 1747 96.94 -30.52 19.01
C LEU C 1747 96.91 -32.04 19.14
N PHE C 1748 97.86 -32.71 18.54
CA PHE C 1748 97.91 -34.15 18.67
C PHE C 1748 99.17 -34.56 19.42
N PRO C 1749 99.13 -35.66 20.16
CA PRO C 1749 100.37 -36.22 20.73
C PRO C 1749 101.26 -36.75 19.62
N PRO C 1750 102.60 -36.84 19.87
CA PRO C 1750 103.52 -37.32 18.81
C PRO C 1750 103.21 -38.74 18.35
N GLY C 1751 102.82 -38.86 17.09
CA GLY C 1751 102.47 -40.13 16.50
C GLY C 1751 102.69 -40.10 15.01
N ARG C 1752 102.46 -41.25 14.38
CA ARG C 1752 102.67 -41.39 12.94
C ARG C 1752 101.57 -42.20 12.27
N LYS C 1753 100.46 -42.46 12.98
CA LYS C 1753 99.37 -43.28 12.45
C LYS C 1753 98.71 -42.62 11.25
N GLY C 1754 98.46 -41.31 11.32
CA GLY C 1754 97.82 -40.60 10.23
C GLY C 1754 98.42 -39.23 9.97
N GLY C 1755 98.82 -38.98 8.73
CA GLY C 1755 99.41 -37.69 8.38
C GLY C 1755 98.44 -36.53 8.52
N ASN C 1756 97.21 -36.71 8.07
CA ASN C 1756 96.18 -35.67 8.24
C ASN C 1756 95.80 -35.50 9.71
N ALA C 1757 95.71 -36.61 10.44
CA ALA C 1757 95.37 -36.58 11.85
C ALA C 1757 95.83 -37.89 12.48
N ARG C 1758 96.50 -37.77 13.63
CA ARG C 1758 96.91 -38.94 14.39
C ARG C 1758 95.73 -39.44 15.22
N ARG C 1759 95.99 -40.37 16.11
CA ARG C 1759 94.96 -40.81 17.03
C ARG C 1759 94.71 -39.72 18.06
N HIS C 1760 93.44 -39.53 18.43
CA HIS C 1760 93.05 -38.52 19.40
C HIS C 1760 93.73 -38.75 20.74
N GLY C 1761 94.21 -37.67 21.34
CA GLY C 1761 94.83 -37.77 22.65
C GLY C 1761 93.82 -38.07 23.73
N LEU C 1762 94.35 -38.51 24.87
CA LEU C 1762 93.52 -38.89 26.00
C LEU C 1762 92.95 -37.64 26.64
N PRO C 1763 91.62 -37.49 26.73
CA PRO C 1763 91.04 -36.28 27.32
C PRO C 1763 91.38 -36.17 28.81
N GLY C 1764 91.58 -34.94 29.26
CA GLY C 1764 91.92 -34.69 30.65
C GLY C 1764 93.33 -35.08 31.05
N VAL C 1765 94.15 -35.57 30.12
CA VAL C 1765 95.51 -35.99 30.39
C VAL C 1765 96.45 -35.13 29.56
N GLY C 1766 97.44 -34.54 30.22
CA GLY C 1766 98.38 -33.68 29.53
C GLY C 1766 98.72 -32.46 30.35
N VAL C 1767 99.00 -31.35 29.66
CA VAL C 1767 99.32 -30.09 30.30
C VAL C 1767 98.24 -29.07 29.97
N THR C 1768 97.73 -28.39 30.99
CA THR C 1768 96.75 -27.33 30.82
C THR C 1768 97.33 -26.08 31.46
N THR C 1769 97.62 -25.08 30.64
CA THR C 1769 98.24 -23.85 31.10
C THR C 1769 97.26 -22.74 31.41
N SER C 1770 95.95 -23.01 31.29
CA SER C 1770 94.93 -22.02 31.64
C SER C 1770 95.06 -21.59 33.09
N LEU C 1771 95.05 -20.28 33.32
CA LEU C 1771 95.31 -19.72 34.63
C LEU C 1771 94.14 -20.04 35.55
N ARG C 1772 94.34 -21.00 36.45
CA ARG C 1772 93.33 -21.43 37.40
C ARG C 1772 93.76 -21.06 38.80
N PRO C 1773 93.03 -20.21 39.50
CA PRO C 1773 93.43 -19.77 40.85
C PRO C 1773 93.49 -20.94 41.83
N PRO C 1774 94.45 -20.92 42.74
CA PRO C 1774 94.55 -21.99 43.74
C PRO C 1774 93.42 -21.89 44.77
N HIS C 1775 93.15 -23.02 45.40
CA HIS C 1775 92.10 -23.08 46.40
C HIS C 1775 92.60 -22.49 47.72
N HIS C 1776 91.66 -22.21 48.62
CA HIS C 1776 91.98 -21.77 49.97
C HIS C 1776 91.52 -22.85 50.95
N PHE C 1777 92.50 -23.57 51.52
CA PHE C 1777 92.24 -24.61 52.50
C PHE C 1777 92.91 -24.27 53.82
N SER C 1778 92.10 -24.17 54.86
CA SER C 1778 92.55 -23.94 56.22
C SER C 1778 92.32 -25.19 57.02
N PRO C 1779 93.37 -25.76 57.63
CA PRO C 1779 93.16 -26.92 58.51
C PRO C 1779 92.28 -26.52 59.67
N PRO C 1780 91.21 -27.29 59.93
CA PRO C 1780 90.29 -26.89 61.00
C PRO C 1780 90.87 -27.06 62.39
N CYS C 1781 91.24 -25.94 63.01
CA CYS C 1781 91.77 -25.93 64.36
C CYS C 1781 90.76 -25.20 65.25
N PHE C 1782 90.33 -25.87 66.30
CA PHE C 1782 89.30 -25.35 67.19
C PHE C 1782 89.86 -24.85 68.51
N VAL C 1783 91.01 -25.37 68.93
CA VAL C 1783 91.63 -24.94 70.18
C VAL C 1783 92.31 -23.58 70.06
N ALA C 1784 92.46 -23.06 68.85
CA ALA C 1784 93.04 -21.74 68.66
C ALA C 1784 92.12 -20.68 69.28
N ALA C 1785 92.75 -19.63 69.80
CA ALA C 1785 92.03 -18.56 70.47
C ALA C 1785 91.11 -17.83 69.50
N LEU C 1786 89.94 -17.44 69.98
CA LEU C 1786 89.00 -16.68 69.17
C LEU C 1786 89.59 -15.31 68.87
N PRO C 1787 89.56 -14.86 67.61
CA PRO C 1787 90.13 -13.54 67.28
C PRO C 1787 89.44 -12.39 68.01
N ALA C 1788 90.26 -11.42 68.43
CA ALA C 1788 89.75 -10.24 69.10
C ALA C 1788 89.24 -9.20 68.10
N ALA C 1789 89.49 -9.41 66.81
CA ALA C 1789 89.02 -8.48 65.79
C ALA C 1789 87.50 -8.52 65.68
N GLY C 1790 86.92 -7.38 65.35
CA GLY C 1790 85.49 -7.28 65.19
C GLY C 1790 85.00 -7.89 63.90
N VAL C 1791 83.68 -8.09 63.83
CA VAL C 1791 83.05 -8.63 62.63
C VAL C 1791 83.12 -7.60 61.51
N ALA C 1792 82.93 -8.08 60.27
CA ALA C 1792 83.00 -7.34 59.00
C ALA C 1792 84.38 -6.81 58.67
N GLU C 1793 85.40 -7.15 59.45
CA GLU C 1793 86.78 -6.77 59.21
C GLU C 1793 87.71 -7.98 59.19
N ALA C 1794 87.44 -8.99 60.02
CA ALA C 1794 88.22 -10.22 60.02
C ALA C 1794 88.07 -10.96 58.69
N PRO C 1795 89.14 -11.58 58.19
CA PRO C 1795 89.06 -12.34 56.93
C PRO C 1795 88.08 -13.51 57.00
N ALA C 1796 87.40 -13.73 55.87
CA ALA C 1796 86.44 -14.82 55.75
C ALA C 1796 87.13 -16.17 55.87
N ARG C 1797 86.44 -17.12 56.50
CA ARG C 1797 86.96 -18.46 56.69
C ARG C 1797 87.13 -19.17 55.35
N LEU C 1798 88.17 -20.00 55.26
CA LEU C 1798 88.47 -20.74 54.05
C LEU C 1798 87.92 -22.17 54.19
N SER C 1799 88.08 -22.96 53.12
CA SER C 1799 87.54 -24.33 53.12
C SER C 1799 88.28 -25.20 54.13
N PRO C 1800 87.57 -25.97 54.95
CA PRO C 1800 88.21 -26.95 55.85
C PRO C 1800 89.02 -27.98 55.07
N ALA C 1801 90.30 -28.09 55.42
CA ALA C 1801 91.21 -28.97 54.68
C ALA C 1801 90.87 -30.43 54.93
N ILE C 1802 91.27 -31.27 53.97
CA ILE C 1802 91.05 -32.72 53.98
C ILE C 1802 91.98 -33.35 52.96
N PRO C 1803 92.64 -34.51 53.27
CA PRO C 1803 93.55 -35.13 52.29
C PRO C 1803 92.87 -35.61 51.02
N LEU C 1804 93.18 -34.93 49.93
CA LEU C 1804 92.57 -35.24 48.64
C LEU C 1804 93.40 -36.22 47.85
N GLU C 1805 94.71 -36.24 48.07
CA GLU C 1805 95.58 -37.20 47.41
C GLU C 1805 95.21 -38.63 47.81
N ALA C 1806 94.94 -38.84 49.10
CA ALA C 1806 94.42 -40.12 49.57
C ALA C 1806 92.94 -40.30 49.26
N LEU C 1807 92.18 -39.19 49.26
CA LEU C 1807 90.75 -39.28 48.97
C LEU C 1807 90.48 -39.77 47.55
N ARG C 1808 91.23 -39.27 46.57
CA ARG C 1808 91.05 -39.74 45.19
C ARG C 1808 91.43 -41.21 45.03
N ASP C 1809 92.43 -41.69 45.78
CA ASP C 1809 92.75 -43.12 45.77
C ASP C 1809 91.62 -43.95 46.32
N LYS C 1810 91.01 -43.45 47.40
CA LYS C 1810 89.83 -44.10 47.97
C LYS C 1810 88.69 -44.14 46.98
N ALA C 1811 88.48 -43.02 46.26
CA ALA C 1811 87.41 -42.93 45.26
C ALA C 1811 87.63 -43.93 44.13
N LEU C 1812 88.88 -44.04 43.65
CA LEU C 1812 89.22 -45.00 42.60
C LEU C 1812 88.96 -46.42 43.05
N ARG C 1813 89.35 -46.74 44.29
CA ARG C 1813 89.16 -48.09 44.82
C ARG C 1813 87.67 -48.41 44.94
N MET C 1814 86.89 -47.43 45.41
CA MET C 1814 85.45 -47.61 45.59
C MET C 1814 84.76 -47.88 44.27
N LEU C 1815 85.02 -47.02 43.27
CA LEU C 1815 84.36 -47.19 41.98
C LEU C 1815 84.81 -48.46 41.28
N GLY C 1816 86.09 -48.87 41.46
CA GLY C 1816 86.53 -50.14 40.91
C GLY C 1816 85.80 -51.33 41.50
N GLU C 1817 85.60 -51.31 42.83
CA GLU C 1817 84.80 -52.34 43.49
C GLU C 1817 83.36 -52.31 43.02
N ALA C 1818 82.79 -51.11 42.85
CA ALA C 1818 81.40 -51.00 42.40
C ALA C 1818 81.24 -51.53 40.98
N VAL C 1819 82.23 -51.26 40.12
CA VAL C 1819 82.20 -51.73 38.73
C VAL C 1819 82.24 -53.26 38.68
N ARG C 1820 83.16 -53.86 39.44
CA ARG C 1820 83.19 -55.31 39.43
C ARG C 1820 82.01 -55.93 40.19
N ASP C 1821 81.42 -55.22 41.16
CA ASP C 1821 80.20 -55.72 41.79
C ASP C 1821 79.04 -55.69 40.81
N GLY C 1822 79.03 -54.69 39.92
CA GLY C 1822 78.05 -54.65 38.84
C GLY C 1822 78.22 -55.83 37.92
N GLY C 1823 79.47 -56.21 37.66
CA GLY C 1823 79.71 -57.42 36.88
C GLY C 1823 79.30 -58.68 37.62
N GLN C 1824 79.33 -58.66 38.96
CA GLN C 1824 78.81 -59.79 39.73
C GLN C 1824 77.30 -59.88 39.65
N HIS C 1825 76.62 -58.72 39.47
CA HIS C 1825 75.15 -58.61 39.44
C HIS C 1825 74.53 -59.18 40.71
N ALA C 1826 75.15 -58.85 41.84
CA ALA C 1826 74.73 -59.33 43.15
C ALA C 1826 73.34 -58.81 43.51
N ARG C 1827 72.59 -59.64 44.23
CA ARG C 1827 71.25 -59.31 44.69
C ARG C 1827 71.24 -58.42 45.92
N ASP C 1828 72.40 -58.00 46.43
CA ASP C 1828 72.49 -57.13 47.59
C ASP C 1828 73.37 -55.92 47.28
N PRO C 1829 72.87 -54.95 46.51
CA PRO C 1829 73.67 -53.75 46.24
C PRO C 1829 73.92 -52.92 47.50
N VAL C 1830 75.07 -52.25 47.52
CA VAL C 1830 75.43 -51.39 48.64
C VAL C 1830 74.42 -50.25 48.77
N GLY C 1831 73.85 -50.10 49.96
CA GLY C 1831 72.80 -49.14 50.15
C GLY C 1831 71.43 -49.65 49.77
N GLY C 1832 71.32 -50.86 49.24
CA GLY C 1832 70.06 -51.48 48.91
C GLY C 1832 69.58 -51.22 47.50
N SER C 1833 70.22 -50.32 46.76
CA SER C 1833 69.80 -50.07 45.38
C SER C 1833 71.02 -49.69 44.55
N VAL C 1834 70.88 -49.85 43.24
CA VAL C 1834 71.95 -49.52 42.30
C VAL C 1834 72.25 -48.04 42.35
N GLU C 1835 71.21 -47.21 42.34
CA GLU C 1835 71.40 -45.76 42.33
C GLU C 1835 72.06 -45.29 43.62
N PHE C 1836 71.66 -45.85 44.77
CA PHE C 1836 72.36 -45.54 46.01
C PHE C 1836 73.78 -46.08 46.03
N GLN C 1837 74.06 -47.14 45.25
CA GLN C 1837 75.41 -47.68 45.15
C GLN C 1837 76.30 -46.87 44.23
N PHE C 1838 75.74 -46.05 43.35
CA PHE C 1838 76.57 -45.39 42.35
C PHE C 1838 76.51 -43.86 42.37
N VAL C 1839 75.33 -43.26 42.57
CA VAL C 1839 75.20 -41.80 42.48
C VAL C 1839 76.10 -41.01 43.44
N PRO C 1840 76.15 -41.30 44.77
CA PRO C 1840 77.07 -40.51 45.62
C PRO C 1840 78.53 -40.65 45.27
N VAL C 1841 78.94 -41.83 44.80
CA VAL C 1841 80.33 -42.05 44.40
C VAL C 1841 80.64 -41.23 43.15
N LEU C 1842 79.74 -41.26 42.16
CA LEU C 1842 79.96 -40.52 40.93
C LEU C 1842 79.94 -39.02 41.20
N LYS C 1843 79.09 -38.57 42.12
CA LYS C 1843 79.07 -37.15 42.49
C LYS C 1843 80.41 -36.72 43.09
N LEU C 1844 80.97 -37.57 43.96
CA LEU C 1844 82.28 -37.28 44.55
C LEU C 1844 83.38 -37.24 43.50
N VAL C 1845 83.37 -38.21 42.57
CA VAL C 1845 84.36 -38.22 41.49
C VAL C 1845 84.19 -37.02 40.58
N SER C 1846 82.93 -36.60 40.35
CA SER C 1846 82.64 -35.43 39.54
C SER C 1846 83.25 -34.18 40.15
N THR C 1847 83.02 -33.99 41.44
CA THR C 1847 83.53 -32.82 42.13
C THR C 1847 85.05 -32.81 42.15
N LEU C 1848 85.68 -33.96 42.46
CA LEU C 1848 87.14 -34.02 42.46
C LEU C 1848 87.72 -33.81 41.07
N LEU C 1849 86.99 -34.24 40.03
CA LEU C 1849 87.38 -33.99 38.65
C LEU C 1849 87.37 -32.49 38.38
N VAL C 1850 86.35 -31.80 38.90
CA VAL C 1850 86.26 -30.35 38.73
C VAL C 1850 87.45 -29.68 39.42
N MET C 1851 87.80 -30.16 40.62
CA MET C 1851 88.98 -29.61 41.31
C MET C 1851 90.28 -29.95 40.59
N GLY C 1852 90.27 -30.95 39.71
CA GLY C 1852 91.51 -31.40 39.10
C GLY C 1852 92.48 -32.04 40.05
N ILE C 1853 91.99 -32.77 41.05
CA ILE C 1853 92.87 -33.45 41.98
C ILE C 1853 93.60 -34.60 41.30
N PHE C 1854 92.92 -35.31 40.40
CA PHE C 1854 93.47 -36.51 39.77
C PHE C 1854 94.70 -36.20 38.93
N GLY C 1855 95.67 -37.11 38.98
CA GLY C 1855 96.81 -37.05 38.09
C GLY C 1855 96.48 -37.64 36.74
N ASP C 1856 97.51 -37.74 35.90
CA ASP C 1856 97.35 -38.28 34.56
C ASP C 1856 96.96 -39.74 34.58
N GLU C 1857 97.66 -40.54 35.39
CA GLU C 1857 97.34 -41.97 35.48
C GLU C 1857 95.99 -42.18 36.14
N ASP C 1858 95.64 -41.33 37.11
CA ASP C 1858 94.34 -41.43 37.76
C ASP C 1858 93.22 -41.23 36.75
N VAL C 1859 93.37 -40.23 35.88
CA VAL C 1859 92.39 -40.01 34.82
C VAL C 1859 92.38 -41.19 33.85
N LYS C 1860 93.56 -41.78 33.58
CA LYS C 1860 93.63 -42.94 32.70
C LYS C 1860 92.84 -44.11 33.26
N GLN C 1861 92.96 -44.35 34.58
CA GLN C 1861 92.19 -45.40 35.23
C GLN C 1861 90.70 -45.10 35.15
N ILE C 1862 90.32 -43.83 35.37
CA ILE C 1862 88.90 -43.45 35.29
C ILE C 1862 88.34 -43.75 33.91
N LEU C 1863 89.10 -43.44 32.86
CA LEU C 1863 88.70 -43.80 31.50
C LEU C 1863 88.60 -45.31 31.32
N LYS C 1864 89.51 -46.08 31.93
CA LYS C 1864 89.43 -47.53 31.84
C LYS C 1864 88.15 -48.07 32.47
N MET C 1865 87.81 -47.59 33.67
CA MET C 1865 86.55 -47.99 34.29
C MET C 1865 85.32 -47.41 33.60
N ILE C 1866 85.44 -46.32 32.85
CA ILE C 1866 84.31 -45.83 32.06
C ILE C 1866 84.11 -46.69 30.83
N GLU C 1867 85.14 -46.85 30.01
CA GLU C 1867 85.11 -47.77 28.88
C GLU C 1867 86.54 -48.19 28.57
N PRO C 1868 86.91 -49.43 28.89
CA PRO C 1868 88.31 -49.87 28.75
C PRO C 1868 88.81 -49.96 27.32
N GLU C 1869 88.08 -50.68 26.45
CA GLU C 1869 88.59 -51.00 25.12
C GLU C 1869 88.76 -49.77 24.24
N VAL C 1870 87.85 -48.79 24.36
CA VAL C 1870 87.94 -47.57 23.56
C VAL C 1870 89.16 -46.75 24.01
N PHE C 1871 89.44 -46.76 25.30
CA PHE C 1871 90.47 -45.90 25.89
C PHE C 1871 91.79 -46.63 26.12
N THR C 1872 92.14 -47.55 25.22
CA THR C 1872 93.45 -48.19 25.27
C THR C 1872 94.40 -47.45 24.33
N GLU C 1873 95.56 -47.07 24.86
CA GLU C 1873 96.54 -46.30 24.12
C GLU C 1873 97.71 -47.19 23.70
N GLU C 1874 98.28 -46.87 22.53
CA GLU C 1874 99.43 -47.59 21.99
C GLU C 1874 100.08 -46.76 20.88
N LEU C 1922 84.38 -58.72 35.84
CA LEU C 1922 83.97 -58.28 34.51
C LEU C 1922 84.71 -57.01 34.09
N GLU C 1923 85.58 -57.15 33.09
CA GLU C 1923 86.35 -56.01 32.58
C GLU C 1923 85.58 -55.23 31.50
N GLU C 1924 84.33 -54.90 31.82
CA GLU C 1924 83.47 -54.12 30.96
C GLU C 1924 83.16 -52.79 31.62
N GLY C 1925 83.09 -51.73 30.81
CA GLY C 1925 82.86 -50.40 31.34
C GLY C 1925 81.48 -50.23 31.94
N LEU C 1926 81.33 -49.11 32.65
CA LEU C 1926 80.08 -48.77 33.32
C LEU C 1926 78.91 -48.59 32.37
N LEU C 1927 79.16 -48.26 31.12
CA LEU C 1927 78.10 -47.84 30.22
C LEU C 1927 77.24 -48.98 29.71
N GLN C 1928 77.60 -50.23 29.95
CA GLN C 1928 76.82 -51.36 29.49
C GLN C 1928 76.10 -52.08 30.63
N MET C 1929 75.98 -51.44 31.79
CA MET C 1929 75.39 -52.07 32.96
C MET C 1929 73.94 -51.66 33.21
N LYS C 1930 73.27 -51.05 32.21
CA LYS C 1930 71.86 -50.60 32.20
C LYS C 1930 71.43 -49.91 33.51
N LEU C 1931 72.09 -48.79 33.77
CA LEU C 1931 71.95 -48.05 35.02
C LEU C 1931 70.59 -47.34 35.09
N PRO C 1932 70.15 -46.96 36.30
CA PRO C 1932 68.99 -46.06 36.41
C PRO C 1932 69.31 -44.63 35.97
N GLU C 1933 68.24 -43.85 35.86
CA GLU C 1933 68.29 -42.50 35.29
C GLU C 1933 69.16 -41.55 36.09
N SER C 1934 69.12 -41.62 37.42
CA SER C 1934 69.93 -40.74 38.25
C SER C 1934 71.42 -40.97 37.99
N VAL C 1935 71.80 -42.24 37.87
CA VAL C 1935 73.17 -42.59 37.53
C VAL C 1935 73.49 -42.09 36.14
N LYS C 1936 72.53 -42.18 35.21
CA LYS C 1936 72.75 -41.63 33.86
C LYS C 1936 73.02 -40.13 33.90
N LEU C 1937 72.32 -39.42 34.78
CA LEU C 1937 72.52 -37.98 34.97
C LEU C 1937 73.94 -37.69 35.46
N GLN C 1938 74.40 -38.47 36.43
CA GLN C 1938 75.78 -38.27 36.89
C GLN C 1938 76.78 -38.72 35.84
N MET C 1939 76.42 -39.70 35.01
CA MET C 1939 77.29 -40.13 33.93
C MET C 1939 77.49 -39.00 32.93
N CYS C 1940 76.40 -38.26 32.65
CA CYS C 1940 76.47 -37.10 31.77
C CYS C 1940 77.39 -36.05 32.36
N ASN C 1941 77.30 -35.86 33.68
CA ASN C 1941 78.18 -34.91 34.36
C ASN C 1941 79.64 -35.34 34.26
N LEU C 1942 79.90 -36.66 34.28
CA LEU C 1942 81.26 -37.16 34.06
C LEU C 1942 81.75 -36.86 32.64
N LEU C 1943 80.89 -37.08 31.64
CA LEU C 1943 81.30 -36.93 30.24
C LEU C 1943 81.55 -35.47 29.87
N GLU C 1944 80.70 -34.56 30.36
CA GLU C 1944 80.80 -33.15 29.94
C GLU C 1944 82.13 -32.54 30.38
N TYR C 1945 82.70 -33.00 31.51
CA TYR C 1945 84.00 -32.49 31.95
C TYR C 1945 85.09 -32.83 30.94
N PHE C 1946 85.10 -34.06 30.42
CA PHE C 1946 86.06 -34.44 29.41
C PHE C 1946 85.84 -33.68 28.10
N CYS C 1947 84.58 -33.42 27.76
CA CYS C 1947 84.30 -32.55 26.61
C CYS C 1947 84.87 -31.14 26.81
N ASP C 1948 84.73 -30.61 28.02
CA ASP C 1948 85.33 -29.31 28.35
C ASP C 1948 86.86 -29.36 28.27
N GLN C 1949 87.46 -30.45 28.75
CA GLN C 1949 88.91 -30.61 28.69
C GLN C 1949 89.40 -30.66 27.25
N GLU C 1950 88.66 -31.35 26.38
CA GLU C 1950 88.98 -31.34 24.95
C GLU C 1950 88.89 -29.95 24.35
N LEU C 1951 87.85 -29.19 24.73
CA LEU C 1951 87.69 -27.82 24.25
C LEU C 1951 88.86 -26.94 24.68
N GLN C 1952 89.26 -27.05 25.95
CA GLN C 1952 90.38 -26.27 26.46
C GLN C 1952 91.68 -26.68 25.80
N HIS C 1953 91.84 -27.98 25.50
CA HIS C 1953 93.02 -28.46 24.79
C HIS C 1953 93.11 -27.84 23.40
N ARG C 1954 91.96 -27.76 22.70
CA ARG C 1954 91.93 -27.12 21.39
C ARG C 1954 92.30 -25.65 21.48
N VAL C 1955 91.77 -24.96 22.50
CA VAL C 1955 92.04 -23.53 22.68
C VAL C 1955 93.54 -23.30 22.91
N GLU C 1956 94.15 -24.13 23.76
CA GLU C 1956 95.59 -24.02 24.01
C GLU C 1956 96.40 -24.36 22.77
N SER C 1957 95.92 -25.30 21.94
CA SER C 1957 96.60 -25.62 20.69
C SER C 1957 96.60 -24.43 19.74
N LEU C 1958 95.45 -23.74 19.65
CA LEU C 1958 95.35 -22.51 18.85
C LEU C 1958 96.29 -21.44 19.38
N ALA C 1959 96.35 -21.29 20.70
CA ALA C 1959 97.23 -20.28 21.30
C ALA C 1959 98.70 -20.57 21.00
N ALA C 1960 99.10 -21.84 21.08
CA ALA C 1960 100.47 -22.24 20.73
C ALA C 1960 100.81 -21.96 19.27
N PHE C 1961 99.89 -22.32 18.36
CA PHE C 1961 100.14 -22.05 16.95
C PHE C 1961 100.15 -20.55 16.67
N ALA C 1962 99.29 -19.80 17.37
CA ALA C 1962 99.27 -18.36 17.26
C ALA C 1962 100.60 -17.75 17.69
N GLU C 1963 101.17 -18.29 18.77
CA GLU C 1963 102.48 -17.85 19.25
C GLU C 1963 103.56 -18.11 18.22
N ARG C 1964 103.54 -19.27 17.57
CA ARG C 1964 104.60 -19.53 16.58
C ARG C 1964 104.39 -18.73 15.31
N TYR C 1965 103.13 -18.62 14.86
CA TYR C 1965 102.82 -18.01 13.58
C TYR C 1965 103.00 -16.49 13.64
N VAL C 1966 102.68 -15.87 14.78
CA VAL C 1966 102.85 -14.42 14.92
C VAL C 1966 104.32 -14.06 14.79
N ASP C 1967 105.19 -14.84 15.43
CA ASP C 1967 106.63 -14.60 15.35
C ASP C 1967 107.16 -14.73 13.92
N LYS C 1968 106.71 -15.79 13.21
CA LYS C 1968 107.12 -15.93 11.81
C LYS C 1968 106.60 -14.79 10.93
N LEU C 1969 105.36 -14.35 11.15
CA LEU C 1969 104.81 -13.25 10.38
C LEU C 1969 105.50 -11.93 10.72
N GLN C 1970 105.89 -11.74 11.98
CA GLN C 1970 106.63 -10.55 12.38
C GLN C 1970 107.98 -10.49 11.67
N ALA C 1971 108.65 -11.63 11.56
CA ALA C 1971 109.95 -11.65 10.91
C ALA C 1971 109.80 -11.42 9.40
N ASN C 1972 108.78 -12.05 8.79
CA ASN C 1972 108.55 -11.90 7.35
C ASN C 1972 108.20 -10.46 7.00
N GLN C 1973 107.32 -9.84 7.79
CA GLN C 1973 106.93 -8.45 7.57
C GLN C 1973 108.10 -7.50 7.81
N ARG C 1974 108.97 -7.81 8.76
CA ARG C 1974 110.20 -7.03 8.94
C ARG C 1974 111.10 -7.15 7.73
N SER C 1975 111.21 -8.36 7.17
CA SER C 1975 112.06 -8.59 5.99
C SER C 1975 111.51 -7.83 4.79
N ARG C 1976 110.19 -7.85 4.61
CA ARG C 1976 109.56 -7.14 3.50
C ARG C 1976 109.73 -5.63 3.66
N TYR C 1977 109.64 -5.12 4.89
CA TYR C 1977 109.81 -3.69 5.14
C TYR C 1977 111.25 -3.26 4.80
N ALA C 1978 112.22 -4.07 5.22
CA ALA C 1978 113.63 -3.78 4.92
C ALA C 1978 113.90 -3.83 3.42
N LEU C 1979 113.32 -4.81 2.72
CA LEU C 1979 113.49 -4.86 1.27
C LEU C 1979 112.78 -3.70 0.59
N LEU C 1980 111.62 -3.28 1.11
CA LEU C 1980 110.87 -2.19 0.51
C LEU C 1980 111.55 -0.85 0.72
N MET C 1981 112.47 -0.76 1.68
CA MET C 1981 113.22 0.48 1.87
C MET C 1981 114.09 0.82 0.66
N ARG C 1982 114.74 -0.18 0.06
CA ARG C 1982 115.52 0.04 -1.15
C ARG C 1982 114.71 -0.06 -2.44
N ALA C 1983 113.39 -0.29 -2.33
CA ALA C 1983 112.55 -0.40 -3.53
C ALA C 1983 112.41 0.91 -4.29
N PHE C 1984 112.66 2.06 -3.64
CA PHE C 1984 112.52 3.36 -4.29
C PHE C 1984 113.50 3.57 -5.43
N THR C 1985 114.61 2.82 -5.46
CA THR C 1985 115.60 3.01 -6.52
C THR C 1985 115.09 2.44 -7.84
N MET C 1986 114.47 1.27 -7.82
CA MET C 1986 113.94 0.66 -9.04
C MET C 1986 112.43 0.76 -9.15
N SER C 1987 111.78 1.60 -8.35
CA SER C 1987 110.33 1.72 -8.47
C SER C 1987 109.90 3.18 -8.53
N ALA C 1988 108.59 3.42 -8.47
CA ALA C 1988 108.01 4.75 -8.63
C ALA C 1988 106.75 4.80 -7.77
N ALA C 1989 105.86 5.74 -8.09
CA ALA C 1989 104.63 6.02 -7.33
C ALA C 1989 103.68 4.82 -7.15
N GLU C 1990 103.89 3.70 -7.85
CA GLU C 1990 103.11 2.49 -7.62
C GLU C 1990 103.44 1.78 -6.30
N THR C 1991 104.32 2.35 -5.47
CA THR C 1991 104.64 1.83 -4.14
C THR C 1991 103.54 2.06 -3.13
N ALA C 1992 102.49 2.80 -3.48
CA ALA C 1992 101.44 3.20 -2.54
C ALA C 1992 100.75 2.00 -1.90
N ARG C 1993 100.29 1.04 -2.70
CA ARG C 1993 99.64 -0.13 -2.13
C ARG C 1993 100.62 -1.15 -1.56
N ARG C 1994 101.91 -1.04 -1.86
CA ARG C 1994 102.91 -1.80 -1.12
C ARG C 1994 103.14 -1.23 0.28
N THR C 1995 103.23 0.09 0.40
CA THR C 1995 103.43 0.75 1.69
C THR C 1995 102.14 1.03 2.44
N ARG C 1996 100.99 0.67 1.86
CA ARG C 1996 99.71 0.79 2.55
C ARG C 1996 99.68 -0.07 3.80
N GLU C 1997 100.36 -1.22 3.76
CA GLU C 1997 100.48 -2.10 4.91
C GLU C 1997 101.18 -1.38 6.05
N PHE C 1998 102.28 -0.70 5.75
CA PHE C 1998 103.07 -0.07 6.79
C PHE C 1998 102.54 1.30 7.18
N ARG C 1999 101.64 1.87 6.38
CA ARG C 1999 100.92 3.07 6.74
C ARG C 1999 99.50 2.74 7.21
N SER C 2000 99.23 1.48 7.51
CA SER C 2000 97.94 1.09 8.03
C SER C 2000 98.14 0.30 9.32
N PRO C 2001 97.30 0.52 10.32
CA PRO C 2001 97.46 -0.15 11.63
C PRO C 2001 97.28 -1.66 11.52
N PRO C 2002 97.75 -2.44 12.50
CA PRO C 2002 97.95 -3.90 12.26
C PRO C 2002 96.68 -4.73 12.00
N GLN C 2003 95.49 -4.28 12.42
CA GLN C 2003 94.28 -5.11 12.28
C GLN C 2003 93.98 -5.44 10.82
N GLU C 2004 93.97 -4.43 9.97
CA GLU C 2004 93.76 -4.74 8.56
C GLU C 2004 95.01 -5.27 7.88
N GLN C 2005 96.19 -5.09 8.50
CA GLN C 2005 97.40 -5.73 8.00
C GLN C 2005 97.30 -7.23 8.10
N ILE C 2006 96.96 -7.74 9.30
CA ILE C 2006 96.77 -9.18 9.47
C ILE C 2006 95.56 -9.64 8.69
N ASN C 2007 94.52 -8.81 8.56
CA ASN C 2007 93.34 -9.21 7.78
C ASN C 2007 93.70 -9.51 6.34
N MET C 2008 94.46 -8.62 5.68
CA MET C 2008 94.87 -8.89 4.31
C MET C 2008 95.93 -10.00 4.24
N LEU C 2009 96.80 -10.12 5.25
CA LEU C 2009 97.75 -11.22 5.29
C LEU C 2009 97.07 -12.58 5.41
N LEU C 2010 96.03 -12.67 6.24
CA LEU C 2010 95.25 -13.89 6.38
C LEU C 2010 94.20 -14.03 5.29
N HIS C 2011 94.06 -13.04 4.42
CA HIS C 2011 93.06 -13.07 3.35
C HIS C 2011 93.51 -13.94 2.18
N PHE C 2012 93.67 -15.24 2.46
CA PHE C 2012 94.05 -16.21 1.44
C PHE C 2012 93.32 -17.55 1.60
N LYS C 2013 92.28 -17.61 2.42
CA LYS C 2013 91.61 -18.89 2.70
C LYS C 2013 90.91 -19.44 1.47
N ASP C 2014 90.13 -18.61 0.78
CA ASP C 2014 89.33 -19.05 -0.35
C ASP C 2014 90.15 -19.36 -1.60
N GLU C 2015 91.45 -19.03 -1.61
CA GLU C 2015 92.44 -19.23 -2.68
C GLU C 2015 92.15 -18.43 -3.95
N ALA C 2016 91.12 -17.59 -3.96
CA ALA C 2016 90.84 -16.68 -5.07
C ALA C 2016 91.39 -15.28 -4.82
N ASP C 2017 92.18 -15.12 -3.75
CA ASP C 2017 92.72 -13.83 -3.35
C ASP C 2017 94.19 -13.92 -2.93
N GLU C 2018 94.92 -14.87 -3.51
CA GLU C 2018 96.33 -15.09 -3.18
C GLU C 2018 97.19 -13.89 -3.57
N GLU C 2019 96.89 -13.27 -4.72
CA GLU C 2019 97.73 -12.20 -5.27
C GLU C 2019 97.83 -11.01 -4.34
N ASP C 2020 96.75 -10.69 -3.62
CA ASP C 2020 96.78 -9.62 -2.64
C ASP C 2020 97.72 -9.94 -1.49
N CYS C 2021 97.74 -11.20 -1.07
CA CYS C 2021 98.58 -11.61 0.05
C CYS C 2021 100.03 -11.72 -0.37
N PRO C 2022 100.97 -11.04 0.30
CA PRO C 2022 102.39 -11.14 -0.03
C PRO C 2022 103.16 -12.22 0.71
N LEU C 2023 102.49 -13.10 1.47
CA LEU C 2023 103.19 -14.13 2.21
C LEU C 2023 103.76 -15.22 1.31
N PRO C 2024 104.90 -15.80 1.68
CA PRO C 2024 105.39 -16.98 0.96
C PRO C 2024 104.46 -18.18 1.15
N GLU C 2025 104.42 -19.01 0.10
CA GLU C 2025 103.46 -20.11 0.04
C GLU C 2025 103.69 -21.16 1.12
N ASP C 2026 104.95 -21.42 1.49
CA ASP C 2026 105.22 -22.38 2.57
C ASP C 2026 104.65 -21.90 3.90
N ILE C 2027 104.79 -20.60 4.17
CA ILE C 2027 104.22 -20.01 5.38
C ILE C 2027 102.71 -20.10 5.34
N ARG C 2028 102.10 -19.78 4.18
CA ARG C 2028 100.65 -19.95 4.08
C ARG C 2028 100.23 -21.42 4.23
N GLN C 2029 101.09 -22.33 3.76
CA GLN C 2029 100.86 -23.77 3.88
C GLN C 2029 100.83 -24.20 5.33
N ASP C 2030 101.62 -23.53 6.18
CA ASP C 2030 101.62 -23.83 7.61
C ASP C 2030 100.25 -23.61 8.22
N LEU C 2031 99.64 -22.46 7.93
CA LEU C 2031 98.29 -22.16 8.38
C LEU C 2031 97.26 -23.11 7.77
N GLN C 2032 97.41 -23.42 6.48
CA GLN C 2032 96.47 -24.34 5.83
C GLN C 2032 96.51 -25.75 6.44
N ASP C 2033 97.71 -26.27 6.71
CA ASP C 2033 97.87 -27.58 7.34
C ASP C 2033 97.29 -27.56 8.75
N PHE C 2034 97.57 -26.49 9.50
CA PHE C 2034 97.00 -26.39 10.83
C PHE C 2034 95.48 -26.18 10.77
N HIS C 2035 94.96 -25.67 9.65
CA HIS C 2035 93.51 -25.64 9.53
C HIS C 2035 92.99 -27.04 9.22
N GLN C 2036 93.80 -27.86 8.55
CA GLN C 2036 93.36 -29.20 8.17
C GLN C 2036 93.20 -30.08 9.39
N ASP C 2037 94.25 -30.13 10.24
CA ASP C 2037 94.22 -31.08 11.34
C ASP C 2037 93.24 -30.64 12.42
N LEU C 2038 93.01 -29.33 12.57
CA LEU C 2038 92.08 -28.84 13.57
C LEU C 2038 90.65 -29.33 13.31
N LEU C 2039 90.20 -29.22 12.05
CA LEU C 2039 88.92 -29.78 11.64
C LEU C 2039 88.90 -31.31 11.74
N ALA C 2040 90.02 -31.96 11.38
CA ALA C 2040 90.09 -33.41 11.55
C ALA C 2040 89.97 -33.82 13.02
N HIS C 2041 90.61 -33.05 13.91
CA HIS C 2041 90.47 -33.25 15.35
C HIS C 2041 89.05 -33.01 15.81
N CYS C 2042 88.37 -32.01 15.24
CA CYS C 2042 86.97 -31.76 15.51
C CYS C 2042 86.03 -32.69 14.74
N GLY C 2043 86.57 -33.67 14.02
CA GLY C 2043 85.77 -34.64 13.30
C GLY C 2043 84.93 -34.08 12.17
N ILE C 2044 85.54 -33.25 11.33
CA ILE C 2044 84.83 -32.63 10.23
C ILE C 2044 84.98 -33.50 8.99
N GLN C 2045 86.22 -33.68 8.54
CA GLN C 2045 86.52 -34.44 7.35
C GLN C 2045 87.99 -34.83 7.38
N LEU C 2046 88.30 -35.98 6.78
CA LEU C 2046 89.66 -36.47 6.68
C LEU C 2046 89.91 -37.04 5.30
N GLU C 2088 82.77 -51.19 11.40
CA GLU C 2088 83.14 -49.99 12.14
C GLU C 2088 82.34 -49.87 13.44
N LYS C 2089 82.06 -51.02 14.07
CA LYS C 2089 81.28 -51.04 15.30
C LYS C 2089 82.04 -50.50 16.49
N LYS C 2090 83.34 -50.28 16.37
CA LYS C 2090 84.15 -49.73 17.45
C LYS C 2090 84.30 -48.24 17.23
N PRO C 2091 83.69 -47.40 18.08
CA PRO C 2091 83.87 -45.94 17.93
C PRO C 2091 85.31 -45.47 18.03
N GLN C 2092 86.12 -46.14 18.86
CA GLN C 2092 87.57 -45.96 19.04
C GLN C 2092 87.96 -44.60 19.60
N SER C 2093 87.03 -43.72 19.92
CA SER C 2093 87.33 -42.43 20.49
C SER C 2093 86.10 -41.88 21.19
N LEU C 2094 86.35 -40.90 22.08
CA LEU C 2094 85.30 -40.33 22.89
C LEU C 2094 84.30 -39.56 22.05
N GLN C 2095 84.78 -38.93 20.96
CA GLN C 2095 83.99 -37.98 20.17
C GLN C 2095 82.73 -38.64 19.61
N GLU C 2096 82.88 -39.82 19.00
CA GLU C 2096 81.71 -40.53 18.53
C GLU C 2096 81.31 -41.66 19.47
N LEU C 2097 82.02 -41.79 20.59
CA LEU C 2097 81.64 -42.79 21.59
C LEU C 2097 80.48 -42.28 22.41
N VAL C 2098 80.58 -41.06 22.94
CA VAL C 2098 79.50 -40.49 23.74
C VAL C 2098 78.24 -40.27 22.89
N SER C 2099 78.40 -39.80 21.64
CA SER C 2099 77.24 -39.63 20.76
C SER C 2099 76.54 -40.95 20.48
N HIS C 2100 77.32 -42.02 20.24
CA HIS C 2100 76.75 -43.36 20.10
CA HIS C 2100 76.75 -43.35 20.09
C HIS C 2100 76.05 -43.79 21.38
N MET C 2101 76.63 -43.46 22.52
CA MET C 2101 76.08 -43.82 23.82
C MET C 2101 74.72 -43.16 24.03
N VAL C 2102 74.66 -41.85 23.78
CA VAL C 2102 73.46 -41.06 24.01
C VAL C 2102 72.33 -41.53 23.10
N VAL C 2103 72.64 -41.73 21.81
CA VAL C 2103 71.59 -42.18 20.89
C VAL C 2103 71.14 -43.59 21.24
N ARG C 2104 72.06 -44.45 21.71
CA ARG C 2104 71.69 -45.81 22.09
C ARG C 2104 70.76 -45.80 23.30
N TRP C 2105 71.03 -44.94 24.28
CA TRP C 2105 70.14 -44.83 25.44
C TRP C 2105 68.77 -44.31 25.04
N ALA C 2106 68.75 -43.30 24.18
CA ALA C 2106 67.47 -42.71 23.76
C ALA C 2106 66.63 -43.71 23.00
N GLN C 2107 67.25 -44.49 22.11
CA GLN C 2107 66.48 -45.47 21.36
C GLN C 2107 66.15 -46.70 22.20
N GLU C 2108 66.91 -46.95 23.27
CA GLU C 2108 66.66 -48.16 24.05
C GLU C 2108 65.57 -47.97 25.09
N ASP C 2109 65.35 -46.76 25.58
CA ASP C 2109 64.25 -46.58 26.53
C ASP C 2109 63.80 -45.13 26.53
N TYR C 2110 62.59 -44.92 27.04
CA TYR C 2110 61.96 -43.62 27.14
C TYR C 2110 62.48 -42.92 28.40
N VAL C 2111 63.35 -41.94 28.21
CA VAL C 2111 63.90 -41.17 29.32
C VAL C 2111 62.79 -40.34 29.96
N GLN C 2112 62.79 -40.28 31.28
CA GLN C 2112 61.74 -39.57 32.01
C GLN C 2112 62.21 -38.29 32.68
N SER C 2113 63.43 -38.27 33.20
CA SER C 2113 63.91 -37.10 33.92
C SER C 2113 64.20 -35.94 32.98
N PRO C 2114 63.60 -34.76 33.23
CA PRO C 2114 63.76 -33.60 32.33
C PRO C 2114 65.19 -33.07 32.28
N GLU C 2115 65.80 -32.81 33.43
CA GLU C 2115 67.16 -32.28 33.44
C GLU C 2115 68.15 -33.32 32.90
N LEU C 2116 67.83 -34.62 33.03
CA LEU C 2116 68.64 -35.63 32.37
C LEU C 2116 68.55 -35.51 30.86
N VAL C 2117 67.34 -35.27 30.33
CA VAL C 2117 67.16 -35.02 28.90
C VAL C 2117 67.94 -33.78 28.46
N ARG C 2118 67.86 -32.73 29.29
CA ARG C 2118 68.63 -31.50 29.08
C ARG C 2118 70.13 -31.76 28.98
N ALA C 2119 70.65 -32.58 29.90
CA ALA C 2119 72.08 -32.86 29.93
C ALA C 2119 72.51 -33.71 28.73
N MET C 2120 71.76 -34.77 28.45
CA MET C 2120 72.17 -35.71 27.42
C MET C 2120 72.07 -35.09 26.05
N PHE C 2121 71.10 -34.19 25.85
CA PHE C 2121 71.02 -33.57 24.55
C PHE C 2121 71.96 -32.38 24.42
N SER C 2122 72.33 -31.74 25.54
CA SER C 2122 73.36 -30.72 25.47
C SER C 2122 74.69 -31.36 25.05
N LEU C 2123 74.98 -32.54 25.61
CA LEU C 2123 76.16 -33.29 25.18
C LEU C 2123 76.06 -33.68 23.71
N LEU C 2124 74.87 -34.16 23.29
CA LEU C 2124 74.70 -34.63 21.91
C LEU C 2124 74.91 -33.50 20.92
N HIS C 2125 74.39 -32.31 21.24
CA HIS C 2125 74.67 -31.13 20.43
C HIS C 2125 76.15 -30.79 20.45
N ARG C 2126 76.83 -31.04 21.56
CA ARG C 2126 78.23 -30.65 21.65
C ARG C 2126 79.16 -31.60 20.89
N GLN C 2127 78.72 -32.81 20.57
CA GLN C 2127 79.67 -33.74 19.94
C GLN C 2127 79.83 -33.46 18.45
N TYR C 2128 78.72 -33.48 17.69
CA TYR C 2128 78.78 -33.23 16.25
C TYR C 2128 79.31 -31.85 15.94
N ASP C 2129 78.87 -30.85 16.70
CA ASP C 2129 79.33 -29.47 16.48
C ASP C 2129 80.69 -29.38 17.14
N GLY C 2130 81.74 -29.51 16.33
CA GLY C 2130 83.10 -29.40 16.84
C GLY C 2130 83.61 -27.97 16.86
N LEU C 2131 82.96 -27.10 16.09
CA LEU C 2131 83.45 -25.74 15.92
C LEU C 2131 82.61 -24.66 16.60
N GLY C 2132 81.30 -24.86 16.72
CA GLY C 2132 80.43 -23.82 17.27
C GLY C 2132 80.76 -23.45 18.70
N GLU C 2133 81.06 -24.47 19.52
CA GLU C 2133 81.49 -24.23 20.90
C GLU C 2133 82.80 -23.47 20.93
N LEU C 2134 83.73 -23.79 20.03
CA LEU C 2134 84.96 -23.02 19.91
C LEU C 2134 84.69 -21.57 19.53
N LEU C 2135 83.74 -21.36 18.61
CA LEU C 2135 83.32 -20.01 18.25
C LEU C 2135 82.71 -19.26 19.42
N ARG C 2136 81.98 -19.96 20.28
CA ARG C 2136 81.40 -19.35 21.46
C ARG C 2136 82.34 -19.35 22.65
N ALA C 2137 83.55 -19.88 22.50
CA ALA C 2137 84.57 -19.83 23.54
C ALA C 2137 85.69 -18.86 23.25
N LEU C 2138 85.97 -18.60 21.98
CA LEU C 2138 87.00 -17.63 21.60
C LEU C 2138 86.82 -16.21 22.17
N PRO C 2139 85.61 -15.60 22.22
CA PRO C 2139 85.52 -14.26 22.85
C PRO C 2139 85.97 -14.21 24.30
N ARG C 2140 85.85 -15.30 25.04
CA ARG C 2140 86.35 -15.33 26.41
C ARG C 2140 87.79 -15.79 26.49
N ALA C 2141 88.41 -16.16 25.38
CA ALA C 2141 89.80 -16.55 25.37
C ALA C 2141 90.69 -15.32 25.21
N TYR C 2142 91.89 -15.40 25.77
CA TYR C 2142 92.81 -14.27 25.75
C TYR C 2142 94.21 -14.76 26.07
N THR C 2143 95.21 -14.02 25.60
CA THR C 2143 96.61 -14.35 25.85
C THR C 2143 97.27 -13.17 26.54
N ILE C 2144 98.10 -13.48 27.54
CA ILE C 2144 98.77 -12.47 28.35
C ILE C 2144 100.27 -12.76 28.38
N SER C 2145 101.03 -11.71 28.67
CA SER C 2145 102.46 -11.83 28.82
C SER C 2145 102.77 -12.60 30.11
N PRO C 2146 103.84 -13.42 30.10
CA PRO C 2146 104.21 -14.16 31.32
C PRO C 2146 104.60 -13.29 32.50
N SER C 2147 105.01 -12.04 32.27
CA SER C 2147 105.39 -11.15 33.35
C SER C 2147 104.22 -10.66 34.20
N SER C 2148 102.98 -10.88 33.76
CA SER C 2148 101.81 -10.37 34.48
C SER C 2148 100.89 -11.48 34.99
N VAL C 2149 101.38 -12.72 35.05
CA VAL C 2149 100.55 -13.82 35.53
C VAL C 2149 100.22 -13.65 37.02
N GLU C 2150 101.20 -13.23 37.83
CA GLU C 2150 100.94 -12.99 39.24
C GLU C 2150 100.05 -11.77 39.44
N ASP C 2151 100.10 -10.82 38.51
CA ASP C 2151 99.21 -9.67 38.55
C ASP C 2151 97.78 -10.12 38.31
N THR C 2152 97.59 -11.00 37.33
CA THR C 2152 96.27 -11.55 37.02
C THR C 2152 95.76 -12.47 38.12
N MET C 2153 96.68 -13.08 38.89
CA MET C 2153 96.30 -13.97 39.99
C MET C 2153 95.39 -13.28 41.00
N SER C 2154 95.81 -12.11 41.48
CA SER C 2154 95.03 -11.34 42.46
C SER C 2154 93.69 -10.92 41.88
N LEU C 2155 93.70 -10.49 40.62
CA LEU C 2155 92.49 -10.01 39.96
C LEU C 2155 91.47 -11.14 39.85
N LEU C 2156 91.92 -12.33 39.43
CA LEU C 2156 91.04 -13.48 39.32
C LEU C 2156 90.51 -13.92 40.68
N GLU C 2157 91.36 -13.87 41.72
CA GLU C 2157 90.89 -14.18 43.07
C GLU C 2157 89.80 -13.21 43.55
N CYS C 2158 89.99 -11.90 43.34
CA CYS C 2158 88.95 -10.95 43.70
C CYS C 2158 87.71 -11.10 42.82
N LEU C 2159 87.91 -11.51 41.56
CA LEU C 2159 86.79 -11.80 40.67
C LEU C 2159 85.98 -12.97 41.20
N GLY C 2160 86.67 -13.97 41.75
CA GLY C 2160 85.98 -15.09 42.35
C GLY C 2160 85.19 -14.65 43.56
N GLN C 2161 85.74 -13.73 44.36
CA GLN C 2161 85.03 -13.25 45.55
C GLN C 2161 83.73 -12.54 45.17
N ILE C 2162 83.80 -11.59 44.22
CA ILE C 2162 82.59 -10.85 43.84
C ILE C 2162 81.60 -11.77 43.15
N ARG C 2163 82.08 -12.72 42.33
CA ARG C 2163 81.18 -13.71 41.72
C ARG C 2163 80.49 -14.55 42.79
N SER C 2164 81.23 -14.92 43.84
CA SER C 2164 80.65 -15.68 44.95
C SER C 2164 79.62 -14.86 45.71
N LEU C 2165 79.69 -13.54 45.63
CA LEU C 2165 78.69 -12.76 46.36
C LEU C 2165 77.37 -12.62 45.61
N LEU C 2166 77.27 -13.10 44.37
CA LEU C 2166 76.00 -13.03 43.64
C LEU C 2166 74.92 -13.95 44.20
N ILE C 2167 75.27 -14.91 45.04
CA ILE C 2167 74.33 -15.93 45.49
C ILE C 2167 73.96 -15.76 46.95
N VAL C 2168 74.38 -14.67 47.57
CA VAL C 2168 74.18 -14.44 48.99
C VAL C 2168 73.52 -13.08 49.17
N GLN C 2169 72.58 -12.99 50.12
CA GLN C 2169 72.02 -11.71 50.52
C GLN C 2169 73.13 -10.79 51.01
N MET C 2170 73.05 -9.53 50.60
CA MET C 2170 74.14 -8.58 50.84
C MET C 2170 74.29 -8.30 52.33
N GLY C 2171 75.53 -8.34 52.81
CA GLY C 2171 75.78 -8.17 54.21
C GLY C 2171 76.93 -7.26 54.57
N PRO C 2172 76.93 -6.78 55.82
CA PRO C 2172 78.00 -5.91 56.30
C PRO C 2172 79.36 -6.59 56.29
N GLN C 2173 79.40 -7.90 56.53
CA GLN C 2173 80.65 -8.63 56.40
C GLN C 2173 81.13 -8.62 54.96
N GLU C 2174 80.21 -8.81 54.02
CA GLU C 2174 80.60 -8.93 52.62
C GLU C 2174 80.99 -7.61 51.99
N GLU C 2175 80.51 -6.49 52.54
CA GLU C 2175 80.75 -5.20 51.89
C GLU C 2175 82.22 -4.83 51.92
N ASN C 2176 82.88 -4.99 53.07
CA ASN C 2176 84.25 -4.52 53.19
C ASN C 2176 85.20 -5.39 52.39
N LEU C 2177 84.92 -6.70 52.32
CA LEU C 2177 85.75 -7.60 51.54
C LEU C 2177 85.58 -7.32 50.04
N MET C 2178 84.41 -6.87 49.62
CA MET C 2178 84.31 -6.64 48.18
C MET C 2178 84.80 -5.24 47.81
N ILE C 2179 84.69 -4.28 48.72
CA ILE C 2179 85.31 -2.97 48.49
C ILE C 2179 86.83 -3.08 48.45
N GLN C 2180 87.44 -3.86 49.36
CA GLN C 2180 88.88 -4.07 49.22
C GLN C 2180 89.22 -4.92 48.00
N SER C 2181 88.29 -5.76 47.54
CA SER C 2181 88.53 -6.51 46.31
C SER C 2181 88.58 -5.59 45.11
N ILE C 2182 87.60 -4.69 44.97
CA ILE C 2182 87.62 -3.73 43.86
C ILE C 2182 88.78 -2.74 44.03
N GLY C 2183 89.20 -2.48 45.27
CA GLY C 2183 90.41 -1.70 45.47
C GLY C 2183 91.64 -2.41 44.91
N ASN C 2184 91.71 -3.73 45.10
CA ASN C 2184 92.79 -4.50 44.48
C ASN C 2184 92.68 -4.47 42.96
N ILE C 2185 91.46 -4.39 42.43
CA ILE C 2185 91.28 -4.22 40.99
C ILE C 2185 91.85 -2.89 40.54
N MET C 2186 91.60 -1.83 41.31
CA MET C 2186 92.15 -0.51 41.00
C MET C 2186 93.66 -0.53 41.04
N ASN C 2187 94.23 -1.19 42.04
CA ASN C 2187 95.68 -1.25 42.20
C ASN C 2187 96.32 -2.11 41.12
N ASN C 2188 95.59 -3.06 40.53
CA ASN C 2188 96.18 -3.96 39.55
C ASN C 2188 96.52 -3.22 38.26
N LYS C 2189 97.72 -3.48 37.74
CA LYS C 2189 98.20 -2.84 36.52
C LYS C 2189 97.47 -3.35 35.28
N VAL C 2190 97.20 -4.66 35.22
CA VAL C 2190 96.54 -5.28 34.07
C VAL C 2190 95.12 -4.76 33.87
N PHE C 2191 94.50 -4.26 34.95
CA PHE C 2191 93.18 -3.63 34.89
C PHE C 2191 93.16 -2.48 33.90
N TYR C 2192 94.26 -1.73 33.79
CA TYR C 2192 94.41 -0.70 32.79
C TYR C 2192 95.13 -1.19 31.54
N GLN C 2193 96.05 -2.14 31.69
CA GLN C 2193 96.87 -2.59 30.56
C GLN C 2193 96.04 -3.34 29.53
N HIS C 2194 95.09 -4.17 29.97
CA HIS C 2194 94.32 -5.04 29.08
C HIS C 2194 92.83 -4.81 29.26
N PRO C 2195 92.29 -3.69 28.73
CA PRO C 2195 90.84 -3.46 28.82
C PRO C 2195 90.01 -4.53 28.10
N ASN C 2196 90.55 -5.13 27.04
CA ASN C 2196 89.86 -6.19 26.32
C ASN C 2196 89.62 -7.40 27.22
N LEU C 2197 90.64 -7.79 28.00
CA LEU C 2197 90.49 -8.87 28.96
C LEU C 2197 89.48 -8.53 30.05
N MET C 2198 89.48 -7.27 30.51
CA MET C 2198 88.47 -6.81 31.47
C MET C 2198 87.07 -6.92 30.90
N ARG C 2199 86.88 -6.47 29.66
CA ARG C 2199 85.57 -6.55 29.02
C ARG C 2199 85.14 -7.99 28.79
N ALA C 2200 86.08 -8.86 28.41
CA ALA C 2200 85.79 -10.28 28.22
C ALA C 2200 85.40 -10.96 29.52
N LEU C 2201 86.11 -10.65 30.61
CA LEU C 2201 85.71 -11.13 31.94
C LEU C 2201 84.36 -10.57 32.37
N GLY C 2202 84.06 -9.33 32.01
CA GLY C 2202 82.76 -8.73 32.25
C GLY C 2202 82.40 -8.56 33.70
N MET C 2203 83.33 -8.02 34.50
CA MET C 2203 82.98 -7.70 35.89
C MET C 2203 81.94 -6.58 35.97
N HIS C 2204 81.91 -5.70 34.97
CA HIS C 2204 81.05 -4.50 35.01
C HIS C 2204 79.57 -4.86 35.09
N GLU C 2205 79.12 -5.83 34.27
CA GLU C 2205 77.71 -6.19 34.33
C GLU C 2205 77.38 -6.89 35.65
N THR C 2206 78.30 -7.73 36.15
CA THR C 2206 78.08 -8.41 37.42
C THR C 2206 77.96 -7.43 38.56
N VAL C 2207 78.79 -6.38 38.55
CA VAL C 2207 78.66 -5.33 39.55
C VAL C 2207 77.36 -4.58 39.34
N MET C 2208 76.87 -4.46 38.09
CA MET C 2208 75.62 -3.72 37.94
C MET C 2208 74.44 -4.52 38.48
N GLU C 2209 74.50 -5.86 38.38
CA GLU C 2209 73.47 -6.63 39.07
C GLU C 2209 73.59 -6.47 40.58
N VAL C 2210 74.82 -6.46 41.12
CA VAL C 2210 74.92 -6.41 42.58
C VAL C 2210 74.39 -5.05 43.10
N MET C 2211 74.53 -3.98 42.29
CA MET C 2211 73.79 -2.75 42.63
C MET C 2211 72.29 -2.95 42.51
N VAL C 2212 71.81 -3.63 41.46
CA VAL C 2212 70.35 -3.81 41.29
C VAL C 2212 69.75 -4.55 42.48
N ASN C 2213 70.40 -5.61 42.95
CA ASN C 2213 69.96 -6.30 44.16
C ASN C 2213 70.07 -5.43 45.42
N VAL C 2214 71.16 -4.67 45.58
CA VAL C 2214 71.30 -3.93 46.83
C VAL C 2214 70.30 -2.77 46.88
N LEU C 2215 69.98 -2.15 45.74
CA LEU C 2215 68.93 -1.13 45.73
C LEU C 2215 67.54 -1.75 45.81
N GLY C 2216 67.35 -2.94 45.23
CA GLY C 2216 66.08 -3.63 45.35
C GLY C 2216 65.75 -3.99 46.79
N GLY C 2217 66.75 -4.43 47.54
CA GLY C 2217 66.59 -4.54 48.98
C GLY C 2217 66.47 -3.13 49.53
N GLY C 2218 65.31 -2.80 50.10
CA GLY C 2218 65.07 -1.41 50.42
C GLY C 2218 64.95 -0.52 49.20
N GLU C 2219 64.28 -0.99 48.14
CA GLU C 2219 64.08 -0.21 46.92
C GLU C 2219 63.31 1.07 47.18
N THR C 2220 62.47 1.09 48.21
CA THR C 2220 61.67 2.25 48.57
C THR C 2220 62.08 2.89 49.89
N LYS C 2221 62.26 2.09 50.95
CA LYS C 2221 62.46 2.63 52.29
C LYS C 2221 63.80 3.38 52.43
N GLU C 2222 64.91 2.76 52.04
CA GLU C 2222 66.26 3.30 52.28
C GLU C 2222 67.27 2.45 51.53
N ILE C 2223 68.38 3.09 51.16
CA ILE C 2223 69.44 2.41 50.43
C ILE C 2223 70.36 1.79 51.48
N ARG C 2224 70.11 0.52 51.77
CA ARG C 2224 70.96 -0.24 52.68
C ARG C 2224 72.33 -0.44 52.05
N PHE C 2225 73.34 -0.45 52.91
CA PHE C 2225 74.75 -0.47 52.53
C PHE C 2225 75.13 0.64 51.53
N PRO C 2226 74.92 1.92 51.88
CA PRO C 2226 75.22 3.00 50.92
C PRO C 2226 76.68 3.13 50.52
N LYS C 2227 77.59 2.74 51.42
CA LYS C 2227 79.02 2.90 51.18
C LYS C 2227 79.47 2.06 50.00
N MET C 2228 79.01 0.81 49.93
CA MET C 2228 79.40 -0.06 48.82
C MET C 2228 78.78 0.44 47.52
N VAL C 2229 77.57 1.00 47.58
CA VAL C 2229 76.90 1.54 46.39
C VAL C 2229 77.73 2.66 45.78
N THR C 2230 78.15 3.62 46.60
CA THR C 2230 78.93 4.72 46.05
C THR C 2230 80.36 4.29 45.71
N SER C 2231 80.90 3.29 46.41
CA SER C 2231 82.26 2.84 46.15
C SER C 2231 82.33 2.04 44.87
N CYS C 2232 81.24 1.36 44.52
CA CYS C 2232 81.21 0.59 43.29
C CYS C 2232 80.84 1.45 42.10
N CYS C 2233 79.88 2.39 42.27
CA CYS C 2233 79.62 3.33 41.17
C CYS C 2233 80.85 4.18 40.86
N ARG C 2234 81.72 4.41 41.86
CA ARG C 2234 83.03 5.00 41.60
C ARG C 2234 83.86 4.13 40.65
N PHE C 2235 83.86 2.81 40.90
CA PHE C 2235 84.56 1.88 40.01
C PHE C 2235 83.96 1.89 38.61
N LEU C 2236 82.64 2.01 38.50
CA LEU C 2236 82.00 2.08 37.19
C LEU C 2236 82.43 3.34 36.44
N CYS C 2237 82.49 4.48 37.14
CA CYS C 2237 82.93 5.72 36.49
C CYS C 2237 84.38 5.61 36.00
N TYR C 2238 85.25 5.00 36.82
CA TYR C 2238 86.62 4.74 36.35
C TYR C 2238 86.61 3.77 35.17
N PHE C 2239 85.74 2.76 35.21
CA PHE C 2239 85.68 1.74 34.17
C PHE C 2239 85.32 2.37 32.84
N CYS C 2240 84.36 3.30 32.86
CA CYS C 2240 83.99 4.02 31.64
C CYS C 2240 85.17 4.84 31.16
N ARG C 2241 85.90 5.47 32.09
CA ARG C 2241 87.02 6.29 31.66
C ARG C 2241 88.23 5.49 31.19
N ILE C 2242 88.26 4.17 31.41
CA ILE C 2242 89.42 3.37 30.93
C ILE C 2242 89.49 3.39 29.42
N SER C 2243 88.37 3.14 28.74
CA SER C 2243 88.38 3.11 27.29
C SER C 2243 86.97 3.29 26.75
N ARG C 2244 86.90 3.77 25.51
CA ARG C 2244 85.62 4.00 24.86
C ARG C 2244 84.87 2.71 24.55
N GLN C 2245 85.59 1.63 24.23
CA GLN C 2245 84.93 0.32 24.03
C GLN C 2245 84.21 -0.13 25.30
N ASN C 2246 84.85 0.05 26.45
CA ASN C 2246 84.17 -0.19 27.72
C ASN C 2246 82.99 0.74 27.88
N GLN C 2247 83.17 2.01 27.50
CA GLN C 2247 82.07 2.97 27.52
C GLN C 2247 80.97 2.60 26.52
N ARG C 2248 81.36 2.17 25.31
CA ARG C 2248 80.36 1.80 24.30
C ARG C 2248 79.57 0.57 24.74
N SER C 2249 80.26 -0.39 25.35
CA SER C 2249 79.58 -1.56 25.91
C SER C 2249 78.63 -1.15 27.03
N MET C 2250 79.06 -0.21 27.87
CA MET C 2250 78.24 0.29 28.96
C MET C 2250 77.06 1.13 28.47
N PHE C 2251 77.15 1.66 27.24
CA PHE C 2251 76.14 2.56 26.69
C PHE C 2251 74.78 1.87 26.55
N ASP C 2252 74.76 0.55 26.41
CA ASP C 2252 73.50 -0.17 26.21
C ASP C 2252 72.64 -0.16 27.48
N HIS C 2253 73.25 -0.14 28.65
CA HIS C 2253 72.55 -0.30 29.91
C HIS C 2253 72.09 1.01 30.52
N LEU C 2254 72.19 2.12 29.79
CA LEU C 2254 71.84 3.44 30.32
C LEU C 2254 70.39 3.52 30.79
N SER C 2255 69.45 3.11 29.93
CA SER C 2255 68.04 3.04 30.32
C SER C 2255 67.84 2.10 31.50
N TYR C 2256 68.50 0.94 31.42
CA TYR C 2256 68.53 -0.01 32.53
C TYR C 2256 69.12 0.65 33.78
N LEU C 2257 70.15 1.46 33.60
CA LEU C 2257 70.66 2.27 34.70
C LEU C 2257 69.70 3.40 35.03
N LEU C 2258 68.86 3.82 34.08
CA LEU C 2258 68.05 5.02 34.28
C LEU C 2258 66.91 4.75 35.25
N GLU C 2259 66.29 3.56 35.17
CA GLU C 2259 65.24 3.26 36.16
C GLU C 2259 65.82 3.22 37.57
N ASN C 2260 67.00 2.63 37.73
CA ASN C 2260 67.68 2.63 39.02
C ASN C 2260 68.12 4.03 39.45
N SER C 2261 68.31 4.95 38.50
CA SER C 2261 68.68 6.32 38.87
C SER C 2261 67.53 7.11 39.47
N GLY C 2262 66.30 6.59 39.42
CA GLY C 2262 65.18 7.25 40.05
C GLY C 2262 65.35 7.39 41.55
N ILE C 2263 65.88 6.34 42.20
CA ILE C 2263 66.23 6.40 43.61
C ILE C 2263 67.69 6.75 43.81
N GLY C 2264 68.43 7.02 42.73
CA GLY C 2264 69.84 7.39 42.84
C GLY C 2264 70.06 8.78 43.39
N LEU C 2265 69.02 9.62 43.43
CA LEU C 2265 69.13 10.94 44.04
C LEU C 2265 69.37 10.87 45.55
N GLY C 2266 68.95 9.77 46.19
CA GLY C 2266 69.12 9.65 47.63
C GLY C 2266 70.57 9.59 48.05
N MET C 2267 71.41 8.93 47.27
CA MET C 2267 72.80 8.73 47.62
C MET C 2267 73.68 9.90 47.16
N GLN C 2268 74.68 10.22 47.98
CA GLN C 2268 75.63 11.28 47.68
CA GLN C 2268 75.63 11.28 47.68
C GLN C 2268 76.96 10.67 47.25
N GLY C 2269 77.71 11.42 46.45
CA GLY C 2269 78.99 10.93 45.98
C GLY C 2269 78.95 10.46 44.54
N SER C 2270 79.29 9.19 44.34
CA SER C 2270 79.26 8.57 43.01
C SER C 2270 77.95 7.80 42.88
N THR C 2271 77.12 8.20 41.92
CA THR C 2271 75.76 7.72 41.75
C THR C 2271 75.58 7.16 40.34
N PRO C 2272 74.52 6.35 40.10
CA PRO C 2272 74.25 5.87 38.73
C PRO C 2272 74.08 6.97 37.69
N LEU C 2273 73.57 8.13 38.08
CA LEU C 2273 73.52 9.27 37.16
C LEU C 2273 74.94 9.68 36.73
N ASP C 2274 75.88 9.70 37.69
CA ASP C 2274 77.28 9.96 37.36
C ASP C 2274 77.85 8.89 36.46
N VAL C 2275 77.49 7.63 36.71
CA VAL C 2275 77.93 6.52 35.85
C VAL C 2275 77.42 6.72 34.43
N ALA C 2276 76.15 7.13 34.30
CA ALA C 2276 75.58 7.40 32.99
C ALA C 2276 76.30 8.54 32.28
N ALA C 2277 76.63 9.60 33.03
CA ALA C 2277 77.36 10.72 32.45
C ALA C 2277 78.73 10.28 31.97
N ALA C 2278 79.44 9.48 32.78
CA ALA C 2278 80.73 8.97 32.36
C ALA C 2278 80.58 7.97 31.22
N SER C 2279 79.37 7.42 31.02
CA SER C 2279 79.12 6.46 29.96
C SER C 2279 78.65 7.13 28.68
N VAL C 2280 78.54 8.45 28.68
CA VAL C 2280 78.02 9.16 27.50
C VAL C 2280 79.04 10.21 27.05
N ILE C 2281 79.86 10.70 27.99
CA ILE C 2281 80.68 11.89 27.76
C ILE C 2281 81.85 11.57 26.81
N ASP C 2282 82.52 12.62 26.31
CA ASP C 2282 83.67 12.68 25.40
C ASP C 2282 83.60 11.73 24.20
N ASN C 2283 82.40 11.44 23.70
CA ASN C 2283 82.25 10.69 22.46
C ASN C 2283 81.08 11.30 21.69
N ASN C 2284 81.35 11.80 20.48
CA ASN C 2284 80.30 12.33 19.63
C ASN C 2284 79.39 11.24 19.11
N GLU C 2285 79.94 10.05 18.86
CA GLU C 2285 79.15 8.90 18.42
C GLU C 2285 78.13 8.50 19.47
N LEU C 2286 78.54 8.48 20.74
CA LEU C 2286 77.59 8.37 21.82
C LEU C 2286 76.84 9.69 21.96
N ALA C 2287 75.62 9.61 22.51
CA ALA C 2287 74.60 10.66 22.59
C ALA C 2287 74.02 11.01 21.23
N LEU C 2288 74.53 10.44 20.15
CA LEU C 2288 73.95 10.58 18.82
C LEU C 2288 72.96 9.45 18.54
N ALA C 2289 73.21 8.28 19.09
CA ALA C 2289 72.26 7.18 19.06
C ALA C 2289 71.45 7.08 20.35
N LEU C 2290 71.59 8.08 21.24
CA LEU C 2290 70.83 8.14 22.48
C LEU C 2290 69.33 8.25 22.22
N GLN C 2291 68.59 7.22 22.60
CA GLN C 2291 67.15 7.16 22.35
C GLN C 2291 66.41 8.27 23.10
N GLU C 2292 65.36 8.77 22.45
CA GLU C 2292 64.60 9.89 22.98
C GLU C 2292 63.87 9.56 24.28
N GLN C 2293 63.43 8.30 24.44
CA GLN C 2293 62.62 7.86 25.57
C GLN C 2293 63.26 8.13 26.93
N ASP C 2294 64.60 8.13 26.98
CA ASP C 2294 65.32 8.50 28.20
C ASP C 2294 65.03 9.94 28.61
N LEU C 2295 64.95 10.84 27.62
CA LEU C 2295 64.98 12.28 27.88
C LEU C 2295 63.74 12.74 28.62
N GLU C 2296 62.55 12.35 28.13
CA GLU C 2296 61.32 12.82 28.77
C GLU C 2296 61.17 12.22 30.16
N LYS C 2297 61.75 11.05 30.39
CA LYS C 2297 61.70 10.48 31.74
C LYS C 2297 62.64 11.22 32.67
N VAL C 2298 63.78 11.70 32.15
CA VAL C 2298 64.69 12.53 32.94
C VAL C 2298 64.01 13.85 33.30
N VAL C 2299 63.34 14.48 32.34
CA VAL C 2299 62.73 15.76 32.67
C VAL C 2299 61.46 15.58 33.49
N SER C 2300 60.79 14.41 33.42
CA SER C 2300 59.71 14.13 34.38
C SER C 2300 60.27 14.02 35.79
N TYR C 2301 61.47 13.45 35.93
CA TYR C 2301 62.18 13.51 37.21
C TYR C 2301 62.50 14.93 37.62
N LEU C 2302 62.91 15.78 36.68
CA LEU C 2302 63.10 17.20 36.98
C LEU C 2302 61.80 17.87 37.43
N ALA C 2303 60.68 17.52 36.80
CA ALA C 2303 59.37 17.98 37.26
C ALA C 2303 59.06 17.51 38.67
N GLY C 2304 59.36 16.25 38.98
CA GLY C 2304 59.20 15.76 40.34
C GLY C 2304 60.12 16.44 41.33
N CYS C 2305 61.33 16.80 40.90
CA CYS C 2305 62.25 17.56 41.74
C CYS C 2305 61.69 18.94 42.04
N GLY C 2306 61.03 19.55 41.05
CA GLY C 2306 60.53 20.90 41.20
C GLY C 2306 59.18 21.03 41.86
N LEU C 2307 58.38 19.95 41.88
CA LEU C 2307 57.04 20.07 42.44
C LEU C 2307 56.95 19.77 43.93
N GLN C 2308 57.94 19.08 44.49
CA GLN C 2308 57.85 18.65 45.87
C GLN C 2308 59.19 18.83 46.56
N SER C 2309 59.14 18.93 47.88
CA SER C 2309 60.34 19.06 48.69
C SER C 2309 61.16 17.77 48.68
N CYS C 2310 62.45 17.92 48.88
CA CYS C 2310 63.36 16.79 48.94
C CYS C 2310 63.14 16.04 50.25
N PRO C 2311 62.81 14.73 50.22
CA PRO C 2311 62.43 14.00 51.45
C PRO C 2311 63.53 13.89 52.49
N MET C 2312 64.69 13.32 52.12
CA MET C 2312 65.75 13.13 53.10
C MET C 2312 66.45 14.43 53.45
N LEU C 2313 66.47 15.41 52.54
CA LEU C 2313 66.96 16.73 52.89
C LEU C 2313 66.05 17.41 53.90
N LEU C 2314 64.73 17.27 53.72
CA LEU C 2314 63.80 17.91 54.63
C LEU C 2314 63.73 17.20 55.98
N ALA C 2315 64.00 15.89 56.01
CA ALA C 2315 63.96 15.12 57.25
C ALA C 2315 65.03 15.55 58.25
N LYS C 2316 66.06 16.25 57.82
CA LYS C 2316 67.16 16.67 58.68
C LYS C 2316 66.88 17.98 59.42
N GLY C 2317 65.61 18.38 59.55
CA GLY C 2317 65.27 19.60 60.23
C GLY C 2317 65.40 20.87 59.42
N TYR C 2318 65.60 20.76 58.11
CA TYR C 2318 65.73 21.93 57.26
C TYR C 2318 64.38 22.63 57.07
N PRO C 2319 64.39 23.95 56.85
CA PRO C 2319 63.15 24.64 56.50
C PRO C 2319 62.61 24.18 55.16
N ASP C 2320 61.29 24.27 55.01
CA ASP C 2320 60.62 23.67 53.87
C ASP C 2320 60.64 24.60 52.66
N ILE C 2321 61.10 24.07 51.53
CA ILE C 2321 60.96 24.70 50.22
C ILE C 2321 60.40 23.64 49.27
N GLY C 2322 59.49 24.05 48.40
CA GLY C 2322 58.75 23.11 47.57
C GLY C 2322 59.46 22.44 46.42
N TRP C 2323 60.79 22.45 46.43
CA TRP C 2323 61.56 21.84 45.34
C TRP C 2323 62.94 21.45 45.82
N ASN C 2324 63.60 20.61 45.01
CA ASN C 2324 64.89 20.03 45.37
C ASN C 2324 65.96 20.56 44.41
N PRO C 2325 66.72 21.58 44.83
CA PRO C 2325 67.81 22.11 43.99
C PRO C 2325 68.93 21.11 43.73
N CYS C 2326 69.27 20.25 44.69
CA CYS C 2326 70.40 19.34 44.50
C CYS C 2326 70.07 18.26 43.48
N GLY C 2327 68.91 17.62 43.60
CA GLY C 2327 68.50 16.63 42.61
C GLY C 2327 68.25 17.23 41.24
N GLY C 2328 67.65 18.44 41.22
CA GLY C 2328 67.47 19.13 39.96
C GLY C 2328 68.80 19.46 39.31
N GLU C 2329 69.78 19.88 40.12
CA GLU C 2329 71.12 20.19 39.63
C GLU C 2329 71.76 18.96 39.04
N ARG C 2330 71.58 17.81 39.71
CA ARG C 2330 72.13 16.54 39.24
C ARG C 2330 71.64 16.20 37.85
N TYR C 2331 70.33 16.35 37.62
CA TYR C 2331 69.81 16.10 36.27
C TYR C 2331 70.30 17.15 35.28
N LEU C 2332 70.44 18.40 35.73
CA LEU C 2332 70.89 19.48 34.85
C LEU C 2332 72.30 19.24 34.34
N ASP C 2333 73.26 18.97 35.26
CA ASP C 2333 74.62 18.68 34.82
C ASP C 2333 74.71 17.37 34.06
N PHE C 2334 73.79 16.42 34.33
CA PHE C 2334 73.72 15.20 33.51
C PHE C 2334 73.33 15.54 32.08
N LEU C 2335 72.28 16.34 31.90
CA LEU C 2335 71.90 16.77 30.55
C LEU C 2335 72.97 17.66 29.91
N ARG C 2336 73.75 18.37 30.73
CA ARG C 2336 74.90 19.13 30.24
C ARG C 2336 75.94 18.21 29.62
N PHE C 2337 76.22 17.09 30.30
CA PHE C 2337 77.14 16.11 29.73
C PHE C 2337 76.52 15.39 28.55
N ALA C 2338 75.18 15.33 28.52
CA ALA C 2338 74.48 14.61 27.47
C ALA C 2338 74.54 15.37 26.16
N VAL C 2339 74.38 16.69 26.22
CA VAL C 2339 74.25 17.50 25.01
C VAL C 2339 75.54 18.20 24.60
N PHE C 2340 76.51 18.35 25.50
CA PHE C 2340 77.73 19.06 25.12
C PHE C 2340 78.89 18.09 25.17
N VAL C 2341 79.59 17.94 24.04
CA VAL C 2341 80.71 17.02 23.89
C VAL C 2341 81.84 17.75 23.15
N ASN C 2342 83.07 17.52 23.60
CA ASN C 2342 84.32 17.96 22.96
C ASN C 2342 84.37 19.48 22.70
N GLY C 2343 83.61 20.27 23.44
CA GLY C 2343 83.58 21.71 23.22
C GLY C 2343 82.56 22.22 22.23
N GLU C 2344 81.70 21.36 21.69
CA GLU C 2344 80.66 21.83 20.79
C GLU C 2344 79.33 21.16 21.14
N SER C 2345 78.24 21.83 20.75
CA SER C 2345 76.91 21.35 21.08
C SER C 2345 76.41 20.41 19.99
N VAL C 2346 75.62 19.43 20.41
CA VAL C 2346 74.94 18.54 19.46
C VAL C 2346 73.57 19.14 19.20
N GLU C 2347 73.35 19.57 17.96
CA GLU C 2347 72.11 20.26 17.60
C GLU C 2347 70.88 19.35 17.72
N GLU C 2348 71.02 18.09 17.28
CA GLU C 2348 69.92 17.13 17.33
C GLU C 2348 69.49 16.84 18.75
N ASN C 2349 70.44 16.64 19.66
CA ASN C 2349 70.08 16.45 21.05
C ASN C 2349 69.59 17.75 21.67
N ALA C 2350 70.19 18.87 21.25
CA ALA C 2350 69.89 20.18 21.83
C ALA C 2350 68.44 20.59 21.62
N ASN C 2351 67.91 20.37 20.41
CA ASN C 2351 66.56 20.85 20.16
C ASN C 2351 65.54 19.99 20.87
N VAL C 2352 65.76 18.68 20.95
CA VAL C 2352 64.78 17.81 21.58
C VAL C 2352 64.78 18.03 23.09
N VAL C 2353 65.96 18.24 23.70
CA VAL C 2353 66.00 18.48 25.15
C VAL C 2353 65.32 19.81 25.47
N VAL C 2354 65.63 20.88 24.72
CA VAL C 2354 65.00 22.17 25.04
C VAL C 2354 63.49 22.12 24.77
N ARG C 2355 63.07 21.38 23.72
CA ARG C 2355 61.64 21.23 23.44
C ARG C 2355 60.90 20.51 24.56
N LEU C 2356 61.47 19.41 25.07
CA LEU C 2356 60.81 18.67 26.12
C LEU C 2356 60.92 19.38 27.47
N LEU C 2357 62.04 20.06 27.72
CA LEU C 2357 62.21 20.85 28.93
C LEU C 2357 61.22 22.00 28.94
N ILE C 2358 61.04 22.67 27.80
CA ILE C 2358 60.20 23.85 27.76
C ILE C 2358 58.72 23.44 27.74
N ARG C 2359 58.43 22.20 27.32
CA ARG C 2359 57.08 21.67 27.46
C ARG C 2359 56.64 21.58 28.92
N LYS C 2360 57.58 21.46 29.86
CA LYS C 2360 57.28 21.33 31.28
C LYS C 2360 58.01 22.45 32.02
N PRO C 2361 57.47 23.67 31.99
CA PRO C 2361 58.14 24.81 32.66
C PRO C 2361 58.16 24.73 34.18
N GLU C 2362 57.49 23.74 34.78
CA GLU C 2362 57.38 23.62 36.23
C GLU C 2362 58.70 23.32 36.93
N CYS C 2363 59.74 22.93 36.19
CA CYS C 2363 61.00 22.52 36.80
C CYS C 2363 62.10 23.57 36.68
N PHE C 2364 61.79 24.77 36.19
CA PHE C 2364 62.83 25.80 36.13
C PHE C 2364 63.15 26.41 37.49
N GLY C 2365 62.21 26.38 38.42
CA GLY C 2365 62.41 26.96 39.73
C GLY C 2365 61.33 27.96 40.08
N PRO C 2366 61.51 28.68 41.19
CA PRO C 2366 60.52 29.71 41.58
C PRO C 2366 60.36 30.82 40.56
N ALA C 2367 61.43 31.18 39.86
CA ALA C 2367 61.37 32.20 38.81
C ALA C 2367 61.10 31.54 37.47
N LEU C 2368 60.89 32.38 36.45
CA LEU C 2368 60.72 32.01 35.05
C LEU C 2368 59.49 31.13 34.79
N ARG C 2369 58.53 31.10 35.72
CA ARG C 2369 57.30 30.35 35.54
CA ARG C 2369 57.30 30.36 35.55
C ARG C 2369 56.23 31.14 34.81
N GLY C 2370 56.42 32.45 34.65
CA GLY C 2370 55.39 33.27 34.02
C GLY C 2370 54.52 33.92 35.07
N GLU C 2371 53.27 33.48 35.17
CA GLU C 2371 52.40 33.93 36.26
C GLU C 2371 52.96 33.42 37.59
N GLY C 2372 52.99 34.32 38.58
CA GLY C 2372 53.54 33.99 39.88
C GLY C 2372 55.05 33.83 39.93
N GLY C 2373 55.75 34.08 38.82
CA GLY C 2373 57.18 33.93 38.79
C GLY C 2373 57.95 35.23 38.88
N SER C 2374 58.69 35.41 39.98
CA SER C 2374 59.50 36.60 40.19
C SER C 2374 60.72 36.58 39.26
N GLY C 2375 61.53 37.63 39.35
CA GLY C 2375 62.74 37.69 38.57
C GLY C 2375 63.76 36.65 39.00
N LEU C 2376 64.50 36.14 38.00
CA LEU C 2376 65.59 35.20 38.28
C LEU C 2376 66.68 35.86 39.11
N LEU C 2377 67.01 37.11 38.77
CA LEU C 2377 67.99 37.89 39.52
C LEU C 2377 67.51 38.10 40.96
N ALA C 2378 66.22 38.42 41.13
CA ALA C 2378 65.65 38.60 42.46
C ALA C 2378 65.72 37.32 43.26
N ALA C 2379 65.45 36.17 42.61
CA ALA C 2379 65.56 34.88 43.29
C ALA C 2379 66.99 34.58 43.67
N ILE C 2380 67.96 35.12 42.92
CA ILE C 2380 69.37 34.93 43.29
C ILE C 2380 69.69 35.74 44.54
N GLU C 2381 69.25 37.00 44.63
CA GLU C 2381 69.46 37.72 45.90
C GLU C 2381 68.69 37.08 47.06
N GLU C 2382 67.55 36.45 46.79
CA GLU C 2382 66.88 35.65 47.81
C GLU C 2382 67.78 34.51 48.28
N ALA C 2383 68.45 33.85 47.33
CA ALA C 2383 69.28 32.70 47.68
C ALA C 2383 70.54 33.17 48.42
N ILE C 2384 71.16 34.25 47.95
CA ILE C 2384 72.42 34.73 48.53
C ILE C 2384 72.19 35.18 49.97
N ARG C 2385 71.17 36.04 50.19
CA ARG C 2385 70.94 36.55 51.54
C ARG C 2385 70.40 35.47 52.48
N ILE C 2386 69.57 34.53 51.97
CA ILE C 2386 69.15 33.40 52.81
C ILE C 2386 70.34 32.49 53.14
N SER C 2387 71.28 32.33 52.19
CA SER C 2387 72.50 31.57 52.48
C SER C 2387 73.35 32.23 53.55
N GLU C 2388 73.50 33.55 53.48
CA GLU C 2388 74.28 34.26 54.49
C GLU C 2388 73.58 34.29 55.85
N ASP C 2389 72.26 34.27 55.88
CA ASP C 2389 71.51 34.35 57.13
C ASP C 2389 71.27 32.95 57.68
N PRO C 2390 71.77 32.61 58.87
CA PRO C 2390 71.49 31.28 59.44
C PRO C 2390 70.02 31.07 59.77
N ALA C 2391 69.70 29.83 60.16
CA ALA C 2391 68.39 29.30 60.52
C ALA C 2391 67.43 29.21 59.33
N ARG C 2392 67.84 29.60 58.13
CA ARG C 2392 67.03 29.46 56.91
C ARG C 2392 67.82 28.72 55.84
N ASP C 2393 69.15 28.80 55.92
CA ASP C 2393 69.99 28.08 54.96
C ASP C 2393 70.26 26.65 55.41
N GLY C 2394 70.25 26.40 56.72
CA GLY C 2394 70.53 25.09 57.24
C GLY C 2394 69.54 24.63 58.29
N PRO C 2395 69.86 23.53 58.98
CA PRO C 2395 68.93 22.97 59.97
C PRO C 2395 68.89 23.75 61.28
N GLY C 2396 69.80 24.70 61.48
CA GLY C 2396 69.88 25.42 62.74
C GLY C 2396 70.30 24.59 63.93
N VAL C 2397 71.29 23.72 63.76
CA VAL C 2397 71.77 22.86 64.85
C VAL C 2397 73.21 23.21 65.19
N PRO C 2410 82.10 22.14 56.21
CA PRO C 2410 80.86 21.69 56.84
C PRO C 2410 81.10 20.76 58.03
N PRO C 2411 80.20 20.81 59.02
CA PRO C 2411 80.35 19.94 60.21
C PRO C 2411 80.37 18.46 59.89
N GLU C 2412 79.60 18.02 58.90
CA GLU C 2412 79.55 16.61 58.51
C GLU C 2412 80.09 16.37 57.11
N GLU C 2413 80.69 17.38 56.49
CA GLU C 2413 81.28 17.42 55.14
C GLU C 2413 80.24 17.27 54.02
N ASN C 2414 78.95 17.14 54.34
CA ASN C 2414 77.89 17.06 53.35
C ASN C 2414 76.68 17.88 53.78
N ARG C 2415 76.92 18.96 54.51
CA ARG C 2415 75.84 19.82 54.99
C ARG C 2415 75.16 20.50 53.82
N VAL C 2416 73.85 20.55 53.85
CA VAL C 2416 73.07 21.16 52.78
C VAL C 2416 72.95 22.65 53.06
N HIS C 2417 73.28 23.46 52.05
CA HIS C 2417 73.15 24.90 52.09
C HIS C 2417 72.10 25.24 51.05
N LEU C 2418 70.89 25.57 51.51
CA LEU C 2418 69.76 25.82 50.63
C LEU C 2418 70.00 26.98 49.69
N GLY C 2419 70.54 28.09 50.23
CA GLY C 2419 70.84 29.25 49.41
C GLY C 2419 71.88 28.97 48.34
N HIS C 2420 72.90 28.20 48.68
CA HIS C 2420 73.91 27.85 47.68
C HIS C 2420 73.36 26.87 46.65
N ALA C 2421 72.54 25.92 47.09
CA ALA C 2421 72.00 24.91 46.19
C ALA C 2421 71.03 25.51 45.18
N ILE C 2422 70.21 26.47 45.59
CA ILE C 2422 69.23 27.09 44.71
C ILE C 2422 69.93 27.80 43.54
N MET C 2423 70.94 28.59 43.85
CA MET C 2423 71.69 29.29 42.80
C MET C 2423 72.62 28.36 42.03
N SER C 2424 73.10 27.28 42.64
CA SER C 2424 73.80 26.25 41.89
C SER C 2424 72.89 25.59 40.85
N PHE C 2425 71.64 25.32 41.24
CA PHE C 2425 70.62 24.85 40.31
C PHE C 2425 70.38 25.85 39.19
N TYR C 2426 70.28 27.13 39.53
CA TYR C 2426 70.05 28.17 38.52
C TYR C 2426 71.21 28.27 37.54
N ALA C 2427 72.43 28.21 38.07
CA ALA C 2427 73.64 28.23 37.25
C ALA C 2427 73.72 27.02 36.33
N ALA C 2428 73.40 25.83 36.84
CA ALA C 2428 73.40 24.66 35.95
C ALA C 2428 72.26 24.73 34.94
N LEU C 2429 71.14 25.37 35.29
CA LEU C 2429 70.03 25.57 34.36
C LEU C 2429 70.45 26.44 33.20
N ILE C 2430 71.21 27.49 33.51
CA ILE C 2430 71.56 28.41 32.45
C ILE C 2430 72.78 27.88 31.70
N ASP C 2431 73.68 27.14 32.36
CA ASP C 2431 74.79 26.51 31.65
C ASP C 2431 74.27 25.45 30.70
N LEU C 2432 73.20 24.76 31.11
CA LEU C 2432 72.51 23.80 30.24
C LEU C 2432 71.97 24.49 29.00
N LEU C 2433 71.24 25.59 29.17
CA LEU C 2433 70.70 26.29 28.02
C LEU C 2433 71.81 26.86 27.12
N GLY C 2434 72.86 27.39 27.75
CA GLY C 2434 74.02 27.89 27.00
C GLY C 2434 74.69 26.82 26.18
N ARG C 2435 74.84 25.62 26.74
CA ARG C 2435 75.43 24.53 25.97
C ARG C 2435 74.42 23.84 25.07
N CYS C 2436 73.14 24.19 25.18
CA CYS C 2436 72.13 23.79 24.21
C CYS C 2436 71.95 24.82 23.10
N ALA C 2437 72.68 25.94 23.16
CA ALA C 2437 72.48 27.02 22.20
C ALA C 2437 72.90 26.59 20.80
N PRO C 2438 72.17 27.04 19.76
CA PRO C 2438 72.59 26.74 18.39
C PRO C 2438 73.90 27.40 18.02
N GLU C 2439 74.63 26.74 17.13
CA GLU C 2439 75.91 27.23 16.67
C GLU C 2439 75.79 28.43 15.74
N MET C 2440 76.85 29.25 15.74
CA MET C 2440 76.88 30.49 14.97
C MET C 2440 76.87 30.20 13.47
N HIS C 2441 77.52 29.13 13.04
CA HIS C 2441 77.56 28.80 11.61
C HIS C 2441 76.18 28.45 11.09
N LEU C 2442 75.36 27.77 11.89
CA LEU C 2442 73.96 27.55 11.51
C LEU C 2442 73.17 28.85 11.58
N ILE C 2443 73.53 29.73 12.52
CA ILE C 2443 72.82 31.01 12.64
C ILE C 2443 73.05 31.86 11.40
N GLN C 2444 74.31 32.00 10.97
CA GLN C 2444 74.57 32.72 9.72
C GLN C 2444 74.08 31.93 8.51
N ALA C 2445 73.93 30.59 8.64
CA ALA C 2445 73.32 29.81 7.58
C ALA C 2445 71.84 30.11 7.44
N GLY C 2446 71.22 30.70 8.46
CA GLY C 2446 69.83 31.09 8.35
C GLY C 2446 68.81 30.01 8.45
N LYS C 2447 69.18 28.84 8.98
CA LYS C 2447 68.22 27.74 9.12
C LYS C 2447 67.15 28.10 10.15
N GLY C 2448 65.92 27.68 9.86
CA GLY C 2448 64.71 28.08 10.55
C GLY C 2448 64.75 27.73 12.02
N GLU C 2449 64.86 26.45 12.33
CA GLU C 2449 64.79 26.00 13.71
C GLU C 2449 65.97 26.53 14.52
N ALA C 2450 67.15 26.61 13.90
CA ALA C 2450 68.35 27.14 14.56
C ALA C 2450 68.15 28.60 14.99
N LEU C 2451 67.60 29.43 14.10
CA LEU C 2451 67.21 30.78 14.52
C LEU C 2451 66.08 30.77 15.55
N ARG C 2452 65.12 29.87 15.35
CA ARG C 2452 63.89 29.85 16.15
C ARG C 2452 64.16 29.50 17.61
N ILE C 2453 65.07 28.56 17.86
CA ILE C 2453 65.39 28.17 19.23
C ILE C 2453 66.04 29.33 19.97
N ARG C 2454 67.02 29.99 19.35
CA ARG C 2454 67.72 31.08 20.02
C ARG C 2454 66.77 32.23 20.27
N ALA C 2455 65.87 32.52 19.31
CA ALA C 2455 64.85 33.54 19.51
C ALA C 2455 63.94 33.20 20.69
N ILE C 2456 63.65 31.90 20.88
CA ILE C 2456 62.88 31.48 22.05
C ILE C 2456 63.68 31.74 23.33
N LEU C 2457 64.98 31.39 23.34
CA LEU C 2457 65.82 31.62 24.53
C LEU C 2457 65.92 33.10 24.88
N ARG C 2458 66.01 33.97 23.88
CA ARG C 2458 65.95 35.41 24.13
C ARG C 2458 64.62 35.83 24.74
N SER C 2459 63.51 35.25 24.26
CA SER C 2459 62.23 35.53 24.91
C SER C 2459 62.15 34.96 26.32
N LEU C 2460 62.78 33.82 26.57
CA LEU C 2460 62.89 33.21 27.88
C LEU C 2460 63.64 34.09 28.88
N VAL C 2461 64.93 34.28 28.64
CA VAL C 2461 65.84 34.88 29.61
C VAL C 2461 66.05 36.34 29.21
N PRO C 2462 65.59 37.31 30.00
CA PRO C 2462 65.92 38.71 29.73
C PRO C 2462 67.36 39.00 30.14
N LEU C 2463 68.10 39.64 29.23
CA LEU C 2463 69.51 39.97 29.45
C LEU C 2463 69.72 40.96 30.59
N ASP C 2464 68.69 41.74 30.95
CA ASP C 2464 68.79 42.70 32.05
C ASP C 2464 69.04 41.99 33.38
N ASP C 2465 68.35 40.86 33.60
CA ASP C 2465 68.61 40.08 34.80
C ASP C 2465 70.02 39.51 34.76
N LEU C 2466 70.51 39.15 33.57
CA LEU C 2466 71.84 38.56 33.42
C LEU C 2466 72.92 39.56 33.79
N VAL C 2467 72.80 40.79 33.28
CA VAL C 2467 73.80 41.81 33.61
C VAL C 2467 73.67 42.18 35.09
N GLY C 2468 72.48 42.04 35.68
CA GLY C 2468 72.37 42.20 37.13
C GLY C 2468 73.14 41.15 37.90
N ILE C 2469 73.09 39.88 37.44
CA ILE C 2469 73.89 38.83 38.07
C ILE C 2469 75.38 39.11 37.90
N ILE C 2470 75.74 39.66 36.74
CA ILE C 2470 77.13 40.06 36.51
C ILE C 2470 77.55 41.13 37.51
N SER C 2471 76.66 42.11 37.74
CA SER C 2471 76.94 43.17 38.69
C SER C 2471 76.87 42.72 40.14
N LEU C 2472 76.36 41.51 40.42
CA LEU C 2472 76.28 41.03 41.79
C LEU C 2472 77.67 40.83 42.38
N PRO C 2473 77.89 41.26 43.62
CA PRO C 2473 79.24 41.23 44.20
C PRO C 2473 79.63 39.84 44.70
N LEU C 2474 80.94 39.71 44.94
CA LEU C 2474 81.55 38.53 45.54
C LEU C 2474 82.18 38.90 46.87
N GLN C 2475 81.94 38.09 47.89
CA GLN C 2475 82.58 38.29 49.19
C GLN C 2475 84.07 38.05 49.08
N ILE C 2476 84.86 38.98 49.59
CA ILE C 2476 86.30 39.01 49.37
C ILE C 2476 87.01 38.58 50.65
N PRO C 2477 88.09 37.79 50.59
CA PRO C 2477 88.90 37.54 51.79
C PRO C 2477 89.54 38.81 52.32
N THR C 2478 89.12 39.24 53.51
CA THR C 2478 89.57 40.50 54.07
C THR C 2478 90.67 40.27 55.11
N LEU C 2479 91.51 41.28 55.27
CA LEU C 2479 92.60 41.25 56.23
C LEU C 2479 92.21 42.04 57.47
N GLY C 2480 92.45 41.47 58.63
CA GLY C 2480 92.14 42.13 59.87
C GLY C 2480 92.06 41.14 61.01
N LYS C 2481 91.96 41.69 62.22
CA LYS C 2481 91.85 40.93 63.48
C LYS C 2481 93.04 39.98 63.65
N ASP C 2482 94.22 40.60 63.79
CA ASP C 2482 95.53 39.90 63.87
C ASP C 2482 95.77 39.08 62.60
N GLY C 2483 95.39 39.64 61.46
CA GLY C 2483 95.58 38.98 60.19
C GLY C 2483 94.65 37.83 59.89
N ALA C 2484 93.52 37.73 60.58
CA ALA C 2484 92.56 36.65 60.34
C ALA C 2484 91.88 36.87 59.00
N LEU C 2485 92.16 35.99 58.05
CA LEU C 2485 91.53 36.06 56.72
C LEU C 2485 90.10 35.57 56.83
N VAL C 2486 89.14 36.45 56.55
CA VAL C 2486 87.74 36.05 56.51
C VAL C 2486 87.47 35.40 55.15
N GLN C 2487 87.66 34.08 55.08
CA GLN C 2487 87.60 33.36 53.83
C GLN C 2487 86.23 32.72 53.66
N PRO C 2488 85.42 33.17 52.71
CA PRO C 2488 84.13 32.49 52.45
C PRO C 2488 84.33 31.05 51.99
N LYS C 2489 83.41 30.20 52.39
CA LYS C 2489 83.44 28.78 52.06
C LYS C 2489 82.64 28.56 50.79
N MET C 2490 83.24 27.85 49.81
CA MET C 2490 82.57 27.52 48.56
C MET C 2490 81.26 26.78 48.77
N SER C 2491 81.18 25.96 49.82
CA SER C 2491 79.94 25.25 50.14
C SER C 2491 78.81 26.20 50.54
N ALA C 2492 79.14 27.43 50.98
CA ALA C 2492 78.12 28.38 51.44
C ALA C 2492 78.37 29.79 50.91
N SER C 2493 78.93 29.93 49.72
CA SER C 2493 79.13 31.25 49.12
C SER C 2493 79.00 31.13 47.61
N PHE C 2494 78.75 32.28 46.97
CA PHE C 2494 78.62 32.31 45.52
C PHE C 2494 79.97 32.11 44.87
N VAL C 2495 80.02 31.18 43.91
CA VAL C 2495 81.30 30.81 43.31
C VAL C 2495 81.43 31.50 41.96
N PRO C 2496 82.65 31.83 41.54
CA PRO C 2496 82.85 32.42 40.20
C PRO C 2496 82.48 31.50 39.03
N ASP C 2497 82.47 30.18 39.23
CA ASP C 2497 82.11 29.27 38.14
C ASP C 2497 80.63 29.37 37.79
N HIS C 2498 79.78 29.74 38.75
CA HIS C 2498 78.38 30.03 38.45
C HIS C 2498 78.30 31.20 37.47
N LYS C 2499 79.08 32.25 37.75
CA LYS C 2499 79.11 33.42 36.89
C LYS C 2499 79.65 33.05 35.51
N ALA C 2500 80.64 32.15 35.47
CA ALA C 2500 81.15 31.67 34.18
C ALA C 2500 80.06 30.95 33.39
N SER C 2501 79.15 30.27 34.10
CA SER C 2501 78.03 29.59 33.44
C SER C 2501 77.11 30.62 32.79
N MET C 2502 76.88 31.74 33.49
CA MET C 2502 76.02 32.76 32.87
C MET C 2502 76.75 33.49 31.74
N VAL C 2503 78.07 33.69 31.87
CA VAL C 2503 78.84 34.36 30.81
C VAL C 2503 78.81 33.50 29.55
N LEU C 2504 79.02 32.19 29.70
CA LEU C 2504 78.96 31.28 28.57
C LEU C 2504 77.58 31.28 27.93
N PHE C 2505 76.52 31.43 28.75
CA PHE C 2505 75.17 31.49 28.21
C PHE C 2505 74.99 32.73 27.34
N LEU C 2506 75.31 33.90 27.87
CA LEU C 2506 75.10 35.14 27.13
C LEU C 2506 75.98 35.20 25.89
N ASP C 2507 77.20 34.65 25.98
CA ASP C 2507 78.07 34.56 24.81
C ASP C 2507 77.49 33.67 23.72
N ARG C 2508 76.91 32.52 24.11
CA ARG C 2508 76.40 31.59 23.11
C ARG C 2508 74.99 31.91 22.63
N VAL C 2509 74.21 32.66 23.41
CA VAL C 2509 72.82 32.97 23.07
C VAL C 2509 72.66 34.45 22.71
N TYR C 2510 72.95 35.34 23.65
CA TYR C 2510 72.71 36.75 23.41
C TYR C 2510 73.80 37.34 22.53
N GLY C 2511 75.04 37.27 22.99
CA GLY C 2511 76.16 37.83 22.26
C GLY C 2511 76.26 39.32 22.46
N ILE C 2512 77.36 39.88 21.95
CA ILE C 2512 77.62 41.31 22.05
C ILE C 2512 77.72 41.87 20.63
N GLU C 2513 76.90 42.87 20.33
CA GLU C 2513 76.86 43.46 18.99
C GLU C 2513 77.42 44.87 18.94
N ASN C 2514 77.20 45.68 19.96
CA ASN C 2514 77.59 47.09 19.96
C ASN C 2514 78.52 47.45 21.12
N GLN C 2515 79.28 48.52 20.90
CA GLN C 2515 80.33 48.93 21.82
C GLN C 2515 79.76 49.56 23.09
N ASP C 2516 78.70 50.35 22.96
CA ASP C 2516 78.16 51.05 24.13
C ASP C 2516 77.61 50.07 25.17
N PHE C 2517 76.87 49.06 24.71
CA PHE C 2517 76.41 48.02 25.61
C PHE C 2517 77.52 47.05 25.98
N LEU C 2518 78.55 46.94 25.14
CA LEU C 2518 79.73 46.15 25.47
C LEU C 2518 80.41 46.70 26.73
N LEU C 2519 80.69 48.01 26.73
CA LEU C 2519 81.30 48.64 27.90
C LEU C 2519 80.31 48.71 29.05
N HIS C 2520 79.01 48.86 28.73
CA HIS C 2520 77.97 48.94 29.76
C HIS C 2520 77.89 47.63 30.54
N VAL C 2521 78.28 46.51 29.96
CA VAL C 2521 78.24 45.25 30.67
C VAL C 2521 79.61 44.99 31.30
N LEU C 2522 80.69 45.48 30.67
CA LEU C 2522 82.03 45.30 31.23
C LEU C 2522 82.20 46.01 32.56
N ASP C 2523 81.85 47.31 32.61
CA ASP C 2523 82.16 48.12 33.77
C ASP C 2523 81.37 47.73 35.03
N VAL C 2524 80.10 47.34 34.88
CA VAL C 2524 79.24 47.14 36.05
C VAL C 2524 79.68 45.91 36.86
N GLY C 2525 79.94 44.78 36.20
CA GLY C 2525 80.22 43.57 36.93
C GLY C 2525 81.55 42.90 36.72
N PHE C 2526 82.09 42.98 35.50
CA PHE C 2526 83.38 42.35 35.25
C PHE C 2526 84.51 43.14 35.88
N LEU C 2527 84.40 44.48 35.83
CA LEU C 2527 85.41 45.35 36.42
C LEU C 2527 85.60 45.16 37.93
N PRO C 2528 84.56 45.16 38.81
CA PRO C 2528 84.84 44.94 40.25
C PRO C 2528 85.46 43.58 40.55
N ASP C 2529 85.07 42.54 39.81
CA ASP C 2529 85.60 41.21 40.05
C ASP C 2529 87.05 41.12 39.59
N MET C 2530 87.38 41.67 38.42
CA MET C 2530 88.75 41.62 37.95
C MET C 2530 89.67 42.47 38.82
N ARG C 2531 89.16 43.61 39.32
CA ARG C 2531 89.92 44.39 40.31
C ARG C 2531 90.13 43.60 41.59
N ALA C 2532 89.10 42.85 42.01
CA ALA C 2532 89.22 41.99 43.19
C ALA C 2532 90.29 40.94 42.99
N ALA C 2533 90.31 40.30 41.82
CA ALA C 2533 91.33 39.30 41.50
C ALA C 2533 92.73 39.91 41.46
N ALA C 2534 92.85 41.12 40.88
CA ALA C 2534 94.13 41.82 40.87
C ALA C 2534 94.60 42.17 42.28
N SER C 2535 93.67 42.60 43.14
CA SER C 2535 94.01 42.90 44.53
C SER C 2535 94.40 41.64 45.30
N LEU C 2536 93.67 40.54 45.10
CA LEU C 2536 94.02 39.28 45.75
C LEU C 2536 95.26 38.62 45.14
N ASP C 2537 95.75 39.12 44.01
CA ASP C 2537 96.99 38.61 43.43
C ASP C 2537 98.16 39.12 44.26
N THR C 2538 98.35 38.54 45.44
CA THR C 2538 99.37 38.96 46.38
C THR C 2538 99.89 37.71 47.10
N ALA C 2539 100.66 37.92 48.16
CA ALA C 2539 101.26 36.79 48.87
C ALA C 2539 100.22 36.03 49.69
N THR C 2540 99.33 36.76 50.37
CA THR C 2540 98.42 36.14 51.33
C THR C 2540 97.09 35.70 50.74
N PHE C 2541 96.69 36.23 49.58
CA PHE C 2541 95.35 35.97 49.06
C PHE C 2541 95.31 35.15 47.79
N SER C 2542 96.42 35.03 47.06
CA SER C 2542 96.44 34.30 45.78
C SER C 2542 96.12 32.82 45.97
N THR C 2543 96.66 32.21 47.02
CA THR C 2543 96.48 30.78 47.26
C THR C 2543 95.07 30.41 47.67
N THR C 2544 94.22 31.38 48.00
CA THR C 2544 92.85 31.10 48.40
C THR C 2544 92.03 30.52 47.25
N GLU C 2545 91.03 29.72 47.63
CA GLU C 2545 90.10 29.12 46.67
C GLU C 2545 89.36 30.19 45.89
N MET C 2546 89.02 31.29 46.54
CA MET C 2546 88.30 32.39 45.89
C MET C 2546 89.14 33.01 44.78
N ALA C 2547 90.43 33.21 45.04
CA ALA C 2547 91.34 33.75 44.03
C ALA C 2547 91.53 32.77 42.88
N LEU C 2548 91.81 31.51 43.19
CA LEU C 2548 92.05 30.52 42.13
C LEU C 2548 90.79 30.29 41.28
N ALA C 2549 89.62 30.28 41.93
CA ALA C 2549 88.35 30.20 41.22
C ALA C 2549 88.13 31.40 40.32
N LEU C 2550 88.49 32.60 40.79
CA LEU C 2550 88.42 33.78 39.94
C LEU C 2550 89.39 33.69 38.75
N ASN C 2551 90.60 33.15 38.99
CA ASN C 2551 91.59 32.97 37.92
C ASN C 2551 91.04 32.06 36.83
N ARG C 2552 90.47 30.93 37.23
CA ARG C 2552 89.88 29.99 36.27
C ARG C 2552 88.67 30.61 35.59
N TYR C 2553 87.83 31.33 36.36
CA TYR C 2553 86.63 31.92 35.80
C TYR C 2553 86.96 32.96 34.74
N LEU C 2554 87.93 33.83 35.02
CA LEU C 2554 88.32 34.86 34.06
C LEU C 2554 88.90 34.23 32.80
N CYS C 2555 89.77 33.23 32.97
CA CYS C 2555 90.42 32.63 31.81
C CYS C 2555 89.55 31.62 31.08
N LEU C 2556 88.40 31.24 31.62
CA LEU C 2556 87.49 30.35 30.93
C LEU C 2556 86.36 31.10 30.26
N ALA C 2557 85.84 32.16 30.87
CA ALA C 2557 84.65 32.79 30.35
C ALA C 2557 84.83 34.26 29.98
N VAL C 2558 85.57 35.04 30.77
CA VAL C 2558 85.62 36.47 30.54
C VAL C 2558 86.55 36.82 29.37
N LEU C 2559 87.82 36.45 29.52
CA LEU C 2559 88.85 36.83 28.55
C LEU C 2559 88.61 36.32 27.13
N PRO C 2560 88.21 35.05 26.86
CA PRO C 2560 87.85 34.71 25.47
C PRO C 2560 86.68 35.51 24.90
N LEU C 2561 85.70 35.87 25.74
CA LEU C 2561 84.57 36.68 25.28
C LEU C 2561 85.02 38.04 24.79
N ILE C 2562 85.94 38.67 25.52
CA ILE C 2562 86.32 40.02 25.11
C ILE C 2562 87.44 39.93 24.09
N THR C 2563 88.12 38.78 24.01
CA THR C 2563 89.05 38.57 22.91
C THR C 2563 88.29 38.53 21.58
N LYS C 2564 87.12 37.87 21.58
CA LYS C 2564 86.31 37.89 20.36
C LYS C 2564 85.69 39.27 20.14
N CYS C 2565 85.32 39.96 21.22
CA CYS C 2565 84.74 41.30 21.13
C CYS C 2565 85.81 42.41 21.03
N ALA C 2566 87.06 42.05 20.77
CA ALA C 2566 88.14 43.03 20.69
C ALA C 2566 88.03 44.10 19.59
N PRO C 2567 87.63 43.83 18.32
CA PRO C 2567 87.59 44.92 17.32
C PRO C 2567 86.68 46.12 17.64
N LEU C 2568 85.85 46.05 18.68
CA LEU C 2568 84.99 47.15 19.10
C LEU C 2568 85.64 48.02 20.17
N PHE C 2569 86.97 48.15 20.17
CA PHE C 2569 87.67 48.95 21.17
C PHE C 2569 88.26 50.23 20.61
N ALA C 2570 88.08 50.50 19.31
CA ALA C 2570 88.69 51.68 18.71
C ALA C 2570 87.98 52.97 19.10
N GLY C 2571 86.65 52.98 19.13
CA GLY C 2571 85.92 54.20 19.40
C GLY C 2571 85.57 54.43 20.86
N THR C 2572 86.52 54.20 21.76
CA THR C 2572 86.29 54.33 23.19
C THR C 2572 87.03 55.56 23.74
N GLU C 2573 87.15 56.61 22.93
CA GLU C 2573 87.78 57.85 23.39
C GLU C 2573 87.00 58.50 24.51
N HIS C 2574 85.67 58.52 24.42
CA HIS C 2574 84.83 59.11 25.45
C HIS C 2574 84.80 58.31 26.74
N ARG C 2575 85.32 57.08 26.75
CA ARG C 2575 85.44 56.25 27.94
C ARG C 2575 86.85 55.70 28.04
N ALA C 2576 87.85 56.55 27.73
CA ALA C 2576 89.23 56.07 27.64
C ALA C 2576 89.85 55.79 29.00
N ILE C 2577 89.32 56.39 30.07
CA ILE C 2577 89.94 56.27 31.39
C ILE C 2577 89.77 54.85 31.93
N MET C 2578 88.56 54.30 31.83
CA MET C 2578 88.31 52.99 32.43
C MET C 2578 88.97 51.89 31.62
N VAL C 2579 88.96 51.99 30.28
CA VAL C 2579 89.64 50.98 29.47
C VAL C 2579 91.16 51.05 29.66
N ASP C 2580 91.72 52.26 29.87
CA ASP C 2580 93.13 52.37 30.22
C ASP C 2580 93.44 51.70 31.54
N SER C 2581 92.54 51.85 32.52
CA SER C 2581 92.74 51.16 33.78
C SER C 2581 92.53 49.65 33.64
N MET C 2582 91.63 49.22 32.74
CA MET C 2582 91.45 47.81 32.42
C MET C 2582 92.73 47.20 31.89
N LEU C 2583 93.36 47.86 30.89
CA LEU C 2583 94.57 47.30 30.30
C LEU C 2583 95.75 47.35 31.27
N HIS C 2584 95.81 48.41 32.10
CA HIS C 2584 96.87 48.51 33.10
CA HIS C 2584 96.87 48.50 33.09
C HIS C 2584 96.76 47.38 34.12
N THR C 2585 95.52 47.10 34.56
CA THR C 2585 95.30 46.07 35.58
C THR C 2585 95.50 44.68 35.01
N VAL C 2586 95.02 44.42 33.78
CA VAL C 2586 95.24 43.08 33.22
C VAL C 2586 96.73 42.83 32.96
N TYR C 2587 97.50 43.87 32.57
CA TYR C 2587 98.95 43.71 32.48
C TYR C 2587 99.59 43.42 33.83
N ARG C 2588 99.14 44.10 34.89
CA ARG C 2588 99.60 43.77 36.24
C ARG C 2588 99.19 42.35 36.64
N LEU C 2589 98.01 41.90 36.24
CA LEU C 2589 97.62 40.51 36.46
C LEU C 2589 98.44 39.55 35.61
N SER C 2590 98.86 39.99 34.42
CA SER C 2590 99.72 39.17 33.57
C SER C 2590 101.04 38.90 34.25
N ARG C 2591 101.60 39.92 34.91
CA ARG C 2591 102.78 39.73 35.75
C ARG C 2591 102.35 39.21 37.12
N GLY C 2592 101.74 38.02 37.11
CA GLY C 2592 101.15 37.40 38.28
C GLY C 2592 101.87 36.15 38.73
N ARG C 2593 101.72 35.83 40.01
CA ARG C 2593 102.31 34.66 40.63
C ARG C 2593 101.21 33.68 40.99
N SER C 2594 101.59 32.40 41.17
CA SER C 2594 100.71 31.29 41.53
C SER C 2594 99.60 31.03 40.51
N LEU C 2595 99.79 31.45 39.27
CA LEU C 2595 98.83 31.25 38.19
C LEU C 2595 99.43 30.32 37.14
N THR C 2596 98.60 29.40 36.64
CA THR C 2596 99.06 28.42 35.67
C THR C 2596 99.41 29.08 34.35
N LYS C 2597 100.20 28.36 33.54
CA LYS C 2597 100.62 28.85 32.24
C LYS C 2597 99.44 29.10 31.30
N ALA C 2598 98.45 28.21 31.31
CA ALA C 2598 97.24 28.40 30.52
C ALA C 2598 96.50 29.68 30.90
N GLN C 2599 96.39 29.94 32.21
CA GLN C 2599 95.84 31.21 32.68
C GLN C 2599 96.68 32.39 32.22
N ARG C 2600 98.01 32.22 32.26
CA ARG C 2600 98.93 33.30 31.93
C ARG C 2600 98.80 33.68 30.46
N ASP C 2601 98.82 32.68 29.57
CA ASP C 2601 98.77 32.96 28.14
C ASP C 2601 97.40 33.53 27.77
N VAL C 2602 96.32 33.06 28.42
CA VAL C 2602 95.00 33.61 28.15
C VAL C 2602 94.95 35.10 28.52
N ILE C 2603 95.53 35.47 29.68
CA ILE C 2603 95.60 36.88 30.08
C ILE C 2603 96.43 37.68 29.08
N GLU C 2604 97.58 37.14 28.67
CA GLU C 2604 98.48 37.86 27.77
C GLU C 2604 97.84 38.05 26.39
N ASP C 2605 97.20 37.01 25.85
CA ASP C 2605 96.55 37.10 24.55
C ASP C 2605 95.35 38.04 24.61
N CYS C 2606 94.64 38.07 25.73
CA CYS C 2606 93.57 39.04 25.92
C CYS C 2606 94.09 40.48 25.88
N LEU C 2607 95.24 40.71 26.54
CA LEU C 2607 95.90 42.01 26.45
C LEU C 2607 96.33 42.33 25.02
N MET C 2608 96.80 41.32 24.29
CA MET C 2608 97.16 41.50 22.88
C MET C 2608 95.95 41.92 22.04
N ALA C 2609 94.81 41.28 22.28
CA ALA C 2609 93.57 41.67 21.60
C ALA C 2609 93.09 43.05 22.00
N LEU C 2610 93.28 43.45 23.25
CA LEU C 2610 92.99 44.82 23.68
C LEU C 2610 93.86 45.83 22.94
N CYS C 2611 95.15 45.54 22.83
CA CYS C 2611 96.08 46.48 22.24
C CYS C 2611 95.97 46.53 20.72
N ARG C 2612 95.58 45.43 20.08
CA ARG C 2612 95.48 45.39 18.63
CA ARG C 2612 95.49 45.41 18.63
C ARG C 2612 94.36 46.28 18.12
N TYR C 2613 93.38 46.61 18.97
CA TYR C 2613 92.26 47.44 18.56
C TYR C 2613 92.05 48.63 19.49
N ILE C 2614 93.04 48.97 20.33
CA ILE C 2614 92.93 50.19 21.11
C ILE C 2614 93.78 51.24 20.41
N ARG C 2615 93.42 52.51 20.57
CA ARG C 2615 94.19 53.60 19.99
C ARG C 2615 95.53 53.77 20.71
N PRO C 2616 96.56 54.27 20.00
CA PRO C 2616 97.87 54.49 20.66
C PRO C 2616 97.83 55.53 21.77
N SER C 2617 96.81 56.39 21.81
CA SER C 2617 96.72 57.40 22.86
C SER C 2617 96.58 56.76 24.23
N MET C 2618 95.74 55.74 24.36
CA MET C 2618 95.56 55.07 25.63
C MET C 2618 96.69 54.10 25.95
N LEU C 2619 97.58 53.85 25.00
CA LEU C 2619 98.71 52.97 25.24
C LEU C 2619 99.85 53.64 25.97
N GLN C 2620 99.80 54.97 26.13
CA GLN C 2620 100.88 55.72 26.77
C GLN C 2620 101.05 55.33 28.23
N HIS C 2621 99.95 55.17 28.97
CA HIS C 2621 100.03 54.82 30.39
C HIS C 2621 100.64 53.43 30.57
N LEU C 2622 100.22 52.48 29.74
CA LEU C 2622 100.82 51.14 29.76
C LEU C 2622 102.30 51.18 29.41
N LEU C 2623 102.66 51.90 28.34
CA LEU C 2623 104.07 52.04 27.96
C LEU C 2623 104.88 52.77 29.02
N ARG C 2624 104.24 53.67 29.77
CA ARG C 2624 104.87 54.33 30.91
C ARG C 2624 105.20 53.32 31.99
N ARG C 2625 104.29 52.36 32.22
CA ARG C 2625 104.63 51.27 33.12
C ARG C 2625 105.71 50.36 32.53
N LEU C 2626 105.70 50.19 31.21
CA LEU C 2626 106.75 49.42 30.53
C LEU C 2626 108.12 50.05 30.63
N VAL C 2627 108.19 51.38 30.83
CA VAL C 2627 109.46 52.07 31.10
C VAL C 2627 110.07 51.56 32.41
N PHE C 2628 109.23 51.09 33.33
CA PHE C 2628 109.69 50.59 34.61
C PHE C 2628 109.81 49.08 34.63
N ASP C 2629 109.02 48.38 33.83
CA ASP C 2629 108.98 46.91 33.87
C ASP C 2629 109.88 46.24 32.85
N VAL C 2630 109.86 46.68 31.59
CA VAL C 2630 110.67 46.03 30.55
C VAL C 2630 112.18 46.12 30.78
N PRO C 2631 112.77 47.26 31.20
CA PRO C 2631 114.23 47.27 31.49
C PRO C 2631 114.70 46.31 32.59
N ILE C 2632 113.80 45.72 33.38
CA ILE C 2632 114.18 44.69 34.34
C ILE C 2632 114.70 43.45 33.60
N LEU C 2633 114.12 43.15 32.43
CA LEU C 2633 114.46 42.00 31.58
C LEU C 2633 114.35 40.68 32.33
N ASN C 2634 113.27 40.54 33.09
CA ASN C 2634 113.02 39.32 33.85
C ASN C 2634 112.33 38.29 32.95
N GLU C 2635 111.84 37.22 33.58
CA GLU C 2635 111.19 36.13 32.84
C GLU C 2635 109.87 36.56 32.20
N PHE C 2636 109.25 37.64 32.68
CA PHE C 2636 108.01 38.14 32.13
C PHE C 2636 108.22 39.24 31.09
N ALA C 2637 109.47 39.54 30.74
CA ALA C 2637 109.77 40.58 29.76
C ALA C 2637 109.46 40.19 28.33
N LYS C 2638 109.15 38.92 28.05
CA LYS C 2638 108.91 38.49 26.67
C LYS C 2638 107.64 39.11 26.11
N MET C 2639 106.54 39.03 26.85
CA MET C 2639 105.25 39.53 26.36
C MET C 2639 105.21 41.04 26.07
N PRO C 2640 105.69 41.95 26.94
CA PRO C 2640 105.75 43.36 26.53
C PRO C 2640 106.65 43.62 25.33
N LEU C 2641 107.72 42.85 25.15
CA LEU C 2641 108.65 43.08 24.05
C LEU C 2641 107.95 42.89 22.70
N LYS C 2642 107.19 41.80 22.58
CA LYS C 2642 106.42 41.58 21.36
C LYS C 2642 105.19 42.47 21.31
N LEU C 2643 104.67 42.91 22.46
CA LEU C 2643 103.60 43.89 22.48
C LEU C 2643 104.05 45.21 21.86
N LEU C 2644 105.23 45.67 22.25
CA LEU C 2644 105.83 46.86 21.66
C LEU C 2644 106.15 46.63 20.19
N THR C 2645 106.61 45.42 19.84
CA THR C 2645 106.93 45.11 18.44
C THR C 2645 105.69 45.24 17.57
N ASN C 2646 104.56 44.68 18.02
CA ASN C 2646 103.32 44.74 17.27
C ASN C 2646 102.79 46.17 17.19
N HIS C 2647 102.73 46.87 18.33
CA HIS C 2647 102.18 48.23 18.35
C HIS C 2647 103.03 49.19 17.53
N TYR C 2648 104.36 49.10 17.65
CA TYR C 2648 105.22 50.01 16.91
C TYR C 2648 105.25 49.68 15.42
N GLU C 2649 105.26 48.39 15.06
CA GLU C 2649 105.13 48.06 13.64
C GLU C 2649 103.76 48.39 13.06
N ARG C 2650 102.74 48.52 13.92
CA ARG C 2650 101.42 48.93 13.47
C ARG C 2650 101.24 50.45 13.38
N CYS C 2651 101.94 51.20 14.24
CA CYS C 2651 101.80 52.66 14.30
C CYS C 2651 103.15 53.35 14.27
N TRP C 2652 104.07 52.85 13.42
CA TRP C 2652 105.37 53.52 13.29
C TRP C 2652 105.24 54.87 12.61
N LYS C 2653 104.24 55.03 11.74
CA LYS C 2653 104.01 56.33 11.12
C LYS C 2653 103.47 57.36 12.10
N TYR C 2654 102.84 56.91 13.20
CA TYR C 2654 102.30 57.84 14.18
C TYR C 2654 103.41 58.57 14.93
N TYR C 2655 104.59 57.95 15.05
CA TYR C 2655 105.69 58.55 15.78
C TYR C 2655 106.84 59.02 14.91
N CYS C 2656 106.93 58.56 13.66
CA CYS C 2656 108.01 58.96 12.77
C CYS C 2656 107.64 60.15 11.91
N LEU C 2657 106.44 60.13 11.32
CA LEU C 2657 105.99 61.25 10.49
C LEU C 2657 105.75 62.49 11.34
N PRO C 2658 106.05 63.68 10.83
CA PRO C 2658 105.80 64.92 11.59
C PRO C 2658 104.33 65.15 11.91
N THR C 2659 103.42 64.74 11.05
CA THR C 2659 101.99 64.86 11.30
C THR C 2659 101.42 63.60 11.93
N GLY C 2660 102.25 62.62 12.27
CA GLY C 2660 101.79 61.35 12.75
C GLY C 2660 101.19 60.54 11.61
N TRP C 2661 100.42 59.53 12.00
CA TRP C 2661 99.74 58.66 11.05
C TRP C 2661 98.31 59.18 10.86
N ALA C 2662 97.67 58.73 9.78
CA ALA C 2662 96.38 59.26 9.33
C ALA C 2662 95.31 59.14 10.40
N ASN C 2663 94.49 60.20 10.50
CA ASN C 2663 93.29 60.34 11.34
C ASN C 2663 93.52 60.02 12.82
N PHE C 2664 94.77 60.12 13.29
CA PHE C 2664 95.10 59.94 14.69
C PHE C 2664 95.85 61.12 15.30
N GLY C 2665 96.47 61.96 14.48
CA GLY C 2665 97.11 63.16 14.98
C GLY C 2665 98.61 62.97 15.17
N VAL C 2666 99.21 64.01 15.72
CA VAL C 2666 100.63 64.07 15.98
C VAL C 2666 100.87 63.46 17.35
N THR C 2667 102.03 62.81 17.53
CA THR C 2667 102.42 62.32 18.84
C THR C 2667 102.56 63.47 19.84
N SER C 2668 102.38 63.14 21.12
CA SER C 2668 102.22 64.15 22.17
C SER C 2668 103.53 64.71 22.71
N GLU C 2669 104.69 64.30 22.16
CA GLU C 2669 106.07 64.71 22.51
C GLU C 2669 106.51 64.12 23.86
N GLU C 2670 105.59 63.48 24.57
CA GLU C 2670 105.83 62.75 25.81
C GLU C 2670 106.03 61.27 25.53
N GLU C 2671 105.24 60.73 24.60
CA GLU C 2671 105.40 59.35 24.17
C GLU C 2671 106.75 59.14 23.51
N LEU C 2672 107.21 60.12 22.72
CA LEU C 2672 108.54 60.04 22.13
C LEU C 2672 109.63 60.05 23.19
N HIS C 2673 109.48 60.89 24.21
CA HIS C 2673 110.47 60.97 25.29
C HIS C 2673 110.57 59.66 26.06
N LEU C 2674 109.43 59.04 26.36
CA LEU C 2674 109.46 57.76 27.05
C LEU C 2674 109.90 56.63 26.13
N THR C 2675 109.58 56.71 24.84
CA THR C 2675 110.10 55.74 23.88
C THR C 2675 111.62 55.81 23.78
N ARG C 2676 112.18 57.02 23.76
CA ARG C 2676 113.63 57.19 23.79
C ARG C 2676 114.25 56.67 25.08
N LYS C 2677 113.57 56.92 26.22
CA LYS C 2677 114.02 56.35 27.48
C LYS C 2677 113.99 54.83 27.47
N LEU C 2678 112.93 54.24 26.91
CA LEU C 2678 112.86 52.79 26.77
C LEU C 2678 113.93 52.26 25.84
N PHE C 2679 114.22 52.98 24.75
CA PHE C 2679 115.27 52.58 23.82
C PHE C 2679 116.62 52.52 24.50
N TRP C 2680 116.94 53.55 25.29
CA TRP C 2680 118.23 53.57 25.97
C TRP C 2680 118.27 52.55 27.11
N GLY C 2681 117.17 52.44 27.87
CA GLY C 2681 117.11 51.48 28.97
C GLY C 2681 117.24 50.05 28.50
N ILE C 2682 116.54 49.70 27.41
CA ILE C 2682 116.60 48.35 26.86
C ILE C 2682 117.97 48.07 26.26
N PHE C 2683 118.54 49.03 25.51
CA PHE C 2683 119.85 48.81 24.93
C PHE C 2683 120.94 48.62 25.99
N ASP C 2684 120.87 49.43 27.07
CA ASP C 2684 121.78 49.27 28.20
C ASP C 2684 121.56 47.95 28.94
N SER C 2685 120.30 47.62 29.24
CA SER C 2685 120.00 46.41 29.98
C SER C 2685 120.37 45.16 29.18
N LEU C 2686 120.05 45.14 27.89
CA LEU C 2686 120.43 44.03 27.03
C LEU C 2686 121.94 43.94 26.88
N ALA C 2687 122.63 45.09 26.95
CA ALA C 2687 124.09 45.07 26.93
C ALA C 2687 124.65 44.38 28.17
N HIS C 2688 124.10 44.69 29.34
CA HIS C 2688 124.65 44.07 30.56
C HIS C 2688 124.21 42.62 30.73
N LYS C 2689 122.97 42.27 30.38
CA LYS C 2689 122.48 40.91 30.55
C LYS C 2689 123.21 39.93 29.64
N LYS C 2690 123.36 38.70 30.13
CA LYS C 2690 124.03 37.64 29.39
C LYS C 2690 123.26 37.28 28.13
N TYR C 2691 123.99 36.73 27.16
CA TYR C 2691 123.42 36.35 25.88
C TYR C 2691 122.44 35.19 26.05
N ASP C 2692 121.16 35.49 25.94
CA ASP C 2692 120.08 34.51 25.96
C ASP C 2692 119.48 34.56 24.56
N GLN C 2693 119.70 33.50 23.77
CA GLN C 2693 119.22 33.46 22.39
C GLN C 2693 117.69 33.57 22.31
N GLU C 2694 117.00 32.94 23.26
CA GLU C 2694 115.54 33.02 23.34
C GLU C 2694 115.06 34.45 23.53
N LEU C 2695 115.75 35.21 24.39
CA LEU C 2695 115.43 36.61 24.56
C LEU C 2695 115.83 37.43 23.33
N TYR C 2696 117.05 37.21 22.82
CA TYR C 2696 117.64 38.08 21.81
C TYR C 2696 116.89 38.01 20.47
N ARG C 2697 116.56 36.78 20.02
CA ARG C 2697 115.92 36.58 18.71
C ARG C 2697 114.56 37.28 18.63
N MET C 2698 113.84 37.38 19.74
CA MET C 2698 112.60 38.13 19.73
C MET C 2698 112.77 39.49 20.39
N ALA C 2699 114.01 39.87 20.70
CA ALA C 2699 114.32 41.14 21.34
C ALA C 2699 114.65 42.19 20.30
N MET C 2700 115.45 41.81 19.29
CA MET C 2700 115.82 42.84 18.31
C MET C 2700 114.68 43.39 17.43
N PRO C 2701 113.59 42.66 17.07
CA PRO C 2701 112.51 43.35 16.32
C PRO C 2701 111.87 44.50 17.08
N CYS C 2702 111.74 44.37 18.41
CA CYS C 2702 111.24 45.46 19.24
C CYS C 2702 112.19 46.66 19.22
N LEU C 2703 113.49 46.39 19.32
CA LEU C 2703 114.49 47.45 19.30
C LEU C 2703 114.49 48.18 17.96
N CYS C 2704 114.40 47.42 16.86
CA CYS C 2704 114.37 48.01 15.53
C CYS C 2704 113.07 48.79 15.30
N ALA C 2705 111.94 48.26 15.76
CA ALA C 2705 110.66 48.95 15.62
C ALA C 2705 110.63 50.25 16.40
N ILE C 2706 111.19 50.25 17.62
CA ILE C 2706 111.30 51.46 18.43
C ILE C 2706 112.22 52.48 17.75
N ALA C 2707 113.35 52.02 17.21
CA ALA C 2707 114.27 52.91 16.51
C ALA C 2707 113.65 53.50 15.25
N GLY C 2708 112.91 52.68 14.50
CA GLY C 2708 112.23 53.17 13.31
C GLY C 2708 111.13 54.17 13.63
N ALA C 2709 110.35 53.89 14.68
CA ALA C 2709 109.28 54.80 15.09
C ALA C 2709 109.84 56.13 15.58
N LEU C 2710 110.91 56.09 16.37
CA LEU C 2710 111.50 57.31 16.91
C LEU C 2710 112.11 58.15 15.79
N PRO C 2711 111.82 59.46 15.73
CA PRO C 2711 112.43 60.32 14.71
C PRO C 2711 113.94 60.37 14.88
N PRO C 2712 114.68 60.40 13.76
CA PRO C 2712 116.14 60.47 13.85
C PRO C 2712 116.67 61.72 14.53
N ASP C 2713 115.98 62.85 14.38
CA ASP C 2713 116.41 64.12 14.94
C ASP C 2713 115.58 64.55 16.15
N TYR C 2714 114.91 63.61 16.81
CA TYR C 2714 114.11 63.94 17.98
C TYR C 2714 115.00 64.41 19.12
N VAL C 2715 114.51 65.38 19.88
CA VAL C 2715 115.25 65.98 20.99
C VAL C 2715 114.37 65.94 22.23
N ASP C 2716 114.89 65.36 23.31
CA ASP C 2716 114.17 65.33 24.58
C ASP C 2716 114.23 66.69 25.26
N ALA C 2717 113.25 66.94 26.14
CA ALA C 2717 113.14 68.23 26.81
C ALA C 2717 114.32 68.50 27.72
N SER C 2718 114.73 67.51 28.52
CA SER C 2718 115.87 67.64 29.41
C SER C 2718 116.87 66.53 29.11
N TYR C 2719 118.12 66.92 28.89
CA TYR C 2719 119.19 65.97 28.57
C TYR C 2719 119.90 65.48 29.82
N SER C 2720 119.11 65.00 30.78
CA SER C 2720 119.65 64.47 32.03
C SER C 2720 118.61 63.54 32.64
N SER C 2721 119.09 62.65 33.50
CA SER C 2721 118.22 61.68 34.17
C SER C 2721 118.92 61.18 35.42
N LYS C 2722 118.13 60.55 36.29
CA LYS C 2722 118.66 60.00 37.54
C LYS C 2722 119.64 58.85 37.30
N ALA C 2723 119.56 58.18 36.14
CA ALA C 2723 120.41 57.05 35.75
C ALA C 2723 120.37 55.92 36.77
N GLU C 2724 119.18 55.63 37.30
CA GLU C 2724 118.99 54.57 38.28
C GLU C 2724 118.34 53.36 37.64
N LYS C 2725 118.38 52.25 38.38
CA LYS C 2725 117.78 50.95 38.01
C LYS C 2725 118.29 50.40 36.68
N ASN C 2734 106.40 46.79 42.20
CA ASN C 2734 105.83 48.07 41.82
C ASN C 2734 106.88 49.17 41.88
N PHE C 2735 106.45 50.40 41.65
CA PHE C 2735 107.33 51.56 41.62
C PHE C 2735 107.89 51.83 43.01
N ASP C 2736 109.22 51.80 43.13
CA ASP C 2736 109.91 51.91 44.42
C ASP C 2736 110.99 52.99 44.37
N PRO C 2737 110.60 54.25 44.51
CA PRO C 2737 111.59 55.33 44.56
C PRO C 2737 112.30 55.37 45.91
N ARG C 2738 113.48 56.00 45.90
CA ARG C 2738 114.23 56.18 47.14
C ARG C 2738 114.21 57.64 47.53
N PRO C 2739 113.49 58.02 48.58
CA PRO C 2739 113.54 59.41 49.04
C PRO C 2739 114.92 59.79 49.54
N VAL C 2740 115.31 61.04 49.28
CA VAL C 2740 116.63 61.52 49.67
C VAL C 2740 116.64 61.80 51.15
N GLU C 2741 117.75 61.45 51.81
CA GLU C 2741 117.92 61.66 53.24
C GLU C 2741 117.82 63.14 53.63
N THR C 2742 117.07 63.41 54.69
CA THR C 2742 116.85 64.78 55.17
C THR C 2742 117.16 64.94 56.65
N LEU C 2743 116.88 63.93 57.48
CA LEU C 2743 117.00 64.07 58.92
C LEU C 2743 118.40 63.69 59.41
N ASN C 2744 119.00 62.66 58.79
CA ASN C 2744 120.35 62.24 59.18
C ASN C 2744 121.38 63.33 58.94
N VAL C 2745 121.28 64.02 57.81
CA VAL C 2745 122.12 65.17 57.54
C VAL C 2745 121.59 66.38 58.30
N ILE C 2746 122.49 67.18 58.85
CA ILE C 2746 122.09 68.32 59.67
C ILE C 2746 121.72 69.48 58.75
N ILE C 2747 120.58 70.11 59.03
CA ILE C 2747 120.15 71.31 58.32
C ILE C 2747 120.88 72.54 58.87
N PRO C 2748 121.64 73.27 58.04
CA PRO C 2748 122.30 74.47 58.54
C PRO C 2748 121.33 75.62 58.73
N GLU C 2749 121.11 76.01 59.99
CA GLU C 2749 120.22 77.10 60.35
C GLU C 2749 120.93 78.46 60.33
N LYS C 2750 122.06 78.57 59.61
CA LYS C 2750 122.82 79.82 59.53
C LYS C 2750 122.09 80.93 58.80
N LEU C 2751 121.05 80.61 58.03
CA LEU C 2751 120.27 81.59 57.28
C LEU C 2751 118.80 81.53 57.69
N ASP C 2752 118.58 81.28 58.99
CA ASP C 2752 117.23 81.18 59.57
C ASP C 2752 116.43 82.46 59.38
N SER C 2753 117.12 83.61 59.27
CA SER C 2753 116.45 84.88 58.98
C SER C 2753 115.77 84.86 57.61
N PHE C 2754 116.24 84.01 56.70
CA PHE C 2754 115.60 83.82 55.41
C PHE C 2754 114.62 82.64 55.45
N ILE C 2755 114.96 81.57 56.21
CA ILE C 2755 114.08 80.41 56.28
C ILE C 2755 112.73 80.77 56.91
N ASN C 2756 112.75 81.52 58.02
CA ASN C 2756 111.49 81.89 58.66
C ASN C 2756 110.69 82.88 57.82
N LYS C 2757 111.38 83.80 57.13
CA LYS C 2757 110.71 84.71 56.21
C LYS C 2757 110.04 83.98 55.08
N PHE C 2758 110.72 82.98 54.50
CA PHE C 2758 110.11 82.13 53.48
C PHE C 2758 108.92 81.35 54.05
N ALA C 2759 109.08 80.80 55.25
CA ALA C 2759 108.03 80.00 55.87
C ALA C 2759 106.77 80.82 56.09
N GLU C 2760 106.92 82.06 56.56
CA GLU C 2760 105.79 82.97 56.67
C GLU C 2760 105.22 83.33 55.30
N TYR C 2761 106.08 83.54 54.30
CA TYR C 2761 105.56 83.94 53.00
C TYR C 2761 104.98 82.79 52.19
N THR C 2762 105.24 81.54 52.57
CA THR C 2762 104.48 80.42 52.00
C THR C 2762 103.01 80.53 52.37
N HIS C 2763 102.72 80.68 53.67
CA HIS C 2763 101.34 80.88 54.11
C HIS C 2763 100.77 82.19 53.58
N GLU C 2764 101.61 83.21 53.41
CA GLU C 2764 101.18 84.43 52.72
C GLU C 2764 100.82 84.14 51.26
N LYS C 2765 101.42 83.11 50.65
CA LYS C 2765 101.08 82.77 49.27
C LYS C 2765 99.84 81.88 49.18
N TRP C 2766 99.60 81.02 50.17
CA TRP C 2766 98.25 80.45 50.27
C TRP C 2766 97.20 81.52 50.55
N ALA C 2767 97.54 82.55 51.33
CA ALA C 2767 96.65 83.72 51.49
C ALA C 2767 96.44 84.46 50.17
N PHE C 2768 97.48 84.52 49.33
CA PHE C 2768 97.33 85.04 47.96
C PHE C 2768 96.41 84.17 47.13
N ASP C 2769 96.47 82.85 47.32
CA ASP C 2769 95.51 81.95 46.67
C ASP C 2769 94.09 82.21 47.19
N LYS C 2770 93.96 82.53 48.48
CA LYS C 2770 92.66 82.86 49.05
C LYS C 2770 92.10 84.14 48.43
N ILE C 2771 92.96 85.16 48.27
CA ILE C 2771 92.48 86.42 47.71
C ILE C 2771 92.26 86.32 46.21
N GLN C 2772 92.94 85.40 45.52
CA GLN C 2772 92.72 85.16 44.10
C GLN C 2772 91.62 84.12 43.86
N ASN C 2773 91.06 83.56 44.92
CA ASN C 2773 89.93 82.63 44.83
C ASN C 2773 88.60 83.36 45.00
N ASN C 2774 88.63 84.70 45.00
CA ASN C 2774 87.52 85.66 45.08
C ASN C 2774 86.84 85.70 46.44
N TRP C 2775 87.20 84.84 47.38
CA TRP C 2775 86.49 84.76 48.66
C TRP C 2775 87.44 85.11 49.79
N SER C 2776 87.00 86.02 50.66
CA SER C 2776 87.81 86.50 51.77
C SER C 2776 87.86 85.47 52.90
N TYR C 2777 88.82 85.68 53.80
CA TYR C 2777 89.04 84.79 54.93
C TYR C 2777 88.21 85.25 56.13
N GLY C 2778 88.07 84.34 57.10
CA GLY C 2778 87.32 84.64 58.30
C GLY C 2778 88.04 84.14 59.53
N GLU C 2779 87.72 84.78 60.66
CA GLU C 2779 88.39 84.45 61.92
C GLU C 2779 87.87 83.14 62.50
N ASN C 2780 86.57 83.08 62.79
CA ASN C 2780 85.98 81.89 63.37
C ASN C 2780 85.96 80.74 62.36
N VAL C 2781 86.15 79.51 62.86
CA VAL C 2781 86.19 78.34 62.01
C VAL C 2781 84.81 78.04 61.46
N ASP C 2782 84.71 77.95 60.14
CA ASP C 2782 83.44 77.67 59.48
C ASP C 2782 83.68 76.89 58.19
N GLU C 2783 82.74 76.01 57.86
CA GLU C 2783 82.83 75.21 56.65
C GLU C 2783 82.07 75.80 55.47
N GLU C 2784 81.38 76.93 55.68
CA GLU C 2784 80.59 77.56 54.63
C GLU C 2784 81.36 78.64 53.88
N LEU C 2785 82.65 78.83 54.20
CA LEU C 2785 83.46 79.86 53.57
C LEU C 2785 84.46 79.30 52.56
N LYS C 2786 84.68 77.97 52.55
CA LYS C 2786 85.54 77.20 51.63
C LYS C 2786 86.95 77.78 51.47
N THR C 2787 87.43 78.50 52.48
CA THR C 2787 88.80 78.95 52.55
C THR C 2787 89.41 78.50 53.87
N HIS C 2788 90.58 79.01 54.23
CA HIS C 2788 91.19 78.68 55.51
C HIS C 2788 90.29 79.20 56.63
N PRO C 2789 89.81 78.34 57.52
CA PRO C 2789 88.75 78.77 58.46
C PRO C 2789 89.26 79.59 59.64
N MET C 2790 90.50 79.36 60.07
CA MET C 2790 91.05 80.02 61.24
C MET C 2790 92.00 81.16 60.84
N LEU C 2791 92.03 81.50 59.55
CA LEU C 2791 92.95 82.52 59.03
C LEU C 2791 92.62 83.90 59.59
N ARG C 2792 93.63 84.53 60.20
CA ARG C 2792 93.55 85.82 60.82
C ARG C 2792 94.72 86.68 60.37
N PRO C 2793 94.57 88.02 60.40
CA PRO C 2793 95.72 88.89 60.12
C PRO C 2793 96.86 88.67 61.11
N TYR C 2794 98.10 88.76 60.60
CA TYR C 2794 99.30 88.43 61.37
C TYR C 2794 99.50 89.30 62.62
N LYS C 2795 98.86 90.48 62.67
CA LYS C 2795 98.91 91.29 63.88
C LYS C 2795 98.21 90.59 65.04
N THR C 2796 97.07 89.94 64.77
CA THR C 2796 96.28 89.24 65.78
C THR C 2796 96.10 87.77 65.40
N PHE C 2797 97.15 87.13 64.92
CA PHE C 2797 97.13 85.72 64.54
C PHE C 2797 97.87 84.90 65.60
N SER C 2798 97.19 83.87 66.12
CA SER C 2798 97.82 82.97 67.07
C SER C 2798 98.87 82.12 66.38
N GLU C 2799 100.07 82.06 66.96
CA GLU C 2799 101.19 81.36 66.37
C GLU C 2799 101.23 79.87 66.73
N LYS C 2800 100.16 79.34 67.32
CA LYS C 2800 100.10 77.92 67.66
C LYS C 2800 100.18 77.05 66.41
N ASP C 2801 99.46 77.43 65.35
CA ASP C 2801 99.58 76.70 64.10
C ASP C 2801 100.77 77.18 63.28
N LYS C 2802 101.25 78.40 63.55
CA LYS C 2802 102.42 78.91 62.84
C LYS C 2802 103.72 78.28 63.31
N GLU C 2803 103.71 77.57 64.44
CA GLU C 2803 104.89 76.84 64.87
C GLU C 2803 104.94 75.43 64.28
N ILE C 2804 103.93 75.03 63.51
CA ILE C 2804 103.95 73.76 62.78
C ILE C 2804 103.80 73.95 61.28
N TYR C 2805 103.36 75.13 60.82
CA TYR C 2805 103.32 75.39 59.38
C TYR C 2805 104.71 75.53 58.75
N ARG C 2806 105.75 75.77 59.55
CA ARG C 2806 107.09 75.96 59.02
C ARG C 2806 107.85 74.67 58.77
N TRP C 2807 107.33 73.53 59.26
CA TRP C 2807 108.02 72.24 59.07
C TRP C 2807 108.17 71.80 57.60
N PRO C 2808 107.14 71.89 56.71
CA PRO C 2808 107.40 71.55 55.29
C PRO C 2808 108.46 72.42 54.63
N ILE C 2809 108.56 73.69 55.04
CA ILE C 2809 109.64 74.56 54.56
C ILE C 2809 110.99 74.03 55.03
N LYS C 2810 111.06 73.57 56.29
CA LYS C 2810 112.29 72.98 56.81
C LYS C 2810 112.68 71.73 56.02
N GLU C 2811 111.70 70.89 55.68
CA GLU C 2811 111.97 69.71 54.86
C GLU C 2811 112.37 70.10 53.44
N SER C 2812 111.81 71.19 52.91
CA SER C 2812 112.17 71.65 51.57
C SER C 2812 113.62 72.09 51.52
N LEU C 2813 114.06 72.85 52.54
CA LEU C 2813 115.46 73.26 52.61
C LEU C 2813 116.38 72.05 52.80
N LYS C 2814 115.95 71.07 53.62
CA LYS C 2814 116.74 69.85 53.80
C LYS C 2814 116.92 69.12 52.48
N ALA C 2815 115.84 69.00 51.70
CA ALA C 2815 115.91 68.40 50.37
C ALA C 2815 116.72 69.24 49.39
N MET C 2816 116.85 70.56 49.63
CA MET C 2816 117.60 71.42 48.73
C MET C 2816 119.06 71.59 49.14
N ILE C 2817 119.46 71.08 50.30
CA ILE C 2817 120.84 71.26 50.75
C ILE C 2817 121.52 69.92 51.05
N ALA C 2818 120.78 68.82 51.17
CA ALA C 2818 121.38 67.51 51.43
C ALA C 2818 122.21 66.98 50.26
N TRP C 2819 121.98 67.46 49.05
CA TRP C 2819 122.78 67.03 47.89
C TRP C 2819 123.98 67.94 47.67
N GLU C 2820 124.77 68.18 48.74
CA GLU C 2820 125.97 69.03 48.81
C GLU C 2820 125.81 70.38 48.08
N TRP C 2821 124.61 70.95 48.14
CA TRP C 2821 124.28 72.20 47.48
C TRP C 2821 124.34 73.33 48.51
N THR C 2822 125.48 74.03 48.53
CA THR C 2822 125.64 75.14 49.46
C THR C 2822 124.82 76.35 48.99
N ILE C 2823 124.53 77.23 49.94
CA ILE C 2823 123.74 78.43 49.69
C ILE C 2823 124.51 79.63 50.24
N GLU C 2824 124.42 80.75 49.51
CA GLU C 2824 125.13 81.98 49.88
C GLU C 2824 124.17 83.15 49.78
N LYS C 2825 124.27 84.06 50.74
CA LYS C 2825 123.45 85.28 50.77
C LYS C 2825 124.19 86.36 50.00
N ALA C 2826 123.99 86.37 48.67
CA ALA C 2826 124.60 87.40 47.83
C ALA C 2826 124.09 88.79 48.19
N ARG C 2827 122.77 88.92 48.39
CA ARG C 2827 122.20 90.15 48.90
C ARG C 2827 122.23 90.14 50.43
N GLU C 2828 122.05 91.32 51.01
CA GLU C 2828 122.05 91.49 52.47
C GLU C 2828 120.86 92.37 52.84
N GLY C 2829 119.79 91.76 53.32
CA GLY C 2829 118.61 92.49 53.73
C GLY C 2829 118.03 91.92 55.01
N GLU C 2830 117.35 92.78 55.75
CA GLU C 2830 116.69 92.48 57.04
C GLU C 2830 117.64 91.89 58.08
N TYR C 2855 98.72 91.91 56.59
CA TYR C 2855 98.54 90.56 56.09
C TYR C 2855 98.03 90.59 54.65
N ASN C 2856 98.81 91.24 53.78
CA ASN C 2856 98.45 91.38 52.37
C ASN C 2856 99.68 90.98 51.55
N PRO C 2857 99.56 90.00 50.64
CA PRO C 2857 100.74 89.54 49.88
C PRO C 2857 101.23 90.53 48.85
N GLN C 2858 101.83 91.63 49.31
CA GLN C 2858 102.44 92.59 48.40
C GLN C 2858 103.60 92.03 47.55
N PRO C 2859 104.59 91.30 48.08
CA PRO C 2859 105.61 90.73 47.18
C PRO C 2859 105.07 89.51 46.44
N PRO C 2860 104.93 89.59 45.10
CA PRO C 2860 104.37 88.46 44.34
C PRO C 2860 105.45 87.42 44.02
N ASP C 2861 105.30 86.23 44.59
CA ASP C 2861 106.24 85.14 44.34
C ASP C 2861 105.71 84.27 43.20
N LEU C 2862 105.66 84.88 42.02
CA LEU C 2862 105.15 84.25 40.82
C LEU C 2862 106.28 83.63 40.00
N SER C 2863 105.97 82.54 39.31
CA SER C 2863 106.95 81.78 38.56
C SER C 2863 106.82 81.99 37.05
N GLY C 2864 106.16 83.07 36.61
CA GLY C 2864 105.96 83.27 35.19
C GLY C 2864 107.17 83.79 34.43
N VAL C 2865 108.16 84.33 35.13
CA VAL C 2865 109.34 84.88 34.47
C VAL C 2865 110.35 83.78 34.21
N THR C 2866 111.31 84.06 33.33
CA THR C 2866 112.34 83.09 32.98
C THR C 2866 113.37 82.97 34.09
N LEU C 2867 114.19 81.92 33.99
CA LEU C 2867 115.21 81.65 35.01
C LEU C 2867 116.36 80.90 34.38
N SER C 2868 117.53 80.98 35.02
CA SER C 2868 118.77 80.39 34.53
C SER C 2868 118.69 78.86 34.48
N ARG C 2869 119.41 78.28 33.51
CA ARG C 2869 119.31 76.85 33.21
C ARG C 2869 119.79 75.97 34.36
N GLU C 2870 120.96 76.28 34.94
CA GLU C 2870 121.53 75.46 36.01
CA GLU C 2870 121.53 75.46 36.01
C GLU C 2870 120.63 75.44 37.24
N LEU C 2871 120.11 76.60 37.63
CA LEU C 2871 119.23 76.70 38.78
C LEU C 2871 117.87 76.06 38.51
N GLN C 2872 117.37 76.20 37.28
CA GLN C 2872 116.07 75.61 36.99
C GLN C 2872 116.17 74.09 36.87
N ALA C 2873 117.31 73.57 36.35
CA ALA C 2873 117.48 72.13 36.28
C ALA C 2873 117.64 71.53 37.67
N MET C 2874 118.31 72.26 38.58
CA MET C 2874 118.44 71.75 39.94
C MET C 2874 117.08 71.76 40.63
N ALA C 2875 116.20 72.73 40.29
CA ALA C 2875 114.88 72.68 40.89
C ALA C 2875 114.00 71.63 40.23
N GLU C 2876 114.26 71.29 38.97
CA GLU C 2876 113.54 70.17 38.35
C GLU C 2876 113.87 68.86 39.05
N GLN C 2877 115.15 68.66 39.38
CA GLN C 2877 115.52 67.52 40.21
C GLN C 2877 114.92 67.63 41.61
N LEU C 2878 114.84 68.84 42.16
CA LEU C 2878 114.18 69.04 43.45
C LEU C 2878 112.69 68.70 43.40
N ALA C 2879 112.03 69.03 42.29
CA ALA C 2879 110.65 68.64 42.05
C ALA C 2879 110.51 67.12 41.96
N GLU C 2880 111.47 66.46 41.31
CA GLU C 2880 111.52 65.00 41.32
C GLU C 2880 111.69 64.46 42.74
N ASN C 2881 112.53 65.10 43.55
CA ASN C 2881 112.74 64.67 44.92
C ASN C 2881 111.48 64.87 45.77
N TYR C 2882 110.74 65.95 45.51
CA TYR C 2882 109.46 66.14 46.17
C TYR C 2882 108.48 65.07 45.75
N HIS C 2883 108.49 64.70 44.46
CA HIS C 2883 107.56 63.68 43.98
C HIS C 2883 107.88 62.33 44.59
N ASN C 2884 109.16 61.95 44.68
CA ASN C 2884 109.49 60.65 45.25
C ASN C 2884 109.19 60.60 46.75
N THR C 2885 109.42 61.70 47.48
CA THR C 2885 109.03 61.73 48.89
C THR C 2885 107.51 61.59 49.08
N TRP C 2886 106.71 62.29 48.26
CA TRP C 2886 105.26 62.12 48.29
C TRP C 2886 104.84 60.72 47.89
N GLY C 2887 105.48 60.16 46.86
CA GLY C 2887 105.14 58.82 46.41
C GLY C 2887 105.48 57.77 47.45
N ARG C 2888 106.64 57.92 48.09
CA ARG C 2888 107.07 56.97 49.11
C ARG C 2888 106.14 57.00 50.31
N LYS C 2889 105.77 58.21 50.78
CA LYS C 2889 104.87 58.26 51.94
C LYS C 2889 103.46 57.82 51.58
N LYS C 2890 103.00 58.04 50.34
CA LYS C 2890 101.70 57.52 49.94
C LYS C 2890 101.72 56.00 49.76
N LYS C 2891 102.81 55.46 49.23
CA LYS C 2891 102.91 54.02 49.04
C LYS C 2891 103.26 53.28 50.33
N GLN C 2892 103.69 53.99 51.37
CA GLN C 2892 103.86 53.37 52.68
C GLN C 2892 102.51 52.89 53.20
N GLU C 2893 101.48 53.72 53.08
CA GLU C 2893 100.12 53.33 53.43
C GLU C 2893 99.49 52.44 52.37
N LEU C 2894 99.85 52.65 51.10
CA LEU C 2894 99.23 51.89 50.01
C LEU C 2894 99.72 50.44 49.96
N GLU C 2895 100.93 50.17 50.46
CA GLU C 2895 101.49 48.82 50.38
C GLU C 2895 101.03 47.91 51.50
N ALA C 2896 100.20 48.40 52.42
CA ALA C 2896 99.72 47.58 53.53
C ALA C 2896 98.85 46.42 53.04
N LYS C 2897 97.97 46.68 52.07
CA LYS C 2897 97.13 45.59 51.56
C LYS C 2897 97.84 44.79 50.46
N GLY C 2898 98.78 45.41 49.75
CA GLY C 2898 99.52 44.72 48.71
C GLY C 2898 98.72 44.36 47.48
N GLY C 2899 97.67 45.12 47.18
CA GLY C 2899 96.85 44.83 46.02
C GLY C 2899 96.72 46.01 45.07
N GLY C 2900 97.21 45.87 43.85
CA GLY C 2900 97.10 46.92 42.87
C GLY C 2900 98.13 48.01 43.05
N THR C 2901 97.96 49.07 42.24
CA THR C 2901 98.85 50.22 42.28
C THR C 2901 98.07 51.47 41.91
N HIS C 2902 98.64 52.62 42.25
CA HIS C 2902 98.05 53.92 41.96
C HIS C 2902 98.65 54.50 40.68
N PRO C 2903 97.86 55.22 39.87
CA PRO C 2903 98.39 55.81 38.63
C PRO C 2903 99.51 56.83 38.85
N LEU C 2904 99.55 57.49 40.00
CA LEU C 2904 100.63 58.45 40.28
C LEU C 2904 101.94 57.77 40.64
N LEU C 2905 101.93 56.45 40.88
CA LEU C 2905 103.14 55.71 41.23
C LEU C 2905 103.98 55.47 39.96
N VAL C 2906 104.52 56.57 39.43
CA VAL C 2906 105.39 56.56 38.25
C VAL C 2906 106.52 57.55 38.48
N PRO C 2907 107.66 57.33 37.81
CA PRO C 2907 108.76 58.31 37.90
C PRO C 2907 108.40 59.68 37.32
N TYR C 2908 109.13 60.69 37.82
CA TYR C 2908 108.87 62.09 37.48
C TYR C 2908 109.10 62.37 35.99
N ASP C 2909 110.11 61.75 35.39
CA ASP C 2909 110.33 61.95 33.96
C ASP C 2909 109.28 61.23 33.13
N THR C 2910 108.78 60.09 33.62
CA THR C 2910 107.80 59.31 32.87
C THR C 2910 106.44 60.01 32.86
N LEU C 2911 106.04 60.60 33.99
CA LEU C 2911 104.75 61.25 34.08
C LEU C 2911 104.67 62.50 33.20
N THR C 2912 103.48 62.77 32.69
CA THR C 2912 103.28 63.80 31.68
C THR C 2912 102.95 65.13 32.36
N ALA C 2913 102.58 66.13 31.55
CA ALA C 2913 102.44 67.52 32.01
C ALA C 2913 101.29 67.71 33.00
N LYS C 2914 100.16 67.03 32.78
CA LYS C 2914 98.96 67.20 33.62
C LYS C 2914 99.16 66.73 35.06
N GLU C 2915 100.21 65.96 35.35
CA GLU C 2915 100.58 65.55 36.70
C GLU C 2915 101.99 65.98 37.07
N LYS C 2916 102.53 66.98 36.38
CA LYS C 2916 103.85 67.53 36.67
C LYS C 2916 103.81 69.00 37.10
N ALA C 2917 102.82 69.77 36.63
CA ALA C 2917 102.72 71.18 36.97
C ALA C 2917 102.44 71.41 38.45
N ARG C 2918 101.83 70.41 39.12
CA ARG C 2918 101.53 70.51 40.55
C ARG C 2918 102.82 70.60 41.36
N ASP C 2919 103.81 69.77 41.04
CA ASP C 2919 105.06 69.85 41.76
C ASP C 2919 105.95 70.95 41.19
N ARG C 2920 105.73 71.30 39.91
CA ARG C 2920 106.50 72.35 39.26
C ARG C 2920 106.25 73.71 39.92
N GLU C 2921 104.98 74.01 40.23
CA GLU C 2921 104.64 75.30 40.84
C GLU C 2921 105.23 75.39 42.25
N LYS C 2922 105.16 74.30 43.02
CA LYS C 2922 105.64 74.31 44.40
C LYS C 2922 107.16 74.44 44.44
N ALA C 2923 107.87 73.72 43.58
CA ALA C 2923 109.33 73.80 43.54
C ALA C 2923 109.77 75.17 43.00
N GLN C 2924 109.08 75.67 41.97
CA GLN C 2924 109.48 76.93 41.37
C GLN C 2924 109.13 78.12 42.24
N GLU C 2925 108.11 78.02 43.11
CA GLU C 2925 107.83 79.12 44.03
C GLU C 2925 108.98 79.36 44.99
N LEU C 2926 109.55 78.26 45.51
CA LEU C 2926 110.76 78.31 46.32
C LEU C 2926 111.95 78.84 45.53
N LEU C 2927 112.10 78.39 44.29
CA LEU C 2927 113.21 78.87 43.47
C LEU C 2927 113.07 80.35 43.10
N LYS C 2928 111.87 80.82 42.78
CA LYS C 2928 111.65 82.23 42.48
C LYS C 2928 111.90 83.08 43.73
N PHE C 2929 111.46 82.59 44.89
CA PHE C 2929 111.78 83.25 46.17
C PHE C 2929 113.29 83.30 46.39
N LEU C 2930 114.03 82.32 45.86
CA LEU C 2930 115.48 82.45 45.90
C LEU C 2930 115.95 83.47 44.86
N GLN C 2931 115.18 83.64 43.79
CA GLN C 2931 115.66 84.43 42.65
C GLN C 2931 115.60 85.93 42.93
N MET C 2932 114.39 86.47 43.20
CA MET C 2932 114.25 87.93 43.30
C MET C 2932 115.04 88.52 44.46
N ASN C 2933 115.30 87.73 45.51
CA ASN C 2933 116.23 88.18 46.54
C ASN C 2933 117.66 88.21 46.00
N GLY C 2934 118.06 87.18 45.27
CA GLY C 2934 119.39 87.14 44.69
C GLY C 2934 120.21 85.91 45.06
N TYR C 2935 119.55 84.81 45.41
CA TYR C 2935 120.26 83.58 45.73
C TYR C 2935 120.64 82.86 44.44
N ALA C 2936 121.89 82.40 44.37
CA ALA C 2936 122.34 81.56 43.28
C ALA C 2936 122.94 80.30 43.88
N VAL C 2937 122.37 79.15 43.52
CA VAL C 2937 122.77 77.86 44.06
C VAL C 2937 123.29 77.02 42.90
N THR C 2938 124.52 76.53 43.03
CA THR C 2938 125.17 75.78 41.97
C THR C 2938 125.68 74.47 42.58
N ARG C 2939 125.54 73.38 41.82
CA ARG C 2939 126.00 72.05 42.23
C ARG C 2939 127.51 72.01 42.47
N LEU C 2946 124.93 69.07 30.52
CA LEU C 2946 125.59 70.25 31.07
C LEU C 2946 125.87 71.24 29.94
N ASP C 2947 124.90 72.15 29.72
CA ASP C 2947 124.95 73.21 28.72
C ASP C 2947 125.18 72.66 27.31
N THR C 2948 124.22 71.84 26.87
CA THR C 2948 124.27 71.20 25.56
C THR C 2948 123.10 71.65 24.70
N SER C 2949 123.31 71.62 23.40
CA SER C 2949 122.31 72.06 22.43
C SER C 2949 121.56 70.86 21.86
N SER C 2950 120.42 71.14 21.24
CA SER C 2950 119.55 70.10 20.70
C SER C 2950 120.22 69.34 19.56
N ILE C 2951 121.12 70.00 18.83
CA ILE C 2951 121.86 69.36 17.75
C ILE C 2951 122.74 68.24 18.31
N GLU C 2952 123.33 68.48 19.49
CA GLU C 2952 124.02 67.42 20.20
C GLU C 2952 123.09 66.52 21.01
N LYS C 2953 121.82 66.92 21.21
CA LYS C 2953 120.83 66.06 21.84
C LYS C 2953 120.11 65.16 20.86
N ARG C 2954 120.46 65.23 19.58
CA ARG C 2954 119.75 64.48 18.54
C ARG C 2954 119.85 62.97 18.76
N PHE C 2955 118.75 62.27 18.41
CA PHE C 2955 118.68 60.82 18.52
C PHE C 2955 119.69 60.13 17.61
N ALA C 2956 119.87 60.66 16.39
CA ALA C 2956 120.82 60.07 15.45
C ALA C 2956 122.25 60.18 15.98
N PHE C 2957 122.61 61.36 16.50
CA PHE C 2957 123.94 61.57 17.06
C PHE C 2957 124.19 60.68 18.27
N GLY C 2958 123.23 60.62 19.20
CA GLY C 2958 123.35 59.72 20.34
C GLY C 2958 123.49 58.26 19.95
N PHE C 2959 122.72 57.83 18.94
CA PHE C 2959 122.86 56.49 18.39
C PHE C 2959 124.24 56.25 17.78
N LEU C 2960 124.77 57.22 17.05
CA LEU C 2960 126.05 57.01 16.38
C LEU C 2960 127.20 57.06 17.38
N GLN C 2961 127.03 57.89 18.43
CA GLN C 2961 128.02 57.99 19.49
C GLN C 2961 128.12 56.67 20.23
N GLN C 2962 126.97 56.04 20.55
CA GLN C 2962 127.07 54.76 21.24
C GLN C 2962 127.49 53.65 20.28
N LEU C 2963 127.33 53.86 18.96
CA LEU C 2963 127.85 52.90 17.99
C LEU C 2963 129.37 52.88 18.04
N LEU C 2964 130.01 54.05 18.04
CA LEU C 2964 131.47 54.08 18.20
C LEU C 2964 131.92 53.67 19.60
N ARG C 2965 131.07 53.90 20.62
CA ARG C 2965 131.32 53.39 21.96
C ARG C 2965 131.33 51.87 21.98
N TRP C 2966 130.48 51.24 21.17
CA TRP C 2966 130.49 49.79 21.03
C TRP C 2966 131.53 49.33 20.01
N MET C 2967 132.10 50.27 19.27
CA MET C 2967 132.96 49.86 18.18
C MET C 2967 134.43 49.84 18.57
N ASP C 2968 134.87 50.70 19.49
CA ASP C 2968 136.25 50.53 19.98
C ASP C 2968 136.42 49.18 20.69
N ILE C 2969 135.34 48.71 21.33
CA ILE C 2969 135.29 47.35 21.87
C ILE C 2969 135.22 46.33 20.72
N SER C 2970 134.57 46.69 19.61
CA SER C 2970 134.56 45.76 18.48
C SER C 2970 135.96 45.56 17.88
N GLN C 2971 136.73 46.65 17.80
CA GLN C 2971 138.14 46.56 17.41
C GLN C 2971 138.96 45.82 18.45
N GLU C 2972 138.49 45.79 19.70
CA GLU C 2972 139.20 45.06 20.73
C GLU C 2972 138.99 43.56 20.53
N PHE C 2973 137.74 43.14 20.30
CA PHE C 2973 137.53 41.69 20.18
C PHE C 2973 138.10 41.16 18.87
N ILE C 2974 138.06 41.95 17.78
CA ILE C 2974 138.71 41.46 16.56
C ILE C 2974 140.23 41.34 16.75
N ALA C 2975 140.84 42.26 17.52
CA ALA C 2975 142.27 42.10 17.85
C ALA C 2975 142.52 40.83 18.67
N HIS C 2976 141.62 40.54 19.62
CA HIS C 2976 141.69 39.28 20.36
C HIS C 2976 141.53 38.08 19.45
N LEU C 2977 140.58 38.15 18.51
CA LEU C 2977 140.28 37.03 17.64
C LEU C 2977 141.44 36.75 16.68
N GLU C 2978 142.05 37.81 16.13
CA GLU C 2978 143.22 37.65 15.28
C GLU C 2978 144.39 37.06 16.05
N ALA C 2979 144.57 37.52 17.30
CA ALA C 2979 145.67 37.01 18.13
C ALA C 2979 145.50 35.52 18.42
N VAL C 2980 144.27 35.10 18.78
CA VAL C 2980 144.07 33.69 19.10
C VAL C 2980 144.11 32.83 17.82
N VAL C 2981 143.54 33.32 16.70
CA VAL C 2981 143.52 32.50 15.48
C VAL C 2981 144.90 32.39 14.86
N SER C 2982 145.78 33.36 15.08
CA SER C 2982 147.14 33.28 14.52
C SER C 2982 147.93 32.16 15.17
N SER C 2983 147.92 32.09 16.50
CA SER C 2983 148.59 31.03 17.25
C SER C 2983 148.02 31.04 18.66
N GLY C 2984 148.17 29.91 19.35
CA GLY C 2984 147.69 29.77 20.71
C GLY C 2984 146.20 29.93 20.89
N ARG C 2985 145.40 29.16 20.12
CA ARG C 2985 143.95 29.26 20.16
C ARG C 2985 143.41 29.01 21.55
N VAL C 2986 142.79 30.04 22.13
CA VAL C 2986 142.11 29.94 23.42
C VAL C 2986 140.69 30.49 23.25
N GLU C 2987 139.72 29.78 23.81
CA GLU C 2987 138.31 30.09 23.64
C GLU C 2987 137.72 30.80 24.86
N LYS C 2988 138.56 31.44 25.67
CA LYS C 2988 138.08 32.12 26.88
C LYS C 2988 137.13 33.26 26.55
N SER C 2989 137.52 34.10 25.58
CA SER C 2989 136.76 35.24 25.04
C SER C 2989 136.25 36.18 26.13
N PRO C 2990 137.13 37.01 26.72
CA PRO C 2990 136.69 37.89 27.83
C PRO C 2990 135.57 38.86 27.47
N HIS C 2991 135.49 39.27 26.20
CA HIS C 2991 134.41 40.13 25.71
C HIS C 2991 133.32 39.33 25.01
N GLU C 2992 133.03 38.10 25.46
CA GLU C 2992 132.00 37.26 24.84
C GLU C 2992 130.62 37.92 24.85
N GLN C 2993 130.29 38.64 25.93
CA GLN C 2993 129.07 39.44 25.97
C GLN C 2993 129.07 40.51 24.90
N GLU C 2994 130.22 41.16 24.70
CA GLU C 2994 130.34 42.18 23.67
C GLU C 2994 130.23 41.58 22.27
N ILE C 2995 130.83 40.40 22.06
CA ILE C 2995 130.79 39.74 20.75
C ILE C 2995 129.37 39.33 20.41
N LYS C 2996 128.67 38.72 21.37
CA LYS C 2996 127.29 38.29 21.16
C LYS C 2996 126.35 39.47 20.95
N PHE C 2997 126.52 40.54 21.73
CA PHE C 2997 125.72 41.74 21.50
C PHE C 2997 126.08 42.43 20.20
N PHE C 2998 127.32 42.24 19.72
CA PHE C 2998 127.74 42.85 18.47
C PHE C 2998 127.08 42.17 17.30
N ALA C 2999 127.31 40.86 17.16
CA ALA C 2999 126.85 40.13 16.00
C ALA C 2999 125.35 39.90 16.04
N LYS C 3000 124.71 40.01 17.21
CA LYS C 3000 123.28 39.73 17.31
C LYS C 3000 122.43 40.98 17.51
N ILE C 3001 123.04 42.16 17.75
CA ILE C 3001 122.29 43.39 17.92
C ILE C 3001 122.67 44.44 16.88
N LEU C 3002 123.96 44.71 16.70
CA LEU C 3002 124.41 45.80 15.83
C LEU C 3002 124.00 45.59 14.38
N LEU C 3003 124.18 44.38 13.85
CA LEU C 3003 123.81 44.11 12.45
C LEU C 3003 122.30 44.24 12.17
N PRO C 3004 121.36 43.67 12.96
CA PRO C 3004 119.95 43.93 12.64
C PRO C 3004 119.49 45.35 12.92
N LEU C 3005 120.00 45.97 13.99
CA LEU C 3005 119.59 47.34 14.33
C LEU C 3005 120.02 48.32 13.26
N ILE C 3006 121.26 48.20 12.77
CA ILE C 3006 121.72 49.04 11.67
C ILE C 3006 120.95 48.72 10.41
N ASN C 3007 120.66 47.43 10.21
CA ASN C 3007 119.98 46.92 9.01
C ASN C 3007 118.57 47.51 8.88
N GLN C 3008 117.87 47.67 9.99
CA GLN C 3008 116.49 48.13 9.93
C GLN C 3008 116.37 49.63 10.17
N TYR C 3009 117.14 50.18 11.13
CA TYR C 3009 117.09 51.60 11.44
C TYR C 3009 117.55 52.43 10.25
N PHE C 3010 118.72 52.11 9.69
CA PHE C 3010 119.19 52.95 8.59
C PHE C 3010 118.41 52.67 7.31
N THR C 3011 117.74 51.52 7.20
CA THR C 3011 116.81 51.34 6.09
C THR C 3011 115.63 52.30 6.22
N ASN C 3012 115.09 52.44 7.44
CA ASN C 3012 114.01 53.39 7.65
C ASN C 3012 114.45 54.84 7.55
N HIS C 3013 115.73 55.12 7.74
CA HIS C 3013 116.23 56.50 7.76
C HIS C 3013 117.36 56.70 6.76
N CYS C 3014 117.33 55.94 5.66
CA CYS C 3014 118.36 56.05 4.62
C CYS C 3014 118.34 57.41 3.94
N LEU C 3015 117.15 57.93 3.63
CA LEU C 3015 117.04 59.22 2.98
C LEU C 3015 117.31 60.38 3.93
N TYR C 3016 117.16 60.17 5.25
CA TYR C 3016 117.45 61.21 6.22
C TYR C 3016 118.93 61.61 6.20
N PHE C 3017 119.82 60.62 6.13
CA PHE C 3017 121.26 60.91 6.05
C PHE C 3017 121.65 61.53 4.73
N LEU C 3018 120.89 61.29 3.67
CA LEU C 3018 121.12 61.94 2.39
C LEU C 3018 120.43 63.29 2.29
N SER C 3019 119.67 63.68 3.30
CA SER C 3019 118.88 64.90 3.27
C SER C 3019 119.70 66.05 3.86
N THR C 3020 119.62 67.20 3.21
CA THR C 3020 120.27 68.44 3.61
C THR C 3020 119.20 69.51 3.58
N PRO C 3021 119.32 70.58 4.39
CA PRO C 3021 118.28 71.63 4.35
C PRO C 3021 118.12 72.33 3.00
N ALA C 3022 119.18 72.39 2.19
CA ALA C 3022 119.05 72.97 0.85
C ALA C 3022 118.13 72.15 -0.04
N LYS C 3023 118.38 70.84 -0.15
CA LYS C 3023 117.52 69.94 -0.92
C LYS C 3023 117.20 68.72 -0.06
N VAL C 3024 115.93 68.51 0.22
CA VAL C 3024 115.50 67.50 1.18
C VAL C 3024 114.99 66.30 0.39
N LEU C 3025 115.57 65.13 0.66
CA LEU C 3025 115.18 63.89 -0.01
C LEU C 3025 114.14 63.12 0.80
N GLY C 3026 114.27 63.12 2.13
CA GLY C 3026 113.26 62.51 2.99
C GLY C 3026 112.03 63.38 3.13
N SER C 3027 110.98 62.77 3.68
CA SER C 3027 109.73 63.48 3.91
C SER C 3027 109.90 64.61 4.92
N GLY C 3028 110.64 64.35 6.00
CA GLY C 3028 110.88 65.36 7.01
C GLY C 3028 112.14 65.11 7.80
N GLY C 3029 112.85 66.19 8.15
CA GLY C 3029 114.07 66.07 8.92
C GLY C 3029 115.27 65.75 8.07
N HIS C 3030 116.39 66.44 8.32
CA HIS C 3030 117.63 66.21 7.60
C HIS C 3030 118.77 66.05 8.59
N ALA C 3031 119.71 65.17 8.25
CA ALA C 3031 120.87 64.95 9.10
C ALA C 3031 121.77 66.17 9.17
N SER C 3032 122.36 66.39 10.34
CA SER C 3032 123.32 67.46 10.49
C SER C 3032 124.63 67.05 9.82
N ASN C 3033 125.46 68.05 9.51
CA ASN C 3033 126.73 67.79 8.83
C ASN C 3033 127.66 66.89 9.65
N LYS C 3034 127.77 67.14 10.96
CA LYS C 3034 128.59 66.30 11.82
C LYS C 3034 128.03 64.88 11.93
N GLU C 3035 126.70 64.74 11.83
CA GLU C 3035 126.13 63.40 11.81
C GLU C 3035 126.43 62.71 10.48
N LYS C 3036 126.49 63.47 9.37
CA LYS C 3036 126.87 62.85 8.10
C LYS C 3036 128.35 62.49 8.07
N GLU C 3037 129.16 63.17 8.87
CA GLU C 3037 130.61 62.97 8.84
C GLU C 3037 130.97 61.72 9.64
N MET C 3038 130.69 61.74 10.94
CA MET C 3038 131.15 60.64 11.78
C MET C 3038 130.48 59.30 11.43
N ILE C 3039 129.36 59.31 10.68
CA ILE C 3039 128.85 58.03 10.16
C ILE C 3039 129.72 57.57 8.97
N THR C 3040 130.26 58.51 8.18
CA THR C 3040 131.14 58.16 7.07
C THR C 3040 132.43 57.53 7.59
N SER C 3041 133.00 58.16 8.63
CA SER C 3041 134.16 57.58 9.29
C SER C 3041 133.83 56.25 9.94
N LEU C 3042 132.64 56.12 10.55
CA LEU C 3042 132.18 54.83 11.07
C LEU C 3042 132.09 53.76 9.98
N PHE C 3043 131.65 54.14 8.78
CA PHE C 3043 131.60 53.24 7.63
C PHE C 3043 133.00 52.77 7.23
N CYS C 3044 133.94 53.72 7.10
CA CYS C 3044 135.30 53.36 6.72
C CYS C 3044 135.97 52.48 7.78
N LYS C 3045 135.76 52.82 9.06
CA LYS C 3045 136.28 52.02 10.16
C LYS C 3045 135.65 50.62 10.17
N LEU C 3046 134.35 50.51 9.89
CA LEU C 3046 133.68 49.22 9.83
C LEU C 3046 134.22 48.35 8.69
N ALA C 3047 134.45 48.96 7.53
CA ALA C 3047 135.09 48.25 6.43
C ALA C 3047 136.52 47.82 6.79
N ALA C 3048 137.27 48.68 7.47
CA ALA C 3048 138.58 48.28 7.99
C ALA C 3048 138.47 47.19 9.05
N LEU C 3049 137.40 47.22 9.85
CA LEU C 3049 137.16 46.21 10.88
C LEU C 3049 136.94 44.83 10.27
N VAL C 3050 136.30 44.79 9.11
CA VAL C 3050 136.02 43.52 8.44
C VAL C 3050 137.07 43.21 7.37
N ARG C 3051 138.00 44.14 7.11
CA ARG C 3051 139.04 43.99 6.10
C ARG C 3051 139.98 42.82 6.37
N HIS C 3052 139.93 41.80 5.48
CA HIS C 3052 140.66 40.52 5.50
C HIS C 3052 140.21 39.59 6.62
N ARG C 3053 139.10 39.88 7.28
CA ARG C 3053 138.57 39.11 8.40
C ARG C 3053 137.17 38.58 8.11
N VAL C 3054 136.93 38.20 6.86
CA VAL C 3054 135.66 37.56 6.51
C VAL C 3054 135.58 36.15 7.10
N SER C 3055 136.68 35.41 7.08
CA SER C 3055 136.66 34.04 7.60
C SER C 3055 136.61 34.02 9.12
N LEU C 3056 137.15 35.06 9.76
CA LEU C 3056 137.15 35.14 11.21
C LEU C 3056 135.74 35.34 11.76
N PHE C 3057 134.85 35.93 10.96
CA PHE C 3057 133.46 36.15 11.35
C PHE C 3057 132.53 35.06 10.85
N GLY C 3058 132.74 34.55 9.65
CA GLY C 3058 131.91 33.48 9.13
C GLY C 3058 130.59 33.88 8.50
N THR C 3059 129.49 33.42 9.10
CA THR C 3059 128.14 33.69 8.59
C THR C 3059 127.63 35.08 8.94
N ASP C 3060 128.32 35.81 9.82
CA ASP C 3060 127.91 37.19 10.11
C ASP C 3060 128.28 38.14 8.99
N ALA C 3061 129.19 37.71 8.11
CA ALA C 3061 129.69 38.56 7.03
C ALA C 3061 128.60 39.05 6.06
N PRO C 3062 127.64 38.23 5.56
CA PRO C 3062 126.58 38.82 4.72
C PRO C 3062 125.76 39.90 5.43
N ALA C 3063 125.53 39.76 6.75
CA ALA C 3063 124.88 40.83 7.50
C ALA C 3063 125.74 42.09 7.56
N VAL C 3064 127.06 41.91 7.72
CA VAL C 3064 127.96 43.06 7.78
C VAL C 3064 127.98 43.79 6.43
N VAL C 3065 128.07 43.03 5.33
CA VAL C 3065 128.13 43.67 4.01
C VAL C 3065 126.79 44.32 3.68
N ASN C 3066 125.65 43.75 4.12
CA ASN C 3066 124.36 44.41 3.90
C ASN C 3066 124.27 45.74 4.67
N CYS C 3067 124.79 45.75 5.91
CA CYS C 3067 124.87 47.01 6.67
C CYS C 3067 125.75 48.03 5.94
N LEU C 3068 126.87 47.57 5.39
CA LEU C 3068 127.75 48.45 4.64
C LEU C 3068 127.10 48.91 3.34
N HIS C 3069 126.23 48.09 2.74
CA HIS C 3069 125.47 48.51 1.56
C HIS C 3069 124.54 49.65 1.92
N ILE C 3070 123.86 49.54 3.07
CA ILE C 3070 122.94 50.58 3.52
C ILE C 3070 123.70 51.87 3.80
N LEU C 3071 124.88 51.75 4.42
CA LEU C 3071 125.73 52.92 4.63
C LEU C 3071 126.17 53.53 3.29
N ALA C 3072 126.57 52.70 2.33
CA ALA C 3072 127.03 53.18 1.02
C ALA C 3072 125.92 53.91 0.28
N ARG C 3073 124.69 53.40 0.34
CA ARG C 3073 123.57 54.08 -0.29
C ARG C 3073 123.03 55.23 0.57
N SER C 3074 123.55 55.42 1.79
CA SER C 3074 123.09 56.52 2.64
C SER C 3074 124.21 57.45 3.09
N LEU C 3075 125.35 57.46 2.40
CA LEU C 3075 126.45 58.37 2.72
C LEU C 3075 126.46 59.56 1.76
N ASP C 3076 126.10 60.74 2.27
CA ASP C 3076 126.14 61.98 1.49
C ASP C 3076 127.56 62.53 1.55
N ALA C 3077 128.41 62.00 0.66
CA ALA C 3077 129.84 62.32 0.66
C ALA C 3077 130.15 63.75 0.24
N ARG C 3078 129.32 64.35 -0.62
CA ARG C 3078 129.57 65.71 -1.12
C ARG C 3078 129.55 66.74 0.00
N THR C 3079 128.58 66.63 0.92
CA THR C 3079 128.49 67.59 2.02
C THR C 3079 129.65 67.42 2.99
N VAL C 3080 130.11 66.19 3.18
CA VAL C 3080 131.24 65.91 4.06
C VAL C 3080 132.52 66.51 3.48
N MET C 3081 132.72 66.35 2.16
CA MET C 3081 133.87 66.96 1.50
C MET C 3081 133.80 68.49 1.57
N LYS C 3082 132.61 69.07 1.36
CA LYS C 3082 132.48 70.52 1.34
C LYS C 3082 132.62 71.13 2.73
N SER C 3083 132.24 70.40 3.77
CA SER C 3083 132.31 70.91 5.14
C SER C 3083 132.45 69.72 6.08
N GLY C 3084 133.63 69.59 6.68
CA GLY C 3084 133.89 68.53 7.62
C GLY C 3084 135.34 68.51 8.06
N PRO C 3085 135.62 67.88 9.21
CA PRO C 3085 137.01 67.75 9.65
C PRO C 3085 137.77 66.80 8.74
N GLU C 3086 139.09 66.99 8.70
CA GLU C 3086 139.95 66.18 7.85
C GLU C 3086 140.06 64.73 8.30
N ILE C 3087 139.67 64.39 9.53
CA ILE C 3087 139.76 63.01 10.01
C ILE C 3087 138.83 62.08 9.21
N VAL C 3088 137.67 62.59 8.80
CA VAL C 3088 136.73 61.78 8.03
C VAL C 3088 137.20 61.66 6.58
N LYS C 3089 137.61 62.79 5.99
CA LYS C 3089 138.01 62.83 4.59
C LYS C 3089 139.27 62.00 4.39
N ALA C 3090 140.25 62.16 5.28
CA ALA C 3090 141.48 61.38 5.26
C ALA C 3090 141.21 59.89 5.47
N GLY C 3091 140.33 59.54 6.42
CA GLY C 3091 139.95 58.14 6.57
C GLY C 3091 139.29 57.54 5.34
N LEU C 3092 138.44 58.34 4.67
CA LEU C 3092 137.84 57.95 3.40
C LEU C 3092 138.88 57.73 2.32
N ARG C 3093 139.83 58.65 2.18
CA ARG C 3093 140.85 58.51 1.15
C ARG C 3093 141.81 57.36 1.46
N SER C 3094 142.11 57.16 2.75
CA SER C 3094 142.98 56.06 3.15
C SER C 3094 142.32 54.74 2.83
N PHE C 3095 141.00 54.64 3.02
CA PHE C 3095 140.34 53.40 2.63
C PHE C 3095 140.23 53.27 1.11
N PHE C 3096 140.18 54.39 0.39
CA PHE C 3096 140.26 54.31 -1.08
C PHE C 3096 141.57 53.69 -1.53
N GLU C 3097 142.67 54.09 -0.91
CA GLU C 3097 143.95 53.50 -1.27
C GLU C 3097 144.08 52.06 -0.74
N SER C 3098 143.49 51.78 0.43
CA SER C 3098 143.52 50.43 0.99
C SER C 3098 142.77 49.44 0.09
N ALA C 3099 141.60 49.86 -0.42
CA ALA C 3099 140.87 49.02 -1.36
C ALA C 3099 141.59 48.94 -2.69
N SER C 3100 142.30 49.99 -3.09
CA SER C 3100 143.10 49.93 -4.31
C SER C 3100 144.22 48.91 -4.17
N GLU C 3101 144.84 48.84 -3.00
CA GLU C 3101 145.84 47.80 -2.72
C GLU C 3101 145.23 46.42 -2.74
N ASP C 3102 144.05 46.25 -2.12
CA ASP C 3102 143.41 44.93 -2.11
C ASP C 3102 143.03 44.46 -3.51
N ILE C 3103 142.45 45.34 -4.33
CA ILE C 3103 142.15 44.96 -5.72
C ILE C 3103 143.42 44.78 -6.54
N GLU C 3104 144.52 45.47 -6.18
CA GLU C 3104 145.78 45.20 -6.83
C GLU C 3104 146.39 43.88 -6.37
N LYS C 3105 146.02 43.39 -5.19
CA LYS C 3105 146.41 42.05 -4.79
C LYS C 3105 145.55 41.01 -5.50
N MET C 3106 144.29 41.35 -5.76
CA MET C 3106 143.41 40.47 -6.53
C MET C 3106 143.93 40.27 -7.95
N VAL C 3107 144.34 41.34 -8.61
CA VAL C 3107 144.72 41.23 -10.03
C VAL C 3107 146.00 40.39 -10.19
N GLU C 3108 146.99 40.56 -9.31
CA GLU C 3108 148.18 39.71 -9.37
C GLU C 3108 147.88 38.27 -8.96
N ASN C 3109 146.94 38.06 -8.03
CA ASN C 3109 146.54 36.69 -7.72
C ASN C 3109 145.69 36.07 -8.82
N LEU C 3110 145.00 36.87 -9.63
CA LEU C 3110 144.29 36.42 -10.81
C LEU C 3110 145.17 36.37 -12.05
N ARG C 3111 146.42 36.84 -11.96
CA ARG C 3111 147.39 36.77 -13.04
C ARG C 3111 148.19 35.47 -13.01
N LEU C 3112 147.60 34.40 -12.46
CA LEU C 3112 148.23 33.09 -12.23
C LEU C 3112 149.45 33.19 -11.32
N GLY C 3113 149.43 34.15 -10.40
CA GLY C 3113 150.48 34.25 -9.40
C GLY C 3113 150.51 33.10 -8.41
N LYS C 3114 149.38 32.42 -8.23
CA LYS C 3114 149.29 31.26 -7.35
C LYS C 3114 148.08 30.45 -7.78
N VAL C 3115 148.02 29.20 -7.30
CA VAL C 3115 146.89 28.32 -7.59
C VAL C 3115 145.61 28.88 -6.99
N SER C 3116 145.70 29.31 -5.72
CA SER C 3116 144.61 29.91 -4.93
C SER C 3116 143.35 29.03 -4.87
N LYS C 3123 146.01 30.03 3.38
CA LYS C 3123 146.81 31.20 3.70
C LYS C 3123 146.01 32.50 3.62
N GLY C 3124 146.70 33.62 3.84
CA GLY C 3124 146.03 34.92 3.80
C GLY C 3124 145.67 35.38 2.41
N VAL C 3125 146.31 34.82 1.37
CA VAL C 3125 146.02 35.18 -0.02
C VAL C 3125 144.58 34.81 -0.38
N GLY C 3126 144.18 33.59 -0.02
CA GLY C 3126 142.83 33.13 -0.30
C GLY C 3126 141.79 33.90 0.48
N GLN C 3127 142.06 34.17 1.76
CA GLN C 3127 141.13 34.91 2.61
C GLN C 3127 140.97 36.34 2.13
N ASN C 3128 142.07 36.99 1.71
CA ASN C 3128 141.99 38.33 1.13
C ASN C 3128 141.22 38.32 -0.17
N LEU C 3129 141.42 37.29 -1.00
CA LEU C 3129 140.72 37.19 -2.28
C LEU C 3129 139.21 37.06 -2.09
N THR C 3130 138.79 36.10 -1.24
CA THR C 3130 137.35 35.95 -0.99
C THR C 3130 136.78 37.14 -0.24
N TYR C 3131 137.61 37.82 0.58
CA TYR C 3131 137.15 39.05 1.22
C TYR C 3131 136.87 40.12 0.20
N THR C 3132 137.76 40.26 -0.78
CA THR C 3132 137.60 41.35 -1.73
C THR C 3132 136.42 41.09 -2.64
N THR C 3133 136.32 39.86 -3.16
CA THR C 3133 135.27 39.55 -4.12
C THR C 3133 133.90 39.40 -3.47
N VAL C 3134 133.80 39.25 -2.15
CA VAL C 3134 132.52 39.08 -1.49
C VAL C 3134 132.10 40.35 -0.76
N ALA C 3135 133.02 41.02 -0.07
CA ALA C 3135 132.73 42.21 0.71
C ALA C 3135 133.16 43.50 0.03
N LEU C 3136 134.39 43.58 -0.49
CA LEU C 3136 134.89 44.85 -0.99
C LEU C 3136 134.21 45.26 -2.30
N LEU C 3137 134.08 44.32 -3.23
CA LEU C 3137 133.50 44.65 -4.53
C LEU C 3137 132.04 45.11 -4.47
N PRO C 3138 131.09 44.41 -3.82
CA PRO C 3138 129.70 44.90 -3.89
C PRO C 3138 129.43 46.15 -3.06
N VAL C 3139 130.03 46.25 -1.87
CA VAL C 3139 129.81 47.42 -1.01
C VAL C 3139 130.33 48.70 -1.67
N LEU C 3140 131.54 48.62 -2.22
CA LEU C 3140 132.07 49.73 -2.99
C LEU C 3140 131.25 49.99 -4.24
N THR C 3141 130.80 48.93 -4.93
CA THR C 3141 129.93 49.09 -6.10
C THR C 3141 128.62 49.80 -5.75
N THR C 3142 128.07 49.49 -4.57
CA THR C 3142 126.90 50.21 -4.05
C THR C 3142 127.20 51.69 -3.81
N LEU C 3143 128.38 51.99 -3.26
CA LEU C 3143 128.79 53.38 -3.11
C LEU C 3143 129.04 54.06 -4.46
N PHE C 3144 129.61 53.33 -5.41
CA PHE C 3144 129.84 53.86 -6.76
C PHE C 3144 128.52 54.19 -7.45
N GLN C 3145 127.53 53.30 -7.30
CA GLN C 3145 126.18 53.57 -7.79
C GLN C 3145 125.56 54.78 -7.10
N HIS C 3146 125.82 54.94 -5.80
CA HIS C 3146 125.38 56.13 -5.06
C HIS C 3146 126.01 57.40 -5.63
N ILE C 3147 127.30 57.35 -5.94
CA ILE C 3147 128.00 58.50 -6.53
C ILE C 3147 127.49 58.76 -7.94
N ALA C 3148 127.26 57.70 -8.72
CA ALA C 3148 126.77 57.84 -10.08
C ALA C 3148 125.37 58.45 -10.12
N GLN C 3149 124.48 57.99 -9.22
CA GLN C 3149 123.13 58.53 -9.18
C GLN C 3149 123.11 59.97 -8.67
N HIS C 3150 123.91 60.29 -7.66
CA HIS C 3150 123.88 61.61 -7.05
C HIS C 3150 124.79 62.61 -7.75
N GLN C 3151 125.63 62.15 -8.68
CA GLN C 3151 126.64 62.93 -9.39
C GLN C 3151 127.58 63.61 -8.39
N PHE C 3152 128.26 62.76 -7.62
CA PHE C 3152 129.22 63.21 -6.62
C PHE C 3152 130.65 63.18 -7.13
N GLY C 3153 130.87 62.80 -8.39
CA GLY C 3153 132.23 62.67 -8.92
C GLY C 3153 133.00 63.99 -8.93
N ASP C 3154 132.32 65.08 -9.27
CA ASP C 3154 132.98 66.38 -9.32
C ASP C 3154 133.30 66.92 -7.94
N ASP C 3155 132.64 66.42 -6.89
CA ASP C 3155 132.83 66.94 -5.55
C ASP C 3155 133.46 65.95 -4.58
N VAL C 3156 133.76 64.72 -5.00
CA VAL C 3156 134.41 63.72 -4.15
C VAL C 3156 135.71 63.23 -4.78
N ILE C 3157 135.67 62.87 -6.05
CA ILE C 3157 136.86 62.39 -6.76
C ILE C 3157 137.65 63.59 -7.27
N LEU C 3158 138.52 64.14 -6.41
CA LEU C 3158 139.23 65.37 -6.72
C LEU C 3158 140.74 65.20 -6.76
N ASP C 3159 141.36 64.63 -5.72
CA ASP C 3159 142.81 64.65 -5.59
C ASP C 3159 143.46 63.29 -5.74
N ASP C 3160 143.07 62.30 -4.93
CA ASP C 3160 143.72 61.00 -4.94
C ASP C 3160 142.79 59.86 -5.34
N VAL C 3161 141.48 60.06 -5.25
CA VAL C 3161 140.53 59.03 -5.67
C VAL C 3161 140.64 58.84 -7.18
N GLN C 3162 141.07 59.87 -7.91
CA GLN C 3162 141.34 59.75 -9.34
C GLN C 3162 142.45 58.75 -9.61
N VAL C 3163 143.52 58.82 -8.81
CA VAL C 3163 144.63 57.89 -8.93
C VAL C 3163 144.18 56.49 -8.53
N SER C 3164 143.31 56.41 -7.52
CA SER C 3164 142.77 55.12 -7.08
C SER C 3164 141.97 54.46 -8.20
N CYS C 3165 141.19 55.26 -8.93
CA CYS C 3165 140.40 54.75 -10.04
C CYS C 3165 141.27 54.37 -11.23
N TYR C 3166 142.26 55.20 -11.57
CA TYR C 3166 143.15 54.87 -12.70
C TYR C 3166 143.95 53.60 -12.44
N ARG C 3167 144.53 53.47 -11.24
CA ARG C 3167 145.25 52.25 -10.88
C ARG C 3167 144.33 51.03 -10.88
N THR C 3168 143.10 51.20 -10.38
CA THR C 3168 142.11 50.14 -10.45
C THR C 3168 141.77 49.78 -11.89
N LEU C 3169 141.60 50.79 -12.76
CA LEU C 3169 141.24 50.57 -14.15
C LEU C 3169 142.33 49.82 -14.91
N CYS C 3170 143.60 50.22 -14.71
CA CYS C 3170 144.73 49.50 -15.29
C CYS C 3170 144.76 48.06 -14.82
N SER C 3171 144.55 47.86 -13.51
CA SER C 3171 144.68 46.53 -12.92
C SER C 3171 143.59 45.61 -13.44
N ILE C 3172 142.35 46.10 -13.49
CA ILE C 3172 141.23 45.27 -13.93
C ILE C 3172 141.32 45.00 -15.43
N TYR C 3173 141.75 45.99 -16.23
CA TYR C 3173 141.84 45.80 -17.67
C TYR C 3173 142.98 44.87 -18.05
N SER C 3174 144.01 44.74 -17.19
CA SER C 3174 145.11 43.83 -17.47
C SER C 3174 144.71 42.36 -17.49
N LEU C 3175 143.53 42.01 -16.97
CA LEU C 3175 143.03 40.64 -16.97
C LEU C 3175 142.41 40.23 -18.29
N GLY C 3176 142.31 41.13 -19.26
CA GLY C 3176 141.74 40.79 -20.56
C GLY C 3176 142.54 39.73 -21.30
N THR C 3177 143.86 39.77 -21.15
CA THR C 3177 144.73 38.78 -21.76
C THR C 3177 144.93 37.55 -20.89
N THR C 3178 144.28 37.49 -19.74
CA THR C 3178 144.42 36.38 -18.80
C THR C 3178 143.13 35.57 -18.78
N LYS C 3179 143.27 34.24 -18.88
CA LYS C 3179 142.13 33.33 -18.92
C LYS C 3179 142.27 32.31 -17.79
N ASN C 3180 141.52 32.52 -16.71
CA ASN C 3180 141.51 31.59 -15.58
C ASN C 3180 140.08 31.40 -15.09
N THR C 3181 139.93 30.48 -14.14
CA THR C 3181 138.63 30.22 -13.54
C THR C 3181 138.11 31.43 -12.77
N TYR C 3182 138.98 32.08 -11.99
CA TYR C 3182 138.58 33.29 -11.26
C TYR C 3182 138.24 34.41 -12.22
N VAL C 3183 139.03 34.56 -13.29
CA VAL C 3183 138.82 35.62 -14.27
C VAL C 3183 137.45 35.43 -14.94
N GLU C 3184 137.15 34.19 -15.32
CA GLU C 3184 135.90 33.87 -16.01
C GLU C 3184 134.71 34.09 -15.09
N LYS C 3185 134.76 33.58 -13.86
CA LYS C 3185 133.59 33.68 -13.00
C LYS C 3185 133.42 35.08 -12.42
N LEU C 3186 134.47 35.91 -12.39
CA LEU C 3186 134.36 37.24 -11.83
C LEU C 3186 134.26 38.34 -12.88
N ARG C 3187 134.34 38.00 -14.17
CA ARG C 3187 134.11 38.99 -15.23
C ARG C 3187 132.78 39.75 -15.15
N PRO C 3188 131.61 39.15 -14.84
CA PRO C 3188 130.43 39.99 -14.61
C PRO C 3188 130.53 40.94 -13.43
N ALA C 3189 130.93 40.45 -12.26
CA ALA C 3189 131.02 41.29 -11.07
C ALA C 3189 132.05 42.41 -11.23
N LEU C 3190 133.22 42.08 -11.79
CA LEU C 3190 134.25 43.09 -12.06
C LEU C 3190 133.81 44.07 -13.13
N GLY C 3191 133.13 43.57 -14.19
CA GLY C 3191 132.61 44.46 -15.21
C GLY C 3191 131.55 45.42 -14.67
N GLU C 3192 130.69 44.92 -13.78
CA GLU C 3192 129.68 45.75 -13.15
C GLU C 3192 130.31 46.83 -12.26
N CYS C 3193 131.27 46.43 -11.42
CA CYS C 3193 131.93 47.39 -10.54
C CYS C 3193 132.70 48.45 -11.34
N LEU C 3194 133.40 48.03 -12.39
CA LEU C 3194 134.12 48.98 -13.23
C LEU C 3194 133.15 49.87 -14.01
N ALA C 3195 131.98 49.33 -14.39
CA ALA C 3195 130.94 50.13 -15.04
C ALA C 3195 130.43 51.23 -14.11
N ARG C 3196 130.23 50.89 -12.84
CA ARG C 3196 129.84 51.93 -11.87
C ARG C 3196 130.97 52.91 -11.64
N LEU C 3197 132.23 52.47 -11.76
CA LEU C 3197 133.35 53.40 -11.71
C LEU C 3197 133.31 54.38 -12.87
N ALA C 3198 133.02 53.88 -14.07
CA ALA C 3198 132.90 54.76 -15.24
C ALA C 3198 131.73 55.71 -15.09
N ALA C 3199 130.61 55.23 -14.54
CA ALA C 3199 129.46 56.09 -14.28
C ALA C 3199 129.69 57.06 -13.13
N ALA C 3200 130.73 56.86 -12.32
CA ALA C 3200 131.05 57.76 -11.23
C ALA C 3200 132.27 58.63 -11.50
N MET C 3201 132.96 58.40 -12.62
CA MET C 3201 134.20 59.09 -12.94
C MET C 3201 133.93 60.53 -13.35
N PRO C 3202 134.69 61.50 -12.84
CA PRO C 3202 134.50 62.91 -13.26
C PRO C 3202 135.42 63.42 -14.37
N VAL C 3203 136.37 62.64 -14.88
CA VAL C 3203 137.28 63.13 -15.92
C VAL C 3203 137.22 62.23 -17.15
N ALA C 3204 137.54 62.81 -18.30
CA ALA C 3204 137.48 62.12 -19.58
C ALA C 3204 138.71 61.25 -19.80
N PHE C 3205 138.63 59.99 -19.34
CA PHE C 3205 139.78 59.11 -19.47
C PHE C 3205 139.83 58.42 -20.83
N LEU C 3206 138.67 58.09 -21.42
CA LEU C 3206 138.65 57.44 -22.73
C LEU C 3206 139.04 58.38 -23.87
N GLU C 3207 139.02 59.68 -23.64
CA GLU C 3207 139.53 60.67 -24.58
C GLU C 3207 140.50 61.57 -23.84
N PRO C 3208 141.71 61.08 -23.56
CA PRO C 3208 142.69 61.88 -22.80
C PRO C 3208 143.18 63.12 -23.54
N GLN C 3209 143.00 63.20 -24.86
CA GLN C 3209 143.42 64.38 -25.62
C GLN C 3209 142.63 65.63 -25.27
N LEU C 3210 141.45 65.49 -24.68
CA LEU C 3210 140.65 66.63 -24.22
C LEU C 3210 140.38 66.57 -22.73
N ASN C 3211 141.15 65.79 -21.98
CA ASN C 3211 140.95 65.64 -20.54
C ASN C 3211 141.32 66.91 -19.77
N GLU C 3212 142.03 67.85 -20.39
CA GLU C 3212 142.50 69.05 -19.72
C GLU C 3212 141.47 70.16 -19.67
N TYR C 3213 140.22 69.89 -20.05
CA TYR C 3213 139.17 70.91 -20.03
C TYR C 3213 138.26 70.82 -18.82
N ASN C 3214 138.26 69.68 -18.11
CA ASN C 3214 137.39 69.49 -16.96
C ASN C 3214 137.87 70.38 -15.81
N ALA C 3215 136.93 71.10 -15.19
CA ALA C 3215 137.26 71.95 -14.05
C ALA C 3215 137.72 71.12 -12.86
N CYS C 3216 137.06 70.00 -12.60
CA CYS C 3216 137.44 69.11 -11.51
C CYS C 3216 138.38 68.01 -12.01
N SER C 3217 139.49 68.45 -12.60
CA SER C 3217 140.51 67.56 -13.14
C SER C 3217 141.85 67.94 -12.55
N VAL C 3218 142.69 66.92 -12.34
CA VAL C 3218 144.02 67.11 -11.76
C VAL C 3218 144.92 67.94 -12.68
N TYR C 3219 144.68 67.91 -13.99
CA TYR C 3219 145.50 68.67 -14.94
C TYR C 3219 145.06 70.13 -15.04
N THR C 3220 144.06 70.54 -14.27
CA THR C 3220 143.67 71.93 -14.14
C THR C 3220 143.88 72.43 -12.72
N THR C 3221 143.34 71.71 -11.73
CA THR C 3221 143.51 72.15 -10.34
C THR C 3221 144.92 71.88 -9.84
N LYS C 3222 145.47 70.71 -10.15
CA LYS C 3222 146.78 70.32 -9.65
C LYS C 3222 147.86 70.89 -10.57
N SER C 3223 148.62 71.85 -10.06
CA SER C 3223 149.66 72.53 -10.81
C SER C 3223 150.80 71.56 -11.13
N PRO C 3224 151.59 71.83 -12.18
CA PRO C 3224 152.67 70.90 -12.57
C PRO C 3224 153.72 70.60 -11.50
N ARG C 3225 153.89 71.44 -10.47
CA ARG C 3225 154.87 71.10 -9.44
C ARG C 3225 154.38 69.99 -8.51
N GLU C 3226 153.08 69.67 -8.53
CA GLU C 3226 152.58 68.39 -8.03
C GLU C 3226 152.18 67.55 -9.23
N ARG C 3227 151.62 66.37 -8.94
CA ARG C 3227 151.36 65.21 -9.82
C ARG C 3227 152.64 64.54 -10.29
N ALA C 3228 153.81 64.98 -9.85
CA ALA C 3228 155.08 64.33 -10.15
C ALA C 3228 155.81 64.04 -8.85
N ILE C 3229 155.57 64.86 -7.81
CA ILE C 3229 156.13 64.61 -6.50
C ILE C 3229 155.53 63.35 -5.88
N LEU C 3230 154.23 63.14 -6.06
CA LEU C 3230 153.55 61.91 -5.64
C LEU C 3230 153.38 61.00 -6.85
N GLY C 3231 153.21 59.71 -6.56
CA GLY C 3231 153.15 58.67 -7.58
C GLY C 3231 152.06 58.82 -8.62
N LEU C 3232 152.47 59.22 -9.83
CA LEU C 3232 151.63 59.42 -11.01
C LEU C 3232 152.50 59.42 -12.25
N PRO C 3233 152.04 58.81 -13.35
CA PRO C 3233 152.78 58.93 -14.62
C PRO C 3233 152.83 60.35 -15.19
N ASN C 3234 152.00 61.28 -14.68
CA ASN C 3234 151.97 62.69 -15.04
C ASN C 3234 151.61 62.92 -16.51
N SER C 3235 150.92 61.96 -17.14
CA SER C 3235 150.49 62.11 -18.52
C SER C 3235 149.22 61.29 -18.72
N VAL C 3236 148.12 61.98 -19.00
CA VAL C 3236 146.78 61.38 -19.00
C VAL C 3236 146.68 60.27 -20.05
N GLU C 3237 147.33 60.45 -21.21
CA GLU C 3237 147.39 59.41 -22.22
C GLU C 3237 148.19 58.19 -21.73
N GLU C 3238 149.05 58.37 -20.74
CA GLU C 3238 149.87 57.31 -20.16
C GLU C 3238 149.40 56.87 -18.78
N MET C 3239 148.22 57.31 -18.34
CA MET C 3239 147.63 56.76 -17.11
C MET C 3239 147.43 55.25 -17.24
N CYS C 3240 146.72 54.81 -18.28
CA CYS C 3240 146.57 53.40 -18.62
C CYS C 3240 146.79 53.25 -20.12
N PRO C 3241 148.02 52.94 -20.54
CA PRO C 3241 148.27 52.65 -21.97
C PRO C 3241 147.53 51.43 -22.50
N ASP C 3242 147.13 50.50 -21.62
CA ASP C 3242 146.30 49.37 -22.02
C ASP C 3242 144.90 49.78 -22.46
N ILE C 3243 144.44 50.97 -22.10
CA ILE C 3243 143.12 51.46 -22.46
C ILE C 3243 143.21 52.15 -23.81
N PRO C 3244 142.54 51.66 -24.85
CA PRO C 3244 142.50 52.38 -26.13
C PRO C 3244 141.67 53.64 -26.00
N VAL C 3245 141.96 54.60 -26.88
CA VAL C 3245 141.15 55.82 -26.91
C VAL C 3245 139.74 55.51 -27.40
N LEU C 3246 138.82 56.41 -27.03
CA LEU C 3246 137.40 56.20 -27.27
C LEU C 3246 137.10 56.14 -28.75
N ASP C 3247 137.81 56.94 -29.57
CA ASP C 3247 137.55 57.01 -31.00
C ASP C 3247 137.77 55.67 -31.69
N ARG C 3248 138.85 54.96 -31.34
CA ARG C 3248 139.05 53.63 -31.88
C ARG C 3248 138.35 52.55 -31.09
N LEU C 3249 137.71 52.89 -29.96
CA LEU C 3249 137.08 51.85 -29.13
C LEU C 3249 135.85 51.27 -29.82
N MET C 3250 134.96 52.12 -30.34
CA MET C 3250 133.79 51.54 -30.98
C MET C 3250 134.12 51.11 -32.39
N ALA C 3251 135.15 51.68 -33.01
CA ALA C 3251 135.57 51.22 -34.33
C ALA C 3251 136.04 49.77 -34.27
N ASP C 3252 136.82 49.43 -33.23
CA ASP C 3252 137.18 48.03 -32.99
C ASP C 3252 135.96 47.18 -32.66
N ILE C 3253 135.06 47.68 -31.82
CA ILE C 3253 133.85 46.90 -31.48
C ILE C 3253 132.96 46.72 -32.72
N GLY C 3254 132.88 47.74 -33.57
CA GLY C 3254 132.17 47.63 -34.83
C GLY C 3254 132.74 46.60 -35.78
N GLY C 3255 134.07 46.54 -35.89
CA GLY C 3255 134.68 45.45 -36.65
C GLY C 3255 134.46 44.10 -36.03
N LEU C 3256 134.42 44.03 -34.69
CA LEU C 3256 134.13 42.79 -34.00
C LEU C 3256 132.70 42.34 -34.28
N ALA C 3257 131.76 43.29 -34.28
CA ALA C 3257 130.36 42.98 -34.52
C ALA C 3257 130.13 42.51 -35.95
N GLU C 3258 130.72 43.21 -36.94
CA GLU C 3258 130.56 42.77 -38.32
C GLU C 3258 131.30 41.46 -38.59
N SER C 3259 132.29 41.10 -37.76
CA SER C 3259 132.93 39.81 -37.91
C SER C 3259 131.99 38.66 -37.58
N GLY C 3260 130.97 38.91 -36.75
CA GLY C 3260 130.06 37.87 -36.34
C GLY C 3260 130.60 36.91 -35.31
N ALA C 3261 131.74 37.22 -34.69
CA ALA C 3261 132.36 36.35 -33.72
C ALA C 3261 131.52 36.27 -32.44
N ARG C 3262 131.62 35.13 -31.76
CA ARG C 3262 130.80 34.84 -30.59
C ARG C 3262 131.47 35.25 -29.28
N TYR C 3263 130.76 34.99 -28.17
CA TYR C 3263 131.26 35.34 -26.85
C TYR C 3263 132.42 34.44 -26.44
N THR C 3264 132.45 33.20 -26.95
CA THR C 3264 133.52 32.26 -26.64
C THR C 3264 134.89 32.80 -27.08
N GLU C 3265 134.90 33.59 -28.14
CA GLU C 3265 136.07 34.33 -28.58
C GLU C 3265 135.98 35.81 -28.21
N MET C 3266 134.93 36.21 -27.47
CA MET C 3266 134.78 37.59 -27.03
C MET C 3266 134.49 37.71 -25.52
N PRO C 3267 135.29 37.04 -24.61
CA PRO C 3267 134.93 37.12 -23.19
C PRO C 3267 135.19 38.50 -22.56
N HIS C 3268 136.39 39.05 -22.75
CA HIS C 3268 136.76 40.31 -22.13
C HIS C 3268 136.03 41.49 -22.75
N VAL C 3269 135.88 41.48 -24.09
CA VAL C 3269 135.26 42.60 -24.80
C VAL C 3269 133.81 42.79 -24.36
N ILE C 3270 133.06 41.68 -24.29
CA ILE C 3270 131.64 41.76 -23.98
C ILE C 3270 131.43 42.08 -22.50
N GLU C 3271 132.16 41.40 -21.63
CA GLU C 3271 131.91 41.54 -20.19
C GLU C 3271 132.46 42.84 -19.64
N ILE C 3272 133.50 43.40 -20.25
CA ILE C 3272 134.21 44.56 -19.70
C ILE C 3272 134.15 45.77 -20.62
N THR C 3273 134.54 45.61 -21.89
CA THR C 3273 134.65 46.75 -22.80
C THR C 3273 133.27 47.32 -23.17
N LEU C 3274 132.30 46.45 -23.46
CA LEU C 3274 130.95 46.91 -23.77
C LEU C 3274 130.29 47.70 -22.62
N PRO C 3275 130.37 47.29 -21.33
CA PRO C 3275 129.87 48.19 -20.27
C PRO C 3275 130.56 49.55 -20.23
N MET C 3276 131.82 49.64 -20.67
CA MET C 3276 132.50 50.94 -20.69
C MET C 3276 131.83 51.88 -21.66
N LEU C 3277 131.49 51.39 -22.86
CA LEU C 3277 130.72 52.19 -23.80
C LEU C 3277 129.32 52.46 -23.29
N CYS C 3278 128.73 51.54 -22.52
CA CYS C 3278 127.40 51.77 -21.97
C CYS C 3278 127.41 52.72 -20.77
N SER C 3279 128.55 52.91 -20.11
CA SER C 3279 128.63 53.73 -18.92
C SER C 3279 129.30 55.08 -19.12
N TYR C 3280 130.21 55.18 -20.09
CA TYR C 3280 130.94 56.42 -20.33
C TYR C 3280 130.11 57.38 -21.18
N LEU C 3281 129.57 56.89 -22.30
CA LEU C 3281 128.86 57.74 -23.25
C LEU C 3281 127.64 58.47 -22.67
N PRO C 3282 126.67 57.82 -21.99
CA PRO C 3282 125.53 58.59 -21.44
C PRO C 3282 125.92 59.62 -20.40
N ARG C 3283 126.93 59.32 -19.58
CA ARG C 3283 127.35 60.24 -18.53
C ARG C 3283 127.91 61.53 -19.10
N TRP C 3284 128.77 61.43 -20.12
CA TRP C 3284 129.40 62.62 -20.69
C TRP C 3284 128.64 63.18 -21.89
N TRP C 3285 127.52 62.56 -22.28
CA TRP C 3285 126.71 63.10 -23.38
C TRP C 3285 126.16 64.47 -23.00
N GLU C 3286 125.69 64.62 -21.76
CA GLU C 3286 125.24 65.93 -21.29
C GLU C 3286 126.39 66.82 -20.87
N ARG C 3287 127.63 66.29 -20.84
CA ARG C 3287 128.81 67.05 -20.45
C ARG C 3287 129.74 67.31 -21.64
N GLY C 3288 129.25 67.13 -22.86
CA GLY C 3288 130.06 67.39 -24.02
C GLY C 3288 129.23 67.87 -25.21
N PRO C 3289 129.53 67.38 -26.40
CA PRO C 3289 128.74 67.76 -27.58
C PRO C 3289 127.38 67.08 -27.58
N GLU C 3290 126.47 67.69 -28.35
CA GLU C 3290 125.06 67.33 -28.49
C GLU C 3290 124.29 67.42 -27.17
N ALA C 3291 124.86 68.08 -26.17
CA ALA C 3291 124.21 68.32 -24.90
C ALA C 3291 123.25 69.50 -25.03
N PRO C 3292 122.25 69.58 -24.16
CA PRO C 3292 121.48 70.82 -23.99
C PRO C 3292 122.09 71.69 -22.89
N PRO C 3293 123.13 72.46 -23.16
CA PRO C 3293 123.86 73.14 -22.08
C PRO C 3293 123.22 74.46 -21.68
N PRO C 3294 122.70 74.57 -20.43
CA PRO C 3294 122.14 75.84 -19.95
C PRO C 3294 123.18 76.75 -19.34
N ALA C 3295 124.29 76.96 -20.06
CA ALA C 3295 125.43 77.69 -19.52
C ALA C 3295 125.76 78.92 -20.36
N LEU C 3296 124.74 79.71 -20.71
CA LEU C 3296 124.97 80.94 -21.45
C LEU C 3296 125.89 81.98 -20.78
N PRO C 3297 125.82 82.29 -19.46
CA PRO C 3297 126.76 83.31 -18.95
C PRO C 3297 128.19 82.81 -18.82
N ALA C 3298 128.41 81.49 -18.75
CA ALA C 3298 129.73 80.90 -18.54
C ALA C 3298 129.99 79.82 -19.57
N GLY C 3299 129.76 80.13 -20.83
CA GLY C 3299 129.98 79.22 -21.94
C GLY C 3299 131.41 79.13 -22.42
N ALA C 3300 132.33 79.85 -21.76
CA ALA C 3300 133.74 79.82 -22.14
C ALA C 3300 134.42 78.44 -22.08
N PRO C 3301 134.28 77.62 -21.03
CA PRO C 3301 134.99 76.30 -21.03
C PRO C 3301 134.46 75.39 -22.13
N PRO C 3302 135.34 74.89 -22.99
CA PRO C 3302 134.91 73.98 -24.05
C PRO C 3302 134.64 72.59 -23.49
N PRO C 3303 133.91 71.73 -24.21
CA PRO C 3303 133.64 70.37 -23.71
C PRO C 3303 134.91 69.57 -23.47
N CYS C 3304 134.88 68.75 -22.42
CA CYS C 3304 135.99 67.90 -22.03
C CYS C 3304 136.06 66.60 -22.82
N THR C 3305 135.12 66.35 -23.73
CA THR C 3305 135.11 65.11 -24.48
C THR C 3305 134.44 65.37 -25.83
N ALA C 3306 134.20 64.30 -26.59
CA ALA C 3306 133.57 64.37 -27.90
C ALA C 3306 132.48 63.32 -28.02
N VAL C 3307 131.63 63.22 -27.00
CA VAL C 3307 130.58 62.21 -26.94
C VAL C 3307 129.32 62.77 -27.58
N THR C 3308 128.91 62.20 -28.71
CA THR C 3308 127.63 62.53 -29.35
C THR C 3308 126.74 61.29 -29.32
N SER C 3309 125.55 61.41 -29.89
CA SER C 3309 124.67 60.27 -30.03
C SER C 3309 125.08 59.32 -31.15
N ASP C 3310 125.97 59.75 -32.06
CA ASP C 3310 126.45 58.87 -33.12
C ASP C 3310 127.22 57.69 -32.56
N HIS C 3311 128.02 57.94 -31.53
CA HIS C 3311 128.77 56.88 -30.87
C HIS C 3311 127.83 55.86 -30.22
N LEU C 3312 126.75 56.34 -29.59
CA LEU C 3312 125.76 55.42 -29.05
C LEU C 3312 124.98 54.71 -30.16
N ASN C 3313 124.79 55.38 -31.29
CA ASN C 3313 124.11 54.79 -32.45
C ASN C 3313 124.87 53.57 -32.96
N SER C 3314 126.18 53.74 -33.14
CA SER C 3314 127.06 52.62 -33.50
C SER C 3314 127.10 51.56 -32.40
N LEU C 3315 127.13 52.00 -31.13
CA LEU C 3315 127.15 51.07 -30.00
C LEU C 3315 125.92 50.17 -29.96
N LEU C 3316 124.73 50.76 -30.10
CA LEU C 3316 123.48 49.99 -30.12
C LEU C 3316 123.41 49.07 -31.34
N GLY C 3317 123.84 49.55 -32.51
CA GLY C 3317 123.82 48.70 -33.69
C GLY C 3317 124.75 47.51 -33.55
N ASN C 3318 125.95 47.74 -32.99
CA ASN C 3318 126.90 46.67 -32.76
C ASN C 3318 126.39 45.67 -31.72
N ILE C 3319 125.76 46.17 -30.64
CA ILE C 3319 125.20 45.28 -29.61
C ILE C 3319 124.12 44.38 -30.20
N LEU C 3320 123.22 44.96 -31.01
CA LEU C 3320 122.20 44.18 -31.69
C LEU C 3320 122.81 43.14 -32.62
N ARG C 3321 123.82 43.54 -33.40
CA ARG C 3321 124.49 42.61 -34.31
C ARG C 3321 125.16 41.47 -33.56
N ILE C 3322 125.81 41.78 -32.44
CA ILE C 3322 126.49 40.76 -31.62
C ILE C 3322 125.47 39.77 -31.08
N ILE C 3323 124.34 40.26 -30.57
CA ILE C 3323 123.35 39.37 -29.97
C ILE C 3323 122.72 38.47 -31.03
N VAL C 3324 122.33 39.03 -32.17
CA VAL C 3324 121.70 38.21 -33.20
C VAL C 3324 122.69 37.30 -33.93
N ASN C 3325 124.00 37.61 -33.87
CA ASN C 3325 124.97 36.62 -34.32
C ASN C 3325 125.20 35.53 -33.29
N ASN C 3326 125.11 35.87 -32.01
CA ASN C 3326 125.11 34.91 -30.91
C ASN C 3326 123.75 34.24 -30.69
N LEU C 3327 122.79 34.46 -31.59
CA LEU C 3327 121.46 33.87 -31.46
C LEU C 3327 121.46 32.34 -31.57
N GLY C 3328 122.52 31.76 -32.13
CA GLY C 3328 122.57 30.32 -32.31
C GLY C 3328 123.14 29.54 -31.16
N ILE C 3329 123.90 30.20 -30.26
CA ILE C 3329 124.50 29.49 -29.15
C ILE C 3329 123.42 29.11 -28.14
N ASP C 3330 123.62 27.97 -27.48
CA ASP C 3330 122.59 27.42 -26.60
C ASP C 3330 122.48 28.23 -25.32
N GLU C 3331 123.60 28.63 -24.73
CA GLU C 3331 123.62 29.32 -23.45
C GLU C 3331 124.37 30.63 -23.58
N ALA C 3332 123.77 31.72 -23.08
CA ALA C 3332 124.43 33.02 -23.02
C ALA C 3332 123.85 33.76 -21.81
N THR C 3333 124.54 33.66 -20.67
CA THR C 3333 124.15 34.36 -19.47
C THR C 3333 124.36 35.87 -19.55
N TRP C 3334 125.06 36.36 -20.58
CA TRP C 3334 125.28 37.77 -20.77
C TRP C 3334 124.18 38.46 -21.57
N MET C 3335 123.14 37.72 -21.99
CA MET C 3335 121.94 38.34 -22.55
C MET C 3335 121.29 39.30 -21.57
N LYS C 3336 121.09 38.85 -20.33
CA LYS C 3336 120.43 39.67 -19.33
C LYS C 3336 121.30 40.85 -18.92
N ARG C 3337 122.60 40.60 -18.68
CA ARG C 3337 123.50 41.66 -18.22
C ARG C 3337 123.68 42.73 -19.31
N LEU C 3338 123.84 42.30 -20.57
CA LEU C 3338 123.95 43.23 -21.68
C LEU C 3338 122.65 44.02 -21.83
N ALA C 3339 121.49 43.36 -21.67
CA ALA C 3339 120.22 44.06 -21.80
C ALA C 3339 120.05 45.11 -20.70
N VAL C 3340 120.30 44.73 -19.44
CA VAL C 3340 120.16 45.68 -18.34
C VAL C 3340 121.23 46.76 -18.33
N PHE C 3341 122.32 46.60 -19.09
CA PHE C 3341 123.29 47.67 -19.20
C PHE C 3341 123.12 48.51 -20.46
N ALA C 3342 122.52 47.96 -21.52
CA ALA C 3342 122.22 48.69 -22.74
C ALA C 3342 120.81 49.25 -22.77
N GLN C 3343 120.03 49.04 -21.71
CA GLN C 3343 118.70 49.64 -21.64
C GLN C 3343 118.70 51.11 -21.21
N PRO C 3344 119.48 51.57 -20.20
CA PRO C 3344 119.54 53.03 -19.95
C PRO C 3344 120.12 53.86 -21.09
N ILE C 3345 120.85 53.24 -22.03
CA ILE C 3345 121.55 53.99 -23.07
C ILE C 3345 120.75 54.09 -24.37
N VAL C 3346 119.69 53.30 -24.53
CA VAL C 3346 118.96 53.22 -25.80
C VAL C 3346 117.89 54.31 -25.82
N SER C 3347 117.91 55.19 -24.82
CA SER C 3347 116.94 56.28 -24.71
C SER C 3347 117.04 57.26 -25.87
N ARG C 3348 118.22 57.42 -26.46
CA ARG C 3348 118.41 58.33 -27.59
C ARG C 3348 118.67 57.59 -28.89
N ALA C 3349 118.11 56.38 -29.02
CA ALA C 3349 118.30 55.56 -30.20
C ALA C 3349 117.67 56.19 -31.43
N ARG C 3350 118.37 56.12 -32.55
CA ARG C 3350 117.92 56.73 -33.78
C ARG C 3350 116.85 55.89 -34.47
N PRO C 3351 115.98 56.52 -35.28
CA PRO C 3351 115.00 55.74 -36.05
C PRO C 3351 115.59 54.82 -37.09
N GLU C 3352 116.86 55.01 -37.47
CA GLU C 3352 117.50 54.18 -38.50
C GLU C 3352 117.58 52.72 -38.08
N LEU C 3353 117.84 52.47 -36.79
CA LEU C 3353 118.02 51.12 -36.29
C LEU C 3353 116.75 50.28 -36.38
N LEU C 3354 115.58 50.91 -36.55
CA LEU C 3354 114.34 50.17 -36.65
C LEU C 3354 114.31 49.37 -37.95
N HIS C 3355 114.40 50.05 -39.08
CA HIS C 3355 114.36 49.36 -40.36
C HIS C 3355 115.66 48.61 -40.63
N SER C 3356 116.81 49.13 -40.18
CA SER C 3356 118.06 48.46 -40.50
C SER C 3356 118.26 47.17 -39.69
N HIS C 3357 117.90 47.17 -38.40
CA HIS C 3357 118.17 46.03 -37.54
C HIS C 3357 116.91 45.32 -37.04
N PHE C 3358 115.91 46.08 -36.56
CA PHE C 3358 114.75 45.48 -35.91
C PHE C 3358 113.94 44.59 -36.86
N ILE C 3359 113.79 45.01 -38.11
CA ILE C 3359 113.00 44.22 -39.06
C ILE C 3359 113.65 42.88 -39.40
N PRO C 3360 114.90 42.77 -39.91
CA PRO C 3360 115.38 41.43 -40.30
C PRO C 3360 115.73 40.53 -39.12
N THR C 3361 116.43 41.07 -38.12
CA THR C 3361 116.91 40.26 -37.01
C THR C 3361 115.77 39.71 -36.15
N ILE C 3362 114.85 40.58 -35.74
CA ILE C 3362 113.70 40.05 -35.04
C ILE C 3362 112.81 39.26 -35.99
N GLY C 3363 112.82 39.54 -37.31
CA GLY C 3363 112.13 38.67 -38.24
C GLY C 3363 112.69 37.25 -38.25
N ARG C 3364 114.01 37.13 -38.03
CA ARG C 3364 114.63 35.84 -37.80
C ARG C 3364 114.09 35.22 -36.53
N LEU C 3365 113.91 36.04 -35.48
CA LEU C 3365 113.35 35.54 -34.23
C LEU C 3365 111.92 35.04 -34.44
N ARG C 3366 111.16 35.77 -35.26
CA ARG C 3366 109.78 35.45 -35.59
C ARG C 3366 109.67 34.10 -36.31
N LYS C 3367 110.51 33.91 -37.34
CA LYS C 3367 110.46 32.63 -38.05
C LYS C 3367 111.02 31.50 -37.20
N ARG C 3368 111.99 31.78 -36.32
CA ARG C 3368 112.48 30.77 -35.39
C ARG C 3368 111.38 30.34 -34.42
N ALA C 3369 110.64 31.32 -33.87
CA ALA C 3369 109.53 31.03 -32.97
C ALA C 3369 108.43 30.23 -33.67
N GLY C 3370 108.14 30.59 -34.92
CA GLY C 3370 107.18 29.83 -35.70
C GLY C 3370 107.65 28.42 -35.99
N LYS C 3371 108.96 28.25 -36.22
CA LYS C 3371 109.53 26.92 -36.46
C LYS C 3371 109.43 26.06 -35.20
N VAL C 3372 109.73 26.65 -34.04
CA VAL C 3372 109.68 25.90 -32.78
C VAL C 3372 108.25 25.51 -32.44
N VAL C 3373 107.28 26.43 -32.58
CA VAL C 3373 105.90 26.04 -32.32
C VAL C 3373 105.36 25.11 -33.41
N ALA C 3374 105.91 25.17 -34.63
CA ALA C 3374 105.59 24.17 -35.66
C ALA C 3374 106.06 22.77 -35.25
N GLU C 3375 107.26 22.68 -34.67
CA GLU C 3375 107.70 21.41 -34.10
C GLU C 3375 106.82 20.98 -32.93
N GLU C 3376 106.44 21.94 -32.08
CA GLU C 3376 105.61 21.62 -30.92
C GLU C 3376 104.24 21.08 -31.34
N GLU C 3377 103.62 21.70 -32.34
CA GLU C 3377 102.34 21.19 -32.83
C GLU C 3377 102.50 19.88 -33.59
N GLN C 3378 103.64 19.68 -34.28
CA GLN C 3378 103.92 18.41 -34.95
C GLN C 3378 104.02 17.28 -33.95
N LEU C 3379 104.72 17.50 -32.84
CA LEU C 3379 104.82 16.48 -31.80
C LEU C 3379 103.51 16.31 -31.04
N ARG C 3380 102.73 17.37 -30.85
CA ARG C 3380 101.49 17.21 -30.10
C ARG C 3380 100.38 16.55 -30.93
N LEU C 3381 100.42 16.67 -32.27
CA LEU C 3381 99.39 16.01 -33.06
C LEU C 3381 99.59 14.51 -33.10
N GLU C 3382 100.84 14.05 -33.15
CA GLU C 3382 101.13 12.63 -33.07
C GLU C 3382 101.02 12.15 -31.63
N ALA C 3383 100.29 11.05 -31.43
CA ALA C 3383 99.92 10.56 -30.10
C ALA C 3383 100.62 9.22 -29.85
N LYS C 3384 101.83 9.29 -29.29
CA LYS C 3384 102.59 8.13 -28.85
C LYS C 3384 103.69 8.62 -27.93
N ALA C 3385 104.49 7.67 -27.42
CA ALA C 3385 105.57 7.99 -26.49
C ALA C 3385 106.71 8.79 -27.11
N GLU C 3386 106.76 8.91 -28.44
CA GLU C 3386 107.79 9.67 -29.14
C GLU C 3386 107.69 11.17 -28.89
N ALA C 3387 106.58 11.64 -28.31
CA ALA C 3387 106.37 13.07 -28.06
C ALA C 3387 107.40 13.63 -27.08
N GLU C 3388 107.70 12.89 -26.00
CA GLU C 3388 108.62 13.36 -24.97
C GLU C 3388 110.02 13.54 -25.52
N GLU C 3389 110.53 12.54 -26.24
CA GLU C 3389 111.83 12.67 -26.89
C GLU C 3389 111.72 13.61 -28.09
N GLY C 3390 112.04 14.88 -27.85
CA GLY C 3390 111.80 15.95 -28.79
C GLY C 3390 111.12 17.10 -28.07
N GLU C 3391 110.34 16.74 -27.05
CA GLU C 3391 109.73 17.77 -26.21
C GLU C 3391 110.80 18.47 -25.39
N LEU C 3392 111.83 17.75 -24.93
CA LEU C 3392 112.95 18.43 -24.28
C LEU C 3392 113.73 19.30 -25.25
N LEU C 3393 113.75 18.94 -26.53
CA LEU C 3393 114.38 19.78 -27.55
C LEU C 3393 113.62 21.09 -27.73
N VAL C 3394 112.28 21.02 -27.78
CA VAL C 3394 111.54 22.27 -27.88
C VAL C 3394 111.49 23.01 -26.55
N ARG C 3395 111.67 22.32 -25.41
CA ARG C 3395 111.90 22.99 -24.14
C ARG C 3395 113.18 23.84 -24.17
N ASP C 3396 114.27 23.26 -24.70
CA ASP C 3396 115.52 24.00 -24.86
C ASP C 3396 115.36 25.16 -25.83
N GLU C 3397 114.66 24.94 -26.94
CA GLU C 3397 114.41 26.02 -27.90
C GLU C 3397 113.51 27.10 -27.30
N PHE C 3398 112.56 26.73 -26.45
CA PHE C 3398 111.80 27.72 -25.70
C PHE C 3398 112.69 28.48 -24.72
N SER C 3399 113.64 27.80 -24.07
CA SER C 3399 114.50 28.46 -23.09
C SER C 3399 115.39 29.52 -23.75
N VAL C 3400 116.01 29.15 -24.89
CA VAL C 3400 116.84 30.12 -25.61
C VAL C 3400 115.97 31.23 -26.20
N LEU C 3401 114.77 30.90 -26.69
CA LEU C 3401 113.86 31.91 -27.23
C LEU C 3401 113.40 32.87 -26.15
N CYS C 3402 113.07 32.36 -24.97
CA CYS C 3402 112.65 33.20 -23.85
C CYS C 3402 113.78 34.12 -23.40
N ARG C 3403 115.00 33.60 -23.31
CA ARG C 3403 116.14 34.43 -22.92
C ARG C 3403 116.42 35.53 -23.95
N ASP C 3404 116.35 35.20 -25.24
CA ASP C 3404 116.58 36.20 -26.28
C ASP C 3404 115.46 37.24 -26.28
N LEU C 3405 114.21 36.80 -26.07
CA LEU C 3405 113.09 37.73 -26.03
C LEU C 3405 113.22 38.65 -24.83
N TYR C 3406 113.62 38.10 -23.67
CA TYR C 3406 113.76 38.88 -22.45
C TYR C 3406 114.97 39.79 -22.49
N ALA C 3407 115.85 39.62 -23.47
CA ALA C 3407 116.98 40.54 -23.60
C ALA C 3407 116.79 41.54 -24.73
N LEU C 3408 115.88 41.26 -25.67
CA LEU C 3408 115.64 42.16 -26.80
C LEU C 3408 114.41 43.04 -26.61
N TYR C 3409 113.35 42.54 -25.98
CA TYR C 3409 112.17 43.36 -25.68
C TYR C 3409 112.39 44.56 -24.75
N PRO C 3410 113.09 44.46 -23.59
CA PRO C 3410 113.20 45.66 -22.71
C PRO C 3410 113.85 46.87 -23.36
N LEU C 3411 114.85 46.68 -24.22
CA LEU C 3411 115.41 47.79 -24.97
C LEU C 3411 114.44 48.30 -26.04
N LEU C 3412 113.63 47.39 -26.59
CA LEU C 3412 112.60 47.77 -27.56
C LEU C 3412 111.51 48.63 -26.89
N ILE C 3413 111.19 48.33 -25.63
CA ILE C 3413 110.22 49.14 -24.88
C ILE C 3413 110.72 50.58 -24.74
N ARG C 3414 112.00 50.76 -24.45
CA ARG C 3414 112.57 52.10 -24.43
C ARG C 3414 112.66 52.69 -25.83
N TYR C 3415 112.73 51.85 -26.86
CA TYR C 3415 112.77 52.32 -28.24
C TYR C 3415 111.42 52.89 -28.68
N VAL C 3416 110.33 52.18 -28.38
CA VAL C 3416 109.01 52.57 -28.86
C VAL C 3416 108.52 53.84 -28.15
N ASP C 3417 108.72 53.94 -26.83
CA ASP C 3417 108.19 55.04 -26.03
C ASP C 3417 108.73 56.40 -26.47
N ASN C 3418 109.98 56.46 -26.90
CA ASN C 3418 110.55 57.71 -27.37
C ASN C 3418 110.02 58.14 -28.74
N ASN C 3419 109.53 57.21 -29.55
CA ASN C 3419 109.19 57.50 -30.94
C ASN C 3419 107.71 57.25 -31.26
N ARG C 3420 106.94 56.64 -30.35
CA ARG C 3420 105.53 56.32 -30.63
C ARG C 3420 104.70 57.57 -30.87
N ALA C 3421 105.08 58.70 -30.27
CA ALA C 3421 104.35 59.96 -30.45
C ALA C 3421 104.39 60.38 -31.92
N HIS C 3422 105.58 60.34 -32.52
CA HIS C 3422 105.71 60.71 -33.93
CA HIS C 3422 105.70 60.70 -33.93
C HIS C 3422 105.16 59.60 -34.82
N TRP C 3423 105.24 58.34 -34.35
CA TRP C 3423 104.71 57.23 -35.11
C TRP C 3423 103.19 57.35 -35.27
N LEU C 3424 102.52 57.78 -34.21
CA LEU C 3424 101.09 58.12 -34.30
C LEU C 3424 100.87 59.37 -35.14
N THR C 3425 101.78 60.34 -35.05
CA THR C 3425 101.64 61.58 -35.81
C THR C 3425 101.70 61.32 -37.33
N GLU C 3426 102.65 60.49 -37.76
CA GLU C 3426 102.85 60.16 -39.17
C GLU C 3426 103.06 58.66 -39.28
N PRO C 3427 102.33 57.98 -40.17
CA PRO C 3427 102.42 56.51 -40.27
C PRO C 3427 103.79 56.01 -40.70
N ASN C 3428 104.16 54.84 -40.17
CA ASN C 3428 105.44 54.20 -40.46
C ASN C 3428 105.21 52.76 -40.89
N ALA C 3429 105.64 52.44 -42.12
CA ALA C 3429 105.51 51.09 -42.66
C ALA C 3429 106.34 50.10 -41.86
N ASN C 3430 107.46 50.56 -41.31
CA ASN C 3430 108.28 49.72 -40.45
C ASN C 3430 107.51 49.33 -39.21
N ALA C 3431 106.85 50.31 -38.57
CA ALA C 3431 106.04 50.02 -37.40
C ALA C 3431 104.87 49.11 -37.74
N GLU C 3432 104.33 49.23 -38.96
CA GLU C 3432 103.29 48.29 -39.43
C GLU C 3432 103.82 46.86 -39.46
N GLU C 3433 105.00 46.67 -40.07
CA GLU C 3433 105.61 45.34 -40.18
C GLU C 3433 105.95 44.77 -38.80
N LEU C 3434 106.49 45.62 -37.91
CA LEU C 3434 106.73 45.22 -36.53
C LEU C 3434 105.44 44.79 -35.84
N PHE C 3435 104.35 45.54 -36.06
CA PHE C 3435 103.08 45.19 -35.42
C PHE C 3435 102.59 43.82 -35.89
N ARG C 3436 102.72 43.56 -37.21
CA ARG C 3436 102.31 42.26 -37.75
C ARG C 3436 103.13 41.13 -37.17
N MET C 3437 104.44 41.34 -37.03
CA MET C 3437 105.27 40.21 -36.61
C MET C 3437 105.18 39.99 -35.11
N VAL C 3438 105.08 41.05 -34.31
CA VAL C 3438 104.91 40.87 -32.86
C VAL C 3438 103.57 40.23 -32.58
N GLY C 3439 102.54 40.56 -33.38
CA GLY C 3439 101.25 39.91 -33.22
C GLY C 3439 101.31 38.43 -33.52
N GLU C 3440 102.01 38.04 -34.60
CA GLU C 3440 102.20 36.61 -34.89
C GLU C 3440 102.99 35.89 -33.79
N ILE C 3441 104.05 36.53 -33.28
CA ILE C 3441 104.82 35.97 -32.16
C ILE C 3441 103.95 35.81 -30.91
N PHE C 3442 103.14 36.82 -30.60
CA PHE C 3442 102.23 36.74 -29.46
C PHE C 3442 101.17 35.67 -29.65
N ILE C 3443 100.67 35.49 -30.88
CA ILE C 3443 99.75 34.38 -31.17
C ILE C 3443 100.43 33.04 -30.87
N TYR C 3444 101.70 32.91 -31.26
CA TYR C 3444 102.47 31.70 -30.93
C TYR C 3444 102.60 31.52 -29.41
N TRP C 3445 102.86 32.62 -28.69
CA TRP C 3445 103.00 32.58 -27.24
C TRP C 3445 101.70 32.17 -26.56
N SER C 3446 100.59 32.79 -26.97
CA SER C 3446 99.29 32.52 -26.38
C SER C 3446 98.86 31.09 -26.67
N LYS C 3447 99.10 30.60 -27.89
CA LYS C 3447 98.69 29.26 -28.26
C LYS C 3447 99.57 28.20 -27.58
N SER C 3448 100.85 28.49 -27.40
CA SER C 3448 101.78 27.52 -26.81
C SER C 3448 101.76 27.67 -25.29
N HIS C 3449 101.14 26.71 -24.61
CA HIS C 3449 101.15 26.69 -23.15
C HIS C 3449 102.57 26.46 -22.62
N ASN C 3450 103.34 25.61 -23.31
CA ASN C 3450 104.70 25.29 -22.91
C ASN C 3450 105.61 26.53 -22.92
N PHE C 3451 105.54 27.32 -24.00
CA PHE C 3451 106.37 28.53 -24.12
C PHE C 3451 106.10 29.52 -22.98
N LYS C 3452 104.85 29.57 -22.49
CA LYS C 3452 104.56 30.30 -21.26
C LYS C 3452 105.26 29.66 -20.08
N ARG C 3453 105.24 28.32 -20.00
CA ARG C 3453 105.77 27.62 -18.84
C ARG C 3453 107.27 27.87 -18.71
N GLU C 3454 108.01 27.76 -19.81
CA GLU C 3454 109.42 28.15 -19.72
C GLU C 3454 109.60 29.66 -19.62
N GLU C 3455 108.58 30.48 -19.89
CA GLU C 3455 108.74 31.91 -19.66
C GLU C 3455 108.80 32.20 -18.15
N GLN C 3456 107.89 31.59 -17.38
CA GLN C 3456 108.09 31.77 -15.93
C GLN C 3456 109.23 30.90 -15.39
N ASN C 3457 109.56 29.77 -16.03
CA ASN C 3457 110.72 29.02 -15.61
C ASN C 3457 112.01 29.81 -15.79
N PHE C 3458 112.09 30.60 -16.86
CA PHE C 3458 113.18 31.57 -17.03
C PHE C 3458 113.15 32.61 -15.93
N VAL C 3459 111.96 33.08 -15.56
CA VAL C 3459 111.84 34.11 -14.52
C VAL C 3459 112.34 33.56 -13.18
N VAL C 3460 111.89 32.36 -12.81
CA VAL C 3460 112.26 31.80 -11.51
C VAL C 3460 113.73 31.36 -11.49
N GLN C 3461 114.27 30.90 -12.62
CA GLN C 3461 115.65 30.44 -12.66
C GLN C 3461 116.65 31.56 -12.95
N ASN C 3462 116.19 32.79 -13.17
CA ASN C 3462 117.12 33.89 -13.39
C ASN C 3462 116.84 35.13 -12.56
N GLU C 3463 115.76 35.13 -11.75
CA GLU C 3463 115.41 36.21 -10.82
C GLU C 3463 115.28 37.56 -11.53
N ILE C 3464 114.65 37.54 -12.70
CA ILE C 3464 114.44 38.76 -13.45
C ILE C 3464 113.41 39.63 -12.73
N ASN C 3465 113.72 40.92 -12.60
CA ASN C 3465 112.84 41.87 -11.91
C ASN C 3465 111.49 41.98 -12.60
N ASN C 3466 111.50 42.48 -13.85
CA ASN C 3466 110.39 42.66 -14.79
C ASN C 3466 109.44 43.81 -14.41
N MET C 3467 109.64 44.44 -13.25
CA MET C 3467 109.04 45.73 -12.99
C MET C 3467 110.04 46.87 -13.10
N SER C 3468 111.34 46.58 -13.01
CA SER C 3468 112.35 47.60 -13.27
C SER C 3468 112.35 48.03 -14.72
N PHE C 3469 111.88 47.15 -15.62
CA PHE C 3469 111.75 47.51 -17.03
C PHE C 3469 110.71 48.61 -17.21
N LEU C 3470 109.58 48.48 -16.52
CA LEU C 3470 108.53 49.49 -16.60
C LEU C 3470 108.92 50.77 -15.86
N THR C 3471 109.58 50.63 -14.70
CA THR C 3471 109.96 51.80 -13.92
C THR C 3471 111.26 52.46 -14.39
N ALA C 3472 111.91 51.92 -15.42
CA ALA C 3472 113.16 52.52 -15.91
C ALA C 3472 112.98 53.94 -16.42
N ASP C 3473 111.90 54.20 -17.18
CA ASP C 3473 111.62 55.55 -17.63
C ASP C 3473 111.19 56.46 -16.49
N SER C 3474 110.46 55.92 -15.51
CA SER C 3474 110.05 56.74 -14.36
C SER C 3474 111.27 57.13 -13.53
N LYS C 3475 112.22 56.20 -13.33
CA LYS C 3475 113.46 56.52 -12.63
C LYS C 3475 114.32 57.47 -13.45
N SER C 3476 114.23 57.40 -14.78
CA SER C 3476 114.85 58.41 -15.64
C SER C 3476 114.22 59.77 -15.41
N LYS C 3477 112.90 59.79 -15.12
CA LYS C 3477 112.19 61.00 -14.71
C LYS C 3477 112.28 61.23 -13.20
N MET C 3478 113.22 60.57 -12.53
CA MET C 3478 113.50 60.68 -11.09
C MET C 3478 112.29 60.34 -10.22
N ALA C 3479 111.90 59.07 -10.30
CA ALA C 3479 110.79 58.56 -9.50
C ALA C 3479 111.15 58.54 -8.02
N ARG C 3498 107.32 40.75 -2.75
CA ARG C 3498 106.06 40.64 -2.03
C ARG C 3498 105.14 39.61 -2.70
N ARG C 3499 103.96 40.07 -3.13
CA ARG C 3499 102.98 39.18 -3.73
C ARG C 3499 103.35 38.86 -5.18
N GLY C 3500 103.41 39.88 -6.03
CA GLY C 3500 103.73 39.68 -7.43
C GLY C 3500 105.18 39.97 -7.75
N ASP C 3501 106.07 39.56 -6.84
CA ASP C 3501 107.49 39.83 -6.97
C ASP C 3501 108.09 39.10 -8.18
N ARG C 3502 107.75 37.83 -8.35
CA ARG C 3502 108.42 37.02 -9.36
C ARG C 3502 107.85 37.24 -10.75
N TYR C 3503 106.57 36.87 -10.95
CA TYR C 3503 105.98 36.91 -12.28
C TYR C 3503 104.47 36.72 -12.16
N SER C 3504 103.74 37.42 -13.02
CA SER C 3504 102.33 37.20 -13.24
C SER C 3504 102.08 37.28 -14.74
N VAL C 3505 100.92 36.77 -15.16
CA VAL C 3505 100.58 36.68 -16.58
C VAL C 3505 100.51 38.07 -17.22
N GLN C 3506 99.90 39.04 -16.52
CA GLN C 3506 99.78 40.39 -17.03
C GLN C 3506 101.10 41.16 -17.06
N THR C 3507 102.15 40.65 -16.41
CA THR C 3507 103.46 41.29 -16.42
C THR C 3507 104.40 40.70 -17.46
N SER C 3508 103.88 39.87 -18.37
CA SER C 3508 104.70 39.31 -19.44
C SER C 3508 105.20 40.41 -20.37
N LEU C 3509 106.45 40.26 -20.82
CA LEU C 3509 107.02 41.27 -21.70
C LEU C 3509 106.42 41.24 -23.09
N ILE C 3510 105.93 40.08 -23.53
CA ILE C 3510 105.29 39.99 -24.84
C ILE C 3510 104.00 40.80 -24.87
N VAL C 3511 103.12 40.58 -23.88
CA VAL C 3511 101.89 41.34 -23.82
C VAL C 3511 102.16 42.81 -23.51
N ALA C 3512 103.20 43.12 -22.72
CA ALA C 3512 103.54 44.53 -22.45
C ALA C 3512 104.03 45.23 -23.72
N THR C 3513 104.82 44.50 -24.53
CA THR C 3513 105.35 45.03 -25.78
C THR C 3513 104.23 45.33 -26.76
N LEU C 3514 103.27 44.40 -26.87
CA LEU C 3514 102.17 44.67 -27.78
C LEU C 3514 101.28 45.80 -27.27
N LYS C 3515 100.89 45.76 -25.97
CA LYS C 3515 99.90 46.71 -25.45
C LYS C 3515 100.40 48.15 -25.53
N LYS C 3516 101.70 48.36 -25.33
CA LYS C 3516 102.24 49.72 -25.42
C LYS C 3516 102.16 50.25 -26.85
N MET C 3517 102.43 49.40 -27.83
CA MET C 3517 102.53 49.84 -29.22
C MET C 3517 101.20 49.72 -29.98
N LEU C 3518 100.16 49.14 -29.34
CA LEU C 3518 98.82 49.03 -29.94
C LEU C 3518 98.20 50.27 -30.57
N PRO C 3519 98.40 51.52 -30.08
CA PRO C 3519 97.87 52.67 -30.82
C PRO C 3519 98.31 52.77 -32.28
N ILE C 3520 99.51 52.31 -32.64
CA ILE C 3520 99.94 52.30 -34.05
C ILE C 3520 99.05 51.40 -34.88
N GLY C 3521 98.79 50.18 -34.39
CA GLY C 3521 97.90 49.26 -35.07
C GLY C 3521 96.46 49.77 -35.16
N LEU C 3522 95.97 50.36 -34.06
CA LEU C 3522 94.64 50.96 -34.08
C LEU C 3522 94.59 52.13 -35.05
N ASN C 3523 95.65 52.94 -35.08
CA ASN C 3523 95.75 54.09 -35.97
C ASN C 3523 95.72 53.69 -37.44
N MET C 3524 96.27 52.51 -37.75
CA MET C 3524 96.33 52.08 -39.15
C MET C 3524 94.93 51.84 -39.71
N CYS C 3525 94.10 51.12 -38.97
CA CYS C 3525 92.76 50.79 -39.44
C CYS C 3525 91.82 52.00 -39.35
N ALA C 3526 90.87 52.04 -40.29
CA ALA C 3526 89.89 53.12 -40.30
C ALA C 3526 88.82 52.88 -39.22
N PRO C 3527 88.24 53.97 -38.68
CA PRO C 3527 87.15 53.79 -37.69
C PRO C 3527 85.91 53.08 -38.21
N THR C 3528 85.62 53.13 -39.51
CA THR C 3528 84.46 52.45 -40.08
C THR C 3528 84.51 50.94 -39.96
N ASP C 3529 85.69 50.38 -39.78
CA ASP C 3529 85.93 48.94 -39.77
C ASP C 3529 85.60 48.28 -38.45
N GLN C 3530 85.03 49.00 -37.48
CA GLN C 3530 84.68 48.45 -36.17
C GLN C 3530 83.72 47.26 -36.26
N ASP C 3531 82.77 47.31 -37.19
CA ASP C 3531 81.92 46.14 -37.45
C ASP C 3531 82.76 44.96 -37.95
N LEU C 3532 83.70 45.22 -38.87
CA LEU C 3532 84.58 44.17 -39.36
C LEU C 3532 85.48 43.63 -38.26
N ILE C 3533 85.80 44.50 -37.29
CA ILE C 3533 86.56 44.10 -36.11
C ILE C 3533 85.77 43.09 -35.33
N MET C 3534 84.57 43.48 -34.90
CA MET C 3534 83.77 42.65 -33.98
C MET C 3534 83.41 41.30 -34.59
N LEU C 3535 83.05 41.29 -35.90
CA LEU C 3535 82.80 40.01 -36.55
C LEU C 3535 84.07 39.16 -36.65
N ALA C 3536 85.24 39.80 -36.81
CA ALA C 3536 86.47 39.02 -36.82
C ALA C 3536 86.78 38.44 -35.44
N LYS C 3537 86.46 39.19 -34.36
CA LYS C 3537 86.66 38.67 -33.00
C LYS C 3537 85.76 37.46 -32.76
N THR C 3538 84.52 37.55 -33.24
CA THR C 3538 83.56 36.47 -33.00
C THR C 3538 83.99 35.21 -33.75
N ARG C 3539 84.36 35.33 -35.03
CA ARG C 3539 84.77 34.12 -35.73
C ARG C 3539 86.14 33.59 -35.27
N TYR C 3540 86.98 34.45 -34.68
CA TYR C 3540 88.14 33.96 -33.95
C TYR C 3540 87.72 33.12 -32.76
N ALA C 3541 86.71 33.57 -32.01
CA ALA C 3541 86.18 32.72 -30.95
C ALA C 3541 85.50 31.46 -31.51
N LEU C 3542 85.08 31.50 -32.77
CA LEU C 3542 84.58 30.34 -33.51
C LEU C 3542 85.71 29.45 -34.03
N LYS C 3543 86.96 29.83 -33.75
CA LYS C 3543 88.19 29.08 -34.09
C LYS C 3543 88.40 28.92 -35.59
N ASP C 3544 88.51 30.05 -36.29
CA ASP C 3544 88.71 30.03 -37.73
C ASP C 3544 90.15 30.44 -38.04
N THR C 3545 90.68 29.93 -39.14
CA THR C 3545 92.06 30.18 -39.52
C THR C 3545 92.18 31.52 -40.23
N ASP C 3546 93.44 31.92 -40.49
CA ASP C 3546 93.73 33.22 -41.09
C ASP C 3546 93.20 33.32 -42.52
N GLU C 3547 93.34 32.24 -43.31
CA GLU C 3547 92.83 32.28 -44.68
C GLU C 3547 91.31 32.35 -44.69
N GLU C 3548 90.66 31.60 -43.79
CA GLU C 3548 89.21 31.60 -43.69
C GLU C 3548 88.68 32.97 -43.26
N VAL C 3549 89.38 33.63 -42.33
CA VAL C 3549 88.85 34.92 -41.88
C VAL C 3549 89.12 35.98 -42.94
N ARG C 3550 90.23 35.84 -43.71
CA ARG C 3550 90.50 36.80 -44.78
C ARG C 3550 89.46 36.69 -45.88
N GLU C 3551 89.11 35.45 -46.27
CA GLU C 3551 88.11 35.29 -47.33
C GLU C 3551 86.73 35.73 -46.84
N PHE C 3552 86.40 35.47 -45.56
CA PHE C 3552 85.16 35.98 -45.00
C PHE C 3552 85.10 37.51 -45.02
N LEU C 3553 86.22 38.17 -44.73
CA LEU C 3553 86.27 39.64 -44.84
C LEU C 3553 86.07 40.09 -46.28
N GLN C 3554 86.65 39.36 -47.24
CA GLN C 3554 86.40 39.65 -48.66
C GLN C 3554 84.93 39.48 -49.02
N ASN C 3555 84.28 38.43 -48.51
CA ASN C 3555 82.86 38.26 -48.78
C ASN C 3555 82.00 39.23 -47.97
N ASN C 3556 82.55 39.88 -46.97
CA ASN C 3556 81.82 40.83 -46.14
C ASN C 3556 82.53 42.18 -46.12
N LEU C 3557 82.97 42.63 -47.31
CA LEU C 3557 83.64 43.92 -47.44
C LEU C 3557 82.70 45.08 -47.15
N HIS C 3558 81.46 45.00 -47.63
CA HIS C 3558 80.50 46.10 -47.55
C HIS C 3558 80.01 46.40 -46.13
N LEU C 3559 80.26 45.51 -45.16
CA LEU C 3559 79.80 45.77 -43.78
C LEU C 3559 80.62 46.86 -43.05
N GLN C 3560 81.51 47.61 -43.69
CA GLN C 3560 82.16 48.74 -43.04
C GLN C 3560 81.14 49.81 -42.67
N GLY C 3561 81.43 50.51 -41.56
CA GLY C 3561 80.47 51.45 -41.00
C GLY C 3561 80.15 52.60 -41.92
N LYS C 3562 78.90 53.06 -41.85
CA LYS C 3562 78.45 54.22 -42.61
C LYS C 3562 78.77 55.47 -41.80
N VAL C 3563 79.51 56.40 -42.42
CA VAL C 3563 80.06 57.56 -41.71
C VAL C 3563 78.95 58.47 -41.15
N GLU C 3564 77.87 58.69 -41.90
CA GLU C 3564 76.77 59.46 -41.34
C GLU C 3564 75.81 58.60 -40.52
N GLY C 3565 76.02 57.28 -40.48
CA GLY C 3565 75.19 56.43 -39.64
C GLY C 3565 75.51 56.50 -38.17
N SER C 3566 76.65 57.09 -37.80
CA SER C 3566 77.03 57.30 -36.42
C SER C 3566 77.53 58.72 -36.25
N PRO C 3567 77.13 59.40 -35.16
CA PRO C 3567 77.62 60.78 -34.92
C PRO C 3567 79.13 60.91 -34.80
N SER C 3568 79.81 59.88 -34.28
CA SER C 3568 81.24 60.00 -34.02
C SER C 3568 82.06 59.99 -35.30
N LEU C 3569 81.58 59.29 -36.34
CA LEU C 3569 82.40 58.97 -37.49
C LEU C 3569 82.79 60.19 -38.29
N ARG C 3570 81.92 61.21 -38.37
CA ARG C 3570 82.21 62.41 -39.15
C ARG C 3570 83.46 63.13 -38.64
N TRP C 3571 83.51 63.41 -37.33
CA TRP C 3571 84.70 64.09 -36.82
C TRP C 3571 85.88 63.14 -36.71
N GLN C 3572 85.62 61.84 -36.48
CA GLN C 3572 86.72 60.88 -36.46
C GLN C 3572 87.42 60.82 -37.81
N MET C 3573 86.65 60.77 -38.91
CA MET C 3573 87.23 60.89 -40.24
C MET C 3573 87.85 62.26 -40.49
N ALA C 3574 87.30 63.32 -39.90
CA ALA C 3574 87.91 64.65 -40.05
C ALA C 3574 89.31 64.71 -39.45
N LEU C 3575 89.50 64.14 -38.26
CA LEU C 3575 90.83 64.06 -37.69
C LEU C 3575 91.69 62.98 -38.34
N TYR C 3576 91.08 61.88 -38.76
CA TYR C 3576 91.79 60.80 -39.45
C TYR C 3576 92.38 61.30 -40.76
N ARG C 3577 91.58 61.95 -41.60
CA ARG C 3577 92.06 62.54 -42.83
C ARG C 3577 92.82 63.84 -42.61
N GLY C 3578 92.81 64.40 -41.41
CA GLY C 3578 93.51 65.65 -41.15
C GLY C 3578 95.02 65.54 -41.23
N LEU C 3579 95.56 64.34 -41.04
CA LEU C 3579 97.00 64.11 -41.10
C LEU C 3579 97.44 63.94 -42.56
N PRO C 3580 98.43 64.73 -43.02
CA PRO C 3580 98.94 64.57 -44.39
C PRO C 3580 99.48 63.17 -44.73
N GLY C 3581 99.89 62.38 -43.74
CA GLY C 3581 100.42 61.05 -43.99
C GLY C 3581 99.39 60.04 -44.47
N ARG C 3582 98.11 60.40 -44.49
CA ARG C 3582 97.07 59.54 -45.00
C ARG C 3582 96.96 59.63 -46.51
N GLU C 3583 96.61 58.50 -47.13
CA GLU C 3583 96.42 58.41 -48.57
C GLU C 3583 95.04 57.84 -48.84
N GLU C 3584 94.26 58.55 -49.67
CA GLU C 3584 92.91 58.12 -49.98
C GLU C 3584 92.90 56.84 -50.81
N ASP C 3585 93.91 56.64 -51.66
CA ASP C 3585 93.98 55.49 -52.56
C ASP C 3585 94.69 54.31 -51.92
N ALA C 3586 95.17 54.44 -50.69
CA ALA C 3586 95.84 53.35 -49.99
C ALA C 3586 94.86 52.41 -49.29
N ASP C 3587 93.56 52.68 -49.37
CA ASP C 3587 92.56 51.84 -48.71
C ASP C 3587 92.07 50.75 -49.66
N ASP C 3588 93.03 49.95 -50.12
CA ASP C 3588 92.72 48.80 -50.97
C ASP C 3588 91.96 47.76 -50.15
N PRO C 3589 91.00 47.06 -50.75
CA PRO C 3589 90.25 46.04 -49.98
C PRO C 3589 91.11 44.93 -49.40
N GLU C 3590 92.14 44.49 -50.13
CA GLU C 3590 93.03 43.46 -49.59
C GLU C 3590 93.89 44.01 -48.46
N LYS C 3591 94.30 45.29 -48.54
CA LYS C 3591 95.11 45.86 -47.48
C LYS C 3591 94.28 46.11 -46.23
N ILE C 3592 93.03 46.59 -46.41
CA ILE C 3592 92.20 46.89 -45.27
C ILE C 3592 91.79 45.60 -44.56
N VAL C 3593 91.51 44.52 -45.32
CA VAL C 3593 91.19 43.26 -44.63
C VAL C 3593 92.43 42.68 -43.98
N ARG C 3594 93.62 42.93 -44.54
CA ARG C 3594 94.85 42.47 -43.92
C ARG C 3594 95.08 43.15 -42.57
N ARG C 3595 94.99 44.49 -42.54
CA ARG C 3595 95.19 45.22 -41.28
C ARG C 3595 94.11 44.90 -40.26
N VAL C 3596 92.83 44.79 -40.69
CA VAL C 3596 91.76 44.43 -39.77
C VAL C 3596 91.96 43.03 -39.19
N GLN C 3597 92.35 42.06 -40.04
CA GLN C 3597 92.65 40.72 -39.58
C GLN C 3597 93.81 40.69 -38.60
N GLU C 3598 94.84 41.51 -38.84
CA GLU C 3598 96.00 41.54 -37.94
C GLU C 3598 95.65 42.16 -36.59
N VAL C 3599 94.96 43.31 -36.59
CA VAL C 3599 94.61 43.95 -35.32
C VAL C 3599 93.61 43.08 -34.54
N SER C 3600 92.69 42.41 -35.24
CA SER C 3600 91.74 41.56 -34.55
C SER C 3600 92.42 40.33 -33.99
N ALA C 3601 93.39 39.76 -34.73
CA ALA C 3601 94.16 38.63 -34.23
C ALA C 3601 94.99 39.01 -33.02
N VAL C 3602 95.41 40.27 -32.94
CA VAL C 3602 96.14 40.73 -31.76
C VAL C 3602 95.19 40.87 -30.58
N LEU C 3603 94.10 41.63 -30.78
CA LEU C 3603 93.21 41.97 -29.67
C LEU C 3603 92.41 40.78 -29.14
N TYR C 3604 91.97 39.87 -30.01
CA TYR C 3604 91.21 38.71 -29.55
C TYR C 3604 92.05 37.83 -28.63
N HIS C 3605 93.28 37.54 -29.03
CA HIS C 3605 94.14 36.74 -28.18
C HIS C 3605 94.61 37.55 -26.98
N LEU C 3606 94.61 38.88 -27.09
CA LEU C 3606 94.96 39.72 -25.96
C LEU C 3606 93.87 39.65 -24.88
N GLU C 3607 92.61 39.77 -25.29
CA GLU C 3607 91.55 39.65 -24.30
C GLU C 3607 91.41 38.23 -23.78
N GLN C 3608 91.83 37.21 -24.55
CA GLN C 3608 91.93 35.86 -24.00
C GLN C 3608 93.05 35.74 -22.96
N THR C 3609 94.09 36.57 -23.06
CA THR C 3609 95.14 36.49 -22.05
C THR C 3609 94.79 37.30 -20.81
N GLU C 3610 94.36 38.54 -20.97
CA GLU C 3610 93.94 39.37 -19.83
C GLU C 3610 92.68 38.85 -19.15
N HIS C 3611 91.89 37.99 -19.81
CA HIS C 3611 90.76 37.31 -19.18
C HIS C 3611 90.97 35.82 -19.39
N PRO C 3612 91.61 35.13 -18.43
CA PRO C 3612 91.70 33.66 -18.51
C PRO C 3612 90.48 32.97 -17.96
N TYR C 3613 89.97 33.43 -16.79
CA TYR C 3613 88.73 32.96 -16.14
C TYR C 3613 88.67 31.46 -15.92
N LYS C 3614 89.78 30.87 -15.46
CA LYS C 3614 89.83 29.45 -15.16
C LYS C 3614 89.35 29.11 -13.75
N SER C 3615 89.06 30.13 -12.94
CA SER C 3615 88.69 29.94 -11.54
C SER C 3615 87.32 29.29 -11.45
N LYS C 3616 87.12 28.52 -10.34
CA LYS C 3616 85.93 27.79 -9.83
C LYS C 3616 86.08 26.29 -10.03
N LYS C 3617 87.20 25.70 -9.61
CA LYS C 3617 87.52 24.30 -9.89
C LYS C 3617 88.27 23.68 -8.72
N ALA C 3618 89.28 24.37 -8.17
CA ALA C 3618 89.97 23.87 -6.98
C ALA C 3618 89.41 24.65 -5.78
N VAL C 3619 88.29 24.16 -5.27
CA VAL C 3619 87.53 24.83 -4.22
C VAL C 3619 87.66 24.05 -2.92
N TRP C 3620 87.73 24.79 -1.81
CA TRP C 3620 87.73 24.24 -0.46
C TRP C 3620 86.50 23.35 -0.22
N HIS C 3621 86.75 22.09 0.15
CA HIS C 3621 85.68 21.11 0.30
C HIS C 3621 85.66 20.39 1.64
N LYS C 3622 86.76 20.43 2.41
CA LYS C 3622 86.96 19.79 3.73
C LYS C 3622 86.43 18.34 3.77
N LEU C 3623 86.97 17.54 2.85
CA LEU C 3623 86.58 16.13 2.70
C LEU C 3623 86.83 15.33 3.98
N LEU C 3624 88.05 15.40 4.52
CA LEU C 3624 88.36 14.76 5.78
C LEU C 3624 89.26 15.58 6.69
N SER C 3625 89.45 16.88 6.40
CA SER C 3625 90.37 17.69 7.19
C SER C 3625 89.84 17.94 8.60
N LYS C 3626 88.58 18.36 8.72
CA LYS C 3626 88.02 18.66 10.03
C LYS C 3626 87.57 17.42 10.79
N GLN C 3627 87.56 16.25 10.16
CA GLN C 3627 87.11 15.04 10.83
C GLN C 3627 88.17 13.95 10.96
N ARG C 3628 89.15 13.87 10.04
CA ARG C 3628 90.05 12.73 10.06
C ARG C 3628 91.50 13.12 9.79
N ARG C 3629 91.93 14.31 10.23
CA ARG C 3629 93.34 14.68 10.10
C ARG C 3629 94.21 13.86 11.05
N ARG C 3630 93.68 13.55 12.23
CA ARG C 3630 94.43 12.81 13.23
C ARG C 3630 94.77 11.41 12.75
N ALA C 3631 93.82 10.75 12.08
CA ALA C 3631 94.03 9.37 11.64
C ALA C 3631 95.12 9.29 10.58
N VAL C 3632 95.08 10.19 9.59
CA VAL C 3632 96.05 10.14 8.50
C VAL C 3632 97.45 10.54 9.00
N VAL C 3633 97.53 11.57 9.87
CA VAL C 3633 98.84 11.98 10.39
C VAL C 3633 99.40 10.89 11.30
N ALA C 3634 98.56 10.30 12.17
CA ALA C 3634 99.03 9.22 13.02
C ALA C 3634 99.45 8.02 12.20
N CYS C 3635 98.74 7.73 11.09
CA CYS C 3635 99.15 6.66 10.17
C CYS C 3635 100.51 6.94 9.54
N PHE C 3636 100.81 8.21 9.29
CA PHE C 3636 102.14 8.57 8.79
C PHE C 3636 103.19 8.64 9.89
N ARG C 3637 102.79 8.52 11.15
CA ARG C 3637 103.71 8.63 12.27
C ARG C 3637 103.74 7.41 13.19
N MET C 3638 102.98 6.37 12.91
CA MET C 3638 102.89 5.22 13.81
C MET C 3638 103.90 4.15 13.43
N THR C 3639 103.91 3.06 14.21
CA THR C 3639 104.89 1.98 14.19
C THR C 3639 104.37 0.77 13.43
N PRO C 3640 105.23 0.03 12.70
CA PRO C 3640 104.74 -1.16 12.00
C PRO C 3640 104.45 -2.33 12.91
N LEU C 3641 104.08 -3.46 12.29
CA LEU C 3641 103.56 -4.61 13.02
C LEU C 3641 104.59 -5.23 13.96
N TYR C 3642 105.84 -5.38 13.50
CA TYR C 3642 106.82 -6.19 14.22
C TYR C 3642 107.21 -5.62 15.57
N ASN C 3643 106.91 -4.34 15.84
CA ASN C 3643 107.22 -3.73 17.12
C ASN C 3643 106.09 -3.89 18.13
N LEU C 3644 104.95 -4.42 17.72
CA LEU C 3644 103.85 -4.66 18.64
C LEU C 3644 104.20 -5.82 19.59
N PRO C 3645 103.71 -5.77 20.83
CA PRO C 3645 103.95 -6.88 21.77
C PRO C 3645 103.35 -8.19 21.26
N THR C 3646 104.04 -9.28 21.56
CA THR C 3646 103.64 -10.59 21.07
C THR C 3646 102.27 -11.03 21.58
N HIS C 3647 101.99 -10.81 22.88
CA HIS C 3647 100.70 -11.20 23.44
C HIS C 3647 99.55 -10.39 22.84
N ARG C 3648 99.76 -9.09 22.62
CA ARG C 3648 98.76 -8.28 21.93
C ARG C 3648 98.58 -8.74 20.50
N ALA C 3649 99.69 -9.00 19.81
CA ALA C 3649 99.66 -9.41 18.41
C ALA C 3649 98.93 -10.73 18.24
N CYS C 3650 99.17 -11.68 19.16
CA CYS C 3650 98.46 -12.94 19.14
C CYS C 3650 96.96 -12.75 19.39
N ASN C 3651 96.60 -11.83 20.30
CA ASN C 3651 95.17 -11.53 20.50
C ASN C 3651 94.51 -10.97 19.24
N MET C 3652 95.20 -10.05 18.56
CA MET C 3652 94.70 -9.52 17.29
C MET C 3652 94.61 -10.62 16.24
N PHE C 3653 95.61 -11.51 16.20
CA PHE C 3653 95.65 -12.57 15.21
C PHE C 3653 94.49 -13.54 15.41
N LEU C 3654 94.23 -13.93 16.66
CA LEU C 3654 93.16 -14.89 16.92
C LEU C 3654 91.80 -14.27 16.61
N GLU C 3655 91.64 -12.97 16.93
CA GLU C 3655 90.40 -12.28 16.61
C GLU C 3655 90.20 -12.18 15.10
N SER C 3656 91.27 -11.92 14.34
CA SER C 3656 91.16 -11.90 12.89
C SER C 3656 90.89 -13.29 12.34
N TYR C 3657 91.54 -14.29 12.94
CA TYR C 3657 91.51 -15.67 12.45
C TYR C 3657 90.11 -16.26 12.55
N LYS C 3658 89.41 -16.02 13.66
CA LYS C 3658 88.09 -16.63 13.83
C LYS C 3658 87.12 -16.11 12.79
N ALA C 3659 87.13 -14.79 12.56
CA ALA C 3659 86.25 -14.16 11.60
C ALA C 3659 86.61 -14.53 10.17
N ALA C 3660 87.89 -14.73 9.89
CA ALA C 3660 88.31 -14.98 8.52
C ALA C 3660 88.36 -16.46 8.16
N TRP C 3661 88.36 -17.35 9.13
CA TRP C 3661 88.48 -18.76 8.78
C TRP C 3661 87.39 -19.63 9.37
N ILE C 3662 86.99 -19.39 10.60
CA ILE C 3662 86.10 -20.34 11.27
C ILE C 3662 84.64 -19.97 11.05
N LEU C 3663 84.32 -18.68 11.15
CA LEU C 3663 82.99 -18.23 10.78
C LEU C 3663 82.73 -18.49 9.30
N THR C 3664 83.72 -18.22 8.45
CA THR C 3664 83.61 -18.52 7.03
C THR C 3664 83.58 -20.03 6.73
N GLU C 3665 84.06 -20.86 7.66
CA GLU C 3665 84.07 -22.30 7.43
C GLU C 3665 82.65 -22.86 7.36
N ASP C 3666 82.45 -23.80 6.43
CA ASP C 3666 81.15 -24.41 6.18
C ASP C 3666 81.25 -25.90 6.50
N HIS C 3667 80.18 -26.42 7.11
CA HIS C 3667 80.09 -27.84 7.44
C HIS C 3667 78.63 -28.20 7.67
N SER C 3668 78.15 -29.21 6.94
CA SER C 3668 76.77 -29.67 7.04
C SER C 3668 76.72 -31.00 7.78
N PHE C 3669 76.01 -31.01 8.91
CA PHE C 3669 75.87 -32.21 9.72
C PHE C 3669 74.44 -32.44 10.19
N GLU C 3670 73.54 -31.49 9.93
CA GLU C 3670 72.17 -31.57 10.44
C GLU C 3670 71.37 -32.71 9.82
N ASP C 3671 71.73 -33.12 8.60
CA ASP C 3671 71.05 -34.25 7.97
C ASP C 3671 71.34 -35.54 8.73
N ARG C 3672 72.60 -35.78 9.07
CA ARG C 3672 72.91 -36.96 9.86
C ARG C 3672 72.63 -36.75 11.34
N MET C 3673 72.36 -35.50 11.76
CA MET C 3673 71.73 -35.29 13.06
C MET C 3673 70.36 -35.93 13.08
N ILE C 3674 69.46 -35.41 12.26
CA ILE C 3674 68.07 -35.82 12.37
C ILE C 3674 67.81 -37.21 11.82
N ASP C 3675 68.65 -37.74 10.93
CA ASP C 3675 68.49 -39.13 10.51
C ASP C 3675 68.70 -40.10 11.68
N ASP C 3676 69.74 -39.84 12.47
CA ASP C 3676 70.02 -40.66 13.65
C ASP C 3676 68.99 -40.43 14.74
N LEU C 3677 68.59 -39.18 14.95
CA LEU C 3677 67.60 -38.90 15.98
C LEU C 3677 66.25 -39.51 15.62
N SER C 3678 65.84 -39.37 14.36
CA SER C 3678 64.54 -39.85 13.90
C SER C 3678 64.50 -41.36 13.76
N LYS C 3679 65.64 -42.04 13.67
CA LYS C 3679 65.59 -43.50 13.58
C LYS C 3679 65.65 -44.11 14.96
N ALA C 3680 64.89 -45.18 15.15
CA ALA C 3680 64.83 -45.91 16.41
C ALA C 3680 65.48 -47.27 16.21
N GLY C 3681 66.36 -47.66 17.14
CA GLY C 3681 67.07 -48.92 17.04
C GLY C 3681 66.90 -49.75 18.30
N GLU C 3682 67.19 -51.04 18.14
CA GLU C 3682 67.17 -52.10 19.15
C GLU C 3682 65.79 -52.42 19.70
N GLN C 3683 64.72 -51.82 19.17
CA GLN C 3683 63.39 -52.27 19.54
C GLN C 3683 63.02 -53.58 18.85
N GLU C 3684 63.77 -53.96 17.81
CA GLU C 3684 63.56 -55.22 17.11
C GLU C 3684 63.84 -56.40 18.02
N GLU C 3685 64.89 -56.29 18.84
CA GLU C 3685 65.25 -57.37 19.75
C GLU C 3685 64.16 -57.61 20.79
N GLU C 3686 63.60 -56.53 21.36
CA GLU C 3686 62.51 -56.68 22.31
C GLU C 3686 61.22 -57.16 21.65
N GLU C 3687 60.96 -56.66 20.42
CA GLU C 3687 59.78 -56.95 19.58
C GLU C 3687 58.47 -56.93 20.39
N GLU C 3688 58.25 -55.79 21.03
CA GLU C 3688 57.13 -55.60 21.93
C GLU C 3688 55.82 -55.31 21.18
N GLU C 3689 54.73 -56.00 21.55
CA GLU C 3689 53.44 -55.88 20.89
C GLU C 3689 52.35 -55.23 21.74
N VAL C 3690 52.70 -54.52 22.82
CA VAL C 3690 51.69 -53.81 23.62
C VAL C 3690 50.99 -52.74 22.78
N GLU C 3691 51.76 -52.05 21.90
CA GLU C 3691 51.52 -50.74 21.19
C GLU C 3691 51.81 -49.48 22.00
N GLU C 3692 52.47 -49.57 23.17
CA GLU C 3692 52.93 -48.46 24.02
C GLU C 3692 53.51 -47.27 23.26
N LYS C 3693 54.19 -47.53 22.14
CA LYS C 3693 54.74 -46.51 21.23
C LYS C 3693 55.70 -45.55 21.94
N LYS C 3694 56.83 -46.12 22.36
CA LYS C 3694 57.89 -45.33 22.94
C LYS C 3694 58.43 -44.33 21.91
N PRO C 3695 58.73 -43.11 22.33
CA PRO C 3695 59.27 -42.11 21.39
C PRO C 3695 60.66 -42.45 20.87
N ASP C 3696 60.85 -42.19 19.59
CA ASP C 3696 62.15 -42.25 18.96
C ASP C 3696 62.96 -41.04 19.45
N PRO C 3697 64.31 -41.13 19.44
CA PRO C 3697 65.16 -40.08 20.08
C PRO C 3697 64.84 -38.64 19.70
N LEU C 3698 64.46 -38.40 18.45
CA LEU C 3698 64.00 -37.08 18.05
C LEU C 3698 62.70 -36.74 18.78
N HIS C 3699 61.80 -37.73 18.89
CA HIS C 3699 60.49 -37.46 19.50
C HIS C 3699 60.64 -37.16 20.99
N GLN C 3700 61.68 -37.70 21.65
CA GLN C 3700 61.90 -37.32 23.05
C GLN C 3700 62.23 -35.84 23.15
N LEU C 3701 63.05 -35.34 22.23
CA LEU C 3701 63.37 -33.91 22.15
C LEU C 3701 62.11 -33.10 22.00
N VAL C 3702 61.25 -33.50 21.07
CA VAL C 3702 60.00 -32.81 20.81
C VAL C 3702 59.13 -32.75 22.07
N LEU C 3703 59.00 -33.89 22.76
CA LEU C 3703 58.23 -33.91 24.01
C LEU C 3703 58.85 -33.02 25.09
N HIS C 3704 60.18 -33.05 25.23
CA HIS C 3704 60.86 -32.24 26.23
C HIS C 3704 60.64 -30.75 25.99
N PHE C 3705 60.82 -30.32 24.74
CA PHE C 3705 60.57 -28.92 24.40
C PHE C 3705 59.09 -28.58 24.54
N SER C 3706 58.19 -29.54 24.29
CA SER C 3706 56.78 -29.30 24.56
C SER C 3706 56.53 -29.06 26.04
N ARG C 3707 57.18 -29.84 26.90
CA ARG C 3707 57.01 -29.70 28.33
C ARG C 3707 57.51 -28.35 28.84
N THR C 3708 58.69 -27.93 28.36
CA THR C 3708 59.19 -26.63 28.77
C THR C 3708 58.50 -25.48 28.05
N ALA C 3709 57.84 -25.74 26.92
CA ALA C 3709 57.03 -24.71 26.29
C ALA C 3709 55.73 -24.51 27.05
N LEU C 3710 55.09 -25.59 27.46
CA LEU C 3710 53.78 -25.53 28.06
C LEU C 3710 53.82 -25.29 29.57
N THR C 3711 54.99 -25.37 30.20
CA THR C 3711 55.06 -25.02 31.61
C THR C 3711 54.80 -23.52 31.79
N GLU C 3712 54.17 -23.17 32.91
CA GLU C 3712 53.70 -21.81 33.15
C GLU C 3712 54.79 -21.00 33.83
N LYS C 3713 55.31 -20.01 33.12
CA LYS C 3713 56.31 -19.11 33.66
C LYS C 3713 56.05 -17.71 33.11
N SER C 3714 56.35 -16.70 33.94
CA SER C 3714 56.12 -15.31 33.55
C SER C 3714 57.00 -14.91 32.36
N LYS C 3715 58.26 -15.30 32.36
CA LYS C 3715 59.17 -14.98 31.28
C LYS C 3715 59.69 -16.28 30.67
N LEU C 3716 59.80 -16.29 29.34
CA LEU C 3716 60.31 -17.43 28.60
C LEU C 3716 61.83 -17.38 28.62
N ASP C 3717 62.42 -18.01 29.64
CA ASP C 3717 63.85 -17.92 29.92
C ASP C 3717 64.69 -18.51 28.78
N GLU C 3718 65.82 -17.85 28.50
CA GLU C 3718 66.63 -18.16 27.32
C GLU C 3718 67.29 -19.54 27.44
N ASP C 3719 67.19 -20.34 26.36
CA ASP C 3719 67.80 -21.67 26.25
C ASP C 3719 68.68 -21.74 25.01
N TYR C 3720 70.00 -21.65 25.22
CA TYR C 3720 70.95 -21.68 24.11
C TYR C 3720 70.92 -23.03 23.39
N LEU C 3721 70.62 -24.10 24.12
CA LEU C 3721 70.46 -25.39 23.46
C LEU C 3721 69.23 -25.38 22.57
N TYR C 3722 68.17 -24.69 22.99
CA TYR C 3722 67.00 -24.57 22.13
C TYR C 3722 67.33 -23.78 20.88
N MET C 3723 68.19 -22.76 21.01
CA MET C 3723 68.72 -22.08 19.82
C MET C 3723 69.43 -23.04 18.88
N ALA C 3724 70.31 -23.87 19.44
CA ALA C 3724 71.08 -24.82 18.64
C ALA C 3724 70.17 -25.84 17.97
N TYR C 3725 69.30 -26.47 18.76
CA TYR C 3725 68.44 -27.53 18.26
C TYR C 3725 67.42 -27.00 17.28
N ALA C 3726 66.79 -25.85 17.59
CA ALA C 3726 65.81 -25.27 16.68
C ALA C 3726 66.42 -24.87 15.34
N ASP C 3727 67.61 -24.24 15.34
CA ASP C 3727 68.30 -23.93 14.08
C ASP C 3727 68.68 -25.20 13.31
N ILE C 3728 69.21 -26.21 14.02
CA ILE C 3728 69.51 -27.51 13.44
C ILE C 3728 68.25 -28.15 12.86
N MET C 3729 67.15 -28.07 13.59
CA MET C 3729 65.89 -28.66 13.20
C MET C 3729 65.35 -27.96 11.96
N ALA C 3730 65.50 -26.64 11.92
CA ALA C 3730 64.88 -25.83 10.89
C ALA C 3730 65.61 -25.99 9.57
N LYS C 3731 66.88 -25.60 9.51
CA LYS C 3731 67.53 -25.53 8.20
C LYS C 3731 67.88 -26.90 7.61
N SER C 3732 67.73 -27.98 8.39
CA SER C 3732 67.89 -29.34 7.87
C SER C 3732 66.73 -29.80 6.99
N CYS C 3733 65.69 -29.00 6.80
CA CYS C 3733 64.52 -29.43 6.06
C CYS C 3733 64.54 -29.00 4.60
N HIS C 3734 64.70 -27.71 4.32
CA HIS C 3734 64.60 -27.21 2.95
C HIS C 3734 65.72 -27.75 2.07
N LEU C 3735 66.98 -27.65 2.52
CA LEU C 3735 68.18 -28.17 1.84
C LEU C 3735 68.27 -27.71 0.38
N GLU C 3736 67.93 -26.46 0.14
CA GLU C 3736 67.90 -25.92 -1.21
C GLU C 3736 68.23 -24.43 -1.22
N VAL C 3749 69.90 -25.83 -17.87
CA VAL C 3749 69.29 -25.26 -16.67
C VAL C 3749 67.79 -25.39 -16.74
N GLU C 3750 67.29 -26.07 -17.77
CA GLU C 3750 65.86 -26.29 -17.93
C GLU C 3750 65.50 -27.60 -17.24
N VAL C 3751 65.20 -27.48 -15.94
CA VAL C 3751 64.72 -28.62 -15.17
C VAL C 3751 63.27 -28.93 -15.55
N SER C 3752 63.01 -30.19 -15.86
CA SER C 3752 61.71 -30.61 -16.34
C SER C 3752 60.85 -31.09 -15.18
N PHE C 3753 59.54 -31.18 -15.45
CA PHE C 3753 58.56 -31.61 -14.44
C PHE C 3753 58.70 -33.07 -14.02
N GLU C 3754 59.47 -33.88 -14.75
CA GLU C 3754 59.69 -35.26 -14.33
C GLU C 3754 60.60 -35.30 -13.10
N GLU C 3755 61.70 -34.56 -13.13
CA GLU C 3755 62.66 -34.55 -12.02
C GLU C 3755 62.43 -33.40 -11.06
N LYS C 3756 61.62 -32.42 -11.43
CA LYS C 3756 61.23 -31.34 -10.52
C LYS C 3756 60.46 -31.88 -9.31
N GLU C 3757 59.64 -32.90 -9.52
CA GLU C 3757 58.79 -33.40 -8.46
C GLU C 3757 59.55 -34.17 -7.38
N MET C 3758 60.69 -34.79 -7.72
CA MET C 3758 61.35 -35.64 -6.73
C MET C 3758 61.96 -34.82 -5.59
N GLU C 3759 62.47 -33.63 -5.88
CA GLU C 3759 62.94 -32.75 -4.82
C GLU C 3759 61.79 -32.27 -3.94
N LYS C 3760 60.63 -32.02 -4.56
CA LYS C 3760 59.44 -31.65 -3.79
C LYS C 3760 59.01 -32.75 -2.84
N GLN C 3761 58.84 -33.98 -3.34
CA GLN C 3761 58.44 -35.07 -2.46
C GLN C 3761 59.55 -35.43 -1.47
N ARG C 3762 60.81 -35.12 -1.77
CA ARG C 3762 61.86 -35.24 -0.77
C ARG C 3762 61.71 -34.20 0.33
N LEU C 3763 61.37 -32.96 -0.03
CA LEU C 3763 61.10 -31.94 0.97
C LEU C 3763 59.91 -32.32 1.82
N LEU C 3764 58.85 -32.83 1.18
CA LEU C 3764 57.69 -33.36 1.91
C LEU C 3764 58.08 -34.50 2.82
N TYR C 3765 58.99 -35.37 2.37
CA TYR C 3765 59.48 -36.47 3.20
C TYR C 3765 60.20 -35.94 4.44
N GLN C 3766 61.05 -34.93 4.26
CA GLN C 3766 61.77 -34.33 5.38
C GLN C 3766 60.82 -33.65 6.37
N GLN C 3767 59.81 -32.95 5.86
CA GLN C 3767 58.79 -32.38 6.74
C GLN C 3767 57.96 -33.46 7.42
N SER C 3768 57.58 -34.50 6.67
CA SER C 3768 56.82 -35.63 7.21
C SER C 3768 57.58 -36.38 8.28
N ARG C 3769 58.92 -36.35 8.21
CA ARG C 3769 59.75 -36.90 9.26
C ARG C 3769 59.55 -36.15 10.59
N LEU C 3770 59.04 -34.93 10.55
CA LEU C 3770 58.94 -34.12 11.74
C LEU C 3770 57.51 -33.90 12.21
N HIS C 3771 56.62 -33.44 11.33
CA HIS C 3771 55.26 -33.12 11.73
C HIS C 3771 54.48 -34.33 12.23
N THR C 3772 54.85 -35.54 11.81
CA THR C 3772 54.26 -36.74 12.39
C THR C 3772 54.72 -36.99 13.83
N ARG C 3773 55.73 -36.26 14.29
CA ARG C 3773 56.32 -36.48 15.60
C ARG C 3773 56.04 -35.33 16.55
N GLY C 3774 54.97 -34.57 16.32
CA GLY C 3774 54.61 -33.47 17.19
C GLY C 3774 55.39 -32.19 16.99
N ALA C 3775 56.32 -32.15 16.03
CA ALA C 3775 57.11 -30.95 15.77
C ALA C 3775 56.24 -29.77 15.34
N ALA C 3776 55.07 -30.05 14.76
CA ALA C 3776 54.13 -29.00 14.38
C ALA C 3776 53.62 -28.22 15.60
N GLU C 3777 53.60 -28.86 16.76
CA GLU C 3777 53.07 -28.18 17.93
C GLU C 3777 54.07 -27.26 18.58
N MET C 3778 55.35 -27.39 18.20
CA MET C 3778 56.41 -26.57 18.77
C MET C 3778 56.19 -25.10 18.48
N VAL C 3779 55.85 -24.78 17.23
CA VAL C 3779 55.68 -23.39 16.86
C VAL C 3779 54.48 -22.78 17.58
N LEU C 3780 53.36 -23.49 17.64
CA LEU C 3780 52.15 -22.96 18.29
C LEU C 3780 52.38 -22.75 19.77
N GLN C 3781 53.01 -23.71 20.44
CA GLN C 3781 53.24 -23.59 21.87
C GLN C 3781 54.26 -22.50 22.18
N MET C 3782 55.34 -22.41 21.40
CA MET C 3782 56.35 -21.39 21.62
C MET C 3782 55.80 -19.98 21.37
N ILE C 3783 55.05 -19.80 20.28
CA ILE C 3783 54.44 -18.50 20.00
C ILE C 3783 53.42 -18.13 21.07
N SER C 3784 52.66 -19.11 21.57
CA SER C 3784 51.73 -18.83 22.66
C SER C 3784 52.47 -18.44 23.94
N ALA C 3785 53.61 -19.07 24.22
CA ALA C 3785 54.32 -18.81 25.45
C ALA C 3785 55.30 -17.64 25.38
N CYS C 3786 55.63 -17.15 24.19
CA CYS C 3786 56.57 -16.03 24.10
C CYS C 3786 55.96 -14.72 24.59
N LYS C 3787 54.64 -14.64 24.72
CA LYS C 3787 53.88 -13.55 25.31
C LYS C 3787 54.01 -12.22 24.55
N GLY C 3788 54.53 -12.24 23.32
CA GLY C 3788 54.52 -11.05 22.50
C GLY C 3788 55.72 -10.13 22.62
N GLU C 3789 56.88 -10.65 23.02
CA GLU C 3789 58.11 -9.87 23.06
C GLU C 3789 59.11 -10.44 22.05
N THR C 3790 59.64 -9.55 21.21
CA THR C 3790 60.59 -9.95 20.18
C THR C 3790 61.87 -10.48 20.82
N GLY C 3791 62.36 -11.59 20.28
CA GLY C 3791 63.55 -12.23 20.83
C GLY C 3791 64.09 -13.32 19.94
N ALA C 3792 65.14 -13.94 20.47
CA ALA C 3792 65.82 -15.03 19.79
C ALA C 3792 64.89 -16.21 19.58
N MET C 3793 64.07 -16.53 20.59
CA MET C 3793 63.18 -17.68 20.49
C MET C 3793 62.13 -17.50 19.42
N VAL C 3794 61.44 -16.36 19.44
CA VAL C 3794 60.39 -16.14 18.44
C VAL C 3794 60.99 -16.08 17.03
N SER C 3795 62.25 -15.61 16.91
CA SER C 3795 62.91 -15.66 15.60
C SER C 3795 63.24 -17.08 15.17
N SER C 3796 63.84 -17.87 16.06
CA SER C 3796 64.24 -19.24 15.70
C SER C 3796 63.02 -20.13 15.47
N THR C 3797 62.00 -19.98 16.31
CA THR C 3797 60.74 -20.69 16.16
C THR C 3797 60.06 -20.32 14.85
N LEU C 3798 60.09 -19.03 14.51
CA LEU C 3798 59.45 -18.56 13.29
C LEU C 3798 60.14 -19.16 12.07
N LYS C 3799 61.48 -19.18 12.09
CA LYS C 3799 62.24 -19.81 11.00
C LYS C 3799 61.95 -21.29 10.91
N LEU C 3800 61.75 -21.95 12.06
CA LEU C 3800 61.34 -23.36 12.06
C LEU C 3800 59.96 -23.54 11.44
N GLY C 3801 59.03 -22.65 11.77
CA GLY C 3801 57.69 -22.70 11.20
C GLY C 3801 57.70 -22.56 9.69
N ILE C 3802 58.53 -21.64 9.19
CA ILE C 3802 58.68 -21.48 7.74
C ILE C 3802 59.31 -22.73 7.14
N SER C 3803 60.30 -23.30 7.83
CA SER C 3803 61.01 -24.48 7.34
C SER C 3803 60.08 -25.67 7.20
N ILE C 3804 59.22 -25.89 8.20
CA ILE C 3804 58.29 -27.01 8.11
C ILE C 3804 57.09 -26.68 7.25
N LEU C 3805 56.84 -25.40 6.96
CA LEU C 3805 55.70 -25.01 6.16
C LEU C 3805 56.05 -24.66 4.73
N ASN C 3806 57.29 -24.94 4.29
CA ASN C 3806 57.68 -24.66 2.91
C ASN C 3806 56.81 -25.44 1.93
N GLY C 3807 56.39 -24.76 0.87
CA GLY C 3807 55.54 -25.34 -0.14
C GLY C 3807 54.09 -25.48 0.27
N GLY C 3808 53.69 -24.95 1.42
CA GLY C 3808 52.33 -25.04 1.90
C GLY C 3808 51.88 -26.46 2.21
N ASN C 3809 52.49 -27.07 3.22
CA ASN C 3809 52.12 -28.43 3.63
C ASN C 3809 50.71 -28.43 4.19
N ALA C 3810 49.78 -29.01 3.41
CA ALA C 3810 48.35 -29.00 3.75
C ALA C 3810 48.08 -29.75 5.04
N GLU C 3811 48.72 -30.90 5.22
CA GLU C 3811 48.50 -31.71 6.42
C GLU C 3811 49.00 -30.98 7.65
N VAL C 3812 50.13 -30.27 7.53
CA VAL C 3812 50.66 -29.48 8.62
C VAL C 3812 49.69 -28.37 8.99
N GLN C 3813 49.14 -27.69 7.97
CA GLN C 3813 48.11 -26.66 8.21
C GLN C 3813 46.89 -27.25 8.90
N GLN C 3814 46.52 -28.47 8.52
CA GLN C 3814 45.39 -29.15 9.15
C GLN C 3814 45.66 -29.41 10.63
N LYS C 3815 46.88 -29.87 10.95
CA LYS C 3815 47.25 -30.07 12.36
C LYS C 3815 47.23 -28.77 13.14
N MET C 3816 47.69 -27.67 12.50
CA MET C 3816 47.65 -26.34 13.11
C MET C 3816 46.22 -25.98 13.47
N LEU C 3817 45.31 -26.17 12.51
CA LEU C 3817 43.91 -25.76 12.67
C LEU C 3817 43.24 -26.59 13.75
N ASP C 3818 43.48 -27.90 13.74
CA ASP C 3818 42.87 -28.78 14.73
C ASP C 3818 43.35 -28.44 16.13
N TYR C 3819 44.65 -28.18 16.29
CA TYR C 3819 45.17 -27.85 17.62
C TYR C 3819 44.59 -26.54 18.13
N LEU C 3820 44.49 -25.52 17.25
CA LEU C 3820 43.90 -24.26 17.69
C LEU C 3820 42.43 -24.43 18.05
N LYS C 3821 41.71 -25.26 17.28
CA LYS C 3821 40.29 -25.45 17.51
C LYS C 3821 40.05 -26.19 18.81
N ASP C 3822 40.83 -27.22 19.12
CA ASP C 3822 40.50 -27.98 20.31
C ASP C 3822 41.22 -27.45 21.55
N LYS C 3823 42.05 -26.41 21.42
CA LYS C 3823 42.60 -25.79 22.61
C LYS C 3823 41.90 -24.50 23.00
N LYS C 3824 41.46 -23.69 22.02
CA LYS C 3824 40.64 -22.49 22.25
C LYS C 3824 41.29 -21.48 23.20
N GLU C 3825 42.57 -21.21 22.96
CA GLU C 3825 43.30 -20.24 23.76
C GLU C 3825 43.56 -18.96 22.97
N VAL C 3826 43.47 -17.82 23.66
CA VAL C 3826 43.55 -16.51 23.03
C VAL C 3826 44.98 -15.99 23.00
N GLY C 3827 45.87 -16.56 23.84
CA GLY C 3827 47.22 -16.05 24.01
C GLY C 3827 48.05 -16.09 22.74
N PHE C 3828 47.71 -17.01 21.82
CA PHE C 3828 48.41 -17.12 20.55
C PHE C 3828 48.24 -15.86 19.72
N PHE C 3829 46.99 -15.53 19.38
CA PHE C 3829 46.72 -14.34 18.60
C PHE C 3829 47.03 -13.07 19.36
N GLN C 3830 46.93 -13.10 20.70
CA GLN C 3830 47.38 -11.96 21.50
C GLN C 3830 48.87 -11.72 21.32
N SER C 3831 49.66 -12.79 21.35
CA SER C 3831 51.09 -12.71 21.12
C SER C 3831 51.39 -12.23 19.71
N ILE C 3832 50.66 -12.77 18.73
CA ILE C 3832 50.88 -12.41 17.33
C ILE C 3832 50.62 -10.92 17.11
N GLN C 3833 49.50 -10.43 17.64
CA GLN C 3833 49.16 -9.01 17.54
C GLN C 3833 50.20 -8.12 18.23
N ALA C 3834 50.65 -8.51 19.43
CA ALA C 3834 51.66 -7.70 20.11
C ALA C 3834 53.00 -7.72 19.37
N LEU C 3835 53.40 -8.90 18.87
CA LEU C 3835 54.67 -9.04 18.17
C LEU C 3835 54.68 -8.22 16.90
N MET C 3836 53.59 -8.25 16.14
CA MET C 3836 53.54 -7.48 14.92
C MET C 3836 53.45 -5.98 15.22
N GLN C 3837 52.74 -5.61 16.30
CA GLN C 3837 52.69 -4.20 16.69
C GLN C 3837 54.05 -3.68 17.16
N THR C 3838 54.96 -4.56 17.56
CA THR C 3838 56.30 -4.16 17.96
C THR C 3838 57.27 -4.10 16.79
N CYS C 3839 56.83 -4.43 15.58
CA CYS C 3839 57.69 -4.33 14.40
C CYS C 3839 57.98 -2.87 14.09
N SER C 3840 59.21 -2.62 13.66
CA SER C 3840 59.67 -1.25 13.44
C SER C 3840 59.42 -0.79 12.00
N VAL C 3841 59.34 0.52 11.83
CA VAL C 3841 59.23 1.15 10.52
C VAL C 3841 60.39 2.13 10.37
N LEU C 3842 60.47 2.78 9.21
CA LEU C 3842 61.54 3.74 8.93
C LEU C 3842 61.44 4.98 9.83
N ASP C 3843 62.60 5.45 10.30
CA ASP C 3843 62.66 6.63 11.16
C ASP C 3843 63.62 7.63 10.55
N LEU C 3844 63.12 8.85 10.35
CA LEU C 3844 63.96 9.90 9.77
C LEU C 3844 65.03 10.38 10.74
N ASN C 3845 64.65 10.57 12.01
CA ASN C 3845 65.59 11.07 13.01
C ASN C 3845 66.74 10.09 13.20
N ALA C 3846 66.41 8.81 13.34
CA ALA C 3846 67.41 7.76 13.46
C ALA C 3846 68.27 7.68 12.21
N PHE C 3847 67.65 7.83 11.03
CA PHE C 3847 68.40 7.79 9.78
C PHE C 3847 69.41 8.93 9.69
N GLU C 3848 68.99 10.15 10.01
CA GLU C 3848 69.88 11.31 10.00
C GLU C 3848 71.02 11.16 11.01
N ARG C 3849 70.69 10.67 12.21
CA ARG C 3849 71.72 10.39 13.20
C ARG C 3849 72.71 9.33 12.71
N GLN C 3850 72.20 8.32 11.99
CA GLN C 3850 73.09 7.35 11.35
C GLN C 3850 73.96 8.04 10.30
N ASN C 3851 73.37 8.95 9.52
CA ASN C 3851 74.08 9.64 8.45
C ASN C 3851 75.25 10.45 8.99
N LYS C 3852 75.07 11.03 10.18
CA LYS C 3852 76.16 11.76 10.82
C LYS C 3852 77.32 10.85 11.23
N ALA C 3853 77.07 9.55 11.42
CA ALA C 3853 78.12 8.64 11.89
C ALA C 3853 79.20 8.42 10.83
N GLU C 3854 78.80 8.12 9.59
CA GLU C 3854 79.80 7.83 8.56
C GLU C 3854 80.60 9.07 8.17
N GLY C 3855 80.08 10.27 8.44
CA GLY C 3855 80.89 11.46 8.28
C GLY C 3855 82.08 11.44 9.23
N LEU C 3856 81.88 10.94 10.44
CA LEU C 3856 82.98 10.77 11.38
C LEU C 3856 83.88 9.63 10.95
N GLY C 3857 83.29 8.49 10.60
CA GLY C 3857 84.04 7.30 10.20
C GLY C 3857 84.96 6.76 11.28
N MET C 3858 84.43 6.66 12.51
CA MET C 3858 85.25 6.32 13.67
C MET C 3858 85.69 4.87 13.62
N VAL C 3859 86.97 4.63 13.91
CA VAL C 3859 87.56 3.30 13.83
C VAL C 3859 87.94 2.86 15.24
N ASN C 3860 88.37 1.61 15.36
CA ASN C 3860 88.78 1.12 16.67
C ASN C 3860 90.25 1.44 16.93
N GLU C 3861 90.62 1.45 18.21
CA GLU C 3861 92.00 1.75 18.59
C GLU C 3861 92.91 0.57 18.32
N ASP C 3862 92.46 -0.65 18.58
CA ASP C 3862 93.25 -1.85 18.32
C ASP C 3862 93.27 -2.12 16.81
N GLY C 3863 94.16 -1.40 16.13
CA GLY C 3863 94.25 -1.46 14.69
C GLY C 3863 93.31 -0.47 14.04
N THR C 3864 92.64 -0.88 12.97
CA THR C 3864 91.67 -0.02 12.28
C THR C 3864 90.69 -0.91 11.51
N VAL C 3865 89.40 -0.64 11.66
CA VAL C 3865 88.36 -1.22 10.83
C VAL C 3865 87.69 -0.09 10.04
N ILE C 3866 87.63 -0.25 8.73
CA ILE C 3866 87.19 0.83 7.83
C ILE C 3866 85.68 0.78 7.71
N ASN C 3867 85.01 1.78 8.30
CA ASN C 3867 83.54 1.94 8.30
C ASN C 3867 82.84 0.67 8.78
N ARG C 3868 83.05 0.40 10.08
CA ARG C 3868 82.63 -0.82 10.75
C ARG C 3868 81.14 -1.13 10.53
N GLN C 3869 80.82 -2.41 10.48
CA GLN C 3869 79.48 -2.88 10.13
C GLN C 3869 78.66 -3.21 11.38
N ASN C 3870 78.80 -2.40 12.43
CA ASN C 3870 78.00 -2.54 13.64
C ASN C 3870 76.50 -2.41 13.32
N GLY C 3871 75.68 -2.88 14.28
CA GLY C 3871 74.24 -3.00 14.10
C GLY C 3871 73.49 -1.74 13.66
N GLU C 3872 72.80 -1.86 12.53
CA GLU C 3872 72.06 -0.74 11.98
C GLU C 3872 70.80 -0.50 12.81
N LYS C 3873 70.55 0.76 13.16
CA LYS C 3873 69.43 1.12 14.03
C LYS C 3873 68.14 1.40 13.26
N VAL C 3874 68.15 1.28 11.94
CA VAL C 3874 66.96 1.48 11.11
C VAL C 3874 66.69 0.16 10.39
N MET C 3875 65.47 -0.37 10.56
CA MET C 3875 65.03 -1.65 9.98
C MET C 3875 65.97 -2.79 10.38
N ALA C 3876 66.25 -2.88 11.68
CA ALA C 3876 67.07 -3.99 12.17
C ALA C 3876 66.28 -5.29 12.15
N ASP C 3877 64.97 -5.22 12.44
CA ASP C 3877 64.09 -6.37 12.53
C ASP C 3877 63.42 -6.71 11.20
N ASP C 3878 64.04 -6.35 10.07
CA ASP C 3878 63.45 -6.60 8.76
C ASP C 3878 63.30 -8.09 8.50
N GLU C 3879 64.33 -8.89 8.83
CA GLU C 3879 64.27 -10.33 8.64
C GLU C 3879 63.17 -10.96 9.48
N PHE C 3880 63.01 -10.49 10.72
CA PHE C 3880 61.97 -11.00 11.60
C PHE C 3880 60.57 -10.65 11.08
N THR C 3881 60.36 -9.39 10.70
CA THR C 3881 59.06 -8.97 10.18
C THR C 3881 58.71 -9.69 8.88
N GLN C 3882 59.69 -9.80 7.97
CA GLN C 3882 59.52 -10.52 6.72
C GLN C 3882 59.22 -11.98 6.98
N ASP C 3883 59.91 -12.60 7.94
CA ASP C 3883 59.69 -14.00 8.25
C ASP C 3883 58.31 -14.20 8.86
N LEU C 3884 57.86 -13.25 9.68
CA LEU C 3884 56.55 -13.33 10.32
C LEU C 3884 55.45 -13.34 9.26
N PHE C 3885 55.55 -12.42 8.31
CA PHE C 3885 54.53 -12.39 7.26
C PHE C 3885 54.70 -13.53 6.26
N ARG C 3886 55.93 -14.01 6.04
CA ARG C 3886 56.15 -15.19 5.22
C ARG C 3886 55.48 -16.42 5.85
N PHE C 3887 55.59 -16.55 7.17
CA PHE C 3887 54.93 -17.62 7.91
C PHE C 3887 53.42 -17.49 7.85
N LEU C 3888 52.92 -16.27 8.00
CA LEU C 3888 51.48 -16.01 7.89
C LEU C 3888 50.97 -16.32 6.49
N GLN C 3889 51.80 -16.06 5.48
CA GLN C 3889 51.47 -16.40 4.11
C GLN C 3889 51.42 -17.91 3.91
N LEU C 3890 52.40 -18.62 4.47
CA LEU C 3890 52.50 -20.07 4.30
C LEU C 3890 51.32 -20.78 4.94
N LEU C 3891 50.92 -20.33 6.13
CA LEU C 3891 49.78 -20.97 6.80
C LEU C 3891 48.42 -20.69 6.14
N CYS C 3892 48.36 -19.87 5.08
CA CYS C 3892 47.15 -19.72 4.29
C CYS C 3892 47.38 -20.04 2.82
N GLU C 3893 48.57 -20.52 2.47
CA GLU C 3893 48.85 -20.87 1.08
C GLU C 3893 48.01 -22.07 0.66
N GLY C 3894 47.76 -22.17 -0.64
CA GLY C 3894 46.93 -23.25 -1.14
C GLY C 3894 45.44 -23.02 -0.96
N HIS C 3895 45.04 -21.77 -0.67
CA HIS C 3895 43.64 -21.37 -0.46
C HIS C 3895 42.97 -22.18 0.64
N ASN C 3896 43.60 -22.19 1.81
CA ASN C 3896 43.06 -22.86 2.99
C ASN C 3896 41.96 -21.98 3.58
N ASN C 3897 40.77 -22.09 2.97
CA ASN C 3897 39.67 -21.15 3.15
C ASN C 3897 39.20 -21.07 4.60
N ASP C 3898 38.89 -22.23 5.20
CA ASP C 3898 38.43 -22.25 6.59
C ASP C 3898 39.51 -21.75 7.54
N PHE C 3899 40.77 -21.99 7.21
CA PHE C 3899 41.86 -21.46 8.03
C PHE C 3899 41.91 -19.94 7.93
N GLN C 3900 41.65 -19.40 6.74
CA GLN C 3900 41.59 -17.95 6.58
C GLN C 3900 40.44 -17.38 7.38
N ASN C 3901 39.29 -18.07 7.36
CA ASN C 3901 38.16 -17.64 8.17
C ASN C 3901 38.49 -17.74 9.65
N TYR C 3902 39.36 -18.69 10.01
CA TYR C 3902 39.77 -18.81 11.41
C TYR C 3902 40.59 -17.61 11.82
N LEU C 3903 41.47 -17.17 10.91
CA LEU C 3903 42.30 -15.99 11.21
C LEU C 3903 41.43 -14.76 11.35
N ARG C 3904 40.43 -14.61 10.49
CA ARG C 3904 39.54 -13.47 10.59
C ARG C 3904 38.71 -13.51 11.87
N THR C 3905 38.22 -14.70 12.24
CA THR C 3905 37.41 -14.82 13.45
C THR C 3905 37.52 -16.23 14.02
N GLN C 3906 37.48 -16.30 15.35
CA GLN C 3906 37.59 -17.58 16.05
C GLN C 3906 36.37 -17.76 16.94
N THR C 3907 35.45 -18.61 16.49
CA THR C 3907 34.24 -18.90 17.27
C THR C 3907 34.59 -19.58 18.58
N GLY C 3908 35.52 -20.54 18.53
CA GLY C 3908 35.92 -21.26 19.73
C GLY C 3908 36.52 -20.36 20.79
N ASN C 3909 37.36 -19.42 20.37
CA ASN C 3909 37.97 -18.49 21.31
C ASN C 3909 36.93 -17.52 21.85
N THR C 3910 37.02 -17.23 23.15
CA THR C 3910 36.12 -16.27 23.76
C THR C 3910 36.37 -14.86 23.22
N THR C 3911 37.64 -14.48 23.09
CA THR C 3911 38.04 -13.19 22.56
C THR C 3911 38.57 -13.37 21.15
N THR C 3912 38.07 -12.57 20.22
CA THR C 3912 38.43 -12.67 18.81
C THR C 3912 39.25 -11.45 18.42
N ILE C 3913 40.43 -11.69 17.85
CA ILE C 3913 41.32 -10.63 17.38
C ILE C 3913 41.37 -10.71 15.87
N ASN C 3914 40.86 -9.68 15.19
CA ASN C 3914 40.87 -9.66 13.73
C ASN C 3914 42.25 -9.21 13.28
N ILE C 3915 43.14 -10.21 13.15
CA ILE C 3915 44.51 -9.96 12.73
C ILE C 3915 44.57 -9.44 11.31
N ILE C 3916 43.54 -9.67 10.50
CA ILE C 3916 43.50 -9.14 9.13
C ILE C 3916 43.48 -7.61 9.18
N ILE C 3917 42.59 -7.07 10.02
CA ILE C 3917 42.52 -5.63 10.27
C ILE C 3917 43.81 -5.14 10.89
N CYS C 3918 44.37 -5.91 11.82
CA CYS C 3918 45.65 -5.53 12.43
C CYS C 3918 46.76 -5.47 11.38
N THR C 3919 46.78 -6.43 10.45
CA THR C 3919 47.77 -6.48 9.38
C THR C 3919 47.67 -5.24 8.50
N VAL C 3920 46.42 -4.81 8.22
CA VAL C 3920 46.21 -3.58 7.47
C VAL C 3920 46.72 -2.40 8.27
N ASP C 3921 46.51 -2.43 9.60
CA ASP C 3921 46.96 -1.34 10.46
C ASP C 3921 48.48 -1.20 10.43
N TYR C 3922 49.19 -2.33 10.45
CA TYR C 3922 50.65 -2.30 10.31
C TYR C 3922 51.08 -1.77 8.95
N LEU C 3923 50.40 -2.21 7.87
CA LEU C 3923 50.72 -1.69 6.53
C LEU C 3923 50.49 -0.19 6.44
N LEU C 3924 49.42 0.27 7.11
CA LEU C 3924 49.17 1.70 7.26
C LEU C 3924 50.33 2.39 7.96
N ARG C 3925 50.79 1.83 9.09
CA ARG C 3925 51.95 2.39 9.78
C ARG C 3925 53.21 2.40 8.89
N LEU C 3926 53.31 1.44 7.97
CA LEU C 3926 54.44 1.40 7.06
C LEU C 3926 54.35 2.49 6.00
N GLN C 3927 53.12 2.90 5.65
CA GLN C 3927 52.98 3.83 4.52
C GLN C 3927 53.49 5.23 4.89
N GLU C 3928 53.27 5.69 6.13
CA GLU C 3928 53.81 7.00 6.51
C GLU C 3928 55.33 6.98 6.48
N SER C 3929 55.94 5.90 6.99
CA SER C 3929 57.40 5.82 7.03
C SER C 3929 57.99 5.82 5.62
N ILE C 3930 57.40 5.07 4.70
CA ILE C 3930 57.92 5.05 3.33
C ILE C 3930 57.65 6.37 2.62
N SER C 3931 56.48 6.98 2.87
CA SER C 3931 56.14 8.26 2.26
C SER C 3931 57.07 9.35 2.75
N ASP C 3932 57.27 9.45 4.07
CA ASP C 3932 58.19 10.43 4.63
C ASP C 3932 59.63 10.17 4.22
N PHE C 3933 59.98 8.93 3.90
CA PHE C 3933 61.33 8.67 3.45
C PHE C 3933 61.52 9.15 2.02
N TYR C 3934 60.47 9.06 1.19
CA TYR C 3934 60.42 9.88 -0.03
C TYR C 3934 60.38 11.37 0.27
N TRP C 3935 59.64 11.78 1.29
CA TRP C 3935 59.54 13.18 1.70
C TRP C 3935 60.78 13.68 2.42
N TYR C 3936 61.89 12.94 2.32
CA TYR C 3936 63.20 13.43 2.70
C TYR C 3936 64.14 13.50 1.51
N TYR C 3937 63.84 12.76 0.44
CA TYR C 3937 64.70 12.64 -0.73
C TYR C 3937 64.13 13.30 -1.98
N SER C 3938 62.87 13.76 -1.93
CA SER C 3938 62.26 14.39 -3.10
C SER C 3938 63.02 15.64 -3.54
N GLY C 3939 63.44 16.46 -2.59
CA GLY C 3939 64.24 17.63 -2.92
C GLY C 3939 65.60 17.27 -3.49
N LYS C 3940 66.26 16.27 -2.88
CA LYS C 3940 67.59 15.86 -3.30
C LYS C 3940 67.54 15.17 -4.65
N ASP C 3941 68.43 15.57 -5.55
CA ASP C 3941 68.43 15.03 -6.90
C ASP C 3941 68.92 13.58 -6.94
N VAL C 3942 69.85 13.22 -6.05
CA VAL C 3942 70.45 11.89 -6.06
C VAL C 3942 70.27 11.26 -4.68
N ILE C 3943 70.08 9.95 -4.65
CA ILE C 3943 69.92 9.18 -3.43
C ILE C 3943 71.21 8.43 -3.17
N GLU C 3944 71.73 8.55 -1.95
CA GLU C 3944 72.98 7.90 -1.59
C GLU C 3944 72.78 6.39 -1.37
N GLU C 3945 73.89 5.72 -1.05
CA GLU C 3945 73.94 4.26 -1.03
C GLU C 3945 73.13 3.69 0.12
N GLN C 3946 73.30 4.26 1.33
CA GLN C 3946 72.59 3.75 2.50
C GLN C 3946 71.09 3.91 2.33
N GLY C 3947 70.66 5.05 1.76
CA GLY C 3947 69.26 5.23 1.43
C GLY C 3947 68.75 4.22 0.42
N LYS C 3948 69.59 3.87 -0.56
CA LYS C 3948 69.22 2.82 -1.52
C LYS C 3948 69.05 1.47 -0.84
N ARG C 3949 69.96 1.12 0.06
CA ARG C 3949 69.82 -0.13 0.82
C ARG C 3949 68.59 -0.09 1.71
N ASN C 3950 68.29 1.08 2.30
CA ASN C 3950 67.11 1.25 3.14
C ASN C 3950 65.83 1.05 2.34
N PHE C 3951 65.81 1.54 1.10
CA PHE C 3951 64.67 1.30 0.22
C PHE C 3951 64.52 -0.18 -0.07
N SER C 3952 65.65 -0.86 -0.35
CA SER C 3952 65.62 -2.27 -0.71
C SER C 3952 65.05 -3.13 0.43
N LYS C 3953 65.51 -2.89 1.65
CA LYS C 3953 65.03 -3.69 2.78
C LYS C 3953 63.61 -3.31 3.15
N ALA C 3954 63.22 -2.05 2.93
CA ALA C 3954 61.84 -1.66 3.21
C ALA C 3954 60.88 -2.32 2.24
N MET C 3955 61.20 -2.26 0.94
CA MET C 3955 60.27 -2.79 -0.04
C MET C 3955 60.29 -4.32 -0.10
N SER C 3956 61.35 -4.97 0.38
CA SER C 3956 61.30 -6.43 0.50
C SER C 3956 60.22 -6.86 1.49
N VAL C 3957 60.16 -6.17 2.62
CA VAL C 3957 59.13 -6.40 3.62
C VAL C 3957 57.75 -6.03 3.06
N ALA C 3958 57.67 -4.91 2.35
CA ALA C 3958 56.40 -4.48 1.75
C ALA C 3958 55.88 -5.50 0.73
N LYS C 3959 56.78 -6.06 -0.06
CA LYS C 3959 56.44 -7.12 -1.01
C LYS C 3959 55.91 -8.34 -0.28
N GLN C 3960 56.56 -8.71 0.83
CA GLN C 3960 56.09 -9.86 1.61
C GLN C 3960 54.70 -9.59 2.17
N VAL C 3961 54.45 -8.36 2.62
CA VAL C 3961 53.14 -7.98 3.18
C VAL C 3961 52.06 -8.10 2.11
N PHE C 3962 52.32 -7.58 0.91
CA PHE C 3962 51.34 -7.68 -0.16
C PHE C 3962 51.10 -9.12 -0.61
N ASN C 3963 52.15 -9.94 -0.68
CA ASN C 3963 51.98 -11.36 -0.97
C ASN C 3963 51.11 -12.06 0.06
N SER C 3964 51.35 -11.77 1.34
CA SER C 3964 50.50 -12.29 2.41
C SER C 3964 49.06 -11.84 2.24
N LEU C 3965 48.86 -10.53 2.08
CA LEU C 3965 47.52 -9.94 1.94
C LEU C 3965 46.78 -10.52 0.74
N THR C 3966 47.52 -10.88 -0.32
CA THR C 3966 46.94 -11.62 -1.43
C THR C 3966 46.45 -12.98 -0.95
N GLU C 3967 47.25 -13.64 -0.10
CA GLU C 3967 46.93 -15.00 0.31
C GLU C 3967 45.65 -15.05 1.15
N TYR C 3968 45.47 -14.07 2.07
CA TYR C 3968 44.28 -14.16 2.94
C TYR C 3968 42.98 -14.00 2.14
N ILE C 3969 43.02 -13.25 1.04
CA ILE C 3969 41.80 -12.95 0.28
C ILE C 3969 41.62 -13.86 -0.92
N GLN C 3970 42.64 -14.62 -1.32
CA GLN C 3970 42.45 -15.52 -2.45
C GLN C 3970 41.53 -16.67 -2.07
N GLY C 3971 40.93 -17.27 -3.10
CA GLY C 3971 40.05 -18.41 -2.90
C GLY C 3971 38.68 -18.34 -3.57
N PRO C 3972 37.93 -17.20 -3.53
CA PRO C 3972 38.04 -15.99 -2.70
C PRO C 3972 37.42 -16.16 -1.32
N CYS C 3973 37.95 -15.47 -0.33
CA CYS C 3973 37.40 -15.49 1.02
C CYS C 3973 36.59 -14.21 1.19
N THR C 3974 35.25 -14.36 1.12
CA THR C 3974 34.35 -13.21 1.14
C THR C 3974 34.45 -12.43 2.44
N GLY C 3975 34.57 -13.14 3.56
CA GLY C 3975 34.70 -12.48 4.86
C GLY C 3975 35.92 -11.59 4.92
N ASN C 3976 37.06 -12.10 4.44
CA ASN C 3976 38.27 -11.30 4.36
C ASN C 3976 38.09 -10.12 3.43
N GLN C 3977 37.43 -10.33 2.28
CA GLN C 3977 37.25 -9.25 1.31
C GLN C 3977 36.42 -8.12 1.92
N GLN C 3978 35.40 -8.48 2.71
CA GLN C 3978 34.62 -7.48 3.44
C GLN C 3978 35.48 -6.76 4.47
N SER C 3979 36.35 -7.50 5.18
CA SER C 3979 37.16 -6.87 6.21
C SER C 3979 38.13 -5.87 5.59
N LEU C 3980 38.74 -6.23 4.46
CA LEU C 3980 39.68 -5.36 3.76
C LEU C 3980 38.97 -4.10 3.30
N ALA C 3981 37.77 -4.26 2.72
CA ALA C 3981 37.05 -3.10 2.22
C ALA C 3981 36.64 -2.18 3.35
N HIS C 3982 36.15 -2.73 4.45
CA HIS C 3982 35.75 -1.90 5.58
C HIS C 3982 36.92 -1.34 6.37
N SER C 3983 38.14 -1.82 6.14
CA SER C 3983 39.28 -1.32 6.88
C SER C 3983 39.90 -0.11 6.17
N ARG C 3984 41.03 0.36 6.69
CA ARG C 3984 41.75 1.53 6.18
C ARG C 3984 42.76 1.17 5.10
N LEU C 3985 42.54 0.08 4.36
CA LEU C 3985 43.45 -0.34 3.29
C LEU C 3985 43.60 0.73 2.22
N TRP C 3986 42.51 1.46 1.93
CA TRP C 3986 42.49 2.45 0.87
C TRP C 3986 43.48 3.59 1.11
N ASP C 3987 43.62 4.04 2.36
CA ASP C 3987 44.57 5.09 2.69
C ASP C 3987 46.00 4.67 2.39
N ALA C 3988 46.35 3.43 2.75
CA ALA C 3988 47.66 2.88 2.42
C ALA C 3988 47.83 2.74 0.91
N VAL C 3989 46.75 2.38 0.22
CA VAL C 3989 46.80 2.18 -1.23
C VAL C 3989 47.10 3.51 -1.93
N VAL C 3990 46.34 4.56 -1.59
CA VAL C 3990 46.54 5.87 -2.23
C VAL C 3990 47.90 6.44 -1.87
N GLY C 3991 48.34 6.25 -0.61
CA GLY C 3991 49.67 6.71 -0.23
C GLY C 3991 50.77 6.03 -1.01
N PHE C 3992 50.66 4.71 -1.18
CA PHE C 3992 51.64 3.97 -1.98
C PHE C 3992 51.61 4.41 -3.44
N LEU C 3993 50.41 4.61 -4.00
CA LEU C 3993 50.30 5.08 -5.38
C LEU C 3993 50.94 6.46 -5.57
N HIS C 3994 50.70 7.37 -4.62
CA HIS C 3994 51.36 8.69 -4.66
C HIS C 3994 52.87 8.57 -4.53
N VAL C 3995 53.36 7.64 -3.71
CA VAL C 3995 54.80 7.39 -3.66
C VAL C 3995 55.32 6.88 -5.00
N PHE C 3996 54.67 5.83 -5.54
CA PHE C 3996 55.02 5.25 -6.83
C PHE C 3996 54.93 6.25 -7.97
N ALA C 3997 54.10 7.29 -7.79
CA ALA C 3997 53.96 8.34 -8.78
C ALA C 3997 55.31 8.99 -9.06
N HIS C 3998 56.02 9.38 -8.01
CA HIS C 3998 57.26 10.11 -8.18
C HIS C 3998 58.49 9.22 -8.06
N MET C 3999 58.31 7.92 -7.75
CA MET C 3999 59.45 6.99 -7.72
C MET C 3999 60.11 6.84 -9.08
N MET C 4000 59.38 6.30 -10.06
CA MET C 4000 59.98 6.01 -11.35
C MET C 4000 60.43 7.27 -12.07
N MET C 4001 59.69 8.37 -11.92
CA MET C 4001 60.12 9.64 -12.50
C MET C 4001 61.44 10.11 -11.90
N LYS C 4002 61.60 10.01 -10.58
CA LYS C 4002 62.87 10.39 -9.97
C LYS C 4002 64.01 9.46 -10.38
N LEU C 4003 63.76 8.15 -10.38
CA LEU C 4003 64.84 7.20 -10.65
C LEU C 4003 65.21 7.10 -12.12
N ALA C 4004 64.29 7.42 -13.03
CA ALA C 4004 64.58 7.32 -14.46
C ALA C 4004 65.53 8.41 -14.95
N GLN C 4005 65.74 9.47 -14.18
CA GLN C 4005 66.65 10.54 -14.59
C GLN C 4005 68.09 10.06 -14.69
N ASP C 4006 68.45 9.02 -13.93
CA ASP C 4006 69.82 8.53 -13.87
C ASP C 4006 69.86 7.01 -14.01
N SER C 4007 71.02 6.51 -14.41
CA SER C 4007 71.23 5.08 -14.60
C SER C 4007 71.72 4.38 -13.35
N SER C 4008 71.96 5.11 -12.25
CA SER C 4008 72.46 4.51 -11.03
C SER C 4008 71.38 3.89 -10.16
N GLN C 4009 70.10 4.17 -10.42
CA GLN C 4009 69.01 3.63 -9.62
C GLN C 4009 68.17 2.61 -10.37
N ILE C 4010 68.74 1.98 -11.40
CA ILE C 4010 68.02 0.98 -12.20
C ILE C 4010 67.64 -0.25 -11.38
N GLU C 4011 68.50 -0.65 -10.43
CA GLU C 4011 68.21 -1.75 -9.52
C GLU C 4011 66.96 -1.42 -8.72
N LEU C 4012 67.06 -0.38 -7.88
CA LEU C 4012 66.00 0.00 -6.95
C LEU C 4012 64.70 0.27 -7.68
N LEU C 4013 64.80 0.77 -8.92
CA LEU C 4013 63.62 0.90 -9.76
C LEU C 4013 63.04 -0.46 -10.14
N LYS C 4014 63.88 -1.44 -10.52
CA LYS C 4014 63.30 -2.71 -10.98
C LYS C 4014 62.68 -3.51 -9.82
N GLU C 4015 63.31 -3.49 -8.63
CA GLU C 4015 62.64 -4.07 -7.46
C GLU C 4015 61.40 -3.28 -7.06
N LEU C 4016 61.41 -1.95 -7.23
CA LEU C 4016 60.21 -1.19 -6.92
C LEU C 4016 59.12 -1.51 -7.92
N LEU C 4017 59.49 -1.74 -9.17
CA LEU C 4017 58.55 -2.05 -10.23
C LEU C 4017 57.85 -3.37 -9.93
N ASP C 4018 58.60 -4.38 -9.48
CA ASP C 4018 57.89 -5.60 -9.11
C ASP C 4018 57.13 -5.43 -7.80
N LEU C 4019 57.47 -4.41 -7.00
CA LEU C 4019 56.72 -4.15 -5.78
C LEU C 4019 55.29 -3.70 -6.13
N GLN C 4020 55.17 -2.71 -7.03
CA GLN C 4020 53.79 -2.41 -7.46
C GLN C 4020 53.19 -3.53 -8.32
N LYS C 4021 54.00 -4.37 -8.96
CA LYS C 4021 53.44 -5.54 -9.64
C LYS C 4021 52.73 -6.47 -8.66
N ASP C 4022 53.30 -6.67 -7.48
CA ASP C 4022 52.58 -7.43 -6.46
C ASP C 4022 51.42 -6.63 -5.89
N MET C 4023 51.56 -5.30 -5.81
CA MET C 4023 50.46 -4.50 -5.30
C MET C 4023 49.24 -4.56 -6.21
N VAL C 4024 49.45 -4.46 -7.53
CA VAL C 4024 48.33 -4.57 -8.47
C VAL C 4024 47.77 -5.99 -8.46
N VAL C 4025 48.63 -7.01 -8.26
CA VAL C 4025 48.12 -8.38 -8.13
C VAL C 4025 47.16 -8.50 -6.94
N MET C 4026 47.54 -7.89 -5.80
CA MET C 4026 46.66 -7.87 -4.63
C MET C 4026 45.37 -7.11 -4.93
N LEU C 4027 45.47 -6.00 -5.68
CA LEU C 4027 44.29 -5.26 -6.12
C LEU C 4027 43.36 -6.11 -6.98
N LEU C 4028 43.93 -6.87 -7.92
CA LEU C 4028 43.13 -7.76 -8.77
C LEU C 4028 42.44 -8.83 -7.93
N SER C 4029 43.20 -9.48 -7.05
CA SER C 4029 42.65 -10.56 -6.23
C SER C 4029 41.55 -10.05 -5.29
N LEU C 4030 41.59 -8.76 -4.94
CA LEU C 4030 40.51 -8.19 -4.13
C LEU C 4030 39.19 -8.12 -4.89
N LEU C 4031 39.23 -8.14 -6.23
CA LEU C 4031 38.04 -8.05 -7.06
C LEU C 4031 37.44 -9.40 -7.43
N GLU C 4032 37.99 -10.50 -6.91
CA GLU C 4032 37.46 -11.83 -7.21
C GLU C 4032 36.03 -11.99 -6.69
N GLY C 4033 35.16 -12.48 -7.56
CA GLY C 4033 33.77 -12.76 -7.22
C GLY C 4033 32.96 -11.57 -6.80
N ASN C 4034 33.11 -10.44 -7.48
CA ASN C 4034 32.36 -9.23 -7.19
C ASN C 4034 31.17 -9.12 -8.14
N VAL C 4035 30.05 -8.67 -7.59
CA VAL C 4035 28.86 -8.46 -8.39
C VAL C 4035 28.90 -7.05 -8.96
N VAL C 4036 28.07 -6.79 -9.97
CA VAL C 4036 27.97 -5.43 -10.52
C VAL C 4036 27.42 -4.49 -9.46
N ASN C 4037 27.94 -3.25 -9.45
CA ASN C 4037 27.71 -2.25 -8.41
C ASN C 4037 28.10 -2.79 -7.04
N GLY C 4038 29.16 -3.59 -7.02
CA GLY C 4038 29.66 -4.13 -5.78
C GLY C 4038 30.21 -3.04 -4.88
N MET C 4039 30.02 -3.23 -3.57
CA MET C 4039 30.45 -2.24 -2.58
C MET C 4039 31.97 -2.11 -2.61
N ILE C 4040 32.67 -3.24 -2.78
CA ILE C 4040 34.12 -3.21 -2.95
C ILE C 4040 34.49 -2.50 -4.24
N ALA C 4041 33.70 -2.67 -5.30
CA ALA C 4041 33.97 -2.03 -6.58
C ALA C 4041 33.82 -0.52 -6.47
N ARG C 4042 32.77 -0.09 -5.76
CA ARG C 4042 32.53 1.33 -5.56
C ARG C 4042 33.66 1.96 -4.75
N GLN C 4043 34.12 1.28 -3.71
CA GLN C 4043 35.26 1.81 -2.95
C GLN C 4043 36.54 1.83 -3.79
N MET C 4044 36.71 0.86 -4.68
CA MET C 4044 37.84 0.86 -5.61
C MET C 4044 37.78 2.08 -6.52
N VAL C 4045 36.58 2.41 -6.99
CA VAL C 4045 36.38 3.58 -7.83
C VAL C 4045 36.68 4.86 -7.05
N ASP C 4046 36.15 4.97 -5.82
CA ASP C 4046 36.40 6.16 -4.99
C ASP C 4046 37.88 6.32 -4.66
N MET C 4047 38.58 5.19 -4.45
CA MET C 4047 40.03 5.20 -4.29
C MET C 4047 40.71 5.76 -5.52
N LEU C 4048 40.26 5.32 -6.70
CA LEU C 4048 40.84 5.83 -7.94
C LEU C 4048 40.59 7.31 -8.11
N VAL C 4049 39.39 7.76 -7.73
CA VAL C 4049 39.03 9.18 -7.82
C VAL C 4049 39.95 10.01 -6.92
N GLU C 4050 40.21 9.51 -5.71
CA GLU C 4050 41.12 10.20 -4.80
C GLU C 4050 42.55 10.24 -5.33
N SER C 4051 42.98 9.19 -6.02
CA SER C 4051 44.35 9.11 -6.53
C SER C 4051 44.40 9.21 -8.05
N SER C 4052 43.48 9.99 -8.62
CA SER C 4052 43.35 10.12 -10.07
C SER C 4052 44.57 10.71 -10.76
N SER C 4053 45.16 11.76 -10.18
CA SER C 4053 46.33 12.38 -10.81
C SER C 4053 47.53 11.46 -10.84
N ASN C 4054 47.75 10.72 -9.74
CA ASN C 4054 48.90 9.82 -9.63
C ASN C 4054 48.82 8.69 -10.63
N VAL C 4055 47.66 8.02 -10.70
CA VAL C 4055 47.49 6.89 -11.61
C VAL C 4055 47.56 7.38 -13.06
N GLU C 4056 47.06 8.58 -13.33
CA GLU C 4056 47.13 9.17 -14.66
C GLU C 4056 48.56 9.31 -15.12
N MET C 4057 49.38 10.04 -14.35
CA MET C 4057 50.78 10.21 -14.74
C MET C 4057 51.58 8.89 -14.69
N ILE C 4058 51.15 7.90 -13.89
CA ILE C 4058 51.76 6.57 -13.93
C ILE C 4058 51.52 5.90 -15.27
N LEU C 4059 50.25 5.91 -15.72
CA LEU C 4059 49.92 5.38 -17.04
C LEU C 4059 50.59 6.19 -18.14
N LYS C 4060 50.71 7.51 -17.94
CA LYS C 4060 51.45 8.35 -18.88
C LYS C 4060 52.91 7.92 -19.00
N PHE C 4061 53.54 7.57 -17.88
CA PHE C 4061 54.90 7.01 -17.89
C PHE C 4061 54.95 5.69 -18.62
N PHE C 4062 53.94 4.85 -18.41
CA PHE C 4062 53.86 3.59 -19.13
C PHE C 4062 53.70 3.82 -20.63
N ASP C 4063 52.82 4.76 -20.99
CA ASP C 4063 52.53 5.07 -22.38
C ASP C 4063 53.76 5.63 -23.08
N MET C 4064 54.49 6.55 -22.44
CA MET C 4064 55.68 7.09 -23.06
C MET C 4064 56.77 6.03 -23.21
N PHE C 4065 56.77 4.97 -22.38
CA PHE C 4065 57.64 3.86 -22.77
C PHE C 4065 57.08 3.03 -23.93
N LEU C 4066 55.78 2.74 -23.92
CA LEU C 4066 55.20 1.85 -24.92
C LEU C 4066 55.19 2.46 -26.32
N LYS C 4067 54.73 3.72 -26.42
CA LYS C 4067 54.68 4.40 -27.71
C LYS C 4067 56.07 4.60 -28.28
N LEU C 4068 57.05 4.91 -27.44
CA LEU C 4068 58.40 5.09 -27.97
C LEU C 4068 59.07 3.76 -28.28
N LYS C 4069 58.55 2.64 -27.76
CA LYS C 4069 59.05 1.32 -28.15
C LYS C 4069 58.80 1.06 -29.63
N ASP C 4070 57.73 1.60 -30.19
CA ASP C 4070 57.49 1.50 -31.62
C ASP C 4070 57.97 2.73 -32.38
N ILE C 4071 57.97 3.90 -31.74
CA ILE C 4071 58.40 5.13 -32.40
C ILE C 4071 59.90 5.08 -32.74
N VAL C 4072 60.70 4.35 -31.95
CA VAL C 4072 62.10 4.13 -32.34
C VAL C 4072 62.18 3.38 -33.68
N GLY C 4073 61.19 2.52 -33.97
CA GLY C 4073 61.03 1.93 -35.28
C GLY C 4073 60.22 2.73 -36.29
N SER C 4074 59.59 3.84 -35.86
CA SER C 4074 58.78 4.67 -36.75
C SER C 4074 59.65 5.30 -37.84
N GLU C 4075 59.11 5.31 -39.06
CA GLU C 4075 59.86 5.76 -40.23
C GLU C 4075 60.27 7.23 -40.16
N ALA C 4076 59.38 8.11 -39.68
CA ALA C 4076 59.72 9.53 -39.53
C ALA C 4076 60.89 9.75 -38.56
N PHE C 4077 60.83 9.07 -37.41
CA PHE C 4077 61.94 9.10 -36.45
C PHE C 4077 63.20 8.49 -37.05
N GLN C 4078 63.05 7.40 -37.82
CA GLN C 4078 64.21 6.74 -38.44
C GLN C 4078 64.84 7.65 -39.48
N ASP C 4079 64.02 8.41 -40.23
CA ASP C 4079 64.52 9.39 -41.19
C ASP C 4079 65.30 10.48 -40.48
N TYR C 4080 64.82 10.93 -39.32
CA TYR C 4080 65.61 11.88 -38.53
C TYR C 4080 66.91 11.24 -38.05
N VAL C 4081 66.87 9.97 -37.66
CA VAL C 4081 68.06 9.22 -37.24
C VAL C 4081 69.04 9.11 -38.40
N THR C 4082 70.27 9.59 -38.18
CA THR C 4082 71.27 9.59 -39.23
C THR C 4082 72.55 8.84 -38.86
N ASP C 4083 72.69 8.42 -37.61
CA ASP C 4083 73.91 7.75 -37.17
C ASP C 4083 73.89 6.29 -37.63
N PRO C 4084 74.88 5.84 -38.39
CA PRO C 4084 74.99 4.39 -38.67
C PRO C 4084 75.24 3.55 -37.43
N ARG C 4085 75.75 4.14 -36.34
CA ARG C 4085 75.97 3.43 -35.09
C ARG C 4085 74.66 3.09 -34.36
N GLY C 4086 73.53 3.62 -34.80
CA GLY C 4086 72.27 3.38 -34.12
C GLY C 4086 71.99 4.33 -32.98
N LEU C 4087 72.43 5.58 -33.08
CA LEU C 4087 72.28 6.58 -32.02
C LEU C 4087 71.57 7.81 -32.60
N ILE C 4088 71.29 8.77 -31.73
CA ILE C 4088 70.61 10.00 -32.15
C ILE C 4088 71.08 11.11 -31.20
N SER C 4089 71.31 12.31 -31.75
CA SER C 4089 71.66 13.42 -30.88
C SER C 4089 70.41 13.92 -30.16
N LYS C 4090 70.61 14.60 -29.04
CA LYS C 4090 69.49 15.09 -28.23
C LYS C 4090 68.60 16.07 -28.99
N LYS C 4091 69.19 17.02 -29.71
CA LYS C 4091 68.40 17.95 -30.52
C LYS C 4091 67.66 17.25 -31.65
N ASP C 4092 68.29 16.25 -32.26
CA ASP C 4092 67.63 15.41 -33.26
C ASP C 4092 66.45 14.65 -32.66
N PHE C 4093 66.63 14.13 -31.43
CA PHE C 4093 65.54 13.48 -30.73
C PHE C 4093 64.45 14.46 -30.34
N GLN C 4094 64.84 15.71 -30.07
CA GLN C 4094 63.90 16.78 -29.73
C GLN C 4094 62.97 17.05 -30.90
N LYS C 4095 63.53 17.17 -32.10
CA LYS C 4095 62.73 17.51 -33.27
C LYS C 4095 62.32 16.29 -34.08
N ALA C 4096 62.58 15.08 -33.59
CA ALA C 4096 62.23 13.87 -34.31
C ALA C 4096 60.85 13.34 -33.95
N MET C 4097 60.64 13.05 -32.67
CA MET C 4097 59.41 12.40 -32.21
C MET C 4097 58.20 13.32 -32.22
N ASP C 4098 58.41 14.64 -32.16
CA ASP C 4098 57.26 15.56 -32.21
C ASP C 4098 56.59 15.60 -33.58
N SER C 4099 57.21 15.02 -34.61
CA SER C 4099 56.56 14.89 -35.92
C SER C 4099 55.37 13.95 -35.89
N GLN C 4100 55.29 13.05 -34.90
CA GLN C 4100 54.11 12.20 -34.75
C GLN C 4100 52.92 12.95 -34.18
N LYS C 4101 53.12 14.17 -33.66
CA LYS C 4101 52.07 15.05 -33.13
C LYS C 4101 51.28 14.38 -32.02
N GLN C 4102 52.00 13.93 -30.99
CA GLN C 4102 51.41 13.16 -29.90
C GLN C 4102 51.79 13.62 -28.51
N PHE C 4103 52.88 14.35 -28.33
CA PHE C 4103 53.44 14.59 -27.00
C PHE C 4103 53.26 16.04 -26.58
N THR C 4104 52.92 16.24 -25.31
CA THR C 4104 52.84 17.57 -24.71
C THR C 4104 54.20 17.95 -24.18
N GLY C 4105 54.44 19.27 -24.09
CA GLY C 4105 55.72 19.90 -23.74
C GLY C 4105 56.61 19.27 -22.68
N PRO C 4106 56.10 19.09 -21.44
CA PRO C 4106 56.93 18.48 -20.39
C PRO C 4106 57.42 17.08 -20.69
N GLU C 4107 56.67 16.31 -21.50
CA GLU C 4107 57.04 14.93 -21.83
C GLU C 4107 58.34 14.88 -22.63
N ILE C 4108 58.51 15.82 -23.58
CA ILE C 4108 59.71 15.82 -24.43
C ILE C 4108 60.95 16.02 -23.58
N GLN C 4109 60.93 17.05 -22.73
CA GLN C 4109 62.08 17.36 -21.88
C GLN C 4109 62.33 16.26 -20.86
N PHE C 4110 61.26 15.72 -20.27
CA PHE C 4110 61.38 14.62 -19.32
C PHE C 4110 61.98 13.37 -19.96
N LEU C 4111 61.55 13.06 -21.18
CA LEU C 4111 62.12 11.92 -21.91
C LEU C 4111 63.55 12.17 -22.33
N LEU C 4112 63.89 13.43 -22.68
CA LEU C 4112 65.27 13.79 -22.96
C LEU C 4112 66.16 13.57 -21.75
N SER C 4113 65.68 13.97 -20.57
CA SER C 4113 66.41 13.73 -19.33
C SER C 4113 66.54 12.24 -19.04
N CYS C 4114 65.47 11.49 -19.26
CA CYS C 4114 65.48 10.04 -19.03
C CYS C 4114 66.46 9.33 -19.96
N SER C 4115 66.57 9.80 -21.20
CA SER C 4115 67.51 9.22 -22.16
C SER C 4115 68.94 9.33 -21.67
N GLU C 4116 69.66 8.22 -21.73
CA GLU C 4116 71.04 8.14 -21.22
C GLU C 4116 71.97 8.71 -22.28
N ALA C 4117 71.99 10.04 -22.36
CA ALA C 4117 72.91 10.73 -23.24
C ALA C 4117 74.34 10.54 -22.74
N ASP C 4118 75.25 10.26 -23.67
CA ASP C 4118 76.66 10.04 -23.35
C ASP C 4118 77.37 11.39 -23.23
N GLU C 4119 78.71 11.35 -23.22
CA GLU C 4119 79.50 12.57 -23.23
C GLU C 4119 79.30 13.40 -24.50
N ASN C 4120 78.83 12.79 -25.59
CA ASN C 4120 78.54 13.50 -26.82
C ASN C 4120 77.08 13.91 -26.93
N GLU C 4121 76.28 13.67 -25.88
CA GLU C 4121 74.82 13.84 -25.87
C GLU C 4121 74.15 13.01 -26.97
N MET C 4122 74.75 11.88 -27.31
CA MET C 4122 74.37 11.07 -28.47
C MET C 4122 73.54 9.91 -27.93
N ILE C 4123 72.22 10.06 -27.93
CA ILE C 4123 71.30 9.17 -27.21
C ILE C 4123 71.35 7.76 -27.79
N ASN C 4124 71.46 6.76 -26.91
CA ASN C 4124 71.43 5.35 -27.32
C ASN C 4124 70.01 4.83 -27.18
N PHE C 4125 69.19 5.14 -28.18
CA PHE C 4125 67.79 4.71 -28.18
C PHE C 4125 67.65 3.23 -28.46
N GLU C 4126 68.71 2.58 -28.95
CA GLU C 4126 68.65 1.15 -29.23
C GLU C 4126 68.46 0.34 -27.96
N GLU C 4127 69.21 0.66 -26.91
CA GLU C 4127 69.05 -0.02 -25.64
C GLU C 4127 68.22 0.78 -24.63
N PHE C 4128 67.90 2.04 -24.94
CA PHE C 4128 67.07 2.85 -24.05
C PHE C 4128 65.68 2.23 -23.88
N ALA C 4129 65.07 1.78 -24.97
CA ALA C 4129 63.73 1.18 -24.86
C ALA C 4129 63.80 -0.19 -24.20
N ASN C 4130 64.75 -1.02 -24.62
CA ASN C 4130 64.88 -2.39 -24.13
C ASN C 4130 65.35 -2.46 -22.68
N ARG C 4131 65.80 -1.33 -22.13
CA ARG C 4131 66.24 -1.29 -20.74
C ARG C 4131 65.09 -1.64 -19.80
N PHE C 4132 63.94 -0.97 -20.00
CA PHE C 4132 62.82 -1.04 -19.08
C PHE C 4132 61.53 -1.53 -19.71
N GLN C 4133 61.47 -1.66 -21.05
CA GLN C 4133 60.22 -1.93 -21.74
C GLN C 4133 59.60 -3.28 -21.35
N GLU C 4134 60.40 -4.34 -21.38
CA GLU C 4134 59.91 -5.70 -21.16
C GLU C 4134 59.27 -5.94 -19.78
N PRO C 4135 59.89 -5.59 -18.64
CA PRO C 4135 59.19 -5.83 -17.36
C PRO C 4135 57.97 -4.94 -17.14
N ALA C 4136 57.87 -3.78 -17.80
CA ALA C 4136 56.74 -2.88 -17.58
C ALA C 4136 55.45 -3.37 -18.24
N ARG C 4137 55.58 -4.31 -19.19
CA ARG C 4137 54.42 -4.82 -19.93
C ARG C 4137 53.45 -5.53 -18.99
N ASP C 4138 53.97 -6.31 -18.05
CA ASP C 4138 53.14 -7.11 -17.16
C ASP C 4138 52.29 -6.23 -16.27
N ILE C 4139 52.90 -5.18 -15.69
CA ILE C 4139 52.17 -4.26 -14.82
C ILE C 4139 51.12 -3.51 -15.63
N GLY C 4140 51.48 -3.07 -16.85
CA GLY C 4140 50.52 -2.39 -17.69
C GLY C 4140 49.33 -3.28 -18.03
N PHE C 4141 49.59 -4.57 -18.24
CA PHE C 4141 48.53 -5.52 -18.49
C PHE C 4141 47.61 -5.65 -17.28
N ASN C 4142 48.21 -5.76 -16.08
CA ASN C 4142 47.41 -5.96 -14.88
C ASN C 4142 46.53 -4.75 -14.58
N VAL C 4143 47.06 -3.54 -14.72
CA VAL C 4143 46.23 -2.35 -14.47
C VAL C 4143 45.14 -2.24 -15.54
N ALA C 4144 45.46 -2.62 -16.79
CA ALA C 4144 44.45 -2.65 -17.85
C ALA C 4144 43.31 -3.63 -17.53
N VAL C 4145 43.66 -4.81 -17.02
CA VAL C 4145 42.67 -5.80 -16.60
C VAL C 4145 41.82 -5.25 -15.45
N LEU C 4146 42.45 -4.59 -14.49
CA LEU C 4146 41.75 -4.01 -13.35
C LEU C 4146 40.74 -2.96 -13.81
N LEU C 4147 41.17 -2.05 -14.70
CA LEU C 4147 40.28 -1.03 -15.23
C LEU C 4147 39.14 -1.63 -16.03
N THR C 4148 39.43 -2.66 -16.84
CA THR C 4148 38.38 -3.32 -17.60
C THR C 4148 37.34 -3.97 -16.68
N ASN C 4149 37.81 -4.64 -15.63
CA ASN C 4149 36.93 -5.29 -14.67
C ASN C 4149 36.06 -4.27 -13.95
N LEU C 4150 36.66 -3.15 -13.54
CA LEU C 4150 35.89 -2.10 -12.87
C LEU C 4150 34.87 -1.48 -13.82
N SER C 4151 35.25 -1.28 -15.09
CA SER C 4151 34.36 -0.66 -16.07
C SER C 4151 33.12 -1.52 -16.27
N GLU C 4152 33.32 -2.84 -16.36
CA GLU C 4152 32.18 -3.72 -16.57
C GLU C 4152 31.32 -3.81 -15.32
N HIS C 4153 31.93 -3.92 -14.14
CA HIS C 4153 31.13 -4.07 -12.93
C HIS C 4153 30.46 -2.78 -12.47
N VAL C 4154 30.89 -1.64 -12.97
CA VAL C 4154 30.19 -0.39 -12.68
C VAL C 4154 30.26 0.51 -13.92
N PRO C 4155 29.35 0.31 -14.87
CA PRO C 4155 29.34 1.13 -16.08
C PRO C 4155 28.46 2.37 -16.02
N HIS C 4156 27.78 2.63 -14.92
CA HIS C 4156 26.89 3.78 -14.82
C HIS C 4156 27.49 4.92 -14.01
N ASP C 4157 28.82 5.08 -14.08
CA ASP C 4157 29.52 6.13 -13.36
C ASP C 4157 30.29 7.14 -14.23
N PRO C 4158 29.93 8.42 -14.15
CA PRO C 4158 30.63 9.45 -14.94
C PRO C 4158 32.09 9.58 -14.58
N ARG C 4159 32.44 9.30 -13.31
CA ARG C 4159 33.83 9.43 -12.89
C ARG C 4159 34.69 8.43 -13.65
N LEU C 4160 34.22 7.18 -13.74
CA LEU C 4160 35.00 6.19 -14.49
C LEU C 4160 34.94 6.48 -15.99
N ARG C 4161 33.87 7.12 -16.48
CA ARG C 4161 33.91 7.61 -17.87
C ARG C 4161 35.07 8.57 -18.07
N ASN C 4162 35.30 9.45 -17.09
CA ASN C 4162 36.47 10.32 -17.13
C ASN C 4162 37.76 9.52 -17.07
N PHE C 4163 37.80 8.48 -16.22
CA PHE C 4163 39.01 7.65 -16.12
C PHE C 4163 39.31 6.94 -17.42
N LEU C 4164 38.29 6.39 -18.08
CA LEU C 4164 38.53 5.70 -19.34
C LEU C 4164 39.01 6.67 -20.42
N GLU C 4165 38.44 7.88 -20.47
CA GLU C 4165 38.97 8.81 -21.47
C GLU C 4165 40.31 9.43 -21.08
N LEU C 4166 40.75 9.27 -19.83
CA LEU C 4166 42.12 9.64 -19.48
C LEU C 4166 43.13 8.52 -19.69
N ALA C 4167 42.73 7.27 -19.40
CA ALA C 4167 43.59 6.10 -19.52
C ALA C 4167 43.18 5.20 -20.69
N GLU C 4168 42.68 5.80 -21.77
CA GLU C 4168 42.30 5.02 -22.93
C GLU C 4168 43.51 4.46 -23.67
N SER C 4169 44.64 5.19 -23.65
CA SER C 4169 45.79 4.88 -24.49
C SER C 4169 46.42 3.53 -24.18
N ILE C 4170 46.41 3.13 -22.91
CA ILE C 4170 46.94 1.82 -22.54
C ILE C 4170 46.09 0.68 -23.12
N LEU C 4171 44.79 0.93 -23.33
CA LEU C 4171 43.85 -0.15 -23.66
C LEU C 4171 44.14 -0.80 -25.01
N GLU C 4172 44.25 0.01 -26.09
CA GLU C 4172 44.39 -0.54 -27.43
C GLU C 4172 45.69 -1.31 -27.62
N TYR C 4173 46.70 -1.06 -26.78
CA TYR C 4173 47.87 -1.92 -26.78
C TYR C 4173 47.56 -3.30 -26.21
N PHE C 4174 46.43 -3.45 -25.50
CA PHE C 4174 46.15 -4.69 -24.82
C PHE C 4174 44.81 -5.31 -25.18
N ARG C 4175 44.08 -4.72 -26.13
CA ARG C 4175 42.94 -5.41 -26.73
C ARG C 4175 43.34 -6.76 -27.36
N PRO C 4176 44.38 -6.89 -28.19
CA PRO C 4176 44.69 -8.22 -28.74
C PRO C 4176 45.18 -9.25 -27.71
N TYR C 4177 45.35 -8.91 -26.43
CA TYR C 4177 45.91 -9.86 -25.49
C TYR C 4177 45.03 -10.06 -24.27
N LEU C 4178 44.04 -9.21 -24.03
CA LEU C 4178 43.10 -9.43 -22.95
C LEU C 4178 42.17 -10.59 -23.31
N GLY C 4179 41.91 -11.46 -22.35
CA GLY C 4179 41.06 -12.61 -22.58
C GLY C 4179 39.97 -12.65 -21.53
N ARG C 4180 38.76 -13.00 -21.97
CA ARG C 4180 37.57 -12.95 -21.14
C ARG C 4180 36.78 -14.24 -21.30
N ILE C 4181 36.45 -14.87 -20.18
CA ILE C 4181 35.55 -16.01 -20.16
C ILE C 4181 34.56 -15.83 -19.02
N GLU C 4182 33.42 -16.52 -19.12
CA GLU C 4182 32.44 -16.56 -18.04
C GLU C 4182 32.24 -17.99 -17.56
N ILE C 4183 32.41 -18.21 -16.26
CA ILE C 4183 32.24 -19.54 -15.66
C ILE C 4183 31.18 -19.49 -14.59
N MET C 4184 30.47 -20.62 -14.43
CA MET C 4184 29.55 -20.76 -13.31
C MET C 4184 30.38 -21.23 -12.13
N GLY C 4185 30.59 -20.34 -11.15
CA GLY C 4185 31.48 -20.60 -10.05
C GLY C 4185 30.83 -21.39 -8.93
N ALA C 4186 31.56 -21.47 -7.81
CA ALA C 4186 31.10 -22.22 -6.64
C ALA C 4186 29.83 -21.62 -6.06
N SER C 4187 29.65 -20.31 -6.20
CA SER C 4187 28.48 -19.61 -5.67
C SER C 4187 27.25 -19.77 -6.54
N ARG C 4188 27.35 -20.57 -7.60
CA ARG C 4188 26.33 -20.79 -8.63
C ARG C 4188 25.94 -19.48 -9.31
N ARG C 4189 26.88 -18.54 -9.36
CA ARG C 4189 26.68 -17.23 -9.96
C ARG C 4189 27.80 -17.01 -10.96
N ILE C 4190 27.44 -16.70 -12.21
CA ILE C 4190 28.42 -16.58 -13.28
C ILE C 4190 29.40 -15.44 -13.01
N GLU C 4191 30.68 -15.72 -13.24
CA GLU C 4191 31.76 -14.79 -12.93
C GLU C 4191 32.70 -14.73 -14.13
N ARG C 4192 33.27 -13.56 -14.34
CA ARG C 4192 34.14 -13.32 -15.50
C ARG C 4192 35.60 -13.42 -15.09
N ILE C 4193 36.38 -14.16 -15.88
CA ILE C 4193 37.80 -14.35 -15.67
C ILE C 4193 38.56 -13.72 -16.83
N TYR C 4194 39.68 -13.09 -16.50
CA TYR C 4194 40.49 -12.32 -17.45
C TYR C 4194 41.89 -12.90 -17.47
N PHE C 4195 42.51 -12.93 -18.64
CA PHE C 4195 43.79 -13.61 -18.78
C PHE C 4195 44.59 -12.98 -19.91
N GLU C 4196 45.79 -13.50 -20.11
CA GLU C 4196 46.70 -13.05 -21.16
C GLU C 4196 46.78 -14.06 -22.30
N ILE C 4197 46.61 -13.57 -23.52
CA ILE C 4197 46.77 -14.37 -24.73
C ILE C 4197 48.05 -13.94 -25.42
N SER C 4198 48.98 -14.87 -25.61
CA SER C 4198 50.26 -14.50 -26.20
C SER C 4198 50.09 -14.23 -27.69
N GLU C 4199 51.06 -13.50 -28.24
CA GLU C 4199 51.07 -13.21 -29.68
C GLU C 4199 51.24 -14.48 -30.50
N THR C 4200 52.12 -15.40 -30.06
CA THR C 4200 52.36 -16.63 -30.81
C THR C 4200 51.11 -17.49 -30.83
N ASN C 4201 50.43 -17.59 -29.68
CA ASN C 4201 49.23 -18.42 -29.59
C ASN C 4201 48.11 -17.82 -30.43
N ARG C 4202 48.01 -16.48 -30.42
CA ARG C 4202 47.04 -15.81 -31.28
C ARG C 4202 47.34 -16.06 -32.75
N ALA C 4203 48.64 -16.08 -33.11
CA ALA C 4203 49.06 -16.30 -34.48
C ALA C 4203 48.64 -17.69 -34.93
N GLN C 4204 48.98 -18.70 -34.12
CA GLN C 4204 48.66 -20.07 -34.50
C GLN C 4204 47.15 -20.27 -34.50
N TRP C 4205 46.41 -19.48 -33.71
CA TRP C 4205 44.97 -19.60 -33.70
C TRP C 4205 44.41 -19.12 -35.04
N GLU C 4206 44.99 -18.05 -35.60
CA GLU C 4206 44.44 -17.57 -36.86
C GLU C 4206 45.10 -18.25 -38.05
N MET C 4207 46.01 -19.19 -37.81
CA MET C 4207 46.66 -19.90 -38.90
C MET C 4207 45.63 -20.73 -39.67
N PRO C 4208 45.81 -20.89 -41.00
CA PRO C 4208 44.76 -21.54 -41.81
C PRO C 4208 44.46 -23.00 -41.52
N GLN C 4209 45.47 -23.82 -41.22
CA GLN C 4209 45.23 -25.22 -40.86
C GLN C 4209 44.41 -25.33 -39.58
N VAL C 4210 44.70 -24.49 -38.58
CA VAL C 4210 43.96 -24.53 -37.33
C VAL C 4210 42.51 -24.10 -37.57
N LYS C 4211 42.30 -23.11 -38.45
CA LYS C 4211 40.95 -22.68 -38.78
C LYS C 4211 40.18 -23.79 -39.47
N GLU C 4212 40.84 -24.54 -40.36
CA GLU C 4212 40.20 -25.67 -41.02
C GLU C 4212 39.85 -26.76 -40.03
N SER C 4213 40.74 -27.00 -39.05
CA SER C 4213 40.46 -27.93 -37.97
C SER C 4213 39.24 -27.47 -37.18
N LYS C 4214 39.15 -26.16 -36.92
CA LYS C 4214 38.04 -25.60 -36.16
C LYS C 4214 36.74 -25.82 -36.90
N ARG C 4215 36.74 -25.55 -38.22
CA ARG C 4215 35.53 -25.66 -39.02
C ARG C 4215 35.07 -27.11 -39.10
N GLN C 4216 36.04 -28.03 -39.23
CA GLN C 4216 35.74 -29.46 -39.22
C GLN C 4216 35.13 -29.86 -37.88
N PHE C 4217 35.69 -29.34 -36.78
CA PHE C 4217 35.20 -29.68 -35.46
C PHE C 4217 33.77 -29.19 -35.26
N ILE C 4218 33.52 -27.94 -35.65
CA ILE C 4218 32.21 -27.32 -35.48
C ILE C 4218 31.15 -28.08 -36.28
N PHE C 4219 31.52 -28.47 -37.51
CA PHE C 4219 30.61 -29.26 -38.34
C PHE C 4219 30.33 -30.61 -37.66
N ASP C 4220 31.39 -31.24 -37.15
CA ASP C 4220 31.25 -32.58 -36.56
C ASP C 4220 30.34 -32.56 -35.34
N VAL C 4221 30.53 -31.59 -34.43
CA VAL C 4221 29.64 -31.52 -33.27
C VAL C 4221 28.22 -31.13 -33.64
N VAL C 4222 28.04 -30.13 -34.52
CA VAL C 4222 26.69 -29.66 -34.81
C VAL C 4222 25.90 -30.69 -35.61
N ASN C 4223 26.48 -31.20 -36.70
CA ASN C 4223 25.73 -32.12 -37.56
C ASN C 4223 25.58 -33.50 -36.93
N GLU C 4224 26.67 -34.08 -36.44
CA GLU C 4224 26.65 -35.43 -35.91
C GLU C 4224 27.11 -35.41 -34.46
N GLY C 4225 26.25 -34.89 -33.60
CA GLY C 4225 26.61 -34.76 -32.20
C GLY C 4225 25.37 -34.58 -31.36
N GLY C 4226 25.53 -34.81 -30.07
CA GLY C 4226 24.49 -34.54 -29.10
C GLY C 4226 24.99 -33.51 -28.10
N GLU C 4227 24.05 -32.69 -27.62
CA GLU C 4227 24.39 -31.60 -26.70
C GLU C 4227 24.94 -32.09 -25.37
N ALA C 4228 24.63 -33.33 -24.98
CA ALA C 4228 25.04 -33.89 -23.69
C ALA C 4228 26.56 -33.94 -23.56
N GLU C 4229 27.24 -34.35 -24.62
CA GLU C 4229 28.68 -34.59 -24.59
C GLU C 4229 29.47 -33.48 -25.27
N LYS C 4230 28.79 -32.38 -25.61
CA LYS C 4230 29.40 -31.30 -26.38
C LYS C 4230 30.59 -30.69 -25.64
N MET C 4231 30.47 -30.52 -24.33
CA MET C 4231 31.54 -29.88 -23.56
C MET C 4231 32.79 -30.75 -23.52
N GLU C 4232 32.61 -32.06 -23.35
CA GLU C 4232 33.74 -32.98 -23.38
C GLU C 4232 34.41 -33.01 -24.75
N LEU C 4233 33.58 -32.99 -25.81
CA LEU C 4233 34.10 -32.96 -27.17
C LEU C 4233 34.90 -31.67 -27.41
N PHE C 4234 34.39 -30.56 -26.88
CA PHE C 4234 35.03 -29.27 -27.01
C PHE C 4234 36.39 -29.27 -26.31
N VAL C 4235 36.43 -29.78 -25.07
CA VAL C 4235 37.66 -29.78 -24.29
C VAL C 4235 38.70 -30.68 -24.96
N SER C 4236 38.25 -31.81 -25.52
CA SER C 4236 39.15 -32.70 -26.25
C SER C 4236 39.74 -32.01 -27.47
N PHE C 4237 38.89 -31.28 -28.22
CA PHE C 4237 39.37 -30.52 -29.37
C PHE C 4237 40.37 -29.45 -28.96
N CYS C 4238 40.12 -28.78 -27.82
CA CYS C 4238 41.03 -27.74 -27.37
C CYS C 4238 42.35 -28.34 -26.94
N GLU C 4239 42.32 -29.55 -26.38
CA GLU C 4239 43.55 -30.16 -25.88
C GLU C 4239 44.42 -30.58 -27.06
N ASP C 4240 43.78 -31.12 -28.09
CA ASP C 4240 44.51 -31.48 -29.31
C ASP C 4240 45.09 -30.24 -29.97
N THR C 4241 44.32 -29.14 -29.98
CA THR C 4241 44.78 -27.88 -30.56
C THR C 4241 45.97 -27.31 -29.80
N ILE C 4242 45.92 -27.36 -28.46
CA ILE C 4242 47.03 -26.87 -27.64
C ILE C 4242 48.28 -27.71 -27.89
N PHE C 4243 48.10 -29.03 -28.06
CA PHE C 4243 49.25 -29.88 -28.38
C PHE C 4243 49.82 -29.52 -29.75
N GLU C 4244 48.93 -29.23 -30.72
CA GLU C 4244 49.37 -28.85 -32.05
C GLU C 4244 50.15 -27.54 -32.01
N MET C 4245 49.69 -26.59 -31.18
CA MET C 4245 50.41 -25.34 -30.98
C MET C 4245 51.79 -25.60 -30.42
N GLN C 4246 51.90 -26.56 -29.49
CA GLN C 4246 53.18 -26.88 -28.89
C GLN C 4246 54.12 -27.45 -29.95
N ILE C 4247 53.59 -28.34 -30.79
CA ILE C 4247 54.39 -28.98 -31.83
C ILE C 4247 54.89 -27.93 -32.81
N ALA C 4248 54.01 -27.02 -33.21
CA ALA C 4248 54.36 -25.94 -34.14
C ALA C 4248 55.44 -25.06 -33.54
N ALA C 4249 55.31 -24.73 -32.25
CA ALA C 4249 56.28 -23.87 -31.59
C ALA C 4249 57.65 -24.52 -31.56
N GLN C 4250 57.70 -25.82 -31.22
CA GLN C 4250 58.99 -26.51 -31.15
C GLN C 4250 59.66 -26.59 -32.52
N ILE C 4251 58.89 -26.96 -33.55
CA ILE C 4251 59.50 -27.10 -34.88
C ILE C 4251 59.84 -25.74 -35.49
N SER C 4252 59.18 -24.66 -35.05
CA SER C 4252 59.33 -23.34 -35.65
C SER C 4252 60.77 -22.84 -35.60
N GLU C 4253 61.21 -22.22 -36.69
CA GLU C 4253 62.58 -21.74 -36.83
C GLU C 4253 62.63 -20.23 -36.77
N PRO C 4254 63.44 -19.64 -35.87
CA PRO C 4254 63.59 -18.18 -35.80
C PRO C 4254 64.51 -17.64 -36.89
N PHE C 4540 82.01 -35.12 -34.96
CA PHE C 4540 80.93 -35.25 -35.95
C PHE C 4540 79.61 -35.50 -35.24
N TRP C 4541 79.70 -36.05 -34.03
CA TRP C 4541 78.51 -36.28 -33.21
C TRP C 4541 77.84 -34.98 -32.82
N GLY C 4542 78.64 -33.95 -32.51
CA GLY C 4542 78.07 -32.64 -32.19
C GLY C 4542 77.34 -32.01 -33.35
N GLU C 4543 77.96 -32.04 -34.54
CA GLU C 4543 77.32 -31.51 -35.75
C GLU C 4543 76.10 -32.33 -36.14
N LEU C 4544 76.11 -33.62 -35.81
CA LEU C 4544 75.03 -34.54 -36.19
C LEU C 4544 73.69 -34.09 -35.61
N GLU C 4545 73.69 -33.66 -34.35
CA GLU C 4545 72.48 -33.16 -33.71
C GLU C 4545 71.98 -31.91 -34.42
N VAL C 4546 72.89 -31.01 -34.80
CA VAL C 4546 72.54 -29.73 -35.42
C VAL C 4546 71.84 -29.98 -36.75
N GLN C 4547 72.52 -30.74 -37.62
CA GLN C 4547 72.00 -31.02 -38.95
C GLN C 4547 70.70 -31.82 -38.86
N ARG C 4548 70.66 -32.83 -37.98
CA ARG C 4548 69.49 -33.70 -37.88
C ARG C 4548 68.25 -32.93 -37.43
N VAL C 4549 68.37 -32.08 -36.39
CA VAL C 4549 67.19 -31.33 -35.96
C VAL C 4549 66.83 -30.25 -36.98
N LYS C 4550 67.83 -29.63 -37.64
CA LYS C 4550 67.53 -28.58 -38.61
C LYS C 4550 66.78 -29.17 -39.80
N PHE C 4551 67.24 -30.34 -40.25
CA PHE C 4551 66.62 -31.04 -41.36
C PHE C 4551 65.21 -31.45 -41.01
N LEU C 4552 65.05 -32.08 -39.83
CA LEU C 4552 63.74 -32.58 -39.39
C LEU C 4552 62.72 -31.44 -39.27
N ASN C 4553 63.16 -30.30 -38.72
CA ASN C 4553 62.29 -29.13 -38.61
C ASN C 4553 61.92 -28.57 -39.97
N TYR C 4554 62.89 -28.54 -40.91
CA TYR C 4554 62.60 -28.10 -42.26
C TYR C 4554 61.58 -29.01 -42.95
N LEU C 4555 61.73 -30.33 -42.79
CA LEU C 4555 60.77 -31.28 -43.35
C LEU C 4555 59.38 -31.11 -42.72
N SER C 4556 59.33 -30.92 -41.40
CA SER C 4556 58.07 -30.80 -40.70
C SER C 4556 57.35 -29.51 -41.10
N ARG C 4557 58.10 -28.42 -41.24
CA ARG C 4557 57.50 -27.15 -41.63
C ARG C 4557 57.03 -27.20 -43.07
N ASN C 4558 57.77 -27.90 -43.95
CA ASN C 4558 57.46 -27.92 -45.36
C ASN C 4558 56.91 -29.28 -45.80
N PHE C 4559 56.11 -29.92 -44.94
CA PHE C 4559 55.45 -31.15 -45.31
C PHE C 4559 54.41 -30.95 -46.42
N TYR C 4560 53.60 -29.88 -46.30
CA TYR C 4560 52.51 -29.66 -47.25
C TYR C 4560 53.02 -29.33 -48.65
N THR C 4561 54.13 -28.60 -48.72
CA THR C 4561 54.74 -28.27 -50.00
C THR C 4561 55.29 -29.51 -50.68
N LEU C 4562 55.87 -30.44 -49.93
CA LEU C 4562 56.31 -31.69 -50.53
C LEU C 4562 55.15 -32.52 -51.07
N ARG C 4563 54.00 -32.52 -50.37
CA ARG C 4563 52.82 -33.20 -50.87
C ARG C 4563 52.32 -32.58 -52.18
N PHE C 4564 52.33 -31.25 -52.25
CA PHE C 4564 51.97 -30.55 -53.48
C PHE C 4564 52.97 -30.83 -54.58
N LEU C 4565 54.26 -30.87 -54.21
CA LEU C 4565 55.33 -31.13 -55.16
C LEU C 4565 55.17 -32.52 -55.75
N ALA C 4566 54.83 -33.49 -54.89
CA ALA C 4566 54.67 -34.87 -55.33
C ALA C 4566 53.51 -35.00 -56.30
N LEU C 4567 52.43 -34.25 -56.06
CA LEU C 4567 51.33 -34.24 -57.02
C LEU C 4567 51.74 -33.61 -58.36
N PHE C 4568 52.57 -32.57 -58.30
CA PHE C 4568 53.12 -31.96 -59.51
C PHE C 4568 53.99 -32.97 -60.25
N LEU C 4569 54.82 -33.69 -59.49
CA LEU C 4569 55.73 -34.68 -60.05
C LEU C 4569 54.94 -35.77 -60.74
N ALA C 4570 53.84 -36.22 -60.12
CA ALA C 4570 53.05 -37.31 -60.67
C ALA C 4570 52.47 -36.88 -62.01
N PHE C 4571 51.97 -35.63 -62.08
CA PHE C 4571 51.42 -35.15 -63.34
C PHE C 4571 52.50 -35.07 -64.40
N ALA C 4572 53.69 -34.60 -64.02
CA ALA C 4572 54.79 -34.48 -64.97
C ALA C 4572 55.22 -35.83 -65.53
N ILE C 4573 55.30 -36.85 -64.67
CA ILE C 4573 55.68 -38.19 -65.09
C ILE C 4573 54.63 -38.77 -66.03
N ASN C 4574 53.35 -38.63 -65.67
CA ASN C 4574 52.27 -39.12 -66.53
C ASN C 4574 52.27 -38.41 -67.89
N PHE C 4575 52.51 -37.09 -67.87
CA PHE C 4575 52.66 -36.32 -69.11
C PHE C 4575 53.78 -36.90 -69.97
N ILE C 4576 54.93 -37.21 -69.34
CA ILE C 4576 56.03 -37.80 -70.07
C ILE C 4576 55.62 -39.18 -70.59
N LEU C 4577 54.80 -39.89 -69.80
CA LEU C 4577 54.40 -41.26 -70.11
C LEU C 4577 53.39 -41.30 -71.24
N LEU C 4578 52.91 -40.13 -71.67
CA LEU C 4578 51.96 -40.05 -72.76
C LEU C 4578 52.64 -40.01 -74.12
N PHE C 4579 53.93 -40.35 -74.16
CA PHE C 4579 54.71 -40.48 -75.38
C PHE C 4579 55.37 -41.84 -75.48
N TYR C 4580 54.83 -42.83 -74.78
CA TYR C 4580 55.35 -44.19 -74.80
C TYR C 4580 54.82 -44.95 -76.01
N LYS C 4581 55.42 -46.11 -76.26
CA LYS C 4581 55.06 -46.92 -77.41
C LYS C 4581 55.54 -48.34 -77.15
N VAL C 4582 55.25 -49.23 -78.10
CA VAL C 4582 55.75 -50.59 -78.07
C VAL C 4582 56.03 -51.04 -79.50
N SER C 4583 57.09 -51.84 -79.66
CA SER C 4583 57.51 -52.31 -80.97
C SER C 4583 58.07 -53.72 -80.86
N ASP C 4584 57.74 -54.55 -81.84
CA ASP C 4584 58.35 -55.87 -81.92
C ASP C 4584 59.84 -55.75 -82.24
N SER C 4585 60.20 -54.79 -83.09
CA SER C 4585 61.60 -54.49 -83.33
C SER C 4585 62.20 -53.76 -82.12
N PRO C 4586 63.49 -53.92 -81.87
CA PRO C 4586 64.11 -53.18 -80.77
C PRO C 4586 64.18 -51.70 -81.10
N PRO C 4587 64.18 -50.80 -80.07
CA PRO C 4587 64.25 -49.33 -80.13
C PRO C 4587 65.08 -48.68 -81.24
N ASN C 4626 56.97 -63.00 -79.95
CA ASN C 4626 57.96 -61.95 -80.17
C ASN C 4626 58.12 -61.09 -78.92
N MET C 4627 59.37 -60.78 -78.57
CA MET C 4627 59.64 -59.89 -77.47
C MET C 4627 59.14 -58.48 -77.78
N VAL C 4628 58.36 -57.93 -76.87
CA VAL C 4628 57.80 -56.59 -77.01
C VAL C 4628 58.74 -55.61 -76.33
N TYR C 4629 59.11 -54.54 -77.02
CA TYR C 4629 59.93 -53.49 -76.42
C TYR C 4629 59.06 -52.28 -76.21
N TYR C 4630 59.03 -51.80 -74.97
CA TYR C 4630 58.30 -50.59 -74.61
C TYR C 4630 59.30 -49.45 -74.63
N PHE C 4631 59.12 -48.52 -75.57
CA PHE C 4631 60.08 -47.43 -75.75
C PHE C 4631 59.39 -46.07 -75.73
N LEU C 4632 59.92 -45.17 -74.92
CA LEU C 4632 59.45 -43.80 -74.95
C LEU C 4632 59.94 -43.17 -76.25
N GLU C 4633 59.05 -42.49 -76.96
CA GLU C 4633 59.41 -41.95 -78.28
C GLU C 4633 59.12 -40.46 -78.35
N GLU C 4634 60.18 -39.65 -78.52
CA GLU C 4634 60.00 -38.23 -78.73
C GLU C 4634 61.18 -37.71 -79.53
N SER C 4635 60.96 -36.59 -80.22
CA SER C 4635 61.98 -36.01 -81.09
C SER C 4635 63.14 -35.39 -80.30
N THR C 4636 62.83 -34.65 -79.23
CA THR C 4636 63.84 -33.88 -78.49
C THR C 4636 64.91 -34.76 -77.86
N GLY C 4637 64.52 -35.91 -77.31
CA GLY C 4637 65.48 -36.80 -76.69
C GLY C 4637 65.86 -36.45 -75.26
N TYR C 4638 65.31 -35.36 -74.72
CA TYR C 4638 65.58 -34.92 -73.37
C TYR C 4638 64.64 -35.58 -72.37
N MET C 4639 63.56 -36.17 -72.86
CA MET C 4639 62.52 -36.70 -71.98
C MET C 4639 62.98 -37.93 -71.22
N GLU C 4640 63.78 -38.81 -71.83
CA GLU C 4640 64.31 -39.94 -71.06
C GLU C 4640 65.22 -39.48 -69.91
N PRO C 4641 66.15 -38.50 -70.07
CA PRO C 4641 66.85 -37.98 -68.89
C PRO C 4641 65.91 -37.36 -67.88
N ALA C 4642 64.89 -36.63 -68.39
CA ALA C 4642 63.89 -36.02 -67.54
C ALA C 4642 63.17 -37.07 -66.71
N LEU C 4643 62.81 -38.19 -67.34
CA LEU C 4643 62.08 -39.26 -66.67
C LEU C 4643 62.93 -39.87 -65.57
N TRP C 4644 64.21 -40.14 -65.90
CA TRP C 4644 65.13 -40.75 -64.93
C TRP C 4644 65.27 -39.84 -63.70
N CYS C 4645 65.62 -38.57 -63.93
CA CYS C 4645 65.85 -37.65 -62.82
C CYS C 4645 64.58 -37.40 -62.04
N LEU C 4646 63.47 -37.13 -62.73
CA LEU C 4646 62.20 -36.85 -62.07
C LEU C 4646 61.69 -38.03 -61.26
N SER C 4647 61.90 -39.26 -61.74
CA SER C 4647 61.51 -40.44 -60.96
C SER C 4647 62.38 -40.59 -59.71
N LEU C 4648 63.69 -40.31 -59.82
CA LEU C 4648 64.55 -40.34 -58.63
C LEU C 4648 64.16 -39.25 -57.64
N LEU C 4649 63.79 -38.09 -58.17
CA LEU C 4649 63.28 -37.00 -57.35
C LEU C 4649 61.98 -37.40 -56.67
N HIS C 4650 61.09 -38.07 -57.41
CA HIS C 4650 59.78 -38.42 -56.86
C HIS C 4650 59.94 -39.37 -55.70
N THR C 4651 60.81 -40.37 -55.86
CA THR C 4651 61.03 -41.35 -54.80
C THR C 4651 61.61 -40.65 -53.57
N LEU C 4652 62.57 -39.74 -53.79
CA LEU C 4652 63.18 -39.01 -52.66
C LEU C 4652 62.16 -38.12 -51.96
N VAL C 4653 61.34 -37.41 -52.74
CA VAL C 4653 60.27 -36.57 -52.20
C VAL C 4653 59.26 -37.40 -51.41
N ALA C 4654 58.99 -38.62 -51.87
CA ALA C 4654 58.07 -39.51 -51.14
C ALA C 4654 58.66 -39.91 -49.80
N PHE C 4655 59.97 -40.19 -49.77
CA PHE C 4655 60.65 -40.50 -48.51
C PHE C 4655 60.56 -39.30 -47.58
N LEU C 4656 60.76 -38.10 -48.13
CA LEU C 4656 60.73 -36.88 -47.34
C LEU C 4656 59.34 -36.66 -46.75
N CYS C 4657 58.30 -37.05 -47.51
CA CYS C 4657 56.93 -36.94 -47.02
C CYS C 4657 56.66 -37.88 -45.85
N ILE C 4658 57.18 -39.12 -45.91
CA ILE C 4658 56.99 -40.03 -44.79
C ILE C 4658 57.73 -39.54 -43.54
N ILE C 4659 58.94 -39.03 -43.71
CA ILE C 4659 59.66 -38.48 -42.56
C ILE C 4659 58.96 -37.24 -42.00
N GLY C 4660 58.44 -36.38 -42.87
CA GLY C 4660 57.65 -35.24 -42.39
C GLY C 4660 56.41 -35.67 -41.63
N TYR C 4661 55.78 -36.75 -42.10
CA TYR C 4661 54.57 -37.26 -41.46
C TYR C 4661 54.91 -37.75 -40.06
N ASN C 4662 55.99 -38.53 -39.95
CA ASN C 4662 56.38 -39.09 -38.66
C ASN C 4662 56.74 -37.99 -37.68
N CYS C 4663 57.44 -36.95 -38.15
CA CYS C 4663 57.85 -35.88 -37.25
C CYS C 4663 56.76 -34.84 -37.04
N LEU C 4664 55.60 -34.99 -37.67
CA LEU C 4664 54.61 -33.92 -37.55
C LEU C 4664 53.24 -34.42 -37.08
N LYS C 4665 52.65 -35.37 -37.79
CA LYS C 4665 51.29 -35.78 -37.47
C LYS C 4665 51.22 -36.93 -36.48
N VAL C 4666 52.23 -37.80 -36.50
CA VAL C 4666 52.27 -38.94 -35.58
C VAL C 4666 52.23 -38.56 -34.10
N PRO C 4667 52.99 -37.53 -33.60
CA PRO C 4667 52.86 -37.17 -32.18
C PRO C 4667 51.45 -36.79 -31.72
N LEU C 4668 50.64 -36.19 -32.58
CA LEU C 4668 49.25 -35.92 -32.18
C LEU C 4668 48.43 -37.20 -32.06
N VAL C 4669 48.75 -38.22 -32.85
CA VAL C 4669 48.08 -39.51 -32.72
C VAL C 4669 48.49 -40.18 -31.42
N ILE C 4670 49.79 -40.11 -31.10
CA ILE C 4670 50.31 -40.70 -29.88
C ILE C 4670 49.72 -39.99 -28.66
N PHE C 4671 49.59 -38.66 -28.76
CA PHE C 4671 48.95 -37.87 -27.72
C PHE C 4671 47.52 -38.28 -27.52
N LYS C 4672 46.78 -38.45 -28.63
CA LYS C 4672 45.36 -38.79 -28.55
C LYS C 4672 45.17 -40.15 -27.91
N ARG C 4673 46.05 -41.10 -28.25
CA ARG C 4673 45.97 -42.45 -27.69
C ARG C 4673 46.33 -42.46 -26.21
N GLU C 4674 47.38 -41.73 -25.81
CA GLU C 4674 47.71 -41.66 -24.39
C GLU C 4674 46.62 -40.95 -23.60
N LYS C 4675 46.01 -39.90 -24.17
CA LYS C 4675 44.94 -39.20 -23.48
C LYS C 4675 43.73 -40.09 -23.25
N GLU C 4676 43.31 -40.83 -24.28
CA GLU C 4676 42.16 -41.71 -24.12
C GLU C 4676 42.48 -42.85 -23.15
N LEU C 4677 43.72 -43.36 -23.22
CA LEU C 4677 44.12 -44.45 -22.33
C LEU C 4677 44.12 -43.98 -20.89
N ALA C 4678 44.64 -42.78 -20.64
CA ALA C 4678 44.72 -42.24 -19.30
C ALA C 4678 43.33 -42.05 -18.71
N ARG C 4679 42.39 -41.58 -19.54
CA ARG C 4679 41.06 -41.35 -19.00
C ARG C 4679 40.29 -42.66 -18.83
N LYS C 4680 40.56 -43.66 -19.67
CA LYS C 4680 39.93 -44.96 -19.47
C LYS C 4680 40.51 -45.65 -18.23
N LEU C 4681 41.82 -45.54 -18.02
CA LEU C 4681 42.46 -46.09 -16.84
C LEU C 4681 41.98 -45.43 -15.56
N GLU C 4682 41.79 -44.11 -15.59
CA GLU C 4682 41.49 -43.42 -14.33
C GLU C 4682 39.99 -43.25 -14.09
N PHE C 4683 39.27 -42.69 -15.05
CA PHE C 4683 37.87 -42.39 -14.84
C PHE C 4683 36.94 -43.52 -15.27
N ASP C 4684 37.48 -44.59 -15.82
CA ASP C 4684 36.67 -45.76 -16.12
C ASP C 4684 37.16 -47.03 -15.45
N GLY C 4685 38.43 -47.10 -15.04
CA GLY C 4685 38.97 -48.33 -14.49
C GLY C 4685 38.89 -49.54 -15.40
N LEU C 4686 39.16 -49.33 -16.70
CA LEU C 4686 38.92 -50.38 -17.70
C LEU C 4686 39.77 -51.62 -17.45
N TYR C 4687 41.08 -51.47 -17.35
CA TYR C 4687 41.94 -52.62 -17.12
C TYR C 4687 41.81 -53.14 -15.71
N ILE C 4688 41.63 -52.24 -14.73
CA ILE C 4688 41.50 -52.64 -13.33
C ILE C 4688 40.25 -53.47 -13.10
N THR C 4689 39.10 -53.07 -13.65
CA THR C 4689 37.87 -53.81 -13.37
C THR C 4689 37.19 -54.39 -14.60
N GLU C 4690 36.90 -53.57 -15.61
CA GLU C 4690 36.08 -54.03 -16.73
C GLU C 4690 36.76 -55.11 -17.58
N GLN C 4691 38.08 -54.96 -17.87
CA GLN C 4691 38.88 -55.88 -18.71
C GLN C 4691 38.41 -56.00 -20.16
N PRO C 4692 39.17 -55.44 -21.11
CA PRO C 4692 38.85 -55.55 -22.55
C PRO C 4692 38.58 -56.98 -22.98
N GLY C 4693 37.55 -57.14 -23.83
CA GLY C 4693 37.02 -58.45 -24.15
C GLY C 4693 38.00 -59.40 -24.82
N ASP C 4694 38.70 -58.93 -25.88
CA ASP C 4694 39.69 -59.53 -26.79
C ASP C 4694 39.38 -59.05 -28.21
N ASP C 4695 38.07 -58.96 -28.54
CA ASP C 4695 37.65 -58.51 -29.86
C ASP C 4695 38.13 -57.10 -30.17
N ASP C 4696 38.19 -56.23 -29.17
CA ASP C 4696 38.70 -54.89 -29.39
C ASP C 4696 40.22 -55.02 -29.43
N VAL C 4697 40.81 -54.83 -30.62
CA VAL C 4697 42.24 -55.05 -30.77
C VAL C 4697 43.02 -53.90 -30.16
N LYS C 4698 42.40 -52.72 -30.08
CA LYS C 4698 43.07 -51.52 -29.59
C LYS C 4698 43.44 -51.69 -28.13
N GLY C 4699 42.52 -52.21 -27.33
CA GLY C 4699 42.78 -52.42 -25.91
C GLY C 4699 43.88 -53.43 -25.70
N GLN C 4700 43.86 -54.52 -26.51
CA GLN C 4700 44.84 -55.58 -26.40
C GLN C 4700 46.23 -55.04 -26.70
N TRP C 4701 46.35 -54.21 -27.74
CA TRP C 4701 47.65 -53.59 -28.02
C TRP C 4701 48.05 -52.66 -26.90
N ASP C 4702 47.08 -51.91 -26.37
CA ASP C 4702 47.33 -50.94 -25.30
C ASP C 4702 47.79 -51.59 -24.01
N ARG C 4703 47.53 -52.89 -23.82
CA ARG C 4703 47.92 -53.55 -22.57
C ARG C 4703 49.44 -53.50 -22.35
N LEU C 4704 50.22 -53.47 -23.43
CA LEU C 4704 51.67 -53.57 -23.34
C LEU C 4704 52.34 -52.28 -22.87
N VAL C 4705 51.66 -51.14 -22.95
CA VAL C 4705 52.33 -49.87 -22.66
C VAL C 4705 52.19 -49.52 -21.18
N LEU C 4706 51.27 -50.17 -20.46
CA LEU C 4706 50.96 -49.81 -19.08
C LEU C 4706 52.16 -49.98 -18.16
N ASN C 4707 52.90 -51.07 -18.30
CA ASN C 4707 53.98 -51.37 -17.37
C ASN C 4707 55.27 -50.65 -17.70
N THR C 4708 55.30 -49.82 -18.74
CA THR C 4708 56.54 -49.19 -19.17
C THR C 4708 56.90 -48.03 -18.24
N PRO C 4709 58.18 -47.64 -18.20
CA PRO C 4709 58.55 -46.45 -17.41
C PRO C 4709 58.07 -45.14 -17.99
N SER C 4710 57.62 -45.10 -19.24
CA SER C 4710 57.25 -43.84 -19.87
C SER C 4710 55.93 -44.01 -20.62
N PHE C 4711 54.89 -44.37 -19.88
CA PHE C 4711 53.55 -44.43 -20.46
C PHE C 4711 53.00 -43.06 -20.84
N PRO C 4712 53.11 -41.98 -20.00
CA PRO C 4712 52.68 -40.67 -20.51
C PRO C 4712 53.85 -39.82 -20.97
N SER C 4713 54.19 -39.93 -22.26
CA SER C 4713 55.34 -39.21 -22.78
C SER C 4713 54.98 -37.94 -23.52
N ASN C 4714 53.86 -37.92 -24.23
CA ASN C 4714 53.44 -36.71 -24.91
C ASN C 4714 52.32 -35.98 -24.18
N TYR C 4715 51.42 -36.73 -23.53
CA TYR C 4715 50.38 -36.14 -22.72
C TYR C 4715 51.00 -35.47 -21.50
N TRP C 4716 50.55 -34.25 -21.19
CA TRP C 4716 51.05 -33.53 -20.02
C TRP C 4716 50.26 -33.93 -18.77
N ASP C 4717 50.39 -35.20 -18.40
CA ASP C 4717 49.76 -35.72 -17.20
C ASP C 4717 50.66 -36.78 -16.58
N LYS C 4718 51.86 -36.36 -16.15
CA LYS C 4718 52.86 -37.28 -15.63
C LYS C 4718 52.44 -37.97 -14.33
N PHE C 4719 51.42 -37.45 -13.64
CA PHE C 4719 50.99 -38.00 -12.36
C PHE C 4719 49.87 -39.01 -12.54
N VAL C 4720 49.75 -39.58 -13.74
CA VAL C 4720 48.64 -40.47 -14.03
C VAL C 4720 48.75 -41.76 -13.24
N LYS C 4721 49.97 -42.27 -13.05
CA LYS C 4721 50.18 -43.53 -12.32
C LYS C 4721 49.72 -43.35 -10.88
N ARG C 4722 50.11 -42.22 -10.29
CA ARG C 4722 49.72 -41.90 -8.93
C ARG C 4722 48.21 -41.73 -8.83
N LYS C 4723 47.58 -41.16 -9.86
CA LYS C 4723 46.15 -40.93 -9.77
C LYS C 4723 45.36 -42.22 -9.92
N VAL C 4724 45.85 -43.18 -10.72
CA VAL C 4724 45.20 -44.49 -10.77
C VAL C 4724 45.39 -45.21 -9.44
N LEU C 4725 46.57 -45.04 -8.82
CA LEU C 4725 46.85 -45.64 -7.53
C LEU C 4725 45.89 -45.10 -6.48
N ASP C 4726 45.67 -43.79 -6.48
CA ASP C 4726 44.78 -43.19 -5.50
C ASP C 4726 43.34 -43.62 -5.75
N LYS C 4727 42.91 -43.60 -7.02
CA LYS C 4727 41.52 -43.87 -7.36
C LYS C 4727 41.09 -45.30 -7.05
N HIS C 4728 41.85 -46.29 -7.53
CA HIS C 4728 41.41 -47.69 -7.35
C HIS C 4728 42.36 -48.56 -6.53
N GLY C 4729 43.46 -48.02 -6.03
CA GLY C 4729 44.43 -48.83 -5.30
C GLY C 4729 43.89 -49.48 -4.05
N ASP C 4730 43.09 -48.75 -3.28
CA ASP C 4730 42.60 -49.24 -1.99
C ASP C 4730 41.69 -50.45 -2.14
N ILE C 4731 40.73 -50.39 -3.07
CA ILE C 4731 39.84 -51.52 -3.30
C ILE C 4731 40.59 -52.67 -4.00
N PHE C 4732 41.29 -52.38 -5.09
CA PHE C 4732 41.92 -53.45 -5.88
C PHE C 4732 43.13 -54.06 -5.19
N GLY C 4733 43.92 -53.23 -4.50
CA GLY C 4733 45.17 -53.64 -3.91
C GLY C 4733 46.31 -52.79 -4.41
N ARG C 4734 47.46 -52.93 -3.75
CA ARG C 4734 48.58 -52.07 -4.07
C ARG C 4734 49.60 -52.74 -4.97
N GLU C 4735 49.94 -54.00 -4.66
CA GLU C 4735 50.85 -54.76 -5.50
C GLU C 4735 50.28 -54.99 -6.89
N ARG C 4736 48.96 -55.20 -6.99
CA ARG C 4736 48.32 -55.49 -8.27
C ARG C 4736 48.51 -54.33 -9.23
N ILE C 4737 48.24 -53.11 -8.76
CA ILE C 4737 48.36 -51.93 -9.60
C ILE C 4737 49.82 -51.62 -9.86
N ALA C 4738 50.68 -51.82 -8.84
CA ALA C 4738 52.10 -51.52 -9.00
C ALA C 4738 52.73 -52.45 -10.03
N GLU C 4739 52.33 -53.72 -10.03
CA GLU C 4739 52.76 -54.68 -11.03
C GLU C 4739 52.22 -54.31 -12.41
N LEU C 4740 50.94 -53.96 -12.49
CA LEU C 4740 50.33 -53.64 -13.78
C LEU C 4740 50.94 -52.41 -14.42
N LEU C 4741 51.16 -51.37 -13.63
CA LEU C 4741 51.66 -50.09 -14.14
C LEU C 4741 53.16 -49.97 -14.01
N GLY C 4742 53.85 -51.01 -13.54
CA GLY C 4742 55.30 -51.01 -13.43
C GLY C 4742 55.86 -49.90 -12.56
N MET C 4743 55.16 -49.55 -11.49
CA MET C 4743 55.58 -48.53 -10.55
C MET C 4743 56.17 -49.17 -9.31
N ASP C 4744 57.34 -48.67 -8.88
CA ASP C 4744 57.99 -49.15 -7.67
C ASP C 4744 57.35 -48.45 -6.47
N LEU C 4745 56.66 -49.24 -5.63
CA LEU C 4745 56.00 -48.70 -4.45
C LEU C 4745 56.99 -48.14 -3.45
N ALA C 4746 58.19 -48.72 -3.37
CA ALA C 4746 59.22 -48.24 -2.46
C ALA C 4746 59.64 -46.81 -2.77
N SER C 4747 59.83 -46.49 -4.05
CA SER C 4747 60.28 -45.21 -4.64
C SER C 4747 60.98 -44.16 -3.77
N ASP C 4772 63.58 -48.17 -24.27
CA ASP C 4772 62.37 -48.78 -23.74
C ASP C 4772 61.69 -49.51 -24.90
N VAL C 4773 62.09 -50.78 -25.05
CA VAL C 4773 61.73 -51.61 -26.20
C VAL C 4773 60.21 -51.78 -26.28
N LYS C 4774 59.56 -52.04 -25.14
CA LYS C 4774 58.12 -52.30 -25.13
C LYS C 4774 57.35 -51.06 -25.56
N TYR C 4775 57.79 -49.89 -25.08
CA TYR C 4775 57.13 -48.63 -25.42
C TYR C 4775 57.28 -48.35 -26.90
N GLN C 4776 58.50 -48.52 -27.43
CA GLN C 4776 58.74 -48.25 -28.84
C GLN C 4776 57.93 -49.20 -29.72
N ILE C 4777 57.84 -50.48 -29.31
CA ILE C 4777 57.06 -51.47 -30.04
C ILE C 4777 55.60 -51.06 -30.08
N TRP C 4778 55.07 -50.59 -28.94
CA TRP C 4778 53.67 -50.17 -28.87
C TRP C 4778 53.46 -48.94 -29.76
N LYS C 4779 54.40 -48.00 -29.71
CA LYS C 4779 54.30 -46.75 -30.47
C LYS C 4779 54.29 -47.08 -31.95
N PHE C 4780 55.20 -47.96 -32.39
CA PHE C 4780 55.28 -48.32 -33.80
C PHE C 4780 54.03 -49.07 -34.23
N GLY C 4781 53.40 -49.81 -33.31
CA GLY C 4781 52.14 -50.46 -33.64
C GLY C 4781 51.06 -49.44 -33.91
N VAL C 4782 50.98 -48.41 -33.07
CA VAL C 4782 50.04 -47.31 -33.30
C VAL C 4782 50.35 -46.62 -34.63
N ILE C 4783 51.64 -46.49 -34.95
CA ILE C 4783 52.05 -45.88 -36.21
C ILE C 4783 51.60 -46.77 -37.37
N PHE C 4784 51.68 -48.07 -37.19
CA PHE C 4784 51.43 -49.04 -38.25
C PHE C 4784 49.97 -49.44 -38.28
N THR C 4785 49.12 -48.73 -37.54
CA THR C 4785 47.68 -48.93 -37.63
C THR C 4785 46.96 -47.66 -38.06
N ASP C 4786 47.69 -46.61 -38.45
CA ASP C 4786 47.09 -45.34 -38.84
C ASP C 4786 46.84 -45.35 -40.34
N ASN C 4787 45.62 -44.99 -40.75
CA ASN C 4787 45.24 -45.05 -42.16
C ASN C 4787 46.11 -44.14 -43.02
N SER C 4788 46.37 -42.92 -42.56
CA SER C 4788 47.11 -41.96 -43.36
C SER C 4788 48.55 -42.39 -43.55
N PHE C 4789 49.16 -42.94 -42.49
CA PHE C 4789 50.52 -43.46 -42.61
C PHE C 4789 50.57 -44.64 -43.56
N LEU C 4790 49.54 -45.49 -43.53
CA LEU C 4790 49.53 -46.66 -44.41
C LEU C 4790 49.38 -46.22 -45.85
N TYR C 4791 48.58 -45.18 -46.09
CA TYR C 4791 48.45 -44.61 -47.41
C TYR C 4791 49.78 -44.03 -47.89
N LEU C 4792 50.50 -43.33 -47.02
CA LEU C 4792 51.79 -42.76 -47.41
C LEU C 4792 52.81 -43.86 -47.70
N GLY C 4793 52.77 -44.93 -46.91
CA GLY C 4793 53.65 -46.06 -47.15
C GLY C 4793 53.32 -46.76 -48.46
N TRP C 4794 52.04 -46.83 -48.80
CA TRP C 4794 51.63 -47.37 -50.09
C TRP C 4794 52.10 -46.48 -51.23
N TYR C 4795 52.08 -45.16 -51.02
CA TYR C 4795 52.61 -44.22 -52.01
C TYR C 4795 54.11 -44.44 -52.21
N MET C 4796 54.82 -44.71 -51.12
CA MET C 4796 56.25 -45.03 -51.20
C MET C 4796 56.48 -46.34 -51.93
N VAL C 4797 55.63 -47.33 -51.67
CA VAL C 4797 55.80 -48.65 -52.26
C VAL C 4797 55.59 -48.58 -53.78
N MET C 4798 54.54 -47.88 -54.21
CA MET C 4798 54.31 -47.75 -55.65
C MET C 4798 55.35 -46.83 -56.28
N SER C 4799 55.93 -45.93 -55.48
CA SER C 4799 56.99 -45.06 -55.99
C SER C 4799 58.23 -45.90 -56.28
N LEU C 4800 58.54 -46.83 -55.37
CA LEU C 4800 59.70 -47.69 -55.55
C LEU C 4800 59.47 -48.61 -56.72
N LEU C 4801 58.26 -49.18 -56.81
CA LEU C 4801 57.93 -50.15 -57.85
C LEU C 4801 57.98 -49.51 -59.23
N GLY C 4802 57.63 -48.22 -59.32
CA GLY C 4802 57.61 -47.55 -60.61
C GLY C 4802 58.98 -47.45 -61.26
N HIS C 4803 60.05 -47.62 -60.48
CA HIS C 4803 61.38 -47.74 -61.04
C HIS C 4803 61.53 -49.04 -61.81
N TYR C 4804 60.95 -50.12 -61.27
CA TYR C 4804 60.94 -51.41 -61.97
C TYR C 4804 60.09 -51.33 -63.24
N ASN C 4805 58.84 -50.87 -63.13
CA ASN C 4805 58.02 -50.67 -64.32
C ASN C 4805 57.45 -49.26 -64.29
N ASN C 4806 57.70 -48.49 -65.35
CA ASN C 4806 57.35 -47.07 -65.38
C ASN C 4806 55.86 -46.84 -65.25
N PHE C 4807 55.04 -47.76 -65.77
CA PHE C 4807 53.59 -47.58 -65.78
C PHE C 4807 52.98 -47.65 -64.38
N PHE C 4808 53.75 -48.09 -63.37
CA PHE C 4808 53.31 -48.09 -61.99
C PHE C 4808 53.22 -46.68 -61.42
N PHE C 4809 53.77 -45.69 -62.11
CA PHE C 4809 53.81 -44.32 -61.65
C PHE C 4809 52.54 -43.58 -62.03
N ALA C 4810 51.54 -44.32 -62.51
CA ALA C 4810 50.23 -43.76 -62.84
C ALA C 4810 49.20 -44.14 -61.79
N ALA C 4811 49.64 -44.64 -60.64
CA ALA C 4811 48.74 -44.98 -59.55
C ALA C 4811 48.77 -43.87 -58.51
N HIS C 4812 49.60 -42.87 -58.75
CA HIS C 4812 49.82 -41.75 -57.86
C HIS C 4812 48.89 -40.60 -58.19
N LEU C 4813 48.18 -40.69 -59.32
CA LEU C 4813 47.24 -39.67 -59.71
C LEU C 4813 46.03 -39.62 -58.80
N LEU C 4814 45.74 -40.73 -58.11
CA LEU C 4814 44.59 -40.82 -57.21
C LEU C 4814 44.74 -39.97 -55.96
N ASP C 4815 45.93 -39.42 -55.72
CA ASP C 4815 46.18 -38.53 -54.61
C ASP C 4815 45.42 -37.21 -54.70
N ILE C 4816 44.89 -36.87 -55.89
CA ILE C 4816 44.18 -35.61 -56.11
C ILE C 4816 42.95 -35.52 -55.21
N ALA C 4817 42.32 -36.67 -54.93
CA ALA C 4817 41.18 -36.72 -54.00
C ALA C 4817 41.57 -36.26 -52.61
N MET C 4818 42.73 -36.68 -52.14
CA MET C 4818 43.20 -36.29 -50.81
C MET C 4818 44.01 -35.01 -50.86
N GLY C 4819 44.21 -34.45 -52.04
CA GLY C 4819 45.05 -33.28 -52.21
C GLY C 4819 44.21 -32.03 -52.35
N VAL C 4820 43.09 -32.14 -53.07
CA VAL C 4820 42.19 -31.01 -53.26
C VAL C 4820 40.99 -31.21 -52.35
N LYS C 4821 40.56 -30.14 -51.70
CA LYS C 4821 39.37 -30.24 -50.85
C LYS C 4821 38.11 -30.34 -51.68
N THR C 4822 38.07 -29.63 -52.83
CA THR C 4822 36.87 -29.58 -53.67
C THR C 4822 36.52 -30.97 -54.19
N LEU C 4823 37.54 -31.72 -54.62
CA LEU C 4823 37.32 -33.05 -55.15
C LEU C 4823 36.74 -33.94 -54.06
N ARG C 4824 37.22 -33.74 -52.83
CA ARG C 4824 36.74 -34.51 -51.70
C ARG C 4824 35.26 -34.23 -51.45
N THR C 4825 34.83 -32.97 -51.59
CA THR C 4825 33.38 -32.72 -51.46
C THR C 4825 32.58 -33.37 -52.57
N ILE C 4826 33.07 -33.34 -53.82
CA ILE C 4826 32.34 -34.04 -54.89
C ILE C 4826 32.32 -35.56 -54.66
N LEU C 4827 33.43 -36.13 -54.23
CA LEU C 4827 33.49 -37.57 -53.98
C LEU C 4827 32.72 -37.99 -52.74
N SER C 4828 32.54 -37.09 -51.77
CA SER C 4828 31.76 -37.42 -50.57
C SER C 4828 30.31 -37.76 -50.92
N SER C 4829 29.76 -37.16 -51.97
CA SER C 4829 28.43 -37.54 -52.43
C SER C 4829 28.39 -39.00 -52.85
N VAL C 4830 29.42 -39.46 -53.58
CA VAL C 4830 29.49 -40.86 -53.97
C VAL C 4830 29.67 -41.77 -52.77
N THR C 4831 30.58 -41.41 -51.86
CA THR C 4831 30.89 -42.30 -50.74
C THR C 4831 29.79 -42.33 -49.70
N HIS C 4832 29.02 -41.24 -49.59
CA HIS C 4832 28.00 -41.10 -48.55
C HIS C 4832 26.93 -42.18 -48.67
N ASN C 4833 26.50 -42.50 -49.88
CA ASN C 4833 25.47 -43.51 -50.12
C ASN C 4833 26.05 -44.81 -50.66
N GLY C 4834 27.32 -45.09 -50.32
CA GLY C 4834 28.03 -46.24 -50.87
C GLY C 4834 27.40 -47.58 -50.57
N LYS C 4835 26.92 -47.77 -49.33
CA LYS C 4835 26.25 -49.01 -48.96
C LYS C 4835 24.99 -49.19 -49.79
N GLN C 4836 24.27 -48.11 -50.02
CA GLN C 4836 23.02 -48.15 -50.77
C GLN C 4836 23.29 -48.49 -52.23
N LEU C 4837 24.37 -47.92 -52.80
CA LEU C 4837 24.72 -48.22 -54.18
C LEU C 4837 25.14 -49.67 -54.33
N VAL C 4838 25.90 -50.20 -53.36
CA VAL C 4838 26.35 -51.58 -53.46
C VAL C 4838 25.14 -52.51 -53.36
N MET C 4839 24.19 -52.17 -52.48
CA MET C 4839 22.97 -52.96 -52.33
C MET C 4839 22.12 -52.94 -53.60
N THR C 4840 21.99 -51.78 -54.25
CA THR C 4840 21.19 -51.78 -55.47
C THR C 4840 21.93 -52.39 -56.66
N VAL C 4841 23.25 -52.53 -56.59
CA VAL C 4841 23.94 -53.24 -57.66
C VAL C 4841 23.79 -54.75 -57.46
N GLY C 4842 23.86 -55.21 -56.21
CA GLY C 4842 23.58 -56.60 -55.92
C GLY C 4842 22.13 -56.97 -56.26
N LEU C 4843 21.21 -56.04 -56.01
CA LEU C 4843 19.83 -56.23 -56.43
C LEU C 4843 19.71 -56.31 -57.94
N LEU C 4844 20.45 -55.46 -58.67
CA LEU C 4844 20.45 -55.54 -60.13
C LEU C 4844 21.01 -56.87 -60.62
N ALA C 4845 21.99 -57.42 -59.90
CA ALA C 4845 22.50 -58.76 -60.20
C ALA C 4845 21.44 -59.84 -60.02
N VAL C 4846 20.63 -59.70 -58.96
CA VAL C 4846 19.53 -60.63 -58.72
C VAL C 4846 18.49 -60.56 -59.83
N VAL C 4847 18.08 -59.35 -60.20
CA VAL C 4847 17.02 -59.24 -61.22
C VAL C 4847 17.54 -59.67 -62.60
N VAL C 4848 18.80 -59.37 -62.93
CA VAL C 4848 19.38 -59.84 -64.18
C VAL C 4848 19.44 -61.36 -64.18
N TYR C 4849 19.67 -61.96 -63.01
CA TYR C 4849 19.64 -63.41 -62.89
C TYR C 4849 18.24 -63.94 -63.15
N LEU C 4850 17.22 -63.28 -62.62
CA LEU C 4850 15.85 -63.74 -62.83
C LEU C 4850 15.43 -63.70 -64.30
N TYR C 4851 15.93 -62.71 -65.03
CA TYR C 4851 15.70 -62.70 -66.48
C TYR C 4851 16.51 -63.78 -67.16
N THR C 4852 17.74 -64.02 -66.70
CA THR C 4852 18.55 -65.08 -67.27
C THR C 4852 17.88 -66.45 -67.09
N VAL C 4853 17.24 -66.66 -65.95
CA VAL C 4853 16.49 -67.88 -65.69
C VAL C 4853 15.34 -68.03 -66.68
N VAL C 4854 14.60 -66.94 -66.92
CA VAL C 4854 13.45 -67.01 -67.81
C VAL C 4854 13.89 -67.22 -69.26
N ALA C 4855 14.98 -66.58 -69.65
CA ALA C 4855 15.50 -66.76 -71.01
C ALA C 4855 16.07 -68.15 -71.21
N PHE C 4856 16.79 -68.68 -70.22
CA PHE C 4856 17.39 -70.00 -70.34
C PHE C 4856 16.32 -71.07 -70.43
N ASN C 4857 15.28 -70.94 -69.62
CA ASN C 4857 14.17 -71.89 -69.65
C ASN C 4857 13.37 -71.80 -70.95
N PHE C 4858 13.19 -70.59 -71.51
CA PHE C 4858 12.26 -70.48 -72.63
C PHE C 4858 12.77 -69.84 -73.91
N PHE C 4859 13.96 -69.25 -73.96
CA PHE C 4859 14.30 -68.44 -75.13
C PHE C 4859 15.71 -68.74 -75.62
N ARG C 4860 16.06 -70.02 -75.66
CA ARG C 4860 17.42 -70.42 -76.03
C ARG C 4860 17.73 -70.17 -77.50
N LYS C 4861 16.73 -70.35 -78.37
CA LYS C 4861 16.93 -70.26 -79.81
C LYS C 4861 17.36 -68.86 -80.24
N PHE C 4862 16.77 -67.84 -79.61
CA PHE C 4862 16.94 -66.46 -80.03
C PHE C 4862 18.38 -65.98 -79.93
N TYR C 4863 19.09 -66.40 -78.90
CA TYR C 4863 20.43 -65.86 -78.63
C TYR C 4863 21.51 -66.61 -79.41
N ASN C 4864 21.42 -66.53 -80.74
CA ASN C 4864 22.45 -67.05 -81.62
C ASN C 4864 23.21 -65.85 -82.18
N LYS C 4865 24.42 -65.62 -81.68
CA LYS C 4865 25.14 -64.42 -82.06
C LYS C 4865 25.93 -64.58 -83.35
N SER C 4866 25.81 -65.72 -84.01
CA SER C 4866 26.62 -66.01 -85.19
C SER C 4866 25.73 -65.95 -86.43
N GLU C 4867 26.10 -65.08 -87.37
CA GLU C 4867 25.40 -65.00 -88.64
C GLU C 4867 25.63 -66.27 -89.47
N ASP C 4868 26.86 -66.78 -89.46
CA ASP C 4868 27.23 -67.92 -90.30
C ASP C 4868 26.65 -69.20 -89.74
N GLU C 4869 25.86 -69.90 -90.56
CA GLU C 4869 25.17 -71.11 -90.13
C GLU C 4869 26.12 -72.27 -89.85
N ASP C 4870 27.35 -72.22 -90.40
CA ASP C 4870 28.29 -73.32 -90.25
C ASP C 4870 28.67 -73.51 -88.79
N GLU C 4871 28.91 -72.43 -88.06
CA GLU C 4871 29.14 -72.52 -86.62
C GLU C 4871 28.08 -71.70 -85.92
N PRO C 4872 27.09 -72.32 -85.27
CA PRO C 4872 26.13 -71.54 -84.48
C PRO C 4872 26.78 -71.18 -83.15
N ASP C 4873 26.77 -69.90 -82.82
CA ASP C 4873 27.26 -69.45 -81.52
C ASP C 4873 26.08 -69.05 -80.68
N MET C 4874 25.69 -69.93 -79.77
CA MET C 4874 24.54 -69.72 -78.91
C MET C 4874 25.05 -69.31 -77.55
N LYS C 4875 24.60 -68.15 -77.06
CA LYS C 4875 25.14 -67.62 -75.82
C LYS C 4875 24.17 -67.81 -74.67
N CYS C 4876 23.24 -68.75 -74.78
CA CYS C 4876 22.37 -69.09 -73.66
C CYS C 4876 22.24 -70.60 -73.48
N ASP C 4877 23.27 -71.37 -73.84
CA ASP C 4877 23.19 -72.81 -73.68
C ASP C 4877 23.93 -73.25 -72.43
N ASP C 4878 24.11 -72.33 -71.50
CA ASP C 4878 24.81 -72.54 -70.24
C ASP C 4878 24.33 -71.41 -69.34
N MET C 4879 24.40 -71.63 -68.04
CA MET C 4879 23.88 -70.58 -67.19
C MET C 4879 24.96 -69.61 -66.80
N MET C 4880 26.23 -70.03 -66.92
CA MET C 4880 27.34 -69.12 -66.73
C MET C 4880 27.43 -68.20 -67.94
N THR C 4881 27.30 -68.79 -69.14
CA THR C 4881 27.46 -68.01 -70.35
C THR C 4881 26.27 -67.09 -70.53
N CYS C 4882 25.05 -67.59 -70.26
CA CYS C 4882 23.87 -66.75 -70.42
C CYS C 4882 23.85 -65.62 -69.39
N TYR C 4883 24.31 -65.90 -68.15
CA TYR C 4883 24.41 -64.84 -67.15
C TYR C 4883 25.46 -63.80 -67.53
N LEU C 4884 26.64 -64.24 -67.97
CA LEU C 4884 27.66 -63.31 -68.42
C LEU C 4884 27.18 -62.48 -69.61
N PHE C 4885 26.41 -63.10 -70.51
CA PHE C 4885 25.84 -62.39 -71.64
C PHE C 4885 24.84 -61.34 -71.19
N HIS C 4886 23.97 -61.72 -70.26
CA HIS C 4886 22.90 -60.81 -69.84
C HIS C 4886 23.47 -59.66 -69.04
N MET C 4887 24.42 -59.95 -68.15
CA MET C 4887 25.03 -58.94 -67.31
C MET C 4887 25.88 -57.99 -68.13
N TYR C 4888 26.64 -58.51 -69.10
CA TYR C 4888 27.52 -57.64 -69.84
C TYR C 4888 26.75 -56.87 -70.92
N VAL C 4889 26.17 -57.59 -71.90
CA VAL C 4889 25.54 -56.91 -73.02
C VAL C 4889 24.20 -56.28 -72.64
N GLY C 4890 23.38 -56.93 -71.78
CA GLY C 4890 22.05 -56.42 -71.51
C GLY C 4890 22.10 -55.12 -70.74
N VAL C 4891 22.91 -55.07 -69.70
CA VAL C 4891 23.06 -53.83 -68.94
C VAL C 4891 23.80 -52.80 -69.77
N ARG C 4892 24.78 -53.22 -70.58
CA ARG C 4892 25.54 -52.23 -71.33
C ARG C 4892 24.85 -51.80 -72.62
N ALA C 4893 23.66 -52.30 -72.92
CA ALA C 4893 22.98 -51.93 -74.14
C ALA C 4893 21.91 -50.89 -73.85
N GLY C 4894 21.68 -50.00 -74.82
CA GLY C 4894 20.76 -48.91 -74.63
C GLY C 4894 19.31 -49.33 -74.54
N GLY C 4895 18.94 -50.41 -75.22
CA GLY C 4895 17.54 -50.77 -75.28
C GLY C 4895 17.15 -52.01 -74.50
N GLY C 4896 18.13 -52.74 -73.99
CA GLY C 4896 17.87 -53.94 -73.22
C GLY C 4896 18.56 -55.14 -73.84
N ILE C 4897 17.88 -56.29 -73.80
CA ILE C 4897 18.39 -57.48 -74.45
C ILE C 4897 17.72 -57.71 -75.81
N GLY C 4898 16.58 -57.05 -76.07
CA GLY C 4898 15.90 -57.19 -77.34
C GLY C 4898 16.68 -56.64 -78.50
N ASP C 4899 17.48 -55.59 -78.26
CA ASP C 4899 18.33 -55.03 -79.29
C ASP C 4899 19.42 -56.03 -79.67
N GLU C 4900 20.03 -56.65 -78.66
CA GLU C 4900 21.17 -57.54 -78.89
C GLU C 4900 20.72 -58.86 -79.52
N ILE C 4901 19.58 -59.40 -79.14
CA ILE C 4901 19.21 -60.73 -79.60
C ILE C 4901 18.39 -60.68 -80.88
N GLU C 4902 17.92 -61.85 -81.34
CA GLU C 4902 17.22 -61.98 -82.59
C GLU C 4902 15.82 -61.41 -82.50
N ASP C 4903 15.27 -61.07 -83.67
CA ASP C 4903 13.95 -60.47 -83.75
C ASP C 4903 12.89 -61.47 -83.30
N PRO C 4904 11.88 -61.03 -82.56
CA PRO C 4904 10.88 -61.96 -82.03
C PRO C 4904 9.70 -62.23 -82.95
N ALA C 4905 9.66 -61.63 -84.14
CA ALA C 4905 8.49 -61.76 -84.99
C ALA C 4905 8.39 -63.17 -85.57
N GLY C 4906 7.20 -63.48 -86.09
CA GLY C 4906 6.92 -64.75 -86.73
C GLY C 4906 7.20 -65.99 -85.91
N ASP C 4907 6.69 -66.05 -84.68
CA ASP C 4907 6.95 -67.19 -83.81
C ASP C 4907 5.82 -67.28 -82.80
N GLU C 4908 5.71 -68.43 -82.14
CA GLU C 4908 4.71 -68.63 -81.10
C GLU C 4908 4.97 -67.71 -79.90
N TYR C 4909 6.23 -67.55 -79.52
CA TYR C 4909 6.58 -66.82 -78.30
C TYR C 4909 6.82 -65.34 -78.55
N GLU C 4910 6.26 -64.80 -79.64
CA GLU C 4910 6.42 -63.40 -79.98
C GLU C 4910 5.84 -62.51 -78.91
N LEU C 4911 4.62 -62.81 -78.48
CA LEU C 4911 3.95 -62.00 -77.47
C LEU C 4911 4.66 -62.08 -76.13
N TYR C 4912 5.23 -63.24 -75.81
CA TYR C 4912 6.02 -63.37 -74.60
C TYR C 4912 7.30 -62.53 -74.67
N ARG C 4913 7.98 -62.53 -75.82
CA ARG C 4913 9.18 -61.71 -75.96
C ARG C 4913 8.91 -60.22 -75.96
N VAL C 4914 7.83 -59.77 -76.61
CA VAL C 4914 7.53 -58.32 -76.62
C VAL C 4914 7.20 -57.77 -75.24
N VAL C 4915 6.98 -58.62 -74.25
CA VAL C 4915 6.76 -58.17 -72.88
C VAL C 4915 7.98 -58.48 -72.04
N PHE C 4916 8.77 -59.48 -72.43
CA PHE C 4916 10.04 -59.79 -71.77
C PHE C 4916 11.04 -58.66 -71.97
N ASP C 4917 11.16 -58.16 -73.20
CA ASP C 4917 12.10 -57.09 -73.49
C ASP C 4917 11.68 -55.77 -72.86
N ILE C 4918 10.40 -55.41 -72.96
CA ILE C 4918 10.00 -54.12 -72.40
C ILE C 4918 9.99 -54.16 -70.87
N THR C 4919 9.85 -55.34 -70.24
CA THR C 4919 10.02 -55.38 -68.80
C THR C 4919 11.49 -55.20 -68.44
N PHE C 4920 12.39 -55.83 -69.22
CA PHE C 4920 13.81 -55.70 -68.98
C PHE C 4920 14.22 -54.23 -69.18
N PHE C 4921 13.64 -53.59 -70.19
CA PHE C 4921 13.88 -52.18 -70.48
C PHE C 4921 13.43 -51.30 -69.32
N PHE C 4922 12.20 -51.46 -68.87
CA PHE C 4922 11.67 -50.57 -67.84
C PHE C 4922 12.35 -50.82 -66.50
N PHE C 4923 12.32 -52.07 -66.05
CA PHE C 4923 12.78 -52.40 -64.70
C PHE C 4923 14.29 -52.29 -64.57
N VAL C 4924 15.03 -53.09 -65.35
CA VAL C 4924 16.49 -53.12 -65.23
C VAL C 4924 17.14 -51.86 -65.78
N ILE C 4925 16.68 -51.36 -66.92
CA ILE C 4925 17.43 -50.30 -67.58
C ILE C 4925 16.97 -48.92 -67.16
N VAL C 4926 15.67 -48.68 -67.18
CA VAL C 4926 15.16 -47.36 -66.79
C VAL C 4926 15.15 -47.23 -65.26
N ILE C 4927 14.31 -48.04 -64.60
CA ILE C 4927 14.07 -47.91 -63.17
C ILE C 4927 15.34 -48.14 -62.36
N LEU C 4928 16.15 -49.12 -62.73
CA LEU C 4928 17.26 -49.51 -61.88
C LEU C 4928 18.54 -48.74 -62.15
N LEU C 4929 18.55 -47.85 -63.14
CA LEU C 4929 19.68 -46.96 -63.35
C LEU C 4929 19.27 -45.54 -63.07
N ALA C 4930 18.09 -45.36 -62.50
CA ALA C 4930 17.57 -44.10 -62.03
C ALA C 4930 17.68 -43.98 -60.52
N ILE C 4931 17.74 -45.13 -59.84
CA ILE C 4931 17.95 -45.17 -58.41
C ILE C 4931 19.35 -44.72 -58.07
N ILE C 4932 20.32 -45.03 -58.93
CA ILE C 4932 21.70 -44.58 -58.73
C ILE C 4932 21.80 -43.06 -58.87
N GLN C 4933 21.12 -42.51 -59.88
CA GLN C 4933 21.07 -41.07 -60.06
C GLN C 4933 20.36 -40.40 -58.90
N GLY C 4934 19.29 -41.03 -58.41
CA GLY C 4934 18.59 -40.50 -57.26
C GLY C 4934 19.42 -40.52 -56.00
N LEU C 4935 20.23 -41.57 -55.82
CA LEU C 4935 21.13 -41.65 -54.68
C LEU C 4935 22.19 -40.56 -54.71
N ILE C 4936 22.77 -40.28 -55.88
CA ILE C 4936 23.74 -39.19 -55.98
C ILE C 4936 23.08 -37.82 -55.76
N ILE C 4937 21.93 -37.59 -56.41
CA ILE C 4937 21.22 -36.32 -56.29
C ILE C 4937 20.76 -36.10 -54.84
N ASP C 4938 20.26 -37.17 -54.21
CA ASP C 4938 19.90 -37.14 -52.81
C ASP C 4938 21.10 -36.81 -51.95
N ALA C 4939 22.26 -37.38 -52.27
CA ALA C 4939 23.45 -37.16 -51.46
C ALA C 4939 23.85 -35.69 -51.52
N PHE C 4940 23.78 -35.10 -52.73
CA PHE C 4940 24.13 -33.69 -52.90
C PHE C 4940 23.19 -32.79 -52.11
N GLY C 4941 21.89 -33.15 -52.11
CA GLY C 4941 20.92 -32.39 -51.34
C GLY C 4941 21.15 -32.53 -49.86
N GLU C 4942 21.43 -33.75 -49.40
CA GLU C 4942 21.63 -34.01 -47.99
C GLU C 4942 22.86 -33.27 -47.48
N LEU C 4943 23.93 -33.26 -48.26
CA LEU C 4943 25.14 -32.53 -47.88
C LEU C 4943 24.89 -31.02 -47.85
N ARG C 4944 24.03 -30.52 -48.76
CA ARG C 4944 23.76 -29.09 -48.76
C ARG C 4944 22.95 -28.71 -47.51
N ASP C 4945 21.90 -29.48 -47.22
CA ASP C 4945 21.07 -29.20 -46.05
C ASP C 4945 21.88 -29.33 -44.77
N GLN C 4946 22.83 -30.29 -44.74
CA GLN C 4946 23.68 -30.46 -43.57
C GLN C 4946 24.52 -29.21 -43.32
N GLN C 4947 25.13 -28.67 -44.38
CA GLN C 4947 25.94 -27.46 -44.21
C GLN C 4947 25.07 -26.27 -43.82
N GLU C 4948 23.89 -26.16 -44.44
CA GLU C 4948 22.98 -25.06 -44.14
C GLU C 4948 22.48 -25.14 -42.71
N GLN C 4949 22.18 -26.35 -42.23
CA GLN C 4949 21.79 -26.52 -40.83
C GLN C 4949 22.90 -26.14 -39.87
N VAL C 4950 24.16 -26.47 -40.21
CA VAL C 4950 25.28 -26.12 -39.34
C VAL C 4950 25.41 -24.60 -39.26
N LYS C 4951 25.31 -23.93 -40.41
CA LYS C 4951 25.40 -22.48 -40.45
C LYS C 4951 24.23 -21.84 -39.71
N GLU C 4952 23.02 -22.37 -39.90
CA GLU C 4952 21.83 -21.80 -39.29
C GLU C 4952 21.85 -21.94 -37.77
N ASP C 4953 22.35 -23.08 -37.29
CA ASP C 4953 22.49 -23.27 -35.84
C ASP C 4953 23.52 -22.31 -35.27
N MET C 4954 24.66 -22.15 -35.95
CA MET C 4954 25.70 -21.31 -35.36
C MET C 4954 25.35 -19.83 -35.49
N GLU C 4955 24.54 -19.48 -36.49
CA GLU C 4955 24.05 -18.12 -36.63
C GLU C 4955 22.96 -17.79 -35.64
N THR C 4956 22.13 -18.76 -35.26
CA THR C 4956 20.98 -18.47 -34.41
C THR C 4956 21.16 -18.95 -32.98
N LYS C 4957 22.36 -19.42 -32.61
CA LYS C 4957 22.58 -19.81 -31.23
C LYS C 4957 24.05 -19.62 -30.88
N CYS C 4958 24.32 -19.56 -29.58
CA CYS C 4958 25.68 -19.43 -29.08
C CYS C 4958 26.17 -20.81 -28.72
N PHE C 4959 27.40 -21.13 -29.13
CA PHE C 4959 27.94 -22.48 -28.94
C PHE C 4959 28.07 -22.84 -27.47
N ILE C 4960 28.62 -21.94 -26.67
CA ILE C 4960 28.90 -22.24 -25.27
C ILE C 4960 27.63 -22.34 -24.44
N CYS C 4961 26.68 -21.43 -24.63
CA CYS C 4961 25.54 -21.39 -23.72
C CYS C 4961 24.22 -21.86 -24.32
N GLY C 4962 24.06 -21.77 -25.64
CA GLY C 4962 22.86 -22.28 -26.27
C GLY C 4962 21.67 -21.35 -26.27
N ILE C 4963 21.81 -20.16 -25.71
CA ILE C 4963 20.74 -19.17 -25.76
C ILE C 4963 20.70 -18.55 -27.14
N GLY C 4964 19.51 -18.41 -27.69
CA GLY C 4964 19.34 -17.95 -29.06
C GLY C 4964 19.75 -16.50 -29.24
N SER C 4965 19.87 -16.12 -30.52
CA SER C 4965 20.24 -14.76 -30.87
C SER C 4965 19.15 -13.75 -30.49
N ASP C 4966 17.89 -14.21 -30.43
CA ASP C 4966 16.74 -13.35 -30.12
C ASP C 4966 16.94 -12.55 -28.82
N TYR C 4967 17.40 -13.21 -27.75
CA TYR C 4967 17.60 -12.54 -26.48
C TYR C 4967 18.69 -11.48 -26.57
N PHE C 4968 19.82 -11.83 -27.18
CA PHE C 4968 20.96 -10.92 -27.24
C PHE C 4968 20.69 -9.74 -28.15
N ASP C 4969 19.96 -9.98 -29.25
CA ASP C 4969 19.76 -8.98 -30.30
C ASP C 4969 18.86 -7.82 -29.89
N THR C 4970 18.28 -7.83 -28.68
CA THR C 4970 17.51 -6.69 -28.21
C THR C 4970 18.38 -5.43 -28.18
N THR C 4971 19.60 -5.55 -27.68
CA THR C 4971 20.54 -4.45 -27.77
C THR C 4971 21.16 -4.50 -29.17
N PRO C 4972 21.58 -3.34 -29.72
CA PRO C 4972 22.26 -3.35 -31.02
C PRO C 4972 23.55 -4.16 -31.00
N HIS C 4973 23.68 -5.04 -32.01
CA HIS C 4973 24.82 -5.95 -32.20
C HIS C 4973 25.06 -6.84 -30.98
N GLY C 4974 23.95 -7.23 -30.32
CA GLY C 4974 24.05 -7.99 -29.08
C GLY C 4974 24.66 -9.36 -29.30
N PHE C 4975 24.23 -10.05 -30.35
CA PHE C 4975 24.72 -11.39 -30.63
C PHE C 4975 26.20 -11.32 -30.98
N GLU C 4976 26.60 -10.31 -31.75
CA GLU C 4976 27.99 -10.18 -32.17
C GLU C 4976 28.88 -9.96 -30.95
N THR C 4977 28.43 -9.11 -30.02
CA THR C 4977 29.18 -8.89 -28.79
C THR C 4977 29.26 -10.18 -27.97
N HIS C 4978 28.14 -10.92 -27.88
CA HIS C 4978 28.10 -12.12 -27.06
C HIS C 4978 29.03 -13.19 -27.60
N THR C 4979 28.94 -13.48 -28.90
CA THR C 4979 29.73 -14.54 -29.48
C THR C 4979 31.20 -14.17 -29.60
N LEU C 4980 31.49 -12.97 -30.11
CA LEU C 4980 32.87 -12.58 -30.32
C LEU C 4980 33.59 -12.29 -29.01
N GLU C 4981 32.89 -11.70 -28.03
CA GLU C 4981 33.54 -11.23 -26.82
C GLU C 4981 33.24 -12.05 -25.58
N GLU C 4982 31.97 -12.12 -25.16
CA GLU C 4982 31.62 -12.75 -23.88
C GLU C 4982 31.84 -14.25 -23.87
N HIS C 4983 31.37 -14.96 -24.88
CA HIS C 4983 31.39 -16.42 -24.87
C HIS C 4983 32.23 -17.01 -25.99
N ASN C 4984 33.32 -16.34 -26.35
CA ASN C 4984 34.13 -16.81 -27.47
C ASN C 4984 34.78 -18.17 -27.18
N LEU C 4985 34.63 -19.07 -28.14
CA LEU C 4985 35.25 -20.40 -28.07
C LEU C 4985 36.76 -20.27 -28.05
N ALA C 4986 37.30 -19.32 -28.83
CA ALA C 4986 38.73 -19.12 -28.88
C ALA C 4986 39.24 -18.72 -27.51
N ASN C 4987 38.49 -17.83 -26.83
CA ASN C 4987 38.89 -17.36 -25.51
C ASN C 4987 38.88 -18.50 -24.51
N TYR C 4988 37.92 -19.42 -24.61
CA TYR C 4988 37.95 -20.61 -23.74
C TYR C 4988 39.18 -21.47 -24.03
N MET C 4989 39.53 -21.65 -25.31
CA MET C 4989 40.73 -22.41 -25.65
C MET C 4989 41.98 -21.71 -25.10
N PHE C 4990 42.01 -20.36 -25.18
CA PHE C 4990 43.18 -19.63 -24.69
C PHE C 4990 43.28 -19.77 -23.18
N PHE C 4991 42.12 -19.81 -22.51
CA PHE C 4991 42.10 -19.98 -21.06
C PHE C 4991 42.66 -21.33 -20.68
N LEU C 4992 42.28 -22.37 -21.42
CA LEU C 4992 42.75 -23.71 -21.11
C LEU C 4992 44.25 -23.79 -21.33
N MET C 4993 44.73 -23.15 -22.41
CA MET C 4993 46.16 -23.13 -22.71
C MET C 4993 46.91 -22.41 -21.60
N TYR C 4994 46.33 -21.30 -21.13
CA TYR C 4994 46.89 -20.49 -20.06
C TYR C 4994 46.99 -21.31 -18.78
N LEU C 4995 45.90 -22.00 -18.43
CA LEU C 4995 45.86 -22.85 -17.24
C LEU C 4995 46.95 -23.90 -17.28
N ILE C 4996 47.00 -24.69 -18.37
CA ILE C 4996 47.96 -25.79 -18.49
C ILE C 4996 49.39 -25.26 -18.43
N ASN C 4997 49.68 -24.18 -19.16
CA ASN C 4997 51.02 -23.61 -19.18
C ASN C 4997 51.39 -23.03 -17.81
N LYS C 4998 50.43 -22.41 -17.14
CA LYS C 4998 50.67 -21.77 -15.85
C LYS C 4998 50.96 -22.80 -14.76
N ASP C 4999 51.97 -22.50 -13.95
CA ASP C 4999 52.30 -23.33 -12.81
C ASP C 4999 51.15 -23.35 -11.82
N GLU C 5000 50.84 -24.55 -11.32
CA GLU C 5000 49.69 -24.77 -10.45
C GLU C 5000 49.80 -23.99 -9.14
N THR C 5001 51.02 -23.75 -8.68
CA THR C 5001 51.27 -23.03 -7.43
C THR C 5001 50.72 -21.61 -7.47
N GLU C 5002 50.86 -20.92 -8.60
CA GLU C 5002 50.51 -19.52 -8.69
C GLU C 5002 49.08 -19.30 -9.17
N HIS C 5003 48.29 -20.36 -9.23
CA HIS C 5003 46.88 -20.22 -9.59
C HIS C 5003 46.13 -19.42 -8.53
N THR C 5004 45.24 -18.55 -8.98
CA THR C 5004 44.38 -17.80 -8.06
C THR C 5004 43.23 -18.71 -7.66
N GLY C 5005 42.26 -18.17 -6.91
CA GLY C 5005 41.19 -19.00 -6.37
C GLY C 5005 40.32 -19.60 -7.46
N GLN C 5006 39.85 -18.75 -8.38
CA GLN C 5006 38.96 -19.25 -9.41
C GLN C 5006 39.73 -20.11 -10.41
N GLU C 5007 40.99 -19.76 -10.66
CA GLU C 5007 41.85 -20.56 -11.52
C GLU C 5007 42.02 -21.96 -10.96
N SER C 5008 42.26 -22.05 -9.65
CA SER C 5008 42.46 -23.34 -8.99
C SER C 5008 41.17 -24.14 -9.02
N TYR C 5009 40.03 -23.45 -8.86
CA TYR C 5009 38.72 -24.10 -8.96
C TYR C 5009 38.51 -24.72 -10.34
N VAL C 5010 38.84 -23.95 -11.38
CA VAL C 5010 38.64 -24.45 -12.75
C VAL C 5010 39.62 -25.58 -13.03
N TRP C 5011 40.87 -25.43 -12.57
CA TRP C 5011 41.89 -26.44 -12.82
C TRP C 5011 41.53 -27.76 -12.15
N LYS C 5012 40.94 -27.68 -10.96
CA LYS C 5012 40.58 -28.90 -10.25
C LYS C 5012 39.35 -29.52 -10.91
N MET C 5013 38.42 -28.69 -11.41
CA MET C 5013 37.24 -29.22 -12.09
C MET C 5013 37.64 -29.87 -13.41
N TYR C 5014 38.68 -29.33 -14.06
CA TYR C 5014 39.25 -29.96 -15.25
C TYR C 5014 39.84 -31.30 -14.89
N GLN C 5015 40.58 -31.34 -13.77
CA GLN C 5015 41.26 -32.55 -13.35
C GLN C 5015 40.26 -33.64 -13.04
N GLU C 5016 39.10 -33.27 -12.49
CA GLU C 5016 38.07 -34.25 -12.14
C GLU C 5016 37.02 -34.41 -13.22
N ARG C 5017 37.20 -33.75 -14.38
CA ARG C 5017 36.30 -33.82 -15.55
C ARG C 5017 34.88 -33.40 -15.20
N CYS C 5018 34.74 -32.29 -14.49
CA CYS C 5018 33.45 -31.70 -14.18
C CYS C 5018 33.23 -30.48 -15.05
N TRP C 5019 32.24 -30.57 -15.95
CA TRP C 5019 31.98 -29.52 -16.92
C TRP C 5019 30.87 -28.58 -16.47
N ASP C 5020 30.66 -28.49 -15.16
CA ASP C 5020 29.66 -27.58 -14.60
C ASP C 5020 30.00 -26.13 -14.88
N PHE C 5021 31.30 -25.79 -14.87
CA PHE C 5021 31.76 -24.40 -15.02
C PHE C 5021 31.26 -23.75 -16.30
N PHE C 5022 31.16 -24.51 -17.40
CA PHE C 5022 30.71 -23.94 -18.66
C PHE C 5022 29.26 -23.47 -18.53
N PRO C 5023 28.96 -22.23 -18.93
CA PRO C 5023 27.59 -21.72 -18.77
C PRO C 5023 26.61 -22.48 -19.65
N ALA C 5024 25.55 -22.99 -19.03
CA ALA C 5024 24.47 -23.63 -19.77
C ALA C 5024 23.18 -22.92 -19.44
N GLY C 5025 22.57 -22.28 -20.44
CA GLY C 5025 21.31 -21.62 -20.24
C GLY C 5025 21.39 -20.27 -19.57
N ASP C 5026 22.59 -19.78 -19.29
CA ASP C 5026 22.73 -18.54 -18.54
C ASP C 5026 23.93 -17.76 -19.03
N CYS C 5027 23.94 -16.47 -18.71
CA CYS C 5027 25.03 -15.58 -19.07
C CYS C 5027 25.06 -14.42 -18.08
N PHE C 5028 26.15 -13.65 -18.16
CA PHE C 5028 26.33 -12.48 -17.30
C PHE C 5028 25.22 -11.47 -17.51
N ARG C 5029 24.87 -11.21 -18.78
CA ARG C 5029 23.81 -10.25 -19.10
C ARG C 5029 22.48 -10.70 -18.52
N LYS C 5030 22.17 -11.99 -18.67
CA LYS C 5030 20.88 -12.50 -18.20
C LYS C 5030 20.81 -12.46 -16.69
N GLN C 5031 21.88 -12.88 -16.01
CA GLN C 5031 21.87 -12.93 -14.55
C GLN C 5031 21.82 -11.53 -13.97
N TYR C 5032 22.60 -10.59 -14.51
CA TYR C 5032 22.70 -9.26 -13.94
C TYR C 5032 21.95 -8.26 -14.80
N GLU C 5033 20.86 -8.72 -15.43
CA GLU C 5033 20.10 -7.93 -16.40
C GLU C 5033 19.50 -6.68 -15.78
N ASP C 5034 18.91 -6.81 -14.60
CA ASP C 5034 18.18 -5.70 -13.96
C ASP C 5034 19.11 -4.54 -13.63
N GLN C 5035 20.26 -4.84 -13.03
CA GLN C 5035 21.23 -3.80 -12.69
C GLN C 5035 21.85 -3.19 -13.94
N LEU C 5036 22.15 -4.03 -14.94
CA LEU C 5036 22.79 -3.56 -16.18
C LEU C 5036 21.87 -2.65 -16.98
N SER C 5037 20.58 -2.96 -17.01
CA SER C 5037 19.64 -2.20 -17.82
C SER C 5037 18.82 -1.25 -16.97
N VAL D 11 30.23 9.37 7.32
CA VAL D 11 31.28 10.02 6.54
C VAL D 11 31.56 11.38 7.17
N GLN D 12 30.88 12.41 6.64
CA GLN D 12 30.93 13.83 7.07
C GLN D 12 32.34 14.30 7.43
N PHE D 13 33.26 14.09 6.49
CA PHE D 13 34.66 14.40 6.71
C PHE D 13 35.01 15.80 6.22
N LEU D 14 35.63 16.59 7.09
CA LEU D 14 35.95 17.97 6.78
C LEU D 14 37.01 18.05 5.70
N ARG D 15 36.83 19.00 4.78
CA ARG D 15 37.68 19.13 3.61
C ARG D 15 38.01 20.61 3.42
N THR D 16 39.08 20.88 2.66
CA THR D 16 39.43 22.25 2.36
C THR D 16 38.41 22.89 1.41
N ASP D 17 38.57 24.20 1.21
CA ASP D 17 37.67 25.05 0.42
C ASP D 17 36.25 25.02 0.97
N ASP D 18 36.12 24.83 2.29
CA ASP D 18 34.84 24.72 2.96
C ASP D 18 34.81 25.66 4.16
N GLU D 19 33.60 26.09 4.51
CA GLU D 19 33.39 27.05 5.59
C GLU D 19 33.09 26.33 6.89
N VAL D 20 33.81 26.72 7.95
CA VAL D 20 33.77 26.08 9.27
C VAL D 20 33.87 27.17 10.34
N VAL D 21 33.74 26.75 11.61
CA VAL D 21 33.91 27.64 12.76
C VAL D 21 34.65 26.89 13.86
N LEU D 22 35.54 27.59 14.55
CA LEU D 22 36.19 27.05 15.74
C LEU D 22 35.31 27.35 16.94
N GLN D 23 35.04 26.33 17.75
CA GLN D 23 34.15 26.46 18.88
C GLN D 23 34.85 25.94 20.14
N CYS D 24 34.54 26.56 21.28
CA CYS D 24 35.16 26.31 22.57
C CYS D 24 34.12 25.75 23.52
N SER D 25 34.59 25.40 24.72
CA SER D 25 33.71 24.93 25.79
C SER D 25 34.39 25.29 27.11
N ALA D 26 33.96 26.39 27.72
CA ALA D 26 34.64 26.82 28.93
C ALA D 26 33.87 26.39 30.18
N THR D 27 34.55 26.54 31.33
CA THR D 27 34.01 26.23 32.64
C THR D 27 34.31 27.34 33.66
N VAL D 28 33.42 28.34 33.69
CA VAL D 28 33.44 29.38 34.69
C VAL D 28 32.02 29.47 35.24
N LEU D 29 31.91 29.90 36.50
CA LEU D 29 30.67 29.96 37.27
C LEU D 29 29.95 28.61 37.39
N LYS D 30 30.69 27.52 37.20
CA LYS D 30 30.21 26.12 37.32
C LYS D 30 29.17 25.77 36.25
N GLU D 31 29.53 25.99 34.98
CA GLU D 31 28.76 25.48 33.86
C GLU D 31 29.67 25.39 32.64
N GLN D 32 29.17 24.71 31.61
CA GLN D 32 29.86 24.58 30.32
C GLN D 32 29.24 25.62 29.39
N LEU D 33 29.92 26.74 29.23
CA LEU D 33 29.44 27.79 28.33
C LEU D 33 30.22 27.82 27.02
N LYS D 34 29.47 27.88 25.91
CA LYS D 34 30.05 27.83 24.59
C LYS D 34 30.70 29.17 24.24
N LEU D 35 31.82 29.11 23.53
CA LEU D 35 32.54 30.30 23.07
C LEU D 35 32.97 30.10 21.63
N CYS D 36 33.25 31.22 20.96
CA CYS D 36 33.75 31.16 19.60
C CYS D 36 34.78 32.26 19.38
N LEU D 37 35.70 32.02 18.45
CA LEU D 37 36.74 33.01 18.15
C LEU D 37 36.15 34.17 17.38
N ALA D 38 36.41 35.39 17.85
CA ALA D 38 35.88 36.61 17.26
C ALA D 38 37.01 37.58 16.96
N ALA D 39 37.05 38.08 15.73
CA ALA D 39 38.05 39.06 15.33
C ALA D 39 37.56 39.77 14.08
N GLU D 40 37.38 41.09 14.16
CA GLU D 40 36.97 41.86 12.99
C GLU D 40 38.16 42.05 12.05
N GLY D 41 39.34 42.29 12.59
CA GLY D 41 40.55 42.45 11.82
C GLY D 41 40.94 43.86 11.45
N PHE D 42 40.12 44.54 10.67
CA PHE D 42 40.48 45.87 10.18
C PHE D 42 40.36 46.91 11.28
N GLY D 43 41.48 47.18 11.97
CA GLY D 43 41.50 48.05 13.11
C GLY D 43 41.54 47.34 14.44
N ASN D 44 41.17 46.05 14.47
CA ASN D 44 41.24 45.25 15.69
C ASN D 44 41.80 43.89 15.30
N ARG D 45 43.13 43.77 15.33
CA ARG D 45 43.81 42.56 14.88
C ARG D 45 43.79 41.45 15.91
N LEU D 46 43.45 41.76 17.15
CA LEU D 46 43.43 40.76 18.21
C LEU D 46 42.24 39.83 18.06
N CYS D 47 42.32 38.69 18.74
CA CYS D 47 41.25 37.69 18.77
C CYS D 47 40.70 37.59 20.18
N PHE D 48 39.37 37.55 20.28
CA PHE D 48 38.69 37.49 21.57
C PHE D 48 37.67 36.36 21.56
N LEU D 49 37.10 36.11 22.73
CA LEU D 49 36.12 35.06 22.89
C LEU D 49 34.72 35.67 22.86
N GLU D 50 33.86 35.09 22.04
CA GLU D 50 32.47 35.51 21.90
C GLU D 50 31.60 34.45 22.52
N PRO D 51 30.99 34.71 23.68
CA PRO D 51 30.06 33.72 24.26
C PRO D 51 28.86 33.49 23.36
N THR D 52 28.44 32.23 23.28
CA THR D 52 27.27 31.90 22.48
C THR D 52 26.38 30.86 23.15
N SER D 53 26.65 30.50 24.42
CA SER D 53 25.76 29.62 25.15
C SER D 53 24.41 30.29 25.37
N ASN D 54 24.43 31.56 25.75
CA ASN D 54 23.21 32.37 25.90
C ASN D 54 22.77 32.92 24.54
N ALA D 55 22.40 31.98 23.65
CA ALA D 55 22.07 32.30 22.27
C ALA D 55 20.63 32.74 22.08
N GLN D 56 19.82 32.75 23.14
CA GLN D 56 18.41 33.09 23.02
C GLN D 56 18.06 34.41 23.68
N ASN D 57 18.67 34.74 24.83
CA ASN D 57 18.42 36.01 25.48
C ASN D 57 19.02 37.16 24.68
N VAL D 58 20.27 37.03 24.26
CA VAL D 58 20.93 38.02 23.39
C VAL D 58 21.62 37.29 22.24
N PRO D 59 21.38 37.70 21.01
CA PRO D 59 22.01 37.04 19.86
C PRO D 59 23.49 37.41 19.75
N PRO D 60 24.37 36.42 19.70
CA PRO D 60 25.79 36.71 19.49
C PRO D 60 26.07 37.08 18.04
N ASP D 61 27.30 37.53 17.80
CA ASP D 61 27.73 37.96 16.48
C ASP D 61 28.33 36.78 15.72
N LEU D 62 27.80 36.52 14.52
CA LEU D 62 28.26 35.42 13.69
C LEU D 62 29.04 35.87 12.46
N ALA D 63 29.18 37.18 12.24
CA ALA D 63 29.83 37.66 11.03
C ALA D 63 31.34 37.45 11.06
N ILE D 64 31.97 37.72 12.22
CA ILE D 64 33.42 37.64 12.32
C ILE D 64 33.89 36.30 12.85
N CYS D 65 32.97 35.38 13.09
CA CYS D 65 33.30 34.02 13.53
C CYS D 65 33.59 33.10 12.35
N CYS D 66 33.28 33.51 11.12
CA CYS D 66 33.46 32.66 9.95
C CYS D 66 34.93 32.45 9.61
N PHE D 67 35.26 31.24 9.16
CA PHE D 67 36.63 30.89 8.76
C PHE D 67 36.59 29.78 7.72
N THR D 68 37.47 29.88 6.72
CA THR D 68 37.50 28.94 5.60
C THR D 68 38.88 28.30 5.46
N LEU D 69 38.90 26.97 5.35
CA LEU D 69 40.12 26.23 5.03
C LEU D 69 40.63 26.60 3.65
N GLU D 70 41.91 26.94 3.55
CA GLU D 70 42.48 27.31 2.25
C GLU D 70 43.41 26.24 1.71
N GLN D 71 44.45 25.86 2.45
CA GLN D 71 45.40 24.84 2.01
C GLN D 71 45.75 23.92 3.17
N SER D 72 45.71 22.61 2.93
CA SER D 72 46.20 21.63 3.89
C SER D 72 47.35 20.89 3.23
N LEU D 73 48.58 21.21 3.65
CA LEU D 73 49.80 20.75 3.03
C LEU D 73 50.66 19.95 4.00
N SER D 74 51.45 19.04 3.47
CA SER D 74 52.36 18.25 4.30
C SER D 74 53.50 19.13 4.81
N VAL D 75 54.20 18.62 5.83
CA VAL D 75 55.21 19.40 6.55
C VAL D 75 56.36 19.83 5.64
N ARG D 76 56.88 18.91 4.82
CA ARG D 76 57.97 19.31 3.95
C ARG D 76 57.48 20.16 2.79
N ALA D 77 56.28 19.85 2.28
CA ALA D 77 55.65 20.71 1.27
C ALA D 77 55.50 22.15 1.79
N LEU D 78 55.22 22.30 3.09
CA LEU D 78 55.26 23.60 3.73
C LEU D 78 56.66 24.19 3.67
N GLN D 79 57.70 23.35 3.88
CA GLN D 79 59.07 23.86 3.86
C GLN D 79 59.42 24.39 2.47
N GLU D 80 59.17 23.60 1.42
CA GLU D 80 59.58 24.02 0.08
C GLU D 80 58.78 25.22 -0.41
N MET D 81 57.44 25.14 -0.37
CA MET D 81 56.65 26.30 -0.82
C MET D 81 56.86 27.56 0.03
N LEU D 82 57.24 27.42 1.31
CA LEU D 82 57.72 28.60 2.03
C LEU D 82 59.08 29.07 1.51
N ALA D 83 59.98 28.14 1.21
CA ALA D 83 61.34 28.48 0.82
C ALA D 83 61.40 29.20 -0.53
N ASN D 84 60.74 28.66 -1.54
CA ASN D 84 60.88 29.21 -2.89
C ASN D 84 59.90 30.36 -3.15
N HIS D 98 40.62 21.44 -2.87
CA HIS D 98 39.65 20.50 -2.34
C HIS D 98 40.33 19.22 -1.85
N ARG D 99 41.17 19.38 -0.84
CA ARG D 99 41.88 18.28 -0.20
C ARG D 99 41.30 18.03 1.18
N THR D 100 41.08 16.76 1.50
CA THR D 100 40.59 16.41 2.83
C THR D 100 41.67 16.66 3.86
N LEU D 101 41.29 17.28 4.98
CA LEU D 101 42.23 17.55 6.05
C LEU D 101 42.70 16.24 6.67
N LEU D 102 44.01 16.13 6.88
CA LEU D 102 44.61 14.98 7.52
C LEU D 102 45.42 15.45 8.72
N TYR D 103 45.31 14.69 9.81
CA TYR D 103 46.01 15.01 11.04
C TYR D 103 47.52 14.99 10.82
N GLY D 104 48.20 16.03 11.30
CA GLY D 104 49.63 16.17 11.14
C GLY D 104 50.08 16.99 9.96
N HIS D 105 49.18 17.31 9.02
CA HIS D 105 49.53 18.22 7.95
C HIS D 105 49.52 19.66 8.43
N ALA D 106 49.96 20.57 7.57
CA ALA D 106 49.94 21.99 7.87
C ALA D 106 48.74 22.62 7.19
N ILE D 107 47.94 23.35 7.95
CA ILE D 107 46.67 23.88 7.49
C ILE D 107 46.68 25.40 7.63
N LEU D 108 46.22 26.08 6.58
CA LEU D 108 46.04 27.53 6.59
C LEU D 108 44.55 27.85 6.60
N LEU D 109 44.15 28.72 7.52
CA LEU D 109 42.76 29.08 7.75
C LEU D 109 42.63 30.58 7.53
N ARG D 110 41.58 31.00 6.83
CA ARG D 110 41.39 32.41 6.48
C ARG D 110 40.07 32.94 7.02
N HIS D 111 40.12 34.15 7.58
CA HIS D 111 38.89 34.86 7.91
C HIS D 111 38.25 35.31 6.61
N ALA D 112 37.13 34.67 6.25
CA ALA D 112 36.50 34.88 4.94
C ALA D 112 36.02 36.31 4.74
N HIS D 113 35.68 37.02 5.81
CA HIS D 113 35.17 38.38 5.69
C HIS D 113 36.28 39.39 5.41
N SER D 114 37.23 39.51 6.33
CA SER D 114 38.29 40.50 6.18
C SER D 114 39.38 40.06 5.22
N ARG D 115 39.31 38.83 4.70
CA ARG D 115 40.25 38.21 3.77
C ARG D 115 41.65 38.06 4.34
N MET D 116 41.84 38.30 5.62
CA MET D 116 43.13 38.14 6.27
C MET D 116 43.26 36.75 6.85
N TYR D 117 44.48 36.37 7.17
CA TYR D 117 44.81 35.02 7.57
C TYR D 117 45.16 34.99 9.05
N LEU D 118 44.65 34.00 9.76
CA LEU D 118 44.99 33.80 11.17
C LEU D 118 46.46 33.45 11.31
N SER D 119 47.18 34.22 12.12
CA SER D 119 48.60 34.02 12.29
C SER D 119 48.98 34.24 13.75
N CYS D 120 50.10 33.63 14.14
CA CYS D 120 50.66 33.81 15.47
C CYS D 120 51.54 35.05 15.43
N LEU D 121 51.05 36.14 16.02
CA LEU D 121 51.76 37.41 16.01
C LEU D 121 53.05 37.30 16.81
N THR D 122 54.13 37.85 16.24
CA THR D 122 55.44 37.84 16.88
C THR D 122 55.47 38.64 18.18
N THR D 123 54.63 39.67 18.29
CA THR D 123 54.55 40.48 19.48
C THR D 123 53.93 39.67 20.64
N SER D 124 54.09 40.22 21.84
CA SER D 124 53.49 39.60 23.03
C SER D 124 53.13 40.74 24.00
N ARG D 125 51.88 41.17 23.92
CA ARG D 125 51.33 42.18 24.83
C ARG D 125 50.64 41.57 26.03
N SER D 126 50.64 40.24 26.15
CA SER D 126 50.05 39.56 27.30
C SER D 126 50.76 39.96 28.59
N MET D 127 49.97 40.29 29.61
CA MET D 127 50.49 40.77 30.88
C MET D 127 50.36 39.77 32.02
N THR D 128 49.36 38.90 32.00
CA THR D 128 49.17 37.95 33.09
C THR D 128 50.22 36.84 33.03
N ASP D 129 50.33 36.18 31.88
CA ASP D 129 51.25 35.07 31.70
C ASP D 129 52.39 35.47 30.78
N LYS D 130 53.62 35.23 31.24
CA LYS D 130 54.80 35.49 30.44
C LYS D 130 55.01 34.30 29.50
N LEU D 131 55.84 34.52 28.47
CA LEU D 131 56.18 33.53 27.43
C LEU D 131 54.95 33.13 26.62
N ALA D 132 54.00 34.05 26.49
CA ALA D 132 52.76 33.79 25.77
C ALA D 132 52.62 34.81 24.64
N PHE D 133 52.34 34.32 23.44
CA PHE D 133 52.12 35.17 22.28
C PHE D 133 50.62 35.30 22.04
N ASP D 134 50.27 36.07 21.01
CA ASP D 134 48.88 36.34 20.67
C ASP D 134 48.62 35.92 19.24
N VAL D 135 47.45 35.35 19.02
CA VAL D 135 47.02 35.03 17.66
C VAL D 135 46.37 36.28 17.06
N GLY D 136 46.51 36.46 15.76
CA GLY D 136 45.94 37.62 15.11
C GLY D 136 45.74 37.36 13.64
N LEU D 137 45.27 38.40 12.95
CA LEU D 137 45.00 38.31 11.52
C LEU D 137 46.16 38.90 10.75
N GLN D 138 46.55 38.22 9.67
CA GLN D 138 47.63 38.65 8.80
C GLN D 138 47.08 38.79 7.39
N GLU D 139 47.45 39.89 6.72
CA GLU D 139 46.92 40.21 5.39
C GLU D 139 47.31 39.15 4.36
N ASP D 140 48.55 38.69 4.39
CA ASP D 140 49.07 37.77 3.40
C ASP D 140 49.31 36.39 4.01
N ALA D 141 49.53 35.41 3.12
CA ALA D 141 49.80 34.04 3.52
C ALA D 141 51.28 33.72 3.62
N THR D 142 52.16 34.69 3.35
CA THR D 142 53.60 34.47 3.40
C THR D 142 54.07 34.20 4.82
N GLY D 143 55.09 33.36 4.93
CA GLY D 143 55.66 32.99 6.20
C GLY D 143 54.97 31.81 6.83
N GLU D 144 55.49 31.41 7.99
CA GLU D 144 54.99 30.26 8.71
C GLU D 144 54.12 30.61 9.90
N ALA D 145 54.02 31.91 10.25
CA ALA D 145 53.19 32.33 11.37
C ALA D 145 51.72 32.01 11.15
N CYS D 146 51.28 32.01 9.89
CA CYS D 146 49.89 31.75 9.56
C CYS D 146 49.55 30.27 9.56
N TRP D 147 50.54 29.39 9.67
CA TRP D 147 50.33 27.96 9.49
C TRP D 147 50.12 27.23 10.81
N TRP D 148 49.15 26.32 10.80
CA TRP D 148 48.79 25.52 11.94
C TRP D 148 48.84 24.05 11.55
N THR D 149 49.21 23.20 12.50
CA THR D 149 49.24 21.76 12.28
C THR D 149 48.28 21.09 13.24
N MET D 150 47.43 20.21 12.71
CA MET D 150 46.42 19.52 13.50
C MET D 150 46.99 18.25 14.14
N HIS D 151 46.52 17.97 15.35
CA HIS D 151 46.80 16.76 16.10
C HIS D 151 45.51 16.20 16.67
N PRO D 152 45.40 14.88 16.76
CA PRO D 152 44.27 14.27 17.49
C PRO D 152 44.32 14.64 18.97
N ALA D 153 43.13 14.76 19.57
CA ALA D 153 43.02 15.15 20.97
C ALA D 153 43.63 14.10 21.90
N SER D 154 43.37 12.83 21.63
CA SER D 154 43.84 11.76 22.51
C SER D 154 44.09 10.51 21.66
N LYS D 155 44.20 9.36 22.32
CA LYS D 155 44.55 8.11 21.66
C LYS D 155 43.46 7.58 20.74
N GLN D 156 42.21 8.08 20.86
CA GLN D 156 41.10 7.59 20.05
C GLN D 156 41.28 7.86 18.56
N ARG D 157 42.13 8.81 18.19
CA ARG D 157 42.42 9.11 16.80
C ARG D 157 43.93 9.15 16.61
N SER D 158 44.38 8.80 15.42
CA SER D 158 45.78 8.75 15.06
C SER D 158 46.10 9.84 14.03
N GLU D 159 47.39 10.12 13.87
CA GLU D 159 47.78 11.11 12.89
C GLU D 159 47.74 10.52 11.47
N GLY D 160 47.56 11.39 10.49
CA GLY D 160 47.48 10.97 9.11
C GLY D 160 46.11 10.55 8.62
N GLU D 161 45.08 10.68 9.44
CA GLU D 161 43.73 10.31 9.04
C GLU D 161 42.82 11.52 9.06
N LYS D 162 41.71 11.40 8.33
CA LYS D 162 40.79 12.50 8.13
C LYS D 162 39.98 12.79 9.38
N VAL D 163 39.36 13.97 9.38
CA VAL D 163 38.63 14.50 10.53
C VAL D 163 37.14 14.54 10.22
N ARG D 164 36.33 14.06 11.16
CA ARG D 164 34.88 14.14 11.06
C ARG D 164 34.38 15.40 11.77
N VAL D 165 33.09 15.67 11.63
CA VAL D 165 32.52 16.90 12.19
C VAL D 165 32.45 16.78 13.71
N GLY D 166 32.59 17.93 14.38
CA GLY D 166 32.49 18.00 15.83
C GLY D 166 33.59 17.30 16.59
N ASP D 167 34.66 16.88 15.91
CA ASP D 167 35.78 16.21 16.57
C ASP D 167 36.59 17.18 17.41
N ASP D 168 37.29 16.62 18.39
CA ASP D 168 38.17 17.38 19.26
C ASP D 168 39.59 17.34 18.70
N LEU D 169 40.16 18.50 18.45
CA LEU D 169 41.45 18.61 17.78
C LEU D 169 42.39 19.47 18.60
N ILE D 170 43.66 19.45 18.20
CA ILE D 170 44.71 20.25 18.83
C ILE D 170 45.48 20.95 17.72
N LEU D 171 45.67 22.26 17.84
CA LEU D 171 46.42 22.96 16.81
C LEU D 171 47.76 23.43 17.35
N VAL D 172 48.77 23.42 16.48
CA VAL D 172 50.12 23.82 16.82
C VAL D 172 50.51 24.93 15.87
N SER D 173 51.01 26.03 16.43
CA SER D 173 51.59 27.10 15.63
C SER D 173 52.89 26.61 15.01
N VAL D 174 53.04 26.78 13.70
CA VAL D 174 54.28 26.34 13.06
C VAL D 174 55.44 27.25 13.48
N SER D 175 55.21 28.56 13.51
CA SER D 175 56.29 29.50 13.78
C SER D 175 56.69 29.51 15.25
N SER D 176 55.74 29.43 16.17
CA SER D 176 56.08 29.61 17.58
C SER D 176 56.04 28.33 18.40
N GLU D 177 55.63 27.20 17.81
CA GLU D 177 55.39 25.90 18.47
C GLU D 177 54.74 26.03 19.85
N ARG D 178 53.73 26.89 19.91
CA ARG D 178 52.94 27.14 21.09
C ARG D 178 51.51 26.75 20.80
N TYR D 179 50.87 26.10 21.75
CA TYR D 179 49.46 25.78 21.60
C TYR D 179 48.63 27.04 21.79
N LEU D 180 47.45 27.04 21.19
CA LEU D 180 46.51 28.14 21.40
C LEU D 180 45.81 27.90 22.72
N HIS D 181 45.89 28.89 23.61
CA HIS D 181 45.38 28.73 24.97
C HIS D 181 44.43 29.86 25.29
N LEU D 182 43.39 29.55 26.06
CA LEU D 182 42.45 30.55 26.53
C LEU D 182 42.88 30.98 27.93
N SER D 183 42.95 32.28 28.16
CA SER D 183 43.47 32.80 29.43
C SER D 183 42.34 32.99 30.43
N THR D 184 41.88 31.85 30.96
CA THR D 184 40.90 31.89 32.06
C THR D 184 41.50 32.38 33.37
N ALA D 185 42.84 32.43 33.47
CA ALA D 185 43.48 33.00 34.66
C ALA D 185 43.12 34.46 34.81
N SER D 186 43.15 35.22 33.72
CA SER D 186 42.65 36.58 33.72
C SER D 186 41.14 36.58 33.79
N GLY D 187 40.58 37.64 34.38
CA GLY D 187 39.13 37.79 34.45
C GLY D 187 38.47 37.89 33.08
N GLU D 188 39.21 38.39 32.09
CA GLU D 188 38.73 38.47 30.72
C GLU D 188 39.05 37.18 29.97
N LEU D 189 38.13 36.78 29.11
CA LEU D 189 38.26 35.53 28.35
C LEU D 189 39.05 35.82 27.08
N GLN D 190 40.37 35.88 27.25
CA GLN D 190 41.32 36.13 26.17
C GLN D 190 41.88 34.81 25.67
N VAL D 191 42.32 34.80 24.41
CA VAL D 191 42.99 33.65 23.81
C VAL D 191 44.41 34.07 23.45
N ASP D 192 45.38 33.29 23.93
CA ASP D 192 46.79 33.58 23.70
C ASP D 192 47.47 32.34 23.13
N ALA D 193 48.69 32.55 22.64
CA ALA D 193 49.53 31.47 22.12
C ALA D 193 50.57 31.19 23.18
N SER D 194 50.42 30.08 23.90
CA SER D 194 51.27 29.77 25.04
C SER D 194 51.52 28.27 25.07
N PHE D 195 51.98 27.78 26.21
CA PHE D 195 52.41 26.40 26.35
C PHE D 195 51.30 25.48 26.84
N MET D 196 50.19 26.05 27.33
CA MET D 196 49.10 25.25 27.86
C MET D 196 48.15 24.83 26.75
N GLN D 197 47.82 23.54 26.72
CA GLN D 197 46.94 23.02 25.68
C GLN D 197 45.48 23.27 26.04
N THR D 198 44.69 23.63 25.03
CA THR D 198 43.27 23.88 25.17
C THR D 198 42.51 22.95 24.23
N LEU D 199 41.37 22.44 24.68
CA LEU D 199 40.51 21.61 23.85
C LEU D 199 39.72 22.46 22.87
N TRP D 200 39.64 22.01 21.61
CA TRP D 200 38.95 22.75 20.57
C TRP D 200 37.91 21.88 19.88
N ASN D 201 36.66 22.34 19.87
CA ASN D 201 35.58 21.70 19.14
C ASN D 201 35.49 22.33 17.75
N MET D 202 35.69 21.52 16.72
CA MET D 202 35.87 22.05 15.37
C MET D 202 34.57 21.83 14.60
N ASN D 203 33.85 22.90 14.30
CA ASN D 203 32.50 22.76 13.76
C ASN D 203 32.39 23.32 12.34
N PRO D 204 31.67 22.65 11.45
CA PRO D 204 31.48 23.16 10.10
C PRO D 204 30.27 24.10 10.01
N ILE D 205 30.13 24.71 8.83
CA ILE D 205 28.98 25.56 8.53
C ILE D 205 28.25 25.03 7.29
N CYS D 206 28.97 25.00 6.17
CA CYS D 206 28.48 24.47 4.89
C CYS D 206 29.66 24.45 3.93
N SER D 207 29.53 23.62 2.90
CA SER D 207 30.59 23.45 1.92
C SER D 207 30.17 23.87 0.52
N CYS D 208 29.04 23.36 0.02
CA CYS D 208 28.65 23.56 -1.37
C CYS D 208 27.25 24.16 -1.45
N CYS D 209 27.18 25.48 -1.64
CA CYS D 209 25.94 26.16 -1.98
C CYS D 209 25.92 26.39 -3.48
N GLU D 210 24.94 25.80 -4.16
CA GLU D 210 24.89 25.84 -5.62
C GLU D 210 24.44 27.22 -6.10
N GLU D 211 24.29 27.34 -7.42
CA GLU D 211 24.06 28.63 -8.06
C GLU D 211 22.67 29.18 -7.73
N GLY D 212 22.64 30.40 -7.21
CA GLY D 212 21.42 31.18 -7.01
C GLY D 212 20.40 30.54 -6.10
N TYR D 213 20.85 29.89 -5.05
CA TYR D 213 19.97 29.22 -4.08
C TYR D 213 20.16 29.85 -2.72
N VAL D 214 19.05 30.27 -2.10
CA VAL D 214 19.11 30.96 -0.83
C VAL D 214 19.40 29.93 0.25
N THR D 215 20.46 30.16 1.02
CA THR D 215 20.91 29.25 2.07
C THR D 215 20.96 30.00 3.38
N GLY D 216 21.48 29.33 4.41
CA GLY D 216 21.67 29.98 5.68
C GLY D 216 22.90 30.85 5.72
N GLY D 217 22.94 31.75 6.70
CA GLY D 217 24.06 32.66 6.88
C GLY D 217 24.20 33.79 5.87
N HIS D 218 23.45 33.75 4.77
CA HIS D 218 23.57 34.76 3.72
C HIS D 218 23.04 36.14 4.12
N VAL D 219 23.57 37.12 3.39
CA VAL D 219 23.14 38.51 3.42
C VAL D 219 22.50 38.77 2.06
N LEU D 220 21.30 39.35 2.07
CA LEU D 220 20.55 39.48 0.84
C LEU D 220 19.63 40.69 0.93
N ARG D 221 19.29 41.25 -0.23
CA ARG D 221 18.23 42.25 -0.22
C ARG D 221 16.89 41.56 -0.42
N LEU D 222 15.83 42.33 -0.18
CA LEU D 222 14.44 41.91 -0.39
C LEU D 222 13.70 42.96 -1.20
N PHE D 223 13.81 42.87 -2.52
CA PHE D 223 13.08 43.77 -3.41
C PHE D 223 11.60 43.44 -3.39
N HIS D 224 10.80 44.40 -3.84
CA HIS D 224 9.37 44.13 -3.99
C HIS D 224 9.17 43.24 -5.21
N GLY D 225 7.96 42.68 -5.35
CA GLY D 225 7.57 41.93 -6.54
C GLY D 225 7.59 42.73 -7.84
N HIS D 226 7.72 44.06 -7.77
CA HIS D 226 7.81 44.92 -8.94
C HIS D 226 9.24 45.44 -9.14
N MET D 227 10.22 44.75 -8.54
CA MET D 227 11.67 44.99 -8.74
C MET D 227 12.10 46.42 -8.36
N ASP D 228 11.34 47.12 -7.51
CA ASP D 228 11.67 48.51 -7.24
C ASP D 228 11.66 48.94 -5.77
N GLU D 229 10.97 48.23 -4.88
CA GLU D 229 10.85 48.68 -3.49
C GLU D 229 11.53 47.68 -2.56
N CYS D 230 12.68 48.05 -2.01
CA CYS D 230 13.38 47.16 -1.11
C CYS D 230 13.15 47.54 0.35
N LEU D 231 13.11 46.51 1.19
CA LEU D 231 12.94 46.66 2.63
C LEU D 231 14.16 47.37 3.20
N THR D 232 13.95 48.53 3.81
CA THR D 232 15.05 49.38 4.26
C THR D 232 14.68 50.06 5.57
N ILE D 233 15.73 50.48 6.29
CA ILE D 233 15.60 51.37 7.43
C ILE D 233 15.62 52.79 6.88
N SER D 234 15.27 53.77 7.71
CA SER D 234 15.25 55.17 7.30
C SER D 234 16.66 55.67 6.95
N ALA D 235 16.69 56.87 6.36
CA ALA D 235 17.94 57.49 5.93
C ALA D 235 18.81 57.84 7.12
N ALA D 236 20.10 58.08 6.84
CA ALA D 236 21.08 58.37 7.88
C ALA D 236 20.76 59.66 8.61
N ASP D 237 20.94 59.63 9.93
CA ASP D 237 20.67 60.73 10.86
C ASP D 237 19.20 61.20 10.73
N SER D 238 18.30 60.29 11.07
CA SER D 238 16.87 60.56 11.02
C SER D 238 16.29 60.62 12.44
N ASP D 239 15.33 61.52 12.62
CA ASP D 239 14.62 61.67 13.89
C ASP D 239 13.84 60.41 14.27
N ASP D 240 13.48 59.57 13.29
CA ASP D 240 12.89 58.26 13.52
C ASP D 240 13.86 57.28 14.16
N GLN D 241 15.16 57.61 14.21
CA GLN D 241 16.27 56.75 14.63
C GLN D 241 16.41 55.52 13.75
N ARG D 242 15.92 55.62 12.51
CA ARG D 242 15.98 54.58 11.48
C ARG D 242 15.31 53.27 11.92
N ARG D 243 14.33 53.38 12.82
CA ARG D 243 13.69 52.22 13.42
C ARG D 243 12.42 51.77 12.71
N LEU D 244 11.99 52.46 11.65
CA LEU D 244 10.79 52.07 10.92
C LEU D 244 11.18 51.51 9.57
N VAL D 245 10.60 50.35 9.23
CA VAL D 245 10.91 49.64 7.99
C VAL D 245 10.04 50.17 6.85
N TYR D 246 10.64 50.31 5.67
CA TYR D 246 9.95 50.85 4.52
C TYR D 246 10.30 50.09 3.25
N TYR D 247 9.36 50.14 2.30
CA TYR D 247 9.54 49.75 0.93
C TYR D 247 10.02 51.01 0.25
N GLU D 248 11.33 51.17 0.17
CA GLU D 248 11.92 52.39 -0.37
C GLU D 248 12.63 52.04 -1.68
N GLY D 249 12.48 52.92 -2.68
CA GLY D 249 13.05 52.71 -3.99
C GLY D 249 14.25 53.59 -4.30
N GLY D 250 14.73 53.44 -5.53
CA GLY D 250 15.86 54.21 -6.02
C GLY D 250 17.21 53.62 -5.65
N ALA D 251 18.20 54.50 -5.49
CA ALA D 251 19.57 54.11 -5.17
C ALA D 251 19.70 53.48 -3.79
N VAL D 252 18.70 53.71 -2.93
CA VAL D 252 18.67 53.09 -1.60
C VAL D 252 18.64 51.58 -1.74
N CYS D 253 17.93 51.07 -2.76
CA CYS D 253 17.97 49.65 -3.09
C CYS D 253 19.33 49.21 -3.63
N THR D 254 20.20 50.14 -4.02
CA THR D 254 21.58 49.82 -4.33
C THR D 254 22.52 50.21 -3.20
N HIS D 255 21.96 50.56 -2.04
CA HIS D 255 22.72 50.99 -0.88
C HIS D 255 22.75 49.89 0.16
N ALA D 256 23.62 50.09 1.16
CA ALA D 256 23.85 49.09 2.20
C ALA D 256 22.67 48.93 3.15
N ARG D 257 21.84 49.96 3.30
CA ARG D 257 20.69 49.89 4.20
C ARG D 257 19.63 48.87 3.78
N SER D 258 19.67 48.42 2.52
CA SER D 258 18.70 47.46 2.02
C SER D 258 19.12 46.02 2.27
N LEU D 259 20.23 45.80 2.96
CA LEU D 259 20.76 44.45 3.16
C LEU D 259 20.29 43.85 4.48
N TRP D 260 19.89 42.59 4.43
CA TRP D 260 19.45 41.86 5.61
C TRP D 260 20.23 40.56 5.68
N ARG D 261 20.77 40.24 6.85
CA ARG D 261 21.47 38.98 7.05
C ARG D 261 20.60 38.06 7.88
N LEU D 262 20.43 36.83 7.41
CA LEU D 262 19.63 35.86 8.15
C LEU D 262 20.53 34.97 8.99
N GLU D 263 20.15 34.81 10.26
CA GLU D 263 20.88 33.99 11.23
C GLU D 263 19.97 32.89 11.75
N PRO D 264 20.09 31.66 11.27
CA PRO D 264 19.23 30.58 11.78
C PRO D 264 19.52 30.28 13.25
N LEU D 265 18.51 29.75 13.94
CA LEU D 265 18.60 29.39 15.35
C LEU D 265 19.54 28.22 15.62
N ARG D 266 19.96 27.51 14.58
CA ARG D 266 20.82 26.34 14.74
C ARG D 266 22.28 26.76 14.85
N ILE D 267 22.96 26.25 15.87
CA ILE D 267 24.38 26.56 16.04
C ILE D 267 25.21 25.86 14.97
N SER D 268 24.94 24.58 14.74
CA SER D 268 25.66 23.80 13.75
C SER D 268 24.92 23.79 12.42
N TRP D 269 25.69 23.79 11.33
CA TRP D 269 25.19 23.81 9.94
C TRP D 269 24.24 24.98 9.70
N SER D 270 24.60 26.13 10.28
CA SER D 270 23.81 27.35 10.12
C SER D 270 23.79 27.87 8.69
N GLY D 271 24.71 27.43 7.84
CA GLY D 271 24.75 27.87 6.46
C GLY D 271 24.12 26.88 5.49
N SER D 272 23.32 25.96 6.02
CA SER D 272 22.64 24.96 5.20
C SER D 272 21.63 25.62 4.26
N HIS D 273 21.29 24.89 3.19
CA HIS D 273 20.29 25.36 2.23
C HIS D 273 18.95 25.55 2.94
N LEU D 274 18.27 26.64 2.60
CA LEU D 274 17.04 26.99 3.29
C LEU D 274 15.87 26.13 2.83
N ARG D 275 15.27 25.41 3.77
CA ARG D 275 14.01 24.72 3.55
C ARG D 275 12.89 25.67 3.97
N TRP D 276 11.77 25.60 3.24
CA TRP D 276 10.64 26.50 3.49
C TRP D 276 10.05 26.33 4.88
N GLY D 277 10.28 27.32 5.74
CA GLY D 277 9.71 27.36 7.06
C GLY D 277 10.62 27.07 8.23
N GLN D 278 12.00 27.19 8.06
CA GLN D 278 12.67 26.95 9.34
C GLN D 278 12.72 28.25 10.13
N PRO D 279 12.78 28.20 11.46
CA PRO D 279 12.93 29.45 12.22
C PRO D 279 14.32 30.04 12.04
N LEU D 280 14.37 31.37 12.00
CA LEU D 280 15.60 32.11 11.72
C LEU D 280 15.37 33.58 12.05
N ARG D 281 16.43 34.24 12.48
CA ARG D 281 16.43 35.65 12.84
C ARG D 281 16.90 36.49 11.66
N ILE D 282 16.55 37.77 11.69
CA ILE D 282 16.95 38.74 10.67
C ILE D 282 17.66 39.89 11.38
N ARG D 283 18.85 40.24 10.88
CA ARG D 283 19.61 41.35 11.44
C ARG D 283 19.99 42.32 10.33
N HIS D 284 20.01 43.60 10.65
CA HIS D 284 20.51 44.59 9.73
C HIS D 284 22.02 44.63 9.77
N VAL D 285 22.63 44.93 8.63
CA VAL D 285 24.08 44.85 8.48
C VAL D 285 24.78 45.99 9.24
N THR D 286 24.28 47.22 9.12
CA THR D 286 25.05 48.38 9.53
C THR D 286 24.60 49.00 10.83
N THR D 287 23.53 48.50 11.45
CA THR D 287 23.03 49.10 12.68
C THR D 287 23.01 48.15 13.86
N GLY D 288 23.21 46.85 13.64
CA GLY D 288 23.12 45.89 14.73
C GLY D 288 21.73 45.81 15.33
N ARG D 289 20.71 45.83 14.48
CA ARG D 289 19.33 45.80 14.93
C ARG D 289 18.63 44.58 14.36
N TYR D 290 17.71 44.03 15.14
CA TYR D 290 16.96 42.84 14.80
C TYR D 290 15.51 43.23 14.58
N LEU D 291 14.93 42.79 13.47
CA LEU D 291 13.51 43.00 13.22
C LEU D 291 12.69 42.23 14.24
N ALA D 292 11.69 42.90 14.83
CA ALA D 292 10.90 42.28 15.87
C ALA D 292 9.52 42.91 15.95
N LEU D 293 8.60 42.13 16.54
CA LEU D 293 7.26 42.60 16.88
C LEU D 293 7.35 43.20 18.28
N THR D 294 7.61 44.50 18.34
CA THR D 294 7.76 45.17 19.62
C THR D 294 6.38 45.47 20.21
N GLU D 295 6.36 45.77 21.51
CA GLU D 295 5.10 45.97 22.21
C GLU D 295 4.46 47.33 21.90
N ASP D 296 5.27 48.37 21.74
CA ASP D 296 4.69 49.71 21.60
C ASP D 296 4.43 50.13 20.14
N GLN D 297 5.28 49.73 19.20
CA GLN D 297 5.15 50.19 17.82
C GLN D 297 5.09 49.06 16.80
N GLY D 298 4.70 47.86 17.22
CA GLY D 298 4.55 46.73 16.32
C GLY D 298 5.84 46.24 15.67
N LEU D 299 6.00 46.43 14.37
CA LEU D 299 7.17 45.92 13.65
C LEU D 299 8.24 47.00 13.60
N VAL D 300 9.26 46.89 14.46
CA VAL D 300 10.42 47.78 14.40
C VAL D 300 11.68 46.96 14.54
N VAL D 301 12.82 47.61 14.33
CA VAL D 301 14.13 46.98 14.49
C VAL D 301 14.63 47.35 15.89
N VAL D 302 14.47 46.42 16.82
CA VAL D 302 14.95 46.59 18.17
C VAL D 302 16.46 46.37 18.19
N ASP D 303 17.13 46.93 19.20
CA ASP D 303 18.57 46.76 19.34
C ASP D 303 18.92 45.30 19.60
N ALA D 304 20.18 44.95 19.35
CA ALA D 304 20.64 43.58 19.48
C ALA D 304 20.70 43.07 20.91
N CYS D 305 20.54 43.94 21.90
CA CYS D 305 20.59 43.53 23.30
C CYS D 305 19.23 43.12 23.84
N LYS D 306 18.17 43.21 23.04
CA LYS D 306 16.82 42.90 23.50
C LYS D 306 16.09 42.00 22.52
N ALA D 307 16.80 41.11 21.83
CA ALA D 307 16.17 40.14 20.94
C ALA D 307 15.97 38.85 21.75
N HIS D 308 14.73 38.60 22.15
CA HIS D 308 14.40 37.48 23.02
C HIS D 308 14.01 36.21 22.26
N THR D 309 14.24 36.19 20.93
CA THR D 309 14.13 35.04 20.01
C THR D 309 12.65 34.70 19.73
N LYS D 310 11.73 35.34 20.44
CA LYS D 310 10.31 35.10 20.21
C LYS D 310 9.77 36.07 19.16
N ALA D 311 9.95 37.37 19.37
CA ALA D 311 9.45 38.36 18.42
C ALA D 311 10.33 38.51 17.20
N THR D 312 11.55 37.95 17.21
CA THR D 312 12.48 38.17 16.12
C THR D 312 12.48 37.07 15.07
N SER D 313 12.25 35.82 15.47
CA SER D 313 12.29 34.72 14.52
C SER D 313 11.09 34.77 13.57
N PHE D 314 11.30 34.26 12.35
CA PHE D 314 10.32 34.29 11.28
C PHE D 314 10.42 33.00 10.50
N CYS D 315 9.57 32.84 9.48
CA CYS D 315 9.60 31.63 8.66
C CYS D 315 9.10 31.97 7.25
N PHE D 316 9.48 31.11 6.31
CA PHE D 316 9.22 31.31 4.88
C PHE D 316 8.31 30.22 4.35
N ARG D 317 7.20 30.59 3.71
CA ARG D 317 6.41 29.58 3.01
C ARG D 317 5.94 30.14 1.68
N VAL D 318 5.63 29.24 0.76
CA VAL D 318 5.25 29.65 -0.60
C VAL D 318 3.88 30.32 -0.62
N SER D 319 3.00 30.04 0.34
CA SER D 319 1.61 30.48 0.25
C SER D 319 1.19 31.10 1.58
N LYS D 320 -0.04 31.61 1.61
CA LYS D 320 -0.61 32.27 2.78
C LYS D 320 -1.31 31.30 3.73
N GLU D 321 -1.38 30.02 3.38
CA GLU D 321 -2.12 29.04 4.15
C GLU D 321 -1.39 28.75 5.47
N LYS D 322 -2.16 28.28 6.45
CA LYS D 322 -1.60 27.89 7.75
C LYS D 322 -0.79 26.62 7.62
N LEU D 323 0.52 26.74 7.42
CA LEU D 323 1.39 25.57 7.29
C LEU D 323 1.84 25.08 8.67
N PRO D 327 8.82 24.92 11.37
CA PRO D 327 10.05 24.35 11.92
C PRO D 327 10.12 22.83 11.78
N LYS D 328 11.11 22.35 11.04
CA LYS D 328 11.32 20.93 10.82
C LYS D 328 12.56 20.46 11.56
N ARG D 329 12.91 19.19 11.35
CA ARG D 329 14.14 18.65 11.90
C ARG D 329 15.31 19.19 11.08
N ASP D 330 16.23 19.89 11.75
CA ASP D 330 17.34 20.54 11.06
C ASP D 330 18.29 19.53 10.42
N VAL D 331 18.73 19.84 9.21
CA VAL D 331 19.56 18.93 8.42
C VAL D 331 21.03 19.18 8.71
N GLU D 332 21.74 18.11 9.05
CA GLU D 332 23.17 18.19 9.37
C GLU D 332 24.02 18.05 8.11
N GLY D 333 23.77 18.88 7.12
CA GLY D 333 24.47 18.82 5.85
C GLY D 333 24.20 20.02 5.00
N MET D 334 24.26 19.83 3.67
CA MET D 334 24.04 20.92 2.73
C MET D 334 22.63 21.48 2.84
N GLY D 335 21.65 20.62 3.03
CA GLY D 335 20.27 21.03 3.06
C GLY D 335 19.66 20.95 1.68
N PRO D 336 18.33 20.80 1.62
CA PRO D 336 17.63 20.75 0.32
C PRO D 336 17.55 22.13 -0.31
N PRO D 337 18.23 22.35 -1.44
CA PRO D 337 18.19 23.69 -2.05
C PRO D 337 16.84 23.98 -2.72
N GLU D 338 16.05 24.80 -2.06
CA GLU D 338 14.70 25.12 -2.54
C GLU D 338 14.51 26.60 -2.84
N ILE D 339 14.84 27.47 -1.89
CA ILE D 339 14.62 28.90 -2.06
C ILE D 339 15.68 29.46 -3.00
N LYS D 340 15.25 30.10 -4.08
CA LYS D 340 16.13 30.62 -5.10
C LYS D 340 16.24 32.13 -5.01
N TYR D 341 17.34 32.66 -5.56
CA TYR D 341 17.58 34.09 -5.59
C TYR D 341 16.95 34.70 -6.84
N GLY D 342 15.95 35.57 -6.63
CA GLY D 342 15.22 36.18 -7.71
C GLY D 342 14.01 35.42 -8.19
N GLU D 343 13.90 34.13 -7.86
CA GLU D 343 12.78 33.29 -8.19
C GLU D 343 12.36 32.55 -6.92
N SER D 344 11.38 31.64 -7.07
CA SER D 344 10.82 30.84 -5.97
C SER D 344 10.28 31.74 -4.86
N LEU D 345 9.23 32.49 -5.23
CA LEU D 345 8.64 33.50 -4.36
C LEU D 345 8.12 32.91 -3.07
N CYS D 346 8.33 33.64 -1.97
CA CYS D 346 7.89 33.20 -0.66
C CYS D 346 7.34 34.36 0.13
N PHE D 347 6.42 34.03 1.03
CA PHE D 347 5.77 34.94 1.95
C PHE D 347 6.31 34.64 3.34
N VAL D 348 6.69 35.68 4.05
CA VAL D 348 7.34 35.56 5.34
C VAL D 348 6.32 35.82 6.43
N GLN D 349 6.24 34.94 7.41
CA GLN D 349 5.30 35.14 8.50
C GLN D 349 6.06 35.03 9.82
N HIS D 350 5.62 35.82 10.80
CA HIS D 350 6.10 35.71 12.16
C HIS D 350 5.81 34.32 12.70
N VAL D 351 6.85 33.66 13.24
CA VAL D 351 6.68 32.29 13.72
C VAL D 351 5.84 32.25 14.99
N ALA D 352 5.95 33.26 15.85
CA ALA D 352 5.24 33.26 17.12
C ALA D 352 3.95 34.07 17.08
N SER D 353 3.93 35.18 16.35
CA SER D 353 2.74 36.02 16.29
C SER D 353 1.79 35.62 15.17
N GLY D 354 2.30 34.96 14.12
CA GLY D 354 1.46 34.57 13.02
C GLY D 354 1.08 35.70 12.09
N LEU D 355 1.79 36.81 12.13
CA LEU D 355 1.45 37.97 11.33
C LEU D 355 2.39 38.08 10.12
N TRP D 356 1.81 38.42 8.97
CA TRP D 356 2.55 38.56 7.70
C TRP D 356 2.89 40.01 7.40
N LEU D 357 4.12 40.25 6.92
CA LEU D 357 4.51 41.62 6.61
C LEU D 357 3.80 42.08 5.33
N THR D 358 3.39 43.34 5.32
CA THR D 358 2.70 43.95 4.19
C THR D 358 2.87 45.45 4.32
N TYR D 359 2.81 46.16 3.19
CA TYR D 359 2.89 47.61 3.18
C TYR D 359 1.70 48.24 3.88
N ALA D 360 1.94 49.35 4.56
CA ALA D 360 0.87 50.12 5.19
C ALA D 360 0.06 50.83 4.11
N ALA D 361 -1.21 50.44 3.95
CA ALA D 361 -2.05 50.95 2.87
C ALA D 361 -2.28 52.48 2.84
N PRO D 362 -2.56 53.20 3.96
CA PRO D 362 -2.79 54.66 3.84
C PRO D 362 -1.60 55.43 3.28
N ASP D 363 -1.89 56.44 2.45
CA ASP D 363 -0.88 57.27 1.83
C ASP D 363 -0.90 58.67 2.40
N PRO D 364 0.16 59.11 3.07
CA PRO D 364 0.22 60.48 3.59
C PRO D 364 0.57 61.48 2.49
N LYS D 365 0.62 62.76 2.90
CA LYS D 365 0.94 63.83 1.98
C LYS D 365 2.40 63.78 1.55
N ALA D 366 3.27 63.16 2.35
CA ALA D 366 4.66 62.96 1.95
C ALA D 366 4.75 62.04 0.74
N LEU D 367 3.93 60.99 0.69
CA LEU D 367 3.87 60.10 -0.45
C LEU D 367 2.84 60.51 -1.49
N ARG D 368 2.15 61.64 -1.27
CA ARG D 368 1.11 62.07 -2.20
C ARG D 368 1.68 62.38 -3.59
N LEU D 369 2.83 63.07 -3.64
CA LEU D 369 3.43 63.45 -4.91
C LEU D 369 4.91 63.10 -4.93
N GLY D 370 5.54 63.02 -3.76
CA GLY D 370 6.96 62.80 -3.66
C GLY D 370 7.34 61.34 -3.83
N VAL D 371 8.60 61.04 -3.46
CA VAL D 371 9.13 59.69 -3.55
C VAL D 371 8.37 58.79 -2.57
N LEU D 372 8.21 57.52 -2.95
CA LEU D 372 7.41 56.58 -2.18
C LEU D 372 8.31 55.74 -1.27
N LYS D 373 8.28 56.05 0.02
CA LYS D 373 8.77 55.15 1.06
C LYS D 373 7.54 54.61 1.77
N LYS D 374 7.32 53.31 1.66
CA LYS D 374 6.06 52.68 2.04
C LYS D 374 6.26 51.91 3.34
N LYS D 375 5.62 52.38 4.42
CA LYS D 375 5.78 51.74 5.73
C LYS D 375 5.29 50.30 5.71
N ALA D 376 6.08 49.41 6.30
CA ALA D 376 5.73 48.00 6.35
C ALA D 376 5.11 47.66 7.71
N ILE D 377 3.92 47.07 7.67
CA ILE D 377 3.20 46.66 8.87
C ILE D 377 3.05 45.15 8.85
N LEU D 378 3.39 44.51 9.97
CA LEU D 378 3.28 43.06 10.08
C LEU D 378 1.79 42.71 10.23
N HIS D 379 1.07 42.73 9.10
CA HIS D 379 -0.37 42.54 9.10
C HIS D 379 -0.75 41.11 9.50
N GLN D 380 -1.97 40.97 10.04
CA GLN D 380 -2.45 39.67 10.52
C GLN D 380 -2.54 38.65 9.38
N GLU D 381 -3.06 39.04 8.22
CA GLU D 381 -3.11 38.17 7.06
C GLU D 381 -2.34 38.74 5.87
N GLY D 382 -2.50 40.01 5.58
CA GLY D 382 -1.79 40.65 4.50
C GLY D 382 -2.51 40.60 3.17
N HIS D 383 -1.94 41.33 2.21
CA HIS D 383 -2.49 41.46 0.88
C HIS D 383 -1.90 40.39 -0.04
N MET D 384 -2.16 40.52 -1.34
CA MET D 384 -1.72 39.56 -2.35
C MET D 384 -0.40 39.97 -2.98
N ASP D 385 -0.23 41.26 -3.31
CA ASP D 385 0.93 41.74 -4.04
C ASP D 385 2.11 42.10 -3.14
N ASP D 386 2.20 41.53 -1.94
CA ASP D 386 3.33 41.76 -1.05
C ASP D 386 4.48 40.78 -1.28
N ALA D 387 4.58 40.19 -2.48
CA ALA D 387 5.65 39.26 -2.79
C ALA D 387 7.01 39.94 -2.76
N LEU D 388 8.02 39.20 -2.29
CA LEU D 388 9.35 39.74 -2.08
C LEU D 388 10.38 38.95 -2.89
N PHE D 389 11.09 39.64 -3.77
CA PHE D 389 12.19 39.06 -4.50
C PHE D 389 13.43 39.04 -3.61
N LEU D 390 14.20 37.97 -3.69
CA LEU D 390 15.42 37.82 -2.90
C LEU D 390 16.62 37.99 -3.80
N THR D 391 17.53 38.90 -3.45
CA THR D 391 18.66 39.19 -4.33
C THR D 391 19.98 39.09 -3.58
N ARG D 392 21.00 38.61 -4.28
CA ARG D 392 22.35 38.47 -3.74
C ARG D 392 23.00 39.80 -3.41
N CYS D 393 23.93 39.74 -2.45
CA CYS D 393 24.88 40.80 -2.20
C CYS D 393 26.26 40.35 -2.63
N GLN D 394 27.01 41.26 -3.26
CA GLN D 394 28.37 40.94 -3.66
C GLN D 394 29.24 40.97 -2.40
N GLN D 395 30.36 40.23 -2.45
CA GLN D 395 31.25 40.10 -1.31
C GLN D 395 31.79 41.45 -0.85
N GLU D 396 32.14 42.32 -1.80
CA GLU D 396 32.59 43.68 -1.46
C GLU D 396 31.48 44.47 -0.76
N GLU D 397 30.23 44.29 -1.22
CA GLU D 397 29.09 44.93 -0.56
C GLU D 397 28.93 44.46 0.87
N SER D 398 29.02 43.14 1.08
CA SER D 398 28.90 42.56 2.40
C SER D 398 30.01 43.03 3.34
N GLN D 399 31.24 43.02 2.83
CA GLN D 399 32.39 43.46 3.61
C GLN D 399 32.27 44.93 3.97
N ALA D 400 31.86 45.77 3.00
CA ALA D 400 31.67 47.20 3.23
C ALA D 400 30.59 47.44 4.27
N ALA D 401 29.48 46.69 4.17
CA ALA D 401 28.39 46.86 5.12
C ALA D 401 28.87 46.53 6.53
N ARG D 402 29.68 45.47 6.67
CA ARG D 402 30.25 45.17 7.98
C ARG D 402 31.24 46.27 8.40
N MET D 403 31.88 46.94 7.42
CA MET D 403 32.82 48.02 7.73
C MET D 403 32.14 49.14 8.46
N ILE D 404 31.01 49.65 7.93
CA ILE D 404 30.38 50.81 8.57
C ILE D 404 29.96 50.49 9.99
N HIS D 405 29.32 49.33 10.19
CA HIS D 405 28.84 48.92 11.51
C HIS D 405 29.97 48.75 12.53
N SER D 406 31.08 48.15 12.13
CA SER D 406 32.21 48.04 13.06
C SER D 406 32.96 49.35 13.23
N THR D 407 33.12 50.09 12.14
CA THR D 407 33.94 51.29 12.11
C THR D 407 33.30 52.46 12.83
N ALA D 408 32.00 52.70 12.61
CA ALA D 408 31.31 53.85 13.16
C ALA D 408 31.25 53.83 14.69
N GLY D 409 31.02 52.66 15.29
CA GLY D 409 30.89 52.57 16.74
C GLY D 409 32.15 52.95 17.48
N LEU D 410 33.32 52.65 16.89
CA LEU D 410 34.60 52.95 17.52
C LEU D 410 34.79 54.44 17.67
N TYR D 411 34.58 55.20 16.60
CA TYR D 411 34.73 56.63 16.71
C TYR D 411 33.55 57.28 17.42
N ASN D 412 32.36 56.66 17.39
CA ASN D 412 31.27 57.19 18.21
C ASN D 412 31.65 57.16 19.69
N GLN D 413 32.26 56.05 20.13
CA GLN D 413 32.85 55.98 21.47
C GLN D 413 33.98 56.99 21.64
N PHE D 414 34.82 57.16 20.62
CA PHE D 414 35.92 58.14 20.68
C PHE D 414 35.39 59.56 20.83
N ILE D 415 34.34 59.91 20.08
CA ILE D 415 33.70 61.21 20.15
C ILE D 415 33.11 61.45 21.52
N LYS D 416 32.41 60.44 22.07
CA LYS D 416 31.87 60.60 23.42
C LYS D 416 32.99 60.68 24.47
N GLY D 417 34.15 60.11 24.19
CA GLY D 417 35.28 60.32 25.07
C GLY D 417 35.86 61.70 24.92
N LEU D 418 35.78 62.26 23.72
CA LEU D 418 36.31 63.61 23.46
C LEU D 418 35.48 64.65 24.19
N ASP D 419 34.17 64.71 23.92
CA ASP D 419 33.39 65.71 24.64
C ASP D 419 33.24 65.39 26.14
N SER D 420 33.59 64.16 26.59
CA SER D 420 33.63 63.91 28.02
C SER D 420 34.68 64.79 28.70
N PHE D 421 35.80 65.06 28.04
CA PHE D 421 36.78 66.02 28.57
C PHE D 421 36.88 67.29 27.74
N SER D 422 35.84 67.63 26.98
CA SER D 422 35.83 68.91 26.26
C SER D 422 35.93 70.08 27.24
N GLY D 423 35.08 70.10 28.25
CA GLY D 423 35.25 70.97 29.39
C GLY D 423 36.02 70.23 30.47
N LYS D 424 36.01 70.83 31.69
CA LYS D 424 36.64 70.29 32.90
C LYS D 424 38.12 69.97 32.66
N PRO D 425 39.00 70.97 32.61
CA PRO D 425 40.42 70.70 32.37
C PRO D 425 41.02 69.74 33.39
N ARG D 426 41.85 68.83 32.89
CA ARG D 426 42.46 67.80 33.72
C ARG D 426 43.41 68.40 34.76
N GLY D 427 44.04 69.52 34.43
CA GLY D 427 44.99 70.16 35.32
C GLY D 427 46.23 69.31 35.54
N SER D 428 46.35 68.73 36.74
CA SER D 428 47.43 67.82 37.05
C SER D 428 46.92 66.47 37.55
N GLY D 429 45.60 66.24 37.51
CA GLY D 429 45.04 65.01 38.00
C GLY D 429 44.78 63.99 36.91
N PRO D 430 43.78 63.14 37.12
CA PRO D 430 43.47 62.11 36.13
C PRO D 430 42.49 62.61 35.09
N PRO D 431 42.42 61.97 33.91
CA PRO D 431 41.45 62.39 32.88
C PRO D 431 39.99 62.18 33.26
N ALA D 432 39.09 62.52 32.33
CA ALA D 432 37.65 62.49 32.58
C ALA D 432 37.16 61.08 32.86
N GLY D 433 37.28 60.19 31.88
CA GLY D 433 36.74 58.86 32.02
C GLY D 433 37.63 57.76 31.47
N PRO D 434 37.06 56.86 30.68
CA PRO D 434 37.82 55.72 30.15
C PRO D 434 38.90 56.15 29.18
N ALA D 435 39.97 55.35 29.12
CA ALA D 435 41.06 55.60 28.21
C ALA D 435 40.60 55.41 26.77
N LEU D 436 40.88 56.39 25.93
CA LEU D 436 40.45 56.36 24.54
C LEU D 436 41.32 55.39 23.74
N PRO D 437 40.73 54.51 22.93
CA PRO D 437 41.52 53.53 22.17
C PRO D 437 42.34 54.16 21.06
N ILE D 438 43.45 54.79 21.45
CA ILE D 438 44.32 55.52 20.52
C ILE D 438 44.90 54.58 19.46
N GLU D 439 45.46 53.44 19.92
CA GLU D 439 46.08 52.49 18.99
C GLU D 439 45.06 51.82 18.09
N ALA D 440 43.91 51.42 18.64
CA ALA D 440 42.85 50.80 17.85
C ALA D 440 42.32 51.75 16.80
N VAL D 441 42.11 53.02 17.18
CA VAL D 441 41.64 54.03 16.26
C VAL D 441 42.67 54.28 15.16
N ILE D 442 43.95 54.41 15.53
CA ILE D 442 45.02 54.65 14.55
C ILE D 442 45.13 53.49 13.57
N LEU D 443 45.05 52.26 14.07
CA LEU D 443 45.07 51.06 13.23
C LEU D 443 43.89 51.05 12.25
N SER D 444 42.70 51.40 12.75
CA SER D 444 41.52 51.47 11.88
C SER D 444 41.66 52.56 10.83
N LEU D 445 42.24 53.71 11.21
CA LEU D 445 42.49 54.79 10.28
C LEU D 445 43.46 54.38 9.17
N GLN D 446 44.53 53.67 9.54
CA GLN D 446 45.50 53.19 8.56
C GLN D 446 44.87 52.18 7.61
N ASP D 447 44.04 51.26 8.16
CA ASP D 447 43.32 50.31 7.34
C ASP D 447 42.35 51.00 6.39
N LEU D 448 41.65 52.02 6.87
CA LEU D 448 40.68 52.72 6.03
C LEU D 448 41.37 53.48 4.91
N ILE D 449 42.51 54.12 5.20
CA ILE D 449 43.27 54.83 4.19
C ILE D 449 43.76 53.87 3.09
N GLY D 450 44.29 52.72 3.51
CA GLY D 450 44.65 51.70 2.52
C GLY D 450 43.45 51.13 1.79
N TYR D 451 42.32 51.00 2.48
CA TYR D 451 41.07 50.58 1.87
C TYR D 451 40.55 51.58 0.86
N PHE D 452 40.92 52.85 1.00
CA PHE D 452 40.51 53.90 0.08
C PHE D 452 41.67 54.41 -0.76
N GLU D 453 42.71 53.60 -0.91
CA GLU D 453 43.85 53.98 -1.75
C GLU D 453 43.42 53.97 -3.21
N PRO D 454 43.64 55.06 -3.94
CA PRO D 454 43.35 55.05 -5.37
C PRO D 454 44.22 54.07 -6.11
N PRO D 455 43.73 53.49 -7.21
CA PRO D 455 44.52 52.51 -7.97
C PRO D 455 45.79 53.10 -8.58
N SER D 456 46.83 52.27 -8.65
CA SER D 456 48.13 52.69 -9.13
C SER D 456 48.09 53.03 -10.62
N GLU D 457 49.00 53.92 -11.02
CA GLU D 457 49.05 54.42 -12.39
C GLU D 457 49.38 53.34 -13.40
N GLU D 458 50.29 52.42 -13.04
CA GLU D 458 50.78 51.40 -13.96
C GLU D 458 49.71 50.39 -14.38
N LEU D 459 48.58 50.33 -13.67
CA LEU D 459 47.51 49.40 -13.98
C LEU D 459 46.94 49.65 -15.36
N GLN D 460 46.57 48.57 -16.05
CA GLN D 460 45.99 48.66 -17.38
C GLN D 460 44.64 49.37 -17.30
N HIS D 461 44.26 49.99 -18.42
CA HIS D 461 43.07 50.83 -18.50
C HIS D 461 41.79 50.14 -18.04
N GLU D 462 41.64 48.85 -18.37
CA GLU D 462 40.46 48.09 -17.96
C GLU D 462 40.35 47.94 -16.45
N GLU D 463 41.43 47.51 -15.82
CA GLU D 463 41.41 47.32 -14.38
C GLU D 463 41.42 48.65 -13.65
N LYS D 464 42.03 49.67 -14.27
CA LYS D 464 42.04 51.00 -13.70
C LYS D 464 40.61 51.55 -13.61
N GLN D 465 39.83 51.40 -14.69
CA GLN D 465 38.44 51.86 -14.67
C GLN D 465 37.60 51.04 -13.70
N SER D 466 37.80 49.71 -13.66
CA SER D 466 37.02 48.88 -12.75
C SER D 466 37.30 49.22 -11.30
N LYS D 467 38.58 49.44 -10.96
CA LYS D 467 38.94 49.86 -9.61
C LYS D 467 38.41 51.26 -9.32
N LEU D 468 38.35 52.12 -10.33
CA LEU D 468 37.78 53.45 -10.14
C LEU D 468 36.31 53.35 -9.78
N ARG D 469 35.58 52.49 -10.49
CA ARG D 469 34.16 52.28 -10.19
C ARG D 469 33.94 51.74 -8.79
N SER D 470 34.78 50.77 -8.37
CA SER D 470 34.71 50.27 -7.01
C SER D 470 35.04 51.34 -5.98
N LEU D 471 36.04 52.18 -6.27
CA LEU D 471 36.43 53.25 -5.37
C LEU D 471 35.32 54.28 -5.21
N ARG D 472 34.67 54.67 -6.30
CA ARG D 472 33.55 55.60 -6.23
C ARG D 472 32.38 54.99 -5.48
N ASN D 473 32.12 53.70 -5.71
CA ASN D 473 31.00 53.04 -5.05
C ASN D 473 31.22 52.99 -3.53
N ARG D 474 32.42 52.59 -3.11
CA ARG D 474 32.73 52.53 -1.68
C ARG D 474 32.70 53.91 -1.03
N GLN D 475 33.21 54.92 -1.73
CA GLN D 475 33.20 56.29 -1.22
C GLN D 475 31.76 56.81 -1.07
N SER D 476 30.92 56.52 -2.07
CA SER D 476 29.54 56.97 -2.06
C SER D 476 28.78 56.29 -0.94
N LEU D 477 29.00 54.98 -0.76
CA LEU D 477 28.30 54.22 0.27
C LEU D 477 28.68 54.73 1.66
N PHE D 478 29.97 55.00 1.88
CA PHE D 478 30.40 55.48 3.19
C PHE D 478 29.82 56.86 3.52
N GLN D 479 29.80 57.77 2.53
CA GLN D 479 29.13 59.05 2.74
C GLN D 479 27.64 58.85 2.99
N GLU D 480 27.00 57.97 2.21
CA GLU D 480 25.60 57.63 2.39
C GLU D 480 25.32 57.03 3.76
N GLU D 481 26.33 56.43 4.38
CA GLU D 481 26.21 55.97 5.74
C GLU D 481 26.67 57.03 6.74
N GLY D 482 27.04 58.22 6.26
CA GLY D 482 27.37 59.29 7.18
C GLY D 482 28.76 59.34 7.74
N MET D 483 29.72 58.58 7.20
CA MET D 483 31.08 58.62 7.71
C MET D 483 31.72 60.00 7.52
N LEU D 484 31.30 60.73 6.49
CA LEU D 484 31.76 62.10 6.28
C LEU D 484 31.35 63.03 7.42
N SER D 485 30.12 62.88 7.91
CA SER D 485 29.68 63.66 9.06
C SER D 485 30.46 63.29 10.32
N LEU D 486 30.71 61.99 10.50
CA LEU D 486 31.42 61.52 11.69
C LEU D 486 32.86 62.04 11.71
N VAL D 487 33.55 61.96 10.58
CA VAL D 487 34.91 62.48 10.52
C VAL D 487 34.91 64.00 10.66
N LEU D 488 33.88 64.68 10.13
CA LEU D 488 33.75 66.12 10.35
C LEU D 488 33.63 66.45 11.83
N ASN D 489 32.93 65.58 12.58
CA ASN D 489 32.90 65.73 14.02
C ASN D 489 34.28 65.47 14.63
N CYS D 490 35.05 64.57 14.02
CA CYS D 490 36.36 64.23 14.58
C CYS D 490 37.30 65.43 14.49
N ILE D 491 37.41 66.01 13.28
CA ILE D 491 38.29 67.18 13.10
C ILE D 491 37.79 68.35 13.94
N ASP D 492 36.47 68.59 13.95
CA ASP D 492 35.93 69.73 14.71
C ASP D 492 36.19 69.59 16.21
N ARG D 493 35.99 68.39 16.76
CA ARG D 493 36.27 68.16 18.17
C ARG D 493 37.75 68.28 18.50
N LEU D 494 38.64 67.77 17.64
CA LEU D 494 40.07 67.94 17.90
C LEU D 494 40.59 69.34 17.64
N ASN D 495 39.86 70.14 16.86
CA ASN D 495 40.33 71.47 16.48
C ASN D 495 40.25 72.50 17.60
N VAL D 496 39.53 72.22 18.69
CA VAL D 496 39.42 73.18 19.79
C VAL D 496 40.74 73.39 20.53
N TYR D 497 41.71 72.49 20.37
CA TYR D 497 43.01 72.61 21.01
C TYR D 497 44.03 73.05 19.96
N THR D 498 44.74 74.14 20.25
CA THR D 498 45.72 74.64 19.31
C THR D 498 46.95 73.75 19.21
N THR D 499 47.42 73.23 20.34
CA THR D 499 48.63 72.43 20.36
C THR D 499 48.44 71.16 21.18
N ALA D 500 49.49 70.35 21.21
CA ALA D 500 49.50 69.13 21.99
C ALA D 500 49.40 69.41 23.48
N ALA D 501 50.00 70.53 23.95
CA ALA D 501 49.86 70.91 25.34
C ALA D 501 48.42 71.22 25.70
N HIS D 502 47.71 71.92 24.80
CA HIS D 502 46.28 72.17 24.97
C HIS D 502 45.48 70.89 24.99
N PHE D 503 45.85 69.92 24.13
CA PHE D 503 45.20 68.63 24.18
C PHE D 503 45.52 67.88 25.47
N ALA D 504 46.75 68.06 25.98
CA ALA D 504 47.18 67.40 27.21
C ALA D 504 46.40 67.89 28.42
N GLU D 505 46.11 69.20 28.48
CA GLU D 505 45.43 69.78 29.64
C GLU D 505 44.02 69.25 29.86
N TYR D 506 43.43 68.60 28.86
CA TYR D 506 42.09 68.03 29.01
C TYR D 506 42.08 66.52 28.81
N ALA D 507 42.79 66.02 27.81
CA ALA D 507 42.82 64.59 27.49
C ALA D 507 43.85 63.83 28.31
N GLY D 508 45.05 64.36 28.45
CA GLY D 508 46.11 63.68 29.16
C GLY D 508 47.41 63.67 28.40
N GLU D 509 48.51 63.39 29.11
CA GLU D 509 49.84 63.38 28.51
C GLU D 509 49.99 62.27 27.47
N GLU D 510 49.46 61.07 27.77
CA GLU D 510 49.60 59.92 26.88
C GLU D 510 48.89 60.11 25.54
N ALA D 511 47.86 60.94 25.49
CA ALA D 511 47.17 61.24 24.25
C ALA D 511 47.70 62.46 23.53
N ALA D 512 48.53 63.28 24.20
CA ALA D 512 49.02 64.52 23.61
C ALA D 512 49.93 64.28 22.41
N GLU D 513 50.81 63.28 22.50
CA GLU D 513 51.75 62.99 21.42
C GLU D 513 51.03 62.53 20.15
N SER D 514 50.00 61.69 20.30
CA SER D 514 49.26 61.16 19.17
C SER D 514 48.34 62.17 18.48
N TRP D 515 48.18 63.37 19.05
CA TRP D 515 47.29 64.39 18.49
C TRP D 515 47.68 64.81 17.08
N LYS D 516 48.97 65.02 16.84
CA LYS D 516 49.45 65.40 15.52
C LYS D 516 49.22 64.28 14.52
N GLU D 517 49.53 63.05 14.93
CA GLU D 517 49.41 61.90 14.05
C GLU D 517 47.95 61.68 13.65
N ILE D 518 47.04 61.78 14.63
CA ILE D 518 45.64 61.51 14.31
C ILE D 518 45.08 62.59 13.40
N VAL D 519 45.39 63.88 13.65
CA VAL D 519 44.83 64.93 12.79
C VAL D 519 45.38 64.84 11.36
N ASN D 520 46.67 64.45 11.21
CA ASN D 520 47.18 64.16 9.86
C ASN D 520 46.46 62.98 9.21
N LEU D 521 46.22 61.91 9.97
CA LEU D 521 45.54 60.74 9.43
C LEU D 521 44.11 61.07 9.02
N LEU D 522 43.42 61.89 9.83
CA LEU D 522 42.05 62.28 9.52
C LEU D 522 42.00 63.08 8.24
N TYR D 523 42.96 63.99 8.03
CA TYR D 523 42.98 64.74 6.78
C TYR D 523 43.24 63.83 5.59
N GLU D 524 44.17 62.87 5.75
CA GLU D 524 44.50 61.95 4.65
C GLU D 524 43.30 61.11 4.26
N LEU D 525 42.61 60.52 5.26
CA LEU D 525 41.44 59.71 4.95
C LEU D 525 40.32 60.56 4.36
N LEU D 526 40.18 61.82 4.83
CA LEU D 526 39.16 62.71 4.30
C LEU D 526 39.37 62.97 2.82
N ALA D 527 40.63 63.24 2.45
CA ALA D 527 40.99 63.41 1.04
C ALA D 527 40.74 62.13 0.25
N SER D 528 41.08 60.97 0.82
CA SER D 528 40.82 59.70 0.15
C SER D 528 39.32 59.45 -0.01
N LEU D 529 38.51 59.89 0.96
CA LEU D 529 37.05 59.76 0.86
C LEU D 529 36.50 60.60 -0.27
N ILE D 530 37.01 61.82 -0.45
CA ILE D 530 36.33 62.76 -1.33
C ILE D 530 36.97 62.87 -2.71
N ARG D 531 38.18 62.35 -2.90
CA ARG D 531 38.93 62.53 -4.15
C ARG D 531 38.21 61.96 -5.37
N GLY D 532 37.83 62.85 -6.29
CA GLY D 532 37.18 62.45 -7.52
C GLY D 532 35.69 62.17 -7.42
N ASN D 533 35.06 62.53 -6.31
CA ASN D 533 33.65 62.26 -6.09
C ASN D 533 32.81 63.49 -6.42
N ARG D 534 31.89 63.34 -7.37
CA ARG D 534 31.06 64.45 -7.81
C ARG D 534 30.12 64.91 -6.71
N ALA D 535 29.38 63.97 -6.10
CA ALA D 535 28.41 64.35 -5.09
C ALA D 535 29.10 64.72 -3.78
N ASN D 536 30.12 63.95 -3.38
CA ASN D 536 30.75 64.18 -2.09
C ASN D 536 31.49 65.51 -2.11
N CYS D 537 32.14 65.82 -3.24
CA CYS D 537 32.78 67.12 -3.39
C CYS D 537 31.74 68.23 -3.38
N ALA D 538 30.59 68.00 -4.02
CA ALA D 538 29.51 68.99 -3.98
C ALA D 538 28.96 69.20 -2.57
N LEU D 539 29.11 68.22 -1.68
CA LEU D 539 28.63 68.38 -0.30
C LEU D 539 29.43 69.39 0.49
N PHE D 540 30.62 69.77 0.04
CA PHE D 540 31.43 70.75 0.74
C PHE D 540 31.15 72.18 0.32
N SER D 541 30.22 72.40 -0.60
CA SER D 541 29.85 73.76 -0.98
C SER D 541 29.10 74.48 0.14
N THR D 542 28.53 73.73 1.08
CA THR D 542 27.80 74.34 2.20
C THR D 542 28.75 74.83 3.28
N ASN D 543 29.83 74.11 3.53
CA ASN D 543 30.77 74.46 4.60
C ASN D 543 32.16 74.81 4.07
N LEU D 544 32.20 75.63 3.01
CA LEU D 544 33.48 76.05 2.43
C LEU D 544 34.30 76.83 3.45
N ASP D 545 33.65 77.74 4.19
CA ASP D 545 34.35 78.51 5.20
C ASP D 545 34.85 77.65 6.36
N TRP D 546 34.24 76.47 6.55
CA TRP D 546 34.68 75.57 7.62
C TRP D 546 36.11 75.09 7.39
N VAL D 547 36.41 74.60 6.18
CA VAL D 547 37.78 74.24 5.86
C VAL D 547 38.66 75.48 5.73
N VAL D 548 38.12 76.60 5.22
CA VAL D 548 38.91 77.83 5.09
C VAL D 548 39.35 78.34 6.47
N SER D 549 38.53 78.14 7.50
CA SER D 549 38.87 78.58 8.86
C SER D 549 40.12 77.94 9.44
N LYS D 550 40.56 76.79 8.92
CA LYS D 550 41.67 76.06 9.52
C LYS D 550 42.98 76.15 8.75
N LEU D 551 43.08 77.01 7.73
CA LEU D 551 44.33 77.15 6.98
C LEU D 551 45.45 77.73 7.84
N ASP D 552 45.11 78.57 8.81
CA ASP D 552 46.10 79.20 9.68
C ASP D 552 46.80 78.19 10.59
N ARG D 553 46.19 77.04 10.86
CA ARG D 553 46.76 76.05 11.74
C ARG D 553 48.04 75.48 11.14
N LEU D 554 48.99 75.15 12.01
CA LEU D 554 50.29 74.65 11.58
C LEU D 554 50.45 73.15 11.73
N GLU D 555 49.53 72.48 12.44
CA GLU D 555 49.65 71.05 12.68
C GLU D 555 49.53 70.23 11.40
N ALA D 556 48.59 70.59 10.52
CA ALA D 556 48.39 69.85 9.28
C ALA D 556 47.87 70.81 8.22
N SER D 557 48.78 71.36 7.42
CA SER D 557 48.43 72.22 6.30
C SER D 557 48.33 71.48 4.98
N SER D 558 49.24 70.52 4.76
CA SER D 558 49.25 69.73 3.53
C SER D 558 47.99 68.91 3.35
N GLY D 559 47.51 68.29 4.43
CA GLY D 559 46.30 67.46 4.32
C GLY D 559 45.07 68.26 3.95
N ILE D 560 44.85 69.38 4.63
CA ILE D 560 43.69 70.21 4.35
C ILE D 560 43.82 70.87 2.98
N LEU D 561 45.04 71.25 2.59
CA LEU D 561 45.27 71.79 1.25
C LEU D 561 44.95 70.76 0.17
N GLU D 562 45.33 69.49 0.40
CA GLU D 562 44.96 68.42 -0.51
C GLU D 562 43.45 68.22 -0.58
N VAL D 563 42.77 68.31 0.57
CA VAL D 563 41.31 68.22 0.62
C VAL D 563 40.68 69.33 -0.21
N LEU D 564 41.20 70.55 -0.06
CA LEU D 564 40.74 71.69 -0.85
C LEU D 564 40.99 71.46 -2.33
N TYR D 565 42.15 70.92 -2.68
CA TYR D 565 42.48 70.70 -4.08
C TYR D 565 41.55 69.68 -4.72
N CYS D 566 41.26 68.59 -3.98
CA CYS D 566 40.34 67.57 -4.49
C CYS D 566 38.95 68.13 -4.70
N VAL D 567 38.47 68.99 -3.79
CA VAL D 567 37.17 69.62 -3.97
C VAL D 567 37.20 70.53 -5.19
N LEU D 568 38.27 71.33 -5.33
CA LEU D 568 38.38 72.33 -6.39
C LEU D 568 38.43 71.70 -7.76
N ILE D 569 39.16 70.60 -7.92
CA ILE D 569 39.31 70.01 -9.25
C ILE D 569 38.10 69.21 -9.66
N GLU D 570 37.07 69.15 -8.83
CA GLU D 570 35.89 68.34 -9.07
C GLU D 570 34.63 69.17 -9.23
N SER D 571 34.34 70.07 -8.28
CA SER D 571 33.03 70.73 -8.32
C SER D 571 33.07 72.22 -8.65
N PRO D 572 32.63 72.63 -9.85
CA PRO D 572 32.55 74.08 -10.16
C PRO D 572 31.54 74.83 -9.30
N GLU D 573 30.52 74.14 -8.76
CA GLU D 573 29.56 74.82 -7.92
C GLU D 573 30.20 75.30 -6.63
N VAL D 574 31.23 74.59 -6.14
CA VAL D 574 32.00 75.05 -5.01
C VAL D 574 32.77 76.32 -5.39
N LEU D 575 33.26 76.39 -6.64
CA LEU D 575 33.92 77.59 -7.15
C LEU D 575 32.97 78.78 -7.16
N ASN D 576 31.68 78.54 -7.37
CA ASN D 576 30.72 79.65 -7.36
C ASN D 576 30.48 80.24 -5.97
N ILE D 577 30.93 79.56 -4.90
CA ILE D 577 30.73 80.05 -3.54
C ILE D 577 31.91 80.89 -3.05
N ILE D 578 33.00 80.96 -3.81
CA ILE D 578 34.20 81.68 -3.39
C ILE D 578 33.92 83.17 -3.24
N GLN D 579 34.43 83.76 -2.16
CA GLN D 579 34.21 85.14 -1.79
C GLN D 579 35.55 85.76 -1.42
N GLU D 580 35.61 87.10 -1.46
CA GLU D 580 36.85 87.87 -1.46
C GLU D 580 37.70 87.65 -0.20
N ASN D 581 37.10 87.27 0.93
CA ASN D 581 37.90 86.95 2.11
C ASN D 581 38.70 85.66 1.93
N HIS D 582 38.11 84.69 1.22
CA HIS D 582 38.73 83.37 1.04
C HIS D 582 40.02 83.49 0.23
N ILE D 583 39.99 84.27 -0.84
CA ILE D 583 41.13 84.36 -1.74
C ILE D 583 42.30 85.05 -1.04
N LYS D 584 42.01 86.11 -0.26
CA LYS D 584 43.02 86.76 0.54
C LYS D 584 43.61 85.80 1.57
N SER D 585 42.77 84.90 2.11
CA SER D 585 43.28 83.86 3.00
C SER D 585 44.24 82.92 2.26
N ILE D 586 43.90 82.56 1.01
CA ILE D 586 44.79 81.73 0.19
C ILE D 586 46.12 82.44 -0.03
N ILE D 587 46.06 83.74 -0.31
CA ILE D 587 47.27 84.56 -0.46
C ILE D 587 48.07 84.56 0.84
N SER D 588 47.37 84.57 1.99
CA SER D 588 48.04 84.50 3.28
C SER D 588 48.78 83.17 3.45
N LEU D 589 48.30 82.09 2.82
CA LEU D 589 49.07 80.83 2.85
C LEU D 589 50.45 81.03 2.24
N LEU D 590 50.50 81.71 1.09
CA LEU D 590 51.76 82.01 0.43
C LEU D 590 52.62 82.90 1.29
N ASP D 591 52.00 83.89 1.94
CA ASP D 591 52.77 84.83 2.76
C ASP D 591 53.28 84.21 4.06
N LYS D 592 52.60 83.18 4.57
CA LYS D 592 52.96 82.57 5.83
C LYS D 592 53.65 81.22 5.72
N HIS D 593 53.68 80.60 4.54
CA HIS D 593 54.23 79.27 4.40
C HIS D 593 55.30 79.15 3.32
N GLY D 594 55.80 80.27 2.81
CA GLY D 594 56.82 80.22 1.78
C GLY D 594 56.28 79.93 0.41
N ARG D 595 57.20 79.78 -0.54
CA ARG D 595 56.87 79.56 -1.94
C ARG D 595 56.49 78.10 -2.18
N ASN D 596 55.27 77.77 -1.79
CA ASN D 596 54.71 76.44 -1.99
C ASN D 596 53.90 76.50 -3.29
N HIS D 597 54.36 75.79 -4.33
CA HIS D 597 53.69 75.80 -5.62
C HIS D 597 52.32 75.12 -5.59
N LYS D 598 52.04 74.32 -4.56
CA LYS D 598 50.69 73.78 -4.38
C LYS D 598 49.66 74.88 -4.19
N VAL D 599 50.06 75.99 -3.55
CA VAL D 599 49.16 77.14 -3.42
C VAL D 599 48.83 77.70 -4.80
N LEU D 600 49.84 77.77 -5.67
CA LEU D 600 49.63 78.23 -7.04
C LEU D 600 48.70 77.28 -7.78
N ASP D 601 48.87 75.97 -7.56
CA ASP D 601 47.98 74.98 -8.15
C ASP D 601 46.54 75.15 -7.68
N VAL D 602 46.37 75.50 -6.41
CA VAL D 602 45.05 75.83 -5.85
C VAL D 602 44.46 77.03 -6.56
N LEU D 603 45.27 78.08 -6.75
CA LEU D 603 44.83 79.27 -7.47
C LEU D 603 44.47 78.96 -8.93
N CYS D 604 45.27 78.09 -9.57
CA CYS D 604 45.00 77.66 -10.93
C CYS D 604 43.67 76.92 -11.02
N SER D 605 43.38 76.07 -10.03
CA SER D 605 42.08 75.43 -9.99
C SER D 605 40.98 76.44 -9.68
N LEU D 606 41.32 77.50 -8.94
CA LEU D 606 40.34 78.53 -8.59
C LEU D 606 39.91 79.31 -9.82
N CYS D 607 40.79 79.43 -10.82
CA CYS D 607 40.43 80.25 -11.99
C CYS D 607 39.36 79.57 -12.83
N VAL D 608 39.67 78.41 -13.40
CA VAL D 608 38.82 77.75 -14.38
C VAL D 608 38.47 76.36 -13.87
N CYS D 609 37.19 76.01 -13.95
CA CYS D 609 36.72 74.66 -13.64
C CYS D 609 35.83 74.18 -14.78
N ASN D 610 36.08 72.94 -15.23
CA ASN D 610 35.38 72.29 -16.35
C ASN D 610 35.43 73.12 -17.63
N GLY D 611 36.55 73.82 -17.83
CA GLY D 611 36.71 74.67 -19.01
C GLY D 611 35.79 75.87 -19.04
N VAL D 612 35.26 76.28 -17.89
CA VAL D 612 34.33 77.41 -17.80
C VAL D 612 35.06 78.55 -17.08
N ALA D 613 35.13 79.70 -17.74
CA ALA D 613 35.80 80.85 -17.14
C ALA D 613 34.95 81.48 -16.06
N VAL D 614 35.59 81.85 -14.96
CA VAL D 614 34.94 82.56 -13.87
C VAL D 614 35.64 83.90 -13.77
N ARG D 615 35.09 84.90 -14.46
CA ARG D 615 35.73 86.20 -14.55
C ARG D 615 35.76 86.90 -13.21
N SER D 616 34.79 86.64 -12.33
CA SER D 616 34.75 87.26 -11.01
C SER D 616 35.96 86.85 -10.20
N ASN D 617 36.29 85.55 -10.22
CA ASN D 617 37.43 85.08 -9.46
C ASN D 617 38.73 85.51 -10.13
N GLN D 618 38.77 85.52 -11.47
CA GLN D 618 40.01 85.92 -12.15
C GLN D 618 40.34 87.37 -11.83
N ASP D 619 39.31 88.24 -11.81
CA ASP D 619 39.50 89.64 -11.43
C ASP D 619 39.95 89.76 -9.98
N LEU D 620 39.40 88.91 -9.09
CA LEU D 620 39.85 88.98 -7.70
C LEU D 620 41.31 88.55 -7.56
N ILE D 621 41.73 87.55 -8.34
CA ILE D 621 43.13 87.08 -8.27
C ILE D 621 44.07 88.18 -8.73
N THR D 622 43.76 88.82 -9.86
CA THR D 622 44.67 89.86 -10.32
C THR D 622 44.55 91.13 -9.48
N GLU D 623 43.41 91.34 -8.82
CA GLU D 623 43.27 92.54 -7.99
C GLU D 623 44.05 92.40 -6.71
N ASN D 624 43.94 91.25 -6.05
CA ASN D 624 44.51 91.06 -4.73
C ASN D 624 45.93 90.49 -4.76
N LEU D 625 46.44 90.11 -5.94
CA LEU D 625 47.75 89.47 -5.96
C LEU D 625 48.76 90.23 -6.80
N LEU D 626 48.37 90.67 -7.99
CA LEU D 626 49.37 91.17 -8.95
C LEU D 626 49.98 92.53 -8.61
N PRO D 627 49.20 93.64 -8.44
CA PRO D 627 49.84 94.99 -8.39
C PRO D 627 50.83 95.22 -7.26
N GLY D 628 50.70 94.50 -6.15
CA GLY D 628 51.66 94.63 -5.07
C GLY D 628 53.06 94.21 -5.46
N ARG D 629 53.17 93.12 -6.23
CA ARG D 629 54.42 92.54 -6.72
C ARG D 629 55.39 92.20 -5.58
N GLU D 630 54.87 91.52 -4.56
CA GLU D 630 55.69 91.21 -3.39
C GLU D 630 55.80 89.72 -3.09
N LEU D 631 54.79 88.92 -3.43
CA LEU D 631 54.82 87.50 -3.16
C LEU D 631 55.26 86.68 -4.35
N LEU D 632 55.45 87.30 -5.50
CA LEU D 632 55.82 86.59 -6.72
C LEU D 632 57.08 87.20 -7.29
N LEU D 633 57.87 86.35 -7.95
CA LEU D 633 59.13 86.78 -8.54
C LEU D 633 58.90 87.80 -9.66
N GLN D 634 59.79 88.78 -9.74
CA GLN D 634 59.71 89.85 -10.72
C GLN D 634 60.80 89.67 -11.77
N THR D 635 60.43 89.82 -13.04
CA THR D 635 61.34 89.62 -14.17
C THR D 635 61.44 90.89 -14.99
N ASN D 636 62.64 91.14 -15.53
CA ASN D 636 62.93 92.29 -16.40
C ASN D 636 64.29 92.06 -17.05
N LEU D 637 64.51 92.77 -18.16
CA LEU D 637 65.76 92.72 -18.91
C LEU D 637 66.73 93.78 -18.40
N ILE D 638 67.97 93.36 -18.10
CA ILE D 638 68.98 94.25 -17.54
C ILE D 638 70.24 94.17 -18.40
N ASN D 639 70.78 95.31 -18.77
CA ASN D 639 72.04 95.35 -19.50
C ASN D 639 73.20 95.02 -18.57
N TYR D 640 74.24 94.44 -19.14
CA TYR D 640 75.44 94.14 -18.36
C TYR D 640 76.16 95.42 -18.01
N VAL D 641 76.75 95.45 -16.81
CA VAL D 641 77.47 96.61 -16.30
C VAL D 641 78.80 96.12 -15.74
N THR D 642 79.89 96.79 -16.11
CA THR D 642 81.20 96.40 -15.62
C THR D 642 82.01 97.64 -15.28
N SER D 643 83.10 97.43 -14.54
CA SER D 643 83.94 98.52 -14.08
C SER D 643 85.39 98.29 -14.48
N ILE D 644 86.05 99.38 -14.84
CA ILE D 644 87.44 99.39 -15.27
C ILE D 644 88.22 100.34 -14.39
N ARG D 645 89.38 99.89 -13.91
CA ARG D 645 90.20 100.67 -13.00
C ARG D 645 91.65 100.69 -13.48
N PRO D 646 92.37 101.76 -13.18
CA PRO D 646 93.83 101.71 -13.27
C PRO D 646 94.40 101.07 -12.02
N ASN D 647 95.63 100.57 -12.13
CA ASN D 647 96.29 99.92 -11.00
C ASN D 647 96.95 100.96 -10.08
N ILE D 648 96.12 101.83 -9.52
CA ILE D 648 96.55 102.83 -8.56
C ILE D 648 95.77 102.57 -7.27
N PHE D 649 96.49 102.31 -6.19
CA PHE D 649 95.89 101.97 -4.90
C PHE D 649 96.38 102.96 -3.86
N VAL D 650 95.45 103.65 -3.20
CA VAL D 650 95.76 104.64 -2.18
C VAL D 650 94.97 104.32 -0.91
N GLY D 651 95.60 104.51 0.23
CA GLY D 651 94.95 104.24 1.49
C GLY D 651 95.71 104.89 2.63
N ARG D 652 95.20 104.68 3.84
CA ARG D 652 95.82 105.24 5.04
C ARG D 652 96.08 104.15 6.06
N ALA D 653 97.19 104.30 6.78
CA ALA D 653 97.56 103.41 7.88
C ALA D 653 98.48 104.19 8.81
N GLU D 654 98.59 103.69 10.04
CA GLU D 654 99.47 104.31 11.04
C GLU D 654 100.91 104.13 10.60
N GLY D 655 101.55 105.24 10.21
CA GLY D 655 102.90 105.16 9.67
C GLY D 655 102.97 104.65 8.25
N SER D 656 101.91 104.82 7.47
CA SER D 656 101.91 104.38 6.08
C SER D 656 102.83 105.26 5.24
N THR D 657 103.37 104.68 4.18
CA THR D 657 104.29 105.37 3.29
C THR D 657 103.57 105.96 2.07
N GLN D 658 102.31 106.34 2.22
CA GLN D 658 101.53 106.90 1.13
C GLN D 658 100.93 108.23 1.53
N TYR D 659 100.72 109.07 0.53
CA TYR D 659 99.99 110.32 0.69
C TYR D 659 98.49 110.06 0.71
N GLY D 660 97.76 111.00 1.29
CA GLY D 660 96.33 110.79 1.49
C GLY D 660 95.42 111.69 0.69
N LYS D 661 95.97 112.56 -0.14
CA LYS D 661 95.19 113.49 -0.94
C LYS D 661 95.53 113.28 -2.41
N TRP D 662 94.53 112.91 -3.20
CA TRP D 662 94.77 112.52 -4.58
C TRP D 662 93.71 113.10 -5.49
N TYR D 663 94.05 113.18 -6.78
CA TYR D 663 93.22 113.86 -7.76
C TYR D 663 93.35 113.17 -9.10
N PHE D 664 92.20 112.97 -9.76
CA PHE D 664 92.15 112.47 -11.13
C PHE D 664 90.84 112.92 -11.74
N GLU D 665 90.76 112.81 -13.07
CA GLU D 665 89.60 113.28 -13.80
C GLU D 665 89.17 112.26 -14.84
N VAL D 666 87.90 112.37 -15.25
CA VAL D 666 87.34 111.54 -16.29
C VAL D 666 86.72 112.45 -17.35
N MET D 667 87.14 112.22 -18.60
CA MET D 667 86.65 112.94 -19.78
C MET D 667 85.63 112.07 -20.51
N VAL D 668 84.40 112.53 -20.57
CA VAL D 668 83.34 111.80 -21.26
C VAL D 668 83.35 112.20 -22.72
N ASP D 669 83.60 111.25 -23.62
CA ASP D 669 83.73 111.58 -25.04
C ASP D 669 82.44 111.30 -25.80
N GLU D 670 81.94 110.07 -25.76
CA GLU D 670 80.74 109.68 -26.50
C GLU D 670 79.87 108.79 -25.63
N VAL D 671 78.57 109.12 -25.55
CA VAL D 671 77.59 108.36 -24.80
C VAL D 671 76.37 108.11 -25.67
N VAL D 672 75.96 106.86 -25.80
CA VAL D 672 74.75 106.50 -26.51
C VAL D 672 73.60 106.67 -25.52
N PRO D 673 72.57 107.47 -25.86
CA PRO D 673 71.46 107.69 -24.91
C PRO D 673 70.68 106.43 -24.59
N PHE D 674 70.18 105.72 -25.61
CA PHE D 674 69.41 104.50 -25.41
C PHE D 674 69.79 103.52 -26.51
N LEU D 675 70.79 102.68 -26.24
CA LEU D 675 71.08 101.58 -27.13
C LEU D 675 70.07 100.46 -26.97
N THR D 676 69.56 100.27 -25.75
CA THR D 676 68.51 99.29 -25.47
C THR D 676 67.40 99.96 -24.67
N ALA D 677 66.46 99.15 -24.17
CA ALA D 677 65.38 99.68 -23.34
C ALA D 677 65.91 100.26 -22.04
N GLN D 678 66.88 99.58 -21.42
CA GLN D 678 67.47 100.06 -20.18
C GLN D 678 68.25 101.34 -20.43
N ALA D 679 68.15 102.29 -19.50
CA ALA D 679 68.86 103.55 -19.60
C ALA D 679 70.37 103.32 -19.50
N THR D 680 71.12 104.18 -20.18
CA THR D 680 72.58 104.11 -20.19
C THR D 680 73.13 104.30 -18.78
N HIS D 681 74.06 103.44 -18.39
CA HIS D 681 74.66 103.47 -17.06
C HIS D 681 76.12 103.89 -17.18
N LEU D 682 76.49 104.90 -16.41
CA LEU D 682 77.87 105.37 -16.36
C LEU D 682 78.05 106.16 -15.07
N ARG D 683 78.88 105.64 -14.17
CA ARG D 683 79.15 106.28 -12.89
C ARG D 683 80.65 106.35 -12.67
N VAL D 684 81.08 107.41 -11.99
CA VAL D 684 82.49 107.67 -11.70
C VAL D 684 82.63 107.88 -10.21
N GLY D 685 83.65 107.25 -9.61
CA GLY D 685 83.89 107.43 -8.19
C GLY D 685 84.98 106.52 -7.69
N TRP D 686 85.02 106.36 -6.37
CA TRP D 686 86.02 105.57 -5.70
C TRP D 686 85.40 104.30 -5.13
N ALA D 687 86.25 103.30 -4.88
CA ALA D 687 85.82 102.05 -4.31
C ALA D 687 86.94 101.47 -3.46
N LEU D 688 86.68 100.32 -2.85
CA LEU D 688 87.51 99.77 -1.78
C LEU D 688 87.83 98.30 -2.07
N THR D 689 89.10 97.91 -1.92
CA THR D 689 89.55 96.56 -2.28
C THR D 689 89.19 95.48 -1.26
N GLU D 690 88.30 95.73 -0.31
CA GLU D 690 88.00 94.71 0.69
C GLU D 690 86.50 94.38 0.71
N GLY D 691 85.94 94.07 -0.45
CA GLY D 691 84.55 93.70 -0.55
C GLY D 691 83.85 94.15 -1.81
N TYR D 692 84.40 95.15 -2.50
CA TYR D 692 83.82 95.60 -3.76
C TYR D 692 84.23 94.63 -4.85
N SER D 693 83.38 93.66 -5.13
CA SER D 693 83.62 92.68 -6.19
C SER D 693 82.38 92.63 -7.07
N PRO D 694 82.24 93.57 -8.01
CA PRO D 694 81.07 93.59 -8.91
C PRO D 694 81.13 92.52 -10.00
N TYR D 695 80.71 91.32 -9.61
CA TYR D 695 80.68 90.19 -10.52
C TYR D 695 79.68 90.43 -11.65
N PRO D 696 79.98 89.93 -12.85
CA PRO D 696 79.05 90.11 -13.98
C PRO D 696 77.74 89.37 -13.77
N GLY D 697 76.67 89.93 -14.33
CA GLY D 697 75.35 89.32 -14.25
C GLY D 697 74.46 90.02 -13.24
N GLY D 698 73.50 89.28 -12.69
CA GLY D 698 72.60 89.83 -11.71
C GLY D 698 73.21 89.88 -10.32
N GLY D 699 72.41 90.39 -9.39
CA GLY D 699 72.87 90.51 -8.02
C GLY D 699 71.92 91.32 -7.16
N GLU D 700 72.47 92.25 -6.40
CA GLU D 700 71.66 93.06 -5.49
C GLU D 700 70.73 94.01 -6.25
N GLY D 701 69.54 94.20 -5.70
CA GLY D 701 68.54 95.04 -6.35
C GLY D 701 68.08 94.42 -7.64
N TRP D 702 68.18 95.18 -8.73
CA TRP D 702 67.83 94.70 -10.05
C TRP D 702 69.07 94.44 -10.91
N GLY D 703 70.21 94.19 -10.27
CA GLY D 703 71.43 93.90 -11.01
C GLY D 703 72.04 95.14 -11.62
N GLY D 704 72.95 94.90 -12.56
CA GLY D 704 73.71 95.96 -13.20
C GLY D 704 74.53 96.76 -12.22
N ASN D 705 75.10 96.09 -11.22
CA ASN D 705 75.77 96.78 -10.13
C ASN D 705 77.16 97.26 -10.53
N GLY D 706 77.49 98.48 -10.11
CA GLY D 706 78.80 99.04 -10.34
C GLY D 706 79.28 99.84 -9.15
N VAL D 707 79.73 101.06 -9.36
CA VAL D 707 80.16 101.93 -8.28
C VAL D 707 78.92 102.56 -7.64
N GLY D 708 78.89 102.57 -6.31
CA GLY D 708 77.78 103.12 -5.57
C GLY D 708 76.66 102.15 -5.29
N ASP D 709 76.76 100.91 -5.76
CA ASP D 709 75.74 99.90 -5.50
C ASP D 709 75.92 99.21 -4.16
N ASP D 710 76.99 99.53 -3.43
CA ASP D 710 77.23 99.01 -2.09
C ASP D 710 78.13 100.00 -1.36
N LEU D 711 78.26 99.79 -0.05
CA LEU D 711 79.07 100.68 0.79
C LEU D 711 80.57 100.61 0.49
N TYR D 712 81.02 99.61 -0.26
CA TYR D 712 82.42 99.52 -0.64
C TYR D 712 82.75 100.36 -1.87
N SER D 713 81.79 101.11 -2.39
CA SER D 713 81.99 101.99 -3.52
C SER D 713 81.14 103.23 -3.35
N TYR D 714 81.52 104.30 -4.05
CA TYR D 714 80.84 105.59 -3.93
C TYR D 714 80.80 106.22 -5.31
N GLY D 715 79.60 106.32 -5.89
CA GLY D 715 79.45 106.74 -7.26
C GLY D 715 78.66 108.04 -7.41
N PHE D 716 78.55 108.48 -8.67
CA PHE D 716 77.88 109.72 -9.00
C PHE D 716 77.53 109.69 -10.47
N ASP D 717 76.27 110.05 -10.80
CA ASP D 717 75.73 109.86 -12.14
C ASP D 717 75.39 111.17 -12.84
N GLY D 718 75.95 112.28 -12.39
CA GLY D 718 75.63 113.58 -12.94
C GLY D 718 74.45 114.27 -12.29
N LEU D 719 73.62 113.54 -11.55
CA LEU D 719 72.51 114.13 -10.82
C LEU D 719 72.38 113.65 -9.38
N HIS D 720 72.91 112.49 -9.02
CA HIS D 720 72.79 111.95 -7.68
C HIS D 720 74.10 111.32 -7.24
N LEU D 721 74.33 111.36 -5.94
CA LEU D 721 75.43 110.59 -5.36
C LEU D 721 74.97 109.16 -5.16
N TRP D 722 75.86 108.21 -5.40
CA TRP D 722 75.55 106.79 -5.30
C TRP D 722 76.38 106.15 -4.20
N THR D 723 75.71 105.45 -3.30
CA THR D 723 76.30 104.68 -2.22
C THR D 723 75.23 103.77 -1.64
N GLY D 724 75.62 102.51 -1.39
CA GLY D 724 74.74 101.50 -0.82
C GLY D 724 73.49 101.23 -1.63
N HIS D 725 73.61 101.22 -2.96
CA HIS D 725 72.52 101.00 -3.92
C HIS D 725 71.40 102.05 -3.76
N VAL D 726 71.76 103.25 -3.31
CA VAL D 726 70.83 104.34 -3.07
C VAL D 726 71.36 105.59 -3.77
N ALA D 727 70.51 106.26 -4.53
CA ALA D 727 70.85 107.51 -5.18
C ALA D 727 70.28 108.68 -4.39
N ARG D 728 71.14 109.62 -4.02
CA ARG D 728 70.73 110.77 -3.24
C ARG D 728 71.06 112.05 -4.01
N PRO D 729 70.11 112.99 -4.13
CA PRO D 729 70.31 114.18 -4.98
C PRO D 729 71.46 115.08 -4.55
N VAL D 730 72.15 115.63 -5.55
CA VAL D 730 73.23 116.59 -5.34
C VAL D 730 72.95 117.85 -6.15
N THR D 731 73.10 119.01 -5.52
CA THR D 731 72.94 120.27 -6.22
C THR D 731 74.18 120.51 -7.08
N SER D 732 73.97 120.80 -8.36
CA SER D 732 75.07 121.10 -9.24
C SER D 732 74.75 122.33 -10.08
N PRO D 733 75.77 123.12 -10.45
CA PRO D 733 75.53 124.29 -11.29
C PRO D 733 75.17 123.93 -12.72
N GLY D 734 73.91 123.57 -12.95
CA GLY D 734 73.49 123.10 -14.25
C GLY D 734 73.48 121.59 -14.31
N GLN D 735 72.86 120.97 -13.31
CA GLN D 735 72.86 119.52 -13.16
C GLN D 735 72.14 118.84 -14.33
N HIS D 736 72.78 117.80 -14.86
CA HIS D 736 72.21 116.95 -15.90
C HIS D 736 72.94 115.63 -15.87
N LEU D 737 72.35 114.64 -16.54
CA LEU D 737 72.95 113.31 -16.65
C LEU D 737 74.27 113.41 -17.43
N LEU D 738 75.18 112.48 -17.16
CA LEU D 738 76.50 112.48 -17.76
C LEU D 738 76.41 112.35 -19.28
N ALA D 739 76.73 113.45 -19.95
CA ALA D 739 76.62 113.63 -21.38
C ALA D 739 78.01 113.75 -21.99
N PRO D 740 78.15 113.59 -23.33
CA PRO D 740 79.46 113.80 -23.96
C PRO D 740 80.00 115.21 -23.73
N GLU D 741 81.34 115.28 -23.66
CA GLU D 741 82.11 116.49 -23.32
C GLU D 741 81.77 116.96 -21.91
N ASP D 742 81.96 116.05 -20.96
CA ASP D 742 81.81 116.30 -19.54
C ASP D 742 83.11 115.94 -18.82
N VAL D 743 83.44 116.73 -17.80
CA VAL D 743 84.67 116.57 -17.03
C VAL D 743 84.27 116.33 -15.58
N VAL D 744 84.73 115.22 -15.00
CA VAL D 744 84.47 114.92 -13.60
C VAL D 744 85.80 114.82 -12.87
N SER D 745 85.94 115.60 -11.79
CA SER D 745 87.17 115.64 -11.00
C SER D 745 86.91 115.04 -9.62
N CYS D 746 87.68 114.02 -9.27
CA CYS D 746 87.55 113.31 -7.99
C CYS D 746 88.68 113.73 -7.05
N CYS D 747 88.35 114.59 -6.10
CA CYS D 747 89.29 115.07 -5.09
C CYS D 747 89.14 114.20 -3.84
N LEU D 748 90.15 113.41 -3.51
CA LEU D 748 90.10 112.51 -2.38
C LEU D 748 91.04 112.98 -1.28
N ASP D 749 90.55 113.00 -0.05
CA ASP D 749 91.37 113.24 1.13
C ASP D 749 91.17 112.04 2.04
N LEU D 750 92.31 111.50 2.52
CA LEU D 750 92.35 110.38 3.45
C LEU D 750 92.84 110.76 4.84
N SER D 751 93.54 111.89 4.99
CA SER D 751 93.88 112.40 6.31
C SER D 751 92.63 112.64 7.14
N VAL D 752 91.62 113.25 6.50
CA VAL D 752 90.26 113.25 7.00
C VAL D 752 89.43 112.60 5.90
N PRO D 753 88.56 111.64 6.22
CA PRO D 753 87.80 110.96 5.15
C PRO D 753 86.85 111.87 4.39
N SER D 754 87.15 112.14 3.11
CA SER D 754 86.30 113.05 2.35
C SER D 754 86.54 112.85 0.86
N ILE D 755 85.46 112.64 0.12
CA ILE D 755 85.50 112.48 -1.33
C ILE D 755 84.65 113.60 -1.92
N SER D 756 85.29 114.45 -2.73
CA SER D 756 84.66 115.61 -3.33
C SER D 756 84.68 115.46 -4.84
N PHE D 757 83.58 115.80 -5.49
CA PHE D 757 83.49 115.74 -6.94
C PHE D 757 83.25 117.12 -7.51
N ARG D 758 83.65 117.27 -8.78
CA ARG D 758 83.39 118.50 -9.51
C ARG D 758 83.02 118.16 -10.94
N ILE D 759 81.98 118.82 -11.44
CA ILE D 759 81.52 118.63 -12.82
C ILE D 759 82.01 119.81 -13.65
N ASN D 760 82.90 119.51 -14.62
CA ASN D 760 83.55 120.50 -15.50
C ASN D 760 84.24 121.62 -14.70
N GLY D 761 84.73 121.29 -13.51
CA GLY D 761 85.30 122.25 -12.59
C GLY D 761 84.30 122.90 -11.65
N CYS D 762 83.00 122.86 -11.97
CA CYS D 762 82.00 123.38 -11.07
C CYS D 762 81.80 122.42 -9.90
N PRO D 763 81.73 122.90 -8.66
CA PRO D 763 81.66 122.01 -7.50
C PRO D 763 80.38 121.20 -7.45
N VAL D 764 80.49 120.00 -6.87
CA VAL D 764 79.34 119.17 -6.55
C VAL D 764 79.11 119.27 -5.05
N GLN D 765 77.93 119.75 -4.67
CA GLN D 765 77.61 120.16 -3.30
C GLN D 765 77.23 118.98 -2.41
N GLY D 766 78.17 118.06 -2.28
CA GLY D 766 78.00 116.90 -1.43
C GLY D 766 79.31 116.13 -1.36
N VAL D 767 79.71 115.75 -0.14
CA VAL D 767 80.97 115.06 0.09
C VAL D 767 80.73 113.90 1.03
N PHE D 768 81.18 112.70 0.64
CA PHE D 768 81.11 111.55 1.51
C PHE D 768 82.05 111.75 2.70
N GLU D 769 81.59 111.40 3.89
CA GLU D 769 82.35 111.68 5.11
C GLU D 769 82.20 110.52 6.08
N ALA D 770 83.19 110.43 6.98
CA ALA D 770 83.21 109.48 8.11
C ALA D 770 83.05 108.04 7.66
N PHE D 771 83.71 107.70 6.55
CA PHE D 771 83.68 106.33 6.04
C PHE D 771 84.91 105.56 6.49
N ASN D 772 84.83 104.24 6.33
CA ASN D 772 85.91 103.35 6.71
C ASN D 772 87.14 103.59 5.83
N LEU D 773 88.31 103.31 6.39
CA LEU D 773 89.56 103.49 5.67
C LEU D 773 90.35 102.22 5.46
N ASP D 774 89.91 101.09 6.02
CA ASP D 774 90.58 99.82 5.80
C ASP D 774 90.51 99.42 4.32
N GLY D 775 91.64 98.97 3.81
CA GLY D 775 91.78 98.68 2.39
C GLY D 775 92.35 99.86 1.63
N LEU D 776 92.60 99.64 0.34
CA LEU D 776 93.20 100.62 -0.54
C LEU D 776 92.17 101.15 -1.51
N PHE D 777 91.91 102.45 -1.46
CA PHE D 777 90.98 103.07 -2.38
C PHE D 777 91.60 103.16 -3.78
N PHE D 778 90.73 103.22 -4.79
CA PHE D 778 91.24 103.18 -6.15
C PHE D 778 90.30 103.89 -7.10
N PRO D 779 90.83 104.59 -8.11
CA PRO D 779 89.97 105.13 -9.18
C PRO D 779 89.35 104.00 -9.95
N VAL D 780 88.06 104.14 -10.26
CA VAL D 780 87.30 103.08 -10.93
C VAL D 780 86.09 103.72 -11.59
N VAL D 781 85.75 103.24 -12.79
CA VAL D 781 84.58 103.73 -13.50
C VAL D 781 83.67 102.55 -13.84
N SER D 782 82.38 102.69 -13.53
CA SER D 782 81.39 101.68 -13.86
C SER D 782 80.58 102.17 -15.05
N PHE D 783 80.31 101.25 -15.98
CA PHE D 783 79.70 101.64 -17.23
C PHE D 783 78.88 100.49 -17.81
N SER D 784 77.94 100.87 -18.67
CA SER D 784 77.17 99.95 -19.47
C SER D 784 77.71 100.01 -20.91
N ALA D 785 77.06 99.28 -21.80
CA ALA D 785 77.46 99.26 -23.20
C ALA D 785 77.14 100.59 -23.88
N GLY D 786 78.01 100.99 -24.81
CA GLY D 786 77.81 102.21 -25.57
C GLY D 786 78.39 103.45 -24.93
N VAL D 787 79.62 103.35 -24.41
CA VAL D 787 80.30 104.45 -23.75
C VAL D 787 81.73 104.55 -24.28
N LYS D 788 82.21 105.80 -24.40
CA LYS D 788 83.59 106.11 -24.73
C LYS D 788 84.06 107.20 -23.78
N VAL D 789 84.98 106.85 -22.88
CA VAL D 789 85.45 107.78 -21.85
C VAL D 789 86.97 107.73 -21.82
N ARG D 790 87.56 108.66 -21.07
CA ARG D 790 89.00 108.74 -20.90
C ARG D 790 89.32 109.06 -19.46
N PHE D 791 90.53 108.68 -19.07
CA PHE D 791 91.10 108.93 -17.77
C PHE D 791 92.18 109.98 -17.93
N LEU D 792 92.08 111.05 -17.13
CA LEU D 792 93.10 112.08 -17.00
C LEU D 792 93.76 111.90 -15.64
N LEU D 793 95.06 111.65 -15.65
CA LEU D 793 95.81 111.39 -14.43
C LEU D 793 96.95 112.37 -14.22
N GLY D 794 97.11 113.34 -15.11
CA GLY D 794 98.15 114.34 -14.96
C GLY D 794 99.50 113.83 -15.43
N GLY D 795 100.41 114.78 -15.64
CA GLY D 795 101.74 114.44 -16.11
C GLY D 795 101.71 113.83 -17.49
N ARG D 796 102.34 112.66 -17.62
CA ARG D 796 102.37 111.95 -18.89
C ARG D 796 101.08 111.20 -19.16
N HIS D 797 100.18 111.11 -18.19
CA HIS D 797 98.94 110.36 -18.32
C HIS D 797 97.71 111.26 -18.44
N GLY D 798 97.90 112.52 -18.77
CA GLY D 798 96.79 113.45 -18.88
C GLY D 798 97.26 114.86 -18.57
N GLU D 799 96.33 115.80 -18.73
CA GLU D 799 96.61 117.21 -18.49
C GLU D 799 95.71 117.87 -17.46
N PHE D 800 94.59 117.23 -17.10
CA PHE D 800 93.57 117.65 -16.13
C PHE D 800 92.71 118.80 -16.64
N LYS D 801 93.09 119.45 -17.75
CA LYS D 801 92.38 120.56 -18.40
C LYS D 801 92.02 121.73 -17.44
N PHE D 802 92.63 121.77 -16.26
CA PHE D 802 92.23 122.60 -15.13
C PHE D 802 93.40 122.63 -14.15
N LEU D 803 93.15 123.18 -12.97
CA LEU D 803 94.14 123.20 -11.90
C LEU D 803 93.59 122.40 -10.72
N PRO D 804 94.29 121.36 -10.27
CA PRO D 804 93.81 120.57 -9.13
C PRO D 804 93.81 121.41 -7.86
N PRO D 805 92.90 121.13 -6.93
CA PRO D 805 92.87 121.88 -5.67
C PRO D 805 94.15 121.68 -4.89
N PRO D 806 94.59 122.71 -4.15
CA PRO D 806 95.89 122.64 -3.45
C PRO D 806 95.96 121.54 -2.42
N GLY D 807 97.12 120.90 -2.34
CA GLY D 807 97.36 119.80 -1.45
C GLY D 807 96.98 118.44 -1.99
N TYR D 808 96.32 118.38 -3.15
CA TYR D 808 95.90 117.12 -3.76
C TYR D 808 96.82 116.80 -4.92
N ALA D 809 97.39 115.63 -4.89
CA ALA D 809 98.33 115.18 -5.88
C ALA D 809 97.63 114.50 -7.05
N PRO D 810 98.20 114.60 -8.25
CA PRO D 810 97.70 113.80 -9.37
C PRO D 810 97.81 112.31 -9.08
N CYS D 811 96.79 111.55 -9.49
CA CYS D 811 96.73 110.12 -9.19
C CYS D 811 97.81 109.31 -9.92
N HIS D 812 98.39 109.84 -11.00
CA HIS D 812 99.47 109.12 -11.67
C HIS D 812 100.77 109.11 -10.87
N GLU D 813 100.85 109.89 -9.79
CA GLU D 813 102.03 109.94 -8.95
C GLU D 813 102.04 108.86 -7.89
N ALA D 814 101.00 108.03 -7.82
CA ALA D 814 100.89 106.96 -6.83
C ALA D 814 101.39 105.62 -7.35
N VAL D 815 101.93 105.56 -8.57
CA VAL D 815 102.39 104.29 -9.13
C VAL D 815 103.67 103.85 -8.42
N LEU D 816 103.69 102.60 -7.99
CA LEU D 816 104.84 102.04 -7.31
C LEU D 816 105.93 101.71 -8.34
N PRO D 817 107.21 101.81 -7.96
CA PRO D 817 108.29 101.59 -8.94
C PRO D 817 108.33 100.19 -9.55
N ARG D 818 107.91 99.16 -8.81
CA ARG D 818 108.09 97.78 -9.27
C ARG D 818 107.06 97.33 -10.30
N GLU D 819 106.28 98.25 -10.86
CA GLU D 819 105.31 97.91 -11.90
C GLU D 819 105.00 99.18 -12.70
N ARG D 820 104.12 99.03 -13.69
CA ARG D 820 103.72 100.11 -14.58
C ARG D 820 102.30 100.56 -14.26
N LEU D 821 101.80 101.47 -15.08
CA LEU D 821 100.42 101.93 -15.02
C LEU D 821 99.65 101.29 -16.17
N ARG D 822 98.53 100.65 -15.85
CA ARG D 822 97.74 99.94 -16.84
C ARG D 822 96.28 99.94 -16.42
N LEU D 823 95.40 99.76 -17.40
CA LEU D 823 93.97 99.69 -17.16
C LEU D 823 93.58 98.22 -17.07
N GLU D 824 93.02 97.83 -15.93
CA GLU D 824 92.68 96.45 -15.68
C GLU D 824 91.25 96.34 -15.17
N PRO D 825 90.59 95.21 -15.43
CA PRO D 825 89.26 94.98 -14.84
C PRO D 825 89.38 94.68 -13.36
N ILE D 826 88.22 94.75 -12.69
CA ILE D 826 88.08 94.42 -11.27
C ILE D 826 88.24 92.90 -11.15
N LYS D 827 88.39 92.38 -9.91
CA LYS D 827 88.58 90.98 -9.57
C LYS D 827 87.62 90.07 -10.33
N GLU D 828 88.18 89.19 -11.15
CA GLU D 828 87.39 88.43 -12.10
C GLU D 828 87.76 86.96 -12.10
N TYR D 829 87.22 86.22 -13.07
CA TYR D 829 87.50 84.81 -13.20
C TYR D 829 87.86 84.38 -14.61
N ARG D 830 87.78 85.27 -15.60
CA ARG D 830 88.03 84.88 -16.98
C ARG D 830 88.56 86.08 -17.75
N ARG D 831 89.55 85.84 -18.61
CA ARG D 831 89.96 86.85 -19.57
C ARG D 831 90.27 86.17 -20.90
N GLU D 832 90.10 86.91 -21.98
CA GLU D 832 90.23 86.35 -23.32
C GLU D 832 91.67 85.94 -23.62
N GLY D 833 91.83 84.83 -24.35
CA GLY D 833 93.13 84.33 -24.70
C GLY D 833 93.26 84.11 -26.19
N PRO D 834 94.47 83.74 -26.63
CA PRO D 834 94.71 83.50 -28.06
C PRO D 834 93.87 82.35 -28.60
N ARG D 835 93.96 81.19 -27.96
CA ARG D 835 93.22 80.00 -28.38
C ARG D 835 91.93 79.80 -27.59
N GLY D 836 91.56 80.73 -26.72
CA GLY D 836 90.36 80.56 -25.92
C GLY D 836 90.40 81.36 -24.64
N PRO D 837 89.23 81.66 -24.08
CA PRO D 837 89.21 82.38 -22.81
C PRO D 837 89.90 81.56 -21.73
N HIS D 838 90.65 82.23 -20.87
CA HIS D 838 91.38 81.59 -19.81
C HIS D 838 90.67 81.85 -18.49
N LEU D 839 90.37 80.78 -17.77
CA LEU D 839 89.92 80.93 -16.40
C LEU D 839 91.09 81.47 -15.59
N VAL D 840 90.79 82.34 -14.65
CA VAL D 840 91.80 82.99 -13.81
C VAL D 840 91.33 82.81 -12.39
N GLY D 841 92.20 82.28 -11.52
CA GLY D 841 91.81 82.21 -10.13
C GLY D 841 91.99 83.56 -9.47
N PRO D 842 91.96 83.61 -8.12
CA PRO D 842 92.15 84.88 -7.38
C PRO D 842 93.50 85.56 -7.51
N SER D 843 93.67 86.72 -6.89
CA SER D 843 94.95 87.40 -7.01
C SER D 843 95.35 88.02 -5.69
N ARG D 844 96.66 87.99 -5.44
CA ARG D 844 97.24 88.65 -4.28
C ARG D 844 97.06 90.16 -4.43
N CYS D 845 96.69 90.83 -3.35
CA CYS D 845 96.41 92.25 -3.37
C CYS D 845 97.15 92.95 -2.24
N LEU D 846 97.52 94.20 -2.49
CA LEU D 846 98.18 95.00 -1.47
C LEU D 846 97.18 95.43 -0.40
N SER D 847 97.56 95.24 0.85
CA SER D 847 96.73 95.62 1.98
C SER D 847 97.14 96.99 2.49
N HIS D 848 96.17 97.67 3.12
CA HIS D 848 96.42 99.00 3.67
C HIS D 848 97.45 98.96 4.81
N THR D 849 97.43 97.90 5.61
CA THR D 849 98.37 97.79 6.73
C THR D 849 99.73 97.26 6.29
N ASP D 850 99.90 96.90 5.02
CA ASP D 850 101.15 96.36 4.53
C ASP D 850 102.06 97.41 3.92
N PHE D 851 101.68 98.69 3.96
CA PHE D 851 102.52 99.76 3.47
C PHE D 851 103.29 100.45 4.58
N VAL D 852 103.23 99.91 5.80
CA VAL D 852 104.00 100.41 6.93
C VAL D 852 105.22 99.51 7.07
N PRO D 853 106.44 100.04 6.89
CA PRO D 853 107.63 99.21 7.05
C PRO D 853 107.77 98.67 8.48
N CYS D 854 108.23 97.43 8.59
CA CYS D 854 108.31 96.73 9.88
C CYS D 854 109.70 96.19 10.14
N PRO D 855 110.64 97.04 10.54
CA PRO D 855 111.98 96.56 10.91
C PRO D 855 112.04 96.14 12.37
N VAL D 856 112.91 95.18 12.66
CA VAL D 856 113.13 94.77 14.04
C VAL D 856 113.89 95.87 14.77
N ASP D 857 113.42 96.19 15.97
CA ASP D 857 113.96 97.32 16.75
C ASP D 857 115.42 97.08 17.12
N THR D 858 116.18 98.18 17.11
CA THR D 858 117.61 98.13 17.38
C THR D 858 117.96 98.96 18.62
N VAL D 859 117.18 98.81 19.69
CA VAL D 859 117.41 99.52 20.94
C VAL D 859 117.68 98.57 22.09
N GLN D 860 116.85 97.54 22.26
CA GLN D 860 116.97 96.59 23.37
C GLN D 860 117.95 95.47 23.05
N ILE D 861 119.17 95.85 22.70
CA ILE D 861 120.24 94.90 22.38
C ILE D 861 121.50 95.30 23.14
N VAL D 862 122.08 94.35 23.86
CA VAL D 862 123.38 94.58 24.50
C VAL D 862 124.48 94.38 23.46
N LEU D 863 125.52 95.20 23.54
CA LEU D 863 126.59 95.14 22.58
C LEU D 863 127.64 94.15 23.10
N PRO D 864 127.88 93.03 22.41
CA PRO D 864 128.75 91.98 22.96
C PRO D 864 130.21 92.40 22.98
N PRO D 865 131.00 91.81 23.90
CA PRO D 865 132.46 92.05 23.89
C PRO D 865 133.14 91.57 22.63
N HIS D 866 132.59 90.53 21.99
CA HIS D 866 133.08 90.02 20.72
C HIS D 866 132.94 91.04 19.60
N LEU D 867 132.05 92.01 19.78
CA LEU D 867 131.77 93.00 18.77
C LEU D 867 132.46 94.32 19.07
N GLU D 868 132.53 94.72 20.36
CA GLU D 868 133.24 95.96 20.69
C GLU D 868 134.73 95.85 20.35
N ARG D 869 135.29 94.63 20.42
CA ARG D 869 136.70 94.49 20.05
C ARG D 869 136.93 94.54 18.54
N ILE D 870 135.87 94.64 17.72
CA ILE D 870 136.02 94.69 16.28
C ILE D 870 135.35 95.92 15.68
N ARG D 871 134.66 96.74 16.50
CA ARG D 871 133.92 97.88 15.95
C ARG D 871 134.80 98.95 15.31
N GLU D 872 136.10 98.99 15.62
CA GLU D 872 137.01 99.94 14.97
C GLU D 872 137.06 99.67 13.47
N LYS D 873 137.51 98.47 13.09
CA LYS D 873 137.60 98.10 11.67
C LYS D 873 136.22 98.06 11.04
N LEU D 874 135.23 97.54 11.79
CA LEU D 874 133.82 97.52 11.37
C LEU D 874 133.33 98.88 10.91
N ALA D 875 133.85 99.97 11.51
CA ALA D 875 133.49 101.31 11.08
C ALA D 875 134.47 101.85 10.04
N GLU D 876 135.74 101.44 10.09
CA GLU D 876 136.75 101.93 9.14
C GLU D 876 136.41 101.48 7.73
N ASN D 877 136.06 100.21 7.58
CA ASN D 877 135.80 99.63 6.26
C ASN D 877 134.54 100.19 5.61
N ILE D 878 133.72 100.96 6.33
CA ILE D 878 132.51 101.54 5.79
C ILE D 878 132.51 103.05 5.90
N HIS D 879 133.59 103.65 6.41
CA HIS D 879 133.71 105.10 6.43
C HIS D 879 133.74 105.69 5.03
N GLU D 880 134.41 105.01 4.09
CA GLU D 880 134.47 105.47 2.71
C GLU D 880 134.08 104.36 1.74
N LEU D 881 133.28 103.40 2.19
CA LEU D 881 132.83 102.32 1.32
C LEU D 881 131.99 102.86 0.16
N TRP D 882 131.08 103.80 0.46
CA TRP D 882 130.32 104.47 -0.60
C TRP D 882 131.23 105.30 -1.50
N ALA D 883 132.35 105.76 -0.97
CA ALA D 883 133.30 106.57 -1.73
C ALA D 883 134.16 105.73 -2.66
N LEU D 884 134.32 104.44 -2.35
CA LEU D 884 135.22 103.57 -3.09
C LEU D 884 134.78 103.35 -4.54
N THR D 885 133.47 103.42 -4.80
CA THR D 885 132.92 103.04 -6.10
C THR D 885 133.42 103.92 -7.24
N ARG D 886 133.53 105.22 -7.02
CA ARG D 886 133.81 106.15 -8.11
C ARG D 886 135.02 107.05 -7.82
N ILE D 887 136.12 106.44 -7.36
CA ILE D 887 137.39 107.16 -7.23
C ILE D 887 137.98 107.32 -8.63
N GLU D 888 138.74 108.41 -8.83
CA GLU D 888 139.44 108.71 -10.09
C GLU D 888 138.49 108.85 -11.27
N GLN D 889 137.39 109.55 -11.03
CA GLN D 889 136.39 109.85 -12.05
C GLN D 889 136.17 111.35 -12.10
N GLY D 890 135.11 111.79 -12.78
CA GLY D 890 134.68 113.18 -12.68
C GLY D 890 134.34 113.62 -11.27
N TRP D 891 133.95 112.69 -10.42
CA TRP D 891 133.67 112.92 -9.01
C TRP D 891 134.90 112.64 -8.14
N THR D 892 136.03 113.29 -8.46
CA THR D 892 137.30 113.05 -7.79
C THR D 892 137.53 114.04 -6.64
N TYR D 893 138.00 113.53 -5.50
CA TYR D 893 138.26 114.33 -4.32
C TYR D 893 139.35 115.37 -4.58
N GLY D 894 139.18 116.54 -3.96
CA GLY D 894 140.20 117.56 -3.98
C GLY D 894 140.72 117.82 -2.57
N PRO D 895 142.04 117.95 -2.44
CA PRO D 895 142.63 118.16 -1.10
C PRO D 895 142.20 119.46 -0.41
N VAL D 896 141.75 120.46 -1.16
CA VAL D 896 141.36 121.74 -0.57
C VAL D 896 140.11 121.60 0.29
N ARG D 897 139.18 120.75 -0.11
CA ARG D 897 137.87 120.66 0.53
C ARG D 897 137.58 119.23 0.97
N ASP D 898 136.34 118.95 1.33
CA ASP D 898 135.98 117.70 1.99
C ASP D 898 134.69 117.16 1.36
N ASP D 899 134.06 116.23 2.10
CA ASP D 899 132.94 115.42 1.62
C ASP D 899 131.78 116.24 1.09
N ASN D 900 131.17 115.72 0.02
CA ASN D 900 129.86 116.12 -0.52
C ASN D 900 129.86 117.54 -1.11
N LYS D 901 130.92 117.89 -1.83
CA LYS D 901 130.94 119.12 -2.61
C LYS D 901 131.51 118.78 -3.99
N ARG D 902 130.95 117.74 -4.62
CA ARG D 902 131.32 117.19 -5.93
C ARG D 902 132.72 116.57 -5.92
N LEU D 903 133.35 116.47 -4.75
CA LEU D 903 134.69 115.94 -4.58
C LEU D 903 134.74 114.99 -3.37
N HIS D 904 133.74 114.13 -3.27
CA HIS D 904 133.53 113.33 -2.06
C HIS D 904 134.65 112.36 -1.64
N PRO D 905 135.32 111.48 -2.58
CA PRO D 905 136.01 110.24 -2.13
C PRO D 905 136.86 110.23 -0.87
N CYS D 906 137.90 111.07 -0.84
CA CYS D 906 138.75 111.31 0.34
C CYS D 906 139.34 110.03 0.93
N LEU D 907 140.22 109.38 0.14
CA LEU D 907 140.96 108.22 0.63
C LEU D 907 142.09 108.56 1.59
N VAL D 908 142.15 109.81 2.07
CA VAL D 908 143.18 110.29 3.00
C VAL D 908 143.21 109.42 4.25
N ASN D 909 142.12 109.45 5.02
CA ASN D 909 141.89 108.70 6.24
C ASN D 909 140.47 109.02 6.70
N PHE D 910 139.96 108.19 7.60
CA PHE D 910 138.69 108.48 8.25
C PHE D 910 138.85 109.55 9.32
N HIS D 911 140.09 109.78 9.78
CA HIS D 911 140.37 110.89 10.68
C HIS D 911 140.18 112.23 9.97
N SER D 912 140.58 112.30 8.71
CA SER D 912 140.38 113.51 7.90
C SER D 912 138.89 113.81 7.71
N LEU D 913 138.05 112.79 7.72
CA LEU D 913 136.62 113.01 7.64
C LEU D 913 136.13 113.68 8.92
N PRO D 914 135.08 114.52 8.83
CA PRO D 914 134.57 115.22 10.03
C PRO D 914 134.08 114.26 11.11
N GLU D 915 134.38 114.62 12.37
CA GLU D 915 133.99 113.80 13.51
C GLU D 915 132.48 113.54 13.69
N PRO D 916 131.56 114.53 13.55
CA PRO D 916 130.12 114.21 13.78
C PRO D 916 129.57 113.12 12.87
N GLU D 917 130.05 113.01 11.65
CA GLU D 917 129.59 111.89 10.84
C GLU D 917 130.51 110.69 10.99
N ARG D 918 131.73 110.90 11.49
CA ARG D 918 132.63 109.78 11.76
C ARG D 918 132.06 108.89 12.87
N ASN D 919 131.74 109.48 14.03
CA ASN D 919 131.12 108.68 15.08
C ASN D 919 129.68 108.29 14.72
N TYR D 920 129.02 109.04 13.82
CA TYR D 920 127.76 108.57 13.25
C TYR D 920 127.95 107.26 12.49
N ASN D 921 129.05 107.15 11.73
CA ASN D 921 129.40 105.90 11.06
C ASN D 921 129.72 104.80 12.06
N LEU D 922 130.40 105.16 13.16
CA LEU D 922 130.68 104.20 14.23
C LEU D 922 129.39 103.67 14.85
N GLN D 923 128.43 104.55 15.13
CA GLN D 923 127.23 104.13 15.82
C GLN D 923 126.29 103.39 14.87
N MET D 924 126.24 103.76 13.58
CA MET D 924 125.40 102.99 12.66
C MET D 924 125.98 101.61 12.40
N SER D 925 127.32 101.48 12.38
CA SER D 925 127.92 100.15 12.35
C SER D 925 127.56 99.33 13.58
N GLY D 926 127.63 99.95 14.77
CA GLY D 926 127.14 99.27 15.97
C GLY D 926 125.66 98.95 15.92
N GLU D 927 124.88 99.82 15.27
CA GLU D 927 123.46 99.57 15.05
C GLU D 927 123.22 98.35 14.16
N THR D 928 124.02 98.19 13.11
CA THR D 928 123.94 96.97 12.30
C THR D 928 124.38 95.73 13.08
N LEU D 929 125.36 95.87 13.97
CA LEU D 929 125.69 94.77 14.88
C LEU D 929 124.52 94.42 15.80
N LYS D 930 123.81 95.44 16.28
CA LYS D 930 122.60 95.22 17.07
C LYS D 930 121.50 94.61 16.23
N THR D 931 121.46 94.94 14.93
CA THR D 931 120.52 94.31 14.01
C THR D 931 120.84 92.82 13.85
N LEU D 932 122.13 92.47 13.80
CA LEU D 932 122.52 91.06 13.72
C LEU D 932 122.08 90.29 14.96
N LEU D 933 122.28 90.89 16.14
CA LEU D 933 121.80 90.27 17.37
C LEU D 933 120.27 90.17 17.39
N ALA D 934 119.58 91.20 16.90
CA ALA D 934 118.13 91.17 16.80
C ALA D 934 117.68 90.07 15.84
N LEU D 935 118.44 89.84 14.77
CA LEU D 935 118.20 88.73 13.87
C LEU D 935 118.55 87.39 14.51
N GLY D 936 119.25 87.41 15.64
CA GLY D 936 119.63 86.18 16.30
C GLY D 936 120.94 85.55 15.90
N CYS D 937 121.84 86.31 15.28
CA CYS D 937 123.13 85.76 14.87
C CYS D 937 123.95 85.38 16.08
N HIS D 938 124.54 84.19 16.04
CA HIS D 938 125.40 83.70 17.10
C HIS D 938 126.84 83.66 16.60
N VAL D 939 127.73 83.10 17.41
CA VAL D 939 129.15 83.06 17.10
C VAL D 939 129.64 81.62 17.17
N GLY D 940 130.47 81.25 16.20
CA GLY D 940 131.20 79.99 16.23
C GLY D 940 132.56 80.16 15.56
N MET D 941 133.64 79.82 16.25
CA MET D 941 134.98 80.04 15.73
C MET D 941 135.52 78.78 15.07
N ALA D 942 136.00 78.92 13.83
CA ALA D 942 136.59 77.79 13.13
C ALA D 942 137.90 78.11 12.41
N ASP D 943 138.26 79.38 12.22
CA ASP D 943 139.44 79.72 11.43
C ASP D 943 140.27 80.78 12.14
N GLU D 944 141.55 80.84 11.75
CA GLU D 944 142.49 81.84 12.23
C GLU D 944 142.06 83.23 11.75
N LYS D 945 142.49 84.26 12.47
CA LYS D 945 142.14 85.65 12.13
C LYS D 945 142.65 86.01 10.73
N ALA D 946 141.72 86.52 9.91
CA ALA D 946 142.03 86.87 8.53
C ALA D 946 142.92 88.11 8.42
N GLU D 947 142.95 88.96 9.45
CA GLU D 947 143.76 90.17 9.42
C GLU D 947 145.24 89.84 9.25
N ASP D 948 145.72 88.82 9.97
CA ASP D 948 147.12 88.45 9.90
C ASP D 948 147.46 87.84 8.54
N ASN D 949 146.52 87.07 7.97
CA ASN D 949 146.65 86.48 6.65
C ASN D 949 146.08 87.40 5.57
N LEU D 950 145.97 88.69 5.85
CA LEU D 950 145.34 89.66 4.96
C LEU D 950 146.31 90.81 4.71
N LYS D 951 146.25 91.35 3.50
CA LYS D 951 147.04 92.52 3.14
C LYS D 951 146.24 93.41 2.19
N LYS D 952 146.30 94.71 2.44
CA LYS D 952 145.63 95.69 1.59
C LYS D 952 146.31 95.73 0.22
N THR D 953 145.50 95.82 -0.83
CA THR D 953 146.00 95.78 -2.20
C THR D 953 146.09 97.21 -2.73
N LYS D 954 147.31 97.62 -3.10
CA LYS D 954 147.54 98.93 -3.69
C LYS D 954 147.33 98.81 -5.19
N LEU D 955 146.07 98.89 -5.60
CA LEU D 955 145.69 98.74 -6.99
C LEU D 955 146.22 99.90 -7.83
N PRO D 956 146.49 99.64 -9.13
CA PRO D 956 146.96 100.73 -10.01
C PRO D 956 145.98 101.89 -10.15
N LYS D 957 144.68 101.66 -10.02
CA LYS D 957 143.70 102.73 -10.03
C LYS D 957 143.25 103.04 -8.60
N THR D 958 142.26 103.94 -8.48
CA THR D 958 141.67 104.40 -7.22
C THR D 958 142.72 105.00 -6.27
N TYR D 959 143.48 105.97 -6.79
CA TYR D 959 144.53 106.61 -6.02
C TYR D 959 144.41 108.12 -6.15
N MET D 960 145.09 108.82 -5.26
CA MET D 960 145.31 110.26 -5.35
C MET D 960 146.45 110.64 -4.41
N MET D 961 147.16 111.70 -4.80
CA MET D 961 148.35 112.21 -4.13
C MET D 961 148.09 112.75 -2.73
N SER D 962 146.84 112.99 -2.37
CA SER D 962 146.49 113.60 -1.08
C SER D 962 146.69 112.55 0.01
N ASN D 963 147.86 112.63 0.68
CA ASN D 963 148.25 111.81 1.83
C ASN D 963 148.24 110.32 1.48
N GLY D 964 149.09 109.96 0.53
CA GLY D 964 149.33 108.57 0.21
C GLY D 964 148.25 107.98 -0.68
N TYR D 965 148.52 106.78 -1.17
CA TYR D 965 147.59 106.09 -2.05
C TYR D 965 147.23 104.75 -1.42
N LYS D 966 145.93 104.50 -1.34
CA LYS D 966 145.33 103.31 -0.76
C LYS D 966 143.86 103.32 -1.14
N PRO D 967 143.18 102.17 -1.17
CA PRO D 967 141.73 102.17 -1.35
C PRO D 967 141.05 102.95 -0.22
N ALA D 968 139.95 103.63 -0.55
CA ALA D 968 139.25 104.49 0.40
C ALA D 968 138.83 103.78 1.68
N PRO D 969 138.21 102.59 1.66
CA PRO D 969 138.25 101.76 2.87
C PRO D 969 139.44 100.82 2.80
N LEU D 970 139.77 100.20 3.93
CA LEU D 970 140.88 99.26 3.97
C LEU D 970 140.53 98.02 3.14
N ASP D 971 141.45 97.68 2.23
CA ASP D 971 141.20 96.66 1.21
C ASP D 971 141.05 95.27 1.82
N LEU D 972 140.21 94.47 1.18
CA LEU D 972 139.87 93.13 1.65
C LEU D 972 140.36 92.08 0.66
N SER D 973 140.91 90.99 1.19
CA SER D 973 141.38 89.85 0.41
C SER D 973 140.20 88.93 0.07
N HIS D 974 140.51 87.72 -0.40
CA HIS D 974 139.49 86.76 -0.83
C HIS D 974 138.65 86.27 0.35
N VAL D 975 137.32 86.45 0.25
CA VAL D 975 136.33 86.00 1.23
C VAL D 975 135.12 85.47 0.46
N ARG D 976 134.57 84.34 0.91
CA ARG D 976 133.41 83.71 0.27
C ARG D 976 132.25 83.63 1.25
N LEU D 977 131.02 83.79 0.71
CA LEU D 977 129.80 83.84 1.51
C LEU D 977 128.82 82.77 1.03
N THR D 978 128.21 82.08 1.99
CA THR D 978 127.19 81.07 1.76
C THR D 978 125.80 81.69 1.52
N PRO D 979 124.87 80.93 0.91
CA PRO D 979 123.51 81.48 0.72
C PRO D 979 122.77 81.85 2.00
N ALA D 980 123.11 81.23 3.15
CA ALA D 980 122.53 81.66 4.41
C ALA D 980 122.92 83.10 4.72
N GLN D 981 124.18 83.45 4.45
CA GLN D 981 124.61 84.84 4.58
C GLN D 981 123.94 85.73 3.55
N THR D 982 123.65 85.21 2.35
CA THR D 982 122.94 86.05 1.36
C THR D 982 121.54 86.40 1.85
N THR D 983 120.82 85.43 2.41
CA THR D 983 119.50 85.72 2.99
C THR D 983 119.61 86.68 4.17
N LEU D 984 120.64 86.49 5.01
CA LEU D 984 120.82 87.34 6.19
C LEU D 984 121.10 88.79 5.77
N VAL D 985 121.96 88.99 4.78
CA VAL D 985 122.23 90.35 4.32
C VAL D 985 121.02 90.93 3.59
N ASP D 986 120.22 90.08 2.93
CA ASP D 986 118.99 90.55 2.30
C ASP D 986 118.01 91.10 3.33
N ARG D 987 117.83 90.38 4.44
CA ARG D 987 116.94 90.92 5.46
C ARG D 987 117.61 92.00 6.31
N LEU D 988 118.94 92.10 6.26
CA LEU D 988 119.63 93.23 6.86
C LEU D 988 119.32 94.51 6.10
N ALA D 989 119.35 94.44 4.77
CA ALA D 989 118.95 95.58 3.95
C ALA D 989 117.47 95.88 4.09
N GLU D 990 116.66 94.84 4.35
CA GLU D 990 115.24 95.03 4.65
C GLU D 990 115.07 95.87 5.91
N ASN D 991 115.83 95.53 6.95
CA ASN D 991 115.72 96.22 8.24
C ASN D 991 116.22 97.65 8.14
N GLY D 992 117.40 97.85 7.53
CA GLY D 992 117.98 99.18 7.45
C GLY D 992 117.15 100.13 6.62
N HIS D 993 116.71 99.67 5.44
CA HIS D 993 115.88 100.51 4.58
C HIS D 993 114.54 100.83 5.26
N ASN D 994 113.96 99.84 5.96
CA ASN D 994 112.70 100.10 6.66
C ASN D 994 112.88 101.11 7.80
N VAL D 995 114.03 101.08 8.48
CA VAL D 995 114.32 102.09 9.50
C VAL D 995 114.41 103.48 8.87
N TRP D 996 115.11 103.58 7.72
CA TRP D 996 115.19 104.84 7.01
C TRP D 996 113.82 105.32 6.55
N ALA D 997 112.98 104.38 6.08
CA ALA D 997 111.65 104.70 5.61
C ALA D 997 110.77 105.23 6.73
N ARG D 998 110.76 104.54 7.89
CA ARG D 998 109.94 104.97 9.02
C ARG D 998 110.43 106.32 9.54
N ASP D 999 111.75 106.54 9.55
CA ASP D 999 112.27 107.83 9.98
C ASP D 999 111.83 108.94 9.02
N ARG D 1000 111.84 108.67 7.71
CA ARG D 1000 111.39 109.67 6.75
C ARG D 1000 109.91 110.00 6.97
N VAL D 1001 109.07 108.96 7.15
CA VAL D 1001 107.65 109.19 7.37
C VAL D 1001 107.43 109.91 8.71
N ALA D 1002 108.39 109.77 9.65
CA ALA D 1002 108.27 110.41 10.96
C ALA D 1002 108.23 111.93 10.84
N GLN D 1003 109.09 112.52 9.98
CA GLN D 1003 108.97 113.97 9.82
C GLN D 1003 108.03 114.36 8.69
N GLY D 1004 107.33 113.42 8.06
CA GLY D 1004 106.33 113.80 7.08
C GLY D 1004 106.65 113.54 5.63
N TRP D 1005 107.30 112.43 5.34
CA TRP D 1005 107.63 112.04 3.97
C TRP D 1005 106.63 110.99 3.46
N SER D 1006 106.00 111.26 2.33
CA SER D 1006 105.08 110.33 1.68
C SER D 1006 105.50 110.12 0.24
N TYR D 1007 105.30 108.91 -0.27
CA TYR D 1007 105.79 108.52 -1.58
C TYR D 1007 105.09 109.25 -2.72
N SER D 1008 105.88 109.68 -3.70
CA SER D 1008 105.39 110.20 -4.96
C SER D 1008 106.26 109.64 -6.08
N ALA D 1009 105.67 109.44 -7.25
CA ALA D 1009 106.41 108.90 -8.40
C ALA D 1009 107.49 109.86 -8.90
N VAL D 1010 107.37 111.15 -8.59
CA VAL D 1010 108.35 112.17 -8.94
C VAL D 1010 108.91 112.75 -7.65
N GLN D 1011 110.24 112.94 -7.62
CA GLN D 1011 110.89 113.49 -6.44
C GLN D 1011 110.45 114.93 -6.22
N ASP D 1012 109.92 115.21 -5.03
CA ASP D 1012 109.43 116.54 -4.68
C ASP D 1012 110.02 116.92 -3.32
N ILE D 1013 111.21 117.51 -3.35
CA ILE D 1013 111.88 117.97 -2.14
C ILE D 1013 111.12 119.13 -1.46
N PRO D 1014 110.67 120.21 -2.14
CA PRO D 1014 109.84 121.20 -1.42
C PRO D 1014 108.54 120.65 -0.86
N ALA D 1015 107.92 119.69 -1.54
CA ALA D 1015 106.75 119.01 -1.02
C ALA D 1015 107.10 117.86 -0.09
N ARG D 1016 108.41 117.61 0.12
CA ARG D 1016 108.94 116.63 1.09
C ARG D 1016 108.49 115.22 0.70
N ARG D 1017 108.67 114.89 -0.59
CA ARG D 1017 108.29 113.58 -1.13
C ARG D 1017 109.40 113.03 -2.00
N ASN D 1018 109.58 111.71 -1.94
CA ASN D 1018 110.68 110.99 -2.55
C ASN D 1018 110.15 109.80 -3.31
N PRO D 1019 110.83 109.37 -4.38
CA PRO D 1019 110.44 108.12 -5.06
C PRO D 1019 110.90 106.85 -4.37
N ARG D 1020 111.81 106.94 -3.39
CA ARG D 1020 112.27 105.76 -2.68
C ARG D 1020 111.48 105.50 -1.40
N LEU D 1021 110.39 106.24 -1.18
CA LEU D 1021 109.58 106.14 0.02
C LEU D 1021 108.63 104.94 -0.01
N VAL D 1022 109.20 103.76 -0.17
CA VAL D 1022 108.45 102.51 -0.10
C VAL D 1022 109.22 101.58 0.84
N PRO D 1023 108.55 100.65 1.51
CA PRO D 1023 109.28 99.61 2.25
C PRO D 1023 110.15 98.78 1.32
N TYR D 1024 111.22 98.21 1.88
CA TYR D 1024 112.20 97.43 1.10
C TYR D 1024 111.54 96.29 0.32
N ARG D 1025 110.46 95.73 0.85
CA ARG D 1025 109.72 94.70 0.14
C ARG D 1025 109.09 95.26 -1.13
N LEU D 1026 108.73 96.55 -1.14
CA LEU D 1026 108.23 97.26 -2.31
C LEU D 1026 109.31 97.93 -3.14
N LEU D 1027 110.54 97.96 -2.63
CA LEU D 1027 111.66 98.60 -3.33
C LEU D 1027 111.99 97.89 -4.63
N ASP D 1028 112.39 98.68 -5.63
CA ASP D 1028 112.76 98.13 -6.92
C ASP D 1028 114.11 97.41 -6.80
N GLU D 1029 114.28 96.39 -7.64
CA GLU D 1029 115.50 95.59 -7.66
C GLU D 1029 116.75 96.39 -7.99
N ALA D 1030 116.63 97.50 -8.71
CA ALA D 1030 117.78 98.38 -8.92
C ALA D 1030 118.29 98.96 -7.61
N THR D 1031 117.38 99.39 -6.74
CA THR D 1031 117.79 99.92 -5.45
C THR D 1031 117.94 98.80 -4.42
N LYS D 1032 117.20 97.70 -4.58
CA LYS D 1032 117.41 96.52 -3.75
C LYS D 1032 118.83 96.02 -3.90
N ARG D 1033 119.31 95.95 -5.16
CA ARG D 1033 120.67 95.49 -5.42
C ARG D 1033 121.70 96.43 -4.82
N SER D 1034 121.47 97.75 -4.95
CA SER D 1034 122.43 98.72 -4.39
C SER D 1034 122.50 98.64 -2.86
N ASN D 1035 121.34 98.53 -2.19
CA ASN D 1035 121.33 98.37 -0.74
C ASN D 1035 121.96 97.05 -0.31
N ARG D 1036 121.66 95.97 -1.04
CA ARG D 1036 122.27 94.68 -0.74
C ARG D 1036 123.77 94.71 -0.98
N ASP D 1037 124.22 95.41 -2.03
CA ASP D 1037 125.64 95.50 -2.34
C ASP D 1037 126.40 96.21 -1.22
N SER D 1038 125.83 97.32 -0.72
CA SER D 1038 126.45 98.06 0.39
C SER D 1038 126.53 97.24 1.66
N LEU D 1039 125.45 96.54 2.01
CA LEU D 1039 125.54 95.75 3.23
C LEU D 1039 126.17 94.39 2.98
N CYS D 1040 126.26 93.97 1.73
CA CYS D 1040 126.98 92.76 1.38
C CYS D 1040 128.45 92.95 1.71
N GLN D 1041 128.99 94.14 1.41
CA GLN D 1041 130.35 94.42 1.81
C GLN D 1041 130.46 94.64 3.31
N ALA D 1042 129.35 94.99 3.99
CA ALA D 1042 129.38 95.01 5.46
C ALA D 1042 129.59 93.60 6.02
N VAL D 1043 128.89 92.61 5.44
CA VAL D 1043 129.10 91.22 5.84
C VAL D 1043 130.49 90.74 5.41
N ARG D 1044 130.98 91.21 4.26
CA ARG D 1044 132.36 90.97 3.85
C ARG D 1044 133.35 91.54 4.86
N THR D 1045 133.03 92.72 5.40
CA THR D 1045 133.85 93.33 6.45
C THR D 1045 133.87 92.46 7.71
N LEU D 1046 132.70 91.92 8.08
CA LEU D 1046 132.63 91.05 9.25
C LEU D 1046 133.45 89.78 9.08
N LEU D 1047 133.36 89.14 7.91
CA LEU D 1047 134.19 87.95 7.68
C LEU D 1047 135.64 88.27 7.30
N GLY D 1048 135.92 89.50 6.89
CA GLY D 1048 137.27 89.88 6.51
C GLY D 1048 138.24 90.16 7.64
N TYR D 1049 137.73 90.59 8.80
CA TYR D 1049 138.56 90.88 9.95
C TYR D 1049 138.64 89.70 10.90
N GLY D 1050 138.54 88.50 10.34
CA GLY D 1050 138.70 87.25 11.07
C GLY D 1050 137.66 86.98 12.14
N TYR D 1051 136.39 87.23 11.83
CA TYR D 1051 135.31 87.01 12.79
C TYR D 1051 134.11 86.40 12.09
N ASN D 1052 133.24 85.86 12.92
CA ASN D 1052 132.25 84.87 12.55
C ASN D 1052 130.84 85.40 12.44
N ILE D 1053 130.06 84.74 11.59
CA ILE D 1053 128.62 84.97 11.42
C ILE D 1053 127.96 83.60 11.35
N GLU D 1054 126.88 83.43 12.11
CA GLU D 1054 126.17 82.16 12.20
C GLU D 1054 124.74 82.35 11.75
N PRO D 1055 124.24 81.53 10.82
CA PRO D 1055 122.83 81.64 10.41
C PRO D 1055 121.89 81.27 11.54
N PRO D 1056 121.03 82.21 11.96
CA PRO D 1056 120.13 81.95 13.09
C PRO D 1056 119.03 80.95 12.79
N ASP D 1057 118.21 80.67 13.81
CA ASP D 1057 117.07 79.77 13.66
C ASP D 1057 115.97 80.49 12.88
N GLN D 1058 115.71 79.99 11.67
CA GLN D 1058 114.75 80.61 10.77
C GLN D 1058 113.42 79.87 10.86
N GLU D 1059 112.37 80.60 11.19
CA GLU D 1059 111.01 80.05 11.27
C GLU D 1059 110.18 80.68 10.18
N PRO D 1060 109.77 79.93 9.15
CA PRO D 1060 109.00 80.54 8.06
C PRO D 1060 107.57 80.85 8.46
N SER D 1061 106.94 81.72 7.67
CA SER D 1061 105.56 82.11 7.90
C SER D 1061 104.91 82.43 6.56
N GLN D 1062 103.58 82.34 6.54
CA GLN D 1062 102.77 82.62 5.36
C GLN D 1062 102.09 83.98 5.53
N VAL D 1063 102.01 84.73 4.42
CA VAL D 1063 101.53 86.11 4.47
C VAL D 1063 100.05 86.19 4.84
N GLU D 1064 99.20 85.37 4.21
CA GLU D 1064 97.74 85.34 4.39
C GLU D 1064 97.12 86.73 4.24
N ASN D 1065 97.27 87.31 3.04
CA ASN D 1065 96.76 88.66 2.80
C ASN D 1065 95.23 88.71 2.83
N GLN D 1066 94.58 87.81 2.10
CA GLN D 1066 93.13 87.76 2.03
C GLN D 1066 92.60 86.69 2.99
N SER D 1067 91.31 86.39 2.89
CA SER D 1067 90.72 85.32 3.68
C SER D 1067 91.22 83.97 3.16
N ARG D 1068 91.12 82.96 4.01
CA ARG D 1068 91.53 81.60 3.64
C ARG D 1068 90.55 80.91 2.72
N TRP D 1069 89.35 81.46 2.52
CA TRP D 1069 88.34 80.86 1.66
C TRP D 1069 88.23 81.46 0.29
N ASP D 1070 88.54 82.75 0.10
CA ASP D 1070 88.64 83.28 -1.26
C ASP D 1070 90.05 83.11 -1.83
N ARG D 1071 90.55 81.88 -1.75
CA ARG D 1071 91.85 81.48 -2.25
C ARG D 1071 91.76 80.64 -3.50
N VAL D 1072 90.81 79.71 -3.53
CA VAL D 1072 90.62 78.82 -4.66
C VAL D 1072 89.22 79.04 -5.22
N ARG D 1073 89.14 79.22 -6.52
CA ARG D 1073 87.88 79.38 -7.24
C ARG D 1073 87.70 78.13 -8.08
N ILE D 1074 86.84 77.23 -7.63
CA ILE D 1074 86.66 75.97 -8.35
C ILE D 1074 85.70 76.20 -9.52
N PHE D 1075 86.01 75.56 -10.64
CA PHE D 1075 85.24 75.62 -11.88
C PHE D 1075 84.80 74.21 -12.26
N ARG D 1076 83.50 74.04 -12.48
CA ARG D 1076 82.93 72.74 -12.81
C ARG D 1076 81.96 72.88 -13.98
N ALA D 1077 81.75 71.79 -14.70
CA ALA D 1077 80.74 71.82 -15.75
C ALA D 1077 79.34 71.82 -15.13
N GLU D 1078 78.36 72.22 -15.93
CA GLU D 1078 76.98 72.24 -15.46
C GLU D 1078 76.49 70.81 -15.24
N LYS D 1079 75.57 70.64 -14.29
CA LYS D 1079 75.08 69.33 -13.86
C LYS D 1079 74.41 68.55 -14.98
N SER D 1080 73.89 69.22 -16.01
CA SER D 1080 73.21 68.55 -17.11
C SER D 1080 74.16 67.73 -17.97
N TYR D 1081 75.46 68.02 -17.93
CA TYR D 1081 76.45 67.36 -18.78
C TYR D 1081 77.12 66.19 -18.08
N THR D 1082 76.48 65.61 -17.07
CA THR D 1082 77.04 64.47 -16.37
C THR D 1082 77.06 63.25 -17.29
N VAL D 1083 78.13 62.46 -17.20
CA VAL D 1083 78.32 61.30 -18.06
C VAL D 1083 78.24 60.02 -17.23
N GLN D 1084 77.56 59.02 -17.78
CA GLN D 1084 77.37 57.74 -17.11
C GLN D 1084 78.05 56.57 -17.79
N SER D 1085 78.58 56.74 -18.99
CA SER D 1085 79.16 55.63 -19.73
C SER D 1085 80.22 56.16 -20.68
N GLY D 1086 81.07 55.26 -21.16
CA GLY D 1086 82.08 55.63 -22.11
C GLY D 1086 83.39 56.08 -21.49
N ARG D 1087 84.28 56.52 -22.37
CA ARG D 1087 85.59 57.02 -22.01
C ARG D 1087 85.70 58.45 -22.49
N TRP D 1088 86.16 59.35 -21.62
CA TRP D 1088 86.08 60.77 -21.91
C TRP D 1088 87.43 61.44 -21.65
N TYR D 1089 87.66 62.51 -22.42
CA TYR D 1089 88.88 63.29 -22.48
C TYR D 1089 88.55 64.77 -22.42
N PHE D 1090 89.43 65.54 -21.77
CA PHE D 1090 89.36 67.00 -21.80
C PHE D 1090 90.71 67.58 -21.38
N GLU D 1091 91.15 68.59 -22.13
CA GLU D 1091 92.43 69.25 -21.90
C GLU D 1091 92.33 70.30 -20.80
N PHE D 1092 93.50 70.66 -20.29
CA PHE D 1092 93.67 71.76 -19.34
C PHE D 1092 95.07 72.31 -19.55
N GLU D 1093 95.17 73.49 -20.14
CA GLU D 1093 96.44 74.14 -20.38
C GLU D 1093 96.74 75.08 -19.22
N ALA D 1094 97.78 74.78 -18.47
CA ALA D 1094 98.18 75.55 -17.30
C ALA D 1094 99.29 76.51 -17.74
N VAL D 1095 98.96 77.81 -17.75
CA VAL D 1095 99.93 78.82 -18.14
C VAL D 1095 101.03 78.94 -17.09
N THR D 1096 100.64 79.00 -15.81
CA THR D 1096 101.59 79.12 -14.72
C THR D 1096 101.72 77.79 -13.99
N THR D 1097 102.66 77.75 -13.06
CA THR D 1097 103.00 76.52 -12.34
C THR D 1097 102.52 76.55 -10.90
N GLY D 1098 101.56 77.40 -10.57
CA GLY D 1098 101.12 77.49 -9.19
C GLY D 1098 100.16 76.41 -8.76
N GLU D 1099 99.16 76.78 -7.97
CA GLU D 1099 98.20 75.83 -7.42
C GLU D 1099 97.06 75.63 -8.42
N MET D 1100 96.98 74.46 -9.02
CA MET D 1100 95.88 74.12 -9.92
C MET D 1100 95.52 72.66 -9.71
N ARG D 1101 94.22 72.38 -9.72
CA ARG D 1101 93.74 71.01 -9.57
C ARG D 1101 92.71 70.70 -10.64
N VAL D 1102 92.87 69.59 -11.34
CA VAL D 1102 91.97 69.21 -12.41
C VAL D 1102 91.62 67.72 -12.27
N GLY D 1103 90.36 67.40 -12.50
CA GLY D 1103 89.92 66.01 -12.35
C GLY D 1103 88.42 65.89 -12.52
N TRP D 1104 87.87 64.82 -11.95
CA TRP D 1104 86.45 64.54 -12.01
C TRP D 1104 85.83 64.61 -10.63
N ALA D 1105 84.65 65.21 -10.52
CA ALA D 1105 83.95 65.29 -9.26
C ALA D 1105 82.46 65.03 -9.45
N ARG D 1106 81.84 64.58 -8.37
CA ARG D 1106 80.40 64.34 -8.38
C ARG D 1106 79.68 65.68 -8.34
N PRO D 1107 78.44 65.74 -8.89
CA PRO D 1107 77.73 67.04 -8.99
C PRO D 1107 77.47 67.76 -7.67
N GLU D 1108 77.24 67.03 -6.58
CA GLU D 1108 76.83 67.60 -5.31
C GLU D 1108 78.00 68.08 -4.45
N LEU D 1109 79.16 68.35 -5.06
CA LEU D 1109 80.34 68.78 -4.33
C LEU D 1109 80.11 70.14 -3.66
N ARG D 1110 80.66 70.28 -2.46
CA ARG D 1110 80.58 71.55 -1.76
C ARG D 1110 81.49 72.56 -2.44
N PRO D 1111 81.03 73.80 -2.65
CA PRO D 1111 81.88 74.80 -3.31
C PRO D 1111 82.91 75.44 -2.40
N ASP D 1112 82.95 75.09 -1.12
CA ASP D 1112 83.90 75.66 -0.18
C ASP D 1112 84.93 74.66 0.32
N VAL D 1113 84.71 73.37 0.13
CA VAL D 1113 85.61 72.33 0.58
C VAL D 1113 86.55 72.00 -0.56
N GLU D 1114 87.85 71.94 -0.26
CA GLU D 1114 88.87 71.66 -1.27
C GLU D 1114 88.66 70.29 -1.90
N LEU D 1115 88.93 70.22 -3.21
CA LEU D 1115 88.83 68.99 -3.97
C LEU D 1115 89.79 67.94 -3.43
N GLY D 1116 89.29 66.72 -3.25
CA GLY D 1116 90.10 65.65 -2.73
C GLY D 1116 90.13 65.55 -1.22
N ALA D 1117 89.66 66.58 -0.51
CA ALA D 1117 89.54 66.51 0.94
C ALA D 1117 88.41 65.59 1.38
N ASP D 1118 87.55 65.16 0.46
CA ASP D 1118 86.44 64.27 0.76
C ASP D 1118 86.30 63.28 -0.39
N GLU D 1119 85.20 62.54 -0.38
CA GLU D 1119 84.93 61.55 -1.40
C GLU D 1119 84.23 62.14 -2.62
N LEU D 1120 83.86 63.41 -2.58
CA LEU D 1120 83.12 64.03 -3.67
C LEU D 1120 84.00 64.46 -4.82
N ALA D 1121 85.32 64.32 -4.71
CA ALA D 1121 86.21 64.71 -5.79
C ALA D 1121 87.31 63.67 -5.95
N TYR D 1122 87.76 63.52 -7.20
CA TYR D 1122 88.88 62.67 -7.60
C TYR D 1122 89.71 63.57 -8.51
N VAL D 1123 90.70 64.24 -7.92
CA VAL D 1123 91.35 65.35 -8.61
C VAL D 1123 92.86 65.08 -8.56
N PHE D 1124 93.62 65.82 -9.35
CA PHE D 1124 95.07 65.62 -9.43
C PHE D 1124 95.76 66.97 -9.23
N ASN D 1125 96.29 67.18 -8.02
CA ASN D 1125 97.10 68.37 -7.73
C ASN D 1125 98.49 68.07 -8.24
N GLY D 1126 98.70 68.33 -9.51
CA GLY D 1126 99.99 68.06 -10.08
C GLY D 1126 101.04 69.12 -9.85
N HIS D 1127 100.73 70.15 -9.08
CA HIS D 1127 101.76 71.13 -8.71
C HIS D 1127 102.87 70.47 -7.92
N ARG D 1128 102.52 69.54 -7.03
CA ARG D 1128 103.50 68.74 -6.31
C ARG D 1128 103.43 67.27 -6.70
N GLY D 1129 102.81 66.97 -7.85
CA GLY D 1129 102.68 65.60 -8.32
C GLY D 1129 101.90 64.68 -7.42
N GLN D 1130 100.72 65.11 -6.96
CA GLN D 1130 99.91 64.35 -6.02
C GLN D 1130 98.50 64.16 -6.57
N ARG D 1131 97.86 63.08 -6.17
CA ARG D 1131 96.46 62.83 -6.52
C ARG D 1131 95.64 62.89 -5.24
N TRP D 1132 94.51 63.62 -5.28
CA TRP D 1132 93.74 63.94 -4.10
C TRP D 1132 92.37 63.30 -4.18
N HIS D 1133 92.07 62.47 -3.17
CA HIS D 1133 90.71 61.96 -2.89
C HIS D 1133 90.70 61.41 -1.47
N LEU D 1134 89.90 62.08 -0.58
CA LEU D 1134 89.85 61.71 0.84
C LEU D 1134 91.24 61.66 1.45
N GLY D 1135 92.08 62.62 1.11
CA GLY D 1135 93.50 62.53 1.35
C GLY D 1135 94.28 62.47 0.05
N SER D 1136 95.60 62.41 0.18
CA SER D 1136 96.44 62.43 -1.00
C SER D 1136 97.64 61.52 -0.86
N GLU D 1137 98.10 61.02 -2.00
CA GLU D 1137 99.37 60.33 -2.16
C GLU D 1137 99.99 60.82 -3.46
N PRO D 1138 101.33 60.82 -3.56
CA PRO D 1138 101.99 61.34 -4.77
C PRO D 1138 101.67 60.54 -6.02
N PHE D 1139 101.60 61.25 -7.16
CA PHE D 1139 101.30 60.64 -8.44
C PHE D 1139 101.93 61.48 -9.54
N GLY D 1140 102.83 60.88 -10.31
CA GLY D 1140 103.42 61.58 -11.43
C GLY D 1140 104.41 62.66 -11.04
N ARG D 1141 104.70 63.52 -12.02
CA ARG D 1141 105.67 64.60 -11.90
C ARG D 1141 104.98 65.96 -11.90
N PRO D 1142 105.58 66.96 -11.26
CA PRO D 1142 105.08 68.34 -11.40
C PRO D 1142 105.18 68.85 -12.83
N TRP D 1143 104.23 69.69 -13.23
CA TRP D 1143 104.26 70.25 -14.57
C TRP D 1143 105.21 71.45 -14.62
N GLN D 1144 105.16 72.17 -15.75
CA GLN D 1144 105.84 73.44 -15.93
C GLN D 1144 104.88 74.37 -16.68
N SER D 1145 105.36 75.56 -17.01
CA SER D 1145 104.52 76.58 -17.63
C SER D 1145 104.02 76.17 -19.01
N GLY D 1146 102.75 76.47 -19.29
CA GLY D 1146 102.18 76.20 -20.60
C GLY D 1146 101.84 74.75 -20.86
N ASP D 1147 101.80 73.91 -19.82
CA ASP D 1147 101.55 72.48 -20.05
C ASP D 1147 100.09 72.15 -20.29
N VAL D 1148 99.86 71.17 -21.16
CA VAL D 1148 98.52 70.69 -21.50
C VAL D 1148 98.33 69.31 -20.89
N VAL D 1149 97.30 69.18 -20.04
CA VAL D 1149 97.01 67.95 -19.33
C VAL D 1149 95.66 67.45 -19.82
N GLY D 1150 95.64 66.23 -20.36
CA GLY D 1150 94.41 65.60 -20.80
C GLY D 1150 93.92 64.52 -19.87
N CYS D 1151 92.88 64.85 -19.11
CA CYS D 1151 92.37 63.91 -18.12
C CYS D 1151 91.58 62.79 -18.80
N MET D 1152 91.72 61.57 -18.28
CA MET D 1152 91.02 60.40 -18.75
C MET D 1152 89.84 60.11 -17.83
N ILE D 1153 88.89 59.34 -18.34
CA ILE D 1153 87.89 58.68 -17.49
C ILE D 1153 87.32 57.51 -18.27
N ASP D 1154 87.19 56.37 -17.57
CA ASP D 1154 86.65 55.14 -18.15
C ASP D 1154 85.56 54.69 -17.20
N LEU D 1155 84.32 54.99 -17.57
CA LEU D 1155 83.15 54.67 -16.76
C LEU D 1155 82.90 53.17 -16.67
N THR D 1156 83.42 52.39 -17.61
CA THR D 1156 83.23 50.94 -17.58
C THR D 1156 84.17 50.30 -16.58
N GLU D 1157 85.48 50.50 -16.76
CA GLU D 1157 86.48 49.95 -15.85
C GLU D 1157 86.63 50.78 -14.58
N ASN D 1158 85.91 51.90 -14.48
CA ASN D 1158 85.91 52.81 -13.33
C ASN D 1158 87.31 53.33 -13.04
N THR D 1159 88.02 53.70 -14.09
CA THR D 1159 89.41 54.10 -13.95
C THR D 1159 89.64 55.56 -14.31
N ILE D 1160 90.59 56.16 -13.59
CA ILE D 1160 90.99 57.56 -13.75
C ILE D 1160 92.47 57.57 -14.09
N ILE D 1161 92.83 58.20 -15.22
CA ILE D 1161 94.21 58.31 -15.67
C ILE D 1161 94.41 59.78 -16.04
N PHE D 1162 95.65 60.23 -16.03
CA PHE D 1162 95.98 61.60 -16.41
C PHE D 1162 97.14 61.59 -17.39
N THR D 1163 97.07 62.41 -18.43
CA THR D 1163 98.13 62.48 -19.43
C THR D 1163 98.71 63.89 -19.43
N LEU D 1164 100.03 63.99 -19.42
CA LEU D 1164 100.72 65.28 -19.39
C LEU D 1164 101.45 65.44 -20.71
N ASN D 1165 100.95 66.37 -21.54
CA ASN D 1165 101.52 66.74 -22.84
C ASN D 1165 101.71 65.51 -23.74
N GLY D 1166 100.71 64.64 -23.76
CA GLY D 1166 100.77 63.43 -24.52
C GLY D 1166 101.51 62.28 -23.86
N GLU D 1167 102.00 62.46 -22.65
CA GLU D 1167 102.72 61.43 -21.93
C GLU D 1167 101.86 60.94 -20.76
N VAL D 1168 101.72 59.63 -20.64
CA VAL D 1168 100.90 59.04 -19.60
C VAL D 1168 101.63 59.12 -18.27
N LEU D 1169 100.98 59.70 -17.27
CA LEU D 1169 101.55 59.82 -15.93
C LEU D 1169 101.49 58.48 -15.21
N MET D 1170 102.40 58.31 -14.26
CA MET D 1170 102.59 57.06 -13.55
C MET D 1170 102.45 57.26 -12.05
N SER D 1171 101.83 56.30 -11.39
CA SER D 1171 101.76 56.27 -9.94
C SER D 1171 103.06 55.70 -9.37
N ASP D 1172 103.17 55.71 -8.04
CA ASP D 1172 104.34 55.14 -7.38
C ASP D 1172 104.19 53.63 -7.21
N SER D 1173 103.86 52.94 -8.29
CA SER D 1173 103.62 51.50 -8.37
C SER D 1173 103.48 51.16 -9.85
N GLY D 1174 103.09 49.93 -10.13
CA GLY D 1174 102.84 49.50 -11.50
C GLY D 1174 101.46 49.85 -12.04
N SER D 1175 100.63 50.54 -11.25
CA SER D 1175 99.28 50.86 -11.66
C SER D 1175 99.28 51.93 -12.75
N GLU D 1176 98.64 51.63 -13.88
CA GLU D 1176 98.51 52.58 -14.98
C GLU D 1176 97.49 53.67 -14.71
N THR D 1177 96.60 53.46 -13.73
CA THR D 1177 95.49 54.38 -13.48
C THR D 1177 95.67 55.06 -12.13
N ALA D 1178 95.39 56.36 -12.11
CA ALA D 1178 95.47 57.13 -10.86
C ALA D 1178 94.44 56.65 -9.85
N PHE D 1179 93.21 56.40 -10.28
CA PHE D 1179 92.17 55.91 -9.40
C PHE D 1179 91.46 54.75 -10.07
N ARG D 1180 90.83 53.91 -9.25
CA ARG D 1180 90.18 52.71 -9.73
C ARG D 1180 89.07 52.33 -8.76
N GLU D 1181 88.27 51.35 -9.19
CA GLU D 1181 87.08 50.79 -8.51
C GLU D 1181 86.21 51.87 -7.85
N ILE D 1182 85.83 52.86 -8.65
CA ILE D 1182 84.96 53.94 -8.21
C ILE D 1182 83.53 53.66 -8.67
N GLU D 1183 82.60 53.68 -7.74
CA GLU D 1183 81.21 53.44 -8.06
C GLU D 1183 80.66 54.59 -8.91
N ILE D 1184 79.75 54.26 -9.82
CA ILE D 1184 79.21 55.26 -10.72
C ILE D 1184 78.21 56.15 -10.00
N GLY D 1185 77.10 55.56 -9.53
CA GLY D 1185 76.06 56.31 -8.86
C GLY D 1185 75.45 57.36 -9.76
N ASP D 1186 75.41 58.60 -9.26
CA ASP D 1186 74.85 59.72 -10.01
C ASP D 1186 75.66 60.00 -11.28
N GLY D 1187 76.98 59.95 -11.20
CA GLY D 1187 77.88 60.18 -12.30
C GLY D 1187 78.98 61.13 -11.93
N PHE D 1188 79.74 61.55 -12.94
CA PHE D 1188 80.87 62.44 -12.75
C PHE D 1188 80.83 63.56 -13.78
N LEU D 1189 81.46 64.66 -13.43
CA LEU D 1189 81.61 65.80 -14.31
C LEU D 1189 83.02 66.37 -14.18
N PRO D 1190 83.59 66.89 -15.27
CA PRO D 1190 84.92 67.49 -15.20
C PRO D 1190 84.92 68.74 -14.32
N VAL D 1191 86.04 68.95 -13.63
CA VAL D 1191 86.15 70.03 -12.68
C VAL D 1191 87.61 70.47 -12.62
N CYS D 1192 87.82 71.77 -12.40
CA CYS D 1192 89.16 72.31 -12.25
C CYS D 1192 89.10 73.48 -11.29
N SER D 1193 90.25 73.80 -10.72
CA SER D 1193 90.33 74.89 -9.75
C SER D 1193 91.68 75.56 -9.89
N LEU D 1194 91.71 76.83 -9.49
CA LEU D 1194 92.89 77.67 -9.58
C LEU D 1194 93.12 78.41 -8.26
N GLY D 1195 94.39 78.47 -7.88
CA GLY D 1195 94.87 79.23 -6.75
C GLY D 1195 95.00 80.70 -7.06
N PRO D 1196 95.45 81.46 -6.05
CA PRO D 1196 95.66 82.89 -6.23
C PRO D 1196 96.71 83.17 -7.29
N GLY D 1197 96.45 84.19 -8.11
CA GLY D 1197 97.33 84.57 -9.22
C GLY D 1197 97.51 83.48 -10.24
N GLN D 1198 96.41 82.82 -10.66
CA GLN D 1198 96.64 81.71 -11.58
C GLN D 1198 95.83 81.84 -12.86
N VAL D 1199 96.40 81.32 -13.96
CA VAL D 1199 95.77 81.36 -15.27
C VAL D 1199 95.81 79.97 -15.90
N GLY D 1200 94.63 79.44 -16.25
CA GLY D 1200 94.54 78.15 -16.90
C GLY D 1200 93.42 78.18 -17.93
N HIS D 1201 93.58 77.35 -18.95
CA HIS D 1201 92.63 77.21 -20.04
C HIS D 1201 91.99 75.84 -19.95
N LEU D 1202 90.66 75.82 -19.95
CA LEU D 1202 89.93 74.56 -19.89
C LEU D 1202 89.36 74.28 -21.27
N ASN D 1203 89.66 73.08 -21.80
CA ASN D 1203 89.16 72.73 -23.12
C ASN D 1203 88.41 71.40 -23.02
N LEU D 1204 87.13 71.43 -23.35
CA LEU D 1204 86.26 70.28 -23.19
C LEU D 1204 86.22 69.40 -24.42
N GLY D 1205 87.04 69.70 -25.42
CA GLY D 1205 87.03 68.95 -26.66
C GLY D 1205 85.99 69.39 -27.65
N GLN D 1206 85.36 70.56 -27.42
CA GLN D 1206 84.34 71.07 -28.33
C GLN D 1206 84.90 71.37 -29.72
N ASP D 1207 86.18 71.69 -29.83
CA ASP D 1207 86.80 71.87 -31.13
C ASP D 1207 87.94 70.86 -31.28
N VAL D 1208 87.85 70.07 -32.36
CA VAL D 1208 88.84 69.04 -32.63
C VAL D 1208 90.18 69.65 -32.97
N SER D 1209 90.17 70.79 -33.69
CA SER D 1209 91.41 71.49 -34.00
C SER D 1209 92.06 72.03 -32.73
N SER D 1210 91.24 72.53 -31.80
CA SER D 1210 91.77 73.02 -30.52
C SER D 1210 92.38 71.89 -29.72
N LEU D 1211 91.87 70.66 -29.90
CA LEU D 1211 92.53 69.53 -29.27
C LEU D 1211 93.88 69.28 -29.93
N ARG D 1212 94.89 68.99 -29.10
CA ARG D 1212 96.25 68.82 -29.56
C ARG D 1212 96.89 67.50 -29.19
N PHE D 1213 96.43 66.85 -28.12
CA PHE D 1213 97.00 65.60 -27.68
C PHE D 1213 95.98 64.47 -27.65
N PHE D 1214 94.72 64.75 -28.01
CA PHE D 1214 93.69 63.72 -28.06
C PHE D 1214 94.03 62.65 -29.09
N ALA D 1215 94.50 63.07 -30.27
CA ALA D 1215 94.97 62.13 -31.28
C ALA D 1215 96.18 61.36 -30.78
N ILE D 1216 97.08 62.07 -30.07
CA ILE D 1216 98.25 61.44 -29.49
C ILE D 1216 97.83 60.43 -28.42
N CYS D 1217 96.88 60.80 -27.56
CA CYS D 1217 96.41 59.88 -26.52
C CYS D 1217 94.91 60.08 -26.28
N GLY D 1218 94.16 59.00 -26.43
CA GLY D 1218 92.72 59.00 -26.20
C GLY D 1218 91.87 58.65 -27.40
N LEU D 1219 92.23 59.21 -28.57
CA LEU D 1219 91.45 58.94 -29.77
C LEU D 1219 91.62 57.51 -30.20
N GLN D 1220 92.87 57.04 -30.27
CA GLN D 1220 93.06 55.64 -30.58
C GLN D 1220 92.73 54.75 -29.39
N GLU D 1221 92.58 55.34 -28.21
CA GLU D 1221 92.23 54.63 -26.99
C GLU D 1221 90.72 54.52 -26.82
N GLY D 1222 89.95 55.03 -27.78
CA GLY D 1222 88.51 54.97 -27.69
C GLY D 1222 87.85 56.04 -26.87
N PHE D 1223 88.62 57.02 -26.38
CA PHE D 1223 88.04 58.07 -25.57
C PHE D 1223 87.27 59.05 -26.44
N GLU D 1224 86.52 59.93 -25.78
CA GLU D 1224 85.62 60.85 -26.44
C GLU D 1224 85.88 62.26 -25.94
N PRO D 1225 85.87 63.26 -26.82
CA PRO D 1225 85.83 64.65 -26.35
C PRO D 1225 84.56 64.89 -25.54
N PHE D 1226 84.71 65.58 -24.41
CA PHE D 1226 83.60 65.75 -23.48
C PHE D 1226 82.48 66.58 -24.10
N ALA D 1227 82.81 67.51 -24.98
CA ALA D 1227 81.84 68.39 -25.60
C ALA D 1227 81.83 68.22 -27.11
N ILE D 1228 81.87 66.96 -27.57
CA ILE D 1228 82.18 66.68 -28.98
C ILE D 1228 81.08 67.17 -29.91
N ASN D 1229 79.81 66.96 -29.56
CA ASN D 1229 78.72 67.44 -30.40
C ASN D 1229 77.94 68.47 -29.59
N MET D 1230 78.48 69.67 -29.51
CA MET D 1230 77.86 70.81 -28.86
C MET D 1230 77.84 71.97 -29.84
N GLN D 1231 76.70 72.64 -29.95
CA GLN D 1231 76.62 73.85 -30.77
CA GLN D 1231 76.62 73.85 -30.77
C GLN D 1231 77.03 75.08 -29.98
N ARG D 1232 76.42 75.29 -28.83
CA ARG D 1232 76.82 76.36 -27.94
C ARG D 1232 77.93 75.87 -27.02
N PRO D 1233 78.76 76.77 -26.50
CA PRO D 1233 79.75 76.38 -25.50
C PRO D 1233 79.08 75.83 -24.25
N VAL D 1234 79.72 74.83 -23.64
CA VAL D 1234 79.17 74.15 -22.47
C VAL D 1234 79.14 75.11 -21.30
N THR D 1235 77.97 75.20 -20.66
CA THR D 1235 77.83 76.04 -19.49
C THR D 1235 78.63 75.48 -18.33
N THR D 1236 79.48 76.33 -17.77
CA THR D 1236 80.31 75.97 -16.63
C THR D 1236 80.00 76.94 -15.49
N TRP D 1237 80.33 76.50 -14.29
CA TRP D 1237 79.96 77.15 -13.04
C TRP D 1237 81.21 77.34 -12.20
N PHE D 1238 81.21 78.39 -11.39
CA PHE D 1238 82.33 78.61 -10.49
C PHE D 1238 81.80 78.78 -9.07
N SER D 1239 82.72 78.82 -8.12
CA SER D 1239 82.38 79.02 -6.72
C SER D 1239 82.52 80.50 -6.37
N LYS D 1240 81.39 81.17 -6.19
CA LYS D 1240 81.33 82.59 -5.87
C LYS D 1240 81.60 82.80 -4.40
N SER D 1241 82.69 83.50 -4.07
CA SER D 1241 83.04 83.79 -2.69
C SER D 1241 82.40 85.11 -2.25
N LEU D 1242 81.07 85.12 -2.24
CA LEU D 1242 80.30 86.28 -1.79
C LEU D 1242 79.32 85.80 -0.73
N PRO D 1243 79.36 86.36 0.48
CA PRO D 1243 78.47 85.90 1.55
C PRO D 1243 77.00 86.10 1.22
N GLN D 1244 76.21 85.07 1.54
CA GLN D 1244 74.76 85.10 1.37
C GLN D 1244 74.13 84.36 2.53
N PHE D 1245 72.85 84.62 2.75
CA PHE D 1245 72.11 84.01 3.84
C PHE D 1245 71.22 82.90 3.33
N GLU D 1246 71.35 81.72 3.91
CA GLU D 1246 70.56 80.55 3.56
C GLU D 1246 70.13 79.85 4.83
N PRO D 1247 68.97 79.17 4.81
CA PRO D 1247 68.50 78.47 6.01
C PRO D 1247 69.42 77.33 6.43
N VAL D 1248 69.42 77.06 7.73
CA VAL D 1248 70.28 76.02 8.30
C VAL D 1248 69.81 74.65 7.82
N PRO D 1249 70.72 73.75 7.46
CA PRO D 1249 70.33 72.38 7.16
C PRO D 1249 69.91 71.66 8.43
N PRO D 1250 68.79 70.93 8.40
CA PRO D 1250 68.37 70.16 9.59
C PRO D 1250 69.34 69.05 9.97
N GLU D 1251 70.17 68.60 9.04
CA GLU D 1251 71.13 67.53 9.26
C GLU D 1251 72.45 68.02 9.83
N HIS D 1252 72.59 69.31 10.10
CA HIS D 1252 73.85 69.92 10.50
C HIS D 1252 74.31 69.36 11.83
N PRO D 1253 75.49 68.72 11.90
CA PRO D 1253 75.93 68.11 13.16
C PRO D 1253 76.29 69.10 14.25
N HIS D 1254 76.54 70.36 13.91
CA HIS D 1254 77.02 71.33 14.89
C HIS D 1254 75.91 72.22 15.43
N TYR D 1255 75.10 72.81 14.56
CA TYR D 1255 74.12 73.83 14.94
C TYR D 1255 72.70 73.34 14.68
N GLU D 1256 71.79 73.67 15.59
CA GLU D 1256 70.39 73.37 15.39
C GLU D 1256 69.56 74.54 15.89
N VAL D 1257 68.36 74.68 15.34
CA VAL D 1257 67.36 75.64 15.81
C VAL D 1257 66.03 74.91 15.90
N ALA D 1258 65.38 75.00 17.06
CA ALA D 1258 64.11 74.32 17.30
C ALA D 1258 63.00 75.35 17.47
N ARG D 1259 61.86 75.07 16.84
CA ARG D 1259 60.69 75.93 16.90
C ARG D 1259 59.75 75.43 18.00
N MET D 1260 59.48 76.27 18.98
CA MET D 1260 58.67 75.91 20.14
C MET D 1260 57.35 76.66 20.08
N ASP D 1261 56.28 75.98 20.50
CA ASP D 1261 54.96 76.60 20.54
C ASP D 1261 54.93 77.65 21.65
N GLY D 1262 54.34 78.80 21.35
CA GLY D 1262 54.26 79.86 22.33
C GLY D 1262 53.14 79.67 23.32
N THR D 1263 53.46 79.64 24.61
CA THR D 1263 52.46 79.46 25.66
C THR D 1263 51.84 80.80 26.00
N VAL D 1264 50.97 80.80 27.03
CA VAL D 1264 50.33 82.03 27.49
C VAL D 1264 51.36 82.98 28.10
N ASP D 1265 52.36 82.44 28.79
CA ASP D 1265 53.38 83.24 29.44
C ASP D 1265 54.63 83.43 28.59
N THR D 1266 54.91 82.48 27.70
CA THR D 1266 56.11 82.54 26.87
C THR D 1266 55.73 82.71 25.42
N PRO D 1267 56.29 83.71 24.74
CA PRO D 1267 56.01 83.90 23.31
C PRO D 1267 56.70 82.83 22.49
N PRO D 1268 56.31 82.66 21.23
CA PRO D 1268 57.05 81.74 20.35
C PRO D 1268 58.51 82.14 20.19
N CYS D 1269 59.38 81.14 20.18
CA CYS D 1269 60.81 81.37 20.24
C CYS D 1269 61.55 80.46 19.27
N LEU D 1270 62.73 80.93 18.89
CA LEU D 1270 63.67 80.21 18.04
C LEU D 1270 64.93 79.98 18.86
N ARG D 1271 65.00 78.84 19.55
CA ARG D 1271 66.17 78.56 20.37
C ARG D 1271 67.27 77.93 19.51
N LEU D 1272 68.48 78.48 19.61
CA LEU D 1272 69.64 78.01 18.88
C LEU D 1272 70.57 77.28 19.83
N ALA D 1273 71.02 76.09 19.44
CA ALA D 1273 71.87 75.30 20.31
C ALA D 1273 73.00 74.67 19.51
N HIS D 1274 74.21 74.71 20.09
CA HIS D 1274 75.37 74.04 19.50
C HIS D 1274 75.30 72.57 19.86
N ARG D 1275 75.02 71.72 18.86
CA ARG D 1275 74.73 70.31 19.09
C ARG D 1275 75.92 69.56 19.67
N THR D 1276 77.08 69.65 19.01
CA THR D 1276 78.26 68.91 19.42
C THR D 1276 79.13 69.68 20.41
N TRP D 1277 78.59 70.69 21.08
CA TRP D 1277 79.36 71.45 22.05
C TRP D 1277 79.74 70.57 23.24
N GLY D 1278 80.91 70.85 23.81
CA GLY D 1278 81.43 70.06 24.90
C GLY D 1278 82.03 68.74 24.48
N SER D 1279 82.18 68.50 23.18
CA SER D 1279 82.74 67.28 22.64
C SER D 1279 83.97 67.62 21.82
N GLN D 1280 84.66 66.58 21.37
CA GLN D 1280 85.83 66.75 20.52
C GLN D 1280 85.40 67.24 19.14
N ASN D 1281 86.35 67.87 18.44
CA ASN D 1281 86.28 68.43 17.09
C ASN D 1281 84.99 69.20 16.80
N SER D 1282 84.53 69.98 17.78
CA SER D 1282 83.35 70.81 17.64
C SER D 1282 83.76 72.16 17.07
N LEU D 1283 83.18 72.52 15.92
CA LEU D 1283 83.54 73.75 15.24
C LEU D 1283 83.07 74.96 16.05
N VAL D 1284 83.99 75.87 16.33
CA VAL D 1284 83.70 77.11 17.05
C VAL D 1284 84.26 78.24 16.21
N GLU D 1285 83.38 79.16 15.79
CA GLU D 1285 83.78 80.23 14.89
C GLU D 1285 82.77 81.36 15.00
N MET D 1286 83.17 82.54 14.50
CA MET D 1286 82.30 83.71 14.49
C MET D 1286 81.12 83.44 13.56
N LEU D 1287 79.94 83.20 14.12
CA LEU D 1287 78.78 82.77 13.36
C LEU D 1287 77.77 83.89 13.26
N PHE D 1288 77.24 84.10 12.05
CA PHE D 1288 76.29 85.17 11.77
C PHE D 1288 74.90 84.58 11.58
N LEU D 1289 73.92 85.11 12.32
CA LEU D 1289 72.57 84.58 12.28
C LEU D 1289 71.62 85.73 11.95
N ARG D 1290 70.55 85.42 11.22
CA ARG D 1290 69.54 86.43 10.94
C ARG D 1290 68.20 85.77 10.68
N LEU D 1291 67.13 86.56 10.79
CA LEU D 1291 65.83 86.00 10.48
C LEU D 1291 65.62 85.93 8.96
N SER D 1292 64.65 85.11 8.55
CA SER D 1292 64.44 84.85 7.13
C SER D 1292 63.82 86.05 6.42
N LEU D 1293 62.84 86.68 7.03
CA LEU D 1293 62.16 87.75 6.31
C LEU D 1293 62.53 89.10 6.91
N PRO D 1294 62.66 90.13 6.08
CA PRO D 1294 62.96 91.46 6.61
C PRO D 1294 61.68 92.24 6.93
N VAL D 1295 61.86 93.48 7.36
CA VAL D 1295 60.75 94.40 7.58
C VAL D 1295 61.05 95.68 6.81
N GLN D 1296 60.03 96.19 6.12
CA GLN D 1296 60.15 97.40 5.31
C GLN D 1296 59.47 98.55 6.01
N PHE D 1297 60.19 99.67 6.13
CA PHE D 1297 59.64 100.85 6.78
C PHE D 1297 58.54 101.47 5.92
N HIS D 1298 57.82 102.42 6.52
CA HIS D 1298 56.76 103.14 5.82
C HIS D 1298 57.33 103.92 4.64
N GLN D 1299 56.52 103.99 3.58
CA GLN D 1299 56.95 104.65 2.35
C GLN D 1299 57.22 106.13 2.56
N HIS D 1300 56.34 106.81 3.29
CA HIS D 1300 56.50 108.22 3.59
C HIS D 1300 56.50 108.41 5.10
N PHE D 1301 57.50 109.11 5.61
CA PHE D 1301 57.56 109.39 7.03
C PHE D 1301 56.49 110.40 7.42
N ARG D 1302 56.06 110.34 8.68
CA ARG D 1302 55.12 111.32 9.19
C ARG D 1302 55.80 112.68 9.34
N CYS D 1303 54.97 113.72 9.39
CA CYS D 1303 55.47 115.07 9.62
C CYS D 1303 56.09 115.20 11.00
N THR D 1304 57.22 115.89 11.06
CA THR D 1304 58.04 116.11 12.27
C THR D 1304 58.42 114.81 12.98
N ASP D 1419 47.94 93.88 35.15
CA ASP D 1419 48.94 94.71 34.50
C ASP D 1419 49.18 94.21 33.08
N ASN D 1420 49.85 95.05 32.28
CA ASN D 1420 50.18 94.78 30.87
C ASN D 1420 48.92 94.47 30.05
N ARG D 1421 47.89 95.28 30.26
CA ARG D 1421 46.65 95.19 29.47
C ARG D 1421 46.71 96.26 28.39
N ASP D 1422 46.86 95.83 27.14
CA ASP D 1422 47.05 96.75 26.04
C ASP D 1422 45.81 97.58 25.76
N ASP D 1423 46.03 98.83 25.38
CA ASP D 1423 44.95 99.68 24.88
C ASP D 1423 44.62 99.21 23.46
N PRO D 1424 43.37 98.77 23.19
CA PRO D 1424 43.05 98.20 21.87
C PRO D 1424 43.27 99.15 20.69
N GLU D 1425 43.04 100.45 20.85
CA GLU D 1425 43.25 101.34 19.72
C GLU D 1425 44.71 101.72 19.56
N ILE D 1426 45.47 101.79 20.67
CA ILE D 1426 46.89 102.06 20.58
C ILE D 1426 47.63 100.91 19.92
N ILE D 1427 47.32 99.67 20.34
CA ILE D 1427 48.03 98.49 19.83
C ILE D 1427 47.80 98.33 18.32
N LEU D 1428 46.67 98.79 17.81
CA LEU D 1428 46.35 98.72 16.39
C LEU D 1428 46.84 99.94 15.62
N ASN D 1429 47.07 101.08 16.27
CA ASN D 1429 47.49 102.27 15.53
C ASN D 1429 48.98 102.59 15.66
N THR D 1430 49.69 102.00 16.62
CA THR D 1430 51.10 102.30 16.83
C THR D 1430 51.95 101.81 15.67
N THR D 1431 53.06 102.51 15.45
CA THR D 1431 54.05 102.15 14.44
C THR D 1431 55.34 101.65 15.07
N THR D 1432 55.30 101.28 16.35
CA THR D 1432 56.46 100.81 17.09
C THR D 1432 56.29 99.32 17.37
N TYR D 1433 57.36 98.57 17.13
CA TYR D 1433 57.35 97.12 17.26
C TYR D 1433 58.56 96.69 18.08
N TYR D 1434 58.42 95.54 18.74
CA TYR D 1434 59.44 95.05 19.67
C TYR D 1434 59.66 93.56 19.52
N TYR D 1435 60.91 93.14 19.71
CA TYR D 1435 61.19 91.73 19.93
C TYR D 1435 62.29 91.64 20.98
N SER D 1436 62.50 90.45 21.52
CA SER D 1436 63.55 90.26 22.52
C SER D 1436 64.42 89.08 22.15
N VAL D 1437 65.64 89.08 22.65
CA VAL D 1437 66.57 87.99 22.46
C VAL D 1437 67.14 87.64 23.84
N ARG D 1438 67.29 86.34 24.09
CA ARG D 1438 67.78 85.85 25.37
C ARG D 1438 69.17 85.28 25.13
N VAL D 1439 70.15 85.82 25.84
CA VAL D 1439 71.53 85.35 25.81
C VAL D 1439 71.70 84.44 27.02
N PHE D 1440 71.66 83.13 26.75
CA PHE D 1440 71.69 82.07 27.75
C PHE D 1440 72.98 82.11 28.56
N ALA D 1441 72.92 81.51 29.75
CA ALA D 1441 74.09 81.39 30.60
C ALA D 1441 75.15 80.53 29.92
N GLY D 1442 76.41 80.76 30.28
CA GLY D 1442 77.51 80.12 29.60
C GLY D 1442 77.95 80.81 28.33
N GLN D 1443 77.17 81.77 27.84
CA GLN D 1443 77.53 82.59 26.69
C GLN D 1443 77.83 83.99 27.17
N GLU D 1444 79.05 84.45 26.91
CA GLU D 1444 79.48 85.77 27.37
C GLU D 1444 78.74 86.85 26.60
N PRO D 1445 78.15 87.83 27.30
CA PRO D 1445 77.50 88.97 26.61
C PRO D 1445 78.46 89.79 25.75
N SER D 1446 79.75 89.79 26.07
CA SER D 1446 80.75 90.46 25.25
C SER D 1446 80.96 89.77 23.91
N CYS D 1447 80.55 88.51 23.78
CA CYS D 1447 80.66 87.77 22.54
C CYS D 1447 79.38 87.81 21.72
N VAL D 1448 78.39 88.59 22.14
CA VAL D 1448 77.09 88.66 21.49
C VAL D 1448 76.84 90.09 21.05
N TRP D 1449 76.46 90.27 19.79
CA TRP D 1449 76.04 91.54 19.23
C TRP D 1449 74.60 91.38 18.75
N VAL D 1450 73.73 92.34 19.07
CA VAL D 1450 72.31 92.24 18.77
C VAL D 1450 71.87 93.47 17.98
N GLY D 1451 71.14 93.26 16.88
CA GLY D 1451 70.61 94.38 16.12
C GLY D 1451 70.01 94.03 14.78
N TRP D 1452 70.26 94.87 13.77
CA TRP D 1452 69.70 94.72 12.44
C TRP D 1452 70.76 94.87 11.36
N VAL D 1453 70.50 94.24 10.21
CA VAL D 1453 71.33 94.38 9.02
C VAL D 1453 70.44 94.62 7.81
N THR D 1454 70.92 95.46 6.90
CA THR D 1454 70.30 95.61 5.60
C THR D 1454 70.55 94.34 4.78
N PRO D 1455 69.72 94.05 3.76
CA PRO D 1455 69.92 92.81 2.98
C PRO D 1455 71.24 92.71 2.24
N ASP D 1456 71.92 93.83 1.98
CA ASP D 1456 73.20 93.79 1.26
C ASP D 1456 74.41 93.61 2.20
N TYR D 1457 74.19 93.09 3.40
CA TYR D 1457 75.28 92.81 4.32
C TYR D 1457 75.96 91.51 3.89
N HIS D 1458 77.16 91.61 3.34
CA HIS D 1458 77.93 90.47 2.86
C HIS D 1458 79.37 90.56 3.34
N GLN D 1459 79.54 90.79 4.64
CA GLN D 1459 80.85 90.84 5.29
C GLN D 1459 80.99 89.64 6.21
N HIS D 1460 81.80 88.66 5.81
CA HIS D 1460 82.03 87.43 6.56
C HIS D 1460 83.41 87.53 7.19
N ASP D 1461 83.46 87.92 8.47
CA ASP D 1461 84.71 88.12 9.19
C ASP D 1461 84.74 87.26 10.42
N MET D 1462 85.86 86.54 10.62
CA MET D 1462 86.07 85.81 11.87
C MET D 1462 86.40 86.72 13.04
N ASN D 1463 86.76 87.98 12.78
CA ASN D 1463 87.09 88.95 13.82
C ASN D 1463 86.08 90.10 13.86
N PHE D 1464 84.81 89.76 13.75
CA PHE D 1464 83.75 90.77 13.73
C PHE D 1464 83.64 91.47 15.09
N ASP D 1465 83.40 92.78 15.03
CA ASP D 1465 83.06 93.60 16.18
C ASP D 1465 82.33 94.83 15.66
N LEU D 1466 82.12 95.82 16.52
CA LEU D 1466 81.49 97.06 16.08
C LEU D 1466 82.41 97.91 15.20
N SER D 1467 83.70 97.60 15.15
CA SER D 1467 84.63 98.34 14.29
C SER D 1467 84.47 97.94 12.83
N LYS D 1468 84.20 96.65 12.56
CA LYS D 1468 84.04 96.17 11.19
C LYS D 1468 82.73 96.63 10.54
N VAL D 1469 81.81 97.22 11.30
CA VAL D 1469 80.55 97.70 10.75
C VAL D 1469 80.81 98.80 9.72
N ARG D 1470 80.23 98.66 8.54
CA ARG D 1470 80.40 99.64 7.49
C ARG D 1470 79.46 100.82 7.74
N ALA D 1471 80.01 102.03 7.67
CA ALA D 1471 79.23 103.24 7.89
C ALA D 1471 79.85 104.40 7.15
N VAL D 1472 79.00 105.32 6.69
CA VAL D 1472 79.46 106.53 5.99
C VAL D 1472 78.45 107.62 6.25
N THR D 1473 78.92 108.84 6.50
CA THR D 1473 78.05 109.98 6.74
C THR D 1473 78.02 110.83 5.48
N VAL D 1474 76.81 111.09 4.99
CA VAL D 1474 76.59 111.84 3.76
C VAL D 1474 75.99 113.18 4.13
N THR D 1475 76.70 114.24 3.75
CA THR D 1475 76.35 115.63 4.05
C THR D 1475 75.94 116.34 2.76
N MET D 1476 74.76 116.97 2.81
CA MET D 1476 74.19 117.72 1.71
C MET D 1476 74.07 119.17 2.16
N GLY D 1477 74.68 120.06 1.37
CA GLY D 1477 74.67 121.50 1.59
C GLY D 1477 74.42 122.21 0.28
N ASP D 1478 74.30 123.53 0.35
CA ASP D 1478 74.12 124.33 -0.85
C ASP D 1478 75.48 124.78 -1.39
N GLU D 1479 75.47 125.73 -2.34
CA GLU D 1479 76.67 126.20 -3.01
C GLU D 1479 77.67 126.83 -2.06
N GLN D 1480 77.21 127.41 -0.94
CA GLN D 1480 78.09 128.03 0.05
C GLN D 1480 77.74 127.48 1.44
N GLY D 1481 78.35 126.34 1.77
CA GLY D 1481 78.18 125.68 3.06
C GLY D 1481 76.72 125.30 3.29
N ASN D 1482 76.17 125.77 4.41
CA ASN D 1482 74.76 125.64 4.80
C ASN D 1482 74.34 124.17 4.81
N VAL D 1483 74.93 123.44 5.76
CA VAL D 1483 74.57 122.04 5.95
C VAL D 1483 73.11 121.94 6.35
N HIS D 1484 72.37 121.11 5.61
CA HIS D 1484 70.96 120.90 5.88
C HIS D 1484 70.54 119.45 5.83
N SER D 1485 71.40 118.53 5.37
CA SER D 1485 70.99 117.13 5.35
C SER D 1485 72.21 116.26 5.59
N SER D 1486 72.24 115.50 6.67
CA SER D 1486 73.42 114.68 6.94
C SER D 1486 72.96 113.41 7.62
N LEU D 1487 72.94 112.33 6.86
CA LEU D 1487 72.51 111.04 7.36
C LEU D 1487 73.64 110.03 7.30
N LYS D 1488 73.44 108.90 7.97
CA LYS D 1488 74.46 107.86 8.04
C LYS D 1488 73.96 106.61 7.34
N CYS D 1489 74.76 106.12 6.40
CA CYS D 1489 74.44 104.94 5.61
C CYS D 1489 75.26 103.79 6.17
N SER D 1490 74.57 102.78 6.69
CA SER D 1490 75.20 101.59 7.23
C SER D 1490 74.47 100.36 6.72
N ASN D 1491 75.22 99.29 6.48
CA ASN D 1491 74.62 98.02 6.10
C ASN D 1491 74.19 97.22 7.32
N CYS D 1492 74.51 97.71 8.51
CA CYS D 1492 74.25 97.00 9.75
C CYS D 1492 73.99 98.01 10.84
N TYR D 1493 72.88 97.86 11.56
CA TYR D 1493 72.48 98.77 12.64
C TYR D 1493 72.32 97.93 13.89
N MET D 1494 73.41 97.79 14.63
CA MET D 1494 73.51 96.70 15.60
C MET D 1494 74.41 97.12 16.76
N VAL D 1495 74.03 96.68 17.95
CA VAL D 1495 74.71 97.09 19.18
C VAL D 1495 75.40 95.88 19.78
N TRP D 1496 76.16 96.11 20.84
CA TRP D 1496 76.97 95.08 21.48
C TRP D 1496 76.33 94.66 22.79
N GLY D 1497 76.19 93.35 22.98
CA GLY D 1497 75.55 92.81 24.17
C GLY D 1497 76.35 93.06 25.44
N GLY D 1498 77.68 93.07 25.34
CA GLY D 1498 78.54 93.24 26.51
C GLY D 1498 78.42 94.59 27.19
N ASP D 1499 77.85 95.58 26.51
CA ASP D 1499 77.66 96.91 27.06
C ASP D 1499 76.35 97.05 27.82
N PHE D 1500 75.70 95.93 28.16
CA PHE D 1500 74.40 95.94 28.83
C PHE D 1500 74.43 95.23 30.17
N VAL D 1501 75.58 94.73 30.62
CA VAL D 1501 75.68 93.99 31.86
C VAL D 1501 76.60 94.75 32.80
N SER D 1502 76.36 94.58 34.10
CA SER D 1502 77.22 95.19 35.10
C SER D 1502 78.62 94.56 35.05
N PRO D 1503 79.67 95.37 35.15
CA PRO D 1503 81.04 94.82 35.08
C PRO D 1503 81.43 94.00 36.29
N GLY D 1504 80.92 92.77 36.39
CA GLY D 1504 81.26 91.86 37.47
C GLY D 1504 82.74 91.54 37.55
N GLN D 1505 83.30 91.64 38.76
CA GLN D 1505 84.73 91.41 38.96
C GLN D 1505 85.11 89.98 38.63
N GLN D 1506 84.29 89.02 39.05
CA GLN D 1506 84.52 87.61 38.75
C GLN D 1506 83.16 86.94 38.70
N GLY D 1507 83.12 85.76 38.09
CA GLY D 1507 81.85 85.11 37.87
C GLY D 1507 81.07 85.75 36.74
N ARG D 1508 81.75 86.06 35.62
CA ARG D 1508 81.14 86.72 34.47
C ARG D 1508 80.03 85.89 33.82
N ILE D 1509 79.99 84.59 34.08
CA ILE D 1509 78.93 83.74 33.57
C ILE D 1509 77.68 84.05 34.38
N SER D 1510 76.80 84.87 33.82
CA SER D 1510 75.61 85.32 34.54
C SER D 1510 74.60 84.19 34.65
N HIS D 1511 74.16 83.92 35.89
CA HIS D 1511 73.09 82.96 36.11
C HIS D 1511 71.79 83.41 35.47
N THR D 1512 71.54 84.72 35.42
CA THR D 1512 70.36 85.27 34.76
C THR D 1512 70.73 85.60 33.32
N ASP D 1513 69.97 85.04 32.38
CA ASP D 1513 70.23 85.25 30.96
C ASP D 1513 69.96 86.69 30.57
N LEU D 1514 70.83 87.24 29.72
CA LEU D 1514 70.70 88.63 29.30
C LEU D 1514 69.56 88.79 28.29
N VAL D 1515 68.52 89.53 28.67
CA VAL D 1515 67.36 89.75 27.81
C VAL D 1515 67.52 91.11 27.14
N ILE D 1516 67.94 91.13 25.88
CA ILE D 1516 68.12 92.36 25.12
C ILE D 1516 66.92 92.57 24.23
N GLY D 1517 66.37 93.78 24.20
CA GLY D 1517 65.24 94.01 23.33
C GLY D 1517 65.48 95.03 22.24
N CYS D 1518 64.65 95.02 21.20
CA CYS D 1518 64.78 95.96 20.09
C CYS D 1518 63.41 96.47 19.68
N LEU D 1519 63.25 97.80 19.74
CA LEU D 1519 62.06 98.54 19.39
C LEU D 1519 62.32 99.40 18.16
N VAL D 1520 61.41 99.36 17.19
CA VAL D 1520 61.55 100.11 15.95
C VAL D 1520 60.27 100.89 15.67
N ASP D 1521 60.44 102.12 15.20
CA ASP D 1521 59.33 102.97 14.78
C ASP D 1521 59.43 103.07 13.27
N LEU D 1522 58.45 102.45 12.59
CA LEU D 1522 58.38 102.44 11.14
C LEU D 1522 58.08 103.84 10.58
N ALA D 1523 57.19 104.58 11.25
CA ALA D 1523 56.74 105.87 10.78
C ALA D 1523 57.84 106.92 10.78
N THR D 1524 58.91 106.70 11.53
CA THR D 1524 60.03 107.63 11.58
C THR D 1524 61.36 106.97 11.27
N GLY D 1525 61.42 105.65 11.10
CA GLY D 1525 62.68 104.96 10.86
C GLY D 1525 63.61 105.05 12.04
N LEU D 1526 63.06 104.98 13.26
CA LEU D 1526 63.84 105.11 14.48
C LEU D 1526 64.05 103.77 15.17
N MET D 1527 65.31 103.44 15.46
CA MET D 1527 65.69 102.19 16.09
C MET D 1527 66.19 102.47 17.51
N THR D 1528 65.61 101.79 18.49
CA THR D 1528 66.00 101.90 19.89
C THR D 1528 66.08 100.50 20.47
N PHE D 1529 66.80 100.38 21.59
CA PHE D 1529 67.06 99.07 22.17
C PHE D 1529 66.95 99.18 23.69
N THR D 1530 66.75 98.02 24.32
CA THR D 1530 66.68 97.92 25.78
C THR D 1530 67.71 96.92 26.28
N ALA D 1531 68.43 97.33 27.33
CA ALA D 1531 69.49 96.51 27.92
C ALA D 1531 68.90 95.38 28.76
N ASN D 1532 68.18 95.73 29.82
CA ASN D 1532 67.53 94.74 30.68
C ASN D 1532 66.10 95.20 31.00
N GLY D 1533 65.38 95.63 29.97
CA GLY D 1533 64.08 96.24 30.15
C GLY D 1533 64.12 97.74 30.31
N LYS D 1534 65.30 98.33 30.39
CA LYS D 1534 65.47 99.78 30.46
C LYS D 1534 66.11 100.28 29.18
N GLU D 1535 65.67 101.45 28.73
CA GLU D 1535 66.20 102.03 27.50
C GLU D 1535 67.66 102.42 27.66
N SER D 1536 68.43 102.19 26.61
CA SER D 1536 69.84 102.55 26.58
C SER D 1536 70.03 103.87 25.85
N ASN D 1537 71.28 104.35 25.87
CA ASN D 1537 71.62 105.60 25.19
C ASN D 1537 71.73 105.43 23.68
N THR D 1538 71.83 104.20 23.18
CA THR D 1538 71.99 103.97 21.75
C THR D 1538 70.68 104.20 21.01
N PHE D 1539 70.79 104.73 19.79
CA PHE D 1539 69.65 104.95 18.92
C PHE D 1539 70.17 105.05 17.49
N PHE D 1540 69.25 104.86 16.54
CA PHE D 1540 69.59 104.88 15.13
C PHE D 1540 68.43 105.50 14.36
N GLN D 1541 68.75 106.25 13.31
CA GLN D 1541 67.71 106.86 12.48
C GLN D 1541 68.07 106.66 11.02
N VAL D 1542 67.09 106.24 10.21
CA VAL D 1542 67.33 106.00 8.78
C VAL D 1542 66.19 106.58 7.95
N GLU D 1543 66.46 106.63 6.64
CA GLU D 1543 65.52 107.10 5.63
C GLU D 1543 64.43 106.05 5.41
N PRO D 1544 63.27 106.43 4.79
CA PRO D 1544 62.27 105.41 4.44
C PRO D 1544 62.71 104.49 3.31
N ASN D 1545 61.79 103.59 2.89
CA ASN D 1545 62.03 102.59 1.84
C ASN D 1545 63.23 101.70 2.17
N THR D 1546 63.31 101.27 3.43
CA THR D 1546 64.43 100.47 3.90
C THR D 1546 63.91 99.14 4.43
N LYS D 1547 64.66 98.08 4.18
CA LYS D 1547 64.37 96.75 4.70
C LYS D 1547 65.47 96.35 5.67
N LEU D 1548 65.07 95.82 6.81
CA LEU D 1548 66.01 95.41 7.85
C LEU D 1548 65.69 94.00 8.32
N PHE D 1549 66.74 93.18 8.43
CA PHE D 1549 66.71 91.82 8.95
C PHE D 1549 67.14 91.79 10.40
N PRO D 1550 66.34 91.22 11.30
CA PRO D 1550 66.79 91.03 12.68
C PRO D 1550 67.96 90.04 12.75
N ALA D 1551 69.15 90.54 13.07
CA ALA D 1551 70.37 89.76 12.98
C ALA D 1551 71.13 89.78 14.29
N VAL D 1552 71.66 88.63 14.68
CA VAL D 1552 72.51 88.49 15.86
C VAL D 1552 73.74 87.68 15.44
N PHE D 1553 74.92 88.22 15.74
CA PHE D 1553 76.17 87.56 15.40
C PHE D 1553 76.82 87.10 16.71
N VAL D 1554 77.07 85.80 16.84
CA VAL D 1554 77.49 85.22 18.10
C VAL D 1554 78.64 84.24 17.88
N LEU D 1555 79.43 84.04 18.94
CA LEU D 1555 80.45 83.01 18.97
C LEU D 1555 79.95 81.89 19.86
N PRO D 1556 79.60 80.71 19.30
CA PRO D 1556 79.01 79.63 20.11
C PRO D 1556 79.94 79.04 21.16
N THR D 1557 79.61 79.24 22.44
CA THR D 1557 80.45 78.77 23.53
C THR D 1557 79.63 78.13 24.65
N HIS D 1558 78.46 77.58 24.33
CA HIS D 1558 77.63 76.91 25.33
C HIS D 1558 76.66 75.99 24.60
N GLN D 1559 76.11 75.03 25.37
CA GLN D 1559 75.05 74.16 24.85
C GLN D 1559 73.81 74.95 24.49
N ASN D 1560 73.41 75.90 25.34
CA ASN D 1560 72.36 76.85 25.05
C ASN D 1560 72.98 78.22 24.90
N VAL D 1561 72.67 78.91 23.80
CA VAL D 1561 73.33 80.16 23.47
C VAL D 1561 72.33 81.30 23.35
N ILE D 1562 71.37 81.18 22.43
CA ILE D 1562 70.46 82.27 22.08
C ILE D 1562 69.04 81.72 21.96
N GLN D 1563 68.07 82.47 22.48
CA GLN D 1563 66.66 82.21 22.24
C GLN D 1563 66.04 83.47 21.65
N PHE D 1564 65.63 83.41 20.38
CA PHE D 1564 64.92 84.53 19.76
C PHE D 1564 63.47 84.53 20.24
N GLU D 1565 63.08 85.56 20.98
CA GLU D 1565 61.76 85.65 21.60
C GLU D 1565 60.91 86.63 20.82
N LEU D 1566 59.72 86.19 20.39
CA LEU D 1566 58.79 87.11 19.73
C LEU D 1566 57.80 87.70 20.73
N GLY D 1567 58.38 88.34 21.77
CA GLY D 1567 57.59 88.92 22.84
C GLY D 1567 57.07 90.30 22.51
N LYS D 1568 56.24 90.80 23.43
CA LYS D 1568 55.62 92.11 23.27
C LYS D 1568 55.58 92.84 24.61
N GLN D 1569 55.65 94.16 24.54
CA GLN D 1569 55.53 95.02 25.70
C GLN D 1569 54.11 95.56 25.77
N LYS D 1570 53.86 96.47 26.71
CA LYS D 1570 52.54 97.07 26.84
C LYS D 1570 52.33 98.08 25.72
N ASN D 1571 51.22 97.93 24.99
CA ASN D 1571 50.83 98.76 23.85
C ASN D 1571 51.85 98.73 22.71
N ILE D 1572 52.65 97.67 22.63
CA ILE D 1572 53.67 97.54 21.59
C ILE D 1572 53.49 96.18 20.92
N MET D 1573 53.30 96.19 19.60
CA MET D 1573 53.06 95.01 18.79
C MET D 1573 54.34 94.22 18.59
N PRO D 1574 54.29 92.87 18.63
CA PRO D 1574 55.47 92.07 18.27
C PRO D 1574 55.72 92.04 16.76
N LEU D 1575 56.68 91.22 16.34
CA LEU D 1575 57.10 91.17 14.95
C LEU D 1575 56.13 90.44 14.03
N SER D 1576 55.11 89.78 14.58
CA SER D 1576 54.15 89.03 13.76
C SER D 1576 53.37 89.93 12.81
N ALA D 1577 53.09 91.17 13.21
CA ALA D 1577 52.46 92.12 12.30
C ALA D 1577 53.46 93.03 11.60
N ALA D 1578 54.74 92.97 11.97
CA ALA D 1578 55.73 93.86 11.40
C ALA D 1578 55.92 93.60 9.91
N MET D 1579 55.90 92.35 9.49
CA MET D 1579 56.17 91.97 8.12
C MET D 1579 55.06 91.17 7.46
N PHE D 1580 54.15 90.57 8.22
CA PHE D 1580 53.00 89.87 7.65
C PHE D 1580 51.85 90.85 7.50
N LEU D 1581 51.51 91.17 6.25
CA LEU D 1581 50.49 92.17 5.95
C LEU D 1581 49.11 91.71 6.41
N SER D 1582 48.77 90.44 6.19
CA SER D 1582 47.46 89.93 6.55
C SER D 1582 47.26 89.81 8.05
N GLU D 1583 48.34 89.88 8.84
CA GLU D 1583 48.27 89.78 10.28
C GLU D 1583 48.46 91.14 10.97
N ARG D 1584 48.28 92.23 10.22
CA ARG D 1584 48.45 93.58 10.78
C ARG D 1584 47.44 93.85 11.89
N LYS D 1585 46.19 93.44 11.70
CA LYS D 1585 45.12 93.74 12.63
C LYS D 1585 44.94 92.68 13.70
N ASN D 1586 45.80 91.66 13.73
CA ASN D 1586 45.70 90.60 14.71
C ASN D 1586 46.75 90.84 15.77
N PRO D 1587 46.39 91.33 16.97
CA PRO D 1587 47.41 91.61 18.00
C PRO D 1587 48.08 90.37 18.57
N ALA D 1588 47.47 89.20 18.43
CA ALA D 1588 48.03 87.97 18.99
C ALA D 1588 49.30 87.57 18.25
N PRO D 1589 50.42 87.36 18.95
CA PRO D 1589 51.66 86.94 18.28
C PRO D 1589 51.53 85.58 17.63
N GLN D 1590 52.16 85.42 16.46
CA GLN D 1590 52.19 84.16 15.74
C GLN D 1590 53.57 83.95 15.14
N CYS D 1591 53.90 82.68 14.90
CA CYS D 1591 55.18 82.28 14.32
C CYS D 1591 54.91 81.38 13.13
N PRO D 1592 54.65 81.96 11.96
CA PRO D 1592 54.33 81.16 10.76
C PRO D 1592 55.51 80.32 10.30
N PRO D 1593 55.25 79.22 9.58
CA PRO D 1593 56.36 78.35 9.12
C PRO D 1593 57.39 79.03 8.24
N ARG D 1594 56.97 80.01 7.43
CA ARG D 1594 57.89 80.71 6.53
C ARG D 1594 59.02 81.40 7.29
N LEU D 1595 58.73 81.93 8.47
CA LEU D 1595 59.77 82.51 9.32
C LEU D 1595 60.70 81.41 9.80
N GLU D 1596 62.01 81.65 9.63
CA GLU D 1596 63.04 80.69 10.01
C GLU D 1596 64.35 81.46 10.13
N VAL D 1597 65.40 80.72 10.45
CA VAL D 1597 66.72 81.31 10.67
C VAL D 1597 67.57 81.12 9.42
N GLN D 1598 68.54 82.02 9.23
CA GLN D 1598 69.49 81.94 8.13
C GLN D 1598 70.89 82.20 8.67
N MET D 1599 71.81 81.30 8.34
CA MET D 1599 73.23 81.51 8.57
C MET D 1599 73.88 82.05 7.31
N LEU D 1600 75.15 82.44 7.44
CA LEU D 1600 75.88 83.07 6.35
C LEU D 1600 76.77 82.05 5.65
N MET D 1601 76.46 81.78 4.38
CA MET D 1601 77.30 80.95 3.53
C MET D 1601 78.17 81.86 2.69
N PRO D 1602 79.48 81.84 2.87
CA PRO D 1602 80.34 82.79 2.16
C PRO D 1602 80.62 82.39 0.72
N VAL D 1603 80.58 81.10 0.43
CA VAL D 1603 80.86 80.59 -0.91
C VAL D 1603 79.65 79.81 -1.38
N SER D 1604 79.13 80.17 -2.56
CA SER D 1604 77.98 79.51 -3.14
C SER D 1604 78.19 79.39 -4.64
N TRP D 1605 77.45 78.52 -5.28
CA TRP D 1605 77.67 78.27 -6.70
C TRP D 1605 77.14 79.41 -7.55
N SER D 1606 77.72 79.56 -8.74
CA SER D 1606 77.32 80.61 -9.66
C SER D 1606 77.69 80.19 -11.08
N ARG D 1607 77.17 80.92 -12.05
CA ARG D 1607 77.25 80.54 -13.45
C ARG D 1607 77.87 81.63 -14.30
N MET D 1608 78.87 81.27 -15.11
CA MET D 1608 79.40 82.21 -16.09
C MET D 1608 78.37 82.45 -17.19
N PRO D 1609 78.11 83.72 -17.54
CA PRO D 1609 77.27 84.00 -18.72
C PRO D 1609 77.93 83.46 -19.98
N ASN D 1610 77.08 83.06 -20.94
CA ASN D 1610 77.57 82.47 -22.19
C ASN D 1610 78.37 83.45 -23.04
N HIS D 1611 78.27 84.75 -22.77
CA HIS D 1611 79.06 85.77 -23.46
C HIS D 1611 79.40 86.86 -22.44
N PHE D 1612 80.45 87.61 -22.75
CA PHE D 1612 80.91 88.68 -21.88
C PHE D 1612 81.08 89.95 -22.70
N LEU D 1613 81.17 91.07 -21.99
CA LEU D 1613 81.36 92.35 -22.65
C LEU D 1613 82.78 92.45 -23.22
N GLN D 1614 82.92 93.32 -24.23
CA GLN D 1614 84.19 93.55 -24.88
C GLN D 1614 84.56 95.02 -24.68
N VAL D 1615 85.69 95.26 -24.01
CA VAL D 1615 86.09 96.61 -23.63
C VAL D 1615 87.45 96.89 -24.25
N GLU D 1616 87.56 98.04 -24.92
CA GLU D 1616 88.81 98.52 -25.50
C GLU D 1616 89.44 99.50 -24.54
N THR D 1617 90.54 99.10 -23.91
CA THR D 1617 91.27 99.94 -22.97
C THR D 1617 92.68 100.14 -23.53
N ARG D 1618 93.06 101.39 -23.76
CA ARG D 1618 94.41 101.66 -24.25
C ARG D 1618 94.77 103.10 -23.96
N ARG D 1619 96.06 103.40 -24.02
CA ARG D 1619 96.53 104.76 -23.79
C ARG D 1619 96.20 105.62 -24.99
N ALA D 1620 95.26 106.55 -24.82
CA ALA D 1620 94.81 107.39 -25.93
C ALA D 1620 95.89 108.34 -26.41
N GLY D 1621 96.77 108.77 -25.51
CA GLY D 1621 97.84 109.66 -25.89
C GLY D 1621 98.51 110.24 -24.67
N GLU D 1622 99.55 111.05 -24.96
CA GLU D 1622 100.31 111.70 -23.90
C GLU D 1622 99.46 112.70 -23.13
N ARG D 1623 98.63 113.47 -23.84
CA ARG D 1623 97.74 114.46 -23.25
C ARG D 1623 96.34 113.93 -23.01
N LEU D 1624 95.84 113.10 -23.92
CA LEU D 1624 94.47 112.57 -23.82
C LEU D 1624 94.31 111.69 -22.59
N GLY D 1625 95.30 110.87 -22.30
CA GLY D 1625 95.23 109.97 -21.16
C GLY D 1625 94.96 108.55 -21.58
N TRP D 1626 94.09 107.86 -20.85
CA TRP D 1626 93.74 106.47 -21.18
C TRP D 1626 92.29 106.35 -21.59
N ALA D 1627 92.04 105.76 -22.75
CA ALA D 1627 90.69 105.67 -23.28
C ALA D 1627 90.08 104.30 -23.04
N VAL D 1628 88.77 104.32 -22.79
CA VAL D 1628 87.92 103.16 -22.55
C VAL D 1628 86.77 103.23 -23.54
N GLN D 1629 86.46 102.11 -24.19
CA GLN D 1629 85.41 102.06 -25.20
C GLN D 1629 84.64 100.75 -25.07
N CYS D 1630 83.32 100.82 -25.23
CA CYS D 1630 82.49 99.62 -25.20
C CYS D 1630 81.17 99.93 -25.88
N GLN D 1631 80.89 99.25 -27.00
CA GLN D 1631 79.75 99.59 -27.83
C GLN D 1631 78.78 98.44 -28.05
N ASP D 1632 79.26 97.21 -28.20
CA ASP D 1632 78.37 96.08 -28.47
C ASP D 1632 77.52 95.74 -27.25
N PRO D 1633 76.20 95.79 -27.34
CA PRO D 1633 75.37 95.52 -26.16
C PRO D 1633 75.19 94.04 -25.88
N LEU D 1634 75.06 93.74 -24.59
CA LEU D 1634 74.73 92.40 -24.13
C LEU D 1634 73.66 92.54 -23.06
N THR D 1635 72.50 91.94 -23.29
CA THR D 1635 71.34 92.11 -22.44
C THR D 1635 70.99 90.79 -21.77
N MET D 1636 70.76 90.84 -20.46
CA MET D 1636 70.37 89.68 -19.68
C MET D 1636 69.05 89.96 -18.98
N MET D 1637 68.27 88.91 -18.77
CA MET D 1637 66.98 89.05 -18.09
C MET D 1637 67.07 88.43 -16.71
N ALA D 1638 66.60 89.17 -15.71
CA ALA D 1638 66.87 88.88 -14.30
C ALA D 1638 65.58 88.58 -13.56
N LEU D 1639 65.66 87.61 -12.65
CA LEU D 1639 64.57 87.22 -11.77
C LEU D 1639 64.84 87.82 -10.40
N HIS D 1640 64.07 88.82 -10.01
CA HIS D 1640 64.31 89.58 -8.78
C HIS D 1640 63.45 89.03 -7.66
N ILE D 1641 64.08 88.65 -6.55
CA ILE D 1641 63.38 88.22 -5.34
C ILE D 1641 62.92 89.48 -4.62
N PRO D 1642 61.62 89.63 -4.35
CA PRO D 1642 61.12 90.88 -3.74
C PRO D 1642 61.62 91.13 -2.32
N GLU D 1643 61.44 90.15 -1.43
CA GLU D 1643 61.77 90.36 -0.03
C GLU D 1643 63.28 90.42 0.20
N GLU D 1644 64.05 89.60 -0.52
CA GLU D 1644 65.50 89.63 -0.36
C GLU D 1644 66.17 90.72 -1.18
N ASN D 1645 65.45 91.31 -2.13
CA ASN D 1645 65.90 92.42 -2.98
C ASN D 1645 67.19 92.08 -3.72
N ARG D 1646 67.29 90.83 -4.18
CA ARG D 1646 68.41 90.39 -4.99
C ARG D 1646 67.89 89.65 -6.21
N CYS D 1647 68.53 89.88 -7.34
CA CYS D 1647 68.12 89.29 -8.61
C CYS D 1647 69.17 88.30 -9.10
N MET D 1648 68.70 87.27 -9.79
CA MET D 1648 69.57 86.23 -10.32
C MET D 1648 69.08 85.85 -11.72
N ASP D 1649 70.00 85.37 -12.55
CA ASP D 1649 69.67 84.93 -13.89
C ASP D 1649 68.77 83.70 -13.81
N ILE D 1650 67.75 83.66 -14.68
CA ILE D 1650 66.87 82.49 -14.75
C ILE D 1650 67.62 81.26 -15.25
N LEU D 1651 68.71 81.45 -16.00
CA LEU D 1651 69.56 80.30 -16.38
C LEU D 1651 70.14 79.55 -15.17
N GLU D 1652 70.26 80.22 -14.02
CA GLU D 1652 70.62 79.55 -12.76
C GLU D 1652 69.54 78.55 -12.34
N LEU D 1653 68.27 78.80 -12.69
CA LEU D 1653 67.18 77.92 -12.29
C LEU D 1653 67.28 76.53 -12.91
N SER D 1654 68.08 76.37 -13.98
CA SER D 1654 68.38 75.04 -14.52
C SER D 1654 69.04 74.15 -13.48
N GLU D 1655 69.76 74.73 -12.52
CA GLU D 1655 70.26 74.01 -11.37
C GLU D 1655 69.40 74.23 -10.13
N ARG D 1656 68.74 75.38 -10.03
CA ARG D 1656 67.83 75.66 -8.92
C ARG D 1656 66.46 75.10 -9.32
N LEU D 1657 66.29 73.80 -9.08
CA LEU D 1657 65.08 73.09 -9.51
C LEU D 1657 63.82 73.58 -8.80
N ASP D 1658 63.89 73.82 -7.49
CA ASP D 1658 62.72 74.22 -6.70
C ASP D 1658 62.16 75.55 -7.21
N LEU D 1659 63.06 76.50 -7.50
CA LEU D 1659 62.67 77.76 -8.10
C LEU D 1659 62.09 77.53 -9.48
N GLN D 1660 62.66 76.59 -10.25
CA GLN D 1660 62.17 76.30 -11.60
C GLN D 1660 60.73 75.77 -11.55
N ARG D 1661 60.45 74.83 -10.64
CA ARG D 1661 59.10 74.29 -10.51
C ARG D 1661 58.12 75.37 -10.05
N PHE D 1662 58.51 76.14 -9.03
CA PHE D 1662 57.61 77.18 -8.51
C PHE D 1662 57.32 78.24 -9.58
N HIS D 1663 58.34 78.65 -10.33
CA HIS D 1663 58.14 79.66 -11.36
C HIS D 1663 57.36 79.12 -12.54
N SER D 1664 57.55 77.85 -12.89
CA SER D 1664 56.73 77.24 -13.94
C SER D 1664 55.27 77.19 -13.54
N HIS D 1665 54.99 76.83 -12.28
CA HIS D 1665 53.61 76.88 -11.79
C HIS D 1665 53.09 78.31 -11.74
N THR D 1666 53.97 79.29 -11.50
CA THR D 1666 53.58 80.69 -11.56
C THR D 1666 53.17 81.08 -12.98
N LEU D 1667 53.95 80.63 -13.97
CA LEU D 1667 53.61 80.90 -15.36
C LEU D 1667 52.30 80.23 -15.74
N ARG D 1668 52.04 79.04 -15.19
CA ARG D 1668 50.78 78.35 -15.42
C ARG D 1668 49.61 79.15 -14.87
N LEU D 1669 49.79 79.73 -13.69
CA LEU D 1669 48.77 80.60 -13.11
C LEU D 1669 48.56 81.85 -13.97
N TYR D 1670 49.65 82.38 -14.53
CA TYR D 1670 49.55 83.52 -15.44
C TYR D 1670 48.74 83.17 -16.69
N ARG D 1671 48.97 81.97 -17.25
CA ARG D 1671 48.15 81.51 -18.37
C ARG D 1671 46.75 81.11 -17.96
N ALA D 1672 46.49 81.00 -16.65
CA ALA D 1672 45.17 80.63 -16.17
C ALA D 1672 44.28 81.86 -15.99
N VAL D 1673 44.80 82.90 -15.34
CA VAL D 1673 44.01 84.09 -15.06
C VAL D 1673 43.63 84.82 -16.35
N CYS D 1674 44.50 84.81 -17.35
CA CYS D 1674 44.25 85.47 -18.62
C CYS D 1674 43.57 84.57 -19.64
N ALA D 1675 43.23 83.35 -19.26
CA ALA D 1675 42.62 82.41 -20.20
C ALA D 1675 41.18 82.76 -20.49
N LEU D 1676 40.72 82.28 -21.66
CA LEU D 1676 39.34 82.34 -22.12
C LEU D 1676 38.85 83.79 -22.27
N GLY D 1677 39.59 84.56 -23.07
CA GLY D 1677 39.16 85.88 -23.50
C GLY D 1677 39.18 86.97 -22.46
N ASN D 1678 39.80 86.75 -21.31
CA ASN D 1678 39.88 87.77 -20.26
C ASN D 1678 40.97 88.79 -20.64
N ASN D 1679 40.67 89.58 -21.67
CA ASN D 1679 41.65 90.50 -22.23
C ASN D 1679 42.00 91.62 -21.26
N ARG D 1680 41.10 91.97 -20.34
CA ARG D 1680 41.42 92.98 -19.33
C ARG D 1680 42.56 92.51 -18.43
N VAL D 1681 42.49 91.25 -17.99
CA VAL D 1681 43.58 90.67 -17.21
C VAL D 1681 44.81 90.48 -18.10
N ALA D 1682 44.62 90.17 -19.39
CA ALA D 1682 45.76 90.02 -20.28
C ALA D 1682 46.53 91.33 -20.43
N HIS D 1683 45.80 92.44 -20.58
CA HIS D 1683 46.40 93.76 -20.61
C HIS D 1683 47.07 94.09 -19.28
N ALA D 1684 46.45 93.67 -18.16
CA ALA D 1684 47.07 93.89 -16.86
C ALA D 1684 48.38 93.13 -16.75
N LEU D 1685 48.40 91.89 -17.25
CA LEU D 1685 49.59 91.05 -17.20
C LEU D 1685 50.70 91.57 -18.11
N CYS D 1686 50.34 92.38 -19.13
CA CYS D 1686 51.35 92.96 -20.00
C CYS D 1686 52.30 93.90 -19.26
N SER D 1687 51.88 94.45 -18.13
CA SER D 1687 52.78 95.25 -17.31
C SER D 1687 53.81 94.36 -16.62
N HIS D 1688 53.35 93.24 -16.06
CA HIS D 1688 54.23 92.34 -15.32
C HIS D 1688 55.23 91.66 -16.24
N VAL D 1689 54.76 91.14 -17.36
CA VAL D 1689 55.65 90.60 -18.39
C VAL D 1689 55.49 91.42 -19.67
N ASP D 1690 56.59 92.00 -20.13
CA ASP D 1690 56.54 92.94 -21.23
C ASP D 1690 56.76 92.24 -22.57
N GLN D 1691 56.54 93.00 -23.64
CA GLN D 1691 56.80 92.52 -24.99
C GLN D 1691 58.27 92.16 -25.17
N ALA D 1692 59.17 93.00 -24.65
CA ALA D 1692 60.60 92.72 -24.73
C ALA D 1692 60.94 91.45 -23.96
N GLN D 1693 60.32 91.27 -22.79
CA GLN D 1693 60.57 90.09 -21.96
C GLN D 1693 60.17 88.83 -22.69
N LEU D 1694 58.98 88.85 -23.33
CA LEU D 1694 58.51 87.69 -24.07
C LEU D 1694 59.40 87.39 -25.27
N LEU D 1695 59.74 88.43 -26.06
CA LEU D 1695 60.56 88.21 -27.26
C LEU D 1695 61.94 87.66 -26.90
N HIS D 1696 62.56 88.22 -25.85
CA HIS D 1696 63.85 87.71 -25.40
C HIS D 1696 63.72 86.28 -24.90
N ALA D 1697 62.64 85.97 -24.16
CA ALA D 1697 62.48 84.61 -23.67
C ALA D 1697 62.26 83.64 -24.83
N LEU D 1698 61.65 84.12 -25.93
CA LEU D 1698 61.52 83.28 -27.11
C LEU D 1698 62.88 82.99 -27.71
N GLU D 1699 63.74 84.01 -27.77
CA GLU D 1699 65.01 83.84 -28.48
C GLU D 1699 66.12 83.27 -27.62
N ASP D 1700 65.93 83.14 -26.31
CA ASP D 1700 66.98 82.62 -25.44
C ASP D 1700 67.05 81.11 -25.63
N ALA D 1701 68.21 80.62 -26.07
CA ALA D 1701 68.37 79.20 -26.34
C ALA D 1701 68.89 78.43 -25.13
N HIS D 1702 69.28 79.11 -24.05
CA HIS D 1702 69.79 78.43 -22.87
C HIS D 1702 68.76 78.25 -21.78
N LEU D 1703 67.51 78.66 -22.02
CA LEU D 1703 66.47 78.53 -21.01
C LEU D 1703 66.13 77.06 -20.79
N PRO D 1704 65.68 76.70 -19.58
CA PRO D 1704 65.21 75.33 -19.35
C PRO D 1704 63.93 75.05 -20.12
N GLY D 1705 63.57 73.77 -20.07
CA GLY D 1705 62.46 73.22 -20.83
C GLY D 1705 61.10 73.74 -20.45
N PRO D 1706 60.62 73.40 -19.24
CA PRO D 1706 59.28 73.84 -18.82
C PRO D 1706 59.12 75.35 -18.82
N LEU D 1707 60.15 76.09 -18.42
CA LEU D 1707 60.07 77.54 -18.41
C LEU D 1707 59.97 78.09 -19.82
N ARG D 1708 60.74 77.52 -20.76
CA ARG D 1708 60.66 77.94 -22.17
C ARG D 1708 59.28 77.67 -22.76
N ALA D 1709 58.74 76.47 -22.50
CA ALA D 1709 57.41 76.13 -22.97
C ALA D 1709 56.34 77.00 -22.33
N GLY D 1710 56.50 77.29 -21.03
CA GLY D 1710 55.56 78.13 -20.33
C GLY D 1710 55.54 79.54 -20.89
N TYR D 1711 56.71 80.11 -21.16
CA TYR D 1711 56.78 81.46 -21.73
C TYR D 1711 56.16 81.52 -23.12
N TYR D 1712 56.44 80.52 -23.97
CA TYR D 1712 55.83 80.48 -25.31
C TYR D 1712 54.32 80.37 -25.25
N ASP D 1713 53.82 79.47 -24.40
CA ASP D 1713 52.39 79.29 -24.21
C ASP D 1713 51.78 80.55 -23.61
N LEU D 1714 52.51 81.20 -22.69
CA LEU D 1714 52.05 82.43 -22.07
C LEU D 1714 51.89 83.53 -23.10
N LEU D 1715 52.83 83.62 -24.05
CA LEU D 1715 52.72 84.63 -25.11
C LEU D 1715 51.48 84.38 -25.95
N ILE D 1716 51.19 83.11 -26.24
CA ILE D 1716 49.98 82.75 -26.98
C ILE D 1716 48.74 83.14 -26.18
N SER D 1717 48.76 82.87 -24.87
CA SER D 1717 47.61 83.18 -24.01
C SER D 1717 47.38 84.69 -23.89
N ILE D 1718 48.45 85.48 -23.79
CA ILE D 1718 48.31 86.92 -23.63
C ILE D 1718 47.79 87.54 -24.92
N HIS D 1719 48.32 87.14 -26.07
CA HIS D 1719 48.04 87.91 -27.28
C HIS D 1719 47.17 87.21 -28.29
N LEU D 1720 47.19 85.89 -28.35
CA LEU D 1720 46.65 85.21 -29.53
C LEU D 1720 45.32 84.51 -29.32
N GLU D 1721 45.09 83.89 -28.15
CA GLU D 1721 43.98 82.94 -27.96
C GLU D 1721 42.60 83.56 -28.15
N SER D 1722 42.40 84.81 -27.70
CA SER D 1722 41.09 85.46 -27.80
C SER D 1722 40.68 85.64 -29.26
N ALA D 1723 41.60 86.10 -30.09
CA ALA D 1723 41.30 86.24 -31.51
C ALA D 1723 41.34 84.89 -32.22
N CYS D 1724 42.21 83.99 -31.76
CA CYS D 1724 42.40 82.69 -32.41
C CYS D 1724 41.14 81.84 -32.31
N ARG D 1725 40.54 81.78 -31.12
CA ARG D 1725 39.37 80.94 -30.90
C ARG D 1725 38.20 81.39 -31.78
N SER D 1726 37.94 82.69 -31.80
CA SER D 1726 36.86 83.25 -32.61
C SER D 1726 37.13 83.04 -34.10
N ARG D 1727 38.36 83.26 -34.55
CA ARG D 1727 38.66 83.06 -35.96
C ARG D 1727 38.57 81.58 -36.32
N ARG D 1728 38.99 80.70 -35.40
CA ARG D 1728 38.92 79.26 -35.62
C ARG D 1728 37.48 78.83 -35.78
N SER D 1729 36.60 79.38 -34.95
CA SER D 1729 35.17 79.09 -35.06
C SER D 1729 34.63 79.58 -36.38
N MET D 1730 35.10 80.75 -36.85
CA MET D 1730 34.63 81.25 -38.14
C MET D 1730 35.21 80.48 -39.33
N LEU D 1731 36.25 79.68 -39.13
CA LEU D 1731 36.74 78.81 -40.21
C LEU D 1731 35.78 77.70 -40.59
N SER D 1732 34.80 77.38 -39.74
CA SER D 1732 33.85 76.33 -40.05
C SER D 1732 32.73 76.78 -40.97
N GLU D 1733 32.58 78.08 -41.20
CA GLU D 1733 31.55 78.62 -42.07
C GLU D 1733 32.21 79.31 -43.26
N TYR D 1734 31.55 79.23 -44.41
CA TYR D 1734 32.13 79.67 -45.69
C TYR D 1734 31.10 80.51 -46.42
N ILE D 1735 31.15 81.81 -46.18
CA ILE D 1735 30.30 82.78 -46.85
C ILE D 1735 31.10 83.37 -48.00
N VAL D 1736 30.61 83.16 -49.22
CA VAL D 1736 31.36 83.51 -50.42
C VAL D 1736 30.69 84.72 -51.08
N PRO D 1737 31.29 85.90 -51.02
CA PRO D 1737 30.75 87.04 -51.76
C PRO D 1737 30.93 86.89 -53.26
N LEU D 1738 30.06 87.54 -54.02
CA LEU D 1738 30.12 87.52 -55.48
C LEU D 1738 31.05 88.66 -55.93
N THR D 1739 32.33 88.36 -56.04
CA THR D 1739 33.35 89.34 -56.37
C THR D 1739 34.18 88.85 -57.55
N PRO D 1740 34.79 89.76 -58.32
CA PRO D 1740 35.62 89.32 -59.46
C PRO D 1740 36.78 88.40 -59.10
N GLU D 1741 37.43 88.63 -57.95
CA GLU D 1741 38.48 87.71 -57.54
C GLU D 1741 37.92 86.33 -57.20
N THR D 1742 36.69 86.28 -56.67
CA THR D 1742 36.00 84.99 -56.48
C THR D 1742 35.78 84.35 -57.84
N ARG D 1743 35.40 85.16 -58.84
CA ARG D 1743 35.17 84.62 -60.19
CA ARG D 1743 35.17 84.62 -60.18
C ARG D 1743 36.46 84.03 -60.75
N ALA D 1744 37.57 84.73 -60.53
CA ALA D 1744 38.88 84.31 -61.01
C ALA D 1744 39.42 83.09 -60.26
N ILE D 1745 38.82 82.72 -59.13
CA ILE D 1745 39.28 81.52 -58.40
C ILE D 1745 39.01 80.28 -59.25
N THR D 1746 40.05 79.51 -59.52
CA THR D 1746 39.94 78.28 -60.28
C THR D 1746 40.42 77.12 -59.43
N LEU D 1747 39.91 75.92 -59.75
CA LEU D 1747 40.31 74.71 -59.02
C LEU D 1747 41.80 74.42 -59.17
N PHE D 1748 42.32 74.55 -60.36
CA PHE D 1748 43.74 74.32 -60.55
C PHE D 1748 44.42 75.61 -60.97
N PRO D 1749 45.69 75.80 -60.60
CA PRO D 1749 46.46 76.92 -61.16
C PRO D 1749 46.69 76.72 -62.64
N PRO D 1750 46.93 77.82 -63.41
CA PRO D 1750 47.14 77.68 -64.87
C PRO D 1750 48.35 76.81 -65.22
N GLY D 1751 48.07 75.68 -65.85
CA GLY D 1751 49.09 74.74 -66.23
C GLY D 1751 48.65 73.93 -67.43
N ARG D 1752 49.55 73.08 -67.91
CA ARG D 1752 49.29 72.26 -69.09
C ARG D 1752 49.80 70.83 -68.92
N LYS D 1753 50.19 70.44 -67.71
CA LYS D 1753 50.76 69.11 -67.46
C LYS D 1753 49.74 68.01 -67.73
N GLY D 1754 48.49 68.20 -67.29
CA GLY D 1754 47.47 67.19 -67.49
C GLY D 1754 46.12 67.78 -67.85
N GLY D 1755 45.54 67.33 -68.96
CA GLY D 1755 44.24 67.83 -69.39
C GLY D 1755 43.11 67.51 -68.43
N ASN D 1756 43.08 66.28 -67.92
CA ASN D 1756 42.08 65.91 -66.92
C ASN D 1756 42.32 66.63 -65.60
N ALA D 1757 43.59 66.77 -65.21
CA ALA D 1757 43.94 67.45 -63.98
C ALA D 1757 45.40 67.89 -64.07
N ARG D 1758 45.66 69.14 -63.72
CA ARG D 1758 47.02 69.66 -63.66
C ARG D 1758 47.67 69.22 -62.35
N ARG D 1759 48.84 69.77 -62.06
CA ARG D 1759 49.46 69.52 -60.78
C ARG D 1759 48.70 70.28 -59.70
N HIS D 1760 48.55 69.65 -58.52
CA HIS D 1760 47.84 70.25 -57.41
C HIS D 1760 48.48 71.56 -56.97
N GLY D 1761 47.66 72.55 -56.71
CA GLY D 1761 48.16 73.83 -56.23
C GLY D 1761 48.71 73.74 -54.83
N LEU D 1762 49.48 74.75 -54.47
CA LEU D 1762 50.12 74.80 -53.17
C LEU D 1762 49.08 75.12 -52.11
N PRO D 1763 48.89 74.26 -51.10
CA PRO D 1763 47.87 74.52 -50.08
C PRO D 1763 48.21 75.75 -49.26
N GLY D 1764 47.18 76.49 -48.87
CA GLY D 1764 47.36 77.70 -48.09
C GLY D 1764 47.93 78.88 -48.85
N VAL D 1765 48.17 78.74 -50.15
CA VAL D 1765 48.74 79.80 -50.98
C VAL D 1765 47.73 80.14 -52.07
N GLY D 1766 47.41 81.42 -52.19
CA GLY D 1766 46.45 81.85 -53.18
C GLY D 1766 45.54 82.92 -52.63
N VAL D 1767 44.30 82.94 -53.12
CA VAL D 1767 43.30 83.90 -52.68
C VAL D 1767 42.16 83.15 -52.00
N THR D 1768 41.78 83.61 -50.82
CA THR D 1768 40.66 83.05 -50.07
C THR D 1768 39.68 84.19 -49.81
N THR D 1769 38.50 84.10 -50.42
CA THR D 1769 37.50 85.15 -50.32
C THR D 1769 36.47 84.91 -49.24
N SER D 1770 36.61 83.83 -48.45
CA SER D 1770 35.71 83.56 -47.34
C SER D 1770 35.73 84.70 -46.34
N LEU D 1771 34.54 85.16 -45.95
CA LEU D 1771 34.40 86.34 -45.12
C LEU D 1771 34.90 86.02 -43.71
N ARG D 1772 36.09 86.52 -43.39
CA ARG D 1772 36.71 86.31 -42.09
C ARG D 1772 36.79 87.63 -41.35
N PRO D 1773 36.13 87.76 -40.21
CA PRO D 1773 36.13 89.03 -39.46
C PRO D 1773 37.53 89.43 -39.02
N PRO D 1774 37.83 90.72 -39.04
CA PRO D 1774 39.15 91.19 -38.59
C PRO D 1774 39.28 91.07 -37.07
N HIS D 1775 40.53 91.02 -36.63
CA HIS D 1775 40.82 90.90 -35.21
C HIS D 1775 40.66 92.26 -34.54
N HIS D 1776 40.60 92.24 -33.21
CA HIS D 1776 40.59 93.46 -32.40
C HIS D 1776 41.88 93.51 -31.59
N PHE D 1777 42.78 94.41 -31.98
CA PHE D 1777 44.05 94.61 -31.29
C PHE D 1777 44.14 96.03 -30.78
N SER D 1778 44.30 96.16 -29.47
CA SER D 1778 44.49 97.42 -28.79
C SER D 1778 45.91 97.48 -28.28
N PRO D 1779 46.69 98.49 -28.67
CA PRO D 1779 48.04 98.64 -28.11
C PRO D 1779 47.95 98.86 -26.62
N PRO D 1780 48.68 98.08 -25.83
CA PRO D 1780 48.56 98.21 -24.37
C PRO D 1780 49.16 99.50 -23.83
N CYS D 1781 48.29 100.43 -23.46
CA CYS D 1781 48.70 101.70 -22.88
C CYS D 1781 48.20 101.72 -21.44
N PHE D 1782 49.12 101.94 -20.51
CA PHE D 1782 48.81 101.91 -19.09
C PHE D 1782 48.75 103.29 -18.47
N VAL D 1783 49.44 104.27 -19.06
CA VAL D 1783 49.42 105.63 -18.54
C VAL D 1783 48.13 106.37 -18.86
N ALA D 1784 47.29 105.81 -19.72
CA ALA D 1784 46.01 106.42 -20.03
C ALA D 1784 45.12 106.43 -18.79
N ALA D 1785 44.30 107.47 -18.68
CA ALA D 1785 43.43 107.64 -17.53
C ALA D 1785 42.40 106.53 -17.46
N LEU D 1786 42.09 106.09 -16.24
CA LEU D 1786 41.08 105.07 -16.03
C LEU D 1786 39.72 105.63 -16.42
N PRO D 1787 38.92 104.89 -17.19
CA PRO D 1787 37.60 105.40 -17.60
C PRO D 1787 36.68 105.67 -16.42
N ALA D 1788 35.92 106.76 -16.53
CA ALA D 1788 34.95 107.11 -15.51
C ALA D 1788 33.64 106.34 -15.67
N ALA D 1789 33.48 105.64 -16.78
CA ALA D 1789 32.27 104.85 -17.02
C ALA D 1789 32.19 103.68 -16.05
N GLY D 1790 30.97 103.32 -15.69
CA GLY D 1790 30.75 102.22 -14.79
C GLY D 1790 30.92 100.87 -15.46
N VAL D 1791 31.03 99.83 -14.63
CA VAL D 1791 31.15 98.47 -15.12
C VAL D 1791 29.85 98.03 -15.78
N ALA D 1792 29.94 96.97 -16.60
CA ALA D 1792 28.87 96.37 -17.42
C ALA D 1792 28.35 97.27 -18.51
N GLU D 1793 28.96 98.43 -18.73
CA GLU D 1793 28.61 99.36 -19.79
C GLU D 1793 29.82 99.73 -20.65
N ALA D 1794 31.01 99.83 -20.06
CA ALA D 1794 32.22 100.10 -20.81
C ALA D 1794 32.54 98.94 -21.76
N PRO D 1795 33.05 99.23 -22.95
CA PRO D 1795 33.41 98.17 -23.91
C PRO D 1795 34.49 97.23 -23.39
N ALA D 1796 34.34 95.95 -23.74
CA ALA D 1796 35.28 94.92 -23.34
C ALA D 1796 36.65 95.17 -23.97
N ARG D 1797 37.70 94.86 -23.20
CA ARG D 1797 39.07 95.03 -23.66
C ARG D 1797 39.37 94.10 -24.84
N LEU D 1798 40.19 94.60 -25.76
CA LEU D 1798 40.57 93.84 -26.94
C LEU D 1798 41.94 93.20 -26.71
N SER D 1799 42.40 92.43 -27.70
CA SER D 1799 43.68 91.71 -27.55
C SER D 1799 44.85 92.68 -27.51
N PRO D 1800 45.78 92.52 -26.57
CA PRO D 1800 47.01 93.34 -26.55
C PRO D 1800 47.82 93.17 -27.83
N ALA D 1801 48.10 94.29 -28.49
CA ALA D 1801 48.78 94.24 -29.79
C ALA D 1801 50.23 93.82 -29.63
N ILE D 1802 50.78 93.27 -30.72
CA ILE D 1802 52.15 92.77 -30.80
C ILE D 1802 52.52 92.62 -32.27
N PRO D 1803 53.75 93.01 -32.71
CA PRO D 1803 54.11 92.88 -34.13
C PRO D 1803 54.17 91.45 -34.63
N LEU D 1804 53.22 91.12 -35.49
CA LEU D 1804 53.11 89.77 -36.02
C LEU D 1804 53.86 89.61 -37.32
N GLU D 1805 54.03 90.70 -38.08
CA GLU D 1805 54.81 90.65 -39.31
C GLU D 1805 56.26 90.31 -39.01
N ALA D 1806 56.82 90.91 -37.95
CA ALA D 1806 58.15 90.53 -37.48
C ALA D 1806 58.14 89.22 -36.71
N LEU D 1807 57.04 88.94 -35.99
CA LEU D 1807 56.96 87.70 -35.21
C LEU D 1807 57.00 86.47 -36.10
N ARG D 1808 56.29 86.49 -37.23
CA ARG D 1808 56.32 85.35 -38.15
C ARG D 1808 57.71 85.16 -38.78
N ASP D 1809 58.45 86.25 -39.02
CA ASP D 1809 59.82 86.13 -39.50
C ASP D 1809 60.71 85.48 -38.46
N LYS D 1810 60.51 85.87 -37.20
CA LYS D 1810 61.23 85.23 -36.09
C LYS D 1810 60.91 83.76 -36.00
N ALA D 1811 59.62 83.40 -36.18
CA ALA D 1811 59.19 82.01 -36.12
C ALA D 1811 59.83 81.19 -37.23
N LEU D 1812 59.87 81.74 -38.45
CA LEU D 1812 60.50 81.07 -39.59
C LEU D 1812 61.98 80.84 -39.33
N ARG D 1813 62.66 81.85 -38.79
CA ARG D 1813 64.09 81.73 -38.52
C ARG D 1813 64.35 80.67 -37.45
N MET D 1814 63.50 80.64 -36.42
CA MET D 1814 63.64 79.69 -35.33
C MET D 1814 63.47 78.27 -35.82
N LEU D 1815 62.38 78.01 -36.55
CA LEU D 1815 62.13 76.65 -37.02
C LEU D 1815 63.17 76.21 -38.04
N GLY D 1816 63.69 77.14 -38.87
CA GLY D 1816 64.77 76.80 -39.78
C GLY D 1816 66.03 76.37 -39.06
N GLU D 1817 66.38 77.10 -37.99
CA GLU D 1817 67.51 76.71 -37.14
C GLU D 1817 67.26 75.38 -36.47
N ALA D 1818 66.04 75.15 -35.98
CA ALA D 1818 65.72 73.88 -35.32
C ALA D 1818 65.81 72.71 -36.29
N VAL D 1819 65.36 72.92 -37.54
CA VAL D 1819 65.41 71.88 -38.58
C VAL D 1819 66.85 71.51 -38.90
N ARG D 1820 67.70 72.53 -39.10
CA ARG D 1820 69.09 72.18 -39.37
C ARG D 1820 69.83 71.69 -38.13
N ASP D 1821 69.40 72.07 -36.92
CA ASP D 1821 69.98 71.48 -35.72
C ASP D 1821 69.61 70.01 -35.60
N GLY D 1822 68.40 69.67 -36.04
CA GLY D 1822 67.98 68.28 -36.11
C GLY D 1822 68.86 67.52 -37.08
N GLY D 1823 69.22 68.14 -38.19
CA GLY D 1823 70.16 67.52 -39.10
C GLY D 1823 71.56 67.40 -38.51
N GLN D 1824 71.93 68.31 -37.60
CA GLN D 1824 73.20 68.16 -36.88
C GLN D 1824 73.17 67.00 -35.91
N HIS D 1825 71.98 66.67 -35.37
CA HIS D 1825 71.77 65.63 -34.35
C HIS D 1825 72.65 65.88 -33.13
N ALA D 1826 72.70 67.14 -32.71
CA ALA D 1826 73.51 67.57 -31.58
C ALA D 1826 73.04 66.93 -30.28
N ARG D 1827 74.00 66.67 -29.40
CA ARG D 1827 73.73 66.08 -28.09
C ARG D 1827 73.24 67.09 -27.07
N ASP D 1828 73.05 68.35 -27.45
CA ASP D 1828 72.55 69.39 -26.54
C ASP D 1828 71.36 70.11 -27.17
N PRO D 1829 70.18 69.48 -27.20
CA PRO D 1829 69.00 70.17 -27.74
C PRO D 1829 68.59 71.36 -26.89
N VAL D 1830 68.02 72.37 -27.56
CA VAL D 1830 67.54 73.57 -26.88
C VAL D 1830 66.43 73.20 -25.90
N GLY D 1831 66.60 73.60 -24.64
CA GLY D 1831 65.68 73.20 -23.61
C GLY D 1831 65.97 71.85 -23.02
N GLY D 1832 66.98 71.14 -23.52
CA GLY D 1832 67.39 69.86 -22.99
C GLY D 1832 66.71 68.66 -23.59
N SER D 1833 65.68 68.85 -24.41
CA SER D 1833 65.02 67.71 -25.04
C SER D 1833 64.49 68.14 -26.40
N VAL D 1834 64.25 67.15 -27.25
CA VAL D 1834 63.73 67.38 -28.60
C VAL D 1834 62.34 67.99 -28.52
N GLU D 1835 61.49 67.43 -27.66
CA GLU D 1835 60.11 67.91 -27.55
C GLU D 1835 60.07 69.34 -27.03
N PHE D 1836 60.91 69.67 -26.05
CA PHE D 1836 61.01 71.06 -25.60
C PHE D 1836 61.62 71.95 -26.67
N GLN D 1837 62.42 71.39 -27.59
CA GLN D 1837 63.00 72.17 -28.68
C GLN D 1837 62.00 72.41 -29.81
N PHE D 1838 60.94 71.62 -29.90
CA PHE D 1838 60.06 71.73 -31.06
C PHE D 1838 58.61 72.07 -30.75
N VAL D 1839 58.02 71.50 -29.69
CA VAL D 1839 56.59 71.69 -29.41
C VAL D 1839 56.16 73.15 -29.23
N PRO D 1840 56.82 73.98 -28.38
CA PRO D 1840 56.37 75.40 -28.29
C PRO D 1840 56.49 76.18 -29.58
N VAL D 1841 57.51 75.89 -30.39
CA VAL D 1841 57.68 76.57 -31.67
C VAL D 1841 56.56 76.17 -32.62
N LEU D 1842 56.25 74.88 -32.69
CA LEU D 1842 55.19 74.41 -33.58
C LEU D 1842 53.84 74.93 -33.13
N LYS D 1843 53.62 75.03 -31.82
CA LYS D 1843 52.38 75.60 -31.31
C LYS D 1843 52.22 77.06 -31.74
N LEU D 1844 53.31 77.83 -31.66
CA LEU D 1844 53.28 79.22 -32.10
C LEU D 1844 53.00 79.33 -33.60
N VAL D 1845 53.66 78.48 -34.41
CA VAL D 1845 53.42 78.49 -35.85
C VAL D 1845 52.00 78.06 -36.17
N SER D 1846 51.46 77.11 -35.39
CA SER D 1846 50.09 76.65 -35.56
C SER D 1846 49.10 77.79 -35.34
N THR D 1847 49.29 78.51 -34.24
CA THR D 1847 48.39 79.61 -33.91
C THR D 1847 48.48 80.72 -34.96
N LEU D 1848 49.70 81.10 -35.36
CA LEU D 1848 49.85 82.13 -36.39
C LEU D 1848 49.27 81.69 -37.73
N LEU D 1849 49.35 80.39 -38.02
CA LEU D 1849 48.73 79.83 -39.22
C LEU D 1849 47.22 80.00 -39.15
N VAL D 1850 46.65 79.78 -37.96
CA VAL D 1850 45.22 79.95 -37.78
C VAL D 1850 44.84 81.41 -38.00
N MET D 1851 45.66 82.34 -37.48
CA MET D 1851 45.40 83.76 -37.72
C MET D 1851 45.60 84.15 -39.18
N GLY D 1852 46.30 83.33 -39.97
CA GLY D 1852 46.63 83.71 -41.33
C GLY D 1852 47.57 84.87 -41.45
N ILE D 1853 48.52 85.00 -40.52
CA ILE D 1853 49.50 86.08 -40.60
C ILE D 1853 50.44 85.88 -41.77
N PHE D 1854 50.82 84.63 -42.06
CA PHE D 1854 51.82 84.33 -43.08
C PHE D 1854 51.35 84.73 -44.47
N GLY D 1855 52.29 85.25 -45.26
CA GLY D 1855 52.04 85.50 -46.67
C GLY D 1855 52.21 84.24 -47.48
N ASP D 1856 52.11 84.41 -48.80
CA ASP D 1856 52.23 83.29 -49.72
C ASP D 1856 53.62 82.67 -49.68
N GLU D 1857 54.66 83.51 -49.74
CA GLU D 1857 56.02 82.99 -49.70
C GLU D 1857 56.34 82.41 -48.33
N ASP D 1858 55.79 82.99 -47.27
CA ASP D 1858 56.00 82.45 -45.92
C ASP D 1858 55.44 81.04 -45.82
N VAL D 1859 54.24 80.82 -46.37
CA VAL D 1859 53.67 79.48 -46.39
C VAL D 1859 54.52 78.55 -47.27
N LYS D 1860 55.08 79.08 -48.37
CA LYS D 1860 55.94 78.28 -49.24
C LYS D 1860 57.17 77.79 -48.49
N GLN D 1861 57.78 78.68 -47.69
CA GLN D 1861 58.93 78.30 -46.88
C GLN D 1861 58.53 77.25 -45.85
N ILE D 1862 57.36 77.43 -45.22
CA ILE D 1862 56.89 76.45 -44.23
C ILE D 1862 56.75 75.07 -44.86
N LEU D 1863 56.20 75.01 -46.07
CA LEU D 1863 56.13 73.75 -46.80
C LEU D 1863 57.51 73.19 -47.12
N LYS D 1864 58.47 74.06 -47.45
CA LYS D 1864 59.83 73.59 -47.70
C LYS D 1864 60.45 72.96 -46.46
N MET D 1865 60.32 73.61 -45.31
CA MET D 1865 60.81 73.01 -44.07
C MET D 1865 59.98 71.82 -43.59
N ILE D 1866 58.74 71.68 -44.03
CA ILE D 1866 57.97 70.47 -43.71
C ILE D 1866 58.42 69.31 -44.58
N GLU D 1867 58.40 69.48 -45.89
CA GLU D 1867 58.95 68.51 -46.82
C GLU D 1867 59.35 69.23 -48.10
N PRO D 1868 60.65 69.41 -48.34
CA PRO D 1868 61.11 70.21 -49.48
C PRO D 1868 60.82 69.62 -50.85
N GLU D 1869 61.20 68.35 -51.08
CA GLU D 1869 61.16 67.77 -52.42
C GLU D 1869 59.73 67.61 -52.94
N VAL D 1870 58.78 67.27 -52.06
CA VAL D 1870 57.39 67.12 -52.48
C VAL D 1870 56.81 68.48 -52.87
N PHE D 1871 57.21 69.52 -52.16
CA PHE D 1871 56.62 70.86 -52.32
C PHE D 1871 57.45 71.77 -53.19
N THR D 1872 58.10 71.22 -54.22
CA THR D 1872 58.80 72.04 -55.21
C THR D 1872 57.88 72.28 -56.39
N GLU D 1873 57.73 73.55 -56.76
CA GLU D 1873 56.84 73.97 -57.83
C GLU D 1873 57.64 74.31 -59.09
N GLU D 1874 57.03 74.04 -60.25
CA GLU D 1874 57.63 74.34 -61.54
C GLU D 1874 56.55 74.28 -62.63
N LEU D 1922 71.38 69.88 -43.29
CA LEU D 1922 70.56 68.83 -43.87
C LEU D 1922 69.26 69.39 -44.46
N GLU D 1923 69.16 69.33 -45.78
CA GLU D 1923 67.97 69.82 -46.49
C GLU D 1923 66.87 68.75 -46.57
N GLU D 1924 66.57 68.15 -45.43
CA GLU D 1924 65.52 67.15 -45.30
C GLU D 1924 64.42 67.68 -44.40
N GLY D 1925 63.18 67.36 -44.74
CA GLY D 1925 62.04 67.86 -43.99
C GLY D 1925 61.98 67.30 -42.58
N LEU D 1926 61.10 67.93 -41.79
CA LEU D 1926 60.90 67.55 -40.40
C LEU D 1926 60.38 66.13 -40.22
N LEU D 1927 59.71 65.57 -41.22
CA LEU D 1927 59.00 64.32 -41.04
C LEU D 1927 59.89 63.09 -40.99
N GLN D 1928 61.17 63.21 -41.29
CA GLN D 1928 62.08 62.08 -41.26
C GLN D 1928 63.05 62.13 -40.09
N MET D 1929 62.76 62.95 -39.08
CA MET D 1929 63.67 63.15 -37.96
C MET D 1929 63.27 62.36 -36.71
N LYS D 1930 62.36 61.38 -36.83
CA LYS D 1930 61.84 60.47 -35.79
C LYS D 1930 61.53 61.18 -34.46
N LEU D 1931 60.58 62.09 -34.54
CA LEU D 1931 60.22 62.98 -33.45
C LEU D 1931 59.49 62.23 -32.33
N PRO D 1932 59.44 62.79 -31.12
CA PRO D 1932 58.55 62.25 -30.08
C PRO D 1932 57.07 62.53 -30.38
N GLU D 1933 56.23 61.88 -29.58
CA GLU D 1933 54.78 61.86 -29.78
C GLU D 1933 54.15 63.24 -29.67
N SER D 1934 54.61 64.07 -28.72
CA SER D 1934 54.05 65.40 -28.55
C SER D 1934 54.28 66.25 -29.80
N VAL D 1935 55.48 66.13 -30.37
CA VAL D 1935 55.80 66.82 -31.61
C VAL D 1935 54.93 66.26 -32.73
N LYS D 1936 54.70 64.94 -32.73
CA LYS D 1936 53.79 64.35 -33.73
C LYS D 1936 52.39 64.92 -33.63
N LEU D 1937 51.92 65.18 -32.41
CA LEU D 1937 50.61 65.79 -32.18
C LEU D 1937 50.56 67.20 -32.77
N GLN D 1938 51.62 67.97 -32.54
CA GLN D 1938 51.64 69.31 -33.14
C GLN D 1938 51.82 69.24 -34.64
N MET D 1939 52.50 68.20 -35.14
CA MET D 1939 52.65 68.01 -36.58
C MET D 1939 51.29 67.77 -37.22
N CYS D 1940 50.44 66.99 -36.53
CA CYS D 1940 49.08 66.74 -37.00
C CYS D 1940 48.30 68.05 -37.05
N ASN D 1941 48.50 68.90 -36.03
CA ASN D 1941 47.83 70.19 -36.01
C ASN D 1941 48.30 71.07 -37.16
N LEU D 1942 49.59 70.95 -37.55
CA LEU D 1942 50.08 71.66 -38.73
C LEU D 1942 49.41 71.17 -40.02
N LEU D 1943 49.29 69.84 -40.16
CA LEU D 1943 48.76 69.26 -41.39
C LEU D 1943 47.28 69.55 -41.58
N GLU D 1944 46.50 69.48 -40.50
CA GLU D 1944 45.04 69.62 -40.62
C GLU D 1944 44.65 71.01 -41.13
N TYR D 1945 45.45 72.04 -40.81
CA TYR D 1945 45.17 73.38 -41.32
C TYR D 1945 45.26 73.43 -42.84
N PHE D 1946 46.29 72.80 -43.41
CA PHE D 1946 46.42 72.74 -44.86
C PHE D 1946 45.31 71.91 -45.49
N CYS D 1947 44.88 70.85 -44.82
CA CYS D 1947 43.70 70.10 -45.28
C CYS D 1947 42.45 70.98 -45.30
N ASP D 1948 42.28 71.80 -44.26
CA ASP D 1948 41.17 72.76 -44.23
C ASP D 1948 41.28 73.79 -45.35
N GLN D 1949 42.49 74.27 -45.61
CA GLN D 1949 42.71 75.24 -46.69
C GLN D 1949 42.38 74.64 -48.05
N GLU D 1950 42.74 73.38 -48.27
CA GLU D 1950 42.35 72.67 -49.48
C GLU D 1950 40.83 72.56 -49.60
N LEU D 1951 40.16 72.24 -48.49
CA LEU D 1951 38.70 72.14 -48.48
C LEU D 1951 38.05 73.47 -48.84
N GLN D 1952 38.55 74.56 -48.24
CA GLN D 1952 38.02 75.89 -48.53
C GLN D 1952 38.29 76.29 -49.97
N HIS D 1953 39.45 75.90 -50.51
CA HIS D 1953 39.78 76.17 -51.91
C HIS D 1953 38.79 75.47 -52.84
N ARG D 1954 38.45 74.21 -52.52
CA ARG D 1954 37.46 73.49 -53.31
C ARG D 1954 36.10 74.17 -53.25
N VAL D 1955 35.70 74.61 -52.05
CA VAL D 1955 34.40 75.28 -51.87
C VAL D 1955 34.33 76.55 -52.71
N GLU D 1956 35.41 77.35 -52.67
CA GLU D 1956 35.46 78.57 -53.48
C GLU D 1956 35.47 78.26 -54.97
N SER D 1957 36.10 77.15 -55.38
CA SER D 1957 36.09 76.75 -56.78
C SER D 1957 34.68 76.41 -57.25
N LEU D 1958 33.93 75.69 -56.40
CA LEU D 1958 32.52 75.40 -56.68
C LEU D 1958 31.71 76.67 -56.78
N ALA D 1959 31.94 77.62 -55.87
CA ALA D 1959 31.20 78.89 -55.89
C ALA D 1959 31.48 79.67 -57.17
N ALA D 1960 32.74 79.71 -57.60
CA ALA D 1960 33.10 80.37 -58.86
C ALA D 1960 32.43 79.73 -60.08
N PHE D 1961 32.46 78.39 -60.13
CA PHE D 1961 31.81 77.71 -61.25
C PHE D 1961 30.30 77.90 -61.20
N ALA D 1962 29.73 77.91 -59.98
CA ALA D 1962 28.32 78.18 -59.81
C ALA D 1962 27.94 79.56 -60.32
N GLU D 1963 28.80 80.54 -60.05
CA GLU D 1963 28.60 81.91 -60.55
C GLU D 1963 28.60 81.95 -62.07
N ARG D 1964 29.53 81.23 -62.70
CA ARG D 1964 29.56 81.28 -64.17
C ARG D 1964 28.41 80.49 -64.78
N TYR D 1965 28.11 79.32 -64.21
CA TYR D 1965 27.13 78.41 -64.79
C TYR D 1965 25.71 78.94 -64.62
N VAL D 1966 25.42 79.60 -63.49
CA VAL D 1966 24.09 80.17 -63.26
C VAL D 1966 23.79 81.23 -64.31
N ASP D 1967 24.78 82.08 -64.60
CA ASP D 1967 24.60 83.13 -65.61
C ASP D 1967 24.35 82.54 -67.00
N LYS D 1968 25.13 81.50 -67.37
CA LYS D 1968 24.88 80.84 -68.65
C LYS D 1968 23.51 80.18 -68.72
N LEU D 1969 23.09 79.53 -67.63
CA LEU D 1969 21.77 78.90 -67.60
C LEU D 1969 20.65 79.93 -67.62
N GLN D 1970 20.85 81.08 -66.97
CA GLN D 1970 19.88 82.17 -67.01
C GLN D 1970 19.69 82.68 -68.43
N ALA D 1971 20.79 82.82 -69.17
CA ALA D 1971 20.70 83.32 -70.53
C ALA D 1971 20.04 82.28 -71.44
N ASN D 1972 20.41 81.00 -71.27
CA ASN D 1972 19.84 79.94 -72.09
C ASN D 1972 18.33 79.80 -71.85
N GLN D 1973 17.91 79.83 -70.58
CA GLN D 1973 16.50 79.74 -70.23
C GLN D 1973 15.73 80.97 -70.72
N ARG D 1974 16.35 82.15 -70.70
CA ARG D 1974 15.73 83.33 -71.30
C ARG D 1974 15.54 83.16 -72.79
N SER D 1975 16.55 82.58 -73.47
CA SER D 1975 16.48 82.37 -74.91
C SER D 1975 15.37 81.37 -75.25
N ARG D 1976 15.26 80.30 -74.46
CA ARG D 1976 14.23 79.30 -74.68
C ARG D 1976 12.84 79.88 -74.44
N TYR D 1977 12.70 80.74 -73.42
CA TYR D 1977 11.42 81.37 -73.13
C TYR D 1977 11.00 82.29 -74.29
N ALA D 1978 11.95 83.07 -74.80
CA ALA D 1978 11.67 83.95 -75.94
C ALA D 1978 11.30 83.16 -77.18
N LEU D 1979 12.00 82.05 -77.44
CA LEU D 1979 11.64 81.21 -78.58
C LEU D 1979 10.30 80.53 -78.37
N LEU D 1980 9.97 80.14 -77.14
CA LEU D 1980 8.71 79.47 -76.85
C LEU D 1980 7.53 80.42 -76.94
N MET D 1981 7.78 81.74 -76.90
CA MET D 1981 6.69 82.70 -77.08
C MET D 1981 6.07 82.61 -78.47
N ARG D 1982 6.88 82.44 -79.51
CA ARG D 1982 6.37 82.28 -80.86
C ARG D 1982 6.05 80.82 -81.21
N ALA D 1983 6.22 79.89 -80.27
CA ALA D 1983 5.94 78.48 -80.54
C ALA D 1983 4.46 78.20 -80.75
N PHE D 1984 3.56 79.08 -80.28
CA PHE D 1984 2.13 78.86 -80.42
C PHE D 1984 1.65 78.88 -81.87
N THR D 1985 2.42 79.47 -82.78
CA THR D 1985 2.00 79.54 -84.18
C THR D 1985 2.12 78.18 -84.85
N MET D 1986 3.21 77.46 -84.60
CA MET D 1986 3.41 76.14 -85.19
C MET D 1986 3.20 75.00 -84.20
N SER D 1987 2.59 75.26 -83.05
CA SER D 1987 2.35 74.17 -82.11
C SER D 1987 0.92 74.18 -81.60
N ALA D 1988 0.63 73.33 -80.62
CA ALA D 1988 -0.72 73.13 -80.09
C ALA D 1988 -0.59 72.79 -78.61
N ALA D 1989 -1.64 72.17 -78.06
CA ALA D 1989 -1.75 71.86 -76.63
C ALA D 1989 -0.62 71.00 -76.05
N GLU D 1990 0.27 70.42 -76.88
CA GLU D 1990 1.45 69.72 -76.38
C GLU D 1990 2.52 70.65 -75.80
N THR D 1991 2.27 71.96 -75.74
CA THR D 1991 3.16 72.93 -75.12
C THR D 1991 3.18 72.86 -73.60
N ALA D 1992 2.30 72.05 -73.00
CA ALA D 1992 2.13 72.01 -71.54
C ALA D 1992 3.42 71.64 -70.82
N ARG D 1993 4.08 70.56 -71.23
CA ARG D 1993 5.33 70.18 -70.57
C ARG D 1993 6.52 71.01 -71.02
N ARG D 1994 6.41 71.77 -72.11
CA ARG D 1994 7.41 72.78 -72.41
C ARG D 1994 7.28 74.00 -71.50
N THR D 1995 6.06 74.46 -71.25
CA THR D 1995 5.81 75.61 -70.38
C THR D 1995 5.68 75.24 -68.91
N ARG D 1996 5.79 73.95 -68.57
CA ARG D 1996 5.80 73.51 -67.18
C ARG D 1996 6.98 74.09 -66.43
N GLU D 1997 8.11 74.28 -67.13
CA GLU D 1997 9.29 74.90 -66.55
C GLU D 1997 8.97 76.33 -66.11
N PHE D 1998 8.30 77.08 -66.97
CA PHE D 1998 8.05 78.48 -66.68
C PHE D 1998 6.82 78.68 -65.81
N ARG D 1999 5.99 77.65 -65.66
CA ARG D 1999 4.90 77.66 -64.70
C ARG D 1999 5.27 76.86 -63.44
N SER D 2000 6.55 76.57 -63.26
CA SER D 2000 7.00 75.88 -62.06
C SER D 2000 8.13 76.68 -61.43
N PRO D 2001 8.16 76.78 -60.11
CA PRO D 2001 9.18 77.59 -59.42
C PRO D 2001 10.59 77.02 -59.62
N PRO D 2002 11.65 77.81 -59.40
CA PRO D 2002 12.98 77.44 -59.95
C PRO D 2002 13.62 76.17 -59.39
N GLN D 2003 13.25 75.70 -58.20
CA GLN D 2003 13.93 74.54 -57.60
C GLN D 2003 13.81 73.28 -58.46
N GLU D 2004 12.59 72.96 -58.89
CA GLU D 2004 12.47 71.82 -59.78
C GLU D 2004 12.86 72.15 -61.21
N GLN D 2005 12.94 73.44 -61.57
CA GLN D 2005 13.47 73.83 -62.86
C GLN D 2005 14.93 73.46 -62.97
N ILE D 2006 15.74 73.88 -61.99
CA ILE D 2006 17.15 73.51 -61.98
C ILE D 2006 17.30 72.02 -61.77
N ASN D 2007 16.41 71.39 -61.00
CA ASN D 2007 16.49 69.93 -60.79
C ASN D 2007 16.39 69.18 -62.11
N MET D 2008 15.39 69.51 -62.94
CA MET D 2008 15.28 68.85 -64.23
C MET D 2008 16.38 69.29 -65.20
N LEU D 2009 16.83 70.55 -65.11
CA LEU D 2009 17.96 70.99 -65.93
C LEU D 2009 19.25 70.26 -65.61
N LEU D 2010 19.51 70.03 -64.32
CA LEU D 2010 20.68 69.26 -63.89
C LEU D 2010 20.44 67.77 -63.95
N HIS D 2011 19.23 67.33 -64.29
CA HIS D 2011 18.89 65.91 -64.36
C HIS D 2011 19.41 65.26 -65.64
N PHE D 2012 20.75 65.25 -65.77
CA PHE D 2012 21.40 64.62 -66.91
C PHE D 2012 22.68 63.88 -66.52
N LYS D 2013 22.91 63.65 -65.23
CA LYS D 2013 24.18 63.04 -64.79
C LYS D 2013 24.31 61.61 -65.26
N ASP D 2014 23.27 60.79 -65.06
CA ASP D 2014 23.32 59.38 -65.38
C ASP D 2014 23.31 59.08 -66.88
N GLU D 2015 23.06 60.08 -67.73
CA GLU D 2015 23.00 60.04 -69.19
C GLU D 2015 21.85 59.21 -69.75
N ALA D 2016 20.99 58.66 -68.90
CA ALA D 2016 19.78 57.96 -69.33
C ALA D 2016 18.55 58.85 -69.30
N ASP D 2017 18.75 60.15 -69.07
CA ASP D 2017 17.67 61.11 -68.94
C ASP D 2017 17.96 62.42 -69.69
N GLU D 2018 18.74 62.33 -70.76
CA GLU D 2018 19.13 63.51 -71.54
C GLU D 2018 17.93 64.18 -72.21
N GLU D 2019 16.98 63.35 -72.70
CA GLU D 2019 15.84 63.85 -73.49
C GLU D 2019 14.98 64.82 -72.71
N ASP D 2020 14.82 64.59 -71.40
CA ASP D 2020 14.08 65.51 -70.55
C ASP D 2020 14.78 66.86 -70.45
N CYS D 2021 16.10 66.84 -70.38
CA CYS D 2021 16.87 68.08 -70.25
C CYS D 2021 16.94 68.82 -71.57
N PRO D 2022 16.53 70.09 -71.63
CA PRO D 2022 16.62 70.87 -72.87
C PRO D 2022 17.91 71.66 -73.06
N LEU D 2023 18.93 71.46 -72.22
CA LEU D 2023 20.17 72.19 -72.35
C LEU D 2023 20.98 71.75 -73.57
N PRO D 2024 21.71 72.67 -74.19
CA PRO D 2024 22.66 72.27 -75.24
C PRO D 2024 23.80 71.44 -74.66
N GLU D 2025 24.30 70.53 -75.51
CA GLU D 2025 25.28 69.53 -75.08
C GLU D 2025 26.60 70.15 -74.65
N ASP D 2026 27.03 71.23 -75.31
CA ASP D 2026 28.28 71.90 -74.90
C ASP D 2026 28.16 72.48 -73.50
N ILE D 2027 27.01 73.07 -73.19
CA ILE D 2027 26.76 73.59 -71.84
C ILE D 2027 26.75 72.45 -70.83
N ARG D 2028 26.07 71.33 -71.17
CA ARG D 2028 26.12 70.18 -70.27
C ARG D 2028 27.54 69.63 -70.12
N GLN D 2029 28.33 69.72 -71.20
CA GLN D 2029 29.73 69.29 -71.20
C GLN D 2029 30.55 70.11 -70.23
N ASP D 2030 30.20 71.39 -70.07
CA ASP D 2030 30.90 72.26 -69.12
C ASP D 2030 30.79 71.72 -67.71
N LEU D 2031 29.57 71.37 -67.29
CA LEU D 2031 29.34 70.77 -65.99
C LEU D 2031 30.00 69.40 -65.87
N GLN D 2032 29.94 68.59 -66.93
CA GLN D 2032 30.58 67.27 -66.89
C GLN D 2032 32.10 67.36 -66.73
N ASP D 2033 32.75 68.27 -67.46
CA ASP D 2033 34.19 68.48 -67.35
C ASP D 2033 34.54 68.99 -65.96
N PHE D 2034 33.75 69.93 -65.45
CA PHE D 2034 34.01 70.42 -64.09
C PHE D 2034 33.70 69.33 -63.05
N HIS D 2035 32.86 68.35 -63.39
CA HIS D 2035 32.72 67.24 -62.46
C HIS D 2035 33.93 66.33 -62.55
N GLN D 2036 34.57 66.28 -63.73
CA GLN D 2036 35.71 65.39 -63.91
C GLN D 2036 36.90 65.86 -63.10
N ASP D 2037 37.25 67.15 -63.24
CA ASP D 2037 38.47 67.62 -62.61
C ASP D 2037 38.31 67.73 -61.10
N LEU D 2038 37.08 67.98 -60.62
CA LEU D 2038 36.85 68.08 -59.18
C LEU D 2038 37.16 66.76 -58.46
N LEU D 2039 36.67 65.64 -59.01
CA LEU D 2039 37.01 64.33 -58.51
C LEU D 2039 38.50 64.01 -58.68
N ALA D 2040 39.09 64.42 -59.81
CA ALA D 2040 40.52 64.22 -59.99
C ALA D 2040 41.33 65.01 -58.95
N HIS D 2041 40.89 66.24 -58.64
CA HIS D 2041 41.49 67.02 -57.57
C HIS D 2041 41.31 66.36 -56.21
N CYS D 2042 40.14 65.74 -55.98
CA CYS D 2042 39.91 64.97 -54.77
C CYS D 2042 40.52 63.57 -54.82
N GLY D 2043 41.28 63.24 -55.87
CA GLY D 2043 41.95 61.97 -55.98
C GLY D 2043 41.04 60.76 -56.09
N ILE D 2044 40.04 60.85 -56.96
CA ILE D 2044 39.09 59.78 -57.14
C ILE D 2044 39.57 58.87 -58.26
N GLN D 2045 39.68 59.43 -59.46
CA GLN D 2045 40.09 58.67 -60.64
C GLN D 2045 40.56 59.66 -61.70
N LEU D 2046 41.50 59.21 -62.53
CA LEU D 2046 42.02 60.01 -63.62
C LEU D 2046 42.18 59.15 -64.86
N GLU D 2088 57.04 54.59 -58.03
CA GLU D 2088 56.13 55.63 -57.57
C GLU D 2088 56.35 55.93 -56.08
N LYS D 2089 57.61 55.86 -55.64
CA LYS D 2089 57.93 56.10 -54.24
C LYS D 2089 57.81 57.55 -53.84
N LYS D 2090 57.64 58.47 -54.79
CA LYS D 2090 57.47 59.88 -54.50
C LYS D 2090 55.99 60.20 -54.51
N PRO D 2091 55.40 60.53 -53.35
CA PRO D 2091 53.97 60.91 -53.33
C PRO D 2091 53.64 62.12 -54.18
N GLN D 2092 54.56 63.09 -54.27
CA GLN D 2092 54.53 64.28 -55.12
C GLN D 2092 53.41 65.26 -54.77
N SER D 2093 52.61 65.01 -53.75
CA SER D 2093 51.56 65.91 -53.34
C SER D 2093 51.17 65.62 -51.90
N LEU D 2094 50.50 66.61 -51.29
CA LEU D 2094 50.13 66.53 -49.89
C LEU D 2094 49.09 65.45 -49.66
N GLN D 2095 48.20 65.23 -50.65
CA GLN D 2095 47.02 64.37 -50.49
C GLN D 2095 47.41 62.94 -50.13
N GLU D 2096 48.37 62.37 -50.85
CA GLU D 2096 48.85 61.05 -50.49
C GLU D 2096 50.17 61.11 -49.75
N LEU D 2097 50.67 62.31 -49.48
CA LEU D 2097 51.88 62.45 -48.68
C LEU D 2097 51.57 62.28 -47.21
N VAL D 2098 50.56 62.99 -46.72
CA VAL D 2098 50.19 62.87 -45.31
C VAL D 2098 49.66 61.46 -45.00
N SER D 2099 48.86 60.87 -45.90
CA SER D 2099 48.37 59.51 -45.68
C SER D 2099 49.51 58.50 -45.62
N HIS D 2100 50.51 58.65 -46.51
CA HIS D 2100 51.72 57.83 -46.44
CA HIS D 2100 51.71 57.82 -46.44
C HIS D 2100 52.46 58.05 -45.13
N MET D 2101 52.51 59.30 -44.67
CA MET D 2101 53.19 59.66 -43.44
C MET D 2101 52.54 58.98 -42.24
N VAL D 2102 51.21 59.09 -42.16
CA VAL D 2102 50.46 58.57 -41.02
C VAL D 2102 50.57 57.05 -40.96
N VAL D 2103 50.41 56.38 -42.11
CA VAL D 2103 50.51 54.92 -42.11
C VAL D 2103 51.93 54.49 -41.79
N ARG D 2104 52.95 55.25 -42.24
CA ARG D 2104 54.33 54.90 -41.95
C ARG D 2104 54.62 55.02 -40.46
N TRP D 2105 54.10 56.07 -39.81
CA TRP D 2105 54.28 56.21 -38.36
C TRP D 2105 53.59 55.09 -37.61
N ALA D 2106 52.37 54.75 -38.02
CA ALA D 2106 51.61 53.71 -37.33
C ALA D 2106 52.30 52.36 -37.45
N GLN D 2107 52.83 52.04 -38.64
CA GLN D 2107 53.49 50.76 -38.79
C GLN D 2107 54.89 50.78 -38.19
N GLU D 2108 55.49 51.96 -38.00
CA GLU D 2108 56.85 52.00 -37.49
C GLU D 2108 56.91 51.94 -35.97
N ASP D 2109 55.88 52.39 -35.27
CA ASP D 2109 55.92 52.27 -33.81
C ASP D 2109 54.51 52.29 -33.25
N TYR D 2110 54.39 51.80 -32.02
CA TYR D 2110 53.13 51.73 -31.30
C TYR D 2110 52.86 53.09 -30.66
N VAL D 2111 51.91 53.83 -31.22
CA VAL D 2111 51.53 55.14 -30.70
C VAL D 2111 50.86 54.96 -29.35
N GLN D 2112 51.18 55.83 -28.40
CA GLN D 2112 50.65 55.73 -27.05
C GLN D 2112 49.65 56.81 -26.68
N SER D 2113 49.85 58.03 -27.17
CA SER D 2113 48.97 59.13 -26.80
C SER D 2113 47.60 59.00 -27.46
N PRO D 2114 46.51 59.01 -26.67
CA PRO D 2114 45.16 58.82 -27.21
C PRO D 2114 44.72 59.94 -28.15
N GLU D 2115 44.84 61.20 -27.72
CA GLU D 2115 44.42 62.31 -28.57
C GLU D 2115 45.31 62.41 -29.81
N LEU D 2116 46.57 61.96 -29.72
CA LEU D 2116 47.40 61.87 -30.92
C LEU D 2116 46.84 60.85 -31.89
N VAL D 2117 46.38 59.69 -31.38
CA VAL D 2117 45.73 58.69 -32.21
C VAL D 2117 44.46 59.25 -32.85
N ARG D 2118 43.69 60.00 -32.04
CA ARG D 2118 42.50 60.71 -32.51
C ARG D 2118 42.81 61.66 -33.66
N ALA D 2119 43.88 62.44 -33.52
CA ALA D 2119 44.24 63.42 -34.54
C ALA D 2119 44.73 62.74 -35.82
N MET D 2120 45.63 61.76 -35.68
CA MET D 2120 46.25 61.16 -36.84
C MET D 2120 45.26 60.33 -37.63
N PHE D 2121 44.28 59.73 -36.94
CA PHE D 2121 43.31 58.97 -37.70
C PHE D 2121 42.19 59.84 -38.24
N SER D 2122 41.92 61.00 -37.59
CA SER D 2122 40.99 61.94 -38.19
C SER D 2122 41.55 62.47 -39.50
N LEU D 2123 42.86 62.76 -39.52
CA LEU D 2123 43.52 63.14 -40.76
C LEU D 2123 43.46 62.02 -41.79
N LEU D 2124 43.73 60.77 -41.35
CA LEU D 2124 43.78 59.64 -42.27
C LEU D 2124 42.42 59.42 -42.92
N HIS D 2125 41.35 59.53 -42.13
CA HIS D 2125 40.01 59.49 -42.70
C HIS D 2125 39.76 60.65 -43.65
N ARG D 2126 40.37 61.81 -43.39
CA ARG D 2126 40.11 62.96 -44.22
C ARG D 2126 40.84 62.90 -45.57
N GLN D 2127 41.88 62.09 -45.69
CA GLN D 2127 42.64 62.13 -46.95
C GLN D 2127 41.96 61.35 -48.06
N TYR D 2128 41.69 60.05 -47.82
CA TYR D 2128 41.05 59.22 -48.83
C TYR D 2128 39.66 59.72 -49.18
N ASP D 2129 38.90 60.14 -48.18
CA ASP D 2129 37.55 60.66 -48.42
C ASP D 2129 37.73 62.10 -48.88
N GLY D 2130 37.68 62.29 -50.19
CA GLY D 2130 37.81 63.62 -50.76
C GLY D 2130 36.47 64.35 -50.86
N LEU D 2131 35.38 63.59 -50.79
CA LEU D 2131 34.06 64.16 -51.03
C LEU D 2131 33.18 64.25 -49.79
N GLY D 2132 33.32 63.34 -48.83
CA GLY D 2132 32.44 63.33 -47.67
C GLY D 2132 32.52 64.59 -46.83
N GLU D 2133 33.75 65.10 -46.63
CA GLU D 2133 33.94 66.36 -45.93
C GLU D 2133 33.30 67.51 -46.68
N LEU D 2134 33.41 67.51 -48.01
CA LEU D 2134 32.71 68.50 -48.82
C LEU D 2134 31.20 68.41 -48.65
N LEU D 2135 30.67 67.17 -48.60
CA LEU D 2135 29.25 66.97 -48.34
C LEU D 2135 28.84 67.47 -46.97
N ARG D 2136 29.71 67.33 -45.98
CA ARG D 2136 29.43 67.84 -44.64
C ARG D 2136 29.83 69.30 -44.46
N ALA D 2137 30.37 69.94 -45.50
CA ALA D 2137 30.68 71.36 -45.46
C ALA D 2137 29.74 72.21 -46.28
N LEU D 2138 29.13 71.65 -47.32
CA LEU D 2138 28.15 72.37 -48.14
C LEU D 2138 26.95 72.95 -47.38
N PRO D 2139 26.31 72.27 -46.40
CA PRO D 2139 25.21 72.93 -45.67
C PRO D 2139 25.61 74.21 -44.96
N ARG D 2140 26.86 74.34 -44.54
CA ARG D 2140 27.31 75.59 -43.93
C ARG D 2140 27.86 76.57 -44.95
N ALA D 2141 27.92 76.20 -46.22
CA ALA D 2141 28.38 77.10 -47.26
C ALA D 2141 27.21 77.93 -47.77
N TYR D 2142 27.52 79.14 -48.23
CA TYR D 2142 26.48 80.06 -48.69
C TYR D 2142 27.13 81.15 -49.52
N THR D 2143 26.34 81.75 -50.42
CA THR D 2143 26.80 82.83 -51.26
C THR D 2143 25.92 84.05 -51.04
N ILE D 2144 26.55 85.22 -50.97
CA ILE D 2144 25.86 86.47 -50.70
C ILE D 2144 26.23 87.49 -51.76
N SER D 2145 25.36 88.48 -51.90
CA SER D 2145 25.60 89.59 -52.81
C SER D 2145 26.73 90.46 -52.26
N PRO D 2146 27.57 91.03 -53.14
CA PRO D 2146 28.65 91.91 -52.66
C PRO D 2146 28.18 93.17 -51.96
N SER D 2147 26.95 93.61 -52.19
CA SER D 2147 26.43 94.81 -51.55
C SER D 2147 26.13 94.64 -50.06
N SER D 2148 26.15 93.41 -49.54
CA SER D 2148 25.80 93.16 -48.15
C SER D 2148 26.95 92.57 -47.34
N VAL D 2149 28.18 92.66 -47.85
CA VAL D 2149 29.32 92.11 -47.13
C VAL D 2149 29.57 92.88 -45.82
N GLU D 2150 29.47 94.22 -45.86
CA GLU D 2150 29.63 95.01 -44.65
C GLU D 2150 28.47 94.80 -43.69
N ASP D 2151 27.29 94.46 -44.21
CA ASP D 2151 26.15 94.12 -43.38
C ASP D 2151 26.42 92.83 -42.62
N THR D 2152 26.99 91.84 -43.33
CA THR D 2152 27.33 90.55 -42.73
C THR D 2152 28.50 90.68 -41.76
N MET D 2153 29.36 91.70 -41.96
CA MET D 2153 30.51 91.93 -41.08
C MET D 2153 30.08 92.10 -39.63
N SER D 2154 29.13 93.00 -39.38
CA SER D 2154 28.63 93.26 -38.02
C SER D 2154 27.98 92.02 -37.43
N LEU D 2155 27.21 91.31 -38.25
CA LEU D 2155 26.49 90.13 -37.78
C LEU D 2155 27.47 89.05 -37.35
N LEU D 2156 28.52 88.81 -38.16
CA LEU D 2156 29.54 87.83 -37.82
C LEU D 2156 30.32 88.23 -36.57
N GLU D 2157 30.61 89.53 -36.43
CA GLU D 2157 31.28 90.00 -35.20
C GLU D 2157 30.43 89.76 -33.95
N CYS D 2158 29.13 90.07 -34.01
CA CYS D 2158 28.26 89.79 -32.87
C CYS D 2158 28.08 88.29 -32.66
N LEU D 2159 28.12 87.52 -33.75
CA LEU D 2159 28.07 86.06 -33.65
C LEU D 2159 29.29 85.55 -32.91
N GLY D 2160 30.45 86.16 -33.17
CA GLY D 2160 31.66 85.79 -32.46
C GLY D 2160 31.54 86.11 -30.99
N GLN D 2161 30.92 87.25 -30.65
CA GLN D 2161 30.76 87.63 -29.25
C GLN D 2161 29.90 86.62 -28.49
N ILE D 2162 28.72 86.28 -29.05
CA ILE D 2162 27.83 85.35 -28.35
C ILE D 2162 28.46 83.96 -28.30
N ARG D 2163 29.16 83.54 -29.37
CA ARG D 2163 29.88 82.26 -29.34
C ARG D 2163 30.95 82.26 -28.25
N SER D 2164 31.65 83.38 -28.09
CA SER D 2164 32.66 83.51 -27.05
C SER D 2164 32.04 83.46 -25.66
N LEU D 2165 30.75 83.78 -25.54
CA LEU D 2165 30.16 83.72 -24.20
C LEU D 2165 29.73 82.32 -23.79
N LEU D 2166 29.82 81.32 -24.67
CA LEU D 2166 29.47 79.95 -24.29
C LEU D 2166 30.45 79.32 -23.31
N ILE D 2167 31.63 79.89 -23.12
CA ILE D 2167 32.68 79.26 -22.33
C ILE D 2167 32.92 79.99 -21.01
N VAL D 2168 32.08 80.96 -20.69
CA VAL D 2168 32.26 81.79 -19.52
C VAL D 2168 30.97 81.76 -18.70
N GLN D 2169 31.11 81.73 -17.37
CA GLN D 2169 29.96 81.90 -16.49
C GLN D 2169 29.29 83.24 -16.75
N MET D 2170 27.97 83.22 -16.78
CA MET D 2170 27.19 84.38 -17.21
C MET D 2170 27.35 85.53 -16.22
N GLY D 2171 27.61 86.73 -16.74
CA GLY D 2171 27.87 87.86 -15.91
C GLY D 2171 27.17 89.14 -16.30
N PRO D 2172 27.07 90.07 -15.34
CA PRO D 2172 26.43 91.36 -15.60
C PRO D 2172 27.16 92.17 -16.67
N GLN D 2173 28.49 92.04 -16.74
CA GLN D 2173 29.22 92.68 -17.83
C GLN D 2173 28.83 92.09 -19.17
N GLU D 2174 28.68 90.76 -19.22
CA GLU D 2174 28.41 90.10 -20.49
C GLU D 2174 27.00 90.29 -20.99
N GLU D 2175 26.05 90.57 -20.07
CA GLU D 2175 24.65 90.63 -20.48
C GLU D 2175 24.39 91.80 -21.42
N ASN D 2176 24.91 92.99 -21.09
CA ASN D 2176 24.57 94.16 -21.88
C ASN D 2176 25.23 94.11 -23.25
N LEU D 2177 26.45 93.55 -23.32
CA LEU D 2177 27.13 93.41 -24.60
C LEU D 2177 26.42 92.39 -25.48
N MET D 2178 25.80 91.38 -24.88
CA MET D 2178 25.17 90.42 -25.79
C MET D 2178 23.75 90.87 -26.15
N ILE D 2179 23.09 91.62 -25.27
CA ILE D 2179 21.80 92.23 -25.64
C ILE D 2179 21.99 93.26 -26.75
N GLN D 2180 23.03 94.10 -26.66
CA GLN D 2180 23.28 95.01 -27.79
C GLN D 2180 23.75 94.25 -29.02
N SER D 2181 24.37 93.07 -28.85
CA SER D 2181 24.75 92.26 -30.00
C SER D 2181 23.52 91.74 -30.73
N ILE D 2182 22.57 91.16 -29.99
CA ILE D 2182 21.33 90.68 -30.62
C ILE D 2182 20.50 91.86 -31.13
N GLY D 2183 20.63 93.04 -30.52
CA GLY D 2183 20.02 94.23 -31.08
C GLY D 2183 20.60 94.58 -32.44
N ASN D 2184 21.92 94.43 -32.59
CA ASN D 2184 22.55 94.61 -33.90
C ASN D 2184 22.07 93.55 -34.88
N ILE D 2185 21.77 92.35 -34.39
CA ILE D 2185 21.18 91.32 -35.25
C ILE D 2185 19.82 91.76 -35.73
N MET D 2186 19.01 92.34 -34.84
CA MET D 2186 17.69 92.84 -35.22
C MET D 2186 17.81 93.96 -36.24
N ASN D 2187 18.77 94.86 -36.04
CA ASN D 2187 18.95 95.99 -36.95
C ASN D 2187 19.50 95.54 -38.29
N ASN D 2188 20.19 94.40 -38.36
CA ASN D 2188 20.81 93.96 -39.61
C ASN D 2188 19.75 93.55 -40.63
N LYS D 2189 19.92 94.01 -41.86
CA LYS D 2189 18.98 93.71 -42.94
C LYS D 2189 19.06 92.26 -43.39
N VAL D 2190 20.29 91.71 -43.47
CA VAL D 2190 20.51 90.33 -43.92
C VAL D 2190 19.87 89.31 -42.99
N PHE D 2191 19.66 89.69 -41.72
CA PHE D 2191 18.97 88.86 -40.74
C PHE D 2191 17.58 88.47 -41.23
N TYR D 2192 16.90 89.37 -41.94
CA TYR D 2192 15.63 89.07 -42.57
C TYR D 2192 15.78 88.65 -44.03
N GLN D 2193 16.79 89.19 -44.72
CA GLN D 2193 16.95 88.92 -46.15
C GLN D 2193 17.31 87.47 -46.43
N HIS D 2194 18.18 86.88 -45.60
CA HIS D 2194 18.71 85.54 -45.85
C HIS D 2194 18.46 84.64 -44.64
N PRO D 2195 17.20 84.17 -44.46
CA PRO D 2195 16.92 83.25 -43.35
C PRO D 2195 17.68 81.93 -43.45
N ASN D 2196 17.98 81.48 -44.67
CA ASN D 2196 18.76 80.26 -44.88
C ASN D 2196 20.15 80.38 -44.28
N LEU D 2197 20.81 81.52 -44.51
CA LEU D 2197 22.11 81.78 -43.92
C LEU D 2197 22.04 81.86 -42.40
N MET D 2198 20.97 82.46 -41.86
CA MET D 2198 20.75 82.47 -40.41
C MET D 2198 20.61 81.06 -39.86
N ARG D 2199 19.81 80.23 -40.52
CA ARG D 2199 19.62 78.85 -40.07
C ARG D 2199 20.91 78.04 -40.18
N ALA D 2200 21.69 78.26 -41.25
CA ALA D 2200 22.97 77.59 -41.42
C ALA D 2200 23.97 77.99 -40.35
N LEU D 2201 24.04 79.29 -40.02
CA LEU D 2201 24.85 79.75 -38.90
C LEU D 2201 24.37 79.20 -37.57
N GLY D 2202 23.05 79.05 -37.41
CA GLY D 2202 22.48 78.41 -36.24
C GLY D 2202 22.71 79.15 -34.94
N MET D 2203 22.48 80.46 -34.93
CA MET D 2203 22.55 81.19 -33.66
C MET D 2203 21.44 80.77 -32.69
N HIS D 2204 20.31 80.30 -33.22
CA HIS D 2204 19.13 80.01 -32.40
C HIS D 2204 19.41 78.90 -31.38
N GLU D 2205 20.07 77.81 -31.80
CA GLU D 2205 20.36 76.75 -30.84
C GLU D 2205 21.38 77.21 -29.81
N THR D 2206 22.38 77.99 -30.24
CA THR D 2206 23.39 78.50 -29.31
C THR D 2206 22.77 79.40 -28.26
N VAL D 2207 21.81 80.24 -28.67
CA VAL D 2207 21.09 81.05 -27.70
C VAL D 2207 20.23 80.15 -26.82
N MET D 2208 19.73 79.02 -27.34
CA MET D 2208 18.90 78.20 -26.45
C MET D 2208 19.76 77.51 -25.39
N GLU D 2209 21.01 77.17 -25.73
CA GLU D 2209 21.89 76.69 -24.66
C GLU D 2209 22.18 77.80 -23.66
N VAL D 2210 22.40 79.04 -24.13
CA VAL D 2210 22.78 80.08 -23.16
C VAL D 2210 21.60 80.36 -22.21
N MET D 2211 20.35 80.20 -22.69
CA MET D 2211 19.23 80.18 -21.73
C MET D 2211 19.30 78.97 -20.81
N VAL D 2212 19.61 77.78 -21.33
CA VAL D 2212 19.66 76.58 -20.47
C VAL D 2212 20.67 76.74 -19.34
N ASN D 2213 21.85 77.26 -19.64
CA ASN D 2213 22.84 77.57 -18.60
C ASN D 2213 22.38 78.68 -17.65
N VAL D 2214 21.76 79.75 -18.16
CA VAL D 2214 21.42 80.85 -17.25
C VAL D 2214 20.27 80.44 -16.33
N LEU D 2215 19.33 79.61 -16.81
CA LEU D 2215 18.29 79.10 -15.91
C LEU D 2215 18.82 78.00 -15.00
N GLY D 2216 19.79 77.20 -15.48
CA GLY D 2216 20.41 76.20 -14.63
C GLY D 2216 21.14 76.82 -13.45
N GLY D 2217 21.84 77.92 -13.69
CA GLY D 2217 22.35 78.71 -12.59
C GLY D 2217 21.16 79.33 -11.89
N GLY D 2218 20.94 78.95 -10.63
CA GLY D 2218 19.68 79.32 -10.00
C GLY D 2218 18.48 78.65 -10.63
N GLU D 2219 18.58 77.36 -10.98
CA GLU D 2219 17.48 76.62 -11.57
C GLU D 2219 16.27 76.54 -10.63
N THR D 2220 16.51 76.61 -9.32
CA THR D 2220 15.46 76.55 -8.32
C THR D 2220 15.25 77.86 -7.57
N LYS D 2221 16.33 78.48 -7.09
CA LYS D 2221 16.21 79.64 -6.20
C LYS D 2221 15.61 80.88 -6.90
N GLU D 2222 16.15 81.27 -8.05
CA GLU D 2222 15.79 82.52 -8.72
C GLU D 2222 16.44 82.55 -10.10
N ILE D 2223 15.80 83.26 -11.01
CA ILE D 2223 16.30 83.39 -12.38
C ILE D 2223 17.24 84.58 -12.38
N ARG D 2224 18.53 84.28 -12.22
CA ARG D 2224 19.56 85.31 -12.29
C ARG D 2224 19.65 85.84 -13.73
N PHE D 2225 19.97 87.12 -13.82
CA PHE D 2225 19.96 87.88 -15.07
C PHE D 2225 18.63 87.77 -15.84
N PRO D 2226 17.50 88.16 -15.24
CA PRO D 2226 16.21 88.00 -15.94
C PRO D 2226 16.05 88.82 -17.21
N LYS D 2227 16.74 89.97 -17.27
CA LYS D 2227 16.60 90.88 -18.41
C LYS D 2227 17.08 90.23 -19.69
N MET D 2228 18.24 89.56 -19.63
CA MET D 2228 18.77 88.89 -20.82
C MET D 2228 17.88 87.73 -21.22
N VAL D 2229 17.29 87.03 -20.24
CA VAL D 2229 16.40 85.90 -20.52
C VAL D 2229 15.20 86.37 -21.34
N THR D 2230 14.54 87.44 -20.89
CA THR D 2230 13.37 87.90 -21.63
C THR D 2230 13.77 88.60 -22.93
N SER D 2231 14.96 89.21 -22.98
CA SER D 2231 15.40 89.91 -24.18
C SER D 2231 15.80 88.93 -25.26
N CYS D 2232 16.28 87.75 -24.87
CA CYS D 2232 16.66 86.74 -25.85
C CYS D 2232 15.47 85.91 -26.27
N CYS D 2233 14.57 85.56 -25.34
CA CYS D 2233 13.34 84.88 -25.76
C CYS D 2233 12.51 85.77 -26.69
N ARG D 2234 12.63 87.10 -26.55
CA ARG D 2234 12.06 88.01 -27.55
C ARG D 2234 12.67 87.78 -28.93
N PHE D 2235 14.01 87.62 -28.98
CA PHE D 2235 14.68 87.32 -30.24
C PHE D 2235 14.23 85.99 -30.81
N LEU D 2236 14.00 84.99 -29.95
CA LEU D 2236 13.52 83.69 -30.41
C LEU D 2236 12.13 83.81 -31.03
N CYS D 2237 11.24 84.59 -30.39
CA CYS D 2237 9.90 84.78 -30.94
C CYS D 2237 9.95 85.48 -32.30
N TYR D 2238 10.82 86.49 -32.44
CA TYR D 2238 11.01 87.10 -33.76
C TYR D 2238 11.59 86.09 -34.74
N PHE D 2239 12.52 85.25 -34.28
CA PHE D 2239 13.19 84.28 -35.14
C PHE D 2239 12.19 83.31 -35.72
N CYS D 2240 11.24 82.86 -34.88
CA CYS D 2240 10.19 81.97 -35.36
C CYS D 2240 9.33 82.70 -36.37
N ARG D 2241 9.04 83.98 -36.12
CA ARG D 2241 8.19 84.70 -37.06
C ARG D 2241 8.90 85.07 -38.36
N ILE D 2242 10.23 84.92 -38.45
CA ILE D 2242 10.92 85.25 -39.72
C ILE D 2242 10.47 84.31 -40.83
N SER D 2243 10.44 83.01 -40.58
CA SER D 2243 10.06 82.07 -41.60
C SER D 2243 9.64 80.75 -40.97
N ARG D 2244 8.82 79.99 -41.71
CA ARG D 2244 8.34 78.71 -41.24
C ARG D 2244 9.44 77.66 -41.16
N GLN D 2245 10.43 77.71 -42.06
CA GLN D 2245 11.58 76.79 -41.97
C GLN D 2245 12.33 76.99 -40.66
N ASN D 2246 12.53 78.24 -40.26
CA ASN D 2246 13.09 78.53 -38.94
C ASN D 2246 12.18 78.01 -37.85
N GLN D 2247 10.87 78.19 -38.02
CA GLN D 2247 9.89 77.65 -37.09
C GLN D 2247 9.89 76.12 -37.09
N ARG D 2248 9.97 75.50 -38.28
CA ARG D 2248 9.98 74.04 -38.37
C ARG D 2248 11.23 73.46 -37.71
N SER D 2249 12.37 74.12 -37.93
CA SER D 2249 13.61 73.71 -37.26
C SER D 2249 13.48 73.86 -35.75
N MET D 2250 12.85 74.95 -35.30
CA MET D 2250 12.65 75.19 -33.87
C MET D 2250 11.62 74.23 -33.26
N PHE D 2251 10.78 73.61 -34.10
CA PHE D 2251 9.70 72.75 -33.63
C PHE D 2251 10.23 71.51 -32.91
N ASP D 2252 11.45 71.09 -33.21
CA ASP D 2252 12.01 69.88 -32.60
C ASP D 2252 12.31 70.09 -31.11
N HIS D 2253 12.68 71.30 -30.72
CA HIS D 2253 13.15 71.58 -29.37
C HIS D 2253 12.04 71.96 -28.40
N LEU D 2254 10.78 71.82 -28.80
CA LEU D 2254 9.65 72.24 -27.96
C LEU D 2254 9.62 71.52 -26.61
N SER D 2255 9.71 70.18 -26.63
CA SER D 2255 9.81 69.40 -25.39
C SER D 2255 11.04 69.81 -24.59
N TYR D 2256 12.17 69.96 -25.30
CA TYR D 2256 13.39 70.47 -24.70
C TYR D 2256 13.16 71.86 -24.12
N LEU D 2257 12.39 72.69 -24.83
CA LEU D 2257 11.96 73.96 -24.26
C LEU D 2257 10.92 73.76 -23.18
N LEU D 2258 10.19 72.63 -23.19
CA LEU D 2258 9.06 72.48 -22.29
C LEU D 2258 9.53 72.23 -20.87
N GLU D 2259 10.60 71.44 -20.69
CA GLU D 2259 11.12 71.26 -19.33
C GLU D 2259 11.60 72.58 -18.75
N ASN D 2260 12.28 73.40 -19.55
CA ASN D 2260 12.69 74.73 -19.12
C ASN D 2260 11.50 75.66 -18.88
N SER D 2261 10.36 75.40 -19.52
CA SER D 2261 9.18 76.24 -19.29
C SER D 2261 8.53 75.99 -17.94
N GLY D 2262 8.94 74.95 -17.21
CA GLY D 2262 8.42 74.72 -15.87
C GLY D 2262 8.73 75.85 -14.92
N ILE D 2263 9.95 76.40 -15.01
CA ILE D 2263 10.32 77.59 -14.26
C ILE D 2263 10.14 78.86 -15.07
N GLY D 2264 9.61 78.74 -16.29
CA GLY D 2264 9.36 79.91 -17.13
C GLY D 2264 8.21 80.77 -16.66
N LEU D 2265 7.35 80.25 -15.77
CA LEU D 2265 6.28 81.04 -15.20
C LEU D 2265 6.79 82.19 -14.32
N GLY D 2266 8.00 82.04 -13.76
CA GLY D 2266 8.55 83.07 -12.89
C GLY D 2266 8.81 84.37 -13.61
N MET D 2267 9.26 84.31 -14.85
CA MET D 2267 9.64 85.48 -15.61
C MET D 2267 8.44 86.10 -16.34
N GLN D 2268 8.43 87.43 -16.40
CA GLN D 2268 7.39 88.18 -17.10
CA GLN D 2268 7.39 88.18 -17.10
C GLN D 2268 7.92 88.70 -18.42
N GLY D 2269 7.02 88.90 -19.37
CA GLY D 2269 7.42 89.40 -20.67
C GLY D 2269 7.46 88.32 -21.73
N SER D 2270 8.63 88.12 -22.33
CA SER D 2270 8.84 87.08 -23.33
C SER D 2270 9.46 85.88 -22.65
N THR D 2271 8.75 84.75 -22.68
CA THR D 2271 9.08 83.54 -21.94
C THR D 2271 9.20 82.36 -22.90
N PRO D 2272 9.84 81.24 -22.47
CA PRO D 2272 9.89 80.04 -23.32
C PRO D 2272 8.53 79.51 -23.75
N LEU D 2273 7.50 79.67 -22.92
CA LEU D 2273 6.14 79.31 -23.35
C LEU D 2273 5.72 80.15 -24.56
N ASP D 2274 6.03 81.45 -24.54
CA ASP D 2274 5.76 82.31 -25.69
C ASP D 2274 6.56 81.87 -26.90
N VAL D 2275 7.82 81.47 -26.68
CA VAL D 2275 8.65 80.97 -27.78
C VAL D 2275 8.03 79.72 -28.39
N ALA D 2276 7.52 78.82 -27.53
CA ALA D 2276 6.85 77.62 -28.01
C ALA D 2276 5.60 77.95 -28.82
N ALA D 2277 4.83 78.93 -28.34
CA ALA D 2277 3.62 79.34 -29.06
C ALA D 2277 3.99 79.91 -30.42
N ALA D 2278 5.03 80.76 -30.47
CA ALA D 2278 5.47 81.28 -31.75
C ALA D 2278 6.09 80.19 -32.62
N SER D 2279 6.49 79.06 -32.01
CA SER D 2279 7.09 77.96 -32.74
C SER D 2279 6.05 76.95 -33.20
N VAL D 2280 4.78 77.19 -32.91
CA VAL D 2280 3.73 76.21 -33.25
C VAL D 2280 2.66 76.91 -34.10
N ILE D 2281 2.51 78.23 -33.92
CA ILE D 2281 1.35 78.95 -34.45
C ILE D 2281 1.45 79.10 -35.98
N ASP D 2282 0.34 79.50 -36.62
CA ASP D 2282 0.09 79.75 -38.04
C ASP D 2282 0.65 78.69 -39.00
N ASN D 2283 0.71 77.43 -38.57
CA ASN D 2283 1.06 76.33 -39.45
C ASN D 2283 0.19 75.14 -39.08
N ASN D 2284 -0.62 74.66 -40.04
CA ASN D 2284 -1.44 73.49 -39.81
C ASN D 2284 -0.59 72.23 -39.72
N GLU D 2285 0.50 72.17 -40.49
CA GLU D 2285 1.43 71.04 -40.44
C GLU D 2285 2.05 70.90 -39.07
N LEU D 2286 2.46 72.02 -38.47
CA LEU D 2286 2.83 72.01 -37.07
C LEU D 2286 1.56 71.88 -36.22
N ALA D 2287 1.72 71.34 -35.01
CA ALA D 2287 0.68 70.91 -34.07
C ALA D 2287 -0.08 69.69 -34.56
N LEU D 2288 0.18 69.22 -35.76
CA LEU D 2288 -0.37 67.97 -36.27
C LEU D 2288 0.57 66.81 -35.97
N ALA D 2289 1.87 67.06 -35.96
CA ALA D 2289 2.85 66.10 -35.51
C ALA D 2289 3.27 66.33 -34.06
N LEU D 2290 2.58 67.24 -33.37
CA LEU D 2290 2.83 67.53 -31.95
C LEU D 2290 2.57 66.30 -31.09
N GLN D 2291 3.62 65.77 -30.48
CA GLN D 2291 3.52 64.56 -29.67
C GLN D 2291 2.64 64.78 -28.44
N GLU D 2292 1.91 63.73 -28.08
CA GLU D 2292 0.94 63.80 -27.00
C GLU D 2292 1.59 64.05 -25.64
N GLN D 2293 2.82 63.53 -25.43
CA GLN D 2293 3.52 63.57 -24.15
C GLN D 2293 3.69 65.00 -23.61
N ASP D 2294 3.78 65.98 -24.49
CA ASP D 2294 3.82 67.38 -24.07
C ASP D 2294 2.55 67.79 -23.34
N LEU D 2295 1.40 67.31 -23.83
CA LEU D 2295 0.10 67.85 -23.42
C LEU D 2295 -0.20 67.55 -21.96
N GLU D 2296 -0.04 66.27 -21.55
CA GLU D 2296 -0.37 65.92 -20.17
C GLU D 2296 0.58 66.57 -19.19
N LYS D 2297 1.81 66.87 -19.63
CA LYS D 2297 2.74 67.57 -18.74
C LYS D 2297 2.35 69.03 -18.62
N VAL D 2298 1.82 69.63 -19.69
CA VAL D 2298 1.30 70.99 -19.63
C VAL D 2298 0.10 71.06 -18.69
N VAL D 2299 -0.82 70.10 -18.79
CA VAL D 2299 -1.98 70.19 -17.92
C VAL D 2299 -1.64 69.77 -16.49
N SER D 2300 -0.58 68.96 -16.27
CA SER D 2300 -0.11 68.74 -14.90
C SER D 2300 0.44 70.04 -14.32
N TYR D 2301 1.09 70.86 -15.15
CA TYR D 2301 1.45 72.21 -14.73
C TYR D 2301 0.22 73.06 -14.42
N LEU D 2302 -0.83 72.94 -15.22
CA LEU D 2302 -2.09 73.62 -14.91
C LEU D 2302 -2.68 73.14 -13.58
N ALA D 2303 -2.59 71.84 -13.30
CA ALA D 2303 -2.97 71.30 -12.00
C ALA D 2303 -2.14 71.88 -10.87
N GLY D 2304 -0.82 72.01 -11.07
CA GLY D 2304 0.03 72.66 -10.09
C GLY D 2304 -0.29 74.13 -9.92
N CYS D 2305 -0.68 74.80 -11.00
CA CYS D 2305 -1.11 76.20 -10.93
C CYS D 2305 -2.38 76.32 -10.09
N GLY D 2306 -3.28 75.35 -10.22
CA GLY D 2306 -4.56 75.42 -9.54
C GLY D 2306 -4.57 74.91 -8.12
N LEU D 2307 -3.59 74.08 -7.74
CA LEU D 2307 -3.62 73.51 -6.40
C LEU D 2307 -2.90 74.35 -5.34
N GLN D 2308 -2.02 75.25 -5.75
CA GLN D 2308 -1.22 75.99 -4.79
C GLN D 2308 -1.12 77.45 -5.21
N SER D 2309 -0.83 78.30 -4.23
CA SER D 2309 -0.65 79.72 -4.48
C SER D 2309 0.62 79.99 -5.27
N CYS D 2310 0.61 81.09 -6.00
CA CYS D 2310 1.76 81.51 -6.77
C CYS D 2310 2.85 82.02 -5.83
N PRO D 2311 4.07 81.45 -5.84
CA PRO D 2311 5.10 81.80 -4.85
C PRO D 2311 5.57 83.25 -4.90
N MET D 2312 6.08 83.70 -6.06
CA MET D 2312 6.60 85.05 -6.14
C MET D 2312 5.50 86.10 -6.15
N LEU D 2313 4.31 85.75 -6.64
CA LEU D 2313 3.17 86.66 -6.52
C LEU D 2313 2.76 86.82 -5.06
N LEU D 2314 2.77 85.73 -4.30
CA LEU D 2314 2.36 85.80 -2.90
C LEU D 2314 3.42 86.46 -2.03
N ALA D 2315 4.69 86.36 -2.41
CA ALA D 2315 5.79 86.96 -1.65
C ALA D 2315 5.73 88.48 -1.61
N LYS D 2316 5.00 89.11 -2.52
CA LYS D 2316 4.91 90.56 -2.60
C LYS D 2316 3.85 91.16 -1.67
N GLY D 2317 3.43 90.43 -0.64
CA GLY D 2317 2.44 90.92 0.29
C GLY D 2317 1.01 90.79 -0.15
N TYR D 2318 0.75 90.05 -1.23
CA TYR D 2318 -0.61 89.88 -1.72
C TYR D 2318 -1.41 88.95 -0.79
N PRO D 2319 -2.74 89.13 -0.74
CA PRO D 2319 -3.57 88.18 0.00
C PRO D 2319 -3.55 86.80 -0.65
N ASP D 2320 -3.76 85.78 0.18
CA ASP D 2320 -3.55 84.41 -0.26
C ASP D 2320 -4.79 83.86 -0.96
N ILE D 2321 -4.58 83.32 -2.16
CA ILE D 2321 -5.57 82.53 -2.88
C ILE D 2321 -4.87 81.25 -3.34
N GLY D 2322 -5.56 80.12 -3.25
CA GLY D 2322 -4.94 78.82 -3.47
C GLY D 2322 -4.59 78.42 -4.88
N TRP D 2323 -4.52 79.38 -5.80
CA TRP D 2323 -4.21 79.08 -7.19
C TRP D 2323 -3.61 80.29 -7.88
N ASN D 2324 -3.00 80.04 -9.05
CA ASN D 2324 -2.27 81.06 -9.80
C ASN D 2324 -2.99 81.33 -11.11
N PRO D 2325 -3.80 82.39 -11.17
CA PRO D 2325 -4.49 82.76 -12.43
C PRO D 2325 -3.54 83.15 -13.55
N CYS D 2326 -2.42 83.81 -13.26
CA CYS D 2326 -1.54 84.28 -14.33
C CYS D 2326 -0.82 83.12 -15.01
N GLY D 2327 -0.25 82.21 -14.22
CA GLY D 2327 0.39 81.04 -14.80
C GLY D 2327 -0.59 80.10 -15.48
N GLY D 2328 -1.79 79.96 -14.88
CA GLY D 2328 -2.82 79.16 -15.52
C GLY D 2328 -3.25 79.77 -16.84
N GLU D 2329 -3.36 81.11 -16.88
CA GLU D 2329 -3.72 81.83 -18.10
C GLU D 2329 -2.67 81.60 -19.17
N ARG D 2330 -1.39 81.63 -18.77
CA ARG D 2330 -0.28 81.42 -19.69
C ARG D 2330 -0.39 80.08 -20.39
N TYR D 2331 -0.67 79.02 -19.61
CA TYR D 2331 -0.85 77.71 -20.24
C TYR D 2331 -2.12 77.67 -21.10
N LEU D 2332 -3.17 78.37 -20.67
CA LEU D 2332 -4.43 78.37 -21.42
C LEU D 2332 -4.27 79.00 -22.79
N ASP D 2333 -3.68 80.21 -22.85
CA ASP D 2333 -3.46 80.84 -24.16
C ASP D 2333 -2.41 80.09 -24.97
N PHE D 2334 -1.49 79.38 -24.31
CA PHE D 2334 -0.56 78.51 -25.04
C PHE D 2334 -1.32 77.37 -25.71
N LEU D 2335 -2.20 76.69 -24.98
CA LEU D 2335 -3.02 75.64 -25.58
C LEU D 2335 -3.99 76.21 -26.62
N ARG D 2336 -4.39 77.47 -26.47
CA ARG D 2336 -5.20 78.16 -27.48
C ARG D 2336 -4.43 78.28 -28.79
N PHE D 2337 -3.14 78.66 -28.70
CA PHE D 2337 -2.32 78.71 -29.90
C PHE D 2337 -2.01 77.32 -30.42
N ALA D 2338 -2.04 76.33 -29.52
CA ALA D 2338 -1.69 74.96 -29.89
C ALA D 2338 -2.79 74.33 -30.72
N VAL D 2339 -4.05 74.58 -30.35
CA VAL D 2339 -5.17 73.89 -30.97
C VAL D 2339 -5.89 74.72 -32.03
N PHE D 2340 -5.71 76.04 -32.05
CA PHE D 2340 -6.43 76.84 -33.04
C PHE D 2340 -5.43 77.47 -33.98
N VAL D 2341 -5.57 77.19 -35.28
CA VAL D 2341 -4.67 77.69 -36.31
C VAL D 2341 -5.51 78.18 -37.49
N ASN D 2342 -5.09 79.31 -38.06
CA ASN D 2342 -5.62 79.90 -39.31
C ASN D 2342 -7.15 80.13 -39.27
N GLY D 2343 -7.74 80.25 -38.09
CA GLY D 2343 -9.17 80.44 -37.98
C GLY D 2343 -10.00 79.18 -37.88
N GLU D 2344 -9.39 78.00 -37.81
CA GLU D 2344 -10.16 76.78 -37.64
C GLU D 2344 -9.50 75.89 -36.58
N SER D 2345 -10.32 75.02 -35.99
CA SER D 2345 -9.84 74.16 -34.93
C SER D 2345 -9.28 72.86 -35.50
N VAL D 2346 -8.27 72.33 -34.82
CA VAL D 2346 -7.73 71.02 -35.16
C VAL D 2346 -8.46 70.01 -34.29
N GLU D 2347 -9.25 69.14 -34.94
CA GLU D 2347 -10.08 68.18 -34.21
C GLU D 2347 -9.25 67.15 -33.43
N GLU D 2348 -8.16 66.66 -34.05
CA GLU D 2348 -7.29 65.67 -33.42
C GLU D 2348 -6.63 66.23 -32.17
N ASN D 2349 -6.13 67.45 -32.23
CA ASN D 2349 -5.56 68.06 -31.03
C ASN D 2349 -6.65 68.42 -30.04
N ALA D 2350 -7.81 68.85 -30.56
CA ALA D 2350 -8.91 69.33 -29.72
C ALA D 2350 -9.45 68.25 -28.80
N ASN D 2351 -9.61 67.03 -29.32
CA ASN D 2351 -10.23 66.00 -28.48
C ASN D 2351 -9.26 65.52 -27.42
N VAL D 2352 -7.97 65.42 -27.74
CA VAL D 2352 -7.01 64.92 -26.76
C VAL D 2352 -6.79 65.96 -25.67
N VAL D 2353 -6.75 67.26 -26.02
CA VAL D 2353 -6.56 68.29 -24.99
C VAL D 2353 -7.78 68.33 -24.07
N VAL D 2354 -9.00 68.32 -24.63
CA VAL D 2354 -10.17 68.38 -23.75
C VAL D 2354 -10.29 67.11 -22.91
N ARG D 2355 -9.91 65.95 -23.47
CA ARG D 2355 -9.93 64.70 -22.70
C ARG D 2355 -8.96 64.72 -21.53
N LEU D 2356 -7.73 65.20 -21.76
CA LEU D 2356 -6.76 65.24 -20.69
C LEU D 2356 -7.05 66.37 -19.70
N LEU D 2357 -7.56 67.50 -20.18
CA LEU D 2357 -7.95 68.60 -19.32
C LEU D 2357 -9.11 68.18 -18.42
N ILE D 2358 -10.09 67.47 -18.98
CA ILE D 2358 -11.27 67.11 -18.23
C ILE D 2358 -10.98 65.94 -17.30
N ARG D 2359 -9.93 65.15 -17.60
CA ARG D 2359 -9.46 64.15 -16.65
C ARG D 2359 -8.98 64.76 -15.34
N LYS D 2360 -8.54 66.02 -15.35
CA LYS D 2360 -8.02 66.71 -14.17
C LYS D 2360 -8.84 67.98 -13.97
N PRO D 2361 -10.05 67.87 -13.40
CA PRO D 2361 -10.90 69.06 -13.22
C PRO D 2361 -10.38 70.05 -12.17
N GLU D 2362 -9.30 69.72 -11.46
CA GLU D 2362 -8.78 70.56 -10.39
C GLU D 2362 -8.22 71.89 -10.86
N CYS D 2363 -7.99 72.06 -12.16
CA CYS D 2363 -7.35 73.27 -12.68
C CYS D 2363 -8.33 74.23 -13.35
N PHE D 2364 -9.63 73.98 -13.27
CA PHE D 2364 -10.58 74.93 -13.86
C PHE D 2364 -10.75 76.19 -13.03
N GLY D 2365 -10.50 76.12 -11.73
CA GLY D 2365 -10.66 77.26 -10.86
C GLY D 2365 -11.59 76.95 -9.69
N PRO D 2366 -11.94 77.98 -8.91
CA PRO D 2366 -12.88 77.78 -7.78
C PRO D 2366 -14.24 77.26 -8.20
N ALA D 2367 -14.72 77.66 -9.37
CA ALA D 2367 -16.00 77.18 -9.89
C ALA D 2367 -15.77 75.95 -10.75
N LEU D 2368 -16.89 75.34 -11.18
CA LEU D 2368 -16.94 74.21 -12.11
C LEU D 2368 -16.25 72.94 -11.58
N ARG D 2369 -16.01 72.86 -10.27
CA ARG D 2369 -15.41 71.67 -9.68
CA ARG D 2369 -15.42 71.68 -9.66
C ARG D 2369 -16.45 70.61 -9.31
N GLY D 2370 -17.73 70.96 -9.33
CA GLY D 2370 -18.75 70.02 -8.92
C GLY D 2370 -19.13 70.23 -7.47
N GLU D 2371 -18.75 69.29 -6.61
CA GLU D 2371 -18.91 69.48 -5.17
C GLU D 2371 -18.01 70.63 -4.71
N GLY D 2372 -18.58 71.51 -3.88
CA GLY D 2372 -17.86 72.68 -3.42
C GLY D 2372 -17.61 73.76 -4.45
N GLY D 2373 -18.13 73.60 -5.67
CA GLY D 2373 -17.90 74.57 -6.71
C GLY D 2373 -19.08 75.49 -6.96
N SER D 2374 -18.89 76.78 -6.67
CA SER D 2374 -19.92 77.79 -6.89
C SER D 2374 -20.10 78.05 -8.38
N GLY D 2375 -21.03 78.96 -8.70
CA GLY D 2375 -21.24 79.33 -10.08
C GLY D 2375 -20.06 80.09 -10.66
N LEU D 2376 -19.82 79.85 -11.96
CA LEU D 2376 -18.78 80.59 -12.68
C LEU D 2376 -19.11 82.07 -12.75
N LEU D 2377 -20.38 82.39 -13.00
CA LEU D 2377 -20.85 83.77 -13.01
C LEU D 2377 -20.66 84.41 -11.64
N ALA D 2378 -20.99 83.68 -10.58
CA ALA D 2378 -20.82 84.17 -9.21
C ALA D 2378 -19.35 84.44 -8.92
N ALA D 2379 -18.47 83.54 -9.39
CA ALA D 2379 -17.03 83.75 -9.20
C ALA D 2379 -16.55 84.96 -9.97
N ILE D 2380 -17.22 85.29 -11.08
CA ILE D 2380 -16.86 86.51 -11.83
C ILE D 2380 -17.24 87.75 -11.04
N GLU D 2381 -18.45 87.79 -10.46
CA GLU D 2381 -18.76 88.94 -9.59
C GLU D 2381 -17.86 89.00 -8.36
N GLU D 2382 -17.40 87.85 -7.86
CA GLU D 2382 -16.38 87.84 -6.82
C GLU D 2382 -15.10 88.52 -7.30
N ALA D 2383 -14.70 88.22 -8.54
CA ALA D 2383 -13.46 88.77 -9.07
C ALA D 2383 -13.62 90.27 -9.35
N ILE D 2384 -14.75 90.67 -9.92
CA ILE D 2384 -14.97 92.07 -10.30
C ILE D 2384 -15.00 92.95 -9.06
N ARG D 2385 -15.82 92.57 -8.06
CA ARG D 2385 -15.93 93.40 -6.87
C ARG D 2385 -14.66 93.37 -6.02
N ILE D 2386 -13.96 92.22 -5.96
CA ILE D 2386 -12.66 92.20 -5.27
C ILE D 2386 -11.63 93.04 -6.01
N SER D 2387 -11.68 93.06 -7.36
CA SER D 2387 -10.80 93.94 -8.13
C SER D 2387 -11.08 95.41 -7.85
N GLU D 2388 -12.35 95.79 -7.79
CA GLU D 2388 -12.70 97.18 -7.49
C GLU D 2388 -12.37 97.58 -6.06
N ASP D 2389 -12.42 96.63 -5.12
CA ASP D 2389 -12.18 96.93 -3.71
C ASP D 2389 -10.70 96.78 -3.40
N PRO D 2390 -10.00 97.83 -2.97
CA PRO D 2390 -8.58 97.69 -2.60
C PRO D 2390 -8.38 96.79 -1.39
N ALA D 2391 -7.10 96.53 -1.10
CA ALA D 2391 -6.56 95.68 -0.03
C ALA D 2391 -6.87 94.19 -0.22
N ARG D 2392 -7.57 93.80 -1.28
CA ARG D 2392 -7.83 92.40 -1.59
C ARG D 2392 -7.39 92.09 -3.01
N ASP D 2393 -7.37 93.11 -3.87
CA ASP D 2393 -6.90 92.92 -5.24
C ASP D 2393 -5.39 93.06 -5.36
N GLY D 2394 -4.77 93.84 -4.47
CA GLY D 2394 -3.36 94.07 -4.53
C GLY D 2394 -2.67 93.93 -3.18
N PRO D 2395 -1.40 94.36 -3.10
CA PRO D 2395 -0.64 94.20 -1.86
C PRO D 2395 -1.01 95.21 -0.78
N GLY D 2396 -1.80 96.22 -1.11
CA GLY D 2396 -2.13 97.28 -0.16
C GLY D 2396 -0.96 98.15 0.25
N VAL D 2397 -0.12 98.54 -0.71
CA VAL D 2397 1.04 99.39 -0.43
C VAL D 2397 0.89 100.73 -1.13
N PRO D 2410 -0.16 101.02 -13.77
CA PRO D 2410 0.38 100.42 -12.53
C PRO D 2410 1.62 101.14 -12.02
N PRO D 2411 1.81 101.15 -10.70
CA PRO D 2411 3.00 101.83 -10.12
C PRO D 2411 4.32 101.27 -10.61
N GLU D 2412 4.41 99.97 -10.84
CA GLU D 2412 5.64 99.34 -11.32
C GLU D 2412 5.50 98.76 -12.71
N GLU D 2413 4.39 99.03 -13.39
CA GLU D 2413 4.00 98.57 -14.74
C GLU D 2413 3.75 97.07 -14.83
N ASN D 2414 3.90 96.32 -13.74
CA ASN D 2414 3.63 94.89 -13.70
C ASN D 2414 2.90 94.50 -12.43
N ARG D 2415 2.08 95.41 -11.90
CA ARG D 2415 1.34 95.15 -10.68
C ARG D 2415 0.31 94.06 -10.91
N VAL D 2416 0.20 93.15 -9.96
CA VAL D 2416 -0.73 92.04 -10.07
C VAL D 2416 -2.09 92.50 -9.55
N HIS D 2417 -3.13 92.27 -10.35
CA HIS D 2417 -4.51 92.55 -9.98
C HIS D 2417 -5.20 91.20 -9.92
N LEU D 2418 -5.45 90.71 -8.70
CA LEU D 2418 -6.00 89.38 -8.50
C LEU D 2418 -7.38 89.22 -9.13
N GLY D 2419 -8.25 90.23 -8.93
CA GLY D 2419 -9.57 90.19 -9.52
C GLY D 2419 -9.56 90.17 -11.04
N HIS D 2420 -8.66 90.94 -11.64
CA HIS D 2420 -8.55 90.93 -13.10
C HIS D 2420 -7.95 89.62 -13.60
N ALA D 2421 -6.96 89.09 -12.89
CA ALA D 2421 -6.28 87.88 -13.32
C ALA D 2421 -7.20 86.66 -13.25
N ILE D 2422 -8.05 86.57 -12.23
CA ILE D 2422 -8.96 85.44 -12.07
C ILE D 2422 -9.93 85.35 -13.25
N MET D 2423 -10.54 86.47 -13.60
CA MET D 2423 -11.47 86.49 -14.73
C MET D 2423 -10.75 86.44 -16.08
N SER D 2424 -9.51 86.92 -16.16
CA SER D 2424 -8.70 86.69 -17.36
C SER D 2424 -8.42 85.20 -17.56
N PHE D 2425 -8.13 84.49 -16.46
CA PHE D 2425 -8.00 83.03 -16.49
C PHE D 2425 -9.30 82.37 -16.94
N TYR D 2426 -10.43 82.83 -16.42
CA TYR D 2426 -11.72 82.25 -16.79
C TYR D 2426 -12.03 82.47 -18.26
N ALA D 2427 -11.75 83.69 -18.75
CA ALA D 2427 -11.95 84.02 -20.16
C ALA D 2427 -11.05 83.19 -21.06
N ALA D 2428 -9.78 83.00 -20.69
CA ALA D 2428 -8.92 82.14 -21.50
C ALA D 2428 -9.34 80.68 -21.41
N LEU D 2429 -9.92 80.26 -20.28
CA LEU D 2429 -10.44 78.90 -20.13
C LEU D 2429 -11.59 78.65 -21.09
N ILE D 2430 -12.45 79.65 -21.22
CA ILE D 2430 -13.62 79.44 -22.05
C ILE D 2430 -13.26 79.70 -23.51
N ASP D 2431 -12.30 80.59 -23.79
CA ASP D 2431 -11.84 80.78 -25.17
C ASP D 2431 -11.14 79.53 -25.65
N LEU D 2432 -10.42 78.86 -24.74
CA LEU D 2432 -9.80 77.57 -25.04
C LEU D 2432 -10.84 76.54 -25.42
N LEU D 2433 -11.89 76.39 -24.60
CA LEU D 2433 -12.92 75.41 -24.92
C LEU D 2433 -13.66 75.77 -26.22
N GLY D 2434 -13.92 77.06 -26.42
CA GLY D 2434 -14.55 77.52 -27.66
C GLY D 2434 -13.72 77.21 -28.89
N ARG D 2435 -12.41 77.39 -28.79
CA ARG D 2435 -11.55 77.06 -29.93
C ARG D 2435 -11.21 75.57 -29.97
N CYS D 2436 -11.59 74.81 -28.95
CA CYS D 2436 -11.54 73.36 -29.00
C CYS D 2436 -12.86 72.75 -29.48
N ALA D 2437 -13.87 73.58 -29.75
CA ALA D 2437 -15.19 73.08 -30.10
C ALA D 2437 -15.16 72.36 -31.45
N PRO D 2438 -15.93 71.27 -31.60
CA PRO D 2438 -16.02 70.59 -32.90
C PRO D 2438 -16.68 71.46 -33.96
N GLU D 2439 -16.26 71.24 -35.20
CA GLU D 2439 -16.79 71.99 -36.33
C GLU D 2439 -18.21 71.57 -36.69
N MET D 2440 -18.93 72.54 -37.28
CA MET D 2440 -20.33 72.35 -37.64
C MET D 2440 -20.49 71.30 -38.73
N HIS D 2441 -19.55 71.22 -39.66
CA HIS D 2441 -19.65 70.25 -40.75
C HIS D 2441 -19.55 68.83 -40.22
N LEU D 2442 -18.71 68.60 -39.20
CA LEU D 2442 -18.70 67.30 -38.54
C LEU D 2442 -19.96 67.08 -37.71
N ILE D 2443 -20.52 68.17 -37.16
CA ILE D 2443 -21.74 68.05 -36.37
C ILE D 2443 -22.90 67.60 -37.25
N GLN D 2444 -23.08 68.26 -38.40
CA GLN D 2444 -24.11 67.80 -39.33
C GLN D 2444 -23.73 66.48 -39.98
N ALA D 2445 -22.43 66.13 -40.01
CA ALA D 2445 -22.02 64.81 -40.46
C ALA D 2445 -22.43 63.72 -39.48
N GLY D 2446 -22.75 64.10 -38.24
CA GLY D 2446 -23.23 63.12 -37.29
C GLY D 2446 -22.22 62.19 -36.69
N LYS D 2447 -20.93 62.52 -36.77
CA LYS D 2447 -19.90 61.65 -36.20
C LYS D 2447 -20.01 61.65 -34.67
N GLY D 2448 -19.76 60.46 -34.10
CA GLY D 2448 -20.02 60.15 -32.71
C GLY D 2448 -19.26 61.05 -31.76
N GLU D 2449 -17.93 61.02 -31.84
CA GLU D 2449 -17.11 61.77 -30.89
C GLU D 2449 -17.32 63.27 -31.06
N ALA D 2450 -17.50 63.73 -32.30
CA ALA D 2450 -17.75 65.15 -32.57
C ALA D 2450 -19.03 65.64 -31.89
N LEU D 2451 -20.12 64.87 -31.99
CA LEU D 2451 -21.31 65.18 -31.21
C LEU D 2451 -21.06 65.04 -29.70
N ARG D 2452 -20.32 64.00 -29.32
CA ARG D 2452 -20.14 63.64 -27.92
C ARG D 2452 -19.37 64.70 -27.14
N ILE D 2453 -18.35 65.29 -27.75
CA ILE D 2453 -17.56 66.32 -27.07
C ILE D 2453 -18.42 67.55 -26.81
N ARG D 2454 -19.17 68.01 -27.82
CA ARG D 2454 -19.98 69.21 -27.65
C ARG D 2454 -21.06 68.97 -26.62
N ALA D 2455 -21.67 67.77 -26.62
CA ALA D 2455 -22.64 67.41 -25.60
C ALA D 2455 -22.03 67.44 -24.20
N ILE D 2456 -20.75 67.05 -24.09
CA ILE D 2456 -20.05 67.16 -22.80
C ILE D 2456 -19.89 68.63 -22.42
N LEU D 2457 -19.48 69.48 -23.37
CA LEU D 2457 -19.30 70.91 -23.08
C LEU D 2457 -20.61 71.58 -22.65
N ARG D 2458 -21.73 71.19 -23.27
CA ARG D 2458 -23.04 71.66 -22.81
C ARG D 2458 -23.34 71.21 -21.38
N SER D 2459 -22.99 69.96 -21.05
CA SER D 2459 -23.15 69.52 -19.66
C SER D 2459 -22.19 70.26 -18.72
N LEU D 2460 -20.99 70.59 -19.17
CA LEU D 2460 -20.03 71.39 -18.43
C LEU D 2460 -20.53 72.78 -18.11
N VAL D 2461 -20.71 73.60 -19.14
CA VAL D 2461 -20.96 75.03 -18.98
C VAL D 2461 -22.45 75.28 -19.16
N PRO D 2462 -23.18 75.69 -18.12
CA PRO D 2462 -24.58 76.09 -18.31
C PRO D 2462 -24.66 77.47 -18.97
N LEU D 2463 -25.48 77.56 -20.01
CA LEU D 2463 -25.65 78.79 -20.77
C LEU D 2463 -26.26 79.93 -19.95
N ASP D 2464 -26.95 79.60 -18.86
CA ASP D 2464 -27.55 80.62 -17.99
C ASP D 2464 -26.47 81.50 -17.36
N ASP D 2465 -25.38 80.88 -16.91
CA ASP D 2465 -24.27 81.67 -16.39
C ASP D 2465 -23.65 82.51 -17.48
N LEU D 2466 -23.62 82.00 -18.72
CA LEU D 2466 -23.02 82.72 -19.84
C LEU D 2466 -23.81 83.97 -20.17
N VAL D 2467 -25.14 83.85 -20.24
CA VAL D 2467 -25.96 85.03 -20.52
C VAL D 2467 -25.89 85.99 -19.33
N GLY D 2468 -25.66 85.49 -18.12
CA GLY D 2468 -25.40 86.39 -17.00
C GLY D 2468 -24.13 87.20 -17.18
N ILE D 2469 -23.06 86.56 -17.67
CA ILE D 2469 -21.82 87.29 -17.96
C ILE D 2469 -22.05 88.31 -19.07
N ILE D 2470 -22.89 87.95 -20.04
CA ILE D 2470 -23.26 88.89 -21.10
C ILE D 2470 -23.97 90.10 -20.50
N SER D 2471 -24.88 89.85 -19.56
CA SER D 2471 -25.61 90.93 -18.91
C SER D 2471 -24.76 91.71 -17.92
N LEU D 2472 -23.57 91.24 -17.58
CA LEU D 2472 -22.71 91.96 -16.64
C LEU D 2472 -22.27 93.30 -17.23
N PRO D 2473 -22.31 94.37 -16.44
CA PRO D 2473 -22.03 95.70 -16.97
C PRO D 2473 -20.54 95.99 -17.12
N LEU D 2474 -20.27 97.05 -17.88
CA LEU D 2474 -18.93 97.59 -18.09
C LEU D 2474 -18.87 99.00 -17.52
N GLN D 2475 -17.81 99.30 -16.78
CA GLN D 2475 -17.59 100.65 -16.28
C GLN D 2475 -17.30 101.60 -17.43
N ILE D 2476 -18.00 102.72 -17.47
CA ILE D 2476 -18.01 103.62 -18.62
C ILE D 2476 -17.19 104.87 -18.28
N PRO D 2477 -16.39 105.41 -19.21
CA PRO D 2477 -15.75 106.71 -18.97
C PRO D 2477 -16.78 107.82 -18.83
N THR D 2478 -16.87 108.40 -17.63
CA THR D 2478 -17.88 109.39 -17.33
C THR D 2478 -17.30 110.80 -17.41
N LEU D 2479 -18.17 111.76 -17.71
CA LEU D 2479 -17.80 113.16 -17.80
C LEU D 2479 -18.23 113.88 -16.53
N GLY D 2480 -17.33 114.67 -15.97
CA GLY D 2480 -17.62 115.42 -14.77
C GLY D 2480 -16.35 115.87 -14.09
N LYS D 2481 -16.53 116.72 -13.08
CA LYS D 2481 -15.45 117.28 -12.25
C LYS D 2481 -14.42 118.02 -13.11
N ASP D 2482 -14.90 119.10 -13.73
CA ASP D 2482 -14.14 119.92 -14.70
C ASP D 2482 -13.71 119.07 -15.89
N GLY D 2483 -14.59 118.19 -16.33
CA GLY D 2483 -14.32 117.34 -17.47
C GLY D 2483 -13.36 116.19 -17.23
N ALA D 2484 -13.13 115.82 -15.98
CA ALA D 2484 -12.22 114.71 -15.66
C ALA D 2484 -12.86 113.40 -16.09
N LEU D 2485 -12.27 112.76 -17.10
CA LEU D 2485 -12.77 111.47 -17.58
C LEU D 2485 -12.35 110.39 -16.60
N VAL D 2486 -13.33 109.72 -15.98
CA VAL D 2486 -13.04 108.60 -15.11
C VAL D 2486 -12.82 107.37 -15.99
N GLN D 2487 -11.57 107.13 -16.38
CA GLN D 2487 -11.25 106.10 -17.34
C GLN D 2487 -10.77 104.86 -16.62
N PRO D 2488 -11.51 103.76 -16.65
CA PRO D 2488 -11.01 102.50 -16.05
C PRO D 2488 -9.76 102.00 -16.76
N LYS D 2489 -8.88 101.39 -15.98
CA LYS D 2489 -7.63 100.86 -16.48
C LYS D 2489 -7.83 99.40 -16.85
N MET D 2490 -7.40 99.03 -18.07
CA MET D 2490 -7.48 97.65 -18.54
C MET D 2490 -6.79 96.66 -17.61
N SER D 2491 -5.71 97.09 -16.95
CA SER D 2491 -5.01 96.24 -15.99
C SER D 2491 -5.87 95.92 -14.77
N ALA D 2492 -6.90 96.73 -14.48
CA ALA D 2492 -7.73 96.54 -13.29
C ALA D 2492 -9.22 96.71 -13.60
N SER D 2493 -9.66 96.37 -14.80
CA SER D 2493 -11.08 96.43 -15.13
C SER D 2493 -11.41 95.33 -16.12
N PHE D 2494 -12.71 95.01 -16.20
CA PHE D 2494 -13.17 93.97 -17.12
C PHE D 2494 -13.08 94.47 -18.55
N VAL D 2495 -12.47 93.66 -19.42
CA VAL D 2495 -12.21 94.10 -20.78
C VAL D 2495 -13.25 93.47 -21.70
N PRO D 2496 -13.62 94.16 -22.79
CA PRO D 2496 -14.56 93.57 -23.76
C PRO D 2496 -14.04 92.33 -24.48
N ASP D 2497 -12.72 92.13 -24.56
CA ASP D 2497 -12.19 90.94 -25.22
C ASP D 2497 -12.47 89.67 -24.43
N HIS D 2498 -12.59 89.77 -23.11
CA HIS D 2498 -13.04 88.64 -22.30
C HIS D 2498 -14.45 88.23 -22.74
N LYS D 2499 -15.32 89.22 -22.90
CA LYS D 2499 -16.69 88.96 -23.32
C LYS D 2499 -16.70 88.37 -24.73
N ALA D 2500 -15.79 88.83 -25.59
CA ALA D 2500 -15.68 88.24 -26.93
C ALA D 2500 -15.27 86.77 -26.85
N SER D 2501 -14.47 86.41 -25.84
CA SER D 2501 -14.08 85.02 -25.64
C SER D 2501 -15.31 84.18 -25.28
N MET D 2502 -16.19 84.74 -24.44
CA MET D 2502 -17.40 83.97 -24.11
C MET D 2502 -18.38 83.93 -25.28
N VAL D 2503 -18.45 85.01 -26.08
CA VAL D 2503 -19.35 85.03 -27.23
C VAL D 2503 -18.90 83.98 -28.25
N LEU D 2504 -17.59 83.91 -28.51
CA LEU D 2504 -17.04 82.91 -29.41
C LEU D 2504 -17.32 81.50 -28.91
N PHE D 2505 -17.29 81.32 -27.57
CA PHE D 2505 -17.58 80.00 -27.00
C PHE D 2505 -19.02 79.60 -27.28
N LEU D 2506 -19.97 80.47 -26.93
CA LEU D 2506 -21.38 80.14 -27.09
C LEU D 2506 -21.74 79.96 -28.56
N ASP D 2507 -21.12 80.77 -29.44
CA ASP D 2507 -21.32 80.61 -30.88
C ASP D 2507 -20.81 79.26 -31.39
N ARG D 2508 -19.64 78.83 -30.91
CA ARG D 2508 -19.07 77.58 -31.41
C ARG D 2508 -19.59 76.34 -30.72
N VAL D 2509 -20.14 76.47 -29.50
CA VAL D 2509 -20.61 75.32 -28.73
C VAL D 2509 -22.13 75.33 -28.62
N TYR D 2510 -22.70 76.36 -28.01
CA TYR D 2510 -24.13 76.37 -27.77
C TYR D 2510 -24.89 76.73 -29.04
N GLY D 2511 -24.61 77.90 -29.59
CA GLY D 2511 -25.29 78.36 -30.79
C GLY D 2511 -26.65 78.93 -30.46
N ILE D 2512 -27.27 79.52 -31.49
CA ILE D 2512 -28.59 80.11 -31.36
C ILE D 2512 -29.53 79.39 -32.33
N GLU D 2513 -30.62 78.85 -31.80
CA GLU D 2513 -31.57 78.09 -32.61
C GLU D 2513 -32.90 78.80 -32.80
N ASN D 2514 -33.40 79.50 -31.79
CA ASN D 2514 -34.72 80.12 -31.83
C ASN D 2514 -34.68 81.63 -31.59
N GLN D 2515 -35.72 82.29 -32.10
CA GLN D 2515 -35.78 83.74 -32.11
C GLN D 2515 -36.05 84.32 -30.72
N ASP D 2516 -36.91 83.66 -29.94
CA ASP D 2516 -37.27 84.20 -28.62
C ASP D 2516 -36.07 84.25 -27.68
N PHE D 2517 -35.28 83.17 -27.66
CA PHE D 2517 -34.05 83.18 -26.88
C PHE D 2517 -32.95 83.98 -27.56
N LEU D 2518 -33.03 84.15 -28.89
CA LEU D 2518 -32.11 85.03 -29.60
C LEU D 2518 -32.23 86.46 -29.10
N LEU D 2519 -33.47 86.98 -29.07
CA LEU D 2519 -33.69 88.33 -28.57
C LEU D 2519 -33.49 88.39 -27.07
N HIS D 2520 -33.80 87.29 -26.36
CA HIS D 2520 -33.64 87.23 -24.91
C HIS D 2520 -32.17 87.37 -24.52
N VAL D 2521 -31.24 87.00 -25.40
CA VAL D 2521 -29.83 87.13 -25.08
C VAL D 2521 -29.33 88.46 -25.63
N LEU D 2522 -29.91 88.94 -26.74
CA LEU D 2522 -29.50 90.23 -27.30
C LEU D 2522 -29.79 91.40 -26.37
N ASP D 2523 -31.03 91.48 -25.87
CA ASP D 2523 -31.45 92.66 -25.13
C ASP D 2523 -30.76 92.82 -23.77
N VAL D 2524 -30.51 91.72 -23.06
CA VAL D 2524 -30.03 91.82 -21.68
C VAL D 2524 -28.59 92.37 -21.63
N GLY D 2525 -27.69 91.84 -22.46
CA GLY D 2525 -26.31 92.23 -22.35
C GLY D 2525 -25.65 92.89 -23.53
N PHE D 2526 -26.05 92.50 -24.75
CA PHE D 2526 -25.44 93.12 -25.92
C PHE D 2526 -25.96 94.52 -26.13
N LEU D 2527 -27.25 94.73 -25.86
CA LEU D 2527 -27.85 96.06 -26.00
C LEU D 2527 -27.23 97.14 -25.10
N PRO D 2528 -27.04 96.96 -23.77
CA PRO D 2528 -26.39 98.04 -22.99
C PRO D 2528 -24.97 98.36 -23.44
N ASP D 2529 -24.21 97.35 -23.87
CA ASP D 2529 -22.84 97.57 -24.29
C ASP D 2529 -22.80 98.29 -25.63
N MET D 2530 -23.64 97.89 -26.59
CA MET D 2530 -23.65 98.56 -27.88
C MET D 2530 -24.16 99.99 -27.76
N ARG D 2531 -25.14 100.23 -26.86
CA ARG D 2531 -25.55 101.60 -26.57
C ARG D 2531 -24.42 102.40 -25.94
N ALA D 2532 -23.64 101.76 -25.07
CA ALA D 2532 -22.47 102.41 -24.47
C ALA D 2532 -21.46 102.79 -25.52
N ALA D 2533 -21.18 101.89 -26.46
CA ALA D 2533 -20.26 102.17 -27.57
C ALA D 2533 -20.78 103.30 -28.46
N ALA D 2534 -22.09 103.30 -28.75
CA ALA D 2534 -22.69 104.38 -29.52
C ALA D 2534 -22.59 105.72 -28.80
N SER D 2535 -22.80 105.71 -27.48
CA SER D 2535 -22.67 106.94 -26.69
C SER D 2535 -21.23 107.42 -26.63
N LEU D 2536 -20.27 106.50 -26.46
CA LEU D 2536 -18.86 106.87 -26.46
C LEU D 2536 -18.34 107.20 -27.85
N ASP D 2537 -19.11 106.94 -28.90
CA ASP D 2537 -18.72 107.32 -30.25
C ASP D 2537 -18.89 108.83 -30.40
N THR D 2538 -17.99 109.60 -29.80
CA THR D 2538 -18.06 111.05 -29.78
C THR D 2538 -16.63 111.59 -29.85
N ALA D 2539 -16.48 112.89 -29.60
CA ALA D 2539 -15.16 113.51 -29.71
C ALA D 2539 -14.26 113.12 -28.54
N THR D 2540 -14.80 113.09 -27.32
CA THR D 2540 -13.99 112.92 -26.12
C THR D 2540 -13.82 111.47 -25.69
N PHE D 2541 -14.68 110.55 -26.13
CA PHE D 2541 -14.67 109.19 -25.62
C PHE D 2541 -14.25 108.13 -26.62
N SER D 2542 -14.28 108.43 -27.92
CA SER D 2542 -13.95 107.43 -28.95
C SER D 2542 -12.50 106.97 -28.85
N THR D 2543 -11.58 107.90 -28.59
CA THR D 2543 -10.16 107.58 -28.54
C THR D 2543 -9.77 106.74 -27.34
N THR D 2544 -10.65 106.58 -26.35
CA THR D 2544 -10.34 105.79 -25.17
C THR D 2544 -10.18 104.31 -25.51
N GLU D 2545 -9.35 103.65 -24.68
CA GLU D 2545 -9.11 102.21 -24.82
C GLU D 2545 -10.40 101.42 -24.67
N MET D 2546 -11.29 101.87 -23.79
CA MET D 2546 -12.57 101.20 -23.56
C MET D 2546 -13.43 101.22 -24.82
N ALA D 2547 -13.47 102.37 -25.49
CA ALA D 2547 -14.23 102.49 -26.73
C ALA D 2547 -13.62 101.64 -27.84
N LEU D 2548 -12.30 101.74 -28.03
CA LEU D 2548 -11.65 100.99 -29.11
C LEU D 2548 -11.75 99.47 -28.87
N ALA D 2549 -11.62 99.05 -27.61
CA ALA D 2549 -11.82 97.65 -27.24
C ALA D 2549 -13.24 97.20 -27.51
N LEU D 2550 -14.23 98.06 -27.23
CA LEU D 2550 -15.61 97.73 -27.58
C LEU D 2550 -15.80 97.63 -29.10
N ASN D 2551 -15.15 98.52 -29.86
CA ASN D 2551 -15.23 98.49 -31.32
C ASN D 2551 -14.70 97.17 -31.86
N ARG D 2552 -13.54 96.75 -31.38
CA ARG D 2552 -12.96 95.47 -31.80
C ARG D 2552 -13.82 94.31 -31.33
N TYR D 2553 -14.33 94.38 -30.10
CA TYR D 2553 -15.12 93.30 -29.55
C TYR D 2553 -16.41 93.09 -30.35
N LEU D 2554 -17.10 94.19 -30.68
CA LEU D 2554 -18.34 94.08 -31.45
C LEU D 2554 -18.06 93.52 -32.83
N CYS D 2555 -17.01 94.02 -33.49
CA CYS D 2555 -16.74 93.59 -34.85
C CYS D 2555 -16.03 92.24 -34.94
N LEU D 2556 -15.58 91.68 -33.82
CA LEU D 2556 -14.98 90.36 -33.83
C LEU D 2556 -15.95 89.29 -33.38
N ALA D 2557 -16.82 89.57 -32.42
CA ALA D 2557 -17.65 88.53 -31.85
C ALA D 2557 -19.15 88.77 -31.98
N VAL D 2558 -19.62 90.00 -31.82
CA VAL D 2558 -21.06 90.24 -31.77
C VAL D 2558 -21.67 90.22 -33.17
N LEU D 2559 -21.19 91.14 -34.01
CA LEU D 2559 -21.78 91.35 -35.34
C LEU D 2559 -21.71 90.13 -36.26
N PRO D 2560 -20.61 89.36 -36.38
CA PRO D 2560 -20.70 88.10 -37.17
C PRO D 2560 -21.69 87.08 -36.62
N LEU D 2561 -21.86 87.02 -35.29
CA LEU D 2561 -22.83 86.09 -34.69
C LEU D 2561 -24.24 86.43 -35.12
N ILE D 2562 -24.59 87.72 -35.14
CA ILE D 2562 -25.97 88.05 -35.45
C ILE D 2562 -26.11 88.17 -36.96
N THR D 2563 -25.00 88.32 -37.69
CA THR D 2563 -25.05 88.23 -39.14
C THR D 2563 -25.45 86.80 -39.54
N LYS D 2564 -24.89 85.80 -38.86
CA LYS D 2564 -25.30 84.43 -39.14
C LYS D 2564 -26.72 84.17 -38.63
N CYS D 2565 -27.09 84.77 -37.50
CA CYS D 2565 -28.43 84.62 -36.94
C CYS D 2565 -29.45 85.59 -37.56
N ALA D 2566 -29.12 86.24 -38.67
CA ALA D 2566 -30.02 87.20 -39.31
C ALA D 2566 -31.36 86.66 -39.82
N PRO D 2567 -31.49 85.48 -40.48
CA PRO D 2567 -32.83 85.06 -40.97
C PRO D 2567 -33.93 84.90 -39.91
N LEU D 2568 -33.61 84.97 -38.62
CA LEU D 2568 -34.59 84.89 -37.55
C LEU D 2568 -35.08 86.27 -37.10
N PHE D 2569 -35.12 87.25 -38.00
CA PHE D 2569 -35.56 88.60 -37.65
C PHE D 2569 -36.91 88.96 -38.23
N ALA D 2570 -37.56 88.05 -38.97
CA ALA D 2570 -38.82 88.38 -39.61
C ALA D 2570 -39.98 88.44 -38.63
N GLY D 2571 -40.06 87.51 -37.69
CA GLY D 2571 -41.20 87.45 -36.79
C GLY D 2571 -41.01 88.21 -35.48
N THR D 2572 -40.48 89.42 -35.55
CA THR D 2572 -40.20 90.22 -34.36
C THR D 2572 -41.17 91.41 -34.29
N GLU D 2573 -42.41 91.21 -34.76
CA GLU D 2573 -43.42 92.27 -34.66
C GLU D 2573 -43.76 92.60 -33.23
N HIS D 2574 -43.89 91.58 -32.37
CA HIS D 2574 -44.20 91.79 -30.96
C HIS D 2574 -43.07 92.43 -30.16
N ARG D 2575 -41.86 92.51 -30.73
CA ARG D 2575 -40.72 93.17 -30.12
C ARG D 2575 -40.08 94.12 -31.13
N ALA D 2576 -40.92 94.84 -31.89
CA ALA D 2576 -40.41 95.66 -32.98
C ALA D 2576 -39.71 96.93 -32.51
N ILE D 2577 -40.01 97.38 -31.30
CA ILE D 2577 -39.48 98.66 -30.82
C ILE D 2577 -37.97 98.55 -30.56
N MET D 2578 -37.55 97.48 -29.88
CA MET D 2578 -36.14 97.38 -29.51
C MET D 2578 -35.28 97.06 -30.73
N VAL D 2579 -35.76 96.20 -31.64
CA VAL D 2579 -34.99 95.91 -32.85
C VAL D 2579 -34.91 97.15 -33.76
N ASP D 2580 -35.98 97.98 -33.80
CA ASP D 2580 -35.90 99.25 -34.51
C ASP D 2580 -34.86 100.17 -33.91
N SER D 2581 -34.78 100.20 -32.58
CA SER D 2581 -33.74 101.00 -31.95
C SER D 2581 -32.35 100.40 -32.16
N MET D 2582 -32.25 99.06 -32.23
CA MET D 2582 -31.00 98.38 -32.57
C MET D 2582 -30.50 98.81 -33.94
N LEU D 2583 -31.38 98.76 -34.96
CA LEU D 2583 -30.95 99.11 -36.31
C LEU D 2583 -30.65 100.60 -36.44
N HIS D 2584 -31.42 101.45 -35.72
CA HIS D 2584 -31.16 102.89 -35.73
CA HIS D 2584 -31.16 102.88 -35.74
C HIS D 2584 -29.79 103.20 -35.13
N THR D 2585 -29.47 102.54 -34.01
CA THR D 2585 -28.22 102.79 -33.33
C THR D 2585 -27.03 102.22 -34.10
N VAL D 2586 -27.16 101.02 -34.67
CA VAL D 2586 -26.04 100.48 -35.44
C VAL D 2586 -25.79 101.33 -36.70
N TYR D 2587 -26.84 101.87 -37.32
CA TYR D 2587 -26.63 102.82 -38.42
C TYR D 2587 -25.93 104.09 -37.97
N ARG D 2588 -26.30 104.62 -36.80
CA ARG D 2588 -25.56 105.75 -36.23
C ARG D 2588 -24.11 105.38 -35.90
N LEU D 2589 -23.87 104.16 -35.44
CA LEU D 2589 -22.51 103.69 -35.25
C LEU D 2589 -21.78 103.50 -36.57
N SER D 2590 -22.52 103.13 -37.63
CA SER D 2590 -21.94 102.99 -38.96
C SER D 2590 -21.41 104.32 -39.45
N ARG D 2591 -22.16 105.40 -39.20
CA ARG D 2591 -21.66 106.75 -39.46
C ARG D 2591 -20.80 107.21 -38.28
N GLY D 2592 -19.70 106.48 -38.08
CA GLY D 2592 -18.80 106.66 -36.95
C GLY D 2592 -17.44 107.17 -37.35
N ARG D 2593 -16.77 107.83 -36.40
CA ARG D 2593 -15.44 108.37 -36.58
C ARG D 2593 -14.46 107.58 -35.72
N SER D 2594 -13.17 107.66 -36.08
CA SER D 2594 -12.05 107.00 -35.40
C SER D 2594 -12.16 105.48 -35.39
N LEU D 2595 -12.91 104.90 -36.32
CA LEU D 2595 -13.08 103.46 -36.44
C LEU D 2595 -12.46 102.98 -37.75
N THR D 2596 -11.78 101.84 -37.69
CA THR D 2596 -11.09 101.30 -38.84
C THR D 2596 -12.09 100.85 -39.91
N LYS D 2597 -11.58 100.71 -41.14
CA LYS D 2597 -12.41 100.29 -42.26
C LYS D 2597 -12.98 98.89 -42.06
N ALA D 2598 -12.18 97.97 -41.52
CA ALA D 2598 -12.66 96.62 -41.20
C ALA D 2598 -13.82 96.65 -40.20
N GLN D 2599 -13.70 97.49 -39.17
CA GLN D 2599 -14.81 97.70 -38.24
C GLN D 2599 -16.02 98.30 -38.95
N ARG D 2600 -15.77 99.24 -39.87
CA ARG D 2600 -16.84 99.94 -40.55
C ARG D 2600 -17.63 98.98 -41.43
N ASP D 2601 -16.93 98.18 -42.24
CA ASP D 2601 -17.62 97.28 -43.15
C ASP D 2601 -18.36 96.18 -42.37
N VAL D 2602 -17.78 95.72 -41.24
CA VAL D 2602 -18.46 94.72 -40.43
C VAL D 2602 -19.78 95.29 -39.88
N ILE D 2603 -19.76 96.55 -39.41
CA ILE D 2603 -20.99 97.20 -38.94
C ILE D 2603 -22.00 97.34 -40.08
N GLU D 2604 -21.53 97.77 -41.26
CA GLU D 2604 -22.43 98.00 -42.39
C GLU D 2604 -23.05 96.69 -42.88
N ASP D 2605 -22.24 95.62 -42.99
CA ASP D 2605 -22.74 94.33 -43.44
C ASP D 2605 -23.70 93.73 -42.41
N CYS D 2606 -23.44 93.96 -41.12
CA CYS D 2606 -24.38 93.55 -40.08
C CYS D 2606 -25.73 94.25 -40.23
N LEU D 2607 -25.69 95.56 -40.53
CA LEU D 2607 -26.93 96.28 -40.82
C LEU D 2607 -27.62 95.74 -42.07
N MET D 2608 -26.83 95.36 -43.08
CA MET D 2608 -27.39 94.74 -44.28
C MET D 2608 -28.10 93.43 -43.97
N ALA D 2609 -27.49 92.61 -43.12
CA ALA D 2609 -28.13 91.36 -42.67
C ALA D 2609 -29.37 91.61 -41.82
N LEU D 2610 -29.37 92.67 -41.01
CA LEU D 2610 -30.58 93.06 -40.27
C LEU D 2610 -31.71 93.45 -41.22
N CYS D 2611 -31.38 94.23 -42.24
CA CYS D 2611 -32.40 94.74 -43.15
C CYS D 2611 -32.89 93.68 -44.12
N ARG D 2612 -32.04 92.72 -44.49
CA ARG D 2612 -32.43 91.69 -45.44
CA ARG D 2612 -32.45 91.71 -45.44
C ARG D 2612 -33.50 90.77 -44.87
N TYR D 2613 -33.63 90.70 -43.54
CA TYR D 2613 -34.60 89.83 -42.91
C TYR D 2613 -35.49 90.57 -41.92
N ILE D 2614 -35.51 91.91 -41.95
CA ILE D 2614 -36.46 92.64 -41.12
C ILE D 2614 -37.61 93.04 -42.03
N ARG D 2615 -38.80 93.20 -41.45
CA ARG D 2615 -39.96 93.63 -42.20
C ARG D 2615 -39.84 95.10 -42.60
N PRO D 2616 -40.46 95.50 -43.72
CA PRO D 2616 -40.40 96.93 -44.13
C PRO D 2616 -41.08 97.88 -43.15
N SER D 2617 -41.95 97.38 -42.28
CA SER D 2617 -42.62 98.24 -41.30
C SER D 2617 -41.63 98.88 -40.35
N MET D 2618 -40.66 98.11 -39.86
CA MET D 2618 -39.66 98.65 -38.96
C MET D 2618 -38.58 99.44 -39.68
N LEU D 2619 -38.56 99.40 -41.00
CA LEU D 2619 -37.58 100.15 -41.77
C LEU D 2619 -37.95 101.61 -41.93
N GLN D 2620 -39.18 102.00 -41.56
CA GLN D 2620 -39.64 103.38 -41.73
C GLN D 2620 -38.84 104.36 -40.89
N HIS D 2621 -38.54 104.01 -39.64
CA HIS D 2621 -37.79 104.90 -38.76
C HIS D 2621 -36.37 105.13 -39.28
N LEU D 2622 -35.73 104.06 -39.75
CA LEU D 2622 -34.41 104.18 -40.37
C LEU D 2622 -34.46 105.02 -41.63
N LEU D 2623 -35.44 104.76 -42.51
CA LEU D 2623 -35.59 105.56 -43.73
C LEU D 2623 -35.94 107.00 -43.42
N ARG D 2624 -36.63 107.25 -42.31
CA ARG D 2624 -36.89 108.61 -41.83
C ARG D 2624 -35.59 109.31 -41.47
N ARG D 2625 -34.67 108.57 -40.85
CA ARG D 2625 -33.34 109.14 -40.63
C ARG D 2625 -32.58 109.32 -41.95
N LEU D 2626 -32.80 108.41 -42.90
CA LEU D 2626 -32.20 108.53 -44.23
C LEU D 2626 -32.69 109.73 -45.00
N VAL D 2627 -33.90 110.23 -44.69
CA VAL D 2627 -34.41 111.48 -45.26
C VAL D 2627 -33.50 112.66 -44.85
N PHE D 2628 -32.84 112.54 -43.71
CA PHE D 2628 -31.97 113.59 -43.21
C PHE D 2628 -30.51 113.32 -43.54
N ASP D 2629 -30.12 112.06 -43.67
CA ASP D 2629 -28.71 111.71 -43.85
C ASP D 2629 -28.30 111.52 -45.31
N VAL D 2630 -29.09 110.79 -46.10
CA VAL D 2630 -28.72 110.54 -47.51
C VAL D 2630 -28.65 111.80 -48.37
N PRO D 2631 -29.59 112.78 -48.29
CA PRO D 2631 -29.43 114.02 -49.11
C PRO D 2631 -28.16 114.83 -48.82
N ILE D 2632 -27.43 114.57 -47.74
CA ILE D 2632 -26.15 115.21 -47.51
C ILE D 2632 -25.14 114.81 -48.59
N LEU D 2633 -25.23 113.55 -49.07
CA LEU D 2633 -24.35 112.97 -50.10
C LEU D 2633 -22.88 113.06 -49.72
N ASN D 2634 -22.59 112.75 -48.46
CA ASN D 2634 -21.22 112.77 -47.95
C ASN D 2634 -20.54 111.44 -48.28
N GLU D 2635 -19.36 111.24 -47.69
CA GLU D 2635 -18.57 110.02 -47.93
C GLU D 2635 -19.24 108.77 -47.40
N PHE D 2636 -20.17 108.89 -46.45
CA PHE D 2636 -20.88 107.76 -45.89
C PHE D 2636 -22.22 107.50 -46.57
N ALA D 2637 -22.54 108.24 -47.64
CA ALA D 2637 -23.79 108.07 -48.35
C ALA D 2637 -23.86 106.82 -49.22
N LYS D 2638 -22.74 106.11 -49.41
CA LYS D 2638 -22.73 104.93 -50.28
C LYS D 2638 -23.56 103.80 -49.69
N MET D 2639 -23.34 103.47 -48.42
CA MET D 2639 -24.03 102.35 -47.78
C MET D 2639 -25.56 102.50 -47.71
N PRO D 2640 -26.15 103.63 -47.28
CA PRO D 2640 -27.61 103.74 -47.36
C PRO D 2640 -28.16 103.67 -48.78
N LEU D 2641 -27.41 104.14 -49.78
CA LEU D 2641 -27.90 104.14 -51.16
C LEU D 2641 -28.14 102.71 -51.65
N LYS D 2642 -27.18 101.83 -51.40
CA LYS D 2642 -27.37 100.42 -51.75
C LYS D 2642 -28.31 99.72 -50.78
N LEU D 2643 -28.42 100.20 -49.55
CA LEU D 2643 -29.42 99.68 -48.62
C LEU D 2643 -30.83 99.92 -49.14
N LEU D 2644 -31.09 101.13 -49.62
CA LEU D 2644 -32.36 101.46 -50.24
C LEU D 2644 -32.55 100.68 -51.53
N THR D 2645 -31.46 100.49 -52.30
CA THR D 2645 -31.55 99.74 -53.56
C THR D 2645 -32.00 98.30 -53.29
N ASN D 2646 -31.40 97.66 -52.28
CA ASN D 2646 -31.75 96.29 -51.94
C ASN D 2646 -33.17 96.19 -51.38
N HIS D 2647 -33.51 97.07 -50.42
CA HIS D 2647 -34.83 97.01 -49.80
C HIS D 2647 -35.94 97.32 -50.80
N TYR D 2648 -35.75 98.33 -51.65
CA TYR D 2648 -36.77 98.68 -52.62
C TYR D 2648 -36.89 97.66 -53.74
N GLU D 2649 -35.76 97.11 -54.22
CA GLU D 2649 -35.86 96.02 -55.18
C GLU D 2649 -36.42 94.74 -54.58
N ARG D 2650 -36.37 94.59 -53.24
CA ARG D 2650 -36.96 93.45 -52.58
C ARG D 2650 -38.44 93.63 -52.26
N CYS D 2651 -38.88 94.87 -52.01
CA CYS D 2651 -40.26 95.16 -51.62
C CYS D 2651 -40.85 96.28 -52.47
N TRP D 2652 -40.57 96.27 -53.78
CA TRP D 2652 -41.17 97.27 -54.66
C TRP D 2652 -42.66 97.06 -54.82
N LYS D 2653 -43.12 95.82 -54.71
CA LYS D 2653 -44.56 95.55 -54.77
C LYS D 2653 -45.29 96.06 -53.53
N TYR D 2654 -44.58 96.21 -52.40
CA TYR D 2654 -45.22 96.69 -51.18
C TYR D 2654 -45.63 98.16 -51.30
N TYR D 2655 -44.94 98.93 -52.14
CA TYR D 2655 -45.24 100.34 -52.29
C TYR D 2655 -45.88 100.71 -53.62
N CYS D 2656 -45.78 99.85 -54.63
CA CYS D 2656 -46.36 100.14 -55.93
C CYS D 2656 -47.77 99.60 -56.08
N LEU D 2657 -47.99 98.36 -55.67
CA LEU D 2657 -49.32 97.75 -55.75
C LEU D 2657 -50.28 98.44 -54.77
N PRO D 2658 -51.55 98.61 -55.14
CA PRO D 2658 -52.52 99.22 -54.22
C PRO D 2658 -52.74 98.43 -52.94
N THR D 2659 -52.65 97.12 -52.99
CA THR D 2659 -52.78 96.28 -51.80
C THR D 2659 -51.42 95.97 -51.17
N GLY D 2660 -50.34 96.56 -51.67
CA GLY D 2660 -49.01 96.24 -51.23
C GLY D 2660 -48.60 94.87 -51.75
N TRP D 2661 -47.57 94.32 -51.12
CA TRP D 2661 -47.06 93.01 -51.46
C TRP D 2661 -47.69 91.98 -50.52
N ALA D 2662 -47.61 90.71 -50.91
CA ALA D 2662 -48.32 89.61 -50.24
C ALA D 2662 -47.96 89.51 -48.77
N ASN D 2663 -48.99 89.24 -47.95
CA ASN D 2663 -48.95 88.97 -46.50
C ASN D 2663 -48.20 90.02 -45.68
N PHE D 2664 -48.09 91.25 -46.20
CA PHE D 2664 -47.50 92.35 -45.48
C PHE D 2664 -48.41 93.58 -45.37
N GLY D 2665 -49.41 93.69 -46.23
CA GLY D 2665 -50.38 94.76 -46.13
C GLY D 2665 -50.05 95.92 -47.06
N VAL D 2666 -50.85 96.96 -46.92
CA VAL D 2666 -50.75 98.16 -47.71
C VAL D 2666 -49.76 99.09 -47.01
N THR D 2667 -49.02 99.88 -47.80
CA THR D 2667 -48.15 100.90 -47.24
C THR D 2667 -48.95 101.93 -46.44
N SER D 2668 -48.28 102.56 -45.48
CA SER D 2668 -48.95 103.37 -44.46
C SER D 2668 -49.25 104.80 -44.90
N GLU D 2669 -48.95 105.17 -46.15
CA GLU D 2669 -49.16 106.49 -46.80
C GLU D 2669 -48.18 107.54 -46.26
N GLU D 2670 -47.42 107.19 -45.22
CA GLU D 2670 -46.35 108.00 -44.65
C GLU D 2670 -45.00 107.60 -45.23
N GLU D 2671 -44.81 106.30 -45.42
CA GLU D 2671 -43.60 105.79 -46.07
C GLU D 2671 -43.51 106.29 -47.51
N LEU D 2672 -44.65 106.34 -48.21
CA LEU D 2672 -44.66 106.89 -49.56
C LEU D 2672 -44.30 108.37 -49.58
N HIS D 2673 -44.82 109.13 -48.61
CA HIS D 2673 -44.53 110.57 -48.53
C HIS D 2673 -43.05 110.82 -48.28
N LEU D 2674 -42.43 110.05 -47.38
CA LEU D 2674 -41.01 110.22 -47.14
C LEU D 2674 -40.17 109.66 -48.28
N THR D 2675 -40.64 108.61 -48.94
CA THR D 2675 -39.96 108.12 -50.15
C THR D 2675 -39.96 109.17 -51.25
N ARG D 2676 -41.09 109.84 -51.45
CA ARG D 2676 -41.17 110.95 -52.40
C ARG D 2676 -40.26 112.11 -52.02
N LYS D 2677 -40.21 112.43 -50.71
CA LYS D 2677 -39.27 113.44 -50.23
C LYS D 2677 -37.82 113.04 -50.48
N LEU D 2678 -37.49 111.77 -50.23
CA LEU D 2678 -36.14 111.28 -50.53
C LEU D 2678 -35.85 111.31 -52.01
N PHE D 2679 -36.82 110.98 -52.85
CA PHE D 2679 -36.65 111.03 -54.30
C PHE D 2679 -36.32 112.43 -54.77
N TRP D 2680 -37.06 113.43 -54.26
CA TRP D 2680 -36.81 114.80 -54.68
C TRP D 2680 -35.51 115.33 -54.08
N GLY D 2681 -35.24 115.01 -52.81
CA GLY D 2681 -34.01 115.45 -52.15
C GLY D 2681 -32.77 114.89 -52.82
N ILE D 2682 -32.79 113.60 -53.15
CA ILE D 2682 -31.66 112.95 -53.81
C ILE D 2682 -31.48 113.48 -55.23
N PHE D 2683 -32.58 113.63 -55.98
CA PHE D 2683 -32.46 114.14 -57.34
C PHE D 2683 -31.92 115.57 -57.38
N ASP D 2684 -32.38 116.42 -56.44
CA ASP D 2684 -31.84 117.77 -56.31
C ASP D 2684 -30.38 117.79 -55.86
N SER D 2685 -30.06 116.99 -54.83
CA SER D 2685 -28.70 116.97 -54.30
C SER D 2685 -27.72 116.41 -55.33
N LEU D 2686 -28.09 115.33 -56.02
CA LEU D 2686 -27.26 114.77 -57.07
C LEU D 2686 -27.13 115.74 -58.24
N ALA D 2687 -28.16 116.57 -58.48
CA ALA D 2687 -28.07 117.60 -59.51
C ALA D 2687 -27.01 118.64 -59.14
N HIS D 2688 -27.00 119.08 -57.88
CA HIS D 2688 -26.03 120.12 -57.52
C HIS D 2688 -24.62 119.57 -57.34
N LYS D 2689 -24.46 118.37 -56.78
CA LYS D 2689 -23.14 117.80 -56.55
C LYS D 2689 -22.42 117.49 -57.86
N LYS D 2690 -21.09 117.62 -57.83
CA LYS D 2690 -20.26 117.37 -58.99
C LYS D 2690 -20.32 115.90 -59.41
N TYR D 2691 -20.03 115.66 -60.68
CA TYR D 2691 -20.07 114.32 -61.25
C TYR D 2691 -18.97 113.46 -60.65
N ASP D 2692 -19.37 112.53 -59.79
CA ASP D 2692 -18.48 111.54 -59.20
C ASP D 2692 -18.97 110.20 -59.75
N GLN D 2693 -18.17 109.60 -60.63
CA GLN D 2693 -18.57 108.33 -61.27
C GLN D 2693 -18.78 107.21 -60.26
N GLU D 2694 -17.95 107.18 -59.21
CA GLU D 2694 -18.08 106.21 -58.13
C GLU D 2694 -19.42 106.33 -57.42
N LEU D 2695 -19.86 107.57 -57.17
CA LEU D 2695 -21.17 107.79 -56.59
C LEU D 2695 -22.28 107.47 -57.60
N TYR D 2696 -22.15 107.96 -58.83
CA TYR D 2696 -23.25 107.93 -59.81
C TYR D 2696 -23.60 106.50 -60.23
N ARG D 2697 -22.57 105.68 -60.53
CA ARG D 2697 -22.80 104.31 -61.04
C ARG D 2697 -23.56 103.46 -60.04
N MET D 2698 -23.38 103.69 -58.75
CA MET D 2698 -24.18 102.97 -57.77
C MET D 2698 -25.28 103.85 -57.19
N ALA D 2699 -25.48 105.04 -57.77
CA ALA D 2699 -26.49 105.98 -57.32
C ALA D 2699 -27.77 105.79 -58.09
N MET D 2700 -27.66 105.62 -59.43
CA MET D 2700 -28.90 105.49 -60.19
C MET D 2700 -29.75 104.23 -59.92
N PRO D 2701 -29.22 103.03 -59.55
CA PRO D 2701 -30.16 101.93 -59.21
C PRO D 2701 -31.07 102.25 -58.03
N CYS D 2702 -30.57 102.99 -57.03
CA CYS D 2702 -31.41 103.43 -55.92
C CYS D 2702 -32.50 104.40 -56.39
N LEU D 2703 -32.14 105.33 -57.27
CA LEU D 2703 -33.10 106.29 -57.80
C LEU D 2703 -34.19 105.59 -58.61
N CYS D 2704 -33.78 104.63 -59.45
CA CYS D 2704 -34.73 103.88 -60.26
C CYS D 2704 -35.62 102.98 -59.39
N ALA D 2705 -35.04 102.34 -58.37
CA ALA D 2705 -35.81 101.49 -57.47
C ALA D 2705 -36.84 102.30 -56.68
N ILE D 2706 -36.45 103.50 -56.22
CA ILE D 2706 -37.37 104.39 -55.52
C ILE D 2706 -38.49 104.85 -56.46
N ALA D 2707 -38.13 105.21 -57.70
CA ALA D 2707 -39.14 105.63 -58.68
C ALA D 2707 -40.10 104.50 -59.03
N GLY D 2708 -39.57 103.28 -59.18
CA GLY D 2708 -40.43 102.14 -59.46
C GLY D 2708 -41.35 101.80 -58.31
N ALA D 2709 -40.83 101.85 -57.08
CA ALA D 2709 -41.65 101.57 -55.90
C ALA D 2709 -42.74 102.61 -55.71
N LEU D 2710 -42.41 103.89 -55.91
CA LEU D 2710 -43.39 104.96 -55.74
C LEU D 2710 -44.48 104.87 -56.80
N PRO D 2711 -45.76 104.93 -56.42
CA PRO D 2711 -46.84 104.91 -57.41
C PRO D 2711 -46.75 106.12 -58.33
N PRO D 2712 -47.06 105.93 -59.62
CA PRO D 2712 -47.02 107.06 -60.56
C PRO D 2712 -47.99 108.18 -60.24
N ASP D 2713 -49.15 107.85 -59.67
CA ASP D 2713 -50.18 108.84 -59.36
C ASP D 2713 -50.29 109.14 -57.87
N TYR D 2714 -49.24 108.86 -57.10
CA TYR D 2714 -49.27 109.12 -55.67
C TYR D 2714 -49.33 110.62 -55.41
N VAL D 2715 -50.07 111.00 -54.37
CA VAL D 2715 -50.28 112.40 -54.01
C VAL D 2715 -49.93 112.56 -52.54
N ASP D 2716 -49.04 113.50 -52.23
CA ASP D 2716 -48.69 113.81 -50.85
C ASP D 2716 -49.79 114.62 -50.19
N ALA D 2717 -49.83 114.55 -48.85
CA ALA D 2717 -50.87 115.22 -48.09
C ALA D 2717 -50.80 116.73 -48.22
N SER D 2718 -49.60 117.31 -48.11
CA SER D 2718 -49.40 118.74 -48.25
C SER D 2718 -48.37 118.99 -49.34
N TYR D 2719 -48.73 119.84 -50.29
CA TYR D 2719 -47.85 120.17 -51.43
C TYR D 2719 -46.98 121.38 -51.12
N SER D 2720 -46.29 121.33 -49.98
CA SER D 2720 -45.39 122.40 -49.57
C SER D 2720 -44.39 121.83 -48.58
N SER D 2721 -43.26 122.51 -48.46
CA SER D 2721 -42.20 122.09 -47.55
C SER D 2721 -41.32 123.30 -47.25
N LYS D 2722 -40.50 123.15 -46.20
CA LYS D 2722 -39.59 124.21 -45.78
C LYS D 2722 -38.50 124.48 -46.82
N ALA D 2723 -38.20 123.50 -47.69
CA ALA D 2723 -37.18 123.59 -48.75
C ALA D 2723 -35.81 123.95 -48.20
N GLU D 2724 -35.45 123.38 -47.05
CA GLU D 2724 -34.17 123.62 -46.41
C GLU D 2724 -33.24 122.44 -46.61
N LYS D 2725 -31.96 122.69 -46.31
CA LYS D 2725 -30.86 121.71 -46.37
C LYS D 2725 -30.69 121.07 -47.75
N ASN D 2734 -26.34 115.25 -36.25
CA ASN D 2734 -27.70 114.91 -35.91
C ASN D 2734 -28.68 115.97 -36.40
N PHE D 2735 -29.95 115.80 -36.06
CA PHE D 2735 -31.01 116.69 -36.50
C PHE D 2735 -30.83 118.07 -35.87
N ASP D 2736 -30.69 119.10 -36.71
CA ASP D 2736 -30.38 120.46 -36.26
C ASP D 2736 -31.37 121.46 -36.86
N PRO D 2737 -32.56 121.59 -36.29
CA PRO D 2737 -33.51 122.58 -36.76
C PRO D 2737 -33.12 123.98 -36.29
N ARG D 2738 -33.66 124.98 -37.01
CA ARG D 2738 -33.43 126.37 -36.63
C ARG D 2738 -34.72 126.96 -36.10
N PRO D 2739 -34.82 127.22 -34.79
CA PRO D 2739 -36.01 127.89 -34.27
C PRO D 2739 -36.15 129.30 -34.81
N VAL D 2740 -37.39 129.71 -35.05
CA VAL D 2740 -37.67 131.03 -35.62
C VAL D 2740 -37.51 132.07 -34.54
N GLU D 2741 -36.91 133.22 -34.90
CA GLU D 2741 -36.69 134.32 -33.98
C GLU D 2741 -38.00 134.86 -33.39
N THR D 2742 -38.00 135.08 -32.08
CA THR D 2742 -39.18 135.56 -31.37
C THR D 2742 -38.89 136.79 -30.52
N LEU D 2743 -37.71 136.88 -29.91
CA LEU D 2743 -37.42 137.95 -28.96
C LEU D 2743 -36.83 139.17 -29.65
N ASN D 2744 -35.99 138.96 -30.68
CA ASN D 2744 -35.39 140.08 -31.41
C ASN D 2744 -36.44 140.92 -32.11
N VAL D 2745 -37.44 140.28 -32.71
CA VAL D 2745 -38.57 141.00 -33.30
C VAL D 2745 -39.54 141.39 -32.19
N ILE D 2746 -40.08 142.59 -32.28
CA ILE D 2746 -40.97 143.12 -31.24
C ILE D 2746 -42.35 142.53 -31.43
N ILE D 2747 -42.94 142.05 -30.34
CA ILE D 2747 -44.32 141.56 -30.34
C ILE D 2747 -45.30 142.74 -30.25
N PRO D 2748 -46.18 142.92 -31.24
CA PRO D 2748 -47.16 144.01 -31.14
C PRO D 2748 -48.25 143.71 -30.14
N GLU D 2749 -48.28 144.47 -29.04
CA GLU D 2749 -49.26 144.33 -27.99
C GLU D 2749 -50.53 145.15 -28.26
N LYS D 2750 -50.78 145.52 -29.53
CA LYS D 2750 -51.95 146.32 -29.90
C LYS D 2750 -53.27 145.58 -29.72
N LEU D 2751 -53.24 144.26 -29.59
CA LEU D 2751 -54.44 143.45 -29.41
C LEU D 2751 -54.35 142.64 -28.12
N ASP D 2752 -53.75 143.27 -27.09
CA ASP D 2752 -53.56 142.66 -25.77
C ASP D 2752 -54.89 142.26 -25.13
N SER D 2753 -55.98 142.96 -25.49
CA SER D 2753 -57.32 142.60 -25.02
C SER D 2753 -57.73 141.21 -25.51
N PHE D 2754 -57.15 140.75 -26.62
CA PHE D 2754 -57.38 139.41 -27.11
C PHE D 2754 -56.30 138.45 -26.60
N ILE D 2755 -55.04 138.93 -26.49
CA ILE D 2755 -53.96 138.06 -26.02
C ILE D 2755 -54.20 137.59 -24.58
N ASN D 2756 -54.60 138.50 -23.70
CA ASN D 2756 -54.84 138.11 -22.31
C ASN D 2756 -56.08 137.22 -22.18
N LYS D 2757 -57.11 137.49 -22.99
CA LYS D 2757 -58.29 136.63 -23.01
C LYS D 2757 -57.95 135.22 -23.46
N PHE D 2758 -57.13 135.10 -24.51
CA PHE D 2758 -56.65 133.79 -24.94
C PHE D 2758 -55.81 133.12 -23.86
N ALA D 2759 -54.92 133.89 -23.21
CA ALA D 2759 -54.04 133.35 -22.19
C ALA D 2759 -54.84 132.78 -21.02
N GLU D 2760 -55.88 133.49 -20.58
CA GLU D 2760 -56.78 132.97 -19.57
C GLU D 2760 -57.55 131.75 -20.08
N TYR D 2761 -57.99 131.77 -21.34
CA TYR D 2761 -58.78 130.64 -21.82
C TYR D 2761 -57.95 129.42 -22.19
N THR D 2762 -56.62 129.56 -22.31
CA THR D 2762 -55.77 128.37 -22.37
C THR D 2762 -55.85 127.58 -21.07
N HIS D 2763 -55.64 128.26 -19.94
CA HIS D 2763 -55.78 127.60 -18.64
C HIS D 2763 -57.22 127.16 -18.39
N GLU D 2764 -58.20 127.90 -18.92
CA GLU D 2764 -59.58 127.43 -18.90
C GLU D 2764 -59.75 126.15 -19.73
N LYS D 2765 -58.91 125.94 -20.74
CA LYS D 2765 -58.99 124.71 -21.53
C LYS D 2765 -58.25 123.55 -20.88
N TRP D 2766 -57.15 123.81 -20.17
CA TRP D 2766 -56.65 122.77 -19.26
C TRP D 2766 -57.66 122.46 -18.15
N ALA D 2767 -58.40 123.45 -17.67
CA ALA D 2767 -59.52 123.20 -16.75
C ALA D 2767 -60.62 122.37 -17.40
N PHE D 2768 -60.87 122.58 -18.70
CA PHE D 2768 -61.77 121.71 -19.46
C PHE D 2768 -61.23 120.30 -19.55
N ASP D 2769 -59.90 120.14 -19.69
CA ASP D 2769 -59.29 118.82 -19.63
C ASP D 2769 -59.47 118.20 -18.24
N LYS D 2770 -59.41 119.02 -17.19
CA LYS D 2770 -59.64 118.54 -15.83
C LYS D 2770 -61.08 118.04 -15.67
N ILE D 2771 -62.05 118.79 -16.20
CA ILE D 2771 -63.44 118.39 -16.04
C ILE D 2771 -63.79 117.23 -16.96
N GLN D 2772 -63.06 117.05 -18.07
CA GLN D 2772 -63.26 115.91 -18.95
C GLN D 2772 -62.40 114.71 -18.54
N ASN D 2773 -61.59 114.87 -17.50
CA ASN D 2773 -60.80 113.77 -16.94
C ASN D 2773 -61.53 113.10 -15.77
N ASN D 2774 -62.80 113.44 -15.57
CA ASN D 2774 -63.76 112.93 -14.58
C ASN D 2774 -63.44 113.34 -13.15
N TRP D 2775 -62.33 114.01 -12.88
CA TRP D 2775 -61.93 114.31 -11.51
C TRP D 2775 -61.88 115.81 -11.32
N SER D 2776 -62.52 116.29 -10.25
CA SER D 2776 -62.62 117.70 -9.95
C SER D 2776 -61.31 118.23 -9.37
N TYR D 2777 -61.19 119.56 -9.37
CA TYR D 2777 -60.00 120.24 -8.88
C TYR D 2777 -60.14 120.53 -7.38
N GLY D 2778 -59.00 120.85 -6.76
CA GLY D 2778 -58.98 121.16 -5.35
C GLY D 2778 -58.11 122.37 -5.07
N GLU D 2779 -58.41 123.03 -3.95
CA GLU D 2779 -57.69 124.25 -3.59
C GLU D 2779 -56.31 123.94 -3.04
N ASN D 2780 -56.25 123.18 -1.94
CA ASN D 2780 -54.97 122.85 -1.33
C ASN D 2780 -54.16 121.90 -2.22
N VAL D 2781 -52.84 122.07 -2.21
CA VAL D 2781 -51.96 121.26 -3.03
C VAL D 2781 -51.92 119.84 -2.51
N ASP D 2782 -52.21 118.88 -3.38
CA ASP D 2782 -52.21 117.47 -3.01
C ASP D 2782 -51.83 116.61 -4.21
N GLU D 2783 -51.13 115.51 -3.94
CA GLU D 2783 -50.71 114.59 -4.99
C GLU D 2783 -51.66 113.42 -5.18
N GLU D 2784 -52.72 113.33 -4.37
CA GLU D 2784 -53.67 112.23 -4.46
C GLU D 2784 -54.87 112.56 -5.33
N LEU D 2785 -54.89 113.73 -5.97
CA LEU D 2785 -56.01 114.15 -6.80
C LEU D 2785 -55.71 114.08 -8.29
N LYS D 2786 -54.42 113.91 -8.67
CA LYS D 2786 -53.90 113.74 -10.05
C LYS D 2786 -54.42 114.79 -11.04
N THR D 2787 -54.79 115.97 -10.54
CA THR D 2787 -55.12 117.11 -11.37
C THR D 2787 -54.27 118.30 -10.93
N HIS D 2788 -54.58 119.49 -11.42
CA HIS D 2788 -53.87 120.69 -10.99
C HIS D 2788 -54.10 120.90 -9.50
N PRO D 2789 -53.05 120.93 -8.68
CA PRO D 2789 -53.25 120.89 -7.23
C PRO D 2789 -53.65 122.22 -6.60
N MET D 2790 -53.24 123.34 -7.20
CA MET D 2790 -53.50 124.65 -6.65
C MET D 2790 -54.65 125.34 -7.40
N LEU D 2791 -55.35 124.61 -8.27
CA LEU D 2791 -56.42 125.17 -9.10
C LEU D 2791 -57.59 125.64 -8.24
N ARG D 2792 -57.96 126.91 -8.41
CA ARG D 2792 -59.03 127.57 -7.70
C ARG D 2792 -59.91 128.33 -8.68
N PRO D 2793 -61.19 128.56 -8.33
CA PRO D 2793 -62.03 129.41 -9.18
C PRO D 2793 -61.47 130.82 -9.31
N TYR D 2794 -61.63 131.40 -10.50
CA TYR D 2794 -61.02 132.69 -10.86
C TYR D 2794 -61.48 133.86 -9.98
N LYS D 2795 -62.63 133.72 -9.29
CA LYS D 2795 -63.05 134.74 -8.34
C LYS D 2795 -62.09 134.82 -7.16
N THR D 2796 -61.62 133.67 -6.67
CA THR D 2796 -60.70 133.59 -5.53
C THR D 2796 -59.42 132.86 -5.93
N PHE D 2797 -58.88 133.15 -7.10
CA PHE D 2797 -57.64 132.55 -7.59
C PHE D 2797 -56.51 133.57 -7.50
N SER D 2798 -55.42 133.18 -6.84
CA SER D 2798 -54.25 134.03 -6.76
C SER D 2798 -53.58 134.13 -8.12
N GLU D 2799 -53.28 135.36 -8.55
CA GLU D 2799 -52.71 135.61 -9.86
C GLU D 2799 -51.19 135.51 -9.88
N LYS D 2800 -50.57 135.00 -8.82
CA LYS D 2800 -49.12 134.84 -8.78
C LYS D 2800 -48.64 133.87 -9.86
N ASP D 2801 -49.35 132.75 -10.03
CA ASP D 2801 -49.01 131.85 -11.12
C ASP D 2801 -49.63 132.28 -12.44
N LYS D 2802 -50.69 133.10 -12.38
CA LYS D 2802 -51.32 133.59 -13.60
C LYS D 2802 -50.51 134.69 -14.27
N GLU D 2803 -49.50 135.25 -13.59
CA GLU D 2803 -48.61 136.20 -14.24
C GLU D 2803 -47.43 135.51 -14.93
N ILE D 2804 -47.33 134.19 -14.83
CA ILE D 2804 -46.33 133.42 -15.57
C ILE D 2804 -46.95 132.38 -16.49
N TYR D 2805 -48.23 132.05 -16.30
CA TYR D 2805 -48.90 131.14 -17.24
C TYR D 2805 -49.13 131.76 -18.62
N ARG D 2806 -49.07 133.09 -18.75
CA ARG D 2806 -49.33 133.76 -20.01
C ARG D 2806 -48.12 133.82 -20.93
N TRP D 2807 -46.92 133.50 -20.42
CA TRP D 2807 -45.71 133.55 -21.25
C TRP D 2807 -45.70 132.60 -22.46
N PRO D 2808 -46.10 131.30 -22.35
CA PRO D 2808 -46.17 130.48 -23.58
C PRO D 2808 -47.13 131.02 -24.63
N ILE D 2809 -48.22 131.67 -24.20
CA ILE D 2809 -49.12 132.33 -25.14
C ILE D 2809 -48.41 133.49 -25.84
N LYS D 2810 -47.60 134.25 -25.08
CA LYS D 2810 -46.81 135.33 -25.67
C LYS D 2810 -45.82 134.79 -26.70
N GLU D 2811 -45.17 133.66 -26.40
CA GLU D 2811 -44.27 133.04 -27.37
C GLU D 2811 -45.03 132.50 -28.57
N SER D 2812 -46.25 132.01 -28.38
CA SER D 2812 -47.06 131.50 -29.48
C SER D 2812 -47.41 132.62 -30.45
N LEU D 2813 -47.81 133.78 -29.91
CA LEU D 2813 -48.10 134.93 -30.77
C LEU D 2813 -46.84 135.43 -31.47
N LYS D 2814 -45.69 135.42 -30.76
CA LYS D 2814 -44.42 135.81 -31.39
C LYS D 2814 -44.10 134.90 -32.56
N ALA D 2815 -44.28 133.59 -32.39
CA ALA D 2815 -44.08 132.63 -33.46
C ALA D 2815 -45.12 132.77 -34.57
N MET D 2816 -46.30 133.34 -34.27
CA MET D 2816 -47.34 133.50 -35.27
C MET D 2816 -47.30 134.85 -35.97
N ILE D 2817 -46.46 135.77 -35.51
CA ILE D 2817 -46.42 137.10 -36.13
C ILE D 2817 -45.01 137.47 -36.61
N ALA D 2818 -43.96 136.75 -36.20
CA ALA D 2818 -42.61 137.03 -36.66
C ALA D 2818 -42.39 136.74 -38.14
N TRP D 2819 -43.21 135.90 -38.76
CA TRP D 2819 -43.08 135.61 -40.19
C TRP D 2819 -43.95 136.55 -41.03
N GLU D 2820 -43.82 137.87 -40.79
CA GLU D 2820 -44.54 138.99 -41.42
C GLU D 2820 -46.05 138.73 -41.59
N TRP D 2821 -46.65 138.03 -40.62
CA TRP D 2821 -48.06 137.67 -40.65
C TRP D 2821 -48.83 138.66 -39.78
N THR D 2822 -49.44 139.66 -40.43
CA THR D 2822 -50.21 140.64 -39.70
C THR D 2822 -51.55 140.04 -39.26
N ILE D 2823 -52.14 140.67 -38.24
CA ILE D 2823 -53.41 140.22 -37.67
C ILE D 2823 -54.35 141.42 -37.61
N GLU D 2824 -55.64 141.15 -37.88
CA GLU D 2824 -56.66 142.20 -37.90
C GLU D 2824 -57.86 141.73 -37.11
N LYS D 2825 -58.46 142.64 -36.35
CA LYS D 2825 -59.65 142.37 -35.56
C LYS D 2825 -60.87 142.66 -36.42
N ALA D 2826 -61.28 141.65 -37.22
CA ALA D 2826 -62.46 141.78 -38.06
C ALA D 2826 -63.72 141.99 -37.21
N ARG D 2827 -63.86 141.21 -36.14
CA ARG D 2827 -64.92 141.42 -35.17
C ARG D 2827 -64.47 142.44 -34.12
N GLU D 2828 -65.45 142.98 -33.39
CA GLU D 2828 -65.19 143.96 -32.34
C GLU D 2828 -65.99 143.57 -31.11
N GLY D 2829 -65.33 142.97 -30.14
CA GLY D 2829 -65.97 142.56 -28.91
C GLY D 2829 -65.09 142.84 -27.70
N GLU D 2830 -65.75 143.04 -26.56
CA GLU D 2830 -65.13 143.33 -25.26
C GLU D 2830 -64.21 144.55 -25.29
N TYR D 2855 -65.76 129.99 -13.22
CA TYR D 2855 -64.62 129.21 -13.67
C TYR D 2855 -65.10 127.91 -14.32
N ASN D 2856 -65.92 128.06 -15.36
CA ASN D 2856 -66.49 126.92 -16.08
C ASN D 2856 -66.27 127.17 -17.57
N PRO D 2857 -65.60 126.26 -18.29
CA PRO D 2857 -65.31 126.49 -19.71
C PRO D 2857 -66.52 126.41 -20.61
N GLN D 2858 -67.41 127.41 -20.52
CA GLN D 2858 -68.56 127.49 -21.42
C GLN D 2858 -68.20 127.63 -22.91
N PRO D 2859 -67.29 128.51 -23.35
CA PRO D 2859 -66.95 128.51 -24.79
C PRO D 2859 -66.02 127.36 -25.13
N PRO D 2860 -66.49 126.40 -25.96
CA PRO D 2860 -65.66 125.23 -26.30
C PRO D 2860 -64.70 125.54 -27.45
N ASP D 2861 -63.40 125.53 -27.15
CA ASP D 2861 -62.39 125.78 -28.16
C ASP D 2861 -61.91 124.44 -28.73
N LEU D 2862 -62.84 123.78 -29.43
CA LEU D 2862 -62.61 122.48 -30.02
C LEU D 2862 -62.19 122.61 -31.48
N SER D 2863 -61.36 121.67 -31.93
CA SER D 2863 -60.80 121.70 -33.27
C SER D 2863 -61.44 120.68 -34.20
N GLY D 2864 -62.64 120.17 -33.87
CA GLY D 2864 -63.25 119.15 -34.69
C GLY D 2864 -63.89 119.65 -35.97
N VAL D 2865 -64.16 120.95 -36.08
CA VAL D 2865 -64.80 121.49 -37.27
C VAL D 2865 -63.76 121.79 -38.34
N THR D 2866 -64.23 121.97 -39.57
CA THR D 2866 -63.35 122.25 -40.69
C THR D 2866 -62.84 123.68 -40.65
N LEU D 2867 -61.83 123.96 -41.46
CA LEU D 2867 -61.22 125.29 -41.50
C LEU D 2867 -60.61 125.52 -42.87
N SER D 2868 -60.44 126.81 -43.22
CA SER D 2868 -59.94 127.24 -44.52
C SER D 2868 -58.50 126.77 -44.75
N ARG D 2869 -58.18 126.52 -46.03
CA ARG D 2869 -56.91 125.91 -46.42
C ARG D 2869 -55.71 126.79 -46.09
N GLU D 2870 -55.76 128.08 -46.45
CA GLU D 2870 -54.64 128.99 -46.23
CA GLU D 2870 -54.64 128.99 -46.23
C GLU D 2870 -54.32 129.14 -44.74
N LEU D 2871 -55.35 129.30 -43.92
CA LEU D 2871 -55.16 129.45 -42.48
C LEU D 2871 -54.71 128.14 -41.84
N GLN D 2872 -55.22 127.01 -42.33
CA GLN D 2872 -54.82 125.74 -41.74
C GLN D 2872 -53.39 125.38 -42.15
N ALA D 2873 -52.99 125.73 -43.38
CA ALA D 2873 -51.62 125.46 -43.80
C ALA D 2873 -50.63 126.33 -43.03
N MET D 2874 -51.03 127.59 -42.74
CA MET D 2874 -50.14 128.45 -41.96
C MET D 2874 -50.04 127.93 -40.52
N ALA D 2875 -51.11 127.30 -40.00
CA ALA D 2875 -50.97 126.73 -38.67
C ALA D 2875 -50.20 125.42 -38.70
N GLU D 2876 -50.22 124.70 -39.82
CA GLU D 2876 -49.38 123.51 -39.94
C GLU D 2876 -47.91 123.88 -39.90
N GLN D 2877 -47.55 124.97 -40.60
CA GLN D 2877 -46.19 125.50 -40.47
C GLN D 2877 -45.92 126.01 -39.05
N LEU D 2878 -46.93 126.61 -38.40
CA LEU D 2878 -46.79 127.03 -37.00
C LEU D 2878 -46.56 125.84 -36.06
N ALA D 2879 -47.24 124.72 -36.33
CA ALA D 2879 -47.02 123.47 -35.61
C ALA D 2879 -45.60 122.94 -35.83
N GLU D 2880 -45.10 123.05 -37.07
CA GLU D 2880 -43.70 122.74 -37.34
C GLU D 2880 -42.76 123.67 -36.55
N ASN D 2881 -43.09 124.95 -36.45
CA ASN D 2881 -42.27 125.90 -35.72
C ASN D 2881 -42.29 125.59 -34.22
N TYR D 2882 -43.44 125.15 -33.71
CA TYR D 2882 -43.51 124.70 -32.32
C TYR D 2882 -42.67 123.47 -32.11
N HIS D 2883 -42.69 122.55 -33.09
CA HIS D 2883 -41.90 121.32 -32.96
C HIS D 2883 -40.41 121.62 -32.98
N ASN D 2884 -39.96 122.51 -33.87
CA ASN D 2884 -38.53 122.80 -33.91
C ASN D 2884 -38.06 123.55 -32.66
N THR D 2885 -38.89 124.46 -32.12
CA THR D 2885 -38.53 125.11 -30.86
C THR D 2885 -38.43 124.11 -29.69
N TRP D 2886 -39.39 123.17 -29.60
CA TRP D 2886 -39.30 122.10 -28.60
C TRP D 2886 -38.10 121.21 -28.83
N GLY D 2887 -37.82 120.86 -30.08
CA GLY D 2887 -36.70 120.00 -30.40
C GLY D 2887 -35.38 120.67 -30.08
N ARG D 2888 -35.26 121.95 -30.42
CA ARG D 2888 -34.03 122.70 -30.15
C ARG D 2888 -33.78 122.82 -28.66
N LYS D 2889 -34.81 123.16 -27.87
CA LYS D 2889 -34.58 123.27 -26.43
C LYS D 2889 -34.35 121.92 -25.77
N LYS D 2890 -34.94 120.83 -26.29
CA LYS D 2890 -34.63 119.51 -25.76
C LYS D 2890 -33.24 119.05 -26.15
N LYS D 2891 -32.81 119.35 -27.37
CA LYS D 2891 -31.48 118.96 -27.82
C LYS D 2891 -30.38 119.87 -27.29
N GLN D 2892 -30.73 121.03 -26.73
CA GLN D 2892 -29.75 121.85 -26.03
C GLN D 2892 -29.22 121.10 -24.82
N GLU D 2893 -30.11 120.49 -24.05
CA GLU D 2893 -29.71 119.65 -22.92
C GLU D 2893 -29.21 118.29 -23.38
N LEU D 2894 -29.76 117.77 -24.49
CA LEU D 2894 -29.38 116.43 -24.94
C LEU D 2894 -27.98 116.40 -25.56
N GLU D 2895 -27.51 117.53 -26.10
CA GLU D 2895 -26.21 117.56 -26.78
C GLU D 2895 -25.04 117.74 -25.82
N ALA D 2896 -25.29 117.87 -24.52
CA ALA D 2896 -24.21 118.04 -23.55
C ALA D 2896 -23.30 116.82 -23.49
N LYS D 2897 -23.88 115.61 -23.51
CA LYS D 2897 -23.04 114.41 -23.47
C LYS D 2897 -22.55 114.02 -24.87
N GLY D 2898 -23.29 114.38 -25.91
CA GLY D 2898 -22.88 114.07 -27.27
C GLY D 2898 -22.94 112.60 -27.64
N GLY D 2899 -23.82 111.83 -27.00
CA GLY D 2899 -23.92 110.42 -27.29
C GLY D 2899 -25.33 109.98 -27.66
N GLY D 2900 -25.52 109.50 -28.88
CA GLY D 2900 -26.81 109.04 -29.32
C GLY D 2900 -27.75 110.16 -29.72
N THR D 2901 -29.00 109.77 -29.99
CA THR D 2901 -30.04 110.72 -30.38
C THR D 2901 -31.38 110.21 -29.89
N HIS D 2902 -32.35 111.12 -29.85
CA HIS D 2902 -33.71 110.82 -29.43
C HIS D 2902 -34.60 110.56 -30.64
N PRO D 2903 -35.56 109.63 -30.54
CA PRO D 2903 -36.46 109.35 -31.68
C PRO D 2903 -37.31 110.54 -32.13
N LEU D 2904 -37.61 111.49 -31.24
CA LEU D 2904 -38.38 112.66 -31.63
C LEU D 2904 -37.54 113.67 -32.40
N LEU D 2905 -36.21 113.51 -32.44
CA LEU D 2905 -35.33 114.43 -33.17
C LEU D 2905 -35.42 114.15 -34.68
N VAL D 2906 -36.60 114.45 -35.23
CA VAL D 2906 -36.88 114.31 -36.66
C VAL D 2906 -37.69 115.51 -37.13
N PRO D 2907 -37.61 115.84 -38.42
CA PRO D 2907 -38.45 116.92 -38.95
C PRO D 2907 -39.95 116.62 -38.88
N TYR D 2908 -40.72 117.71 -38.87
CA TYR D 2908 -42.18 117.63 -38.69
C TYR D 2908 -42.86 116.90 -39.84
N ASP D 2909 -42.39 117.09 -41.06
CA ASP D 2909 -42.97 116.35 -42.19
C ASP D 2909 -42.59 114.89 -42.16
N THR D 2910 -41.38 114.57 -41.67
CA THR D 2910 -40.92 113.19 -41.64
C THR D 2910 -41.67 112.37 -40.59
N LEU D 2911 -41.93 112.97 -39.42
CA LEU D 2911 -42.59 112.25 -38.35
C LEU D 2911 -44.05 111.93 -38.71
N THR D 2912 -44.52 110.81 -38.19
CA THR D 2912 -45.81 110.25 -38.58
C THR D 2912 -46.91 110.77 -37.65
N ALA D 2913 -48.12 110.22 -37.80
CA ALA D 2913 -49.32 110.76 -37.15
C ALA D 2913 -49.28 110.62 -35.62
N LYS D 2914 -48.76 109.50 -35.10
CA LYS D 2914 -48.75 109.23 -33.66
C LYS D 2914 -47.87 110.20 -32.86
N GLU D 2915 -47.00 110.96 -33.53
CA GLU D 2915 -46.19 112.00 -32.90
C GLU D 2915 -46.41 113.37 -33.55
N LYS D 2916 -47.53 113.54 -34.24
CA LYS D 2916 -47.90 114.81 -34.85
C LYS D 2916 -49.18 115.42 -34.27
N ALA D 2917 -50.11 114.58 -33.79
CA ALA D 2917 -51.37 115.07 -33.24
C ALA D 2917 -51.18 115.89 -31.97
N ARG D 2918 -50.07 115.65 -31.25
CA ARG D 2918 -49.77 116.40 -30.02
C ARG D 2918 -49.55 117.87 -30.33
N ASP D 2919 -48.79 118.17 -31.38
CA ASP D 2919 -48.59 119.56 -31.74
C ASP D 2919 -49.75 120.09 -32.57
N ARG D 2920 -50.46 119.18 -33.25
CA ARG D 2920 -51.61 119.57 -34.06
C ARG D 2920 -52.73 120.14 -33.19
N GLU D 2921 -53.01 119.50 -32.05
CA GLU D 2921 -54.09 119.98 -31.17
C GLU D 2921 -53.73 121.34 -30.57
N LYS D 2922 -52.47 121.52 -30.16
CA LYS D 2922 -52.04 122.78 -29.53
C LYS D 2922 -52.07 123.92 -30.53
N ALA D 2923 -51.59 123.70 -31.76
CA ALA D 2923 -51.60 124.74 -32.78
C ALA D 2923 -53.04 125.04 -33.22
N GLN D 2924 -53.85 123.99 -33.39
CA GLN D 2924 -55.20 124.18 -33.87
C GLN D 2924 -56.10 124.79 -32.82
N GLU D 2925 -55.82 124.60 -31.52
CA GLU D 2925 -56.63 125.26 -30.49
C GLU D 2925 -56.51 126.77 -30.58
N LEU D 2926 -55.28 127.25 -30.80
CA LEU D 2926 -55.02 128.67 -31.05
C LEU D 2926 -55.69 129.14 -32.34
N LEU D 2927 -55.61 128.32 -33.39
CA LEU D 2927 -56.24 128.70 -34.66
C LEU D 2927 -57.76 128.72 -34.57
N LYS D 2928 -58.37 127.76 -33.88
CA LYS D 2928 -59.82 127.75 -33.70
C LYS D 2928 -60.26 128.94 -32.86
N PHE D 2929 -59.48 129.27 -31.82
CA PHE D 2929 -59.72 130.49 -31.04
C PHE D 2929 -59.62 131.73 -31.92
N LEU D 2930 -58.80 131.68 -32.96
CA LEU D 2930 -58.83 132.78 -33.93
C LEU D 2930 -60.08 132.68 -34.80
N GLN D 2931 -60.59 131.48 -35.00
CA GLN D 2931 -61.64 131.27 -35.99
C GLN D 2931 -62.99 131.77 -35.50
N MET D 2932 -63.51 131.21 -34.38
CA MET D 2932 -64.89 131.52 -33.97
C MET D 2932 -65.07 132.99 -33.60
N ASN D 2933 -63.99 133.67 -33.18
CA ASN D 2933 -64.07 135.12 -33.03
C ASN D 2933 -64.17 135.81 -34.39
N GLY D 2934 -63.38 135.36 -35.35
CA GLY D 2934 -63.42 135.93 -36.68
C GLY D 2934 -62.09 136.46 -37.21
N TYR D 2935 -60.98 135.96 -36.69
CA TYR D 2935 -59.68 136.38 -37.17
C TYR D 2935 -59.33 135.64 -38.45
N ALA D 2936 -58.85 136.38 -39.44
CA ALA D 2936 -58.33 135.79 -40.67
C ALA D 2936 -56.92 136.31 -40.88
N VAL D 2937 -55.95 135.39 -40.92
CA VAL D 2937 -54.54 135.72 -41.04
C VAL D 2937 -54.04 135.13 -42.35
N THR D 2938 -53.47 135.98 -43.20
CA THR D 2938 -53.01 135.58 -44.52
C THR D 2938 -51.56 136.02 -44.67
N ARG D 2939 -50.74 135.17 -45.28
CA ARG D 2939 -49.33 135.45 -45.54
C ARG D 2939 -49.13 136.68 -46.43
N LEU D 2946 -49.92 126.32 -53.51
CA LEU D 2946 -50.85 127.44 -53.39
C LEU D 2946 -52.10 127.14 -54.20
N ASP D 2947 -53.09 126.52 -53.53
CA ASP D 2947 -54.40 126.15 -54.09
C ASP D 2947 -54.26 125.26 -55.33
N THR D 2948 -53.66 124.09 -55.11
CA THR D 2948 -53.42 123.13 -56.17
C THR D 2948 -54.17 121.83 -55.88
N SER D 2949 -54.51 121.12 -56.95
CA SER D 2949 -55.26 119.87 -56.87
C SER D 2949 -54.32 118.68 -56.95
N SER D 2950 -54.84 117.52 -56.53
CA SER D 2950 -54.05 116.29 -56.49
C SER D 2950 -53.61 115.84 -57.89
N ILE D 2951 -54.40 116.17 -58.91
CA ILE D 2951 -54.06 115.85 -60.29
C ILE D 2951 -52.77 116.57 -60.69
N GLU D 2952 -52.63 117.82 -60.23
CA GLU D 2952 -51.36 118.54 -60.39
C GLU D 2952 -50.33 118.17 -59.33
N LYS D 2953 -50.73 117.49 -58.25
CA LYS D 2953 -49.78 116.98 -57.26
C LYS D 2953 -49.24 115.61 -57.60
N ARG D 2954 -49.66 115.05 -58.73
CA ARG D 2954 -49.28 113.68 -59.09
C ARG D 2954 -47.77 113.53 -59.26
N PHE D 2955 -47.28 112.34 -58.87
CA PHE D 2955 -45.86 112.01 -58.98
C PHE D 2955 -45.41 111.97 -60.44
N ALA D 2956 -46.25 111.43 -61.33
CA ALA D 2956 -45.90 111.37 -62.75
C ALA D 2956 -45.77 112.76 -63.35
N PHE D 2957 -46.72 113.65 -63.03
CA PHE D 2957 -46.69 115.02 -63.53
C PHE D 2957 -45.47 115.77 -63.01
N GLY D 2958 -45.21 115.68 -61.69
CA GLY D 2958 -44.01 116.29 -61.13
C GLY D 2958 -42.71 115.78 -61.75
N PHE D 2959 -42.64 114.47 -62.00
CA PHE D 2959 -41.52 113.88 -62.71
C PHE D 2959 -41.37 114.42 -64.13
N LEU D 2960 -42.48 114.56 -64.85
CA LEU D 2960 -42.40 114.99 -66.24
C LEU D 2960 -42.10 116.48 -66.32
N GLN D 2961 -42.60 117.25 -65.34
CA GLN D 2961 -42.33 118.68 -65.26
C GLN D 2961 -40.84 118.91 -65.03
N GLN D 2962 -40.22 118.14 -64.11
CA GLN D 2962 -38.80 118.36 -63.93
C GLN D 2962 -37.99 117.76 -65.07
N LEU D 2963 -38.57 116.84 -65.85
CA LEU D 2963 -37.91 116.35 -67.05
C LEU D 2963 -37.78 117.46 -68.08
N LEU D 2964 -38.86 118.20 -68.32
CA LEU D 2964 -38.76 119.37 -69.21
C LEU D 2964 -37.94 120.50 -68.61
N ARG D 2965 -37.92 120.62 -67.27
CA ARG D 2965 -37.03 121.55 -66.59
C ARG D 2965 -35.56 121.20 -66.84
N TRP D 2966 -35.25 119.91 -66.93
CA TRP D 2966 -33.91 119.48 -67.28
C TRP D 2966 -33.70 119.45 -68.79
N MET D 2967 -34.78 119.60 -69.55
CA MET D 2967 -34.65 119.41 -70.97
C MET D 2967 -34.43 120.72 -71.73
N ASP D 2968 -34.96 121.84 -71.24
CA ASP D 2968 -34.58 123.11 -71.88
C ASP D 2968 -33.07 123.37 -71.73
N ILE D 2969 -32.50 122.90 -70.61
CA ILE D 2969 -31.05 122.89 -70.43
C ILE D 2969 -30.41 121.85 -71.36
N SER D 2970 -31.11 120.74 -71.63
CA SER D 2970 -30.55 119.76 -72.57
C SER D 2970 -30.45 120.34 -73.98
N GLN D 2971 -31.47 121.10 -74.40
CA GLN D 2971 -31.42 121.84 -75.66
C GLN D 2971 -30.35 122.92 -75.63
N GLU D 2972 -30.00 123.39 -74.43
CA GLU D 2972 -28.96 124.40 -74.33
C GLU D 2972 -27.59 123.76 -74.57
N PHE D 2973 -27.33 122.61 -73.94
CA PHE D 2973 -25.99 122.03 -74.12
C PHE D 2973 -25.84 121.46 -75.52
N ILE D 2974 -26.91 120.91 -76.13
CA ILE D 2974 -26.75 120.46 -77.52
C ILE D 2974 -26.49 121.65 -78.45
N ALA D 2975 -27.11 122.81 -78.19
CA ALA D 2975 -26.78 124.02 -78.97
C ALA D 2975 -25.32 124.43 -78.78
N HIS D 2976 -24.82 124.33 -77.54
CA HIS D 2976 -23.40 124.56 -77.28
C HIS D 2976 -22.52 123.56 -78.02
N LEU D 2977 -22.92 122.28 -78.01
CA LEU D 2977 -22.11 121.23 -78.60
C LEU D 2977 -22.06 121.37 -80.12
N GLU D 2978 -23.19 121.71 -80.75
CA GLU D 2978 -23.21 121.95 -82.18
C GLU D 2978 -22.36 123.16 -82.55
N ALA D 2979 -22.42 124.21 -81.73
CA ALA D 2979 -21.64 125.41 -81.99
C ALA D 2979 -20.14 125.13 -81.92
N VAL D 2980 -19.71 124.38 -80.89
CA VAL D 2980 -18.28 124.10 -80.76
C VAL D 2980 -17.83 123.08 -81.83
N VAL D 2981 -18.64 122.06 -82.14
CA VAL D 2981 -18.22 121.05 -83.12
C VAL D 2981 -18.21 121.61 -84.53
N SER D 2982 -19.03 122.63 -84.82
CA SER D 2982 -19.03 123.22 -86.16
C SER D 2982 -17.72 123.94 -86.45
N SER D 2983 -17.28 124.78 -85.52
CA SER D 2983 -16.01 125.50 -85.64
C SER D 2983 -15.64 126.02 -84.26
N GLY D 2984 -14.35 126.30 -84.07
CA GLY D 2984 -13.85 126.81 -82.81
C GLY D 2984 -14.05 125.89 -81.62
N ARG D 2985 -13.58 124.63 -81.74
CA ARG D 2985 -13.74 123.63 -80.69
C ARG D 2985 -13.14 124.10 -79.38
N VAL D 2986 -13.99 124.28 -78.36
CA VAL D 2986 -13.57 124.60 -77.01
C VAL D 2986 -14.22 123.61 -76.05
N GLU D 2987 -13.44 123.11 -75.11
CA GLU D 2987 -13.87 122.05 -74.20
C GLU D 2987 -14.22 122.60 -72.82
N LYS D 2988 -14.56 123.89 -72.72
CA LYS D 2988 -14.88 124.50 -71.43
C LYS D 2988 -16.12 123.87 -70.81
N SER D 2989 -17.19 123.72 -71.61
CA SER D 2989 -18.47 123.09 -71.27
C SER D 2989 -19.09 123.67 -70.00
N PRO D 2990 -19.66 124.89 -70.05
CA PRO D 2990 -20.21 125.51 -68.81
C PRO D 2990 -21.30 124.70 -68.13
N HIS D 2991 -22.07 123.92 -68.90
CA HIS D 2991 -23.09 123.03 -68.35
C HIS D 2991 -22.59 121.59 -68.22
N GLU D 2992 -21.30 121.38 -67.91
CA GLU D 2992 -20.74 120.03 -67.77
C GLU D 2992 -21.45 119.20 -66.70
N GLN D 2993 -21.84 119.85 -65.59
CA GLN D 2993 -22.66 119.19 -64.58
C GLN D 2993 -24.00 118.75 -65.15
N GLU D 2994 -24.61 119.60 -65.98
CA GLU D 2994 -25.88 119.26 -66.61
C GLU D 2994 -25.71 118.13 -67.62
N ILE D 2995 -24.62 118.13 -68.38
CA ILE D 2995 -24.36 117.09 -69.38
C ILE D 2995 -24.15 115.75 -68.70
N LYS D 2996 -23.34 115.73 -67.65
CA LYS D 2996 -23.07 114.50 -66.91
C LYS D 2996 -24.31 113.97 -66.21
N PHE D 2997 -25.09 114.86 -65.60
CA PHE D 2997 -26.36 114.42 -65.00
C PHE D 2997 -27.37 114.00 -66.05
N PHE D 2998 -27.25 114.52 -67.28
CA PHE D 2998 -28.17 114.17 -68.34
C PHE D 2998 -27.89 112.75 -68.82
N ALA D 2999 -26.67 112.52 -69.29
CA ALA D 2999 -26.33 111.25 -69.91
C ALA D 2999 -26.19 110.14 -68.88
N LYS D 3000 -25.99 110.48 -67.60
CA LYS D 3000 -25.78 109.45 -66.59
C LYS D 3000 -26.97 109.27 -65.65
N ILE D 3001 -27.99 110.15 -65.70
CA ILE D 3001 -29.16 110.02 -64.86
C ILE D 3001 -30.45 109.86 -65.67
N LEU D 3002 -30.67 110.74 -66.65
CA LEU D 3002 -31.94 110.75 -67.38
C LEU D 3002 -32.19 109.46 -68.15
N LEU D 3003 -31.17 108.96 -68.85
CA LEU D 3003 -31.34 107.72 -69.62
C LEU D 3003 -31.63 106.48 -68.75
N PRO D 3004 -30.91 106.18 -67.64
CA PRO D 3004 -31.34 105.02 -66.84
C PRO D 3004 -32.64 105.21 -66.09
N LEU D 3005 -32.89 106.43 -65.59
CA LEU D 3005 -34.13 106.68 -64.83
C LEU D 3005 -35.35 106.52 -65.72
N ILE D 3006 -35.30 107.07 -66.94
CA ILE D 3006 -36.40 106.89 -67.88
C ILE D 3006 -36.50 105.44 -68.29
N ASN D 3007 -35.34 104.78 -68.44
CA ASN D 3007 -35.24 103.40 -68.90
C ASN D 3007 -35.92 102.44 -67.92
N GLN D 3008 -35.80 102.70 -66.63
CA GLN D 3008 -36.34 101.78 -65.63
C GLN D 3008 -37.71 102.21 -65.13
N TYR D 3009 -37.91 103.52 -64.90
CA TYR D 3009 -39.18 104.03 -64.40
C TYR D 3009 -40.29 103.78 -65.42
N PHE D 3010 -40.08 104.18 -66.68
CA PHE D 3010 -41.17 104.00 -67.63
C PHE D 3010 -41.32 102.54 -68.03
N THR D 3011 -40.29 101.71 -67.84
CA THR D 3011 -40.49 100.27 -68.00
C THR D 3011 -41.44 99.74 -66.94
N ASN D 3012 -41.25 100.18 -65.69
CA ASN D 3012 -42.16 99.77 -64.62
C ASN D 3012 -43.55 100.37 -64.75
N HIS D 3013 -43.69 101.49 -65.46
CA HIS D 3013 -44.98 102.19 -65.56
C HIS D 3013 -45.39 102.40 -67.01
N CYS D 3014 -44.99 101.48 -67.89
CA CYS D 3014 -45.33 101.56 -69.31
C CYS D 3014 -46.83 101.43 -69.54
N LEU D 3015 -47.48 100.50 -68.85
CA LEU D 3015 -48.91 100.31 -69.01
C LEU D 3015 -49.73 101.40 -68.33
N TYR D 3016 -49.15 102.10 -67.34
CA TYR D 3016 -49.85 103.20 -66.69
C TYR D 3016 -50.15 104.34 -67.66
N PHE D 3017 -49.18 104.70 -68.49
CA PHE D 3017 -49.39 105.75 -69.49
C PHE D 3017 -50.34 105.32 -70.59
N LEU D 3018 -50.46 104.02 -70.85
CA LEU D 3018 -51.44 103.50 -71.79
C LEU D 3018 -52.80 103.28 -71.15
N SER D 3019 -52.92 103.48 -69.85
CA SER D 3019 -54.15 103.19 -69.13
C SER D 3019 -55.02 104.44 -69.09
N THR D 3020 -56.31 104.23 -69.29
CA THR D 3020 -57.34 105.26 -69.25
C THR D 3020 -58.44 104.73 -68.35
N PRO D 3021 -59.23 105.60 -67.68
CA PRO D 3021 -60.30 105.08 -66.82
C PRO D 3021 -61.37 104.25 -67.52
N ALA D 3022 -61.60 104.50 -68.82
CA ALA D 3022 -62.55 103.67 -69.57
C ALA D 3022 -62.07 102.23 -69.69
N LYS D 3023 -60.84 102.02 -70.16
CA LYS D 3023 -60.25 100.69 -70.26
C LYS D 3023 -58.86 100.73 -69.64
N VAL D 3024 -58.65 99.95 -68.60
CA VAL D 3024 -57.43 100.02 -67.81
C VAL D 3024 -56.54 98.85 -68.20
N LEU D 3025 -55.31 99.16 -68.62
CA LEU D 3025 -54.34 98.15 -69.02
C LEU D 3025 -53.43 97.75 -67.87
N GLY D 3026 -53.04 98.70 -67.03
CA GLY D 3026 -52.27 98.39 -65.83
C GLY D 3026 -53.13 97.81 -64.73
N SER D 3027 -52.45 97.26 -63.72
CA SER D 3027 -53.14 96.68 -62.57
C SER D 3027 -53.91 97.74 -61.80
N GLY D 3028 -53.31 98.91 -61.59
CA GLY D 3028 -53.97 99.98 -60.88
C GLY D 3028 -53.43 101.35 -61.24
N GLY D 3029 -54.32 102.35 -61.30
CA GLY D 3029 -53.91 103.70 -61.63
C GLY D 3029 -53.79 103.93 -63.12
N HIS D 3030 -54.31 105.06 -63.59
CA HIS D 3030 -54.22 105.42 -65.00
C HIS D 3030 -53.72 106.86 -65.12
N ALA D 3031 -52.92 107.10 -66.16
CA ALA D 3031 -52.39 108.43 -66.41
C ALA D 3031 -53.48 109.41 -66.78
N SER D 3032 -53.33 110.66 -66.33
CA SER D 3032 -54.25 111.70 -66.71
C SER D 3032 -53.97 112.10 -68.15
N ASN D 3033 -54.97 112.75 -68.78
CA ASN D 3033 -54.85 113.15 -70.18
C ASN D 3033 -53.69 114.13 -70.40
N LYS D 3034 -53.55 115.13 -69.51
CA LYS D 3034 -52.45 116.07 -69.62
C LYS D 3034 -51.09 115.41 -69.40
N GLU D 3035 -51.06 114.35 -68.57
CA GLU D 3035 -49.83 113.60 -68.42
C GLU D 3035 -49.53 112.79 -69.67
N LYS D 3036 -50.57 112.29 -70.36
CA LYS D 3036 -50.33 111.59 -71.62
C LYS D 3036 -49.90 112.54 -72.73
N GLU D 3037 -50.27 113.82 -72.61
CA GLU D 3037 -50.01 114.79 -73.68
C GLU D 3037 -48.56 115.26 -73.58
N MET D 3038 -48.22 115.92 -72.47
CA MET D 3038 -46.91 116.53 -72.38
C MET D 3038 -45.76 115.49 -72.39
N ILE D 3039 -46.05 114.21 -72.14
CA ILE D 3039 -45.01 113.19 -72.37
C ILE D 3039 -44.87 112.93 -73.88
N THR D 3040 -45.96 113.03 -74.65
CA THR D 3040 -45.89 112.85 -76.10
C THR D 3040 -45.06 113.97 -76.73
N SER D 3041 -45.33 115.21 -76.29
CA SER D 3041 -44.52 116.33 -76.73
C SER D 3041 -43.08 116.20 -76.27
N LEU D 3042 -42.85 115.71 -75.04
CA LEU D 3042 -41.49 115.41 -74.57
C LEU D 3042 -40.79 114.38 -75.46
N PHE D 3043 -41.53 113.37 -75.93
CA PHE D 3043 -41.00 112.37 -76.85
C PHE D 3043 -40.58 113.00 -78.19
N CYS D 3044 -41.47 113.81 -78.77
CA CYS D 3044 -41.16 114.46 -80.04
C CYS D 3044 -39.98 115.42 -79.90
N LYS D 3045 -39.94 116.18 -78.81
CA LYS D 3045 -38.83 117.08 -78.53
C LYS D 3045 -37.52 116.31 -78.32
N LEU D 3046 -37.58 115.16 -77.63
CA LEU D 3046 -36.40 114.32 -77.43
C LEU D 3046 -35.87 113.76 -78.75
N ALA D 3047 -36.77 113.32 -79.63
CA ALA D 3047 -36.37 112.88 -80.95
C ALA D 3047 -35.77 114.04 -81.77
N ALA D 3048 -36.36 115.24 -81.66
CA ALA D 3048 -35.75 116.42 -82.27
C ALA D 3048 -34.41 116.77 -81.64
N LEU D 3049 -34.26 116.53 -80.34
CA LEU D 3049 -33.02 116.79 -79.61
C LEU D 3049 -31.89 115.90 -80.13
N VAL D 3050 -32.22 114.67 -80.50
CA VAL D 3050 -31.22 113.73 -80.99
C VAL D 3050 -31.17 113.71 -82.52
N ARG D 3051 -32.08 114.44 -83.19
CA ARG D 3051 -32.16 114.48 -84.64
C ARG D 3051 -30.91 115.05 -85.31
N HIS D 3052 -30.20 114.19 -86.07
CA HIS D 3052 -28.93 114.42 -86.78
C HIS D 3052 -27.74 114.60 -85.84
N ARG D 3053 -27.89 114.30 -84.56
CA ARG D 3053 -26.86 114.47 -83.54
C ARG D 3053 -26.53 113.15 -82.86
N VAL D 3054 -26.54 112.06 -83.63
CA VAL D 3054 -26.10 110.77 -83.10
C VAL D 3054 -24.59 110.76 -82.87
N SER D 3055 -23.82 111.36 -83.77
CA SER D 3055 -22.36 111.36 -83.63
C SER D 3055 -21.91 112.30 -82.53
N LEU D 3056 -22.68 113.37 -82.28
CA LEU D 3056 -22.34 114.33 -81.25
C LEU D 3056 -22.46 113.72 -79.85
N PHE D 3057 -23.30 112.70 -79.70
CA PHE D 3057 -23.49 112.02 -78.42
C PHE D 3057 -22.64 110.76 -78.31
N GLY D 3058 -22.49 110.00 -79.39
CA GLY D 3058 -21.67 108.80 -79.36
C GLY D 3058 -22.31 107.55 -78.82
N THR D 3059 -21.75 107.03 -77.71
CA THR D 3059 -22.24 105.80 -77.09
C THR D 3059 -23.50 105.99 -76.26
N ASP D 3060 -23.90 107.24 -75.99
CA ASP D 3060 -25.16 107.46 -75.27
C ASP D 3060 -26.37 107.23 -76.15
N ALA D 3061 -26.16 107.21 -77.48
CA ALA D 3061 -27.26 107.06 -78.43
C ALA D 3061 -28.06 105.76 -78.28
N PRO D 3062 -27.48 104.55 -78.10
CA PRO D 3062 -28.35 103.39 -77.85
C PRO D 3062 -29.22 103.52 -76.60
N ALA D 3063 -28.73 104.18 -75.55
CA ALA D 3063 -29.57 104.46 -74.39
C ALA D 3063 -30.70 105.42 -74.73
N VAL D 3064 -30.41 106.43 -75.56
CA VAL D 3064 -31.44 107.40 -75.94
C VAL D 3064 -32.52 106.71 -76.78
N VAL D 3065 -32.11 105.87 -77.75
CA VAL D 3065 -33.09 105.20 -78.60
C VAL D 3065 -33.90 104.19 -77.79
N ASN D 3066 -33.29 103.51 -76.79
CA ASN D 3066 -34.06 102.60 -75.95
C ASN D 3066 -35.11 103.36 -75.12
N CYS D 3067 -34.74 104.55 -74.61
CA CYS D 3067 -35.71 105.40 -73.92
C CYS D 3067 -36.84 105.81 -74.86
N LEU D 3068 -36.50 106.14 -76.11
CA LEU D 3068 -37.51 106.49 -77.09
C LEU D 3068 -38.37 105.29 -77.46
N HIS D 3069 -37.80 104.07 -77.43
CA HIS D 3069 -38.59 102.86 -77.66
C HIS D 3069 -39.63 102.70 -76.57
N ILE D 3070 -39.23 102.93 -75.31
CA ILE D 3070 -40.14 102.81 -74.18
C ILE D 3070 -41.26 103.86 -74.29
N LEU D 3071 -40.89 105.08 -74.70
CA LEU D 3071 -41.90 106.11 -74.95
C LEU D 3071 -42.84 105.70 -76.08
N ALA D 3072 -42.30 105.16 -77.17
CA ALA D 3072 -43.11 104.75 -78.33
C ALA D 3072 -44.09 103.65 -77.95
N ARG D 3073 -43.66 102.68 -77.15
CA ARG D 3073 -44.56 101.62 -76.70
C ARG D 3073 -45.44 102.08 -75.53
N SER D 3074 -45.24 103.30 -75.00
CA SER D 3074 -46.07 103.78 -73.90
C SER D 3074 -46.77 105.10 -74.20
N LEU D 3075 -46.91 105.48 -75.47
CA LEU D 3075 -47.62 106.70 -75.86
C LEU D 3075 -49.03 106.36 -76.33
N ASP D 3076 -50.04 106.72 -75.53
CA ASP D 3076 -51.44 106.54 -75.90
C ASP D 3076 -51.87 107.73 -76.75
N ALA D 3077 -51.57 107.64 -78.05
CA ALA D 3077 -51.79 108.73 -78.98
C ALA D 3077 -53.26 109.03 -79.25
N ARG D 3078 -54.13 108.02 -79.17
CA ARG D 3078 -55.56 108.19 -79.47
C ARG D 3078 -56.23 109.16 -78.50
N THR D 3079 -55.91 109.04 -77.20
CA THR D 3079 -56.51 109.92 -76.21
C THR D 3079 -56.01 111.35 -76.36
N VAL D 3080 -54.74 111.51 -76.74
CA VAL D 3080 -54.16 112.82 -76.96
C VAL D 3080 -54.83 113.51 -78.16
N MET D 3081 -55.04 112.75 -79.24
CA MET D 3081 -55.75 113.30 -80.40
C MET D 3081 -57.19 113.66 -80.05
N LYS D 3082 -57.87 112.81 -79.27
CA LYS D 3082 -59.28 113.05 -78.95
C LYS D 3082 -59.45 114.21 -77.97
N SER D 3083 -58.47 114.43 -77.10
CA SER D 3083 -58.56 115.50 -76.10
C SER D 3083 -57.15 115.93 -75.74
N GLY D 3084 -56.78 117.14 -76.16
CA GLY D 3084 -55.48 117.69 -75.86
C GLY D 3084 -55.25 119.00 -76.57
N PRO D 3085 -54.30 119.81 -76.06
CA PRO D 3085 -53.97 121.06 -76.73
C PRO D 3085 -53.28 120.79 -78.06
N GLU D 3086 -53.40 121.76 -78.97
CA GLU D 3086 -52.81 121.62 -80.30
C GLU D 3086 -51.29 121.65 -80.31
N ILE D 3087 -50.64 122.09 -79.23
CA ILE D 3087 -49.17 122.13 -79.19
C ILE D 3087 -48.58 120.72 -79.26
N VAL D 3088 -49.24 119.74 -78.66
CA VAL D 3088 -48.75 118.37 -78.69
C VAL D 3088 -49.03 117.73 -80.04
N LYS D 3089 -50.25 117.91 -80.55
CA LYS D 3089 -50.66 117.30 -81.80
C LYS D 3089 -49.86 117.87 -82.96
N ALA D 3090 -49.70 119.20 -82.98
CA ALA D 3090 -48.89 119.88 -83.99
C ALA D 3090 -47.42 119.46 -83.90
N GLY D 3091 -46.86 119.36 -82.69
CA GLY D 3091 -45.50 118.85 -82.55
C GLY D 3091 -45.32 117.43 -83.06
N LEU D 3092 -46.33 116.58 -82.81
CA LEU D 3092 -46.35 115.22 -83.34
C LEU D 3092 -46.39 115.21 -84.86
N ARG D 3093 -47.26 116.03 -85.46
CA ARG D 3093 -47.36 116.05 -86.92
C ARG D 3093 -46.12 116.67 -87.55
N SER D 3094 -45.54 117.67 -86.90
CA SER D 3094 -44.32 118.30 -87.40
C SER D 3094 -43.19 117.29 -87.39
N PHE D 3095 -43.12 116.44 -86.36
CA PHE D 3095 -42.08 115.42 -86.38
C PHE D 3095 -42.40 114.32 -87.40
N PHE D 3096 -43.68 114.08 -87.68
CA PHE D 3096 -44.03 113.16 -88.77
C PHE D 3096 -43.49 113.66 -90.10
N GLU D 3097 -43.62 114.95 -90.36
CA GLU D 3097 -43.09 115.50 -91.61
C GLU D 3097 -41.56 115.59 -91.56
N SER D 3098 -40.99 115.86 -90.39
CA SER D 3098 -39.54 115.92 -90.24
C SER D 3098 -38.89 114.55 -90.52
N ALA D 3099 -39.51 113.48 -90.00
CA ALA D 3099 -39.02 112.14 -90.29
C ALA D 3099 -39.28 111.77 -91.74
N SER D 3100 -40.36 112.28 -92.34
CA SER D 3100 -40.61 112.04 -93.75
C SER D 3100 -39.52 112.69 -94.61
N GLU D 3101 -39.08 113.89 -94.22
CA GLU D 3101 -37.96 114.53 -94.90
C GLU D 3101 -36.67 113.75 -94.72
N ASP D 3102 -36.40 113.26 -93.50
CA ASP D 3102 -35.17 112.50 -93.27
C ASP D 3102 -35.15 111.19 -94.07
N ILE D 3103 -36.26 110.45 -94.09
CA ILE D 3103 -36.32 109.24 -94.92
C ILE D 3103 -36.31 109.58 -96.40
N GLU D 3104 -36.80 110.77 -96.79
CA GLU D 3104 -36.65 111.19 -98.17
C GLU D 3104 -35.23 111.61 -98.50
N LYS D 3105 -34.44 111.99 -97.50
CA LYS D 3105 -33.02 112.21 -97.71
C LYS D 3105 -32.28 110.88 -97.79
N MET D 3106 -32.75 109.88 -97.05
CA MET D 3106 -32.19 108.53 -97.12
C MET D 3106 -32.37 107.94 -98.51
N VAL D 3107 -33.57 108.06 -99.08
CA VAL D 3107 -33.85 107.38 -100.35
C VAL D 3107 -33.02 107.99 -101.50
N GLU D 3108 -32.87 109.32 -101.53
CA GLU D 3108 -32.01 109.92 -102.54
C GLU D 3108 -30.53 109.63 -102.29
N ASN D 3109 -30.11 109.51 -101.03
CA ASN D 3109 -28.74 109.10 -100.77
C ASN D 3109 -28.51 107.62 -101.05
N LEU D 3110 -29.55 106.80 -101.00
CA LEU D 3110 -29.50 105.40 -101.42
C LEU D 3110 -29.76 105.21 -102.90
N ARG D 3111 -30.10 106.28 -103.62
CA ARG D 3111 -30.30 106.26 -105.06
C ARG D 3111 -28.99 106.54 -105.82
N LEU D 3112 -27.85 106.22 -105.20
CA LEU D 3112 -26.49 106.50 -105.71
C LEU D 3112 -26.26 107.99 -105.89
N GLY D 3113 -26.91 108.82 -105.07
CA GLY D 3113 -26.66 110.25 -105.08
C GLY D 3113 -25.27 110.63 -104.61
N LYS D 3114 -24.64 109.78 -103.81
CA LYS D 3114 -23.28 110.02 -103.33
C LYS D 3114 -22.70 108.66 -102.93
N VAL D 3115 -21.37 108.63 -102.77
CA VAL D 3115 -20.68 107.42 -102.33
C VAL D 3115 -21.12 107.03 -100.93
N SER D 3116 -21.16 108.02 -100.03
CA SER D 3116 -21.56 107.90 -98.62
C SER D 3116 -20.78 106.82 -97.85
N LYS D 3123 -19.21 114.35 -93.74
CA LYS D 3123 -20.18 115.43 -93.87
C LYS D 3123 -21.49 115.11 -93.16
N GLY D 3124 -22.46 116.02 -93.29
CA GLY D 3124 -23.75 115.82 -92.64
C GLY D 3124 -24.62 114.76 -93.28
N VAL D 3125 -24.34 114.41 -94.55
CA VAL D 3125 -25.10 113.39 -95.26
C VAL D 3125 -24.93 112.03 -94.58
N GLY D 3126 -23.69 111.68 -94.25
CA GLY D 3126 -23.41 110.42 -93.59
C GLY D 3126 -23.99 110.36 -92.19
N GLN D 3127 -23.86 111.46 -91.44
CA GLN D 3127 -24.37 111.53 -90.07
C GLN D 3127 -25.89 111.44 -90.05
N ASN D 3128 -26.56 112.11 -91.00
CA ASN D 3128 -28.01 112.00 -91.13
C ASN D 3128 -28.43 110.59 -91.51
N LEU D 3129 -27.67 109.95 -92.41
CA LEU D 3129 -27.99 108.59 -92.83
C LEU D 3129 -27.89 107.59 -91.68
N THR D 3130 -26.76 107.61 -90.95
CA THR D 3130 -26.62 106.71 -89.81
C THR D 3130 -27.58 107.08 -88.68
N TYR D 3131 -27.94 108.37 -88.56
CA TYR D 3131 -28.96 108.75 -87.59
C TYR D 3131 -30.30 108.15 -87.93
N THR D 3132 -30.66 108.18 -89.21
CA THR D 3132 -31.98 107.71 -89.58
C THR D 3132 -32.07 106.20 -89.45
N THR D 3133 -31.05 105.49 -89.95
CA THR D 3133 -31.09 104.04 -89.94
C THR D 3133 -30.84 103.44 -88.56
N VAL D 3134 -30.32 104.20 -87.60
CA VAL D 3134 -30.04 103.66 -86.28
C VAL D 3134 -31.07 104.15 -85.26
N ALA D 3135 -31.46 105.42 -85.30
CA ALA D 3135 -32.39 106.00 -84.35
C ALA D 3135 -33.79 106.18 -84.90
N LEU D 3136 -33.95 106.74 -86.12
CA LEU D 3136 -35.27 107.09 -86.59
C LEU D 3136 -36.09 105.84 -86.97
N LEU D 3137 -35.46 104.91 -87.69
CA LEU D 3137 -36.19 103.72 -88.15
C LEU D 3137 -36.69 102.82 -87.01
N PRO D 3138 -35.89 102.40 -86.02
CA PRO D 3138 -36.46 101.48 -85.02
C PRO D 3138 -37.43 102.12 -84.04
N VAL D 3139 -37.15 103.36 -83.61
CA VAL D 3139 -38.03 104.04 -82.65
C VAL D 3139 -39.41 104.29 -83.26
N LEU D 3140 -39.43 104.78 -84.49
CA LEU D 3140 -40.68 104.93 -85.22
C LEU D 3140 -41.34 103.58 -85.48
N THR D 3141 -40.55 102.56 -85.83
CA THR D 3141 -41.09 101.20 -86.02
C THR D 3141 -41.74 100.67 -84.75
N THR D 3142 -41.14 100.97 -83.59
CA THR D 3142 -41.75 100.64 -82.29
C THR D 3142 -43.07 101.37 -82.09
N LEU D 3143 -43.13 102.64 -82.47
CA LEU D 3143 -44.39 103.37 -82.41
C LEU D 3143 -45.42 102.83 -83.41
N PHE D 3144 -44.96 102.45 -84.60
CA PHE D 3144 -45.84 101.86 -85.62
C PHE D 3144 -46.43 100.54 -85.13
N GLN D 3145 -45.60 99.71 -84.49
CA GLN D 3145 -46.07 98.49 -83.85
C GLN D 3145 -47.07 98.79 -82.73
N HIS D 3146 -46.83 99.86 -81.97
CA HIS D 3146 -47.78 100.31 -80.95
C HIS D 3146 -49.12 100.69 -81.57
N ILE D 3147 -49.09 101.41 -82.69
CA ILE D 3147 -50.32 101.81 -83.40
C ILE D 3147 -51.00 100.58 -83.99
N ALA D 3148 -50.23 99.65 -84.54
CA ALA D 3148 -50.78 98.44 -85.14
C ALA D 3148 -51.46 97.56 -84.09
N GLN D 3149 -50.82 97.39 -82.93
CA GLN D 3149 -51.40 96.58 -81.87
C GLN D 3149 -52.63 97.25 -81.25
N HIS D 3150 -52.59 98.56 -81.05
CA HIS D 3150 -53.68 99.25 -80.37
C HIS D 3150 -54.79 99.69 -81.32
N GLN D 3151 -54.56 99.58 -82.64
CA GLN D 3151 -55.46 100.03 -83.71
C GLN D 3151 -55.76 101.52 -83.55
N PHE D 3152 -54.69 102.31 -83.62
CA PHE D 3152 -54.77 103.76 -83.51
C PHE D 3152 -54.81 104.45 -84.86
N GLY D 3153 -54.80 103.69 -85.96
CA GLY D 3153 -54.75 104.29 -87.29
C GLY D 3153 -55.97 105.15 -87.61
N ASP D 3154 -57.14 104.71 -87.20
CA ASP D 3154 -58.37 105.46 -87.47
C ASP D 3154 -58.47 106.72 -86.62
N ASP D 3155 -57.73 106.81 -85.52
CA ASP D 3155 -57.83 107.95 -84.63
C ASP D 3155 -56.56 108.79 -84.55
N VAL D 3156 -55.48 108.44 -85.26
CA VAL D 3156 -54.26 109.22 -85.28
C VAL D 3156 -53.89 109.63 -86.71
N ILE D 3157 -53.91 108.68 -87.64
CA ILE D 3157 -53.59 108.96 -89.04
C ILE D 3157 -54.83 109.48 -89.74
N LEU D 3158 -55.06 110.80 -89.64
CA LEU D 3158 -56.28 111.41 -90.15
C LEU D 3158 -56.05 112.42 -91.25
N ASP D 3159 -55.17 113.40 -91.05
CA ASP D 3159 -55.06 114.54 -91.96
C ASP D 3159 -53.77 114.58 -92.74
N ASP D 3160 -52.61 114.59 -92.08
CA ASP D 3160 -51.33 114.73 -92.75
C ASP D 3160 -50.41 113.53 -92.58
N VAL D 3161 -50.65 112.70 -91.57
CA VAL D 3161 -49.85 111.50 -91.38
C VAL D 3161 -50.09 110.54 -92.55
N GLN D 3162 -51.26 110.62 -93.19
CA GLN D 3162 -51.55 109.85 -94.40
C GLN D 3162 -50.61 110.24 -95.52
N VAL D 3163 -50.38 111.54 -95.69
CA VAL D 3163 -49.46 112.04 -96.70
C VAL D 3163 -48.03 111.64 -96.35
N SER D 3164 -47.71 111.66 -95.05
CA SER D 3164 -46.38 111.24 -94.59
C SER D 3164 -46.12 109.78 -94.93
N CYS D 3165 -47.14 108.94 -94.76
CA CYS D 3165 -47.03 107.52 -95.08
C CYS D 3165 -46.96 107.28 -96.58
N TYR D 3166 -47.78 107.97 -97.37
CA TYR D 3166 -47.75 107.79 -98.83
C TYR D 3166 -46.41 108.23 -99.42
N ARG D 3167 -45.91 109.40 -99.00
CA ARG D 3167 -44.60 109.86 -99.45
C ARG D 3167 -43.48 108.91 -99.02
N THR D 3168 -43.57 108.38 -97.79
CA THR D 3168 -42.64 107.37 -97.33
C THR D 3168 -42.73 106.11 -98.17
N LEU D 3169 -43.95 105.66 -98.48
CA LEU D 3169 -44.17 104.44 -99.26
C LEU D 3169 -43.60 104.54 -100.67
N CYS D 3170 -43.85 105.68 -101.34
CA CYS D 3170 -43.27 105.94 -102.65
C CYS D 3170 -41.75 105.93 -102.58
N SER D 3171 -41.20 106.58 -101.55
CA SER D 3171 -39.75 106.74 -101.46
C SER D 3171 -39.08 105.39 -101.22
N ILE D 3172 -39.64 104.58 -100.31
CA ILE D 3172 -39.03 103.30 -99.99
C ILE D 3172 -39.21 102.32 -101.14
N TYR D 3173 -40.36 102.34 -101.84
CA TYR D 3173 -40.58 101.42 -102.94
C TYR D 3173 -39.74 101.77 -104.15
N SER D 3174 -39.31 103.04 -104.28
CA SER D 3174 -38.46 103.43 -105.40
C SER D 3174 -37.08 102.77 -105.38
N LEU D 3175 -36.66 102.19 -104.26
CA LEU D 3175 -35.38 101.50 -104.14
C LEU D 3175 -35.40 100.08 -104.71
N GLY D 3176 -36.56 99.60 -105.16
CA GLY D 3176 -36.63 98.26 -105.74
C GLY D 3176 -35.79 98.10 -106.99
N THR D 3177 -35.71 99.15 -107.80
CA THR D 3177 -34.89 99.14 -109.00
C THR D 3177 -33.45 99.56 -108.73
N THR D 3178 -33.09 99.82 -107.49
CA THR D 3178 -31.76 100.27 -107.11
C THR D 3178 -31.05 99.16 -106.34
N LYS D 3179 -29.80 98.88 -106.73
CA LYS D 3179 -29.01 97.81 -106.13
C LYS D 3179 -27.71 98.40 -105.60
N ASN D 3180 -27.64 98.63 -104.29
CA ASN D 3180 -26.42 99.13 -103.65
C ASN D 3180 -26.18 98.38 -102.35
N THR D 3181 -25.04 98.66 -101.73
CA THR D 3181 -24.69 98.06 -100.45
C THR D 3181 -25.65 98.47 -99.35
N TYR D 3182 -26.00 99.77 -99.29
CA TYR D 3182 -26.97 100.25 -98.31
C TYR D 3182 -28.34 99.65 -98.55
N VAL D 3183 -28.74 99.55 -99.82
CA VAL D 3183 -30.05 99.01 -100.18
C VAL D 3183 -30.15 97.55 -99.74
N GLU D 3184 -29.08 96.79 -100.01
CA GLU D 3184 -29.05 95.36 -99.68
C GLU D 3184 -29.07 95.16 -98.17
N LYS D 3185 -28.22 95.88 -97.42
CA LYS D 3185 -28.14 95.63 -96.00
C LYS D 3185 -29.32 96.22 -95.24
N LEU D 3186 -30.04 97.19 -95.80
CA LEU D 3186 -31.16 97.80 -95.11
C LEU D 3186 -32.51 97.30 -95.59
N ARG D 3187 -32.56 96.44 -96.61
CA ARG D 3187 -33.83 95.82 -97.03
C ARG D 3187 -34.60 95.10 -95.92
N PRO D 3188 -34.01 94.32 -94.99
CA PRO D 3188 -34.82 93.82 -93.87
C PRO D 3188 -35.38 94.89 -92.95
N ALA D 3189 -34.55 95.82 -92.49
CA ALA D 3189 -35.01 96.87 -91.58
C ALA D 3189 -36.06 97.77 -92.22
N LEU D 3190 -35.84 98.17 -93.47
CA LEU D 3190 -36.82 98.97 -94.20
C LEU D 3190 -38.09 98.19 -94.49
N GLY D 3191 -37.96 96.90 -94.84
CA GLY D 3191 -39.14 96.07 -95.04
C GLY D 3191 -39.96 95.90 -93.77
N GLU D 3192 -39.27 95.74 -92.64
CA GLU D 3192 -39.95 95.62 -91.35
C GLU D 3192 -40.68 96.91 -90.98
N CYS D 3193 -40.00 98.06 -91.12
CA CYS D 3193 -40.63 99.34 -90.81
C CYS D 3193 -41.82 99.62 -91.72
N LEU D 3194 -41.68 99.34 -93.02
CA LEU D 3194 -42.79 99.54 -93.94
C LEU D 3194 -43.92 98.55 -93.66
N ALA D 3195 -43.59 97.33 -93.21
CA ALA D 3195 -44.60 96.35 -92.81
C ALA D 3195 -45.41 96.86 -91.62
N ARG D 3196 -44.73 97.46 -90.64
CA ARG D 3196 -45.47 98.06 -89.52
C ARG D 3196 -46.28 99.26 -89.97
N LEU D 3197 -45.82 99.98 -91.01
CA LEU D 3197 -46.63 101.04 -91.60
C LEU D 3197 -47.90 100.49 -92.21
N ALA D 3198 -47.79 99.38 -92.94
CA ALA D 3198 -48.97 98.74 -93.53
C ALA D 3198 -49.91 98.23 -92.44
N ALA D 3199 -49.35 97.66 -91.37
CA ALA D 3199 -50.17 97.22 -90.24
C ALA D 3199 -50.75 98.37 -89.43
N ALA D 3200 -50.27 99.59 -89.62
CA ALA D 3200 -50.79 100.76 -88.93
C ALA D 3200 -51.63 101.66 -89.82
N MET D 3201 -51.69 101.37 -91.11
CA MET D 3201 -52.37 102.22 -92.08
C MET D 3201 -53.88 102.11 -91.94
N PRO D 3202 -54.62 103.21 -91.94
CA PRO D 3202 -56.10 103.15 -91.87
C PRO D 3202 -56.85 103.21 -93.20
N VAL D 3203 -56.19 103.37 -94.35
CA VAL D 3203 -56.91 103.46 -95.62
C VAL D 3203 -56.41 102.40 -96.59
N ALA D 3204 -57.28 102.02 -97.53
CA ALA D 3204 -56.99 100.97 -98.50
C ALA D 3204 -56.15 101.51 -99.65
N PHE D 3205 -54.82 101.44 -99.49
CA PHE D 3205 -53.94 101.97 -100.52
C PHE D 3205 -53.68 100.95 -101.63
N LEU D 3206 -53.60 99.66 -101.29
CA LEU D 3206 -53.36 98.64 -102.31
C LEU D 3206 -54.55 98.40 -103.22
N GLU D 3207 -55.74 98.85 -102.82
CA GLU D 3207 -56.93 98.83 -103.67
C GLU D 3207 -57.52 100.23 -103.67
N PRO D 3208 -56.90 101.17 -104.39
CA PRO D 3208 -57.39 102.56 -104.41
C PRO D 3208 -58.75 102.73 -105.06
N GLN D 3209 -59.23 101.76 -105.84
CA GLN D 3209 -60.55 101.85 -106.47
C GLN D 3209 -61.69 101.81 -105.46
N LEU D 3210 -61.44 101.31 -104.25
CA LEU D 3210 -62.45 101.31 -103.19
C LEU D 3210 -61.98 102.07 -101.96
N ASN D 3211 -60.97 102.93 -102.10
CA ASN D 3211 -60.43 103.69 -100.98
C ASN D 3211 -61.40 104.76 -100.48
N GLU D 3212 -62.43 105.09 -101.25
CA GLU D 3212 -63.36 106.16 -100.91
C GLU D 3212 -64.47 105.71 -99.96
N TYR D 3213 -64.39 104.51 -99.41
CA TYR D 3213 -65.42 104.01 -98.50
C TYR D 3213 -65.03 104.13 -97.03
N ASN D 3214 -63.74 104.31 -96.73
CA ASN D 3214 -63.29 104.40 -95.35
C ASN D 3214 -63.77 105.71 -94.73
N ALA D 3215 -64.34 105.60 -93.52
CA ALA D 3215 -64.80 106.79 -92.81
C ALA D 3215 -63.64 107.70 -92.43
N CYS D 3216 -62.53 107.12 -91.99
CA CYS D 3216 -61.34 107.90 -91.63
C CYS D 3216 -60.38 107.97 -92.82
N SER D 3217 -60.90 108.50 -93.92
CA SER D 3217 -60.16 108.66 -95.16
C SER D 3217 -60.27 110.10 -95.61
N VAL D 3218 -59.18 110.59 -96.22
CA VAL D 3218 -59.12 111.97 -96.70
C VAL D 3218 -60.12 112.22 -97.83
N TYR D 3219 -60.49 111.19 -98.58
CA TYR D 3219 -61.44 111.34 -99.69
C TYR D 3219 -62.89 111.31 -99.22
N THR D 3220 -63.12 111.20 -97.91
CA THR D 3220 -64.44 111.34 -97.31
C THR D 3220 -64.49 112.53 -96.38
N THR D 3221 -63.55 112.62 -95.43
CA THR D 3221 -63.56 113.74 -94.50
C THR D 3221 -63.08 115.02 -95.17
N LYS D 3222 -62.01 114.94 -95.98
CA LYS D 3222 -61.42 116.11 -96.60
C LYS D 3222 -62.16 116.42 -97.89
N SER D 3223 -62.90 117.53 -97.90
CA SER D 3223 -63.70 117.95 -99.03
C SER D 3223 -62.79 118.33 -100.21
N PRO D 3224 -63.31 118.28 -101.45
CA PRO D 3224 -62.47 118.58 -102.63
C PRO D 3224 -61.82 119.96 -102.65
N ARG D 3225 -62.31 120.96 -101.91
CA ARG D 3225 -61.63 122.25 -101.92
C ARG D 3225 -60.33 122.24 -101.12
N GLU D 3226 -60.10 121.22 -100.29
CA GLU D 3226 -58.77 120.87 -99.81
C GLU D 3226 -58.34 119.59 -100.51
N ARG D 3227 -57.16 119.10 -100.12
CA ARG D 3227 -56.32 118.06 -100.75
C ARG D 3227 -55.74 118.51 -102.09
N ALA D 3228 -55.96 119.75 -102.51
CA ALA D 3228 -55.35 120.30 -103.71
C ALA D 3228 -54.66 121.61 -103.35
N ILE D 3229 -55.16 122.31 -102.32
CA ILE D 3229 -54.50 123.51 -101.83
C ILE D 3229 -53.16 123.18 -101.20
N LEU D 3230 -53.09 122.08 -100.45
CA LEU D 3230 -51.83 121.57 -99.90
C LEU D 3230 -51.32 120.43 -100.78
N GLY D 3231 -50.01 120.19 -100.68
CA GLY D 3231 -49.31 119.23 -101.53
C GLY D 3231 -49.82 117.80 -101.48
N LEU D 3232 -50.53 117.41 -102.54
CA LEU D 3232 -51.11 116.08 -102.75
C LEU D 3232 -51.42 115.90 -104.22
N PRO D 3233 -51.18 114.71 -104.78
CA PRO D 3233 -51.61 114.43 -106.16
C PRO D 3233 -53.13 114.44 -106.36
N ASN D 3234 -53.92 114.40 -105.27
CA ASN D 3234 -55.38 114.49 -105.26
C ASN D 3234 -56.05 113.32 -106.00
N SER D 3235 -55.35 112.19 -106.13
CA SER D 3235 -55.91 111.01 -106.77
C SER D 3235 -55.26 109.77 -106.17
N VAL D 3236 -56.07 108.96 -105.48
CA VAL D 3236 -55.57 107.85 -104.66
C VAL D 3236 -54.82 106.83 -105.51
N GLU D 3237 -55.29 106.58 -106.75
CA GLU D 3237 -54.58 105.72 -107.67
C GLU D 3237 -53.22 106.32 -108.08
N GLU D 3238 -53.07 107.63 -107.96
CA GLU D 3238 -51.84 108.35 -108.30
C GLU D 3238 -51.04 108.80 -107.08
N MET D 3239 -51.41 108.34 -105.88
CA MET D 3239 -50.56 108.59 -104.70
C MET D 3239 -49.17 108.00 -104.91
N CYS D 3240 -49.09 106.70 -105.23
CA CYS D 3240 -47.84 106.03 -105.60
C CYS D 3240 -48.12 105.18 -106.83
N PRO D 3241 -47.88 105.72 -108.03
CA PRO D 3241 -48.00 104.89 -109.25
C PRO D 3241 -47.03 103.71 -109.31
N ASP D 3242 -45.91 103.77 -108.58
CA ASP D 3242 -44.99 102.65 -108.48
C ASP D 3242 -45.59 101.45 -107.75
N ILE D 3243 -46.65 101.65 -106.97
CA ILE D 3243 -47.30 100.58 -106.22
C ILE D 3243 -48.35 99.94 -107.12
N PRO D 3244 -48.21 98.66 -107.46
CA PRO D 3244 -49.27 97.97 -108.21
C PRO D 3244 -50.49 97.76 -107.33
N VAL D 3245 -51.65 97.62 -107.99
CA VAL D 3245 -52.87 97.31 -107.24
C VAL D 3245 -52.79 95.90 -106.66
N LEU D 3246 -53.60 95.70 -105.61
CA LEU D 3246 -53.56 94.47 -104.83
C LEU D 3246 -53.94 93.27 -105.67
N ASP D 3247 -54.90 93.44 -106.60
CA ASP D 3247 -55.40 92.35 -107.41
C ASP D 3247 -54.30 91.73 -108.28
N ARG D 3248 -53.46 92.56 -108.89
CA ARG D 3248 -52.33 92.03 -109.64
C ARG D 3248 -51.11 91.78 -108.78
N LEU D 3249 -51.14 92.15 -107.49
CA LEU D 3249 -49.95 91.98 -106.64
C LEU D 3249 -49.67 90.50 -106.38
N MET D 3250 -50.68 89.73 -105.98
CA MET D 3250 -50.38 88.34 -105.72
C MET D 3250 -50.36 87.55 -107.01
N ALA D 3251 -51.02 88.03 -108.06
CA ALA D 3251 -50.93 87.35 -109.35
C ALA D 3251 -49.50 87.38 -109.88
N ASP D 3252 -48.83 88.54 -109.75
CA ASP D 3252 -47.41 88.62 -110.07
C ASP D 3252 -46.57 87.75 -109.14
N ILE D 3253 -46.86 87.77 -107.83
CA ILE D 3253 -46.09 86.94 -106.90
C ILE D 3253 -46.32 85.45 -107.18
N GLY D 3254 -47.55 85.08 -107.54
CA GLY D 3254 -47.85 83.71 -107.95
C GLY D 3254 -47.11 83.26 -109.19
N GLY D 3255 -47.00 84.13 -110.20
CA GLY D 3255 -46.14 83.81 -111.34
C GLY D 3255 -44.68 83.73 -110.98
N LEU D 3256 -44.24 84.56 -110.02
CA LEU D 3256 -42.87 84.50 -109.54
C LEU D 3256 -42.60 83.18 -108.83
N ALA D 3257 -43.57 82.73 -108.02
CA ALA D 3257 -43.42 81.50 -107.27
C ALA D 3257 -43.40 80.29 -108.19
N GLU D 3258 -44.32 80.24 -109.17
CA GLU D 3258 -44.30 79.11 -110.11
C GLU D 3258 -43.09 79.16 -111.03
N SER D 3259 -42.45 80.32 -111.19
CA SER D 3259 -41.22 80.37 -111.96
C SER D 3259 -40.07 79.63 -111.27
N GLY D 3260 -40.14 79.50 -109.95
CA GLY D 3260 -39.08 78.87 -109.20
C GLY D 3260 -37.83 79.70 -109.01
N ALA D 3261 -37.89 80.99 -109.32
CA ALA D 3261 -36.73 81.87 -109.21
C ALA D 3261 -36.34 82.07 -107.75
N ARG D 3262 -35.04 82.32 -107.54
CA ARG D 3262 -34.48 82.42 -106.20
C ARG D 3262 -34.45 83.86 -105.67
N TYR D 3263 -33.93 84.01 -104.45
CA TYR D 3263 -33.86 85.31 -103.81
C TYR D 3263 -32.81 86.20 -104.48
N THR D 3264 -31.77 85.58 -105.06
CA THR D 3264 -30.71 86.34 -105.75
C THR D 3264 -31.28 87.16 -106.91
N GLU D 3265 -32.35 86.66 -107.53
CA GLU D 3265 -33.11 87.40 -108.53
C GLU D 3265 -34.42 87.93 -107.95
N MET D 3266 -34.65 87.76 -106.64
CA MET D 3266 -35.85 88.27 -105.99
C MET D 3266 -35.55 89.07 -104.71
N PRO D 3267 -34.59 90.08 -104.75
CA PRO D 3267 -34.29 90.77 -103.49
C PRO D 3267 -35.41 91.69 -102.99
N HIS D 3268 -35.92 92.56 -103.86
CA HIS D 3268 -36.92 93.54 -103.47
C HIS D 3268 -38.27 92.90 -103.20
N VAL D 3269 -38.66 91.92 -104.04
CA VAL D 3269 -39.97 91.27 -103.92
C VAL D 3269 -40.10 90.56 -102.57
N ILE D 3270 -39.07 89.80 -102.19
CA ILE D 3270 -39.14 89.00 -100.98
C ILE D 3270 -39.04 89.90 -99.74
N GLU D 3271 -38.09 90.82 -99.74
CA GLU D 3271 -37.83 91.61 -98.54
C GLU D 3271 -38.87 92.69 -98.32
N ILE D 3272 -39.53 93.17 -99.37
CA ILE D 3272 -40.43 94.32 -99.28
C ILE D 3272 -41.86 93.96 -99.68
N THR D 3273 -42.04 93.38 -100.87
CA THR D 3273 -43.39 93.14 -101.39
C THR D 3273 -44.12 92.04 -100.60
N LEU D 3274 -43.43 90.95 -100.28
CA LEU D 3274 -44.04 89.89 -99.48
C LEU D 3274 -44.51 90.35 -98.08
N PRO D 3275 -43.74 91.15 -97.30
CA PRO D 3275 -44.32 91.70 -96.06
C PRO D 3275 -45.56 92.55 -96.28
N MET D 3276 -45.71 93.20 -97.45
CA MET D 3276 -46.91 93.98 -97.72
C MET D 3276 -48.13 93.08 -97.77
N LEU D 3277 -48.03 91.95 -98.46
CA LEU D 3277 -49.11 90.97 -98.45
C LEU D 3277 -49.31 90.36 -97.08
N CYS D 3278 -48.23 90.22 -96.29
CA CYS D 3278 -48.37 89.68 -94.94
C CYS D 3278 -48.94 90.70 -93.94
N SER D 3279 -48.86 91.99 -94.23
CA SER D 3279 -49.29 93.02 -93.31
C SER D 3279 -50.60 93.70 -93.70
N TYR D 3280 -50.93 93.75 -94.99
CA TYR D 3280 -52.14 94.41 -95.46
C TYR D 3280 -53.35 93.49 -95.31
N LEU D 3281 -53.24 92.25 -95.81
CA LEU D 3281 -54.37 91.33 -95.83
C LEU D 3281 -54.96 91.00 -94.46
N PRO D 3282 -54.20 90.60 -93.42
CA PRO D 3282 -54.85 90.32 -92.12
C PRO D 3282 -55.51 91.53 -91.49
N ARG D 3283 -54.92 92.72 -91.66
CA ARG D 3283 -55.48 93.93 -91.06
C ARG D 3283 -56.85 94.27 -91.63
N TRP D 3284 -57.00 94.20 -92.95
CA TRP D 3284 -58.26 94.56 -93.59
C TRP D 3284 -59.19 93.37 -93.81
N TRP D 3285 -58.77 92.16 -93.41
CA TRP D 3285 -59.65 91.00 -93.53
C TRP D 3285 -60.89 91.17 -92.65
N GLU D 3286 -60.70 91.68 -91.43
CA GLU D 3286 -61.83 91.98 -90.57
C GLU D 3286 -62.50 93.30 -90.92
N ARG D 3287 -61.91 94.08 -91.84
CA ARG D 3287 -62.46 95.36 -92.26
C ARG D 3287 -63.00 95.32 -93.69
N GLY D 3288 -63.20 94.13 -94.24
CA GLY D 3288 -63.74 94.01 -95.57
C GLY D 3288 -64.59 92.76 -95.75
N PRO D 3289 -64.45 92.08 -96.88
CA PRO D 3289 -65.20 90.84 -97.09
C PRO D 3289 -64.63 89.69 -96.27
N GLU D 3290 -65.48 88.68 -96.08
CA GLU D 3290 -65.26 87.48 -95.25
C GLU D 3290 -65.02 87.82 -93.78
N ALA D 3291 -65.32 89.04 -93.36
CA ALA D 3291 -65.22 89.46 -91.98
C ALA D 3291 -66.44 88.97 -91.21
N PRO D 3292 -66.33 88.83 -89.89
CA PRO D 3292 -67.51 88.70 -89.03
C PRO D 3292 -67.99 90.06 -88.53
N PRO D 3293 -68.74 90.82 -89.31
CA PRO D 3293 -69.04 92.21 -88.94
C PRO D 3293 -70.22 92.33 -87.99
N PRO D 3294 -69.99 92.80 -86.75
CA PRO D 3294 -71.10 93.01 -85.80
C PRO D 3294 -71.74 94.38 -85.95
N ALA D 3295 -72.08 94.75 -87.18
CA ALA D 3295 -72.55 96.10 -87.48
C ALA D 3295 -73.95 96.09 -88.07
N LEU D 3296 -74.87 95.32 -87.48
CA LEU D 3296 -76.25 95.30 -87.95
C LEU D 3296 -77.00 96.64 -87.94
N PRO D 3297 -76.91 97.53 -86.92
CA PRO D 3297 -77.68 98.78 -87.04
C PRO D 3297 -77.09 99.78 -88.03
N ALA D 3298 -75.80 99.66 -88.35
CA ALA D 3298 -75.09 100.61 -89.21
C ALA D 3298 -74.34 99.87 -90.31
N GLY D 3299 -75.02 98.94 -90.98
CA GLY D 3299 -74.45 98.16 -92.06
C GLY D 3299 -74.42 98.85 -93.40
N ALA D 3300 -74.86 100.12 -93.46
CA ALA D 3300 -74.86 100.88 -94.71
C ALA D 3300 -73.49 101.07 -95.37
N PRO D 3301 -72.40 101.46 -94.67
CA PRO D 3301 -71.11 101.65 -95.39
C PRO D 3301 -70.58 100.33 -95.95
N PRO D 3302 -70.30 100.28 -97.25
CA PRO D 3302 -69.76 99.06 -97.84
C PRO D 3302 -68.29 98.90 -97.49
N PRO D 3303 -67.72 97.70 -97.65
CA PRO D 3303 -66.29 97.51 -97.34
C PRO D 3303 -65.38 98.38 -98.18
N CYS D 3304 -64.30 98.84 -97.56
CA CYS D 3304 -63.31 99.70 -98.20
C CYS D 3304 -62.28 98.92 -99.03
N THR D 3305 -62.36 97.59 -99.05
CA THR D 3305 -61.40 96.79 -99.78
C THR D 3305 -62.08 95.49 -100.22
N ALA D 3306 -61.28 94.57 -100.77
CA ALA D 3306 -61.77 93.28 -101.24
C ALA D 3306 -60.86 92.17 -100.74
N VAL D 3307 -60.52 92.20 -99.45
CA VAL D 3307 -59.60 91.23 -98.86
C VAL D 3307 -60.39 90.04 -98.33
N THR D 3308 -60.20 88.87 -98.94
CA THR D 3308 -60.78 87.62 -98.45
C THR D 3308 -59.64 86.71 -98.02
N SER D 3309 -59.98 85.50 -97.57
CA SER D 3309 -58.98 84.50 -97.26
C SER D 3309 -58.38 83.84 -98.49
N ASP D 3310 -59.00 83.99 -99.66
CA ASP D 3310 -58.44 83.43 -100.89
C ASP D 3310 -57.10 84.06 -101.23
N HIS D 3311 -56.99 85.38 -101.02
CA HIS D 3311 -55.74 86.09 -101.26
C HIS D 3311 -54.64 85.59 -100.32
N LEU D 3312 -54.97 85.34 -99.05
CA LEU D 3312 -54.00 84.76 -98.14
C LEU D 3312 -53.69 83.30 -98.50
N ASN D 3313 -54.67 82.59 -99.05
CA ASN D 3313 -54.48 81.21 -99.49
C ASN D 3313 -53.41 81.13 -100.58
N SER D 3314 -53.55 81.99 -101.59
CA SER D 3314 -52.54 82.11 -102.63
C SER D 3314 -51.20 82.60 -102.07
N LEU D 3315 -51.26 83.56 -101.13
CA LEU D 3315 -50.04 84.10 -100.51
C LEU D 3315 -49.24 83.02 -99.78
N LEU D 3316 -49.91 82.21 -98.96
CA LEU D 3316 -49.25 81.12 -98.23
C LEU D 3316 -48.73 80.05 -99.19
N GLY D 3317 -49.50 79.71 -100.23
CA GLY D 3317 -49.03 78.72 -101.19
C GLY D 3317 -47.80 79.20 -101.93
N ASN D 3318 -47.79 80.48 -102.34
CA ASN D 3318 -46.64 81.05 -103.01
C ASN D 3318 -45.42 81.12 -102.10
N ILE D 3319 -45.62 81.49 -100.82
CA ILE D 3319 -44.51 81.55 -99.87
C ILE D 3319 -43.88 80.18 -99.68
N LEU D 3320 -44.72 79.14 -99.53
CA LEU D 3320 -44.23 77.77 -99.42
C LEU D 3320 -43.47 77.35 -100.68
N ARG D 3321 -44.01 77.67 -101.86
CA ARG D 3321 -43.35 77.33 -103.11
C ARG D 3321 -42.00 78.03 -103.25
N ILE D 3322 -41.94 79.30 -102.86
CA ILE D 3322 -40.69 80.08 -102.93
C ILE D 3322 -39.64 79.46 -102.02
N ILE D 3323 -40.03 79.10 -100.79
CA ILE D 3323 -39.07 78.57 -99.83
C ILE D 3323 -38.55 77.20 -100.29
N VAL D 3324 -39.44 76.31 -100.72
CA VAL D 3324 -38.99 74.99 -101.15
C VAL D 3324 -38.27 75.01 -102.50
N ASN D 3325 -38.47 76.06 -103.31
CA ASN D 3325 -37.60 76.22 -104.47
C ASN D 3325 -36.25 76.80 -104.09
N ASN D 3326 -36.21 77.66 -103.07
CA ASN D 3326 -34.98 78.14 -102.46
C ASN D 3326 -34.35 77.15 -101.48
N LEU D 3327 -34.87 75.92 -101.41
CA LEU D 3327 -34.35 74.91 -100.50
C LEU D 3327 -32.92 74.48 -100.83
N GLY D 3328 -32.46 74.73 -102.05
CA GLY D 3328 -31.14 74.30 -102.46
C GLY D 3328 -30.03 75.27 -102.18
N ILE D 3329 -30.35 76.56 -101.97
CA ILE D 3329 -29.32 77.55 -101.73
C ILE D 3329 -28.73 77.34 -100.33
N ASP D 3330 -27.44 77.64 -100.21
CA ASP D 3330 -26.72 77.34 -98.96
C ASP D 3330 -27.13 78.29 -97.85
N GLU D 3331 -27.27 79.58 -98.15
CA GLU D 3331 -27.57 80.59 -97.15
C GLU D 3331 -28.82 81.36 -97.54
N ALA D 3332 -29.74 81.52 -96.59
CA ALA D 3332 -30.93 82.34 -96.78
C ALA D 3332 -31.32 82.90 -95.40
N THR D 3333 -30.86 84.11 -95.11
CA THR D 3333 -31.20 84.79 -93.87
C THR D 3333 -32.66 85.24 -93.82
N TRP D 3334 -33.38 85.20 -94.94
CA TRP D 3334 -34.77 85.57 -94.99
C TRP D 3334 -35.73 84.41 -94.67
N MET D 3335 -35.20 83.22 -94.37
CA MET D 3335 -36.02 82.14 -93.83
C MET D 3335 -36.69 82.54 -92.53
N LYS D 3336 -35.92 83.10 -91.59
CA LYS D 3336 -36.45 83.48 -90.30
C LYS D 3336 -37.42 84.66 -90.42
N ARG D 3337 -37.03 85.69 -91.19
CA ARG D 3337 -37.86 86.88 -91.31
C ARG D 3337 -39.18 86.56 -92.02
N LEU D 3338 -39.13 85.76 -93.08
CA LEU D 3338 -40.33 85.33 -93.78
C LEU D 3338 -41.20 84.49 -92.86
N ALA D 3339 -40.60 83.60 -92.06
CA ALA D 3339 -41.37 82.77 -91.15
C ALA D 3339 -42.07 83.62 -90.08
N VAL D 3340 -41.34 84.53 -89.43
CA VAL D 3340 -41.93 85.38 -88.40
C VAL D 3340 -42.89 86.42 -88.96
N PHE D 3341 -42.90 86.66 -90.27
CA PHE D 3341 -43.90 87.54 -90.84
C PHE D 3341 -45.07 86.80 -91.46
N ALA D 3342 -44.88 85.55 -91.88
CA ALA D 3342 -45.95 84.72 -92.40
C ALA D 3342 -46.58 83.81 -91.35
N GLN D 3343 -46.12 83.89 -90.11
CA GLN D 3343 -46.75 83.13 -89.04
C GLN D 3343 -48.03 83.77 -88.48
N PRO D 3344 -48.14 85.10 -88.24
CA PRO D 3344 -49.46 85.65 -87.86
C PRO D 3344 -50.54 85.53 -88.92
N ILE D 3345 -50.18 85.28 -90.19
CA ILE D 3345 -51.16 85.29 -91.28
C ILE D 3345 -51.68 83.89 -91.61
N VAL D 3346 -51.03 82.84 -91.13
CA VAL D 3346 -51.36 81.46 -91.53
C VAL D 3346 -52.47 80.94 -90.61
N SER D 3347 -53.02 81.83 -89.78
CA SER D 3347 -54.09 81.46 -88.84
C SER D 3347 -55.36 81.01 -89.56
N ARG D 3348 -55.61 81.51 -90.77
CA ARG D 3348 -56.79 81.14 -91.53
C ARG D 3348 -56.44 80.29 -92.75
N ALA D 3349 -55.36 79.52 -92.66
CA ALA D 3349 -54.90 78.68 -93.76
C ALA D 3349 -55.90 77.58 -94.07
N ARG D 3350 -56.11 77.34 -95.36
CA ARG D 3350 -57.08 76.36 -95.81
C ARG D 3350 -56.53 74.93 -95.69
N PRO D 3351 -57.42 73.93 -95.54
CA PRO D 3351 -56.96 72.53 -95.54
C PRO D 3351 -56.34 72.06 -96.83
N GLU D 3352 -56.56 72.77 -97.95
CA GLU D 3352 -56.03 72.36 -99.25
C GLU D 3352 -54.50 72.34 -99.26
N LEU D 3353 -53.87 73.31 -98.58
CA LEU D 3353 -52.43 73.43 -98.58
C LEU D 3353 -51.73 72.26 -97.90
N LEU D 3354 -52.44 71.47 -97.11
CA LEU D 3354 -51.84 70.33 -96.44
C LEU D 3354 -51.45 69.27 -97.47
N HIS D 3355 -52.43 68.76 -98.20
CA HIS D 3355 -52.13 67.73 -99.20
C HIS D 3355 -51.42 68.31 -100.41
N SER D 3356 -51.72 69.56 -100.81
CA SER D 3356 -51.10 70.08 -102.01
C SER D 3356 -49.62 70.44 -101.79
N HIS D 3357 -49.27 71.02 -100.65
CA HIS D 3357 -47.91 71.51 -100.42
C HIS D 3357 -47.17 70.76 -99.32
N PHE D 3358 -47.81 70.53 -98.16
CA PHE D 3358 -47.13 69.98 -97.00
C PHE D 3358 -46.59 68.56 -97.26
N ILE D 3359 -47.36 67.74 -97.96
CA ILE D 3359 -46.93 66.36 -98.21
C ILE D 3359 -45.70 66.28 -99.12
N PRO D 3360 -45.68 66.83 -100.37
CA PRO D 3360 -44.49 66.59 -101.20
C PRO D 3360 -43.26 67.39 -100.77
N THR D 3361 -43.44 68.68 -100.46
CA THR D 3361 -42.32 69.56 -100.15
C THR D 3361 -41.62 69.17 -98.86
N ILE D 3362 -42.38 68.98 -97.79
CA ILE D 3362 -41.74 68.49 -96.58
C ILE D 3362 -41.32 67.03 -96.77
N GLY D 3363 -41.96 66.25 -97.65
CA GLY D 3363 -41.43 64.93 -97.97
C GLY D 3363 -40.05 64.99 -98.61
N ARG D 3364 -39.80 66.06 -99.39
CA ARG D 3364 -38.46 66.34 -99.87
C ARG D 3364 -37.53 66.63 -98.71
N LEU D 3365 -38.03 67.38 -97.72
CA LEU D 3365 -37.22 67.67 -96.53
C LEU D 3365 -36.89 66.39 -95.78
N ARG D 3366 -37.87 65.48 -95.70
CA ARG D 3366 -37.73 64.20 -95.03
C ARG D 3366 -36.66 63.33 -95.69
N LYS D 3367 -36.72 63.21 -97.02
CA LYS D 3367 -35.71 62.41 -97.70
C LYS D 3367 -34.35 63.09 -97.69
N ARG D 3368 -34.31 64.43 -97.69
CA ARG D 3368 -33.05 65.15 -97.55
C ARG D 3368 -32.42 64.89 -96.18
N ALA D 3369 -33.24 64.94 -95.12
CA ALA D 3369 -32.77 64.66 -93.77
C ALA D 3369 -32.27 63.23 -93.64
N GLY D 3370 -33.00 62.28 -94.25
CA GLY D 3370 -32.55 60.91 -94.25
C GLY D 3370 -31.25 60.72 -95.02
N LYS D 3371 -31.09 61.47 -96.12
CA LYS D 3371 -29.85 61.40 -96.91
C LYS D 3371 -28.67 61.94 -96.10
N VAL D 3372 -28.88 63.06 -95.40
CA VAL D 3372 -27.81 63.66 -94.60
C VAL D 3372 -27.42 62.76 -93.44
N VAL D 3373 -28.39 62.20 -92.72
CA VAL D 3373 -28.03 61.28 -91.64
C VAL D 3373 -27.48 59.96 -92.19
N ALA D 3374 -27.85 59.57 -93.42
CA ALA D 3374 -27.22 58.44 -94.08
C ALA D 3374 -25.74 58.70 -94.36
N GLU D 3375 -25.41 59.91 -94.80
CA GLU D 3375 -24.01 60.30 -94.92
C GLU D 3375 -23.31 60.33 -93.56
N GLU D 3376 -24.00 60.84 -92.54
CA GLU D 3376 -23.42 60.92 -91.21
C GLU D 3376 -23.10 59.54 -90.64
N GLU D 3377 -24.01 58.58 -90.81
CA GLU D 3377 -23.74 57.22 -90.35
C GLU D 3377 -22.70 56.53 -91.22
N GLN D 3378 -22.65 56.84 -92.52
CA GLN D 3378 -21.61 56.30 -93.40
C GLN D 3378 -20.23 56.76 -92.96
N LEU D 3379 -20.08 58.04 -92.63
CA LEU D 3379 -18.80 58.54 -92.15
C LEU D 3379 -18.49 58.06 -90.73
N ARG D 3380 -19.50 57.87 -89.88
CA ARG D 3380 -19.21 57.44 -88.52
C ARG D 3380 -18.88 55.94 -88.45
N LEU D 3381 -19.38 55.12 -89.39
CA LEU D 3381 -19.04 53.70 -89.34
C LEU D 3381 -17.60 53.46 -89.77
N GLU D 3382 -17.11 54.22 -90.75
CA GLU D 3382 -15.70 54.13 -91.13
C GLU D 3382 -14.84 54.88 -90.12
N ALA D 3383 -13.77 54.22 -89.67
CA ALA D 3383 -12.94 54.70 -88.56
C ALA D 3383 -11.54 55.06 -89.09
N LYS D 3384 -11.38 56.30 -89.53
CA LYS D 3384 -10.10 56.85 -89.95
C LYS D 3384 -10.23 58.37 -89.98
N ALA D 3385 -9.14 59.05 -90.33
CA ALA D 3385 -9.11 60.50 -90.38
C ALA D 3385 -9.99 61.11 -91.47
N GLU D 3386 -10.49 60.30 -92.41
CA GLU D 3386 -11.35 60.77 -93.49
C GLU D 3386 -12.72 61.23 -92.99
N ALA D 3387 -13.07 60.92 -91.74
CA ALA D 3387 -14.37 61.28 -91.18
C ALA D 3387 -14.56 62.79 -91.11
N GLU D 3388 -13.53 63.53 -90.68
CA GLU D 3388 -13.63 64.98 -90.52
C GLU D 3388 -13.87 65.67 -91.85
N GLU D 3389 -13.10 65.33 -92.88
CA GLU D 3389 -13.34 65.87 -94.20
C GLU D 3389 -14.58 65.23 -94.81
N GLY D 3390 -15.71 65.92 -94.65
CA GLY D 3390 -17.02 65.40 -94.96
C GLY D 3390 -17.95 65.65 -93.79
N GLU D 3391 -17.36 65.67 -92.60
CA GLU D 3391 -18.13 66.03 -91.41
C GLU D 3391 -18.51 67.50 -91.46
N LEU D 3392 -17.63 68.37 -91.98
CA LEU D 3392 -18.02 69.76 -92.18
C LEU D 3392 -19.09 69.90 -93.25
N LEU D 3393 -19.11 68.99 -94.23
CA LEU D 3393 -20.17 68.98 -95.23
C LEU D 3393 -21.52 68.63 -94.61
N VAL D 3394 -21.54 67.62 -93.73
CA VAL D 3394 -22.81 67.32 -93.08
C VAL D 3394 -23.14 68.33 -91.98
N ARG D 3395 -22.14 69.04 -91.42
CA ARG D 3395 -22.40 70.20 -90.58
C ARG D 3395 -23.15 71.30 -91.34
N ASP D 3396 -22.68 71.59 -92.57
CA ASP D 3396 -23.36 72.57 -93.42
C ASP D 3396 -24.76 72.10 -93.80
N GLU D 3397 -24.91 70.82 -94.13
CA GLU D 3397 -26.23 70.27 -94.44
C GLU D 3397 -27.15 70.28 -93.22
N PHE D 3398 -26.60 70.06 -92.03
CA PHE D 3398 -27.38 70.25 -90.80
C PHE D 3398 -27.77 71.70 -90.61
N SER D 3399 -26.88 72.65 -90.92
CA SER D 3399 -27.17 74.06 -90.72
C SER D 3399 -28.32 74.53 -91.63
N VAL D 3400 -28.27 74.15 -92.92
CA VAL D 3400 -29.35 74.50 -93.83
C VAL D 3400 -30.63 73.76 -93.45
N LEU D 3401 -30.53 72.50 -93.02
CA LEU D 3401 -31.70 71.73 -92.60
C LEU D 3401 -32.34 72.34 -91.36
N CYS D 3402 -31.52 72.75 -90.39
CA CYS D 3402 -32.03 73.39 -89.17
C CYS D 3402 -32.71 74.71 -89.48
N ARG D 3403 -32.12 75.52 -90.35
CA ARG D 3403 -32.73 76.80 -90.73
C ARG D 3403 -34.07 76.59 -91.46
N ASP D 3404 -34.12 75.62 -92.38
CA ASP D 3404 -35.37 75.35 -93.09
C ASP D 3404 -36.42 74.79 -92.14
N LEU D 3405 -36.02 73.92 -91.20
CA LEU D 3405 -36.96 73.37 -90.24
C LEU D 3405 -37.49 74.47 -89.33
N TYR D 3406 -36.61 75.38 -88.89
CA TYR D 3406 -36.99 76.46 -88.00
C TYR D 3406 -37.80 77.53 -88.71
N ALA D 3407 -37.87 77.48 -90.04
CA ALA D 3407 -38.72 78.42 -90.76
C ALA D 3407 -40.02 77.79 -91.24
N LEU D 3408 -40.07 76.46 -91.32
CA LEU D 3408 -41.27 75.76 -91.80
C LEU D 3408 -42.13 75.22 -90.66
N TYR D 3409 -41.53 74.74 -89.57
CA TYR D 3409 -42.30 74.29 -88.40
C TYR D 3409 -43.16 75.34 -87.70
N PRO D 3410 -42.69 76.58 -87.39
CA PRO D 3410 -43.58 77.52 -86.65
C PRO D 3410 -44.89 77.86 -87.35
N LEU D 3411 -44.89 77.97 -88.68
CA LEU D 3411 -46.14 78.15 -89.40
C LEU D 3411 -46.99 76.88 -89.40
N LEU D 3412 -46.33 75.72 -89.37
CA LEU D 3412 -47.03 74.43 -89.27
C LEU D 3412 -47.72 74.29 -87.90
N ILE D 3413 -47.09 74.82 -86.85
CA ILE D 3413 -47.70 74.81 -85.51
C ILE D 3413 -49.01 75.60 -85.52
N ARG D 3414 -49.02 76.75 -86.17
CA ARG D 3414 -50.27 77.50 -86.32
C ARG D 3414 -51.23 76.78 -87.27
N TYR D 3415 -50.72 75.96 -88.18
CA TYR D 3415 -51.57 75.21 -89.10
C TYR D 3415 -52.31 74.09 -88.38
N VAL D 3416 -51.61 73.33 -87.53
CA VAL D 3416 -52.21 72.16 -86.88
C VAL D 3416 -53.24 72.57 -85.84
N ASP D 3417 -52.94 73.61 -85.03
CA ASP D 3417 -53.79 74.02 -83.92
C ASP D 3417 -55.19 74.44 -84.36
N ASN D 3418 -55.29 75.07 -85.53
CA ASN D 3418 -56.60 75.48 -86.04
C ASN D 3418 -57.43 74.31 -86.56
N ASN D 3419 -56.80 73.20 -86.95
CA ASN D 3419 -57.50 72.12 -87.63
C ASN D 3419 -57.44 70.79 -86.88
N ARG D 3420 -56.64 70.68 -85.80
CA ARG D 3420 -56.49 69.41 -85.08
C ARG D 3420 -57.82 68.96 -84.47
N ALA D 3421 -58.70 69.90 -84.11
CA ALA D 3421 -60.00 69.56 -83.52
C ALA D 3421 -60.82 68.73 -84.50
N HIS D 3422 -60.89 69.18 -85.76
CA HIS D 3422 -61.63 68.44 -86.77
CA HIS D 3422 -61.63 68.43 -86.76
C HIS D 3422 -60.86 67.20 -87.21
N TRP D 3423 -59.52 67.26 -87.14
CA TRP D 3423 -58.71 66.11 -87.50
C TRP D 3423 -58.96 64.95 -86.53
N LEU D 3424 -59.10 65.26 -85.25
CA LEU D 3424 -59.53 64.26 -84.27
C LEU D 3424 -60.99 63.85 -84.49
N THR D 3425 -61.84 64.80 -84.90
CA THR D 3425 -63.24 64.49 -85.12
C THR D 3425 -63.43 63.49 -86.28
N GLU D 3426 -62.71 63.69 -87.38
CA GLU D 3426 -62.79 62.83 -88.56
C GLU D 3426 -61.38 62.55 -89.04
N PRO D 3427 -61.03 61.28 -89.27
CA PRO D 3427 -59.64 60.93 -89.65
C PRO D 3427 -59.20 61.52 -90.98
N ASN D 3428 -57.92 61.85 -91.07
CA ASN D 3428 -57.31 62.42 -92.27
C ASN D 3428 -56.08 61.62 -92.65
N ALA D 3429 -56.10 61.06 -93.86
CA ALA D 3429 -54.97 60.29 -94.38
C ALA D 3429 -53.74 61.16 -94.56
N ASN D 3430 -53.96 62.44 -94.87
CA ASN D 3430 -52.86 63.39 -94.99
C ASN D 3430 -52.17 63.55 -93.64
N ALA D 3431 -52.97 63.73 -92.58
CA ALA D 3431 -52.40 63.84 -91.24
C ALA D 3431 -51.70 62.56 -90.82
N GLU D 3432 -52.19 61.41 -91.28
CA GLU D 3432 -51.49 60.13 -91.06
C GLU D 3432 -50.10 60.15 -91.68
N GLU D 3433 -50.03 60.55 -92.96
CA GLU D 3433 -48.75 60.60 -93.68
C GLU D 3433 -47.79 61.60 -93.05
N LEU D 3434 -48.31 62.77 -92.66
CA LEU D 3434 -47.52 63.75 -91.93
C LEU D 3434 -46.99 63.17 -90.62
N PHE D 3435 -47.83 62.42 -89.89
CA PHE D 3435 -47.39 61.84 -88.62
C PHE D 3435 -46.25 60.86 -88.85
N ARG D 3436 -46.36 60.02 -89.90
CA ARG D 3436 -45.30 59.06 -90.21
C ARG D 3436 -44.00 59.76 -90.57
N MET D 3437 -44.09 60.84 -91.34
CA MET D 3437 -42.85 61.44 -91.82
C MET D 3437 -42.20 62.31 -90.74
N VAL D 3438 -43.00 63.01 -89.92
CA VAL D 3438 -42.42 63.79 -88.83
C VAL D 3438 -41.80 62.85 -87.81
N GLY D 3439 -42.40 61.67 -87.60
CA GLY D 3439 -41.82 60.69 -86.71
C GLY D 3439 -40.48 60.18 -87.21
N GLU D 3440 -40.38 59.89 -88.51
CA GLU D 3440 -39.08 59.49 -89.09
C GLU D 3440 -38.04 60.60 -88.99
N ILE D 3441 -38.44 61.85 -89.26
CA ILE D 3441 -37.54 63.00 -89.10
C ILE D 3441 -37.07 63.16 -87.65
N PHE D 3442 -38.00 63.02 -86.70
CA PHE D 3442 -37.65 63.09 -85.28
C PHE D 3442 -36.73 61.95 -84.86
N ILE D 3443 -36.94 60.74 -85.41
CA ILE D 3443 -36.03 59.63 -85.16
C ILE D 3443 -34.62 59.98 -85.65
N TYR D 3444 -34.53 60.61 -86.83
CA TYR D 3444 -33.23 61.09 -87.33
C TYR D 3444 -32.62 62.13 -86.39
N TRP D 3445 -33.45 63.05 -85.88
CA TRP D 3445 -32.97 64.09 -84.96
C TRP D 3445 -32.47 63.50 -83.66
N SER D 3446 -33.25 62.58 -83.07
CA SER D 3446 -32.89 61.97 -81.80
C SER D 3446 -31.63 61.13 -81.94
N LYS D 3447 -31.50 60.39 -83.05
CA LYS D 3447 -30.35 59.52 -83.25
C LYS D 3447 -29.09 60.35 -83.56
N SER D 3448 -29.24 61.46 -84.28
CA SER D 3448 -28.09 62.27 -84.67
C SER D 3448 -27.80 63.29 -83.57
N HIS D 3449 -26.72 63.05 -82.83
CA HIS D 3449 -26.27 64.01 -81.81
C HIS D 3449 -25.82 65.32 -82.46
N ASN D 3450 -25.16 65.22 -83.62
CA ASN D 3450 -24.67 66.38 -84.34
C ASN D 3450 -25.80 67.33 -84.77
N PHE D 3451 -26.87 66.76 -85.34
CA PHE D 3451 -28.02 67.57 -85.80
C PHE D 3451 -28.65 68.36 -84.64
N LYS D 3452 -28.62 67.79 -83.43
CA LYS D 3452 -28.99 68.56 -82.24
C LYS D 3452 -27.99 69.69 -82.01
N ARG D 3453 -26.69 69.39 -82.16
CA ARG D 3453 -25.65 70.36 -81.83
C ARG D 3453 -25.76 71.58 -82.74
N GLU D 3454 -25.94 71.38 -84.05
CA GLU D 3454 -26.21 72.54 -84.89
C GLU D 3454 -27.61 73.10 -84.70
N GLU D 3455 -28.53 72.38 -84.04
CA GLU D 3455 -29.81 73.00 -83.74
C GLU D 3455 -29.66 74.10 -82.68
N GLN D 3456 -28.90 73.80 -81.61
CA GLN D 3456 -28.64 74.93 -80.70
C GLN D 3456 -27.60 75.89 -81.25
N ASN D 3457 -26.68 75.43 -82.13
CA ASN D 3457 -25.77 76.37 -82.77
C ASN D 3457 -26.51 77.36 -83.65
N PHE D 3458 -27.57 76.91 -84.33
CA PHE D 3458 -28.47 77.82 -85.03
C PHE D 3458 -29.16 78.77 -84.07
N VAL D 3459 -29.57 78.26 -82.90
CA VAL D 3459 -30.25 79.11 -81.92
C VAL D 3459 -29.32 80.21 -81.41
N VAL D 3460 -28.09 79.83 -81.05
CA VAL D 3460 -27.16 80.82 -80.49
C VAL D 3460 -26.65 81.78 -81.56
N GLN D 3461 -26.50 81.32 -82.81
CA GLN D 3461 -25.99 82.18 -83.88
C GLN D 3461 -27.08 82.97 -84.58
N ASN D 3462 -28.35 82.79 -84.21
CA ASN D 3462 -29.41 83.58 -84.82
C ASN D 3462 -30.38 84.23 -83.83
N GLU D 3463 -30.20 83.97 -82.52
CA GLU D 3463 -30.99 84.59 -81.44
C GLU D 3463 -32.49 84.36 -81.62
N ILE D 3464 -32.85 83.14 -82.01
CA ILE D 3464 -34.25 82.79 -82.19
C ILE D 3464 -34.92 82.74 -80.82
N ASN D 3465 -36.10 83.35 -80.72
CA ASN D 3465 -36.86 83.40 -79.47
C ASN D 3465 -37.25 82.00 -78.99
N ASN D 3466 -38.09 81.31 -79.80
CA ASN D 3466 -38.59 79.94 -79.66
C ASN D 3466 -39.63 79.78 -78.54
N MET D 3467 -39.89 80.84 -77.76
CA MET D 3467 -41.09 80.89 -76.94
C MET D 3467 -42.15 81.82 -77.52
N SER D 3468 -41.77 82.74 -78.40
CA SER D 3468 -42.76 83.54 -79.11
C SER D 3468 -43.59 82.69 -80.06
N PHE D 3469 -43.04 81.56 -80.51
CA PHE D 3469 -43.80 80.63 -81.35
C PHE D 3469 -44.96 80.03 -80.57
N LEU D 3470 -44.70 79.64 -79.32
CA LEU D 3470 -45.74 79.07 -78.48
C LEU D 3470 -46.73 80.14 -78.01
N THR D 3471 -46.23 81.34 -77.69
CA THR D 3471 -47.10 82.40 -77.20
C THR D 3471 -47.79 83.19 -78.32
N ALA D 3472 -47.54 82.86 -79.59
CA ALA D 3472 -48.17 83.58 -80.70
C ALA D 3472 -49.69 83.46 -80.68
N ASP D 3473 -50.22 82.26 -80.43
CA ASP D 3473 -51.66 82.08 -80.32
C ASP D 3473 -52.22 82.74 -79.07
N SER D 3474 -51.47 82.72 -77.97
CA SER D 3474 -51.94 83.37 -76.74
C SER D 3474 -52.01 84.89 -76.93
N LYS D 3475 -51.01 85.47 -77.61
CA LYS D 3475 -51.03 86.90 -77.92
C LYS D 3475 -52.14 87.21 -78.94
N SER D 3476 -52.45 86.26 -79.82
CA SER D 3476 -53.63 86.39 -80.68
C SER D 3476 -54.90 86.42 -79.85
N LYS D 3477 -54.91 85.66 -78.74
CA LYS D 3477 -55.99 85.71 -77.75
C LYS D 3477 -55.77 86.82 -76.71
N MET D 3478 -54.89 87.77 -77.00
CA MET D 3478 -54.56 88.94 -76.17
C MET D 3478 -54.06 88.55 -74.79
N ALA D 3479 -52.89 87.91 -74.78
CA ALA D 3479 -52.24 87.51 -73.54
C ALA D 3479 -51.77 88.74 -72.75
N ARG D 3498 -33.47 85.14 -69.41
CA ARG D 3498 -33.23 84.67 -68.05
C ARG D 3498 -32.50 83.33 -68.06
N ARG D 3499 -33.13 82.31 -67.46
CA ARG D 3499 -32.51 80.99 -67.36
C ARG D 3499 -32.60 80.24 -68.69
N GLY D 3500 -33.82 79.98 -69.15
CA GLY D 3500 -34.01 79.25 -70.39
C GLY D 3500 -34.30 80.15 -71.56
N ASP D 3501 -33.59 81.28 -71.61
CA ASP D 3501 -33.80 82.29 -72.65
C ASP D 3501 -33.42 81.75 -74.03
N ARG D 3502 -32.28 81.08 -74.13
CA ARG D 3502 -31.75 80.72 -75.44
C ARG D 3502 -32.39 79.45 -75.98
N TYR D 3503 -32.17 78.32 -75.30
CA TYR D 3503 -32.63 77.03 -75.81
C TYR D 3503 -32.50 75.98 -74.72
N SER D 3504 -33.46 75.06 -74.69
CA SER D 3504 -33.40 73.85 -73.90
C SER D 3504 -33.92 72.71 -74.77
N VAL D 3505 -33.63 71.48 -74.35
CA VAL D 3505 -33.97 70.29 -75.12
C VAL D 3505 -35.49 70.16 -75.28
N GLN D 3506 -36.24 70.41 -74.21
CA GLN D 3506 -37.69 70.32 -74.26
C GLN D 3506 -38.35 71.43 -75.06
N THR D 3507 -37.62 72.48 -75.42
CA THR D 3507 -38.16 73.58 -76.23
C THR D 3507 -37.84 73.43 -77.71
N SER D 3508 -37.34 72.26 -78.13
CA SER D 3508 -37.06 72.02 -79.54
C SER D 3508 -38.35 72.03 -80.35
N LEU D 3509 -38.27 72.60 -81.56
CA LEU D 3509 -39.45 72.69 -82.40
C LEU D 3509 -39.86 71.34 -82.96
N ILE D 3510 -38.91 70.42 -83.12
CA ILE D 3510 -39.23 69.08 -83.62
C ILE D 3510 -40.09 68.33 -82.61
N VAL D 3511 -39.65 68.30 -81.34
CA VAL D 3511 -40.43 67.63 -80.32
C VAL D 3511 -41.73 68.38 -80.04
N ALA D 3512 -41.74 69.72 -80.15
CA ALA D 3512 -42.99 70.47 -79.96
C ALA D 3512 -43.99 70.16 -81.07
N THR D 3513 -43.49 70.03 -82.31
CA THR D 3513 -44.32 69.72 -83.47
C THR D 3513 -44.95 68.36 -83.33
N LEU D 3514 -44.16 67.37 -82.89
CA LEU D 3514 -44.74 66.05 -82.72
C LEU D 3514 -45.72 66.01 -81.55
N LYS D 3515 -45.33 66.58 -80.38
CA LYS D 3515 -46.15 66.43 -79.17
C LYS D 3515 -47.52 67.08 -79.33
N LYS D 3516 -47.59 68.20 -80.05
CA LYS D 3516 -48.88 68.86 -80.26
C LYS D 3516 -49.80 68.00 -81.12
N MET D 3517 -49.26 67.34 -82.14
CA MET D 3517 -50.07 66.61 -83.11
C MET D 3517 -50.25 65.13 -82.74
N LEU D 3518 -49.58 64.66 -81.67
CA LEU D 3518 -49.72 63.28 -81.18
C LEU D 3518 -51.12 62.72 -80.98
N PRO D 3519 -52.17 63.49 -80.56
CA PRO D 3519 -53.52 62.90 -80.52
C PRO D 3519 -54.00 62.29 -81.83
N ILE D 3520 -53.59 62.81 -83.00
CA ILE D 3520 -53.97 62.19 -84.28
C ILE D 3520 -53.40 60.79 -84.40
N GLY D 3521 -52.11 60.64 -84.08
CA GLY D 3521 -51.48 59.33 -84.10
C GLY D 3521 -52.07 58.36 -83.08
N LEU D 3522 -52.35 58.87 -81.87
CA LEU D 3522 -53.00 58.05 -80.86
C LEU D 3522 -54.41 57.66 -81.29
N ASN D 3523 -55.13 58.59 -81.93
CA ASN D 3523 -56.48 58.36 -82.42
C ASN D 3523 -56.52 57.29 -83.50
N MET D 3524 -55.45 57.19 -84.29
CA MET D 3524 -55.44 56.22 -85.39
C MET D 3524 -55.45 54.79 -84.86
N CYS D 3525 -54.60 54.50 -83.88
CA CYS D 3525 -54.50 53.15 -83.33
C CYS D 3525 -55.68 52.82 -82.42
N ALA D 3526 -56.05 51.54 -82.41
CA ALA D 3526 -57.14 51.08 -81.56
C ALA D 3526 -56.67 50.97 -80.10
N PRO D 3527 -57.58 51.16 -79.14
CA PRO D 3527 -57.19 50.99 -77.72
C PRO D 3527 -56.74 49.59 -77.34
N THR D 3528 -57.18 48.54 -78.05
CA THR D 3528 -56.76 47.17 -77.75
C THR D 3528 -55.27 46.93 -77.96
N ASP D 3529 -54.62 47.76 -78.75
CA ASP D 3529 -53.23 47.58 -79.15
C ASP D 3529 -52.23 48.05 -78.11
N GLN D 3530 -52.67 48.45 -76.91
CA GLN D 3530 -51.79 48.92 -75.84
C GLN D 3530 -50.74 47.88 -75.45
N ASP D 3531 -51.11 46.61 -75.42
CA ASP D 3531 -50.12 45.54 -75.22
C ASP D 3531 -49.09 45.53 -76.35
N LEU D 3532 -49.54 45.67 -77.60
CA LEU D 3532 -48.63 45.73 -78.73
C LEU D 3532 -47.74 46.97 -78.68
N ILE D 3533 -48.27 48.04 -78.07
CA ILE D 3533 -47.51 49.26 -77.84
C ILE D 3533 -46.36 48.96 -76.91
N MET D 3534 -46.68 48.47 -75.71
CA MET D 3534 -45.67 48.30 -74.66
C MET D 3534 -44.58 47.31 -75.06
N LEU D 3535 -44.97 46.21 -75.72
CA LEU D 3535 -43.95 45.28 -76.24
C LEU D 3535 -43.09 45.93 -77.32
N ALA D 3536 -43.67 46.82 -78.14
CA ALA D 3536 -42.86 47.51 -79.14
C ALA D 3536 -41.89 48.49 -78.48
N LYS D 3537 -42.32 49.15 -77.38
CA LYS D 3537 -41.42 50.05 -76.64
C LYS D 3537 -40.25 49.27 -76.06
N THR D 3538 -40.54 48.09 -75.52
CA THR D 3538 -39.49 47.29 -74.87
C THR D 3538 -38.48 46.81 -75.90
N ARG D 3539 -38.94 46.27 -77.04
CA ARG D 3539 -37.96 45.81 -78.02
C ARG D 3539 -37.24 46.97 -78.73
N TYR D 3540 -37.85 48.17 -78.76
CA TYR D 3540 -37.10 49.36 -79.13
C TYR D 3540 -35.98 49.64 -78.15
N ALA D 3541 -36.25 49.51 -76.85
CA ALA D 3541 -35.16 49.62 -75.88
C ALA D 3541 -34.17 48.46 -76.02
N LEU D 3542 -34.59 47.34 -76.61
CA LEU D 3542 -33.72 46.22 -76.98
C LEU D 3542 -32.96 46.48 -78.27
N LYS D 3543 -33.16 47.66 -78.88
CA LYS D 3543 -32.47 48.13 -80.09
C LYS D 3543 -32.75 47.27 -81.32
N ASP D 3544 -34.02 47.16 -81.69
CA ASP D 3544 -34.40 46.36 -82.85
C ASP D 3544 -34.80 47.29 -83.98
N THR D 3545 -34.60 46.83 -85.22
CA THR D 3545 -34.87 47.64 -86.39
C THR D 3545 -36.35 47.58 -86.75
N ASP D 3546 -36.73 48.42 -87.73
CA ASP D 3546 -38.13 48.54 -88.14
C ASP D 3546 -38.66 47.25 -88.76
N GLU D 3547 -37.86 46.58 -89.58
CA GLU D 3547 -38.31 45.33 -90.19
C GLU D 3547 -38.48 44.25 -89.12
N GLU D 3548 -37.54 44.19 -88.18
CA GLU D 3548 -37.59 43.20 -87.10
C GLU D 3548 -38.81 43.44 -86.20
N VAL D 3549 -39.13 44.70 -85.93
CA VAL D 3549 -40.26 44.93 -85.03
C VAL D 3549 -41.57 44.69 -85.78
N ARG D 3550 -41.59 44.95 -87.10
CA ARG D 3550 -42.80 44.68 -87.88
C ARG D 3550 -43.07 43.19 -87.94
N GLU D 3551 -42.02 42.38 -88.19
CA GLU D 3551 -42.23 40.93 -88.27
C GLU D 3551 -42.59 40.37 -86.89
N PHE D 3552 -41.99 40.90 -85.81
CA PHE D 3552 -42.40 40.49 -84.47
C PHE D 3552 -43.86 40.81 -84.19
N LEU D 3553 -44.35 41.97 -84.64
CA LEU D 3553 -45.78 42.28 -84.52
C LEU D 3553 -46.63 41.31 -85.30
N GLN D 3554 -46.18 40.92 -86.51
CA GLN D 3554 -46.88 39.89 -87.28
C GLN D 3554 -46.91 38.56 -86.54
N ASN D 3555 -45.80 38.17 -85.91
CA ASN D 3555 -45.80 36.92 -85.14
C ASN D 3555 -46.54 37.07 -83.82
N ASN D 3556 -46.84 38.28 -83.38
CA ASN D 3556 -47.55 38.53 -82.13
C ASN D 3556 -48.80 39.36 -82.39
N LEU D 3557 -49.54 39.02 -83.45
CA LEU D 3557 -50.77 39.72 -83.79
C LEU D 3557 -51.85 39.52 -82.74
N HIS D 3558 -51.99 38.29 -82.23
CA HIS D 3558 -53.07 37.92 -81.32
C HIS D 3558 -52.98 38.57 -79.94
N LEU D 3559 -51.83 39.17 -79.58
CA LEU D 3559 -51.71 39.80 -78.25
C LEU D 3559 -52.50 41.12 -78.12
N GLN D 3560 -53.34 41.53 -79.05
CA GLN D 3560 -54.20 42.69 -78.86
C GLN D 3560 -55.17 42.46 -77.72
N GLY D 3561 -55.51 43.56 -77.02
CA GLY D 3561 -56.30 43.47 -75.80
C GLY D 3561 -57.69 42.91 -76.03
N LYS D 3562 -58.17 42.17 -75.04
CA LYS D 3562 -59.52 41.63 -75.07
C LYS D 3562 -60.47 42.69 -74.50
N VAL D 3563 -61.49 43.04 -75.29
CA VAL D 3563 -62.37 44.17 -74.98
C VAL D 3563 -63.14 43.97 -73.67
N GLU D 3564 -63.63 42.75 -73.41
CA GLU D 3564 -64.27 42.51 -72.13
C GLU D 3564 -63.26 42.15 -71.03
N GLY D 3565 -61.98 42.01 -71.37
CA GLY D 3565 -60.97 41.75 -70.35
C GLY D 3565 -60.59 42.97 -69.53
N SER D 3566 -60.98 44.16 -69.96
CA SER D 3566 -60.77 45.38 -69.22
C SER D 3566 -62.05 46.20 -69.21
N PRO D 3567 -62.41 46.79 -68.06
CA PRO D 3567 -63.62 47.63 -67.99
C PRO D 3567 -63.63 48.82 -68.93
N SER D 3568 -62.46 49.41 -69.21
CA SER D 3568 -62.41 50.63 -70.00
C SER D 3568 -62.72 50.38 -71.47
N LEU D 3569 -62.39 49.19 -71.98
CA LEU D 3569 -62.36 48.95 -73.42
C LEU D 3569 -63.74 49.00 -74.04
N ARG D 3570 -64.79 48.57 -73.31
CA ARG D 3570 -66.14 48.56 -73.86
C ARG D 3570 -66.60 49.96 -74.24
N TRP D 3571 -66.49 50.92 -73.32
CA TRP D 3571 -66.93 52.27 -73.66
C TRP D 3571 -65.92 52.97 -74.57
N GLN D 3572 -64.63 52.62 -74.45
CA GLN D 3572 -63.64 53.19 -75.36
C GLN D 3572 -63.92 52.79 -76.80
N MET D 3573 -64.24 51.51 -77.05
CA MET D 3573 -64.71 51.09 -78.36
C MET D 3573 -66.05 51.70 -78.73
N ALA D 3574 -66.93 51.95 -77.76
CA ALA D 3574 -68.20 52.61 -78.06
C ALA D 3574 -68.00 54.02 -78.60
N LEU D 3575 -67.10 54.79 -78.00
CA LEU D 3575 -66.79 56.11 -78.53
C LEU D 3575 -65.90 56.04 -79.77
N TYR D 3576 -65.00 55.05 -79.82
CA TYR D 3576 -64.13 54.86 -80.98
C TYR D 3576 -64.94 54.55 -82.22
N ARG D 3577 -65.85 53.58 -82.15
CA ARG D 3577 -66.75 53.26 -83.24
C ARG D 3577 -67.88 54.27 -83.40
N GLY D 3578 -68.08 55.18 -82.45
CA GLY D 3578 -69.15 56.15 -82.54
C GLY D 3578 -68.98 57.16 -83.67
N LEU D 3579 -67.75 57.39 -84.11
CA LEU D 3579 -67.46 58.32 -85.19
C LEU D 3579 -67.70 57.66 -86.54
N PRO D 3580 -68.52 58.25 -87.42
CA PRO D 3580 -68.74 57.68 -88.76
C PRO D 3580 -67.47 57.51 -89.61
N GLY D 3581 -66.40 58.26 -89.33
CA GLY D 3581 -65.17 58.16 -90.10
C GLY D 3581 -64.40 56.86 -89.90
N ARG D 3582 -64.83 56.02 -88.96
CA ARG D 3582 -64.21 54.72 -88.74
C ARG D 3582 -64.74 53.69 -89.71
N GLU D 3583 -63.86 52.76 -90.10
CA GLU D 3583 -64.20 51.66 -90.98
C GLU D 3583 -63.81 50.36 -90.31
N GLU D 3584 -64.77 49.43 -90.23
CA GLU D 3584 -64.53 48.14 -89.59
C GLU D 3584 -63.55 47.29 -90.38
N ASP D 3585 -63.55 47.42 -91.71
CA ASP D 3585 -62.71 46.61 -92.58
C ASP D 3585 -61.35 47.24 -92.83
N ALA D 3586 -61.09 48.42 -92.27
CA ALA D 3586 -59.81 49.10 -92.43
C ALA D 3586 -58.76 48.63 -91.42
N ASP D 3587 -59.12 47.71 -90.53
CA ASP D 3587 -58.19 47.21 -89.52
C ASP D 3587 -57.45 45.98 -90.03
N ASP D 3588 -56.76 46.18 -91.15
CA ASP D 3588 -55.92 45.13 -91.73
C ASP D 3588 -54.74 44.86 -90.80
N PRO D 3589 -54.30 43.60 -90.68
CA PRO D 3589 -53.14 43.33 -89.79
C PRO D 3589 -51.87 44.06 -90.17
N GLU D 3590 -51.59 44.21 -91.47
CA GLU D 3590 -50.40 44.96 -91.88
C GLU D 3590 -50.56 46.45 -91.59
N LYS D 3591 -51.77 47.00 -91.71
CA LYS D 3591 -51.97 48.41 -91.43
C LYS D 3591 -51.90 48.69 -89.94
N ILE D 3592 -52.48 47.79 -89.13
CA ILE D 3592 -52.48 48.02 -87.69
C ILE D 3592 -51.07 47.87 -87.13
N VAL D 3593 -50.27 46.91 -87.65
CA VAL D 3593 -48.90 46.82 -87.16
C VAL D 3593 -48.08 48.00 -87.66
N ARG D 3594 -48.41 48.55 -88.84
CA ARG D 3594 -47.71 49.73 -89.33
C ARG D 3594 -47.97 50.94 -88.43
N ARG D 3595 -49.25 51.21 -88.12
CA ARG D 3595 -49.56 52.35 -87.26
C ARG D 3595 -49.03 52.17 -85.84
N VAL D 3596 -49.12 50.95 -85.28
CA VAL D 3596 -48.58 50.68 -83.95
C VAL D 3596 -47.06 50.87 -83.92
N GLN D 3597 -46.35 50.37 -84.95
CA GLN D 3597 -44.92 50.56 -85.07
C GLN D 3597 -44.54 52.03 -85.19
N GLU D 3598 -45.33 52.81 -85.93
CA GLU D 3598 -45.04 54.23 -86.10
C GLU D 3598 -45.26 55.01 -84.80
N VAL D 3599 -46.40 54.80 -84.13
CA VAL D 3599 -46.66 55.52 -82.89
C VAL D 3599 -45.67 55.11 -81.80
N SER D 3600 -45.29 53.82 -81.76
CA SER D 3600 -44.33 53.39 -80.76
C SER D 3600 -42.95 53.95 -81.05
N ALA D 3601 -42.56 54.03 -82.34
CA ALA D 3601 -41.29 54.63 -82.72
C ALA D 3601 -41.26 56.11 -82.38
N VAL D 3602 -42.41 56.77 -82.41
CA VAL D 3602 -42.47 58.17 -82.00
C VAL D 3602 -42.32 58.29 -80.49
N LEU D 3603 -43.16 57.56 -79.74
CA LEU D 3603 -43.23 57.73 -78.29
C LEU D 3603 -41.99 57.21 -77.57
N TYR D 3604 -41.39 56.11 -78.03
CA TYR D 3604 -40.19 55.58 -77.38
C TYR D 3604 -39.04 56.58 -77.46
N HIS D 3605 -38.80 57.13 -78.65
CA HIS D 3605 -37.75 58.11 -78.78
C HIS D 3605 -38.14 59.43 -78.13
N LEU D 3606 -39.44 59.67 -77.98
CA LEU D 3606 -39.90 60.86 -77.28
C LEU D 3606 -39.59 60.77 -75.79
N GLU D 3607 -39.89 59.63 -75.18
CA GLU D 3607 -39.56 59.48 -73.77
C GLU D 3607 -38.05 59.38 -73.55
N GLN D 3608 -37.28 58.93 -74.56
CA GLN D 3608 -35.83 59.04 -74.47
C GLN D 3608 -35.35 60.50 -74.54
N THR D 3609 -36.11 61.37 -75.19
CA THR D 3609 -35.68 62.77 -75.22
C THR D 3609 -36.11 63.52 -73.97
N GLU D 3610 -37.38 63.40 -73.57
CA GLU D 3610 -37.86 64.04 -72.35
C GLU D 3610 -37.24 63.45 -71.08
N HIS D 3611 -36.66 62.26 -71.14
CA HIS D 3611 -35.89 61.69 -70.03
C HIS D 3611 -34.51 61.35 -70.58
N PRO D 3612 -33.54 62.26 -70.46
CA PRO D 3612 -32.15 61.93 -70.83
C PRO D 3612 -31.41 61.24 -69.71
N TYR D 3613 -31.54 61.75 -68.47
CA TYR D 3613 -30.98 61.17 -67.23
C TYR D 3613 -29.48 60.91 -67.29
N LYS D 3614 -28.72 61.87 -67.84
CA LYS D 3614 -27.27 61.75 -67.90
C LYS D 3614 -26.57 62.25 -66.64
N SER D 3615 -27.33 62.81 -65.70
CA SER D 3615 -26.77 63.41 -64.49
C SER D 3615 -26.20 62.33 -63.59
N LYS D 3616 -25.15 62.72 -62.80
CA LYS D 3616 -24.38 62.03 -61.75
C LYS D 3616 -22.99 61.64 -62.24
N LYS D 3617 -22.24 62.58 -62.82
CA LYS D 3617 -20.96 62.29 -63.48
C LYS D 3617 -19.99 63.45 -63.28
N ALA D 3618 -20.43 64.69 -63.48
CA ALA D 3618 -19.57 65.85 -63.20
C ALA D 3618 -20.00 66.42 -61.85
N VAL D 3619 -19.45 65.83 -60.79
CA VAL D 3619 -19.84 66.12 -59.42
C VAL D 3619 -18.71 66.88 -58.74
N TRP D 3620 -19.10 67.83 -57.87
CA TRP D 3620 -18.18 68.58 -57.02
C TRP D 3620 -17.33 67.64 -56.16
N HIS D 3621 -16.01 67.76 -56.28
CA HIS D 3621 -15.09 66.85 -55.59
C HIS D 3621 -14.02 67.54 -54.77
N LYS D 3622 -13.76 68.83 -54.99
CA LYS D 3622 -12.76 69.69 -54.31
C LYS D 3622 -11.40 68.99 -54.15
N LEU D 3623 -10.86 68.57 -55.31
CA LEU D 3623 -9.58 67.86 -55.39
C LEU D 3623 -8.43 68.68 -54.79
N LEU D 3624 -8.28 69.93 -55.25
CA LEU D 3624 -7.28 70.82 -54.69
C LEU D 3624 -7.75 72.26 -54.54
N SER D 3625 -9.06 72.52 -54.66
CA SER D 3625 -9.56 73.90 -54.60
C SER D 3625 -9.43 74.49 -53.21
N LYS D 3626 -9.86 73.76 -52.17
CA LYS D 3626 -9.81 74.29 -50.82
C LYS D 3626 -8.42 74.16 -50.18
N GLN D 3627 -7.49 73.47 -50.81
CA GLN D 3627 -6.16 73.28 -50.24
C GLN D 3627 -5.02 73.87 -51.07
N ARG D 3628 -5.16 73.95 -52.40
CA ARG D 3628 -4.01 74.34 -53.20
C ARG D 3628 -4.37 75.30 -54.34
N ARG D 3629 -5.36 76.18 -54.12
CA ARG D 3629 -5.67 77.19 -55.13
C ARG D 3629 -4.56 78.24 -55.21
N ARG D 3630 -3.95 78.56 -54.06
CA ARG D 3630 -2.91 79.57 -54.00
C ARG D 3630 -1.69 79.17 -54.81
N ALA D 3631 -1.31 77.88 -54.74
CA ALA D 3631 -0.11 77.42 -55.42
C ALA D 3631 -0.28 77.49 -56.93
N VAL D 3632 -1.43 77.03 -57.45
CA VAL D 3632 -1.63 77.01 -58.90
C VAL D 3632 -1.79 78.44 -59.44
N VAL D 3633 -2.51 79.31 -58.72
CA VAL D 3633 -2.68 80.69 -59.19
C VAL D 3633 -1.35 81.42 -59.13
N ALA D 3634 -0.58 81.24 -58.04
CA ALA D 3634 0.73 81.88 -57.95
C ALA D 3634 1.66 81.35 -59.02
N CYS D 3635 1.57 80.06 -59.36
CA CYS D 3635 2.36 79.49 -60.46
C CYS D 3635 1.99 80.12 -61.80
N PHE D 3636 0.72 80.48 -61.97
CA PHE D 3636 0.31 81.20 -63.18
C PHE D 3636 0.61 82.68 -63.12
N ARG D 3637 1.07 83.18 -61.98
CA ARG D 3637 1.34 84.61 -61.82
C ARG D 3637 2.77 84.94 -61.40
N MET D 3638 3.65 83.96 -61.25
CA MET D 3638 5.00 84.21 -60.74
C MET D 3638 5.98 84.43 -61.89
N THR D 3639 7.24 84.68 -61.54
CA THR D 3639 8.32 85.11 -62.42
C THR D 3639 9.23 83.95 -62.80
N PRO D 3640 9.78 83.91 -64.02
CA PRO D 3640 10.68 82.82 -64.38
C PRO D 3640 12.05 82.92 -63.74
N LEU D 3641 12.93 81.98 -64.10
CA LEU D 3641 14.21 81.80 -63.42
C LEU D 3641 15.13 83.00 -63.59
N TYR D 3642 15.21 83.57 -64.80
CA TYR D 3642 16.26 84.55 -65.11
C TYR D 3642 16.12 85.85 -64.34
N ASN D 3643 14.96 86.11 -63.73
CA ASN D 3643 14.76 87.32 -62.94
C ASN D 3643 15.14 87.13 -61.48
N LEU D 3644 15.47 85.92 -61.07
CA LEU D 3644 15.89 85.67 -59.70
C LEU D 3644 17.29 86.26 -59.47
N PRO D 3645 17.58 86.73 -58.25
CA PRO D 3645 18.92 87.24 -57.94
C PRO D 3645 19.99 86.17 -58.11
N THR D 3646 21.16 86.59 -58.56
CA THR D 3646 22.25 85.67 -58.85
C THR D 3646 22.73 84.92 -57.62
N HIS D 3647 22.88 85.61 -56.48
CA HIS D 3647 23.34 84.96 -55.26
C HIS D 3647 22.33 83.93 -54.74
N ARG D 3648 21.04 84.26 -54.82
CA ARG D 3648 20.00 83.28 -54.47
C ARG D 3648 20.02 82.11 -55.43
N ALA D 3649 20.14 82.40 -56.73
CA ALA D 3649 20.12 81.36 -57.76
C ALA D 3649 21.29 80.41 -57.59
N CYS D 3650 22.48 80.95 -57.28
CA CYS D 3650 23.64 80.12 -57.01
C CYS D 3650 23.44 79.26 -55.77
N ASN D 3651 22.80 79.81 -54.72
CA ASN D 3651 22.49 78.99 -53.54
C ASN D 3651 21.55 77.83 -53.87
N MET D 3652 20.51 78.10 -54.67
CA MET D 3652 19.62 77.04 -55.13
C MET D 3652 20.36 76.03 -55.98
N PHE D 3653 21.25 76.51 -56.85
CA PHE D 3653 21.98 75.63 -57.75
C PHE D 3653 22.90 74.70 -56.98
N LEU D 3654 23.62 75.24 -55.99
CA LEU D 3654 24.55 74.40 -55.23
C LEU D 3654 23.79 73.38 -54.39
N GLU D 3655 22.63 73.78 -53.84
CA GLU D 3655 21.79 72.85 -53.10
C GLU D 3655 21.26 71.74 -54.00
N SER D 3656 20.86 72.08 -55.22
CA SER D 3656 20.41 71.05 -56.15
C SER D 3656 21.57 70.17 -56.59
N TYR D 3657 22.74 70.79 -56.79
CA TYR D 3657 23.91 70.11 -57.34
C TYR D 3657 24.41 69.02 -56.40
N LYS D 3658 24.47 69.31 -55.10
CA LYS D 3658 25.03 68.32 -54.17
C LYS D 3658 24.17 67.07 -54.14
N ALA D 3659 22.84 67.25 -54.09
CA ALA D 3659 21.91 66.14 -54.04
C ALA D 3659 21.88 65.37 -55.35
N ALA D 3660 22.06 66.07 -56.47
CA ALA D 3660 21.92 65.41 -57.76
C ALA D 3660 23.24 64.86 -58.31
N TRP D 3661 24.37 65.28 -57.77
CA TRP D 3661 25.62 64.79 -58.34
C TRP D 3661 26.56 64.19 -57.32
N ILE D 3662 26.67 64.76 -56.13
CA ILE D 3662 27.71 64.33 -55.21
C ILE D 3662 27.22 63.22 -54.30
N LEU D 3663 25.99 63.37 -53.79
CA LEU D 3663 25.37 62.28 -53.04
C LEU D 3663 25.19 61.07 -53.94
N THR D 3664 24.74 61.29 -55.18
CA THR D 3664 24.61 60.21 -56.15
C THR D 3664 25.96 59.63 -56.59
N GLU D 3665 27.05 60.38 -56.42
CA GLU D 3665 28.37 59.89 -56.83
C GLU D 3665 28.80 58.69 -55.99
N ASP D 3666 29.42 57.71 -56.66
CA ASP D 3666 29.85 56.47 -56.04
C ASP D 3666 31.37 56.39 -56.13
N HIS D 3667 31.98 55.89 -55.05
CA HIS D 3667 33.43 55.70 -55.00
C HIS D 3667 33.75 54.72 -53.89
N SER D 3668 34.48 53.66 -54.23
CA SER D 3668 34.87 52.61 -53.29
C SER D 3668 36.35 52.74 -52.96
N PHE D 3669 36.65 52.97 -51.68
CA PHE D 3669 38.02 53.11 -51.21
C PHE D 3669 38.28 52.33 -49.94
N GLU D 3670 37.26 51.74 -49.33
CA GLU D 3670 37.40 51.07 -48.04
C GLU D 3670 38.26 49.82 -48.11
N ASP D 3671 38.32 49.18 -49.29
CA ASP D 3671 39.18 48.01 -49.44
C ASP D 3671 40.65 48.40 -49.33
N ARG D 3672 41.05 49.47 -50.01
CA ARG D 3672 42.43 49.93 -49.87
C ARG D 3672 42.63 50.74 -48.60
N MET D 3673 41.55 51.12 -47.91
CA MET D 3673 41.68 51.57 -46.53
C MET D 3673 42.22 50.45 -45.67
N ILE D 3674 41.43 49.39 -45.54
CA ILE D 3674 41.77 48.37 -44.56
C ILE D 3674 42.93 47.49 -45.00
N ASP D 3675 43.23 47.38 -46.30
CA ASP D 3675 44.43 46.65 -46.71
C ASP D 3675 45.70 47.33 -46.21
N ASP D 3676 45.74 48.67 -46.33
CA ASP D 3676 46.88 49.43 -45.84
C ASP D 3676 46.92 49.47 -44.32
N LEU D 3677 45.76 49.61 -43.69
CA LEU D 3677 45.73 49.64 -42.22
C LEU D 3677 46.13 48.29 -41.65
N SER D 3678 45.61 47.20 -42.22
CA SER D 3678 45.86 45.85 -41.73
C SER D 3678 47.26 45.37 -42.04
N LYS D 3679 47.95 45.96 -43.02
CA LYS D 3679 49.31 45.52 -43.30
C LYS D 3679 50.30 46.32 -42.47
N ALA D 3680 51.34 45.64 -42.00
CA ALA D 3680 52.40 46.24 -41.20
C ALA D 3680 53.68 46.25 -42.01
N GLY D 3681 54.36 47.40 -42.03
CA GLY D 3681 55.58 47.53 -42.81
C GLY D 3681 56.73 48.03 -41.95
N GLU D 3682 57.93 47.83 -42.49
CA GLU D 3682 59.24 48.22 -41.94
C GLU D 3682 59.62 47.51 -40.65
N GLN D 3683 58.83 46.54 -40.18
CA GLN D 3683 59.29 45.72 -39.08
C GLN D 3683 60.32 44.69 -39.53
N GLU D 3684 60.43 44.45 -40.84
CA GLU D 3684 61.41 43.54 -41.39
C GLU D 3684 62.83 44.05 -41.15
N GLU D 3685 63.02 45.37 -41.28
CA GLU D 3685 64.33 45.97 -41.08
C GLU D 3685 64.80 45.80 -39.64
N GLU D 3686 63.90 46.03 -38.67
CA GLU D 3686 64.25 45.83 -37.27
C GLU D 3686 64.44 44.36 -36.93
N GLU D 3687 63.60 43.49 -37.52
CA GLU D 3687 63.57 42.02 -37.34
C GLU D 3687 63.70 41.61 -35.86
N GLU D 3688 62.78 42.15 -35.07
CA GLU D 3688 62.80 41.98 -33.63
C GLU D 3688 62.23 40.62 -33.20
N GLU D 3689 62.93 39.91 -32.30
CA GLU D 3689 62.55 38.57 -31.85
C GLU D 3689 62.11 38.51 -30.38
N VAL D 3690 61.76 39.64 -29.75
CA VAL D 3690 61.25 39.60 -28.37
C VAL D 3690 59.95 38.81 -28.29
N GLU D 3691 59.08 38.95 -29.32
CA GLU D 3691 57.61 38.64 -29.44
C GLU D 3691 56.65 39.68 -28.86
N GLU D 3692 57.12 40.89 -28.51
CA GLU D 3692 56.34 42.04 -28.04
C GLU D 3692 55.00 42.25 -28.77
N LYS D 3693 54.97 41.95 -30.08
CA LYS D 3693 53.77 41.99 -30.93
C LYS D 3693 53.11 43.37 -30.93
N LYS D 3694 53.84 44.32 -31.52
CA LYS D 3694 53.31 45.66 -31.71
C LYS D 3694 52.10 45.62 -32.64
N PRO D 3695 51.07 46.40 -32.34
CA PRO D 3695 49.88 46.41 -33.21
C PRO D 3695 50.13 46.99 -34.60
N ASP D 3696 49.52 46.35 -35.58
CA ASP D 3696 49.47 46.86 -36.93
C ASP D 3696 48.51 48.05 -36.94
N PRO D 3697 48.67 49.00 -37.90
CA PRO D 3697 47.90 50.27 -37.87
C PRO D 3697 46.40 50.15 -37.67
N LEU D 3698 45.78 49.12 -38.24
CA LEU D 3698 44.38 48.84 -37.97
C LEU D 3698 44.19 48.46 -36.50
N HIS D 3699 45.11 47.65 -35.97
CA HIS D 3699 44.95 47.17 -34.60
C HIS D 3699 45.11 48.32 -33.60
N GLN D 3700 45.88 49.37 -33.95
CA GLN D 3700 45.93 50.53 -33.06
C GLN D 3700 44.56 51.20 -32.96
N LEU D 3701 43.86 51.31 -34.10
CA LEU D 3701 42.49 51.83 -34.13
C LEU D 3701 41.60 51.02 -33.22
N VAL D 3702 41.67 49.70 -33.35
CA VAL D 3702 40.86 48.80 -32.55
C VAL D 3702 41.12 49.00 -31.06
N LEU D 3703 42.39 49.09 -30.67
CA LEU D 3703 42.73 49.35 -29.27
C LEU D 3703 42.23 50.72 -28.79
N HIS D 3704 42.37 51.75 -29.62
CA HIS D 3704 41.93 53.09 -29.25
C HIS D 3704 40.42 53.13 -29.02
N PHE D 3705 39.66 52.55 -29.95
CA PHE D 3705 38.21 52.49 -29.77
C PHE D 3705 37.83 51.59 -28.59
N SER D 3706 38.63 50.56 -28.30
CA SER D 3706 38.40 49.77 -27.09
C SER D 3706 38.58 50.62 -25.84
N ARG D 3707 39.61 51.46 -25.82
CA ARG D 3707 39.88 52.31 -24.68
C ARG D 3707 38.76 53.32 -24.45
N THR D 3708 38.30 53.95 -25.52
CA THR D 3708 37.20 54.90 -25.37
C THR D 3708 35.85 54.20 -25.20
N ALA D 3709 35.74 52.94 -25.57
CA ALA D 3709 34.53 52.19 -25.28
C ALA D 3709 34.47 51.80 -23.81
N LEU D 3710 35.59 51.35 -23.26
CA LEU D 3710 35.63 50.81 -21.92
C LEU D 3710 35.84 51.88 -20.85
N THR D 3711 36.17 53.12 -21.24
CA THR D 3711 36.24 54.17 -20.24
C THR D 3711 34.84 54.46 -19.68
N GLU D 3712 34.80 54.83 -18.40
CA GLU D 3712 33.54 54.96 -17.67
C GLU D 3712 33.03 56.39 -17.82
N LYS D 3713 31.90 56.54 -18.51
CA LYS D 3713 31.26 57.83 -18.67
C LYS D 3713 29.74 57.62 -18.64
N SER D 3714 29.03 58.62 -18.09
CA SER D 3714 27.58 58.54 -17.97
C SER D 3714 26.90 58.48 -19.35
N LYS D 3715 27.36 59.30 -20.29
CA LYS D 3715 26.79 59.32 -21.62
C LYS D 3715 27.88 58.98 -22.63
N LEU D 3716 27.52 58.20 -23.64
CA LEU D 3716 28.43 57.80 -24.70
C LEU D 3716 28.47 58.92 -25.73
N ASP D 3717 29.40 59.86 -25.53
CA ASP D 3717 29.48 61.09 -26.31
C ASP D 3717 29.76 60.81 -27.79
N GLU D 3718 29.12 61.60 -28.66
CA GLU D 3718 29.13 61.33 -30.11
C GLU D 3718 30.51 61.55 -30.71
N ASP D 3719 30.96 60.58 -31.53
CA ASP D 3719 32.24 60.63 -32.25
C ASP D 3719 32.00 60.44 -33.75
N TYR D 3720 32.06 61.55 -34.50
CA TYR D 3720 31.81 61.49 -35.94
C TYR D 3720 32.89 60.68 -36.65
N LEU D 3721 34.11 60.68 -36.11
CA LEU D 3721 35.15 59.83 -36.69
C LEU D 3721 34.80 58.36 -36.45
N TYR D 3722 34.21 58.05 -35.30
CA TYR D 3722 33.77 56.67 -35.08
C TYR D 3722 32.68 56.28 -36.05
N MET D 3723 31.79 57.23 -36.38
CA MET D 3723 30.83 57.00 -37.47
C MET D 3723 31.51 56.66 -38.78
N ALA D 3724 32.52 57.46 -39.14
CA ALA D 3724 33.25 57.27 -40.39
C ALA D 3724 33.97 55.93 -40.41
N TYR D 3725 34.75 55.67 -39.36
CA TYR D 3725 35.58 54.47 -39.29
C TYR D 3725 34.72 53.22 -39.18
N ALA D 3726 33.67 53.25 -38.33
CA ALA D 3726 32.80 52.09 -38.20
C ALA D 3726 32.07 51.75 -39.48
N ASP D 3727 31.54 52.76 -40.20
CA ASP D 3727 30.92 52.51 -41.51
C ASP D 3727 31.93 51.97 -42.53
N ILE D 3728 33.14 52.58 -42.57
CA ILE D 3728 34.23 52.09 -43.41
C ILE D 3728 34.59 50.66 -43.05
N MET D 3729 34.67 50.37 -41.76
CA MET D 3729 35.05 49.06 -41.27
C MET D 3729 33.99 48.03 -41.63
N ALA D 3730 32.72 48.43 -41.54
CA ALA D 3730 31.61 47.51 -41.71
C ALA D 3730 31.43 47.13 -43.16
N LYS D 3731 31.11 48.11 -44.01
CA LYS D 3731 30.70 47.73 -45.37
C LYS D 3731 31.87 47.27 -46.26
N SER D 3732 33.12 47.41 -45.80
CA SER D 3732 34.27 46.86 -46.49
C SER D 3732 34.39 45.34 -46.39
N CYS D 3733 33.51 44.67 -45.65
CA CYS D 3733 33.64 43.23 -45.44
C CYS D 3733 32.81 42.39 -46.41
N HIS D 3734 31.50 42.64 -46.49
CA HIS D 3734 30.62 41.80 -47.30
C HIS D 3734 30.95 41.89 -48.79
N LEU D 3735 31.07 43.12 -49.33
CA LEU D 3735 31.44 43.41 -50.72
C LEU D 3735 30.58 42.64 -51.74
N GLU D 3736 29.29 42.54 -51.45
CA GLU D 3736 28.39 41.76 -52.29
C GLU D 3736 26.98 42.35 -52.28
N VAL D 3749 23.62 32.36 -65.34
CA VAL D 3749 23.38 32.84 -63.98
C VAL D 3749 23.40 31.68 -63.00
N GLU D 3750 23.72 30.49 -63.50
CA GLU D 3750 23.80 29.30 -62.66
C GLU D 3750 25.23 29.18 -62.14
N VAL D 3751 25.48 29.83 -61.01
CA VAL D 3751 26.76 29.72 -60.32
C VAL D 3751 26.86 28.36 -59.64
N SER D 3752 27.96 27.66 -59.89
CA SER D 3752 28.14 26.32 -59.39
C SER D 3752 28.89 26.34 -58.07
N PHE D 3753 28.82 25.20 -57.36
CA PHE D 3753 29.46 25.05 -56.05
C PHE D 3753 30.99 25.07 -56.10
N GLU D 3754 31.60 24.96 -57.28
CA GLU D 3754 33.05 25.06 -57.37
C GLU D 3754 33.50 26.50 -57.14
N GLU D 3755 32.84 27.45 -57.81
CA GLU D 3755 33.21 28.86 -57.69
C GLU D 3755 32.38 29.61 -56.66
N LYS D 3756 31.28 29.01 -56.20
CA LYS D 3756 30.50 29.59 -55.10
C LYS D 3756 31.31 29.70 -53.82
N GLU D 3757 32.18 28.72 -53.57
CA GLU D 3757 32.91 28.68 -52.32
C GLU D 3757 34.00 29.75 -52.23
N MET D 3758 34.57 30.20 -53.35
CA MET D 3758 35.70 31.12 -53.26
C MET D 3758 35.29 32.49 -52.75
N GLU D 3759 34.09 32.96 -53.10
CA GLU D 3759 33.58 34.20 -52.53
C GLU D 3759 33.31 34.06 -51.05
N LYS D 3760 32.83 32.89 -50.63
CA LYS D 3760 32.62 32.62 -49.20
C LYS D 3760 33.93 32.67 -48.43
N GLN D 3761 34.94 31.92 -48.87
CA GLN D 3761 36.22 31.95 -48.16
C GLN D 3761 36.91 33.30 -48.30
N ARG D 3762 36.60 34.09 -49.32
CA ARG D 3762 37.07 35.47 -49.38
C ARG D 3762 36.39 36.33 -48.32
N LEU D 3763 35.08 36.14 -48.13
CA LEU D 3763 34.37 36.85 -47.07
C LEU D 3763 34.91 36.46 -45.71
N LEU D 3764 35.15 35.16 -45.51
CA LEU D 3764 35.80 34.67 -44.28
C LEU D 3764 37.17 35.28 -44.11
N TYR D 3765 37.93 35.42 -45.20
CA TYR D 3765 39.25 36.05 -45.15
C TYR D 3765 39.14 37.50 -44.69
N GLN D 3766 38.17 38.24 -45.24
CA GLN D 3766 37.97 39.64 -44.85
C GLN D 3766 37.55 39.76 -43.38
N GLN D 3767 36.67 38.87 -42.92
CA GLN D 3767 36.32 38.85 -41.49
C GLN D 3767 37.50 38.44 -40.62
N SER D 3768 38.26 37.43 -41.07
CA SER D 3768 39.44 36.95 -40.35
C SER D 3768 40.52 38.02 -40.26
N ARG D 3769 40.54 38.94 -41.22
CA ARG D 3769 41.42 40.09 -41.16
C ARG D 3769 41.08 41.00 -39.97
N LEU D 3770 39.87 40.90 -39.43
CA LEU D 3770 39.43 41.80 -38.40
C LEU D 3770 39.28 41.13 -37.03
N HIS D 3771 38.53 40.03 -36.96
CA HIS D 3771 38.26 39.39 -35.67
C HIS D 3771 39.52 38.87 -34.99
N THR D 3772 40.58 38.57 -35.75
CA THR D 3772 41.85 38.23 -35.14
C THR D 3772 42.53 39.44 -34.49
N ARG D 3773 42.03 40.64 -34.74
CA ARG D 3773 42.65 41.87 -34.27
C ARG D 3773 41.81 42.57 -33.21
N GLY D 3774 40.95 41.83 -32.51
CA GLY D 3774 40.13 42.40 -31.46
C GLY D 3774 38.90 43.14 -31.93
N ALA D 3775 38.64 43.19 -33.24
CA ALA D 3775 37.46 43.88 -33.77
C ALA D 3775 36.16 43.26 -33.27
N ALA D 3776 36.19 41.97 -32.91
CA ALA D 3776 35.02 41.30 -32.34
C ALA D 3776 34.60 41.91 -31.00
N GLU D 3777 35.54 42.50 -30.28
CA GLU D 3777 35.20 43.05 -28.98
C GLU D 3777 34.57 44.42 -29.07
N MET D 3778 34.65 45.06 -30.24
CA MET D 3778 34.10 46.39 -30.44
C MET D 3778 32.60 46.40 -30.23
N VAL D 3779 31.92 45.41 -30.82
CA VAL D 3779 30.46 45.38 -30.73
C VAL D 3779 30.02 45.14 -29.29
N LEU D 3780 30.65 44.20 -28.59
CA LEU D 3780 30.26 43.88 -27.21
C LEU D 3780 30.50 45.07 -26.30
N GLN D 3781 31.65 45.73 -26.42
CA GLN D 3781 31.96 46.85 -25.56
C GLN D 3781 31.06 48.05 -25.86
N MET D 3782 30.82 48.34 -27.15
CA MET D 3782 29.97 49.45 -27.52
C MET D 3782 28.52 49.23 -27.08
N ILE D 3783 27.98 48.02 -27.29
CA ILE D 3783 26.62 47.72 -26.84
C ILE D 3783 26.52 47.77 -25.32
N SER D 3784 27.56 47.31 -24.62
CA SER D 3784 27.55 47.43 -23.16
C SER D 3784 27.58 48.89 -22.71
N ALA D 3785 28.34 49.74 -23.41
CA ALA D 3785 28.48 51.12 -22.99
C ALA D 3785 27.41 52.05 -23.53
N CYS D 3786 26.61 51.63 -24.51
CA CYS D 3786 25.57 52.52 -25.03
C CYS D 3786 24.42 52.72 -24.04
N LYS D 3787 24.31 51.87 -23.02
CA LYS D 3787 23.39 51.97 -21.90
C LYS D 3787 21.91 51.89 -22.30
N GLY D 3788 21.61 51.46 -23.52
CA GLY D 3788 20.23 51.20 -23.89
C GLY D 3788 19.46 52.36 -24.48
N GLU D 3789 20.14 53.33 -25.09
CA GLU D 3789 19.48 54.43 -25.78
C GLU D 3789 19.78 54.35 -27.27
N THR D 3790 18.72 54.40 -28.08
CA THR D 3790 18.87 54.32 -29.53
C THR D 3790 19.63 55.52 -30.07
N GLY D 3791 20.57 55.26 -30.97
CA GLY D 3791 21.40 56.31 -31.51
C GLY D 3791 22.22 55.86 -32.69
N ALA D 3792 23.03 56.81 -33.16
CA ALA D 3792 23.92 56.59 -34.30
C ALA D 3792 24.93 55.50 -34.00
N MET D 3793 25.48 55.50 -32.77
CA MET D 3793 26.50 54.51 -32.41
C MET D 3793 25.95 53.10 -32.40
N VAL D 3794 24.82 52.89 -31.72
CA VAL D 3794 24.27 51.54 -31.66
C VAL D 3794 23.84 51.07 -33.05
N SER D 3795 23.43 52.01 -33.93
CA SER D 3795 23.13 51.61 -35.32
C SER D 3795 24.39 51.22 -36.09
N SER D 3796 25.44 52.05 -36.01
CA SER D 3796 26.67 51.78 -36.77
C SER D 3796 27.38 50.54 -36.24
N THR D 3797 27.42 50.39 -34.92
CA THR D 3797 27.98 49.21 -34.26
C THR D 3797 27.21 47.96 -34.65
N LEU D 3798 25.88 48.07 -34.69
CA LEU D 3798 25.04 46.92 -35.03
C LEU D 3798 25.30 46.48 -36.46
N LYS D 3799 25.40 47.45 -37.38
CA LYS D 3799 25.73 47.14 -38.77
C LYS D 3799 27.11 46.51 -38.90
N LEU D 3800 28.06 46.95 -38.06
CA LEU D 3800 29.38 46.32 -38.01
C LEU D 3800 29.30 44.89 -37.53
N GLY D 3801 28.49 44.65 -36.50
CA GLY D 3801 28.30 43.30 -35.98
C GLY D 3801 27.73 42.36 -37.01
N ILE D 3802 26.75 42.85 -37.78
CA ILE D 3802 26.19 42.05 -38.88
C ILE D 3802 27.24 41.81 -39.95
N SER D 3803 28.05 42.84 -40.24
CA SER D 3803 29.07 42.74 -41.28
C SER D 3803 30.12 41.69 -40.93
N ILE D 3804 30.56 41.67 -39.67
CA ILE D 3804 31.56 40.68 -39.28
C ILE D 3804 30.92 39.33 -39.00
N LEU D 3805 29.60 39.27 -38.82
CA LEU D 3805 28.93 38.02 -38.52
C LEU D 3805 28.20 37.43 -39.70
N ASN D 3806 28.41 37.96 -40.91
CA ASN D 3806 27.78 37.42 -42.10
C ASN D 3806 28.18 35.96 -42.33
N GLY D 3807 27.20 35.13 -42.66
CA GLY D 3807 27.42 33.72 -42.87
C GLY D 3807 27.58 32.91 -41.61
N GLY D 3808 27.39 33.50 -40.44
CA GLY D 3808 27.53 32.82 -39.17
C GLY D 3808 28.96 32.36 -38.88
N ASN D 3809 29.87 33.31 -38.70
CA ASN D 3809 31.25 32.98 -38.39
C ASN D 3809 31.34 32.33 -37.02
N ALA D 3810 31.61 31.01 -37.02
CA ALA D 3810 31.62 30.21 -35.79
C ALA D 3810 32.69 30.67 -34.82
N GLU D 3811 33.88 30.97 -35.33
CA GLU D 3811 34.99 31.41 -34.48
C GLU D 3811 34.68 32.75 -33.84
N VAL D 3812 34.03 33.65 -34.59
CA VAL D 3812 33.62 34.93 -34.05
C VAL D 3812 32.61 34.75 -32.94
N GLN D 3813 31.63 33.85 -33.15
CA GLN D 3813 30.65 33.51 -32.10
C GLN D 3813 31.34 32.95 -30.87
N GLN D 3814 32.38 32.13 -31.08
CA GLN D 3814 33.14 31.58 -29.98
C GLN D 3814 33.84 32.67 -29.17
N LYS D 3815 34.44 33.64 -29.87
CA LYS D 3815 35.06 34.78 -29.17
C LYS D 3815 34.04 35.59 -28.39
N MET D 3816 32.84 35.76 -28.97
CA MET D 3816 31.74 36.45 -28.29
C MET D 3816 31.41 35.75 -26.99
N LEU D 3817 31.26 34.42 -27.06
CA LEU D 3817 30.83 33.62 -25.92
C LEU D 3817 31.90 33.64 -24.83
N ASP D 3818 33.17 33.49 -25.23
CA ASP D 3818 34.26 33.49 -24.25
C ASP D 3818 34.37 34.83 -23.55
N TYR D 3819 34.24 35.93 -24.29
CA TYR D 3819 34.33 37.25 -23.67
C TYR D 3819 33.19 37.49 -22.69
N LEU D 3820 31.96 37.09 -23.06
CA LEU D 3820 30.84 37.25 -22.13
C LEU D 3820 31.03 36.39 -20.89
N LYS D 3821 31.55 35.17 -21.07
CA LYS D 3821 31.72 34.25 -19.96
C LYS D 3821 32.79 34.75 -19.00
N ASP D 3822 33.91 35.26 -19.50
CA ASP D 3822 34.96 35.62 -18.56
C ASP D 3822 34.85 37.07 -18.11
N LYS D 3823 33.87 37.83 -18.60
CA LYS D 3823 33.66 39.16 -18.04
C LYS D 3823 32.49 39.22 -17.06
N LYS D 3824 31.41 38.46 -17.31
CA LYS D 3824 30.28 38.31 -16.38
C LYS D 3824 29.63 39.64 -15.99
N GLU D 3825 29.37 40.47 -17.00
CA GLU D 3825 28.72 41.75 -16.78
C GLU D 3825 27.28 41.73 -17.30
N VAL D 3826 26.39 42.39 -16.56
CA VAL D 3826 24.96 42.34 -16.84
C VAL D 3826 24.54 43.49 -17.76
N GLY D 3827 25.38 44.53 -17.88
CA GLY D 3827 25.02 45.73 -18.61
C GLY D 3827 24.74 45.50 -20.09
N PHE D 3828 25.33 44.43 -20.65
CA PHE D 3828 25.12 44.07 -22.05
C PHE D 3828 23.66 43.72 -22.29
N PHE D 3829 23.18 42.68 -21.61
CA PHE D 3829 21.80 42.25 -21.77
C PHE D 3829 20.81 43.28 -21.24
N GLN D 3830 21.22 44.08 -20.23
CA GLN D 3830 20.39 45.20 -19.79
C GLN D 3830 20.20 46.21 -20.91
N SER D 3831 21.28 46.54 -21.61
CA SER D 3831 21.22 47.44 -22.76
C SER D 3831 20.37 46.85 -23.87
N ILE D 3832 20.56 45.55 -24.14
CA ILE D 3832 19.82 44.88 -25.22
C ILE D 3832 18.33 44.91 -24.94
N GLN D 3833 17.95 44.58 -23.71
CA GLN D 3833 16.54 44.60 -23.30
C GLN D 3833 15.95 46.01 -23.39
N ALA D 3834 16.69 47.02 -22.93
CA ALA D 3834 16.18 48.39 -23.02
C ALA D 3834 16.06 48.87 -24.46
N LEU D 3835 17.06 48.55 -25.29
CA LEU D 3835 17.07 48.96 -26.69
C LEU D 3835 15.92 48.34 -27.44
N MET D 3836 15.67 47.06 -27.23
CA MET D 3836 14.58 46.41 -27.92
C MET D 3836 13.23 46.90 -27.39
N GLN D 3837 13.14 47.19 -26.08
CA GLN D 3837 11.90 47.75 -25.53
C GLN D 3837 11.62 49.15 -26.05
N THR D 3838 12.63 49.86 -26.56
CA THR D 3838 12.44 51.18 -27.14
C THR D 3838 12.10 51.12 -28.62
N CYS D 3839 12.04 49.94 -29.22
CA CYS D 3839 11.66 49.81 -30.62
C CYS D 3839 10.19 50.17 -30.80
N SER D 3840 9.89 50.83 -31.91
CA SER D 3840 8.56 51.35 -32.15
C SER D 3840 7.69 50.34 -32.90
N VAL D 3841 6.38 50.49 -32.74
CA VAL D 3841 5.39 49.71 -33.48
C VAL D 3841 4.48 50.68 -34.23
N LEU D 3842 3.53 50.14 -34.99
CA LEU D 3842 2.60 50.96 -35.76
C LEU D 3842 1.67 51.76 -34.85
N ASP D 3843 1.42 53.02 -35.24
CA ASP D 3843 0.54 53.91 -34.49
C ASP D 3843 -0.54 54.44 -35.41
N LEU D 3844 -1.79 54.25 -35.00
CA LEU D 3844 -2.92 54.72 -35.81
C LEU D 3844 -3.03 56.24 -35.78
N ASN D 3845 -2.86 56.84 -34.60
CA ASN D 3845 -3.00 58.29 -34.47
C ASN D 3845 -1.94 59.00 -35.30
N ALA D 3846 -0.70 58.55 -35.19
CA ALA D 3846 0.40 59.09 -35.98
C ALA D 3846 0.16 58.87 -37.46
N PHE D 3847 -0.35 57.70 -37.83
CA PHE D 3847 -0.64 57.41 -39.23
C PHE D 3847 -1.69 58.35 -39.80
N GLU D 3848 -2.79 58.55 -39.08
CA GLU D 3848 -3.85 59.46 -39.51
C GLU D 3848 -3.35 60.91 -39.62
N ARG D 3849 -2.55 61.33 -38.63
CA ARG D 3849 -1.94 62.66 -38.70
C ARG D 3849 -1.00 62.79 -39.90
N GLN D 3850 -0.28 61.71 -40.23
CA GLN D 3850 0.51 61.70 -41.45
C GLN D 3850 -0.39 61.81 -42.68
N ASN D 3851 -1.53 61.09 -42.66
CA ASN D 3851 -2.45 61.07 -43.79
C ASN D 3851 -3.00 62.46 -44.08
N LYS D 3852 -3.22 63.24 -43.03
CA LYS D 3852 -3.68 64.62 -43.22
C LYS D 3852 -2.61 65.51 -43.88
N ALA D 3853 -1.34 65.14 -43.80
CA ALA D 3853 -0.27 65.98 -44.34
C ALA D 3853 -0.30 66.01 -45.87
N GLU D 3854 -0.39 64.84 -46.52
CA GLU D 3854 -0.36 64.81 -47.98
C GLU D 3854 -1.61 65.43 -48.60
N GLY D 3855 -2.71 65.52 -47.85
CA GLY D 3855 -3.84 66.30 -48.32
C GLY D 3855 -3.48 67.76 -48.49
N LEU D 3856 -2.66 68.28 -47.58
CA LEU D 3856 -2.17 69.65 -47.71
C LEU D 3856 -1.15 69.74 -48.83
N GLY D 3857 -0.19 68.82 -48.86
CA GLY D 3857 0.87 68.81 -49.86
C GLY D 3857 1.75 70.04 -49.83
N MET D 3858 2.17 70.44 -48.63
CA MET D 3858 2.87 71.70 -48.44
C MET D 3858 4.28 71.63 -49.02
N VAL D 3859 4.66 72.69 -49.74
CA VAL D 3859 5.95 72.74 -50.43
C VAL D 3859 6.79 73.83 -49.78
N ASN D 3860 8.05 73.91 -50.21
CA ASN D 3860 8.92 74.95 -49.65
C ASN D 3860 8.77 76.25 -50.44
N GLU D 3861 9.15 77.35 -49.79
CA GLU D 3861 9.06 78.66 -50.43
C GLU D 3861 10.16 78.86 -51.46
N ASP D 3862 11.37 78.40 -51.17
CA ASP D 3862 12.50 78.52 -52.10
C ASP D 3862 12.31 77.48 -53.22
N GLY D 3863 11.48 77.85 -54.19
CA GLY D 3863 11.13 76.96 -55.28
C GLY D 3863 9.95 76.10 -54.91
N THR D 3864 9.99 74.82 -55.26
CA THR D 3864 8.91 73.88 -54.92
C THR D 3864 9.48 72.46 -54.94
N VAL D 3865 9.19 71.70 -53.90
CA VAL D 3865 9.45 70.26 -53.85
C VAL D 3865 8.10 69.55 -53.75
N ILE D 3866 7.87 68.61 -54.65
CA ILE D 3866 6.56 67.97 -54.80
C ILE D 3866 6.48 66.79 -53.84
N ASN D 3867 5.66 66.93 -52.79
CA ASN D 3867 5.42 65.92 -51.75
C ASN D 3867 6.73 65.42 -51.14
N ARG D 3868 7.38 66.35 -50.43
CA ARG D 3868 8.71 66.20 -49.87
C ARG D 3868 8.85 64.91 -49.05
N GLN D 3869 10.04 64.34 -49.07
CA GLN D 3869 10.32 63.03 -48.47
C GLN D 3869 10.94 63.18 -47.08
N ASN D 3870 10.48 64.16 -46.31
CA ASN D 3870 10.91 64.34 -44.93
C ASN D 3870 10.61 63.09 -44.09
N GLY D 3871 11.29 63.00 -42.93
CA GLY D 3871 11.26 61.82 -42.08
C GLY D 3871 9.90 61.30 -41.65
N GLU D 3872 9.64 60.04 -41.99
CA GLU D 3872 8.37 59.42 -41.67
C GLU D 3872 8.31 59.12 -40.17
N LYS D 3873 7.19 59.47 -39.54
CA LYS D 3873 7.03 59.32 -38.10
C LYS D 3873 6.46 57.96 -37.70
N VAL D 3874 6.19 57.07 -38.65
CA VAL D 3874 5.70 55.72 -38.37
C VAL D 3874 6.73 54.74 -38.91
N MET D 3875 7.22 53.85 -38.03
CA MET D 3875 8.25 52.85 -38.35
C MET D 3875 9.51 53.51 -38.91
N ALA D 3876 9.99 54.54 -38.22
CA ALA D 3876 11.24 55.17 -38.63
C ALA D 3876 12.43 54.28 -38.31
N ASP D 3877 12.36 53.55 -37.20
CA ASP D 3877 13.44 52.70 -36.72
C ASP D 3877 13.34 51.27 -37.24
N ASP D 3878 12.71 51.07 -38.40
CA ASP D 3878 12.54 49.72 -38.95
C ASP D 3878 13.88 49.09 -39.28
N GLU D 3879 14.80 49.85 -39.90
CA GLU D 3879 16.11 49.33 -40.24
C GLU D 3879 16.89 48.94 -38.99
N PHE D 3880 16.80 49.75 -37.93
CA PHE D 3880 17.48 49.45 -36.67
C PHE D 3880 16.91 48.19 -36.02
N THR D 3881 15.58 48.09 -35.92
CA THR D 3881 14.95 46.92 -35.31
C THR D 3881 15.24 45.65 -36.11
N GLN D 3882 15.15 45.74 -37.44
CA GLN D 3882 15.46 44.62 -38.32
C GLN D 3882 16.92 44.22 -38.18
N ASP D 3883 17.82 45.20 -38.09
CA ASP D 3883 19.25 44.91 -37.96
C ASP D 3883 19.53 44.27 -36.60
N LEU D 3884 18.83 44.71 -35.56
CA LEU D 3884 19.02 44.16 -34.22
C LEU D 3884 18.65 42.68 -34.20
N PHE D 3885 17.50 42.35 -34.77
CA PHE D 3885 17.12 40.94 -34.80
C PHE D 3885 17.92 40.13 -35.81
N ARG D 3886 18.39 40.76 -36.90
CA ARG D 3886 19.30 40.10 -37.82
C ARG D 3886 20.61 39.73 -37.13
N PHE D 3887 21.13 40.64 -36.30
CA PHE D 3887 22.33 40.39 -35.51
C PHE D 3887 22.10 39.30 -34.48
N LEU D 3888 20.94 39.34 -33.82
CA LEU D 3888 20.59 38.29 -32.85
C LEU D 3888 20.45 36.94 -33.53
N GLN D 3889 19.95 36.93 -34.78
CA GLN D 3889 19.86 35.72 -35.57
C GLN D 3889 21.24 35.19 -35.92
N LEU D 3890 22.14 36.09 -36.34
CA LEU D 3890 23.48 35.70 -36.77
C LEU D 3890 24.28 35.10 -35.62
N LEU D 3891 24.17 35.70 -34.43
CA LEU D 3891 24.91 35.16 -33.28
C LEU D 3891 24.37 33.83 -32.75
N CYS D 3892 23.28 33.29 -33.31
CA CYS D 3892 22.83 31.94 -33.01
C CYS D 3892 22.73 31.07 -34.25
N GLU D 3893 23.16 31.57 -35.40
CA GLU D 3893 23.10 30.79 -36.63
C GLU D 3893 24.08 29.62 -36.54
N GLY D 3894 23.79 28.57 -37.30
CA GLY D 3894 24.63 27.39 -37.25
C GLY D 3894 24.37 26.49 -36.06
N HIS D 3895 23.24 26.68 -35.37
CA HIS D 3895 22.83 25.91 -34.19
C HIS D 3895 23.89 25.96 -33.08
N ASN D 3896 24.27 27.17 -32.70
CA ASN D 3896 25.22 27.39 -31.61
C ASN D 3896 24.48 27.20 -30.29
N ASN D 3897 24.35 25.92 -29.91
CA ASN D 3897 23.43 25.47 -28.87
C ASN D 3897 23.75 26.10 -27.51
N ASP D 3898 25.01 25.99 -27.07
CA ASP D 3898 25.40 26.56 -25.78
C ASP D 3898 25.27 28.07 -25.78
N PHE D 3899 25.46 28.72 -26.93
CA PHE D 3899 25.27 30.15 -27.01
C PHE D 3899 23.79 30.50 -26.86
N GLN D 3900 22.91 29.66 -27.42
CA GLN D 3900 21.48 29.86 -27.25
C GLN D 3900 21.10 29.70 -25.80
N ASN D 3901 21.69 28.69 -25.13
CA ASN D 3901 21.44 28.51 -23.71
C ASN D 3901 21.98 29.68 -22.91
N TYR D 3902 23.04 30.32 -23.41
CA TYR D 3902 23.59 31.49 -22.75
C TYR D 3902 22.61 32.64 -22.83
N LEU D 3903 21.97 32.79 -24.00
CA LEU D 3903 20.98 33.86 -24.17
C LEU D 3903 19.79 33.63 -23.26
N ARG D 3904 19.34 32.38 -23.14
CA ARG D 3904 18.23 32.08 -22.26
C ARG D 3904 18.59 32.31 -20.80
N THR D 3905 19.81 31.91 -20.39
CA THR D 3905 20.22 32.10 -19.01
C THR D 3905 21.74 32.21 -18.92
N GLN D 3906 22.19 33.02 -17.98
CA GLN D 3906 23.62 33.26 -17.78
C GLN D 3906 23.98 32.92 -16.34
N THR D 3907 24.61 31.75 -16.16
CA THR D 3907 25.04 31.32 -14.82
C THR D 3907 26.09 32.27 -14.26
N GLY D 3908 27.04 32.68 -15.11
CA GLY D 3908 28.10 33.57 -14.66
C GLY D 3908 27.59 34.91 -14.18
N ASN D 3909 26.62 35.47 -14.90
CA ASN D 3909 26.03 36.74 -14.51
C ASN D 3909 25.20 36.58 -13.25
N THR D 3910 25.30 37.56 -12.35
CA THR D 3910 24.51 37.55 -11.13
C THR D 3910 23.02 37.71 -11.45
N THR D 3911 22.69 38.63 -12.35
CA THR D 3911 21.33 38.88 -12.79
C THR D 3911 21.13 38.29 -14.17
N THR D 3912 20.06 37.53 -14.34
CA THR D 3912 19.78 36.84 -15.60
C THR D 3912 18.54 37.47 -16.23
N ILE D 3913 18.68 37.89 -17.49
CA ILE D 3913 17.58 38.47 -18.25
C ILE D 3913 17.22 37.50 -19.36
N ASN D 3914 16.02 36.94 -19.31
CA ASN D 3914 15.58 36.00 -20.33
C ASN D 3914 15.10 36.81 -21.53
N ILE D 3915 16.06 37.13 -22.40
CA ILE D 3915 15.79 37.89 -23.61
C ILE D 3915 14.89 37.13 -24.56
N ILE D 3916 14.81 35.81 -24.46
CA ILE D 3916 13.90 35.02 -25.29
C ILE D 3916 12.46 35.40 -24.99
N ILE D 3917 12.13 35.45 -23.69
CA ILE D 3917 10.82 35.90 -23.22
C ILE D 3917 10.61 37.35 -23.60
N CYS D 3918 11.65 38.18 -23.47
CA CYS D 3918 11.53 39.58 -23.86
C CYS D 3918 11.24 39.71 -25.36
N THR D 3919 11.89 38.89 -26.18
CA THR D 3919 11.68 38.89 -27.63
C THR D 3919 10.24 38.54 -27.96
N VAL D 3920 9.68 37.56 -27.23
CA VAL D 3920 8.27 37.22 -27.40
C VAL D 3920 7.40 38.40 -26.99
N ASP D 3921 7.80 39.10 -25.92
CA ASP D 3921 7.04 40.25 -25.45
C ASP D 3921 6.99 41.36 -26.50
N TYR D 3922 8.11 41.61 -27.16
CA TYR D 3922 8.12 42.57 -28.27
C TYR D 3922 7.25 42.12 -29.43
N LEU D 3923 7.32 40.82 -29.79
CA LEU D 3923 6.46 40.31 -30.86
C LEU D 3923 4.99 40.44 -30.51
N LEU D 3924 4.67 40.22 -29.22
CA LEU D 3924 3.34 40.48 -28.70
C LEU D 3924 2.95 41.93 -28.90
N ARG D 3925 3.84 42.87 -28.52
CA ARG D 3925 3.57 44.29 -28.75
C ARG D 3925 3.38 44.61 -30.24
N LEU D 3926 4.03 43.86 -31.11
CA LEU D 3926 3.87 44.07 -32.55
C LEU D 3926 2.52 43.57 -33.04
N GLN D 3927 1.96 42.56 -32.36
CA GLN D 3927 0.74 41.95 -32.91
C GLN D 3927 -0.46 42.88 -32.76
N GLU D 3928 -0.56 43.65 -31.66
CA GLU D 3928 -1.67 44.60 -31.55
C GLU D 3928 -1.57 45.67 -32.62
N SER D 3929 -0.36 46.18 -32.87
CA SER D 3929 -0.19 47.23 -33.87
C SER D 3929 -0.56 46.75 -35.27
N ILE D 3930 -0.14 45.54 -35.63
CA ILE D 3930 -0.48 45.02 -36.95
C ILE D 3930 -1.97 44.68 -37.04
N SER D 3931 -2.54 44.14 -35.95
CA SER D 3931 -3.96 43.81 -35.92
C SER D 3931 -4.81 45.06 -36.04
N ASP D 3932 -4.52 46.08 -35.24
CA ASP D 3932 -5.24 47.35 -35.32
C ASP D 3932 -5.02 48.06 -36.65
N PHE D 3933 -3.91 47.80 -37.33
CA PHE D 3933 -3.71 48.41 -38.62
C PHE D 3933 -4.57 47.73 -39.68
N TYR D 3934 -4.79 46.41 -39.54
CA TYR D 3934 -5.92 45.78 -40.23
C TYR D 3934 -7.26 46.31 -39.74
N TRP D 3935 -7.40 46.54 -38.44
CA TRP D 3935 -8.63 47.07 -37.85
C TRP D 3935 -8.83 48.56 -38.12
N TYR D 3936 -8.09 49.11 -39.07
CA TYR D 3936 -8.37 50.41 -39.63
C TYR D 3936 -8.72 50.33 -41.11
N TYR D 3937 -8.35 49.23 -41.78
CA TYR D 3937 -8.52 49.06 -43.21
C TYR D 3937 -9.53 48.00 -43.59
N SER D 3938 -10.04 47.24 -42.60
CA SER D 3938 -11.02 46.18 -42.89
C SER D 3938 -12.29 46.74 -43.51
N GLY D 3939 -12.77 47.87 -43.00
CA GLY D 3939 -13.94 48.51 -43.59
C GLY D 3939 -13.68 49.02 -44.99
N LYS D 3940 -12.51 49.65 -45.19
CA LYS D 3940 -12.17 50.24 -46.47
C LYS D 3940 -11.90 49.15 -47.50
N ASP D 3941 -12.49 49.31 -48.68
CA ASP D 3941 -12.36 48.29 -49.72
C ASP D 3941 -10.96 48.28 -50.32
N VAL D 3942 -10.30 49.43 -50.41
CA VAL D 3942 -9.00 49.54 -51.06
C VAL D 3942 -8.01 50.16 -50.07
N ILE D 3943 -6.76 49.72 -50.14
CA ILE D 3943 -5.68 50.22 -49.30
C ILE D 3943 -4.81 51.14 -50.15
N GLU D 3944 -4.55 52.33 -49.63
CA GLU D 3944 -3.75 53.31 -50.35
C GLU D 3944 -2.26 52.95 -50.32
N GLU D 3945 -1.46 53.79 -50.98
CA GLU D 3945 -0.05 53.49 -51.24
C GLU D 3945 0.78 53.52 -49.97
N GLN D 3946 0.59 54.57 -49.15
CA GLN D 3946 1.38 54.70 -47.92
C GLN D 3946 1.08 53.55 -46.97
N GLY D 3947 -0.19 53.14 -46.89
CA GLY D 3947 -0.54 51.96 -46.11
C GLY D 3947 0.10 50.70 -46.64
N LYS D 3948 0.21 50.57 -47.97
CA LYS D 3948 0.91 49.43 -48.57
C LYS D 3948 2.38 49.42 -48.19
N ARG D 3949 3.04 50.59 -48.26
CA ARG D 3949 4.43 50.68 -47.84
C ARG D 3949 4.58 50.38 -46.35
N ASN D 3950 3.62 50.84 -45.54
CA ASN D 3950 3.63 50.57 -44.10
C ASN D 3950 3.52 49.09 -43.81
N PHE D 3951 2.68 48.38 -44.58
CA PHE D 3951 2.59 46.93 -44.45
C PHE D 3951 3.92 46.28 -44.80
N SER D 3952 4.55 46.74 -45.89
CA SER D 3952 5.80 46.14 -46.36
C SER D 3952 6.91 46.27 -45.31
N LYS D 3953 7.06 47.46 -44.74
CA LYS D 3953 8.13 47.66 -43.74
C LYS D 3953 7.79 46.97 -42.44
N ALA D 3954 6.49 46.85 -42.11
CA ALA D 3954 6.12 46.14 -40.89
C ALA D 3954 6.42 44.65 -41.02
N MET D 3955 6.01 44.05 -42.14
CA MET D 3955 6.17 42.61 -42.27
C MET D 3955 7.61 42.22 -42.58
N SER D 3956 8.44 43.14 -43.09
CA SER D 3956 9.87 42.83 -43.22
C SER D 3956 10.50 42.59 -41.85
N VAL D 3957 10.16 43.46 -40.90
CA VAL D 3957 10.61 43.31 -39.52
C VAL D 3957 10.02 42.04 -38.91
N ALA D 3958 8.73 41.79 -39.15
CA ALA D 3958 8.08 40.59 -38.61
C ALA D 3958 8.73 39.31 -39.14
N LYS D 3959 9.09 39.30 -40.42
CA LYS D 3959 9.81 38.18 -41.03
C LYS D 3959 11.16 37.99 -40.36
N GLN D 3960 11.87 39.09 -40.09
CA GLN D 3960 13.16 38.98 -39.41
C GLN D 3960 12.99 38.41 -38.01
N VAL D 3961 11.92 38.82 -37.31
CA VAL D 3961 11.65 38.34 -35.95
C VAL D 3961 11.39 36.84 -35.97
N PHE D 3962 10.56 36.37 -36.91
CA PHE D 3962 10.29 34.94 -37.00
C PHE D 3962 11.52 34.13 -37.38
N ASN D 3963 12.35 34.64 -38.30
CA ASN D 3963 13.61 33.98 -38.63
C ASN D 3963 14.53 33.87 -37.42
N SER D 3964 14.63 34.95 -36.63
CA SER D 3964 15.39 34.90 -35.39
C SER D 3964 14.82 33.87 -34.44
N LEU D 3965 13.51 33.93 -34.18
CA LEU D 3965 12.83 33.02 -33.26
C LEU D 3965 13.00 31.57 -33.69
N THR D 3966 13.08 31.32 -35.00
CA THR D 3966 13.43 30.00 -35.50
C THR D 3966 14.84 29.64 -35.06
N GLU D 3967 15.77 30.61 -35.13
CA GLU D 3967 17.17 30.32 -34.84
C GLU D 3967 17.38 29.94 -33.38
N TYR D 3968 16.70 30.64 -32.44
CA TYR D 3968 16.96 30.33 -31.02
C TYR D 3968 16.50 28.91 -30.66
N ILE D 3969 15.47 28.40 -31.33
CA ILE D 3969 14.90 27.11 -30.96
C ILE D 3969 15.41 25.97 -31.83
N GLN D 3970 16.08 26.26 -32.95
CA GLN D 3970 16.60 25.18 -33.76
C GLN D 3970 17.75 24.48 -33.06
N GLY D 3971 18.00 23.24 -33.46
CA GLY D 3971 19.09 22.46 -32.90
C GLY D 3971 18.76 21.05 -32.42
N PRO D 3972 17.63 20.82 -31.67
CA PRO D 3972 16.72 21.73 -30.96
C PRO D 3972 17.24 22.14 -29.59
N CYS D 3973 16.91 23.34 -29.15
CA CYS D 3973 17.28 23.81 -27.82
C CYS D 3973 16.06 23.65 -26.93
N THR D 3974 16.10 22.61 -26.08
CA THR D 3974 14.96 22.25 -25.24
C THR D 3974 14.59 23.36 -24.27
N GLY D 3975 15.61 24.00 -23.68
CA GLY D 3975 15.35 25.11 -22.75
C GLY D 3975 14.59 26.24 -23.41
N ASN D 3976 15.01 26.61 -24.62
CA ASN D 3976 14.29 27.63 -25.38
C ASN D 3976 12.88 27.17 -25.71
N GLN D 3977 12.71 25.90 -26.10
CA GLN D 3977 11.39 25.40 -26.46
C GLN D 3977 10.43 25.47 -25.27
N GLN D 3978 10.96 25.17 -24.07
CA GLN D 3978 10.16 25.32 -22.85
C GLN D 3978 9.82 26.79 -22.60
N SER D 3979 10.78 27.70 -22.83
CA SER D 3979 10.52 29.11 -22.56
C SER D 3979 9.44 29.64 -23.50
N LEU D 3980 9.50 29.25 -24.78
CA LEU D 3980 8.52 29.68 -25.77
C LEU D 3980 7.14 29.17 -25.39
N ALA D 3981 7.06 27.90 -24.99
CA ALA D 3981 5.77 27.32 -24.65
C ALA D 3981 5.19 27.99 -23.42
N HIS D 3982 6.00 28.23 -22.40
CA HIS D 3982 5.51 28.88 -21.19
C HIS D 3982 5.27 30.37 -21.36
N SER D 3983 5.73 30.98 -22.44
CA SER D 3983 5.54 32.40 -22.63
C SER D 3983 4.21 32.68 -23.35
N ARG D 3984 3.97 33.94 -23.69
CA ARG D 3984 2.76 34.40 -24.35
C ARG D 3984 2.84 34.34 -25.87
N LEU D 3985 3.66 33.43 -26.41
CA LEU D 3985 3.80 33.29 -27.86
C LEU D 3985 2.48 32.95 -28.54
N TRP D 3986 1.64 32.16 -27.86
CA TRP D 3986 0.38 31.70 -28.43
C TRP D 3986 -0.57 32.84 -28.75
N ASP D 3987 -0.63 33.86 -27.89
CA ASP D 3987 -1.49 35.01 -28.14
C ASP D 3987 -1.09 35.75 -29.41
N ALA D 3988 0.22 35.93 -29.62
CA ALA D 3988 0.72 36.52 -30.85
C ALA D 3988 0.43 35.63 -32.05
N VAL D 3989 0.52 34.31 -31.85
CA VAL D 3989 0.29 33.36 -32.93
C VAL D 3989 -1.16 33.44 -33.40
N VAL D 3990 -2.11 33.37 -32.46
CA VAL D 3990 -3.53 33.40 -32.82
C VAL D 3990 -3.89 34.76 -33.42
N GLY D 3991 -3.33 35.84 -32.88
CA GLY D 3991 -3.58 37.16 -33.45
C GLY D 3991 -3.09 37.28 -34.88
N PHE D 3992 -1.89 36.77 -35.14
CA PHE D 3992 -1.36 36.78 -36.51
C PHE D 3992 -2.20 35.90 -37.44
N LEU D 3993 -2.62 34.73 -36.96
CA LEU D 3993 -3.47 33.86 -37.78
C LEU D 3993 -4.81 34.53 -38.11
N HIS D 3994 -5.42 35.20 -37.13
CA HIS D 3994 -6.65 35.96 -37.39
C HIS D 3994 -6.41 37.10 -38.36
N VAL D 3995 -5.26 37.77 -38.29
CA VAL D 3995 -4.92 38.77 -39.29
C VAL D 3995 -4.79 38.15 -40.68
N PHE D 3996 -3.97 37.08 -40.79
CA PHE D 3996 -3.78 36.34 -42.03
C PHE D 3996 -5.07 35.79 -42.59
N ALA D 3997 -6.06 35.55 -41.72
CA ALA D 3997 -7.35 35.06 -42.14
C ALA D 3997 -7.97 36.00 -43.16
N HIS D 3998 -8.00 37.29 -42.85
CA HIS D 3998 -8.68 38.24 -43.71
C HIS D 3998 -7.72 39.00 -44.63
N MET D 3999 -6.40 38.76 -44.50
CA MET D 3999 -5.44 39.37 -45.43
C MET D 3999 -5.65 38.92 -46.87
N MET D 4000 -5.46 37.62 -47.14
CA MET D 4000 -5.52 37.15 -48.51
C MET D 4000 -6.90 37.31 -49.11
N MET D 4001 -7.95 37.13 -48.31
CA MET D 4001 -9.31 37.37 -48.79
C MET D 4001 -9.51 38.82 -49.21
N LYS D 4002 -9.02 39.77 -48.41
CA LYS D 4002 -9.14 41.18 -48.80
C LYS D 4002 -8.30 41.50 -50.04
N LEU D 4003 -7.06 41.01 -50.09
CA LEU D 4003 -6.16 41.38 -51.18
C LEU D 4003 -6.48 40.66 -52.49
N ALA D 4004 -7.10 39.49 -52.43
CA ALA D 4004 -7.40 38.74 -53.65
C ALA D 4004 -8.52 39.36 -54.47
N GLN D 4005 -9.30 40.27 -53.90
CA GLN D 4005 -10.39 40.91 -54.63
C GLN D 4005 -9.87 41.77 -55.78
N ASP D 4006 -8.64 42.27 -55.68
CA ASP D 4006 -8.08 43.17 -56.67
C ASP D 4006 -6.66 42.75 -57.05
N SER D 4007 -6.23 43.20 -58.21
CA SER D 4007 -4.91 42.89 -58.74
C SER D 4007 -3.84 43.89 -58.32
N SER D 4008 -4.21 44.94 -57.59
CA SER D 4008 -3.26 45.96 -57.18
C SER D 4008 -2.48 45.60 -55.93
N GLN D 4009 -2.90 44.58 -55.18
CA GLN D 4009 -2.21 44.19 -53.95
C GLN D 4009 -1.50 42.85 -54.07
N ILE D 4010 -1.16 42.44 -55.30
CA ILE D 4010 -0.48 41.15 -55.52
C ILE D 4010 0.91 41.12 -54.90
N GLU D 4011 1.61 42.27 -54.89
CA GLU D 4011 2.91 42.39 -54.24
C GLU D 4011 2.75 42.09 -52.76
N LEU D 4012 2.00 42.96 -52.06
CA LEU D 4012 1.85 42.89 -50.61
C LEU D 4012 1.30 41.55 -50.17
N LEU D 4013 0.48 40.93 -51.03
CA LEU D 4013 0.04 39.57 -50.79
C LEU D 4013 1.20 38.57 -50.87
N LYS D 4014 2.07 38.70 -51.89
CA LYS D 4014 3.12 37.68 -52.03
C LYS D 4014 4.18 37.79 -50.91
N GLU D 4015 4.54 39.02 -50.52
CA GLU D 4015 5.39 39.17 -49.33
C GLU D 4015 4.68 38.72 -48.06
N LEU D 4016 3.37 38.94 -47.96
CA LEU D 4016 2.66 38.47 -46.78
C LEU D 4016 2.61 36.95 -46.78
N LEU D 4017 2.50 36.35 -47.95
CA LEU D 4017 2.43 34.91 -48.10
C LEU D 4017 3.73 34.28 -47.63
N ASP D 4018 4.87 34.87 -48.00
CA ASP D 4018 6.11 34.31 -47.46
C ASP D 4018 6.27 34.66 -45.98
N LEU D 4019 5.55 35.68 -45.48
CA LEU D 4019 5.62 35.99 -44.06
C LEU D 4019 5.00 34.85 -43.24
N GLN D 4020 3.78 34.40 -43.62
CA GLN D 4020 3.30 33.21 -42.92
C GLN D 4020 4.08 31.95 -43.29
N LYS D 4021 4.75 31.91 -44.45
CA LYS D 4021 5.63 30.78 -44.73
C LYS D 4021 6.76 30.69 -43.70
N ASP D 4022 7.33 31.82 -43.30
CA ASP D 4022 8.31 31.78 -42.22
C ASP D 4022 7.64 31.52 -40.89
N MET D 4023 6.40 31.98 -40.70
CA MET D 4023 5.71 31.72 -39.45
C MET D 4023 5.44 30.23 -39.25
N VAL D 4024 4.97 29.55 -40.30
CA VAL D 4024 4.75 28.11 -40.20
C VAL D 4024 6.07 27.37 -40.05
N VAL D 4025 7.16 27.87 -40.68
CA VAL D 4025 8.47 27.26 -40.47
C VAL D 4025 8.87 27.32 -38.99
N MET D 4026 8.65 28.48 -38.35
CA MET D 4026 8.91 28.62 -36.91
C MET D 4026 8.02 27.68 -36.10
N LEU D 4027 6.75 27.53 -36.51
CA LEU D 4027 5.85 26.57 -35.88
C LEU D 4027 6.36 25.14 -35.98
N LEU D 4028 6.84 24.75 -37.16
CA LEU D 4028 7.40 23.41 -37.35
C LEU D 4028 8.63 23.20 -36.47
N SER D 4029 9.55 24.16 -36.48
CA SER D 4029 10.79 24.04 -35.71
C SER D 4029 10.50 23.99 -34.20
N LEU D 4030 9.38 24.56 -33.76
CA LEU D 4030 9.00 24.45 -32.36
C LEU D 4030 8.63 23.02 -31.96
N LEU D 4031 8.27 22.17 -32.93
CA LEU D 4031 7.88 20.80 -32.67
C LEU D 4031 9.03 19.80 -32.75
N GLU D 4032 10.26 20.27 -32.95
CA GLU D 4032 11.41 19.38 -33.02
C GLU D 4032 11.63 18.64 -31.69
N GLY D 4033 11.80 17.34 -31.78
CA GLY D 4033 12.08 16.48 -30.63
C GLY D 4033 11.02 16.47 -29.56
N ASN D 4034 9.75 16.40 -29.96
CA ASN D 4034 8.63 16.34 -29.03
C ASN D 4034 8.19 14.90 -28.85
N VAL D 4035 7.85 14.55 -27.61
CA VAL D 4035 7.35 13.23 -27.31
C VAL D 4035 5.84 13.23 -27.50
N VAL D 4036 5.25 12.03 -27.59
CA VAL D 4036 3.79 11.93 -27.68
C VAL D 4036 3.16 12.45 -26.39
N ASN D 4037 2.01 13.13 -26.54
CA ASN D 4037 1.34 13.89 -25.48
C ASN D 4037 2.27 14.93 -24.88
N GLY D 4038 3.11 15.51 -25.74
CA GLY D 4038 4.01 16.56 -25.31
C GLY D 4038 3.26 17.80 -24.87
N MET D 4039 3.81 18.46 -23.86
CA MET D 4039 3.17 19.66 -23.29
C MET D 4039 3.13 20.76 -24.35
N ILE D 4040 4.20 20.89 -25.14
CA ILE D 4040 4.21 21.83 -26.26
C ILE D 4040 3.18 21.42 -27.30
N ALA D 4041 2.99 20.12 -27.52
CA ALA D 4041 2.02 19.64 -28.50
C ALA D 4041 0.60 19.96 -28.06
N ARG D 4042 0.33 19.78 -26.76
CA ARG D 4042 -0.98 20.07 -26.22
C ARG D 4042 -1.28 21.56 -26.33
N GLN D 4043 -0.30 22.42 -26.03
CA GLN D 4043 -0.53 23.85 -26.20
C GLN D 4043 -0.71 24.23 -27.67
N MET D 4044 -0.03 23.53 -28.58
CA MET D 4044 -0.24 23.74 -30.02
C MET D 4044 -1.66 23.40 -30.40
N VAL D 4045 -2.19 22.31 -29.84
CA VAL D 4045 -3.56 21.90 -30.10
C VAL D 4045 -4.54 22.93 -29.54
N ASP D 4046 -4.32 23.38 -28.30
CA ASP D 4046 -5.20 24.39 -27.68
C ASP D 4046 -5.17 25.70 -28.46
N MET D 4047 -3.99 26.08 -28.98
CA MET D 4047 -3.87 27.22 -29.87
C MET D 4047 -4.73 27.04 -31.11
N LEU D 4048 -4.67 25.84 -31.70
CA LEU D 4048 -5.47 25.58 -32.89
C LEU D 4048 -6.96 25.64 -32.58
N VAL D 4049 -7.35 25.13 -31.40
CA VAL D 4049 -8.75 25.16 -30.97
C VAL D 4049 -9.23 26.61 -30.84
N GLU D 4050 -8.39 27.47 -30.26
CA GLU D 4050 -8.73 28.88 -30.14
C GLU D 4050 -8.84 29.57 -31.50
N SER D 4051 -8.01 29.17 -32.46
CA SER D 4051 -8.00 29.81 -33.77
C SER D 4051 -8.53 28.88 -34.86
N SER D 4052 -9.50 28.03 -34.49
CA SER D 4052 -10.05 27.02 -35.39
C SER D 4052 -10.74 27.59 -36.62
N SER D 4053 -11.54 28.64 -36.45
CA SER D 4053 -12.25 29.22 -37.59
C SER D 4053 -11.30 29.85 -38.60
N ASN D 4054 -10.26 30.54 -38.11
CA ASN D 4054 -9.31 31.22 -38.98
C ASN D 4054 -8.52 30.24 -39.82
N VAL D 4055 -7.97 29.20 -39.17
CA VAL D 4055 -7.16 28.21 -39.89
C VAL D 4055 -8.04 27.43 -40.87
N GLU D 4056 -9.30 27.19 -40.50
CA GLU D 4056 -10.25 26.51 -41.39
C GLU D 4056 -10.43 27.28 -42.68
N MET D 4057 -10.86 28.55 -42.59
CA MET D 4057 -11.04 29.33 -43.79
C MET D 4057 -9.72 29.63 -44.54
N ILE D 4058 -8.58 29.60 -43.85
CA ILE D 4058 -7.28 29.69 -44.52
C ILE D 4058 -7.04 28.48 -45.41
N LEU D 4059 -7.25 27.28 -44.84
CA LEU D 4059 -7.14 26.05 -45.63
C LEU D 4059 -8.20 26.01 -46.72
N LYS D 4060 -9.40 26.54 -46.45
CA LYS D 4060 -10.43 26.66 -47.48
C LYS D 4060 -9.96 27.53 -48.65
N PHE D 4061 -9.27 28.63 -48.36
CA PHE D 4061 -8.65 29.47 -49.40
C PHE D 4061 -7.60 28.70 -50.17
N PHE D 4062 -6.79 27.92 -49.47
CA PHE D 4062 -5.80 27.08 -50.13
C PHE D 4062 -6.47 26.05 -51.03
N ASP D 4063 -7.52 25.41 -50.51
CA ASP D 4063 -8.23 24.37 -51.23
C ASP D 4063 -8.89 24.93 -52.48
N MET D 4064 -9.55 26.09 -52.38
CA MET D 4064 -10.18 26.68 -53.55
C MET D 4064 -9.14 27.11 -54.59
N PHE D 4065 -7.89 27.39 -54.19
CA PHE D 4065 -6.90 27.49 -55.26
C PHE D 4065 -6.46 26.14 -55.82
N LEU D 4066 -6.26 25.14 -54.96
CA LEU D 4066 -5.73 23.85 -55.41
C LEU D 4066 -6.72 23.09 -56.28
N LYS D 4067 -7.97 22.99 -55.82
CA LYS D 4067 -9.00 22.27 -56.57
C LYS D 4067 -9.28 22.94 -57.90
N LEU D 4068 -9.28 24.28 -57.94
CA LEU D 4068 -9.52 24.94 -59.21
C LEU D 4068 -8.30 24.90 -60.13
N LYS D 4069 -7.11 24.60 -59.58
CA LYS D 4069 -5.93 24.39 -60.43
C LYS D 4069 -6.12 23.18 -61.34
N ASP D 4070 -6.87 22.18 -60.90
CA ASP D 4070 -7.19 21.04 -61.75
C ASP D 4070 -8.57 21.18 -62.41
N ILE D 4071 -9.50 21.89 -61.76
CA ILE D 4071 -10.84 22.07 -62.32
C ILE D 4071 -10.80 22.91 -63.60
N VAL D 4072 -9.82 23.83 -63.72
CA VAL D 4072 -9.65 24.52 -65.01
C VAL D 4072 -9.31 23.52 -66.12
N GLY D 4073 -8.63 22.42 -65.79
CA GLY D 4073 -8.46 21.30 -66.70
C GLY D 4073 -9.56 20.25 -66.70
N SER D 4074 -10.53 20.35 -65.78
CA SER D 4074 -11.63 19.38 -65.70
C SER D 4074 -12.49 19.45 -66.96
N GLU D 4075 -12.89 18.27 -67.44
CA GLU D 4075 -13.61 18.15 -68.71
C GLU D 4075 -14.97 18.85 -68.69
N ALA D 4076 -15.72 18.73 -67.59
CA ALA D 4076 -17.02 19.42 -67.48
C ALA D 4076 -16.88 20.94 -67.57
N PHE D 4077 -15.90 21.49 -66.85
CA PHE D 4077 -15.59 22.92 -66.94
C PHE D 4077 -15.11 23.28 -68.33
N GLN D 4078 -14.29 22.42 -68.95
CA GLN D 4078 -13.78 22.68 -70.30
C GLN D 4078 -14.91 22.68 -71.32
N ASP D 4079 -15.90 21.78 -71.14
CA ASP D 4079 -17.08 21.75 -72.00
C ASP D 4079 -17.88 23.04 -71.86
N TYR D 4080 -18.00 23.56 -70.63
CA TYR D 4080 -18.63 24.87 -70.46
C TYR D 4080 -17.80 25.96 -71.14
N VAL D 4081 -16.48 25.88 -71.06
CA VAL D 4081 -15.58 26.83 -71.71
C VAL D 4081 -15.75 26.75 -73.22
N THR D 4082 -16.08 27.89 -73.84
CA THR D 4082 -16.32 27.93 -75.27
C THR D 4082 -15.42 28.90 -76.02
N ASP D 4083 -14.65 29.73 -75.31
CA ASP D 4083 -13.81 30.73 -75.97
C ASP D 4083 -12.55 30.06 -76.52
N PRO D 4084 -12.28 30.17 -77.81
CA PRO D 4084 -10.97 29.71 -78.33
C PRO D 4084 -9.79 30.50 -77.78
N ARG D 4085 -10.02 31.72 -77.27
CA ARG D 4085 -8.96 32.52 -76.66
C ARG D 4085 -8.50 31.98 -75.30
N GLY D 4086 -9.20 31.00 -74.74
CA GLY D 4086 -8.85 30.49 -73.43
C GLY D 4086 -9.45 31.26 -72.27
N LEU D 4087 -10.64 31.81 -72.44
CA LEU D 4087 -11.30 32.63 -71.43
C LEU D 4087 -12.68 32.04 -71.13
N ILE D 4088 -13.37 32.64 -70.16
CA ILE D 4088 -14.71 32.18 -69.78
C ILE D 4088 -15.46 33.40 -69.25
N SER D 4089 -16.76 33.49 -69.59
CA SER D 4089 -17.55 34.58 -69.04
C SER D 4089 -17.89 34.27 -67.59
N LYS D 4090 -18.21 35.31 -66.82
CA LYS D 4090 -18.51 35.15 -65.39
C LYS D 4090 -19.71 34.26 -65.14
N LYS D 4091 -20.79 34.44 -65.90
CA LYS D 4091 -21.97 33.57 -65.76
C LYS D 4091 -21.66 32.12 -66.15
N ASP D 4092 -20.85 31.94 -67.19
CA ASP D 4092 -20.37 30.61 -67.57
C ASP D 4092 -19.54 29.97 -66.46
N PHE D 4093 -18.68 30.78 -65.82
CA PHE D 4093 -17.92 30.29 -64.68
C PHE D 4093 -18.81 30.00 -63.49
N GLN D 4094 -19.90 30.76 -63.35
CA GLN D 4094 -20.88 30.56 -62.29
C GLN D 4094 -21.53 29.19 -62.41
N LYS D 4095 -21.96 28.85 -63.62
CA LYS D 4095 -22.66 27.59 -63.83
C LYS D 4095 -21.76 26.47 -64.32
N ALA D 4096 -20.45 26.69 -64.36
CA ALA D 4096 -19.52 25.67 -64.83
C ALA D 4096 -18.98 24.79 -63.71
N MET D 4097 -18.35 25.41 -62.72
CA MET D 4097 -17.67 24.67 -61.66
C MET D 4097 -18.63 24.01 -60.66
N ASP D 4098 -19.86 24.52 -60.54
CA ASP D 4098 -20.82 23.88 -59.63
C ASP D 4098 -21.29 22.51 -60.11
N SER D 4099 -21.00 22.14 -61.37
CA SER D 4099 -21.29 20.80 -61.85
C SER D 4099 -20.45 19.73 -61.17
N GLN D 4100 -19.31 20.10 -60.57
CA GLN D 4100 -18.52 19.16 -59.79
C GLN D 4100 -19.15 18.85 -58.44
N LYS D 4101 -20.15 19.63 -58.01
CA LYS D 4101 -20.90 19.43 -56.76
C LYS D 4101 -19.98 19.42 -55.55
N GLN D 4102 -19.21 20.50 -55.41
CA GLN D 4102 -18.20 20.60 -54.36
C GLN D 4102 -18.22 21.90 -53.56
N PHE D 4103 -18.80 22.98 -54.07
CA PHE D 4103 -18.61 24.30 -53.49
C PHE D 4103 -19.89 24.80 -52.83
N THR D 4104 -19.73 25.42 -51.67
CA THR D 4104 -20.83 26.08 -50.97
C THR D 4104 -20.97 27.50 -51.47
N GLY D 4105 -22.18 28.04 -51.36
CA GLY D 4105 -22.61 29.34 -51.89
C GLY D 4105 -21.65 30.52 -51.87
N PRO D 4106 -21.16 30.92 -50.68
CA PRO D 4106 -20.22 32.06 -50.62
C PRO D 4106 -18.94 31.88 -51.41
N GLU D 4107 -18.48 30.62 -51.58
CA GLU D 4107 -17.24 30.35 -52.31
C GLU D 4107 -17.35 30.74 -53.77
N ILE D 4108 -18.50 30.47 -54.40
CA ILE D 4108 -18.67 30.77 -55.83
C ILE D 4108 -18.56 32.27 -56.06
N GLN D 4109 -19.29 33.06 -55.28
CA GLN D 4109 -19.28 34.52 -55.42
C GLN D 4109 -17.92 35.10 -55.07
N PHE D 4110 -17.30 34.58 -54.00
CA PHE D 4110 -15.96 35.03 -53.61
C PHE D 4110 -14.92 34.74 -54.69
N LEU D 4111 -15.00 33.56 -55.30
CA LEU D 4111 -14.08 33.21 -56.39
C LEU D 4111 -14.36 34.03 -57.64
N LEU D 4112 -15.65 34.35 -57.90
CA LEU D 4112 -16.00 35.24 -59.00
C LEU D 4112 -15.38 36.62 -58.80
N SER D 4113 -15.45 37.14 -57.57
CA SER D 4113 -14.82 38.41 -57.26
C SER D 4113 -13.30 38.34 -57.38
N CYS D 4114 -12.71 37.24 -56.93
CA CYS D 4114 -11.26 37.05 -57.02
C CYS D 4114 -10.79 36.98 -58.47
N SER D 4115 -11.59 36.36 -59.34
CA SER D 4115 -11.26 36.28 -60.76
C SER D 4115 -11.14 37.65 -61.39
N GLU D 4116 -10.05 37.86 -62.11
CA GLU D 4116 -9.75 39.16 -62.73
C GLU D 4116 -10.55 39.28 -64.02
N ALA D 4117 -11.84 39.56 -63.87
CA ALA D 4117 -12.70 39.82 -65.00
C ALA D 4117 -12.29 41.13 -65.68
N ASP D 4118 -12.24 41.10 -67.01
CA ASP D 4118 -11.86 42.27 -67.80
C ASP D 4118 -13.07 43.18 -67.98
N GLU D 4119 -12.95 44.14 -68.90
CA GLU D 4119 -14.07 45.00 -69.25
C GLU D 4119 -15.24 44.23 -69.86
N ASN D 4120 -15.00 43.03 -70.40
CA ASN D 4120 -16.05 42.19 -70.94
C ASN D 4120 -16.56 41.16 -69.94
N GLU D 4121 -16.07 41.22 -68.69
CA GLU D 4121 -16.32 40.21 -67.64
C GLU D 4121 -15.88 38.82 -68.09
N MET D 4122 -14.87 38.75 -68.94
CA MET D 4122 -14.45 37.53 -69.62
C MET D 4122 -13.23 37.01 -68.87
N ILE D 4123 -13.45 36.09 -67.93
CA ILE D 4123 -12.45 35.69 -66.93
C ILE D 4123 -11.26 35.01 -67.61
N ASN D 4124 -10.05 35.42 -67.24
CA ASN D 4124 -8.82 34.79 -67.75
C ASN D 4124 -8.37 33.74 -66.75
N PHE D 4125 -9.00 32.57 -66.83
CA PHE D 4125 -8.68 31.46 -65.93
C PHE D 4125 -7.34 30.82 -66.28
N GLU D 4126 -6.80 31.11 -67.48
CA GLU D 4126 -5.52 30.54 -67.87
C GLU D 4126 -4.39 31.04 -66.99
N GLU D 4127 -4.35 32.33 -66.71
CA GLU D 4127 -3.34 32.89 -65.82
C GLU D 4127 -3.86 33.15 -64.41
N PHE D 4128 -5.18 33.01 -64.20
CA PHE D 4128 -5.75 33.19 -62.85
C PHE D 4128 -5.19 32.16 -61.88
N ALA D 4129 -5.10 30.89 -62.30
CA ALA D 4129 -4.58 29.86 -61.40
C ALA D 4129 -3.07 30.02 -61.21
N ASN D 4130 -2.34 30.22 -62.30
CA ASN D 4130 -0.89 30.30 -62.28
C ASN D 4130 -0.38 31.57 -61.61
N ARG D 4131 -1.26 32.53 -61.34
CA ARG D 4131 -0.88 33.76 -60.66
C ARG D 4131 -0.35 33.46 -59.26
N PHE D 4132 -1.11 32.67 -58.50
CA PHE D 4132 -0.84 32.45 -57.08
C PHE D 4132 -0.63 30.99 -56.71
N GLN D 4133 -0.90 30.04 -57.63
CA GLN D 4133 -0.90 28.62 -57.30
C GLN D 4133 0.46 28.11 -56.83
N GLU D 4134 1.51 28.41 -57.58
CA GLU D 4134 2.84 27.87 -57.31
C GLU D 4134 3.44 28.26 -55.95
N PRO D 4135 3.47 29.53 -55.51
CA PRO D 4135 4.02 29.80 -54.17
C PRO D 4135 3.16 29.29 -53.02
N ALA D 4136 1.86 29.07 -53.22
CA ALA D 4136 1.00 28.61 -52.13
C ALA D 4136 1.20 27.14 -51.78
N ARG D 4137 1.83 26.38 -52.69
CA ARG D 4137 2.04 24.95 -52.50
C ARG D 4137 2.93 24.69 -51.29
N ASP D 4138 3.97 25.49 -51.12
CA ASP D 4138 4.95 25.27 -50.06
C ASP D 4138 4.31 25.46 -48.69
N ILE D 4139 3.51 26.53 -48.53
CA ILE D 4139 2.84 26.80 -47.27
C ILE D 4139 1.83 25.69 -46.98
N GLY D 4140 1.08 25.28 -48.01
CA GLY D 4140 0.13 24.19 -47.81
C GLY D 4140 0.81 22.90 -47.38
N PHE D 4141 2.00 22.64 -47.93
CA PHE D 4141 2.78 21.48 -47.53
C PHE D 4141 3.19 21.59 -46.06
N ASN D 4142 3.68 22.77 -45.66
CA ASN D 4142 4.17 22.93 -44.30
C ASN D 4142 3.05 22.78 -43.27
N VAL D 4143 1.89 23.37 -43.53
CA VAL D 4143 0.78 23.22 -42.58
C VAL D 4143 0.29 21.76 -42.56
N ALA D 4144 0.32 21.09 -43.72
CA ALA D 4144 -0.02 19.66 -43.77
C ALA D 4144 0.94 18.82 -42.92
N VAL D 4145 2.24 19.11 -43.00
CA VAL D 4145 3.24 18.44 -42.18
C VAL D 4145 3.00 18.71 -40.70
N LEU D 4146 2.69 19.95 -40.35
CA LEU D 4146 2.42 20.33 -38.97
C LEU D 4146 1.22 19.55 -38.42
N LEU D 4147 0.13 19.50 -39.18
CA LEU D 4147 -1.06 18.77 -38.77
C LEU D 4147 -0.78 17.28 -38.64
N THR D 4148 -0.01 16.71 -39.58
CA THR D 4148 0.34 15.30 -39.50
C THR D 4148 1.16 15.00 -38.25
N ASN D 4149 2.14 15.86 -37.94
CA ASN D 4149 2.98 15.70 -36.77
C ASN D 4149 2.17 15.78 -35.49
N LEU D 4150 1.24 16.75 -35.43
CA LEU D 4150 0.39 16.89 -34.25
C LEU D 4150 -0.54 15.69 -34.10
N SER D 4151 -1.07 15.18 -35.22
CA SER D 4151 -2.00 14.05 -35.19
C SER D 4151 -1.31 12.82 -34.62
N GLU D 4152 -0.06 12.59 -35.04
CA GLU D 4152 0.65 11.42 -34.54
C GLU D 4152 1.05 11.60 -33.09
N HIS D 4153 1.53 12.78 -32.71
CA HIS D 4153 1.98 12.95 -31.33
C HIS D 4153 0.84 13.08 -30.33
N VAL D 4154 -0.37 13.34 -30.78
CA VAL D 4154 -1.53 13.33 -29.87
C VAL D 4154 -2.74 12.79 -30.64
N PRO D 4155 -2.87 11.46 -30.71
CA PRO D 4155 -4.00 10.87 -31.42
C PRO D 4155 -5.22 10.57 -30.56
N HIS D 4156 -5.20 10.87 -29.26
CA HIS D 4156 -6.32 10.57 -28.39
C HIS D 4156 -7.14 11.80 -28.05
N ASP D 4157 -7.24 12.75 -28.98
CA ASP D 4157 -7.99 13.97 -28.79
C ASP D 4157 -9.16 14.20 -29.76
N PRO D 4158 -10.38 14.30 -29.24
CA PRO D 4158 -11.56 14.54 -30.10
C PRO D 4158 -11.48 15.86 -30.84
N ARG D 4159 -10.84 16.87 -30.24
CA ARG D 4159 -10.76 18.17 -30.89
C ARG D 4159 -9.97 18.06 -32.18
N LEU D 4160 -8.83 17.36 -32.14
CA LEU D 4160 -8.05 17.19 -33.36
C LEU D 4160 -8.76 16.24 -34.33
N ARG D 4161 -9.58 15.30 -33.82
CA ARG D 4161 -10.44 14.54 -34.74
C ARG D 4161 -11.36 15.48 -35.53
N ASN D 4162 -11.90 16.49 -34.84
CA ASN D 4162 -12.68 17.52 -35.54
C ASN D 4162 -11.82 18.29 -36.52
N PHE D 4163 -10.58 18.63 -36.13
CA PHE D 4163 -9.69 19.36 -37.05
C PHE D 4163 -9.36 18.56 -38.28
N LEU D 4164 -9.09 17.26 -38.14
CA LEU D 4164 -8.77 16.44 -39.30
C LEU D 4164 -9.98 16.32 -40.22
N GLU D 4165 -11.19 16.17 -39.66
CA GLU D 4165 -12.34 16.12 -40.57
C GLU D 4165 -12.74 17.49 -41.11
N LEU D 4166 -12.20 18.58 -40.57
CA LEU D 4166 -12.37 19.88 -41.22
C LEU D 4166 -11.30 20.19 -42.25
N ALA D 4167 -10.05 19.80 -41.98
CA ALA D 4167 -8.91 20.06 -42.86
C ALA D 4167 -8.42 18.79 -43.55
N GLU D 4168 -9.33 17.86 -43.85
CA GLU D 4168 -8.94 16.64 -44.54
C GLU D 4168 -8.55 16.90 -45.99
N SER D 4169 -9.18 17.90 -46.63
CA SER D 4169 -9.06 18.11 -48.07
C SER D 4169 -7.64 18.43 -48.52
N ILE D 4170 -6.88 19.16 -47.69
CA ILE D 4170 -5.49 19.47 -48.02
C ILE D 4170 -4.63 18.20 -48.03
N LEU D 4171 -5.00 17.19 -47.24
CA LEU D 4171 -4.12 16.04 -47.00
C LEU D 4171 -3.88 15.21 -48.26
N GLU D 4172 -4.95 14.78 -48.95
CA GLU D 4172 -4.80 13.87 -50.09
C GLU D 4172 -4.04 14.50 -51.25
N TYR D 4173 -3.98 15.83 -51.32
CA TYR D 4173 -3.10 16.47 -52.27
C TYR D 4173 -1.63 16.28 -51.90
N PHE D 4174 -1.35 15.90 -50.64
CA PHE D 4174 0.02 15.85 -50.17
C PHE D 4174 0.43 14.50 -49.60
N ARG D 4175 -0.46 13.50 -49.66
CA ARG D 4175 -0.03 12.12 -49.41
C ARG D 4175 1.10 11.67 -50.35
N PRO D 4176 1.05 11.84 -51.69
CA PRO D 4176 2.18 11.39 -52.50
C PRO D 4176 3.49 12.16 -52.30
N TYR D 4177 3.54 13.20 -51.46
CA TYR D 4177 4.75 13.98 -51.35
C TYR D 4177 5.25 14.10 -49.92
N LEU D 4178 4.44 13.75 -48.92
CA LEU D 4178 4.91 13.72 -47.55
C LEU D 4178 5.86 12.55 -47.35
N GLY D 4179 6.96 12.78 -46.64
CA GLY D 4179 7.93 11.74 -46.41
C GLY D 4179 8.21 11.63 -44.93
N ARG D 4180 8.35 10.39 -44.46
CA ARG D 4180 8.47 10.09 -43.05
C ARG D 4180 9.61 9.11 -42.83
N ILE D 4181 10.52 9.45 -41.92
CA ILE D 4181 11.56 8.54 -41.47
C ILE D 4181 11.67 8.62 -39.96
N GLU D 4182 12.23 7.57 -39.36
CA GLU D 4182 12.51 7.55 -37.93
C GLU D 4182 14.01 7.38 -37.69
N ILE D 4183 14.61 8.30 -36.94
CA ILE D 4183 16.03 8.25 -36.63
C ILE D 4183 16.24 8.20 -35.13
N MET D 4184 17.32 7.52 -34.72
CA MET D 4184 17.73 7.56 -33.32
C MET D 4184 18.56 8.82 -33.15
N GLY D 4185 18.01 9.81 -32.46
CA GLY D 4185 18.63 11.10 -32.35
C GLY D 4185 19.67 11.18 -31.24
N ALA D 4186 20.11 12.42 -30.98
CA ALA D 4186 21.13 12.67 -29.97
C ALA D 4186 20.66 12.28 -28.58
N SER D 4187 19.35 12.37 -28.33
CA SER D 4187 18.77 12.05 -27.03
C SER D 4187 18.60 10.56 -26.81
N ARG D 4188 19.07 9.74 -27.76
CA ARG D 4188 18.91 8.28 -27.81
C ARG D 4188 17.44 7.88 -27.80
N ARG D 4189 16.58 8.75 -28.33
CA ARG D 4189 15.14 8.53 -28.39
C ARG D 4189 14.72 8.74 -29.83
N ILE D 4190 14.04 7.73 -30.40
CA ILE D 4190 13.67 7.77 -31.81
C ILE D 4190 12.72 8.93 -32.11
N GLU D 4191 12.99 9.63 -33.20
CA GLU D 4191 12.26 10.82 -33.58
C GLU D 4191 11.92 10.74 -35.06
N ARG D 4192 10.76 11.29 -35.41
CA ARG D 4192 10.25 11.21 -36.77
C ARG D 4192 10.56 12.51 -37.52
N ILE D 4193 11.08 12.38 -38.73
CA ILE D 4193 11.40 13.49 -39.61
C ILE D 4193 10.51 13.43 -40.84
N TYR D 4194 10.07 14.60 -41.28
CA TYR D 4194 9.11 14.74 -42.37
C TYR D 4194 9.73 15.60 -43.46
N PHE D 4195 9.46 15.28 -44.71
CA PHE D 4195 10.15 15.94 -45.81
C PHE D 4195 9.27 15.93 -47.05
N GLU D 4196 9.78 16.53 -48.12
CA GLU D 4196 9.09 16.62 -49.40
C GLU D 4196 9.74 15.68 -50.42
N ILE D 4197 8.91 14.89 -51.08
CA ILE D 4197 9.33 14.01 -52.18
C ILE D 4197 8.80 14.59 -53.47
N SER D 4198 9.69 14.91 -54.40
CA SER D 4198 9.24 15.53 -55.64
C SER D 4198 8.54 14.51 -56.53
N GLU D 4199 7.74 15.02 -57.46
CA GLU D 4199 7.05 14.16 -58.43
C GLU D 4199 8.03 13.44 -59.34
N THR D 4200 9.09 14.14 -59.80
CA THR D 4200 10.06 13.52 -60.70
C THR D 4200 10.81 12.40 -59.98
N ASN D 4201 11.20 12.64 -58.73
CA ASN D 4201 11.94 11.63 -57.97
C ASN D 4201 11.06 10.43 -57.68
N ARG D 4202 9.78 10.69 -57.38
CA ARG D 4202 8.84 9.59 -57.20
C ARG D 4202 8.67 8.79 -58.48
N ALA D 4203 8.66 9.48 -59.63
CA ALA D 4203 8.50 8.83 -60.92
C ALA D 4203 9.68 7.90 -61.18
N GLN D 4204 10.89 8.43 -61.02
CA GLN D 4204 12.07 7.63 -61.30
C GLN D 4204 12.17 6.50 -60.28
N TRP D 4205 11.60 6.67 -59.08
CA TRP D 4205 11.64 5.61 -58.10
C TRP D 4205 10.76 4.45 -58.57
N GLU D 4206 9.61 4.76 -59.18
CA GLU D 4206 8.76 3.66 -59.61
C GLU D 4206 9.11 3.19 -61.01
N MET D 4207 10.12 3.77 -61.63
CA MET D 4207 10.52 3.36 -62.97
C MET D 4207 11.04 1.92 -62.93
N PRO D 4208 10.81 1.14 -64.01
CA PRO D 4208 11.14 -0.30 -63.97
C PRO D 4208 12.60 -0.68 -63.80
N GLN D 4209 13.53 0.05 -64.43
CA GLN D 4209 14.96 -0.23 -64.25
C GLN D 4209 15.39 -0.01 -62.80
N VAL D 4210 14.89 1.05 -62.16
CA VAL D 4210 15.24 1.33 -60.78
C VAL D 4210 14.69 0.24 -59.87
N LYS D 4211 13.47 -0.25 -60.17
CA LYS D 4211 12.89 -1.33 -59.40
C LYS D 4211 13.70 -2.61 -59.53
N GLU D 4212 14.19 -2.89 -60.74
CA GLU D 4212 15.05 -4.05 -60.95
C GLU D 4212 16.36 -3.92 -60.20
N SER D 4213 16.92 -2.70 -60.17
CA SER D 4213 18.11 -2.42 -59.38
C SER D 4213 17.83 -2.67 -57.90
N LYS D 4214 16.64 -2.25 -57.44
CA LYS D 4214 16.26 -2.42 -56.04
C LYS D 4214 16.17 -3.89 -55.69
N ARG D 4215 15.54 -4.69 -56.57
CA ARG D 4215 15.34 -6.10 -56.31
C ARG D 4215 16.68 -6.84 -56.29
N GLN D 4216 17.58 -6.45 -57.21
CA GLN D 4216 18.93 -7.00 -57.23
C GLN D 4216 19.66 -6.65 -55.94
N PHE D 4217 19.52 -5.41 -55.47
CA PHE D 4217 20.19 -4.98 -54.26
C PHE D 4217 19.70 -5.76 -53.05
N ILE D 4218 18.38 -5.90 -52.94
CA ILE D 4218 17.76 -6.58 -51.81
C ILE D 4218 18.19 -8.04 -51.77
N PHE D 4219 18.23 -8.68 -52.95
CA PHE D 4219 18.70 -10.06 -53.03
C PHE D 4219 20.16 -10.14 -52.60
N ASP D 4220 20.98 -9.20 -53.07
CA ASP D 4220 22.41 -9.24 -52.79
C ASP D 4220 22.70 -9.09 -51.30
N VAL D 4221 22.04 -8.13 -50.63
CA VAL D 4221 22.26 -7.99 -49.19
C VAL D 4221 21.70 -9.16 -48.40
N VAL D 4222 20.48 -9.63 -48.72
CA VAL D 4222 19.86 -10.67 -47.91
C VAL D 4222 20.57 -12.01 -48.10
N ASN D 4223 20.78 -12.43 -49.35
CA ASN D 4223 21.37 -13.74 -49.59
C ASN D 4223 22.86 -13.77 -49.27
N GLU D 4224 23.62 -12.81 -49.78
CA GLU D 4224 25.06 -12.81 -49.63
C GLU D 4224 25.48 -11.52 -48.93
N GLY D 4225 25.19 -11.46 -47.64
CA GLY D 4225 25.49 -10.25 -46.89
C GLY D 4225 25.48 -10.55 -45.41
N GLY D 4226 26.09 -9.65 -44.65
CA GLY D 4226 26.04 -9.70 -43.21
C GLY D 4226 25.38 -8.45 -42.68
N GLU D 4227 24.68 -8.60 -41.55
CA GLU D 4227 23.92 -7.50 -40.96
C GLU D 4227 24.81 -6.35 -40.49
N ALA D 4228 26.09 -6.63 -40.21
CA ALA D 4228 27.02 -5.62 -39.69
C ALA D 4228 27.19 -4.45 -40.65
N GLU D 4229 27.32 -4.76 -41.94
CA GLU D 4229 27.64 -3.76 -42.96
C GLU D 4229 26.43 -3.36 -43.79
N LYS D 4230 25.24 -3.82 -43.38
CA LYS D 4230 24.02 -3.62 -44.16
C LYS D 4230 23.72 -2.13 -44.37
N MET D 4231 23.94 -1.32 -43.33
CA MET D 4231 23.61 0.10 -43.43
C MET D 4231 24.52 0.82 -44.41
N GLU D 4232 25.81 0.48 -44.39
CA GLU D 4232 26.75 1.05 -45.35
C GLU D 4232 26.42 0.63 -46.77
N LEU D 4233 26.05 -0.65 -46.94
CA LEU D 4233 25.66 -1.15 -48.25
C LEU D 4233 24.41 -0.43 -48.75
N PHE D 4234 23.46 -0.18 -47.84
CA PHE D 4234 22.22 0.51 -48.16
C PHE D 4234 22.51 1.94 -48.61
N VAL D 4235 23.35 2.65 -47.85
CA VAL D 4235 23.65 4.04 -48.16
C VAL D 4235 24.38 4.14 -49.50
N SER D 4236 25.27 3.18 -49.78
CA SER D 4236 25.97 3.13 -51.06
C SER D 4236 24.99 2.93 -52.21
N PHE D 4237 24.02 2.01 -52.02
CA PHE D 4237 23.00 1.78 -53.03
C PHE D 4237 22.15 3.03 -53.26
N CYS D 4238 21.82 3.75 -52.17
CA CYS D 4238 21.01 4.95 -52.31
C CYS D 4238 21.79 6.04 -53.02
N GLU D 4239 23.11 6.09 -52.81
CA GLU D 4239 23.90 7.15 -53.42
C GLU D 4239 24.02 6.91 -54.92
N ASP D 4240 24.20 5.64 -55.30
CA ASP D 4240 24.23 5.29 -56.71
C ASP D 4240 22.89 5.57 -57.37
N THR D 4241 21.79 5.27 -56.66
CA THR D 4241 20.45 5.53 -57.17
C THR D 4241 20.19 7.01 -57.36
N ILE D 4242 20.62 7.85 -56.40
CA ILE D 4242 20.45 9.29 -56.51
C ILE D 4242 21.26 9.83 -57.69
N PHE D 4243 22.46 9.27 -57.91
CA PHE D 4243 23.25 9.68 -59.07
C PHE D 4243 22.54 9.28 -60.37
N GLU D 4244 21.93 8.08 -60.38
CA GLU D 4244 21.21 7.62 -61.56
C GLU D 4244 20.02 8.52 -61.85
N MET D 4245 19.32 8.96 -60.79
CA MET D 4245 18.23 9.91 -60.93
C MET D 4245 18.72 11.21 -61.54
N GLN D 4246 19.91 11.66 -61.12
CA GLN D 4246 20.46 12.90 -61.65
C GLN D 4246 20.76 12.75 -63.14
N ILE D 4247 21.33 11.60 -63.51
CA ILE D 4247 21.69 11.34 -64.90
C ILE D 4247 20.44 11.32 -65.76
N ALA D 4248 19.40 10.64 -65.27
CA ALA D 4248 18.12 10.54 -65.99
C ALA D 4248 17.52 11.92 -66.17
N ALA D 4249 17.57 12.75 -65.12
CA ALA D 4249 16.99 14.08 -65.18
C ALA D 4249 17.70 14.93 -66.21
N GLN D 4250 19.04 14.88 -66.24
CA GLN D 4250 19.80 15.69 -67.20
C GLN D 4250 19.52 15.25 -68.63
N ILE D 4251 19.53 13.94 -68.89
CA ILE D 4251 19.31 13.48 -70.26
C ILE D 4251 17.86 13.65 -70.70
N SER D 4252 16.92 13.72 -69.74
CA SER D 4252 15.49 13.76 -70.05
C SER D 4252 15.11 14.94 -70.93
N GLU D 4253 14.23 14.70 -71.89
CA GLU D 4253 13.81 15.71 -72.85
C GLU D 4253 12.39 16.15 -72.59
N PRO D 4254 12.13 17.45 -72.43
CA PRO D 4254 10.76 17.96 -72.23
C PRO D 4254 9.99 18.04 -73.55
N PHE D 4540 28.27 27.66 -87.27
CA PHE D 4540 28.04 26.22 -87.24
C PHE D 4540 28.41 25.67 -85.87
N TRP D 4541 29.29 26.39 -85.18
CA TRP D 4541 29.68 26.01 -83.82
C TRP D 4541 28.51 26.10 -82.86
N GLY D 4542 27.66 27.12 -83.03
CA GLY D 4542 26.47 27.24 -82.18
C GLY D 4542 25.49 26.10 -82.39
N GLU D 4543 25.21 25.77 -83.66
CA GLU D 4543 24.32 24.65 -83.97
C GLU D 4543 24.92 23.32 -83.54
N LEU D 4544 26.25 23.23 -83.53
CA LEU D 4544 26.95 21.99 -83.21
C LEU D 4544 26.61 21.51 -81.80
N GLU D 4545 26.57 22.44 -80.84
CA GLU D 4545 26.20 22.11 -79.47
C GLU D 4545 24.77 21.58 -79.40
N VAL D 4546 23.85 22.21 -80.15
CA VAL D 4546 22.43 21.86 -80.13
C VAL D 4546 22.25 20.43 -80.62
N GLN D 4547 22.76 20.17 -81.82
CA GLN D 4547 22.62 18.86 -82.44
C GLN D 4547 23.33 17.79 -81.61
N ARG D 4548 24.55 18.09 -81.14
CA ARG D 4548 25.34 17.11 -80.41
C ARG D 4548 24.66 16.69 -79.11
N VAL D 4549 24.16 17.67 -78.31
CA VAL D 4549 23.49 17.28 -77.06
C VAL D 4549 22.15 16.61 -77.34
N LYS D 4550 21.43 17.05 -78.40
CA LYS D 4550 20.12 16.46 -78.70
C LYS D 4550 20.30 15.01 -79.10
N PHE D 4551 21.31 14.76 -79.94
CA PHE D 4551 21.63 13.42 -80.41
C PHE D 4551 22.04 12.53 -79.25
N LEU D 4552 22.97 13.04 -78.42
CA LEU D 4552 23.50 12.26 -77.29
C LEU D 4552 22.39 11.88 -76.31
N ASN D 4553 21.48 12.83 -76.04
CA ASN D 4553 20.35 12.56 -75.15
C ASN D 4553 19.40 11.54 -75.76
N TYR D 4554 19.16 11.63 -77.08
CA TYR D 4554 18.33 10.64 -77.76
C TYR D 4554 18.93 9.24 -77.68
N LEU D 4555 20.25 9.14 -77.90
CA LEU D 4555 20.94 7.86 -77.78
C LEU D 4555 20.88 7.31 -76.36
N SER D 4556 21.08 8.18 -75.36
CA SER D 4556 21.09 7.76 -73.98
C SER D 4556 19.70 7.29 -73.54
N ARG D 4557 18.66 8.00 -73.97
CA ARG D 4557 17.30 7.62 -73.62
C ARG D 4557 16.91 6.33 -74.31
N ASN D 4558 17.37 6.12 -75.55
CA ASN D 4558 16.96 4.97 -76.33
C ASN D 4558 18.10 3.97 -76.49
N PHE D 4559 18.91 3.80 -75.44
CA PHE D 4559 19.95 2.78 -75.45
C PHE D 4559 19.37 1.36 -75.47
N TYR D 4560 18.34 1.11 -74.65
CA TYR D 4560 17.78 -0.24 -74.52
C TYR D 4560 17.10 -0.70 -75.80
N THR D 4561 16.45 0.23 -76.50
CA THR D 4561 15.80 -0.10 -77.76
C THR D 4561 16.82 -0.44 -78.83
N LEU D 4562 17.96 0.25 -78.86
CA LEU D 4562 19.01 -0.13 -79.80
C LEU D 4562 19.57 -1.52 -79.51
N ARG D 4563 19.70 -1.88 -78.22
CA ARG D 4563 20.15 -3.22 -77.87
C ARG D 4563 19.15 -4.29 -78.34
N PHE D 4564 17.85 -4.01 -78.17
CA PHE D 4564 16.81 -4.90 -78.66
C PHE D 4564 16.81 -4.97 -80.18
N LEU D 4565 17.04 -3.81 -80.81
CA LEU D 4565 17.08 -3.72 -82.26
C LEU D 4565 18.23 -4.55 -82.81
N ALA D 4566 19.38 -4.48 -82.14
CA ALA D 4566 20.56 -5.20 -82.56
C ALA D 4566 20.34 -6.71 -82.46
N LEU D 4567 19.63 -7.15 -81.42
CA LEU D 4567 19.28 -8.56 -81.32
C LEU D 4567 18.31 -8.99 -82.44
N PHE D 4568 17.39 -8.10 -82.80
CA PHE D 4568 16.49 -8.35 -83.93
C PHE D 4568 17.29 -8.45 -85.21
N LEU D 4569 18.24 -7.53 -85.38
CA LEU D 4569 19.08 -7.48 -86.57
C LEU D 4569 19.88 -8.77 -86.69
N ALA D 4570 20.42 -9.26 -85.57
CA ALA D 4570 21.26 -10.45 -85.59
C ALA D 4570 20.43 -11.63 -86.06
N PHE D 4571 19.19 -11.74 -85.55
CA PHE D 4571 18.33 -12.84 -85.97
C PHE D 4571 18.01 -12.74 -87.45
N ALA D 4572 17.74 -11.52 -87.93
CA ALA D 4572 17.41 -11.32 -89.34
C ALA D 4572 18.57 -11.69 -90.25
N ILE D 4573 19.80 -11.32 -89.88
CA ILE D 4573 20.98 -11.65 -90.67
C ILE D 4573 21.20 -13.16 -90.69
N ASN D 4574 21.10 -13.81 -89.53
CA ASN D 4574 21.25 -15.26 -89.47
C ASN D 4574 20.18 -15.98 -90.30
N PHE D 4575 18.94 -15.48 -90.23
CA PHE D 4575 17.86 -15.99 -91.07
C PHE D 4575 18.23 -15.89 -92.55
N ILE D 4576 18.77 -14.73 -92.95
CA ILE D 4576 19.19 -14.55 -94.33
C ILE D 4576 20.33 -15.52 -94.65
N LEU D 4577 21.20 -15.77 -93.64
CA LEU D 4577 22.39 -16.58 -93.81
C LEU D 4577 22.04 -18.06 -93.92
N LEU D 4578 20.77 -18.40 -93.69
CA LEU D 4578 20.33 -19.78 -93.77
C LEU D 4578 19.94 -20.16 -95.19
N PHE D 4579 20.33 -19.35 -96.18
CA PHE D 4579 20.14 -19.62 -97.59
C PHE D 4579 21.46 -19.53 -98.35
N TYR D 4580 22.57 -19.70 -97.65
CA TYR D 4580 23.89 -19.67 -98.25
C TYR D 4580 24.24 -21.02 -98.87
N LYS D 4581 25.31 -21.03 -99.65
CA LYS D 4581 25.74 -22.24 -100.34
C LYS D 4581 27.20 -22.07 -100.74
N VAL D 4582 27.75 -23.11 -101.35
CA VAL D 4582 29.09 -23.05 -101.90
C VAL D 4582 29.13 -23.89 -103.18
N SER D 4583 29.91 -23.42 -104.16
CA SER D 4583 30.00 -24.10 -105.45
C SER D 4583 31.41 -23.96 -105.99
N ASP D 4584 31.91 -25.04 -106.59
CA ASP D 4584 33.18 -24.97 -107.30
C ASP D 4584 33.06 -24.08 -108.54
N SER D 4585 31.92 -24.14 -109.22
CA SER D 4585 31.64 -23.22 -110.30
C SER D 4585 31.33 -21.83 -109.75
N PRO D 4586 31.63 -20.77 -110.50
CA PRO D 4586 31.28 -19.43 -110.03
C PRO D 4586 29.77 -19.24 -110.06
N PRO D 4587 29.21 -18.35 -109.19
CA PRO D 4587 27.79 -17.99 -109.02
C PRO D 4587 26.90 -17.96 -110.27
N ASN D 4626 40.48 -26.39 -106.17
CA ASN D 4626 39.47 -25.57 -106.83
C ASN D 4626 39.02 -24.44 -105.92
N MET D 4627 38.90 -23.24 -106.49
CA MET D 4627 38.38 -22.10 -105.75
C MET D 4627 36.92 -22.33 -105.38
N VAL D 4628 36.61 -22.17 -104.11
CA VAL D 4628 35.25 -22.34 -103.60
C VAL D 4628 34.57 -20.97 -103.61
N TYR D 4629 33.37 -20.90 -104.16
CA TYR D 4629 32.59 -19.67 -104.14
C TYR D 4629 31.44 -19.87 -103.18
N TYR D 4630 31.33 -18.96 -102.21
CA TYR D 4630 30.24 -18.96 -101.25
C TYR D 4630 29.20 -17.98 -101.76
N PHE D 4631 28.04 -18.50 -102.14
CA PHE D 4631 27.00 -17.67 -102.75
C PHE D 4631 25.66 -17.82 -102.03
N LEU D 4632 25.06 -16.69 -101.67
CA LEU D 4632 23.72 -16.72 -101.13
C LEU D 4632 22.77 -17.07 -102.28
N GLU D 4633 21.86 -18.01 -102.05
CA GLU D 4633 20.99 -18.48 -103.12
C GLU D 4633 19.52 -18.38 -102.72
N GLU D 4634 18.77 -17.53 -103.44
CA GLU D 4634 17.33 -17.46 -103.23
C GLU D 4634 16.68 -17.00 -104.52
N SER D 4635 15.40 -17.34 -104.65
CA SER D 4635 14.65 -17.03 -105.87
C SER D 4635 14.36 -15.54 -106.02
N THR D 4636 13.94 -14.89 -104.93
CA THR D 4636 13.47 -13.49 -104.98
C THR D 4636 14.56 -12.52 -105.43
N GLY D 4637 15.79 -12.72 -104.97
CA GLY D 4637 16.88 -11.84 -105.35
C GLY D 4637 16.98 -10.55 -104.56
N TYR D 4638 16.06 -10.33 -103.61
CA TYR D 4638 16.05 -9.15 -102.78
C TYR D 4638 16.91 -9.33 -101.53
N MET D 4639 17.27 -10.57 -101.22
CA MET D 4639 17.97 -10.87 -99.98
C MET D 4639 19.39 -10.34 -99.97
N GLU D 4640 20.10 -10.38 -101.10
CA GLU D 4640 21.44 -9.77 -101.12
C GLU D 4640 21.38 -8.25 -100.87
N PRO D 4641 20.45 -7.45 -101.47
CA PRO D 4641 20.33 -6.05 -101.03
C PRO D 4641 19.98 -5.93 -99.57
N ALA D 4642 19.08 -6.81 -99.10
CA ALA D 4642 18.68 -6.82 -97.70
C ALA D 4642 19.88 -7.05 -96.80
N LEU D 4643 20.75 -7.99 -97.18
CA LEU D 4643 21.92 -8.34 -96.39
C LEU D 4643 22.87 -7.16 -96.31
N TRP D 4644 23.11 -6.52 -97.47
CA TRP D 4644 24.02 -5.37 -97.54
C TRP D 4644 23.52 -4.25 -96.61
N CYS D 4645 22.26 -3.84 -96.80
CA CYS D 4645 21.71 -2.73 -96.03
C CYS D 4645 21.62 -3.07 -94.56
N LEU D 4646 21.10 -4.26 -94.23
CA LEU D 4646 20.95 -4.67 -92.83
C LEU D 4646 22.28 -4.80 -92.11
N SER D 4647 23.34 -5.25 -92.81
CA SER D 4647 24.66 -5.30 -92.19
C SER D 4647 25.22 -3.90 -91.94
N LEU D 4648 24.99 -2.97 -92.88
CA LEU D 4648 25.42 -1.59 -92.65
C LEU D 4648 24.64 -0.96 -91.50
N LEU D 4649 23.35 -1.29 -91.41
CA LEU D 4649 22.51 -0.85 -90.31
C LEU D 4649 23.02 -1.44 -89.00
N HIS D 4650 23.40 -2.72 -89.01
CA HIS D 4650 23.82 -3.39 -87.78
C HIS D 4650 25.06 -2.74 -87.23
N THR D 4651 26.03 -2.47 -88.12
CA THR D 4651 27.28 -1.85 -87.70
C THR D 4651 27.00 -0.46 -87.11
N LEU D 4652 26.13 0.31 -87.78
CA LEU D 4652 25.79 1.64 -87.29
C LEU D 4652 25.08 1.59 -85.95
N VAL D 4653 24.13 0.66 -85.80
CA VAL D 4653 23.42 0.45 -84.54
C VAL D 4653 24.38 0.04 -83.42
N ALA D 4654 25.40 -0.75 -83.76
CA ALA D 4654 26.40 -1.15 -82.77
C ALA D 4654 27.21 0.06 -82.31
N PHE D 4655 27.56 0.94 -83.24
CA PHE D 4655 28.26 2.18 -82.88
C PHE D 4655 27.38 3.02 -81.96
N LEU D 4656 26.08 3.09 -82.28
CA LEU D 4656 25.14 3.88 -81.50
C LEU D 4656 25.02 3.31 -80.09
N CYS D 4657 25.11 1.98 -79.97
CA CYS D 4657 25.07 1.34 -78.66
C CYS D 4657 26.29 1.68 -77.81
N ILE D 4658 27.49 1.72 -78.42
CA ILE D 4658 28.67 2.10 -77.65
C ILE D 4658 28.61 3.56 -77.21
N ILE D 4659 28.15 4.45 -78.09
CA ILE D 4659 27.99 5.84 -77.68
C ILE D 4659 26.92 6.00 -76.59
N GLY D 4660 25.82 5.27 -76.69
CA GLY D 4660 24.82 5.29 -75.62
C GLY D 4660 25.38 4.79 -74.31
N TYR D 4661 26.24 3.76 -74.38
CA TYR D 4661 26.84 3.19 -73.18
C TYR D 4661 27.74 4.23 -72.51
N ASN D 4662 28.57 4.89 -73.32
CA ASN D 4662 29.50 5.89 -72.78
C ASN D 4662 28.76 7.04 -72.16
N CYS D 4663 27.67 7.49 -72.79
CA CYS D 4663 26.93 8.63 -72.26
C CYS D 4663 25.93 8.23 -71.19
N LEU D 4664 25.82 6.95 -70.85
CA LEU D 4664 24.78 6.58 -69.90
C LEU D 4664 25.31 5.78 -68.71
N LYS D 4665 25.98 4.66 -68.95
CA LYS D 4665 26.39 3.79 -67.85
C LYS D 4665 27.77 4.11 -67.31
N VAL D 4666 28.65 4.62 -68.18
CA VAL D 4666 30.00 4.98 -67.74
C VAL D 4666 30.06 6.00 -66.62
N PRO D 4667 29.27 7.12 -66.62
CA PRO D 4667 29.33 8.04 -65.47
C PRO D 4667 29.02 7.42 -64.11
N LEU D 4668 28.15 6.42 -64.05
CA LEU D 4668 27.92 5.75 -62.76
C LEU D 4668 29.13 4.93 -62.33
N VAL D 4669 29.90 4.40 -63.28
CA VAL D 4669 31.13 3.69 -62.94
C VAL D 4669 32.17 4.67 -62.42
N ILE D 4670 32.27 5.83 -63.08
CA ILE D 4670 33.22 6.86 -62.69
C ILE D 4670 32.85 7.40 -61.31
N PHE D 4671 31.55 7.57 -61.06
CA PHE D 4671 31.06 7.98 -59.76
C PHE D 4671 31.43 6.97 -58.69
N LYS D 4672 31.22 5.68 -58.99
CA LYS D 4672 31.49 4.63 -58.01
C LYS D 4672 32.96 4.58 -57.65
N ARG D 4673 33.82 4.77 -58.67
CA ARG D 4673 35.27 4.75 -58.45
C ARG D 4673 35.73 5.97 -57.66
N GLU D 4674 35.20 7.16 -57.98
CA GLU D 4674 35.57 8.34 -57.20
C GLU D 4674 35.05 8.24 -55.78
N LYS D 4675 33.85 7.69 -55.57
CA LYS D 4675 33.31 7.54 -54.23
C LYS D 4675 34.16 6.61 -53.38
N GLU D 4676 34.55 5.45 -53.94
CA GLU D 4676 35.37 4.51 -53.18
C GLU D 4676 36.75 5.11 -52.91
N LEU D 4677 37.30 5.83 -53.91
CA LEU D 4677 38.62 6.43 -53.75
C LEU D 4677 38.59 7.48 -52.65
N ALA D 4678 37.53 8.32 -52.64
CA ALA D 4678 37.42 9.38 -51.66
C ALA D 4678 37.32 8.81 -50.26
N ARG D 4679 36.58 7.70 -50.11
CA ARG D 4679 36.44 7.15 -48.76
C ARG D 4679 37.69 6.40 -48.33
N LYS D 4680 38.42 5.80 -49.28
CA LYS D 4680 39.69 5.17 -48.92
C LYS D 4680 40.73 6.22 -48.57
N LEU D 4681 40.76 7.33 -49.32
CA LEU D 4681 41.67 8.43 -49.03
C LEU D 4681 41.38 9.08 -47.68
N GLU D 4682 40.10 9.25 -47.35
CA GLU D 4682 39.79 10.01 -46.14
C GLU D 4682 39.60 9.13 -44.90
N PHE D 4683 38.75 8.12 -44.99
CA PHE D 4683 38.44 7.33 -43.81
C PHE D 4683 39.34 6.11 -43.66
N ASP D 4684 40.24 5.88 -44.60
CA ASP D 4684 41.22 4.82 -44.45
C ASP D 4684 42.67 5.30 -44.53
N GLY D 4685 42.92 6.46 -45.14
CA GLY D 4685 44.29 6.92 -45.33
C GLY D 4685 45.17 5.97 -46.13
N LEU D 4686 44.62 5.37 -47.19
CA LEU D 4686 45.32 4.29 -47.90
C LEU D 4686 46.63 4.76 -48.52
N TYR D 4687 46.58 5.81 -49.34
CA TYR D 4687 47.80 6.30 -49.97
C TYR D 4687 48.70 7.00 -48.97
N ILE D 4688 48.11 7.73 -48.01
CA ILE D 4688 48.88 8.45 -47.01
C ILE D 4688 49.68 7.50 -46.12
N THR D 4689 49.07 6.42 -45.64
CA THR D 4689 49.79 5.54 -44.72
C THR D 4689 49.94 4.11 -45.20
N GLU D 4690 48.85 3.43 -45.57
CA GLU D 4690 48.92 2.00 -45.87
C GLU D 4690 49.74 1.68 -47.12
N GLN D 4691 49.60 2.48 -48.21
CA GLN D 4691 50.28 2.28 -49.51
C GLN D 4691 49.95 0.97 -50.22
N PRO D 4692 49.18 1.03 -51.32
CA PRO D 4692 48.86 -0.16 -52.12
C PRO D 4692 50.08 -0.98 -52.48
N GLY D 4693 49.93 -2.32 -52.39
CA GLY D 4693 51.06 -3.22 -52.47
C GLY D 4693 51.83 -3.19 -53.77
N ASP D 4694 51.11 -3.26 -54.92
CA ASP D 4694 51.48 -3.29 -56.35
C ASP D 4694 50.60 -4.33 -57.05
N ASP D 4695 50.34 -5.45 -56.36
CA ASP D 4695 49.51 -6.52 -56.92
C ASP D 4695 48.09 -6.03 -57.23
N ASP D 4696 47.56 -5.13 -56.42
CA ASP D 4696 46.24 -4.58 -56.70
C ASP D 4696 46.44 -3.55 -57.81
N VAL D 4697 45.95 -3.85 -59.02
CA VAL D 4697 46.21 -2.97 -60.15
C VAL D 4697 45.33 -1.74 -60.07
N LYS D 4698 44.19 -1.85 -59.38
CA LYS D 4698 43.22 -0.76 -59.30
C LYS D 4698 43.82 0.42 -58.56
N GLY D 4699 44.50 0.16 -57.45
CA GLY D 4699 45.12 1.22 -56.67
C GLY D 4699 46.22 1.90 -57.46
N GLN D 4700 47.02 1.10 -58.19
CA GLN D 4700 48.12 1.62 -58.98
C GLN D 4700 47.61 2.55 -60.06
N TRP D 4701 46.51 2.16 -60.73
CA TRP D 4701 45.92 3.05 -61.72
C TRP D 4701 45.37 4.30 -61.06
N ASP D 4702 44.76 4.13 -59.88
CA ASP D 4702 44.15 5.24 -59.15
C ASP D 4702 45.17 6.26 -58.67
N ARG D 4703 46.45 5.88 -58.58
CA ARG D 4703 47.47 6.82 -58.09
C ARG D 4703 47.58 8.07 -58.97
N LEU D 4704 47.28 7.93 -60.27
CA LEU D 4704 47.48 9.01 -61.23
C LEU D 4704 46.43 10.11 -61.15
N VAL D 4705 45.27 9.84 -60.53
CA VAL D 4705 44.18 10.81 -60.58
C VAL D 4705 44.26 11.76 -59.39
N LEU D 4706 45.04 11.42 -58.36
CA LEU D 4706 45.08 12.18 -57.11
C LEU D 4706 45.58 13.60 -57.33
N ASN D 4707 46.62 13.78 -58.13
CA ASN D 4707 47.23 15.09 -58.27
C ASN D 4707 46.53 15.98 -59.28
N THR D 4708 45.44 15.52 -59.89
CA THR D 4708 44.78 16.28 -60.94
C THR D 4708 43.97 17.43 -60.34
N PRO D 4709 43.68 18.46 -61.13
CA PRO D 4709 42.79 19.53 -60.63
C PRO D 4709 41.34 19.13 -60.48
N SER D 4710 40.92 17.99 -61.04
CA SER D 4710 39.51 17.62 -61.02
C SER D 4710 39.38 16.14 -60.65
N PHE D 4711 39.88 15.79 -59.48
CA PHE D 4711 39.69 14.43 -58.96
C PHE D 4711 38.23 14.12 -58.62
N PRO D 4712 37.45 15.01 -57.93
CA PRO D 4712 36.03 14.68 -57.76
C PRO D 4712 35.15 15.42 -58.75
N SER D 4713 34.90 14.81 -59.91
CA SER D 4713 34.13 15.47 -60.95
C SER D 4713 32.68 15.03 -61.00
N ASN D 4714 32.40 13.76 -60.72
CA ASN D 4714 31.02 13.31 -60.70
C ASN D 4714 30.47 13.16 -59.29
N TYR D 4715 31.32 12.75 -58.34
CA TYR D 4715 30.92 12.68 -56.95
C TYR D 4715 30.68 14.08 -56.41
N TRP D 4716 29.58 14.25 -55.67
CA TRP D 4716 29.26 15.55 -55.08
C TRP D 4716 29.94 15.70 -53.73
N ASP D 4717 31.27 15.73 -53.77
CA ASP D 4717 32.09 15.94 -52.58
C ASP D 4717 33.33 16.73 -52.95
N LYS D 4718 33.12 17.98 -53.40
CA LYS D 4718 34.21 18.82 -53.89
C LYS D 4718 35.22 19.19 -52.81
N PHE D 4719 34.86 19.04 -51.53
CA PHE D 4719 35.73 19.43 -50.43
C PHE D 4719 36.58 18.27 -49.95
N VAL D 4720 36.77 17.25 -50.80
CA VAL D 4720 37.47 16.05 -50.39
C VAL D 4720 38.94 16.34 -50.13
N LYS D 4721 39.56 17.22 -50.92
CA LYS D 4721 40.98 17.54 -50.77
C LYS D 4721 41.20 18.19 -49.42
N ARG D 4722 40.31 19.13 -49.08
CA ARG D 4722 40.38 19.82 -47.80
C ARG D 4722 40.15 18.84 -46.66
N LYS D 4723 39.27 17.85 -46.85
CA LYS D 4723 38.99 16.94 -45.75
C LYS D 4723 40.14 15.96 -45.53
N VAL D 4724 40.85 15.56 -46.59
CA VAL D 4724 42.05 14.74 -46.40
C VAL D 4724 43.13 15.58 -45.71
N LEU D 4725 43.22 16.87 -46.07
CA LEU D 4725 44.18 17.76 -45.46
C LEU D 4725 43.91 17.90 -43.97
N ASP D 4726 42.65 18.05 -43.60
CA ASP D 4726 42.30 18.19 -42.20
C ASP D 4726 42.56 16.90 -41.44
N LYS D 4727 42.15 15.76 -42.03
CA LYS D 4727 42.23 14.47 -41.35
C LYS D 4727 43.66 14.02 -41.08
N HIS D 4728 44.52 14.02 -42.11
CA HIS D 4728 45.87 13.48 -41.92
C HIS D 4728 47.00 14.49 -42.14
N GLY D 4729 46.69 15.74 -42.47
CA GLY D 4729 47.74 16.71 -42.77
C GLY D 4729 48.68 16.99 -41.63
N ASP D 4730 48.16 17.09 -40.41
CA ASP D 4730 48.97 17.46 -39.25
C ASP D 4730 50.03 16.42 -38.92
N ILE D 4731 49.65 15.14 -38.90
CA ILE D 4731 50.62 14.08 -38.64
C ILE D 4731 51.56 13.88 -39.84
N PHE D 4732 51.01 13.74 -41.04
CA PHE D 4732 51.84 13.42 -42.21
C PHE D 4732 52.68 14.60 -42.67
N GLY D 4733 52.14 15.81 -42.60
CA GLY D 4733 52.78 17.00 -43.12
C GLY D 4733 51.88 17.70 -44.11
N ARG D 4734 52.28 18.92 -44.47
CA ARG D 4734 51.42 19.72 -45.33
C ARG D 4734 51.87 19.70 -46.78
N GLU D 4735 53.18 19.84 -47.01
CA GLU D 4735 53.72 19.77 -48.36
C GLU D 4735 53.50 18.40 -48.98
N ARG D 4736 53.60 17.33 -48.16
CA ARG D 4736 53.47 15.97 -48.67
C ARG D 4736 52.09 15.76 -49.28
N ILE D 4737 51.05 16.17 -48.55
CA ILE D 4737 49.68 15.99 -49.02
C ILE D 4737 49.40 16.95 -50.17
N ALA D 4738 49.94 18.18 -50.09
CA ALA D 4738 49.69 19.16 -51.13
C ALA D 4738 50.31 18.72 -52.45
N GLU D 4739 51.50 18.13 -52.38
CA GLU D 4739 52.16 17.55 -53.55
C GLU D 4739 51.38 16.36 -54.07
N LEU D 4740 50.94 15.47 -53.18
CA LEU D 4740 50.23 14.26 -53.61
C LEU D 4740 48.90 14.58 -54.28
N LEU D 4741 48.15 15.50 -53.70
CA LEU D 4741 46.81 15.84 -54.18
C LEU D 4741 46.82 17.03 -55.12
N GLY D 4742 47.99 17.58 -55.44
CA GLY D 4742 48.11 18.69 -56.37
C GLY D 4742 47.33 19.93 -55.95
N MET D 4743 47.27 20.21 -54.66
CA MET D 4743 46.58 21.37 -54.12
C MET D 4743 47.58 22.46 -53.77
N ASP D 4744 47.30 23.69 -54.19
CA ASP D 4744 48.14 24.84 -53.88
C ASP D 4744 47.79 25.33 -52.48
N LEU D 4745 48.75 25.19 -51.54
CA LEU D 4745 48.53 25.61 -50.17
C LEU D 4745 48.34 27.12 -50.05
N ALA D 4746 48.99 27.89 -50.93
CA ALA D 4746 48.85 29.34 -50.92
C ALA D 4746 47.42 29.78 -51.19
N SER D 4747 46.76 29.16 -52.16
CA SER D 4747 45.39 29.40 -52.68
C SER D 4747 44.67 30.73 -52.37
N ASP D 4772 42.74 18.25 -69.22
CA ASP D 4772 43.41 17.59 -68.11
C ASP D 4772 43.73 16.17 -68.58
N VAL D 4773 44.93 16.05 -69.17
CA VAL D 4773 45.37 14.84 -69.86
C VAL D 4773 45.42 13.65 -68.90
N LYS D 4774 45.96 13.87 -67.69
CA LYS D 4774 46.13 12.77 -66.74
C LYS D 4774 44.78 12.25 -66.29
N TYR D 4775 43.82 13.16 -66.06
CA TYR D 4775 42.49 12.76 -65.63
C TYR D 4775 41.80 11.97 -66.73
N GLN D 4776 41.88 12.46 -67.97
CA GLN D 4776 41.23 11.78 -69.09
C GLN D 4776 41.84 10.40 -69.30
N ILE D 4777 43.17 10.29 -69.16
CA ILE D 4777 43.86 9.01 -69.30
C ILE D 4777 43.37 8.03 -68.24
N TRP D 4778 43.22 8.51 -67.00
CA TRP D 4778 42.75 7.65 -65.92
C TRP D 4778 41.31 7.22 -66.19
N LYS D 4779 40.48 8.16 -66.64
CA LYS D 4779 39.07 7.89 -66.89
C LYS D 4779 38.95 6.83 -67.98
N PHE D 4780 39.72 6.99 -69.07
CA PHE D 4780 39.66 6.04 -70.17
C PHE D 4780 40.18 4.68 -69.73
N GLY D 4781 41.11 4.65 -68.78
CA GLY D 4781 41.57 3.37 -68.24
C GLY D 4781 40.46 2.66 -67.51
N VAL D 4782 39.70 3.40 -66.70
CA VAL D 4782 38.53 2.84 -66.01
C VAL D 4782 37.51 2.36 -67.04
N ILE D 4783 37.37 3.11 -68.14
CA ILE D 4783 36.45 2.73 -69.21
C ILE D 4783 36.93 1.45 -69.86
N PHE D 4784 38.24 1.30 -70.01
CA PHE D 4784 38.84 0.20 -70.74
C PHE D 4784 39.13 -0.97 -69.82
N THR D 4785 38.62 -0.92 -68.59
CA THR D 4785 38.70 -2.07 -67.70
C THR D 4785 37.31 -2.57 -67.28
N ASP D 4786 36.24 -2.04 -67.88
CA ASP D 4786 34.88 -2.42 -67.52
C ASP D 4786 34.44 -3.57 -68.40
N ASN D 4787 33.91 -4.63 -67.78
CA ASN D 4787 33.53 -5.84 -68.52
C ASN D 4787 32.47 -5.56 -69.57
N SER D 4788 31.45 -4.78 -69.22
CA SER D 4788 30.34 -4.54 -70.13
C SER D 4788 30.79 -3.73 -71.34
N PHE D 4789 31.66 -2.74 -71.11
CA PHE D 4789 32.20 -1.96 -72.22
C PHE D 4789 33.05 -2.83 -73.12
N LEU D 4790 33.81 -3.75 -72.53
CA LEU D 4790 34.68 -4.62 -73.34
C LEU D 4790 33.84 -5.56 -74.18
N TYR D 4791 32.72 -6.03 -73.61
CA TYR D 4791 31.79 -6.86 -74.35
C TYR D 4791 31.18 -6.07 -75.51
N LEU D 4792 30.81 -4.82 -75.28
CA LEU D 4792 30.22 -4.01 -76.35
C LEU D 4792 31.24 -3.73 -77.44
N GLY D 4793 32.49 -3.50 -77.05
CA GLY D 4793 33.55 -3.30 -78.02
C GLY D 4793 33.83 -4.56 -78.83
N TRP D 4794 33.72 -5.72 -78.19
CA TRP D 4794 33.84 -6.98 -78.89
C TRP D 4794 32.69 -7.17 -79.88
N TYR D 4795 31.49 -6.74 -79.49
CA TYR D 4795 30.34 -6.77 -80.39
C TYR D 4795 30.57 -5.88 -81.61
N MET D 4796 31.19 -4.72 -81.38
CA MET D 4796 31.55 -3.83 -82.48
C MET D 4796 32.61 -4.45 -83.37
N VAL D 4797 33.58 -5.13 -82.77
CA VAL D 4797 34.68 -5.72 -83.52
C VAL D 4797 34.16 -6.83 -84.43
N MET D 4798 33.31 -7.71 -83.89
CA MET D 4798 32.76 -8.78 -84.71
C MET D 4798 31.76 -8.22 -85.72
N SER D 4799 31.16 -7.06 -85.41
CA SER D 4799 30.25 -6.43 -86.36
C SER D 4799 31.04 -5.93 -87.56
N LEU D 4800 32.20 -5.34 -87.29
CA LEU D 4800 33.05 -4.82 -88.37
C LEU D 4800 33.58 -5.98 -89.19
N LEU D 4801 34.03 -7.04 -88.50
CA LEU D 4801 34.63 -8.19 -89.17
C LEU D 4801 33.62 -8.90 -90.06
N GLY D 4802 32.34 -8.90 -89.67
CA GLY D 4802 31.33 -9.59 -90.44
C GLY D 4802 31.13 -9.01 -91.83
N HIS D 4803 31.58 -7.77 -92.06
CA HIS D 4803 31.61 -7.21 -93.39
C HIS D 4803 32.64 -7.92 -94.25
N TYR D 4804 33.79 -8.24 -93.66
CA TYR D 4804 34.82 -9.02 -94.35
C TYR D 4804 34.33 -10.44 -94.65
N ASN D 4805 33.85 -11.15 -93.63
CA ASN D 4805 33.27 -12.47 -93.86
C ASN D 4805 31.90 -12.52 -93.20
N ASN D 4806 30.87 -12.85 -93.99
CA ASN D 4806 29.48 -12.78 -93.53
C ASN D 4806 29.21 -13.71 -92.36
N PHE D 4807 29.90 -14.86 -92.32
CA PHE D 4807 29.63 -15.86 -91.28
C PHE D 4807 30.07 -15.40 -89.90
N PHE D 4808 30.83 -14.30 -89.80
CA PHE D 4808 31.20 -13.71 -88.53
C PHE D 4808 30.01 -13.07 -87.83
N PHE D 4809 28.89 -12.88 -88.52
CA PHE D 4809 27.72 -12.23 -87.99
C PHE D 4809 26.83 -13.21 -87.25
N ALA D 4810 27.34 -14.42 -87.02
CA ALA D 4810 26.64 -15.44 -86.25
C ALA D 4810 27.24 -15.59 -84.87
N ALA D 4811 28.08 -14.64 -84.45
CA ALA D 4811 28.66 -14.65 -83.12
C ALA D 4811 27.91 -13.69 -82.23
N HIS D 4812 26.92 -13.01 -82.80
CA HIS D 4812 26.12 -12.00 -82.14
C HIS D 4812 24.88 -12.61 -81.53
N LEU D 4813 24.60 -13.87 -81.85
CA LEU D 4813 23.45 -14.56 -81.30
C LEU D 4813 23.60 -14.82 -79.81
N LEU D 4814 24.84 -14.85 -79.31
CA LEU D 4814 25.12 -15.12 -77.90
C LEU D 4814 24.68 -13.98 -76.99
N ASP D 4815 24.29 -12.84 -77.55
CA ASP D 4815 23.77 -11.72 -76.79
C ASP D 4815 22.44 -12.01 -76.11
N ILE D 4816 21.74 -13.08 -76.52
CA ILE D 4816 20.43 -13.43 -75.96
C ILE D 4816 20.53 -13.71 -74.47
N ALA D 4817 21.67 -14.25 -74.02
CA ALA D 4817 21.93 -14.48 -72.60
C ALA D 4817 21.91 -13.18 -71.81
N MET D 4818 22.51 -12.14 -72.36
CA MET D 4818 22.55 -10.85 -71.68
C MET D 4818 21.36 -9.98 -72.07
N GLY D 4819 20.50 -10.48 -72.93
CA GLY D 4819 19.38 -9.71 -73.44
C GLY D 4819 18.10 -10.10 -72.75
N VAL D 4820 17.92 -11.39 -72.49
CA VAL D 4820 16.74 -11.90 -71.81
C VAL D 4820 17.13 -12.22 -70.38
N LYS D 4821 16.27 -11.84 -69.44
CA LYS D 4821 16.53 -12.16 -68.04
C LYS D 4821 16.32 -13.64 -67.76
N THR D 4822 15.31 -14.25 -68.42
CA THR D 4822 14.95 -15.64 -68.17
C THR D 4822 16.10 -16.57 -68.53
N LEU D 4823 16.76 -16.30 -69.66
CA LEU D 4823 17.86 -17.12 -70.11
C LEU D 4823 18.99 -17.04 -69.09
N ARG D 4824 19.18 -15.84 -68.53
CA ARG D 4824 20.22 -15.64 -67.54
C ARG D 4824 19.94 -16.47 -66.29
N THR D 4825 18.66 -16.57 -65.87
CA THR D 4825 18.38 -17.46 -64.73
C THR D 4825 18.64 -18.92 -65.07
N ILE D 4826 18.28 -19.38 -66.28
CA ILE D 4826 18.59 -20.76 -66.64
C ILE D 4826 20.11 -21.00 -66.72
N LEU D 4827 20.84 -20.05 -67.28
CA LEU D 4827 22.29 -20.20 -67.40
C LEU D 4827 23.01 -20.04 -66.07
N SER D 4828 22.42 -19.32 -65.10
CA SER D 4828 23.03 -19.18 -63.78
C SER D 4828 23.18 -20.53 -63.08
N SER D 4829 22.27 -21.46 -63.33
CA SER D 4829 22.42 -22.81 -62.79
C SER D 4829 23.69 -23.47 -63.31
N VAL D 4830 23.98 -23.31 -64.61
CA VAL D 4830 25.20 -23.86 -65.18
C VAL D 4830 26.43 -23.16 -64.61
N THR D 4831 26.41 -21.82 -64.54
CA THR D 4831 27.60 -21.09 -64.12
C THR D 4831 27.86 -21.21 -62.63
N HIS D 4832 26.81 -21.42 -61.84
CA HIS D 4832 26.91 -21.45 -60.38
C HIS D 4832 27.85 -22.56 -59.91
N ASN D 4833 27.78 -23.73 -60.52
CA ASN D 4833 28.62 -24.87 -60.14
C ASN D 4833 29.74 -25.11 -61.14
N GLY D 4834 30.18 -24.05 -61.82
CA GLY D 4834 31.15 -24.18 -62.90
C GLY D 4834 32.49 -24.75 -62.48
N LYS D 4835 33.00 -24.34 -61.31
CA LYS D 4835 34.25 -24.88 -60.79
C LYS D 4835 34.12 -26.37 -60.53
N GLN D 4836 32.97 -26.78 -60.01
CA GLN D 4836 32.72 -28.17 -59.68
C GLN D 4836 32.64 -29.01 -60.94
N LEU D 4837 31.99 -28.47 -61.99
CA LEU D 4837 31.91 -29.19 -63.26
C LEU D 4837 33.27 -29.33 -63.90
N VAL D 4838 34.10 -28.28 -63.84
CA VAL D 4838 35.42 -28.36 -64.45
C VAL D 4838 36.26 -29.39 -63.70
N MET D 4839 36.14 -29.42 -62.37
CA MET D 4839 36.87 -30.38 -61.56
C MET D 4839 36.43 -31.82 -61.84
N THR D 4840 35.12 -32.06 -62.02
CA THR D 4840 34.73 -33.43 -62.32
C THR D 4840 35.02 -33.82 -63.77
N VAL D 4841 35.24 -32.86 -64.66
CA VAL D 4841 35.65 -33.23 -66.01
C VAL D 4841 37.14 -33.57 -66.01
N GLY D 4842 37.94 -32.82 -65.27
CA GLY D 4842 39.35 -33.17 -65.10
C GLY D 4842 39.51 -34.51 -64.40
N LEU D 4843 38.65 -34.79 -63.43
CA LEU D 4843 38.62 -36.10 -62.80
C LEU D 4843 38.26 -37.19 -63.79
N LEU D 4844 37.28 -36.93 -64.67
CA LEU D 4844 36.93 -37.90 -65.71
C LEU D 4844 38.09 -38.14 -66.66
N ALA D 4845 38.89 -37.10 -66.94
CA ALA D 4845 40.12 -37.25 -67.72
C ALA D 4845 41.13 -38.16 -67.04
N VAL D 4846 41.26 -38.02 -65.72
CA VAL D 4846 42.15 -38.88 -64.94
C VAL D 4846 41.70 -40.33 -64.99
N VAL D 4847 40.41 -40.57 -64.76
CA VAL D 4847 39.96 -41.97 -64.72
C VAL D 4847 40.00 -42.60 -66.12
N VAL D 4848 39.69 -41.84 -67.18
CA VAL D 4848 39.82 -42.36 -68.53
C VAL D 4848 41.27 -42.68 -68.84
N TYR D 4849 42.19 -41.89 -68.27
CA TYR D 4849 43.61 -42.18 -68.41
C TYR D 4849 43.97 -43.48 -67.71
N LEU D 4850 43.42 -43.71 -66.52
CA LEU D 4850 43.72 -44.95 -65.79
C LEU D 4850 43.24 -46.20 -66.52
N TYR D 4851 42.11 -46.08 -67.22
CA TYR D 4851 41.67 -47.18 -68.07
C TYR D 4851 42.55 -47.31 -69.30
N THR D 4852 42.98 -46.18 -69.87
CA THR D 4852 43.89 -46.22 -71.01
C THR D 4852 45.20 -46.92 -70.65
N VAL D 4853 45.69 -46.68 -69.44
CA VAL D 4853 46.90 -47.35 -68.95
C VAL D 4853 46.68 -48.86 -68.87
N VAL D 4854 45.53 -49.28 -68.33
CA VAL D 4854 45.27 -50.71 -68.18
C VAL D 4854 45.08 -51.39 -69.53
N ALA D 4855 44.42 -50.70 -70.46
CA ALA D 4855 44.23 -51.27 -71.80
C ALA D 4855 45.54 -51.32 -72.57
N PHE D 4856 46.37 -50.28 -72.46
CA PHE D 4856 47.63 -50.25 -73.19
C PHE D 4856 48.56 -51.34 -72.69
N ASN D 4857 48.61 -51.52 -71.38
CA ASN D 4857 49.45 -52.57 -70.79
C ASN D 4857 48.94 -53.97 -71.14
N PHE D 4858 47.62 -54.17 -71.20
CA PHE D 4858 47.13 -55.54 -71.32
C PHE D 4858 46.18 -55.86 -72.46
N PHE D 4859 45.67 -54.90 -73.22
CA PHE D 4859 44.58 -55.21 -74.14
C PHE D 4859 44.80 -54.59 -75.50
N ARG D 4860 46.04 -54.69 -76.00
CA ARG D 4860 46.40 -54.03 -77.27
C ARG D 4860 45.75 -54.71 -78.47
N LYS D 4861 45.61 -56.05 -78.41
CA LYS D 4861 45.12 -56.82 -79.55
C LYS D 4861 43.68 -56.46 -79.91
N PHE D 4862 42.86 -56.22 -78.89
CA PHE D 4862 41.42 -56.04 -79.07
C PHE D 4862 41.08 -54.82 -79.92
N TYR D 4863 41.82 -53.74 -79.76
CA TYR D 4863 41.46 -52.47 -80.41
C TYR D 4863 42.02 -52.39 -81.82
N ASN D 4864 41.55 -53.30 -82.68
CA ASN D 4864 41.85 -53.26 -84.10
C ASN D 4864 40.59 -52.79 -84.82
N LYS D 4865 40.58 -51.54 -85.27
CA LYS D 4865 39.37 -50.98 -85.83
C LYS D 4865 39.19 -51.30 -87.31
N SER D 4866 40.09 -52.09 -87.88
CA SER D 4866 40.07 -52.34 -89.32
C SER D 4866 39.61 -53.78 -89.56
N GLU D 4867 38.52 -53.91 -90.33
CA GLU D 4867 38.04 -55.23 -90.72
C GLU D 4867 39.03 -55.91 -91.67
N ASP D 4868 39.59 -55.14 -92.61
CA ASP D 4868 40.46 -55.70 -93.64
C ASP D 4868 41.82 -56.06 -93.06
N GLU D 4869 42.20 -57.33 -93.21
CA GLU D 4869 43.44 -57.84 -92.64
C GLU D 4869 44.68 -57.25 -93.29
N ASP D 4870 44.55 -56.71 -94.52
CA ASP D 4870 45.70 -56.20 -95.26
C ASP D 4870 46.33 -55.02 -94.53
N GLU D 4871 45.52 -54.12 -94.01
CA GLU D 4871 46.03 -53.03 -93.17
C GLU D 4871 45.39 -53.14 -91.80
N PRO D 4872 46.11 -53.58 -90.77
CA PRO D 4872 45.54 -53.56 -89.41
C PRO D 4872 45.62 -52.14 -88.87
N ASP D 4873 44.49 -51.62 -88.42
CA ASP D 4873 44.45 -50.32 -87.77
C ASP D 4873 44.25 -50.52 -86.29
N MET D 4874 45.33 -50.42 -85.54
CA MET D 4874 45.31 -50.64 -84.10
C MET D 4874 45.34 -49.28 -83.43
N LYS D 4875 44.35 -49.01 -82.58
CA LYS D 4875 44.23 -47.69 -81.99
C LYS D 4875 44.69 -47.67 -80.55
N CYS D 4876 45.50 -48.64 -80.14
CA CYS D 4876 46.10 -48.61 -78.81
C CYS D 4876 47.59 -48.95 -78.85
N ASP D 4877 48.27 -48.64 -79.95
CA ASP D 4877 49.69 -48.93 -80.02
C ASP D 4877 50.52 -47.69 -79.73
N ASP D 4878 49.92 -46.74 -79.04
CA ASP D 4878 50.52 -45.46 -78.69
C ASP D 4878 49.68 -44.95 -77.53
N MET D 4879 50.26 -44.10 -76.70
CA MET D 4879 49.48 -43.67 -75.57
C MET D 4879 48.72 -42.40 -75.89
N MET D 4880 49.16 -41.67 -76.92
CA MET D 4880 48.41 -40.54 -77.41
C MET D 4880 47.19 -41.04 -78.16
N THR D 4881 47.40 -42.05 -79.01
CA THR D 4881 46.31 -42.54 -79.83
C THR D 4881 45.31 -43.29 -78.98
N CYS D 4882 45.80 -44.11 -78.04
CA CYS D 4882 44.88 -44.86 -77.18
C CYS D 4882 44.10 -43.93 -76.26
N TYR D 4883 44.74 -42.86 -75.75
CA TYR D 4883 44.03 -41.88 -74.95
C TYR D 4883 42.99 -41.12 -75.76
N LEU D 4884 43.35 -40.67 -76.96
CA LEU D 4884 42.40 -40.00 -77.83
C LEU D 4884 41.23 -40.93 -78.19
N PHE D 4885 41.51 -42.22 -78.39
CA PHE D 4885 40.47 -43.19 -78.67
C PHE D 4885 39.55 -43.36 -77.48
N HIS D 4886 40.12 -43.47 -76.29
CA HIS D 4886 39.31 -43.75 -75.10
C HIS D 4886 38.48 -42.54 -74.74
N MET D 4887 39.07 -41.35 -74.83
CA MET D 4887 38.38 -40.12 -74.49
C MET D 4887 37.28 -39.81 -75.49
N TYR D 4888 37.55 -40.02 -76.78
CA TYR D 4888 36.55 -39.67 -77.77
C TYR D 4888 35.47 -40.74 -77.86
N VAL D 4889 35.83 -41.96 -78.27
CA VAL D 4889 34.82 -42.98 -78.50
C VAL D 4889 34.25 -43.55 -77.19
N GLY D 4890 35.07 -43.74 -76.14
CA GLY D 4890 34.58 -44.39 -74.94
C GLY D 4890 33.57 -43.55 -74.22
N VAL D 4891 33.87 -42.27 -74.04
CA VAL D 4891 32.92 -41.36 -73.40
C VAL D 4891 31.73 -41.13 -74.33
N ARG D 4892 31.96 -41.05 -75.64
CA ARG D 4892 30.84 -40.76 -76.52
C ARG D 4892 30.01 -41.99 -76.87
N ALA D 4893 30.34 -43.16 -76.34
CA ALA D 4893 29.59 -44.36 -76.67
C ALA D 4893 28.62 -44.69 -75.55
N GLY D 4894 27.48 -45.27 -75.92
CA GLY D 4894 26.44 -45.55 -74.96
C GLY D 4894 26.78 -46.63 -73.96
N GLY D 4895 27.59 -47.60 -74.37
CA GLY D 4895 27.84 -48.73 -73.50
C GLY D 4895 29.22 -48.81 -72.89
N GLY D 4896 30.13 -47.94 -73.34
CA GLY D 4896 31.48 -47.92 -72.82
C GLY D 4896 32.49 -48.12 -73.94
N ILE D 4897 33.56 -48.85 -73.63
CA ILE D 4897 34.54 -49.20 -74.65
C ILE D 4897 34.33 -50.62 -75.17
N GLY D 4898 33.55 -51.45 -74.45
CA GLY D 4898 33.28 -52.80 -74.89
C GLY D 4898 32.46 -52.87 -76.16
N ASP D 4899 31.58 -51.88 -76.36
CA ASP D 4899 30.80 -51.80 -77.58
C ASP D 4899 31.70 -51.51 -78.77
N GLU D 4900 32.63 -50.56 -78.59
CA GLU D 4900 33.48 -50.11 -79.69
C GLU D 4900 34.53 -51.16 -80.05
N ILE D 4901 35.09 -51.87 -79.08
CA ILE D 4901 36.21 -52.76 -79.37
C ILE D 4901 35.74 -54.17 -79.69
N GLU D 4902 36.70 -55.08 -79.88
CA GLU D 4902 36.43 -56.43 -80.30
C GLU D 4902 35.82 -57.24 -79.17
N ASP D 4903 35.13 -58.32 -79.55
CA ASP D 4903 34.46 -59.17 -78.59
C ASP D 4903 35.48 -59.88 -77.71
N PRO D 4904 35.22 -60.02 -76.41
CA PRO D 4904 36.19 -60.62 -75.51
C PRO D 4904 36.12 -62.13 -75.38
N ALA D 4905 35.20 -62.79 -76.08
CA ALA D 4905 35.01 -64.22 -75.90
C ALA D 4905 36.18 -65.01 -76.47
N GLY D 4906 36.26 -66.28 -76.06
CA GLY D 4906 37.28 -67.20 -76.53
C GLY D 4906 38.72 -66.76 -76.36
N ASP D 4907 39.10 -66.35 -75.15
CA ASP D 4907 40.46 -65.86 -74.92
C ASP D 4907 40.76 -66.04 -73.43
N GLU D 4908 42.05 -65.96 -73.10
CA GLU D 4908 42.48 -66.05 -71.70
C GLU D 4908 41.96 -64.86 -70.89
N TYR D 4909 41.99 -63.67 -71.47
CA TYR D 4909 41.67 -62.45 -70.74
C TYR D 4909 40.19 -62.08 -70.83
N GLU D 4910 39.33 -63.06 -71.11
CA GLU D 4910 37.90 -62.83 -71.23
C GLU D 4910 37.32 -62.33 -69.92
N LEU D 4911 37.66 -63.00 -68.82
CA LEU D 4911 37.14 -62.63 -67.52
C LEU D 4911 37.64 -61.26 -67.09
N TYR D 4912 38.88 -60.93 -67.45
CA TYR D 4912 39.40 -59.60 -67.17
C TYR D 4912 38.65 -58.52 -67.96
N ARG D 4913 38.36 -58.79 -69.24
CA ARG D 4913 37.61 -57.82 -70.03
C ARG D 4913 36.17 -57.65 -69.59
N VAL D 4914 35.49 -58.74 -69.22
CA VAL D 4914 34.09 -58.62 -68.78
C VAL D 4914 33.94 -57.82 -67.49
N VAL D 4915 35.02 -57.54 -66.79
CA VAL D 4915 34.98 -56.70 -65.60
C VAL D 4915 35.58 -55.34 -65.91
N PHE D 4916 36.48 -55.27 -66.90
CA PHE D 4916 37.03 -54.01 -67.37
C PHE D 4916 35.95 -53.14 -68.01
N ASP D 4917 35.13 -53.75 -68.87
CA ASP D 4917 34.08 -53.00 -69.54
C ASP D 4917 32.98 -52.57 -68.58
N ILE D 4918 32.52 -53.47 -67.71
CA ILE D 4918 31.43 -53.07 -66.82
C ILE D 4918 31.91 -52.10 -65.75
N THR D 4919 33.21 -52.08 -65.41
CA THR D 4919 33.68 -51.01 -64.53
C THR D 4919 33.69 -49.69 -65.26
N PHE D 4920 34.12 -49.70 -66.54
CA PHE D 4920 34.15 -48.49 -67.33
C PHE D 4920 32.71 -47.97 -67.51
N PHE D 4921 31.77 -48.89 -67.71
CA PHE D 4921 30.35 -48.57 -67.84
C PHE D 4921 29.82 -47.92 -66.57
N PHE D 4922 30.04 -48.55 -65.42
CA PHE D 4922 29.45 -48.05 -64.19
C PHE D 4922 30.11 -46.75 -63.76
N PHE D 4923 31.44 -46.78 -63.63
CA PHE D 4923 32.17 -45.65 -63.07
C PHE D 4923 32.19 -44.45 -64.00
N VAL D 4924 32.77 -44.62 -65.19
CA VAL D 4924 32.92 -43.50 -66.13
C VAL D 4924 31.59 -43.08 -66.76
N ILE D 4925 30.76 -44.04 -67.15
CA ILE D 4925 29.60 -43.67 -67.95
C ILE D 4925 28.38 -43.40 -67.10
N VAL D 4926 28.06 -44.29 -66.17
CA VAL D 4926 26.89 -44.08 -65.33
C VAL D 4926 27.20 -43.06 -64.23
N ILE D 4927 28.11 -43.43 -63.32
CA ILE D 4927 28.40 -42.63 -62.13
C ILE D 4927 28.92 -41.25 -62.48
N LEU D 4928 29.80 -41.15 -63.47
CA LEU D 4928 30.48 -39.89 -63.70
C LEU D 4928 29.74 -38.96 -64.64
N LEU D 4929 28.60 -39.38 -65.20
CA LEU D 4929 27.76 -38.49 -65.98
C LEU D 4929 26.46 -38.26 -65.26
N ALA D 4930 26.39 -38.70 -64.01
CA ALA D 4930 25.28 -38.46 -63.11
C ALA D 4930 25.61 -37.37 -62.11
N ILE D 4931 26.91 -37.16 -61.87
CA ILE D 4931 27.38 -36.09 -61.01
C ILE D 4931 27.12 -34.74 -61.67
N ILE D 4932 27.22 -34.69 -63.00
CA ILE D 4932 26.94 -33.45 -63.73
C ILE D 4932 25.45 -33.11 -63.65
N GLN D 4933 24.60 -34.12 -63.79
CA GLN D 4933 23.16 -33.93 -63.64
C GLN D 4933 22.82 -33.52 -62.22
N GLY D 4934 23.49 -34.12 -61.24
CA GLY D 4934 23.28 -33.75 -59.86
C GLY D 4934 23.71 -32.34 -59.56
N LEU D 4935 24.82 -31.89 -60.18
CA LEU D 4935 25.27 -30.52 -60.01
C LEU D 4935 24.28 -29.51 -60.58
N ILE D 4936 23.71 -29.80 -61.76
CA ILE D 4936 22.69 -28.90 -62.31
C ILE D 4936 21.42 -28.90 -61.48
N ILE D 4937 20.94 -30.10 -61.09
CA ILE D 4937 19.72 -30.22 -60.29
C ILE D 4937 19.89 -29.55 -58.93
N ASP D 4938 21.07 -29.76 -58.32
CA ASP D 4938 21.43 -29.10 -57.08
C ASP D 4938 21.43 -27.59 -57.26
N ALA D 4939 21.95 -27.10 -58.38
CA ALA D 4939 22.04 -25.67 -58.60
C ALA D 4939 20.64 -25.07 -58.68
N PHE D 4940 19.72 -25.77 -59.37
CA PHE D 4940 18.35 -25.29 -59.49
C PHE D 4940 17.67 -25.23 -58.14
N GLY D 4941 17.93 -26.25 -57.30
CA GLY D 4941 17.37 -26.26 -55.96
C GLY D 4941 17.94 -25.16 -55.10
N GLU D 4942 19.26 -24.96 -55.19
CA GLU D 4942 19.92 -23.95 -54.38
C GLU D 4942 19.44 -22.56 -54.75
N LEU D 4943 19.27 -22.30 -56.04
CA LEU D 4943 18.75 -21.01 -56.48
C LEU D 4943 17.30 -20.80 -56.04
N ARG D 4944 16.51 -21.89 -55.98
CA ARG D 4944 15.13 -21.74 -55.55
C ARG D 4944 15.08 -21.42 -54.06
N ASP D 4945 15.84 -22.17 -53.26
CA ASP D 4945 15.86 -21.93 -51.81
C ASP D 4945 16.40 -20.55 -51.50
N GLN D 4946 17.38 -20.07 -52.30
CA GLN D 4946 17.93 -18.74 -52.10
C GLN D 4946 16.86 -17.67 -52.29
N GLN D 4947 16.07 -17.79 -53.37
CA GLN D 4947 15.01 -16.81 -53.60
C GLN D 4947 13.93 -16.90 -52.53
N GLU D 4948 13.58 -18.12 -52.13
CA GLU D 4948 12.56 -18.32 -51.10
C GLU D 4948 13.02 -17.76 -49.76
N GLN D 4949 14.30 -17.95 -49.43
CA GLN D 4949 14.84 -17.37 -48.20
C GLN D 4949 14.83 -15.85 -48.24
N VAL D 4950 15.12 -15.25 -49.40
CA VAL D 4950 15.09 -13.79 -49.51
C VAL D 4950 13.68 -13.27 -49.29
N LYS D 4951 12.70 -13.94 -49.91
CA LYS D 4951 11.30 -13.55 -49.75
C LYS D 4951 10.84 -13.76 -48.32
N GLU D 4952 11.22 -14.87 -47.70
CA GLU D 4952 10.78 -15.19 -46.35
C GLU D 4952 11.35 -14.22 -45.33
N ASP D 4953 12.61 -13.82 -45.52
CA ASP D 4953 13.21 -12.82 -44.65
C ASP D 4953 12.53 -11.48 -44.80
N MET D 4954 12.24 -11.07 -46.03
CA MET D 4954 11.67 -9.73 -46.20
C MET D 4954 10.20 -9.72 -45.80
N GLU D 4955 9.53 -10.86 -45.88
CA GLU D 4955 8.15 -10.97 -45.41
C GLU D 4955 8.06 -11.04 -43.90
N THR D 4956 9.05 -11.62 -43.22
CA THR D 4956 8.95 -11.82 -41.78
C THR D 4956 9.84 -10.87 -40.98
N LYS D 4957 10.46 -9.88 -41.63
CA LYS D 4957 11.24 -8.92 -40.89
C LYS D 4957 11.25 -7.59 -41.63
N CYS D 4958 11.58 -6.53 -40.90
CA CYS D 4958 11.68 -5.20 -41.46
C CYS D 4958 13.14 -4.94 -41.79
N PHE D 4959 13.39 -4.40 -42.98
CA PHE D 4959 14.77 -4.22 -43.45
C PHE D 4959 15.54 -3.25 -42.57
N ILE D 4960 14.94 -2.12 -42.24
CA ILE D 4960 15.65 -1.07 -41.50
C ILE D 4960 15.91 -1.47 -40.05
N CYS D 4961 14.94 -2.06 -39.37
CA CYS D 4961 15.09 -2.27 -37.94
C CYS D 4961 15.29 -3.72 -37.53
N GLY D 4962 14.82 -4.68 -38.32
CA GLY D 4962 15.05 -6.08 -38.02
C GLY D 4962 14.09 -6.71 -37.05
N ILE D 4963 13.13 -5.95 -36.55
CA ILE D 4963 12.10 -6.51 -35.67
C ILE D 4963 11.11 -7.30 -36.51
N GLY D 4964 10.74 -8.48 -36.03
CA GLY D 4964 9.91 -9.38 -36.81
C GLY D 4964 8.49 -8.85 -36.98
N SER D 4965 7.77 -9.51 -37.89
CA SER D 4965 6.38 -9.14 -38.15
C SER D 4965 5.46 -9.44 -36.97
N ASP D 4966 5.84 -10.41 -36.13
CA ASP D 4966 5.05 -10.83 -34.97
C ASP D 4966 4.67 -9.65 -34.06
N TYR D 4967 5.64 -8.78 -33.74
CA TYR D 4967 5.37 -7.65 -32.87
C TYR D 4967 4.40 -6.66 -33.52
N PHE D 4968 4.63 -6.34 -34.79
CA PHE D 4968 3.81 -5.34 -35.47
C PHE D 4968 2.40 -5.84 -35.72
N ASP D 4969 2.27 -7.14 -36.03
CA ASP D 4969 1.00 -7.73 -36.45
C ASP D 4969 -0.05 -7.83 -35.34
N THR D 4970 0.27 -7.46 -34.10
CA THR D 4970 -0.72 -7.43 -33.04
C THR D 4970 -1.87 -6.48 -33.41
N THR D 4971 -1.53 -5.31 -33.92
CA THR D 4971 -2.55 -4.43 -34.45
C THR D 4971 -2.88 -4.90 -35.87
N PRO D 4972 -4.12 -4.68 -36.35
CA PRO D 4972 -4.45 -5.05 -37.74
C PRO D 4972 -3.59 -4.30 -38.75
N HIS D 4973 -3.03 -5.08 -39.70
CA HIS D 4973 -2.15 -4.60 -40.77
C HIS D 4973 -0.93 -3.85 -40.24
N GLY D 4974 -0.44 -4.31 -39.08
CA GLY D 4974 0.65 -3.61 -38.41
C GLY D 4974 1.94 -3.65 -39.21
N PHE D 4975 2.27 -4.81 -39.77
CA PHE D 4975 3.50 -4.96 -40.53
C PHE D 4975 3.42 -4.10 -41.79
N GLU D 4976 2.25 -4.08 -42.43
CA GLU D 4976 2.09 -3.33 -43.66
C GLU D 4976 2.28 -1.84 -43.39
N THR D 4977 1.70 -1.35 -42.28
CA THR D 4977 1.90 0.04 -41.91
C THR D 4977 3.37 0.33 -41.60
N HIS D 4978 4.03 -0.60 -40.89
CA HIS D 4978 5.42 -0.38 -40.49
C HIS D 4978 6.34 -0.32 -41.69
N THR D 4979 6.23 -1.30 -42.59
CA THR D 4979 7.13 -1.37 -43.73
C THR D 4979 6.82 -0.30 -44.76
N LEU D 4980 5.55 -0.14 -45.12
CA LEU D 4980 5.20 0.81 -46.16
C LEU D 4980 5.34 2.26 -45.69
N GLU D 4981 5.02 2.53 -44.42
CA GLU D 4981 4.96 3.90 -43.94
C GLU D 4981 6.08 4.30 -43.00
N GLU D 4982 6.19 3.64 -41.84
CA GLU D 4982 7.14 4.07 -40.81
C GLU D 4982 8.60 3.88 -41.21
N HIS D 4983 8.95 2.71 -41.71
CA HIS D 4983 10.35 2.38 -41.96
C HIS D 4983 10.64 2.11 -43.43
N ASN D 4984 9.96 2.82 -44.33
CA ASN D 4984 10.14 2.56 -45.75
C ASN D 4984 11.56 2.89 -46.22
N LEU D 4985 12.13 1.93 -46.95
CA LEU D 4985 13.46 2.11 -47.56
C LEU D 4985 13.43 3.24 -48.56
N ALA D 4986 12.33 3.34 -49.32
CA ALA D 4986 12.21 4.39 -50.32
C ALA D 4986 12.25 5.74 -49.64
N ASN D 4987 11.55 5.87 -48.50
CA ASN D 4987 11.50 7.13 -47.77
C ASN D 4987 12.88 7.50 -47.25
N TYR D 4988 13.68 6.51 -46.81
CA TYR D 4988 15.06 6.82 -46.43
C TYR D 4988 15.88 7.31 -47.63
N MET D 4989 15.70 6.68 -48.79
CA MET D 4989 16.39 7.14 -49.99
C MET D 4989 15.96 8.56 -50.36
N PHE D 4990 14.65 8.87 -50.21
CA PHE D 4990 14.17 10.20 -50.55
C PHE D 4990 14.74 11.22 -49.59
N PHE D 4991 14.90 10.81 -48.32
CA PHE D 4991 15.48 11.70 -47.32
C PHE D 4991 16.91 12.03 -47.67
N LEU D 4992 17.67 11.02 -48.10
CA LEU D 4992 19.07 11.24 -48.44
C LEU D 4992 19.17 12.15 -49.65
N MET D 4993 18.27 11.95 -50.62
CA MET D 4993 18.25 12.79 -51.82
C MET D 4993 17.93 14.22 -51.44
N TYR D 4994 16.97 14.37 -50.52
CA TYR D 4994 16.54 15.67 -50.02
C TYR D 4994 17.70 16.38 -49.34
N LEU D 4995 18.39 15.66 -48.45
CA LEU D 4995 19.54 16.20 -47.73
C LEU D 4995 20.60 16.71 -48.69
N ILE D 4996 21.05 15.85 -49.62
CA ILE D 4996 22.12 16.19 -50.55
C ILE D 4996 21.71 17.39 -51.42
N ASN D 4997 20.49 17.38 -51.95
CA ASN D 4997 20.01 18.47 -52.79
C ASN D 4997 19.88 19.77 -51.99
N LYS D 4998 19.42 19.66 -50.75
CA LYS D 4998 19.19 20.83 -49.91
C LYS D 4998 20.51 21.50 -49.52
N ASP D 4999 20.51 22.83 -49.60
CA ASP D 4999 21.66 23.61 -49.17
C ASP D 4999 21.89 23.43 -47.68
N GLU D 5000 23.16 23.24 -47.32
CA GLU D 5000 23.56 22.92 -45.95
C GLU D 5000 23.20 24.04 -44.98
N THR D 5001 23.18 25.28 -45.46
CA THR D 5001 22.86 26.45 -44.63
C THR D 5001 21.46 26.37 -44.05
N GLU D 5002 20.49 25.90 -44.82
CA GLU D 5002 19.10 25.93 -44.40
C GLU D 5002 18.67 24.64 -43.71
N HIS D 5003 19.61 23.77 -43.38
CA HIS D 5003 19.29 22.56 -42.63
C HIS D 5003 18.79 22.91 -41.24
N THR D 5004 17.78 22.19 -40.79
CA THR D 5004 17.28 22.35 -39.42
C THR D 5004 18.20 21.56 -38.49
N GLY D 5005 17.84 21.49 -37.20
CA GLY D 5005 18.72 20.87 -36.23
C GLY D 5005 18.93 19.39 -36.49
N GLN D 5006 17.83 18.65 -36.67
CA GLN D 5006 17.96 17.22 -36.85
C GLN D 5006 18.54 16.92 -38.23
N GLU D 5007 18.20 17.75 -39.22
CA GLU D 5007 18.77 17.61 -40.56
C GLU D 5007 20.28 17.76 -40.51
N SER D 5008 20.76 18.77 -39.78
CA SER D 5008 22.19 19.03 -39.68
C SER D 5008 22.87 17.89 -38.94
N TYR D 5009 22.19 17.34 -37.92
CA TYR D 5009 22.71 16.18 -37.19
C TYR D 5009 22.89 14.98 -38.12
N VAL D 5010 21.88 14.72 -38.95
CA VAL D 5010 21.94 13.56 -39.85
C VAL D 5010 23.00 13.82 -40.91
N TRP D 5011 23.06 15.04 -41.43
CA TRP D 5011 24.02 15.37 -42.49
C TRP D 5011 25.45 15.23 -41.99
N LYS D 5012 25.68 15.61 -40.74
CA LYS D 5012 27.03 15.51 -40.20
C LYS D 5012 27.36 14.05 -39.91
N MET D 5013 26.37 13.26 -39.47
CA MET D 5013 26.61 11.84 -39.23
C MET D 5013 26.88 11.11 -40.54
N TYR D 5014 26.23 11.56 -41.62
CA TYR D 5014 26.53 11.04 -42.95
C TYR D 5014 27.95 11.38 -43.34
N GLN D 5015 28.35 12.63 -43.07
CA GLN D 5015 29.66 13.10 -43.46
C GLN D 5015 30.74 12.32 -42.73
N GLU D 5016 30.48 11.94 -41.48
CA GLU D 5016 31.45 11.19 -40.69
C GLU D 5016 31.23 9.69 -40.74
N ARG D 5017 30.28 9.23 -41.57
CA ARG D 5017 29.95 7.81 -41.77
C ARG D 5017 29.57 7.11 -40.47
N CYS D 5018 28.70 7.74 -39.70
CA CYS D 5018 28.16 7.15 -38.48
C CYS D 5018 26.73 6.72 -38.74
N TRP D 5019 26.49 5.41 -38.69
CA TRP D 5019 25.20 4.84 -39.02
C TRP D 5019 24.36 4.56 -37.77
N ASP D 5020 24.65 5.28 -36.69
CA ASP D 5020 23.88 5.15 -35.46
C ASP D 5020 22.43 5.56 -35.65
N PHE D 5021 22.18 6.59 -36.47
CA PHE D 5021 20.85 7.15 -36.66
C PHE D 5021 19.82 6.11 -37.10
N PHE D 5022 20.23 5.15 -37.94
CA PHE D 5022 19.29 4.13 -38.41
C PHE D 5022 18.79 3.29 -37.24
N PRO D 5023 17.48 3.11 -37.09
CA PRO D 5023 16.95 2.35 -35.95
C PRO D 5023 17.37 0.89 -36.02
N ALA D 5024 17.98 0.41 -34.93
CA ALA D 5024 18.31 -1.00 -34.81
C ALA D 5024 17.65 -1.54 -33.56
N GLY D 5025 16.72 -2.48 -33.74
CA GLY D 5025 16.07 -3.10 -32.61
C GLY D 5025 14.98 -2.27 -31.97
N ASP D 5026 14.66 -1.11 -32.52
CA ASP D 5026 13.70 -0.22 -31.88
C ASP D 5026 12.88 0.50 -32.93
N CYS D 5027 11.74 1.03 -32.49
CA CYS D 5027 10.86 1.80 -33.35
C CYS D 5027 10.03 2.74 -32.48
N PHE D 5028 9.33 3.66 -33.16
CA PHE D 5028 8.48 4.63 -32.48
C PHE D 5028 7.39 3.94 -31.69
N ARG D 5029 6.75 2.93 -32.30
CA ARG D 5029 5.68 2.18 -31.63
C ARG D 5029 6.19 1.50 -30.37
N LYS D 5030 7.37 0.87 -30.48
CA LYS D 5030 7.92 0.12 -29.35
C LYS D 5030 8.31 1.07 -28.22
N GLN D 5031 8.97 2.18 -28.56
CA GLN D 5031 9.44 3.11 -27.54
C GLN D 5031 8.26 3.79 -26.86
N TYR D 5032 7.26 4.22 -27.63
CA TYR D 5032 6.16 4.99 -27.07
C TYR D 5032 4.91 4.13 -26.98
N GLU D 5033 5.10 2.82 -26.75
CA GLU D 5033 4.02 1.83 -26.77
C GLU D 5033 2.97 2.12 -25.71
N ASP D 5034 3.40 2.43 -24.48
CA ASP D 5034 2.48 2.59 -23.35
C ASP D 5034 1.52 3.75 -23.57
N GLN D 5035 2.05 4.89 -24.00
CA GLN D 5035 1.21 6.07 -24.25
C GLN D 5035 0.30 5.84 -25.46
N LEU D 5036 0.83 5.20 -26.51
CA LEU D 5036 0.07 4.96 -27.74
C LEU D 5036 -1.09 4.00 -27.51
N SER D 5037 -0.88 2.98 -26.69
CA SER D 5037 -1.89 1.96 -26.48
C SER D 5037 -2.60 2.15 -25.15
N GLY E 244 -112.84 59.28 -20.17
CA GLY E 244 -111.53 59.89 -20.29
C GLY E 244 -110.98 59.90 -21.70
N VAL E 245 -111.89 59.81 -22.67
CA VAL E 245 -111.53 59.79 -24.09
C VAL E 245 -112.25 60.95 -24.77
N GLU E 246 -111.54 61.62 -25.68
CA GLU E 246 -112.10 62.78 -26.37
C GLU E 246 -111.89 62.63 -27.87
N ILE E 247 -112.86 63.12 -28.64
CA ILE E 247 -112.90 62.96 -30.09
C ILE E 247 -112.93 64.34 -30.76
N GLU E 248 -112.13 64.51 -31.80
CA GLU E 248 -112.17 65.69 -32.65
C GLU E 248 -112.15 65.23 -34.10
N THR E 249 -113.25 65.48 -34.82
CA THR E 249 -113.32 65.02 -36.21
C THR E 249 -112.34 65.75 -37.11
N ILE E 250 -111.71 64.99 -38.00
CA ILE E 250 -110.76 65.51 -38.97
C ILE E 250 -111.37 65.55 -40.37
N SER E 251 -112.11 64.51 -40.72
CA SER E 251 -112.84 64.47 -41.99
C SER E 251 -114.04 63.57 -41.80
N PRO E 252 -115.20 64.16 -41.44
CA PRO E 252 -116.40 63.36 -41.15
C PRO E 252 -116.88 62.57 -42.37
N GLY E 253 -117.38 61.37 -42.11
CA GLY E 253 -117.83 60.50 -43.19
C GLY E 253 -119.32 60.35 -43.28
N ASP E 254 -119.86 59.25 -42.78
CA ASP E 254 -121.29 58.97 -42.91
C ASP E 254 -122.11 59.78 -41.92
N GLY E 255 -121.86 59.60 -40.62
CA GLY E 255 -122.67 60.21 -39.59
C GLY E 255 -123.98 59.50 -39.31
N ARG E 256 -124.24 58.38 -39.97
CA ARG E 256 -125.47 57.63 -39.81
C ARG E 256 -125.24 56.24 -39.24
N THR E 257 -124.40 55.44 -39.88
CA THR E 257 -124.18 54.05 -39.48
C THR E 257 -123.05 53.99 -38.47
N PHE E 258 -123.40 54.27 -37.21
CA PHE E 258 -122.43 54.16 -36.13
C PHE E 258 -122.14 52.69 -35.86
N PRO E 259 -120.92 52.36 -35.44
CA PRO E 259 -120.58 50.97 -35.10
C PRO E 259 -121.33 50.48 -33.86
N LYS E 260 -122.12 49.44 -34.04
CA LYS E 260 -122.91 48.84 -32.97
C LYS E 260 -122.39 47.44 -32.67
N LYS E 261 -123.00 46.82 -31.67
CA LYS E 261 -122.64 45.46 -31.27
C LYS E 261 -123.06 44.47 -32.35
N GLY E 262 -122.37 43.33 -32.38
CA GLY E 262 -122.65 42.29 -33.34
C GLY E 262 -121.92 42.43 -34.66
N GLN E 263 -121.17 43.51 -34.85
CA GLN E 263 -120.39 43.70 -36.06
C GLN E 263 -118.98 44.19 -35.72
N THR E 264 -117.98 43.67 -36.43
CA THR E 264 -116.60 44.09 -36.20
C THR E 264 -116.29 45.42 -36.90
N CYS E 265 -115.25 46.10 -36.43
CA CYS E 265 -114.85 47.39 -36.95
C CYS E 265 -113.48 47.30 -37.61
N VAL E 266 -113.34 47.93 -38.79
CA VAL E 266 -112.10 47.91 -39.56
C VAL E 266 -111.61 49.35 -39.64
N VAL E 267 -110.39 49.59 -39.14
CA VAL E 267 -109.85 50.94 -38.97
C VAL E 267 -108.39 50.96 -39.42
N HIS E 268 -107.98 52.08 -40.04
CA HIS E 268 -106.57 52.38 -40.26
C HIS E 268 -106.10 53.42 -39.25
N TYR E 269 -105.74 52.94 -38.06
CA TYR E 269 -105.35 53.87 -37.01
C TYR E 269 -103.93 54.37 -37.24
N THR E 270 -103.51 55.29 -36.36
CA THR E 270 -102.14 55.79 -36.30
C THR E 270 -101.93 56.25 -34.87
N GLY E 271 -101.27 55.43 -34.06
CA GLY E 271 -100.99 55.77 -32.68
C GLY E 271 -99.68 56.52 -32.53
N MET E 272 -99.66 57.47 -31.60
CA MET E 272 -98.45 58.28 -31.39
C MET E 272 -98.44 58.80 -29.96
N LEU E 273 -97.25 58.87 -29.39
CA LEU E 273 -97.07 59.38 -28.03
C LEU E 273 -97.30 60.88 -27.99
N GLN E 274 -97.70 61.36 -26.81
CA GLN E 274 -97.97 62.79 -26.60
C GLN E 274 -96.74 63.66 -26.78
N ASN E 275 -95.53 63.09 -26.71
CA ASN E 275 -94.29 63.82 -26.94
C ASN E 275 -93.98 64.01 -28.42
N GLY E 276 -94.94 63.75 -29.31
CA GLY E 276 -94.70 63.85 -30.73
C GLY E 276 -94.04 62.65 -31.36
N LYS E 277 -93.87 61.56 -30.61
CA LYS E 277 -93.18 60.37 -31.07
C LYS E 277 -94.20 59.32 -31.52
N LYS E 278 -94.18 58.98 -32.80
CA LYS E 278 -95.05 57.93 -33.30
C LYS E 278 -94.60 56.58 -32.77
N PHE E 279 -95.55 55.71 -32.43
CA PHE E 279 -95.23 54.37 -31.97
C PHE E 279 -95.96 53.27 -32.72
N ASP E 280 -97.04 53.56 -33.43
CA ASP E 280 -97.78 52.51 -34.10
C ASP E 280 -98.55 53.12 -35.27
N SER E 281 -98.94 52.25 -36.20
CA SER E 281 -99.73 52.61 -37.36
C SER E 281 -100.27 51.31 -37.96
N SER E 282 -101.04 51.44 -39.04
CA SER E 282 -101.56 50.28 -39.74
C SER E 282 -101.21 50.38 -41.21
N ARG E 283 -101.10 51.62 -41.70
CA ARG E 283 -100.72 51.86 -43.09
C ARG E 283 -99.29 51.43 -43.38
N ASP E 284 -98.40 51.54 -42.38
CA ASP E 284 -97.04 51.02 -42.52
C ASP E 284 -97.04 49.51 -42.75
N ARG E 285 -97.87 48.79 -42.00
CA ARG E 285 -98.08 47.37 -42.22
C ARG E 285 -98.94 47.08 -43.45
N ASN E 286 -99.56 48.11 -44.02
CA ASN E 286 -100.39 48.04 -45.23
C ASN E 286 -101.58 47.09 -45.04
N LYS E 287 -102.06 46.96 -43.82
CA LYS E 287 -103.18 46.10 -43.51
C LYS E 287 -104.12 46.82 -42.56
N PRO E 288 -105.40 46.90 -42.90
CA PRO E 288 -106.36 47.55 -41.99
C PRO E 288 -106.58 46.70 -40.74
N PHE E 289 -106.45 47.34 -39.58
CA PHE E 289 -106.60 46.63 -38.32
C PHE E 289 -108.09 46.47 -38.00
N LYS E 290 -108.54 45.23 -37.88
CA LYS E 290 -109.93 44.93 -37.56
C LYS E 290 -110.03 44.42 -36.13
N PHE E 291 -110.98 44.95 -35.38
CA PHE E 291 -111.22 44.51 -34.01
C PHE E 291 -112.70 44.27 -33.77
N ARG E 292 -112.97 43.19 -33.05
CA ARG E 292 -114.32 42.80 -32.65
C ARG E 292 -114.74 43.71 -31.50
N ILE E 293 -115.61 44.67 -31.80
CA ILE E 293 -115.98 45.67 -30.80
C ILE E 293 -116.90 45.03 -29.74
N GLY E 294 -116.75 45.49 -28.50
CA GLY E 294 -117.53 44.99 -27.39
C GLY E 294 -116.94 43.78 -26.68
N LYS E 295 -115.85 43.22 -27.17
CA LYS E 295 -115.26 42.03 -26.57
C LYS E 295 -113.94 42.33 -25.85
N GLN E 296 -113.60 43.62 -25.68
CA GLN E 296 -112.53 44.10 -24.79
C GLN E 296 -111.15 43.64 -25.23
N GLU E 297 -110.91 43.49 -26.53
CA GLU E 297 -109.55 43.16 -26.98
C GLU E 297 -108.61 44.35 -26.89
N VAL E 298 -109.12 45.55 -27.12
CA VAL E 298 -108.30 46.76 -27.08
C VAL E 298 -108.61 47.50 -25.79
N ILE E 299 -107.80 48.54 -25.52
CA ILE E 299 -108.00 49.36 -24.32
C ILE E 299 -109.31 50.13 -24.39
N LYS E 300 -109.71 50.64 -23.22
CA LYS E 300 -110.99 51.32 -23.02
C LYS E 300 -111.12 52.53 -23.93
N GLY E 301 -110.13 53.42 -23.88
CA GLY E 301 -110.21 54.67 -24.60
C GLY E 301 -110.37 54.48 -26.09
N PHE E 302 -109.57 53.56 -26.66
CA PHE E 302 -109.69 53.22 -28.08
C PHE E 302 -111.05 52.60 -28.38
N GLU E 303 -111.54 51.72 -27.51
CA GLU E 303 -112.83 51.07 -27.75
C GLU E 303 -114.00 52.06 -27.77
N GLU E 304 -114.13 52.88 -26.71
CA GLU E 304 -115.22 53.86 -26.68
C GLU E 304 -115.04 54.94 -27.74
N GLY E 305 -113.81 55.39 -27.98
CA GLY E 305 -113.56 56.35 -29.05
C GLY E 305 -113.99 55.83 -30.41
N ALA E 306 -113.58 54.60 -30.73
CA ALA E 306 -113.99 53.95 -31.98
C ALA E 306 -115.49 53.76 -32.05
N ALA E 307 -116.15 53.57 -30.91
CA ALA E 307 -117.61 53.50 -30.92
C ALA E 307 -118.26 54.87 -31.11
N GLN E 308 -117.56 55.96 -30.79
CA GLN E 308 -118.20 57.28 -30.87
C GLN E 308 -118.40 57.78 -32.31
N MET E 309 -117.41 57.65 -33.19
CA MET E 309 -117.60 58.21 -34.53
C MET E 309 -118.44 57.26 -35.39
N SER E 310 -118.51 57.52 -36.69
CA SER E 310 -119.35 56.77 -37.62
C SER E 310 -118.48 56.19 -38.73
N LEU E 311 -119.14 55.61 -39.73
CA LEU E 311 -118.46 55.03 -40.88
C LEU E 311 -117.76 56.10 -41.70
N GLY E 312 -116.55 55.77 -42.17
CA GLY E 312 -115.80 56.65 -43.04
C GLY E 312 -115.28 57.92 -42.40
N GLN E 313 -115.23 57.96 -41.07
CA GLN E 313 -114.86 59.17 -40.34
C GLN E 313 -113.45 59.04 -39.78
N ARG E 314 -112.67 60.10 -40.01
CA ARG E 314 -111.33 60.25 -39.46
C ARG E 314 -111.44 61.12 -38.21
N ALA E 315 -110.94 60.62 -37.08
CA ALA E 315 -111.06 61.33 -35.82
C ALA E 315 -109.75 61.31 -35.04
N LYS E 316 -109.57 62.35 -34.25
CA LYS E 316 -108.46 62.53 -33.32
C LYS E 316 -108.94 62.08 -31.95
N LEU E 317 -108.33 61.01 -31.43
CA LEU E 317 -108.74 60.37 -30.19
C LEU E 317 -107.69 60.67 -29.12
N THR E 318 -108.13 61.21 -28.00
CA THR E 318 -107.25 61.46 -26.86
C THR E 318 -107.67 60.54 -25.73
N CYS E 319 -106.71 59.77 -25.22
CA CYS E 319 -106.94 58.78 -24.19
C CYS E 319 -106.02 59.05 -23.00
N THR E 320 -106.62 59.23 -21.83
CA THR E 320 -105.87 59.35 -20.59
C THR E 320 -105.33 57.97 -20.19
N PRO E 321 -104.28 57.92 -19.36
CA PRO E 321 -103.83 56.63 -18.82
C PRO E 321 -104.90 55.83 -18.09
N ASP E 322 -105.92 56.50 -17.53
CA ASP E 322 -107.02 55.79 -16.89
C ASP E 322 -107.76 54.90 -17.88
N VAL E 323 -107.99 55.40 -19.10
CA VAL E 323 -108.64 54.60 -20.14
C VAL E 323 -107.61 53.93 -21.03
N ALA E 324 -106.32 54.05 -20.70
CA ALA E 324 -105.21 53.44 -21.42
C ALA E 324 -104.53 52.44 -20.49
N TYR E 325 -103.35 51.95 -20.93
CA TYR E 325 -102.56 50.99 -20.15
C TYR E 325 -102.19 51.52 -18.77
N GLY E 326 -101.92 52.82 -18.66
CA GLY E 326 -101.86 53.45 -17.35
C GLY E 326 -100.59 53.17 -16.58
N ALA E 327 -100.77 52.71 -15.34
CA ALA E 327 -99.69 52.59 -14.36
C ALA E 327 -98.61 51.60 -14.75
N THR E 328 -98.88 50.71 -15.71
CA THR E 328 -97.87 49.80 -16.21
C THR E 328 -97.40 50.13 -17.62
N GLY E 329 -98.19 50.87 -18.39
CA GLY E 329 -97.86 51.20 -19.76
C GLY E 329 -97.88 49.95 -20.64
N HIS E 330 -97.29 50.09 -21.81
CA HIS E 330 -97.06 48.94 -22.67
C HIS E 330 -95.59 48.59 -22.60
N PRO E 331 -95.22 47.41 -22.10
CA PRO E 331 -93.82 47.10 -21.76
C PRO E 331 -92.88 47.20 -22.95
N GLY E 332 -91.92 48.13 -22.83
CA GLY E 332 -90.94 48.35 -23.86
C GLY E 332 -91.39 49.20 -25.02
N VAL E 333 -92.64 49.66 -25.01
CA VAL E 333 -93.20 50.46 -26.10
C VAL E 333 -93.72 51.80 -25.60
N ILE E 334 -94.58 51.78 -24.58
CA ILE E 334 -95.19 52.98 -24.02
C ILE E 334 -94.82 53.06 -22.55
N PRO E 335 -94.26 54.18 -22.08
CA PRO E 335 -93.92 54.29 -20.66
C PRO E 335 -95.17 54.34 -19.81
N PRO E 336 -95.08 53.91 -18.54
CA PRO E 336 -96.26 53.95 -17.66
C PRO E 336 -96.78 55.36 -17.42
N ASN E 337 -98.11 55.47 -17.33
CA ASN E 337 -98.86 56.71 -17.07
C ASN E 337 -98.56 57.78 -18.11
N ALA E 338 -98.93 57.48 -19.36
CA ALA E 338 -98.76 58.40 -20.47
C ALA E 338 -100.10 58.57 -21.19
N THR E 339 -100.29 59.74 -21.79
CA THR E 339 -101.50 60.04 -22.53
C THR E 339 -101.28 59.70 -24.00
N LEU E 340 -102.29 59.09 -24.62
CA LEU E 340 -102.18 58.56 -25.97
C LEU E 340 -103.06 59.36 -26.92
N ILE E 341 -102.56 59.57 -28.13
CA ILE E 341 -103.28 60.28 -29.18
C ILE E 341 -103.30 59.40 -30.43
N PHE E 342 -104.49 59.23 -31.01
CA PHE E 342 -104.71 58.34 -32.14
C PHE E 342 -105.35 59.11 -33.29
N ASP E 343 -104.81 58.95 -34.48
CA ASP E 343 -105.46 59.42 -35.70
C ASP E 343 -106.11 58.17 -36.29
N VAL E 344 -107.43 58.05 -36.17
CA VAL E 344 -108.13 56.84 -36.56
C VAL E 344 -109.07 57.17 -37.70
N GLU E 345 -108.98 56.39 -38.77
CA GLU E 345 -109.86 56.51 -39.92
C GLU E 345 -110.64 55.20 -40.00
N LEU E 346 -111.89 55.24 -39.54
CA LEU E 346 -112.71 54.03 -39.54
C LEU E 346 -113.15 53.80 -40.99
N LEU E 347 -112.30 53.10 -41.75
CA LEU E 347 -112.58 52.93 -43.17
C LEU E 347 -113.77 52.02 -43.43
N ASN E 348 -113.96 50.97 -42.64
CA ASN E 348 -115.04 50.05 -42.98
C ASN E 348 -115.60 49.39 -41.74
N LEU E 349 -116.85 48.94 -41.87
CA LEU E 349 -117.51 48.14 -40.84
C LEU E 349 -117.78 46.78 -41.46
N GLU E 350 -117.29 45.72 -40.81
CA GLU E 350 -117.37 44.33 -41.32
C GLU E 350 -116.79 44.17 -42.71
N GLY F 244 -69.06 -79.97 74.08
CA GLY F 244 -69.61 -78.95 73.20
C GLY F 244 -69.99 -79.48 71.83
N VAL F 245 -70.24 -80.79 71.76
CA VAL F 245 -70.61 -81.45 70.52
C VAL F 245 -71.96 -82.14 70.73
N GLU F 246 -72.82 -82.06 69.72
CA GLU F 246 -74.16 -82.64 69.81
C GLU F 246 -74.43 -83.50 68.60
N ILE F 247 -75.18 -84.59 68.81
CA ILE F 247 -75.45 -85.61 67.80
C ILE F 247 -76.96 -85.72 67.59
N GLU F 248 -77.38 -85.78 66.32
CA GLU F 248 -78.76 -86.08 65.95
C GLU F 248 -78.73 -87.13 64.85
N THR F 249 -79.24 -88.33 65.15
CA THR F 249 -79.21 -89.40 64.15
C THR F 249 -80.11 -89.10 62.96
N ILE F 250 -79.60 -89.41 61.77
CA ILE F 250 -80.33 -89.23 60.53
C ILE F 250 -80.80 -90.57 59.97
N SER F 251 -79.95 -91.59 60.06
CA SER F 251 -80.32 -92.95 59.66
C SER F 251 -79.47 -93.91 60.48
N PRO F 252 -80.00 -94.37 61.64
CA PRO F 252 -79.22 -95.23 62.54
C PRO F 252 -78.85 -96.56 61.88
N GLY F 253 -77.65 -97.04 62.21
CA GLY F 253 -77.17 -98.27 61.61
C GLY F 253 -77.14 -99.45 62.56
N ASP F 254 -75.96 -99.77 63.10
CA ASP F 254 -75.82 -100.95 63.95
C ASP F 254 -76.36 -100.70 65.35
N GLY F 255 -75.80 -99.71 66.06
CA GLY F 255 -76.13 -99.48 67.44
C GLY F 255 -75.44 -100.40 68.42
N ARG F 256 -74.58 -101.29 67.95
CA ARG F 256 -73.89 -102.26 68.80
C ARG F 256 -72.39 -102.05 68.80
N THR F 257 -71.75 -102.06 67.63
CA THR F 257 -70.30 -101.98 67.53
C THR F 257 -69.88 -100.51 67.44
N PHE F 258 -69.81 -99.88 68.61
CA PHE F 258 -69.34 -98.51 68.68
C PHE F 258 -67.83 -98.47 68.42
N PRO F 259 -67.32 -97.40 67.81
CA PRO F 259 -65.88 -97.27 67.58
C PRO F 259 -65.10 -97.11 68.88
N LYS F 260 -64.20 -98.05 69.13
CA LYS F 260 -63.37 -98.07 70.33
C LYS F 260 -61.92 -97.84 69.94
N LYS F 261 -61.06 -97.77 70.96
CA LYS F 261 -59.64 -97.58 70.76
C LYS F 261 -59.02 -98.82 70.13
N GLY F 262 -57.89 -98.62 69.44
CA GLY F 262 -57.20 -99.70 68.78
C GLY F 262 -57.68 -100.00 67.37
N GLN F 263 -58.72 -99.32 66.90
CA GLN F 263 -59.20 -99.51 65.54
C GLN F 263 -59.49 -98.15 64.89
N THR F 264 -59.14 -98.02 63.61
CA THR F 264 -59.39 -96.78 62.89
C THR F 264 -60.85 -96.70 62.41
N CYS F 265 -61.30 -95.48 62.13
CA CYS F 265 -62.66 -95.22 61.71
C CYS F 265 -62.69 -94.69 60.28
N VAL F 266 -63.61 -95.20 59.46
CA VAL F 266 -63.75 -94.82 58.06
C VAL F 266 -65.12 -94.18 57.91
N VAL F 267 -65.13 -92.91 57.45
CA VAL F 267 -66.35 -92.09 57.42
C VAL F 267 -66.40 -91.33 56.10
N HIS F 268 -67.63 -91.17 55.58
CA HIS F 268 -67.89 -90.23 54.49
C HIS F 268 -68.57 -88.98 55.05
N TYR F 269 -67.76 -88.07 55.55
CA TYR F 269 -68.31 -86.88 56.18
C TYR F 269 -68.78 -85.88 55.11
N THR F 270 -69.38 -84.79 55.60
CA THR F 270 -69.76 -83.64 54.77
C THR F 270 -69.78 -82.44 55.71
N GLY F 271 -68.72 -81.64 55.68
CA GLY F 271 -68.63 -80.46 56.52
C GLY F 271 -69.23 -79.24 55.83
N MET F 272 -69.86 -78.39 56.63
CA MET F 272 -70.50 -77.19 56.08
C MET F 272 -70.59 -76.13 57.16
N LEU F 273 -70.42 -74.87 56.75
CA LEU F 273 -70.50 -73.74 57.66
C LEU F 273 -71.95 -73.51 58.11
N GLN F 274 -72.09 -72.91 59.29
CA GLN F 274 -73.40 -72.63 59.87
C GLN F 274 -74.22 -71.65 59.03
N ASN F 275 -73.58 -70.87 58.15
CA ASN F 275 -74.27 -69.96 57.25
C ASN F 275 -74.86 -70.66 56.03
N GLY F 276 -74.93 -71.99 56.03
CA GLY F 276 -75.42 -72.72 54.88
C GLY F 276 -74.42 -72.94 53.78
N LYS F 277 -73.15 -72.60 54.01
CA LYS F 277 -72.11 -72.69 53.00
C LYS F 277 -71.29 -73.96 53.22
N LYS F 278 -71.33 -74.87 52.26
CA LYS F 278 -70.52 -76.08 52.33
C LYS F 278 -69.05 -75.73 52.15
N PHE F 279 -68.18 -76.40 52.90
CA PHE F 279 -66.75 -76.19 52.78
C PHE F 279 -65.96 -77.47 52.57
N ASP F 280 -66.50 -78.64 52.88
CA ASP F 280 -65.73 -79.87 52.74
C ASP F 280 -66.69 -81.03 52.56
N SER F 281 -66.16 -82.12 52.03
CA SER F 281 -66.88 -83.37 51.82
C SER F 281 -65.84 -84.46 51.56
N SER F 282 -66.33 -85.68 51.36
CA SER F 282 -65.44 -86.79 51.03
C SER F 282 -65.95 -87.48 49.77
N ARG F 283 -67.27 -87.42 49.57
CA ARG F 283 -67.88 -87.99 48.37
C ARG F 283 -67.47 -87.26 47.10
N ASP F 284 -67.23 -85.95 47.20
CA ASP F 284 -66.69 -85.18 46.07
C ASP F 284 -65.32 -85.69 45.66
N ARG F 285 -64.46 -85.98 46.64
CA ARG F 285 -63.18 -86.61 46.38
C ARG F 285 -63.31 -88.10 46.07
N ASN F 286 -64.50 -88.67 46.28
CA ASN F 286 -64.82 -90.07 45.99
C ASN F 286 -63.94 -91.04 46.79
N LYS F 287 -63.48 -90.61 47.96
CA LYS F 287 -62.64 -91.43 48.80
C LYS F 287 -63.11 -91.31 50.24
N PRO F 288 -63.36 -92.43 50.91
CA PRO F 288 -63.77 -92.37 52.32
C PRO F 288 -62.61 -91.91 53.20
N PHE F 289 -62.88 -90.91 54.03
CA PHE F 289 -61.85 -90.37 54.91
C PHE F 289 -61.69 -91.27 56.12
N LYS F 290 -60.49 -91.81 56.32
CA LYS F 290 -60.20 -92.67 57.45
C LYS F 290 -59.31 -91.94 58.43
N PHE F 291 -59.65 -92.01 59.71
CA PHE F 291 -58.84 -91.38 60.76
C PHE F 291 -58.63 -92.35 61.92
N ARG F 292 -57.40 -92.33 62.43
CA ARG F 292 -57.00 -93.14 63.58
C ARG F 292 -57.56 -92.47 64.83
N ILE F 293 -58.62 -93.06 65.38
CA ILE F 293 -59.31 -92.44 66.51
C ILE F 293 -58.45 -92.56 67.78
N GLY F 294 -58.52 -91.53 68.63
CA GLY F 294 -57.76 -91.48 69.85
C GLY F 294 -56.37 -90.89 69.74
N LYS F 295 -55.91 -90.56 68.55
CA LYS F 295 -54.57 -90.03 68.36
C LYS F 295 -54.57 -88.55 68.00
N GLN F 296 -55.73 -87.88 68.10
CA GLN F 296 -55.87 -86.42 68.06
C GLN F 296 -55.48 -85.81 66.72
N GLU F 297 -55.70 -86.53 65.62
CA GLU F 297 -55.43 -85.93 64.31
C GLU F 297 -56.49 -84.91 63.92
N VAL F 298 -57.74 -85.13 64.31
CA VAL F 298 -58.83 -84.23 63.98
C VAL F 298 -59.18 -83.42 65.22
N ILE F 299 -60.05 -82.42 65.03
CA ILE F 299 -60.50 -81.58 66.14
C ILE F 299 -61.33 -82.38 67.14
N LYS F 300 -61.50 -81.78 68.32
CA LYS F 300 -62.17 -82.41 69.45
C LYS F 300 -63.59 -82.81 69.12
N GLY F 301 -64.38 -81.84 68.61
CA GLY F 301 -65.79 -82.07 68.38
C GLY F 301 -66.04 -83.21 67.41
N PHE F 302 -65.28 -83.23 66.30
CA PHE F 302 -65.37 -84.32 65.33
C PHE F 302 -64.95 -85.65 65.96
N GLU F 303 -63.88 -85.64 66.77
CA GLU F 303 -63.40 -86.88 67.38
C GLU F 303 -64.42 -87.49 68.34
N GLU F 304 -64.91 -86.70 69.31
CA GLU F 304 -65.90 -87.23 70.25
C GLU F 304 -67.23 -87.53 69.57
N GLY F 305 -67.66 -86.69 68.62
CA GLY F 305 -68.87 -86.98 67.87
C GLY F 305 -68.79 -88.30 67.12
N ALA F 306 -67.68 -88.52 66.41
CA ALA F 306 -67.44 -89.78 65.70
C ALA F 306 -67.38 -90.96 66.66
N ALA F 307 -66.90 -90.73 67.88
CA ALA F 307 -66.92 -91.79 68.87
C ALA F 307 -68.32 -92.06 69.43
N GLN F 308 -69.24 -91.09 69.36
CA GLN F 308 -70.56 -91.28 69.96
C GLN F 308 -71.46 -92.25 69.18
N MET F 309 -71.52 -92.13 67.85
CA MET F 309 -72.46 -93.01 67.14
C MET F 309 -71.85 -94.40 66.96
N SER F 310 -72.48 -95.24 66.14
CA SER F 310 -72.08 -96.63 65.94
C SER F 310 -71.79 -96.87 64.46
N LEU F 311 -71.57 -98.14 64.12
CA LEU F 311 -71.31 -98.54 62.74
C LEU F 311 -72.52 -98.31 61.87
N GLY F 312 -72.27 -97.83 60.64
CA GLY F 312 -73.32 -97.65 59.66
C GLY F 312 -74.32 -96.55 59.97
N GLN F 313 -73.97 -95.63 60.87
CA GLN F 313 -74.90 -94.60 61.34
C GLN F 313 -74.53 -93.26 60.73
N ARG F 314 -75.56 -92.59 60.19
CA ARG F 314 -75.47 -91.23 59.68
C ARG F 314 -75.95 -90.29 60.78
N ALA F 315 -75.11 -89.32 61.15
CA ALA F 315 -75.43 -88.40 62.23
C ALA F 315 -75.11 -86.96 61.86
N LYS F 316 -75.87 -86.06 62.48
CA LYS F 316 -75.71 -84.62 62.38
C LYS F 316 -74.91 -84.17 63.59
N LEU F 317 -73.71 -83.65 63.36
CA LEU F 317 -72.76 -83.29 64.40
C LEU F 317 -72.68 -81.77 64.48
N THR F 318 -72.89 -81.23 65.66
CA THR F 318 -72.75 -79.79 65.89
C THR F 318 -71.58 -79.57 66.82
N CYS F 319 -70.63 -78.73 66.38
CA CYS F 319 -69.40 -78.47 67.10
C CYS F 319 -69.26 -76.97 67.33
N THR F 320 -69.13 -76.58 68.60
CA THR F 320 -68.85 -75.22 68.97
C THR F 320 -67.38 -74.90 68.64
N PRO F 321 -67.03 -73.61 68.49
CA PRO F 321 -65.61 -73.25 68.33
C PRO F 321 -64.70 -73.74 69.45
N ASP F 322 -65.24 -73.93 70.67
CA ASP F 322 -64.45 -74.48 71.76
C ASP F 322 -63.92 -75.87 71.42
N VAL F 323 -64.77 -76.71 70.82
CA VAL F 323 -64.34 -78.05 70.40
C VAL F 323 -63.90 -78.05 68.96
N ALA F 324 -63.84 -76.89 68.31
CA ALA F 324 -63.40 -76.71 66.94
C ALA F 324 -62.13 -75.85 66.94
N TYR F 325 -61.73 -75.40 65.74
CA TYR F 325 -60.54 -74.56 65.57
C TYR F 325 -60.63 -73.27 66.38
N GLY F 326 -61.82 -72.69 66.48
CA GLY F 326 -62.04 -71.64 67.46
C GLY F 326 -61.47 -70.29 67.08
N ALA F 327 -60.68 -69.72 68.00
CA ALA F 327 -60.23 -68.34 67.91
C ALA F 327 -59.34 -68.05 66.72
N THR F 328 -58.77 -69.09 66.09
CA THR F 328 -57.98 -68.91 64.88
C THR F 328 -58.68 -69.41 63.63
N GLY F 329 -59.66 -70.30 63.76
CA GLY F 329 -60.36 -70.88 62.62
C GLY F 329 -59.41 -71.77 61.81
N HIS F 330 -59.85 -72.08 60.60
CA HIS F 330 -58.98 -72.75 59.64
C HIS F 330 -58.55 -71.72 58.62
N PRO F 331 -57.25 -71.42 58.52
CA PRO F 331 -56.77 -70.27 57.73
C PRO F 331 -57.16 -70.34 56.26
N GLY F 332 -57.96 -69.36 55.84
CA GLY F 332 -58.41 -69.26 54.47
C GLY F 332 -59.58 -70.15 54.11
N VAL F 333 -60.09 -70.92 55.06
CA VAL F 333 -61.20 -71.85 54.82
C VAL F 333 -62.36 -71.57 55.77
N ILE F 334 -62.10 -71.52 57.07
CA ILE F 334 -63.12 -71.31 58.09
C ILE F 334 -62.75 -70.07 58.87
N PRO F 335 -63.66 -69.09 59.01
CA PRO F 335 -63.34 -67.89 59.78
C PRO F 335 -63.20 -68.22 61.25
N PRO F 336 -62.43 -67.44 62.01
CA PRO F 336 -62.28 -67.70 63.45
C PRO F 336 -63.59 -67.57 64.22
N ASN F 337 -63.74 -68.45 65.22
CA ASN F 337 -64.90 -68.51 66.13
C ASN F 337 -66.21 -68.72 65.38
N ALA F 338 -66.30 -69.87 64.71
CA ALA F 338 -67.49 -70.26 63.97
C ALA F 338 -67.93 -71.64 64.42
N THR F 339 -69.24 -71.89 64.33
CA THR F 339 -69.81 -73.18 64.70
C THR F 339 -69.90 -74.06 63.46
N LEU F 340 -69.55 -75.33 63.62
CA LEU F 340 -69.43 -76.26 62.51
C LEU F 340 -70.51 -77.32 62.59
N ILE F 341 -71.04 -77.70 61.43
CA ILE F 341 -72.06 -78.73 61.31
C ILE F 341 -71.58 -79.77 60.30
N PHE F 342 -71.65 -81.05 60.70
CA PHE F 342 -71.15 -82.16 59.90
C PHE F 342 -72.25 -83.19 59.67
N ASP F 343 -72.41 -83.62 58.43
CA ASP F 343 -73.24 -84.76 58.11
C ASP F 343 -72.26 -85.91 57.94
N VAL F 344 -72.19 -86.82 58.92
CA VAL F 344 -71.18 -87.86 58.93
C VAL F 344 -71.89 -89.20 58.83
N GLU F 345 -71.45 -90.02 57.88
CA GLU F 345 -71.94 -91.38 57.71
C GLU F 345 -70.76 -92.31 57.97
N LEU F 346 -70.73 -92.89 59.17
CA LEU F 346 -69.63 -93.78 59.53
C LEU F 346 -69.85 -95.09 58.78
N LEU F 347 -69.35 -95.15 57.55
CA LEU F 347 -69.61 -96.31 56.71
C LEU F 347 -68.89 -97.55 57.20
N ASN F 348 -67.67 -97.43 57.71
CA ASN F 348 -66.95 -98.65 58.06
C ASN F 348 -65.99 -98.41 59.21
N LEU F 349 -65.67 -99.49 59.90
CA LEU F 349 -64.66 -99.49 60.95
C LEU F 349 -63.55 -100.42 60.47
N GLU F 350 -62.32 -99.89 60.41
CA GLU F 350 -61.14 -100.62 59.88
C GLU F 350 -61.35 -101.15 58.47
N GLY G 244 93.75 -20.54 86.25
CA GLY G 244 92.50 -21.27 86.19
C GLY G 244 92.58 -22.56 85.40
N VAL G 245 93.80 -23.10 85.31
CA VAL G 245 94.06 -24.33 84.57
C VAL G 245 94.70 -25.33 85.55
N GLU G 246 94.28 -26.59 85.45
CA GLU G 246 94.78 -27.63 86.34
C GLU G 246 95.24 -28.83 85.53
N ILE G 247 96.29 -29.48 86.02
CA ILE G 247 96.96 -30.58 85.32
C ILE G 247 96.92 -31.84 86.20
N GLU G 248 96.59 -32.98 85.59
CA GLU G 248 96.69 -34.28 86.24
C GLU G 248 97.37 -35.23 85.28
N THR G 249 98.57 -35.69 85.63
CA THR G 249 99.31 -36.58 84.73
C THR G 249 98.63 -37.93 84.57
N ILE G 250 98.61 -38.42 83.33
CA ILE G 250 98.04 -39.71 83.00
C ILE G 250 99.13 -40.73 82.70
N SER G 251 100.19 -40.31 82.01
CA SER G 251 101.35 -41.16 81.75
C SER G 251 102.55 -40.25 81.58
N PRO G 252 103.29 -39.98 82.68
CA PRO G 252 104.42 -39.05 82.62
C PRO G 252 105.53 -39.53 81.68
N GLY G 253 106.15 -38.57 81.00
CA GLY G 253 107.18 -38.90 80.04
C GLY G 253 108.58 -38.55 80.48
N ASP G 254 109.11 -37.42 79.99
CA ASP G 254 110.49 -37.05 80.29
C ASP G 254 110.62 -36.47 81.68
N GLY G 255 109.92 -35.37 81.96
CA GLY G 255 110.07 -34.65 83.20
C GLY G 255 111.28 -33.74 83.26
N ARG G 256 112.04 -33.64 82.18
CA ARG G 256 113.25 -32.82 82.13
C ARG G 256 113.14 -31.69 81.12
N THR G 257 112.85 -32.00 79.86
CA THR G 257 112.83 -31.00 78.79
C THR G 257 111.43 -30.41 78.70
N PHE G 258 111.16 -29.44 79.57
CA PHE G 258 109.90 -28.73 79.53
C PHE G 258 109.88 -27.81 78.30
N PRO G 259 108.71 -27.58 77.71
CA PRO G 259 108.60 -26.66 76.57
C PRO G 259 108.87 -25.21 76.97
N LYS G 260 109.89 -24.63 76.36
CA LYS G 260 110.31 -23.26 76.62
C LYS G 260 110.05 -22.41 75.38
N LYS G 261 110.33 -21.12 75.51
CA LYS G 261 110.18 -20.17 74.42
C LYS G 261 111.22 -20.44 73.33
N GLY G 262 110.89 -20.04 72.10
CA GLY G 262 111.78 -20.23 70.98
C GLY G 262 111.63 -21.56 70.27
N GLN G 263 110.79 -22.45 70.78
CA GLN G 263 110.54 -23.73 70.13
C GLN G 263 109.04 -24.04 70.10
N THR G 264 108.57 -24.59 68.99
CA THR G 264 107.16 -24.94 68.86
C THR G 264 106.86 -26.29 69.55
N CYS G 265 105.58 -26.49 69.87
CA CYS G 265 105.13 -27.69 70.57
C CYS G 265 104.22 -28.51 69.67
N VAL G 266 104.42 -29.83 69.66
CA VAL G 266 103.64 -30.75 68.84
C VAL G 266 102.90 -31.68 69.79
N VAL G 267 101.56 -31.68 69.69
CA VAL G 267 100.70 -32.38 70.65
C VAL G 267 99.59 -33.10 69.89
N HIS G 268 99.21 -34.28 70.40
CA HIS G 268 97.98 -34.96 69.98
C HIS G 268 96.91 -34.77 71.05
N TYR G 269 96.23 -33.64 70.99
CA TYR G 269 95.24 -33.35 72.02
C TYR G 269 93.95 -34.14 71.76
N THR G 270 93.01 -33.99 72.71
CA THR G 270 91.66 -34.52 72.58
C THR G 270 90.78 -33.63 73.45
N GLY G 271 90.06 -32.70 72.83
CA GLY G 271 89.18 -31.80 73.56
C GLY G 271 87.79 -32.39 73.70
N MET G 272 87.16 -32.12 74.85
CA MET G 272 85.82 -32.65 75.10
C MET G 272 85.11 -31.75 76.10
N LEU G 273 83.81 -31.60 75.91
CA LEU G 273 82.98 -30.79 76.80
C LEU G 273 82.81 -31.48 78.15
N GLN G 274 82.57 -30.67 79.18
CA GLN G 274 82.39 -31.17 80.54
C GLN G 274 81.16 -32.06 80.69
N ASN G 275 80.21 -31.99 79.76
CA ASN G 275 79.03 -32.85 79.76
C ASN G 275 79.31 -34.24 79.20
N GLY G 276 80.58 -34.61 79.02
CA GLY G 276 80.92 -35.89 78.43
C GLY G 276 80.87 -35.94 76.93
N LYS G 277 80.68 -34.80 76.26
CA LYS G 277 80.54 -34.73 74.82
C LYS G 277 81.87 -34.31 74.19
N LYS G 278 82.45 -35.18 73.39
CA LYS G 278 83.67 -34.85 72.68
C LYS G 278 83.38 -33.82 71.59
N PHE G 279 84.29 -32.87 71.41
CA PHE G 279 84.14 -31.87 70.36
C PHE G 279 85.34 -31.74 69.45
N ASP G 280 86.52 -32.21 69.84
CA ASP G 280 87.70 -32.04 69.01
C ASP G 280 88.70 -33.14 69.35
N SER G 281 89.62 -33.36 68.42
CA SER G 281 90.72 -34.32 68.57
C SER G 281 91.74 -34.01 67.48
N SER G 282 92.82 -34.78 67.46
CA SER G 282 93.84 -34.62 66.44
C SER G 282 94.10 -35.98 65.79
N ARG G 283 93.91 -37.04 66.57
CA ARG G 283 94.08 -38.40 66.06
C ARG G 283 93.04 -38.75 65.01
N ASP G 284 91.83 -38.20 65.13
CA ASP G 284 90.80 -38.37 64.10
C ASP G 284 91.25 -37.78 62.77
N ARG G 285 91.86 -36.59 62.81
CA ARG G 285 92.46 -35.98 61.64
C ARG G 285 93.79 -36.64 61.26
N ASN G 286 94.32 -37.50 62.13
CA ASN G 286 95.56 -38.26 61.92
C ASN G 286 96.76 -37.33 61.70
N LYS G 287 96.72 -36.14 62.28
CA LYS G 287 97.79 -35.18 62.14
C LYS G 287 98.07 -34.54 63.50
N PRO G 288 99.32 -34.56 63.95
CA PRO G 288 99.64 -33.92 65.24
C PRO G 288 99.53 -32.41 65.13
N PHE G 289 98.79 -31.81 66.07
CA PHE G 289 98.59 -30.37 66.06
C PHE G 289 99.81 -29.68 66.65
N LYS G 290 100.45 -28.82 65.87
CA LYS G 290 101.62 -28.08 66.31
C LYS G 290 101.25 -26.62 66.50
N PHE G 291 101.67 -26.05 67.62
CA PHE G 291 101.42 -24.64 67.91
C PHE G 291 102.69 -23.96 68.41
N ARG G 292 102.89 -22.74 67.91
CA ARG G 292 104.01 -21.89 68.30
C ARG G 292 103.71 -21.32 69.69
N ILE G 293 104.37 -21.86 70.70
CA ILE G 293 104.06 -21.47 72.08
C ILE G 293 104.59 -20.06 72.35
N GLY G 294 103.85 -19.30 73.17
CA GLY G 294 104.20 -17.95 73.51
C GLY G 294 103.68 -16.88 72.57
N LYS G 295 103.05 -17.25 71.47
CA LYS G 295 102.57 -16.28 70.50
C LYS G 295 101.05 -16.16 70.50
N GLN G 296 100.37 -16.77 71.49
CA GLN G 296 98.95 -16.54 71.80
C GLN G 296 98.01 -16.99 70.70
N GLU G 297 98.36 -18.04 69.95
CA GLU G 297 97.43 -18.56 68.95
C GLU G 297 96.28 -19.33 69.58
N VAL G 298 96.54 -20.02 70.68
CA VAL G 298 95.51 -20.80 71.36
C VAL G 298 95.08 -20.06 72.61
N ILE G 299 94.02 -20.56 73.25
CA ILE G 299 93.51 -19.96 74.48
C ILE G 299 94.51 -20.10 75.62
N LYS G 300 94.26 -19.30 76.67
CA LYS G 300 95.16 -19.20 77.82
C LYS G 300 95.35 -20.53 78.50
N GLY G 301 94.24 -21.19 78.86
CA GLY G 301 94.31 -22.42 79.63
C GLY G 301 95.11 -23.50 78.93
N PHE G 302 94.84 -23.68 77.62
CA PHE G 302 95.60 -24.64 76.83
C PHE G 302 97.08 -24.25 76.75
N GLU G 303 97.37 -22.96 76.58
CA GLU G 303 98.76 -22.51 76.47
C GLU G 303 99.56 -22.76 77.74
N GLU G 304 99.06 -22.29 78.90
CA GLU G 304 99.77 -22.52 80.15
C GLU G 304 99.79 -23.99 80.55
N GLY G 305 98.69 -24.71 80.32
CA GLY G 305 98.67 -26.15 80.58
C GLY G 305 99.73 -26.89 79.78
N ALA G 306 99.79 -26.61 78.47
CA ALA G 306 100.81 -27.21 77.60
C ALA G 306 102.21 -26.81 78.03
N ALA G 307 102.38 -25.62 78.59
CA ALA G 307 103.68 -25.24 79.12
C ALA G 307 104.02 -25.96 80.43
N GLN G 308 103.01 -26.42 81.18
CA GLN G 308 103.29 -27.03 82.49
C GLN G 308 103.93 -28.41 82.40
N MET G 309 103.44 -29.30 81.54
CA MET G 309 104.01 -30.65 81.54
C MET G 309 105.33 -30.67 80.75
N SER G 310 105.86 -31.85 80.47
CA SER G 310 107.15 -32.03 79.82
C SER G 310 106.97 -32.85 78.54
N LEU G 311 108.10 -33.21 77.94
CA LEU G 311 108.10 -34.02 76.72
C LEU G 311 107.56 -35.41 76.99
N GLY G 312 106.76 -35.92 76.04
CA GLY G 312 106.24 -37.27 76.11
C GLY G 312 105.23 -37.51 77.20
N GLN G 313 104.63 -36.46 77.75
CA GLN G 313 103.73 -36.57 78.89
C GLN G 313 102.29 -36.38 78.44
N ARG G 314 101.43 -37.31 78.89
CA ARG G 314 99.99 -37.25 78.70
C ARG G 314 99.38 -36.65 79.96
N ALA G 315 98.61 -35.57 79.80
CA ALA G 315 98.03 -34.88 80.94
C ALA G 315 96.56 -34.54 80.70
N LYS G 316 95.83 -34.47 81.82
CA LYS G 316 94.44 -34.07 81.87
C LYS G 316 94.41 -32.60 82.24
N LEU G 317 93.91 -31.76 81.33
CA LEU G 317 93.92 -30.31 81.47
C LEU G 317 92.50 -29.84 81.72
N THR G 318 92.30 -29.09 82.79
CA THR G 318 91.01 -28.49 83.10
C THR G 318 91.14 -26.99 82.97
N CYS G 319 90.26 -26.40 82.16
CA CYS G 319 90.29 -24.98 81.84
C CYS G 319 88.93 -24.37 82.17
N THR G 320 88.94 -23.35 83.04
CA THR G 320 87.75 -22.58 83.33
C THR G 320 87.44 -21.66 82.14
N PRO G 321 86.18 -21.20 82.00
CA PRO G 321 85.88 -20.20 80.97
C PRO G 321 86.72 -18.93 81.04
N ASP G 322 87.23 -18.57 82.23
CA ASP G 322 88.11 -17.42 82.35
C ASP G 322 89.38 -17.59 81.52
N VAL G 323 89.95 -18.80 81.54
CA VAL G 323 91.13 -19.09 80.73
C VAL G 323 90.75 -19.71 79.41
N ALA G 324 89.45 -19.81 79.11
CA ALA G 324 88.91 -20.34 77.87
C ALA G 324 88.16 -19.23 77.15
N TYR G 325 87.41 -19.62 76.09
CA TYR G 325 86.63 -18.67 75.30
C TYR G 325 85.62 -17.89 76.14
N GLY G 326 85.03 -18.54 77.14
CA GLY G 326 84.30 -17.81 78.16
C GLY G 326 82.93 -17.33 77.72
N ALA G 327 82.70 -16.02 77.92
CA ALA G 327 81.37 -15.42 77.78
C ALA G 327 80.81 -15.49 76.37
N THR G 328 81.65 -15.74 75.36
CA THR G 328 81.18 -15.92 74.00
C THR G 328 81.25 -17.36 73.52
N GLY G 329 82.08 -18.19 74.14
CA GLY G 329 82.27 -19.57 73.72
C GLY G 329 82.94 -19.64 72.35
N HIS G 330 82.86 -20.82 71.75
CA HIS G 330 83.28 -20.98 70.37
C HIS G 330 82.03 -21.09 69.52
N PRO G 331 81.79 -20.15 68.61
CA PRO G 331 80.48 -20.04 67.92
C PRO G 331 80.11 -21.30 67.14
N GLY G 332 79.00 -21.91 67.57
CA GLY G 332 78.49 -23.10 66.94
C GLY G 332 79.16 -24.39 67.35
N VAL G 333 80.15 -24.32 68.24
CA VAL G 333 80.90 -25.50 68.68
C VAL G 333 80.84 -25.65 70.20
N ILE G 334 81.18 -24.60 70.93
CA ILE G 334 81.22 -24.63 72.39
C ILE G 334 80.27 -23.55 72.90
N PRO G 335 79.33 -23.87 73.78
CA PRO G 335 78.42 -22.85 74.30
C PRO G 335 79.17 -21.87 75.19
N PRO G 336 78.69 -20.63 75.31
CA PRO G 336 79.36 -19.65 76.18
C PRO G 336 79.38 -20.06 77.64
N ASN G 337 80.50 -19.72 78.31
CA ASN G 337 80.76 -19.97 79.73
C ASN G 337 80.66 -21.46 80.08
N ALA G 338 81.56 -22.24 79.48
CA ALA G 338 81.65 -23.67 79.72
C ALA G 338 83.08 -24.03 80.10
N THR G 339 83.21 -25.09 80.90
CA THR G 339 84.51 -25.56 81.35
C THR G 339 85.00 -26.65 80.39
N LEU G 340 86.28 -26.60 80.05
CA LEU G 340 86.86 -27.46 79.03
C LEU G 340 87.83 -28.44 79.65
N ILE G 341 87.82 -29.67 79.14
CA ILE G 341 88.72 -30.73 79.59
C ILE G 341 89.45 -31.29 78.38
N PHE G 342 90.78 -31.39 78.48
CA PHE G 342 91.64 -31.82 77.39
C PHE G 342 92.49 -33.01 77.82
N ASP G 343 92.53 -34.03 76.99
CA ASP G 343 93.48 -35.12 77.15
C ASP G 343 94.59 -34.81 76.15
N VAL G 344 95.74 -34.33 76.63
CA VAL G 344 96.80 -33.85 75.76
C VAL G 344 98.02 -34.74 75.96
N GLU G 345 98.55 -35.25 74.85
CA GLU G 345 99.77 -36.04 74.84
C GLU G 345 100.80 -35.24 74.05
N LEU G 346 101.71 -34.58 74.78
CA LEU G 346 102.72 -33.77 74.11
C LEU G 346 103.75 -34.73 73.52
N LEU G 347 103.47 -35.19 72.30
CA LEU G 347 104.33 -36.21 71.70
C LEU G 347 105.70 -35.66 71.33
N ASN G 348 105.80 -34.42 70.86
CA ASN G 348 107.12 -33.98 70.41
C ASN G 348 107.27 -32.48 70.58
N LEU G 349 108.52 -32.06 70.66
CA LEU G 349 108.88 -30.64 70.69
C LEU G 349 109.70 -30.38 69.44
N GLU G 350 109.25 -29.41 68.63
CA GLU G 350 109.86 -29.09 67.31
C GLU G 350 109.95 -30.29 66.38
N GLY H 244 49.98 118.70 -8.00
CA GLY H 244 50.58 117.58 -7.30
C GLY H 244 51.59 116.82 -8.13
N VAL H 245 52.15 117.50 -9.13
CA VAL H 245 53.14 116.91 -10.03
C VAL H 245 54.41 117.76 -9.96
N GLU H 246 55.55 117.10 -9.95
CA GLU H 246 56.83 117.79 -9.85
C GLU H 246 57.77 117.30 -10.94
N ILE H 247 58.60 118.22 -11.44
CA ILE H 247 59.50 117.97 -12.57
C ILE H 247 60.95 118.22 -12.14
N GLU H 248 61.84 117.31 -12.53
CA GLU H 248 63.28 117.49 -12.36
C GLU H 248 63.95 117.13 -13.68
N THR H 249 64.56 118.11 -14.34
CA THR H 249 65.19 117.84 -15.63
C THR H 249 66.40 116.92 -15.50
N ILE H 250 66.51 115.98 -16.44
CA ILE H 250 67.61 115.04 -16.51
C ILE H 250 68.57 115.39 -17.63
N SER H 251 68.02 115.80 -18.78
CA SER H 251 68.83 116.26 -19.90
C SER H 251 67.98 117.23 -20.71
N PRO H 252 68.09 118.54 -20.40
CA PRO H 252 67.24 119.54 -21.07
C PRO H 252 67.50 119.61 -22.57
N GLY H 253 66.42 119.84 -23.32
CA GLY H 253 66.52 119.87 -24.77
C GLY H 253 66.39 121.25 -25.36
N ASP H 254 65.21 121.58 -25.88
CA ASP H 254 65.02 122.86 -26.57
C ASP H 254 64.87 124.01 -25.59
N GLY H 255 63.86 123.95 -24.72
CA GLY H 255 63.53 125.04 -23.83
C GLY H 255 62.75 126.16 -24.48
N ARG H 256 62.39 126.03 -25.75
CA ARG H 256 61.66 127.06 -26.48
C ARG H 256 60.28 126.60 -26.92
N THR H 257 60.20 125.49 -27.65
CA THR H 257 58.94 125.02 -28.22
C THR H 257 58.26 124.10 -27.21
N PHE H 258 57.57 124.71 -26.26
CA PHE H 258 56.80 123.94 -25.29
C PHE H 258 55.57 123.35 -25.98
N PRO H 259 55.11 122.18 -25.54
CA PRO H 259 53.90 121.58 -26.11
C PRO H 259 52.65 122.38 -25.78
N LYS H 260 51.97 122.86 -26.81
CA LYS H 260 50.76 123.65 -26.68
C LYS H 260 49.58 122.87 -27.23
N LYS H 261 48.40 123.47 -27.11
CA LYS H 261 47.17 122.87 -27.62
C LYS H 261 47.18 122.84 -29.14
N GLY H 262 46.42 121.91 -29.71
CA GLY H 262 46.33 121.76 -31.14
C GLY H 262 47.39 120.88 -31.76
N GLN H 263 48.34 120.38 -30.97
CA GLN H 263 49.36 119.48 -31.47
C GLN H 263 49.55 118.31 -30.50
N THR H 264 49.73 117.11 -31.05
CA THR H 264 49.95 115.93 -30.22
C THR H 264 51.42 115.84 -29.76
N CYS H 265 51.63 115.08 -28.68
CA CYS H 265 52.95 114.92 -28.09
C CYS H 265 53.42 113.49 -28.22
N VAL H 266 54.69 113.30 -28.59
CA VAL H 266 55.29 111.98 -28.78
C VAL H 266 56.41 111.85 -27.76
N VAL H 267 56.30 110.82 -26.90
CA VAL H 267 57.19 110.66 -25.75
C VAL H 267 57.60 109.19 -25.63
N HIS H 268 58.86 108.97 -25.21
CA HIS H 268 59.31 107.65 -24.77
C HIS H 268 59.38 107.63 -23.24
N TYR H 269 58.24 107.37 -22.63
CA TYR H 269 58.20 107.40 -21.17
C TYR H 269 58.81 106.12 -20.59
N THR H 270 58.88 106.09 -19.25
CA THR H 270 59.28 104.91 -18.49
C THR H 270 58.63 105.06 -17.12
N GLY H 271 57.52 104.37 -16.91
CA GLY H 271 56.81 104.42 -15.63
C GLY H 271 57.33 103.37 -14.66
N MET H 272 57.37 103.74 -13.39
CA MET H 272 57.87 102.81 -12.37
C MET H 272 57.26 103.17 -11.02
N LEU H 273 56.98 102.15 -10.23
CA LEU H 273 56.42 102.33 -8.89
C LEU H 273 57.46 102.92 -7.95
N GLN H 274 56.96 103.61 -6.92
CA GLN H 274 57.82 104.25 -5.92
C GLN H 274 58.65 103.25 -5.12
N ASN H 275 58.26 101.97 -5.10
CA ASN H 275 59.01 100.92 -4.43
C ASN H 275 60.20 100.42 -5.25
N GLY H 276 60.57 101.13 -6.32
CA GLY H 276 61.64 100.68 -7.19
C GLY H 276 61.25 99.65 -8.21
N LYS H 277 59.96 99.36 -8.36
CA LYS H 277 59.47 98.33 -9.26
C LYS H 277 58.96 98.98 -10.55
N LYS H 278 59.61 98.66 -11.67
CA LYS H 278 59.15 99.16 -12.95
C LYS H 278 57.83 98.49 -13.33
N PHE H 279 56.92 99.25 -13.93
CA PHE H 279 55.66 98.69 -14.39
C PHE H 279 55.34 99.00 -15.84
N ASP H 280 55.98 99.99 -16.47
CA ASP H 280 55.64 100.33 -17.84
C ASP H 280 56.84 101.01 -18.48
N SER H 281 56.85 101.01 -19.80
CA SER H 281 57.87 101.67 -20.62
C SER H 281 57.32 101.76 -22.04
N SER H 282 58.11 102.35 -22.93
CA SER H 282 57.73 102.45 -24.33
C SER H 282 58.85 101.89 -25.20
N ARG H 283 60.08 102.00 -24.69
CA ARG H 283 61.24 101.46 -25.40
C ARG H 283 61.21 99.94 -25.47
N ASP H 284 60.65 99.29 -24.45
CA ASP H 284 60.46 97.83 -24.49
C ASP H 284 59.53 97.43 -25.64
N ARG H 285 58.45 98.18 -25.83
CA ARG H 285 57.56 98.00 -26.97
C ARG H 285 58.16 98.54 -28.26
N ASN H 286 59.26 99.29 -28.17
CA ASN H 286 60.00 99.86 -29.30
C ASN H 286 59.12 100.80 -30.13
N LYS H 287 58.14 101.44 -29.50
CA LYS H 287 57.25 102.35 -30.17
C LYS H 287 57.05 103.59 -29.30
N PRO H 288 57.27 104.78 -29.85
CA PRO H 288 57.05 106.00 -29.07
C PRO H 288 55.56 106.21 -28.81
N PHE H 289 55.23 106.44 -27.55
CA PHE H 289 53.83 106.63 -27.17
C PHE H 289 53.41 108.06 -27.48
N LYS H 290 52.41 108.22 -28.33
CA LYS H 290 51.89 109.52 -28.71
C LYS H 290 50.53 109.74 -28.07
N PHE H 291 50.33 110.91 -27.47
CA PHE H 291 49.05 111.26 -26.86
C PHE H 291 48.62 112.66 -27.28
N ARG H 292 47.33 112.78 -27.56
CA ARG H 292 46.69 114.04 -27.92
C ARG H 292 46.53 114.86 -26.64
N ILE H 293 47.37 115.87 -26.48
CA ILE H 293 47.38 116.64 -25.23
C ILE H 293 46.14 117.53 -25.17
N GLY H 294 45.61 117.72 -23.96
CA GLY H 294 44.44 118.52 -23.73
C GLY H 294 43.11 117.79 -23.85
N LYS H 295 43.12 116.53 -24.25
CA LYS H 295 41.88 115.78 -24.43
C LYS H 295 41.67 114.72 -23.35
N GLN H 296 42.50 114.73 -22.30
CA GLN H 296 42.29 113.97 -21.05
C GLN H 296 42.34 112.47 -21.25
N GLU H 297 43.15 111.98 -22.19
CA GLU H 297 43.31 110.53 -22.34
C GLU H 297 44.16 109.93 -21.23
N VAL H 298 45.15 110.67 -20.75
CA VAL H 298 46.03 110.18 -19.70
C VAL H 298 45.66 110.87 -18.40
N ILE H 299 46.26 110.40 -17.30
CA ILE H 299 46.01 110.99 -15.98
C ILE H 299 46.53 112.41 -15.91
N LYS H 300 46.07 113.12 -14.86
CA LYS H 300 46.34 114.54 -14.66
C LYS H 300 47.83 114.80 -14.54
N GLY H 301 48.50 114.07 -13.63
CA GLY H 301 49.89 114.33 -13.35
C GLY H 301 50.78 114.18 -14.57
N PHE H 302 50.56 113.10 -15.34
CA PHE H 302 51.28 112.90 -16.58
C PHE H 302 50.98 114.00 -17.59
N GLU H 303 49.71 114.41 -17.70
CA GLU H 303 49.33 115.44 -18.66
C GLU H 303 49.99 116.79 -18.37
N GLU H 304 49.84 117.29 -17.13
CA GLU H 304 50.46 118.57 -16.78
C GLU H 304 51.98 118.49 -16.77
N GLY H 305 52.54 117.37 -16.29
CA GLY H 305 53.99 117.19 -16.33
C GLY H 305 54.53 117.24 -17.75
N ALA H 306 53.89 116.50 -18.66
CA ALA H 306 54.26 116.52 -20.08
C ALA H 306 54.10 117.90 -20.69
N ALA H 307 53.13 118.68 -20.20
CA ALA H 307 53.00 120.05 -20.68
C ALA H 307 54.07 120.98 -20.11
N GLN H 308 54.68 120.63 -18.96
CA GLN H 308 55.65 121.53 -18.34
C GLN H 308 56.99 121.61 -19.09
N MET H 309 57.56 120.48 -19.50
CA MET H 309 58.88 120.56 -20.13
C MET H 309 58.74 121.00 -21.59
N SER H 310 59.83 120.91 -22.36
CA SER H 310 59.88 121.37 -23.74
C SER H 310 60.29 120.21 -24.65
N LEU H 311 60.53 120.53 -25.92
CA LEU H 311 60.95 119.55 -26.90
C LEU H 311 62.33 119.00 -26.58
N GLY H 312 62.48 117.68 -26.77
CA GLY H 312 63.77 117.03 -26.59
C GLY H 312 64.26 116.95 -25.17
N GLN H 313 63.37 117.14 -24.19
CA GLN H 313 63.76 117.20 -22.79
C GLN H 313 63.36 115.92 -22.07
N ARG H 314 64.33 115.38 -21.32
CA ARG H 314 64.13 114.23 -20.44
C ARG H 314 63.89 114.76 -19.03
N ALA H 315 62.77 114.36 -18.42
CA ALA H 315 62.40 114.85 -17.11
C ALA H 315 61.92 113.72 -16.21
N LYS H 316 62.13 113.94 -14.91
CA LYS H 316 61.68 113.08 -13.83
C LYS H 316 60.38 113.66 -13.30
N LEU H 317 59.29 112.90 -13.45
CA LEU H 317 57.95 113.35 -13.12
C LEU H 317 57.48 112.61 -11.88
N THR H 318 57.06 113.35 -10.87
CA THR H 318 56.51 112.76 -9.65
C THR H 318 55.04 113.13 -9.58
N CYS H 319 54.19 112.11 -9.44
CA CYS H 319 52.74 112.27 -9.44
C CYS H 319 52.17 111.65 -8.17
N THR H 320 51.46 112.46 -7.39
CA THR H 320 50.73 111.99 -6.24
C THR H 320 49.49 111.21 -6.70
N PRO H 321 48.94 110.33 -5.84
CA PRO H 321 47.66 109.68 -6.19
C PRO H 321 46.52 110.64 -6.50
N ASP H 322 46.55 111.87 -5.96
CA ASP H 322 45.54 112.86 -6.30
C ASP H 322 45.54 113.18 -7.79
N VAL H 323 46.73 113.32 -8.37
CA VAL H 323 46.84 113.57 -9.81
C VAL H 323 47.03 112.27 -10.58
N ALA H 324 46.97 111.13 -9.90
CA ALA H 324 47.09 109.80 -10.48
C ALA H 324 45.77 109.06 -10.29
N TYR H 325 45.79 107.74 -10.57
CA TYR H 325 44.61 106.89 -10.42
C TYR H 325 44.05 106.90 -9.00
N GLY H 326 44.93 106.97 -8.00
CA GLY H 326 44.48 107.28 -6.66
C GLY H 326 43.81 106.13 -5.94
N ALA H 327 42.61 106.41 -5.42
CA ALA H 327 41.92 105.51 -4.50
C ALA H 327 41.54 104.17 -5.11
N THR H 328 41.54 104.05 -6.43
CA THR H 328 41.29 102.79 -7.09
C THR H 328 42.53 102.18 -7.72
N GLY H 329 43.56 102.98 -8.01
CA GLY H 329 44.77 102.51 -8.66
C GLY H 329 44.48 102.08 -10.10
N HIS H 330 45.42 101.35 -10.66
CA HIS H 330 45.20 100.71 -11.95
C HIS H 330 44.99 99.23 -11.69
N PRO H 331 43.82 98.68 -12.01
CA PRO H 331 43.44 97.32 -11.57
C PRO H 331 44.39 96.25 -12.06
N GLY H 332 45.04 95.58 -11.10
CA GLY H 332 45.96 94.52 -11.39
C GLY H 332 47.35 94.95 -11.79
N VAL H 333 47.60 96.26 -11.84
CA VAL H 333 48.90 96.81 -12.24
C VAL H 333 49.48 97.71 -11.17
N ILE H 334 48.71 98.70 -10.71
CA ILE H 334 49.15 99.67 -9.72
C ILE H 334 48.21 99.58 -8.53
N PRO H 335 48.72 99.40 -7.31
CA PRO H 335 47.84 99.33 -6.14
C PRO H 335 47.21 100.68 -5.87
N PRO H 336 46.03 100.72 -5.24
CA PRO H 336 45.38 102.00 -4.94
C PRO H 336 46.19 102.87 -4.00
N ASN H 337 46.13 104.19 -4.25
CA ASN H 337 46.80 105.25 -3.47
C ASN H 337 48.31 105.04 -3.41
N ALA H 338 48.93 105.11 -4.59
CA ALA H 338 50.37 104.99 -4.72
C ALA H 338 50.92 106.18 -5.50
N THR H 339 52.16 106.54 -5.21
CA THR H 339 52.82 107.65 -5.89
C THR H 339 53.61 107.11 -7.08
N LEU H 340 53.54 107.82 -8.19
CA LEU H 340 54.11 107.36 -9.46
C LEU H 340 55.28 108.23 -9.85
N ILE H 341 56.31 107.60 -10.42
CA ILE H 341 57.50 108.28 -10.90
C ILE H 341 57.73 107.88 -12.36
N PHE H 342 57.94 108.88 -13.22
CA PHE H 342 58.08 108.69 -14.65
C PHE H 342 59.39 109.29 -15.14
N ASP H 343 60.13 108.53 -15.93
CA ASP H 343 61.27 109.06 -16.66
C ASP H 343 60.75 109.28 -18.08
N VAL H 344 60.50 110.54 -18.45
CA VAL H 344 59.85 110.85 -19.72
C VAL H 344 60.83 111.63 -20.57
N GLU H 345 61.02 111.17 -21.80
CA GLU H 345 61.85 111.85 -22.79
C GLU H 345 60.92 112.27 -23.92
N LEU H 346 60.55 113.55 -23.93
CA LEU H 346 59.64 114.04 -24.96
C LEU H 346 60.45 114.16 -26.25
N LEU H 347 60.53 113.06 -26.99
CA LEU H 347 61.37 113.03 -28.18
C LEU H 347 60.83 113.91 -29.30
N ASN H 348 59.51 113.97 -29.48
CA ASN H 348 59.03 114.73 -30.64
C ASN H 348 57.65 115.32 -30.37
N LEU H 349 57.35 116.37 -31.11
CA LEU H 349 56.03 116.99 -31.10
C LEU H 349 55.46 116.82 -32.50
N GLU H 350 54.28 116.21 -32.59
CA GLU H 350 53.62 115.86 -33.88
C GLU H 350 54.51 115.03 -34.79
#